data_8IPA
#
_entry.id   8IPA
#
loop_
_entity.id
_entity.type
_entity.pdbx_description
1 polymer '18S ribosomal RNA'
2 polymer '40S ribosomal protein eS24'
3 polymer '40S ribosomal protein eS8'
4 polymer '40S ribosomal protein eS10'
5 polymer '40S ribosomal protein uS12'
6 polymer RACK1
7 polymer '40S ribosomal protein uS3'
8 polymer '40S ribosomal protein eS4'
9 polymer '40S ribosomal protein uS7'
10 polymer '40S ribosomal protein uS9'
11 polymer '40S ribosomal protein uS10'
12 polymer '40S ribosomal protein uS11'
13 polymer '40S ribosomal protein uS13'
14 polymer '40S ribosomal protein uS15'
15 polymer '40S ribosomal protein eS17'
16 polymer '40S ribosomal protein eS19'
17 polymer '40S ribosomal protein uS19'
18 polymer '40S ribosomal protein eS25'
19 polymer '40S ribosomal protein eS28'
20 polymer '40S ribosomal protein uS8'
21 polymer '40S ribosomal protein uS14'
22 polymer '40S ribosomal protein eS27'
23 polymer '40S ribosomal protein eS30'
24 polymer '40S ribosomal protein uS2'
25 polymer '40S ribosomal protein eS1'
26 polymer '40S ribosomal protein eS21'
27 polymer '40S ribosomal protein eS26'
28 polymer '40S ribosomal protein uS4'
29 polymer '40S ribosomal protein uS5'
30 polymer '40S ribosomal protein eS6'
31 polymer '40S ribosomal protein eS7'
32 polymer '40S ribosomal protein uS17'
33 polymer '40S ribosomal protein eL8'
34 polymer '60S ribosomal protein eL21'
35 polymer '60S ribosomal protein eL27'
36 polymer '60S ribosomal protein uL2'
37 polymer '60S ribosomal protein uL5'
38 polymer '60S ribosomal protein uL6'
39 polymer '60S ribosomal protein uL14'
40 polymer '60S ribosomal protein eL15'
41 polymer '60S ribosomal protein uL15'
42 polymer '60S ribosomal protein eL18'
43 polymer '60S ribosomal protein uL18'
44 polymer '60S ribosomal protein eL19'
45 polymer '60S ribosomal protein uL22'
46 polymer '60S ribosomal protein uL23'
47 polymer '60S ribosomal protein eL24'
48 polymer '60S ribosomal protein uL24'
49 polymer '60S ribosomal protein eL28'
50 polymer '60S ribosomal protein eL30'
51 polymer '60S ribosomal protein eL31'
52 polymer '60S ribosomal protein eL32'
53 polymer '60S ribosomal protein eL37'
54 polymer '60S ribosomal protein eL39'
55 polymer '60S ribosomal protein eL42'
56 polymer '60S ribosomal protein eL14'
57 polymer '60S ribosomal protein eL20'
58 polymer '60S ribosomal protein eL22'
59 polymer '60S ribosomal protein eL36'
60 polymer '60S ribosomal protein uL29'
61 polymer '60S ribosomal protein uL30'
62 polymer '60S ribosomal protein uL3'
63 polymer '60S ribosomal protein uL4'
64 polymer '60S ribosomal protein uL13'
65 polymer '60S ribosomal protein eL43'
66 polymer '60S ribosomal protein uL16'
67 polymer '60S ribosomal protein eL41'
68 polymer '60S ribosomal protein eL40'
69 polymer '60S ribosomal protein eL13'
70 polymer '60S ribosomal protein eL6'
71 polymer '60S ribosomal protein eL33'
72 polymer '60S ribosomal protein eL38'
73 polymer '60S ribosomal protein eL29'
74 polymer '60S ribosomal protein eL34'
75 polymer '60S ribosomal RNA'
76 polymer '5.8S ribosomal RNA'
77 polymer '5S ribosomal RNA'
78 polymer mRNA
79 polymer 'eukaryotic release factor 1'
80 polymer tRNAi
81 non-polymer 'MAGNESIUM ION'
82 non-polymer 'ZINC ION'
83 non-polymer 4-{(2R)-2-[(1S,3S,5S)-3,5-dimethyl-2-oxocyclohexyl]-2-hydroxyethyl}piperidine-2,6-dione
#
loop_
_entity_poly.entity_id
_entity_poly.type
_entity_poly.pdbx_seq_one_letter_code
_entity_poly.pdbx_strand_id
1 'polyribonucleotide'
;UACCUGGUUGAUCCUGCCAGUAGUCAUAUGCUUGUCUCAAAGAUUAAGCCAUGCAUGUGCAAGUAUGAACCAAUUUGAAC
UGUGAAACUGCGAAUGGCUCAUUAAAUCAGUUAUAGUUUGUUUGAUGGUACGUGCUACUCGGAUAACCGUAGUAAUUCUA
GAGCUAAUACGUGCAACAAACCCCGACUUCUGGGAGGGGCGCAUUUAUUAGAUAAAAGGCUGACGCGGGCUCUGCUCGCU
GAUCCGAUGAUUCAUGAUAACUCGACGGAUCGCACGGCCUUCGUGCCGGCGACGCAUCAUUCAAAUUUCUGCCCUAUCAA
CUUUCGAUGGUAGGAUAGGGGCCUACCAUGGUGGUGACGGGUGACGGAGAAUUAGGGUUCGAUUCCGGAGAGGGAGCCUG
AGAAACGGCUACCACAUCCAAGGAAGGCAGCAGGCGCGCAAAUUACCCAAUCCUGACACGGGGAGGUAGUGACAAUAAAU
AACAAUACCGGGCGCAUUAGUGUCUGGUAAUUGGAAUGAGUACAAUCUAAAUCCCUUAACGAGGAUCCAUUGGAGGGCAA
GUCUGGUGCCAGCAGCCGCGGUAAUUCCAGCUCCAAUAGCGUAUAUUUAAGUUGUUGCAGUUAAAAAGCUCGUAGUUGGA
CCUUGGGCCGGGUCGGCCGGUCCGCCUCACGGCGAGCACCGACCUACUCGACCCUUCGGCCGGCAUCGCGCUCCUAGCCU
UAAUUGGCCGGGUCGUGUUUCCGGCAUCGUUACUUUGAAGAAAUUAGAGUGCUCAAAGCAAGCCAUCGCUCUGGAUACAU
UAGCAUGGGAUAACAUCAUAGGAUUCCGGUCCUAUUGUGUUGGCCUUCGGGAUCGGAGUAAUGAUUAAUAGGGACAGUCG
GGGGCAUUCGUAUUUCAUAGUCAGAGGUGAAAUUCUUGGAUUUAUGAAAGACGAACAACUGCGAAAGCAUUUGCCAAGGA
UGUUUUCAUUAAUCAAGAACGAAAGUUGGGGGCUCGAAGACGAUCAGAUACCGUCCUAGUCUCAACCAUAAACGAUGCCG
ACCAGGGAUCGGCGGAUGUUGCUUAUAGGACUCCGCCGGCACCUUAUGAGAAAUCAAAGUCUUUGGGUUCCGGGGGGAGU
AUGGUCGCAAGGCUGAAACUUAAAGGAAUUGACGGAAGGGCACCACCAGGCGUGGAGCCUGCGCUUAAUUUGACUCAACA
CGGGGAAACUUACCAGGUCCAGACAUAGCAAGGAUUGACAGACUGAGAGCUCUUUCUUGAUUCUAUGGGUGGUGGUGCAU
GGCCGUUCUUAGUUGGUGGAGCGAUUUGUCUGGUUAAUUCCGUUAACGAACGAGACCUCAGCCUGCUAACUAGCUAUGCG
GAGCCAUCCCUCCGCAGCUAGCUUCUUAGAGGGACUAUGGCCGUUUAGGCCACGGAAGUUUGAGGCAAUAACAGGUCUGU
CAUGCCCUUAGAUGUUCUGGGCCGCACGCGCGCUACACUGAUGUAUUCAACGAGUAUAUAGCCUUGGCCGACAGGCCCGG
GUAAUCUUGGGAAAUUUCAUCGUGAUGGGGAUAGAUCAUUGCAAUUGUUGGUCUUCAACGAGGAAUGCCUAGUAAGCGCG
AGUCAUCAGCUCGCGUUGACUACGUCCCUGCCCUUUGUACACACCGCCCGUCGCUCCUACCGAUUGAAUGGUCCGGUGAA
GUGUUCGGAUCGCGGCGACGGGGGCGGUUCGCCGCCCCCGACGUCGCGAGAAGUCCAUUGAACCUUAUCAUUUAGAGGAA
GCAGAAGUCGUAACAAGGUUUCCGUAGGUGAACCUGCGGAAGGAUCAUUG
;
aa
2 'polypeptide(L)'
;MADAKTAPAVTLRTRKFMTNRLLSRKQFVLEVIHPGRANVSKADLKERLAKIYEVKDSNCIFVFKFRTHFGGGKSTGFGL
IYDNLEAAKKFEPKYRLIRNGLATKVEKSRKQIKERKNRTKKIRGVKKTKAGDAKKK
;
ba
3 'polypeptide(L)'
;MGISRDSMHKRRATGGKQKAWRKKRKYELGRQPANTKLSSNKTVRRVRVRGGNVKWRALRLDTGNFSWGSEAVTRKTRLL
DVVYNSSNNELVRTQTLVKNAIVQVDAAPFKQWYLTHYGVEIGRKKKAAAAAKKEPAEGQEAEVAAAATEEAKKSNNVQR
KLEKRQQGRTLDSHIEEQFSGGRLLACISSRPGQCGRADGYILEGKELEFYMRKLQKKKGKGATA
;
ca
4 'polypeptide(L)'
;MIISKKNRNEICKYLFQEGVLYAKKDYNLAKHPQIDVPNLQVIKLMQSFKSKEYVRETFSWQHYYWYLTNDGIEFLRNFL
NLPSEIVPATLKKSARPPGRPLGSGPPGDRPRGPPRFEGDRPRYGDRDGYRGGPRGAPGDFGGEKGGAPAEFQPSFRSSG
GGGFGRGGGGGFGRGGGGGGGFGASPME
;
da
5 'polypeptide(L)'
;MGKTRGMGAGRKLKTHRRNQRWADKAYKKSHLGNEWKKPFAGSSHAKGIVLEKIGIEAKQPNSAIRKCARVQLVKNGKKI
AAFVPNDGCLNFIEENDEVLIAGFGRKGHAVGDIPGVRFKVVKVSGVSLLALFKEKKEKPRS
;
ga
6 'polypeptide(L)'
;MAGAQESLVYAGVMRGHNDVVTAIATPIDNSPFIVSSSRDKSLLVWDLTNPIQATQDSSSEYGVPFRRLTGHGHFVQDVV
LSSDGQFALSGSWDGELRLWDLSTGVTTRRFVGHEKDVLSVAFSIDNRQIVSASRDRTIKLWNTLGECKYTIGGDLGGGE
GHTGWVSCVRFSPNNFAPTIVSGSWDRSVKVWNLTNCKLRCTLDGHGGYVSAVAVSPDGSLCASGGKDGVTLLWDLTEGK
RLYSLDAGSIINSLCFSPNRYWLCAATQDSIKIWDLESKHIVQDLRPEVPVSTKQMLYCTCLSWSADGSTLYAGYTDGTI
RIYKISGFSYSS
;
ha
7 'polypeptide(L)'
;MATQISKKKKFVSDGVFYAELNEMLTRELAEDGYSGVEVRVTPMRTEIIIRATRTQNVLGEKGRRIRELTSVVQKRFNFL
ENGVELYAEKVVNRGLCAIAQAESLRYKLLGGLAVRRACYGVLRFVMESGAKGCEVIVSGKLRAQRAKSMKFKDGYMISS
GQPVNEYIDAAVRHVLLRQGVLGIKVKIMLDWDPKGKLGPTTPLPDLVTIHPPKEENELRPPALVEV
;
ia
8 'polypeptide(L)'
;MARGLKKHLKRLNAPSHWMLDKLGGAFAPKPSSGPHKARECLPLILILRNRLKYALTYREVQSILMQRHIMVDGKVRTDK
TYPAGFMDIISIPKTGENYRLLYDTKGRFRLHSVRDEDAKFKLCKVRSVQFGQKGIPYLNTYDGRTIRYPDPLIKANDTI
KLDLETNKIVDFIKFDVGNVVMVTGGRNTGRVGVIKNREKHKGTFETIHVEDAQGHQFATRLGNVFTIGKGTKPWVSLPK
GKGIKLTIIEEQRKRDAAAQAAAKA
;
ja
9 'polypeptide(L)'
;MAVVEPVPGGDVKLFNRWTFEDVQVSDISLNDYLAVTSMKHYTFLPHSAGRYSAKRFRKAQCPIIERLTNSLMMHGRNNG
KKIMAVRIIKHTMEIIHLLTDANPIQIIVDAIINSGPREDATRIGSAGVVRRQAVDISPLRRVNQAIYLLTTGARESAFR
NVKTIAECLADELINAAKGSSNSYAIKKKDEIERVAKANR
;
ka
10 'polypeptide(L)'
;MAAVLTRPTPGTVQCFGRKKTAVAVAYCKPGRGLIKVNGAPIELIRPEMLRLKAFEPILLAGRSRFKDIDMRIRVRGGGK
TSQIYSIRQAIAKSLVAYYQKYVDEAAKKEVKEIFARYDRTLLVADPRRCEPKKFGGRGARARFQKSYR
;
la
11 'polypeptide(L)'
;MATELAYAPPMKSGKLGFEGTQEVQHRIRITLSSKSVKNLEKVCSDLVKGAKEKQLKVKGPVRMPTKVLNITTRKSPCGE
GTNTWDRFEMRVHKRVIDLVSSPDVVKQITSITIEPGVEVEVTISDQ
;
ma
12 'polypeptide(L)'
;MSSKRKTREPKEENVTLGPAVREGEHVFGVAHIFASFNDTFIHVTDLSGRETLVRITGGMKVKADRDESSPYAAMLASQD
VATRCKELGITALHIKLRATGGNKTKTPGPGAQSALRALARSGMKIGRIEDVTPVPTDSTRRKGGRRGRRL
;
na
13 'polypeptide(L)'
;MSLIAGEEFQHILRVLNTNVDGKQKIMFALTSIKGVGRRFSNIVCKKADIDMNKRAGELSAEEMDRLMAVVHNPRQFKVP
DWFLNRKKDYKDGRFSQVVSNAVDMKLRDDLERLKKIRNHRGLRHYWGVRVRGQHTKTTGRRGKTVGVSKKR
;
oa
14 'polypeptide(L)'
;MGRMHSRGKGISSSALPYKRTPPSWVKTAVADVDELITKAAKKGQMPSQIGVLLRDQHGIPLVKSVTGSKILRILKAHGL
APEIPEDLYFLIKKAVAIRKHLERNRKDKDSKFRLILVESRIHRLARYYKRTKKLPPTWKYESATASTLVA
;
pa
15 'polypeptide(L)'
;MGRVRTKTVKKTSRQVIEKYYSRMTLDFHTNKKVLEEVSILQSKRLRNKVAGFTTHLMRRIQRGPVRGISLKLQEEERER
RMDFVPEKSALEVDEIRVDKETMDMLAFLGMADLPGVERAPEVTSSAAPYRQPFNGPRGGNRA
;
qa
16 'polypeptide(L)'
;MATVPAPAAETAASTARTVKDVNPHEFVKAYSAHLKRSGKMELPEWVDIVKTARFKELPPSDADWYYIRAASMARKIYLR
QGIGIGGFQKIYGGRQRNGSRPPHFCKSSGAVSRNILQELQKMGIIDVDPKGGRLITSQGRRDLDQVAGTVPAEF
;
ra
17 'polypeptide(L)'
;MADVDVDTEVAAGAQPKKRTFRKFSYRGVDLDALLDMSTDDLVQMFPARARRRFKRGLKRKPMALVKKLRKAKKDAPAGE
KPEPVRTHLRNMIIVPEMIGSLIGVYNGKTFNQVEIKPEMIGHYLAEFSISYKPVKHGRPGIGATHSSRFIPLK
;
sa
18 'polypeptide(L)'
;MAPKKEKAPAASSKPAKSGGGKQKKKKWSKGKQKEKVNNAVLFDQATYDKLLTEVPKYKQITPSVLSERLRINGSLARRA
IKDLMERGLIRMVSIHSSQQIFTRATNT
;
ta
19 'polypeptide(L)'
;RGRLHRCSRSSDPPSPTPQESMDTQVKLAVVVKVMGRTGSRGQVTQVRVKFLDDQNRLIMRNVKGPVREGDILTLLESER
EARRLR
;
ua
20 'polypeptide(L)'
;MGRRILNDALRTMVNAERRGKATAQLQPISGVMISFLNIMKHRGYIKNFEVFDPHRVGKITVELQGRIKDCKALTYRQDL
RATEIEKYRTRMLPTRQWGYVVVTTPNGVLDHEEAIRQNVGGQVLGYFH
;
va
21 'polypeptide(L)' MGHSNVWNSHPKNYGAGSRVCRVCGNSHGLIRKYGLMCCRQCFRSNAKDIGFIKYR wa
22 'polypeptide(L)'
;MVLQNDIDLLNPPAELEKLKHKKKRLVQSPNSFFMDVKCQGCFNITTVFSHSQTVVVCPGCQTVLCQPTGGKARLTEGCS
FRRKGD
;
xa
23 'polypeptide(L)' MGKVHGSLARAGKVRGQTPKVAKQDKKKQPRGRAHKRIQYNRRFVTAVVGFGKKRGPNSSEK ya
24 'polypeptide(L)'
;MAAAAGEAPRALSQKEQDIQMMLAADVHLGTKNCDFQMERYAYKRRSDGIYIINLGKTWEKLQLAARVIVAIENPQDIIV
QSARPYGQRAVLKFAQHTGANAIAGRHTPGTFTNQMQTSFSEPRLLILTDPRTDHQPIKESALGNIPTIAFCDTDSPMRY
VDIGIPANNKGRNSIGCLYWLLARMVLQMRGTILPGHKWDVMVDLFFYRDPEEAKEQEDEAAGAPEYAAITDYGAAAGQW
GGDQWTSDAPAPPPVTGGEWPMAEAPVAGGDGWDAAGAPVAVEGAVPAPVVAATGWDAAVQPPAQGWE
;
za
25 'polypeptide(L)'
;MAVGKNKRISKGRKGSKKKAVDPFTKKQWYDIKAPLLFTSRNVGKTLVSRTQGTKIASEGLKHRVFEVSLADLQNDEDQA
YRKIRLRAEDVQGMNVLTNFWGMDFTTDKLRSLVRKWQTLIEAHVDVKTTDNYMLRMFAIGFTKRRPNQVKRTCYAQASQ
IRQIRRKMVEIMVNQAASCDLKELVNKFIPEVIGKEIEKATSSIFPLQNVYVRKVKILKAPKFDLGKLMEVHGDYKEDVG
VKLDRPADGDEVIPGAEEVAAAE
;
bb
26 'polypeptide(L)'
;MQNEVGDMVDLYVPRKCSATNRIITAKDHASVQINIGHVDENGLYDGRFTTFALSGFVRAQGDADGSLDRLWQKRKAEIK
QL
;
cb
27 'polypeptide(L)'
;MTFKRRNGGRNKHGRGHVKYIRCSNCAKCCPKDKAIKRFLVRNIVEQAAVRDVQEACVHDGYVLPKLYAKVHHCVSCAIH
AHIVRVRSRENRRNREPPQRFRRRDDGPRPGQGGPPRAGGPGAPGGAPAGAGAVPGAPGGAPAGAGAVPGAPAPRV
;
db
28 'polypeptide(L)'
;MVHVNFYRNYGKTFKKPRRPYEKERLDAELKLVGEYGLRCKRELWRVQYALSRIRNAARHLLTLDEKNPRRIFEGAALLR
RMNRYGLLAEGQDKLDYVLALTAENFLARRLQTLVFKAGMAKSIHHARVLIRQRHIRVGRQIVNVPSFMVRVESEKHIDF
SLTSPFGGGPAGRVKRKNQKKASGGGDAGGDEEEE
;
eb
29 'polypeptide(L)'
;MADRGGERGVDRGGFGRGFGRGGRGDRGGRRGGRRGPRQEEEKWVPVTKLGRLVKEGRFTKMEEIYLHSLPVKEHQIVET
LCPGLKDEVMKITPVQKQTRAGQRTRFKAFVVVGDSNGHVGLGVKCAKEVATAIRGAIILAKLSIVPVRRGYWGNKIGLP
HTVPCKVTGKCGSVTVRMVPAPRGSGIVAARVPKKVLQFAGIDDVFTSSRGSTKTLGNFVKATFDCLMKTYGFLTPDFWR
ETTFTKAPYQEFTDILAKPTKALMLDAPAEKVEA
;
fb
30 'polypeptide(L)'
;MKLNIANPTTGCQKKVEIDDDMKLRNLYDKRISQEVVGDLLGEEFEGYIFKIMGGCDKQGFPMKQGVLTPGRVRLLLHRG
TSCFRGHGRRVGERRRKSVRGCIVSQDLSVINLVIVKKGKNDLPGLTDTEKPRMRGPKRASKIKKLFNLGKDDDVRQYVN
TYRRSFTNKKGKTVSKAPKIQRLVTPLTLQRKRARIADKKKRIAKKKSEAAEYQKLLAQRLKEQRDRRSESMAKRRSKLS
AATKAPAASA
;
gb
31 'polypeptide(L)'
;MYTARKKIQKDKGVEPSEFEDTVAQAFFDLENGNQELKSDLKDLYINTAIQMDVVGNRKAVVIHVPYRLRKPFRKIHVRL
VRELEKKFSGKDVVFVATRRIVRPPKKGSAVQRPRTRTLTAVHDGILEDVVYPAEIVGKRVRYRLDGAKVIKIYLDPKER
NNTEYKLETFSAVYRRLCGKDVVFEYPVTETA
;
hb
32 'polypeptide(L)'
;MAEQTEKSFLKQPKVFLSTKKADKAKRPGKAGNRFWKSVGLGFKTPREAIDGTYIDKKCPFTGTVAIRGRIIAGTCHSAK
MNRTIIVRRNYLHFVKKYQRYEKRHSNIPAHISPCFRVKEGDHVIIGQCRPLSKTVRFNVLKVVPAGTTGGGKKAFIAA
;
ib
33 'polypeptide(L)'
;MAPKRGGKAPVPAKKKTDKVTNPLFEKRPKQFGIGGALPPKKDLHRFVKWPKVVRIQRQRRILKQRLKVPPALHQFTRTL
DKNLATNLFKMLLKYRPEDKAAKKERLLKRAQAEAEGKTVEAKKPIVVKYGLNHVTYLIEQSKAQLVVIAHDVDPIELVV
WLPALCRKMEVPYCIVKGKSRLGSIVHKKTASVLCLTTVKNEDKLEFSKILEAIKANFNDKFDEVRKKWGGGVMGSKSQA
KTKARERLIAKEAAQRMN
;
AA
34 'polypeptide(L)'
;MPAGHGLRSRTRDLFARPFRKKGYIPLTTYLRTYKVGEHVDVKVNGAVHKGMPHKFYHGRTGRVWNVTKRAIGVEINKQV
GNRIIKKRIHVRVEHVQPSRCNEEFLQRKLNNDKLKAEAKVRGEVISTKRQPAGPKPGFMVEGTTIETVTPIPYDVVNDL
KGGY
;
BA
35 'polypeptide(L)'
;MVKFLKPGKAVILLQGRFAGRKAVIVRVFEEGTRDRPYGHCLVAGLAKYPKKVIRKDSAKKTAKKSRVKCFLKLVNFTHI
MPTRYTLDVDFKDVASGGPDALATRDKKVASCKAAKARLEERFKTGKNRWFFTKLRF
;
CA
36 'polypeptide(L)'
;MGRVIRAQRKGAGSVFKSHTHHRKGPARFRSLDFGERNGYLKGVVTDVIHDPGRGAPLAKVTFRHPFRYKHQKELFVAAE
GMYTGQFVYCGRRATLSVGNVLPLRSVPEGGVICNVEHHVGDRGVFARASGDYAIVISHNPDNGTSRIKLPSGAKKIVPS
SCRAMIGQVAGGGRTEKPMLKAGNAYHKYRVKRNSWPKVRGVAMNPVEHPHGGGNHQHIGHASTVRRDAPPGQKVGLIAA
RRTGRLRGQAAASAAKADKAT
;
DA
37 'polypeptide(L)'
;MSTEKKQLNPMREIKVQKLVLNISVGESGDRLTRAAKVLEQLSGQSPVFSKARYTVRSFGIRRNEKIACYVTIRGEKAMQ
LLESGLKVKEYELLRRNFSDTGCFGFGIQEHIDLGMKYDPSTGIYGMDFFVVLERAGYRVSRRRRCKARVGIHQRVTKED
AMKWFQVKYEGVILNKSHAS
;
EA
38 'polypeptide(L)'
;MKTILASETMEIPEEVTVKVSAKMISVTGPRGTLTRNFKHLNLDFQLQEGGRKLKVDAWFGTRKTMAAIRTAISHVQNLI
TGVTKGFRYKMRFVYAHFPINASITAANRGIEIRNFLGEKKVRKVDMLDGVTILRSEKVKDEIVLDGNDIELVSRSAALI
NQKCHVKNKDIRKFLDGIYVSDKGAIKEE
;
FA
39 'polypeptide(L)'
;MSKRGRGGSAGNKFRMSLGLPVAATVNCADNTGAKNLYIISVKGIKGRLNRLPSACVGDMVMATVKKGKPDLRKKVMPAV
IVRQRKPWRRKDGVFMYFEDNAGVIVNPKGEMKGSAITGPIGKECADLWPRIASAANAIV
;
GA
40 'polypeptide(L)'
;MGAYKFVSELWRRKQSDVMRFVQRVRCWEYRQQPAIVRITRPTRPDRARRLGFKAKQGYVVYRIRVRRGGRKRPVPKGIV
YGKPKHQGITQLKFQRNKRSVAEERAGRRLGGLRVLNSYWVNEDSTYKYFEVILVDVAHSAVRNDPRINWLCKPVHKHRE
LRGLTSAGKKFRGLRGKGHRHHKNRPSRRATWKRNQTVSLRRYR
;
HA
41 'polypeptide(L)'
;MTTRFKKNRKKRGHVSAGHGRVGKHRKHPGGRGNAGGMHHHRILFDKYHPGYFGKVGMRYFHKLSNRFYTPTVNVERLWS
MVPSDKAAEAGGDKAPVVDVSQFGYFKVLGKGMLPEKPIVVKAKLISKIAEKKIKAAGGAVVLVA
;
IA
42 'polypeptide(L)'
;MGIDLVAGGRNKRTKRTAPKSDDVYLKLLVKLYRFLVRRTKSQFNAVILKRLFMSKTNRPPLSMRRLVRFMEGKEDKIAV
IVGTITDDQRVYEIPAMKVAALRFTETARARIVNAGGECLTFDQLALRAPLGQNTLLLRGPKNAREAVRHFGKAPGVPHS
HTKPYVRSKGRKFEKARGRRNSRGFKV
;
JA
43 'polypeptide(L)'
;MVFVKNQKTRAYSKRFQVKFKRRRQGKTDYRARLRLTNQDKNKYNTPKYRFVVRFTNKDVTAQIVYATIAGDIVMAAAYS
HELPRYGLEVGLTNYAAAYCTGLLLARRVLKCRDLDQEYEGNVEATGEDFSVEPADERRPFRALLDVGLIRTTTGNRVFG
ALKGALDGGLDIPHSDKRFAGFKKDEKQLDAEIHRKYIYGGHVADYMKSLADEEPEKYQSHFSEYIKKGIEADNMEALYK
KVHAAIRADPTMAKSTKEPPKTHKRYNPKKLTYEQRKASLVERLNALNSSAGADVDEDDDE
;
KA
44 'polypeptide(L)'
;MVSLKLQKRLASSVLKCGKGKVWLDPNEVNEISMANSRQNIRKLVKDGFIIRKPQKIHSRSRARRAHEAKQKGRHSGYGK
RRGTREARLPTKILWMRRMRVLRRLLRKYREAKKIDKHMYHDMYLKVKGNMFKNKRVLMESIHKSKAEKAREKTLSDQFE
AKRAKSKASRERKHARREERLAQGPRDHAPAPAAAAPAPAPAAAAPKKAKAKK
;
LA
45 'polypeptide(L)'
;MVKYSTDPANPTKSAKAMGRDLRVHFKNTRETAFALRKMSLNKAKRYLEDVLAHKQAIPFRRYCRGVGRTAQVKNRQPNG
QGRWPAKSAKFVLDLLKNAESNAEVKGLDVDALYISHIQVNQAQKQRRRTYRAHGRINPYMSNPCHIELILSEKEEPVKK
EAESQIARKA
;
MA
46 'polypeptide(L)'
;MAPKVAVAKKGDAKAQAAKVAKAVKSGSIKKTAKKIRTSVTFHRPKTLSKARDPKYPRISTPGRNKLDQYQILKYPLTTE
SAMKKIEDNNTLVFIVDLKADKKKIKAAVKKMYDIQAKKVNTLIRPDGKKKAYVKLTPDYDALDVANKIGII
;
NA
47 'polypeptide(L)'
;MVLKTELCRFSGQKIYPGKGIRFIRSDSQVFLFANSKCKRYFHNRLKPAKLCWTAMYRKQHKKDIHAEAAKKRRRTTKKP
YSRSIVGATLEVIQKKRAEKPEVRDAAREAALREIKERIKKTKDEKKAKKAEVTKSQKSQGGKGAVQKGSKGPKIGGGGG
KR
;
OA
48 'polypeptide(L)'
;MKRNPRVTSSRRKCRKAHFTAPSSVRRVLMSAALSSELRHKYNVRSIPIRKDDEVQVVRGTYKGREGKVVQVYRRRWVIH
VERITREKVNGSTVNVGIHPSKVIVTKLKLDKDRKALLDRKARGRAADKAKGKFTAEDVAAAAGGATATGASLQEID
;
PA
49 'polypeptide(L)'
;MTTVPGSLVWELVKKNNCFLIKQFGNSNAKVQFSKEPNNLYNVHSYKFSGLANSKTVAVQPSAGEDKAVVLSTTKTKKQN
TPAKLQHKTLMRKEFRKMAKSVKNQVCDNYYRPDLTKPALARLSAVYRSLQVSKSGIKKKNRQPTKL
;
QA
50 'polypeptide(L)'
;MAPTKKAKKSGENINNKLQLVMKSGKYTLGYKTVLKTLRSSKGKLIILANNCPPLRKSEIEYYAMLAKISVHHFHGNNVD
LGTACGKYYRVCCLSILDPGDSDIISTTTTTQ
;
RA
51 'polypeptide(L)'
;MSEKKRAPGPRKDEVVTREYTVNLHKRLHGCTFKKKAPNAIKEIRKFAQKAMGTNDVRIDVKLNKHIWSSGIRSVPRRVR
VRIARKRNDEEDAKEELYSLVTVAEVPQEGLKGLGTKVVEDED
;
SA
52 'polypeptide(L)'
;MAVPLLTRKIVKKRVKHFKRAHSDRYIGLKQSWRRPKGIDSRVRRKFKGCTLMPNIGYGSDKKTRHYLPNKFKKFVVHNV
SELELLMMHNRTYCAEIAHNVSTKKRKDIVERAAQLDIVVTNKLARLRSQEDE
;
TA
53 'polypeptide(L)'
;MTKGTGSFGKRRNKTHTLCIRCGRRSFHLQKSTCSSCGYPAARIRKYNWSVKAIRRKTTGTGRMRYMRHVPRRFKSNFRE
GTEAAPRNRAAAN
;
UA
54 'polypeptide(L)' MESHPLLQRFNLPLTRFPRSLLSSSQPSHKTFRIKQKLAKKQRQNRPIPYWIRMRTDNTIRYNAKRRHWRRTKLGF VA
55 'polypeptide(L)'
;MVNVPKTKKTYCKNKECKKHTLHKVTQYKKGKDSLSAQGKRRYDRKQSGYGGQTKPVFHKKAKTTKKIVLKLQCQSCKHY
SQRAIKRCKHFEIGGDKKGKGTSLF
;
WA
56 'polypeptide(L)'
;MPFKRFVEIGRVALVNYGKDYGRLVVIVDVVDQNRALVDAPDMVRCQMNFKRLSLTDIKIDIKRIPKKATLIKAMEEADV
KTKWENSSWGKKLIVQKKRAALNDFDRFKVMLAKIKRGGAIRQELAKLKKEVAAA
;
XA
57 'polypeptide(L)'
;MVAFRFHQYQVVGRALPTPGDEQPKIYRMKLWATNEVRAKSKFWYFLRKLKKVKKSNGQMLAINEIFEKNPTTIKNYGIW
LRYQSRTGYHNMYKEYRDTTLNGAVEQMYTEMASRHRVRSPCIQIIKTATVNFKLCKRDNTKQFHNSKIKFPLVYQKVRP
PTRKLKTTYKATRPNLFM
;
YA
58 'polypeptide(L)'
;MARGTAATAAAAAKGKKKGSVSFVIDCTKPVEDKIMEIASLEKFLQERIKVAGGKAGNLGDSVTVTRDKSKVTVTSDGAF
SKRYLKYLTKKYLKKHNVRDWLRVIAANKERNVYELRYFNIAENEGEEED
;
ZA
59 'polypeptide(L)'
;MAPSQPKSGLFVGINKGHVVTKRELPPRPSDRKGKGTKRVHFVRNLIREVAGFAPYEKRITELLKVGKDKRALKVAKRKL
GTHKRAKKKREEMSSVLRKMRSAGGGAGDKKK
;
AB
60 'polypeptide(L)'
;MSSGKVKAGELWNKSKDDLTKQLAELKTELGQLRIQKVASSGSKLNRIHDIRKSIARVLTVINAKQRAQLRLFYKNKKYA
PLDLRAKQTRAIRRRLSPDEKSRVLEKTKKRTVHFPQRKFAIKA
;
BB
61 'polypeptide(L)'
;MASEAAKVAVPEKVILKRRREEVWAAEKKQKVAAEKIKAAENTKVIYARAEQYAGEYEAQDKELVQLKREARMKGGFYVS
PEAKLLFVVRIRGINAMHPKTKKILQLLRLRQIFNGVFLKVNKATINMLRRVEPYVAYGYPNLKSVRELIYKRGYGKLNK
QRIPLANNKVIEEGLGKHNIICIEDLVHEILTVGPHFKEANNFLWPFKLKAPLGGLKKKRNHYVEGGDAGNRENYINQLV
RRMN
;
CB
62 'polypeptide(L)'
;MSHRKFEHPRHGSLGFLPRKRCSRHRGKVKSFPKDDQQKPCHLTAFLGYKAGMTHIVREVEKPGSKLHKKETCEAVTIIE
TPPLVIVGLVAYVKTPRGLRTLNSVWAQHLSEDVRRRFYKNWCKSKKKAFTKYALKYDSDSGKKEIQLQLEKMKKYATIV
RVIAHTQIRKMKGLKQKKAHLMEIQINGGTIADKVDYGYKFFEKEVPVEAVFQKDEMVDIIGVTKGKGYEGVVTRWGVTR
LPRKTHRGLRKVACIGAWHPARVSYTVARAGQNGYHHRTEMNKKIYKMGKSGQESHEACTEFDRTEKDITPMGGFPHYGV
VKGDYLMIKGCCVGPKKRVVTLRQSLLKQTSRLALEEIKLKFIDTSSKFGHGRFQTTDEKQKFYGKLKA
;
DB
63 'polypeptide(L)'
;MATTARPLVSVKALDGDMATDAAGVPMPHVMKAPIRPDVITFVHRLVSCNSRQPYAVSRKAGHQTSAESWGTGRAVSRIP
RVGGGGTHRAGQGAFGNMCRGGRMFAPTRIWRKWHRRVNVRLRRVAVASALAATAVPAIVTARGHRIESVPEFPLVVSDS
AEGIEKTAQAIKVLKQLGAYADAEKAKDSVGIRPGKGKMRNRRYINRKGPLIVYGTEGSKIVKAFRNLPGVDVANVERLN
LLDLAPGGHLGRFVIWTESAFKKLDEVYGSFEASSSKKKGFVLPRPKMTNADLGRLINSDEVQSVVKPINKEVKRREARK
NPLKNAAAVLKLNPYFGTARRMAVLAEAARVKARKEKINSKRTKLSAEEASKIKAAGKAWYQTMISDSDYTEFDVFSKWL
GVSQ
;
EB
64 'polypeptide(L)'
;MVSGSGVCAKRVVVDARHHMLGRLASIVAKELLNGQRVVVVRCEEICMSGGLVRQKMKYLRFLRKRMNTKPSHGPIHFRA
PAKILWRTIRGMIPHKTARGEAALARLKAYEGVPPPYDRTKRMVIPDALKVLRLQPGHRYCLLGQLSKEVGWNYADTIRE
LEEKRKEKAKVSYDRRKQLAKLRVKAEKAAEEKLGTQLEILAPIKY
;
FB
65 'polypeptide(L)'
;MTKRTKKAGIVGKYGTRYGASLRKQIKKMEVSQHSKYFCEFCGKFAVKRKAVGIWGCKDCGKVKAGGAYTMNTASAVTVR
STIRRLREQTEA
;
GB
66 'polypeptide(L)'
;MGRRPARCYRQIKNKPYPKSRYCRGVPDPKIRIYDVGMKKKGVDEFPSCVHLVSWEKENVSSEALEAARIACNKYMTKNA
GKDAFHLRVRVHPYHVLRINKMLSCAGADRLQTGMRGAFGKPLGTCARVDIGQVLLSVRCKESNAVHADEALRRAKFKFP
GRQKIIRSRKWGFTKFNRADYIKYKSEGRIVPDGVNAKLLGVHGPIAKRAPGQAILA
;
HB
67 'polypeptide(L)' MRAKWKKKRMRRLKRKRRKMRQRSK IB
68 'polypeptide(L)'
;MQIFVKTLTGKTITLEVESSDTIDNVKAKIQDKEGIPPDQQRLIFAGKQLEDGRTLADYNIQKESTLHLVLRLRGGIIEP
SLQALARKYNQEKMICRKCYARLHPRAVNCRKKKCGHSNQLRPKKKIKN
;
JB
69 'polypeptide(L)'
;MVKHNNVIPNGHFKKHWQNYVKTWFNQPARKQRRRIARQKKAVKIFPRPTSGPLRPIVQCQTRKYNMKARAGRGFTLEEL
KSAGIPKKLAPTIGISVDHRRKNRSLEGMQSNIQRLKTYKAKLVIFPRRARKVKAGDSTPEELANATQVQGDYMPIARGE
KRSVEVVKVTEEMKEFKAYGKLRVERMNQRQLGARQKKAAEAEKEEKK
;
KB
70 'polypeptide(L)'
;MAPTSKMALGIKRASRSHTYHRRGLWAIKAKHGGALPKAEKPAAVAEPKFYPADDVKPRTVSTRKPHPTKLRSTITPGTV
LILLAGRYMGKRVVFLKQLQSGLLLITGPFKINGVPIRRVNQAYVIATSTKVDISKVNVQKFDDKYFAREKKTRAKKTEG
ELFESDKEATKNLPDFKKDDQKVIDAELIKAIDAVPDLKNYLGARFSLRDGDKPHEMTF
;
LB
71 'polypeptide(L)'
;MVKGRTGQRVRLYVRGTILGYKRSKSNQYETASLVQIEGVNTREDVAWYGGKRMAYVYKAKTKSNGTHYRCIWGKVSRPH
GNTGVVRAKFTSNLPAEAMGKKVRVFMYPSSI
;
MB
72 'polypeptide(L)' MPKQIHEIKDFLLTARRKDARSVRIKRTKDAVKFKVRCSRYLYTLCVFDADKANKLKQSLPPGLSVQEV NB
73 'polypeptide(L)' MAKSKNHTAHNQSYKAHRNGIKKPKRQRQASTKGMDPKFLRNLRYSRKHNVKAGEGEVEK OB
74 'polypeptide(L)'
;MVQRLTYRKRHSYATKSNQTRVVKTPGGKLVYQYTKKRASGPKCPVTGKKIQGIPHLRPTEYKRSRLSRNRRTVNRPYGG
VLSGPAVRERIIRAFLVEEQKIVKKVLKIQKTKEKTTKS
;
PB
75 'polyribonucleotide'
;GCGCGACCCCAGGUCAGGCGGGACUACCGCUGAGUUUAAGCAUAUAAAUAAGCGGAGGAGAAGAAACUUACAAGGAUUCC
CCUAGUAACGGCGAGCGAACCGGGAGCAGCCCAGCUUGAGAAUCGGGCGGCUGUGCCGUCCGAAUUGUAGUCUGGAGAGG
CGUCCUCAGCGACGGACCGGGCCCAAGUCCCCUGGAAAGGGGCGCCUGGGAGGGUGAGAGCCCCGUCCGGCCCGGACCCU
GUCGCCCCACGAGGCGCCGUCAACGAGUCGGGUUGUUUGGGAAUGCAGCCCAAAUCGGGCGGUAGACUCCGUCCAAGGCU
AAAUACAGGCGAGAGACCGAUAGCGAACAAGUACCGCGAGGGAAAGAUGAAAAGGACUUUGAAAAGAGAGUCAAAGAGUG
CUUGAAAUUGCCGGGAGGGAAGCGGAUGGGGGCCGGCGAUGCGCCCCGGCCGUAUGCGGAACGGCUCUUGCUGGUCCGCC
GCUCGGCUCGGGGCGUGGACUGUUGUCGGCCGCGCCGGCGGCCAAAGCCCGGGGGCUCCGCGCCCCCGGCAGCCGUCGUC
GGCACGGCCGGUACCCGCGCGCCGAAAGGCGUGCCCCUCGGGGCACUGCGCUGCAACGCCCUGCGGGCUCUCCAUCCGAC
CCGUCUUGAAACACGGACCAAGGAGUCUGACAUGCGUGCGAGUCGACGGGUUCUGAAACCUGGGAUGCGCAAGGAAGCUG
ACGAGCGGGAGGCCCUCACGGGCCGCACCGCUGGCCGACCCUGAUCUUCUGUGAAGGGUUCGAGUUGGAGCACGCCUGUC
GGGACCCGAAAGAUGGUGAACUAUGCCUGAGCGGGGCGAAGCCAGAGGAAACUCUGGUGGAGGCUCGAAGCGAUACUGAC
GUGCAAAUCGUUCGUCUGACUUGGGUAUAGGGGCGAAAGACUAAUCGAACCAUCUAGUAGCUGGUUCCCUCCGAAGUUUC
CCUCAGGAUAGCUGGAGCCCAUUACGAGUUCUAUCAGGUAAAGCCAAUGAUUAGAGGCAUUGGGGACGCAACGUCCUCGA
CCUAUUCUCAAACUUUAAAUAGGUAGGAUGGCGCGGCUGCUUCGGUGAGCCGUGCCAUGGAAUCGGGUGCUCCAAGUGGG
CCAUUUUUGGUAAGCAGAACUGGCGAUGCGGGAUGAACCGGAAGCCGGGUUACGGUGCCCAACUGCGCGCUAACCUAGAA
CCCACAAAGGGUGUUGGUCGAUUAAGACAGCAGGACGGUGGUCAUGGAAGUCGAAAUCCGCUAAGGAGUGUGUAACAACU
CACCUGCCGAAUCAACUAGCCCCGAAAAUGGAUGGCGCUGAAGCGCGCGACCCACACCCGGCCAUCUGGGCGAGUGCCAU
GCCCCGAUGAGUAGGAGGGCGCGGCGGCCGAUGCAAAACCCGGGGCGCGAGCCCGGGCGGAGCGGCCGUCGGUGCAGAUC
UUGGUGGUAGUAGCAAAUAUUCAAAUGAGAACUUUGAAGGCCGAAGAGGAGAAAGGUUCCAUGUGAACGGCACUUGCACA
UGGGUAAGCCGAUCCUAAGGGAAGGGGUAACCCCGGCAGAUAGCGCGAUCACGCGCAUCCCCGAAAGGGAAUCGGGUUAA
GAUUUCCCGAGCCGGGAUGUGGCGGUUGACGGCGACGUUAGGAAGUCCGGAGACGCCGGCGGGGGCCUCGGGAAGAGUUA
UCUUUUCUGCUUAACGGCCUGCCAACCCUGGAAACGGUUCAGCCGGAGGUAGGGUCCAGUGGCCGGAAGAGCACACGUCG
CGCGGUGUCCGGUGCGCCCCCGGCGGCCCAUGAAAAUCCGGAGGACCGAGUACCGUUCACGCCCGGUCGUACUCAUAACC
GCAUCAGGUCUCCAAGGUGAACAGCCUCUGGCCAAUGGAACAAUGUAGGCAAGGGAAGUCGGCAAAACGGAUCCGUAACU
UCGGGAAAAGGAUUGGCUCUGAGGACUGGGCUCGGGGGUCCCGGCCCCGAACCCGUCGGCUGUCGGCGGAUUGCUCGAGC
UGCUCACGCGGCGAGAGCGGGUCGCCGCGUGCCGGCCGGGGGACGGACCGGGAAUCGCCCCUUCGGGGGCUUUCCCCGAG
CAUGAAACAGUCGACUCAGAACUGGUACGGACAAGGGGAAUCCGACUGUUUAAUUAAAACAAAGCAUUGCGAUGGUCCUC
GCGGAUGCUGACGCAAUGUGAUUUCUGCCCAGUGCUCUGAAUGUCAAAGUGAAGAAAUUCAACCAAGCGCGGGUAAACGG
CGGGAGUAACUAUGACUCUCUUAAGGUAGCCAAAUGCCUCGUCAUCUAAUUAGUGACGCGCAUGAAUGAAUUAACGAGAU
UCCCACUGUCCCUGUCUACUAUCCAGCGAAACCACAGCCAAGGGAACGGGCUUGGCGGAAUCAGCGGGGAAAGAAGACCC
UGUUGAGCUUGACUCUAGUCCGACUUUGUGAAAUGACUUGAGAGGUGUAGGAUAAGUGGGAGCCCUCACGGGCGCAAGUG
AAAUACCACUACUUUUAACGUUAUUUUACUUAUUCCGUGGGUCGGAAGCGGGGCAUGCCCCUCCUUUUGGCUCCAAGGCC
CGGUCUUACCGGGCCGAUCCGGGCGGAAGACAUUGUCAGGUGGGGAGUUUGGCUGGGGCGGCCAAUCUGUUAAAAGAUAA
CGCAGGUGUCCUAAGAUGAGCUCAACGAGAACAGAAAUCUCGUGUGGAACAAAAGGGUAAAAGCUCGUUUGAUUCUGAUU
UCCAGUACGAAUACGAACCGUGAAAGCGUGGCCUAUCGAUCCUUUAGAUCUUCGGAGUUUGAAGCUAGAGGUGUCAGAAA
AGUUACCACAGGGAUUACUGGCUUGUGGCAGCCAAGCGUUCAUAGCGACGUUGCUUUUUGAUCCUUCGAUGUCGGCUCUU
CCUAUCAUUGCGAAGCAGAAUUCACCAAGUGUUGGAUUGUUCACCCACCAAUAGGGAACGUGAGCUGGGUUUAGACCGUC
GUGAGACAGGUUAGUUUUACCCUACUGAUGACAGUGUCGCGAUAGUAAUUCAACCUAGUACGAGAGGAACCGUUGAUUCA
CACAAUUGGUCAUCGCGCUUGGUUGAAAAGCCAGUGGCGCGAAGCUACCGUGUGCCGGAUUAUGACUGAACGCCUCUAAG
UCAGAAUCCAAGCUAGCAUGCGACGCCUGCGCCCGCCGCCCGCCCCGACCCACGUUAGGGGCGCUUGCGCCCCCAAGGGC
CCGUGCCAUUGGCUAAGCCGGUCCGGCCGAAGUGCCGCGGUCGGCCGCCUCGAAGCUCCCUUCCCAACGGGCGGUGGGCU
GAAUCCUUUGCAGACGACUUAAAUACGCGACGGGGCAUUGUAAGUGGCAGAGUGGCCUUGCUGCCACGAUCCACUGAGAU
CCAGUCCCCGGGUCGCACGGAUUCGU
;
RB
76 'polyribonucleotide'
;CGACUCUCGGCAACGGAUAUCUCGGCUCUCGCAUCGAUGAAGAACGUAGCGAAAUGCGAUACCUGGUGUGAAUUGCAGAA
UCCCGUGAACCAUCGAGUCUUUGAACGCAAGUUGCGCCCGAGGCCAUCCGGCCGAGGGCACGCCUGCCUGGGCGUCACGC
;
SB
77 'polyribonucleotide'
;GGAUGCGAUCAUACCAGCACUAAGGCAUCGGAUCCCGUCAGAACUCCGAAGUUAAGCGUGCUUGGGCGAGAGUAGUACAA
GGAUGGGUGACCUCUUGGGAAGUCCUCGUGUUGCAUUCCC
;
TB
78 'polyribonucleotide' AUGUAAA al
79 'polypeptide(L)'
;MSDSHETDKNIEMWKIKKLIKGLESARGNGTSMISLIMPPRDQVSRVTKMLGDEYGTASNIKSRVNRQSVLGAITSAQQR
LKLYNRVPPNGLVLYTGTIVTDDGKEKKVTIDFEPFKPINASLYLCDNKFHTEALSELLESDDKFGFIIMDGNGTLFGTL
SGNTREVLHKFSVDLPKKHGRGGQSALRFARLRMEKRHNYVRKTAELATQFFINPATSQPNVAGLILAGSADFKTELSQS
DMFDQRLQCKILNVVDVSYGGESGFNQAIELSAEILANVKFIQEKKLIGKYFEEISQDTGKYVFGVDDTLKALEMGAVET
LMVWENLDVNRFVLKHSATGEIIIKHLNKEGEADQSNFRDPSTNAELEVQEKTSLLEWFANEYKKFGCTLEFVTNKSQEG
SQFCRGFGGIGGILRYQLDIRSFDDLDDDEGVYEDSD
;
bl
80 'polyribonucleotide'
;AUCAGAGU(1MG)(2MG)CGCAGCGGAAGCGU(2MG)G(PSU)GGGCCCAU(MIA)ACCCACAG(G7M)(H2U)(5MC)
(5MC)CAGGA(PSU)CG(1MA)AACCUGGCUCUGAUACCA
;
cl
#
# COMPACT_ATOMS: atom_id res chain seq x y z
N ALA B 9 57.96 -67.22 -96.89
CA ALA B 9 57.77 -66.47 -98.13
C ALA B 9 57.46 -65.00 -97.83
N VAL B 10 58.46 -64.31 -97.29
CA VAL B 10 58.29 -62.96 -96.78
C VAL B 10 59.09 -62.00 -97.66
N THR B 11 58.77 -60.72 -97.54
CA THR B 11 59.36 -59.68 -98.37
C THR B 11 60.08 -58.71 -97.45
N LEU B 12 60.77 -57.74 -98.03
CA LEU B 12 61.57 -56.80 -97.25
C LEU B 12 61.88 -55.58 -98.10
N ARG B 13 61.35 -54.41 -97.71
CA ARG B 13 61.60 -53.17 -98.43
C ARG B 13 61.81 -52.04 -97.44
N THR B 14 62.53 -51.00 -97.89
CA THR B 14 62.85 -49.84 -97.07
C THR B 14 62.36 -48.56 -97.73
N ARG B 15 62.26 -47.51 -96.93
CA ARG B 15 61.92 -46.18 -97.44
C ARG B 15 62.37 -45.14 -96.42
N LYS B 16 62.14 -43.87 -96.75
CA LYS B 16 62.56 -42.76 -95.90
C LYS B 16 64.05 -42.87 -95.59
N PHE B 17 64.81 -43.31 -96.59
CA PHE B 17 66.18 -43.77 -96.37
C PHE B 17 67.10 -42.59 -96.61
N MET B 18 68.01 -42.35 -95.66
CA MET B 18 68.98 -41.29 -95.86
C MET B 18 70.31 -41.72 -95.28
N THR B 19 71.38 -41.37 -95.98
CA THR B 19 72.74 -41.61 -95.53
C THR B 19 73.31 -40.30 -95.02
N ASN B 20 73.74 -40.29 -93.76
CA ASN B 20 74.43 -39.13 -93.20
C ASN B 20 75.83 -39.58 -92.81
N ARG B 21 76.82 -39.09 -93.55
CA ARG B 21 78.19 -39.39 -93.16
C ARG B 21 78.67 -38.51 -92.03
N LEU B 22 77.75 -37.80 -91.38
CA LEU B 22 78.04 -37.18 -90.09
C LEU B 22 78.21 -38.25 -89.02
N LEU B 23 77.18 -39.05 -88.79
CA LEU B 23 77.25 -40.15 -87.85
C LEU B 23 77.58 -41.46 -88.54
N SER B 24 78.07 -41.39 -89.76
CA SER B 24 78.63 -42.54 -90.44
C SER B 24 77.68 -43.72 -90.40
N ARG B 25 76.42 -43.46 -90.74
CA ARG B 25 75.47 -44.54 -90.81
C ARG B 25 74.46 -44.29 -91.90
N LYS B 26 73.79 -45.35 -92.30
CA LYS B 26 72.74 -45.31 -93.30
C LYS B 26 71.47 -45.70 -92.55
N GLN B 27 70.51 -44.80 -92.53
CA GLN B 27 69.35 -44.99 -91.67
C GLN B 27 68.08 -45.02 -92.49
N PHE B 28 67.21 -45.97 -92.16
CA PHE B 28 66.05 -46.22 -93.00
C PHE B 28 64.87 -46.60 -92.13
N VAL B 29 63.68 -46.54 -92.73
CA VAL B 29 62.47 -47.04 -92.12
C VAL B 29 62.03 -48.22 -92.97
N LEU B 30 62.13 -49.41 -92.42
CA LEU B 30 61.79 -50.60 -93.18
C LEU B 30 60.33 -50.96 -92.95
N GLU B 31 59.78 -51.65 -93.94
CA GLU B 31 58.35 -51.78 -94.20
C GLU B 31 58.03 -53.25 -94.48
N VAL B 32 58.50 -54.13 -93.60
CA VAL B 32 58.50 -55.56 -93.89
C VAL B 32 57.08 -56.04 -94.13
N ILE B 33 56.92 -56.94 -95.10
CA ILE B 33 55.63 -57.56 -95.37
C ILE B 33 55.79 -59.07 -95.25
N HIS B 34 55.12 -59.66 -94.28
CA HIS B 34 55.24 -61.09 -94.01
C HIS B 34 53.86 -61.71 -93.97
N PRO B 35 53.23 -61.86 -95.13
CA PRO B 35 51.88 -62.45 -95.14
C PRO B 35 51.92 -63.90 -94.69
N GLY B 36 50.94 -64.25 -93.87
CA GLY B 36 50.86 -65.57 -93.27
C GLY B 36 51.66 -65.69 -92.00
N ARG B 37 52.85 -65.09 -91.99
CA ARG B 37 53.77 -65.27 -90.86
C ARG B 37 53.29 -64.48 -89.66
N ALA B 38 53.46 -65.05 -88.47
CA ALA B 38 53.09 -64.35 -87.25
C ALA B 38 53.85 -63.03 -87.15
N ASN B 39 55.16 -63.10 -87.06
CA ASN B 39 56.04 -61.96 -87.24
C ASN B 39 57.46 -62.48 -87.45
N VAL B 40 58.35 -61.56 -87.81
CA VAL B 40 59.74 -61.89 -88.07
C VAL B 40 60.62 -61.31 -86.96
N SER B 41 61.46 -62.15 -86.39
CA SER B 41 62.39 -61.70 -85.35
C SER B 41 63.40 -60.71 -85.93
N LYS B 42 63.85 -59.80 -85.07
CA LYS B 42 64.90 -58.88 -85.50
C LYS B 42 66.17 -59.64 -85.88
N ALA B 43 66.51 -60.68 -85.13
CA ALA B 43 67.64 -61.50 -85.53
C ALA B 43 67.42 -62.09 -86.92
N ASP B 44 66.23 -62.62 -87.17
CA ASP B 44 65.94 -63.23 -88.46
C ASP B 44 66.00 -62.19 -89.58
N LEU B 45 65.70 -60.92 -89.26
CA LEU B 45 65.88 -59.87 -90.26
C LEU B 45 67.33 -59.47 -90.44
N LYS B 46 68.17 -59.71 -89.42
CA LYS B 46 69.57 -59.32 -89.54
C LYS B 46 70.24 -59.96 -90.75
N GLU B 47 70.10 -61.27 -90.92
CA GLU B 47 70.84 -61.89 -92.01
C GLU B 47 70.31 -61.41 -93.36
N ARG B 48 69.01 -61.19 -93.49
CA ARG B 48 68.48 -60.70 -94.75
C ARG B 48 68.98 -59.29 -95.07
N LEU B 49 68.93 -58.37 -94.10
CA LEU B 49 69.46 -57.04 -94.36
C LEU B 49 70.96 -57.11 -94.65
N ALA B 50 71.69 -57.95 -93.94
CA ALA B 50 73.13 -58.06 -94.15
C ALA B 50 73.44 -58.59 -95.54
N LYS B 51 72.70 -59.58 -96.01
CA LYS B 51 72.99 -60.16 -97.32
C LYS B 51 72.43 -59.33 -98.46
N ILE B 52 71.54 -58.37 -98.19
CA ILE B 52 71.11 -57.47 -99.24
C ILE B 52 71.89 -56.15 -99.26
N TYR B 53 72.62 -55.83 -98.19
CA TYR B 53 73.52 -54.69 -98.22
C TYR B 53 74.99 -55.06 -98.22
N GLU B 54 75.32 -56.36 -98.17
CA GLU B 54 76.68 -56.87 -98.09
C GLU B 54 77.56 -56.00 -97.20
N VAL B 55 77.08 -55.79 -95.97
CA VAL B 55 77.70 -54.87 -95.02
C VAL B 55 79.02 -55.42 -94.48
N LYS B 56 79.38 -56.64 -94.90
CA LYS B 56 80.63 -57.30 -94.51
C LYS B 56 80.62 -57.66 -93.02
N ASP B 57 79.58 -57.24 -92.31
CA ASP B 57 79.51 -57.49 -90.87
C ASP B 57 78.06 -57.42 -90.45
N SER B 58 77.47 -58.59 -90.15
CA SER B 58 76.07 -58.65 -89.77
C SER B 58 75.83 -58.16 -88.35
N ASN B 59 76.83 -57.53 -87.76
CA ASN B 59 76.74 -56.96 -86.44
C ASN B 59 76.62 -55.44 -86.49
N CYS B 60 76.87 -54.84 -87.66
CA CYS B 60 76.73 -53.41 -87.88
C CYS B 60 75.28 -52.96 -88.01
N ILE B 61 74.34 -53.92 -88.01
CA ILE B 61 72.90 -53.66 -88.12
C ILE B 61 72.29 -53.52 -86.74
N PHE B 62 71.42 -52.53 -86.58
CA PHE B 62 70.65 -52.36 -85.35
C PHE B 62 69.26 -51.91 -85.78
N VAL B 63 68.26 -52.75 -85.54
CA VAL B 63 66.93 -52.54 -86.09
C VAL B 63 65.93 -52.66 -84.95
N PHE B 64 64.86 -51.85 -85.00
CA PHE B 64 64.02 -51.75 -83.81
C PHE B 64 62.69 -51.09 -84.18
N LYS B 65 61.88 -50.82 -83.14
CA LYS B 65 60.59 -50.12 -83.24
C LYS B 65 59.61 -50.82 -84.19
N PHE B 66 59.52 -52.14 -84.08
CA PHE B 66 58.60 -52.92 -84.90
C PHE B 66 57.18 -52.94 -84.35
N ARG B 67 56.21 -52.97 -85.26
CA ARG B 67 54.82 -52.68 -84.94
C ARG B 67 53.88 -53.84 -85.21
N THR B 68 53.93 -54.42 -86.41
CA THR B 68 52.94 -55.42 -86.82
C THR B 68 51.54 -54.80 -86.85
N HIS B 69 51.27 -53.99 -87.89
CA HIS B 69 50.01 -53.27 -88.06
C HIS B 69 48.76 -54.09 -87.75
N PHE B 70 47.70 -53.39 -87.39
CA PHE B 70 46.41 -54.01 -87.12
C PHE B 70 46.00 -54.87 -88.30
N GLY B 71 45.56 -56.09 -88.01
CA GLY B 71 45.19 -57.03 -89.04
C GLY B 71 46.30 -57.98 -89.42
N GLY B 72 47.55 -57.64 -89.11
CA GLY B 72 48.64 -58.57 -89.31
C GLY B 72 49.16 -58.59 -90.73
N GLY B 73 50.39 -59.05 -90.91
CA GLY B 73 50.96 -59.24 -92.23
C GLY B 73 51.91 -58.16 -92.66
N LYS B 74 52.03 -57.07 -91.91
CA LYS B 74 52.89 -55.98 -92.34
C LYS B 74 53.38 -55.25 -91.11
N SER B 75 54.69 -55.12 -90.97
CA SER B 75 55.29 -54.49 -89.81
C SER B 75 56.24 -53.42 -90.29
N THR B 76 56.38 -52.37 -89.52
CA THR B 76 57.30 -51.29 -89.85
C THR B 76 58.43 -51.25 -88.83
N GLY B 77 59.29 -50.28 -88.97
CA GLY B 77 60.28 -50.00 -87.94
C GLY B 77 61.46 -49.25 -88.50
N PHE B 78 62.38 -48.93 -87.60
CA PHE B 78 63.60 -48.21 -87.97
C PHE B 78 64.76 -49.18 -88.10
N GLY B 79 65.75 -48.77 -88.86
CA GLY B 79 66.95 -49.54 -89.03
C GLY B 79 68.16 -48.64 -89.18
N LEU B 80 69.30 -49.14 -88.69
CA LEU B 80 70.54 -48.38 -88.63
C LEU B 80 71.64 -49.31 -89.12
N ILE B 81 72.29 -48.96 -90.22
CA ILE B 81 73.39 -49.74 -90.74
C ILE B 81 74.66 -48.92 -90.58
N TYR B 82 75.61 -49.40 -89.79
CA TYR B 82 76.86 -48.68 -89.66
C TYR B 82 77.90 -49.23 -90.62
N ASP B 83 78.91 -48.40 -90.85
CA ASP B 83 79.93 -48.70 -91.85
C ASP B 83 81.28 -49.02 -91.25
N ASN B 84 81.52 -48.64 -90.00
CA ASN B 84 82.62 -49.18 -89.20
C ASN B 84 82.07 -49.53 -87.82
N LEU B 85 82.37 -50.74 -87.37
CA LEU B 85 81.93 -51.15 -86.05
C LEU B 85 82.50 -50.22 -84.98
N GLU B 86 83.61 -49.56 -85.27
CA GLU B 86 84.13 -48.54 -84.39
C GLU B 86 83.09 -47.45 -84.17
N ALA B 87 82.52 -46.93 -85.27
CA ALA B 87 81.49 -45.92 -85.17
C ALA B 87 80.22 -46.47 -84.54
N ALA B 88 79.93 -47.74 -84.80
CA ALA B 88 78.80 -48.37 -84.12
C ALA B 88 79.00 -48.34 -82.61
N LYS B 89 80.23 -48.60 -82.15
CA LYS B 89 80.53 -48.49 -80.73
C LYS B 89 80.30 -47.08 -80.22
N LYS B 90 80.81 -46.07 -80.95
CA LYS B 90 80.87 -44.76 -80.33
C LYS B 90 79.58 -43.96 -80.46
N PHE B 91 78.86 -44.05 -81.58
CA PHE B 91 77.67 -43.24 -81.80
C PHE B 91 76.39 -43.96 -81.42
N GLU B 92 76.46 -44.92 -80.53
CA GLU B 92 75.26 -45.69 -80.26
C GLU B 92 74.77 -45.44 -78.84
N PRO B 93 73.46 -45.43 -78.63
CA PRO B 93 72.94 -45.50 -77.27
C PRO B 93 73.34 -46.81 -76.62
N LYS B 94 73.45 -46.77 -75.30
CA LYS B 94 74.02 -47.91 -74.59
C LYS B 94 73.16 -49.16 -74.66
N TYR B 95 71.88 -49.06 -75.02
CA TYR B 95 71.03 -50.23 -74.85
C TYR B 95 70.89 -51.07 -76.11
N ARG B 96 71.02 -50.50 -77.31
CA ARG B 96 70.98 -51.37 -78.49
C ARG B 96 72.22 -52.23 -78.58
N LEU B 97 73.35 -51.73 -78.10
CA LEU B 97 74.54 -52.56 -77.94
C LEU B 97 74.26 -53.73 -77.03
N ILE B 98 73.59 -53.49 -75.91
CA ILE B 98 73.29 -54.58 -74.99
C ILE B 98 72.29 -55.54 -75.61
N ARG B 99 71.35 -55.02 -76.40
CA ARG B 99 70.40 -55.90 -77.09
C ARG B 99 71.12 -56.85 -78.04
N ASN B 100 72.09 -56.34 -78.77
CA ASN B 100 72.86 -57.24 -79.62
C ASN B 100 73.94 -57.98 -78.83
N GLY B 101 74.04 -57.72 -77.55
CA GLY B 101 74.99 -58.45 -76.72
C GLY B 101 76.40 -57.95 -76.79
N LEU B 102 76.64 -56.82 -77.43
CA LEU B 102 77.98 -56.29 -77.57
C LEU B 102 78.54 -55.73 -76.26
N ALA B 103 77.72 -55.60 -75.23
CA ALA B 103 78.18 -55.15 -73.91
C ALA B 103 77.17 -55.63 -72.88
N THR B 104 77.58 -55.60 -71.61
CA THR B 104 76.78 -56.18 -70.54
C THR B 104 76.35 -55.10 -69.55
N LYS B 105 75.47 -55.48 -68.63
CA LYS B 105 74.74 -54.54 -67.80
C LYS B 105 74.94 -54.84 -66.32
N VAL B 106 74.73 -53.81 -65.50
CA VAL B 106 74.92 -53.85 -64.06
C VAL B 106 73.63 -53.30 -63.42
N GLU B 107 73.50 -53.41 -62.10
CA GLU B 107 72.30 -52.98 -61.41
C GLU B 107 72.67 -51.93 -60.36
N LYS B 108 71.65 -51.21 -59.85
CA LYS B 108 71.89 -50.12 -58.90
C LYS B 108 71.23 -50.39 -57.55
N SER B 109 71.88 -49.85 -56.51
CA SER B 109 71.27 -49.67 -55.19
C SER B 109 71.76 -48.33 -54.66
N ARG B 110 70.86 -47.37 -54.53
CA ARG B 110 71.21 -45.97 -54.44
C ARG B 110 71.18 -45.39 -53.03
N LYS B 111 71.07 -46.23 -52.01
CA LYS B 111 71.28 -45.78 -50.64
C LYS B 111 72.77 -45.50 -50.43
N GLN B 112 73.12 -44.23 -50.23
CA GLN B 112 74.51 -43.77 -50.28
C GLN B 112 75.12 -44.08 -51.64
N ILE B 113 74.30 -44.00 -52.69
CA ILE B 113 74.88 -43.74 -54.00
C ILE B 113 75.70 -42.46 -53.92
N LYS B 114 75.15 -41.43 -53.25
CA LYS B 114 75.88 -40.22 -52.91
C LYS B 114 75.56 -39.62 -51.55
N GLU B 115 74.38 -39.85 -50.96
CA GLU B 115 73.96 -39.10 -49.78
C GLU B 115 74.80 -39.32 -48.53
N ARG B 116 74.86 -40.53 -47.97
CA ARG B 116 75.68 -40.67 -46.77
C ARG B 116 77.14 -40.39 -47.08
N LYS B 117 77.57 -40.64 -48.32
CA LYS B 117 78.98 -40.48 -48.68
C LYS B 117 79.34 -39.00 -48.81
N ASN B 118 78.35 -38.10 -48.94
CA ASN B 118 78.59 -36.66 -48.86
C ASN B 118 78.76 -36.15 -47.44
N ARG B 119 79.07 -36.99 -46.46
CA ARG B 119 79.16 -36.50 -45.09
C ARG B 119 80.54 -36.62 -44.46
N THR B 120 81.35 -37.61 -44.85
CA THR B 120 82.49 -37.98 -44.01
C THR B 120 83.71 -37.09 -44.21
N LYS B 121 84.33 -37.14 -45.39
CA LYS B 121 85.57 -36.40 -45.60
C LYS B 121 85.30 -34.89 -45.65
N GLY C 2 65.21 -4.39 -44.39
CA GLY C 2 65.22 -3.23 -43.51
C GLY C 2 64.61 -2.04 -44.20
N ILE C 3 65.38 -0.96 -44.29
CA ILE C 3 64.93 0.23 -45.00
C ILE C 3 64.43 -0.17 -46.38
N SER C 4 63.44 0.55 -46.89
CA SER C 4 62.85 0.14 -48.15
C SER C 4 62.45 1.36 -48.97
N ARG C 5 62.39 1.15 -50.29
CA ARG C 5 61.96 2.17 -51.23
C ARG C 5 60.72 1.74 -52.01
N ASP C 6 60.06 0.67 -51.61
CA ASP C 6 58.83 0.27 -52.25
C ASP C 6 57.71 1.25 -51.92
N SER C 7 56.73 1.31 -52.79
CA SER C 7 55.57 2.16 -52.55
C SER C 7 54.44 1.42 -51.87
N MET C 8 54.67 0.18 -51.43
CA MET C 8 53.60 -0.58 -50.79
C MET C 8 53.16 0.07 -49.49
N HIS C 9 54.09 0.58 -48.69
CA HIS C 9 53.67 1.15 -47.41
C HIS C 9 52.92 2.45 -47.57
N LYS C 10 53.14 3.20 -48.64
CA LYS C 10 52.47 4.48 -48.79
C LYS C 10 50.98 4.28 -49.00
N ARG C 11 50.23 5.37 -48.85
CA ARG C 11 48.78 5.34 -48.98
C ARG C 11 48.42 5.68 -50.42
N ARG C 12 47.29 5.15 -50.87
CA ARG C 12 46.89 5.47 -52.23
C ARG C 12 46.59 6.97 -52.33
N ALA C 13 46.48 7.46 -53.57
CA ALA C 13 46.27 8.89 -53.76
C ALA C 13 44.98 9.36 -53.09
N THR C 14 43.92 8.57 -53.23
CA THR C 14 42.70 8.87 -52.52
C THR C 14 42.85 8.75 -51.01
N GLY C 15 43.85 8.04 -50.53
CA GLY C 15 44.10 7.90 -49.12
C GLY C 15 43.86 6.52 -48.57
N GLY C 16 43.16 5.67 -49.31
CA GLY C 16 42.85 4.35 -48.78
C GLY C 16 44.11 3.55 -48.48
N LYS C 17 44.06 2.80 -47.39
CA LYS C 17 45.22 2.03 -46.99
C LYS C 17 45.57 1.02 -48.08
N GLN C 18 46.86 0.77 -48.24
CA GLN C 18 47.36 -0.09 -49.29
C GLN C 18 47.86 -1.36 -48.62
N LYS C 19 47.11 -2.44 -48.77
CA LYS C 19 47.48 -3.69 -48.14
C LYS C 19 48.78 -4.21 -48.72
N ALA C 20 49.57 -4.84 -47.87
CA ALA C 20 50.84 -5.41 -48.30
C ALA C 20 50.57 -6.81 -48.84
N TRP C 21 51.06 -7.05 -50.05
CA TRP C 21 50.78 -8.30 -50.74
C TRP C 21 52.04 -9.09 -51.11
N ARG C 22 53.22 -8.53 -50.93
CA ARG C 22 54.49 -9.25 -51.03
C ARG C 22 55.19 -9.14 -49.69
N LYS C 23 56.14 -10.03 -49.45
CA LYS C 23 57.18 -9.72 -48.49
C LYS C 23 58.28 -8.96 -49.19
N LYS C 24 58.97 -8.10 -48.42
CA LYS C 24 59.89 -7.14 -49.02
C LYS C 24 60.92 -7.84 -49.88
N ARG C 25 61.22 -7.25 -51.02
CA ARG C 25 62.27 -7.72 -51.92
C ARG C 25 63.53 -6.89 -51.80
N LYS C 26 64.64 -7.55 -52.16
CA LYS C 26 65.93 -6.90 -52.04
C LYS C 26 66.07 -5.73 -52.98
N TYR C 27 65.53 -5.83 -54.18
CA TYR C 27 65.78 -4.77 -55.14
C TYR C 27 65.17 -3.47 -54.74
N GLU C 28 64.57 -3.38 -53.56
CA GLU C 28 64.03 -2.16 -52.99
C GLU C 28 64.66 -1.90 -51.63
N LEU C 29 65.97 -1.93 -51.55
CA LEU C 29 66.62 -1.73 -50.27
C LEU C 29 67.13 -0.30 -50.14
N GLY C 30 67.10 0.21 -48.92
CA GLY C 30 67.69 1.49 -48.62
C GLY C 30 68.74 1.28 -47.55
N ARG C 31 69.70 2.19 -47.43
CA ARG C 31 70.76 2.01 -46.47
C ARG C 31 70.93 3.29 -45.66
N GLN C 32 71.48 3.14 -44.48
CA GLN C 32 71.51 4.23 -43.54
C GLN C 32 72.47 5.29 -44.07
N PRO C 33 72.11 6.58 -44.01
CA PRO C 33 72.96 7.61 -44.62
C PRO C 33 74.37 7.67 -44.06
N ALA C 34 75.24 8.44 -44.71
CA ALA C 34 76.65 8.51 -44.32
C ALA C 34 76.96 9.65 -43.38
N ASN C 35 76.20 10.75 -43.46
CA ASN C 35 76.47 11.96 -42.69
C ASN C 35 77.94 12.33 -42.77
N THR C 36 78.43 12.52 -43.99
CA THR C 36 79.85 12.69 -44.24
C THR C 36 80.44 13.79 -43.39
N LYS C 37 81.33 13.45 -42.47
CA LYS C 37 81.90 14.47 -41.61
C LYS C 37 83.00 15.22 -42.35
N LEU C 38 83.41 16.33 -41.77
CA LEU C 38 84.57 17.09 -42.20
C LEU C 38 85.61 16.97 -41.11
N SER C 39 86.62 16.13 -41.35
CA SER C 39 87.59 15.81 -40.33
C SER C 39 88.92 15.51 -41.00
N SER C 40 89.96 15.39 -40.19
CA SER C 40 91.28 15.08 -40.74
C SER C 40 91.42 13.62 -41.14
N ASN C 41 90.69 12.72 -40.48
CA ASN C 41 90.95 11.29 -40.58
C ASN C 41 90.16 10.69 -41.75
N LYS C 42 90.61 10.98 -42.97
CA LYS C 42 89.92 10.48 -44.15
C LYS C 42 89.82 8.96 -44.14
N THR C 43 88.61 8.46 -44.31
CA THR C 43 88.33 7.02 -44.34
C THR C 43 87.07 6.79 -45.17
N VAL C 44 87.25 6.24 -46.36
CA VAL C 44 86.17 6.02 -47.31
C VAL C 44 86.09 4.52 -47.54
N ARG C 45 84.89 3.95 -47.39
CA ARG C 45 84.78 2.50 -47.26
C ARG C 45 83.90 1.88 -48.34
N ARG C 46 84.25 0.64 -48.69
CA ARG C 46 83.64 -0.13 -49.77
C ARG C 46 82.21 -0.52 -49.42
N VAL C 47 81.33 -0.54 -50.41
CA VAL C 47 80.11 -1.34 -50.33
C VAL C 47 79.88 -2.04 -51.67
N ARG C 48 79.46 -3.30 -51.60
CA ARG C 48 79.21 -4.12 -52.78
C ARG C 48 77.73 -4.11 -53.10
N VAL C 49 77.37 -3.49 -54.22
CA VAL C 49 75.97 -3.20 -54.52
C VAL C 49 75.53 -4.02 -55.72
N ARG C 50 74.27 -3.87 -56.12
CA ARG C 50 73.69 -4.70 -57.17
C ARG C 50 74.56 -4.71 -58.42
N GLY C 51 74.71 -5.90 -59.00
CA GLY C 51 75.62 -6.08 -60.11
C GLY C 51 77.04 -6.38 -59.72
N GLY C 52 77.33 -6.47 -58.42
CA GLY C 52 78.67 -6.75 -57.97
C GLY C 52 79.61 -5.58 -58.00
N ASN C 53 79.19 -4.44 -58.54
CA ASN C 53 80.07 -3.28 -58.60
C ASN C 53 80.06 -2.59 -57.24
N VAL C 54 80.76 -1.47 -57.16
CA VAL C 54 81.24 -0.92 -55.90
C VAL C 54 80.74 0.51 -55.73
N LYS C 55 80.35 0.84 -54.50
CA LYS C 55 80.07 2.24 -54.19
C LYS C 55 80.91 2.65 -53.00
N TRP C 56 81.47 3.85 -53.10
CA TRP C 56 82.48 4.34 -52.17
C TRP C 56 81.78 5.29 -51.22
N ARG C 57 81.53 4.85 -50.00
CA ARG C 57 80.85 5.67 -49.02
C ARG C 57 81.87 6.52 -48.30
N ALA C 58 81.72 7.83 -48.43
CA ALA C 58 82.67 8.79 -47.89
C ALA C 58 82.23 9.17 -46.50
N LEU C 59 82.73 8.44 -45.50
CA LEU C 59 82.33 8.71 -44.13
C LEU C 59 82.92 10.00 -43.60
N ARG C 60 84.11 10.38 -44.06
CA ARG C 60 84.76 11.57 -43.53
C ARG C 60 85.93 12.01 -44.40
N LEU C 61 86.00 13.29 -44.74
CA LEU C 61 86.99 13.81 -45.66
C LEU C 61 87.44 15.21 -45.25
N ASP C 62 88.64 15.57 -45.68
CA ASP C 62 89.13 16.93 -45.55
C ASP C 62 89.70 17.44 -46.87
N THR C 63 90.22 16.55 -47.70
CA THR C 63 90.81 16.93 -48.98
C THR C 63 89.82 16.65 -50.10
N GLY C 64 89.52 17.68 -50.90
CA GLY C 64 88.63 17.56 -52.02
C GLY C 64 89.22 18.17 -53.27
N ASN C 65 88.41 18.19 -54.33
CA ASN C 65 88.83 18.72 -55.63
C ASN C 65 87.88 19.83 -56.06
N PHE C 66 88.38 21.05 -56.17
CA PHE C 66 87.56 22.22 -56.39
C PHE C 66 87.97 22.91 -57.67
N SER C 67 86.98 23.17 -58.51
CA SER C 67 87.14 23.81 -59.80
C SER C 67 86.94 25.31 -59.69
N TRP C 68 87.39 26.02 -60.70
CA TRP C 68 87.18 27.45 -60.82
C TRP C 68 86.84 27.64 -62.29
N GLY C 69 85.55 27.81 -62.57
CA GLY C 69 85.08 27.80 -63.94
C GLY C 69 85.51 29.03 -64.70
N SER C 70 85.40 30.20 -64.09
CA SER C 70 85.73 31.43 -64.79
C SER C 70 87.16 31.39 -65.29
N GLU C 71 88.07 30.87 -64.47
CA GLU C 71 89.47 30.77 -64.83
C GLU C 71 89.81 29.40 -65.38
N ALA C 72 88.87 28.46 -65.37
CA ALA C 72 89.07 27.13 -65.91
C ALA C 72 90.28 26.44 -65.28
N VAL C 73 90.39 26.56 -63.95
CA VAL C 73 91.47 25.91 -63.20
C VAL C 73 90.87 25.05 -62.10
N THR C 74 91.24 23.78 -62.05
CA THR C 74 90.63 22.83 -61.12
C THR C 74 91.70 22.21 -60.23
N ARG C 75 91.85 22.76 -59.02
CA ARG C 75 92.91 22.38 -58.10
C ARG C 75 92.36 21.54 -56.96
N LYS C 76 93.15 20.55 -56.54
CA LYS C 76 92.90 19.91 -55.25
C LYS C 76 93.07 20.93 -54.14
N THR C 77 92.31 20.78 -53.06
CA THR C 77 92.50 21.66 -51.93
C THR C 77 91.94 20.99 -50.67
N ARG C 78 92.13 21.65 -49.53
CA ARG C 78 91.70 21.13 -48.24
C ARG C 78 90.40 21.81 -47.80
N LEU C 79 89.46 21.00 -47.34
CA LEU C 79 88.20 21.52 -46.83
C LEU C 79 88.43 22.21 -45.50
N LEU C 80 87.95 23.44 -45.36
CA LEU C 80 88.07 24.11 -44.07
C LEU C 80 86.86 23.80 -43.20
N ASP C 81 85.68 24.19 -43.65
CA ASP C 81 84.48 24.01 -42.86
C ASP C 81 83.26 24.33 -43.72
N VAL C 82 82.15 23.70 -43.38
CA VAL C 82 80.86 24.02 -43.97
C VAL C 82 80.35 25.29 -43.32
N VAL C 83 79.70 26.15 -44.09
CA VAL C 83 79.19 27.40 -43.55
C VAL C 83 77.71 27.59 -43.79
N TYR C 84 77.12 26.94 -44.78
CA TYR C 84 75.71 27.10 -45.11
C TYR C 84 75.21 25.85 -45.79
N ASN C 85 74.00 25.43 -45.43
CA ASN C 85 73.31 24.36 -46.13
C ASN C 85 71.85 24.73 -46.24
N SER C 86 71.29 24.60 -47.43
CA SER C 86 69.95 25.05 -47.72
C SER C 86 68.89 24.03 -47.35
N SER C 87 69.29 22.86 -46.87
CA SER C 87 68.36 21.81 -46.50
C SER C 87 68.16 21.71 -44.99
N ASN C 88 69.23 21.88 -44.21
CA ASN C 88 69.18 21.57 -42.79
C ASN C 88 70.28 22.33 -42.07
N ASN C 89 69.92 23.23 -41.15
CA ASN C 89 70.93 23.89 -40.33
C ASN C 89 71.64 22.90 -39.42
N GLU C 90 70.95 21.82 -39.07
CA GLU C 90 71.58 20.76 -38.31
C GLU C 90 72.81 20.23 -39.02
N LEU C 91 72.79 20.21 -40.35
CA LEU C 91 73.94 19.78 -41.13
C LEU C 91 75.06 20.81 -41.12
N VAL C 92 74.73 22.10 -41.06
CA VAL C 92 75.80 23.09 -40.86
C VAL C 92 76.48 22.85 -39.53
N ARG C 93 75.68 22.72 -38.47
CA ARG C 93 76.27 22.60 -37.13
C ARG C 93 77.11 21.34 -37.01
N THR C 94 76.63 20.21 -37.53
CA THR C 94 77.39 18.98 -37.41
C THR C 94 78.41 18.77 -38.53
N GLN C 95 78.54 19.72 -39.46
CA GLN C 95 79.62 19.69 -40.44
C GLN C 95 79.55 18.49 -41.36
N THR C 96 78.48 18.37 -42.13
CA THR C 96 78.33 17.29 -43.09
C THR C 96 78.63 17.77 -44.49
N LEU C 97 79.68 17.24 -45.09
CA LEU C 97 79.95 17.48 -46.50
C LEU C 97 78.86 16.77 -47.29
N VAL C 98 77.93 17.52 -47.85
CA VAL C 98 76.80 16.93 -48.56
C VAL C 98 76.49 17.81 -49.77
N LYS C 99 76.03 17.17 -50.85
CA LYS C 99 75.93 17.84 -52.13
C LYS C 99 75.21 19.17 -52.03
N ASN C 100 75.73 20.16 -52.74
CA ASN C 100 75.18 21.51 -52.80
C ASN C 100 75.17 22.16 -51.42
N ALA C 101 76.22 21.91 -50.65
CA ALA C 101 76.54 22.72 -49.48
C ALA C 101 77.52 23.80 -49.87
N ILE C 102 77.73 24.76 -48.97
CA ILE C 102 78.74 25.80 -49.17
C ILE C 102 79.86 25.53 -48.17
N VAL C 103 80.96 25.00 -48.66
CA VAL C 103 82.16 24.81 -47.85
C VAL C 103 83.08 25.98 -48.10
N GLN C 104 84.13 26.06 -47.29
CA GLN C 104 85.15 27.06 -47.46
C GLN C 104 86.48 26.36 -47.66
N VAL C 105 87.24 26.78 -48.65
CA VAL C 105 88.45 26.06 -49.04
C VAL C 105 89.64 27.00 -49.04
N ASP C 106 90.82 26.41 -49.33
CA ASP C 106 92.09 27.02 -48.95
C ASP C 106 92.34 28.34 -49.66
N ALA C 107 92.23 28.34 -50.99
CA ALA C 107 92.86 29.32 -51.86
C ALA C 107 94.38 29.18 -51.87
N ALA C 108 94.91 28.08 -51.33
CA ALA C 108 96.35 27.89 -51.31
C ALA C 108 96.86 27.42 -52.66
N PRO C 109 96.31 26.36 -53.26
CA PRO C 109 96.71 26.07 -54.65
C PRO C 109 96.33 27.19 -55.59
N PHE C 110 95.23 27.86 -55.30
CA PHE C 110 94.70 28.85 -56.24
C PHE C 110 95.54 30.12 -56.24
N LYS C 111 96.03 30.54 -55.07
CA LYS C 111 96.85 31.76 -55.02
C LYS C 111 98.13 31.58 -55.81
N GLN C 112 98.79 30.43 -55.66
CA GLN C 112 100.05 30.24 -56.39
C GLN C 112 99.79 29.97 -57.86
N TRP C 113 98.65 29.36 -58.21
CA TRP C 113 98.32 29.26 -59.62
C TRP C 113 98.12 30.63 -60.23
N TYR C 114 97.40 31.51 -59.53
CA TYR C 114 97.26 32.88 -59.97
C TYR C 114 98.56 33.66 -59.92
N LEU C 115 99.53 33.20 -59.15
CA LEU C 115 100.86 33.80 -59.20
C LEU C 115 101.55 33.41 -60.50
N THR C 116 101.48 32.14 -60.87
CA THR C 116 101.64 31.77 -62.26
C THR C 116 100.53 32.46 -63.07
N HIS C 117 100.71 32.55 -64.38
CA HIS C 117 99.88 33.47 -65.17
C HIS C 117 100.03 34.91 -64.69
N SER C 155 112.53 34.59 -69.07
CA SER C 155 112.92 35.89 -69.58
C SER C 155 111.89 36.44 -70.55
N ASN C 156 112.38 36.95 -71.68
CA ASN C 156 111.51 37.68 -72.63
C ASN C 156 110.26 36.89 -72.97
N ASN C 157 110.42 35.58 -73.19
CA ASN C 157 109.30 34.76 -73.62
C ASN C 157 108.21 34.72 -72.56
N VAL C 158 108.58 34.87 -71.30
CA VAL C 158 107.60 34.79 -70.23
C VAL C 158 106.77 36.06 -70.19
N GLN C 159 107.42 37.22 -70.05
CA GLN C 159 106.68 38.48 -69.98
C GLN C 159 105.94 38.76 -71.27
N ARG C 160 106.44 38.28 -72.41
CA ARG C 160 105.71 38.42 -73.67
C ARG C 160 104.37 37.70 -73.65
N LYS C 161 104.21 36.70 -72.78
CA LYS C 161 102.96 36.00 -72.57
C LYS C 161 102.15 36.61 -71.42
N LEU C 162 102.85 37.04 -70.38
CA LEU C 162 102.20 37.65 -69.24
C LEU C 162 101.48 38.92 -69.65
N GLU C 163 102.11 39.73 -70.51
CA GLU C 163 101.46 40.95 -70.98
C GLU C 163 100.34 40.64 -71.95
N LYS C 164 100.40 39.49 -72.62
CA LYS C 164 99.25 39.07 -73.42
C LYS C 164 98.06 38.78 -72.51
N ARG C 165 98.30 38.13 -71.38
CA ARG C 165 97.34 38.14 -70.28
C ARG C 165 97.45 39.49 -69.58
N GLN C 166 96.74 39.65 -68.46
CA GLN C 166 96.81 40.88 -67.66
C GLN C 166 96.19 42.05 -68.41
N GLN C 167 95.84 41.82 -69.67
CA GLN C 167 95.04 42.77 -70.43
C GLN C 167 93.57 42.40 -70.42
N GLY C 168 93.23 41.24 -69.86
CA GLY C 168 91.85 40.81 -69.76
C GLY C 168 91.48 40.28 -68.39
N ARG C 169 92.36 40.40 -67.40
CA ARG C 169 92.03 39.96 -66.05
C ARG C 169 90.75 40.61 -65.56
N THR C 170 89.88 39.80 -64.97
CA THR C 170 88.60 40.30 -64.48
C THR C 170 88.55 40.40 -62.97
N LEU C 171 88.67 39.28 -62.25
CA LEU C 171 88.84 39.26 -60.79
C LEU C 171 87.87 40.21 -60.08
N ASP C 172 86.59 39.83 -60.13
CA ASP C 172 85.55 40.51 -59.39
C ASP C 172 86.01 40.88 -58.00
N SER C 173 85.60 42.06 -57.52
CA SER C 173 86.02 42.52 -56.21
C SER C 173 85.57 41.59 -55.11
N HIS C 174 84.49 40.85 -55.32
CA HIS C 174 83.91 40.03 -54.27
C HIS C 174 84.62 38.70 -54.12
N ILE C 175 85.12 38.13 -55.22
CA ILE C 175 86.06 37.03 -55.12
C ILE C 175 87.45 37.56 -54.79
N GLU C 176 87.70 38.85 -55.01
CA GLU C 176 89.00 39.41 -54.70
C GLU C 176 89.20 39.51 -53.20
N GLU C 177 88.21 40.03 -52.48
CA GLU C 177 88.37 40.17 -51.04
C GLU C 177 88.47 38.82 -50.33
N GLN C 178 88.03 37.76 -50.98
CA GLN C 178 88.00 36.45 -50.37
C GLN C 178 89.40 35.84 -50.31
N PHE C 179 90.23 36.11 -51.32
CA PHE C 179 91.62 35.68 -51.27
C PHE C 179 92.36 36.39 -50.14
N SER C 180 92.10 37.68 -49.95
CA SER C 180 92.69 38.38 -48.82
C SER C 180 92.26 37.75 -47.51
N GLY C 181 90.98 37.38 -47.40
CA GLY C 181 90.55 36.61 -46.26
C GLY C 181 91.28 35.29 -46.12
N GLY C 182 91.74 34.73 -47.24
CA GLY C 182 92.55 33.54 -47.22
C GLY C 182 91.79 32.22 -47.24
N ARG C 183 90.52 32.25 -47.61
CA ARG C 183 89.64 31.09 -47.45
C ARG C 183 88.36 31.33 -48.24
N LEU C 184 88.08 30.47 -49.21
CA LEU C 184 87.17 30.77 -50.31
C LEU C 184 85.84 30.04 -50.16
N LEU C 185 84.75 30.76 -50.42
CA LEU C 185 83.45 30.13 -50.49
C LEU C 185 83.37 29.27 -51.73
N ALA C 186 83.17 27.97 -51.55
CA ALA C 186 82.98 27.06 -52.66
C ALA C 186 81.79 26.18 -52.37
N CYS C 187 81.14 25.72 -53.42
CA CYS C 187 79.96 24.86 -53.31
C CYS C 187 80.36 23.45 -53.66
N ILE C 188 80.19 22.54 -52.71
CA ILE C 188 80.40 21.13 -52.99
C ILE C 188 79.31 20.65 -53.92
N SER C 189 79.69 19.88 -54.92
CA SER C 189 78.75 19.45 -55.94
C SER C 189 78.94 17.99 -56.33
N SER C 190 79.58 17.20 -55.49
CA SER C 190 79.63 15.75 -55.66
C SER C 190 78.69 15.09 -54.68
N ARG C 191 78.53 13.79 -54.84
CA ARG C 191 77.75 13.02 -53.89
C ARG C 191 78.71 12.23 -53.02
N PRO C 192 79.21 12.80 -51.94
CA PRO C 192 80.28 12.12 -51.19
C PRO C 192 79.88 10.75 -50.72
N GLY C 193 78.68 10.63 -50.16
CA GLY C 193 78.24 9.33 -49.70
C GLY C 193 78.01 8.33 -50.80
N GLN C 194 78.05 8.77 -52.06
CA GLN C 194 77.85 7.91 -53.22
C GLN C 194 79.13 7.57 -53.96
N CYS C 195 80.01 8.55 -54.18
CA CYS C 195 81.16 8.37 -55.04
C CYS C 195 82.49 8.40 -54.31
N GLY C 196 82.50 8.68 -53.01
CA GLY C 196 83.74 8.67 -52.26
C GLY C 196 84.66 9.85 -52.49
N ARG C 197 84.15 10.95 -53.04
CA ARG C 197 84.92 12.16 -53.25
C ARG C 197 84.09 13.36 -52.83
N ALA C 198 84.77 14.39 -52.37
CA ALA C 198 84.18 15.72 -52.26
C ALA C 198 84.78 16.55 -53.37
N ASP C 199 83.94 16.96 -54.31
CA ASP C 199 84.33 17.80 -55.44
C ASP C 199 83.45 19.03 -55.40
N GLY C 200 83.79 20.04 -56.18
CA GLY C 200 82.94 21.21 -56.18
C GLY C 200 83.48 22.32 -57.05
N TYR C 201 82.93 23.51 -56.84
CA TYR C 201 83.30 24.63 -57.69
C TYR C 201 83.24 25.92 -56.89
N ILE C 202 84.16 26.83 -57.16
CA ILE C 202 84.19 28.10 -56.45
C ILE C 202 82.97 28.91 -56.86
N LEU C 203 82.38 29.61 -55.92
CA LEU C 203 81.23 30.44 -56.23
C LEU C 203 81.69 31.70 -56.93
N GLU C 204 80.85 32.20 -57.84
CA GLU C 204 81.16 33.43 -58.53
C GLU C 204 79.91 34.00 -59.16
N GLY C 205 79.78 35.31 -59.11
CA GLY C 205 78.68 36.00 -59.74
C GLY C 205 77.43 36.02 -58.90
N LYS C 206 76.29 35.70 -59.54
CA LYS C 206 75.02 35.75 -58.83
C LYS C 206 74.98 34.78 -57.66
N GLU C 207 75.47 33.55 -57.86
CA GLU C 207 75.40 32.60 -56.77
C GLU C 207 76.28 33.00 -55.60
N LEU C 208 77.48 33.51 -55.88
CA LEU C 208 78.33 33.96 -54.78
C LEU C 208 77.68 35.12 -54.03
N GLU C 209 77.20 36.13 -54.76
CA GLU C 209 76.61 37.26 -54.04
C GLU C 209 75.39 36.83 -53.25
N PHE C 210 74.61 35.87 -53.77
CA PHE C 210 73.41 35.48 -53.07
C PHE C 210 73.74 34.72 -51.79
N TYR C 211 74.63 33.72 -51.87
CA TYR C 211 74.98 32.99 -50.66
C TYR C 211 75.67 33.90 -49.65
N MET C 212 76.56 34.77 -50.11
CA MET C 212 77.23 35.66 -49.18
C MET C 212 76.23 36.56 -48.48
N ARG C 213 75.22 37.04 -49.21
CA ARG C 213 74.19 37.86 -48.60
C ARG C 213 73.35 37.08 -47.60
N LYS C 214 73.11 35.80 -47.86
CA LYS C 214 72.48 34.98 -46.83
C LYS C 214 73.37 34.87 -45.60
N LEU C 215 74.66 34.69 -45.80
CA LEU C 215 75.56 34.46 -44.68
C LEU C 215 75.79 35.70 -43.83
N GLN C 216 75.61 36.89 -44.37
CA GLN C 216 75.84 38.05 -43.51
C GLN C 216 74.62 38.19 -42.62
N MET D 1 -26.57 -90.76 -51.90
CA MET D 1 -27.90 -91.19 -52.32
C MET D 1 -28.04 -92.68 -52.14
N ILE D 2 -29.23 -93.13 -51.75
CA ILE D 2 -29.54 -94.56 -51.65
C ILE D 2 -30.79 -94.82 -52.47
N ILE D 3 -30.63 -95.56 -53.58
CA ILE D 3 -31.71 -95.85 -54.51
C ILE D 3 -31.64 -97.29 -54.99
N SER D 4 -32.80 -97.85 -55.27
CA SER D 4 -32.90 -99.20 -55.80
C SER D 4 -32.73 -99.23 -57.31
N LYS D 5 -32.32 -100.41 -57.79
CA LYS D 5 -32.48 -100.72 -59.21
C LYS D 5 -33.90 -100.45 -59.66
N LYS D 6 -34.88 -100.76 -58.80
CA LYS D 6 -36.28 -100.60 -59.18
C LYS D 6 -36.60 -99.15 -59.48
N ASN D 7 -36.14 -98.24 -58.63
CA ASN D 7 -36.45 -96.83 -58.81
C ASN D 7 -35.70 -96.24 -59.98
N ARG D 8 -34.41 -96.59 -60.11
CA ARG D 8 -33.68 -96.27 -61.33
C ARG D 8 -34.44 -96.73 -62.57
N ASN D 9 -34.90 -97.98 -62.58
CA ASN D 9 -35.58 -98.52 -63.75
C ASN D 9 -36.90 -97.81 -64.01
N GLU D 10 -37.67 -97.50 -62.98
CA GLU D 10 -38.96 -96.89 -63.26
C GLU D 10 -38.80 -95.45 -63.73
N ILE D 11 -37.64 -94.84 -63.49
CA ILE D 11 -37.36 -93.57 -64.15
C ILE D 11 -36.77 -93.78 -65.54
N CYS D 12 -35.88 -94.76 -65.69
CA CYS D 12 -35.20 -95.00 -66.96
C CYS D 12 -36.18 -95.44 -68.05
N LYS D 13 -37.14 -96.30 -67.69
CA LYS D 13 -38.25 -96.60 -68.58
C LYS D 13 -38.95 -95.32 -69.00
N TYR D 14 -39.23 -94.46 -68.04
CA TYR D 14 -40.14 -93.34 -68.27
C TYR D 14 -39.49 -92.31 -69.17
N LEU D 15 -38.19 -92.05 -68.96
CA LEU D 15 -37.47 -91.14 -69.84
C LEU D 15 -37.34 -91.69 -71.24
N PHE D 16 -37.07 -92.99 -71.39
CA PHE D 16 -36.93 -93.52 -72.74
C PHE D 16 -38.28 -93.57 -73.45
N GLN D 17 -39.38 -93.57 -72.70
CA GLN D 17 -40.69 -93.56 -73.32
C GLN D 17 -41.18 -92.15 -73.62
N GLU D 18 -40.85 -91.16 -72.79
CA GLU D 18 -41.30 -89.78 -73.04
C GLU D 18 -40.20 -88.90 -73.64
N GLY D 19 -39.09 -88.72 -72.93
CA GLY D 19 -38.00 -87.88 -73.38
C GLY D 19 -37.78 -86.64 -72.54
N VAL D 20 -38.85 -86.10 -71.96
CA VAL D 20 -38.74 -84.95 -71.07
C VAL D 20 -39.07 -85.41 -69.67
N LEU D 21 -38.69 -84.59 -68.70
CA LEU D 21 -39.09 -84.86 -67.34
C LEU D 21 -39.25 -83.53 -66.63
N TYR D 22 -40.18 -83.50 -65.69
CA TYR D 22 -40.51 -82.26 -65.01
C TYR D 22 -40.55 -82.60 -63.54
N ALA D 23 -39.86 -81.83 -62.73
CA ALA D 23 -40.04 -81.97 -61.30
C ALA D 23 -40.83 -80.76 -60.78
N LYS D 24 -40.85 -80.61 -59.47
CA LYS D 24 -41.32 -79.40 -58.83
C LYS D 24 -40.32 -79.12 -57.71
N LYS D 25 -40.32 -77.91 -57.17
CA LYS D 25 -39.48 -77.69 -56.00
C LYS D 25 -40.13 -78.15 -54.71
N ASP D 26 -41.46 -78.09 -54.62
CA ASP D 26 -42.14 -78.52 -53.40
C ASP D 26 -41.69 -79.93 -53.09
N TYR D 27 -41.09 -80.10 -51.91
CA TYR D 27 -40.28 -81.26 -51.60
C TYR D 27 -40.97 -82.08 -50.51
N ASN D 28 -40.77 -83.40 -50.55
CA ASN D 28 -41.53 -84.35 -49.71
C ASN D 28 -43.01 -84.37 -50.08
N LEU D 29 -43.29 -84.69 -51.34
CA LEU D 29 -44.65 -85.09 -51.71
C LEU D 29 -44.88 -86.59 -51.58
N ALA D 30 -43.82 -87.39 -51.78
CA ALA D 30 -43.83 -88.84 -51.85
C ALA D 30 -44.46 -89.34 -53.15
N LYS D 31 -45.05 -88.44 -53.93
CA LYS D 31 -45.63 -88.80 -55.22
C LYS D 31 -45.49 -87.60 -56.16
N HIS D 32 -44.48 -87.65 -57.00
CA HIS D 32 -44.45 -86.82 -58.19
C HIS D 32 -45.49 -87.34 -59.17
N PRO D 33 -46.30 -86.47 -59.76
CA PRO D 33 -47.24 -86.94 -60.77
C PRO D 33 -46.52 -87.61 -61.94
N GLN D 34 -47.19 -88.61 -62.51
CA GLN D 34 -46.80 -89.43 -63.66
C GLN D 34 -45.74 -90.49 -63.32
N ILE D 35 -45.16 -90.49 -62.13
CA ILE D 35 -44.25 -91.55 -61.68
C ILE D 35 -44.46 -91.76 -60.19
N ASP D 36 -43.71 -92.69 -59.61
CA ASP D 36 -43.79 -92.98 -58.17
C ASP D 36 -42.43 -92.65 -57.54
N VAL D 37 -42.37 -91.56 -56.79
CA VAL D 37 -41.14 -91.05 -56.19
C VAL D 37 -41.46 -89.93 -55.21
N PRO D 38 -40.65 -89.71 -54.18
CA PRO D 38 -40.81 -88.53 -53.31
C PRO D 38 -40.11 -87.25 -53.75
N ASN D 39 -39.67 -87.16 -55.01
CA ASN D 39 -39.08 -85.95 -55.61
C ASN D 39 -37.67 -85.61 -55.18
N LEU D 40 -37.16 -86.17 -54.09
CA LEU D 40 -35.71 -86.07 -53.90
C LEU D 40 -34.98 -86.90 -54.93
N GLN D 41 -35.41 -88.14 -55.11
CA GLN D 41 -34.67 -89.06 -55.95
C GLN D 41 -34.67 -88.60 -57.40
N VAL D 42 -35.82 -88.16 -57.91
CA VAL D 42 -35.87 -87.67 -59.28
C VAL D 42 -35.00 -86.45 -59.45
N ILE D 43 -35.19 -85.44 -58.60
CA ILE D 43 -34.41 -84.22 -58.73
C ILE D 43 -32.93 -84.54 -58.71
N LYS D 44 -32.50 -85.45 -57.85
CA LYS D 44 -31.07 -85.59 -57.69
C LYS D 44 -30.43 -86.54 -58.69
N LEU D 45 -31.09 -87.62 -59.08
CA LEU D 45 -30.49 -88.42 -60.13
C LEU D 45 -30.48 -87.66 -61.44
N MET D 46 -31.54 -86.88 -61.72
CA MET D 46 -31.51 -86.05 -62.91
C MET D 46 -30.43 -84.98 -62.82
N GLN D 47 -30.20 -84.42 -61.63
CA GLN D 47 -29.03 -83.57 -61.43
C GLN D 47 -27.76 -84.28 -61.84
N SER D 48 -27.62 -85.55 -61.48
CA SER D 48 -26.40 -86.26 -61.83
C SER D 48 -26.31 -86.52 -63.34
N PHE D 49 -27.45 -86.77 -63.98
CA PHE D 49 -27.48 -86.80 -65.44
C PHE D 49 -27.09 -85.45 -66.02
N LYS D 50 -27.39 -84.37 -65.31
CA LYS D 50 -26.95 -83.03 -65.72
C LYS D 50 -25.45 -82.90 -65.58
N SER D 51 -24.91 -83.35 -64.44
CA SER D 51 -23.48 -83.25 -64.22
C SER D 51 -22.71 -84.00 -65.27
N LYS D 52 -23.17 -85.21 -65.61
CA LYS D 52 -22.63 -85.95 -66.74
C LYS D 52 -23.23 -85.52 -68.07
N GLU D 53 -23.94 -84.40 -68.08
CA GLU D 53 -24.58 -83.81 -69.25
C GLU D 53 -25.23 -84.85 -70.16
N TYR D 54 -26.03 -85.71 -69.55
CA TYR D 54 -26.93 -86.51 -70.37
C TYR D 54 -28.25 -85.79 -70.63
N VAL D 55 -28.64 -84.90 -69.72
CA VAL D 55 -29.87 -84.12 -69.88
C VAL D 55 -29.56 -82.64 -69.72
N ARG D 56 -30.18 -81.83 -70.57
CA ARG D 56 -30.11 -80.39 -70.47
C ARG D 56 -31.19 -79.92 -69.52
N GLU D 57 -30.88 -78.90 -68.73
CA GLU D 57 -31.68 -78.56 -67.55
C GLU D 57 -31.99 -77.07 -67.55
N THR D 58 -33.27 -76.73 -67.65
CA THR D 58 -33.68 -75.31 -67.63
C THR D 58 -34.54 -75.11 -66.39
N PHE D 59 -33.96 -74.51 -65.36
CA PHE D 59 -34.53 -74.63 -64.03
C PHE D 59 -35.89 -73.96 -63.93
N SER D 60 -36.10 -72.88 -64.67
CA SER D 60 -37.43 -72.32 -64.97
C SER D 60 -38.28 -72.09 -63.72
N TRP D 61 -37.72 -71.42 -62.72
CA TRP D 61 -38.45 -71.07 -61.49
C TRP D 61 -38.98 -72.31 -60.78
N GLN D 62 -38.03 -73.07 -60.23
CA GLN D 62 -38.34 -74.14 -59.27
C GLN D 62 -39.33 -75.16 -59.82
N HIS D 63 -39.12 -75.53 -61.08
CA HIS D 63 -39.88 -76.59 -61.69
C HIS D 63 -39.04 -77.60 -62.46
N TYR D 64 -37.71 -77.45 -62.53
CA TYR D 64 -36.84 -78.55 -62.91
C TYR D 64 -37.26 -79.23 -64.21
N TYR D 65 -37.06 -78.52 -65.32
CA TYR D 65 -37.27 -79.14 -66.62
C TYR D 65 -36.00 -79.79 -67.13
N TRP D 66 -36.07 -81.08 -67.41
CA TRP D 66 -34.94 -81.88 -67.89
C TRP D 66 -35.27 -82.48 -69.24
N TYR D 67 -34.51 -82.08 -70.25
CA TYR D 67 -34.73 -82.51 -71.61
C TYR D 67 -33.61 -83.48 -71.93
N LEU D 68 -33.97 -84.72 -72.22
CA LEU D 68 -32.94 -85.71 -72.53
C LEU D 68 -32.20 -85.30 -73.80
N THR D 69 -30.93 -85.67 -73.86
CA THR D 69 -30.09 -85.41 -75.03
C THR D 69 -29.85 -86.70 -75.80
N ASN D 70 -29.56 -86.56 -77.09
CA ASN D 70 -29.15 -87.73 -77.85
C ASN D 70 -27.83 -88.28 -77.34
N ASP D 71 -27.06 -87.47 -76.63
CA ASP D 71 -25.92 -88.02 -75.89
C ASP D 71 -26.41 -89.03 -74.86
N GLY D 72 -27.53 -88.75 -74.20
CA GLY D 72 -28.03 -89.64 -73.19
C GLY D 72 -28.91 -90.76 -73.71
N ILE D 73 -29.45 -90.63 -74.93
CA ILE D 73 -30.27 -91.73 -75.43
C ILE D 73 -29.40 -92.96 -75.65
N GLU D 74 -28.15 -92.75 -76.08
CA GLU D 74 -27.23 -93.89 -76.21
C GLU D 74 -26.95 -94.52 -74.85
N PHE D 75 -26.78 -93.70 -73.81
CA PHE D 75 -26.59 -94.26 -72.48
C PHE D 75 -27.78 -95.13 -72.07
N LEU D 76 -28.98 -94.58 -72.20
CA LEU D 76 -30.15 -95.30 -71.75
C LEU D 76 -30.44 -96.50 -72.65
N ARG D 77 -30.14 -96.38 -73.94
CA ARG D 77 -30.24 -97.47 -74.90
C ARG D 77 -29.23 -98.56 -74.58
N ASN D 78 -28.11 -98.20 -73.96
CA ASN D 78 -27.14 -99.18 -73.51
C ASN D 78 -27.44 -99.67 -72.11
N PHE D 79 -28.47 -99.10 -71.49
CA PHE D 79 -28.90 -99.56 -70.17
C PHE D 79 -30.10 -100.47 -70.22
N LEU D 80 -31.20 -100.06 -70.86
CA LEU D 80 -32.41 -100.89 -70.91
C LEU D 80 -32.95 -100.89 -72.34
N ASN D 81 -32.38 -101.75 -73.18
CA ASN D 81 -32.81 -102.04 -74.56
C ASN D 81 -31.58 -102.59 -75.28
N GLY E 2 8.58 3.70 -68.99
CA GLY E 2 9.08 2.41 -69.38
C GLY E 2 10.59 2.33 -69.27
N LYS E 3 11.24 1.83 -70.31
CA LYS E 3 12.68 1.68 -70.28
C LYS E 3 13.41 2.96 -70.64
N THR E 4 14.61 3.10 -70.09
CA THR E 4 15.57 4.08 -70.56
C THR E 4 16.30 3.47 -71.74
N ARG E 5 16.02 3.94 -72.95
CA ARG E 5 16.73 3.49 -74.13
C ARG E 5 17.76 4.49 -74.63
N GLY E 6 18.07 5.53 -73.87
CA GLY E 6 19.08 6.46 -74.30
C GLY E 6 20.37 5.76 -74.67
N MET E 7 21.20 6.40 -75.49
CA MET E 7 22.41 5.72 -75.95
C MET E 7 23.49 5.78 -74.88
N GLY E 8 23.50 6.86 -74.10
CA GLY E 8 24.46 7.08 -73.04
C GLY E 8 24.04 6.60 -71.67
N ALA E 9 22.98 5.82 -71.58
CA ALA E 9 22.43 5.36 -70.30
C ALA E 9 22.84 3.93 -69.97
N GLY E 10 24.01 3.52 -70.42
CA GLY E 10 24.49 2.19 -70.09
C GLY E 10 24.71 2.02 -68.61
N ARG E 11 25.18 3.07 -67.95
CA ARG E 11 25.39 3.00 -66.51
C ARG E 11 24.08 2.80 -65.79
N LYS E 12 23.06 3.56 -66.20
CA LYS E 12 21.76 3.49 -65.57
C LYS E 12 21.16 2.11 -65.73
N LEU E 13 21.24 1.54 -66.92
CA LEU E 13 20.64 0.23 -67.05
C LEU E 13 21.43 -0.87 -66.37
N LYS E 14 22.77 -0.80 -66.35
CA LYS E 14 23.52 -1.84 -65.67
C LYS E 14 23.26 -1.78 -64.17
N THR E 15 23.22 -0.57 -63.61
CA THR E 15 22.91 -0.40 -62.19
C THR E 15 21.50 -0.86 -61.88
N HIS E 16 20.55 -0.58 -62.75
CA HIS E 16 19.19 -1.04 -62.49
C HIS E 16 19.13 -2.56 -62.45
N ARG E 17 19.68 -3.23 -63.45
CA ARG E 17 19.65 -4.70 -63.40
C ARG E 17 20.40 -5.22 -62.19
N ARG E 18 21.47 -4.55 -61.78
CA ARG E 18 22.21 -5.01 -60.62
C ARG E 18 21.37 -4.92 -59.35
N ASN E 19 20.70 -3.78 -59.13
CA ASN E 19 19.87 -3.64 -57.94
C ASN E 19 18.65 -4.56 -57.97
N GLN E 20 18.05 -4.76 -59.14
CA GLN E 20 16.86 -5.59 -59.25
C GLN E 20 17.13 -7.07 -59.38
N ARG E 21 18.37 -7.49 -59.58
CA ARG E 21 18.59 -8.93 -59.59
C ARG E 21 18.39 -9.51 -58.21
N TRP E 22 18.23 -8.66 -57.20
CA TRP E 22 18.11 -9.13 -55.83
C TRP E 22 16.69 -9.53 -55.48
N ALA E 23 15.69 -8.95 -56.12
CA ALA E 23 14.32 -9.34 -55.85
C ALA E 23 13.96 -10.69 -56.47
N ASP E 24 14.91 -11.35 -57.12
CA ASP E 24 14.75 -12.74 -57.54
C ASP E 24 15.15 -13.62 -56.38
N LYS E 25 14.30 -14.60 -56.05
CA LYS E 25 14.56 -15.42 -54.86
C LYS E 25 15.80 -16.28 -55.02
N ALA E 26 15.95 -16.94 -56.16
CA ALA E 26 17.05 -17.88 -56.31
C ALA E 26 18.40 -17.17 -56.24
N TYR E 27 18.51 -16.03 -56.92
CA TYR E 27 19.73 -15.25 -56.88
C TYR E 27 20.04 -14.77 -55.48
N LYS E 28 19.03 -14.26 -54.78
CA LYS E 28 19.24 -13.78 -53.42
C LYS E 28 19.69 -14.91 -52.52
N LYS E 29 19.15 -16.11 -52.75
CA LYS E 29 19.48 -17.27 -51.95
C LYS E 29 20.91 -17.73 -52.19
N SER E 30 21.37 -17.63 -53.42
CA SER E 30 22.73 -18.05 -53.72
C SER E 30 23.77 -17.02 -53.37
N HIS E 31 23.46 -15.73 -53.49
CA HIS E 31 24.43 -14.67 -53.30
C HIS E 31 24.20 -13.89 -52.02
N LEU E 32 23.44 -14.45 -51.08
CA LEU E 32 23.32 -13.88 -49.75
C LEU E 32 24.14 -14.63 -48.72
N GLY E 33 24.50 -15.88 -49.00
CA GLY E 33 25.48 -16.62 -48.23
C GLY E 33 24.94 -17.63 -47.26
N ASN E 34 23.62 -17.69 -47.07
CA ASN E 34 23.05 -18.46 -45.97
C ASN E 34 23.14 -19.96 -46.20
N GLU E 35 23.47 -20.41 -47.41
CA GLU E 35 23.83 -21.81 -47.58
C GLU E 35 25.00 -22.19 -46.70
N TRP E 36 25.80 -21.21 -46.29
CA TRP E 36 26.94 -21.45 -45.42
C TRP E 36 26.60 -21.25 -43.96
N LYS E 37 25.33 -20.98 -43.64
CA LYS E 37 24.80 -21.11 -42.30
C LYS E 37 23.80 -22.24 -42.18
N LYS E 38 23.48 -22.90 -43.29
CA LYS E 38 22.66 -24.10 -43.30
C LYS E 38 23.43 -25.29 -42.73
N PRO E 39 22.72 -26.36 -42.34
CA PRO E 39 23.41 -27.48 -41.67
C PRO E 39 24.51 -28.14 -42.47
N PHE E 40 24.35 -28.33 -43.77
CA PHE E 40 25.45 -28.88 -44.55
C PHE E 40 26.54 -27.86 -44.79
N ALA E 41 26.21 -26.57 -44.75
CA ALA E 41 27.14 -25.50 -45.04
C ALA E 41 27.79 -25.72 -46.41
N GLY E 42 26.95 -25.75 -47.43
CA GLY E 42 27.43 -25.90 -48.79
C GLY E 42 28.07 -27.24 -49.05
N SER E 43 27.40 -28.31 -48.61
CA SER E 43 27.88 -29.67 -48.80
C SER E 43 26.85 -30.47 -49.58
N SER E 44 27.33 -31.51 -50.27
CA SER E 44 26.43 -32.42 -50.96
C SER E 44 25.74 -33.34 -49.97
N HIS E 45 26.52 -34.16 -49.28
CA HIS E 45 26.09 -35.02 -48.20
C HIS E 45 26.69 -34.50 -46.91
N ALA E 46 26.44 -35.20 -45.82
CA ALA E 46 27.13 -34.88 -44.57
C ALA E 46 27.01 -36.07 -43.64
N LYS E 47 28.13 -36.55 -43.13
CA LYS E 47 28.12 -37.72 -42.28
C LYS E 47 27.78 -37.32 -40.85
N GLY E 48 27.22 -38.25 -40.09
CA GLY E 48 26.76 -37.94 -38.75
C GLY E 48 26.49 -39.19 -37.95
N ILE E 49 25.97 -39.00 -36.74
CA ILE E 49 25.69 -40.09 -35.81
C ILE E 49 24.24 -39.98 -35.38
N VAL E 50 23.58 -41.14 -35.26
CA VAL E 50 22.17 -41.17 -34.92
C VAL E 50 22.00 -41.08 -33.41
N LEU E 51 21.13 -40.18 -32.96
CA LEU E 51 20.82 -40.02 -31.55
C LEU E 51 19.59 -40.80 -31.11
N GLU E 52 18.54 -40.82 -31.93
CA GLU E 52 17.43 -41.71 -31.68
C GLU E 52 16.53 -41.75 -32.90
N LYS E 53 15.95 -42.91 -33.14
CA LYS E 53 14.91 -43.08 -34.13
C LYS E 53 13.57 -42.62 -33.53
N ILE E 54 12.95 -41.62 -34.16
CA ILE E 54 11.92 -40.80 -33.52
C ILE E 54 10.53 -41.09 -34.09
N GLY E 55 10.32 -40.85 -35.38
CA GLY E 55 9.01 -41.06 -35.94
C GLY E 55 8.11 -39.84 -35.84
N ILE E 56 7.71 -39.29 -36.98
CA ILE E 56 6.97 -38.04 -37.02
C ILE E 56 5.70 -38.23 -37.85
N GLU E 57 4.61 -37.59 -37.43
CA GLU E 57 3.33 -37.70 -38.09
C GLU E 57 3.44 -37.19 -39.53
N ALA E 58 2.35 -37.38 -40.29
CA ALA E 58 2.30 -36.93 -41.68
C ALA E 58 1.19 -35.91 -41.85
N LYS E 59 1.36 -35.04 -42.84
CA LYS E 59 0.50 -33.87 -43.01
C LYS E 59 -0.94 -34.29 -43.26
N GLN E 60 -1.84 -33.30 -43.21
CA GLN E 60 -3.26 -33.60 -43.08
C GLN E 60 -3.87 -34.48 -44.17
N PRO E 61 -3.63 -34.26 -45.46
CA PRO E 61 -4.28 -35.14 -46.45
C PRO E 61 -3.92 -36.60 -46.26
N ASN E 62 -2.70 -36.91 -45.82
CA ASN E 62 -2.32 -38.25 -45.46
C ASN E 62 -2.48 -38.50 -43.97
N SER E 63 -2.03 -39.67 -43.55
CA SER E 63 -2.12 -40.07 -42.15
C SER E 63 -1.15 -41.22 -41.98
N ALA E 64 -0.13 -41.03 -41.16
CA ALA E 64 0.94 -42.01 -41.07
C ALA E 64 1.83 -41.65 -39.90
N ILE E 65 2.84 -42.49 -39.70
CA ILE E 65 3.97 -42.22 -38.83
C ILE E 65 5.21 -42.48 -39.68
N ARG E 66 5.75 -41.42 -40.28
CA ARG E 66 6.93 -41.51 -41.12
C ARG E 66 8.14 -41.68 -40.22
N LYS E 67 8.91 -42.75 -40.42
CA LYS E 67 9.94 -43.13 -39.44
C LYS E 67 11.25 -42.45 -39.77
N CYS E 68 11.54 -41.39 -39.03
CA CYS E 68 12.70 -40.53 -39.16
C CYS E 68 13.66 -40.79 -38.00
N ALA E 69 14.89 -40.32 -38.16
CA ALA E 69 15.91 -40.47 -37.13
C ALA E 69 16.55 -39.11 -36.88
N ARG E 70 16.60 -38.67 -35.63
CA ARG E 70 17.37 -37.46 -35.34
C ARG E 70 18.85 -37.79 -35.36
N VAL E 71 19.59 -37.11 -36.21
CA VAL E 71 21.01 -37.35 -36.31
C VAL E 71 21.74 -36.07 -35.99
N GLN E 72 23.02 -36.20 -35.64
CA GLN E 72 23.88 -35.07 -35.36
C GLN E 72 25.01 -35.07 -36.38
N LEU E 73 25.34 -33.88 -36.88
CA LEU E 73 26.35 -33.75 -37.92
C LEU E 73 27.70 -33.57 -37.27
N VAL E 74 28.67 -34.41 -37.67
CA VAL E 74 29.99 -34.35 -37.05
C VAL E 74 30.88 -33.28 -37.67
N LYS E 75 30.44 -32.65 -38.76
CA LYS E 75 31.26 -31.60 -39.35
C LYS E 75 31.00 -30.25 -38.69
N ASN E 76 29.80 -30.04 -38.16
CA ASN E 76 29.46 -28.75 -37.60
C ASN E 76 28.57 -28.79 -36.36
N GLY E 77 28.22 -29.97 -35.86
CA GLY E 77 27.49 -30.06 -34.61
C GLY E 77 26.00 -29.84 -34.68
N LYS E 78 25.43 -29.60 -35.86
CA LYS E 78 23.99 -29.45 -35.98
C LYS E 78 23.28 -30.78 -35.68
N LYS E 79 22.03 -30.68 -35.26
CA LYS E 79 21.15 -31.84 -35.15
C LYS E 79 19.93 -31.62 -36.01
N ILE E 80 19.49 -32.68 -36.68
CA ILE E 80 18.49 -32.62 -37.72
C ILE E 80 17.67 -33.91 -37.67
N ALA E 81 16.64 -33.99 -38.49
CA ALA E 81 15.90 -35.22 -38.70
C ALA E 81 16.22 -35.79 -40.08
N ALA E 82 16.06 -37.09 -40.24
CA ALA E 82 16.45 -37.71 -41.50
C ALA E 82 15.58 -38.94 -41.74
N PHE E 83 14.88 -38.94 -42.86
CA PHE E 83 13.98 -40.04 -43.17
C PHE E 83 14.82 -41.30 -43.44
N VAL E 84 14.22 -42.46 -43.16
CA VAL E 84 14.85 -43.73 -43.48
C VAL E 84 14.02 -44.42 -44.56
N PRO E 85 14.27 -44.14 -45.82
CA PRO E 85 13.35 -44.58 -46.87
C PRO E 85 13.51 -46.07 -47.14
N ASN E 86 12.56 -46.86 -46.64
CA ASN E 86 11.82 -47.92 -47.32
C ASN E 86 11.00 -48.71 -46.30
N ASP E 87 10.23 -49.67 -46.78
CA ASP E 87 9.41 -50.53 -45.93
C ASP E 87 10.30 -51.37 -45.03
N GLY E 88 10.20 -51.13 -43.72
CA GLY E 88 10.91 -51.92 -42.74
C GLY E 88 12.38 -51.64 -42.63
N CYS E 89 12.92 -50.80 -43.52
CA CYS E 89 14.36 -50.62 -43.56
C CYS E 89 14.87 -49.85 -42.35
N LEU E 90 13.99 -49.20 -41.60
CA LEU E 90 14.42 -48.44 -40.43
C LEU E 90 15.19 -49.31 -39.44
N ASN E 91 14.84 -50.58 -39.33
CA ASN E 91 15.41 -51.38 -38.26
C ASN E 91 16.91 -51.53 -38.41
N PHE E 92 17.42 -51.50 -39.64
CA PHE E 92 18.86 -51.57 -39.84
C PHE E 92 19.57 -50.41 -39.18
N ILE E 93 18.91 -49.25 -39.11
CA ILE E 93 19.44 -48.12 -38.38
C ILE E 93 19.42 -48.44 -36.89
N GLU E 94 20.43 -47.98 -36.17
CA GLU E 94 20.39 -48.12 -34.72
C GLU E 94 21.13 -46.96 -34.09
N GLU E 95 20.71 -46.63 -32.87
CA GLU E 95 21.21 -45.45 -32.17
C GLU E 95 22.73 -45.48 -32.07
N ASN E 96 23.36 -44.33 -32.33
CA ASN E 96 24.83 -44.23 -32.42
C ASN E 96 25.43 -45.18 -33.45
N ASP E 97 24.78 -45.25 -34.61
CA ASP E 97 25.40 -45.77 -35.82
C ASP E 97 25.72 -44.60 -36.75
N GLU E 98 26.78 -44.75 -37.52
CA GLU E 98 27.30 -43.65 -38.33
C GLU E 98 26.55 -43.62 -39.66
N VAL E 99 25.84 -42.53 -39.94
CA VAL E 99 24.97 -42.45 -41.10
C VAL E 99 25.33 -41.25 -41.96
N LEU E 100 25.26 -41.41 -43.27
CA LEU E 100 25.45 -40.32 -44.20
C LEU E 100 24.09 -39.71 -44.53
N ILE E 101 23.95 -38.43 -44.25
CA ILE E 101 22.73 -37.69 -44.49
C ILE E 101 22.85 -37.05 -45.86
N ALA E 102 22.08 -37.54 -46.81
CA ALA E 102 22.02 -36.94 -48.13
C ALA E 102 20.87 -35.94 -48.18
N GLY E 103 20.76 -35.27 -49.32
CA GLY E 103 19.55 -34.52 -49.57
C GLY E 103 18.39 -35.46 -49.79
N PHE E 104 17.21 -35.03 -49.37
CA PHE E 104 16.02 -35.85 -49.55
C PHE E 104 15.26 -35.49 -50.81
N GLY E 105 15.69 -34.45 -51.50
CA GLY E 105 15.04 -33.98 -52.71
C GLY E 105 14.52 -32.57 -52.55
N ARG E 106 14.00 -32.06 -53.65
CA ARG E 106 13.44 -30.72 -53.73
C ARG E 106 14.44 -29.65 -53.28
N LYS E 107 15.73 -29.94 -53.35
CA LYS E 107 16.75 -28.91 -53.37
C LYS E 107 16.73 -28.08 -52.07
N GLY E 108 16.68 -28.78 -50.95
CA GLY E 108 16.72 -28.11 -49.65
C GLY E 108 15.39 -27.67 -49.09
N HIS E 109 14.28 -28.24 -49.56
CA HIS E 109 12.96 -27.89 -49.08
C HIS E 109 12.19 -29.19 -48.86
N ALA E 110 11.43 -29.26 -47.77
CA ALA E 110 10.81 -30.49 -47.31
C ALA E 110 9.87 -31.07 -48.36
N VAL E 111 9.79 -32.40 -48.39
CA VAL E 111 9.22 -33.12 -49.51
C VAL E 111 8.08 -34.01 -49.02
N GLY E 112 7.01 -34.07 -49.81
CA GLY E 112 5.95 -35.01 -49.53
C GLY E 112 5.13 -34.64 -48.32
N ASP E 113 4.53 -35.65 -47.70
CA ASP E 113 3.66 -35.43 -46.56
C ASP E 113 4.41 -35.34 -45.25
N ILE E 114 5.75 -35.29 -45.27
CA ILE E 114 6.54 -35.28 -44.05
C ILE E 114 6.69 -33.83 -43.62
N PRO E 115 6.27 -33.47 -42.41
CA PRO E 115 6.46 -32.09 -41.95
C PRO E 115 7.88 -31.88 -41.45
N GLY E 116 8.55 -30.86 -41.99
CA GLY E 116 9.82 -30.43 -41.44
C GLY E 116 10.93 -31.47 -41.49
N VAL E 117 11.08 -32.13 -42.63
CA VAL E 117 12.22 -33.00 -42.87
C VAL E 117 12.75 -32.71 -44.26
N ARG E 118 14.06 -32.52 -44.36
CA ARG E 118 14.70 -32.19 -45.62
C ARG E 118 15.80 -33.17 -46.01
N PHE E 119 16.00 -34.24 -45.26
CA PHE E 119 17.22 -35.04 -45.28
C PHE E 119 16.89 -36.53 -45.30
N LYS E 120 17.65 -37.30 -46.06
CA LYS E 120 17.45 -38.75 -46.11
C LYS E 120 18.75 -39.46 -45.75
N VAL E 121 18.59 -40.64 -45.18
CA VAL E 121 19.72 -41.49 -44.80
C VAL E 121 19.98 -42.50 -45.91
N VAL E 122 21.19 -42.50 -46.48
CA VAL E 122 21.52 -43.39 -47.57
C VAL E 122 22.58 -44.40 -47.18
N LYS E 123 23.29 -44.20 -46.07
CA LYS E 123 24.29 -45.14 -45.63
C LYS E 123 24.26 -45.21 -44.11
N VAL E 124 24.50 -46.39 -43.58
CA VAL E 124 24.65 -46.57 -42.14
C VAL E 124 25.82 -47.52 -41.92
N SER E 125 26.69 -47.18 -40.97
CA SER E 125 27.88 -47.99 -40.72
C SER E 125 28.65 -48.25 -42.01
N GLY E 126 28.63 -47.27 -42.90
CA GLY E 126 29.36 -47.39 -44.14
C GLY E 126 28.90 -48.48 -45.07
N VAL E 127 27.66 -48.92 -44.95
CA VAL E 127 27.11 -49.95 -45.83
C VAL E 127 25.86 -49.40 -46.49
N SER E 128 25.69 -49.72 -47.76
CA SER E 128 24.63 -49.13 -48.56
C SER E 128 23.28 -49.49 -47.98
N LEU E 129 22.45 -48.48 -47.75
CA LEU E 129 21.13 -48.75 -47.18
C LEU E 129 20.25 -49.44 -48.21
N LEU E 130 20.44 -49.10 -49.49
CA LEU E 130 19.85 -49.87 -50.57
C LEU E 130 20.34 -51.31 -50.53
N ALA E 131 21.63 -51.51 -50.25
CA ALA E 131 22.15 -52.87 -50.20
C ALA E 131 21.48 -53.68 -49.11
N LEU E 132 21.22 -53.09 -47.95
CA LEU E 132 20.49 -53.86 -46.94
C LEU E 132 19.05 -54.07 -47.31
N PHE E 133 18.40 -53.08 -47.95
CA PHE E 133 17.04 -53.32 -48.39
C PHE E 133 16.96 -54.46 -49.38
N LYS E 134 17.83 -54.47 -50.39
CA LYS E 134 17.83 -55.50 -51.41
C LYS E 134 18.77 -56.64 -51.07
N GLU E 135 19.10 -56.81 -49.79
CA GLU E 135 19.87 -57.94 -49.27
C GLU E 135 21.07 -58.31 -50.14
N LYS E 136 21.67 -57.30 -50.78
CA LYS E 136 22.88 -57.49 -51.56
C LYS E 136 24.11 -57.66 -50.66
N LYS E 137 24.20 -56.85 -49.61
CA LYS E 137 25.43 -56.77 -48.81
C LYS E 137 25.04 -56.24 -47.44
N GLU E 138 25.05 -57.10 -46.43
CA GLU E 138 24.54 -56.75 -45.12
C GLU E 138 25.68 -56.40 -44.17
N LYS E 139 25.41 -55.44 -43.29
CA LYS E 139 26.42 -54.84 -42.42
C LYS E 139 27.00 -55.78 -41.37
N GLU F 6 -99.45 -2.21 -103.43
CA GLU F 6 -99.96 -2.48 -102.09
C GLU F 6 -98.88 -3.23 -101.30
N SER F 7 -99.02 -3.28 -99.98
CA SER F 7 -98.03 -3.93 -99.12
C SER F 7 -98.72 -4.89 -98.16
N LEU F 8 -97.94 -5.86 -97.68
CA LEU F 8 -98.43 -6.93 -96.83
C LEU F 8 -97.80 -6.80 -95.45
N VAL F 9 -98.64 -6.96 -94.42
CA VAL F 9 -98.40 -6.33 -93.12
C VAL F 9 -97.81 -7.35 -92.17
N TYR F 10 -97.16 -6.86 -91.12
CA TYR F 10 -96.65 -7.71 -90.07
C TYR F 10 -97.79 -7.93 -89.08
N ALA F 11 -97.96 -9.16 -88.61
CA ALA F 11 -99.14 -9.42 -87.79
C ALA F 11 -98.81 -9.72 -86.33
N GLY F 12 -97.92 -10.66 -86.05
CA GLY F 12 -97.65 -10.98 -84.66
C GLY F 12 -96.43 -11.86 -84.52
N VAL F 13 -96.05 -12.08 -83.27
CA VAL F 13 -94.87 -12.87 -82.92
C VAL F 13 -95.28 -13.87 -81.86
N MET F 14 -94.92 -15.13 -82.05
CA MET F 14 -95.22 -16.16 -81.07
C MET F 14 -93.96 -16.91 -80.70
N ARG F 15 -93.87 -17.30 -79.43
CA ARG F 15 -92.67 -17.91 -78.87
C ARG F 15 -93.04 -19.11 -78.01
N GLY F 16 -92.72 -20.30 -78.49
CA GLY F 16 -92.87 -21.48 -77.66
C GLY F 16 -91.68 -22.38 -77.80
N HIS F 17 -90.77 -22.01 -78.69
CA HIS F 17 -89.59 -22.80 -78.97
C HIS F 17 -88.36 -22.07 -78.47
N ASN F 18 -87.44 -22.82 -77.84
CA ASN F 18 -86.31 -22.23 -77.14
C ASN F 18 -85.27 -21.70 -78.12
N ASP F 19 -84.70 -22.60 -78.93
CA ASP F 19 -83.63 -22.24 -79.85
C ASP F 19 -84.04 -22.57 -81.28
N VAL F 20 -83.26 -22.06 -82.23
CA VAL F 20 -83.68 -21.82 -83.61
C VAL F 20 -84.54 -22.92 -84.19
N VAL F 21 -85.63 -22.52 -84.82
CA VAL F 21 -86.57 -23.42 -85.50
C VAL F 21 -85.98 -23.80 -86.84
N THR F 22 -86.57 -24.78 -87.50
CA THR F 22 -86.09 -25.13 -88.85
C THR F 22 -87.22 -25.34 -89.85
N ALA F 23 -88.45 -25.60 -89.45
CA ALA F 23 -89.51 -25.82 -90.41
C ALA F 23 -90.85 -25.42 -89.81
N ILE F 24 -91.79 -25.09 -90.70
CA ILE F 24 -93.20 -24.88 -90.35
C ILE F 24 -94.00 -25.74 -91.34
N ALA F 25 -95.15 -26.25 -90.89
CA ALA F 25 -95.96 -27.08 -91.76
C ALA F 25 -97.44 -26.90 -91.44
N THR F 26 -98.26 -26.85 -92.48
CA THR F 26 -99.67 -26.53 -92.38
C THR F 26 -100.45 -27.40 -93.36
N PRO F 27 -101.68 -27.75 -93.03
CA PRO F 27 -102.57 -28.40 -93.99
C PRO F 27 -103.39 -27.38 -94.78
N ILE F 28 -103.99 -27.85 -95.87
CA ILE F 28 -104.93 -27.00 -96.59
C ILE F 28 -106.35 -27.25 -96.14
N ASP F 29 -106.70 -28.51 -95.87
CA ASP F 29 -108.02 -28.85 -95.35
C ASP F 29 -108.14 -28.57 -93.87
N ASN F 30 -107.03 -28.29 -93.18
CA ASN F 30 -107.01 -28.01 -91.75
C ASN F 30 -106.22 -26.71 -91.57
N SER F 31 -106.89 -25.57 -91.65
CA SER F 31 -106.16 -24.30 -91.65
C SER F 31 -105.45 -24.03 -90.32
N PRO F 32 -106.12 -23.99 -89.16
CA PRO F 32 -105.45 -23.54 -87.95
C PRO F 32 -104.75 -24.59 -87.12
N PHE F 33 -103.98 -25.50 -87.76
CA PHE F 33 -103.27 -26.60 -87.07
C PHE F 33 -101.84 -26.53 -87.55
N ILE F 34 -101.03 -25.66 -86.95
CA ILE F 34 -99.71 -25.37 -87.49
C ILE F 34 -98.64 -26.06 -86.65
N VAL F 35 -97.83 -26.87 -87.32
CA VAL F 35 -96.80 -27.68 -86.68
C VAL F 35 -95.46 -27.02 -86.96
N SER F 36 -94.79 -26.55 -85.91
CA SER F 36 -93.46 -25.98 -86.03
C SER F 36 -92.45 -26.97 -85.49
N SER F 37 -91.31 -27.03 -86.15
CA SER F 37 -90.22 -27.83 -85.63
C SER F 37 -89.14 -26.89 -85.15
N SER F 38 -88.20 -27.41 -84.38
CA SER F 38 -87.11 -26.56 -83.92
C SER F 38 -85.88 -27.41 -83.70
N ARG F 39 -84.78 -26.73 -83.42
CA ARG F 39 -83.51 -27.41 -83.34
C ARG F 39 -83.49 -28.40 -82.18
N ASP F 40 -84.04 -28.04 -81.02
CA ASP F 40 -84.07 -29.05 -79.98
C ASP F 40 -85.02 -30.15 -80.38
N LYS F 41 -85.02 -31.20 -79.63
CA LYS F 41 -85.74 -32.39 -80.04
C LYS F 41 -87.26 -32.27 -79.99
N SER F 42 -87.85 -31.11 -79.73
CA SER F 42 -89.29 -30.98 -79.64
C SER F 42 -89.88 -30.49 -80.97
N LEU F 43 -91.18 -30.75 -81.13
CA LEU F 43 -91.94 -30.42 -82.35
C LEU F 43 -93.27 -29.87 -81.86
N LEU F 44 -93.40 -28.56 -81.79
CA LEU F 44 -94.51 -27.95 -81.07
C LEU F 44 -95.56 -27.42 -82.04
N VAL F 45 -96.83 -27.52 -81.64
CA VAL F 45 -97.93 -27.13 -82.52
C VAL F 45 -98.73 -26.03 -81.85
N TRP F 46 -99.23 -25.09 -82.66
CA TRP F 46 -100.01 -23.97 -82.14
C TRP F 46 -101.44 -24.02 -82.66
N ASP F 47 -102.40 -23.82 -81.76
CA ASP F 47 -103.80 -23.70 -82.15
C ASP F 47 -104.21 -22.23 -82.06
N LEU F 48 -104.96 -21.76 -83.05
CA LEU F 48 -105.31 -20.34 -83.17
C LEU F 48 -106.78 -20.09 -82.94
N THR F 49 -107.07 -19.19 -82.00
CA THR F 49 -108.19 -18.28 -82.10
C THR F 49 -107.78 -17.03 -82.86
N ASN F 50 -106.65 -17.08 -83.55
CA ASN F 50 -106.11 -15.97 -84.33
C ASN F 50 -105.93 -14.71 -83.48
N PRO F 51 -105.08 -14.77 -82.44
CA PRO F 51 -105.05 -13.68 -81.46
C PRO F 51 -104.27 -12.47 -81.94
N ILE F 52 -104.88 -11.30 -81.81
CA ILE F 52 -104.19 -10.03 -81.67
C ILE F 52 -104.78 -9.35 -80.44
N GLN F 53 -103.94 -9.08 -79.47
CA GLN F 53 -104.39 -8.56 -78.17
C GLN F 53 -103.93 -7.11 -78.05
N ALA F 54 -104.75 -6.19 -78.57
CA ALA F 54 -104.44 -4.77 -78.50
C ALA F 54 -104.86 -4.18 -77.15
N THR F 55 -104.45 -4.85 -76.07
CA THR F 55 -104.79 -4.42 -74.72
C THR F 55 -103.56 -4.22 -73.83
N GLN F 56 -102.43 -4.87 -74.13
CA GLN F 56 -101.20 -4.72 -73.35
C GLN F 56 -100.12 -4.32 -74.36
N ASP F 57 -100.12 -3.04 -74.76
CA ASP F 57 -99.25 -2.51 -75.82
C ASP F 57 -99.00 -3.53 -76.92
N SER F 58 -100.10 -4.03 -77.49
CA SER F 58 -100.06 -5.07 -78.51
C SER F 58 -99.27 -6.29 -78.02
N SER F 59 -99.69 -6.83 -76.88
CA SER F 59 -98.96 -7.95 -76.28
C SER F 59 -99.04 -9.16 -77.19
N SER F 60 -97.93 -9.49 -77.83
CA SER F 60 -97.95 -10.36 -78.99
C SER F 60 -97.71 -11.79 -78.54
N GLU F 61 -98.76 -12.59 -78.62
CA GLU F 61 -98.66 -14.05 -78.59
C GLU F 61 -99.69 -14.54 -79.59
N TYR F 62 -99.21 -15.07 -80.71
CA TYR F 62 -100.09 -15.59 -81.74
C TYR F 62 -100.38 -17.06 -81.58
N GLY F 63 -100.20 -17.61 -80.39
CA GLY F 63 -100.55 -19.01 -80.29
C GLY F 63 -100.67 -19.52 -78.88
N VAL F 64 -101.27 -20.69 -78.79
CA VAL F 64 -101.28 -21.53 -77.61
C VAL F 64 -100.75 -22.88 -78.07
N PRO F 65 -99.64 -23.36 -77.52
CA PRO F 65 -99.13 -24.68 -77.90
C PRO F 65 -100.09 -25.79 -77.49
N PHE F 66 -100.74 -26.38 -78.48
CA PHE F 66 -101.74 -27.40 -78.22
C PHE F 66 -101.09 -28.70 -77.81
N ARG F 67 -99.95 -29.05 -78.41
CA ARG F 67 -99.20 -30.25 -78.04
C ARG F 67 -97.74 -30.05 -78.44
N ARG F 68 -96.92 -30.99 -77.98
CA ARG F 68 -95.54 -31.18 -78.45
C ARG F 68 -95.28 -32.65 -78.73
N LEU F 69 -94.58 -32.91 -79.82
CA LEU F 69 -94.12 -34.26 -80.19
C LEU F 69 -92.64 -34.41 -79.86
N THR F 70 -92.32 -34.53 -78.58
CA THR F 70 -90.93 -34.71 -78.20
C THR F 70 -90.57 -36.19 -78.24
N GLY F 71 -89.29 -36.46 -78.46
CA GLY F 71 -88.86 -37.83 -78.58
C GLY F 71 -87.70 -38.09 -79.53
N HIS F 72 -87.32 -37.12 -80.35
CA HIS F 72 -86.05 -37.25 -81.07
C HIS F 72 -84.87 -37.18 -80.13
N GLY F 73 -83.81 -37.88 -80.50
CA GLY F 73 -82.57 -37.95 -79.76
C GLY F 73 -81.51 -36.96 -80.16
N HIS F 74 -81.85 -36.01 -81.03
CA HIS F 74 -80.88 -35.01 -81.48
C HIS F 74 -81.68 -33.84 -82.08
N PHE F 75 -80.99 -32.98 -82.81
CA PHE F 75 -81.65 -31.86 -83.47
C PHE F 75 -82.62 -32.35 -84.54
N VAL F 76 -83.74 -31.65 -84.68
CA VAL F 76 -84.81 -31.99 -85.60
C VAL F 76 -84.73 -31.12 -86.83
N GLN F 77 -84.75 -31.74 -88.02
CA GLN F 77 -84.43 -31.01 -89.24
C GLN F 77 -85.67 -30.55 -90.00
N ASP F 78 -86.49 -31.48 -90.52
CA ASP F 78 -87.64 -31.08 -91.34
C ASP F 78 -88.87 -31.86 -90.96
N VAL F 79 -90.00 -31.40 -91.50
CA VAL F 79 -91.32 -31.97 -91.25
C VAL F 79 -92.12 -31.91 -92.54
N VAL F 80 -93.06 -32.84 -92.68
CA VAL F 80 -94.15 -32.72 -93.65
C VAL F 80 -95.39 -33.32 -93.01
N LEU F 81 -96.54 -32.97 -93.56
CA LEU F 81 -97.83 -33.41 -93.02
C LEU F 81 -98.54 -34.29 -94.04
N SER F 82 -99.41 -35.17 -93.55
CA SER F 82 -100.08 -36.12 -94.42
C SER F 82 -100.94 -35.42 -95.46
N SER F 83 -100.96 -35.98 -96.67
CA SER F 83 -101.63 -35.37 -97.80
C SER F 83 -103.13 -35.59 -97.78
N ASP F 84 -103.64 -36.37 -96.83
CA ASP F 84 -105.08 -36.60 -96.72
C ASP F 84 -105.61 -36.55 -95.30
N GLY F 85 -104.76 -36.60 -94.28
CA GLY F 85 -105.25 -36.75 -92.92
C GLY F 85 -104.58 -35.86 -91.89
N GLN F 86 -104.19 -36.45 -90.76
CA GLN F 86 -103.75 -35.71 -89.58
C GLN F 86 -102.29 -35.91 -89.23
N PHE F 87 -101.66 -37.01 -89.67
CA PHE F 87 -100.33 -37.36 -89.21
C PHE F 87 -99.30 -36.30 -89.60
N ALA F 88 -98.20 -36.27 -88.86
CA ALA F 88 -97.05 -35.43 -89.17
C ALA F 88 -95.80 -36.27 -89.09
N LEU F 89 -94.90 -36.11 -90.06
CA LEU F 89 -93.65 -36.84 -90.06
C LEU F 89 -92.51 -35.85 -90.03
N SER F 90 -91.41 -36.25 -89.41
CA SER F 90 -90.27 -35.37 -89.21
C SER F 90 -88.96 -36.13 -89.27
N GLY F 91 -87.92 -35.43 -89.67
CA GLY F 91 -86.57 -36.00 -89.73
C GLY F 91 -85.61 -35.18 -88.89
N SER F 92 -84.82 -35.87 -88.08
CA SER F 92 -83.99 -35.24 -87.06
C SER F 92 -82.58 -35.78 -87.15
N TRP F 93 -81.63 -35.01 -86.62
CA TRP F 93 -80.24 -35.40 -86.86
C TRP F 93 -79.81 -36.63 -86.09
N ASP F 94 -80.69 -37.26 -85.31
CA ASP F 94 -80.36 -38.58 -84.80
C ASP F 94 -80.12 -39.55 -85.95
N GLY F 95 -80.85 -39.37 -87.05
CA GLY F 95 -80.73 -40.21 -88.21
C GLY F 95 -81.92 -41.11 -88.48
N GLU F 96 -83.05 -40.90 -87.82
CA GLU F 96 -84.25 -41.67 -88.09
C GLU F 96 -85.35 -40.77 -88.62
N LEU F 97 -86.25 -41.39 -89.36
CA LEU F 97 -87.51 -40.77 -89.75
C LEU F 97 -88.59 -41.38 -88.88
N ARG F 98 -89.50 -40.56 -88.37
CA ARG F 98 -90.58 -41.10 -87.57
C ARG F 98 -91.89 -40.42 -87.90
N LEU F 99 -92.92 -41.25 -88.10
CA LEU F 99 -94.26 -40.80 -88.41
C LEU F 99 -95.01 -40.72 -87.09
N TRP F 100 -95.17 -39.50 -86.60
CA TRP F 100 -95.97 -39.14 -85.46
C TRP F 100 -97.45 -39.14 -85.80
N ASP F 101 -98.30 -39.32 -84.80
CA ASP F 101 -99.70 -38.98 -84.92
C ASP F 101 -100.03 -37.85 -83.97
N LEU F 102 -100.84 -36.92 -84.42
CA LEU F 102 -101.24 -35.79 -83.58
C LEU F 102 -102.62 -35.96 -82.99
N SER F 103 -103.29 -37.09 -83.23
CA SER F 103 -104.55 -37.38 -82.58
C SER F 103 -104.39 -38.33 -81.40
N THR F 104 -103.19 -38.88 -81.21
CA THR F 104 -102.93 -39.82 -80.12
C THR F 104 -101.74 -39.33 -79.30
N GLY F 105 -100.79 -38.68 -79.97
CA GLY F 105 -99.67 -38.02 -79.30
C GLY F 105 -98.36 -38.74 -79.35
N VAL F 106 -98.31 -39.95 -79.89
CA VAL F 106 -97.11 -40.79 -79.87
C VAL F 106 -96.67 -41.08 -81.30
N THR F 107 -95.63 -41.87 -81.47
CA THR F 107 -95.27 -42.21 -82.83
C THR F 107 -96.23 -43.23 -83.40
N THR F 108 -96.26 -43.31 -84.72
CA THR F 108 -96.94 -44.39 -85.42
C THR F 108 -95.94 -45.30 -86.10
N ARG F 109 -94.92 -44.74 -86.73
CA ARG F 109 -94.04 -45.53 -87.56
C ARG F 109 -92.62 -45.00 -87.40
N ARG F 110 -91.64 -45.83 -87.71
CA ARG F 110 -90.26 -45.38 -87.71
C ARG F 110 -89.51 -45.99 -88.90
N PHE F 111 -89.16 -45.12 -89.84
CA PHE F 111 -88.69 -45.49 -91.17
C PHE F 111 -87.17 -45.58 -91.18
N VAL F 112 -86.65 -46.39 -90.28
CA VAL F 112 -85.25 -46.34 -89.90
C VAL F 112 -84.36 -46.81 -91.04
N GLY F 113 -83.14 -46.27 -91.08
CA GLY F 113 -82.16 -46.76 -92.04
C GLY F 113 -81.16 -45.77 -92.62
N HIS F 114 -81.39 -44.47 -92.50
CA HIS F 114 -80.33 -43.53 -92.89
C HIS F 114 -79.11 -43.72 -92.03
N GLU F 115 -78.03 -44.15 -92.67
CA GLU F 115 -76.81 -44.56 -92.00
C GLU F 115 -76.06 -43.35 -91.46
N LYS F 116 -76.60 -42.15 -91.63
CA LYS F 116 -76.13 -40.93 -90.97
C LYS F 116 -77.17 -39.84 -91.19
N ASP F 117 -76.90 -38.66 -90.63
CA ASP F 117 -77.90 -37.62 -90.38
C ASP F 117 -78.73 -37.31 -91.62
N VAL F 118 -79.96 -36.85 -91.38
CA VAL F 118 -80.95 -36.60 -92.42
C VAL F 118 -81.21 -35.11 -92.54
N LEU F 119 -81.49 -34.65 -93.76
CA LEU F 119 -81.71 -33.23 -93.99
C LEU F 119 -83.04 -32.86 -94.60
N SER F 120 -83.82 -33.80 -95.13
CA SER F 120 -85.06 -33.39 -95.78
C SER F 120 -86.07 -34.53 -95.83
N VAL F 121 -87.34 -34.15 -95.97
CA VAL F 121 -88.47 -35.07 -96.01
C VAL F 121 -89.41 -34.66 -97.14
N ALA F 122 -90.16 -35.64 -97.66
CA ALA F 122 -91.13 -35.37 -98.73
C ALA F 122 -92.16 -36.48 -98.82
N PHE F 123 -93.44 -36.10 -98.81
CA PHE F 123 -94.55 -36.93 -99.25
C PHE F 123 -94.79 -36.74 -100.74
N SER F 124 -95.88 -37.31 -101.26
CA SER F 124 -96.20 -37.25 -102.68
C SER F 124 -97.71 -37.07 -102.84
N ILE F 125 -98.19 -37.18 -104.08
CA ILE F 125 -99.62 -37.07 -104.33
C ILE F 125 -100.36 -38.22 -103.65
N ASP F 126 -99.92 -39.44 -103.91
CA ASP F 126 -100.51 -40.59 -103.25
C ASP F 126 -100.05 -40.69 -101.80
N ASN F 127 -98.95 -40.03 -101.46
CA ASN F 127 -98.40 -39.98 -100.11
C ASN F 127 -97.87 -41.35 -99.68
N ARG F 128 -97.67 -42.26 -100.64
CA ARG F 128 -97.03 -43.54 -100.37
C ARG F 128 -95.51 -43.44 -100.48
N GLN F 129 -95.00 -43.12 -101.67
CA GLN F 129 -93.56 -42.97 -101.85
C GLN F 129 -93.09 -41.78 -101.02
N ILE F 130 -92.33 -42.04 -99.96
CA ILE F 130 -91.76 -40.99 -99.14
C ILE F 130 -90.26 -40.88 -99.41
N VAL F 131 -89.77 -39.66 -99.54
CA VAL F 131 -88.39 -39.40 -99.94
C VAL F 131 -87.70 -38.59 -98.86
N SER F 132 -86.56 -39.08 -98.40
CA SER F 132 -85.79 -38.45 -97.34
C SER F 132 -84.35 -38.26 -97.79
N ALA F 133 -83.87 -37.05 -97.56
CA ALA F 133 -82.54 -36.62 -97.94
C ALA F 133 -81.65 -36.56 -96.71
N SER F 134 -80.42 -37.02 -96.88
CA SER F 134 -79.55 -37.28 -95.75
C SER F 134 -78.10 -37.02 -96.13
N ARG F 135 -77.24 -36.87 -95.13
CA ARG F 135 -75.82 -36.82 -95.42
C ARG F 135 -75.24 -38.19 -95.70
N ASP F 136 -76.12 -39.17 -95.95
CA ASP F 136 -75.73 -40.41 -96.60
C ASP F 136 -75.06 -40.18 -97.95
N ARG F 137 -74.99 -38.91 -98.38
CA ARG F 137 -74.75 -38.43 -99.74
C ARG F 137 -75.68 -39.11 -100.74
N THR F 138 -76.70 -39.81 -100.24
CA THR F 138 -77.66 -40.56 -101.04
C THR F 138 -79.07 -40.29 -100.51
N ILE F 139 -80.05 -40.40 -101.40
CA ILE F 139 -81.45 -40.13 -101.10
C ILE F 139 -82.16 -41.46 -100.96
N LYS F 140 -83.07 -41.60 -99.99
CA LYS F 140 -83.82 -42.84 -99.84
C LYS F 140 -85.32 -42.61 -99.97
N LEU F 141 -86.00 -43.59 -100.56
CA LEU F 141 -87.45 -43.62 -100.61
C LEU F 141 -87.96 -44.81 -99.81
N TRP F 142 -88.84 -44.54 -98.86
CA TRP F 142 -89.54 -45.55 -98.08
C TRP F 142 -90.99 -45.67 -98.51
N ASN F 143 -91.59 -46.78 -98.12
CA ASN F 143 -93.03 -46.96 -98.25
C ASN F 143 -93.69 -46.37 -97.02
N THR F 144 -95.00 -46.63 -96.86
CA THR F 144 -95.67 -46.20 -95.64
C THR F 144 -95.17 -46.99 -94.44
N LEU F 145 -94.75 -48.23 -94.64
CA LEU F 145 -94.39 -49.12 -93.56
C LEU F 145 -92.87 -49.16 -93.35
N GLY F 146 -92.19 -48.05 -93.64
CA GLY F 146 -90.75 -47.94 -93.43
C GLY F 146 -89.89 -48.89 -94.24
N GLU F 147 -90.18 -49.04 -95.53
CA GLU F 147 -89.50 -50.03 -96.35
C GLU F 147 -89.28 -49.46 -97.73
N CYS F 148 -88.12 -49.76 -98.31
CA CYS F 148 -87.74 -49.27 -99.62
C CYS F 148 -87.89 -50.37 -100.67
N LYS F 149 -88.03 -49.95 -101.92
CA LYS F 149 -88.07 -50.87 -103.05
C LYS F 149 -86.91 -50.70 -104.02
N TYR F 150 -85.93 -49.86 -103.70
CA TYR F 150 -84.75 -49.65 -104.53
C TYR F 150 -83.74 -48.88 -103.68
N THR F 151 -82.60 -48.56 -104.28
CA THR F 151 -81.56 -47.78 -103.60
C THR F 151 -80.91 -46.85 -104.62
N ILE F 152 -81.19 -45.53 -104.50
CA ILE F 152 -80.58 -44.53 -105.39
C ILE F 152 -79.40 -43.91 -104.68
N GLY F 153 -78.37 -43.64 -105.44
CA GLY F 153 -77.05 -43.28 -104.95
C GLY F 153 -76.01 -43.78 -105.94
N GLY F 154 -74.85 -44.12 -105.40
CA GLY F 154 -73.79 -44.68 -106.23
C GLY F 154 -72.88 -43.62 -106.80
N ASP F 155 -71.60 -43.98 -106.94
CA ASP F 155 -70.58 -43.03 -107.35
C ASP F 155 -70.56 -42.91 -108.88
N LEU F 156 -69.48 -42.33 -109.42
CA LEU F 156 -69.46 -41.87 -110.81
C LEU F 156 -69.88 -42.96 -111.79
N GLY F 157 -69.28 -44.14 -111.68
CA GLY F 157 -69.79 -45.29 -112.41
C GLY F 157 -70.93 -45.98 -111.68
N GLY F 158 -70.90 -45.94 -110.35
CA GLY F 158 -71.96 -46.51 -109.53
C GLY F 158 -73.30 -45.83 -109.72
N GLY F 159 -73.31 -44.67 -110.36
CA GLY F 159 -74.55 -43.99 -110.65
C GLY F 159 -74.27 -42.55 -111.02
N GLU F 160 -75.32 -41.74 -110.97
CA GLU F 160 -75.21 -40.30 -111.11
C GLU F 160 -75.19 -39.62 -109.75
N GLY F 161 -75.02 -40.40 -108.69
CA GLY F 161 -75.22 -39.97 -107.31
C GLY F 161 -74.53 -38.69 -106.90
N HIS F 162 -75.04 -38.10 -105.82
CA HIS F 162 -74.50 -36.84 -105.33
C HIS F 162 -73.07 -37.02 -104.87
N THR F 163 -72.23 -36.03 -105.19
CA THR F 163 -70.85 -35.99 -104.73
C THR F 163 -70.66 -35.17 -103.45
N GLY F 164 -71.72 -34.58 -102.93
CA GLY F 164 -71.65 -33.90 -101.65
C GLY F 164 -72.82 -34.23 -100.76
N TRP F 165 -73.07 -33.39 -99.77
CA TRP F 165 -74.27 -33.48 -98.98
C TRP F 165 -75.48 -32.95 -99.74
N VAL F 166 -76.66 -33.33 -99.28
CA VAL F 166 -77.91 -32.85 -99.84
C VAL F 166 -78.64 -32.06 -98.77
N SER F 167 -79.58 -31.21 -99.21
CA SER F 167 -80.34 -30.40 -98.28
C SER F 167 -81.81 -30.25 -98.68
N CYS F 168 -82.28 -30.98 -99.68
CA CYS F 168 -83.64 -30.76 -100.13
C CYS F 168 -84.10 -31.90 -101.01
N VAL F 169 -85.36 -32.32 -100.83
CA VAL F 169 -86.10 -33.09 -101.83
C VAL F 169 -87.54 -32.61 -101.86
N ARG F 170 -88.05 -32.32 -103.07
CA ARG F 170 -89.44 -31.96 -103.30
C ARG F 170 -89.97 -32.71 -104.51
N PHE F 171 -91.17 -33.25 -104.39
CA PHE F 171 -91.83 -33.87 -105.53
C PHE F 171 -92.37 -32.82 -106.49
N SER F 172 -92.38 -33.16 -107.78
CA SER F 172 -93.08 -32.34 -108.76
C SER F 172 -94.56 -32.68 -108.72
N PRO F 173 -95.42 -31.74 -108.41
CA PRO F 173 -96.84 -32.07 -108.26
C PRO F 173 -97.62 -32.09 -109.56
N ASN F 174 -96.93 -32.12 -110.70
CA ASN F 174 -97.61 -32.33 -111.97
C ASN F 174 -97.92 -33.81 -112.17
N ASN F 175 -99.16 -34.11 -112.56
CA ASN F 175 -99.72 -35.43 -112.30
C ASN F 175 -99.27 -36.48 -113.32
N PHE F 176 -99.18 -36.13 -114.60
CA PHE F 176 -98.84 -37.15 -115.59
C PHE F 176 -97.37 -37.56 -115.54
N ALA F 177 -96.50 -36.80 -114.87
CA ALA F 177 -95.11 -37.18 -114.74
C ALA F 177 -94.43 -36.49 -113.57
N PRO F 178 -94.81 -36.81 -112.32
CA PRO F 178 -94.11 -36.24 -111.17
C PRO F 178 -92.66 -36.70 -111.12
N THR F 179 -91.83 -35.87 -110.50
CA THR F 179 -90.40 -36.12 -110.39
C THR F 179 -89.97 -35.79 -108.97
N ILE F 180 -88.65 -35.78 -108.75
CA ILE F 180 -88.07 -35.38 -107.46
C ILE F 180 -86.86 -34.49 -107.73
N VAL F 181 -86.71 -33.44 -106.93
CA VAL F 181 -85.58 -32.54 -107.05
C VAL F 181 -84.73 -32.70 -105.81
N SER F 182 -83.42 -32.54 -105.95
CA SER F 182 -82.48 -32.74 -104.84
C SER F 182 -81.47 -31.60 -104.78
N GLY F 183 -81.84 -30.49 -104.14
CA GLY F 183 -80.93 -29.37 -103.95
C GLY F 183 -79.89 -29.73 -102.90
N SER F 184 -78.63 -29.44 -103.20
CA SER F 184 -77.55 -30.15 -102.53
C SER F 184 -76.41 -29.23 -102.16
N TRP F 185 -75.38 -29.84 -101.57
CA TRP F 185 -74.14 -29.18 -101.18
C TRP F 185 -73.07 -29.32 -102.24
N ASP F 186 -73.21 -30.28 -103.15
CA ASP F 186 -72.18 -30.65 -104.10
C ASP F 186 -72.07 -29.69 -105.28
N ARG F 187 -72.67 -28.51 -105.20
CA ARG F 187 -72.79 -27.61 -106.35
C ARG F 187 -73.51 -28.30 -107.50
N SER F 188 -74.67 -28.87 -107.21
CA SER F 188 -75.42 -29.50 -108.27
C SER F 188 -76.84 -29.77 -107.77
N VAL F 189 -77.82 -29.49 -108.61
CA VAL F 189 -79.19 -29.89 -108.37
C VAL F 189 -79.57 -30.91 -109.43
N LYS F 190 -80.02 -32.09 -108.99
CA LYS F 190 -80.51 -33.12 -109.91
C LYS F 190 -81.99 -33.36 -109.68
N VAL F 191 -82.71 -33.53 -110.78
CA VAL F 191 -84.08 -34.03 -110.74
C VAL F 191 -84.07 -35.45 -111.31
N TRP F 192 -84.69 -36.35 -110.57
CA TRP F 192 -84.90 -37.73 -110.97
C TRP F 192 -86.32 -37.90 -111.45
N ASN F 193 -86.75 -39.13 -111.67
CA ASN F 193 -88.17 -39.37 -111.87
C ASN F 193 -88.55 -40.66 -111.18
N LEU F 194 -89.79 -40.69 -110.68
CA LEU F 194 -90.18 -41.78 -109.79
C LEU F 194 -90.44 -43.07 -110.53
N THR F 195 -90.86 -42.99 -111.80
CA THR F 195 -91.29 -44.18 -112.52
C THR F 195 -90.17 -45.21 -112.64
N ASN F 196 -88.96 -44.77 -113.00
CA ASN F 196 -87.84 -45.70 -113.07
C ASN F 196 -86.59 -45.07 -112.51
N CYS F 197 -86.73 -44.34 -111.40
CA CYS F 197 -85.63 -43.99 -110.49
C CYS F 197 -84.43 -43.37 -111.19
N LYS F 198 -84.59 -43.00 -112.46
CA LYS F 198 -83.54 -42.42 -113.26
C LYS F 198 -83.77 -40.90 -113.34
N LEU F 199 -82.82 -40.19 -113.95
CA LEU F 199 -82.82 -38.74 -113.97
C LEU F 199 -83.18 -38.18 -115.34
N ARG F 200 -83.88 -37.05 -115.33
CA ARG F 200 -84.05 -36.27 -116.54
C ARG F 200 -82.72 -35.63 -116.97
N CYS F 201 -82.02 -34.97 -116.03
CA CYS F 201 -80.73 -34.33 -116.28
C CYS F 201 -79.91 -34.32 -114.98
N THR F 202 -78.67 -33.86 -115.09
CA THR F 202 -77.87 -33.39 -113.96
C THR F 202 -77.92 -31.87 -114.13
N LEU F 203 -79.08 -31.22 -113.85
CA LEU F 203 -79.28 -29.79 -114.14
C LEU F 203 -78.45 -28.80 -113.27
N ASP F 204 -77.27 -28.49 -113.82
CA ASP F 204 -76.17 -27.83 -113.13
C ASP F 204 -76.35 -26.32 -113.01
N GLY F 205 -76.37 -25.80 -111.80
CA GLY F 205 -76.28 -24.38 -111.57
C GLY F 205 -75.11 -23.93 -110.71
N HIS F 206 -75.39 -23.83 -109.41
CA HIS F 206 -74.74 -22.86 -108.54
C HIS F 206 -73.23 -23.01 -108.45
N GLY F 207 -72.60 -21.91 -108.02
CA GLY F 207 -71.20 -21.88 -107.68
C GLY F 207 -70.96 -21.93 -106.19
N GLY F 208 -72.01 -21.79 -105.40
CA GLY F 208 -71.95 -22.01 -103.96
C GLY F 208 -73.08 -22.91 -103.55
N TYR F 209 -72.83 -23.74 -102.53
CA TYR F 209 -73.71 -24.86 -102.20
C TYR F 209 -75.17 -24.43 -102.09
N VAL F 210 -76.08 -25.37 -102.40
CA VAL F 210 -77.50 -25.09 -102.40
C VAL F 210 -78.06 -25.47 -101.04
N SER F 211 -78.98 -24.64 -100.55
CA SER F 211 -79.65 -24.90 -99.29
C SER F 211 -81.16 -24.99 -99.40
N ALA F 212 -81.73 -24.60 -100.53
CA ALA F 212 -83.18 -24.48 -100.61
C ALA F 212 -83.62 -24.64 -102.05
N VAL F 213 -84.74 -25.34 -102.24
CA VAL F 213 -85.32 -25.56 -103.55
C VAL F 213 -86.82 -25.54 -103.37
N ALA F 214 -87.53 -25.05 -104.38
CA ALA F 214 -88.97 -25.19 -104.42
C ALA F 214 -89.44 -25.34 -105.86
N VAL F 215 -90.35 -26.29 -106.07
CA VAL F 215 -90.99 -26.49 -107.36
C VAL F 215 -92.27 -25.68 -107.38
N SER F 216 -92.61 -25.13 -108.53
CA SER F 216 -93.84 -24.37 -108.65
C SER F 216 -95.04 -25.22 -108.22
N PRO F 217 -95.98 -24.66 -107.45
CA PRO F 217 -97.17 -25.44 -107.07
C PRO F 217 -97.95 -25.94 -108.27
N ASP F 218 -97.92 -25.20 -109.38
CA ASP F 218 -98.45 -25.66 -110.64
C ASP F 218 -97.44 -26.50 -111.41
N GLY F 219 -96.30 -26.82 -110.79
CA GLY F 219 -95.34 -27.74 -111.36
C GLY F 219 -94.69 -27.28 -112.65
N SER F 220 -94.15 -26.07 -112.65
CA SER F 220 -93.66 -25.49 -113.89
C SER F 220 -92.18 -25.12 -113.81
N LEU F 221 -91.73 -24.64 -112.64
CA LEU F 221 -90.36 -24.18 -112.49
C LEU F 221 -89.82 -24.63 -111.15
N CYS F 222 -88.50 -24.50 -111.00
CA CYS F 222 -87.69 -25.20 -110.02
C CYS F 222 -86.77 -24.22 -109.29
N ALA F 223 -87.36 -23.18 -108.71
CA ALA F 223 -86.55 -22.09 -108.17
C ALA F 223 -85.64 -22.60 -107.06
N SER F 224 -84.34 -22.32 -107.18
CA SER F 224 -83.35 -22.90 -106.28
C SER F 224 -82.40 -21.82 -105.77
N GLY F 225 -82.14 -21.82 -104.47
CA GLY F 225 -81.32 -20.78 -103.88
C GLY F 225 -79.96 -21.25 -103.42
N GLY F 226 -79.50 -20.79 -102.25
CA GLY F 226 -78.25 -21.25 -101.69
C GLY F 226 -77.40 -20.18 -101.06
N LYS F 227 -76.08 -20.33 -101.18
CA LYS F 227 -75.13 -19.37 -100.64
C LYS F 227 -75.22 -18.00 -101.33
N ASP F 228 -74.95 -17.97 -102.63
CA ASP F 228 -74.35 -16.80 -103.27
C ASP F 228 -75.26 -15.59 -103.35
N GLY F 229 -76.54 -15.71 -103.02
CA GLY F 229 -77.48 -14.64 -103.28
C GLY F 229 -78.14 -14.71 -104.63
N VAL F 230 -77.71 -15.64 -105.48
CA VAL F 230 -78.25 -15.78 -106.83
C VAL F 230 -79.23 -16.95 -106.83
N THR F 231 -80.52 -16.63 -106.75
CA THR F 231 -81.54 -17.65 -106.96
C THR F 231 -81.65 -17.98 -108.44
N LEU F 232 -81.81 -19.26 -108.75
CA LEU F 232 -81.78 -19.76 -110.12
C LEU F 232 -83.10 -20.44 -110.43
N LEU F 233 -83.86 -19.85 -111.34
CA LEU F 233 -85.20 -20.34 -111.63
C LEU F 233 -85.14 -21.13 -112.92
N TRP F 234 -85.58 -22.37 -112.87
CA TRP F 234 -85.31 -23.29 -113.96
C TRP F 234 -86.59 -23.97 -114.45
N ASP F 235 -86.58 -24.35 -115.72
CA ASP F 235 -87.74 -24.93 -116.39
C ASP F 235 -87.78 -26.38 -115.98
N LEU F 236 -88.89 -26.79 -115.36
CA LEU F 236 -88.99 -28.16 -114.89
C LEU F 236 -89.03 -29.15 -116.06
N THR F 237 -89.54 -28.72 -117.22
CA THR F 237 -89.68 -29.63 -118.34
C THR F 237 -88.32 -30.10 -118.85
N GLU F 238 -87.41 -29.16 -119.12
CA GLU F 238 -86.19 -29.53 -119.85
C GLU F 238 -85.06 -28.59 -119.47
N GLY F 239 -84.29 -28.98 -118.45
CA GLY F 239 -82.90 -28.58 -118.29
C GLY F 239 -82.47 -27.20 -118.75
N LYS F 240 -83.20 -26.16 -118.36
CA LYS F 240 -82.92 -24.80 -118.81
C LYS F 240 -83.05 -23.83 -117.66
N ARG F 241 -82.45 -22.66 -117.84
CA ARG F 241 -82.53 -21.55 -116.89
C ARG F 241 -83.52 -20.52 -117.42
N LEU F 242 -84.54 -20.19 -116.61
CA LEU F 242 -85.55 -19.23 -117.05
C LEU F 242 -85.06 -17.79 -116.86
N TYR F 243 -84.83 -17.37 -115.62
CA TYR F 243 -83.88 -16.28 -115.39
C TYR F 243 -83.39 -16.37 -113.96
N SER F 244 -82.32 -15.63 -113.69
CA SER F 244 -81.73 -15.54 -112.37
C SER F 244 -82.02 -14.19 -111.73
N LEU F 245 -82.05 -14.18 -110.39
CA LEU F 245 -82.20 -12.96 -109.62
C LEU F 245 -81.23 -12.97 -108.46
N ASP F 246 -80.85 -11.79 -108.00
CA ASP F 246 -79.70 -11.60 -107.12
C ASP F 246 -80.11 -10.78 -105.90
N ALA F 247 -80.21 -11.43 -104.74
CA ALA F 247 -80.55 -10.77 -103.48
C ALA F 247 -79.33 -10.37 -102.65
N GLY F 248 -78.14 -10.86 -103.01
CA GLY F 248 -76.92 -10.53 -102.29
C GLY F 248 -76.49 -11.54 -101.23
N SER F 249 -77.28 -11.69 -100.18
CA SER F 249 -76.92 -12.53 -99.05
C SER F 249 -77.49 -13.95 -99.20
N ILE F 250 -77.58 -14.68 -98.09
CA ILE F 250 -77.85 -16.11 -98.10
C ILE F 250 -79.24 -16.45 -98.66
N ILE F 251 -79.43 -17.73 -98.99
CA ILE F 251 -80.75 -18.33 -99.20
C ILE F 251 -80.77 -19.68 -98.52
N ASN F 252 -81.73 -19.89 -97.60
CA ASN F 252 -81.98 -21.20 -96.99
C ASN F 252 -83.42 -21.64 -97.08
N SER F 253 -84.34 -20.77 -97.48
CA SER F 253 -85.74 -21.11 -97.68
C SER F 253 -86.19 -20.59 -99.04
N LEU F 254 -87.22 -21.22 -99.58
CA LEU F 254 -87.84 -20.77 -100.81
C LEU F 254 -89.29 -21.19 -100.81
N CYS F 255 -90.18 -20.25 -101.14
CA CYS F 255 -91.58 -20.65 -101.18
C CYS F 255 -92.35 -19.72 -102.11
N PHE F 256 -93.37 -20.29 -102.76
CA PHE F 256 -94.26 -19.53 -103.61
C PHE F 256 -95.63 -19.45 -102.94
N SER F 257 -96.42 -18.48 -103.38
CA SER F 257 -97.79 -18.38 -102.94
C SER F 257 -98.58 -19.62 -103.34
N PRO F 258 -99.67 -19.92 -102.64
CA PRO F 258 -100.64 -20.88 -103.18
C PRO F 258 -101.15 -20.47 -104.55
N ASN F 259 -101.33 -19.17 -104.81
CA ASN F 259 -101.79 -18.78 -106.15
C ASN F 259 -100.88 -17.77 -106.84
N ARG F 260 -100.37 -16.78 -106.12
CA ARG F 260 -99.55 -15.78 -106.80
C ARG F 260 -98.23 -16.37 -107.30
N TYR F 261 -97.69 -15.70 -108.32
CA TYR F 261 -96.44 -16.11 -108.97
C TYR F 261 -95.27 -15.38 -108.32
N TRP F 262 -95.09 -15.67 -107.03
CA TRP F 262 -94.15 -14.96 -106.17
C TRP F 262 -93.12 -15.94 -105.64
N LEU F 263 -91.88 -15.49 -105.58
CA LEU F 263 -90.81 -16.23 -104.91
C LEU F 263 -90.37 -15.49 -103.67
N CYS F 264 -90.36 -16.19 -102.53
CA CYS F 264 -90.01 -15.59 -101.25
C CYS F 264 -88.91 -16.40 -100.61
N ALA F 265 -87.88 -15.70 -100.11
CA ALA F 265 -86.65 -16.34 -99.64
C ALA F 265 -86.07 -15.61 -98.45
N ALA F 266 -85.26 -16.33 -97.66
CA ALA F 266 -84.60 -15.79 -96.47
C ALA F 266 -83.19 -15.36 -96.79
N THR F 267 -82.77 -14.18 -96.28
CA THR F 267 -81.59 -13.52 -96.82
C THR F 267 -80.69 -12.84 -95.78
N GLN F 268 -80.60 -13.38 -94.57
CA GLN F 268 -79.52 -12.97 -93.66
C GLN F 268 -79.64 -11.54 -93.15
N ASP F 269 -80.57 -10.75 -93.68
CA ASP F 269 -80.97 -9.50 -93.04
C ASP F 269 -82.46 -9.26 -93.10
N SER F 270 -83.19 -10.03 -93.89
CA SER F 270 -84.62 -9.86 -94.12
C SER F 270 -85.14 -11.12 -94.81
N ILE F 271 -86.36 -11.02 -95.35
CA ILE F 271 -86.81 -11.95 -96.37
C ILE F 271 -87.43 -11.16 -97.51
N LYS F 272 -87.49 -11.79 -98.68
CA LYS F 272 -87.70 -11.05 -99.92
C LYS F 272 -88.77 -11.74 -100.77
N ILE F 273 -89.66 -10.96 -101.40
CA ILE F 273 -90.65 -11.50 -102.32
C ILE F 273 -90.50 -10.81 -103.68
N TRP F 274 -90.34 -11.61 -104.72
CA TRP F 274 -90.30 -11.18 -106.11
C TRP F 274 -91.68 -11.37 -106.75
N ASP F 275 -91.74 -11.27 -108.08
CA ASP F 275 -92.97 -11.63 -108.79
C ASP F 275 -92.66 -11.90 -110.24
N LEU F 276 -93.59 -12.61 -110.90
CA LEU F 276 -93.54 -12.86 -112.34
C LEU F 276 -94.35 -11.86 -113.16
N GLU F 277 -95.13 -10.99 -112.52
CA GLU F 277 -95.86 -9.96 -113.25
C GLU F 277 -95.10 -8.64 -113.35
N SER F 278 -94.16 -8.40 -112.44
CA SER F 278 -93.24 -7.25 -112.50
C SER F 278 -91.88 -7.76 -112.02
N LYS F 279 -91.06 -8.25 -112.97
CA LYS F 279 -89.94 -9.09 -112.60
C LYS F 279 -88.77 -8.31 -111.99
N HIS F 280 -89.05 -7.59 -110.92
CA HIS F 280 -88.03 -6.93 -110.12
C HIS F 280 -88.42 -7.13 -108.68
N ILE F 281 -87.56 -6.68 -107.76
CA ILE F 281 -88.01 -6.60 -106.37
C ILE F 281 -89.19 -5.64 -106.31
N VAL F 282 -90.27 -6.09 -105.67
CA VAL F 282 -91.44 -5.24 -105.53
C VAL F 282 -91.92 -5.31 -104.09
N GLN F 283 -91.44 -6.30 -103.34
CA GLN F 283 -91.90 -6.50 -101.96
C GLN F 283 -90.76 -7.00 -101.10
N ASP F 284 -90.45 -6.24 -100.03
CA ASP F 284 -89.48 -6.63 -99.03
C ASP F 284 -90.18 -6.91 -97.70
N LEU F 285 -89.50 -7.69 -96.84
CA LEU F 285 -90.03 -8.09 -95.52
C LEU F 285 -88.91 -7.92 -94.52
N ARG F 286 -88.97 -6.81 -93.80
CA ARG F 286 -87.92 -6.38 -92.90
C ARG F 286 -88.21 -6.89 -91.49
N PRO F 287 -87.31 -7.61 -90.85
CA PRO F 287 -87.57 -8.11 -89.50
C PRO F 287 -87.63 -6.98 -88.47
N GLU F 288 -88.43 -7.22 -87.44
CA GLU F 288 -88.95 -6.12 -86.61
C GLU F 288 -87.87 -5.50 -85.73
N VAL F 289 -87.08 -6.30 -85.03
CA VAL F 289 -86.30 -5.80 -83.89
C VAL F 289 -85.04 -5.05 -84.31
N PRO F 290 -84.94 -3.76 -83.96
CA PRO F 290 -83.75 -2.96 -84.31
C PRO F 290 -82.71 -2.76 -83.20
N VAL F 291 -82.87 -3.40 -82.03
CA VAL F 291 -81.92 -3.16 -80.94
C VAL F 291 -80.57 -3.77 -81.30
N SER F 292 -79.50 -3.13 -80.80
CA SER F 292 -78.17 -3.15 -81.38
C SER F 292 -77.30 -4.36 -81.04
N THR F 293 -77.82 -5.48 -80.52
CA THR F 293 -76.95 -6.58 -80.15
C THR F 293 -76.23 -7.15 -81.37
N LYS F 294 -75.34 -8.13 -81.17
CA LYS F 294 -74.74 -8.79 -82.32
C LYS F 294 -75.81 -9.43 -83.18
N GLN F 295 -75.46 -9.63 -84.45
CA GLN F 295 -76.41 -9.64 -85.55
C GLN F 295 -77.70 -10.37 -85.20
N MET F 296 -78.80 -9.74 -85.57
CA MET F 296 -80.15 -10.01 -85.10
C MET F 296 -80.64 -11.38 -85.57
N LEU F 297 -81.90 -11.66 -85.22
CA LEU F 297 -82.58 -12.89 -85.55
C LEU F 297 -82.53 -13.11 -87.06
N TYR F 298 -81.79 -14.10 -87.51
CA TYR F 298 -81.87 -14.50 -88.90
C TYR F 298 -82.96 -15.55 -89.10
N CYS F 299 -83.64 -15.46 -90.23
CA CYS F 299 -84.78 -16.31 -90.47
C CYS F 299 -84.32 -17.64 -91.04
N THR F 300 -85.05 -18.69 -90.72
CA THR F 300 -84.75 -20.02 -91.23
C THR F 300 -85.89 -20.65 -91.98
N CYS F 301 -87.13 -20.49 -91.52
CA CYS F 301 -88.21 -21.17 -92.19
C CYS F 301 -89.26 -20.18 -92.68
N LEU F 302 -89.76 -20.42 -93.88
CA LEU F 302 -90.82 -19.62 -94.46
C LEU F 302 -91.94 -20.54 -94.90
N SER F 303 -93.17 -20.07 -94.73
CA SER F 303 -94.32 -20.85 -95.15
C SER F 303 -95.50 -19.91 -95.39
N TRP F 304 -96.50 -20.44 -96.09
CA TRP F 304 -97.70 -19.69 -96.41
C TRP F 304 -98.91 -20.53 -96.03
N SER F 305 -100.03 -19.84 -95.78
CA SER F 305 -101.28 -20.49 -95.44
C SER F 305 -102.10 -20.78 -96.71
N ALA F 306 -103.18 -21.55 -96.53
CA ALA F 306 -103.95 -22.03 -97.66
C ALA F 306 -104.50 -20.88 -98.48
N ASP F 307 -105.19 -19.96 -97.82
CA ASP F 307 -105.72 -18.77 -98.47
C ASP F 307 -104.63 -17.77 -98.83
N GLY F 308 -103.39 -17.97 -98.37
CA GLY F 308 -102.30 -17.09 -98.69
C GLY F 308 -102.31 -15.79 -97.92
N SER F 309 -103.22 -15.63 -96.97
CA SER F 309 -103.28 -14.40 -96.18
C SER F 309 -102.16 -14.34 -95.16
N THR F 310 -101.52 -15.46 -94.84
CA THR F 310 -100.57 -15.56 -93.74
C THR F 310 -99.25 -16.15 -94.21
N LEU F 311 -98.16 -15.49 -93.83
CA LEU F 311 -96.82 -16.05 -93.94
C LEU F 311 -96.30 -16.37 -92.55
N TYR F 312 -95.57 -17.47 -92.43
CA TYR F 312 -95.00 -17.93 -91.18
C TYR F 312 -93.49 -17.93 -91.34
N ALA F 313 -92.79 -17.10 -90.56
CA ALA F 313 -91.35 -16.95 -90.66
C ALA F 313 -90.73 -17.24 -89.30
N GLY F 314 -89.90 -18.29 -89.25
CA GLY F 314 -89.27 -18.72 -88.02
C GLY F 314 -87.77 -18.43 -88.06
N TYR F 315 -87.31 -17.76 -86.99
CA TYR F 315 -86.03 -17.08 -86.92
C TYR F 315 -85.05 -17.88 -86.07
N THR F 316 -83.88 -17.29 -85.82
CA THR F 316 -82.75 -17.97 -85.23
C THR F 316 -82.82 -17.99 -83.69
N ASP F 317 -84.00 -17.80 -83.11
CA ASP F 317 -84.16 -17.94 -81.66
C ASP F 317 -85.29 -18.89 -81.30
N GLY F 318 -85.73 -19.74 -82.23
CA GLY F 318 -86.92 -20.50 -81.97
C GLY F 318 -88.17 -19.65 -81.90
N THR F 319 -88.14 -18.43 -82.43
CA THR F 319 -89.26 -17.51 -82.38
C THR F 319 -89.94 -17.41 -83.75
N ILE F 320 -91.26 -17.28 -83.74
CA ILE F 320 -92.05 -17.30 -84.95
C ILE F 320 -92.74 -15.95 -85.11
N ARG F 321 -92.59 -15.35 -86.27
CA ARG F 321 -93.35 -14.18 -86.67
C ARG F 321 -94.31 -14.55 -87.79
N ILE F 322 -95.40 -13.80 -87.88
CA ILE F 322 -96.39 -14.02 -88.92
C ILE F 322 -96.59 -12.74 -89.70
N TYR F 323 -96.95 -12.90 -90.97
CA TYR F 323 -96.98 -11.81 -91.94
C TYR F 323 -98.31 -11.90 -92.66
N LYS F 324 -99.25 -11.05 -92.28
CA LYS F 324 -100.61 -11.18 -92.75
C LYS F 324 -100.83 -10.30 -93.98
N ILE F 325 -102.04 -10.38 -94.53
CA ILE F 325 -102.44 -9.56 -95.66
C ILE F 325 -103.09 -8.29 -95.13
N SER F 326 -103.10 -7.25 -95.95
CA SER F 326 -103.80 -6.02 -95.63
C SER F 326 -104.94 -5.75 -96.59
N GLY F 327 -104.68 -5.77 -97.89
CA GLY F 327 -105.71 -5.58 -98.89
C GLY F 327 -105.18 -5.81 -100.30
N GLN G 4 -65.53 -78.11 -61.39
CA GLN G 4 -66.08 -76.86 -61.88
C GLN G 4 -65.50 -75.68 -61.11
N ILE G 5 -65.23 -74.61 -61.83
CA ILE G 5 -64.60 -73.41 -61.28
C ILE G 5 -65.38 -72.19 -61.71
N SER G 6 -65.31 -71.15 -60.90
CA SER G 6 -65.97 -69.90 -61.24
C SER G 6 -65.28 -69.26 -62.42
N LYS G 7 -65.92 -68.24 -63.00
CA LYS G 7 -65.32 -67.57 -64.13
C LYS G 7 -64.17 -66.67 -63.69
N LYS G 8 -64.27 -66.06 -62.51
CA LYS G 8 -63.15 -65.26 -62.03
C LYS G 8 -61.89 -66.10 -61.90
N LYS G 9 -62.02 -67.25 -61.24
CA LYS G 9 -60.90 -68.17 -61.11
C LYS G 9 -60.46 -68.69 -62.47
N LYS G 10 -61.42 -68.97 -63.36
CA LYS G 10 -61.11 -69.37 -64.72
C LYS G 10 -60.18 -68.38 -65.40
N PHE G 11 -60.55 -67.10 -65.39
CA PHE G 11 -59.73 -66.13 -66.08
C PHE G 11 -58.39 -65.93 -65.39
N VAL G 12 -58.37 -65.98 -64.07
CA VAL G 12 -57.11 -65.79 -63.36
C VAL G 12 -56.16 -66.95 -63.64
N SER G 13 -56.67 -68.18 -63.62
CA SER G 13 -55.81 -69.33 -63.88
C SER G 13 -55.32 -69.32 -65.32
N ASP G 14 -56.17 -68.91 -66.27
CA ASP G 14 -55.69 -68.81 -67.64
C ASP G 14 -54.62 -67.73 -67.77
N GLY G 15 -54.78 -66.60 -67.09
CA GLY G 15 -53.75 -65.59 -67.11
C GLY G 15 -52.45 -66.07 -66.52
N VAL G 16 -52.53 -66.83 -65.42
CA VAL G 16 -51.32 -67.38 -64.81
C VAL G 16 -50.66 -68.38 -65.74
N PHE G 17 -51.45 -69.16 -66.47
CA PHE G 17 -50.87 -70.05 -67.46
C PHE G 17 -50.15 -69.26 -68.53
N TYR G 18 -50.78 -68.19 -69.03
CA TYR G 18 -50.12 -67.38 -70.03
C TYR G 18 -48.78 -66.88 -69.51
N ALA G 19 -48.77 -66.35 -68.30
CA ALA G 19 -47.54 -65.78 -67.75
C ALA G 19 -46.49 -66.85 -67.52
N GLU G 20 -46.89 -68.01 -67.01
CA GLU G 20 -45.93 -69.08 -66.76
C GLU G 20 -45.27 -69.52 -68.06
N LEU G 21 -46.05 -69.63 -69.13
CA LEU G 21 -45.42 -69.87 -70.42
C LEU G 21 -44.51 -68.72 -70.80
N ASN G 22 -45.05 -67.50 -70.85
CA ASN G 22 -44.29 -66.34 -71.30
C ASN G 22 -42.93 -66.29 -70.63
N GLU G 23 -42.85 -66.80 -69.40
CA GLU G 23 -41.58 -66.79 -68.69
C GLU G 23 -40.75 -68.05 -68.98
N MET G 24 -41.33 -69.24 -68.81
CA MET G 24 -40.55 -70.46 -68.97
C MET G 24 -40.00 -70.59 -70.39
N LEU G 25 -40.78 -70.15 -71.38
CA LEU G 25 -40.35 -70.19 -72.76
C LEU G 25 -39.17 -69.28 -73.02
N THR G 26 -38.80 -68.43 -72.06
CA THR G 26 -37.64 -67.57 -72.22
C THR G 26 -36.33 -68.32 -71.93
N ARG G 27 -36.23 -68.95 -70.76
CA ARG G 27 -35.04 -69.75 -70.49
C ARG G 27 -34.84 -70.84 -71.52
N GLU G 28 -35.92 -71.39 -72.05
CA GLU G 28 -35.76 -72.38 -73.10
C GLU G 28 -35.38 -71.72 -74.42
N LEU G 29 -36.18 -70.76 -74.87
CA LEU G 29 -35.92 -70.13 -76.17
C LEU G 29 -35.13 -68.83 -76.03
N ALA G 30 -34.06 -68.86 -75.23
CA ALA G 30 -33.19 -67.70 -75.16
C ALA G 30 -32.35 -67.59 -76.42
N GLU G 31 -31.61 -68.64 -76.74
CA GLU G 31 -30.83 -68.71 -77.97
C GLU G 31 -31.64 -69.14 -79.18
N ASP G 32 -32.82 -68.56 -79.34
CA ASP G 32 -33.57 -68.68 -80.58
C ASP G 32 -34.27 -67.40 -80.97
N GLY G 33 -34.28 -66.39 -80.11
CA GLY G 33 -34.87 -65.11 -80.42
C GLY G 33 -36.35 -65.07 -80.13
N TYR G 34 -36.72 -65.31 -78.88
CA TYR G 34 -38.11 -65.36 -78.49
C TYR G 34 -38.71 -63.96 -78.46
N SER G 35 -39.99 -63.86 -78.81
CA SER G 35 -40.69 -62.59 -78.88
C SER G 35 -42.07 -62.60 -78.26
N GLY G 36 -42.74 -63.74 -78.16
CA GLY G 36 -44.04 -63.80 -77.53
C GLY G 36 -44.69 -65.14 -77.80
N VAL G 37 -45.77 -65.40 -77.06
CA VAL G 37 -46.60 -66.58 -77.29
C VAL G 37 -48.07 -66.17 -77.24
N GLU G 38 -48.87 -66.75 -78.12
CA GLU G 38 -50.30 -66.55 -78.13
C GLU G 38 -50.98 -67.89 -77.91
N VAL G 39 -52.02 -67.90 -77.07
CA VAL G 39 -52.77 -69.11 -76.76
C VAL G 39 -54.16 -68.98 -77.40
N ARG G 40 -54.50 -69.96 -78.23
CA ARG G 40 -55.78 -69.98 -78.93
C ARG G 40 -56.57 -71.20 -78.49
N VAL G 41 -57.85 -70.99 -78.20
CA VAL G 41 -58.74 -72.07 -77.82
C VAL G 41 -59.63 -72.38 -79.03
N THR G 42 -59.58 -73.62 -79.47
CA THR G 42 -60.31 -74.06 -80.65
C THR G 42 -61.24 -75.18 -80.22
N PRO G 43 -62.20 -75.58 -81.05
CA PRO G 43 -62.87 -76.86 -80.82
C PRO G 43 -61.83 -77.97 -80.78
N MET G 44 -61.99 -78.87 -79.80
CA MET G 44 -61.20 -80.09 -79.69
C MET G 44 -59.70 -79.85 -79.80
N ARG G 45 -59.22 -78.66 -79.44
CA ARG G 45 -57.79 -78.39 -79.52
C ARG G 45 -57.47 -77.08 -78.81
N THR G 46 -56.27 -76.98 -78.26
CA THR G 46 -55.71 -75.76 -77.69
C THR G 46 -54.33 -75.54 -78.29
N GLU G 47 -54.01 -74.29 -78.59
CA GLU G 47 -52.82 -73.99 -79.38
C GLU G 47 -51.90 -73.01 -78.66
N ILE G 48 -50.60 -73.28 -78.72
CA ILE G 48 -49.56 -72.41 -78.20
C ILE G 48 -48.78 -71.86 -79.40
N ILE G 49 -48.89 -70.55 -79.62
CA ILE G 49 -48.27 -69.90 -80.78
C ILE G 49 -47.00 -69.23 -80.28
N ILE G 50 -45.91 -70.00 -80.22
CA ILE G 50 -44.60 -69.41 -80.00
C ILE G 50 -44.23 -68.59 -81.22
N ARG G 51 -43.78 -67.35 -81.00
CA ARG G 51 -43.32 -66.53 -82.09
C ARG G 51 -41.90 -66.11 -81.77
N ALA G 52 -41.01 -66.24 -82.75
CA ALA G 52 -39.60 -66.03 -82.50
C ALA G 52 -38.95 -65.53 -83.79
N THR G 53 -37.62 -65.52 -83.83
CA THR G 53 -36.92 -64.97 -84.98
C THR G 53 -36.16 -66.02 -85.80
N ARG G 54 -35.85 -67.19 -85.24
CA ARG G 54 -35.22 -68.27 -85.99
C ARG G 54 -36.01 -69.54 -85.75
N THR G 55 -36.51 -70.14 -86.82
CA THR G 55 -37.51 -71.20 -86.67
C THR G 55 -36.96 -72.61 -86.80
N GLN G 56 -35.98 -72.88 -87.66
CA GLN G 56 -35.57 -74.28 -87.74
C GLN G 56 -34.75 -74.68 -86.53
N ASN G 57 -34.06 -73.76 -85.89
CA ASN G 57 -33.34 -74.15 -84.68
C ASN G 57 -34.24 -74.21 -83.45
N VAL G 58 -35.42 -73.60 -83.49
CA VAL G 58 -36.39 -73.93 -82.44
C VAL G 58 -37.09 -75.24 -82.76
N LEU G 59 -37.19 -75.58 -84.05
CA LEU G 59 -37.71 -76.90 -84.41
C LEU G 59 -36.70 -78.02 -84.16
N GLY G 60 -35.42 -77.69 -84.05
CA GLY G 60 -34.40 -78.73 -83.99
C GLY G 60 -34.21 -79.36 -85.36
N GLU G 61 -33.94 -80.66 -85.38
CA GLU G 61 -33.96 -81.42 -86.61
C GLU G 61 -35.31 -82.12 -86.74
N LYS G 62 -35.97 -81.92 -87.87
CA LYS G 62 -37.25 -82.57 -88.19
C LYS G 62 -38.24 -82.46 -87.04
N GLY G 63 -38.43 -81.24 -86.57
CA GLY G 63 -39.50 -80.95 -85.62
C GLY G 63 -39.41 -81.70 -84.31
N ARG G 64 -38.21 -81.84 -83.77
CA ARG G 64 -38.02 -82.56 -82.52
C ARG G 64 -38.18 -81.68 -81.29
N ARG G 65 -37.57 -80.49 -81.29
CA ARG G 65 -37.54 -79.67 -80.09
C ARG G 65 -38.93 -79.26 -79.70
N ILE G 66 -39.75 -78.89 -80.68
CA ILE G 66 -41.16 -78.63 -80.41
C ILE G 66 -41.83 -79.87 -79.83
N ARG G 67 -41.39 -81.06 -80.23
CA ARG G 67 -41.97 -82.27 -79.65
C ARG G 67 -41.67 -82.37 -78.17
N GLU G 68 -40.41 -82.13 -77.77
CA GLU G 68 -40.13 -82.15 -76.34
C GLU G 68 -40.91 -81.05 -75.61
N LEU G 69 -40.98 -79.86 -76.20
CA LEU G 69 -41.69 -78.79 -75.50
C LEU G 69 -43.17 -79.10 -75.35
N THR G 70 -43.79 -79.66 -76.38
CA THR G 70 -45.21 -80.00 -76.26
C THR G 70 -45.40 -81.11 -75.26
N SER G 71 -44.47 -82.05 -75.18
CA SER G 71 -44.62 -83.10 -74.19
C SER G 71 -44.51 -82.54 -72.78
N VAL G 72 -43.56 -81.64 -72.55
CA VAL G 72 -43.39 -81.10 -71.19
C VAL G 72 -44.55 -80.20 -70.81
N VAL G 73 -45.16 -79.51 -71.78
CA VAL G 73 -46.33 -78.71 -71.43
C VAL G 73 -47.52 -79.62 -71.11
N GLN G 74 -47.81 -80.59 -72.01
CA GLN G 74 -48.83 -81.60 -71.75
C GLN G 74 -48.73 -82.11 -70.32
N LYS G 75 -47.53 -82.59 -69.97
CA LYS G 75 -47.31 -83.25 -68.70
C LYS G 75 -47.44 -82.26 -67.55
N ARG G 76 -46.73 -81.13 -67.63
CA ARG G 76 -46.68 -80.19 -66.53
C ARG G 76 -48.06 -79.64 -66.19
N PHE G 77 -48.86 -79.30 -67.19
CA PHE G 77 -50.17 -78.73 -66.92
C PHE G 77 -51.29 -79.76 -66.96
N ASN G 78 -50.97 -81.04 -67.12
CA ASN G 78 -51.93 -82.13 -67.11
C ASN G 78 -53.05 -81.84 -68.11
N PHE G 79 -52.66 -81.86 -69.36
CA PHE G 79 -53.58 -81.68 -70.47
C PHE G 79 -53.89 -83.03 -71.07
N LEU G 80 -55.11 -83.19 -71.58
CA LEU G 80 -55.43 -84.40 -72.32
C LEU G 80 -54.47 -84.52 -73.49
N GLU G 81 -53.96 -85.72 -73.74
CA GLU G 81 -52.96 -85.88 -74.79
C GLU G 81 -53.57 -85.55 -76.15
N ASN G 82 -52.77 -84.91 -77.01
CA ASN G 82 -53.18 -84.20 -78.21
C ASN G 82 -53.99 -82.96 -77.88
N GLY G 83 -54.05 -82.58 -76.61
CA GLY G 83 -54.85 -81.44 -76.21
C GLY G 83 -54.30 -80.14 -76.72
N VAL G 84 -53.07 -79.80 -76.36
CA VAL G 84 -52.45 -78.55 -76.76
C VAL G 84 -51.26 -78.86 -77.67
N GLU G 85 -51.20 -78.12 -78.77
CA GLU G 85 -50.21 -78.29 -79.82
C GLU G 85 -49.52 -76.96 -80.04
N LEU G 86 -48.30 -77.00 -80.56
CA LEU G 86 -47.48 -75.81 -80.73
C LEU G 86 -47.32 -75.48 -82.21
N TYR G 87 -47.58 -74.22 -82.58
CA TYR G 87 -46.96 -73.64 -83.76
C TYR G 87 -45.98 -72.58 -83.33
N ALA G 88 -44.91 -72.43 -84.12
CA ALA G 88 -43.79 -71.56 -83.77
C ALA G 88 -43.43 -70.74 -85.01
N GLU G 89 -44.04 -69.58 -85.15
CA GLU G 89 -43.90 -68.77 -86.34
C GLU G 89 -42.86 -67.66 -86.14
N LYS G 90 -42.69 -66.85 -87.18
CA LYS G 90 -41.66 -65.82 -87.26
C LYS G 90 -42.28 -64.43 -87.24
N VAL G 91 -41.79 -63.58 -86.33
CA VAL G 91 -42.27 -62.21 -86.23
C VAL G 91 -41.99 -61.48 -87.53
N VAL G 92 -43.04 -60.94 -88.15
CA VAL G 92 -42.92 -60.41 -89.51
C VAL G 92 -41.83 -59.35 -89.57
N ASN G 93 -41.70 -58.55 -88.51
CA ASN G 93 -40.65 -57.55 -88.43
C ASN G 93 -39.88 -57.78 -87.15
N ARG G 94 -38.57 -57.54 -87.22
CA ARG G 94 -37.65 -57.91 -86.17
C ARG G 94 -37.09 -56.72 -85.41
N GLY G 95 -37.10 -55.55 -86.01
CA GLY G 95 -36.66 -54.34 -85.33
C GLY G 95 -37.68 -53.71 -84.43
N LEU G 96 -38.88 -54.29 -84.33
CA LEU G 96 -39.93 -53.72 -83.51
C LEU G 96 -40.20 -54.48 -82.22
N CYS G 97 -39.92 -55.78 -82.16
CA CYS G 97 -40.25 -56.56 -80.98
C CYS G 97 -39.09 -56.39 -80.00
N ALA G 98 -39.29 -55.51 -79.03
CA ALA G 98 -38.23 -55.09 -78.13
C ALA G 98 -37.63 -56.25 -77.35
N ILE G 99 -38.36 -57.35 -77.19
CA ILE G 99 -37.82 -58.49 -76.47
C ILE G 99 -36.64 -59.08 -77.23
N ALA G 100 -36.82 -59.29 -78.54
CA ALA G 100 -35.76 -59.87 -79.34
C ALA G 100 -34.58 -58.92 -79.49
N GLN G 101 -34.86 -57.62 -79.60
CA GLN G 101 -33.76 -56.67 -79.68
C GLN G 101 -32.97 -56.63 -78.38
N ALA G 102 -33.66 -56.63 -77.24
CA ALA G 102 -32.96 -56.65 -75.96
C ALA G 102 -32.15 -57.93 -75.81
N GLU G 103 -32.71 -59.06 -76.23
CA GLU G 103 -31.95 -60.30 -76.17
C GLU G 103 -30.73 -60.25 -77.09
N SER G 104 -30.88 -59.65 -78.28
CA SER G 104 -29.74 -59.55 -79.17
C SER G 104 -28.66 -58.68 -78.55
N LEU G 105 -29.06 -57.58 -77.93
CA LEU G 105 -28.10 -56.77 -77.22
C LEU G 105 -27.46 -57.57 -76.10
N ARG G 106 -28.24 -58.47 -75.49
CA ARG G 106 -27.72 -59.32 -74.42
C ARG G 106 -26.58 -60.21 -74.91
N TYR G 107 -26.81 -60.97 -75.99
CA TYR G 107 -25.72 -61.81 -76.50
C TYR G 107 -24.56 -60.99 -77.03
N LYS G 108 -24.84 -59.91 -77.76
CA LYS G 108 -23.74 -59.10 -78.27
C LYS G 108 -22.87 -58.57 -77.12
N LEU G 109 -23.52 -58.17 -76.02
CA LEU G 109 -22.81 -57.62 -74.88
C LEU G 109 -22.14 -58.69 -74.04
N LEU G 110 -22.68 -59.90 -74.01
CA LEU G 110 -22.03 -61.00 -73.30
C LEU G 110 -20.78 -61.46 -74.03
N GLY G 111 -20.86 -61.57 -75.35
CA GLY G 111 -19.78 -62.18 -76.12
C GLY G 111 -18.44 -61.48 -75.95
N GLY G 112 -18.45 -60.21 -75.57
CA GLY G 112 -17.23 -59.46 -75.39
C GLY G 112 -17.18 -58.22 -76.25
N LEU G 113 -18.26 -57.97 -76.98
CA LEU G 113 -18.31 -56.81 -77.86
C LEU G 113 -18.50 -55.53 -77.04
N ALA G 114 -17.91 -54.44 -77.52
CA ALA G 114 -17.92 -53.18 -76.80
C ALA G 114 -19.34 -52.66 -76.64
N VAL G 115 -19.54 -51.88 -75.58
CA VAL G 115 -20.89 -51.47 -75.21
C VAL G 115 -21.44 -50.44 -76.20
N ARG G 116 -20.63 -49.43 -76.53
CA ARG G 116 -21.12 -48.42 -77.46
C ARG G 116 -21.32 -49.00 -78.85
N ARG G 117 -20.44 -49.91 -79.29
CA ARG G 117 -20.70 -50.65 -80.52
C ARG G 117 -22.00 -51.44 -80.44
N ALA G 118 -22.26 -52.11 -79.33
CA ALA G 118 -23.41 -52.99 -79.23
C ALA G 118 -24.71 -52.21 -79.28
N CYS G 119 -24.76 -51.09 -78.57
CA CYS G 119 -26.02 -50.37 -78.48
C CYS G 119 -26.45 -49.78 -79.80
N TYR G 120 -25.54 -49.11 -80.53
CA TYR G 120 -25.95 -48.66 -81.86
C TYR G 120 -26.09 -49.79 -82.87
N GLY G 121 -25.44 -50.94 -82.67
CA GLY G 121 -25.78 -52.10 -83.48
C GLY G 121 -27.24 -52.48 -83.34
N VAL G 122 -27.79 -52.26 -82.16
CA VAL G 122 -29.26 -52.33 -82.00
C VAL G 122 -29.93 -51.10 -82.59
N LEU G 123 -29.36 -49.93 -82.37
CA LEU G 123 -30.08 -48.68 -82.59
C LEU G 123 -30.29 -48.38 -84.07
N ARG G 124 -29.24 -48.49 -84.88
CA ARG G 124 -29.42 -48.19 -86.29
C ARG G 124 -30.26 -49.27 -86.97
N PHE G 125 -30.21 -50.49 -86.47
CA PHE G 125 -31.13 -51.52 -86.96
C PHE G 125 -32.57 -51.11 -86.72
N VAL G 126 -32.85 -50.62 -85.51
CA VAL G 126 -34.21 -50.21 -85.18
C VAL G 126 -34.64 -49.01 -86.01
N MET G 127 -33.70 -48.11 -86.28
CA MET G 127 -34.03 -46.95 -87.10
C MET G 127 -34.34 -47.34 -88.54
N GLU G 128 -33.46 -48.12 -89.18
CA GLU G 128 -33.72 -48.47 -90.57
C GLU G 128 -35.00 -49.28 -90.68
N SER G 129 -35.31 -50.12 -89.68
CA SER G 129 -36.41 -51.06 -89.78
C SER G 129 -37.76 -50.43 -89.46
N GLY G 130 -37.90 -49.12 -89.63
CA GLY G 130 -39.19 -48.48 -89.57
C GLY G 130 -39.78 -48.37 -88.17
N ALA G 131 -39.11 -47.62 -87.32
CA ALA G 131 -39.61 -47.34 -85.97
C ALA G 131 -39.44 -45.85 -85.71
N LYS G 132 -40.48 -45.23 -85.18
CA LYS G 132 -40.49 -43.78 -85.06
C LYS G 132 -39.49 -43.28 -84.02
N GLY G 133 -38.90 -44.18 -83.25
CA GLY G 133 -37.86 -43.80 -82.32
C GLY G 133 -37.44 -44.99 -81.49
N CYS G 134 -36.30 -44.84 -80.83
CA CYS G 134 -35.81 -45.90 -79.97
C CYS G 134 -34.89 -45.32 -78.91
N GLU G 135 -34.97 -45.91 -77.72
CA GLU G 135 -34.18 -45.55 -76.56
C GLU G 135 -33.56 -46.80 -75.97
N VAL G 136 -32.35 -46.67 -75.48
CA VAL G 136 -31.65 -47.76 -74.84
C VAL G 136 -31.04 -47.20 -73.57
N ILE G 137 -31.17 -47.92 -72.46
CA ILE G 137 -30.49 -47.55 -71.23
C ILE G 137 -29.69 -48.76 -70.79
N VAL G 138 -28.40 -48.56 -70.56
CA VAL G 138 -27.56 -49.59 -70.00
C VAL G 138 -27.05 -49.09 -68.65
N SER G 139 -27.27 -49.87 -67.60
CA SER G 139 -26.98 -49.43 -66.25
C SER G 139 -26.19 -50.49 -65.52
N GLY G 140 -25.19 -50.07 -64.77
CA GLY G 140 -24.40 -51.01 -63.99
C GLY G 140 -22.98 -50.51 -63.82
N LYS G 141 -22.04 -51.47 -63.84
CA LYS G 141 -20.63 -51.19 -63.62
C LYS G 141 -19.88 -51.57 -64.91
N LEU G 142 -19.83 -50.64 -65.84
CA LEU G 142 -19.16 -50.84 -67.11
C LEU G 142 -17.82 -50.09 -67.08
N ARG G 143 -16.73 -50.85 -66.98
CA ARG G 143 -15.36 -50.36 -67.00
C ARG G 143 -15.02 -49.47 -65.82
N ALA G 144 -15.91 -49.33 -64.83
CA ALA G 144 -15.63 -48.59 -63.61
C ALA G 144 -16.55 -49.10 -62.51
N GLN G 145 -16.07 -49.03 -61.27
CA GLN G 145 -16.83 -49.64 -60.17
C GLN G 145 -18.10 -48.84 -59.87
N ARG G 146 -17.97 -47.52 -59.74
CA ARG G 146 -19.12 -46.67 -59.41
C ARG G 146 -20.16 -46.71 -60.51
N ALA G 147 -21.42 -46.94 -60.13
CA ALA G 147 -22.46 -47.17 -61.13
C ALA G 147 -22.83 -45.90 -61.86
N LYS G 148 -23.00 -46.02 -63.17
CA LYS G 148 -23.31 -44.91 -64.07
C LYS G 148 -24.08 -45.49 -65.23
N SER G 149 -25.08 -44.75 -65.69
CA SER G 149 -26.01 -45.29 -66.66
C SER G 149 -25.93 -44.49 -67.95
N MET G 150 -25.86 -45.21 -69.06
CA MET G 150 -25.75 -44.61 -70.38
C MET G 150 -27.08 -44.70 -71.11
N LYS G 151 -27.53 -43.60 -71.68
CA LYS G 151 -28.68 -43.57 -72.56
C LYS G 151 -28.27 -43.34 -73.99
N PHE G 152 -28.95 -44.02 -74.89
CA PHE G 152 -28.75 -43.94 -76.34
C PHE G 152 -30.11 -43.73 -76.97
N LYS G 153 -30.19 -42.86 -77.98
CA LYS G 153 -31.45 -42.46 -78.57
C LYS G 153 -31.35 -42.53 -80.08
N ASP G 154 -32.52 -42.49 -80.71
CA ASP G 154 -32.77 -41.97 -82.07
C ASP G 154 -34.25 -41.78 -82.35
N GLY G 155 -34.65 -40.56 -82.74
CA GLY G 155 -35.98 -40.34 -83.21
C GLY G 155 -36.98 -40.04 -82.12
N TYR G 156 -38.25 -40.06 -82.50
CA TYR G 156 -39.36 -39.64 -81.64
C TYR G 156 -39.48 -40.61 -80.47
N MET G 157 -40.23 -40.18 -79.44
CA MET G 157 -40.62 -41.12 -78.40
C MET G 157 -41.63 -40.47 -77.46
N ILE G 158 -42.59 -41.26 -77.00
CA ILE G 158 -43.63 -40.83 -76.08
C ILE G 158 -43.35 -41.47 -74.74
N SER G 159 -43.84 -40.83 -73.68
CA SER G 159 -43.59 -41.33 -72.34
C SER G 159 -44.79 -41.28 -71.40
N SER G 160 -45.86 -40.58 -71.72
CA SER G 160 -46.97 -40.42 -70.80
C SER G 160 -48.28 -40.67 -71.53
N GLY G 161 -49.37 -40.64 -70.77
CA GLY G 161 -50.70 -40.81 -71.32
C GLY G 161 -50.98 -42.24 -71.72
N GLN G 162 -52.18 -42.44 -72.25
CA GLN G 162 -52.54 -43.77 -72.74
C GLN G 162 -51.66 -44.30 -73.86
N PRO G 163 -51.38 -43.54 -74.94
CA PRO G 163 -50.81 -44.20 -76.12
C PRO G 163 -49.46 -44.81 -75.88
N VAL G 164 -48.94 -44.67 -74.66
CA VAL G 164 -47.75 -45.39 -74.26
C VAL G 164 -47.95 -46.87 -74.46
N ASN G 165 -49.10 -47.39 -74.03
CA ASN G 165 -49.34 -48.82 -74.13
C ASN G 165 -49.52 -49.26 -75.57
N GLU G 166 -50.08 -48.42 -76.42
CA GLU G 166 -50.33 -48.81 -77.79
C GLU G 166 -49.15 -48.54 -78.72
N TYR G 167 -48.15 -47.80 -78.27
CA TYR G 167 -47.04 -47.45 -79.16
C TYR G 167 -45.68 -47.87 -78.68
N ILE G 168 -45.46 -48.05 -77.38
CA ILE G 168 -44.13 -48.35 -76.87
C ILE G 168 -44.05 -49.85 -76.64
N ASP G 169 -43.11 -50.49 -77.34
CA ASP G 169 -42.72 -51.85 -77.01
C ASP G 169 -41.43 -51.75 -76.22
N ALA G 170 -41.52 -52.03 -74.93
CA ALA G 170 -40.42 -51.80 -74.00
C ALA G 170 -40.05 -53.11 -73.32
N ALA G 171 -38.76 -53.30 -73.10
CA ALA G 171 -38.27 -54.53 -72.51
C ALA G 171 -37.26 -54.20 -71.42
N VAL G 172 -37.09 -55.15 -70.52
CA VAL G 172 -36.10 -55.10 -69.46
C VAL G 172 -35.37 -56.42 -69.46
N ARG G 173 -34.04 -56.37 -69.41
CA ARG G 173 -33.26 -57.59 -69.27
C ARG G 173 -32.09 -57.36 -68.33
N HIS G 174 -31.62 -58.45 -67.74
CA HIS G 174 -30.49 -58.45 -66.84
C HIS G 174 -29.39 -59.28 -67.47
N VAL G 175 -28.15 -58.81 -67.37
CA VAL G 175 -27.03 -59.49 -67.98
C VAL G 175 -26.10 -59.94 -66.88
N LEU G 176 -25.41 -61.05 -67.11
CA LEU G 176 -24.55 -61.68 -66.12
C LEU G 176 -23.07 -61.51 -66.44
N LEU G 177 -22.67 -60.31 -66.89
CA LEU G 177 -21.26 -60.00 -66.89
C LEU G 177 -20.66 -60.20 -65.51
N ARG G 178 -19.51 -60.86 -65.48
CA ARG G 178 -18.69 -60.88 -64.29
C ARG G 178 -18.53 -59.49 -63.71
N GLN G 179 -18.61 -59.44 -62.34
CA GLN G 179 -18.36 -58.20 -61.62
C GLN G 179 -19.50 -57.20 -61.87
N GLY G 180 -20.72 -57.66 -61.65
CA GLY G 180 -21.90 -56.81 -61.66
C GLY G 180 -23.01 -57.47 -62.45
N VAL G 181 -24.07 -56.71 -62.71
CA VAL G 181 -25.10 -57.09 -63.67
C VAL G 181 -25.50 -55.85 -64.46
N LEU G 182 -25.58 -56.00 -65.77
CA LEU G 182 -25.95 -54.90 -66.64
C LEU G 182 -27.46 -54.95 -66.86
N GLY G 183 -28.14 -53.89 -66.45
CA GLY G 183 -29.53 -53.75 -66.81
C GLY G 183 -29.64 -53.10 -68.18
N ILE G 184 -30.54 -53.65 -68.99
CA ILE G 184 -30.80 -53.18 -70.34
C ILE G 184 -32.27 -52.84 -70.48
N LYS G 185 -32.57 -51.57 -70.63
CA LYS G 185 -33.91 -51.13 -71.01
C LYS G 185 -33.88 -50.84 -72.50
N VAL G 186 -34.85 -51.39 -73.23
CA VAL G 186 -35.02 -51.08 -74.64
C VAL G 186 -36.44 -50.59 -74.83
N LYS G 187 -36.60 -49.34 -75.22
CA LYS G 187 -37.89 -48.79 -75.60
C LYS G 187 -37.90 -48.54 -77.10
N ILE G 188 -38.96 -48.95 -77.77
CA ILE G 188 -39.08 -48.83 -79.21
C ILE G 188 -40.44 -48.25 -79.54
N MET G 189 -40.46 -47.18 -80.33
CA MET G 189 -41.71 -46.59 -80.79
C MET G 189 -42.21 -47.32 -82.02
N LEU G 190 -43.50 -47.57 -82.05
CA LEU G 190 -44.12 -48.19 -83.20
C LEU G 190 -44.66 -47.11 -84.13
N ASP G 191 -44.96 -47.49 -85.36
CA ASP G 191 -45.53 -46.56 -86.32
C ASP G 191 -46.90 -47.04 -86.78
N TRP G 192 -47.76 -46.07 -87.11
CA TRP G 192 -49.16 -46.33 -87.45
C TRP G 192 -49.36 -47.04 -88.77
N ASP G 193 -49.82 -48.29 -88.72
CA ASP G 193 -50.25 -49.04 -89.89
C ASP G 193 -51.74 -49.32 -89.77
N PRO G 194 -52.60 -48.59 -90.49
CA PRO G 194 -54.04 -48.87 -90.39
C PRO G 194 -54.39 -50.29 -90.75
N LYS G 195 -53.59 -50.92 -91.61
CA LYS G 195 -53.80 -52.33 -91.91
C LYS G 195 -53.76 -53.15 -90.62
N GLY G 196 -52.93 -52.75 -89.67
CA GLY G 196 -52.69 -53.50 -88.47
C GLY G 196 -51.53 -54.46 -88.54
N LYS G 197 -50.93 -54.64 -89.72
CA LYS G 197 -49.89 -55.64 -89.91
C LYS G 197 -48.66 -55.36 -89.04
N LEU G 198 -48.11 -54.16 -89.14
CA LEU G 198 -46.79 -53.89 -88.58
C LEU G 198 -46.86 -53.01 -87.33
N GLY G 199 -47.54 -51.88 -87.41
CA GLY G 199 -47.80 -51.07 -86.26
C GLY G 199 -49.29 -51.03 -85.97
N PRO G 200 -49.66 -50.46 -84.82
CA PRO G 200 -51.07 -50.50 -84.41
C PRO G 200 -51.97 -49.79 -85.40
N THR G 201 -53.28 -49.93 -85.16
CA THR G 201 -54.29 -49.48 -86.11
C THR G 201 -54.72 -48.04 -85.87
N THR G 202 -54.99 -47.68 -84.63
CA THR G 202 -55.45 -46.31 -84.41
C THR G 202 -54.26 -45.38 -84.25
N PRO G 203 -54.24 -44.26 -84.96
CA PRO G 203 -53.11 -43.35 -84.87
C PRO G 203 -53.11 -42.57 -83.57
N LEU G 204 -51.98 -41.90 -83.33
CA LEU G 204 -51.73 -41.17 -82.09
C LEU G 204 -52.74 -40.03 -81.96
N PRO G 205 -53.19 -39.72 -80.73
CA PRO G 205 -54.22 -38.69 -80.56
C PRO G 205 -53.78 -37.28 -80.91
N ASP G 206 -52.55 -37.08 -81.37
CA ASP G 206 -52.15 -35.81 -81.96
C ASP G 206 -51.58 -36.07 -83.35
N LEU G 207 -52.50 -36.21 -84.30
CA LEU G 207 -52.22 -36.28 -85.73
C LEU G 207 -53.47 -35.84 -86.43
N VAL G 208 -53.34 -34.94 -87.39
CA VAL G 208 -54.49 -34.45 -88.13
C VAL G 208 -54.17 -34.55 -89.62
N THR G 209 -55.19 -34.86 -90.40
CA THR G 209 -55.05 -35.01 -91.85
C THR G 209 -56.11 -34.15 -92.52
N ILE G 210 -55.74 -32.92 -92.88
CA ILE G 210 -56.67 -32.04 -93.60
C ILE G 210 -56.70 -32.52 -95.05
N HIS G 211 -57.81 -33.13 -95.45
CA HIS G 211 -57.89 -33.67 -96.80
C HIS G 211 -57.87 -32.53 -97.83
N PRO G 212 -57.23 -32.73 -98.98
CA PRO G 212 -57.26 -31.71 -100.03
C PRO G 212 -58.65 -31.56 -100.64
N PRO G 213 -58.98 -30.37 -101.15
CA PRO G 213 -60.31 -30.09 -101.72
C PRO G 213 -60.39 -30.57 -103.15
N LYS G 214 -60.80 -31.81 -103.36
CA LYS G 214 -61.05 -32.30 -104.71
C LYS G 214 -61.93 -31.30 -105.46
N GLU G 215 -61.55 -31.02 -106.71
CA GLU G 215 -62.21 -30.01 -107.52
C GLU G 215 -63.00 -30.65 -108.66
N GLU G 216 -64.15 -30.05 -108.96
CA GLU G 216 -65.01 -30.49 -110.06
C GLU G 216 -65.72 -29.30 -110.71
N ALA H 2 60.14 -13.89 -60.82
CA ALA H 2 60.91 -14.82 -60.02
C ALA H 2 62.11 -14.13 -59.40
N ARG H 3 63.06 -14.90 -58.89
CA ARG H 3 64.27 -14.35 -58.30
C ARG H 3 65.47 -14.46 -59.24
N GLY H 4 65.23 -14.77 -60.50
CA GLY H 4 66.34 -14.95 -61.41
C GLY H 4 65.88 -15.56 -62.71
N LEU H 5 66.85 -15.76 -63.59
CA LEU H 5 66.57 -16.11 -64.98
C LEU H 5 65.84 -17.44 -65.06
N LYS H 6 64.92 -17.54 -66.01
CA LYS H 6 64.16 -18.76 -66.25
C LYS H 6 64.87 -19.53 -67.36
N LYS H 7 65.25 -20.77 -67.07
CA LYS H 7 66.14 -21.51 -67.95
C LYS H 7 65.48 -22.71 -68.61
N HIS H 8 64.30 -23.10 -68.19
CA HIS H 8 63.48 -24.07 -68.89
C HIS H 8 62.47 -23.35 -69.76
N LEU H 9 62.18 -23.91 -70.93
CA LEU H 9 61.07 -23.44 -71.75
C LEU H 9 60.23 -24.64 -72.12
N LYS H 10 59.00 -24.68 -71.59
CA LYS H 10 58.12 -25.80 -71.80
C LYS H 10 57.59 -25.79 -73.23
N ARG H 11 57.22 -26.98 -73.70
CA ARG H 11 56.99 -27.16 -75.13
C ARG H 11 55.88 -26.28 -75.69
N LEU H 12 54.81 -26.05 -74.94
CA LEU H 12 53.77 -25.24 -75.55
C LEU H 12 54.06 -23.76 -75.55
N ASN H 13 55.09 -23.30 -74.87
CA ASN H 13 55.43 -21.90 -74.95
C ASN H 13 56.38 -21.62 -76.11
N ALA H 14 56.91 -22.68 -76.74
CA ALA H 14 57.88 -22.53 -77.81
C ALA H 14 57.22 -21.96 -79.06
N PRO H 15 57.75 -20.86 -79.63
CA PRO H 15 57.01 -20.08 -80.63
C PRO H 15 56.39 -20.89 -81.76
N SER H 16 55.40 -20.28 -82.41
CA SER H 16 54.54 -21.01 -83.33
C SER H 16 55.33 -21.54 -84.53
N HIS H 17 56.31 -20.79 -85.01
CA HIS H 17 56.99 -21.14 -86.24
C HIS H 17 58.09 -22.17 -86.03
N TRP H 18 58.21 -22.72 -84.84
CA TRP H 18 59.10 -23.85 -84.65
C TRP H 18 58.45 -25.18 -84.98
N MET H 19 57.13 -25.20 -85.20
CA MET H 19 56.50 -26.33 -85.87
C MET H 19 56.57 -27.62 -85.07
N LEU H 20 57.26 -27.58 -83.93
CA LEU H 20 57.43 -28.76 -83.11
C LEU H 20 56.11 -29.20 -82.47
N ASP H 21 55.91 -30.51 -82.39
CA ASP H 21 54.61 -31.08 -82.08
C ASP H 21 54.30 -30.92 -80.60
N LYS H 22 53.03 -31.17 -80.26
CA LYS H 22 52.53 -30.87 -78.92
C LYS H 22 52.87 -31.95 -77.91
N LEU H 23 52.83 -33.22 -78.29
CA LEU H 23 52.91 -34.32 -77.34
C LEU H 23 54.26 -35.03 -77.33
N GLY H 24 55.30 -34.45 -77.91
CA GLY H 24 56.59 -35.10 -77.89
C GLY H 24 57.37 -34.94 -76.61
N GLY H 25 56.82 -34.26 -75.62
CA GLY H 25 57.53 -34.01 -74.38
C GLY H 25 57.12 -32.69 -73.78
N ALA H 26 57.61 -32.47 -72.56
CA ALA H 26 57.17 -31.30 -71.82
C ALA H 26 57.91 -30.03 -72.22
N PHE H 27 59.17 -30.14 -72.64
CA PHE H 27 60.03 -28.98 -72.77
C PHE H 27 60.48 -28.75 -74.20
N ALA H 28 61.10 -27.59 -74.41
CA ALA H 28 61.56 -27.12 -75.72
C ALA H 28 62.93 -26.50 -75.59
N PRO H 29 63.72 -26.51 -76.66
CA PRO H 29 65.17 -26.29 -76.52
C PRO H 29 65.60 -24.95 -75.94
N LYS H 30 64.73 -23.96 -75.80
CA LYS H 30 65.12 -22.77 -75.05
C LYS H 30 66.42 -22.15 -75.54
N PRO H 31 66.38 -21.36 -76.62
CA PRO H 31 67.63 -20.91 -77.23
C PRO H 31 68.48 -20.07 -76.28
N SER H 32 69.78 -20.33 -76.30
CA SER H 32 70.67 -19.57 -75.42
C SER H 32 70.70 -18.11 -75.82
N SER H 33 71.04 -17.26 -74.86
CA SER H 33 71.24 -15.86 -75.15
C SER H 33 72.36 -15.70 -76.17
N GLY H 34 72.03 -15.28 -77.38
CA GLY H 34 72.97 -15.30 -78.47
C GLY H 34 72.91 -14.11 -79.39
N PRO H 35 73.15 -14.34 -80.68
CA PRO H 35 73.12 -13.26 -81.66
C PRO H 35 71.74 -12.93 -82.21
N HIS H 36 70.73 -13.75 -81.95
CA HIS H 36 69.38 -13.52 -82.45
C HIS H 36 68.37 -13.71 -81.35
N LYS H 37 67.30 -12.97 -81.44
CA LYS H 37 66.39 -12.50 -80.40
C LYS H 37 65.61 -13.58 -79.76
N ALA H 38 65.88 -14.86 -80.03
CA ALA H 38 65.35 -15.96 -79.24
C ALA H 38 63.84 -16.08 -79.34
N ARG H 39 63.21 -15.09 -79.97
CA ARG H 39 61.85 -15.23 -80.45
C ARG H 39 61.81 -15.30 -81.96
N GLU H 40 62.86 -14.81 -82.61
CA GLU H 40 63.01 -14.82 -84.06
C GLU H 40 64.23 -15.64 -84.45
N CYS H 41 64.28 -16.89 -83.98
CA CYS H 41 65.46 -17.73 -84.09
C CYS H 41 65.07 -19.15 -84.45
N LEU H 42 66.08 -20.03 -84.52
CA LEU H 42 65.93 -21.46 -84.70
C LEU H 42 67.17 -22.16 -84.14
N PRO H 43 67.04 -22.89 -83.04
CA PRO H 43 68.20 -23.56 -82.46
C PRO H 43 68.74 -24.68 -83.35
N LEU H 44 70.03 -24.96 -83.13
CA LEU H 44 70.73 -25.95 -83.93
C LEU H 44 70.15 -27.35 -83.76
N ILE H 45 69.60 -27.67 -82.58
CA ILE H 45 68.96 -28.96 -82.45
C ILE H 45 67.73 -29.04 -83.33
N LEU H 46 66.91 -27.99 -83.37
CA LEU H 46 65.77 -28.03 -84.27
C LEU H 46 66.22 -28.08 -85.72
N ILE H 47 67.42 -27.58 -86.01
CA ILE H 47 67.95 -27.69 -87.36
C ILE H 47 68.31 -29.14 -87.69
N LEU H 48 69.09 -29.78 -86.81
CA LEU H 48 69.59 -31.12 -87.10
C LEU H 48 68.51 -32.18 -86.95
N ARG H 49 67.89 -32.24 -85.78
CA ARG H 49 67.00 -33.35 -85.44
C ARG H 49 65.71 -33.27 -86.22
N ASN H 50 64.97 -32.17 -86.06
CA ASN H 50 63.60 -32.11 -86.54
C ASN H 50 63.50 -31.99 -88.06
N ARG H 51 64.33 -31.15 -88.67
CA ARG H 51 64.21 -30.89 -90.10
C ARG H 51 65.06 -31.85 -90.94
N LEU H 52 66.37 -31.82 -90.73
CA LEU H 52 67.29 -32.57 -91.58
C LEU H 52 67.38 -34.03 -91.17
N LYS H 53 66.90 -34.40 -90.00
CA LYS H 53 66.93 -35.77 -89.51
C LYS H 53 68.34 -36.35 -89.50
N TYR H 54 69.36 -35.50 -89.39
CA TYR H 54 70.70 -36.08 -89.25
C TYR H 54 70.88 -36.80 -87.93
N ALA H 55 70.03 -36.55 -86.96
CA ALA H 55 70.02 -37.26 -85.69
C ALA H 55 68.60 -37.68 -85.38
N LEU H 56 68.44 -38.49 -84.34
CA LEU H 56 67.10 -38.87 -83.90
C LEU H 56 66.81 -38.58 -82.44
N THR H 57 67.77 -38.06 -81.68
CA THR H 57 67.53 -37.71 -80.29
C THR H 57 68.30 -36.45 -79.93
N TYR H 58 68.19 -36.07 -78.66
CA TYR H 58 68.99 -34.99 -78.09
C TYR H 58 70.47 -35.34 -78.13
N ARG H 59 70.82 -36.51 -77.60
CA ARG H 59 72.23 -36.88 -77.51
C ARG H 59 72.85 -37.03 -78.88
N GLU H 60 72.07 -37.44 -79.87
CA GLU H 60 72.66 -37.65 -81.19
C GLU H 60 73.04 -36.31 -81.82
N VAL H 61 72.25 -35.27 -81.59
CA VAL H 61 72.66 -33.92 -81.99
C VAL H 61 73.85 -33.45 -81.18
N GLN H 62 73.93 -33.83 -79.91
CA GLN H 62 75.13 -33.51 -79.14
C GLN H 62 76.37 -34.13 -79.79
N SER H 63 76.25 -35.39 -80.22
CA SER H 63 77.31 -36.06 -80.94
C SER H 63 77.67 -35.32 -82.22
N ILE H 64 76.64 -34.90 -82.98
CA ILE H 64 76.89 -34.16 -84.22
C ILE H 64 77.68 -32.90 -83.94
N LEU H 65 77.29 -32.16 -82.92
CA LEU H 65 77.88 -30.85 -82.70
C LEU H 65 79.30 -30.95 -82.13
N MET H 66 79.55 -31.87 -81.21
CA MET H 66 80.93 -31.94 -80.71
C MET H 66 81.83 -32.84 -81.54
N GLN H 67 81.34 -33.45 -82.60
CA GLN H 67 82.28 -33.88 -83.63
C GLN H 67 82.96 -32.69 -84.28
N ARG H 68 82.45 -31.48 -84.04
CA ARG H 68 82.93 -30.23 -84.61
C ARG H 68 82.52 -30.09 -86.07
N HIS H 69 81.46 -30.79 -86.46
CA HIS H 69 81.05 -30.83 -87.86
C HIS H 69 80.35 -29.55 -88.30
N ILE H 70 79.63 -28.89 -87.40
CA ILE H 70 78.69 -27.84 -87.77
C ILE H 70 79.37 -26.48 -87.68
N MET H 71 79.00 -25.59 -88.61
CA MET H 71 79.63 -24.31 -88.81
C MET H 71 78.51 -23.28 -88.82
N VAL H 72 78.69 -22.14 -88.16
CA VAL H 72 77.74 -21.03 -88.25
C VAL H 72 78.50 -19.75 -88.55
N ASP H 73 78.04 -19.02 -89.57
CA ASP H 73 78.71 -17.80 -90.03
C ASP H 73 80.20 -18.06 -90.30
N GLY H 74 80.54 -19.30 -90.65
CA GLY H 74 81.88 -19.64 -91.08
C GLY H 74 82.81 -20.14 -90.00
N LYS H 75 82.36 -20.23 -88.75
CA LYS H 75 83.21 -20.72 -87.66
C LYS H 75 82.48 -21.79 -86.86
N VAL H 76 83.20 -22.85 -86.51
CA VAL H 76 82.59 -24.04 -85.92
C VAL H 76 81.94 -23.70 -84.60
N ARG H 77 80.87 -24.43 -84.29
CA ARG H 77 80.02 -24.08 -83.16
C ARG H 77 79.65 -25.37 -82.44
N THR H 78 80.00 -25.46 -81.16
CA THR H 78 79.67 -26.64 -80.37
C THR H 78 78.38 -26.50 -79.57
N ASP H 79 77.78 -25.31 -79.54
CA ASP H 79 76.55 -25.07 -78.81
C ASP H 79 75.41 -25.86 -79.42
N LYS H 80 74.41 -26.20 -78.60
CA LYS H 80 73.29 -26.98 -79.07
C LYS H 80 71.94 -26.29 -78.91
N THR H 81 71.90 -25.09 -78.37
CA THR H 81 70.71 -24.24 -78.43
C THR H 81 71.09 -22.87 -78.96
N TYR H 82 72.07 -22.83 -79.84
CA TYR H 82 72.52 -21.60 -80.47
C TYR H 82 71.38 -20.94 -81.23
N PRO H 83 71.05 -19.70 -80.94
CA PRO H 83 69.95 -19.03 -81.65
C PRO H 83 70.36 -18.50 -83.00
N ALA H 84 70.48 -19.41 -83.95
CA ALA H 84 70.62 -19.00 -85.35
C ALA H 84 69.41 -18.16 -85.74
N GLY H 85 69.55 -17.41 -86.80
CA GLY H 85 68.52 -16.49 -87.23
C GLY H 85 68.50 -16.32 -88.71
N PHE H 86 68.13 -15.13 -89.15
CA PHE H 86 67.86 -14.87 -90.55
C PHE H 86 69.18 -14.68 -91.29
N MET H 87 69.38 -15.46 -92.36
CA MET H 87 70.58 -15.42 -93.19
C MET H 87 71.84 -15.86 -92.46
N ASP H 88 71.71 -16.55 -91.35
CA ASP H 88 72.84 -17.32 -90.88
C ASP H 88 73.08 -18.48 -91.84
N ILE H 89 74.36 -18.73 -92.12
CA ILE H 89 74.77 -19.79 -93.01
C ILE H 89 75.30 -20.94 -92.18
N ILE H 90 74.82 -22.15 -92.48
CA ILE H 90 75.28 -23.37 -91.83
C ILE H 90 76.01 -24.19 -92.88
N SER H 91 77.30 -24.43 -92.68
CA SER H 91 78.04 -25.29 -93.59
C SER H 91 78.42 -26.56 -92.86
N ILE H 92 78.46 -27.65 -93.62
CA ILE H 92 78.81 -28.95 -93.06
C ILE H 92 79.94 -29.49 -93.94
N PRO H 93 81.19 -29.10 -93.71
CA PRO H 93 82.26 -29.41 -94.66
C PRO H 93 82.43 -30.90 -94.91
N LYS H 94 82.03 -31.74 -93.96
CA LYS H 94 82.01 -33.17 -94.21
C LYS H 94 81.11 -33.49 -95.40
N THR H 95 80.01 -32.76 -95.54
CA THR H 95 79.12 -32.91 -96.69
C THR H 95 79.32 -31.81 -97.72
N GLY H 96 80.29 -30.93 -97.52
CA GLY H 96 80.55 -29.85 -98.47
C GLY H 96 79.31 -29.04 -98.79
N GLU H 97 78.41 -28.92 -97.83
CA GLU H 97 77.03 -28.52 -98.09
C GLU H 97 76.68 -27.30 -97.26
N ASN H 98 76.09 -26.31 -97.91
CA ASN H 98 75.76 -25.03 -97.32
C ASN H 98 74.26 -24.85 -97.28
N TYR H 99 73.76 -24.31 -96.18
CA TYR H 99 72.41 -23.80 -96.07
C TYR H 99 72.47 -22.35 -95.68
N ARG H 100 71.50 -21.57 -96.12
CA ARG H 100 71.30 -20.23 -95.63
C ARG H 100 69.87 -20.18 -95.13
N LEU H 101 69.69 -19.70 -93.92
CA LEU H 101 68.45 -19.91 -93.18
C LEU H 101 67.49 -18.77 -93.52
N LEU H 102 66.47 -19.07 -94.33
CA LEU H 102 65.61 -18.04 -94.90
C LEU H 102 64.17 -18.32 -94.54
N TYR H 103 63.36 -17.27 -94.46
CA TYR H 103 61.95 -17.50 -94.27
C TYR H 103 61.28 -18.01 -95.54
N ASP H 104 60.07 -18.52 -95.36
CA ASP H 104 59.10 -18.69 -96.42
C ASP H 104 57.92 -17.76 -96.12
N THR H 105 56.95 -17.73 -97.03
CA THR H 105 55.87 -16.76 -96.88
C THR H 105 54.96 -17.07 -95.70
N LYS H 106 55.01 -18.29 -95.17
CA LYS H 106 54.16 -18.63 -94.04
C LYS H 106 54.76 -18.24 -92.70
N GLY H 107 55.96 -17.71 -92.67
CA GLY H 107 56.57 -17.30 -91.42
C GLY H 107 57.47 -18.33 -90.77
N ARG H 108 57.85 -19.38 -91.48
CA ARG H 108 58.64 -20.46 -90.93
C ARG H 108 60.00 -20.48 -91.61
N PHE H 109 60.97 -21.11 -90.96
CA PHE H 109 62.31 -21.16 -91.53
C PHE H 109 62.45 -22.32 -92.50
N ARG H 110 63.16 -22.05 -93.59
CA ARG H 110 63.58 -23.00 -94.59
C ARG H 110 65.10 -22.95 -94.64
N LEU H 111 65.69 -24.00 -95.16
CA LEU H 111 67.12 -24.10 -95.35
C LEU H 111 67.39 -24.02 -96.84
N HIS H 112 67.62 -22.83 -97.36
CA HIS H 112 67.79 -22.67 -98.79
C HIS H 112 69.26 -22.91 -99.14
N SER H 113 69.52 -23.85 -100.03
CA SER H 113 70.89 -24.22 -100.32
C SER H 113 71.58 -23.14 -101.15
N VAL H 114 72.90 -23.13 -101.08
CA VAL H 114 73.74 -22.20 -101.84
C VAL H 114 75.00 -22.93 -102.28
N ARG H 115 75.68 -22.35 -103.27
CA ARG H 115 77.00 -22.86 -103.64
C ARG H 115 78.05 -22.19 -102.76
N ASP H 116 79.33 -22.35 -103.07
CA ASP H 116 80.35 -21.74 -102.23
C ASP H 116 80.54 -20.26 -102.52
N GLU H 117 80.53 -19.87 -103.80
CA GLU H 117 80.66 -18.46 -104.12
C GLU H 117 79.51 -17.67 -103.53
N ASP H 118 78.29 -18.19 -103.62
CA ASP H 118 77.18 -17.61 -102.88
C ASP H 118 77.05 -18.23 -101.49
N ALA H 119 78.18 -18.46 -100.80
CA ALA H 119 78.17 -18.75 -99.36
C ALA H 119 79.31 -18.06 -98.66
N LYS H 120 80.29 -17.54 -99.39
CA LYS H 120 81.45 -16.92 -98.77
C LYS H 120 81.07 -15.69 -97.96
N PHE H 121 79.87 -15.15 -98.16
CA PHE H 121 79.45 -13.93 -97.49
C PHE H 121 78.08 -14.15 -96.90
N LYS H 122 77.74 -13.32 -95.93
CA LYS H 122 76.39 -13.25 -95.42
C LYS H 122 75.89 -11.82 -95.53
N LEU H 123 74.66 -11.62 -95.11
CA LEU H 123 73.92 -10.40 -95.41
C LEU H 123 73.10 -10.04 -94.18
N CYS H 124 73.25 -8.81 -93.68
CA CYS H 124 72.45 -8.42 -92.53
C CYS H 124 72.30 -6.92 -92.47
N LYS H 125 71.27 -6.46 -91.78
CA LYS H 125 71.00 -5.04 -91.68
C LYS H 125 71.72 -4.46 -90.49
N VAL H 126 71.73 -3.14 -90.40
CA VAL H 126 72.41 -2.45 -89.31
C VAL H 126 71.40 -1.90 -88.35
N ARG H 127 71.62 -2.13 -87.05
CA ARG H 127 70.77 -1.51 -86.04
C ARG H 127 71.04 -0.02 -85.93
N SER H 128 72.31 0.35 -85.84
CA SER H 128 72.61 1.76 -85.60
C SER H 128 74.09 2.02 -85.85
N VAL H 129 74.39 3.21 -86.35
CA VAL H 129 75.76 3.65 -86.56
C VAL H 129 75.97 4.94 -85.77
N GLN H 130 77.04 4.96 -84.98
CA GLN H 130 77.30 6.05 -84.04
C GLN H 130 78.65 5.81 -83.39
N PHE H 131 79.09 6.79 -82.60
CA PHE H 131 80.49 6.85 -82.19
C PHE H 131 80.78 5.93 -81.00
N GLY H 132 82.07 5.79 -80.71
CA GLY H 132 82.54 4.96 -79.60
C GLY H 132 83.75 5.58 -78.94
N GLN H 133 84.71 4.75 -78.55
CA GLN H 133 85.92 5.26 -77.91
C GLN H 133 86.71 6.15 -78.85
N LYS H 134 87.20 7.27 -78.31
CA LYS H 134 88.06 8.21 -79.04
C LYS H 134 87.40 8.78 -80.28
N GLY H 135 86.08 8.60 -80.43
CA GLY H 135 85.39 9.17 -81.57
C GLY H 135 85.42 8.36 -82.84
N ILE H 136 85.73 7.07 -82.77
CA ILE H 136 85.66 6.23 -83.96
C ILE H 136 84.22 5.81 -84.19
N PRO H 137 83.66 6.01 -85.38
CA PRO H 137 82.33 5.49 -85.66
C PRO H 137 82.33 3.97 -85.64
N TYR H 138 81.18 3.41 -85.28
CA TYR H 138 80.99 1.98 -85.46
C TYR H 138 79.49 1.73 -85.63
N LEU H 139 79.17 0.61 -86.25
CA LEU H 139 77.79 0.20 -86.39
C LEU H 139 77.57 -1.14 -85.72
N ASN H 140 76.32 -1.32 -85.31
CA ASN H 140 75.82 -2.50 -84.65
C ASN H 140 74.68 -3.02 -85.49
N THR H 141 74.73 -4.30 -85.81
CA THR H 141 73.71 -4.89 -86.65
C THR H 141 72.58 -5.40 -85.77
N TYR H 142 71.63 -6.08 -86.40
CA TYR H 142 70.68 -6.91 -85.69
C TYR H 142 71.19 -8.32 -85.49
N ASP H 143 72.35 -8.63 -86.08
CA ASP H 143 72.98 -9.92 -85.94
C ASP H 143 73.94 -9.98 -84.77
N GLY H 144 73.98 -8.93 -83.96
CA GLY H 144 74.95 -8.84 -82.90
C GLY H 144 76.26 -8.26 -83.39
N ARG H 145 76.59 -8.51 -84.65
CA ARG H 145 77.88 -8.12 -85.18
C ARG H 145 78.07 -6.62 -85.05
N THR H 146 79.32 -6.22 -84.90
CA THR H 146 79.69 -4.82 -84.90
C THR H 146 80.84 -4.60 -85.86
N ILE H 147 80.83 -3.44 -86.51
CA ILE H 147 81.83 -3.05 -87.49
C ILE H 147 82.41 -1.72 -87.07
N ARG H 148 83.73 -1.64 -87.09
CA ARG H 148 84.40 -0.38 -86.79
C ARG H 148 84.90 0.27 -88.07
N TYR H 149 84.93 1.60 -88.06
CA TYR H 149 85.26 2.43 -89.20
C TYR H 149 84.30 2.15 -90.35
N PRO H 150 83.00 2.30 -90.16
CA PRO H 150 82.06 1.99 -91.23
C PRO H 150 82.08 3.04 -92.32
N ASP H 151 81.69 2.63 -93.51
CA ASP H 151 81.74 3.49 -94.68
C ASP H 151 80.86 4.70 -94.45
N PRO H 152 81.41 5.90 -94.43
CA PRO H 152 80.70 7.05 -93.83
C PRO H 152 79.33 7.38 -94.45
N LEU H 153 78.97 6.67 -95.51
CA LEU H 153 77.64 6.78 -96.09
C LEU H 153 76.64 5.88 -95.40
N ILE H 154 77.10 4.77 -94.82
CA ILE H 154 76.20 3.78 -94.24
C ILE H 154 75.43 4.41 -93.09
N LYS H 155 74.12 4.32 -93.14
CA LYS H 155 73.29 4.96 -92.13
C LYS H 155 72.58 3.87 -91.34
N ALA H 156 71.69 4.26 -90.44
CA ALA H 156 70.86 3.29 -89.76
C ALA H 156 69.78 2.77 -90.70
N ASN H 157 69.33 1.54 -90.43
CA ASN H 157 68.29 0.79 -91.17
C ASN H 157 68.83 0.21 -92.47
N ASP H 158 70.06 0.48 -92.84
CA ASP H 158 70.61 0.02 -94.10
C ASP H 158 70.93 -1.46 -94.03
N THR H 159 71.45 -2.03 -95.11
CA THR H 159 71.85 -3.42 -95.09
C THR H 159 73.25 -3.53 -95.65
N ILE H 160 73.99 -4.55 -95.23
CA ILE H 160 75.39 -4.71 -95.57
C ILE H 160 75.64 -6.16 -95.90
N LYS H 161 76.67 -6.40 -96.71
CA LYS H 161 77.19 -7.75 -96.91
C LYS H 161 78.51 -7.88 -96.17
N LEU H 162 78.70 -9.02 -95.52
CA LEU H 162 79.89 -9.27 -94.71
C LEU H 162 80.54 -10.55 -95.20
N ASP H 163 81.72 -10.42 -95.78
CA ASP H 163 82.48 -11.58 -96.19
C ASP H 163 82.97 -12.30 -94.94
N LEU H 164 83.10 -13.62 -95.04
CA LEU H 164 83.51 -14.43 -93.90
C LEU H 164 85.03 -14.68 -93.86
N GLU H 165 85.80 -13.90 -94.61
CA GLU H 165 87.26 -13.92 -94.52
C GLU H 165 87.86 -12.56 -94.22
N THR H 166 87.57 -11.53 -95.02
CA THR H 166 87.99 -10.20 -94.63
C THR H 166 87.16 -9.66 -93.49
N ASN H 167 85.98 -10.24 -93.26
CA ASN H 167 85.16 -9.98 -92.09
C ASN H 167 84.72 -8.54 -91.99
N LYS H 168 84.74 -7.79 -93.10
CA LYS H 168 84.23 -6.44 -93.09
C LYS H 168 83.21 -6.25 -94.20
N ILE H 169 82.79 -5.01 -94.41
CA ILE H 169 81.86 -4.70 -95.49
C ILE H 169 82.46 -5.17 -96.81
N VAL H 170 81.61 -5.50 -97.77
CA VAL H 170 82.03 -5.52 -99.17
C VAL H 170 81.11 -4.60 -99.96
N ASP H 171 79.87 -4.46 -99.51
CA ASP H 171 78.94 -3.50 -100.07
C ASP H 171 77.81 -3.28 -99.09
N PHE H 172 77.02 -2.23 -99.36
CA PHE H 172 75.90 -1.86 -98.51
C PHE H 172 74.82 -1.29 -99.40
N ILE H 173 73.57 -1.60 -99.07
CA ILE H 173 72.42 -1.09 -99.78
C ILE H 173 71.70 -0.10 -98.87
N LYS H 174 71.52 1.11 -99.39
CA LYS H 174 70.89 2.18 -98.64
C LYS H 174 69.40 1.93 -98.57
N PHE H 175 68.89 1.75 -97.37
CA PHE H 175 67.47 1.53 -97.18
C PHE H 175 66.67 2.66 -97.81
N ASP H 176 65.93 2.36 -98.86
CA ASP H 176 65.26 3.41 -99.62
C ASP H 176 64.04 2.84 -100.31
N VAL H 177 63.21 3.75 -100.81
CA VAL H 177 62.06 3.37 -101.62
C VAL H 177 62.56 2.71 -102.89
N GLY H 178 61.83 1.70 -103.36
CA GLY H 178 62.10 1.11 -104.64
C GLY H 178 62.99 -0.10 -104.64
N ASN H 179 63.58 -0.49 -103.50
CA ASN H 179 64.32 -1.73 -103.47
C ASN H 179 63.59 -2.78 -102.65
N VAL H 180 63.92 -4.02 -102.92
CA VAL H 180 63.12 -5.14 -102.44
C VAL H 180 63.45 -5.43 -100.98
N VAL H 181 62.48 -6.00 -100.26
CA VAL H 181 62.62 -6.37 -98.86
C VAL H 181 62.23 -7.83 -98.71
N MET H 182 62.36 -8.34 -97.48
CA MET H 182 61.86 -9.68 -97.13
C MET H 182 61.46 -9.65 -95.66
N VAL H 183 60.22 -9.28 -95.40
CA VAL H 183 59.78 -8.96 -94.04
C VAL H 183 59.97 -10.18 -93.15
N THR H 184 60.41 -9.93 -91.90
CA THR H 184 60.83 -11.00 -91.00
C THR H 184 60.03 -11.06 -89.70
N GLY H 185 58.89 -10.39 -89.63
CA GLY H 185 58.06 -10.49 -88.44
C GLY H 185 56.65 -10.05 -88.72
N GLY H 186 55.72 -10.60 -87.95
CA GLY H 186 54.31 -10.33 -88.16
C GLY H 186 53.65 -11.33 -89.07
N ARG H 187 52.46 -10.96 -89.54
CA ARG H 187 51.72 -11.86 -90.42
C ARG H 187 52.27 -11.84 -91.84
N ASN H 188 52.92 -10.75 -92.24
CA ASN H 188 53.45 -10.59 -93.58
C ASN H 188 54.84 -11.19 -93.74
N THR H 189 55.39 -11.81 -92.71
CA THR H 189 56.77 -12.26 -92.78
C THR H 189 56.95 -13.36 -93.83
N GLY H 190 58.08 -13.30 -94.52
CA GLY H 190 58.30 -14.08 -95.72
C GLY H 190 58.12 -13.33 -97.03
N ARG H 191 57.02 -12.59 -97.18
CA ARG H 191 56.72 -11.96 -98.46
C ARG H 191 57.73 -10.92 -98.90
N VAL H 192 58.46 -11.22 -99.97
CA VAL H 192 59.39 -10.28 -100.60
C VAL H 192 58.57 -9.23 -101.34
N GLY H 193 59.21 -8.15 -101.75
CA GLY H 193 58.52 -7.18 -102.58
C GLY H 193 59.11 -5.80 -102.47
N VAL H 194 58.81 -4.99 -103.48
CA VAL H 194 59.50 -3.74 -103.71
C VAL H 194 58.75 -2.64 -103.00
N ILE H 195 59.44 -1.87 -102.17
CA ILE H 195 58.79 -0.76 -101.47
C ILE H 195 58.16 0.16 -102.49
N LYS H 196 56.92 0.57 -102.23
CA LYS H 196 56.36 1.69 -102.97
C LYS H 196 56.18 2.94 -102.15
N ASN H 197 56.27 2.87 -100.83
CA ASN H 197 56.09 4.07 -100.03
C ASN H 197 56.58 3.78 -98.63
N ARG H 198 56.91 4.85 -97.92
CA ARG H 198 57.40 4.78 -96.55
C ARG H 198 56.90 6.03 -95.82
N GLU H 199 56.03 5.84 -94.83
CA GLU H 199 55.45 6.98 -94.12
C GLU H 199 55.88 6.97 -92.66
N LYS H 200 56.30 8.14 -92.19
CA LYS H 200 56.88 8.33 -90.87
C LYS H 200 55.93 9.14 -90.00
N HIS H 201 55.87 8.77 -88.73
CA HIS H 201 55.00 9.45 -87.78
C HIS H 201 55.83 9.88 -86.59
N LYS H 202 55.64 11.11 -86.17
CA LYS H 202 56.43 11.65 -85.07
C LYS H 202 56.10 10.88 -83.80
N GLY H 203 57.09 10.22 -83.24
CA GLY H 203 56.95 9.59 -81.94
C GLY H 203 56.68 8.11 -81.94
N THR H 204 56.66 7.46 -83.10
CA THR H 204 56.39 6.03 -83.14
C THR H 204 56.89 5.44 -84.45
N PHE H 205 56.40 4.25 -84.76
CA PHE H 205 56.91 3.43 -85.86
C PHE H 205 56.63 4.03 -87.23
N GLU H 206 57.61 3.90 -88.11
CA GLU H 206 57.53 4.34 -89.50
C GLU H 206 57.26 3.13 -90.38
N THR H 207 56.16 3.16 -91.14
CA THR H 207 55.75 1.98 -91.88
C THR H 207 56.15 2.02 -93.34
N ILE H 208 56.28 0.82 -93.91
CA ILE H 208 56.71 0.58 -95.27
C ILE H 208 55.59 -0.15 -96.00
N HIS H 209 55.20 0.36 -97.16
CA HIS H 209 54.24 -0.30 -98.01
C HIS H 209 55.00 -1.07 -99.08
N VAL H 210 54.62 -2.32 -99.29
CA VAL H 210 55.35 -3.24 -100.14
C VAL H 210 54.37 -3.84 -101.13
N GLU H 211 54.89 -4.30 -102.28
CA GLU H 211 54.07 -5.00 -103.24
C GLU H 211 54.77 -6.27 -103.64
N ASP H 212 54.07 -7.39 -103.58
CA ASP H 212 54.57 -8.63 -104.16
C ASP H 212 54.65 -8.48 -105.67
N ALA H 213 55.79 -8.85 -106.25
CA ALA H 213 56.10 -8.53 -107.65
C ALA H 213 55.00 -8.98 -108.61
N GLN H 214 54.08 -9.81 -108.13
CA GLN H 214 52.91 -10.23 -108.89
C GLN H 214 51.65 -9.49 -108.47
N GLY H 215 51.78 -8.35 -107.80
CA GLY H 215 50.63 -7.48 -107.60
C GLY H 215 50.17 -7.19 -106.19
N HIS H 216 50.12 -8.19 -105.31
CA HIS H 216 49.55 -7.97 -103.99
C HIS H 216 50.38 -6.98 -103.16
N GLN H 217 49.67 -6.17 -102.37
CA GLN H 217 50.25 -5.05 -101.66
C GLN H 217 49.91 -5.12 -100.19
N PHE H 218 50.89 -4.82 -99.34
CA PHE H 218 50.73 -4.86 -97.89
C PHE H 218 51.57 -3.77 -97.24
N ALA H 219 51.55 -3.73 -95.91
CA ALA H 219 52.33 -2.76 -95.18
C ALA H 219 52.83 -3.37 -93.89
N THR H 220 53.97 -2.87 -93.41
CA THR H 220 54.56 -3.36 -92.16
C THR H 220 55.43 -2.27 -91.57
N ARG H 221 55.52 -2.22 -90.24
CA ARG H 221 56.34 -1.18 -89.63
C ARG H 221 57.82 -1.47 -89.86
N LEU H 222 58.65 -0.46 -89.61
CA LEU H 222 60.06 -0.50 -89.99
C LEU H 222 60.84 -1.60 -89.30
N GLY H 223 60.30 -2.18 -88.23
CA GLY H 223 61.05 -3.17 -87.49
C GLY H 223 61.40 -4.39 -88.34
N ASN H 224 60.43 -4.95 -89.05
CA ASN H 224 60.59 -6.26 -89.64
C ASN H 224 60.96 -6.24 -91.12
N VAL H 225 61.13 -5.07 -91.70
CA VAL H 225 61.60 -5.03 -93.08
C VAL H 225 63.08 -5.36 -93.09
N PHE H 226 63.53 -5.97 -94.17
CA PHE H 226 64.94 -6.32 -94.30
C PHE H 226 65.26 -6.23 -95.78
N THR H 227 65.75 -5.06 -96.22
CA THR H 227 66.06 -4.91 -97.64
C THR H 227 67.08 -5.95 -98.06
N ILE H 228 66.80 -6.62 -99.18
CA ILE H 228 67.76 -7.60 -99.66
C ILE H 228 68.61 -6.96 -100.74
N GLY H 229 67.98 -6.51 -101.82
CA GLY H 229 68.73 -6.06 -102.97
C GLY H 229 68.25 -4.71 -103.46
N LYS H 230 69.17 -3.99 -104.08
CA LYS H 230 68.87 -2.71 -104.68
C LYS H 230 68.05 -2.91 -105.94
N GLY H 231 66.96 -2.16 -106.07
CA GLY H 231 66.06 -2.37 -107.19
C GLY H 231 65.17 -3.59 -106.98
N THR H 232 64.83 -4.24 -108.10
CA THR H 232 63.99 -5.43 -108.04
C THR H 232 64.79 -6.70 -107.78
N LYS H 233 66.05 -6.74 -108.17
CA LYS H 233 66.83 -7.97 -108.11
C LYS H 233 67.42 -8.15 -106.72
N PRO H 234 67.05 -9.19 -105.99
CA PRO H 234 67.67 -9.46 -104.69
C PRO H 234 69.07 -10.03 -104.85
N TRP H 235 69.88 -9.81 -103.82
CA TRP H 235 71.25 -10.33 -103.80
C TRP H 235 71.36 -11.65 -103.07
N VAL H 236 70.28 -12.41 -103.02
CA VAL H 236 70.29 -13.72 -102.36
C VAL H 236 69.31 -14.62 -103.08
N SER H 237 69.60 -15.91 -103.08
CA SER H 237 68.79 -16.87 -103.82
C SER H 237 67.54 -17.16 -103.02
N LEU H 238 66.41 -16.65 -103.51
CA LEU H 238 65.13 -16.75 -102.84
C LEU H 238 64.65 -18.21 -102.80
N PRO H 239 63.74 -18.56 -101.87
CA PRO H 239 63.35 -19.96 -101.74
C PRO H 239 62.46 -20.46 -102.86
N LYS H 240 61.96 -21.70 -102.70
CA LYS H 240 61.29 -22.41 -103.80
C LYS H 240 60.14 -21.60 -104.38
N GLY H 241 59.37 -20.93 -103.52
CA GLY H 241 58.33 -20.03 -103.95
C GLY H 241 58.83 -18.62 -103.78
N LYS H 242 58.87 -17.87 -104.87
CA LYS H 242 59.68 -16.65 -104.88
C LYS H 242 59.00 -15.62 -103.99
N GLY H 243 58.96 -15.92 -102.70
CA GLY H 243 58.47 -14.98 -101.71
C GLY H 243 57.09 -14.45 -101.96
N ILE H 244 56.23 -15.22 -102.62
CA ILE H 244 54.86 -14.81 -102.86
C ILE H 244 53.95 -15.61 -101.95
N LYS H 245 53.29 -14.92 -101.04
CA LYS H 245 52.20 -15.53 -100.29
C LYS H 245 50.94 -15.45 -101.13
N LEU H 246 50.31 -16.60 -101.31
CA LEU H 246 49.17 -16.76 -102.19
C LEU H 246 47.99 -17.25 -101.38
N THR H 247 46.79 -16.86 -101.80
CA THR H 247 45.60 -17.17 -101.06
C THR H 247 45.43 -18.68 -100.91
N ILE H 248 44.63 -19.07 -99.91
CA ILE H 248 44.42 -20.49 -99.65
C ILE H 248 43.67 -21.13 -100.81
N ILE H 249 42.85 -20.34 -101.51
CA ILE H 249 42.19 -20.82 -102.72
C ILE H 249 43.23 -21.26 -103.73
N GLU H 250 44.23 -20.42 -103.97
CA GLU H 250 45.28 -20.79 -104.91
C GLU H 250 46.12 -21.93 -104.39
N GLU H 251 46.32 -22.03 -103.09
CA GLU H 251 47.01 -23.23 -102.62
C GLU H 251 46.17 -24.48 -102.82
N GLN H 252 44.85 -24.33 -103.00
CA GLN H 252 44.04 -25.47 -103.45
C GLN H 252 44.22 -25.73 -104.94
N ARG H 253 44.14 -24.68 -105.76
CA ARG H 253 44.30 -24.86 -107.20
C ARG H 253 45.66 -25.44 -107.56
N LYS H 254 46.72 -25.04 -106.86
CA LYS H 254 48.03 -25.61 -107.18
C LYS H 254 48.08 -27.09 -106.85
N ARG H 255 47.42 -27.52 -105.79
CA ARG H 255 47.43 -28.95 -105.49
C ARG H 255 46.50 -29.74 -106.41
N ASP H 256 45.41 -29.13 -106.85
CA ASP H 256 44.59 -29.77 -107.90
C ASP H 256 45.42 -29.93 -109.17
N ALA H 257 46.09 -28.88 -109.60
CA ALA H 257 46.93 -28.92 -110.79
C ALA H 257 48.12 -29.84 -110.62
N ALA H 258 48.58 -30.04 -109.39
CA ALA H 258 49.63 -31.00 -109.13
C ALA H 258 49.14 -32.43 -109.33
N ALA H 259 47.95 -32.73 -108.79
CA ALA H 259 47.44 -34.08 -108.92
C ALA H 259 46.89 -34.41 -110.30
N GLN H 260 46.41 -33.40 -111.04
CA GLN H 260 45.77 -33.67 -112.33
C GLN H 260 46.79 -33.93 -113.44
N ALA H 261 48.05 -33.56 -113.22
CA ALA H 261 49.14 -33.97 -114.08
C ALA H 261 49.87 -35.19 -113.56
N ALA H 262 49.32 -35.85 -112.54
CA ALA H 262 49.91 -37.07 -112.00
C ALA H 262 48.89 -38.19 -111.90
N PRO I 8 -96.33 -9.46 -50.67
CA PRO I 8 -96.98 -9.96 -51.88
C PRO I 8 -97.70 -11.29 -51.65
N GLY I 9 -97.83 -12.11 -52.71
CA GLY I 9 -98.59 -13.34 -52.63
C GLY I 9 -97.82 -14.44 -51.92
N GLY I 10 -98.24 -14.74 -50.69
CA GLY I 10 -97.41 -15.45 -49.77
C GLY I 10 -98.08 -16.53 -48.96
N ASP I 11 -98.93 -17.34 -49.58
CA ASP I 11 -99.60 -18.45 -48.87
C ASP I 11 -98.60 -19.58 -48.62
N VAL I 12 -97.50 -19.21 -47.98
CA VAL I 12 -96.39 -20.09 -47.64
C VAL I 12 -95.93 -19.74 -46.24
N LYS I 13 -96.24 -20.60 -45.28
CA LYS I 13 -95.87 -20.43 -43.89
C LYS I 13 -94.91 -21.55 -43.53
N LEU I 14 -93.77 -21.22 -42.95
CA LEU I 14 -92.84 -22.29 -42.62
C LEU I 14 -93.42 -23.12 -41.49
N PHE I 15 -93.43 -24.44 -41.68
CA PHE I 15 -94.22 -25.36 -40.88
C PHE I 15 -95.71 -25.02 -40.89
N ASN I 16 -96.15 -24.29 -41.92
CA ASN I 16 -97.58 -24.05 -42.19
C ASN I 16 -98.29 -23.35 -41.05
N ARG I 17 -97.56 -22.63 -40.20
CA ARG I 17 -98.21 -21.90 -39.12
C ARG I 17 -97.64 -20.51 -38.90
N TRP I 18 -96.52 -20.18 -39.51
CA TRP I 18 -95.68 -19.04 -39.13
C TRP I 18 -95.50 -18.14 -40.34
N THR I 19 -96.32 -17.11 -40.43
CA THR I 19 -96.45 -16.36 -41.66
C THR I 19 -95.26 -15.44 -41.87
N PHE I 20 -94.68 -15.52 -43.06
CA PHE I 20 -93.56 -14.68 -43.42
C PHE I 20 -93.98 -13.24 -43.69
N GLU I 21 -95.18 -13.05 -44.23
CA GLU I 21 -95.66 -11.72 -44.53
C GLU I 21 -95.69 -10.87 -43.27
N ASP I 22 -95.61 -9.55 -43.45
CA ASP I 22 -95.34 -8.63 -42.36
C ASP I 22 -93.98 -8.91 -41.74
N VAL I 23 -92.96 -9.01 -42.57
CA VAL I 23 -91.57 -9.08 -42.14
C VAL I 23 -90.86 -7.83 -42.64
N GLN I 24 -90.25 -7.10 -41.72
CA GLN I 24 -89.80 -5.74 -41.97
C GLN I 24 -88.51 -5.49 -41.20
N VAL I 25 -87.41 -5.42 -41.93
CA VAL I 25 -86.08 -5.27 -41.33
C VAL I 25 -85.72 -3.80 -41.39
N SER I 26 -85.36 -3.23 -40.25
CA SER I 26 -85.00 -1.82 -40.22
C SER I 26 -83.72 -1.57 -41.01
N ASP I 27 -82.67 -2.37 -40.78
CA ASP I 27 -81.43 -2.19 -41.51
C ASP I 27 -81.58 -2.42 -43.00
N ILE I 28 -81.59 -1.32 -43.74
CA ILE I 28 -81.45 -1.37 -45.19
C ILE I 28 -80.08 -1.84 -45.62
N SER I 29 -79.13 -1.87 -44.68
CA SER I 29 -77.85 -2.52 -44.93
C SER I 29 -78.03 -4.02 -45.12
N LEU I 30 -78.80 -4.64 -44.25
CA LEU I 30 -78.98 -6.09 -44.25
C LEU I 30 -80.25 -6.52 -44.96
N ASN I 31 -81.03 -5.59 -45.51
CA ASN I 31 -82.20 -5.99 -46.28
C ASN I 31 -81.77 -6.80 -47.49
N ASP I 32 -80.60 -6.51 -48.05
CA ASP I 32 -80.04 -7.37 -49.09
C ASP I 32 -79.65 -8.73 -48.56
N TYR I 33 -79.04 -8.79 -47.38
CA TYR I 33 -78.36 -9.99 -46.92
C TYR I 33 -79.22 -10.86 -46.02
N LEU I 34 -80.48 -10.48 -45.80
CA LEU I 34 -81.41 -11.33 -45.08
C LEU I 34 -82.47 -11.85 -46.06
N ALA I 35 -82.72 -13.15 -46.02
CA ALA I 35 -83.64 -13.79 -46.97
C ALA I 35 -85.01 -13.93 -46.33
N VAL I 36 -85.71 -12.80 -46.24
CA VAL I 36 -87.01 -12.77 -45.59
C VAL I 36 -88.03 -11.98 -46.39
N THR I 37 -87.58 -11.14 -47.32
CA THR I 37 -88.50 -10.17 -47.91
C THR I 37 -89.10 -10.68 -49.22
N SER I 38 -88.28 -10.86 -50.24
CA SER I 38 -88.80 -11.01 -51.59
C SER I 38 -89.33 -12.42 -51.82
N MET I 39 -90.26 -12.51 -52.78
CA MET I 39 -91.08 -13.70 -53.01
C MET I 39 -90.27 -14.97 -53.11
N LYS I 40 -88.95 -14.87 -53.29
CA LYS I 40 -88.21 -16.02 -53.77
C LYS I 40 -87.61 -16.83 -52.65
N HIS I 41 -87.21 -16.20 -51.55
CA HIS I 41 -86.46 -16.91 -50.53
C HIS I 41 -87.34 -17.69 -49.58
N TYR I 42 -88.67 -17.61 -49.71
CA TYR I 42 -89.55 -18.29 -48.77
C TYR I 42 -89.50 -19.78 -49.01
N THR I 43 -89.36 -20.52 -47.92
CA THR I 43 -89.45 -21.97 -48.02
C THR I 43 -90.19 -22.47 -46.80
N PHE I 44 -90.78 -23.64 -46.92
CA PHE I 44 -91.59 -24.16 -45.82
C PHE I 44 -90.72 -24.70 -44.70
N LEU I 45 -89.52 -25.17 -45.04
CA LEU I 45 -88.71 -25.89 -44.09
C LEU I 45 -87.27 -25.41 -44.18
N PRO I 46 -86.58 -25.30 -43.05
CA PRO I 46 -85.19 -24.81 -43.08
C PRO I 46 -84.18 -25.87 -43.48
N HIS I 47 -84.62 -26.92 -44.17
CA HIS I 47 -83.74 -27.95 -44.67
C HIS I 47 -83.87 -27.98 -46.19
N SER I 48 -82.75 -27.87 -46.89
CA SER I 48 -82.77 -28.01 -48.34
C SER I 48 -81.42 -28.54 -48.82
N ALA I 49 -81.48 -29.42 -49.81
CA ALA I 49 -80.28 -29.96 -50.43
C ALA I 49 -79.77 -28.93 -51.43
N GLY I 50 -79.14 -27.90 -50.89
CA GLY I 50 -78.71 -26.79 -51.71
C GLY I 50 -77.32 -27.03 -52.29
N ARG I 51 -77.14 -26.56 -53.52
CA ARG I 51 -75.82 -26.48 -54.13
C ARG I 51 -75.21 -25.10 -53.89
N TYR I 52 -75.26 -24.66 -52.63
CA TYR I 52 -74.56 -23.44 -52.27
C TYR I 52 -73.09 -23.72 -52.06
N SER I 53 -72.32 -22.64 -51.86
CA SER I 53 -70.88 -22.65 -51.69
C SER I 53 -70.14 -23.00 -52.98
N ALA I 54 -70.83 -23.22 -54.09
CA ALA I 54 -70.13 -23.44 -55.35
C ALA I 54 -69.56 -22.14 -55.91
N LYS I 55 -70.17 -21.01 -55.56
CA LYS I 55 -69.76 -19.72 -56.10
C LYS I 55 -69.84 -18.70 -54.97
N ARG I 56 -69.12 -17.60 -55.13
CA ARG I 56 -68.96 -16.65 -54.03
C ARG I 56 -70.20 -15.79 -53.86
N PHE I 57 -70.49 -15.45 -52.60
CA PHE I 57 -71.61 -14.63 -52.16
C PHE I 57 -72.95 -15.31 -52.38
N ARG I 58 -72.97 -16.54 -52.86
CA ARG I 58 -74.23 -17.24 -53.06
C ARG I 58 -75.01 -17.39 -51.77
N LYS I 59 -74.34 -17.32 -50.61
CA LYS I 59 -75.01 -17.57 -49.35
C LYS I 59 -75.82 -16.38 -48.84
N ALA I 60 -75.65 -15.19 -49.39
CA ALA I 60 -76.55 -14.11 -48.99
C ALA I 60 -77.99 -14.41 -49.38
N GLN I 61 -78.19 -15.39 -50.26
CA GLN I 61 -79.52 -15.79 -50.68
C GLN I 61 -80.08 -16.99 -49.93
N CYS I 62 -79.27 -17.69 -49.16
CA CYS I 62 -79.77 -18.82 -48.39
C CYS I 62 -80.78 -18.32 -47.35
N PRO I 63 -81.88 -19.02 -47.15
CA PRO I 63 -82.86 -18.59 -46.13
C PRO I 63 -82.19 -18.44 -44.79
N ILE I 64 -82.58 -17.40 -44.05
CA ILE I 64 -81.92 -17.11 -42.79
C ILE I 64 -82.08 -18.27 -41.82
N ILE I 65 -83.25 -18.91 -41.83
CA ILE I 65 -83.50 -19.99 -40.88
C ILE I 65 -82.69 -21.22 -41.23
N GLU I 66 -82.65 -21.58 -42.50
CA GLU I 66 -81.79 -22.70 -42.90
C GLU I 66 -80.34 -22.40 -42.61
N ARG I 67 -79.92 -21.18 -42.86
CA ARG I 67 -78.52 -20.84 -42.70
C ARG I 67 -78.12 -20.96 -41.24
N LEU I 68 -79.00 -20.56 -40.33
CA LEU I 68 -78.77 -20.75 -38.90
C LEU I 68 -78.81 -22.24 -38.53
N THR I 69 -79.75 -22.97 -39.09
CA THR I 69 -79.85 -24.40 -38.83
C THR I 69 -78.56 -25.10 -39.17
N ASN I 70 -77.90 -24.67 -40.24
CA ASN I 70 -76.59 -25.21 -40.57
C ASN I 70 -75.57 -24.89 -39.49
N SER I 71 -75.63 -23.70 -38.91
CA SER I 71 -74.71 -23.33 -37.85
C SER I 71 -75.00 -24.06 -36.54
N LEU I 72 -76.18 -24.67 -36.44
CA LEU I 72 -76.54 -25.36 -35.21
C LEU I 72 -75.80 -26.69 -35.04
N MET I 73 -75.53 -27.39 -36.14
CA MET I 73 -75.06 -28.77 -36.10
C MET I 73 -73.54 -28.81 -35.91
N MET I 74 -73.09 -28.47 -34.70
CA MET I 74 -71.67 -28.22 -34.54
C MET I 74 -71.12 -28.91 -33.30
N HIS I 75 -69.80 -29.10 -33.31
CA HIS I 75 -69.00 -29.88 -32.37
C HIS I 75 -69.07 -31.39 -32.55
N GLY I 76 -68.90 -31.86 -33.78
CA GLY I 76 -68.35 -33.20 -33.99
C GLY I 76 -69.28 -34.36 -33.73
N ARG I 77 -69.69 -34.55 -32.49
CA ARG I 77 -70.79 -35.45 -32.21
C ARG I 77 -72.05 -35.01 -32.95
N ASN I 78 -72.16 -33.72 -33.25
CA ASN I 78 -73.34 -33.13 -33.84
C ASN I 78 -73.13 -32.62 -35.26
N ASN I 79 -71.94 -32.80 -35.82
CA ASN I 79 -71.74 -32.52 -37.23
C ASN I 79 -72.40 -33.62 -38.05
N GLY I 80 -73.20 -33.22 -39.03
CA GLY I 80 -73.77 -34.18 -39.94
C GLY I 80 -75.18 -34.63 -39.65
N LYS I 81 -75.90 -33.98 -38.75
CA LYS I 81 -77.30 -34.30 -38.54
C LYS I 81 -78.11 -33.01 -38.54
N LYS I 82 -78.61 -32.68 -39.74
CA LYS I 82 -79.48 -31.54 -39.96
C LYS I 82 -80.90 -31.79 -39.49
N ILE I 83 -81.32 -33.05 -39.40
CA ILE I 83 -82.70 -33.32 -38.98
C ILE I 83 -82.88 -32.95 -37.51
N MET I 84 -81.91 -33.31 -36.68
CA MET I 84 -81.94 -32.85 -35.29
C MET I 84 -81.86 -31.34 -35.23
N ALA I 85 -81.14 -30.71 -36.15
CA ALA I 85 -81.02 -29.26 -36.12
C ALA I 85 -82.36 -28.60 -36.44
N VAL I 86 -83.04 -29.06 -37.48
CA VAL I 86 -84.35 -28.49 -37.79
C VAL I 86 -85.35 -28.82 -36.70
N ARG I 87 -85.20 -29.97 -36.04
CA ARG I 87 -86.07 -30.29 -34.92
C ARG I 87 -85.90 -29.27 -33.79
N ILE I 88 -84.65 -28.96 -33.46
CA ILE I 88 -84.37 -27.98 -32.43
C ILE I 88 -84.88 -26.62 -32.86
N ILE I 89 -84.75 -26.29 -34.14
CA ILE I 89 -85.28 -25.03 -34.63
C ILE I 89 -86.78 -25.00 -34.45
N LYS I 90 -87.46 -26.11 -34.69
CA LYS I 90 -88.91 -26.12 -34.51
C LYS I 90 -89.28 -25.91 -33.05
N HIS I 91 -88.62 -26.60 -32.13
CA HIS I 91 -88.98 -26.44 -30.72
C HIS I 91 -88.66 -25.02 -30.23
N THR I 92 -87.49 -24.51 -30.57
CA THR I 92 -87.18 -23.11 -30.25
C THR I 92 -88.21 -22.21 -30.89
N MET I 93 -88.58 -22.52 -32.11
CA MET I 93 -89.26 -21.60 -32.97
C MET I 93 -90.70 -21.49 -32.51
N GLU I 94 -91.22 -22.62 -32.03
CA GLU I 94 -92.48 -22.69 -31.32
C GLU I 94 -92.45 -21.85 -30.05
N ILE I 95 -91.48 -22.13 -29.18
CA ILE I 95 -91.52 -21.47 -27.88
C ILE I 95 -91.19 -19.97 -27.95
N ILE I 96 -90.60 -19.50 -29.05
CA ILE I 96 -90.50 -18.05 -29.22
C ILE I 96 -91.89 -17.43 -29.31
N HIS I 97 -92.77 -18.03 -30.13
CA HIS I 97 -94.18 -17.63 -30.12
C HIS I 97 -94.80 -17.82 -28.75
N LEU I 98 -94.51 -18.95 -28.12
CA LEU I 98 -95.14 -19.31 -26.87
C LEU I 98 -94.69 -18.41 -25.73
N LEU I 99 -93.66 -17.58 -25.94
CA LEU I 99 -93.38 -16.49 -25.02
C LEU I 99 -93.90 -15.14 -25.49
N THR I 100 -93.56 -14.70 -26.69
CA THR I 100 -93.80 -13.31 -27.03
C THR I 100 -95.13 -13.05 -27.73
N ASP I 101 -95.70 -14.04 -28.41
CA ASP I 101 -96.95 -13.87 -29.16
C ASP I 101 -96.77 -12.86 -30.29
N ALA I 102 -95.58 -12.88 -30.90
CA ALA I 102 -95.30 -12.11 -32.10
C ALA I 102 -94.61 -13.03 -33.07
N ASN I 103 -94.43 -12.54 -34.31
CA ASN I 103 -93.80 -13.37 -35.33
C ASN I 103 -92.45 -13.85 -34.85
N PRO I 104 -92.34 -15.14 -34.55
CA PRO I 104 -91.05 -15.64 -34.08
C PRO I 104 -89.98 -15.46 -35.14
N ILE I 105 -90.38 -15.38 -36.41
CA ILE I 105 -89.45 -14.98 -37.46
C ILE I 105 -88.93 -13.57 -37.24
N GLN I 106 -89.81 -12.62 -36.89
CA GLN I 106 -89.32 -11.31 -36.48
C GLN I 106 -88.33 -11.41 -35.35
N ILE I 107 -88.57 -12.30 -34.39
CA ILE I 107 -87.61 -12.42 -33.30
C ILE I 107 -86.27 -12.93 -33.83
N ILE I 108 -86.29 -13.95 -34.69
CA ILE I 108 -85.04 -14.48 -35.23
C ILE I 108 -84.25 -13.39 -35.92
N VAL I 109 -84.92 -12.68 -36.83
CA VAL I 109 -84.22 -11.74 -37.69
C VAL I 109 -83.77 -10.51 -36.91
N ASP I 110 -84.61 -10.02 -35.99
CA ASP I 110 -84.20 -8.86 -35.21
C ASP I 110 -83.03 -9.22 -34.32
N ALA I 111 -82.99 -10.46 -33.81
CA ALA I 111 -81.82 -10.89 -33.04
C ALA I 111 -80.58 -10.98 -33.92
N ILE I 112 -80.71 -11.50 -35.14
CA ILE I 112 -79.56 -11.55 -36.04
C ILE I 112 -79.01 -10.16 -36.27
N ILE I 113 -79.91 -9.20 -36.51
CA ILE I 113 -79.51 -7.81 -36.70
C ILE I 113 -78.82 -7.28 -35.46
N ASN I 114 -79.43 -7.47 -34.30
CA ASN I 114 -79.01 -6.78 -33.09
C ASN I 114 -77.79 -7.44 -32.47
N SER I 115 -77.42 -8.63 -32.93
CA SER I 115 -76.24 -9.35 -32.46
C SER I 115 -75.15 -9.38 -33.50
N GLY I 116 -74.90 -8.25 -34.17
CA GLY I 116 -73.90 -8.17 -35.19
C GLY I 116 -72.95 -7.01 -34.98
N PRO I 117 -71.65 -7.30 -34.84
CA PRO I 117 -70.69 -6.21 -34.62
C PRO I 117 -70.63 -5.29 -35.82
N ARG I 118 -70.48 -3.99 -35.55
CA ARG I 118 -70.36 -3.00 -36.61
C ARG I 118 -68.92 -2.56 -36.86
N GLU I 119 -67.98 -2.90 -35.98
CA GLU I 119 -66.58 -2.58 -36.20
C GLU I 119 -65.74 -3.66 -35.54
N ASP I 120 -64.59 -3.97 -36.14
CA ASP I 120 -63.78 -5.09 -35.64
C ASP I 120 -62.32 -4.68 -35.78
N ALA I 121 -61.44 -5.47 -35.17
CA ALA I 121 -60.00 -5.20 -35.22
C ALA I 121 -59.29 -6.32 -35.99
N THR I 122 -58.75 -5.99 -37.14
CA THR I 122 -57.89 -6.89 -37.88
C THR I 122 -56.44 -6.57 -37.54
N ARG I 123 -55.51 -7.17 -38.26
CA ARG I 123 -54.10 -7.17 -37.91
C ARG I 123 -53.30 -6.38 -38.95
N ILE I 124 -53.78 -5.19 -39.31
CA ILE I 124 -53.23 -4.48 -40.47
C ILE I 124 -51.79 -4.06 -40.22
N GLY I 125 -51.07 -3.89 -41.32
CA GLY I 125 -49.83 -3.13 -41.30
C GLY I 125 -49.79 -2.21 -42.52
N SER I 126 -49.02 -1.13 -42.38
CA SER I 126 -48.88 -0.17 -43.45
C SER I 126 -47.46 0.36 -43.49
N ALA I 127 -47.03 0.80 -44.67
CA ALA I 127 -45.79 1.52 -44.90
C ALA I 127 -44.54 0.74 -44.49
N GLY I 128 -44.67 -0.55 -44.19
CA GLY I 128 -43.53 -1.40 -43.88
C GLY I 128 -43.59 -2.12 -42.55
N VAL I 129 -44.55 -1.82 -41.67
CA VAL I 129 -44.62 -2.42 -40.34
C VAL I 129 -46.08 -2.78 -40.06
N VAL I 130 -46.29 -3.85 -39.29
CA VAL I 130 -47.62 -4.39 -39.03
C VAL I 130 -47.91 -4.37 -37.53
N ARG I 131 -49.11 -3.92 -37.16
CA ARG I 131 -49.66 -4.05 -35.82
C ARG I 131 -51.13 -3.62 -35.89
N ARG I 132 -51.98 -4.28 -35.09
CA ARG I 132 -53.37 -4.39 -35.52
C ARG I 132 -54.08 -3.04 -35.54
N GLN I 133 -55.11 -3.00 -36.37
CA GLN I 133 -55.90 -1.81 -36.62
C GLN I 133 -57.35 -2.22 -36.77
N ALA I 134 -58.24 -1.30 -36.45
CA ALA I 134 -59.66 -1.58 -36.57
C ALA I 134 -60.16 -1.23 -37.96
N VAL I 135 -61.13 -1.99 -38.42
CA VAL I 135 -61.74 -1.85 -39.72
C VAL I 135 -63.25 -1.96 -39.55
N ASP I 136 -63.97 -1.77 -40.65
CA ASP I 136 -65.41 -1.90 -40.69
C ASP I 136 -65.79 -3.34 -41.03
N ILE I 137 -67.09 -3.60 -40.93
CA ILE I 137 -67.61 -4.95 -41.10
C ILE I 137 -68.49 -4.97 -42.33
N SER I 138 -68.08 -5.74 -43.34
CA SER I 138 -68.97 -5.98 -44.45
C SER I 138 -70.23 -6.66 -43.94
N PRO I 139 -71.40 -6.25 -44.39
CA PRO I 139 -72.64 -6.78 -43.81
C PRO I 139 -72.78 -8.29 -43.92
N LEU I 140 -72.10 -8.93 -44.87
CA LEU I 140 -72.28 -10.37 -44.98
C LEU I 140 -71.52 -11.10 -43.89
N ARG I 141 -70.36 -10.59 -43.50
CA ARG I 141 -69.70 -11.21 -42.35
C ARG I 141 -70.27 -10.71 -41.03
N ARG I 142 -70.85 -9.51 -41.00
CA ARG I 142 -71.81 -9.19 -39.95
C ARG I 142 -72.75 -10.35 -39.68
N VAL I 143 -73.49 -10.74 -40.73
CA VAL I 143 -74.52 -11.75 -40.56
C VAL I 143 -73.90 -13.10 -40.24
N ASN I 144 -72.80 -13.45 -40.91
CA ASN I 144 -72.12 -14.70 -40.63
C ASN I 144 -71.81 -14.82 -39.16
N GLN I 145 -71.19 -13.77 -38.61
CA GLN I 145 -70.69 -13.85 -37.26
C GLN I 145 -71.83 -13.79 -36.26
N ALA I 146 -72.89 -13.07 -36.60
CA ALA I 146 -74.07 -13.11 -35.72
C ALA I 146 -74.62 -14.53 -35.64
N ILE I 147 -74.70 -15.24 -36.77
CA ILE I 147 -75.24 -16.59 -36.74
C ILE I 147 -74.34 -17.48 -35.88
N TYR I 148 -73.04 -17.46 -36.17
CA TYR I 148 -72.08 -18.29 -35.43
C TYR I 148 -72.13 -17.98 -33.94
N LEU I 149 -72.25 -16.71 -33.59
CA LEU I 149 -72.08 -16.27 -32.22
C LEU I 149 -73.34 -16.47 -31.38
N LEU I 150 -74.52 -16.23 -31.95
CA LEU I 150 -75.75 -16.67 -31.30
C LEU I 150 -75.75 -18.17 -31.07
N THR I 151 -75.30 -18.94 -32.07
CA THR I 151 -75.34 -20.38 -31.91
C THR I 151 -74.38 -20.85 -30.84
N THR I 152 -73.18 -20.28 -30.78
CA THR I 152 -72.24 -20.67 -29.73
C THR I 152 -72.75 -20.25 -28.36
N GLY I 153 -73.40 -19.09 -28.28
CA GLY I 153 -74.03 -18.70 -27.03
C GLY I 153 -74.99 -19.76 -26.54
N ALA I 154 -75.89 -20.19 -27.42
CA ALA I 154 -76.86 -21.22 -27.03
C ALA I 154 -76.16 -22.51 -26.62
N ARG I 155 -75.15 -22.91 -27.38
CA ARG I 155 -74.51 -24.18 -27.10
C ARG I 155 -73.82 -24.18 -25.74
N GLU I 156 -73.09 -23.11 -25.42
CA GLU I 156 -72.43 -23.13 -24.12
C GLU I 156 -73.36 -22.72 -22.99
N SER I 157 -74.56 -22.23 -23.31
CA SER I 157 -75.57 -22.11 -22.27
C SER I 157 -76.19 -23.45 -21.97
N ALA I 158 -76.19 -24.36 -22.95
CA ALA I 158 -76.80 -25.68 -22.77
C ALA I 158 -75.81 -26.75 -22.33
N PHE I 159 -74.50 -26.52 -22.45
CA PHE I 159 -73.56 -27.56 -22.08
C PHE I 159 -73.66 -27.88 -20.60
N ARG I 160 -73.65 -29.18 -20.27
CA ARG I 160 -73.76 -29.70 -18.92
C ARG I 160 -74.82 -28.97 -18.10
N ASN I 161 -75.94 -28.67 -18.74
CA ASN I 161 -77.07 -27.99 -18.10
C ASN I 161 -78.34 -28.75 -18.43
N VAL I 162 -79.16 -29.02 -17.41
CA VAL I 162 -80.37 -29.83 -17.61
C VAL I 162 -81.28 -29.16 -18.62
N LYS I 163 -81.35 -27.84 -18.59
CA LYS I 163 -82.08 -27.09 -19.60
C LYS I 163 -81.65 -27.51 -21.00
N THR I 164 -82.59 -27.55 -21.94
CA THR I 164 -82.35 -28.13 -23.25
C THR I 164 -81.94 -27.06 -24.25
N ILE I 165 -81.39 -27.51 -25.38
CA ILE I 165 -80.81 -26.60 -26.36
C ILE I 165 -81.87 -25.74 -27.04
N ALA I 166 -83.03 -26.31 -27.36
CA ALA I 166 -84.05 -25.51 -28.03
C ALA I 166 -84.38 -24.28 -27.20
N GLU I 167 -84.53 -24.47 -25.91
CA GLU I 167 -84.98 -23.43 -25.02
C GLU I 167 -83.85 -22.52 -24.57
N CYS I 168 -82.62 -23.02 -24.49
CA CYS I 168 -81.46 -22.14 -24.34
C CYS I 168 -81.39 -21.16 -25.49
N LEU I 169 -81.49 -21.68 -26.71
CA LEU I 169 -81.39 -20.85 -27.90
C LEU I 169 -82.55 -19.86 -27.95
N ALA I 170 -83.75 -20.32 -27.55
CA ALA I 170 -84.88 -19.41 -27.46
C ALA I 170 -84.63 -18.31 -26.46
N ASP I 171 -84.05 -18.65 -25.31
CA ASP I 171 -83.77 -17.64 -24.29
C ASP I 171 -82.82 -16.59 -24.83
N GLU I 172 -81.80 -17.03 -25.56
CA GLU I 172 -80.80 -16.09 -26.06
C GLU I 172 -81.35 -15.23 -27.19
N LEU I 173 -82.11 -15.81 -28.11
CA LEU I 173 -82.72 -14.99 -29.14
C LEU I 173 -83.68 -13.98 -28.54
N ILE I 174 -84.48 -14.40 -27.56
CA ILE I 174 -85.47 -13.47 -27.03
C ILE I 174 -84.78 -12.30 -26.33
N ASN I 175 -83.79 -12.56 -25.47
CA ASN I 175 -83.22 -11.40 -24.77
C ASN I 175 -82.27 -10.60 -25.67
N ALA I 176 -81.66 -11.23 -26.69
CA ALA I 176 -80.84 -10.48 -27.62
C ALA I 176 -81.69 -9.56 -28.48
N ALA I 177 -82.72 -10.10 -29.12
CA ALA I 177 -83.63 -9.26 -29.90
C ALA I 177 -84.31 -8.23 -29.02
N LYS I 178 -84.49 -8.53 -27.74
CA LYS I 178 -84.83 -7.49 -26.76
C LYS I 178 -83.76 -6.42 -26.73
N GLY I 179 -82.49 -6.81 -26.82
CA GLY I 179 -81.38 -5.88 -26.78
C GLY I 179 -80.67 -5.80 -25.46
N SER I 180 -81.07 -6.61 -24.48
CA SER I 180 -80.42 -6.56 -23.18
C SER I 180 -79.03 -7.15 -23.25
N SER I 181 -78.21 -6.83 -22.25
CA SER I 181 -76.90 -7.47 -22.10
C SER I 181 -77.02 -8.67 -21.16
N ASN I 182 -77.90 -9.58 -21.54
CA ASN I 182 -78.00 -10.89 -20.90
C ASN I 182 -77.62 -12.03 -21.81
N SER I 183 -77.32 -11.75 -23.08
CA SER I 183 -76.96 -12.80 -24.02
C SER I 183 -75.46 -12.85 -24.19
N TYR I 184 -74.90 -14.06 -24.13
CA TYR I 184 -73.54 -14.30 -24.60
C TYR I 184 -73.31 -13.59 -25.91
N ALA I 185 -74.30 -13.65 -26.79
CA ALA I 185 -74.16 -13.09 -28.11
C ALA I 185 -73.87 -11.60 -28.06
N ILE I 186 -74.73 -10.86 -27.36
CA ILE I 186 -74.56 -9.41 -27.32
C ILE I 186 -73.37 -9.02 -26.48
N LYS I 187 -73.02 -9.81 -25.46
CA LYS I 187 -71.82 -9.52 -24.67
C LYS I 187 -70.58 -9.58 -25.56
N LYS I 188 -70.39 -10.69 -26.30
CA LYS I 188 -69.26 -10.78 -27.20
C LYS I 188 -69.31 -9.71 -28.28
N LYS I 189 -70.50 -9.43 -28.83
CA LYS I 189 -70.65 -8.31 -29.75
C LYS I 189 -70.04 -7.05 -29.17
N ASP I 190 -70.48 -6.67 -27.98
CA ASP I 190 -70.13 -5.38 -27.43
C ASP I 190 -68.65 -5.35 -27.08
N GLU I 191 -68.09 -6.48 -26.67
CA GLU I 191 -66.65 -6.48 -26.37
C GLU I 191 -65.81 -6.36 -27.63
N ILE I 192 -66.18 -7.07 -28.71
CA ILE I 192 -65.48 -6.89 -29.97
C ILE I 192 -65.57 -5.43 -30.42
N GLU I 193 -66.75 -4.85 -30.31
CA GLU I 193 -66.93 -3.47 -30.73
C GLU I 193 -66.09 -2.52 -29.89
N ARG I 194 -66.01 -2.75 -28.57
CA ARG I 194 -65.23 -1.83 -27.74
C ARG I 194 -63.73 -2.05 -27.91
N VAL I 195 -63.28 -3.25 -28.22
CA VAL I 195 -61.87 -3.44 -28.55
C VAL I 195 -61.52 -2.70 -29.83
N ALA I 196 -62.38 -2.80 -30.84
CA ALA I 196 -62.13 -2.07 -32.06
C ALA I 196 -62.20 -0.56 -31.83
N LYS I 197 -63.11 -0.10 -30.98
CA LYS I 197 -63.16 1.31 -30.61
C LYS I 197 -61.88 1.73 -29.91
N ALA I 198 -61.31 0.85 -29.10
CA ALA I 198 -60.02 1.12 -28.47
C ALA I 198 -58.94 1.30 -29.54
N ASN I 199 -58.81 0.34 -30.44
CA ASN I 199 -57.80 0.37 -31.49
C ASN I 199 -58.19 1.26 -32.65
N ARG I 200 -59.23 2.07 -32.49
CA ARG I 200 -59.64 3.02 -33.51
C ARG I 200 -58.48 3.93 -33.88
N PRO J 10 -106.64 -42.29 -72.54
CA PRO J 10 -105.37 -42.99 -72.78
C PRO J 10 -104.27 -42.55 -71.82
N GLY J 11 -104.66 -42.10 -70.63
CA GLY J 11 -103.71 -41.60 -69.65
C GLY J 11 -102.92 -42.66 -68.91
N THR J 12 -101.60 -42.66 -69.10
CA THR J 12 -100.71 -43.57 -68.39
C THR J 12 -99.29 -43.03 -68.49
N VAL J 13 -98.72 -42.60 -67.37
CA VAL J 13 -97.35 -42.09 -67.32
C VAL J 13 -96.60 -42.84 -66.24
N GLN J 14 -95.27 -42.90 -66.37
CA GLN J 14 -94.43 -43.58 -65.38
C GLN J 14 -93.10 -42.83 -65.37
N CYS J 15 -93.01 -41.83 -64.49
CA CYS J 15 -91.96 -40.81 -64.52
C CYS J 15 -91.22 -40.77 -63.19
N PHE J 16 -89.91 -40.48 -63.24
CA PHE J 16 -89.06 -40.74 -62.08
C PHE J 16 -88.37 -39.47 -61.56
N GLY J 17 -87.44 -39.70 -60.64
CA GLY J 17 -86.67 -38.64 -60.00
C GLY J 17 -85.51 -39.28 -59.27
N ARG J 18 -84.42 -38.52 -59.12
CA ARG J 18 -83.17 -39.16 -58.73
C ARG J 18 -82.34 -38.26 -57.83
N LYS J 19 -81.70 -38.87 -56.85
CA LYS J 19 -80.87 -38.15 -55.88
C LYS J 19 -79.62 -39.02 -55.71
N LYS J 20 -78.83 -38.77 -54.67
CA LYS J 20 -77.52 -39.38 -54.51
C LYS J 20 -77.49 -40.80 -55.08
N THR J 21 -78.34 -41.66 -54.55
CA THR J 21 -78.64 -42.93 -55.21
C THR J 21 -80.12 -43.23 -55.18
N ALA J 22 -80.90 -42.54 -54.36
CA ALA J 22 -82.33 -42.80 -54.23
C ALA J 22 -83.04 -42.50 -55.54
N VAL J 23 -83.64 -43.53 -56.12
CA VAL J 23 -84.36 -43.43 -57.38
C VAL J 23 -85.85 -43.67 -57.09
N ALA J 24 -86.70 -42.73 -57.49
CA ALA J 24 -88.12 -42.81 -57.22
C ALA J 24 -88.90 -42.74 -58.51
N VAL J 25 -89.82 -43.68 -58.70
CA VAL J 25 -90.62 -43.77 -59.92
C VAL J 25 -92.08 -43.68 -59.54
N ALA J 26 -92.80 -42.72 -60.14
CA ALA J 26 -94.22 -42.52 -59.93
C ALA J 26 -94.96 -42.94 -61.18
N TYR J 27 -95.76 -43.99 -61.07
CA TYR J 27 -96.60 -44.45 -62.17
C TYR J 27 -98.04 -44.06 -61.87
N CYS J 28 -98.72 -43.50 -62.86
CA CYS J 28 -100.01 -42.88 -62.63
C CYS J 28 -101.11 -43.55 -63.45
N LYS J 29 -102.31 -43.48 -62.90
CA LYS J 29 -103.58 -43.67 -63.56
C LYS J 29 -104.29 -42.34 -63.61
N PRO J 30 -105.25 -42.18 -64.48
CA PRO J 30 -106.20 -41.08 -64.29
C PRO J 30 -107.35 -41.50 -63.38
N GLY J 31 -106.99 -41.85 -62.14
CA GLY J 31 -107.98 -42.13 -61.12
C GLY J 31 -108.55 -40.85 -60.53
N ARG J 32 -108.84 -40.83 -59.23
CA ARG J 32 -109.47 -39.65 -58.64
C ARG J 32 -108.55 -38.91 -57.69
N GLY J 33 -108.10 -39.52 -56.60
CA GLY J 33 -107.32 -38.72 -55.67
C GLY J 33 -106.20 -39.44 -54.95
N LEU J 34 -105.95 -40.69 -55.30
CA LEU J 34 -104.99 -41.48 -54.54
C LEU J 34 -103.57 -41.00 -54.80
N ILE J 35 -102.84 -40.81 -53.71
CA ILE J 35 -101.41 -40.54 -53.76
C ILE J 35 -100.75 -41.33 -52.64
N LYS J 36 -100.06 -42.41 -52.98
CA LYS J 36 -99.43 -43.27 -51.99
C LYS J 36 -97.94 -43.28 -52.23
N VAL J 37 -97.22 -43.74 -51.22
CA VAL J 37 -95.82 -44.15 -51.34
C VAL J 37 -95.71 -45.58 -50.84
N ASN J 38 -95.33 -46.49 -51.71
CA ASN J 38 -95.11 -47.89 -51.34
C ASN J 38 -96.36 -48.50 -50.74
N GLY J 39 -97.54 -48.08 -51.22
CA GLY J 39 -98.78 -48.47 -50.60
C GLY J 39 -99.17 -47.67 -49.38
N ALA J 40 -98.20 -47.09 -48.68
CA ALA J 40 -98.50 -46.23 -47.56
C ALA J 40 -98.82 -44.83 -48.06
N PRO J 41 -99.81 -44.15 -47.47
CA PRO J 41 -100.10 -42.79 -47.91
C PRO J 41 -98.91 -41.88 -47.75
N ILE J 42 -98.80 -40.91 -48.66
CA ILE J 42 -97.78 -39.88 -48.51
C ILE J 42 -97.98 -39.09 -47.22
N GLU J 43 -99.21 -39.03 -46.72
CA GLU J 43 -99.49 -38.34 -45.47
C GLU J 43 -98.65 -38.89 -44.31
N LEU J 44 -98.02 -40.06 -44.48
CA LEU J 44 -97.29 -40.75 -43.43
C LEU J 44 -95.79 -40.83 -43.69
N ILE J 45 -95.28 -40.19 -44.74
CA ILE J 45 -93.87 -40.35 -45.08
C ILE J 45 -93.02 -40.03 -43.86
N ARG J 46 -91.92 -40.78 -43.70
CA ARG J 46 -91.46 -40.88 -42.32
C ARG J 46 -89.97 -40.52 -42.09
N PRO J 47 -89.46 -39.50 -42.71
CA PRO J 47 -88.80 -38.47 -41.89
C PRO J 47 -89.87 -37.48 -41.51
N GLU J 48 -90.25 -37.47 -40.25
CA GLU J 48 -91.49 -36.80 -39.92
C GLU J 48 -91.27 -35.35 -39.53
N MET J 49 -90.06 -34.85 -39.74
CA MET J 49 -89.85 -33.44 -39.99
C MET J 49 -89.70 -33.12 -41.47
N LEU J 50 -89.08 -34.00 -42.24
CA LEU J 50 -89.08 -33.90 -43.69
C LEU J 50 -90.31 -34.57 -44.28
N ARG J 51 -91.46 -34.31 -43.65
CA ARG J 51 -92.74 -34.59 -44.23
C ARG J 51 -93.33 -33.38 -44.93
N LEU J 52 -92.79 -32.19 -44.71
CA LEU J 52 -93.13 -31.05 -45.56
C LEU J 52 -92.55 -31.21 -46.95
N LYS J 53 -91.32 -31.73 -47.05
CA LYS J 53 -90.63 -31.74 -48.34
C LYS J 53 -91.38 -32.57 -49.37
N ALA J 54 -91.74 -33.80 -49.01
CA ALA J 54 -92.46 -34.67 -49.94
C ALA J 54 -93.81 -34.08 -50.32
N PHE J 55 -94.39 -33.24 -49.46
CA PHE J 55 -95.65 -32.57 -49.78
C PHE J 55 -95.48 -31.31 -50.60
N GLU J 56 -94.27 -30.77 -50.70
CA GLU J 56 -94.10 -29.47 -51.37
C GLU J 56 -94.69 -29.41 -52.76
N PRO J 57 -94.50 -30.39 -53.65
CA PRO J 57 -95.23 -30.32 -54.93
C PRO J 57 -96.73 -30.32 -54.73
N ILE J 58 -97.20 -31.14 -53.79
CA ILE J 58 -98.63 -31.31 -53.58
C ILE J 58 -99.24 -30.01 -53.07
N LEU J 59 -98.53 -29.29 -52.22
CA LEU J 59 -99.08 -28.06 -51.64
C LEU J 59 -98.82 -26.85 -52.52
N LEU J 60 -97.76 -26.89 -53.33
CA LEU J 60 -97.55 -25.83 -54.31
C LEU J 60 -98.62 -25.86 -55.39
N ALA J 61 -98.98 -27.04 -55.87
CA ALA J 61 -100.01 -27.14 -56.89
C ALA J 61 -101.41 -27.03 -56.28
N GLY J 62 -101.73 -27.93 -55.35
CA GLY J 62 -103.06 -27.99 -54.77
C GLY J 62 -103.68 -29.32 -55.12
N ARG J 63 -104.61 -29.81 -54.31
CA ARG J 63 -105.28 -31.05 -54.66
C ARG J 63 -106.11 -30.92 -55.94
N SER J 64 -106.58 -29.71 -56.24
CA SER J 64 -107.38 -29.48 -57.44
C SER J 64 -106.65 -29.92 -58.70
N ARG J 65 -105.33 -29.93 -58.66
CA ARG J 65 -104.53 -30.45 -59.76
C ARG J 65 -104.29 -31.95 -59.61
N PHE J 66 -104.84 -32.57 -58.56
CA PHE J 66 -104.76 -34.01 -58.36
C PHE J 66 -106.12 -34.72 -58.35
N LYS J 67 -107.23 -34.01 -58.49
CA LYS J 67 -108.52 -34.72 -58.52
C LYS J 67 -108.70 -35.62 -59.74
N ASP J 68 -107.68 -35.88 -60.53
CA ASP J 68 -107.86 -36.82 -61.64
C ASP J 68 -106.65 -37.71 -61.86
N ILE J 69 -105.95 -38.09 -60.80
CA ILE J 69 -104.72 -38.86 -60.96
C ILE J 69 -104.47 -39.70 -59.71
N ASP J 70 -103.89 -40.88 -59.92
CA ASP J 70 -103.47 -41.75 -58.83
C ASP J 70 -101.98 -41.99 -58.98
N MET J 71 -101.21 -41.68 -57.95
CA MET J 71 -99.76 -41.85 -57.98
C MET J 71 -99.37 -42.96 -57.03
N ARG J 72 -99.07 -44.14 -57.58
CA ARG J 72 -98.48 -45.23 -56.82
C ARG J 72 -96.97 -45.14 -57.02
N ILE J 73 -96.36 -44.20 -56.31
CA ILE J 73 -94.95 -43.91 -56.46
C ILE J 73 -94.15 -44.90 -55.62
N ARG J 74 -93.10 -45.44 -56.21
CA ARG J 74 -92.23 -46.40 -55.56
C ARG J 74 -90.81 -45.87 -55.52
N VAL J 75 -90.11 -46.15 -54.43
CA VAL J 75 -88.76 -45.66 -54.22
C VAL J 75 -87.87 -46.80 -53.77
N ARG J 76 -86.67 -46.85 -54.34
CA ARG J 76 -85.72 -47.93 -54.10
C ARG J 76 -84.33 -47.34 -53.99
N GLY J 77 -83.54 -47.86 -53.07
CA GLY J 77 -82.16 -47.44 -52.95
C GLY J 77 -82.02 -46.10 -52.25
N GLY J 78 -80.77 -45.66 -52.17
CA GLY J 78 -80.47 -44.39 -51.53
C GLY J 78 -80.36 -44.50 -50.03
N GLY J 79 -80.71 -43.41 -49.34
CA GLY J 79 -80.71 -43.37 -47.90
C GLY J 79 -82.08 -43.08 -47.34
N LYS J 80 -82.22 -42.01 -46.56
CA LYS J 80 -83.51 -41.59 -46.03
C LYS J 80 -83.93 -40.23 -46.57
N THR J 81 -83.14 -39.20 -46.30
CA THR J 81 -83.39 -37.89 -46.88
C THR J 81 -83.18 -37.91 -48.38
N SER J 82 -82.27 -38.76 -48.85
CA SER J 82 -82.15 -38.96 -50.29
C SER J 82 -83.48 -39.43 -50.87
N GLN J 83 -84.16 -40.34 -50.17
CA GLN J 83 -85.46 -40.78 -50.66
C GLN J 83 -86.50 -39.68 -50.58
N ILE J 84 -86.49 -38.86 -49.52
CA ILE J 84 -87.41 -37.73 -49.54
C ILE J 84 -87.16 -36.86 -50.75
N TYR J 85 -85.90 -36.64 -51.09
CA TYR J 85 -85.58 -35.71 -52.14
C TYR J 85 -85.77 -36.33 -53.51
N SER J 86 -85.83 -37.65 -53.59
CA SER J 86 -86.26 -38.31 -54.80
C SER J 86 -87.78 -38.25 -54.95
N ILE J 87 -88.52 -38.42 -53.86
CA ILE J 87 -89.98 -38.37 -53.93
C ILE J 87 -90.45 -37.00 -54.38
N ARG J 88 -89.89 -35.95 -53.80
CA ARG J 88 -90.21 -34.60 -54.27
C ARG J 88 -90.01 -34.48 -55.76
N GLN J 89 -88.84 -34.92 -56.23
CA GLN J 89 -88.48 -34.79 -57.62
C GLN J 89 -89.43 -35.59 -58.51
N ALA J 90 -89.73 -36.82 -58.12
CA ALA J 90 -90.53 -37.69 -58.96
C ALA J 90 -91.99 -37.27 -58.98
N ILE J 91 -92.53 -36.76 -57.87
CA ILE J 91 -93.85 -36.15 -57.91
C ILE J 91 -93.86 -34.96 -58.87
N ALA J 92 -92.89 -34.05 -58.74
CA ALA J 92 -92.89 -32.88 -59.59
C ALA J 92 -92.75 -33.26 -61.07
N LYS J 93 -91.84 -34.19 -61.36
CA LYS J 93 -91.54 -34.54 -62.73
C LYS J 93 -92.64 -35.38 -63.36
N SER J 94 -93.29 -36.26 -62.59
CA SER J 94 -94.46 -36.94 -63.09
C SER J 94 -95.61 -35.98 -63.32
N LEU J 95 -95.80 -34.98 -62.46
CA LEU J 95 -96.83 -33.99 -62.69
C LEU J 95 -96.60 -33.26 -64.00
N VAL J 96 -95.38 -32.77 -64.22
CA VAL J 96 -95.16 -32.00 -65.44
C VAL J 96 -95.24 -32.89 -66.66
N ALA J 97 -94.76 -34.14 -66.58
CA ALA J 97 -94.89 -35.03 -67.73
C ALA J 97 -96.36 -35.32 -68.04
N TYR J 98 -97.17 -35.56 -67.01
CA TYR J 98 -98.56 -35.89 -67.23
C TYR J 98 -99.32 -34.69 -67.80
N TYR J 99 -99.10 -33.50 -67.26
CA TYR J 99 -99.77 -32.33 -67.84
C TYR J 99 -99.31 -32.09 -69.26
N GLN J 100 -98.00 -32.16 -69.51
CA GLN J 100 -97.50 -31.86 -70.85
C GLN J 100 -98.05 -32.82 -71.88
N LYS J 101 -98.23 -34.09 -71.51
CA LYS J 101 -98.73 -35.02 -72.51
C LYS J 101 -100.25 -35.11 -72.56
N TYR J 102 -100.95 -34.73 -71.50
CA TYR J 102 -102.39 -35.01 -71.45
C TYR J 102 -103.26 -33.81 -71.11
N VAL J 103 -102.72 -32.72 -70.60
CA VAL J 103 -103.54 -31.53 -70.38
C VAL J 103 -103.29 -30.54 -71.50
N ASP J 104 -102.09 -29.96 -71.52
CA ASP J 104 -101.64 -29.08 -72.60
C ASP J 104 -100.25 -28.59 -72.29
N GLU J 105 -99.53 -28.21 -73.35
CA GLU J 105 -98.22 -27.60 -73.18
C GLU J 105 -98.32 -26.27 -72.46
N ALA J 106 -99.20 -25.39 -72.95
CA ALA J 106 -99.31 -24.07 -72.34
C ALA J 106 -99.85 -24.17 -70.92
N ALA J 107 -100.82 -25.05 -70.68
CA ALA J 107 -101.30 -25.23 -69.32
C ALA J 107 -100.23 -25.83 -68.41
N LYS J 108 -99.31 -26.61 -68.97
CA LYS J 108 -98.17 -27.12 -68.22
C LYS J 108 -97.17 -26.02 -67.92
N LYS J 109 -97.12 -25.00 -68.76
CA LYS J 109 -96.18 -23.91 -68.55
C LYS J 109 -96.40 -23.24 -67.20
N GLU J 110 -97.67 -23.03 -66.80
CA GLU J 110 -97.92 -22.43 -65.50
C GLU J 110 -97.38 -23.32 -64.38
N VAL J 111 -97.49 -24.64 -64.54
CA VAL J 111 -97.01 -25.54 -63.51
C VAL J 111 -95.50 -25.46 -63.39
N LYS J 112 -94.78 -25.52 -64.52
CA LYS J 112 -93.33 -25.41 -64.45
C LYS J 112 -92.89 -24.07 -63.92
N GLU J 113 -93.58 -22.99 -64.28
CA GLU J 113 -93.14 -21.68 -63.80
C GLU J 113 -93.43 -21.49 -62.32
N ILE J 114 -94.50 -22.08 -61.79
CA ILE J 114 -94.68 -22.09 -60.33
C ILE J 114 -93.57 -22.90 -59.67
N PHE J 115 -93.27 -24.09 -60.19
CA PHE J 115 -92.29 -24.93 -59.51
C PHE J 115 -90.89 -24.33 -59.58
N ALA J 116 -90.42 -23.98 -60.78
CA ALA J 116 -89.14 -23.31 -60.95
C ALA J 116 -89.13 -21.92 -60.32
N ARG J 117 -90.28 -21.36 -59.98
CA ARG J 117 -90.31 -20.14 -59.20
C ARG J 117 -89.98 -20.45 -57.75
N TYR J 118 -90.61 -21.47 -57.19
CA TYR J 118 -90.27 -21.89 -55.82
C TYR J 118 -88.81 -22.30 -55.72
N ASP J 119 -88.40 -23.25 -56.53
CA ASP J 119 -86.99 -23.63 -56.63
C ASP J 119 -86.80 -24.39 -57.92
N ARG J 120 -85.55 -24.62 -58.28
CA ARG J 120 -85.30 -25.38 -59.49
C ARG J 120 -84.98 -26.84 -59.23
N THR J 121 -84.67 -27.22 -58.01
CA THR J 121 -84.24 -28.57 -57.73
C THR J 121 -85.40 -29.54 -57.57
N LEU J 122 -86.64 -29.06 -57.70
CA LEU J 122 -87.77 -29.98 -57.71
C LEU J 122 -87.76 -30.82 -58.98
N LEU J 123 -87.33 -30.22 -60.09
CA LEU J 123 -87.54 -30.76 -61.42
C LEU J 123 -86.28 -31.36 -62.03
N VAL J 124 -85.11 -30.93 -61.57
CA VAL J 124 -83.84 -31.27 -62.17
C VAL J 124 -82.97 -31.96 -61.13
N ALA J 125 -82.38 -33.08 -61.51
CA ALA J 125 -81.61 -33.89 -60.56
C ALA J 125 -80.33 -33.16 -60.16
N ASP J 126 -79.74 -33.61 -59.06
CA ASP J 126 -78.53 -33.00 -58.54
C ASP J 126 -77.33 -33.83 -58.96
N PRO J 127 -76.33 -33.26 -59.64
CA PRO J 127 -75.24 -34.08 -60.18
C PRO J 127 -74.24 -34.54 -59.14
N ARG J 128 -74.45 -34.20 -57.87
CA ARG J 128 -73.45 -34.43 -56.84
C ARG J 128 -73.51 -35.86 -56.34
N ARG J 129 -72.34 -36.49 -56.26
CA ARG J 129 -72.20 -37.88 -55.83
C ARG J 129 -71.05 -37.96 -54.82
N CYS J 130 -70.84 -39.14 -54.26
CA CYS J 130 -69.76 -39.39 -53.31
C CYS J 130 -68.48 -39.69 -54.08
N GLU J 131 -67.40 -38.92 -53.80
CA GLU J 131 -66.33 -39.22 -54.74
C GLU J 131 -65.24 -40.06 -54.08
N PRO J 132 -64.57 -40.89 -54.88
CA PRO J 132 -63.77 -41.97 -54.31
C PRO J 132 -62.69 -41.46 -53.39
N LYS J 133 -62.34 -42.30 -52.44
CA LYS J 133 -61.38 -41.95 -51.39
C LYS J 133 -60.00 -42.39 -51.85
N LYS J 134 -59.02 -41.51 -51.67
CA LYS J 134 -57.68 -41.72 -52.19
C LYS J 134 -56.76 -42.23 -51.08
N PHE J 135 -55.90 -43.16 -51.45
CA PHE J 135 -54.97 -43.75 -50.50
C PHE J 135 -54.13 -42.68 -49.84
N GLY J 136 -53.59 -43.00 -48.67
CA GLY J 136 -52.87 -42.01 -47.92
C GLY J 136 -53.74 -41.12 -47.08
N GLY J 137 -54.91 -41.58 -46.69
CA GLY J 137 -55.75 -40.87 -45.75
C GLY J 137 -57.19 -41.28 -45.89
N ARG J 138 -57.87 -41.59 -44.79
CA ARG J 138 -59.28 -41.93 -44.87
C ARG J 138 -60.05 -40.64 -45.07
N GLY J 139 -60.78 -40.56 -46.17
CA GLY J 139 -61.44 -39.32 -46.50
C GLY J 139 -61.31 -39.02 -47.98
N ALA J 140 -62.36 -38.45 -48.55
CA ALA J 140 -62.33 -38.14 -49.96
C ALA J 140 -61.37 -37.01 -50.24
N ARG J 141 -61.18 -36.13 -49.28
CA ARG J 141 -60.35 -34.95 -49.46
C ARG J 141 -59.42 -34.74 -48.27
N ALA J 142 -59.51 -35.58 -47.25
CA ALA J 142 -58.65 -35.52 -46.08
C ALA J 142 -57.39 -36.34 -46.30
N ARG J 143 -56.53 -36.34 -45.28
CA ARG J 143 -55.30 -37.11 -45.29
C ARG J 143 -55.00 -37.54 -43.86
N PHE J 144 -54.10 -38.51 -43.72
CA PHE J 144 -53.62 -38.89 -42.41
C PHE J 144 -52.97 -37.69 -41.74
N GLN J 145 -52.99 -37.67 -40.41
CA GLN J 145 -52.27 -36.61 -39.72
C GLN J 145 -50.78 -36.80 -39.89
N LYS J 146 -50.07 -35.71 -40.11
CA LYS J 146 -48.68 -35.74 -40.51
C LYS J 146 -47.80 -35.34 -39.33
N SER J 147 -46.76 -36.13 -39.09
CA SER J 147 -45.81 -35.84 -38.04
C SER J 147 -44.42 -35.74 -38.64
N TYR J 148 -43.67 -34.73 -38.21
CA TYR J 148 -42.29 -34.60 -38.64
C TYR J 148 -41.34 -35.32 -37.69
N ARG J 149 -41.65 -35.30 -36.39
CA ARG J 149 -40.81 -35.96 -35.40
C ARG J 149 -41.58 -37.03 -34.65
N VAL K 24 -89.45 -81.20 -81.39
CA VAL K 24 -88.49 -81.22 -82.48
C VAL K 24 -87.43 -80.15 -82.22
N GLN K 25 -87.85 -78.90 -82.19
CA GLN K 25 -86.97 -77.75 -82.02
C GLN K 25 -86.75 -77.51 -80.54
N HIS K 26 -85.55 -77.79 -80.06
CA HIS K 26 -85.24 -77.81 -78.64
C HIS K 26 -84.87 -76.40 -78.19
N ARG K 27 -84.52 -76.22 -76.91
CA ARG K 27 -84.15 -74.91 -76.38
C ARG K 27 -82.73 -74.95 -75.84
N ILE K 28 -81.84 -74.18 -76.48
CA ILE K 28 -80.40 -74.21 -76.25
C ILE K 28 -79.98 -72.82 -75.82
N ARG K 29 -78.92 -72.72 -75.02
CA ARG K 29 -78.42 -71.42 -74.57
C ARG K 29 -76.93 -71.33 -74.86
N ILE K 30 -76.46 -70.12 -75.13
CA ILE K 30 -75.05 -69.88 -75.42
C ILE K 30 -74.52 -68.89 -74.40
N THR K 31 -73.49 -69.32 -73.66
CA THR K 31 -72.91 -68.57 -72.55
C THR K 31 -71.56 -68.06 -73.01
N LEU K 32 -71.39 -66.73 -73.02
CA LEU K 32 -70.24 -66.17 -73.72
C LEU K 32 -69.65 -65.01 -72.93
N SER K 33 -68.35 -65.06 -72.69
CA SER K 33 -67.70 -63.99 -71.92
C SER K 33 -66.25 -63.87 -72.32
N SER K 34 -65.66 -62.74 -71.98
CA SER K 34 -64.33 -62.43 -72.47
C SER K 34 -63.70 -61.38 -71.56
N LYS K 35 -62.63 -60.75 -72.04
CA LYS K 35 -62.04 -59.60 -71.39
C LYS K 35 -62.23 -58.29 -72.16
N SER K 36 -62.54 -58.35 -73.46
CA SER K 36 -62.52 -57.19 -74.32
C SER K 36 -63.91 -56.82 -74.82
N VAL K 37 -64.23 -55.52 -74.70
CA VAL K 37 -65.53 -55.02 -75.14
C VAL K 37 -65.71 -55.21 -76.64
N LYS K 38 -64.81 -54.62 -77.43
CA LYS K 38 -64.93 -54.70 -78.89
C LYS K 38 -64.98 -56.15 -79.35
N ASN K 39 -64.09 -56.96 -78.83
CA ASN K 39 -63.94 -58.32 -79.33
C ASN K 39 -65.17 -59.17 -78.99
N LEU K 40 -65.68 -59.02 -77.76
CA LEU K 40 -66.92 -59.68 -77.40
C LEU K 40 -68.09 -59.19 -78.24
N GLU K 41 -68.19 -57.88 -78.45
CA GLU K 41 -69.30 -57.35 -79.23
C GLU K 41 -69.25 -57.83 -80.66
N LYS K 42 -68.05 -58.12 -81.16
CA LYS K 42 -67.94 -58.66 -82.50
C LYS K 42 -68.40 -60.11 -82.54
N VAL K 43 -67.99 -60.91 -81.56
CA VAL K 43 -68.35 -62.33 -81.56
C VAL K 43 -69.85 -62.50 -81.40
N CYS K 44 -70.45 -61.79 -80.46
CA CYS K 44 -71.88 -61.95 -80.25
C CYS K 44 -72.66 -61.57 -81.49
N SER K 45 -72.27 -60.49 -82.16
CA SER K 45 -72.98 -60.09 -83.37
C SER K 45 -72.79 -61.11 -84.48
N ASP K 46 -71.61 -61.74 -84.54
CA ASP K 46 -71.43 -62.83 -85.51
C ASP K 46 -72.42 -63.96 -85.26
N LEU K 47 -72.52 -64.43 -84.01
CA LEU K 47 -73.49 -65.50 -83.74
C LEU K 47 -74.91 -65.03 -84.04
N VAL K 48 -75.23 -63.79 -83.68
CA VAL K 48 -76.61 -63.30 -83.83
C VAL K 48 -77.00 -63.25 -85.30
N LYS K 49 -76.13 -62.68 -86.15
CA LYS K 49 -76.48 -62.66 -87.56
C LYS K 49 -76.44 -64.06 -88.17
N GLY K 50 -75.61 -64.95 -87.63
CA GLY K 50 -75.74 -66.34 -88.02
C GLY K 50 -77.13 -66.87 -87.75
N ALA K 51 -77.66 -66.57 -86.57
CA ALA K 51 -78.99 -67.04 -86.22
C ALA K 51 -80.04 -66.43 -87.14
N LYS K 52 -79.90 -65.15 -87.46
CA LYS K 52 -80.90 -64.51 -88.29
C LYS K 52 -80.85 -64.98 -89.73
N GLU K 53 -79.68 -65.43 -90.20
CA GLU K 53 -79.62 -66.03 -91.53
C GLU K 53 -80.43 -67.31 -91.61
N LYS K 54 -80.43 -68.12 -90.55
CA LYS K 54 -81.19 -69.36 -90.52
C LYS K 54 -82.55 -69.21 -89.87
N GLN K 55 -82.97 -67.97 -89.58
CA GLN K 55 -84.33 -67.69 -89.12
C GLN K 55 -84.68 -68.48 -87.86
N LEU K 56 -83.73 -68.51 -86.94
CA LEU K 56 -83.97 -69.15 -85.66
C LEU K 56 -84.89 -68.29 -84.82
N LYS K 57 -85.50 -68.90 -83.81
CA LYS K 57 -86.13 -68.11 -82.74
C LYS K 57 -85.03 -67.77 -81.74
N VAL K 58 -84.47 -66.58 -81.87
CA VAL K 58 -83.30 -66.16 -81.11
C VAL K 58 -83.70 -64.99 -80.22
N LYS K 59 -83.11 -64.94 -79.02
CA LYS K 59 -83.51 -63.97 -78.00
C LYS K 59 -82.23 -63.55 -77.28
N GLY K 60 -81.77 -62.34 -77.61
CA GLY K 60 -80.53 -61.82 -77.08
C GLY K 60 -79.92 -60.82 -78.03
N PRO K 61 -78.65 -60.44 -77.79
CA PRO K 61 -77.83 -60.93 -76.69
C PRO K 61 -78.04 -60.14 -75.40
N VAL K 62 -78.59 -60.82 -74.40
CA VAL K 62 -78.83 -60.19 -73.11
C VAL K 62 -77.48 -59.89 -72.48
N ARG K 63 -77.35 -58.68 -71.95
CA ARG K 63 -76.10 -58.27 -71.34
C ARG K 63 -76.22 -58.48 -69.84
N MET K 64 -75.12 -58.87 -69.21
CA MET K 64 -75.10 -59.25 -67.81
C MET K 64 -74.06 -58.38 -67.12
N PRO K 65 -74.22 -58.04 -65.83
CA PRO K 65 -73.36 -57.00 -65.27
C PRO K 65 -71.92 -57.46 -65.16
N THR K 66 -71.01 -56.50 -65.37
CA THR K 66 -69.61 -56.80 -65.58
C THR K 66 -68.91 -56.98 -64.24
N LYS K 67 -68.28 -58.13 -64.06
CA LYS K 67 -67.60 -58.43 -62.81
C LYS K 67 -66.19 -57.85 -62.83
N VAL K 68 -65.90 -57.02 -61.85
CA VAL K 68 -64.67 -56.22 -61.85
C VAL K 68 -63.75 -56.72 -60.74
N LEU K 69 -62.89 -57.68 -61.08
CA LEU K 69 -61.83 -58.09 -60.17
C LEU K 69 -60.93 -56.91 -59.90
N ASN K 70 -60.58 -56.71 -58.63
CA ASN K 70 -59.73 -55.59 -58.26
C ASN K 70 -58.67 -56.05 -57.28
N ILE K 71 -57.52 -55.40 -57.34
CA ILE K 71 -56.46 -55.63 -56.37
C ILE K 71 -55.83 -54.28 -56.03
N THR K 72 -55.54 -54.08 -54.75
CA THR K 72 -54.74 -52.97 -54.30
C THR K 72 -53.41 -53.52 -53.79
N THR K 73 -52.31 -52.98 -54.29
CA THR K 73 -50.99 -53.48 -53.93
C THR K 73 -50.09 -52.31 -53.62
N ARG K 74 -49.35 -52.39 -52.53
CA ARG K 74 -48.38 -51.35 -52.24
C ARG K 74 -47.27 -51.44 -53.26
N LYS K 75 -47.16 -50.42 -54.12
CA LYS K 75 -46.29 -50.56 -55.29
C LYS K 75 -44.81 -50.57 -54.95
N SER K 76 -44.44 -50.23 -53.73
CA SER K 76 -43.06 -50.40 -53.31
C SER K 76 -42.73 -51.88 -53.13
N PRO K 77 -41.49 -52.28 -53.39
CA PRO K 77 -41.07 -53.66 -53.10
C PRO K 77 -40.28 -53.81 -51.81
N CYS K 78 -40.13 -52.75 -51.01
CA CYS K 78 -39.39 -52.82 -49.76
C CYS K 78 -40.11 -52.17 -48.60
N GLY K 79 -41.04 -51.25 -48.84
CA GLY K 79 -41.77 -50.63 -47.76
C GLY K 79 -41.10 -49.43 -47.12
N GLU K 80 -40.83 -48.39 -47.89
CA GLU K 80 -40.53 -47.07 -47.33
C GLU K 80 -41.05 -46.01 -48.29
N GLY K 81 -40.74 -44.78 -47.99
CA GLY K 81 -41.25 -43.69 -48.78
C GLY K 81 -42.72 -43.50 -48.50
N THR K 82 -43.34 -42.63 -49.29
CA THR K 82 -44.77 -42.41 -49.13
C THR K 82 -45.50 -43.70 -49.46
N ASN K 83 -46.47 -44.05 -48.62
CA ASN K 83 -47.26 -45.25 -48.81
C ASN K 83 -48.15 -45.06 -50.02
N THR K 84 -47.74 -45.63 -51.15
CA THR K 84 -48.44 -45.46 -52.42
C THR K 84 -48.86 -46.82 -52.93
N TRP K 85 -50.17 -46.98 -53.16
CA TRP K 85 -50.74 -48.21 -53.67
C TRP K 85 -51.13 -48.05 -55.13
N ASP K 86 -51.25 -49.17 -55.81
CA ASP K 86 -51.76 -49.19 -57.18
C ASP K 86 -52.91 -50.17 -57.24
N ARG K 87 -53.91 -49.83 -58.03
CA ARG K 87 -55.11 -50.65 -58.14
C ARG K 87 -55.14 -51.25 -59.53
N PHE K 88 -55.25 -52.57 -59.60
CA PHE K 88 -55.52 -53.26 -60.83
C PHE K 88 -56.99 -53.64 -60.89
N GLU K 89 -57.52 -53.73 -62.11
CA GLU K 89 -58.88 -54.20 -62.29
C GLU K 89 -58.98 -54.99 -63.59
N MET K 90 -59.35 -56.26 -63.49
CA MET K 90 -59.79 -57.05 -64.64
C MET K 90 -61.29 -56.99 -64.73
N ARG K 91 -61.81 -56.52 -65.84
CA ARG K 91 -63.24 -56.58 -66.08
C ARG K 91 -63.58 -57.83 -66.88
N VAL K 92 -64.59 -58.55 -66.42
CA VAL K 92 -65.07 -59.74 -67.08
C VAL K 92 -66.52 -59.46 -67.49
N HIS K 93 -66.78 -59.57 -68.78
CA HIS K 93 -68.05 -59.16 -69.37
C HIS K 93 -68.87 -60.39 -69.72
N LYS K 94 -70.10 -60.46 -69.23
CA LYS K 94 -70.91 -61.66 -69.27
C LYS K 94 -72.04 -61.43 -70.27
N ARG K 95 -72.26 -62.39 -71.18
CA ARG K 95 -73.31 -62.24 -72.17
C ARG K 95 -73.96 -63.61 -72.37
N VAL K 96 -75.25 -63.61 -72.71
CA VAL K 96 -75.93 -64.85 -73.03
C VAL K 96 -76.87 -64.63 -74.20
N ILE K 97 -77.09 -65.70 -74.98
CA ILE K 97 -78.11 -65.68 -76.02
C ILE K 97 -78.92 -66.96 -75.90
N ASP K 98 -80.24 -66.85 -76.11
CA ASP K 98 -81.11 -68.01 -76.17
C ASP K 98 -81.41 -68.34 -77.61
N LEU K 99 -81.34 -69.63 -77.95
CA LEU K 99 -81.68 -70.11 -79.27
C LEU K 99 -82.74 -71.19 -79.13
N VAL K 100 -83.74 -71.16 -80.01
CA VAL K 100 -84.75 -72.21 -80.06
C VAL K 100 -84.40 -73.05 -81.27
N SER K 101 -83.58 -74.07 -81.06
CA SER K 101 -83.13 -74.90 -82.17
C SER K 101 -82.82 -76.29 -81.64
N SER K 102 -82.48 -77.16 -82.58
CA SER K 102 -81.91 -78.48 -82.43
C SER K 102 -80.39 -78.37 -82.41
N PRO K 103 -79.71 -79.15 -81.57
CA PRO K 103 -78.25 -79.01 -81.48
C PRO K 103 -77.52 -79.35 -82.77
N ASP K 104 -78.11 -80.15 -83.67
CA ASP K 104 -77.47 -80.32 -84.96
C ASP K 104 -77.46 -79.02 -85.74
N VAL K 105 -78.53 -78.23 -85.64
CA VAL K 105 -78.53 -76.87 -86.21
C VAL K 105 -77.53 -76.00 -85.46
N VAL K 106 -77.39 -76.21 -84.16
CA VAL K 106 -76.45 -75.41 -83.37
C VAL K 106 -75.03 -75.61 -83.86
N LYS K 107 -74.65 -76.84 -84.16
CA LYS K 107 -73.32 -77.06 -84.71
C LYS K 107 -73.27 -76.80 -86.22
N GLN K 108 -74.43 -76.74 -86.88
CA GLN K 108 -74.50 -76.19 -88.24
C GLN K 108 -74.09 -74.72 -88.24
N ILE K 109 -74.46 -74.00 -87.20
CA ILE K 109 -74.15 -72.57 -87.13
C ILE K 109 -72.79 -72.35 -86.51
N THR K 110 -72.65 -72.68 -85.22
CA THR K 110 -71.61 -72.11 -84.37
C THR K 110 -70.26 -72.78 -84.60
N SER K 111 -69.86 -72.82 -85.86
CA SER K 111 -68.56 -73.32 -86.23
C SER K 111 -67.74 -72.26 -86.95
N ILE K 112 -68.32 -71.09 -87.18
CA ILE K 112 -67.66 -70.00 -87.89
C ILE K 112 -66.56 -69.45 -86.98
N THR K 113 -65.70 -68.61 -87.53
CA THR K 113 -64.56 -68.08 -86.79
C THR K 113 -65.03 -67.45 -85.48
N ILE K 114 -64.27 -67.70 -84.42
CA ILE K 114 -64.46 -67.03 -83.14
C ILE K 114 -63.30 -66.09 -82.93
N GLU K 115 -63.63 -64.82 -82.68
CA GLU K 115 -62.62 -63.78 -82.57
C GLU K 115 -61.83 -63.99 -81.27
N PRO K 116 -60.67 -63.33 -81.15
CA PRO K 116 -59.77 -63.62 -80.02
C PRO K 116 -60.40 -63.41 -78.66
N GLY K 117 -59.88 -64.13 -77.66
CA GLY K 117 -60.14 -63.78 -76.27
C GLY K 117 -61.53 -64.07 -75.76
N VAL K 118 -62.49 -64.21 -76.67
CA VAL K 118 -63.87 -64.49 -76.29
C VAL K 118 -64.06 -65.98 -76.06
N GLU K 119 -64.99 -66.34 -75.18
CA GLU K 119 -65.16 -67.72 -74.72
C GLU K 119 -66.62 -68.13 -74.80
N VAL K 120 -66.85 -69.33 -75.35
CA VAL K 120 -68.16 -69.83 -75.74
C VAL K 120 -68.37 -71.19 -75.07
N GLU K 121 -69.48 -71.34 -74.33
CA GLU K 121 -69.74 -72.57 -73.58
C GLU K 121 -71.21 -73.01 -73.68
N VAL K 122 -71.69 -73.26 -74.89
CA VAL K 122 -73.07 -73.65 -75.14
C VAL K 122 -73.59 -74.68 -74.13
N THR K 123 -74.83 -74.47 -73.66
CA THR K 123 -75.46 -75.33 -72.67
C THR K 123 -76.87 -75.71 -73.10
N ILE K 124 -77.18 -77.00 -73.00
CA ILE K 124 -78.53 -77.51 -73.28
C ILE K 124 -79.37 -77.33 -72.03
N SER K 125 -80.44 -76.55 -72.15
CA SER K 125 -81.26 -76.20 -71.00
C SER K 125 -82.52 -77.05 -70.96
N ASP K 126 -83.40 -76.75 -70.01
CA ASP K 126 -84.71 -77.39 -69.88
C ASP K 126 -85.63 -76.91 -71.02
N VAL L 27 -64.23 36.29 -37.43
CA VAL L 27 -63.13 36.39 -36.50
C VAL L 27 -62.15 35.25 -36.72
N PHE L 28 -60.86 35.59 -36.69
CA PHE L 28 -59.76 34.71 -37.08
C PHE L 28 -58.91 34.34 -35.88
N GLY L 29 -58.29 33.17 -35.98
CA GLY L 29 -57.20 32.79 -35.10
C GLY L 29 -56.02 32.34 -35.93
N VAL L 30 -54.99 31.84 -35.26
CA VAL L 30 -53.84 31.27 -35.93
C VAL L 30 -53.62 29.87 -35.37
N ALA L 31 -53.68 28.87 -36.23
CA ALA L 31 -53.53 27.46 -35.86
C ALA L 31 -52.11 27.02 -36.16
N HIS L 32 -51.24 27.20 -35.18
CA HIS L 32 -49.87 26.74 -35.24
C HIS L 32 -49.92 25.22 -35.12
N ILE L 33 -50.04 24.56 -36.26
CA ILE L 33 -50.05 23.10 -36.27
C ILE L 33 -48.60 22.63 -36.35
N PHE L 34 -48.01 22.31 -35.21
CA PHE L 34 -46.68 21.68 -35.18
C PHE L 34 -46.90 20.19 -35.35
N ALA L 35 -46.88 19.76 -36.61
CA ALA L 35 -47.19 18.39 -36.94
C ALA L 35 -45.88 17.76 -37.37
N SER L 36 -45.18 17.17 -36.42
CA SER L 36 -43.98 16.40 -36.65
C SER L 36 -44.31 14.93 -36.56
N PHE L 37 -43.30 14.10 -36.66
CA PHE L 37 -43.47 12.74 -36.20
C PHE L 37 -43.49 12.73 -34.67
N ASN L 38 -43.90 11.59 -34.13
CA ASN L 38 -43.82 11.27 -32.71
C ASN L 38 -44.86 12.00 -31.87
N ASP L 39 -45.53 13.01 -32.44
CA ASP L 39 -46.65 13.77 -31.88
C ASP L 39 -47.11 14.80 -32.90
N THR L 40 -48.28 15.38 -32.63
CA THR L 40 -48.82 16.50 -33.37
C THR L 40 -49.40 17.46 -32.35
N PHE L 41 -49.09 18.75 -32.50
CA PHE L 41 -49.49 19.77 -31.55
C PHE L 41 -50.38 20.75 -32.30
N ILE L 42 -51.56 21.02 -31.77
CA ILE L 42 -52.46 21.99 -32.37
C ILE L 42 -52.50 23.17 -31.43
N HIS L 43 -52.05 24.34 -31.87
CA HIS L 43 -52.00 25.50 -30.99
C HIS L 43 -52.79 26.63 -31.62
N VAL L 44 -53.77 27.17 -30.93
CA VAL L 44 -54.55 28.29 -31.48
C VAL L 44 -54.22 29.53 -30.68
N THR L 45 -53.74 30.55 -31.37
CA THR L 45 -53.35 31.80 -30.75
C THR L 45 -54.00 32.97 -31.47
N ASP L 46 -53.97 34.14 -30.83
CA ASP L 46 -54.61 35.31 -31.42
C ASP L 46 -53.77 35.78 -32.60
N LEU L 47 -54.14 36.92 -33.18
CA LEU L 47 -53.47 37.33 -34.41
C LEU L 47 -52.05 37.79 -34.18
N SER L 48 -51.62 37.91 -32.92
CA SER L 48 -50.31 38.45 -32.61
C SER L 48 -49.39 37.44 -31.94
N GLY L 49 -49.85 36.20 -31.72
CA GLY L 49 -49.01 35.12 -31.26
C GLY L 49 -48.62 35.20 -29.80
N ARG L 50 -49.06 36.22 -29.07
CA ARG L 50 -48.67 36.40 -27.68
C ARG L 50 -49.62 35.74 -26.69
N GLU L 51 -50.64 35.03 -27.15
CA GLU L 51 -51.61 34.49 -26.20
C GLU L 51 -52.22 33.22 -26.78
N THR L 52 -52.18 32.13 -26.03
CA THR L 52 -52.74 30.84 -26.46
C THR L 52 -54.22 30.76 -26.18
N LEU L 53 -55.02 30.64 -27.24
CA LEU L 53 -56.45 30.38 -27.04
C LEU L 53 -56.68 28.95 -26.57
N VAL L 54 -56.05 27.96 -27.21
CA VAL L 54 -56.21 26.58 -26.78
C VAL L 54 -55.11 25.74 -27.41
N ARG L 55 -54.70 24.68 -26.70
CA ARG L 55 -53.50 23.92 -27.09
C ARG L 55 -53.70 22.46 -26.70
N ILE L 56 -54.05 21.62 -27.67
CA ILE L 56 -54.18 20.18 -27.48
C ILE L 56 -53.16 19.45 -28.33
N THR L 57 -52.49 18.48 -27.75
CA THR L 57 -51.55 17.65 -28.47
C THR L 57 -52.23 16.35 -28.90
N GLY L 58 -51.58 15.64 -29.80
CA GLY L 58 -52.07 14.33 -30.16
C GLY L 58 -51.91 13.34 -29.03
N GLY L 59 -50.96 13.57 -28.13
CA GLY L 59 -50.73 12.64 -27.04
C GLY L 59 -51.67 12.80 -25.87
N MET L 60 -52.25 13.98 -25.69
CA MET L 60 -53.22 14.17 -24.62
C MET L 60 -54.45 13.31 -24.78
N LYS L 61 -54.67 12.75 -25.97
CA LYS L 61 -55.93 12.14 -26.32
C LYS L 61 -55.81 10.65 -26.61
N VAL L 62 -54.63 10.06 -26.39
CA VAL L 62 -54.40 8.65 -26.63
C VAL L 62 -53.64 8.10 -25.44
N LYS L 63 -53.74 6.79 -25.23
CA LYS L 63 -53.00 6.14 -24.15
C LYS L 63 -51.59 5.74 -24.56
N ALA L 64 -51.38 5.45 -25.84
CA ALA L 64 -50.14 4.84 -26.31
C ALA L 64 -49.13 5.89 -26.77
N ASP L 65 -47.87 5.70 -26.37
CA ASP L 65 -46.77 6.53 -26.81
C ASP L 65 -46.43 6.31 -28.27
N ARG L 66 -47.03 5.30 -28.90
CA ARG L 66 -46.87 5.08 -30.34
C ARG L 66 -48.09 5.55 -31.12
N ASP L 67 -49.27 5.46 -30.55
CA ASP L 67 -50.44 6.03 -31.18
C ASP L 67 -50.61 7.52 -30.90
N GLU L 68 -49.72 8.12 -30.11
CA GLU L 68 -49.74 9.57 -29.97
C GLU L 68 -49.34 10.29 -31.25
N SER L 69 -48.81 9.56 -32.23
CA SER L 69 -48.41 10.13 -33.53
C SER L 69 -49.24 9.61 -34.69
N SER L 70 -50.24 8.78 -34.44
CA SER L 70 -51.09 8.31 -35.52
C SER L 70 -51.90 9.47 -36.07
N PRO L 71 -52.41 9.35 -37.30
CA PRO L 71 -53.28 10.41 -37.82
C PRO L 71 -54.56 10.61 -37.03
N TYR L 72 -55.12 9.56 -36.44
CA TYR L 72 -56.38 9.68 -35.70
C TYR L 72 -56.25 10.63 -34.52
N ALA L 73 -55.12 10.56 -33.81
CA ALA L 73 -54.87 11.51 -32.73
C ALA L 73 -55.06 12.91 -33.22
N ALA L 74 -54.62 13.20 -34.45
CA ALA L 74 -54.81 14.53 -35.01
C ALA L 74 -56.27 14.82 -35.26
N MET L 75 -57.04 13.83 -35.71
CA MET L 75 -58.49 14.05 -35.84
C MET L 75 -59.09 14.52 -34.53
N LEU L 76 -59.06 13.69 -33.49
CA LEU L 76 -59.82 14.08 -32.31
C LEU L 76 -59.19 15.29 -31.62
N ALA L 77 -57.86 15.42 -31.67
CA ALA L 77 -57.22 16.61 -31.11
C ALA L 77 -57.59 17.86 -31.87
N SER L 78 -57.95 17.74 -33.15
CA SER L 78 -58.39 18.91 -33.90
C SER L 78 -59.85 19.24 -33.62
N GLN L 79 -60.70 18.22 -33.58
CA GLN L 79 -62.10 18.50 -33.27
C GLN L 79 -62.25 19.10 -31.90
N ASP L 80 -61.40 18.71 -30.95
CA ASP L 80 -61.47 19.31 -29.62
C ASP L 80 -61.10 20.79 -29.66
N VAL L 81 -60.12 21.15 -30.48
CA VAL L 81 -59.80 22.56 -30.67
C VAL L 81 -60.95 23.30 -31.32
N ALA L 82 -61.58 22.69 -32.32
CA ALA L 82 -62.69 23.35 -32.98
C ALA L 82 -63.83 23.62 -32.01
N THR L 83 -64.16 22.64 -31.17
CA THR L 83 -65.20 22.86 -30.18
C THR L 83 -64.81 23.97 -29.20
N ARG L 84 -63.57 23.95 -28.71
CA ARG L 84 -63.16 24.99 -27.78
C ARG L 84 -63.13 26.37 -28.42
N CYS L 85 -62.85 26.44 -29.73
CA CYS L 85 -62.83 27.73 -30.40
C CYS L 85 -64.23 28.26 -30.63
N LYS L 86 -65.19 27.37 -30.91
CA LYS L 86 -66.55 27.87 -31.00
C LYS L 86 -67.13 28.17 -29.63
N GLU L 87 -66.56 27.60 -28.56
CA GLU L 87 -66.94 27.95 -27.20
C GLU L 87 -66.53 29.37 -26.86
N LEU L 88 -65.72 30.02 -27.69
CA LEU L 88 -65.01 31.21 -27.29
C LEU L 88 -65.09 32.35 -28.29
N GLY L 89 -65.36 32.08 -29.57
CA GLY L 89 -65.59 33.20 -30.46
C GLY L 89 -64.95 33.21 -31.83
N ILE L 90 -63.81 32.56 -32.01
CA ILE L 90 -63.19 32.53 -33.34
C ILE L 90 -63.92 31.52 -34.21
N THR L 91 -64.07 31.85 -35.49
CA THR L 91 -64.74 30.99 -36.45
C THR L 91 -63.86 30.60 -37.63
N ALA L 92 -62.87 31.41 -37.96
CA ALA L 92 -61.95 31.12 -39.04
C ALA L 92 -60.55 31.13 -38.47
N LEU L 93 -59.61 30.56 -39.22
CA LEU L 93 -58.38 30.13 -38.57
C LEU L 93 -57.28 30.00 -39.61
N HIS L 94 -56.21 30.77 -39.45
CA HIS L 94 -55.06 30.72 -40.35
C HIS L 94 -54.20 29.54 -39.98
N ILE L 95 -54.17 28.51 -40.82
CA ILE L 95 -53.28 27.39 -40.57
C ILE L 95 -51.83 27.83 -40.74
N LYS L 96 -50.97 27.36 -39.84
CA LYS L 96 -49.52 27.49 -39.96
C LYS L 96 -48.98 26.09 -39.76
N LEU L 97 -48.89 25.34 -40.86
CA LEU L 97 -48.37 23.99 -40.77
C LEU L 97 -46.86 24.07 -40.52
N ARG L 98 -46.35 23.10 -39.78
CA ARG L 98 -44.94 23.15 -39.40
C ARG L 98 -44.40 21.75 -39.17
N ALA L 99 -43.23 21.46 -39.73
CA ALA L 99 -42.52 20.24 -39.38
C ALA L 99 -41.65 20.52 -38.17
N THR L 100 -40.78 19.57 -37.79
CA THR L 100 -39.86 19.84 -36.70
C THR L 100 -39.00 21.06 -37.01
N GLY L 101 -38.58 21.21 -38.26
CA GLY L 101 -37.77 22.34 -38.63
C GLY L 101 -36.31 22.11 -38.27
N GLY L 102 -35.58 23.21 -38.15
CA GLY L 102 -34.19 23.13 -37.74
C GLY L 102 -33.39 22.20 -38.63
N ASN L 103 -32.45 21.49 -38.03
CA ASN L 103 -31.69 20.49 -38.77
C ASN L 103 -32.33 19.13 -38.62
N LYS L 104 -33.64 19.04 -38.84
CA LYS L 104 -34.32 17.76 -38.89
C LYS L 104 -35.19 17.72 -40.14
N THR L 105 -36.07 16.73 -40.22
CA THR L 105 -36.91 16.56 -41.39
C THR L 105 -37.75 17.81 -41.64
N LYS L 106 -37.90 18.15 -42.92
CA LYS L 106 -38.73 19.27 -43.33
C LYS L 106 -40.12 18.84 -43.78
N THR L 107 -40.43 17.55 -43.73
CA THR L 107 -41.72 17.06 -44.19
C THR L 107 -42.68 16.97 -43.02
N PRO L 108 -43.80 17.68 -43.03
CA PRO L 108 -44.74 17.56 -41.92
C PRO L 108 -45.16 16.12 -41.71
N GLY L 109 -45.31 15.75 -40.45
CA GLY L 109 -45.49 14.37 -40.08
C GLY L 109 -46.87 13.84 -40.44
N PRO L 110 -47.16 12.61 -40.00
CA PRO L 110 -48.41 11.96 -40.41
C PRO L 110 -49.64 12.72 -40.00
N GLY L 111 -49.59 13.50 -38.94
CA GLY L 111 -50.78 14.14 -38.44
C GLY L 111 -51.18 15.42 -39.13
N ALA L 112 -50.35 15.96 -40.01
CA ALA L 112 -50.63 17.28 -40.57
C ALA L 112 -51.88 17.27 -41.43
N GLN L 113 -51.87 16.48 -42.50
CA GLN L 113 -53.02 16.46 -43.41
C GLN L 113 -54.26 15.99 -42.68
N SER L 114 -54.10 15.01 -41.79
CA SER L 114 -55.23 14.49 -41.04
C SER L 114 -55.86 15.56 -40.15
N ALA L 115 -55.04 16.32 -39.42
CA ALA L 115 -55.58 17.38 -38.58
C ALA L 115 -56.20 18.49 -39.42
N LEU L 116 -55.61 18.78 -40.58
CA LEU L 116 -56.20 19.78 -41.45
C LEU L 116 -57.58 19.34 -41.95
N ARG L 117 -57.71 18.06 -42.33
CA ARG L 117 -59.02 17.54 -42.72
C ARG L 117 -60.02 17.66 -41.58
N ALA L 118 -59.59 17.30 -40.37
CA ALA L 118 -60.52 17.35 -39.25
C ALA L 118 -60.93 18.78 -38.94
N LEU L 119 -59.99 19.71 -38.93
CA LEU L 119 -60.26 21.10 -38.63
C LEU L 119 -61.01 21.79 -39.75
N ALA L 120 -61.02 21.21 -40.94
CA ALA L 120 -61.88 21.75 -41.98
C ALA L 120 -63.30 21.21 -41.87
N ARG L 121 -63.43 19.90 -41.75
CA ARG L 121 -64.74 19.30 -41.86
C ARG L 121 -65.54 19.36 -40.56
N SER L 122 -64.90 19.67 -39.43
CA SER L 122 -65.64 19.72 -38.18
C SER L 122 -66.54 20.95 -38.08
N GLY L 123 -66.43 21.87 -39.00
CA GLY L 123 -67.22 23.09 -38.99
C GLY L 123 -66.40 24.24 -38.47
N MET L 124 -65.83 25.00 -39.39
CA MET L 124 -64.91 26.10 -39.14
C MET L 124 -64.44 26.56 -40.52
N LYS L 125 -63.85 27.75 -40.57
CA LYS L 125 -63.39 28.28 -41.85
C LYS L 125 -61.88 28.47 -41.80
N ILE L 126 -61.19 28.06 -42.85
CA ILE L 126 -59.73 28.08 -42.89
C ILE L 126 -59.26 29.26 -43.73
N GLY L 127 -58.40 30.08 -43.15
CA GLY L 127 -58.08 31.37 -43.75
C GLY L 127 -57.05 31.37 -44.85
N ARG L 128 -55.80 31.03 -44.52
CA ARG L 128 -54.70 30.97 -45.49
C ARG L 128 -53.71 29.92 -45.02
N ILE L 129 -53.36 29.01 -45.92
CA ILE L 129 -52.54 27.84 -45.61
C ILE L 129 -51.10 28.20 -45.90
N GLU L 130 -50.19 27.77 -45.03
CA GLU L 130 -48.79 28.14 -45.18
C GLU L 130 -47.90 27.20 -44.38
N ASP L 131 -46.73 26.92 -44.92
CA ASP L 131 -45.79 25.97 -44.33
C ASP L 131 -44.59 26.76 -43.82
N VAL L 132 -44.46 26.85 -42.49
CA VAL L 132 -43.57 27.81 -41.88
C VAL L 132 -42.47 27.06 -41.14
N THR L 133 -42.13 25.87 -41.62
CA THR L 133 -41.15 25.04 -40.92
C THR L 133 -39.75 25.60 -41.09
N PRO L 134 -39.02 25.84 -39.99
CA PRO L 134 -37.70 26.48 -40.08
C PRO L 134 -36.74 25.70 -40.97
N VAL L 135 -36.29 26.34 -42.04
CA VAL L 135 -35.19 25.86 -42.87
C VAL L 135 -34.01 26.81 -42.67
N PRO L 136 -32.87 26.33 -42.20
CA PRO L 136 -31.74 27.22 -41.96
C PRO L 136 -31.03 27.56 -43.25
N THR L 137 -30.40 28.73 -43.26
CA THR L 137 -29.53 29.06 -44.38
C THR L 137 -28.38 28.08 -44.49
N ASP L 138 -27.77 27.71 -43.36
CA ASP L 138 -27.19 26.39 -43.27
C ASP L 138 -26.98 26.08 -41.81
N SER L 139 -27.18 24.81 -41.46
CA SER L 139 -27.40 24.40 -40.08
C SER L 139 -26.13 23.87 -39.44
N THR L 140 -26.20 23.77 -38.12
CA THR L 140 -25.14 23.20 -37.31
C THR L 140 -25.03 21.71 -37.59
N ARG L 141 -24.08 21.05 -36.94
CA ARG L 141 -23.98 19.61 -37.11
C ARG L 141 -25.26 18.92 -36.63
N ARG L 142 -25.74 17.97 -37.42
CA ARG L 142 -26.98 17.26 -37.16
C ARG L 142 -26.66 15.96 -36.44
N LYS L 143 -27.56 15.52 -35.57
CA LYS L 143 -27.27 14.40 -34.69
C LYS L 143 -27.06 13.11 -35.47
N GLY L 144 -26.11 12.31 -35.03
CA GLY L 144 -25.99 10.97 -35.57
C GLY L 144 -24.56 10.53 -35.81
N GLY L 145 -23.67 11.48 -35.98
CA GLY L 145 -22.32 11.14 -36.33
C GLY L 145 -22.21 10.90 -37.82
N ARG L 146 -21.01 10.49 -38.23
CA ARG L 146 -20.73 10.42 -39.65
C ARG L 146 -21.57 9.35 -40.34
N ARG L 147 -21.55 8.13 -39.83
CA ARG L 147 -22.19 7.02 -40.52
C ARG L 147 -23.67 6.91 -40.19
N GLY L 148 -24.21 7.88 -39.48
CA GLY L 148 -25.66 8.01 -39.34
C GLY L 148 -26.27 6.93 -38.50
N ARG L 149 -27.58 7.07 -38.33
CA ARG L 149 -28.38 6.13 -37.54
C ARG L 149 -28.48 4.84 -38.33
N ARG L 150 -27.70 3.84 -37.94
CA ARG L 150 -27.62 2.57 -38.66
C ARG L 150 -28.31 1.48 -37.82
N LEU L 151 -29.60 1.34 -38.06
CA LEU L 151 -30.45 0.56 -37.18
C LEU L 151 -31.06 -0.62 -37.92
N ALA M 5 -94.43 -37.64 -2.12
CA ALA M 5 -95.12 -38.02 -0.90
C ALA M 5 -94.25 -38.95 -0.08
N GLY M 6 -93.40 -38.37 0.76
CA GLY M 6 -92.44 -39.14 1.53
C GLY M 6 -92.60 -39.04 3.03
N GLU M 7 -93.83 -39.17 3.53
CA GLU M 7 -94.15 -38.99 4.94
C GLU M 7 -93.06 -39.50 5.87
N GLU M 8 -92.44 -40.61 5.50
CA GLU M 8 -91.35 -41.25 6.21
C GLU M 8 -90.16 -41.48 5.30
N PHE M 9 -89.90 -40.52 4.42
CA PHE M 9 -88.88 -40.70 3.38
C PHE M 9 -87.51 -40.85 4.00
N GLN M 10 -86.88 -42.01 3.77
CA GLN M 10 -85.59 -42.32 4.35
C GLN M 10 -84.49 -42.06 3.33
N HIS M 11 -83.57 -41.15 3.67
CA HIS M 11 -82.60 -40.64 2.70
C HIS M 11 -81.41 -41.55 2.49
N ILE M 12 -81.00 -42.30 3.50
CA ILE M 12 -80.02 -43.38 3.34
C ILE M 12 -80.45 -44.57 4.17
N LEU M 13 -80.31 -45.77 3.61
CA LEU M 13 -81.04 -46.94 4.06
C LEU M 13 -80.21 -47.94 4.86
N ARG M 14 -78.92 -48.05 4.62
CA ARG M 14 -78.05 -49.03 5.28
C ARG M 14 -78.36 -50.46 4.91
N VAL M 15 -78.97 -50.72 3.76
CA VAL M 15 -79.22 -52.10 3.35
C VAL M 15 -77.91 -52.82 3.22
N LEU M 16 -77.80 -53.98 3.89
CA LEU M 16 -76.64 -54.86 3.80
C LEU M 16 -75.33 -54.13 4.11
N ASN M 17 -75.46 -52.98 4.78
CA ASN M 17 -74.33 -52.17 5.25
C ASN M 17 -73.47 -51.70 4.09
N THR M 18 -74.11 -51.06 3.12
CA THR M 18 -73.42 -50.42 2.01
C THR M 18 -73.91 -49.02 1.71
N ASN M 19 -74.84 -48.47 2.50
CA ASN M 19 -75.35 -47.12 2.32
C ASN M 19 -76.00 -46.96 0.93
N VAL M 20 -77.11 -47.67 0.78
CA VAL M 20 -77.99 -47.38 -0.35
C VAL M 20 -78.51 -45.96 -0.24
N ASP M 21 -78.15 -45.13 -1.21
CA ASP M 21 -78.71 -43.78 -1.26
C ASP M 21 -80.22 -43.87 -1.47
N GLY M 22 -80.94 -43.04 -0.74
CA GLY M 22 -82.38 -43.14 -0.71
C GLY M 22 -83.12 -42.34 -1.75
N LYS M 23 -82.42 -41.86 -2.77
CA LYS M 23 -83.02 -40.96 -3.74
C LYS M 23 -83.03 -41.51 -5.15
N GLN M 24 -82.58 -42.75 -5.34
CA GLN M 24 -82.50 -43.38 -6.65
C GLN M 24 -83.54 -44.48 -6.72
N LYS M 25 -83.89 -44.91 -7.94
CA LYS M 25 -84.72 -46.09 -8.06
C LYS M 25 -84.14 -47.24 -7.25
N ILE M 26 -85.02 -48.08 -6.71
CA ILE M 26 -84.54 -49.35 -6.18
C ILE M 26 -83.77 -50.09 -7.23
N MET M 27 -84.10 -49.87 -8.50
CA MET M 27 -83.30 -50.37 -9.60
C MET M 27 -81.83 -50.03 -9.43
N PHE M 28 -81.50 -48.75 -9.53
CA PHE M 28 -80.12 -48.30 -9.70
C PHE M 28 -79.55 -47.75 -8.40
N ALA M 29 -80.16 -48.07 -7.26
CA ALA M 29 -79.59 -47.75 -5.97
C ALA M 29 -78.88 -48.95 -5.36
N LEU M 30 -79.40 -50.15 -5.58
CA LEU M 30 -78.73 -51.36 -5.11
C LEU M 30 -77.41 -51.58 -5.81
N THR M 31 -77.15 -50.88 -6.91
CA THR M 31 -75.88 -51.02 -7.61
C THR M 31 -74.72 -50.68 -6.68
N SER M 32 -74.96 -49.83 -5.68
CA SER M 32 -73.92 -49.47 -4.73
C SER M 32 -73.39 -50.69 -4.00
N ILE M 33 -74.23 -51.68 -3.78
CA ILE M 33 -73.78 -52.92 -3.16
C ILE M 33 -72.81 -53.62 -4.08
N LYS M 34 -71.70 -54.09 -3.53
CA LYS M 34 -70.68 -54.76 -4.34
C LYS M 34 -71.14 -56.16 -4.64
N GLY M 35 -71.65 -56.38 -5.84
CA GLY M 35 -72.14 -57.68 -6.21
C GLY M 35 -73.50 -57.58 -6.86
N VAL M 36 -74.00 -56.36 -6.99
CA VAL M 36 -75.31 -56.09 -7.55
C VAL M 36 -75.10 -55.09 -8.68
N GLY M 37 -74.92 -55.57 -9.89
CA GLY M 37 -74.84 -54.69 -11.04
C GLY M 37 -76.20 -54.16 -11.41
N ARG M 38 -76.23 -53.44 -12.52
CA ARG M 38 -77.51 -52.93 -13.02
C ARG M 38 -78.45 -54.07 -13.35
N ARG M 39 -77.93 -55.11 -13.99
CA ARG M 39 -78.75 -56.23 -14.42
C ARG M 39 -79.20 -57.09 -13.25
N PHE M 40 -78.27 -57.51 -12.39
CA PHE M 40 -78.68 -58.33 -11.26
C PHE M 40 -79.58 -57.54 -10.32
N SER M 41 -79.38 -56.22 -10.22
CA SER M 41 -80.31 -55.40 -9.48
C SER M 41 -81.70 -55.46 -10.08
N ASN M 42 -81.80 -55.36 -11.41
CA ASN M 42 -83.12 -55.37 -12.02
C ASN M 42 -83.81 -56.70 -11.80
N ILE M 43 -83.08 -57.80 -11.96
CA ILE M 43 -83.72 -59.10 -11.79
C ILE M 43 -84.06 -59.35 -10.33
N VAL M 44 -83.26 -58.86 -9.39
CA VAL M 44 -83.64 -58.94 -7.99
C VAL M 44 -84.93 -58.19 -7.74
N CYS M 45 -85.06 -56.99 -8.31
CA CYS M 45 -86.29 -56.24 -8.12
C CYS M 45 -87.49 -56.96 -8.71
N LYS M 46 -87.32 -57.60 -9.86
CA LYS M 46 -88.40 -58.38 -10.44
C LYS M 46 -88.80 -59.55 -9.54
N LYS M 47 -87.83 -60.38 -9.15
CA LYS M 47 -88.17 -61.58 -8.41
C LYS M 47 -88.57 -61.30 -6.98
N ALA M 48 -88.26 -60.11 -6.46
CA ALA M 48 -88.88 -59.65 -5.23
C ALA M 48 -90.19 -58.92 -5.48
N ASP M 49 -90.57 -58.74 -6.74
CA ASP M 49 -91.93 -58.34 -7.11
C ASP M 49 -92.28 -56.99 -6.47
N ILE M 50 -91.57 -55.97 -6.93
CA ILE M 50 -91.59 -54.65 -6.31
C ILE M 50 -91.99 -53.62 -7.36
N ASP M 51 -92.85 -52.67 -6.96
CA ASP M 51 -93.22 -51.59 -7.87
C ASP M 51 -91.98 -50.78 -8.19
N MET M 52 -91.62 -50.74 -9.46
CA MET M 52 -90.29 -50.30 -9.88
C MET M 52 -90.19 -48.79 -9.93
N ASN M 53 -91.31 -48.10 -10.07
CA ASN M 53 -91.35 -46.65 -10.20
C ASN M 53 -91.27 -46.02 -8.81
N LYS M 54 -90.29 -46.46 -8.02
CA LYS M 54 -90.31 -46.21 -6.58
C LYS M 54 -88.90 -45.86 -6.15
N ARG M 55 -88.73 -44.66 -5.61
CA ARG M 55 -87.44 -44.27 -5.06
C ARG M 55 -87.20 -45.02 -3.76
N ALA M 56 -86.14 -45.83 -3.73
CA ALA M 56 -85.78 -46.58 -2.54
C ALA M 56 -85.64 -45.60 -1.39
N GLY M 57 -86.56 -45.63 -0.45
CA GLY M 57 -86.64 -44.60 0.57
C GLY M 57 -88.10 -44.31 0.85
N GLU M 58 -88.90 -44.40 -0.20
CA GLU M 58 -90.35 -44.52 -0.06
C GLU M 58 -90.78 -45.97 0.03
N LEU M 59 -89.87 -46.90 -0.20
CA LEU M 59 -90.18 -48.31 -0.21
C LEU M 59 -90.20 -48.83 1.23
N SER M 60 -90.94 -49.91 1.48
CA SER M 60 -91.24 -50.37 2.83
C SER M 60 -90.33 -51.53 3.27
N ALA M 61 -90.42 -51.84 4.57
CA ALA M 61 -89.47 -52.76 5.19
C ALA M 61 -89.69 -54.21 4.79
N GLU M 62 -90.95 -54.61 4.60
CA GLU M 62 -91.22 -55.95 4.06
C GLU M 62 -90.50 -56.14 2.73
N GLU M 63 -90.49 -55.09 1.91
CA GLU M 63 -89.80 -55.13 0.64
C GLU M 63 -88.29 -55.22 0.82
N MET M 64 -87.75 -54.53 1.83
CA MET M 64 -86.34 -54.70 2.17
C MET M 64 -86.05 -56.15 2.55
N ASP M 65 -86.98 -56.77 3.27
CA ASP M 65 -86.83 -58.15 3.69
C ASP M 65 -86.84 -59.09 2.50
N ARG M 66 -87.74 -58.85 1.55
CA ARG M 66 -87.78 -59.71 0.37
C ARG M 66 -86.54 -59.52 -0.48
N LEU M 67 -86.02 -58.30 -0.55
CA LEU M 67 -84.75 -58.10 -1.24
C LEU M 67 -83.64 -58.90 -0.57
N MET M 68 -83.61 -58.89 0.76
CA MET M 68 -82.72 -59.80 1.50
C MET M 68 -82.90 -61.24 1.07
N ALA M 69 -84.14 -61.71 1.03
CA ALA M 69 -84.39 -63.12 0.76
C ALA M 69 -83.95 -63.51 -0.64
N VAL M 70 -84.24 -62.67 -1.63
CA VAL M 70 -83.92 -63.02 -3.01
C VAL M 70 -82.43 -62.99 -3.28
N VAL M 71 -81.65 -62.29 -2.45
CA VAL M 71 -80.22 -62.20 -2.67
C VAL M 71 -79.44 -63.16 -1.78
N HIS M 72 -80.07 -63.71 -0.74
CA HIS M 72 -79.45 -64.80 0.01
C HIS M 72 -80.09 -66.16 -0.20
N ASN M 73 -81.07 -66.27 -1.08
CA ASN M 73 -81.46 -67.57 -1.60
C ASN M 73 -81.98 -67.37 -3.03
N PRO M 74 -81.12 -66.93 -3.94
CA PRO M 74 -81.59 -66.68 -5.31
C PRO M 74 -81.93 -67.96 -6.07
N ARG M 75 -81.10 -69.00 -5.96
CA ARG M 75 -81.33 -70.21 -6.74
C ARG M 75 -82.68 -70.85 -6.44
N GLN M 76 -83.27 -70.56 -5.29
CA GLN M 76 -84.59 -71.08 -4.98
C GLN M 76 -85.69 -70.42 -5.81
N PHE M 77 -85.38 -69.32 -6.51
CA PHE M 77 -86.35 -68.61 -7.32
C PHE M 77 -86.35 -69.06 -8.77
N LYS M 78 -85.73 -70.20 -9.07
CA LYS M 78 -85.50 -70.68 -10.43
C LYS M 78 -84.62 -69.73 -11.24
N VAL M 79 -84.11 -68.66 -10.61
CA VAL M 79 -83.25 -67.74 -11.36
C VAL M 79 -82.01 -68.51 -11.82
N PRO M 80 -81.58 -68.37 -13.07
CA PRO M 80 -80.67 -69.37 -13.63
C PRO M 80 -79.31 -69.33 -12.95
N ASP M 81 -78.57 -70.41 -13.14
CA ASP M 81 -77.24 -70.52 -12.58
C ASP M 81 -76.29 -69.47 -13.13
N TRP M 82 -76.71 -68.70 -14.14
CA TRP M 82 -75.76 -67.90 -14.91
C TRP M 82 -75.83 -66.40 -14.65
N PHE M 83 -76.75 -65.91 -13.83
CA PHE M 83 -76.54 -64.58 -13.26
C PHE M 83 -75.48 -64.58 -12.18
N LEU M 84 -75.33 -65.69 -11.47
CA LEU M 84 -74.50 -65.67 -10.29
C LEU M 84 -73.04 -65.47 -10.70
N ASN M 85 -72.22 -65.03 -9.75
CA ASN M 85 -70.88 -64.58 -10.07
C ASN M 85 -69.79 -65.41 -9.44
N ARG M 86 -70.13 -66.56 -8.86
CA ARG M 86 -69.18 -67.59 -8.46
C ARG M 86 -69.59 -68.94 -9.00
N LYS M 87 -69.92 -68.97 -10.29
CA LYS M 87 -70.29 -70.21 -10.95
C LYS M 87 -69.15 -71.22 -10.85
N LYS M 88 -69.53 -72.48 -10.64
CA LYS M 88 -68.64 -73.64 -10.60
C LYS M 88 -67.35 -73.33 -9.83
N ASP M 89 -67.55 -72.83 -8.61
CA ASP M 89 -66.45 -72.58 -7.70
C ASP M 89 -65.61 -73.83 -7.52
N TYR M 90 -64.40 -73.65 -7.01
CA TYR M 90 -63.52 -74.78 -6.74
C TYR M 90 -63.25 -74.98 -5.26
N LYS M 91 -63.65 -74.05 -4.40
CA LYS M 91 -63.69 -74.32 -2.97
C LYS M 91 -64.66 -75.48 -2.77
N ASP M 92 -65.94 -75.21 -3.00
CA ASP M 92 -67.00 -76.20 -2.90
C ASP M 92 -67.43 -76.68 -4.28
N GLY M 93 -67.84 -75.76 -5.14
CA GLY M 93 -68.52 -76.07 -6.38
C GLY M 93 -69.94 -75.56 -6.42
N ARG M 94 -70.43 -74.91 -5.39
CA ARG M 94 -71.77 -74.37 -5.41
C ARG M 94 -71.80 -73.04 -6.16
N PHE M 95 -72.98 -72.69 -6.64
CA PHE M 95 -73.18 -71.52 -7.46
C PHE M 95 -73.69 -70.42 -6.54
N SER M 96 -72.92 -69.34 -6.42
CA SER M 96 -73.21 -68.34 -5.40
C SER M 96 -73.19 -66.94 -6.00
N GLN M 97 -73.93 -66.04 -5.35
CA GLN M 97 -73.86 -64.61 -5.59
C GLN M 97 -73.15 -64.00 -4.40
N VAL M 98 -71.85 -63.75 -4.56
CA VAL M 98 -71.05 -63.18 -3.49
C VAL M 98 -71.36 -61.70 -3.34
N VAL M 99 -71.30 -61.23 -2.10
CA VAL M 99 -71.99 -60.03 -1.66
C VAL M 99 -70.95 -59.04 -1.14
N SER M 100 -71.39 -57.85 -0.69
CA SER M 100 -70.58 -56.63 -0.60
C SER M 100 -69.15 -56.85 -0.17
N ASN M 101 -68.93 -57.40 1.01
CA ASN M 101 -67.57 -57.65 1.49
C ASN M 101 -67.11 -59.07 1.17
N ALA M 102 -68.05 -59.99 0.96
CA ALA M 102 -67.67 -61.33 0.52
C ALA M 102 -66.96 -61.29 -0.82
N VAL M 103 -67.26 -60.31 -1.67
CA VAL M 103 -66.58 -60.23 -2.95
C VAL M 103 -65.11 -59.92 -2.77
N ASP M 104 -64.80 -58.97 -1.89
CA ASP M 104 -63.42 -58.70 -1.52
C ASP M 104 -62.75 -59.94 -0.96
N MET M 105 -63.45 -60.64 -0.07
CA MET M 105 -62.91 -61.87 0.51
C MET M 105 -62.59 -62.90 -0.58
N LYS M 106 -63.53 -63.12 -1.50
CA LYS M 106 -63.34 -64.14 -2.54
C LYS M 106 -62.24 -63.75 -3.50
N LEU M 107 -62.13 -62.46 -3.82
CA LEU M 107 -61.03 -62.01 -4.66
C LEU M 107 -59.71 -62.31 -4.00
N ARG M 108 -59.60 -62.05 -2.70
CA ARG M 108 -58.35 -62.40 -2.02
C ARG M 108 -58.16 -63.90 -1.97
N ASP M 109 -59.25 -64.66 -1.88
CA ASP M 109 -59.15 -66.13 -1.90
C ASP M 109 -58.48 -66.61 -3.17
N ASP M 110 -58.98 -66.15 -4.31
CA ASP M 110 -58.41 -66.56 -5.59
C ASP M 110 -56.96 -66.10 -5.71
N LEU M 111 -56.70 -64.84 -5.36
CA LEU M 111 -55.32 -64.36 -5.45
C LEU M 111 -54.37 -65.17 -4.57
N GLU M 112 -54.76 -65.49 -3.34
CA GLU M 112 -53.85 -66.21 -2.46
C GLU M 112 -53.67 -67.64 -2.95
N ARG M 113 -54.73 -68.24 -3.49
CA ARG M 113 -54.55 -69.55 -4.12
C ARG M 113 -53.42 -69.49 -5.13
N LEU M 114 -53.51 -68.54 -6.04
CA LEU M 114 -52.52 -68.46 -7.11
C LEU M 114 -51.14 -68.10 -6.59
N LYS M 115 -51.07 -67.27 -5.56
CA LYS M 115 -49.79 -66.91 -4.95
C LYS M 115 -49.10 -68.14 -4.37
N LYS M 116 -49.85 -68.99 -3.67
CA LYS M 116 -49.25 -70.23 -3.18
C LYS M 116 -48.86 -71.14 -4.32
N ILE M 117 -49.74 -71.29 -5.31
CA ILE M 117 -49.53 -72.24 -6.38
C ILE M 117 -48.33 -71.85 -7.22
N ARG M 118 -47.90 -70.59 -7.16
CA ARG M 118 -46.81 -70.05 -7.96
C ARG M 118 -47.22 -69.85 -9.42
N ASN M 119 -48.48 -69.49 -9.66
CA ASN M 119 -48.91 -69.25 -11.02
C ASN M 119 -48.16 -68.09 -11.64
N HIS M 120 -47.99 -68.15 -12.95
CA HIS M 120 -47.56 -66.95 -13.67
C HIS M 120 -48.58 -65.83 -13.45
N ARG M 121 -49.87 -66.16 -13.50
CA ARG M 121 -50.91 -65.17 -13.25
C ARG M 121 -50.74 -64.56 -11.86
N GLY M 122 -50.45 -65.38 -10.87
CA GLY M 122 -50.34 -64.93 -9.50
C GLY M 122 -49.10 -64.12 -9.22
N LEU M 123 -47.93 -64.60 -9.63
CA LEU M 123 -46.73 -63.79 -9.51
C LEU M 123 -46.86 -62.51 -10.32
N ARG M 124 -47.64 -62.53 -11.40
CA ARG M 124 -47.91 -61.32 -12.16
C ARG M 124 -48.67 -60.31 -11.31
N HIS M 125 -49.69 -60.78 -10.58
CA HIS M 125 -50.37 -59.92 -9.61
C HIS M 125 -49.39 -59.43 -8.55
N TYR M 126 -48.55 -60.33 -8.08
CA TYR M 126 -47.62 -60.07 -6.99
C TYR M 126 -46.56 -59.04 -7.38
N TRP M 127 -46.26 -58.93 -8.67
CA TRP M 127 -45.38 -57.89 -9.17
C TRP M 127 -46.13 -56.60 -9.48
N GLY M 128 -47.41 -56.70 -9.83
CA GLY M 128 -48.25 -55.54 -10.00
C GLY M 128 -48.49 -55.13 -11.43
N VAL M 129 -47.70 -55.64 -12.37
CA VAL M 129 -47.85 -55.31 -13.78
C VAL M 129 -49.05 -56.05 -14.36
N ARG M 130 -49.42 -55.71 -15.59
CA ARG M 130 -50.68 -56.15 -16.16
C ARG M 130 -50.72 -57.66 -16.36
N VAL M 131 -51.89 -58.25 -16.10
CA VAL M 131 -52.03 -59.69 -15.90
C VAL M 131 -52.58 -60.40 -17.13
N ARG M 132 -53.06 -59.68 -18.12
CA ARG M 132 -53.80 -60.32 -19.20
C ARG M 132 -53.10 -60.23 -20.55
N GLY M 133 -51.83 -60.62 -20.58
CA GLY M 133 -51.15 -60.83 -21.85
C GLY M 133 -50.88 -59.57 -22.62
N GLN M 134 -51.02 -58.43 -21.95
CA GLN M 134 -51.03 -57.15 -22.62
C GLN M 134 -49.61 -56.64 -22.81
N HIS M 135 -49.37 -56.03 -23.97
CA HIS M 135 -48.20 -55.19 -24.17
C HIS M 135 -48.05 -54.25 -22.98
N THR M 136 -46.80 -53.88 -22.64
CA THR M 136 -46.67 -52.95 -21.54
C THR M 136 -45.58 -51.89 -21.79
N LYS M 137 -45.02 -51.82 -23.00
CA LYS M 137 -44.13 -50.72 -23.33
C LYS M 137 -44.79 -49.38 -23.04
N THR M 138 -46.01 -49.20 -23.54
CA THR M 138 -46.54 -47.87 -23.73
C THR M 138 -47.80 -47.59 -22.91
N THR M 139 -48.16 -48.50 -22.01
CA THR M 139 -49.36 -48.35 -21.19
C THR M 139 -49.08 -49.00 -19.84
N GLY M 140 -49.80 -48.53 -18.83
CA GLY M 140 -49.58 -49.01 -17.48
C GLY M 140 -48.39 -48.35 -16.83
N GLY N 2 4.38 21.46 -73.18
CA GLY N 2 3.50 22.59 -72.97
C GLY N 2 4.05 23.58 -71.98
N ARG N 3 3.24 24.60 -71.66
CA ARG N 3 3.51 25.56 -70.60
C ARG N 3 4.30 24.91 -69.47
N MET N 4 5.45 25.49 -69.13
CA MET N 4 6.41 24.78 -68.29
C MET N 4 5.97 24.68 -66.84
N HIS N 5 5.46 25.76 -66.26
CA HIS N 5 5.08 25.72 -64.85
C HIS N 5 3.59 25.81 -64.63
N SER N 6 2.82 25.08 -65.43
CA SER N 6 1.43 24.74 -65.20
C SER N 6 1.02 23.83 -66.35
N ARG N 7 -0.01 23.04 -66.13
CA ARG N 7 -0.29 22.00 -67.10
C ARG N 7 -1.08 22.49 -68.30
N GLY N 8 -1.15 23.79 -68.51
CA GLY N 8 -1.78 24.29 -69.71
C GLY N 8 -1.03 23.86 -70.95
N LYS N 9 -1.79 23.64 -72.03
CA LYS N 9 -1.21 23.11 -73.26
C LYS N 9 -1.62 23.92 -74.48
N GLY N 10 -1.94 25.19 -74.29
CA GLY N 10 -2.46 25.99 -75.38
C GLY N 10 -1.41 26.27 -76.44
N ILE N 11 -1.89 26.69 -77.62
CA ILE N 11 -0.96 26.91 -78.73
C ILE N 11 -1.17 28.28 -79.36
N SER N 12 -1.81 29.20 -78.66
CA SER N 12 -1.95 30.55 -79.18
C SER N 12 -0.60 31.20 -79.31
N SER N 13 -0.40 31.91 -80.42
CA SER N 13 0.84 32.64 -80.68
C SER N 13 0.66 33.44 -81.97
N SER N 14 1.71 34.18 -82.34
CA SER N 14 1.74 34.92 -83.60
C SER N 14 2.22 34.02 -84.73
N ALA N 15 1.66 34.23 -85.91
CA ALA N 15 2.06 33.50 -87.11
C ALA N 15 2.48 34.52 -88.15
N LEU N 16 3.75 34.51 -88.49
CA LEU N 16 4.31 35.55 -89.33
C LEU N 16 3.96 35.29 -90.79
N PRO N 17 3.66 36.33 -91.56
CA PRO N 17 3.26 36.12 -92.95
C PRO N 17 4.42 35.59 -93.78
N TYR N 18 4.07 34.94 -94.89
CA TYR N 18 5.07 34.29 -95.72
C TYR N 18 6.06 35.29 -96.29
N LYS N 19 5.58 36.38 -96.87
CA LYS N 19 6.47 37.26 -97.60
C LYS N 19 7.42 37.96 -96.63
N ARG N 20 8.69 37.59 -96.69
CA ARG N 20 9.71 38.24 -95.88
C ARG N 20 9.90 39.68 -96.31
N THR N 21 9.72 39.95 -97.60
CA THR N 21 9.79 41.30 -98.10
C THR N 21 8.59 42.11 -97.57
N PRO N 22 8.79 43.40 -97.28
CA PRO N 22 7.72 44.17 -96.68
C PRO N 22 6.61 44.42 -97.69
N PRO N 23 5.38 44.61 -97.23
CA PRO N 23 4.28 44.91 -98.16
C PRO N 23 4.41 46.31 -98.75
N SER N 24 3.78 46.47 -99.91
CA SER N 24 4.01 47.63 -100.77
C SER N 24 3.91 48.93 -100.01
N TRP N 25 2.81 49.10 -99.27
CA TRP N 25 2.52 50.36 -98.61
C TRP N 25 3.50 50.69 -97.50
N VAL N 26 4.34 49.74 -97.11
CA VAL N 26 5.42 50.02 -96.18
C VAL N 26 6.57 50.59 -96.99
N LYS N 27 6.56 51.90 -97.21
CA LYS N 27 7.64 52.59 -97.88
C LYS N 27 8.60 53.24 -96.89
N THR N 28 8.53 52.82 -95.63
CA THR N 28 9.27 53.49 -94.57
C THR N 28 10.76 53.45 -94.84
N ALA N 29 11.44 54.54 -94.50
CA ALA N 29 12.87 54.69 -94.77
C ALA N 29 13.66 54.12 -93.61
N VAL N 30 14.52 53.15 -93.90
CA VAL N 30 15.17 52.38 -92.84
C VAL N 30 15.98 53.28 -91.92
N ALA N 31 16.54 54.37 -92.46
CA ALA N 31 17.17 55.35 -91.57
C ALA N 31 16.15 55.97 -90.63
N ASP N 32 14.96 56.30 -91.14
CA ASP N 32 13.94 56.91 -90.30
C ASP N 32 13.40 55.93 -89.27
N VAL N 33 13.40 54.63 -89.57
CA VAL N 33 12.94 53.69 -88.56
C VAL N 33 14.05 53.37 -87.56
N ASP N 34 15.32 53.47 -87.95
CA ASP N 34 16.37 53.46 -86.95
C ASP N 34 16.23 54.66 -86.01
N GLU N 35 15.94 55.84 -86.55
CA GLU N 35 15.64 56.99 -85.68
C GLU N 35 14.46 56.69 -84.77
N LEU N 36 13.40 56.09 -85.31
CA LEU N 36 12.23 55.82 -84.50
C LEU N 36 12.52 54.82 -83.38
N ILE N 37 13.26 53.75 -83.69
CA ILE N 37 13.65 52.79 -82.67
C ILE N 37 14.50 53.48 -81.61
N THR N 38 15.49 54.26 -82.02
CA THR N 38 16.37 54.84 -81.02
C THR N 38 15.62 55.83 -80.16
N LYS N 39 14.67 56.57 -80.74
CA LYS N 39 13.85 57.50 -79.96
C LYS N 39 12.99 56.76 -78.96
N ALA N 40 12.38 55.65 -79.38
CA ALA N 40 11.54 54.89 -78.47
C ALA N 40 12.36 54.19 -77.39
N ALA N 41 13.56 53.72 -77.73
CA ALA N 41 14.39 53.06 -76.73
C ALA N 41 14.94 54.06 -75.73
N LYS N 42 15.48 55.18 -76.21
CA LYS N 42 15.91 56.25 -75.32
C LYS N 42 14.76 56.79 -74.50
N LYS N 43 13.52 56.60 -74.94
CA LYS N 43 12.38 56.93 -74.11
C LYS N 43 12.24 55.95 -72.94
N GLY N 44 13.22 55.08 -72.72
CA GLY N 44 13.25 54.19 -71.59
C GLY N 44 12.65 52.82 -71.83
N GLN N 45 12.26 52.53 -73.06
CA GLN N 45 11.31 51.49 -73.35
C GLN N 45 12.00 50.25 -73.91
N MET N 46 11.43 49.08 -73.60
CA MET N 46 12.02 47.81 -73.95
C MET N 46 11.60 47.35 -75.34
N PRO N 47 12.36 46.44 -75.95
CA PRO N 47 12.05 46.03 -77.33
C PRO N 47 10.62 45.53 -77.56
N SER N 48 10.02 44.85 -76.60
CA SER N 48 8.66 44.38 -76.82
C SER N 48 7.72 45.55 -77.07
N GLN N 49 7.74 46.53 -76.20
CA GLN N 49 6.89 47.69 -76.41
C GLN N 49 7.28 48.45 -77.67
N ILE N 50 8.57 48.47 -78.00
CA ILE N 50 9.00 49.14 -79.22
C ILE N 50 8.33 48.51 -80.44
N GLY N 51 8.41 47.19 -80.53
CA GLY N 51 7.77 46.49 -81.63
C GLY N 51 6.27 46.68 -81.65
N VAL N 52 5.65 46.74 -80.48
CA VAL N 52 4.21 47.01 -80.45
C VAL N 52 3.92 48.37 -81.02
N LEU N 53 4.70 49.38 -80.63
CA LEU N 53 4.39 50.73 -81.10
C LEU N 53 4.58 50.84 -82.59
N LEU N 54 5.61 50.20 -83.14
CA LEU N 54 5.73 50.25 -84.59
C LEU N 54 4.59 49.51 -85.26
N ARG N 55 4.22 48.35 -84.74
CA ARG N 55 3.13 47.59 -85.37
C ARG N 55 1.82 48.36 -85.33
N ASP N 56 1.57 49.12 -84.29
CA ASP N 56 0.25 49.69 -84.12
C ASP N 56 0.18 51.15 -84.55
N GLN N 57 1.16 51.96 -84.19
CA GLN N 57 1.15 53.39 -84.52
C GLN N 57 1.65 53.63 -85.94
N HIS N 58 2.91 53.32 -86.21
CA HIS N 58 3.57 53.70 -87.45
C HIS N 58 3.44 52.64 -88.54
N GLY N 59 2.65 51.60 -88.30
CA GLY N 59 2.35 50.62 -89.33
C GLY N 59 3.57 49.94 -89.90
N ILE N 60 4.48 49.48 -89.03
CA ILE N 60 5.63 48.71 -89.47
C ILE N 60 5.35 47.24 -89.16
N PRO N 61 5.01 46.43 -90.14
CA PRO N 61 4.67 45.04 -89.89
C PRO N 61 5.73 44.28 -89.10
N LEU N 62 6.95 44.26 -89.62
CA LEU N 62 8.07 43.61 -88.95
C LEU N 62 9.31 44.43 -89.15
N VAL N 63 10.04 44.67 -88.06
CA VAL N 63 11.27 45.43 -88.15
C VAL N 63 12.26 44.71 -89.05
N LYS N 64 12.27 43.38 -89.01
CA LYS N 64 13.17 42.63 -89.87
C LYS N 64 12.70 42.59 -91.32
N SER N 65 11.41 42.75 -91.57
CA SER N 65 10.96 42.87 -92.95
C SER N 65 11.30 44.24 -93.51
N VAL N 66 11.23 45.28 -92.69
CA VAL N 66 11.60 46.60 -93.21
C VAL N 66 13.10 46.70 -93.37
N THR N 67 13.85 46.41 -92.31
CA THR N 67 15.27 46.71 -92.21
C THR N 67 16.17 45.52 -92.47
N GLY N 68 15.72 44.31 -92.20
CA GLY N 68 16.59 43.16 -92.14
C GLY N 68 17.32 43.01 -90.83
N SER N 69 17.20 43.98 -89.93
CA SER N 69 17.83 43.94 -88.62
C SER N 69 16.76 43.94 -87.55
N LYS N 70 16.87 43.00 -86.62
CA LYS N 70 15.91 42.87 -85.54
C LYS N 70 16.03 44.07 -84.59
N ILE N 71 15.01 44.20 -83.73
CA ILE N 71 14.97 45.33 -82.81
C ILE N 71 16.16 45.30 -81.87
N LEU N 72 16.43 44.14 -81.28
CA LEU N 72 17.55 44.05 -80.35
C LEU N 72 18.87 44.32 -81.04
N ARG N 73 19.00 43.93 -82.30
CA ARG N 73 20.31 44.07 -82.92
C ARG N 73 20.51 45.49 -83.46
N ILE N 74 19.41 46.19 -83.79
CA ILE N 74 19.50 47.65 -83.99
C ILE N 74 19.95 48.33 -82.71
N LEU N 75 19.31 47.98 -81.59
CA LEU N 75 19.62 48.67 -80.35
C LEU N 75 21.04 48.38 -79.90
N LYS N 76 21.50 47.15 -80.11
CA LYS N 76 22.89 46.80 -79.83
C LYS N 76 23.85 47.57 -80.74
N ALA N 77 23.48 47.77 -82.01
CA ALA N 77 24.38 48.50 -82.90
C ALA N 77 24.49 49.97 -82.51
N HIS N 78 23.41 50.57 -81.99
CA HIS N 78 23.48 51.95 -81.55
C HIS N 78 23.76 52.10 -80.05
N GLY N 79 24.02 51.00 -79.35
CA GLY N 79 24.35 51.05 -77.94
C GLY N 79 23.25 51.50 -77.01
N LEU N 80 22.03 50.98 -77.20
CA LEU N 80 20.91 51.24 -76.30
C LEU N 80 20.32 49.95 -75.75
N ALA N 81 21.09 48.87 -75.77
CA ALA N 81 20.59 47.53 -75.49
C ALA N 81 20.07 47.40 -74.06
N PRO N 82 19.38 46.31 -73.71
CA PRO N 82 18.99 46.11 -72.32
C PRO N 82 20.20 45.66 -71.50
N GLU N 83 20.50 46.41 -70.44
CA GLU N 83 21.62 46.03 -69.60
C GLU N 83 21.30 44.74 -68.84
N ILE N 84 20.06 44.57 -68.43
CA ILE N 84 19.52 43.25 -68.05
C ILE N 84 18.61 42.79 -69.17
N PRO N 85 18.83 41.61 -69.74
CA PRO N 85 18.01 41.17 -70.88
C PRO N 85 16.53 41.12 -70.52
N GLU N 86 15.71 41.47 -71.50
CA GLU N 86 14.29 41.75 -71.34
C GLU N 86 13.52 40.87 -70.39
N ASP N 87 13.43 39.58 -70.74
CA ASP N 87 12.55 38.69 -70.00
C ASP N 87 13.09 38.38 -68.61
N LEU N 88 14.40 38.35 -68.46
CA LEU N 88 14.96 38.22 -67.12
C LEU N 88 14.63 39.44 -66.28
N TYR N 89 14.74 40.63 -66.88
CA TYR N 89 14.26 41.85 -66.24
C TYR N 89 12.84 41.71 -65.74
N PHE N 90 11.96 41.20 -66.60
CA PHE N 90 10.56 41.16 -66.24
C PHE N 90 10.29 40.12 -65.16
N LEU N 91 11.00 38.99 -65.22
CA LEU N 91 10.86 37.98 -64.17
C LEU N 91 11.36 38.49 -62.83
N ILE N 92 12.46 39.24 -62.82
CA ILE N 92 12.94 39.81 -61.57
C ILE N 92 11.95 40.83 -61.02
N LYS N 93 11.38 41.65 -61.90
CA LYS N 93 10.36 42.60 -61.45
C LYS N 93 9.16 41.86 -60.86
N LYS N 94 8.75 40.77 -61.49
CA LYS N 94 7.63 39.99 -60.98
C LYS N 94 7.93 39.42 -59.60
N ALA N 95 9.12 38.84 -59.44
CA ALA N 95 9.45 38.20 -58.17
C ALA N 95 9.64 39.23 -57.07
N VAL N 96 10.13 40.41 -57.40
CA VAL N 96 10.18 41.48 -56.40
C VAL N 96 8.78 41.88 -55.97
N ALA N 97 7.85 41.96 -56.91
CA ALA N 97 6.48 42.29 -56.53
C ALA N 97 5.85 41.21 -55.67
N ILE N 98 6.05 39.95 -56.04
CA ILE N 98 5.46 38.85 -55.26
C ILE N 98 6.01 38.87 -53.86
N ARG N 99 7.33 39.02 -53.73
CA ARG N 99 7.95 38.99 -52.42
C ARG N 99 7.57 40.21 -51.58
N LYS N 100 7.35 41.37 -52.20
CA LYS N 100 6.88 42.53 -51.46
C LYS N 100 5.48 42.32 -50.92
N HIS N 101 4.62 41.65 -51.68
CA HIS N 101 3.32 41.24 -51.16
C HIS N 101 3.44 40.19 -50.06
N LEU N 102 4.34 39.24 -50.24
CA LEU N 102 4.43 38.09 -49.36
C LEU N 102 5.07 38.44 -48.02
N GLU N 103 5.86 39.51 -47.95
CA GLU N 103 6.35 39.94 -46.65
C GLU N 103 5.25 40.54 -45.80
N ARG N 104 4.12 40.92 -46.39
CA ARG N 104 2.96 41.38 -45.65
C ARG N 104 1.93 40.29 -45.43
N ASN N 105 1.89 39.29 -46.30
CA ASN N 105 1.00 38.14 -46.15
C ASN N 105 1.84 36.89 -45.95
N ARG N 106 2.21 36.61 -44.71
CA ARG N 106 2.97 35.40 -44.42
C ARG N 106 2.16 34.13 -44.61
N LYS N 107 0.84 34.20 -44.55
CA LYS N 107 0.01 33.03 -44.75
C LYS N 107 -0.63 32.97 -46.13
N ASP N 108 0.11 33.25 -47.19
CA ASP N 108 -0.41 33.10 -48.53
C ASP N 108 0.46 32.04 -49.22
N LYS N 109 0.11 30.77 -48.98
CA LYS N 109 0.96 29.65 -49.33
C LYS N 109 0.99 29.42 -50.83
N ASP N 110 -0.10 29.70 -51.52
CA ASP N 110 -0.07 29.55 -52.96
C ASP N 110 0.90 30.54 -53.59
N SER N 111 1.04 31.73 -53.02
CA SER N 111 2.06 32.64 -53.54
C SER N 111 3.45 32.24 -53.10
N LYS N 112 3.60 31.53 -51.97
CA LYS N 112 4.91 30.92 -51.74
C LYS N 112 5.27 29.98 -52.87
N PHE N 113 4.31 29.18 -53.31
CA PHE N 113 4.52 28.31 -54.45
C PHE N 113 4.84 29.09 -55.72
N ARG N 114 4.07 30.14 -55.99
CA ARG N 114 4.34 30.95 -57.18
C ARG N 114 5.70 31.60 -57.13
N LEU N 115 6.12 32.11 -55.99
CA LEU N 115 7.45 32.70 -55.92
C LEU N 115 8.53 31.64 -56.13
N ILE N 116 8.33 30.44 -55.58
CA ILE N 116 9.32 29.41 -55.88
C ILE N 116 9.37 29.13 -57.37
N LEU N 117 8.23 29.22 -58.05
CA LEU N 117 8.24 28.97 -59.49
C LEU N 117 8.92 30.10 -60.25
N VAL N 118 8.65 31.34 -59.86
CA VAL N 118 9.25 32.46 -60.56
C VAL N 118 10.76 32.45 -60.38
N GLU N 119 11.24 32.17 -59.16
CA GLU N 119 12.68 32.16 -58.99
C GLU N 119 13.32 30.94 -59.67
N SER N 120 12.63 29.80 -59.72
CA SER N 120 13.12 28.71 -60.56
C SER N 120 13.31 29.19 -61.99
N ARG N 121 12.34 29.95 -62.51
CA ARG N 121 12.39 30.40 -63.89
C ARG N 121 13.48 31.43 -64.12
N ILE N 122 13.65 32.34 -63.17
CA ILE N 122 14.74 33.31 -63.22
C ILE N 122 16.06 32.57 -63.30
N HIS N 123 16.23 31.52 -62.50
CA HIS N 123 17.52 30.87 -62.46
C HIS N 123 17.79 30.07 -63.73
N ARG N 124 16.76 29.48 -64.34
CA ARG N 124 17.01 28.78 -65.59
C ARG N 124 17.38 29.75 -66.69
N LEU N 125 16.66 30.86 -66.78
CA LEU N 125 16.93 31.84 -67.83
C LEU N 125 18.28 32.51 -67.61
N ALA N 126 18.65 32.75 -66.35
CA ALA N 126 19.97 33.32 -66.07
C ALA N 126 21.07 32.34 -66.41
N ARG N 127 20.87 31.04 -66.15
CA ARG N 127 21.88 30.08 -66.56
C ARG N 127 22.10 30.14 -68.06
N TYR N 128 21.02 30.22 -68.83
CA TYR N 128 21.19 30.37 -70.28
C TYR N 128 21.95 31.63 -70.64
N TYR N 129 21.53 32.77 -70.09
CA TYR N 129 22.19 34.01 -70.49
C TYR N 129 23.67 34.00 -70.13
N LYS N 130 24.02 33.35 -69.03
CA LYS N 130 25.41 33.27 -68.63
C LYS N 130 26.20 32.27 -69.45
N ARG N 131 25.54 31.29 -70.09
CA ARG N 131 26.27 30.50 -71.07
C ARG N 131 26.37 31.19 -72.43
N THR N 132 25.49 32.14 -72.72
CA THR N 132 25.57 32.86 -73.99
C THR N 132 26.28 34.20 -73.87
N LYS N 133 26.81 34.52 -72.69
CA LYS N 133 27.69 35.68 -72.51
C LYS N 133 26.97 36.99 -72.72
N LYS N 134 25.71 37.06 -72.28
CA LYS N 134 25.00 38.32 -72.31
C LYS N 134 24.89 38.95 -70.92
N LEU N 135 25.27 38.22 -69.88
CA LEU N 135 25.40 38.69 -68.52
C LEU N 135 26.80 38.41 -68.02
N PRO N 136 27.29 39.16 -67.04
CA PRO N 136 28.60 38.88 -66.47
C PRO N 136 28.65 37.47 -65.92
N PRO N 137 29.80 36.80 -66.00
CA PRO N 137 29.85 35.36 -65.69
C PRO N 137 29.57 35.04 -64.23
N THR N 138 29.58 36.02 -63.36
CA THR N 138 29.26 35.80 -61.95
C THR N 138 28.07 36.66 -61.52
N TRP N 139 27.30 37.17 -62.48
CA TRP N 139 26.05 37.83 -62.14
C TRP N 139 25.12 36.82 -61.49
N LYS N 140 24.74 37.09 -60.26
CA LYS N 140 23.93 36.17 -59.47
C LYS N 140 22.71 36.91 -58.95
N TYR N 141 21.54 36.31 -59.13
CA TYR N 141 20.30 36.90 -58.67
C TYR N 141 20.26 36.82 -57.15
N GLU N 142 20.62 37.91 -56.48
CA GLU N 142 20.54 38.00 -55.04
C GLU N 142 19.17 38.55 -54.67
N SER N 143 18.38 37.73 -53.98
CA SER N 143 17.04 38.13 -53.62
C SER N 143 17.04 39.42 -52.79
N ALA N 144 18.02 39.56 -51.90
CA ALA N 144 18.11 40.79 -51.12
C ALA N 144 18.42 41.98 -52.01
N THR N 145 19.48 41.89 -52.82
CA THR N 145 19.81 42.99 -53.73
C THR N 145 19.16 42.79 -55.08
N ALA N 146 17.86 42.50 -55.09
CA ALA N 146 17.11 42.37 -56.33
C ALA N 146 16.22 43.56 -56.62
N SER N 147 15.79 44.29 -55.60
CA SER N 147 14.81 45.34 -55.78
C SER N 147 15.41 46.56 -56.46
N THR N 148 16.72 46.77 -56.31
CA THR N 148 17.36 47.90 -56.96
C THR N 148 17.45 47.71 -58.47
N LEU N 149 17.82 46.52 -58.91
CA LEU N 149 18.15 46.25 -60.31
C LEU N 149 16.97 46.40 -61.26
N VAL N 150 15.76 46.60 -60.74
CA VAL N 150 14.56 46.66 -61.55
C VAL N 150 13.64 47.76 -61.05
N ALA N 151 12.75 48.20 -61.93
CA ALA N 151 11.66 49.13 -61.61
C ALA N 151 12.16 50.48 -61.06
N GLY O 2 -58.51 -20.70 -67.92
CA GLY O 2 -57.83 -21.97 -68.13
C GLY O 2 -58.25 -22.69 -69.40
N ARG O 3 -58.94 -21.98 -70.28
CA ARG O 3 -59.48 -22.53 -71.52
C ARG O 3 -58.71 -22.11 -72.75
N VAL O 4 -57.40 -21.91 -72.64
CA VAL O 4 -56.63 -21.54 -73.82
C VAL O 4 -56.40 -22.78 -74.68
N ARG O 5 -56.79 -22.68 -75.94
CA ARG O 5 -56.55 -23.76 -76.90
C ARG O 5 -55.06 -23.88 -77.19
N THR O 6 -54.60 -25.10 -77.36
CA THR O 6 -53.17 -25.33 -77.53
C THR O 6 -52.77 -25.19 -78.99
N LYS O 7 -51.50 -25.51 -79.28
CA LYS O 7 -50.98 -25.31 -80.62
C LYS O 7 -51.61 -26.26 -81.61
N THR O 8 -51.86 -27.51 -81.21
CA THR O 8 -52.49 -28.43 -82.14
C THR O 8 -53.86 -27.92 -82.56
N VAL O 9 -54.65 -27.46 -81.59
CA VAL O 9 -55.98 -26.95 -81.93
C VAL O 9 -55.86 -25.72 -82.81
N LYS O 10 -55.01 -24.77 -82.43
CA LYS O 10 -54.97 -23.50 -83.15
C LYS O 10 -54.45 -23.68 -84.57
N LYS O 11 -53.46 -24.53 -84.77
CA LYS O 11 -52.93 -24.70 -86.12
C LYS O 11 -53.75 -25.65 -86.97
N THR O 12 -54.51 -26.59 -86.39
CA THR O 12 -55.53 -27.21 -87.20
C THR O 12 -56.60 -26.21 -87.59
N SER O 13 -56.95 -25.29 -86.70
CA SER O 13 -57.90 -24.23 -87.03
C SER O 13 -57.42 -23.42 -88.22
N ARG O 14 -56.21 -22.87 -88.14
CA ARG O 14 -55.71 -22.09 -89.26
C ARG O 14 -55.64 -22.91 -90.53
N GLN O 15 -55.11 -24.14 -90.45
CA GLN O 15 -54.92 -24.92 -91.67
C GLN O 15 -56.25 -25.30 -92.29
N VAL O 16 -57.24 -25.72 -91.49
CA VAL O 16 -58.49 -26.15 -92.08
C VAL O 16 -59.25 -24.96 -92.64
N ILE O 17 -59.19 -23.81 -91.98
CA ILE O 17 -59.99 -22.70 -92.49
C ILE O 17 -59.29 -22.05 -93.67
N GLU O 18 -57.97 -22.16 -93.77
CA GLU O 18 -57.30 -21.87 -95.03
C GLU O 18 -57.75 -22.82 -96.12
N LYS O 19 -57.71 -24.11 -95.83
CA LYS O 19 -57.76 -25.11 -96.89
C LYS O 19 -59.20 -25.26 -97.38
N TYR O 20 -60.17 -24.96 -96.52
CA TYR O 20 -61.61 -25.03 -96.84
C TYR O 20 -62.30 -23.78 -96.30
N TYR O 21 -62.63 -22.82 -97.14
CA TYR O 21 -63.39 -21.69 -96.63
C TYR O 21 -64.89 -21.78 -96.94
N SER O 22 -65.26 -21.81 -98.22
CA SER O 22 -66.68 -21.68 -98.56
C SER O 22 -67.48 -22.90 -98.13
N ARG O 23 -66.82 -23.97 -97.68
CA ARG O 23 -67.49 -25.17 -97.19
C ARG O 23 -67.61 -25.22 -95.68
N MET O 24 -67.35 -24.12 -94.97
CA MET O 24 -67.77 -23.98 -93.59
C MET O 24 -68.65 -22.76 -93.40
N THR O 25 -69.35 -22.75 -92.27
CA THR O 25 -70.34 -21.72 -91.97
C THR O 25 -70.03 -21.15 -90.59
N LEU O 26 -70.96 -20.37 -90.06
CA LEU O 26 -70.81 -19.79 -88.74
C LEU O 26 -71.51 -20.58 -87.65
N ASP O 27 -72.63 -21.24 -87.96
CA ASP O 27 -73.36 -21.99 -86.96
C ASP O 27 -72.49 -23.15 -86.49
N PHE O 28 -72.16 -23.16 -85.20
CA PHE O 28 -71.28 -24.17 -84.62
C PHE O 28 -71.54 -25.56 -85.16
N HIS O 29 -72.79 -26.00 -85.04
CA HIS O 29 -73.07 -27.43 -85.11
C HIS O 29 -72.91 -27.95 -86.52
N THR O 30 -73.04 -27.08 -87.52
CA THR O 30 -72.69 -27.46 -88.88
C THR O 30 -71.21 -27.82 -88.97
N ASN O 31 -70.37 -26.99 -88.34
CA ASN O 31 -68.92 -27.10 -88.49
C ASN O 31 -68.40 -28.43 -87.99
N LYS O 32 -68.93 -28.91 -86.87
CA LYS O 32 -68.58 -30.22 -86.34
C LYS O 32 -68.58 -31.27 -87.44
N LYS O 33 -69.70 -31.40 -88.14
CA LYS O 33 -69.87 -32.50 -89.06
C LYS O 33 -69.10 -32.22 -90.34
N VAL O 34 -69.00 -30.94 -90.71
CA VAL O 34 -68.14 -30.53 -91.81
C VAL O 34 -66.73 -31.06 -91.58
N LEU O 35 -66.20 -30.81 -90.38
CA LEU O 35 -64.86 -31.22 -90.05
C LEU O 35 -64.75 -32.71 -89.87
N GLU O 36 -65.84 -33.37 -89.49
CA GLU O 36 -65.86 -34.82 -89.40
C GLU O 36 -65.68 -35.44 -90.77
N GLU O 37 -66.16 -34.78 -91.82
CA GLU O 37 -66.01 -35.32 -93.17
C GLU O 37 -64.83 -34.73 -93.94
N VAL O 38 -64.20 -33.65 -93.47
CA VAL O 38 -62.99 -33.13 -94.13
C VAL O 38 -61.75 -33.37 -93.29
N SER O 39 -61.84 -34.15 -92.21
CA SER O 39 -60.66 -34.41 -91.40
C SER O 39 -60.86 -35.73 -90.68
N ILE O 40 -59.74 -36.32 -90.26
CA ILE O 40 -59.74 -37.56 -89.49
C ILE O 40 -59.07 -37.27 -88.15
N LEU O 41 -59.84 -37.45 -87.06
CA LEU O 41 -59.36 -37.22 -85.71
C LEU O 41 -59.70 -38.43 -84.86
N GLN O 42 -59.21 -38.42 -83.62
CA GLN O 42 -59.41 -39.57 -82.74
C GLN O 42 -59.94 -39.17 -81.37
N SER O 43 -60.60 -38.02 -81.26
CA SER O 43 -61.22 -37.64 -80.00
C SER O 43 -62.27 -36.60 -80.26
N LYS O 44 -63.53 -36.98 -80.05
CA LYS O 44 -64.65 -36.08 -80.28
C LYS O 44 -64.55 -34.82 -79.43
N ARG O 45 -63.84 -34.87 -78.31
CA ARG O 45 -63.64 -33.63 -77.58
C ARG O 45 -62.63 -32.70 -78.24
N LEU O 46 -61.56 -33.24 -78.84
CA LEU O 46 -60.70 -32.39 -79.67
C LEU O 46 -61.47 -31.82 -80.85
N ARG O 47 -62.32 -32.65 -81.45
CA ARG O 47 -63.14 -32.22 -82.57
C ARG O 47 -64.01 -31.02 -82.22
N ASN O 48 -64.74 -31.11 -81.10
CA ASN O 48 -65.51 -29.95 -80.68
C ASN O 48 -64.63 -28.79 -80.30
N LYS O 49 -63.46 -29.08 -79.73
CA LYS O 49 -62.54 -28.03 -79.30
C LYS O 49 -62.06 -27.21 -80.49
N VAL O 50 -61.79 -27.89 -81.61
CA VAL O 50 -61.38 -27.22 -82.84
C VAL O 50 -62.53 -26.43 -83.46
N ALA O 51 -63.71 -27.06 -83.55
CA ALA O 51 -64.83 -26.35 -84.16
C ALA O 51 -65.18 -25.10 -83.39
N GLY O 52 -65.13 -25.16 -82.07
CA GLY O 52 -65.48 -24.00 -81.26
C GLY O 52 -64.54 -22.84 -81.42
N PHE O 53 -63.35 -23.06 -81.97
CA PHE O 53 -62.43 -21.98 -82.24
C PHE O 53 -62.49 -21.51 -83.69
N THR O 54 -62.61 -22.45 -84.63
CA THR O 54 -62.79 -22.02 -86.01
C THR O 54 -64.09 -21.24 -86.20
N THR O 55 -65.08 -21.45 -85.34
CA THR O 55 -66.32 -20.70 -85.53
C THR O 55 -66.11 -19.21 -85.27
N HIS O 56 -65.37 -18.83 -84.23
CA HIS O 56 -65.19 -17.38 -84.12
C HIS O 56 -64.00 -16.90 -84.95
N LEU O 57 -63.13 -17.80 -85.41
CA LEU O 57 -62.23 -17.38 -86.49
C LEU O 57 -63.03 -16.98 -87.72
N MET O 58 -64.03 -17.77 -88.08
CA MET O 58 -64.99 -17.34 -89.08
C MET O 58 -65.63 -16.02 -88.70
N ARG O 59 -65.99 -15.84 -87.44
CA ARG O 59 -66.65 -14.58 -87.09
C ARG O 59 -65.75 -13.38 -87.34
N ARG O 60 -64.46 -13.52 -87.04
CA ARG O 60 -63.56 -12.39 -87.23
C ARG O 60 -63.22 -12.19 -88.70
N ILE O 61 -63.06 -13.26 -89.46
CA ILE O 61 -62.75 -13.11 -90.87
C ILE O 61 -63.94 -12.53 -91.61
N GLN O 62 -65.15 -12.99 -91.28
CA GLN O 62 -66.35 -12.63 -92.02
C GLN O 62 -66.65 -11.14 -91.89
N ARG O 63 -66.02 -10.45 -90.95
CA ARG O 63 -66.08 -8.99 -90.87
C ARG O 63 -64.85 -8.30 -91.45
N GLY O 64 -63.64 -8.71 -91.06
CA GLY O 64 -62.45 -8.04 -91.53
C GLY O 64 -61.33 -8.97 -91.96
N PRO O 65 -60.11 -8.44 -92.02
CA PRO O 65 -58.97 -9.27 -92.41
C PRO O 65 -58.35 -10.00 -91.23
N VAL O 66 -57.28 -10.77 -91.46
CA VAL O 66 -56.85 -11.74 -90.47
C VAL O 66 -55.42 -12.18 -90.76
N ARG O 67 -54.77 -12.78 -89.75
CA ARG O 67 -53.42 -13.30 -89.85
C ARG O 67 -53.33 -14.62 -90.62
N GLY O 68 -52.23 -15.34 -90.43
CA GLY O 68 -51.54 -16.08 -91.48
C GLY O 68 -52.30 -16.70 -92.63
N ILE O 69 -53.45 -17.31 -92.36
CA ILE O 69 -54.18 -18.07 -93.37
C ILE O 69 -54.31 -17.33 -94.70
N SER O 70 -54.22 -18.07 -95.80
CA SER O 70 -54.11 -17.53 -97.16
C SER O 70 -55.34 -17.95 -97.95
N LEU O 71 -56.18 -16.99 -98.32
CA LEU O 71 -57.46 -17.23 -98.96
C LEU O 71 -57.56 -16.48 -100.29
N LYS O 72 -58.11 -17.15 -101.30
CA LYS O 72 -57.93 -16.65 -102.66
C LYS O 72 -58.88 -15.52 -103.02
N LEU O 73 -60.14 -15.56 -102.55
CA LEU O 73 -61.05 -14.46 -102.85
C LEU O 73 -60.62 -13.14 -102.21
N GLN O 74 -59.85 -13.18 -101.14
CA GLN O 74 -59.42 -11.93 -100.53
C GLN O 74 -58.03 -11.52 -100.93
N GLU O 75 -57.11 -12.46 -101.15
CA GLU O 75 -55.84 -12.07 -101.75
C GLU O 75 -56.09 -11.45 -103.12
N GLU O 76 -56.96 -12.06 -103.92
CA GLU O 76 -57.11 -11.60 -105.30
C GLU O 76 -57.66 -10.17 -105.32
N GLU O 77 -58.66 -9.87 -104.50
CA GLU O 77 -59.19 -8.52 -104.45
C GLU O 77 -58.20 -7.52 -103.85
N ARG O 78 -57.49 -7.92 -102.80
CA ARG O 78 -56.47 -7.02 -102.30
C ARG O 78 -55.30 -6.85 -103.24
N GLU O 79 -55.22 -7.63 -104.32
CA GLU O 79 -54.30 -7.33 -105.40
C GLU O 79 -54.95 -6.52 -106.50
N ARG O 80 -56.25 -6.76 -106.74
CA ARG O 80 -57.01 -6.00 -107.73
C ARG O 80 -56.98 -4.52 -107.40
N ARG O 81 -57.22 -4.17 -106.14
CA ARG O 81 -57.14 -2.76 -105.78
C ARG O 81 -55.73 -2.33 -105.41
N MET O 82 -54.79 -3.25 -105.22
CA MET O 82 -53.39 -2.86 -105.07
C MET O 82 -52.75 -2.45 -106.39
N ASP O 83 -53.20 -3.03 -107.49
CA ASP O 83 -52.72 -2.61 -108.81
C ASP O 83 -53.56 -1.46 -109.34
N PHE O 84 -53.71 -0.42 -108.53
CA PHE O 84 -54.55 0.71 -108.86
C PHE O 84 -53.70 1.96 -109.05
N VAL O 85 -53.88 2.62 -110.18
CA VAL O 85 -53.19 3.86 -110.50
C VAL O 85 -54.21 4.87 -111.02
N PRO O 86 -53.99 6.17 -110.81
CA PRO O 86 -54.99 7.16 -111.23
C PRO O 86 -55.13 7.28 -112.74
N GLU O 87 -56.09 8.09 -113.19
CA GLU O 87 -56.20 8.38 -114.62
C GLU O 87 -54.88 8.93 -115.15
N LYS O 88 -54.26 9.82 -114.39
CA LYS O 88 -53.02 10.46 -114.75
C LYS O 88 -52.13 10.50 -113.52
N SER O 89 -50.83 10.42 -113.73
CA SER O 89 -49.89 10.26 -112.63
C SER O 89 -50.00 11.43 -111.66
N ALA O 90 -50.15 11.11 -110.39
CA ALA O 90 -50.52 12.12 -109.40
C ALA O 90 -49.38 13.08 -109.08
N LEU O 91 -48.14 12.62 -109.19
CA LEU O 91 -46.97 13.46 -108.91
C LEU O 91 -46.71 14.33 -110.13
N GLU O 92 -47.28 15.53 -110.13
CA GLU O 92 -47.34 16.38 -111.31
C GLU O 92 -46.35 17.53 -111.16
N VAL O 93 -45.63 17.84 -112.24
CA VAL O 93 -44.39 18.60 -112.16
C VAL O 93 -44.49 19.99 -112.80
N ASP O 94 -45.69 20.49 -113.11
CA ASP O 94 -45.73 21.85 -113.67
C ASP O 94 -45.36 22.90 -112.63
N GLU O 95 -45.54 22.60 -111.35
CA GLU O 95 -45.18 23.56 -110.31
C GLU O 95 -44.49 22.82 -109.18
N ILE O 96 -43.17 22.99 -109.11
CA ILE O 96 -42.35 22.57 -107.97
C ILE O 96 -41.88 23.85 -107.30
N ARG O 97 -42.11 23.96 -106.00
CA ARG O 97 -41.68 25.13 -105.26
C ARG O 97 -40.61 24.72 -104.25
N VAL O 98 -39.37 25.14 -104.51
CA VAL O 98 -38.21 24.70 -103.74
C VAL O 98 -37.61 25.92 -103.07
N ASP O 99 -36.48 25.72 -102.39
CA ASP O 99 -35.88 26.83 -101.67
C ASP O 99 -34.49 27.15 -102.25
N LYS O 100 -33.92 28.23 -101.73
CA LYS O 100 -32.78 28.88 -102.37
C LYS O 100 -31.62 27.93 -102.57
N GLU O 101 -31.24 27.19 -101.53
CA GLU O 101 -30.13 26.27 -101.70
C GLU O 101 -30.47 25.10 -102.62
N THR O 102 -31.75 24.75 -102.75
CA THR O 102 -32.09 23.76 -103.78
C THR O 102 -31.80 24.35 -105.16
N MET O 103 -32.24 25.58 -105.41
CA MET O 103 -31.88 26.20 -106.67
C MET O 103 -30.38 26.38 -106.80
N ASP O 104 -29.68 26.48 -105.67
CA ASP O 104 -28.23 26.50 -105.72
C ASP O 104 -27.68 25.17 -106.23
N MET O 105 -28.28 24.06 -105.80
CA MET O 105 -27.87 22.76 -106.33
C MET O 105 -28.10 22.71 -107.83
N LEU O 106 -29.26 23.21 -108.28
CA LEU O 106 -29.51 23.24 -109.71
C LEU O 106 -28.48 24.12 -110.44
N ALA O 107 -28.14 25.26 -109.85
CA ALA O 107 -27.13 26.12 -110.45
C ALA O 107 -25.78 25.42 -110.53
N PHE O 108 -25.43 24.68 -109.48
CA PHE O 108 -24.24 23.83 -109.49
C PHE O 108 -24.31 22.81 -110.62
N LEU O 109 -25.48 22.25 -110.86
CA LEU O 109 -25.66 21.19 -111.84
C LEU O 109 -25.87 21.74 -113.24
N GLY O 110 -25.89 23.06 -113.42
CA GLY O 110 -26.01 23.65 -114.73
C GLY O 110 -27.42 23.72 -115.25
N MET O 111 -28.38 23.21 -114.51
CA MET O 111 -29.80 23.31 -114.86
C MET O 111 -30.42 24.53 -114.18
N ALA O 112 -29.86 25.69 -114.53
CA ALA O 112 -30.18 26.93 -113.81
C ALA O 112 -31.65 27.32 -113.97
N ASP O 113 -32.17 27.30 -115.19
CA ASP O 113 -33.60 27.45 -115.42
C ASP O 113 -34.19 26.06 -115.65
N LEU O 114 -35.20 25.71 -114.87
CA LEU O 114 -35.77 24.38 -114.95
C LEU O 114 -37.28 24.55 -114.97
N PRO O 115 -37.98 23.93 -115.92
CA PRO O 115 -39.40 24.24 -116.12
C PRO O 115 -40.24 23.97 -114.88
N GLY O 116 -40.91 25.02 -114.40
CA GLY O 116 -41.85 24.89 -113.31
C GLY O 116 -41.28 25.03 -111.92
N VAL O 117 -39.98 25.24 -111.78
CA VAL O 117 -39.37 25.44 -110.47
C VAL O 117 -39.46 26.93 -110.12
N GLU O 118 -40.07 27.22 -108.98
CA GLU O 118 -40.42 28.58 -108.64
C GLU O 118 -39.83 28.95 -107.28
N ARG O 119 -39.43 30.21 -107.14
CA ARG O 119 -38.93 30.69 -105.85
C ARG O 119 -40.07 30.78 -104.85
N ALA O 120 -39.92 30.09 -103.73
CA ALA O 120 -40.97 30.05 -102.72
C ALA O 120 -41.24 31.44 -102.14
N THR P 18 -106.31 -49.73 -44.64
CA THR P 18 -106.21 -50.69 -43.56
C THR P 18 -104.88 -50.54 -42.80
N VAL P 19 -104.05 -51.59 -42.90
CA VAL P 19 -102.83 -51.66 -42.11
C VAL P 19 -101.75 -50.72 -42.66
N LYS P 20 -101.57 -50.71 -43.99
CA LYS P 20 -100.63 -49.77 -44.59
C LYS P 20 -101.14 -48.35 -44.49
N ASP P 21 -102.43 -48.17 -44.29
CA ASP P 21 -103.04 -46.85 -44.33
C ASP P 21 -102.90 -46.10 -43.01
N VAL P 22 -102.30 -46.72 -41.99
CA VAL P 22 -102.27 -46.17 -40.65
C VAL P 22 -100.81 -45.94 -40.25
N ASN P 23 -100.63 -45.10 -39.24
CA ASN P 23 -99.30 -44.79 -38.74
C ASN P 23 -98.60 -46.06 -38.26
N PRO P 24 -97.32 -46.24 -38.60
CA PRO P 24 -96.65 -47.52 -38.29
C PRO P 24 -96.52 -47.85 -36.82
N HIS P 25 -96.77 -46.91 -35.90
CA HIS P 25 -96.61 -47.15 -34.48
C HIS P 25 -97.91 -47.58 -33.81
N GLU P 26 -98.95 -46.75 -33.93
CA GLU P 26 -100.20 -47.06 -33.25
C GLU P 26 -100.78 -48.39 -33.70
N PHE P 27 -100.43 -48.87 -34.90
CA PHE P 27 -100.85 -50.22 -35.21
C PHE P 27 -100.24 -51.19 -34.22
N VAL P 28 -98.95 -51.04 -33.91
CA VAL P 28 -98.31 -51.94 -32.95
C VAL P 28 -98.86 -51.71 -31.55
N LYS P 29 -99.18 -50.45 -31.21
CA LYS P 29 -99.76 -50.17 -29.90
C LYS P 29 -101.14 -50.79 -29.74
N ALA P 30 -101.96 -50.75 -30.79
CA ALA P 30 -103.24 -51.45 -30.74
C ALA P 30 -103.03 -52.96 -30.68
N TYR P 31 -102.16 -53.48 -31.54
CA TYR P 31 -102.05 -54.92 -31.64
C TYR P 31 -101.38 -55.53 -30.43
N SER P 32 -100.58 -54.78 -29.68
CA SER P 32 -99.97 -55.36 -28.49
C SER P 32 -101.03 -55.69 -27.46
N ALA P 33 -101.99 -54.78 -27.26
CA ALA P 33 -103.11 -55.09 -26.39
C ALA P 33 -104.05 -56.10 -27.03
N HIS P 34 -104.05 -56.18 -28.36
CA HIS P 34 -104.93 -57.13 -29.01
C HIS P 34 -104.62 -58.55 -28.55
N LEU P 35 -103.44 -59.09 -28.89
CA LEU P 35 -103.19 -60.46 -28.50
C LEU P 35 -102.85 -60.60 -27.02
N LYS P 36 -103.15 -59.58 -26.21
CA LYS P 36 -103.33 -59.74 -24.77
C LYS P 36 -104.78 -60.09 -24.44
N ARG P 37 -105.73 -59.34 -25.01
CA ARG P 37 -107.12 -59.48 -24.61
C ARG P 37 -107.94 -60.40 -25.52
N SER P 38 -107.48 -60.68 -26.73
CA SER P 38 -108.18 -61.56 -27.67
C SER P 38 -107.81 -62.97 -27.26
N GLY P 39 -108.55 -63.50 -26.30
CA GLY P 39 -108.11 -64.71 -25.65
C GLY P 39 -106.74 -64.52 -25.04
N LYS P 40 -106.00 -65.61 -24.98
CA LYS P 40 -104.67 -65.64 -24.40
C LYS P 40 -103.99 -66.90 -24.91
N MET P 41 -102.82 -67.20 -24.38
CA MET P 41 -102.03 -68.29 -24.90
C MET P 41 -101.01 -68.72 -23.86
N GLU P 42 -100.04 -69.52 -24.27
CA GLU P 42 -98.88 -69.90 -23.47
C GLU P 42 -97.77 -68.86 -23.60
N LEU P 43 -96.85 -68.91 -22.65
CA LEU P 43 -95.71 -68.00 -22.60
C LEU P 43 -94.60 -68.61 -21.74
N PRO P 44 -93.47 -69.01 -22.33
CA PRO P 44 -92.41 -69.62 -21.52
C PRO P 44 -91.99 -68.76 -20.34
N GLU P 45 -91.41 -69.42 -19.33
CA GLU P 45 -91.16 -68.84 -18.01
C GLU P 45 -89.72 -68.38 -17.84
N TRP P 46 -89.14 -67.85 -18.93
CA TRP P 46 -87.91 -67.07 -18.90
C TRP P 46 -88.07 -65.69 -19.49
N VAL P 47 -89.30 -65.25 -19.76
CA VAL P 47 -89.52 -64.00 -20.49
C VAL P 47 -88.96 -62.81 -19.74
N ASP P 48 -88.86 -62.91 -18.43
CA ASP P 48 -88.62 -61.74 -17.61
C ASP P 48 -87.14 -61.44 -17.35
N ILE P 49 -86.23 -62.35 -17.65
CA ILE P 49 -84.82 -62.15 -17.33
C ILE P 49 -84.03 -61.53 -18.48
N VAL P 50 -84.27 -61.95 -19.72
CA VAL P 50 -83.28 -61.80 -20.79
C VAL P 50 -83.18 -60.37 -21.32
N LYS P 51 -82.10 -60.13 -22.06
CA LYS P 51 -81.77 -58.86 -22.70
C LYS P 51 -82.30 -58.75 -24.12
N THR P 52 -82.73 -59.87 -24.70
CA THR P 52 -83.28 -60.09 -26.05
C THR P 52 -82.28 -59.80 -27.16
N ALA P 53 -81.06 -59.40 -26.81
CA ALA P 53 -80.01 -59.26 -27.80
C ALA P 53 -78.66 -59.14 -27.10
N ARG P 54 -77.67 -59.83 -27.64
CA ARG P 54 -76.36 -59.94 -26.99
C ARG P 54 -75.78 -58.56 -26.71
N PHE P 55 -75.83 -57.66 -27.68
CA PHE P 55 -75.24 -56.33 -27.53
C PHE P 55 -76.01 -55.44 -26.58
N LYS P 56 -77.21 -55.82 -26.15
CA LYS P 56 -78.00 -54.96 -25.28
C LYS P 56 -77.31 -54.81 -23.94
N GLU P 57 -77.92 -54.06 -23.04
CA GLU P 57 -77.30 -53.86 -21.73
C GLU P 57 -78.28 -54.20 -20.62
N LEU P 58 -79.57 -54.00 -20.85
CA LEU P 58 -80.55 -54.21 -19.82
C LEU P 58 -81.78 -54.92 -20.39
N PRO P 59 -82.51 -55.66 -19.56
CA PRO P 59 -83.79 -56.17 -20.00
C PRO P 59 -84.72 -55.03 -20.36
N PRO P 60 -85.64 -55.25 -21.30
CA PRO P 60 -86.48 -54.15 -21.75
C PRO P 60 -87.24 -53.52 -20.60
N SER P 61 -87.33 -52.19 -20.64
CA SER P 61 -88.07 -51.47 -19.62
C SER P 61 -89.54 -51.83 -19.63
N ASP P 62 -90.05 -52.25 -20.78
CA ASP P 62 -91.46 -52.55 -20.92
C ASP P 62 -91.86 -53.76 -20.08
N ALA P 63 -93.03 -53.65 -19.43
CA ALA P 63 -93.62 -54.80 -18.78
C ALA P 63 -94.26 -55.73 -19.80
N ASP P 64 -95.02 -55.17 -20.73
CA ASP P 64 -95.56 -55.96 -21.83
C ASP P 64 -94.69 -55.81 -23.07
N TRP P 65 -93.40 -56.09 -22.92
CA TRP P 65 -92.50 -55.99 -24.05
C TRP P 65 -92.67 -57.15 -25.00
N TYR P 66 -93.10 -58.28 -24.45
CA TYR P 66 -93.17 -59.50 -25.24
C TYR P 66 -94.30 -59.42 -26.25
N TYR P 67 -95.39 -58.73 -25.87
CA TYR P 67 -96.51 -58.57 -26.77
C TYR P 67 -96.19 -57.58 -27.88
N ILE P 68 -95.43 -56.53 -27.56
CA ILE P 68 -95.02 -55.59 -28.59
C ILE P 68 -94.03 -56.23 -29.55
N ARG P 69 -93.11 -57.06 -29.04
CA ARG P 69 -92.32 -57.92 -29.89
C ARG P 69 -93.21 -58.69 -30.85
N ALA P 70 -94.25 -59.31 -30.30
CA ALA P 70 -95.15 -60.11 -31.13
C ALA P 70 -95.86 -59.26 -32.18
N ALA P 71 -96.35 -58.08 -31.80
CA ALA P 71 -97.06 -57.24 -32.75
C ALA P 71 -96.16 -56.78 -33.88
N SER P 72 -94.94 -56.35 -33.55
CA SER P 72 -94.02 -55.92 -34.59
C SER P 72 -93.71 -57.06 -35.54
N MET P 73 -93.35 -58.22 -35.01
CA MET P 73 -93.08 -59.36 -35.88
C MET P 73 -94.30 -59.79 -36.66
N ALA P 74 -95.49 -59.58 -36.10
CA ALA P 74 -96.72 -59.86 -36.82
C ALA P 74 -96.87 -58.96 -38.03
N ARG P 75 -96.51 -57.69 -37.94
CA ARG P 75 -96.64 -56.90 -39.16
C ARG P 75 -95.48 -57.12 -40.11
N LYS P 76 -94.31 -57.51 -39.59
CA LYS P 76 -93.23 -57.94 -40.48
C LYS P 76 -93.72 -59.07 -41.37
N ILE P 77 -94.26 -60.13 -40.75
CA ILE P 77 -94.80 -61.24 -41.52
C ILE P 77 -96.01 -60.82 -42.34
N TYR P 78 -96.77 -59.84 -41.87
CA TYR P 78 -97.86 -59.32 -42.67
C TYR P 78 -97.36 -58.88 -44.02
N LEU P 79 -96.33 -58.03 -44.03
CA LEU P 79 -95.90 -57.37 -45.25
C LEU P 79 -94.60 -57.92 -45.80
N ARG P 80 -94.30 -59.19 -45.49
CA ARG P 80 -93.27 -59.91 -46.22
C ARG P 80 -93.46 -61.41 -45.99
N GLN P 81 -92.98 -62.20 -46.95
CA GLN P 81 -93.04 -63.65 -46.85
C GLN P 81 -91.65 -64.25 -46.86
N GLY P 82 -91.49 -65.32 -46.10
CA GLY P 82 -90.21 -66.00 -45.99
C GLY P 82 -89.21 -65.26 -45.14
N ILE P 83 -89.57 -64.97 -43.90
CA ILE P 83 -88.68 -64.35 -42.93
C ILE P 83 -88.32 -65.42 -41.92
N GLY P 84 -87.03 -65.62 -41.69
CA GLY P 84 -86.56 -66.80 -40.99
C GLY P 84 -86.22 -66.56 -39.52
N ILE P 85 -85.80 -67.65 -38.89
CA ILE P 85 -85.24 -67.58 -37.55
C ILE P 85 -84.00 -66.69 -37.54
N GLY P 86 -83.21 -66.71 -38.62
CA GLY P 86 -82.05 -65.84 -38.69
C GLY P 86 -82.37 -64.46 -39.20
N GLY P 87 -83.33 -64.36 -40.11
CA GLY P 87 -83.72 -63.05 -40.59
C GLY P 87 -84.35 -62.21 -39.50
N PHE P 88 -85.11 -62.84 -38.61
CA PHE P 88 -85.66 -62.10 -37.47
C PHE P 88 -84.56 -61.66 -36.52
N GLN P 89 -83.53 -62.49 -36.37
CA GLN P 89 -82.36 -62.09 -35.63
C GLN P 89 -81.74 -60.84 -36.25
N LYS P 90 -81.60 -60.86 -37.57
CA LYS P 90 -80.90 -59.81 -38.29
C LYS P 90 -81.67 -58.50 -38.25
N ILE P 91 -82.99 -58.56 -38.44
CA ILE P 91 -83.80 -57.36 -38.51
C ILE P 91 -84.02 -56.74 -37.15
N TYR P 92 -83.64 -57.41 -36.08
CA TYR P 92 -83.78 -56.90 -34.73
C TYR P 92 -82.47 -56.67 -34.03
N GLY P 93 -81.35 -57.06 -34.64
CA GLY P 93 -80.05 -56.70 -34.11
C GLY P 93 -79.81 -55.21 -34.11
N GLY P 94 -78.59 -54.77 -33.81
CA GLY P 94 -78.34 -53.35 -33.75
C GLY P 94 -76.89 -52.98 -33.58
N ARG P 95 -76.63 -51.84 -32.95
CA ARG P 95 -75.28 -51.34 -32.76
C ARG P 95 -74.71 -51.84 -31.44
N GLN P 96 -73.53 -52.39 -31.51
CA GLN P 96 -72.83 -52.97 -30.37
C GLN P 96 -71.60 -52.12 -30.10
N ARG P 97 -71.66 -51.26 -29.09
CA ARG P 97 -70.43 -50.60 -28.65
C ARG P 97 -69.57 -51.62 -27.92
N ASN P 98 -68.38 -51.89 -28.47
CA ASN P 98 -67.55 -52.97 -27.98
C ASN P 98 -66.65 -52.56 -26.83
N GLY P 99 -66.94 -51.46 -26.17
CA GLY P 99 -65.98 -50.91 -25.24
C GLY P 99 -65.10 -49.93 -25.97
N SER P 100 -63.80 -49.89 -25.65
CA SER P 100 -62.92 -48.95 -26.33
C SER P 100 -62.79 -49.27 -27.80
N ARG P 101 -63.14 -50.48 -28.19
CA ARG P 101 -63.15 -50.91 -29.57
C ARG P 101 -64.23 -50.14 -30.33
N PRO P 102 -64.12 -50.04 -31.65
CA PRO P 102 -65.19 -49.42 -32.41
C PRO P 102 -66.46 -50.23 -32.31
N PRO P 103 -67.62 -49.60 -32.32
CA PRO P 103 -68.87 -50.35 -32.35
C PRO P 103 -69.12 -50.95 -33.71
N HIS P 104 -69.96 -51.98 -33.72
CA HIS P 104 -70.26 -52.75 -34.92
C HIS P 104 -71.74 -53.12 -34.95
N PHE P 105 -72.08 -54.03 -35.84
CA PHE P 105 -73.43 -54.56 -35.93
C PHE P 105 -73.45 -55.92 -35.28
N CYS P 106 -74.44 -56.14 -34.41
CA CYS P 106 -74.60 -57.42 -33.72
C CYS P 106 -76.02 -57.90 -33.90
N LYS P 107 -76.17 -59.15 -34.33
CA LYS P 107 -77.51 -59.71 -34.46
C LYS P 107 -78.14 -59.93 -33.09
N SER P 108 -79.46 -59.78 -33.03
CA SER P 108 -80.17 -60.00 -31.78
C SER P 108 -80.22 -61.49 -31.46
N SER P 109 -80.83 -61.83 -30.33
CA SER P 109 -80.92 -63.22 -29.91
C SER P 109 -82.10 -63.89 -30.60
N GLY P 110 -81.92 -65.17 -30.92
CA GLY P 110 -82.88 -65.86 -31.76
C GLY P 110 -83.96 -66.60 -31.02
N ALA P 111 -83.64 -67.13 -29.84
CA ALA P 111 -84.62 -67.89 -29.09
C ALA P 111 -85.73 -66.99 -28.56
N VAL P 112 -85.51 -65.68 -28.44
CA VAL P 112 -86.63 -64.80 -28.13
C VAL P 112 -87.58 -64.70 -29.31
N SER P 113 -87.04 -64.62 -30.54
CA SER P 113 -87.89 -64.51 -31.71
C SER P 113 -88.66 -65.80 -31.95
N ARG P 114 -88.02 -66.93 -31.66
CA ARG P 114 -88.66 -68.22 -31.91
C ARG P 114 -89.99 -68.31 -31.20
N ASN P 115 -90.00 -68.12 -29.89
CA ASN P 115 -91.23 -68.38 -29.16
C ASN P 115 -92.32 -67.38 -29.53
N ILE P 116 -91.95 -66.20 -30.01
CA ILE P 116 -92.93 -65.34 -30.64
C ILE P 116 -93.53 -66.02 -31.86
N LEU P 117 -92.68 -66.67 -32.66
CA LEU P 117 -93.20 -67.34 -33.85
C LEU P 117 -94.08 -68.53 -33.47
N GLN P 118 -93.68 -69.30 -32.45
CA GLN P 118 -94.59 -70.36 -32.03
C GLN P 118 -95.85 -69.83 -31.36
N GLU P 119 -95.84 -68.66 -30.72
CA GLU P 119 -97.11 -68.09 -30.25
C GLU P 119 -98.02 -67.73 -31.41
N LEU P 120 -97.52 -66.97 -32.37
CA LEU P 120 -98.38 -66.61 -33.49
C LEU P 120 -98.78 -67.83 -34.30
N GLN P 121 -97.94 -68.87 -34.32
CA GLN P 121 -98.31 -70.11 -35.01
C GLN P 121 -99.41 -70.85 -34.27
N LYS P 122 -99.26 -71.03 -32.96
CA LYS P 122 -100.30 -71.69 -32.19
C LYS P 122 -101.57 -70.87 -32.12
N MET P 123 -101.49 -69.58 -32.41
CA MET P 123 -102.68 -68.76 -32.61
C MET P 123 -103.14 -68.79 -34.05
N GLY P 124 -102.36 -69.38 -34.95
CA GLY P 124 -102.73 -69.38 -36.34
C GLY P 124 -102.60 -68.03 -37.02
N ILE P 125 -101.94 -67.08 -36.36
CA ILE P 125 -101.70 -65.77 -36.97
C ILE P 125 -100.79 -65.91 -38.18
N ILE P 126 -99.82 -66.81 -38.10
CA ILE P 126 -98.88 -67.09 -39.19
C ILE P 126 -98.72 -68.59 -39.31
N ASP P 127 -97.93 -69.01 -40.30
CA ASP P 127 -97.50 -70.40 -40.32
C ASP P 127 -96.30 -70.57 -41.24
N VAL P 128 -95.60 -71.69 -41.06
CA VAL P 128 -94.44 -72.00 -41.89
C VAL P 128 -94.83 -72.06 -43.36
N ASP P 129 -93.93 -71.59 -44.21
CA ASP P 129 -93.99 -71.36 -45.65
C ASP P 129 -93.42 -72.55 -46.42
N PRO P 130 -94.04 -72.91 -47.54
CA PRO P 130 -93.31 -73.64 -48.57
C PRO P 130 -92.18 -72.76 -49.09
N LYS P 131 -91.11 -73.38 -49.57
CA LYS P 131 -89.91 -72.69 -50.03
C LYS P 131 -89.15 -72.06 -48.87
N GLY P 132 -89.55 -72.35 -47.63
CA GLY P 132 -88.91 -71.80 -46.45
C GLY P 132 -89.49 -70.48 -45.96
N GLY P 133 -89.44 -70.26 -44.65
CA GLY P 133 -89.85 -69.02 -44.04
C GLY P 133 -91.17 -69.13 -43.31
N ARG P 134 -91.75 -67.96 -42.99
CA ARG P 134 -93.06 -67.89 -42.34
C ARG P 134 -93.94 -66.92 -43.11
N LEU P 135 -95.12 -67.40 -43.53
CA LEU P 135 -96.06 -66.57 -44.26
C LEU P 135 -97.28 -66.31 -43.40
N ILE P 136 -97.87 -65.13 -43.59
CA ILE P 136 -99.10 -64.80 -42.91
C ILE P 136 -100.17 -65.83 -43.29
N THR P 137 -101.05 -66.11 -42.35
CA THR P 137 -102.17 -67.02 -42.60
C THR P 137 -103.32 -66.16 -43.11
N SER P 138 -104.17 -66.76 -43.95
CA SER P 138 -105.28 -66.01 -44.52
C SER P 138 -106.16 -65.39 -43.44
N GLN P 139 -106.32 -66.06 -42.30
CA GLN P 139 -107.17 -65.51 -41.24
C GLN P 139 -106.40 -64.59 -40.32
N GLY P 140 -105.10 -64.84 -40.13
CA GLY P 140 -104.28 -63.86 -39.43
C GLY P 140 -104.28 -62.54 -40.15
N ARG P 141 -104.25 -62.58 -41.48
CA ARG P 141 -104.51 -61.38 -42.27
C ARG P 141 -105.80 -60.71 -41.85
N ARG P 142 -106.87 -61.49 -41.65
CA ARG P 142 -108.12 -60.88 -41.22
C ARG P 142 -107.95 -60.19 -39.88
N ASP P 143 -107.26 -60.85 -38.96
CA ASP P 143 -107.09 -60.30 -37.62
C ASP P 143 -106.36 -58.96 -37.66
N LEU P 144 -105.20 -58.93 -38.32
CA LEU P 144 -104.42 -57.70 -38.39
C LEU P 144 -105.14 -56.60 -39.16
N ASP P 145 -105.83 -56.93 -40.25
CA ASP P 145 -106.50 -55.89 -41.00
C ASP P 145 -107.61 -55.24 -40.20
N GLN P 146 -108.42 -56.04 -39.48
CA GLN P 146 -109.49 -55.40 -38.74
C GLN P 146 -108.98 -54.67 -37.51
N VAL P 147 -107.96 -55.20 -36.83
CA VAL P 147 -107.43 -54.47 -35.68
C VAL P 147 -106.81 -53.15 -36.13
N ALA P 148 -106.26 -53.10 -37.34
CA ALA P 148 -105.76 -51.83 -37.85
C ALA P 148 -106.90 -50.91 -38.26
N GLY P 149 -107.98 -51.47 -38.82
CA GLY P 149 -109.13 -50.65 -39.14
C GLY P 149 -109.74 -49.98 -37.94
N THR P 150 -109.58 -50.58 -36.75
CA THR P 150 -110.07 -49.99 -35.51
C THR P 150 -109.10 -49.00 -34.89
N VAL P 151 -108.34 -48.26 -35.70
CA VAL P 151 -107.44 -47.22 -35.22
C VAL P 151 -107.92 -45.87 -35.77
N PRO P 152 -107.65 -44.74 -35.08
CA PRO P 152 -107.87 -43.41 -35.63
C PRO P 152 -107.33 -43.23 -37.05
N SER Q 38 -62.16 -91.71 -12.11
CA SER Q 38 -62.75 -91.95 -13.42
C SER Q 38 -62.56 -90.75 -14.32
N THR Q 39 -62.76 -90.92 -15.63
CA THR Q 39 -62.61 -89.81 -16.56
C THR Q 39 -63.91 -89.02 -16.72
N ASP Q 40 -65.04 -89.72 -16.72
CA ASP Q 40 -66.31 -89.09 -17.07
C ASP Q 40 -66.64 -87.93 -16.12
N ASP Q 41 -66.54 -88.16 -14.81
CA ASP Q 41 -66.81 -87.09 -13.87
C ASP Q 41 -65.69 -86.04 -13.87
N LEU Q 42 -64.45 -86.48 -14.11
CA LEU Q 42 -63.31 -85.59 -13.93
C LEU Q 42 -63.21 -84.55 -15.03
N VAL Q 43 -63.54 -84.93 -16.27
CA VAL Q 43 -63.49 -83.95 -17.35
C VAL Q 43 -64.51 -82.86 -17.11
N GLN Q 44 -65.68 -83.20 -16.57
CA GLN Q 44 -66.68 -82.18 -16.26
C GLN Q 44 -66.33 -81.44 -14.99
N MET Q 45 -65.46 -82.01 -14.16
CA MET Q 45 -64.98 -81.28 -12.98
C MET Q 45 -63.96 -80.21 -13.37
N PHE Q 46 -63.11 -80.50 -14.35
CA PHE Q 46 -62.19 -79.48 -14.85
C PHE Q 46 -62.98 -78.38 -15.57
N PRO Q 47 -62.42 -77.18 -15.74
CA PRO Q 47 -63.15 -76.11 -16.42
C PRO Q 47 -63.10 -76.28 -17.94
N ALA Q 48 -63.80 -75.37 -18.64
CA ALA Q 48 -64.13 -75.59 -20.05
C ALA Q 48 -62.89 -75.79 -20.89
N ARG Q 49 -61.91 -74.89 -20.77
CA ARG Q 49 -60.71 -74.98 -21.56
C ARG Q 49 -59.94 -76.25 -21.27
N ALA Q 50 -60.18 -76.89 -20.12
CA ALA Q 50 -59.51 -78.13 -19.82
C ALA Q 50 -60.20 -79.31 -20.48
N ARG Q 51 -61.53 -79.39 -20.39
CA ARG Q 51 -62.17 -80.54 -20.99
C ARG Q 51 -62.21 -80.48 -22.51
N ARG Q 52 -62.14 -79.28 -23.10
CA ARG Q 52 -62.01 -79.23 -24.56
C ARG Q 52 -60.82 -80.03 -25.03
N ARG Q 53 -59.68 -79.91 -24.35
CA ARG Q 53 -58.50 -80.56 -24.87
C ARG Q 53 -58.59 -82.07 -24.67
N PHE Q 54 -59.32 -82.52 -23.65
CA PHE Q 54 -59.54 -83.96 -23.45
C PHE Q 54 -60.53 -84.51 -24.45
N LYS Q 55 -61.57 -83.75 -24.79
CA LYS Q 55 -62.46 -84.15 -25.86
C LYS Q 55 -61.74 -84.18 -27.20
N ARG Q 56 -60.66 -83.42 -27.35
CA ARG Q 56 -59.89 -83.48 -28.57
C ARG Q 56 -58.92 -84.67 -28.61
N GLY Q 57 -59.01 -85.63 -27.70
CA GLY Q 57 -58.26 -86.86 -27.87
C GLY Q 57 -56.75 -86.77 -27.70
N LEU Q 58 -56.28 -86.64 -26.46
CA LEU Q 58 -54.85 -86.71 -26.18
C LEU Q 58 -54.24 -88.01 -26.71
N LYS Q 59 -53.25 -87.87 -27.56
CA LYS Q 59 -52.63 -88.98 -28.27
C LYS Q 59 -51.37 -89.51 -27.57
N ARG Q 60 -50.57 -90.19 -28.38
CA ARG Q 60 -49.32 -90.83 -28.02
C ARG Q 60 -48.49 -90.06 -27.00
N LYS Q 61 -48.11 -88.82 -27.29
CA LYS Q 61 -47.10 -88.16 -26.45
C LYS Q 61 -47.55 -87.90 -25.02
N PRO Q 62 -48.70 -87.29 -24.75
CA PRO Q 62 -49.16 -87.24 -23.35
C PRO Q 62 -49.44 -88.61 -22.76
N MET Q 63 -49.86 -89.59 -23.59
CA MET Q 63 -49.88 -90.96 -23.06
C MET Q 63 -48.50 -91.37 -22.57
N ALA Q 64 -47.46 -91.03 -23.31
CA ALA Q 64 -46.11 -91.42 -22.93
C ALA Q 64 -45.69 -90.71 -21.66
N LEU Q 65 -46.09 -89.45 -21.51
CA LEU Q 65 -45.67 -88.74 -20.31
C LEU Q 65 -46.36 -89.31 -19.07
N VAL Q 66 -47.66 -89.58 -19.15
CA VAL Q 66 -48.29 -90.22 -18.00
C VAL Q 66 -47.68 -91.59 -17.76
N LYS Q 67 -47.31 -92.29 -18.83
CA LYS Q 67 -46.62 -93.58 -18.68
C LYS Q 67 -45.32 -93.43 -17.92
N LYS Q 68 -44.48 -92.48 -18.32
CA LYS Q 68 -43.20 -92.29 -17.64
C LYS Q 68 -43.40 -91.87 -16.19
N LEU Q 69 -44.48 -91.14 -15.89
CA LEU Q 69 -44.72 -90.80 -14.49
C LEU Q 69 -45.11 -92.02 -13.67
N ARG Q 70 -45.97 -92.89 -14.20
CA ARG Q 70 -46.24 -94.13 -13.46
C ARG Q 70 -45.01 -95.03 -13.38
N LYS Q 71 -44.15 -95.00 -14.40
CA LYS Q 71 -42.86 -95.66 -14.31
C LYS Q 71 -42.07 -95.15 -13.11
N ALA Q 72 -42.01 -93.82 -12.94
CA ALA Q 72 -41.24 -93.25 -11.84
C ALA Q 72 -41.91 -93.51 -10.49
N LYS Q 73 -43.24 -93.66 -10.48
CA LYS Q 73 -43.92 -94.00 -9.23
C LYS Q 73 -43.63 -95.43 -8.80
N LYS Q 74 -43.76 -96.39 -9.73
CA LYS Q 74 -43.34 -97.75 -9.44
C LYS Q 74 -41.85 -97.84 -9.13
N ASP Q 75 -41.06 -96.96 -9.72
CA ASP Q 75 -39.61 -96.98 -9.51
C ASP Q 75 -39.25 -96.47 -8.12
N ALA Q 76 -39.99 -95.49 -7.62
CA ALA Q 76 -39.61 -94.81 -6.39
C ALA Q 76 -39.59 -95.78 -5.22
N PRO Q 77 -38.54 -95.79 -4.40
CA PRO Q 77 -38.60 -96.50 -3.13
C PRO Q 77 -39.79 -96.03 -2.30
N ALA Q 78 -40.12 -96.83 -1.28
CA ALA Q 78 -41.32 -96.57 -0.49
C ALA Q 78 -41.17 -95.31 0.35
N GLY Q 79 -41.94 -94.27 -0.01
CA GLY Q 79 -42.05 -93.07 0.81
C GLY Q 79 -40.91 -92.07 0.73
N GLU Q 80 -40.69 -91.53 -0.46
CA GLU Q 80 -39.55 -90.68 -0.75
C GLU Q 80 -40.03 -89.54 -1.64
N LYS Q 81 -39.08 -88.78 -2.16
CA LYS Q 81 -39.32 -87.91 -3.29
C LYS Q 81 -39.03 -88.67 -4.59
N PRO Q 82 -39.86 -88.50 -5.61
CA PRO Q 82 -39.68 -89.29 -6.84
C PRO Q 82 -38.54 -88.77 -7.69
N GLU Q 83 -38.28 -89.48 -8.77
CA GLU Q 83 -37.25 -89.08 -9.71
C GLU Q 83 -37.76 -87.92 -10.55
N PRO Q 84 -36.95 -86.88 -10.80
CA PRO Q 84 -37.45 -85.74 -11.57
C PRO Q 84 -37.69 -86.09 -13.03
N VAL Q 85 -38.96 -86.16 -13.41
CA VAL Q 85 -39.33 -86.49 -14.78
C VAL Q 85 -39.24 -85.21 -15.61
N ARG Q 86 -38.27 -85.17 -16.50
CA ARG Q 86 -37.85 -83.96 -17.16
C ARG Q 86 -38.51 -83.86 -18.54
N THR Q 87 -39.82 -83.62 -18.52
CA THR Q 87 -40.59 -83.47 -19.74
C THR Q 87 -40.08 -82.27 -20.52
N HIS Q 88 -40.26 -82.30 -21.83
CA HIS Q 88 -39.82 -81.18 -22.65
C HIS Q 88 -40.97 -80.31 -23.12
N LEU Q 89 -42.21 -80.74 -22.95
CA LEU Q 89 -43.38 -80.03 -23.43
C LEU Q 89 -44.00 -79.19 -22.33
N ARG Q 90 -44.91 -78.31 -22.73
CA ARG Q 90 -45.54 -77.39 -21.78
C ARG Q 90 -47.04 -77.31 -21.97
N ASN Q 91 -47.63 -78.11 -22.85
CA ASN Q 91 -49.05 -78.01 -23.15
C ASN Q 91 -49.93 -78.87 -22.26
N MET Q 92 -49.35 -79.76 -21.47
CA MET Q 92 -50.10 -80.84 -20.83
C MET Q 92 -50.71 -80.33 -19.52
N ILE Q 93 -52.04 -80.43 -19.40
CA ILE Q 93 -52.73 -79.91 -18.23
C ILE Q 93 -52.56 -80.87 -17.06
N ILE Q 94 -52.34 -80.31 -15.88
CA ILE Q 94 -52.11 -81.10 -14.67
C ILE Q 94 -53.34 -81.93 -14.36
N VAL Q 95 -53.18 -83.25 -14.38
CA VAL Q 95 -54.25 -84.17 -14.01
C VAL Q 95 -54.01 -84.64 -12.58
N PRO Q 96 -55.06 -84.88 -11.79
CA PRO Q 96 -54.85 -85.20 -10.37
C PRO Q 96 -54.15 -86.52 -10.13
N GLU Q 97 -54.12 -87.43 -11.10
CA GLU Q 97 -53.41 -88.68 -10.90
C GLU Q 97 -51.91 -88.47 -10.78
N MET Q 98 -51.38 -87.46 -11.46
CA MET Q 98 -49.94 -87.23 -11.55
C MET Q 98 -49.39 -86.52 -10.32
N ILE Q 99 -50.26 -86.09 -9.39
CA ILE Q 99 -49.80 -85.56 -8.11
C ILE Q 99 -48.77 -86.49 -7.48
N GLY Q 100 -47.77 -85.88 -6.83
CA GLY Q 100 -46.68 -86.63 -6.28
C GLY Q 100 -45.47 -86.72 -7.18
N SER Q 101 -45.51 -86.06 -8.32
CA SER Q 101 -44.48 -86.13 -9.35
C SER Q 101 -43.43 -85.05 -9.17
N LEU Q 102 -42.26 -85.28 -9.74
CA LEU Q 102 -41.23 -84.25 -9.88
C LEU Q 102 -41.05 -83.96 -11.36
N ILE Q 103 -41.65 -82.86 -11.82
CA ILE Q 103 -41.58 -82.46 -13.23
C ILE Q 103 -40.54 -81.37 -13.39
N GLY Q 104 -39.87 -81.41 -14.55
CA GLY Q 104 -38.74 -80.58 -14.90
C GLY Q 104 -39.05 -79.65 -16.05
N VAL Q 105 -40.16 -78.91 -15.99
CA VAL Q 105 -40.66 -78.13 -17.12
C VAL Q 105 -39.61 -77.22 -17.73
N TYR Q 106 -39.71 -77.02 -19.04
CA TYR Q 106 -38.74 -76.29 -19.84
C TYR Q 106 -39.11 -74.81 -19.88
N ASN Q 107 -38.11 -73.94 -19.95
CA ASN Q 107 -38.37 -72.52 -20.08
C ASN Q 107 -37.72 -71.90 -21.31
N GLY Q 108 -37.12 -72.72 -22.16
CA GLY Q 108 -36.32 -72.22 -23.25
C GLY Q 108 -34.85 -72.46 -23.01
N LYS Q 109 -34.38 -72.20 -21.80
CA LYS Q 109 -32.98 -72.33 -21.48
C LYS Q 109 -32.70 -73.60 -20.67
N THR Q 110 -33.32 -73.71 -19.50
CA THR Q 110 -33.06 -74.78 -18.57
C THR Q 110 -34.40 -75.33 -18.08
N PHE Q 111 -34.28 -76.27 -17.16
CA PHE Q 111 -35.40 -77.11 -16.71
C PHE Q 111 -35.80 -76.67 -15.31
N ASN Q 112 -36.70 -75.71 -15.22
CA ASN Q 112 -37.24 -75.37 -13.91
C ASN Q 112 -38.08 -76.54 -13.42
N GLN Q 113 -37.79 -77.02 -12.22
CA GLN Q 113 -38.49 -78.20 -11.71
C GLN Q 113 -39.44 -77.80 -10.60
N VAL Q 114 -40.69 -78.23 -10.72
CA VAL Q 114 -41.76 -77.89 -9.80
C VAL Q 114 -42.35 -79.18 -9.23
N GLU Q 115 -43.18 -79.02 -8.21
CA GLU Q 115 -43.78 -80.15 -7.52
C GLU Q 115 -45.29 -80.06 -7.68
N ILE Q 116 -45.91 -81.18 -8.01
CA ILE Q 116 -47.34 -81.20 -8.32
C ILE Q 116 -48.14 -81.29 -7.04
N LYS Q 117 -49.28 -80.60 -7.02
CA LYS Q 117 -50.12 -80.47 -5.83
C LYS Q 117 -51.58 -80.67 -6.21
N PRO Q 118 -52.43 -80.98 -5.22
CA PRO Q 118 -53.87 -81.17 -5.50
C PRO Q 118 -54.61 -79.89 -5.85
N GLU Q 119 -53.97 -78.71 -5.83
CA GLU Q 119 -54.66 -77.46 -6.17
C GLU Q 119 -54.15 -76.84 -7.46
N MET Q 120 -53.08 -77.34 -8.03
CA MET Q 120 -52.51 -77.09 -9.34
C MET Q 120 -53.34 -77.67 -10.44
N ILE Q 121 -54.49 -78.19 -10.05
CA ILE Q 121 -55.41 -78.84 -10.98
C ILE Q 121 -56.00 -77.83 -11.95
N GLY Q 122 -56.09 -78.23 -13.22
CA GLY Q 122 -56.78 -77.44 -14.23
C GLY Q 122 -55.88 -76.52 -15.02
N HIS Q 123 -54.65 -76.32 -14.56
CA HIS Q 123 -53.73 -75.40 -15.19
C HIS Q 123 -52.74 -76.16 -16.06
N TYR Q 124 -52.40 -75.56 -17.20
CA TYR Q 124 -51.33 -76.10 -18.03
C TYR Q 124 -50.00 -76.08 -17.30
N LEU Q 125 -49.19 -77.07 -17.61
CA LEU Q 125 -47.92 -77.26 -16.96
C LEU Q 125 -46.97 -76.10 -17.28
N ALA Q 126 -47.27 -75.33 -18.33
CA ALA Q 126 -46.47 -74.17 -18.70
C ALA Q 126 -46.67 -72.98 -17.78
N GLU Q 127 -47.84 -72.89 -17.14
CA GLU Q 127 -48.20 -71.73 -16.34
C GLU Q 127 -47.30 -71.56 -15.13
N PHE Q 128 -46.27 -72.37 -15.00
CA PHE Q 128 -45.50 -72.47 -13.78
C PHE Q 128 -44.01 -72.26 -14.00
N SER Q 129 -43.54 -72.36 -15.24
CA SER Q 129 -42.14 -72.10 -15.57
C SER Q 129 -42.09 -70.84 -16.40
N ILE Q 130 -41.78 -69.72 -15.74
CA ILE Q 130 -41.46 -68.49 -16.43
C ILE Q 130 -40.41 -68.77 -17.49
N SER Q 131 -40.71 -68.43 -18.74
CA SER Q 131 -39.75 -68.58 -19.82
C SER Q 131 -38.81 -67.41 -19.94
N TYR Q 132 -39.08 -66.32 -19.20
CA TYR Q 132 -38.28 -65.11 -19.25
C TYR Q 132 -37.81 -64.75 -17.84
N LYS Q 133 -37.24 -63.56 -17.71
CA LYS Q 133 -36.80 -63.02 -16.43
C LYS Q 133 -37.55 -61.72 -16.17
N PRO Q 134 -38.09 -61.51 -14.97
CA PRO Q 134 -38.90 -60.32 -14.75
C PRO Q 134 -38.08 -59.04 -14.85
N VAL Q 135 -38.78 -57.96 -15.14
CA VAL Q 135 -38.16 -56.67 -15.42
C VAL Q 135 -37.78 -56.01 -14.10
N LYS Q 136 -36.50 -55.68 -13.94
CA LYS Q 136 -36.01 -54.95 -12.78
C LYS Q 136 -35.23 -53.74 -13.27
N HIS Q 137 -35.68 -52.55 -12.89
CA HIS Q 137 -35.16 -51.33 -13.47
C HIS Q 137 -34.32 -50.52 -12.48
N GLY R 31 -81.90 -27.67 -9.63
CA GLY R 31 -82.17 -28.17 -8.30
C GLY R 31 -82.09 -29.67 -8.21
N LYS R 32 -82.32 -30.20 -7.01
CA LYS R 32 -82.23 -31.63 -6.75
C LYS R 32 -83.53 -32.32 -7.16
N GLN R 33 -84.00 -32.04 -8.37
CA GLN R 33 -85.39 -32.32 -8.77
C GLN R 33 -85.57 -33.64 -9.49
N LYS R 34 -85.00 -34.71 -8.97
CA LYS R 34 -85.76 -35.93 -8.83
C LYS R 34 -85.41 -36.65 -7.54
N GLU R 35 -84.30 -36.30 -6.89
CA GLU R 35 -84.07 -36.70 -5.51
C GLU R 35 -85.21 -36.20 -4.63
N LYS R 36 -85.66 -34.97 -4.87
CA LYS R 36 -86.66 -34.34 -4.03
C LYS R 36 -88.08 -34.79 -4.31
N VAL R 37 -88.28 -35.67 -5.29
CA VAL R 37 -89.61 -36.03 -5.78
C VAL R 37 -90.53 -36.43 -4.64
N ASN R 38 -89.95 -36.82 -3.50
CA ASN R 38 -90.72 -37.41 -2.44
C ASN R 38 -90.92 -36.49 -1.24
N ASN R 39 -90.16 -35.38 -1.14
CA ASN R 39 -90.36 -34.44 -0.03
C ASN R 39 -91.75 -33.84 -0.14
N ALA R 40 -92.61 -34.24 0.81
CA ALA R 40 -94.06 -34.28 0.60
C ALA R 40 -94.68 -32.96 0.19
N VAL R 41 -93.95 -31.84 0.28
CA VAL R 41 -94.56 -30.58 -0.16
C VAL R 41 -94.87 -30.64 -1.66
N LEU R 42 -94.06 -31.38 -2.43
CA LEU R 42 -94.33 -31.53 -3.86
C LEU R 42 -95.63 -32.30 -4.08
N PHE R 43 -95.86 -33.35 -3.30
CA PHE R 43 -97.06 -34.16 -3.42
C PHE R 43 -98.19 -33.63 -2.53
N ASP R 44 -98.02 -32.44 -1.97
CA ASP R 44 -99.03 -31.79 -1.14
C ASP R 44 -99.58 -30.51 -1.75
N GLN R 45 -98.74 -29.51 -1.99
CA GLN R 45 -99.21 -28.24 -2.55
C GLN R 45 -98.32 -27.64 -3.61
N ALA R 46 -97.02 -27.96 -3.63
CA ALA R 46 -96.03 -27.21 -4.40
C ALA R 46 -96.47 -26.96 -5.85
N THR R 47 -96.70 -28.03 -6.61
CA THR R 47 -97.22 -27.91 -7.97
C THR R 47 -98.70 -28.20 -8.02
N TYR R 48 -99.34 -28.35 -6.86
CA TYR R 48 -100.80 -28.29 -6.76
C TYR R 48 -101.18 -26.80 -6.77
N ASP R 49 -101.06 -26.22 -7.98
CA ASP R 49 -101.33 -24.84 -8.38
C ASP R 49 -100.93 -23.85 -7.29
N LYS R 50 -99.84 -24.14 -6.59
CA LYS R 50 -99.27 -23.17 -5.67
C LYS R 50 -98.14 -22.38 -6.31
N LEU R 51 -97.41 -23.00 -7.24
CA LEU R 51 -96.28 -22.39 -7.91
C LEU R 51 -96.53 -22.13 -9.38
N LEU R 52 -97.00 -23.14 -10.11
CA LEU R 52 -97.30 -23.00 -11.53
C LEU R 52 -98.74 -22.60 -11.80
N THR R 53 -99.34 -21.86 -10.87
CA THR R 53 -100.39 -20.92 -11.23
C THR R 53 -99.80 -19.56 -11.56
N GLU R 54 -98.69 -19.21 -10.92
CA GLU R 54 -98.00 -17.94 -11.09
C GLU R 54 -96.84 -18.02 -12.07
N VAL R 55 -96.09 -19.12 -12.06
CA VAL R 55 -95.02 -19.34 -13.04
C VAL R 55 -95.54 -19.21 -14.48
N PRO R 56 -96.74 -19.68 -14.81
CA PRO R 56 -97.29 -19.28 -16.11
C PRO R 56 -97.53 -17.80 -16.26
N LYS R 57 -97.94 -17.11 -15.18
CA LYS R 57 -98.54 -15.78 -15.31
C LYS R 57 -97.64 -14.75 -15.97
N TYR R 58 -96.32 -14.96 -15.98
CA TYR R 58 -95.43 -14.01 -16.64
C TYR R 58 -95.81 -13.84 -18.10
N LYS R 59 -95.92 -14.94 -18.83
CA LYS R 59 -96.32 -14.93 -20.23
C LYS R 59 -97.60 -15.71 -20.47
N GLN R 60 -98.23 -16.24 -19.41
CA GLN R 60 -99.51 -16.93 -19.41
C GLN R 60 -99.39 -18.29 -20.09
N ILE R 61 -98.29 -18.51 -20.80
CA ILE R 61 -98.01 -19.73 -21.56
C ILE R 61 -96.50 -20.01 -21.56
N THR R 62 -96.01 -20.71 -20.54
CA THR R 62 -94.56 -20.74 -20.27
C THR R 62 -94.09 -22.16 -20.01
N PRO R 63 -93.36 -22.76 -20.94
CA PRO R 63 -93.25 -24.23 -20.99
C PRO R 63 -92.77 -24.83 -19.69
N SER R 64 -93.23 -26.05 -19.42
CA SER R 64 -92.63 -26.84 -18.36
C SER R 64 -91.14 -27.05 -18.61
N VAL R 65 -90.78 -27.40 -19.84
CA VAL R 65 -89.37 -27.61 -20.12
C VAL R 65 -88.63 -26.28 -20.05
N LEU R 66 -89.26 -25.17 -20.44
CA LEU R 66 -88.56 -23.89 -20.47
C LEU R 66 -88.39 -23.30 -19.09
N SER R 67 -89.37 -23.48 -18.23
CA SER R 67 -89.24 -23.12 -16.82
C SER R 67 -88.59 -24.21 -15.99
N GLU R 68 -88.09 -25.29 -16.60
CA GLU R 68 -87.21 -26.19 -15.87
C GLU R 68 -86.10 -25.42 -15.17
N ARG R 69 -85.81 -24.18 -15.60
CA ARG R 69 -84.88 -23.31 -14.90
C ARG R 69 -85.40 -21.91 -14.56
N LEU R 70 -86.56 -21.48 -15.07
CA LEU R 70 -87.18 -20.27 -14.53
C LEU R 70 -87.92 -20.57 -13.23
N ARG R 71 -88.59 -21.71 -13.15
CA ARG R 71 -88.73 -22.43 -11.89
C ARG R 71 -87.58 -23.41 -11.85
N ILE R 72 -86.48 -22.94 -11.27
CA ILE R 72 -85.13 -23.49 -11.43
C ILE R 72 -85.14 -25.01 -11.27
N ASN R 73 -86.15 -25.52 -10.58
CA ASN R 73 -86.28 -26.94 -10.33
C ASN R 73 -86.26 -27.74 -11.62
N GLY R 74 -85.44 -28.80 -11.63
CA GLY R 74 -85.18 -29.67 -12.77
C GLY R 74 -86.29 -30.67 -13.04
N SER R 75 -85.95 -31.90 -13.43
CA SER R 75 -86.90 -32.73 -14.15
C SER R 75 -87.14 -34.08 -13.50
N LEU R 76 -88.29 -34.64 -13.85
CA LEU R 76 -88.81 -35.96 -13.47
C LEU R 76 -89.40 -36.01 -12.06
N ALA R 77 -89.19 -34.97 -11.27
CA ALA R 77 -90.20 -34.57 -10.32
C ALA R 77 -91.03 -33.45 -10.91
N ARG R 78 -90.58 -32.92 -12.03
CA ARG R 78 -91.30 -31.93 -12.82
C ARG R 78 -91.94 -32.51 -14.05
N ARG R 79 -91.44 -33.63 -14.56
CA ARG R 79 -92.13 -34.28 -15.66
C ARG R 79 -93.21 -35.23 -15.17
N ALA R 80 -93.15 -35.63 -13.89
CA ALA R 80 -94.29 -36.35 -13.32
C ALA R 80 -95.43 -35.40 -13.01
N ILE R 81 -95.13 -34.19 -12.56
CA ILE R 81 -96.20 -33.27 -12.22
C ILE R 81 -96.98 -32.83 -13.44
N LYS R 82 -96.41 -32.90 -14.64
CA LYS R 82 -97.22 -32.46 -15.76
C LYS R 82 -98.11 -33.57 -16.29
N ASP R 83 -97.69 -34.82 -16.13
CA ASP R 83 -98.64 -35.92 -16.19
C ASP R 83 -99.72 -35.76 -15.14
N LEU R 84 -99.35 -35.20 -13.98
CA LEU R 84 -100.34 -34.91 -12.95
C LEU R 84 -101.32 -33.84 -13.41
N MET R 85 -100.81 -32.74 -13.93
CA MET R 85 -101.60 -31.55 -14.15
C MET R 85 -102.35 -31.53 -15.48
N GLU R 86 -102.03 -32.44 -16.40
CA GLU R 86 -102.95 -32.65 -17.50
C GLU R 86 -104.26 -33.26 -17.01
N ARG R 87 -104.19 -34.28 -16.15
CA ARG R 87 -105.42 -34.83 -15.60
C ARG R 87 -105.96 -33.96 -14.48
N GLY R 88 -105.16 -33.08 -13.92
CA GLY R 88 -105.67 -32.02 -13.09
C GLY R 88 -106.28 -30.90 -13.87
N LEU R 89 -106.18 -30.96 -15.21
CA LEU R 89 -107.01 -30.17 -16.11
C LEU R 89 -106.76 -28.67 -15.92
N ILE R 90 -105.53 -28.25 -16.19
CA ILE R 90 -105.13 -26.86 -15.94
C ILE R 90 -104.27 -26.29 -17.06
N ARG R 91 -104.03 -27.02 -18.15
CA ARG R 91 -103.08 -26.55 -19.16
C ARG R 91 -103.20 -27.40 -20.43
N MET R 92 -102.57 -26.92 -21.50
CA MET R 92 -102.47 -27.68 -22.73
C MET R 92 -101.04 -28.17 -22.93
N VAL R 93 -100.89 -29.23 -23.70
CA VAL R 93 -99.65 -30.00 -23.75
C VAL R 93 -99.24 -30.24 -25.19
N SER R 94 -97.92 -30.24 -25.42
CA SER R 94 -97.33 -30.81 -26.61
C SER R 94 -96.16 -31.69 -26.22
N ILE R 95 -96.17 -32.93 -26.70
CA ILE R 95 -95.06 -33.85 -26.48
C ILE R 95 -94.50 -34.16 -27.86
N HIS R 96 -93.17 -34.18 -27.96
CA HIS R 96 -92.60 -34.49 -29.25
C HIS R 96 -91.18 -34.97 -28.99
N SER R 97 -90.36 -34.94 -30.04
CA SER R 97 -89.11 -35.69 -30.15
C SER R 97 -88.35 -35.84 -28.85
N SER R 98 -87.92 -34.73 -28.26
CA SER R 98 -87.13 -34.76 -27.03
C SER R 98 -87.98 -34.94 -25.81
N GLN R 99 -89.18 -35.51 -25.94
CA GLN R 99 -90.17 -35.56 -24.86
C GLN R 99 -90.56 -34.15 -24.45
N GLN R 100 -90.46 -33.24 -25.43
CA GLN R 100 -90.38 -31.80 -25.19
C GLN R 100 -91.78 -31.31 -24.86
N ILE R 101 -92.07 -31.12 -23.58
CA ILE R 101 -93.41 -30.81 -23.13
C ILE R 101 -93.52 -29.30 -22.92
N PHE R 102 -94.75 -28.81 -22.72
CA PHE R 102 -94.97 -27.37 -22.74
C PHE R 102 -96.08 -27.01 -21.75
N THR R 103 -96.62 -25.80 -21.87
CA THR R 103 -97.40 -25.20 -20.79
C THR R 103 -98.33 -24.12 -21.33
N ARG R 104 -99.46 -23.91 -20.63
CA ARG R 104 -100.42 -22.84 -20.88
C ARG R 104 -101.21 -22.63 -19.59
N ALA R 105 -101.52 -21.37 -19.26
CA ALA R 105 -101.97 -21.11 -17.88
C ALA R 105 -103.42 -21.52 -17.63
N THR R 106 -104.38 -20.82 -18.22
CA THR R 106 -105.77 -21.09 -17.87
C THR R 106 -106.74 -21.19 -19.05
N ASN R 107 -106.58 -20.31 -20.04
CA ASN R 107 -107.59 -20.09 -21.09
C ASN R 107 -108.92 -19.63 -20.50
N ASP S 23 -71.89 13.03 -29.76
CA ASP S 23 -72.66 11.81 -29.93
C ASP S 23 -72.61 11.38 -31.40
N THR S 24 -71.68 10.49 -31.75
CA THR S 24 -71.50 10.08 -33.14
C THR S 24 -72.61 9.14 -33.55
N GLN S 25 -73.36 9.53 -34.58
CA GLN S 25 -74.46 8.72 -35.07
C GLN S 25 -73.98 7.97 -36.31
N VAL S 26 -74.19 6.66 -36.30
CA VAL S 26 -73.65 5.80 -37.35
C VAL S 26 -74.19 6.23 -38.70
N LYS S 27 -73.32 6.28 -39.70
CA LYS S 27 -73.72 6.66 -41.05
C LYS S 27 -73.56 5.48 -41.99
N LEU S 28 -74.47 5.36 -42.95
CA LEU S 28 -74.43 4.30 -43.94
C LEU S 28 -73.82 4.83 -45.22
N ALA S 29 -73.03 4.00 -45.90
CA ALA S 29 -72.47 4.37 -47.18
C ALA S 29 -72.46 3.17 -48.13
N VAL S 30 -72.47 3.42 -49.43
CA VAL S 30 -72.54 2.34 -50.41
C VAL S 30 -71.17 2.13 -51.02
N VAL S 31 -70.78 0.85 -51.13
CA VAL S 31 -69.48 0.48 -51.69
C VAL S 31 -69.60 0.59 -53.20
N VAL S 32 -69.11 1.72 -53.75
CA VAL S 32 -69.28 1.97 -55.18
C VAL S 32 -68.34 1.10 -56.00
N LYS S 33 -67.07 1.00 -55.60
CA LYS S 33 -66.13 0.16 -56.33
C LYS S 33 -65.05 -0.28 -55.37
N VAL S 34 -64.64 -1.53 -55.49
CA VAL S 34 -63.62 -2.09 -54.63
C VAL S 34 -62.27 -1.73 -55.21
N MET S 35 -61.48 -0.98 -54.45
CA MET S 35 -60.20 -0.54 -54.99
C MET S 35 -59.17 -1.65 -54.93
N GLY S 36 -59.23 -2.50 -53.92
CA GLY S 36 -58.31 -3.63 -53.90
C GLY S 36 -58.54 -4.54 -52.71
N ARG S 37 -57.60 -5.46 -52.52
CA ARG S 37 -57.61 -6.38 -51.39
C ARG S 37 -56.27 -6.22 -50.70
N THR S 38 -56.22 -5.34 -49.72
CA THR S 38 -54.99 -5.03 -49.00
C THR S 38 -54.95 -5.86 -47.71
N GLY S 39 -54.01 -5.53 -46.85
CA GLY S 39 -53.66 -6.30 -45.67
C GLY S 39 -52.30 -6.96 -45.84
N SER S 40 -51.67 -7.22 -44.71
CA SER S 40 -50.40 -7.94 -44.76
C SER S 40 -50.63 -9.38 -45.19
N ARG S 41 -51.69 -10.00 -44.70
CA ARG S 41 -52.02 -11.37 -45.02
C ARG S 41 -53.03 -11.49 -46.15
N GLY S 42 -53.45 -10.38 -46.72
CA GLY S 42 -54.50 -10.42 -47.72
C GLY S 42 -55.89 -10.59 -47.17
N GLN S 43 -56.22 -9.95 -46.06
CA GLN S 43 -57.47 -10.19 -45.38
C GLN S 43 -58.46 -9.03 -45.46
N VAL S 44 -58.03 -7.84 -45.84
CA VAL S 44 -58.88 -6.66 -45.75
C VAL S 44 -59.17 -6.20 -47.17
N THR S 45 -60.43 -5.94 -47.48
CA THR S 45 -60.75 -5.32 -48.75
C THR S 45 -60.65 -3.82 -48.52
N GLN S 46 -60.22 -3.07 -49.54
CA GLN S 46 -60.03 -1.63 -49.39
C GLN S 46 -60.87 -0.95 -50.47
N VAL S 47 -61.91 -0.23 -50.04
CA VAL S 47 -63.05 0.12 -50.86
C VAL S 47 -63.34 1.61 -50.82
N ARG S 48 -64.21 2.04 -51.72
CA ARG S 48 -64.74 3.39 -51.75
C ARG S 48 -66.20 3.38 -51.33
N VAL S 49 -66.55 4.21 -50.36
CA VAL S 49 -67.91 4.31 -49.85
C VAL S 49 -68.44 5.70 -50.19
N LYS S 50 -69.64 5.72 -50.72
CA LYS S 50 -70.33 6.92 -51.14
C LYS S 50 -71.51 7.14 -50.20
N PHE S 51 -71.53 8.29 -49.54
CA PHE S 51 -72.50 8.49 -48.47
C PHE S 51 -73.90 8.63 -49.02
N LEU S 52 -74.82 7.85 -48.46
CA LEU S 52 -76.23 7.94 -48.84
C LEU S 52 -76.84 9.28 -48.43
N ASP S 53 -76.49 9.74 -47.23
CA ASP S 53 -77.12 10.92 -46.65
C ASP S 53 -76.82 12.18 -47.46
N ASP S 54 -75.56 12.38 -47.87
CA ASP S 54 -75.20 13.49 -48.75
C ASP S 54 -74.37 12.97 -49.92
N GLN S 55 -75.04 12.83 -51.06
CA GLN S 55 -74.54 11.98 -52.13
C GLN S 55 -73.48 12.71 -52.95
N ASN S 56 -72.52 13.30 -52.26
CA ASN S 56 -71.32 13.85 -52.87
C ASN S 56 -70.09 13.57 -52.04
N ARG S 57 -70.21 12.79 -50.96
CA ARG S 57 -69.11 12.49 -50.06
C ARG S 57 -68.62 11.08 -50.36
N LEU S 58 -67.54 11.00 -51.11
CA LEU S 58 -66.86 9.74 -51.41
C LEU S 58 -65.65 9.66 -50.50
N ILE S 59 -65.67 8.72 -49.57
CA ILE S 59 -64.59 8.52 -48.60
C ILE S 59 -64.14 7.08 -48.72
N MET S 60 -62.85 6.86 -48.52
CA MET S 60 -62.22 5.60 -48.89
C MET S 60 -61.82 4.87 -47.61
N ARG S 61 -62.23 3.61 -47.46
CA ARG S 61 -62.21 2.94 -46.17
C ARG S 61 -61.69 1.51 -46.33
N ASN S 62 -61.43 0.86 -45.20
CA ASN S 62 -61.07 -0.55 -45.16
C ASN S 62 -62.23 -1.34 -44.59
N VAL S 63 -62.61 -2.42 -45.27
CA VAL S 63 -63.70 -3.28 -44.84
C VAL S 63 -63.17 -4.69 -44.66
N LYS S 64 -63.76 -5.41 -43.72
CA LYS S 64 -63.43 -6.81 -43.45
C LYS S 64 -64.54 -7.73 -43.92
N GLY S 65 -64.15 -8.82 -44.55
CA GLY S 65 -65.11 -9.81 -44.99
C GLY S 65 -65.49 -9.62 -46.44
N PRO S 66 -66.21 -10.59 -47.00
CA PRO S 66 -66.60 -10.48 -48.40
C PRO S 66 -67.51 -9.28 -48.62
N VAL S 67 -67.12 -8.45 -49.58
CA VAL S 67 -67.94 -7.31 -49.98
C VAL S 67 -67.89 -7.25 -51.51
N ARG S 68 -69.04 -6.94 -52.10
CA ARG S 68 -69.14 -6.69 -53.53
C ARG S 68 -69.79 -5.33 -53.75
N GLU S 69 -69.84 -4.91 -55.00
CA GLU S 69 -70.27 -3.56 -55.33
C GLU S 69 -71.69 -3.27 -54.85
N GLY S 70 -71.91 -2.04 -54.38
CA GLY S 70 -73.22 -1.56 -54.04
C GLY S 70 -73.71 -1.86 -52.64
N ASP S 71 -72.89 -2.49 -51.81
CA ASP S 71 -73.33 -2.87 -50.48
C ASP S 71 -73.48 -1.64 -49.61
N ILE S 72 -74.59 -1.58 -48.86
CA ILE S 72 -74.77 -0.54 -47.85
C ILE S 72 -74.02 -0.98 -46.61
N LEU S 73 -73.21 -0.08 -46.07
CA LEU S 73 -72.20 -0.40 -45.08
C LEU S 73 -72.42 0.51 -43.88
N THR S 74 -72.44 -0.10 -42.70
CA THR S 74 -72.61 0.61 -41.45
C THR S 74 -71.25 1.11 -40.97
N LEU S 75 -71.16 2.42 -40.74
CA LEU S 75 -69.88 3.09 -40.60
C LEU S 75 -69.99 3.92 -39.32
N LEU S 76 -69.33 3.43 -38.27
CA LEU S 76 -69.42 4.07 -36.97
C LEU S 76 -68.79 5.45 -37.00
N GLU S 77 -67.56 5.55 -37.50
CA GLU S 77 -66.83 6.81 -37.55
C GLU S 77 -66.55 7.19 -38.99
N SER S 78 -66.73 8.46 -39.30
CA SER S 78 -66.61 8.95 -40.67
C SER S 78 -65.21 9.38 -41.01
N GLU S 79 -64.50 9.99 -40.06
CA GLU S 79 -63.22 10.63 -40.36
C GLU S 79 -62.15 9.60 -40.71
N ARG S 80 -62.13 8.46 -40.02
CA ARG S 80 -61.08 7.48 -40.22
C ARG S 80 -61.17 6.94 -41.64
N GLU S 81 -60.16 7.23 -42.45
CA GLU S 81 -60.15 6.79 -43.83
C GLU S 81 -58.85 6.06 -44.10
N ALA S 82 -58.88 5.21 -45.12
CA ALA S 82 -57.64 4.64 -45.61
C ALA S 82 -56.98 5.60 -46.59
N ARG S 83 -55.76 5.26 -46.97
CA ARG S 83 -55.04 5.92 -48.04
C ARG S 83 -54.51 4.86 -48.99
N ARG S 84 -54.41 5.22 -50.27
CA ARG S 84 -54.12 4.25 -51.33
C ARG S 84 -52.97 3.34 -50.94
N LEU S 85 -53.26 2.05 -50.87
CA LEU S 85 -52.35 1.06 -50.32
C LEU S 85 -51.99 1.40 -48.88
N ARG S 86 -53.00 1.38 -48.02
CA ARG S 86 -52.78 1.53 -46.58
C ARG S 86 -52.39 0.20 -45.94
N GLY T 2 9.13 17.22 -76.44
CA GLY T 2 10.28 17.07 -77.32
C GLY T 2 9.96 16.33 -78.59
N ARG T 3 10.95 16.20 -79.47
CA ARG T 3 10.77 15.50 -80.73
C ARG T 3 11.99 14.63 -81.00
N ARG T 4 11.76 13.52 -81.69
CA ARG T 4 12.82 12.68 -82.25
C ARG T 4 12.42 12.27 -83.65
N ILE T 5 12.06 13.26 -84.47
CA ILE T 5 11.44 13.08 -85.78
C ILE T 5 12.33 12.19 -86.64
N LEU T 6 11.73 11.61 -87.67
CA LEU T 6 12.02 10.29 -88.24
C LEU T 6 11.25 9.28 -87.41
N ASN T 7 10.54 9.70 -86.38
CA ASN T 7 9.54 8.87 -85.74
C ASN T 7 8.16 9.44 -85.90
N ASP T 8 8.03 10.73 -85.61
CA ASP T 8 6.84 11.50 -85.94
C ASP T 8 6.38 11.21 -87.35
N ALA T 9 7.30 10.78 -88.20
CA ALA T 9 7.03 10.52 -89.60
C ALA T 9 6.79 9.05 -89.90
N LEU T 10 7.70 8.19 -89.45
CA LEU T 10 7.54 6.78 -89.75
C LEU T 10 6.27 6.21 -89.15
N ARG T 11 6.00 6.51 -87.87
CA ARG T 11 4.75 5.99 -87.33
C ARG T 11 3.54 6.66 -87.96
N THR T 12 3.71 7.86 -88.51
CA THR T 12 2.62 8.48 -89.23
C THR T 12 2.31 7.74 -90.53
N MET T 13 3.35 7.41 -91.31
CA MET T 13 3.08 6.61 -92.49
C MET T 13 2.54 5.24 -92.15
N VAL T 14 3.02 4.61 -91.08
CA VAL T 14 2.48 3.30 -90.73
C VAL T 14 1.00 3.43 -90.37
N ASN T 15 0.66 4.40 -89.53
CA ASN T 15 -0.74 4.57 -89.17
C ASN T 15 -1.58 4.84 -90.41
N ALA T 16 -1.13 5.77 -91.25
CA ALA T 16 -1.90 6.14 -92.43
C ALA T 16 -2.06 4.97 -93.39
N GLU T 17 -1.01 4.18 -93.58
CA GLU T 17 -1.11 3.09 -94.54
C GLU T 17 -1.89 1.91 -93.97
N ARG T 18 -1.65 1.55 -92.72
CA ARG T 18 -2.45 0.51 -92.09
C ARG T 18 -3.92 0.88 -92.10
N ARG T 19 -4.24 2.17 -92.02
CA ARG T 19 -5.63 2.56 -92.24
C ARG T 19 -6.05 2.49 -93.70
N GLY T 20 -5.19 2.93 -94.59
CA GLY T 20 -5.52 2.97 -96.00
C GLY T 20 -5.64 4.36 -96.60
N LYS T 21 -5.05 5.37 -95.96
CA LYS T 21 -5.12 6.72 -96.51
C LYS T 21 -4.29 6.82 -97.77
N ALA T 22 -4.57 7.85 -98.55
CA ALA T 22 -3.87 8.03 -99.82
C ALA T 22 -2.70 8.99 -99.71
N THR T 23 -2.83 10.06 -98.94
CA THR T 23 -1.79 11.06 -98.81
C THR T 23 -1.63 11.40 -97.34
N ALA T 24 -0.41 11.29 -96.83
CA ALA T 24 -0.15 11.66 -95.44
C ALA T 24 0.77 12.86 -95.39
N GLN T 25 0.60 13.71 -94.39
CA GLN T 25 1.47 14.87 -94.26
C GLN T 25 2.25 14.77 -92.96
N LEU T 26 3.50 15.17 -93.03
CA LEU T 26 4.48 15.02 -91.97
C LEU T 26 4.91 16.42 -91.58
N GLN T 27 4.71 16.78 -90.32
CA GLN T 27 4.81 18.17 -89.88
C GLN T 27 6.25 18.66 -89.79
N PRO T 28 7.20 17.87 -89.31
CA PRO T 28 8.60 18.26 -89.45
C PRO T 28 9.23 17.61 -90.66
N ILE T 29 10.33 18.17 -91.18
CA ILE T 29 11.07 17.48 -92.22
C ILE T 29 12.52 17.35 -91.79
N SER T 30 13.34 16.75 -92.66
CA SER T 30 14.75 16.67 -92.39
C SER T 30 15.46 16.19 -93.65
N GLY T 31 16.76 16.46 -93.69
CA GLY T 31 17.59 15.74 -94.63
C GLY T 31 17.45 14.25 -94.46
N VAL T 32 17.33 13.79 -93.20
CA VAL T 32 17.11 12.37 -92.94
C VAL T 32 15.76 11.93 -93.45
N MET T 33 14.72 12.73 -93.23
CA MET T 33 13.40 12.42 -93.80
C MET T 33 13.43 12.25 -95.30
N ILE T 34 13.98 13.24 -96.01
CA ILE T 34 13.96 13.17 -97.46
C ILE T 34 14.85 12.03 -97.96
N SER T 35 16.02 11.85 -97.36
CA SER T 35 16.88 10.77 -97.78
C SER T 35 16.33 9.41 -97.40
N PHE T 36 15.44 9.36 -96.40
CA PHE T 36 14.79 8.11 -96.02
C PHE T 36 13.67 7.77 -96.99
N LEU T 37 12.79 8.73 -97.23
CA LEU T 37 11.73 8.53 -98.19
C LEU T 37 12.29 8.21 -99.56
N ASN T 38 13.43 8.79 -99.91
CA ASN T 38 14.07 8.40 -101.17
C ASN T 38 14.43 6.93 -101.18
N ILE T 39 14.88 6.37 -100.07
CA ILE T 39 15.20 4.95 -100.08
C ILE T 39 13.92 4.13 -100.25
N MET T 40 12.85 4.55 -99.59
CA MET T 40 11.59 3.82 -99.78
C MET T 40 11.14 3.89 -101.22
N LYS T 41 11.12 5.09 -101.79
CA LYS T 41 10.64 5.26 -103.15
C LYS T 41 11.52 4.53 -104.15
N HIS T 42 12.83 4.60 -103.96
CA HIS T 42 13.77 3.96 -104.87
C HIS T 42 13.62 2.45 -104.84
N ARG T 43 13.43 1.89 -103.66
CA ARG T 43 13.10 0.48 -103.57
C ARG T 43 11.65 0.18 -103.89
N GLY T 44 10.87 1.21 -104.21
CA GLY T 44 9.54 1.00 -104.76
C GLY T 44 8.46 0.71 -103.76
N TYR T 45 8.45 1.43 -102.64
CA TYR T 45 7.47 1.17 -101.59
C TYR T 45 6.43 2.28 -101.45
N ILE T 46 6.78 3.52 -101.77
CA ILE T 46 5.80 4.58 -101.82
C ILE T 46 5.97 5.28 -103.16
N LYS T 47 4.95 6.02 -103.56
CA LYS T 47 5.06 6.80 -104.79
C LYS T 47 5.67 8.14 -104.42
N ASN T 48 5.56 9.12 -105.30
CA ASN T 48 6.22 10.40 -105.08
C ASN T 48 5.68 11.11 -103.83
N PHE T 49 6.34 12.21 -103.52
CA PHE T 49 5.98 13.02 -102.37
C PHE T 49 6.43 14.45 -102.56
N GLU T 50 5.66 15.37 -102.01
CA GLU T 50 5.78 16.78 -102.29
C GLU T 50 6.18 17.49 -101.01
N VAL T 51 7.28 18.21 -101.04
CA VAL T 51 7.85 18.77 -99.83
C VAL T 51 7.53 20.26 -99.81
N PHE T 52 6.57 20.62 -98.97
CA PHE T 52 6.10 21.98 -98.76
C PHE T 52 7.19 22.66 -97.96
N ASP T 53 8.03 23.45 -98.63
CA ASP T 53 9.02 24.16 -97.82
C ASP T 53 8.71 25.64 -97.87
N PRO T 54 7.67 26.10 -97.18
CA PRO T 54 7.27 27.50 -97.34
C PRO T 54 8.25 28.52 -96.75
N HIS T 55 8.30 28.70 -95.42
CA HIS T 55 9.48 29.13 -94.67
C HIS T 55 9.28 28.82 -93.21
N ARG T 56 9.77 27.67 -92.79
CA ARG T 56 9.70 27.13 -91.44
C ARG T 56 10.43 25.80 -91.50
N VAL T 57 10.35 25.06 -90.41
CA VAL T 57 10.89 23.71 -90.31
C VAL T 57 10.61 22.91 -91.59
N GLY T 58 9.41 23.00 -92.14
CA GLY T 58 9.07 22.31 -93.37
C GLY T 58 7.88 21.40 -93.21
N LYS T 59 7.50 20.74 -94.31
CA LYS T 59 6.36 19.84 -94.23
C LYS T 59 6.41 18.92 -95.44
N ILE T 60 6.00 17.67 -95.28
CA ILE T 60 6.02 16.73 -96.41
C ILE T 60 4.62 16.17 -96.60
N THR T 61 4.28 15.81 -97.84
CA THR T 61 3.09 15.02 -98.10
C THR T 61 3.44 13.89 -99.05
N VAL T 62 3.30 12.66 -98.58
CA VAL T 62 3.68 11.48 -99.35
C VAL T 62 2.42 10.85 -99.89
N GLU T 63 2.52 10.26 -101.08
CA GLU T 63 1.36 9.69 -101.74
C GLU T 63 1.60 8.18 -101.77
N LEU T 64 0.91 7.46 -100.89
CA LEU T 64 1.17 6.04 -100.67
C LEU T 64 0.50 5.18 -101.71
N GLN T 65 1.16 4.07 -102.05
CA GLN T 65 0.56 3.03 -102.87
C GLN T 65 -0.07 1.91 -102.06
N GLY T 66 0.01 1.97 -100.73
CA GLY T 66 -0.51 0.87 -99.95
C GLY T 66 0.25 -0.43 -100.15
N ARG T 67 1.45 -0.34 -100.69
CA ARG T 67 2.27 -1.50 -100.96
C ARG T 67 3.36 -1.68 -99.90
N ILE T 68 3.60 -0.66 -99.08
CA ILE T 68 4.41 -0.80 -97.87
C ILE T 68 3.58 -1.49 -96.81
N LYS T 69 4.25 -2.27 -95.95
CA LYS T 69 3.55 -3.00 -94.91
C LYS T 69 3.89 -2.50 -93.51
N ASP T 70 5.06 -1.90 -93.33
CA ASP T 70 5.56 -1.48 -92.03
C ASP T 70 6.81 -0.64 -92.27
N CYS T 71 7.02 0.33 -91.39
CA CYS T 71 8.30 1.03 -91.34
C CYS T 71 8.50 1.51 -89.92
N LYS T 72 9.72 1.42 -89.43
CA LYS T 72 9.99 1.69 -88.02
C LYS T 72 11.31 2.41 -87.89
N ALA T 73 11.44 3.15 -86.79
CA ALA T 73 12.68 3.85 -86.45
C ALA T 73 13.26 3.19 -85.23
N LEU T 74 14.51 2.71 -85.35
CA LEU T 74 15.22 2.18 -84.20
C LEU T 74 15.98 3.28 -83.47
N THR T 75 15.22 4.28 -83.01
CA THR T 75 15.82 5.31 -82.18
C THR T 75 16.37 4.63 -80.94
N TYR T 76 17.42 5.21 -80.37
CA TYR T 76 18.57 4.41 -80.00
C TYR T 76 19.30 3.92 -81.24
N ARG T 77 19.85 4.87 -82.00
CA ARG T 77 20.60 4.60 -83.22
C ARG T 77 21.88 3.88 -82.84
N GLN T 78 21.91 2.58 -83.08
CA GLN T 78 23.10 1.81 -82.76
C GLN T 78 24.24 2.22 -83.67
N ASP T 79 25.39 1.62 -83.44
CA ASP T 79 26.43 1.55 -84.45
C ASP T 79 26.34 0.20 -85.13
N LEU T 80 27.00 0.07 -86.27
CA LEU T 80 26.76 -1.10 -87.11
C LEU T 80 27.93 -1.31 -88.05
N ARG T 81 28.78 -2.28 -87.74
CA ARG T 81 29.82 -2.64 -88.68
C ARG T 81 29.21 -3.40 -89.86
N ALA T 82 30.01 -3.58 -90.91
CA ALA T 82 29.58 -4.29 -92.11
C ALA T 82 29.65 -5.81 -91.94
N THR T 83 29.74 -6.32 -90.72
CA THR T 83 29.58 -7.75 -90.45
C THR T 83 28.31 -8.06 -89.70
N GLU T 84 27.88 -7.19 -88.79
CA GLU T 84 26.58 -7.31 -88.15
C GLU T 84 25.52 -6.45 -88.81
N ILE T 85 25.73 -6.01 -90.05
CA ILE T 85 24.60 -5.86 -90.96
C ILE T 85 23.77 -7.13 -90.90
N GLU T 86 24.44 -8.28 -90.82
CA GLU T 86 23.83 -9.53 -91.21
C GLU T 86 23.08 -10.18 -90.05
N LYS T 87 23.40 -9.83 -88.82
CA LYS T 87 22.56 -10.32 -87.74
C LYS T 87 21.50 -9.31 -87.30
N TYR T 88 21.47 -8.09 -87.87
CA TYR T 88 20.24 -7.33 -87.81
C TYR T 88 19.29 -7.72 -88.91
N ARG T 89 19.77 -7.94 -90.13
CA ARG T 89 18.87 -8.22 -91.22
C ARG T 89 17.97 -9.40 -90.90
N THR T 90 18.48 -10.34 -90.09
CA THR T 90 17.62 -11.39 -89.56
C THR T 90 16.83 -10.94 -88.35
N ARG T 91 17.37 -10.00 -87.57
CA ARG T 91 16.76 -9.68 -86.28
C ARG T 91 15.50 -8.87 -86.45
N MET T 92 15.49 -7.92 -87.39
CA MET T 92 14.39 -7.00 -87.59
C MET T 92 13.44 -7.38 -88.71
N LEU T 93 13.90 -8.09 -89.70
CA LEU T 93 13.17 -8.15 -90.94
C LEU T 93 12.36 -9.43 -91.06
N PRO T 94 11.28 -9.41 -91.84
CA PRO T 94 10.46 -10.62 -91.99
C PRO T 94 11.17 -11.82 -92.61
N THR T 95 12.18 -11.65 -93.46
CA THR T 95 12.88 -12.82 -93.98
C THR T 95 14.18 -12.40 -94.67
N ARG T 96 14.85 -13.39 -95.25
CA ARG T 96 16.11 -13.27 -95.96
C ARG T 96 15.93 -12.85 -97.40
N GLN T 97 14.76 -12.34 -97.78
CA GLN T 97 14.47 -12.06 -99.17
C GLN T 97 14.23 -10.58 -99.44
N TRP T 98 13.28 -9.97 -98.73
CA TRP T 98 12.91 -8.57 -98.89
C TRP T 98 13.02 -7.84 -97.57
N GLY T 99 12.55 -6.60 -97.56
CA GLY T 99 12.65 -5.75 -96.40
C GLY T 99 14.04 -5.17 -96.30
N TYR T 100 14.15 -3.90 -95.93
CA TYR T 100 15.43 -3.20 -95.94
C TYR T 100 15.66 -2.51 -94.61
N VAL T 101 16.93 -2.50 -94.17
CA VAL T 101 17.36 -1.76 -92.99
C VAL T 101 18.08 -0.52 -93.48
N VAL T 102 17.66 0.65 -93.01
CA VAL T 102 18.21 1.89 -93.50
C VAL T 102 19.21 2.42 -92.49
N VAL T 103 20.48 2.42 -92.89
CA VAL T 103 21.60 2.73 -92.03
C VAL T 103 22.26 3.99 -92.57
N THR T 104 22.38 5.02 -91.73
CA THR T 104 23.17 6.18 -92.12
C THR T 104 24.65 5.81 -92.13
N THR T 105 25.32 6.17 -93.20
CA THR T 105 26.70 5.76 -93.46
C THR T 105 27.43 6.99 -93.98
N PRO T 106 28.76 7.03 -94.05
CA PRO T 106 29.39 8.27 -94.50
C PRO T 106 29.23 8.51 -95.98
N ASN T 107 28.56 7.62 -96.71
CA ASN T 107 28.14 7.82 -98.08
C ASN T 107 26.65 8.14 -98.12
N GLY T 108 26.17 8.91 -97.15
CA GLY T 108 24.77 9.30 -97.09
C GLY T 108 23.89 8.20 -96.53
N VAL T 109 22.60 8.53 -96.35
CA VAL T 109 21.64 7.57 -95.86
C VAL T 109 21.35 6.55 -96.95
N LEU T 110 21.46 5.26 -96.61
CA LEU T 110 21.34 4.21 -97.61
C LEU T 110 21.07 2.87 -96.93
N ASP T 111 20.46 1.96 -97.67
CA ASP T 111 19.99 0.71 -97.08
C ASP T 111 21.11 -0.31 -96.97
N HIS T 112 20.80 -1.49 -96.43
CA HIS T 112 21.87 -2.37 -95.97
C HIS T 112 22.53 -3.12 -97.11
N GLU T 113 21.80 -3.49 -98.16
CA GLU T 113 22.48 -4.15 -99.28
C GLU T 113 23.42 -3.20 -100.01
N GLU T 114 22.99 -1.95 -100.21
CA GLU T 114 23.92 -0.94 -100.69
C GLU T 114 25.11 -0.80 -99.76
N ALA T 115 24.86 -0.83 -98.44
CA ALA T 115 25.95 -0.70 -97.50
C ALA T 115 26.95 -1.83 -97.64
N ILE T 116 26.46 -3.06 -97.81
CA ILE T 116 27.38 -4.18 -97.97
C ILE T 116 28.14 -4.06 -99.28
N ARG T 117 27.47 -3.65 -100.36
CA ARG T 117 28.16 -3.55 -101.64
C ARG T 117 29.27 -2.50 -101.58
N GLN T 118 29.00 -1.37 -100.95
CA GLN T 118 30.01 -0.33 -100.80
C GLN T 118 30.98 -0.61 -99.66
N ASN T 119 30.72 -1.65 -98.87
CA ASN T 119 31.55 -2.07 -97.74
C ASN T 119 31.78 -0.93 -96.76
N VAL T 120 30.69 -0.38 -96.27
CA VAL T 120 30.74 0.57 -95.17
C VAL T 120 29.77 0.10 -94.10
N GLY T 121 30.01 0.57 -92.89
CA GLY T 121 29.06 0.47 -91.81
C GLY T 121 28.38 1.80 -91.58
N GLY T 122 27.69 1.90 -90.46
CA GLY T 122 27.04 3.14 -90.14
C GLY T 122 26.31 3.05 -88.83
N GLN T 123 25.22 3.78 -88.75
CA GLN T 123 24.30 3.72 -87.62
C GLN T 123 22.91 3.48 -88.16
N VAL T 124 22.21 2.47 -87.65
CA VAL T 124 20.88 2.17 -88.13
C VAL T 124 19.95 3.33 -87.83
N LEU T 125 19.29 3.85 -88.86
CA LEU T 125 18.19 4.78 -88.61
C LEU T 125 16.88 4.04 -88.47
N GLY T 126 16.55 3.16 -89.39
CA GLY T 126 15.31 2.45 -89.24
C GLY T 126 15.21 1.27 -90.16
N TYR T 127 14.00 0.94 -90.56
CA TYR T 127 13.82 -0.11 -91.54
C TYR T 127 12.41 -0.04 -92.09
N PHE T 128 12.17 -0.81 -93.14
CA PHE T 128 10.83 -0.90 -93.70
C PHE T 128 10.68 -2.19 -94.47
N HIS T 129 9.47 -2.71 -94.48
CA HIS T 129 9.21 -3.92 -95.23
C HIS T 129 7.74 -4.07 -95.55
N SER U 18 -46.91 -72.83 -44.75
CA SER U 18 -47.27 -73.90 -45.67
C SER U 18 -47.95 -73.38 -46.92
N ARG U 19 -47.44 -72.26 -47.43
CA ARG U 19 -47.96 -71.66 -48.66
C ARG U 19 -46.95 -70.64 -49.13
N VAL U 20 -46.58 -70.70 -50.41
CA VAL U 20 -45.55 -69.85 -50.96
C VAL U 20 -46.00 -69.33 -52.32
N CYS U 21 -45.18 -68.49 -52.94
CA CYS U 21 -45.46 -68.02 -54.29
C CYS U 21 -45.34 -69.14 -55.30
N ARG U 22 -46.22 -69.11 -56.29
CA ARG U 22 -45.98 -69.85 -57.51
C ARG U 22 -44.73 -69.35 -58.21
N VAL U 23 -44.24 -68.16 -57.84
CA VAL U 23 -43.15 -67.52 -58.56
C VAL U 23 -41.81 -67.69 -57.86
N CYS U 24 -41.66 -67.06 -56.69
CA CYS U 24 -40.36 -66.94 -56.05
C CYS U 24 -40.23 -67.72 -54.75
N GLY U 25 -41.28 -68.43 -54.34
CA GLY U 25 -41.18 -69.31 -53.21
C GLY U 25 -40.94 -68.57 -51.92
N ASN U 26 -41.68 -67.48 -51.72
CA ASN U 26 -41.51 -66.62 -50.56
C ASN U 26 -42.81 -66.58 -49.79
N SER U 27 -42.72 -66.66 -48.48
CA SER U 27 -43.89 -66.84 -47.64
C SER U 27 -44.36 -65.56 -46.96
N HIS U 28 -43.93 -64.40 -47.44
CA HIS U 28 -44.40 -63.13 -46.91
C HIS U 28 -45.08 -62.30 -47.99
N GLY U 29 -46.16 -61.64 -47.59
CA GLY U 29 -46.87 -60.72 -48.46
C GLY U 29 -47.51 -61.38 -49.65
N LEU U 30 -48.20 -62.49 -49.46
CA LEU U 30 -48.86 -63.11 -50.59
C LEU U 30 -50.12 -62.35 -50.95
N ILE U 31 -50.66 -62.70 -52.10
CA ILE U 31 -51.97 -62.24 -52.54
C ILE U 31 -52.77 -63.51 -52.78
N ARG U 32 -53.48 -63.97 -51.76
CA ARG U 32 -54.13 -65.26 -51.92
C ARG U 32 -55.49 -65.13 -52.56
N LYS U 33 -56.03 -63.92 -52.63
CA LYS U 33 -57.35 -63.74 -53.20
C LYS U 33 -57.33 -64.11 -54.69
N TYR U 34 -58.42 -64.72 -55.14
CA TYR U 34 -58.60 -65.28 -56.48
C TYR U 34 -57.64 -66.39 -56.78
N GLY U 35 -56.87 -66.86 -55.82
CA GLY U 35 -55.97 -67.96 -56.05
C GLY U 35 -54.73 -67.61 -56.85
N LEU U 36 -54.31 -66.35 -56.81
CA LEU U 36 -53.05 -65.98 -57.44
C LEU U 36 -51.88 -66.75 -56.86
N MET U 37 -51.81 -66.85 -55.54
CA MET U 37 -50.69 -67.50 -54.86
C MET U 37 -49.36 -66.95 -55.37
N CYS U 38 -49.24 -65.62 -55.36
CA CYS U 38 -48.00 -64.93 -55.61
C CYS U 38 -47.77 -63.97 -54.47
N CYS U 39 -46.56 -63.44 -54.34
CA CYS U 39 -46.38 -62.38 -53.37
C CYS U 39 -46.68 -61.04 -54.03
N ARG U 40 -46.86 -60.01 -53.18
CA ARG U 40 -47.27 -58.72 -53.72
C ARG U 40 -46.29 -58.17 -54.71
N GLN U 41 -45.03 -58.59 -54.66
CA GLN U 41 -44.06 -58.06 -55.60
C GLN U 41 -44.01 -58.88 -56.89
N CYS U 42 -44.04 -60.22 -56.79
CA CYS U 42 -44.14 -61.04 -57.99
C CYS U 42 -45.40 -60.70 -58.77
N PHE U 43 -46.45 -60.28 -58.08
CA PHE U 43 -47.68 -59.94 -58.78
C PHE U 43 -47.55 -58.64 -59.54
N ARG U 44 -46.81 -57.67 -58.99
CA ARG U 44 -46.51 -56.48 -59.76
C ARG U 44 -45.58 -56.80 -60.92
N SER U 45 -44.64 -57.72 -60.70
CA SER U 45 -43.68 -58.07 -61.75
C SER U 45 -44.35 -58.79 -62.93
N ASN U 46 -45.34 -59.62 -62.67
CA ASN U 46 -46.09 -60.29 -63.72
C ASN U 46 -47.49 -59.71 -63.87
N ALA U 47 -47.72 -58.47 -63.42
CA ALA U 47 -49.07 -57.97 -63.22
C ALA U 47 -49.82 -57.83 -64.53
N LYS U 48 -49.23 -57.14 -65.50
CA LYS U 48 -49.99 -56.76 -66.67
C LYS U 48 -50.07 -57.87 -67.72
N ASP U 49 -49.26 -58.92 -67.58
CA ASP U 49 -49.39 -60.05 -68.49
C ASP U 49 -50.38 -61.10 -67.99
N ILE U 50 -50.56 -61.23 -66.67
CA ILE U 50 -51.67 -62.06 -66.21
C ILE U 50 -53.00 -61.43 -66.63
N GLY U 51 -53.04 -60.11 -66.74
CA GLY U 51 -54.17 -59.46 -67.35
C GLY U 51 -54.79 -58.37 -66.50
N PHE U 52 -54.12 -57.97 -65.43
CA PHE U 52 -54.60 -56.90 -64.56
C PHE U 52 -54.23 -55.55 -65.18
N ILE U 53 -54.85 -55.29 -66.32
CA ILE U 53 -54.78 -54.01 -67.01
C ILE U 53 -55.23 -52.90 -66.09
N LYS U 54 -54.33 -51.94 -65.87
CA LYS U 54 -54.46 -50.90 -64.85
C LYS U 54 -55.06 -49.63 -65.44
N TYR U 55 -56.36 -49.68 -65.75
CA TYR U 55 -57.07 -48.43 -66.00
C TYR U 55 -56.96 -47.47 -64.84
N ARG U 56 -56.89 -47.98 -63.61
CA ARG U 56 -56.77 -47.12 -62.47
C ARG U 56 -56.50 -47.96 -61.23
N GLU V 15 -13.64 28.60 -100.00
CA GLU V 15 -12.83 27.48 -99.55
C GLU V 15 -12.81 27.48 -98.02
N LEU V 16 -12.45 26.35 -97.44
CA LEU V 16 -12.44 26.18 -95.99
C LEU V 16 -11.12 26.61 -95.35
N GLU V 17 -10.13 27.00 -96.13
CA GLU V 17 -8.87 27.34 -95.48
C GLU V 17 -8.91 28.70 -94.82
N LYS V 18 -10.04 29.41 -94.90
CA LYS V 18 -10.35 30.50 -93.98
C LYS V 18 -11.02 30.00 -92.71
N LEU V 19 -11.45 28.74 -92.69
CA LEU V 19 -11.98 28.10 -91.49
C LEU V 19 -10.89 27.39 -90.70
N LYS V 20 -9.96 26.75 -91.38
CA LYS V 20 -8.96 25.94 -90.70
C LYS V 20 -8.04 26.84 -89.87
N HIS V 21 -7.57 26.30 -88.75
CA HIS V 21 -6.80 27.06 -87.77
C HIS V 21 -5.61 27.77 -88.40
N LYS V 22 -5.16 28.83 -87.75
CA LYS V 22 -4.13 29.69 -88.32
C LYS V 22 -2.83 28.94 -88.58
N LYS V 23 -2.38 28.13 -87.64
CA LYS V 23 -1.13 27.40 -87.83
C LYS V 23 -1.33 25.97 -88.29
N LYS V 24 -2.56 25.53 -88.51
CA LYS V 24 -2.82 24.25 -89.11
C LYS V 24 -3.13 24.33 -90.59
N ARG V 25 -3.06 25.51 -91.18
CA ARG V 25 -3.18 25.61 -92.63
C ARG V 25 -1.91 25.05 -93.26
N LEU V 26 -2.01 24.74 -94.56
CA LEU V 26 -0.90 24.08 -95.23
C LEU V 26 0.34 24.98 -95.26
N VAL V 27 0.13 26.28 -95.50
CA VAL V 27 1.18 27.29 -95.36
C VAL V 27 0.69 28.32 -94.35
N GLN V 28 1.49 28.53 -93.32
CA GLN V 28 1.04 29.31 -92.17
C GLN V 28 0.85 30.77 -92.56
N SER V 29 -0.30 31.32 -92.22
CA SER V 29 -0.66 32.67 -92.64
C SER V 29 -1.40 33.37 -91.52
N PRO V 30 -1.21 34.68 -91.38
CA PRO V 30 -1.93 35.43 -90.34
C PRO V 30 -3.38 35.67 -90.73
N ASN V 31 -4.20 35.86 -89.71
CA ASN V 31 -5.60 36.25 -89.91
C ASN V 31 -5.81 37.75 -89.84
N SER V 32 -4.75 38.52 -89.60
CA SER V 32 -4.88 39.94 -89.41
C SER V 32 -4.58 40.70 -90.69
N PHE V 33 -4.77 42.01 -90.63
CA PHE V 33 -4.53 42.89 -91.76
C PHE V 33 -4.25 44.28 -91.23
N PHE V 34 -3.70 45.12 -92.09
CA PHE V 34 -3.61 46.54 -91.80
C PHE V 34 -4.67 47.29 -92.58
N MET V 35 -5.38 48.16 -91.89
CA MET V 35 -6.52 48.84 -92.45
C MET V 35 -6.34 50.34 -92.34
N ASP V 36 -6.72 51.04 -93.41
CA ASP V 36 -6.64 52.48 -93.49
C ASP V 36 -7.97 53.04 -93.03
N VAL V 37 -7.97 53.75 -91.91
CA VAL V 37 -9.18 54.33 -91.35
C VAL V 37 -9.17 55.83 -91.62
N LYS V 38 -10.28 56.32 -92.15
CA LYS V 38 -10.59 57.74 -92.23
C LYS V 38 -11.77 58.00 -91.30
N CYS V 39 -11.58 58.92 -90.37
CA CYS V 39 -12.64 59.32 -89.47
C CYS V 39 -13.48 60.41 -90.15
N GLN V 40 -14.34 61.07 -89.38
CA GLN V 40 -15.07 62.23 -89.88
C GLN V 40 -14.39 63.55 -89.54
N GLY V 41 -13.91 63.70 -88.31
CA GLY V 41 -13.41 64.98 -87.84
C GLY V 41 -12.15 65.46 -88.53
N CYS V 42 -11.53 64.63 -89.36
CA CYS V 42 -10.29 65.02 -90.04
C CYS V 42 -10.15 64.18 -91.29
N PHE V 43 -10.34 64.79 -92.46
CA PHE V 43 -10.17 64.08 -93.72
C PHE V 43 -8.67 63.93 -94.04
N ASN V 44 -8.01 63.17 -93.18
CA ASN V 44 -6.73 62.52 -93.46
C ASN V 44 -6.92 61.02 -93.31
N ILE V 45 -5.86 60.25 -93.53
CA ILE V 45 -5.93 58.80 -93.49
C ILE V 45 -4.89 58.30 -92.50
N THR V 46 -5.27 57.33 -91.67
CA THR V 46 -4.34 56.79 -90.68
C THR V 46 -4.42 55.26 -90.70
N THR V 47 -3.28 54.61 -90.65
CA THR V 47 -3.24 53.16 -90.73
C THR V 47 -3.22 52.55 -89.34
N VAL V 48 -3.98 51.47 -89.15
CA VAL V 48 -4.03 50.76 -87.90
C VAL V 48 -3.96 49.28 -88.19
N PHE V 49 -3.66 48.51 -87.15
CA PHE V 49 -3.52 47.06 -87.23
C PHE V 49 -4.81 46.45 -86.72
N SER V 50 -5.26 45.36 -87.37
CA SER V 50 -6.60 44.88 -87.10
C SER V 50 -6.79 44.56 -85.63
N HIS V 51 -5.79 43.95 -85.00
CA HIS V 51 -5.81 43.65 -83.58
C HIS V 51 -4.91 44.69 -82.93
N SER V 52 -5.50 45.85 -82.63
CA SER V 52 -4.71 47.04 -82.39
C SER V 52 -3.82 46.91 -81.15
N GLN V 53 -4.41 46.51 -80.02
CA GLN V 53 -3.80 46.37 -78.70
C GLN V 53 -3.56 47.70 -78.01
N THR V 54 -3.72 48.84 -78.68
CA THR V 54 -3.61 50.14 -78.04
C THR V 54 -4.61 51.08 -78.71
N VAL V 55 -5.03 52.10 -77.96
CA VAL V 55 -5.86 53.14 -78.55
C VAL V 55 -5.06 53.89 -79.60
N VAL V 56 -5.76 54.43 -80.60
CA VAL V 56 -5.15 55.22 -81.64
C VAL V 56 -5.89 56.55 -81.74
N VAL V 57 -5.14 57.64 -81.80
CA VAL V 57 -5.70 58.98 -81.92
C VAL V 57 -5.26 59.58 -83.24
N CYS V 58 -6.22 60.16 -83.96
CA CYS V 58 -5.90 60.79 -85.22
C CYS V 58 -5.01 62.01 -84.96
N PRO V 59 -3.85 62.10 -85.61
CA PRO V 59 -2.92 63.20 -85.28
C PRO V 59 -3.50 64.58 -85.50
N GLY V 60 -4.34 64.76 -86.50
CA GLY V 60 -4.93 66.06 -86.76
C GLY V 60 -6.00 66.48 -85.76
N CYS V 61 -7.15 65.83 -85.82
CA CYS V 61 -8.31 66.21 -85.01
C CYS V 61 -8.26 65.66 -83.60
N GLN V 62 -7.22 64.90 -83.26
CA GLN V 62 -6.94 64.37 -81.93
C GLN V 62 -7.94 63.28 -81.51
N THR V 63 -8.93 62.98 -82.34
CA THR V 63 -10.04 62.12 -81.94
C THR V 63 -9.58 60.69 -81.70
N VAL V 64 -10.36 59.96 -80.91
CA VAL V 64 -10.15 58.53 -80.74
C VAL V 64 -10.64 57.78 -81.97
N LEU V 65 -9.93 56.72 -82.35
CA LEU V 65 -10.32 55.91 -83.49
C LEU V 65 -10.64 54.46 -83.15
N CYS V 66 -9.94 53.86 -82.20
CA CYS V 66 -10.14 52.45 -81.88
C CYS V 66 -10.10 52.26 -80.37
N GLN V 67 -10.46 51.05 -79.94
CA GLN V 67 -10.47 50.67 -78.54
C GLN V 67 -9.93 49.25 -78.54
N PRO V 68 -8.95 48.93 -77.69
CA PRO V 68 -8.33 47.61 -77.74
C PRO V 68 -9.22 46.57 -77.08
N THR V 69 -9.43 45.45 -77.75
CA THR V 69 -10.14 44.36 -77.09
C THR V 69 -9.44 43.02 -77.31
N GLY V 70 -10.11 41.94 -76.94
CA GLY V 70 -9.46 40.65 -76.97
C GLY V 70 -9.29 40.06 -78.35
N GLY V 71 -9.82 40.72 -79.36
CA GLY V 71 -9.68 40.25 -80.72
C GLY V 71 -9.30 41.38 -81.64
N LYS V 72 -10.12 41.65 -82.64
CA LYS V 72 -9.90 42.83 -83.44
C LYS V 72 -10.24 44.08 -82.64
N ALA V 73 -9.75 45.21 -83.10
CA ALA V 73 -10.10 46.47 -82.47
C ALA V 73 -11.56 46.82 -82.73
N ARG V 74 -12.09 47.70 -81.89
CA ARG V 74 -13.45 48.20 -82.04
C ARG V 74 -13.36 49.63 -82.58
N LEU V 75 -13.91 49.85 -83.77
CA LEU V 75 -13.79 51.16 -84.39
C LEU V 75 -14.75 52.16 -83.75
N THR V 76 -14.43 53.43 -83.91
CA THR V 76 -15.27 54.52 -83.42
C THR V 76 -16.29 54.84 -84.50
N GLU V 77 -17.42 55.44 -84.11
CA GLU V 77 -18.51 55.66 -85.04
C GLU V 77 -18.04 56.45 -86.25
N GLY V 78 -18.55 56.07 -87.43
CA GLY V 78 -18.28 56.75 -88.67
C GLY V 78 -16.82 56.75 -89.10
N CYS V 79 -16.14 55.61 -88.95
CA CYS V 79 -14.73 55.48 -89.32
C CYS V 79 -14.64 54.48 -90.46
N SER V 80 -14.49 54.99 -91.68
CA SER V 80 -14.46 54.17 -92.87
C SER V 80 -13.08 53.55 -93.02
N PHE V 81 -12.99 52.23 -92.95
CA PHE V 81 -11.72 51.55 -93.08
C PHE V 81 -11.68 50.72 -94.36
N ARG V 82 -10.51 50.70 -94.98
CA ARG V 82 -10.22 49.89 -96.16
C ARG V 82 -9.07 48.94 -95.83
N ARG V 83 -9.32 47.65 -95.95
CA ARG V 83 -8.26 46.67 -95.81
C ARG V 83 -7.20 46.90 -96.87
N LYS V 84 -5.94 46.69 -96.52
CA LYS V 84 -4.87 46.93 -97.48
C LYS V 84 -3.55 46.28 -97.11
N LEU W 8 6.78 -47.07 -33.75
CA LEU W 8 7.93 -47.82 -34.24
C LEU W 8 7.67 -49.31 -34.22
N ALA W 9 6.72 -49.74 -33.38
CA ALA W 9 6.47 -51.17 -33.26
C ALA W 9 5.96 -51.76 -34.55
N ARG W 10 5.56 -50.93 -35.51
CA ARG W 10 4.99 -51.43 -36.75
C ARG W 10 5.97 -51.41 -37.92
N ALA W 11 7.24 -51.08 -37.69
CA ALA W 11 8.21 -51.09 -38.78
C ALA W 11 8.31 -52.48 -39.39
N GLY W 12 8.42 -52.53 -40.71
CA GLY W 12 8.56 -53.81 -41.39
C GLY W 12 7.29 -54.63 -41.46
N LYS W 13 6.14 -54.03 -41.14
CA LYS W 13 4.92 -54.81 -40.97
C LYS W 13 4.60 -55.58 -42.24
N VAL W 14 4.31 -54.87 -43.33
CA VAL W 14 3.94 -55.54 -44.57
C VAL W 14 5.11 -56.30 -45.17
N ARG W 15 6.33 -55.79 -45.03
CA ARG W 15 7.50 -56.51 -45.51
C ARG W 15 7.58 -57.91 -44.92
N GLY W 16 7.18 -58.06 -43.65
CA GLY W 16 7.09 -59.38 -43.07
C GLY W 16 5.81 -60.11 -43.41
N GLN W 17 4.72 -59.37 -43.62
CA GLN W 17 3.45 -60.03 -43.94
C GLN W 17 3.50 -60.75 -45.28
N THR W 18 4.12 -60.15 -46.27
CA THR W 18 4.04 -60.69 -47.63
C THR W 18 4.69 -62.07 -47.70
N PRO W 19 4.04 -63.04 -48.34
CA PRO W 19 4.66 -64.35 -48.52
C PRO W 19 5.89 -64.27 -49.40
N LYS W 20 6.77 -65.25 -49.26
CA LYS W 20 7.98 -65.34 -50.06
C LYS W 20 7.70 -66.19 -51.29
N VAL W 21 8.06 -65.67 -52.47
CA VAL W 21 7.86 -66.38 -53.72
C VAL W 21 9.17 -66.30 -54.51
N ALA W 22 9.46 -67.34 -55.29
CA ALA W 22 10.73 -67.49 -55.97
C ALA W 22 10.55 -67.51 -57.48
N LYS W 23 11.60 -67.10 -58.19
CA LYS W 23 11.55 -66.92 -59.63
C LYS W 23 11.60 -68.26 -60.37
N GLN W 24 11.48 -68.19 -61.69
CA GLN W 24 11.83 -69.28 -62.59
C GLN W 24 13.28 -69.13 -63.06
N ASP W 25 13.64 -69.88 -64.09
CA ASP W 25 14.95 -69.75 -64.73
C ASP W 25 14.73 -69.32 -66.17
N LYS W 26 13.91 -68.30 -66.36
CA LYS W 26 13.66 -67.70 -67.67
C LYS W 26 14.91 -67.70 -68.53
N LYS W 27 14.78 -68.22 -69.74
CA LYS W 27 15.91 -68.27 -70.66
C LYS W 27 16.32 -66.86 -71.02
N LYS W 28 17.63 -66.66 -71.17
CA LYS W 28 18.14 -65.32 -71.43
C LYS W 28 17.50 -64.73 -72.68
N GLN W 29 17.01 -63.52 -72.57
CA GLN W 29 16.66 -62.86 -73.81
C GLN W 29 17.87 -62.11 -74.34
N PRO W 30 18.29 -62.36 -75.57
CA PRO W 30 19.62 -61.94 -76.00
C PRO W 30 19.79 -60.44 -75.89
N ARG W 31 20.97 -60.01 -75.44
CA ARG W 31 21.20 -58.60 -75.21
C ARG W 31 21.84 -57.96 -76.42
N GLY W 32 21.99 -56.64 -76.37
CA GLY W 32 22.75 -55.95 -77.38
C GLY W 32 21.99 -55.84 -78.68
N ARG W 33 22.62 -56.26 -79.77
CA ARG W 33 21.99 -56.15 -81.08
C ARG W 33 20.77 -57.04 -81.20
N ALA W 34 20.88 -58.30 -80.79
CA ALA W 34 19.79 -59.22 -81.03
C ALA W 34 18.54 -58.80 -80.29
N HIS W 35 18.68 -58.10 -79.16
CA HIS W 35 17.51 -57.63 -78.44
C HIS W 35 16.73 -56.63 -79.29
N LYS W 36 17.44 -55.72 -79.97
CA LYS W 36 16.77 -54.75 -80.83
C LYS W 36 16.24 -55.43 -82.07
N ARG W 37 16.91 -56.47 -82.56
CA ARG W 37 16.34 -57.28 -83.63
C ARG W 37 14.96 -57.81 -83.24
N ILE W 38 14.86 -58.38 -82.05
CA ILE W 38 13.59 -58.94 -81.60
C ILE W 38 12.56 -57.83 -81.41
N GLN W 39 12.98 -56.68 -80.87
CA GLN W 39 12.03 -55.58 -80.74
C GLN W 39 11.52 -55.12 -82.09
N TYR W 40 12.41 -55.03 -83.08
CA TYR W 40 11.99 -54.67 -84.43
C TYR W 40 10.96 -55.65 -84.96
N ASN W 41 11.41 -56.88 -85.19
CA ASN W 41 10.60 -57.87 -85.88
C ASN W 41 9.53 -58.47 -85.01
N ARG W 42 9.39 -57.89 -83.81
CA ARG W 42 8.22 -58.13 -82.99
C ARG W 42 7.25 -56.98 -83.03
N ARG W 43 7.71 -55.73 -83.11
CA ARG W 43 6.75 -54.65 -83.13
C ARG W 43 6.19 -54.45 -84.53
N PHE W 44 7.04 -54.09 -85.51
CA PHE W 44 6.40 -53.80 -86.80
C PHE W 44 7.04 -54.56 -87.95
N VAL W 45 7.28 -55.84 -87.73
CA VAL W 45 7.21 -56.84 -88.79
C VAL W 45 6.13 -57.87 -88.51
N THR W 46 5.71 -58.03 -87.26
CA THR W 46 4.70 -58.97 -86.85
C THR W 46 3.32 -58.62 -87.40
N ARG X 10 -36.42 23.01 -128.68
CA ARG X 10 -35.50 21.94 -128.36
C ARG X 10 -36.16 20.89 -127.47
N ALA X 11 -35.36 19.97 -126.94
CA ALA X 11 -35.80 18.93 -126.02
C ALA X 11 -35.05 19.06 -124.71
N LEU X 12 -35.26 18.10 -123.81
CA LEU X 12 -34.59 18.05 -122.52
C LEU X 12 -33.98 16.68 -122.31
N SER X 13 -32.88 16.63 -121.59
CA SER X 13 -32.16 15.38 -121.39
C SER X 13 -32.84 14.52 -120.32
N GLN X 14 -32.39 13.27 -120.23
CA GLN X 14 -32.99 12.36 -119.27
C GLN X 14 -32.61 12.71 -117.85
N LYS X 15 -31.37 13.17 -117.66
CA LYS X 15 -31.00 13.97 -116.50
C LYS X 15 -32.10 14.96 -116.17
N GLU X 16 -32.51 15.79 -117.15
CA GLU X 16 -33.40 16.90 -116.80
C GLU X 16 -34.79 16.41 -116.41
N GLN X 17 -35.38 15.51 -117.20
CA GLN X 17 -36.67 14.96 -116.79
C GLN X 17 -36.59 14.39 -115.39
N ASP X 18 -35.60 13.54 -115.16
CA ASP X 18 -35.61 12.73 -113.95
C ASP X 18 -35.28 13.59 -112.73
N ILE X 19 -34.45 14.62 -112.90
CA ILE X 19 -34.21 15.52 -111.79
C ILE X 19 -35.47 16.33 -111.47
N GLN X 20 -36.25 16.73 -112.49
CA GLN X 20 -37.55 17.31 -112.15
C GLN X 20 -38.37 16.33 -111.34
N MET X 21 -38.37 15.07 -111.76
CA MET X 21 -39.08 14.01 -111.04
C MET X 21 -38.69 14.00 -109.58
N MET X 22 -37.38 13.96 -109.32
CA MET X 22 -36.88 13.77 -107.96
C MET X 22 -37.09 15.01 -107.11
N LEU X 23 -36.95 16.21 -107.69
CA LEU X 23 -37.32 17.41 -106.94
C LEU X 23 -38.77 17.36 -106.52
N ALA X 24 -39.68 17.16 -107.46
CA ALA X 24 -41.09 17.16 -107.10
C ALA X 24 -41.43 16.02 -106.16
N ALA X 25 -40.61 14.96 -106.14
CA ALA X 25 -40.88 13.79 -105.32
C ALA X 25 -40.27 13.86 -103.93
N ASP X 26 -39.73 15.02 -103.53
CA ASP X 26 -39.27 15.21 -102.15
C ASP X 26 -38.04 14.34 -101.84
N VAL X 27 -37.07 14.30 -102.76
CA VAL X 27 -35.89 13.47 -102.55
C VAL X 27 -34.65 14.30 -102.24
N HIS X 28 -34.72 15.63 -102.41
CA HIS X 28 -33.57 16.48 -102.13
C HIS X 28 -33.43 16.81 -100.65
N LEU X 29 -34.46 16.60 -99.84
CA LEU X 29 -34.46 17.01 -98.44
C LEU X 29 -34.02 15.82 -97.58
N GLY X 30 -32.82 15.90 -97.02
CA GLY X 30 -32.31 14.83 -96.18
C GLY X 30 -32.86 14.88 -94.77
N THR X 31 -31.98 14.78 -93.79
CA THR X 31 -32.33 14.82 -92.38
C THR X 31 -31.79 16.08 -91.72
N LYS X 32 -31.93 16.15 -90.40
CA LYS X 32 -31.44 17.29 -89.62
C LYS X 32 -29.90 17.34 -89.62
N ASN X 33 -29.25 16.19 -89.63
CA ASN X 33 -27.80 16.12 -89.46
C ASN X 33 -27.15 15.47 -90.66
N CYS X 34 -25.87 15.11 -90.54
CA CYS X 34 -25.17 14.36 -91.58
C CYS X 34 -24.17 13.41 -90.93
N ASP X 35 -23.78 12.38 -91.70
CA ASP X 35 -22.71 11.47 -91.32
C ASP X 35 -21.47 11.74 -92.17
N PHE X 36 -20.30 11.60 -91.56
CA PHE X 36 -19.07 11.91 -92.29
C PHE X 36 -18.93 11.05 -93.53
N GLN X 37 -19.48 9.83 -93.50
CA GLN X 37 -19.35 8.94 -94.65
C GLN X 37 -20.18 9.40 -95.84
N MET X 38 -21.07 10.38 -95.66
CA MET X 38 -21.86 10.89 -96.77
C MET X 38 -22.06 12.39 -96.68
N GLU X 39 -21.12 13.12 -96.08
CA GLU X 39 -21.08 14.54 -96.35
C GLU X 39 -20.51 14.87 -97.72
N ARG X 40 -19.97 13.88 -98.43
CA ARG X 40 -19.58 14.03 -99.83
C ARG X 40 -20.77 14.19 -100.76
N TYR X 41 -21.99 14.10 -100.23
CA TYR X 41 -23.19 14.30 -101.02
C TYR X 41 -24.03 15.48 -100.52
N ALA X 42 -24.22 15.59 -99.21
CA ALA X 42 -25.03 16.66 -98.64
C ALA X 42 -24.48 18.04 -99.01
N TYR X 43 -25.21 18.77 -99.85
CA TYR X 43 -24.62 19.92 -100.54
C TYR X 43 -24.52 21.13 -99.62
N LYS X 44 -25.60 21.53 -98.97
CA LYS X 44 -25.59 22.69 -98.08
C LYS X 44 -26.58 22.46 -96.94
N ARG X 45 -26.98 23.54 -96.29
CA ARG X 45 -27.91 23.51 -95.17
C ARG X 45 -28.95 24.59 -95.32
N ARG X 46 -30.23 24.22 -95.22
CA ARG X 46 -31.21 25.26 -95.02
C ARG X 46 -31.25 25.62 -93.55
N SER X 47 -31.55 26.88 -93.26
CA SER X 47 -31.33 27.41 -91.92
C SER X 47 -32.12 26.66 -90.86
N ASP X 48 -33.14 25.92 -91.25
CA ASP X 48 -33.74 24.93 -90.38
C ASP X 48 -32.70 24.04 -89.71
N GLY X 49 -31.54 23.85 -90.34
CA GLY X 49 -30.59 22.85 -89.96
C GLY X 49 -30.62 21.62 -90.85
N ILE X 50 -31.64 21.48 -91.66
CA ILE X 50 -31.82 20.31 -92.50
C ILE X 50 -30.96 20.45 -93.75
N TYR X 51 -30.35 19.35 -94.17
CA TYR X 51 -29.43 19.31 -95.29
C TYR X 51 -30.14 18.90 -96.56
N ILE X 52 -29.54 19.25 -97.69
CA ILE X 52 -30.11 18.95 -99.00
C ILE X 52 -29.07 18.25 -99.86
N ILE X 53 -29.48 17.16 -100.48
CA ILE X 53 -28.61 16.19 -101.13
C ILE X 53 -28.35 16.61 -102.58
N ASN X 54 -27.11 16.45 -103.01
CA ASN X 54 -26.73 16.75 -104.39
C ASN X 54 -27.36 15.69 -105.29
N LEU X 55 -28.47 16.05 -105.95
CA LEU X 55 -29.15 15.07 -106.77
C LEU X 55 -28.35 14.72 -108.02
N GLY X 56 -27.45 15.60 -108.46
CA GLY X 56 -26.54 15.20 -109.51
C GLY X 56 -25.73 13.98 -109.11
N LYS X 57 -25.17 14.01 -107.90
CA LYS X 57 -24.43 12.84 -107.42
C LYS X 57 -25.37 11.68 -107.14
N THR X 58 -26.59 11.97 -106.71
CA THR X 58 -27.56 10.89 -106.51
C THR X 58 -27.81 10.16 -107.82
N TRP X 59 -27.97 10.90 -108.90
CA TRP X 59 -28.30 10.30 -110.18
C TRP X 59 -27.10 9.60 -110.79
N GLU X 60 -25.91 10.13 -110.54
CA GLU X 60 -24.71 9.41 -110.93
C GLU X 60 -24.61 8.07 -110.21
N LYS X 61 -24.91 8.06 -108.92
CA LYS X 61 -24.92 6.78 -108.22
C LYS X 61 -26.09 5.93 -108.65
N LEU X 62 -27.16 6.55 -109.17
CA LEU X 62 -28.26 5.76 -109.71
C LEU X 62 -27.84 5.02 -110.98
N GLN X 63 -27.12 5.69 -111.88
CA GLN X 63 -26.53 4.93 -112.97
C GLN X 63 -25.60 3.85 -112.44
N LEU X 64 -24.77 4.18 -111.46
CA LEU X 64 -23.83 3.19 -110.94
C LEU X 64 -24.56 1.95 -110.43
N ALA X 65 -25.62 2.16 -109.68
CA ALA X 65 -26.41 1.04 -109.19
C ALA X 65 -27.06 0.29 -110.33
N ALA X 66 -27.56 1.01 -111.34
CA ALA X 66 -28.20 0.35 -112.47
C ALA X 66 -27.22 -0.57 -113.19
N ARG X 67 -26.00 -0.10 -113.42
CA ARG X 67 -24.99 -0.92 -114.07
C ARG X 67 -24.69 -2.15 -113.23
N VAL X 68 -24.59 -1.95 -111.91
CA VAL X 68 -24.24 -3.06 -111.05
C VAL X 68 -25.36 -4.10 -111.06
N ILE X 69 -26.61 -3.66 -111.12
CA ILE X 69 -27.74 -4.60 -111.20
C ILE X 69 -27.74 -5.33 -112.54
N VAL X 70 -27.63 -4.59 -113.64
CA VAL X 70 -27.77 -5.19 -114.96
C VAL X 70 -26.59 -6.08 -115.30
N ALA X 71 -25.51 -6.01 -114.53
CA ALA X 71 -24.41 -6.93 -114.73
C ALA X 71 -24.71 -8.37 -114.29
N ILE X 72 -25.84 -8.61 -113.63
CA ILE X 72 -26.19 -9.95 -113.17
C ILE X 72 -26.82 -10.73 -114.31
N GLU X 73 -26.24 -11.90 -114.63
CA GLU X 73 -26.81 -12.73 -115.68
C GLU X 73 -28.25 -13.11 -115.38
N ASN X 74 -28.54 -13.52 -114.15
CA ASN X 74 -29.81 -14.13 -113.79
C ASN X 74 -30.51 -13.23 -112.78
N PRO X 75 -31.48 -12.43 -113.20
CA PRO X 75 -32.08 -11.46 -112.28
C PRO X 75 -32.78 -12.11 -111.11
N GLN X 76 -33.09 -13.40 -111.21
CA GLN X 76 -33.71 -14.13 -110.10
C GLN X 76 -32.75 -14.26 -108.93
N ASP X 77 -31.49 -13.90 -109.11
CA ASP X 77 -30.43 -14.11 -108.13
C ASP X 77 -30.14 -12.85 -107.33
N ILE X 78 -31.07 -11.89 -107.32
CA ILE X 78 -30.91 -10.60 -106.66
C ILE X 78 -32.01 -10.46 -105.63
N ILE X 79 -31.68 -9.95 -104.44
CA ILE X 79 -32.69 -9.74 -103.41
C ILE X 79 -32.80 -8.27 -103.08
N VAL X 80 -34.04 -7.79 -102.97
CA VAL X 80 -34.35 -6.42 -102.58
C VAL X 80 -35.28 -6.46 -101.37
N GLN X 81 -34.94 -5.69 -100.34
CA GLN X 81 -35.66 -5.77 -99.07
C GLN X 81 -35.91 -4.39 -98.49
N SER X 82 -36.97 -4.33 -97.67
CA SER X 82 -37.36 -3.13 -96.95
C SER X 82 -38.08 -3.57 -95.68
N ALA X 83 -37.67 -2.98 -94.55
CA ALA X 83 -38.38 -3.17 -93.29
C ALA X 83 -39.29 -1.99 -92.96
N ARG X 84 -39.01 -0.84 -93.55
CA ARG X 84 -39.86 0.34 -93.38
C ARG X 84 -41.27 -0.01 -93.86
N PRO X 85 -42.32 0.53 -93.23
CA PRO X 85 -43.68 0.32 -93.76
C PRO X 85 -44.05 1.26 -94.89
N TYR X 86 -43.07 1.91 -95.51
CA TYR X 86 -43.30 2.77 -96.63
C TYR X 86 -42.86 2.14 -97.95
N GLY X 87 -42.09 1.07 -97.90
CA GLY X 87 -41.42 0.60 -99.09
C GLY X 87 -41.83 -0.77 -99.59
N GLN X 88 -42.78 -1.42 -98.93
CA GLN X 88 -43.18 -2.76 -99.35
C GLN X 88 -43.71 -2.75 -100.78
N ARG X 89 -44.62 -1.84 -101.07
CA ARG X 89 -45.14 -1.73 -102.42
C ARG X 89 -44.02 -1.45 -103.41
N ALA X 90 -43.13 -0.52 -103.06
CA ALA X 90 -42.05 -0.15 -103.95
C ALA X 90 -41.19 -1.35 -104.31
N VAL X 91 -40.74 -2.11 -103.31
CA VAL X 91 -39.84 -3.21 -103.59
C VAL X 91 -40.55 -4.33 -104.33
N LEU X 92 -41.81 -4.60 -103.98
CA LEU X 92 -42.52 -5.67 -104.69
C LEU X 92 -42.67 -5.35 -106.16
N LYS X 93 -43.03 -4.11 -106.49
CA LYS X 93 -43.17 -3.79 -107.89
C LYS X 93 -41.81 -3.77 -108.58
N PHE X 94 -40.78 -3.31 -107.89
CA PHE X 94 -39.43 -3.37 -108.46
C PHE X 94 -39.05 -4.78 -108.83
N ALA X 95 -39.42 -5.76 -108.01
CA ALA X 95 -39.13 -7.14 -108.35
C ALA X 95 -39.98 -7.62 -109.51
N GLN X 96 -41.27 -7.30 -109.49
CA GLN X 96 -42.13 -7.77 -110.59
C GLN X 96 -41.74 -7.16 -111.92
N HIS X 97 -41.01 -6.06 -111.93
CA HIS X 97 -40.58 -5.48 -113.19
C HIS X 97 -39.17 -5.86 -113.58
N THR X 98 -38.25 -5.96 -112.63
CA THR X 98 -36.87 -6.28 -112.97
C THR X 98 -36.55 -7.76 -112.87
N GLY X 99 -37.52 -8.61 -112.56
CA GLY X 99 -37.20 -10.01 -112.38
C GLY X 99 -36.40 -10.31 -111.14
N ALA X 100 -36.39 -9.40 -110.17
CA ALA X 100 -35.62 -9.60 -108.94
C ALA X 100 -36.32 -10.64 -108.08
N ASN X 101 -35.97 -10.72 -106.80
CA ASN X 101 -36.68 -11.57 -105.86
C ASN X 101 -36.85 -10.74 -104.59
N ALA X 102 -37.97 -10.03 -104.50
CA ALA X 102 -38.21 -9.15 -103.36
C ALA X 102 -38.55 -9.95 -102.13
N ILE X 103 -38.07 -9.48 -100.98
CA ILE X 103 -38.42 -10.06 -99.68
C ILE X 103 -38.88 -8.89 -98.81
N ALA X 104 -40.18 -8.66 -98.81
CA ALA X 104 -40.74 -7.51 -98.12
C ALA X 104 -41.09 -7.85 -96.68
N GLY X 105 -41.24 -6.80 -95.87
CA GLY X 105 -41.63 -6.97 -94.48
C GLY X 105 -40.45 -7.06 -93.54
N ARG X 106 -40.46 -8.09 -92.69
CA ARG X 106 -39.36 -8.37 -91.78
C ARG X 106 -38.49 -9.51 -92.30
N HIS X 107 -37.21 -9.45 -91.94
CA HIS X 107 -36.20 -10.40 -92.38
C HIS X 107 -35.97 -11.47 -91.31
N THR X 108 -36.17 -12.74 -91.68
CA THR X 108 -35.86 -13.82 -90.75
C THR X 108 -34.36 -13.98 -90.62
N PRO X 109 -33.78 -13.80 -89.44
CA PRO X 109 -32.33 -13.92 -89.29
C PRO X 109 -31.84 -15.30 -89.68
N GLY X 110 -30.98 -15.34 -90.67
CA GLY X 110 -30.52 -16.59 -91.22
C GLY X 110 -30.96 -16.86 -92.63
N THR X 111 -31.61 -15.91 -93.28
CA THR X 111 -31.99 -16.11 -94.68
C THR X 111 -30.77 -16.21 -95.57
N PHE X 112 -29.62 -15.74 -95.11
CA PHE X 112 -28.42 -15.66 -95.93
C PHE X 112 -27.35 -16.68 -95.55
N THR X 113 -27.32 -17.13 -94.30
CA THR X 113 -26.24 -17.96 -93.79
C THR X 113 -26.69 -19.31 -93.28
N ASN X 114 -27.94 -19.44 -92.85
CA ASN X 114 -28.36 -20.65 -92.18
C ASN X 114 -28.73 -21.66 -93.26
N GLN X 115 -27.76 -22.47 -93.69
CA GLN X 115 -27.96 -23.25 -94.91
C GLN X 115 -29.07 -24.26 -94.77
N MET X 116 -29.49 -24.58 -93.55
CA MET X 116 -30.59 -25.50 -93.33
C MET X 116 -31.80 -24.80 -92.76
N GLN X 117 -31.95 -23.51 -93.04
CA GLN X 117 -33.21 -22.82 -92.85
C GLN X 117 -34.05 -22.97 -94.10
N THR X 118 -35.37 -23.00 -93.92
CA THR X 118 -36.26 -23.16 -95.06
C THR X 118 -36.14 -21.99 -96.03
N SER X 119 -36.04 -20.78 -95.51
CA SER X 119 -35.87 -19.60 -96.36
C SER X 119 -34.38 -19.34 -96.50
N PHE X 120 -33.80 -19.83 -97.59
CA PHE X 120 -32.40 -19.65 -97.85
C PHE X 120 -32.19 -18.98 -99.20
N SER X 121 -31.09 -18.25 -99.31
CA SER X 121 -30.83 -17.42 -100.48
C SER X 121 -29.37 -16.98 -100.52
N GLU X 122 -28.73 -17.20 -101.64
CA GLU X 122 -27.35 -16.83 -101.90
C GLU X 122 -27.35 -15.67 -102.89
N PRO X 123 -27.77 -14.48 -102.50
CA PRO X 123 -27.85 -13.41 -103.48
C PRO X 123 -26.49 -13.10 -104.06
N ARG X 124 -26.45 -12.86 -105.36
CA ARG X 124 -25.27 -12.23 -105.89
C ARG X 124 -25.30 -10.73 -105.71
N LEU X 125 -26.41 -10.21 -105.19
CA LEU X 125 -26.49 -8.79 -104.87
C LEU X 125 -27.70 -8.55 -104.00
N LEU X 126 -27.55 -7.60 -103.08
CA LEU X 126 -28.56 -7.28 -102.10
C LEU X 126 -28.87 -5.79 -102.15
N ILE X 127 -30.14 -5.44 -102.11
CA ILE X 127 -30.62 -4.07 -102.21
C ILE X 127 -31.42 -3.78 -100.95
N LEU X 128 -31.13 -2.65 -100.32
CA LEU X 128 -31.68 -2.37 -99.00
C LEU X 128 -32.25 -0.96 -98.96
N THR X 129 -33.53 -0.87 -98.62
CA THR X 129 -34.18 0.44 -98.63
C THR X 129 -33.65 1.35 -97.53
N ASP X 130 -33.25 0.80 -96.40
CA ASP X 130 -32.75 1.62 -95.31
C ASP X 130 -31.62 0.89 -94.59
N PRO X 131 -30.41 1.41 -94.64
CA PRO X 131 -29.29 0.74 -93.95
C PRO X 131 -29.48 0.68 -92.46
N ARG X 132 -30.30 1.56 -91.91
CA ARG X 132 -30.63 1.52 -90.49
C ARG X 132 -31.53 0.34 -90.16
N THR X 133 -32.75 0.35 -90.71
CA THR X 133 -33.72 -0.68 -90.34
C THR X 133 -33.28 -2.04 -90.80
N ASP X 134 -32.80 -2.16 -92.03
CA ASP X 134 -32.27 -3.43 -92.50
C ASP X 134 -30.80 -3.59 -92.13
N HIS X 135 -30.49 -3.36 -90.85
CA HIS X 135 -29.15 -3.61 -90.36
C HIS X 135 -28.89 -5.09 -90.16
N GLN X 136 -29.94 -5.90 -90.07
CA GLN X 136 -29.74 -7.34 -90.01
C GLN X 136 -29.22 -7.91 -91.32
N PRO X 137 -29.85 -7.68 -92.48
CA PRO X 137 -29.29 -8.23 -93.72
C PRO X 137 -27.91 -7.71 -94.04
N ILE X 138 -27.58 -6.46 -93.68
CA ILE X 138 -26.24 -5.95 -93.97
C ILE X 138 -25.18 -6.79 -93.28
N LYS X 139 -25.34 -6.99 -91.97
CA LYS X 139 -24.41 -7.82 -91.24
C LYS X 139 -24.40 -9.23 -91.79
N GLU X 140 -25.57 -9.76 -92.13
CA GLU X 140 -25.60 -11.12 -92.65
C GLU X 140 -24.84 -11.24 -93.95
N SER X 141 -24.99 -10.26 -94.84
CA SER X 141 -24.22 -10.24 -96.08
C SER X 141 -22.74 -10.22 -95.80
N ALA X 142 -22.34 -9.48 -94.76
CA ALA X 142 -20.94 -9.41 -94.39
C ALA X 142 -20.34 -10.77 -94.10
N LEU X 143 -21.16 -11.80 -93.90
CA LEU X 143 -20.66 -13.16 -93.74
C LEU X 143 -20.73 -13.99 -95.01
N GLY X 144 -21.53 -13.59 -95.99
CA GLY X 144 -21.72 -14.42 -97.15
C GLY X 144 -21.23 -13.83 -98.45
N ASN X 145 -20.49 -12.73 -98.40
CA ASN X 145 -19.87 -12.15 -99.59
C ASN X 145 -20.93 -11.63 -100.56
N ILE X 146 -21.73 -10.70 -100.08
CA ILE X 146 -22.93 -10.26 -100.77
C ILE X 146 -22.85 -8.75 -100.94
N PRO X 147 -22.45 -8.27 -102.12
CA PRO X 147 -22.38 -6.82 -102.32
C PRO X 147 -23.74 -6.17 -102.16
N THR X 148 -23.73 -4.93 -101.69
CA THR X 148 -24.92 -4.32 -101.14
C THR X 148 -25.11 -2.90 -101.67
N ILE X 149 -26.30 -2.64 -102.16
CA ILE X 149 -26.73 -1.34 -102.66
C ILE X 149 -27.79 -0.83 -101.72
N ALA X 150 -27.54 0.29 -101.08
CA ALA X 150 -28.42 0.77 -100.02
C ALA X 150 -28.80 2.20 -100.27
N PHE X 151 -30.05 2.52 -99.98
CA PHE X 151 -30.53 3.90 -100.10
C PHE X 151 -30.19 4.64 -98.82
N CYS X 152 -29.05 5.32 -98.81
CA CYS X 152 -28.54 5.98 -97.62
C CYS X 152 -29.14 7.37 -97.49
N ASP X 153 -30.06 7.53 -96.53
CA ASP X 153 -30.44 8.85 -96.08
C ASP X 153 -29.28 9.49 -95.31
N THR X 154 -29.38 10.79 -95.07
CA THR X 154 -28.24 11.55 -94.54
C THR X 154 -27.96 11.29 -93.06
N ASP X 155 -28.57 10.27 -92.46
CA ASP X 155 -28.24 9.77 -91.14
C ASP X 155 -28.05 8.26 -91.17
N SER X 156 -27.27 7.77 -92.14
CA SER X 156 -27.15 6.35 -92.38
C SER X 156 -25.82 5.82 -91.87
N PRO X 157 -25.81 4.75 -91.08
CA PRO X 157 -24.56 3.99 -90.89
C PRO X 157 -24.20 3.22 -92.16
N MET X 158 -23.20 3.70 -92.88
CA MET X 158 -22.85 3.16 -94.18
C MET X 158 -21.84 2.02 -94.05
N ARG X 159 -21.70 1.48 -92.85
CA ARG X 159 -20.79 0.35 -92.65
C ARG X 159 -21.32 -0.88 -93.34
N TYR X 160 -20.46 -1.52 -94.14
CA TYR X 160 -20.81 -2.66 -94.97
C TYR X 160 -21.78 -2.30 -96.09
N VAL X 161 -21.65 -1.09 -96.64
CA VAL X 161 -22.52 -0.62 -97.72
C VAL X 161 -21.63 -0.33 -98.91
N ASP X 162 -21.78 -1.11 -99.98
CA ASP X 162 -20.92 -0.91 -101.14
C ASP X 162 -21.37 0.26 -102.00
N ILE X 163 -22.63 0.27 -102.40
CA ILE X 163 -23.10 1.26 -103.35
C ILE X 163 -24.23 2.01 -102.67
N GLY X 164 -23.94 3.20 -102.16
CA GLY X 164 -24.94 3.88 -101.40
C GLY X 164 -25.51 5.08 -102.13
N ILE X 165 -26.77 4.99 -102.52
CA ILE X 165 -27.44 6.12 -103.16
C ILE X 165 -27.81 7.15 -102.10
N PRO X 166 -27.30 8.37 -102.18
CA PRO X 166 -27.73 9.39 -101.22
C PRO X 166 -29.14 9.86 -101.55
N ALA X 167 -30.13 9.43 -100.79
CA ALA X 167 -31.50 9.75 -101.17
C ALA X 167 -32.43 9.60 -99.98
N ASN X 168 -33.22 10.65 -99.74
CA ASN X 168 -34.21 10.62 -98.67
C ASN X 168 -35.15 9.44 -98.86
N ASN X 169 -35.44 8.74 -97.78
CA ASN X 169 -36.27 7.54 -97.83
C ASN X 169 -37.18 7.47 -96.61
N LYS X 170 -37.78 8.61 -96.26
CA LYS X 170 -38.69 8.67 -95.13
C LYS X 170 -39.92 9.52 -95.45
N GLY X 171 -40.31 9.58 -96.71
CA GLY X 171 -41.53 10.23 -97.10
C GLY X 171 -42.38 9.27 -97.92
N ARG X 172 -43.65 9.65 -98.10
CA ARG X 172 -44.54 8.77 -98.85
C ARG X 172 -44.19 8.71 -100.33
N ASN X 173 -43.40 9.66 -100.83
CA ASN X 173 -43.08 9.71 -102.25
C ASN X 173 -41.66 9.28 -102.58
N SER X 174 -40.74 9.40 -101.62
CA SER X 174 -39.33 9.26 -101.92
C SER X 174 -38.96 7.85 -102.34
N ILE X 175 -39.39 6.85 -101.57
CA ILE X 175 -38.95 5.49 -101.85
C ILE X 175 -39.56 5.01 -103.16
N GLY X 176 -40.82 5.32 -103.39
CA GLY X 176 -41.43 4.98 -104.66
C GLY X 176 -40.70 5.63 -105.83
N CYS X 177 -40.36 6.91 -105.69
CA CYS X 177 -39.63 7.59 -106.75
C CYS X 177 -38.30 6.92 -107.03
N LEU X 178 -37.54 6.64 -105.96
CA LEU X 178 -36.22 6.06 -106.12
C LEU X 178 -36.28 4.69 -106.78
N TYR X 179 -37.25 3.88 -106.38
CA TYR X 179 -37.34 2.57 -107.01
C TYR X 179 -37.86 2.67 -108.43
N TRP X 180 -38.65 3.70 -108.75
CA TRP X 180 -39.05 3.88 -110.14
C TRP X 180 -37.88 4.27 -111.02
N LEU X 181 -36.98 5.10 -110.50
CA LEU X 181 -35.77 5.42 -111.26
C LEU X 181 -34.87 4.20 -111.44
N LEU X 182 -34.56 3.48 -110.35
CA LEU X 182 -33.75 2.29 -110.56
C LEU X 182 -34.43 1.32 -111.51
N ALA X 183 -35.75 1.19 -111.42
CA ALA X 183 -36.48 0.31 -112.31
C ALA X 183 -36.26 0.70 -113.75
N ARG X 184 -36.46 2.00 -114.06
CA ARG X 184 -36.36 2.36 -115.46
C ARG X 184 -34.94 2.21 -115.95
N MET X 185 -33.94 2.57 -115.13
CA MET X 185 -32.56 2.45 -115.61
C MET X 185 -32.12 1.01 -115.78
N VAL X 186 -32.56 0.09 -114.93
CA VAL X 186 -32.24 -1.31 -115.17
C VAL X 186 -32.88 -1.79 -116.46
N LEU X 187 -34.13 -1.39 -116.68
CA LEU X 187 -34.81 -1.83 -117.90
C LEU X 187 -34.15 -1.24 -119.15
N GLN X 188 -33.82 0.05 -119.11
CA GLN X 188 -33.17 0.69 -120.25
C GLN X 188 -31.84 0.03 -120.55
N MET X 189 -31.01 -0.20 -119.53
CA MET X 189 -29.72 -0.82 -119.78
C MET X 189 -29.88 -2.23 -120.31
N ARG X 190 -30.82 -3.01 -119.77
CA ARG X 190 -31.06 -4.29 -120.43
C ARG X 190 -31.84 -4.16 -121.72
N GLY X 191 -32.15 -2.95 -122.16
CA GLY X 191 -32.77 -2.74 -123.44
C GLY X 191 -34.19 -3.24 -123.57
N THR X 192 -34.79 -3.74 -122.48
CA THR X 192 -36.15 -4.25 -122.57
C THR X 192 -37.15 -3.17 -122.91
N ILE X 193 -36.79 -1.90 -122.69
CA ILE X 193 -37.60 -0.79 -123.18
C ILE X 193 -36.73 -0.02 -124.16
N LEU X 194 -37.19 0.05 -125.41
CA LEU X 194 -36.34 0.57 -126.47
C LEU X 194 -36.05 2.05 -126.22
N PRO X 195 -34.88 2.52 -126.66
CA PRO X 195 -34.53 3.93 -126.48
C PRO X 195 -35.65 4.85 -126.91
N GLY X 196 -35.75 5.99 -126.24
CA GLY X 196 -36.95 6.79 -126.23
C GLY X 196 -37.52 6.77 -124.84
N HIS X 197 -37.56 7.93 -124.19
CA HIS X 197 -37.84 8.05 -122.76
C HIS X 197 -39.26 7.65 -122.40
N LYS X 198 -40.00 7.13 -123.36
CA LYS X 198 -41.33 6.59 -123.12
C LYS X 198 -41.22 5.22 -122.47
N TRP X 199 -41.50 5.15 -121.17
CA TRP X 199 -41.72 3.88 -120.49
C TRP X 199 -43.16 3.87 -119.98
N ASP X 200 -43.89 2.81 -120.34
CA ASP X 200 -45.35 2.79 -120.17
C ASP X 200 -45.79 2.40 -118.77
N VAL X 201 -44.87 2.28 -117.82
CA VAL X 201 -45.23 2.03 -116.43
C VAL X 201 -45.11 3.34 -115.67
N MET X 202 -46.17 3.74 -115.02
CA MET X 202 -46.27 5.06 -114.43
C MET X 202 -45.87 5.01 -112.96
N VAL X 203 -45.46 6.17 -112.44
CA VAL X 203 -44.76 6.21 -111.16
C VAL X 203 -45.70 5.92 -109.98
N ASP X 204 -46.91 6.49 -109.98
CA ASP X 204 -47.76 6.36 -108.82
C ASP X 204 -48.13 4.92 -108.49
N LEU X 205 -47.73 3.97 -109.34
CA LEU X 205 -47.86 2.55 -108.99
C LEU X 205 -46.99 2.21 -107.79
N PHE X 206 -45.78 2.77 -107.71
CA PHE X 206 -44.84 2.38 -106.67
C PHE X 206 -45.26 2.85 -105.28
N PHE X 207 -45.77 4.07 -105.15
CA PHE X 207 -46.14 4.58 -103.84
C PHE X 207 -47.19 3.69 -103.20
N TYR X 208 -47.01 3.43 -101.90
CA TYR X 208 -47.78 2.39 -101.24
C TYR X 208 -49.24 2.83 -101.14
N ARG X 209 -50.14 1.86 -101.11
CA ARG X 209 -51.55 2.18 -100.89
C ARG X 209 -51.88 1.79 -99.47
N ASP X 210 -52.22 2.77 -98.64
CA ASP X 210 -52.54 2.52 -97.25
C ASP X 210 -54.01 2.17 -97.10
N PRO X 211 -54.35 0.93 -96.70
CA PRO X 211 -55.74 0.49 -96.55
C PRO X 211 -56.54 1.34 -95.55
N PRO Y 23 -61.47 31.23 -17.01
CA PRO Y 23 -60.06 31.61 -17.22
C PRO Y 23 -59.93 32.67 -18.31
N PHE Y 24 -60.61 32.46 -19.43
CA PHE Y 24 -60.63 33.40 -20.52
C PHE Y 24 -61.70 34.45 -20.35
N THR Y 25 -62.21 34.63 -19.15
CA THR Y 25 -63.25 35.61 -18.87
C THR Y 25 -62.68 36.95 -18.42
N LYS Y 26 -61.37 37.03 -18.20
CA LYS Y 26 -60.70 38.26 -17.82
C LYS Y 26 -59.96 38.89 -19.00
N LYS Y 27 -60.06 38.28 -20.17
CA LYS Y 27 -59.41 38.77 -21.39
C LYS Y 27 -60.45 39.54 -22.19
N GLN Y 28 -60.13 40.78 -22.56
CA GLN Y 28 -60.98 41.53 -23.45
C GLN Y 28 -60.27 41.76 -24.78
N TRP Y 29 -61.06 41.74 -25.85
CA TRP Y 29 -60.52 41.91 -27.19
C TRP Y 29 -60.21 43.38 -27.45
N TYR Y 30 -59.37 43.61 -28.44
CA TYR Y 30 -59.08 44.94 -28.95
C TYR Y 30 -59.18 44.93 -30.46
N ASP Y 31 -59.28 46.11 -31.04
CA ASP Y 31 -59.43 46.29 -32.49
C ASP Y 31 -58.08 46.66 -33.08
N ILE Y 32 -57.53 45.76 -33.90
CA ILE Y 32 -56.28 46.02 -34.61
C ILE Y 32 -56.65 46.69 -35.92
N LYS Y 33 -56.06 47.86 -36.18
CA LYS Y 33 -56.32 48.53 -37.45
C LYS Y 33 -55.03 49.15 -37.97
N ALA Y 34 -54.86 49.07 -39.29
CA ALA Y 34 -53.63 49.35 -40.01
C ALA Y 34 -53.61 50.79 -40.48
N PRO Y 35 -52.43 51.34 -40.80
CA PRO Y 35 -52.35 52.74 -41.20
C PRO Y 35 -53.07 53.01 -42.51
N LEU Y 36 -53.27 54.29 -42.79
CA LEU Y 36 -54.19 54.69 -43.86
C LEU Y 36 -53.62 54.52 -45.25
N LEU Y 37 -52.35 54.16 -45.38
CA LEU Y 37 -51.77 53.97 -46.70
C LEU Y 37 -52.16 52.63 -47.30
N PHE Y 38 -52.95 51.83 -46.60
CA PHE Y 38 -53.45 50.55 -47.07
C PHE Y 38 -54.87 50.68 -47.62
N THR Y 39 -55.21 49.74 -48.51
CA THR Y 39 -56.55 49.73 -49.11
C THR Y 39 -57.61 49.50 -48.04
N SER Y 40 -57.66 48.31 -47.47
CA SER Y 40 -58.57 48.04 -46.37
C SER Y 40 -57.82 48.06 -45.04
N ARG Y 41 -58.58 48.31 -43.99
CA ARG Y 41 -58.04 48.54 -42.65
C ARG Y 41 -58.77 47.56 -41.74
N ASN Y 42 -58.67 47.73 -40.42
CA ASN Y 42 -59.34 46.85 -39.47
C ASN Y 42 -58.86 45.41 -39.67
N VAL Y 43 -57.56 45.24 -39.50
CA VAL Y 43 -56.89 44.01 -39.89
C VAL Y 43 -57.33 42.83 -39.01
N GLY Y 44 -57.72 43.08 -37.77
CA GLY Y 44 -58.13 41.98 -36.93
C GLY Y 44 -58.44 42.42 -35.51
N LYS Y 45 -58.55 41.41 -34.65
CA LYS Y 45 -58.84 41.57 -33.22
C LYS Y 45 -57.82 40.77 -32.43
N THR Y 46 -57.21 41.39 -31.43
CA THR Y 46 -56.32 40.72 -30.50
C THR Y 46 -56.94 40.77 -29.11
N LEU Y 47 -56.19 40.31 -28.09
CA LEU Y 47 -56.75 40.34 -26.75
C LEU Y 47 -55.67 40.49 -25.69
N VAL Y 48 -56.01 41.20 -24.62
CA VAL Y 48 -55.12 41.45 -23.49
C VAL Y 48 -55.89 41.20 -22.20
N SER Y 49 -55.15 40.95 -21.12
CA SER Y 49 -55.76 40.90 -19.79
C SER Y 49 -56.17 42.30 -19.38
N ARG Y 50 -57.34 42.42 -18.77
CA ARG Y 50 -57.85 43.77 -18.47
C ARG Y 50 -56.92 44.48 -17.51
N THR Y 51 -56.88 45.80 -17.63
CA THR Y 51 -55.91 46.62 -16.93
C THR Y 51 -56.07 46.50 -15.42
N GLN Y 52 -55.09 45.88 -14.78
CA GLN Y 52 -54.90 45.99 -13.34
C GLN Y 52 -53.87 47.09 -13.12
N GLY Y 53 -53.36 47.22 -11.90
CA GLY Y 53 -52.17 48.02 -11.67
C GLY Y 53 -50.96 47.10 -11.67
N THR Y 54 -49.87 47.55 -12.32
CA THR Y 54 -48.66 46.74 -12.38
C THR Y 54 -48.94 45.42 -13.10
N LYS Y 55 -48.87 45.42 -14.44
CA LYS Y 55 -49.71 44.72 -15.42
C LYS Y 55 -50.91 45.56 -15.85
N ILE Y 56 -50.74 46.87 -15.97
CA ILE Y 56 -51.68 47.66 -16.76
C ILE Y 56 -51.71 47.12 -18.18
N ALA Y 57 -52.90 47.03 -18.77
CA ALA Y 57 -53.04 46.38 -20.07
C ALA Y 57 -52.52 47.25 -21.20
N SER Y 58 -52.76 48.56 -21.12
CA SER Y 58 -52.42 49.46 -22.21
C SER Y 58 -50.96 49.35 -22.59
N GLU Y 59 -50.08 49.77 -21.69
CA GLU Y 59 -48.65 49.73 -21.98
C GLU Y 59 -48.04 48.38 -21.66
N GLY Y 60 -48.82 47.47 -21.09
CA GLY Y 60 -48.28 46.17 -20.72
C GLY Y 60 -47.73 45.42 -21.91
N LEU Y 61 -48.46 45.42 -23.01
CA LEU Y 61 -47.98 44.74 -24.21
C LEU Y 61 -47.30 45.73 -25.18
N LYS Y 62 -48.07 46.70 -25.70
CA LYS Y 62 -47.54 47.87 -26.40
C LYS Y 62 -46.84 47.55 -27.71
N HIS Y 63 -46.49 46.29 -27.94
CA HIS Y 63 -45.58 46.00 -29.05
C HIS Y 63 -45.97 44.70 -29.73
N ARG Y 64 -47.26 44.38 -29.74
CA ARG Y 64 -47.69 43.25 -30.52
C ARG Y 64 -47.22 43.43 -31.95
N VAL Y 65 -46.54 42.42 -32.46
CA VAL Y 65 -46.12 42.40 -33.86
C VAL Y 65 -47.02 41.42 -34.58
N PHE Y 66 -47.91 41.95 -35.41
CA PHE Y 66 -48.86 41.15 -36.17
C PHE Y 66 -48.28 40.86 -37.53
N GLU Y 67 -48.80 39.82 -38.17
CA GLU Y 67 -48.28 39.37 -39.46
C GLU Y 67 -49.47 39.21 -40.39
N VAL Y 68 -49.85 40.29 -41.08
CA VAL Y 68 -51.03 40.32 -41.92
C VAL Y 68 -50.58 40.28 -43.38
N SER Y 69 -51.21 39.41 -44.16
CA SER Y 69 -50.83 39.31 -45.56
C SER Y 69 -51.32 40.53 -46.31
N LEU Y 70 -50.55 40.96 -47.30
CA LEU Y 70 -50.94 42.12 -48.09
C LEU Y 70 -52.16 41.85 -48.98
N ALA Y 71 -52.50 40.59 -49.19
CA ALA Y 71 -53.65 40.24 -50.03
C ALA Y 71 -54.97 40.68 -49.42
N ASP Y 72 -55.15 40.57 -48.11
CA ASP Y 72 -56.39 41.00 -47.49
C ASP Y 72 -56.30 42.38 -46.87
N LEU Y 73 -55.17 43.06 -47.01
CA LEU Y 73 -55.08 44.50 -46.80
C LEU Y 73 -55.21 45.30 -48.08
N GLN Y 74 -55.10 44.65 -49.25
CA GLN Y 74 -55.46 45.32 -50.49
C GLN Y 74 -56.53 44.55 -51.26
N ASN Y 75 -57.22 43.61 -50.61
CA ASN Y 75 -58.35 42.89 -51.19
C ASN Y 75 -58.03 42.32 -52.57
N ASP Y 76 -56.76 42.00 -52.79
CA ASP Y 76 -56.29 41.42 -54.03
C ASP Y 76 -55.78 40.02 -53.76
N GLU Y 77 -55.55 39.28 -54.83
CA GLU Y 77 -55.02 37.91 -54.75
C GLU Y 77 -53.79 37.68 -55.60
N ASP Y 78 -53.40 38.61 -56.46
CA ASP Y 78 -52.08 38.55 -57.06
C ASP Y 78 -51.00 38.73 -56.02
N GLN Y 79 -51.33 39.33 -54.88
CA GLN Y 79 -50.41 39.65 -53.81
C GLN Y 79 -50.72 38.80 -52.58
N ALA Y 80 -51.03 37.52 -52.81
CA ALA Y 80 -51.13 36.55 -51.73
C ALA Y 80 -49.76 36.23 -51.15
N TYR Y 81 -48.70 36.63 -51.85
CA TYR Y 81 -47.36 36.70 -51.29
C TYR Y 81 -47.24 38.01 -50.51
N ARG Y 82 -46.02 38.39 -50.11
CA ARG Y 82 -45.77 39.67 -49.47
C ARG Y 82 -46.54 39.78 -48.14
N LYS Y 83 -46.09 39.00 -47.17
CA LYS Y 83 -46.63 39.11 -45.82
C LYS Y 83 -46.12 40.38 -45.15
N ILE Y 84 -46.99 41.37 -44.95
CA ILE Y 84 -46.61 42.60 -44.26
C ILE Y 84 -46.73 42.42 -42.77
N ARG Y 85 -45.70 42.86 -42.06
CA ARG Y 85 -45.58 42.64 -40.64
C ARG Y 85 -45.69 44.00 -39.97
N LEU Y 86 -46.66 44.15 -39.09
CA LEU Y 86 -47.01 45.43 -38.51
C LEU Y 86 -46.69 45.46 -37.02
N ARG Y 87 -46.30 46.62 -36.55
CA ARG Y 87 -46.03 46.85 -35.14
C ARG Y 87 -47.18 47.64 -34.54
N ALA Y 88 -47.56 47.32 -33.31
CA ALA Y 88 -48.46 48.19 -32.58
C ALA Y 88 -47.63 49.21 -31.85
N GLU Y 89 -47.95 50.48 -31.99
CA GLU Y 89 -47.05 51.48 -31.42
C GLU Y 89 -47.72 52.30 -30.33
N ASP Y 90 -49.05 52.47 -30.39
CA ASP Y 90 -49.80 52.97 -29.25
C ASP Y 90 -51.25 52.52 -29.39
N VAL Y 91 -51.98 52.56 -28.28
CA VAL Y 91 -53.35 52.09 -28.21
C VAL Y 91 -54.26 53.24 -27.78
N GLN Y 92 -55.45 53.31 -28.38
CA GLN Y 92 -56.38 54.41 -28.18
C GLN Y 92 -57.78 53.87 -27.90
N GLY Y 93 -58.08 53.66 -26.63
CA GLY Y 93 -59.45 53.40 -26.22
C GLY Y 93 -60.16 52.26 -26.92
N MET Y 94 -59.76 51.01 -26.61
CA MET Y 94 -60.35 49.82 -27.21
C MET Y 94 -60.08 49.81 -28.71
N ASN Y 95 -58.91 50.31 -29.09
CA ASN Y 95 -58.54 50.39 -30.50
C ASN Y 95 -57.04 50.61 -30.54
N VAL Y 96 -56.30 49.64 -31.06
CA VAL Y 96 -54.84 49.68 -31.04
C VAL Y 96 -54.33 50.18 -32.39
N LEU Y 97 -53.51 51.22 -32.35
CA LEU Y 97 -52.91 51.76 -33.57
C LEU Y 97 -51.75 50.88 -34.02
N THR Y 98 -51.29 51.13 -35.24
CA THR Y 98 -50.33 50.26 -35.86
C THR Y 98 -49.52 51.01 -36.92
N ASN Y 99 -48.24 50.71 -37.00
CA ASN Y 99 -47.36 51.29 -38.00
C ASN Y 99 -46.56 50.18 -38.67
N PHE Y 100 -46.17 50.40 -39.92
CA PHE Y 100 -45.51 49.36 -40.71
C PHE Y 100 -44.20 48.95 -40.05
N TRP Y 101 -43.85 47.66 -40.15
CA TRP Y 101 -42.67 47.14 -39.48
C TRP Y 101 -41.77 46.31 -40.38
N GLY Y 102 -42.33 45.57 -41.33
CA GLY Y 102 -41.48 44.84 -42.24
C GLY Y 102 -42.30 44.11 -43.26
N MET Y 103 -41.59 43.44 -44.17
CA MET Y 103 -42.25 42.60 -45.15
C MET Y 103 -41.36 41.42 -45.48
N ASP Y 104 -41.96 40.39 -46.06
CA ASP Y 104 -41.24 39.20 -46.45
C ASP Y 104 -42.13 38.41 -47.39
N PHE Y 105 -41.53 37.57 -48.22
CA PHE Y 105 -42.34 36.61 -48.93
C PHE Y 105 -42.95 35.62 -47.96
N THR Y 106 -44.16 35.19 -48.26
CA THR Y 106 -44.62 33.93 -47.72
C THR Y 106 -43.67 32.85 -48.19
N THR Y 107 -43.40 31.87 -47.32
CA THR Y 107 -42.40 30.85 -47.61
C THR Y 107 -42.65 30.18 -48.95
N ASP Y 108 -43.91 29.93 -49.27
CA ASP Y 108 -44.23 29.12 -50.44
C ASP Y 108 -43.86 29.82 -51.74
N LYS Y 109 -43.99 31.14 -51.78
CA LYS Y 109 -43.65 31.88 -52.99
C LYS Y 109 -42.22 31.61 -53.40
N LEU Y 110 -41.28 31.93 -52.50
CA LEU Y 110 -39.87 31.98 -52.88
C LEU Y 110 -39.37 30.62 -53.33
N ARG Y 111 -39.83 29.55 -52.69
CA ARG Y 111 -39.39 28.24 -53.14
C ARG Y 111 -39.88 27.93 -54.55
N SER Y 112 -41.10 28.34 -54.88
CA SER Y 112 -41.57 28.16 -56.24
C SER Y 112 -40.80 29.03 -57.21
N LEU Y 113 -40.18 30.10 -56.72
CA LEU Y 113 -39.40 30.96 -57.60
C LEU Y 113 -38.06 30.39 -58.01
N VAL Y 114 -37.47 29.49 -57.24
CA VAL Y 114 -36.11 29.02 -57.49
C VAL Y 114 -36.16 27.62 -58.07
N ARG Y 115 -35.57 27.44 -59.25
CA ARG Y 115 -35.55 26.16 -59.93
C ARG Y 115 -34.15 25.87 -60.43
N LYS Y 116 -33.93 24.63 -60.83
CA LYS Y 116 -32.65 24.26 -61.43
C LYS Y 116 -32.48 24.96 -62.76
N TRP Y 117 -31.27 24.84 -63.32
CA TRP Y 117 -30.96 25.33 -64.65
C TRP Y 117 -31.21 26.82 -64.80
N GLN Y 118 -30.94 27.60 -63.75
CA GLN Y 118 -30.93 29.05 -63.84
C GLN Y 118 -29.93 29.55 -62.81
N THR Y 119 -29.92 30.86 -62.57
CA THR Y 119 -29.17 31.41 -61.44
C THR Y 119 -30.06 32.32 -60.61
N LEU Y 120 -29.72 32.42 -59.33
CA LEU Y 120 -30.42 33.25 -58.37
C LEU Y 120 -29.50 34.39 -57.98
N ILE Y 121 -30.04 35.59 -57.91
CA ILE Y 121 -29.24 36.77 -57.65
C ILE Y 121 -29.90 37.52 -56.50
N GLU Y 122 -29.09 37.94 -55.53
CA GLU Y 122 -29.64 38.53 -54.31
C GLU Y 122 -28.74 39.66 -53.85
N ALA Y 123 -29.32 40.63 -53.17
CA ALA Y 123 -28.56 41.77 -52.70
C ALA Y 123 -29.23 42.35 -51.47
N HIS Y 124 -28.51 43.19 -50.75
CA HIS Y 124 -29.00 43.72 -49.50
C HIS Y 124 -28.29 45.04 -49.24
N VAL Y 125 -29.03 45.98 -48.68
CA VAL Y 125 -28.46 47.30 -48.43
C VAL Y 125 -29.19 48.04 -47.31
N ASP Y 126 -28.42 48.62 -46.40
CA ASP Y 126 -28.97 49.53 -45.42
C ASP Y 126 -29.40 50.83 -46.09
N VAL Y 127 -30.58 51.29 -45.73
CA VAL Y 127 -31.07 52.60 -46.14
C VAL Y 127 -31.60 53.33 -44.91
N LYS Y 128 -31.33 54.62 -44.84
CA LYS Y 128 -31.83 55.48 -43.79
C LYS Y 128 -32.74 56.52 -44.41
N THR Y 129 -34.02 56.50 -44.07
CA THR Y 129 -34.95 57.43 -44.67
C THR Y 129 -35.05 58.74 -43.88
N THR Y 130 -35.85 59.66 -44.41
CA THR Y 130 -35.82 61.06 -43.97
C THR Y 130 -36.28 61.21 -42.53
N ASP Y 131 -37.40 60.61 -42.17
CA ASP Y 131 -37.62 60.35 -40.75
C ASP Y 131 -36.68 59.24 -40.32
N ASN Y 132 -35.99 59.44 -39.20
CA ASN Y 132 -34.74 58.73 -39.02
C ASN Y 132 -35.00 57.24 -38.81
N TYR Y 133 -35.27 56.53 -39.89
CA TYR Y 133 -35.60 55.12 -39.87
C TYR Y 133 -34.52 54.36 -40.64
N MET Y 134 -33.73 53.57 -39.91
CA MET Y 134 -32.80 52.64 -40.55
C MET Y 134 -33.49 51.34 -40.89
N LEU Y 135 -33.16 50.78 -42.06
CA LEU Y 135 -33.68 49.46 -42.38
C LEU Y 135 -32.81 48.83 -43.45
N ARG Y 136 -33.18 47.62 -43.84
CA ARG Y 136 -32.42 46.80 -44.76
C ARG Y 136 -33.34 46.32 -45.87
N MET Y 137 -32.81 46.32 -47.08
CA MET Y 137 -33.52 45.86 -48.26
C MET Y 137 -32.84 44.62 -48.78
N PHE Y 138 -33.60 43.53 -48.93
CA PHE Y 138 -33.13 42.33 -49.60
C PHE Y 138 -33.89 42.14 -50.89
N ALA Y 139 -33.19 42.20 -52.01
CA ALA Y 139 -33.77 42.11 -53.35
C ALA Y 139 -33.28 40.85 -54.04
N ILE Y 140 -34.10 40.32 -54.94
CA ILE Y 140 -33.84 39.03 -55.55
C ILE Y 140 -34.29 39.05 -57.01
N GLY Y 141 -33.61 38.26 -57.82
CA GLY Y 141 -33.96 38.16 -59.23
C GLY Y 141 -33.45 36.86 -59.82
N PHE Y 142 -33.95 36.56 -61.02
CA PHE Y 142 -33.59 35.34 -61.70
C PHE Y 142 -33.49 35.65 -63.19
N THR Y 143 -32.65 34.92 -63.90
CA THR Y 143 -32.47 35.19 -65.32
C THR Y 143 -33.55 34.53 -66.17
N LYS Y 144 -33.92 35.18 -67.28
CA LYS Y 144 -34.88 34.62 -68.22
C LYS Y 144 -34.24 33.70 -69.25
N ARG Y 145 -35.09 32.86 -69.82
CA ARG Y 145 -34.85 32.22 -71.10
C ARG Y 145 -35.48 33.07 -72.19
N ARG Y 146 -34.68 33.69 -73.03
CA ARG Y 146 -35.25 34.34 -74.19
C ARG Y 146 -35.91 33.29 -75.08
N PRO Y 147 -37.12 33.55 -75.58
CA PRO Y 147 -37.76 32.57 -76.46
C PRO Y 147 -36.94 32.37 -77.72
N ASN Y 148 -36.93 31.13 -78.21
CA ASN Y 148 -36.08 30.44 -79.20
C ASN Y 148 -34.84 29.83 -78.57
N GLN Y 149 -34.67 29.87 -77.25
CA GLN Y 149 -33.47 29.34 -76.63
C GLN Y 149 -33.48 27.82 -76.67
N VAL Y 150 -32.41 27.23 -77.24
CA VAL Y 150 -32.25 25.78 -77.21
C VAL Y 150 -31.19 25.37 -76.19
N LYS Y 151 -30.36 26.31 -75.74
CA LYS Y 151 -29.46 26.06 -74.62
C LYS Y 151 -30.27 25.68 -73.40
N ARG Y 152 -29.95 24.55 -72.79
CA ARG Y 152 -30.83 23.97 -71.79
C ARG Y 152 -30.77 24.69 -70.46
N THR Y 153 -29.90 25.69 -70.32
CA THR Y 153 -29.67 26.38 -69.05
C THR Y 153 -29.58 27.88 -69.31
N CYS Y 154 -29.84 28.67 -68.29
CA CYS Y 154 -29.69 30.13 -68.39
C CYS Y 154 -28.86 30.63 -67.22
N TYR Y 155 -27.55 30.50 -67.34
CA TYR Y 155 -26.59 30.97 -66.36
C TYR Y 155 -25.89 32.23 -66.82
N ALA Y 156 -25.59 33.10 -65.87
CA ALA Y 156 -24.73 34.25 -66.13
C ALA Y 156 -23.28 33.80 -66.09
N GLN Y 157 -22.35 34.76 -66.06
CA GLN Y 157 -20.94 34.45 -65.98
C GLN Y 157 -20.28 35.17 -64.84
N ALA Y 158 -20.93 35.20 -63.67
CA ALA Y 158 -20.27 35.48 -62.41
C ALA Y 158 -19.54 36.81 -62.39
N SER Y 159 -19.65 37.54 -63.47
CA SER Y 159 -19.23 38.93 -63.56
C SER Y 159 -20.38 39.81 -63.95
N GLN Y 160 -21.20 39.34 -64.89
CA GLN Y 160 -22.52 39.91 -65.06
C GLN Y 160 -23.34 39.81 -63.78
N ILE Y 161 -23.13 38.75 -62.99
CA ILE Y 161 -23.77 38.65 -61.68
C ILE Y 161 -23.38 39.83 -60.80
N ARG Y 162 -22.09 40.10 -60.68
CA ARG Y 162 -21.69 41.17 -59.78
C ARG Y 162 -22.07 42.53 -60.32
N GLN Y 163 -22.00 42.72 -61.64
CA GLN Y 163 -22.46 44.00 -62.19
C GLN Y 163 -23.92 44.23 -61.87
N ILE Y 164 -24.76 43.20 -62.00
CA ILE Y 164 -26.17 43.46 -61.73
C ILE Y 164 -26.44 43.55 -60.25
N ARG Y 165 -25.64 42.92 -59.40
CA ARG Y 165 -25.83 43.14 -57.98
C ARG Y 165 -25.47 44.58 -57.61
N ARG Y 166 -24.39 45.11 -58.18
CA ARG Y 166 -24.07 46.51 -57.94
C ARG Y 166 -25.17 47.41 -58.46
N LYS Y 167 -25.71 47.10 -59.63
CA LYS Y 167 -26.80 47.89 -60.18
C LYS Y 167 -28.02 47.84 -59.28
N MET Y 168 -28.35 46.66 -58.74
CA MET Y 168 -29.49 46.56 -57.84
C MET Y 168 -29.30 47.42 -56.61
N VAL Y 169 -28.11 47.38 -56.00
CA VAL Y 169 -27.89 48.18 -54.82
C VAL Y 169 -27.97 49.66 -55.14
N GLU Y 170 -27.36 50.08 -56.27
CA GLU Y 170 -27.42 51.48 -56.67
C GLU Y 170 -28.85 51.94 -56.90
N ILE Y 171 -29.61 51.14 -57.63
CA ILE Y 171 -30.99 51.52 -57.92
C ILE Y 171 -31.79 51.63 -56.64
N MET Y 172 -31.61 50.69 -55.72
CA MET Y 172 -32.45 50.68 -54.53
C MET Y 172 -32.10 51.83 -53.61
N VAL Y 173 -30.82 52.17 -53.49
CA VAL Y 173 -30.43 53.36 -52.75
C VAL Y 173 -31.06 54.61 -53.38
N ASN Y 174 -31.04 54.70 -54.71
CA ASN Y 174 -31.56 55.92 -55.33
C ASN Y 174 -33.09 55.97 -55.24
N GLN Y 175 -33.76 54.84 -55.43
CA GLN Y 175 -35.21 54.76 -55.25
C GLN Y 175 -35.59 55.24 -53.87
N ALA Y 176 -34.92 54.71 -52.84
CA ALA Y 176 -35.13 55.09 -51.45
C ALA Y 176 -34.38 56.37 -51.15
N ALA Y 177 -34.20 56.66 -49.86
CA ALA Y 177 -33.71 57.96 -49.40
C ALA Y 177 -34.73 59.03 -49.76
N SER Y 178 -35.97 58.79 -49.37
CA SER Y 178 -37.11 59.63 -49.66
C SER Y 178 -37.89 59.85 -48.36
N CYS Y 179 -39.03 60.54 -48.49
CA CYS Y 179 -39.55 61.33 -47.37
C CYS Y 179 -39.96 60.46 -46.18
N ASP Y 180 -40.59 59.30 -46.39
CA ASP Y 180 -40.92 58.47 -45.24
C ASP Y 180 -41.28 57.06 -45.70
N LEU Y 181 -41.53 56.19 -44.72
CA LEU Y 181 -42.10 54.88 -44.99
C LEU Y 181 -43.49 55.01 -45.63
N LYS Y 182 -44.21 56.09 -45.37
CA LYS Y 182 -45.50 56.31 -46.03
C LYS Y 182 -45.39 56.10 -47.54
N GLU Y 183 -44.65 56.99 -48.20
CA GLU Y 183 -44.48 56.83 -49.64
C GLU Y 183 -43.59 55.64 -49.98
N LEU Y 184 -42.68 55.28 -49.08
CA LEU Y 184 -41.82 54.15 -49.38
C LEU Y 184 -42.64 52.86 -49.48
N VAL Y 185 -43.76 52.79 -48.77
CA VAL Y 185 -44.67 51.67 -48.96
C VAL Y 185 -45.64 51.95 -50.10
N ASN Y 186 -45.93 53.23 -50.39
CA ASN Y 186 -46.60 53.50 -51.66
C ASN Y 186 -45.78 53.01 -52.85
N LYS Y 187 -44.47 52.82 -52.68
CA LYS Y 187 -43.64 52.15 -53.68
C LYS Y 187 -43.57 50.63 -53.50
N PHE Y 188 -43.50 50.15 -52.27
CA PHE Y 188 -43.52 48.70 -52.04
C PHE Y 188 -44.77 48.04 -52.59
N ILE Y 189 -45.93 48.66 -52.43
CA ILE Y 189 -47.19 48.00 -52.79
C ILE Y 189 -47.25 47.65 -54.28
N PRO Y 190 -46.98 48.58 -55.22
CA PRO Y 190 -47.16 48.25 -56.63
C PRO Y 190 -45.90 47.73 -57.30
N GLU Y 191 -44.92 47.29 -56.50
CA GLU Y 191 -43.67 46.74 -57.02
C GLU Y 191 -42.92 47.77 -57.86
N VAL Y 192 -42.81 48.99 -57.34
CA VAL Y 192 -42.06 50.02 -58.04
C VAL Y 192 -40.60 49.61 -58.18
N ILE Y 193 -39.98 49.20 -57.07
CA ILE Y 193 -38.58 48.79 -57.13
C ILE Y 193 -38.41 47.66 -58.12
N GLY Y 194 -39.30 46.68 -58.07
CA GLY Y 194 -39.26 45.58 -59.00
C GLY Y 194 -39.28 46.04 -60.45
N LYS Y 195 -40.40 46.60 -60.88
CA LYS Y 195 -40.54 46.93 -62.30
C LYS Y 195 -39.60 48.04 -62.73
N GLU Y 196 -38.95 48.71 -61.80
CA GLU Y 196 -37.91 49.67 -62.18
C GLU Y 196 -36.50 49.10 -62.07
N ILE Y 197 -36.32 47.87 -61.60
CA ILE Y 197 -35.00 47.26 -61.69
C ILE Y 197 -34.71 46.84 -63.13
N GLU Y 198 -35.57 46.02 -63.73
CA GLU Y 198 -35.19 45.45 -65.02
C GLU Y 198 -35.10 46.53 -66.09
N LYS Y 199 -36.03 47.48 -66.12
CA LYS Y 199 -35.96 48.49 -67.16
C LYS Y 199 -34.79 49.45 -66.92
N ALA Y 200 -33.94 49.12 -65.96
CA ALA Y 200 -32.58 49.66 -65.90
C ALA Y 200 -31.52 48.60 -66.19
N THR Y 201 -31.69 47.38 -65.72
CA THR Y 201 -30.74 46.30 -65.95
C THR Y 201 -31.45 45.14 -66.64
N SER Y 202 -31.67 45.30 -67.93
CA SER Y 202 -31.89 44.20 -68.84
C SER Y 202 -30.83 44.20 -69.93
N SER Y 203 -29.98 45.23 -69.98
CA SER Y 203 -28.88 45.29 -70.92
C SER Y 203 -27.82 44.23 -70.64
N ILE Y 204 -27.99 43.47 -69.58
CA ILE Y 204 -26.98 42.57 -69.08
C ILE Y 204 -27.58 41.18 -68.86
N PHE Y 205 -28.77 41.12 -68.27
CA PHE Y 205 -29.73 40.02 -68.38
C PHE Y 205 -31.16 40.46 -68.25
N PRO Y 206 -32.07 39.72 -68.87
CA PRO Y 206 -33.49 39.94 -68.66
C PRO Y 206 -33.93 40.10 -67.21
N LEU Y 207 -33.56 39.18 -66.32
CA LEU Y 207 -33.96 39.25 -64.91
C LEU Y 207 -35.48 39.16 -64.74
N GLN Y 208 -36.02 37.96 -64.92
CA GLN Y 208 -37.43 37.76 -64.64
C GLN Y 208 -37.67 37.60 -63.14
N ASN Y 209 -38.86 38.03 -62.70
CA ASN Y 209 -39.31 37.90 -61.32
C ASN Y 209 -38.38 38.58 -60.35
N VAL Y 210 -38.03 39.81 -60.66
CA VAL Y 210 -37.31 40.65 -59.71
C VAL Y 210 -38.31 41.20 -58.70
N TYR Y 211 -37.93 41.17 -57.43
CA TYR Y 211 -38.82 41.55 -56.35
C TYR Y 211 -37.98 42.35 -55.36
N VAL Y 212 -38.49 42.53 -54.15
CA VAL Y 212 -37.68 42.86 -53.00
C VAL Y 212 -38.12 41.86 -51.93
N ARG Y 213 -37.36 40.79 -51.77
CA ARG Y 213 -37.84 39.69 -50.94
C ARG Y 213 -38.09 40.13 -49.52
N LYS Y 214 -37.38 41.13 -49.03
CA LYS Y 214 -37.53 41.41 -47.61
C LYS Y 214 -37.19 42.86 -47.29
N VAL Y 215 -37.90 43.43 -46.32
CA VAL Y 215 -37.55 44.72 -45.75
C VAL Y 215 -37.50 44.55 -44.25
N LYS Y 216 -36.32 44.70 -43.68
CA LYS Y 216 -36.09 44.46 -42.26
C LYS Y 216 -35.82 45.81 -41.60
N ILE Y 217 -36.71 46.27 -40.74
CA ILE Y 217 -36.50 47.56 -40.11
C ILE Y 217 -35.46 47.39 -39.01
N LEU Y 218 -34.34 48.10 -39.12
CA LEU Y 218 -33.24 47.79 -38.23
C LEU Y 218 -33.44 48.43 -36.87
N LYS Y 219 -33.62 49.76 -36.83
CA LYS Y 219 -33.68 50.48 -35.57
C LYS Y 219 -34.73 51.58 -35.66
N ALA Y 220 -35.90 51.31 -35.09
CA ALA Y 220 -36.98 52.28 -35.11
C ALA Y 220 -36.62 53.48 -34.23
N PRO Y 221 -36.81 54.71 -34.71
CA PRO Y 221 -36.27 55.87 -33.99
C PRO Y 221 -36.91 56.18 -32.65
N LYS Y 222 -38.22 56.43 -32.61
CA LYS Y 222 -38.82 57.09 -31.45
C LYS Y 222 -40.33 56.85 -31.49
N PHE Y 223 -41.06 57.57 -30.64
CA PHE Y 223 -42.50 57.38 -30.49
C PHE Y 223 -43.32 58.28 -31.41
N ASP Y 224 -43.22 59.60 -31.23
CA ASP Y 224 -43.87 60.58 -32.09
C ASP Y 224 -45.36 60.30 -32.28
N LEU Y 225 -46.09 60.44 -31.17
CA LEU Y 225 -47.54 60.52 -31.21
C LEU Y 225 -48.01 61.29 -32.43
N GLY Y 226 -47.51 62.53 -32.58
CA GLY Y 226 -47.93 63.37 -33.69
C GLY Y 226 -47.67 62.76 -35.05
N LYS Y 227 -46.54 62.07 -35.20
CA LYS Y 227 -46.20 61.47 -36.49
C LYS Y 227 -47.03 60.23 -36.79
N LEU Y 228 -47.40 59.45 -35.77
CA LEU Y 228 -48.21 58.27 -36.06
C LEU Y 228 -49.57 58.67 -36.65
N MET Y 229 -50.12 59.78 -36.18
CA MET Y 229 -51.54 59.99 -36.37
C MET Y 229 -51.90 60.58 -37.72
N GLU Y 230 -50.92 60.89 -38.57
CA GLU Y 230 -51.28 61.16 -39.96
C GLU Y 230 -51.17 59.91 -40.83
N VAL Y 231 -50.22 59.02 -40.54
CA VAL Y 231 -50.15 57.78 -41.30
C VAL Y 231 -51.28 56.85 -40.90
N HIS Y 232 -51.84 57.04 -39.71
CA HIS Y 232 -52.91 56.18 -39.23
C HIS Y 232 -54.05 57.03 -38.68
N GLY Y 233 -55.26 56.74 -39.14
CA GLY Y 233 -56.42 57.50 -38.74
C GLY Y 233 -57.67 56.67 -38.47
N MET Z 1 6.73 -17.45 -104.96
CA MET Z 1 6.51 -17.41 -106.40
C MET Z 1 7.51 -18.24 -107.18
N GLN Z 2 8.09 -17.62 -108.21
CA GLN Z 2 8.88 -18.38 -109.17
C GLN Z 2 10.04 -19.10 -108.51
N ASN Z 3 10.05 -20.41 -108.68
CA ASN Z 3 11.20 -21.22 -108.35
C ASN Z 3 12.40 -20.78 -109.19
N GLU Z 4 13.59 -21.23 -108.80
CA GLU Z 4 14.76 -20.81 -109.56
C GLU Z 4 14.96 -21.68 -110.81
N VAL Z 5 14.03 -22.61 -111.06
CA VAL Z 5 14.12 -23.50 -112.20
C VAL Z 5 13.24 -23.02 -113.36
N GLY Z 6 12.18 -22.26 -113.08
CA GLY Z 6 11.17 -21.92 -114.06
C GLY Z 6 9.75 -22.16 -113.57
N ASP Z 7 9.59 -23.10 -112.66
CA ASP Z 7 8.28 -23.39 -112.07
C ASP Z 7 7.84 -22.26 -111.15
N MET Z 8 6.53 -22.20 -110.93
CA MET Z 8 5.92 -21.31 -109.94
C MET Z 8 5.21 -22.18 -108.92
N VAL Z 9 5.58 -22.02 -107.64
CA VAL Z 9 5.26 -23.03 -106.64
C VAL Z 9 4.10 -22.68 -105.74
N ASP Z 10 3.80 -21.39 -105.55
CA ASP Z 10 2.70 -21.08 -104.66
C ASP Z 10 1.38 -21.35 -105.35
N LEU Z 11 0.31 -21.31 -104.56
CA LEU Z 11 -1.00 -21.75 -105.01
C LEU Z 11 -2.02 -20.63 -104.86
N TYR Z 12 -2.76 -20.39 -105.94
CA TYR Z 12 -3.71 -19.30 -106.19
C TYR Z 12 -3.06 -17.98 -105.80
N VAL Z 13 -2.20 -17.42 -106.63
CA VAL Z 13 -1.79 -16.05 -106.35
C VAL Z 13 -3.03 -15.24 -105.98
N PRO Z 14 -3.12 -14.75 -104.74
CA PRO Z 14 -4.39 -14.18 -104.28
C PRO Z 14 -4.71 -12.89 -105.00
N ARG Z 15 -5.96 -12.45 -104.87
CA ARG Z 15 -6.30 -11.16 -105.42
C ARG Z 15 -6.21 -10.10 -104.33
N LYS Z 16 -6.16 -8.84 -104.76
CA LYS Z 16 -5.94 -7.71 -103.88
C LYS Z 16 -7.15 -6.80 -103.89
N CYS Z 17 -7.40 -6.16 -102.76
CA CYS Z 17 -8.37 -5.08 -102.72
C CYS Z 17 -7.95 -3.96 -103.64
N SER Z 18 -8.89 -3.47 -104.43
CA SER Z 18 -8.61 -2.35 -105.32
C SER Z 18 -8.61 -1.01 -104.60
N ALA Z 19 -9.09 -0.95 -103.37
CA ALA Z 19 -9.12 0.29 -102.62
C ALA Z 19 -7.97 0.44 -101.63
N THR Z 20 -7.50 -0.67 -101.07
CA THR Z 20 -6.48 -0.65 -100.04
C THR Z 20 -5.24 -1.44 -100.42
N ASN Z 21 -5.35 -2.34 -101.38
CA ASN Z 21 -4.24 -3.10 -101.96
C ASN Z 21 -3.80 -4.17 -100.95
N ARG Z 22 -4.46 -4.21 -99.79
CA ARG Z 22 -4.32 -5.40 -98.95
C ARG Z 22 -4.88 -6.61 -99.66
N ILE Z 23 -4.16 -7.71 -99.59
CA ILE Z 23 -4.63 -8.90 -100.26
C ILE Z 23 -5.72 -9.53 -99.43
N ILE Z 24 -6.72 -10.08 -100.12
CA ILE Z 24 -7.89 -10.64 -99.47
C ILE Z 24 -7.66 -12.13 -99.23
N THR Z 25 -7.73 -12.53 -97.96
CA THR Z 25 -7.44 -13.89 -97.57
C THR Z 25 -8.50 -14.84 -98.11
N ALA Z 26 -8.34 -16.12 -97.80
CA ALA Z 26 -9.29 -17.14 -98.18
C ALA Z 26 -10.41 -17.29 -97.18
N LYS Z 27 -10.41 -16.53 -96.09
CA LYS Z 27 -11.51 -16.54 -95.13
C LYS Z 27 -12.00 -15.14 -94.82
N ASP Z 28 -11.86 -14.21 -95.77
CA ASP Z 28 -12.35 -12.84 -95.60
C ASP Z 28 -13.72 -12.76 -96.26
N HIS Z 29 -14.73 -13.31 -95.57
CA HIS Z 29 -16.05 -13.44 -96.15
C HIS Z 29 -16.77 -12.11 -96.32
N ALA Z 30 -16.24 -11.03 -95.78
CA ALA Z 30 -16.82 -9.72 -96.01
C ALA Z 30 -16.24 -9.06 -97.25
N SER Z 31 -15.72 -9.83 -98.19
CA SER Z 31 -15.12 -9.29 -99.39
C SER Z 31 -16.03 -9.50 -100.57
N VAL Z 32 -16.11 -8.47 -101.42
CA VAL Z 32 -16.99 -8.47 -102.57
C VAL Z 32 -16.15 -8.35 -103.83
N GLN Z 33 -16.75 -8.73 -104.95
CA GLN Z 33 -16.12 -8.57 -106.26
C GLN Z 33 -17.17 -7.94 -107.15
N ILE Z 34 -17.24 -6.62 -107.12
CA ILE Z 34 -18.26 -5.93 -107.90
C ILE Z 34 -17.97 -6.12 -109.39
N ASN Z 35 -19.03 -5.99 -110.18
CA ASN Z 35 -18.95 -6.00 -111.63
C ASN Z 35 -19.83 -4.88 -112.14
N ILE Z 36 -19.24 -3.93 -112.85
CA ILE Z 36 -19.95 -2.80 -113.40
C ILE Z 36 -19.98 -2.95 -114.91
N GLY Z 37 -21.17 -3.06 -115.47
CA GLY Z 37 -21.30 -3.24 -116.90
C GLY Z 37 -21.05 -1.96 -117.66
N HIS Z 38 -20.75 -2.11 -118.96
CA HIS Z 38 -20.48 -0.99 -119.82
C HIS Z 38 -21.66 -0.74 -120.74
N VAL Z 39 -22.09 0.50 -120.83
CA VAL Z 39 -23.07 0.90 -121.81
C VAL Z 39 -22.33 1.43 -123.03
N ASP Z 40 -22.85 1.13 -124.21
CA ASP Z 40 -22.18 1.52 -125.44
C ASP Z 40 -22.98 2.58 -126.19
N GLU Z 41 -24.22 2.28 -126.53
CA GLU Z 41 -25.03 3.03 -127.49
C GLU Z 41 -26.44 2.49 -127.36
N ASN Z 42 -27.29 2.73 -128.36
CA ASN Z 42 -28.57 2.05 -128.44
C ASN Z 42 -28.43 0.60 -127.99
N GLY Z 43 -29.17 0.23 -126.95
CA GLY Z 43 -29.07 -1.07 -126.32
C GLY Z 43 -28.49 -0.96 -124.93
N LEU Z 44 -27.46 -0.13 -124.79
CA LEU Z 44 -26.90 0.25 -123.49
C LEU Z 44 -26.46 -0.93 -122.64
N TYR Z 45 -26.15 -2.08 -123.23
CA TYR Z 45 -25.46 -3.12 -122.50
C TYR Z 45 -24.88 -4.14 -123.46
N ASP Z 46 -23.71 -4.66 -123.09
CA ASP Z 46 -23.14 -5.87 -123.65
C ASP Z 46 -22.35 -6.57 -122.56
N GLY Z 47 -22.03 -7.84 -122.78
CA GLY Z 47 -21.36 -8.60 -121.75
C GLY Z 47 -19.93 -8.15 -121.52
N ARG Z 48 -19.76 -6.86 -121.24
CA ARG Z 48 -18.44 -6.25 -121.10
C ARG Z 48 -18.47 -5.38 -119.86
N PHE Z 49 -17.76 -5.80 -118.82
CA PHE Z 49 -17.82 -5.14 -117.53
C PHE Z 49 -16.43 -5.01 -116.93
N THR Z 50 -16.30 -4.02 -116.06
CA THR Z 50 -15.12 -3.82 -115.24
C THR Z 50 -15.36 -4.47 -113.88
N THR Z 51 -14.29 -4.83 -113.20
CA THR Z 51 -14.40 -5.64 -111.99
C THR Z 51 -13.59 -5.02 -110.87
N PHE Z 52 -14.14 -5.03 -109.67
CA PHE Z 52 -13.50 -4.46 -108.50
C PHE Z 52 -13.49 -5.47 -107.36
N ALA Z 53 -12.48 -5.41 -106.51
CA ALA Z 53 -12.38 -6.31 -105.37
C ALA Z 53 -12.31 -5.46 -104.13
N LEU Z 54 -13.16 -5.75 -103.16
CA LEU Z 54 -13.20 -4.98 -101.94
C LEU Z 54 -13.08 -5.93 -100.76
N SER Z 55 -12.23 -5.58 -99.80
CA SER Z 55 -11.96 -6.48 -98.70
C SER Z 55 -12.90 -6.23 -97.53
N GLY Z 56 -12.88 -7.16 -96.58
CA GLY Z 56 -13.68 -6.99 -95.38
C GLY Z 56 -13.30 -5.75 -94.61
N PHE Z 57 -12.00 -5.46 -94.53
CA PHE Z 57 -11.55 -4.24 -93.87
C PHE Z 57 -12.21 -3.03 -94.50
N VAL Z 58 -12.15 -2.95 -95.84
CA VAL Z 58 -12.65 -1.76 -96.52
C VAL Z 58 -14.14 -1.62 -96.31
N ARG Z 59 -14.89 -2.71 -96.40
CA ARG Z 59 -16.33 -2.57 -96.18
C ARG Z 59 -16.63 -2.16 -94.75
N ALA Z 60 -16.05 -2.85 -93.77
CA ALA Z 60 -16.35 -2.50 -92.39
C ALA Z 60 -15.94 -1.08 -92.05
N GLN Z 61 -14.99 -0.51 -92.77
CA GLN Z 61 -14.63 0.88 -92.50
C GLN Z 61 -15.81 1.81 -92.76
N GLY Z 62 -16.63 1.51 -93.76
CA GLY Z 62 -17.64 2.44 -94.22
C GLY Z 62 -17.20 3.32 -95.37
N ASP Z 63 -15.93 3.27 -95.73
CA ASP Z 63 -15.41 3.95 -96.90
C ASP Z 63 -15.48 3.09 -98.15
N ALA Z 64 -16.07 1.90 -98.05
CA ALA Z 64 -16.22 1.04 -99.22
C ALA Z 64 -17.04 1.71 -100.30
N ASP Z 65 -17.98 2.57 -99.91
CA ASP Z 65 -18.73 3.34 -100.88
C ASP Z 65 -17.84 4.37 -101.57
N GLY Z 66 -17.04 5.07 -100.78
CA GLY Z 66 -16.18 6.09 -101.35
C GLY Z 66 -15.14 5.50 -102.27
N SER Z 67 -14.62 4.33 -101.93
CA SER Z 67 -13.64 3.68 -102.79
C SER Z 67 -14.23 3.36 -104.16
N LEU Z 68 -15.42 2.76 -104.18
CA LEU Z 68 -16.09 2.53 -105.46
C LEU Z 68 -16.31 3.82 -106.22
N ASP Z 69 -16.77 4.86 -105.54
CA ASP Z 69 -17.00 6.14 -106.22
C ASP Z 69 -15.71 6.63 -106.90
N ARG Z 70 -14.63 6.69 -106.14
CA ARG Z 70 -13.42 7.33 -106.62
C ARG Z 70 -12.56 6.39 -107.44
N LEU Z 71 -12.94 5.11 -107.56
CA LEU Z 71 -12.34 4.19 -108.52
C LEU Z 71 -13.14 4.07 -109.81
N TRP Z 72 -14.46 4.12 -109.72
CA TRP Z 72 -15.31 4.18 -110.89
C TRP Z 72 -15.35 5.57 -111.49
N GLN Z 73 -14.63 6.51 -110.92
CA GLN Z 73 -14.12 7.60 -111.73
C GLN Z 73 -12.81 7.18 -112.41
N LYS Z 74 -12.90 6.13 -113.25
CA LYS Z 74 -11.82 5.78 -114.17
C LYS Z 74 -12.38 5.65 -115.58
N ARG Z 75 -11.63 6.17 -116.55
CA ARG Z 75 -12.13 6.49 -117.87
C ARG Z 75 -11.38 5.76 -118.97
N LYS Z 76 -12.15 5.32 -119.96
CA LYS Z 76 -11.66 4.58 -121.09
C LYS Z 76 -12.75 4.55 -122.18
N THR AA 2 -12.94 -5.60 -60.18
CA THR AA 2 -14.14 -5.47 -60.97
C THR AA 2 -14.77 -4.12 -60.76
N PHE AA 3 -14.69 -3.27 -61.77
CA PHE AA 3 -15.27 -1.95 -61.71
C PHE AA 3 -16.74 -2.03 -62.11
N LYS AA 4 -17.60 -1.42 -61.31
CA LYS AA 4 -19.03 -1.52 -61.48
C LYS AA 4 -19.62 -0.31 -62.18
N ARG AA 5 -18.95 0.83 -62.15
CA ARG AA 5 -19.53 2.04 -62.71
C ARG AA 5 -18.43 2.91 -63.27
N ARG AA 6 -18.67 3.52 -64.43
CA ARG AA 6 -17.69 4.44 -64.98
C ARG AA 6 -17.47 5.65 -64.09
N ASN AA 7 -18.53 6.34 -63.73
CA ASN AA 7 -18.29 7.55 -62.95
C ASN AA 7 -18.03 7.26 -61.49
N GLY AA 8 -18.01 5.99 -61.10
CA GLY AA 8 -17.75 5.60 -59.74
C GLY AA 8 -18.97 5.53 -58.86
N GLY AA 9 -20.14 5.78 -59.42
CA GLY AA 9 -21.35 5.93 -58.64
C GLY AA 9 -21.68 7.37 -58.34
N ARG AA 10 -20.73 8.27 -58.52
CA ARG AA 10 -20.92 9.69 -58.29
C ARG AA 10 -20.53 10.38 -59.59
N ASN AA 11 -20.95 11.62 -59.77
CA ASN AA 11 -20.47 12.36 -60.94
C ASN AA 11 -19.57 13.50 -60.48
N LYS AA 12 -18.32 13.16 -60.24
CA LYS AA 12 -17.26 14.11 -59.92
C LYS AA 12 -16.19 14.04 -60.99
N HIS AA 13 -16.11 15.08 -61.81
CA HIS AA 13 -15.03 15.24 -62.77
C HIS AA 13 -14.49 16.64 -62.69
N GLY AA 14 -13.17 16.78 -62.72
CA GLY AA 14 -12.56 18.08 -62.63
C GLY AA 14 -12.30 18.57 -61.23
N ARG AA 15 -12.81 17.85 -60.24
CA ARG AA 15 -12.66 18.16 -58.83
C ARG AA 15 -11.84 17.09 -58.13
N GLY AA 16 -11.55 17.34 -56.87
CA GLY AA 16 -10.95 16.34 -56.02
C GLY AA 16 -11.74 16.16 -54.74
N HIS AA 17 -12.49 17.20 -54.40
CA HIS AA 17 -13.28 17.24 -53.18
C HIS AA 17 -14.65 17.84 -53.45
N VAL AA 18 -15.69 17.18 -52.92
CA VAL AA 18 -17.06 17.64 -53.01
C VAL AA 18 -17.60 17.79 -51.59
N LYS AA 19 -18.09 18.99 -51.26
CA LYS AA 19 -18.66 19.22 -49.93
C LYS AA 19 -19.86 18.32 -49.70
N TYR AA 20 -19.93 17.72 -48.51
CA TYR AA 20 -20.88 16.68 -48.18
C TYR AA 20 -22.20 17.24 -47.63
N ILE AA 21 -23.18 16.36 -47.52
CA ILE AA 21 -24.52 16.67 -47.03
C ILE AA 21 -24.96 15.55 -46.10
N ARG AA 22 -26.13 15.73 -45.49
CA ARG AA 22 -26.69 14.79 -44.53
C ARG AA 22 -27.86 14.06 -45.16
N CYS AA 23 -27.88 12.74 -45.04
CA CYS AA 23 -29.07 12.02 -45.46
C CYS AA 23 -30.27 12.44 -44.63
N SER AA 24 -31.43 12.50 -45.26
CA SER AA 24 -32.61 12.97 -44.54
C SER AA 24 -33.14 11.91 -43.60
N ASN AA 25 -32.94 10.64 -43.91
CA ASN AA 25 -33.43 9.57 -43.04
C ASN AA 25 -32.49 9.38 -41.86
N CYS AA 26 -31.23 9.02 -42.15
CA CYS AA 26 -30.32 8.51 -41.15
C CYS AA 26 -29.19 9.45 -40.81
N ALA AA 27 -28.97 10.51 -41.59
CA ALA AA 27 -27.89 11.47 -41.39
C ALA AA 27 -26.51 10.87 -41.65
N LYS AA 28 -26.42 9.88 -42.53
CA LYS AA 28 -25.13 9.47 -43.03
C LYS AA 28 -24.54 10.61 -43.86
N CYS AA 29 -23.22 10.74 -43.83
CA CYS AA 29 -22.56 11.80 -44.57
C CYS AA 29 -22.12 11.23 -45.91
N CYS AA 30 -22.73 11.72 -46.99
CA CYS AA 30 -22.35 11.34 -48.33
C CYS AA 30 -22.18 12.60 -49.15
N PRO AA 31 -21.27 12.60 -50.11
CA PRO AA 31 -20.98 13.83 -50.85
C PRO AA 31 -22.18 14.30 -51.67
N LYS AA 32 -22.25 15.60 -51.90
CA LYS AA 32 -23.44 16.20 -52.49
C LYS AA 32 -23.80 15.58 -53.81
N ASP AA 33 -22.82 15.17 -54.60
CA ASP AA 33 -23.06 14.67 -55.94
C ASP AA 33 -22.97 13.16 -56.04
N LYS AA 34 -22.92 12.47 -54.90
CA LYS AA 34 -23.19 11.05 -54.83
C LYS AA 34 -24.56 10.76 -54.25
N ALA AA 35 -25.23 11.76 -53.70
CA ALA AA 35 -26.47 11.55 -52.98
C ALA AA 35 -27.66 11.59 -53.91
N ILE AA 36 -28.57 10.64 -53.72
CA ILE AA 36 -29.80 10.56 -54.49
C ILE AA 36 -30.65 11.76 -54.13
N LYS AA 37 -30.67 12.75 -55.01
CA LYS AA 37 -31.36 14.01 -54.76
C LYS AA 37 -32.63 14.04 -55.59
N ARG AA 38 -33.77 14.11 -54.92
CA ARG AA 38 -35.04 14.40 -55.57
C ARG AA 38 -35.63 15.69 -55.03
N PHE AA 39 -36.24 16.45 -55.92
CA PHE AA 39 -36.96 17.66 -55.57
C PHE AA 39 -38.44 17.34 -55.69
N LEU AA 40 -39.04 16.96 -54.58
CA LEU AA 40 -40.44 16.60 -54.54
C LEU AA 40 -41.26 17.81 -54.10
N VAL AA 41 -42.38 18.03 -54.79
CA VAL AA 41 -43.27 19.15 -54.53
C VAL AA 41 -44.65 18.53 -54.33
N ARG AA 42 -45.08 18.45 -53.08
CA ARG AA 42 -46.23 17.65 -52.72
C ARG AA 42 -47.31 18.56 -52.15
N ASN AA 43 -48.54 18.34 -52.60
CA ASN AA 43 -49.65 19.11 -52.10
C ASN AA 43 -49.78 18.90 -50.60
N ILE AA 44 -50.24 19.92 -49.88
CA ILE AA 44 -50.45 19.75 -48.45
C ILE AA 44 -51.39 18.59 -48.18
N VAL AA 45 -52.36 18.37 -49.07
CA VAL AA 45 -53.36 17.34 -48.92
C VAL AA 45 -53.40 16.51 -50.19
N GLU AA 46 -53.94 15.30 -50.08
CA GLU AA 46 -54.18 14.53 -51.28
C GLU AA 46 -55.62 14.70 -51.75
N GLN AA 47 -55.90 14.21 -52.96
CA GLN AA 47 -57.15 14.45 -53.68
C GLN AA 47 -58.36 13.83 -53.03
N ALA AA 48 -58.30 13.30 -51.82
CA ALA AA 48 -59.52 13.13 -51.03
C ALA AA 48 -59.79 14.31 -50.10
N ALA AA 49 -58.90 15.30 -50.05
CA ALA AA 49 -59.01 16.36 -49.07
C ALA AA 49 -58.81 17.74 -49.67
N VAL AA 50 -59.13 17.89 -50.95
CA VAL AA 50 -58.95 19.18 -51.63
C VAL AA 50 -60.24 20.00 -51.64
N ARG AA 51 -61.37 19.39 -51.98
CA ARG AA 51 -62.63 20.13 -51.89
C ARG AA 51 -63.05 20.38 -50.45
N ASP AA 52 -62.79 19.44 -49.55
CA ASP AA 52 -63.28 19.72 -48.21
C ASP AA 52 -62.51 20.84 -47.53
N VAL AA 53 -61.38 21.25 -48.12
CA VAL AA 53 -60.70 22.46 -47.67
C VAL AA 53 -60.97 23.67 -48.57
N GLN AA 54 -61.35 23.46 -49.83
CA GLN AA 54 -61.74 24.60 -50.65
C GLN AA 54 -63.21 24.97 -50.53
N GLU AA 55 -64.00 24.18 -49.82
CA GLU AA 55 -65.30 24.63 -49.35
C GLU AA 55 -65.23 25.09 -47.90
N ALA AA 56 -64.03 25.23 -47.36
CA ALA AA 56 -63.87 25.83 -46.05
C ALA AA 56 -62.83 26.93 -46.04
N CYS AA 57 -62.19 27.21 -47.18
CA CYS AA 57 -61.35 28.40 -47.27
C CYS AA 57 -62.22 29.63 -47.11
N VAL AA 58 -61.76 30.58 -46.31
CA VAL AA 58 -62.59 31.71 -45.97
C VAL AA 58 -62.92 32.53 -47.21
N HIS AA 59 -61.92 32.76 -48.05
CA HIS AA 59 -62.04 33.70 -49.15
C HIS AA 59 -62.01 32.94 -50.48
N ASP AA 60 -63.03 33.17 -51.29
CA ASP AA 60 -63.26 32.39 -52.49
C ASP AA 60 -62.16 32.66 -53.51
N GLY AA 61 -61.81 31.63 -54.28
CA GLY AA 61 -60.75 31.76 -55.26
C GLY AA 61 -59.36 31.54 -54.72
N TYR AA 62 -59.23 30.84 -53.60
CA TYR AA 62 -57.94 30.55 -52.98
C TYR AA 62 -57.38 29.24 -53.51
N VAL AA 63 -56.06 29.19 -53.68
CA VAL AA 63 -55.36 28.03 -54.19
C VAL AA 63 -54.46 27.49 -53.09
N LEU AA 64 -54.41 26.18 -52.96
CA LEU AA 64 -53.58 25.58 -51.93
C LEU AA 64 -52.11 25.80 -52.25
N PRO AA 65 -51.28 25.99 -51.22
CA PRO AA 65 -49.83 25.92 -51.44
C PRO AA 65 -49.42 24.51 -51.82
N LYS AA 66 -48.14 24.38 -52.15
CA LYS AA 66 -47.49 23.10 -52.32
C LYS AA 66 -46.26 23.08 -51.44
N LEU AA 67 -46.01 21.94 -50.78
CA LEU AA 67 -44.76 21.81 -50.04
C LEU AA 67 -43.63 21.71 -51.05
N TYR AA 68 -42.90 22.81 -51.26
CA TYR AA 68 -41.65 22.71 -51.99
C TYR AA 68 -40.56 22.40 -50.98
N ALA AA 69 -39.87 21.28 -51.19
CA ALA AA 69 -38.71 20.93 -50.39
C ALA AA 69 -37.84 20.04 -51.24
N LYS AA 70 -36.55 20.02 -50.91
CA LYS AA 70 -35.57 19.29 -51.70
C LYS AA 70 -34.90 18.29 -50.76
N VAL AA 71 -35.31 17.05 -50.83
CA VAL AA 71 -34.82 16.04 -49.90
C VAL AA 71 -33.55 15.47 -50.46
N HIS AA 72 -32.64 15.11 -49.57
CA HIS AA 72 -31.41 14.40 -49.92
C HIS AA 72 -31.41 13.05 -49.24
N HIS AA 73 -30.96 12.03 -49.95
CA HIS AA 73 -30.83 10.71 -49.36
C HIS AA 73 -29.47 10.15 -49.68
N CYS AA 74 -29.05 9.16 -48.89
CA CYS AA 74 -27.86 8.41 -49.25
C CYS AA 74 -28.29 7.19 -50.06
N VAL AA 75 -27.30 6.40 -50.48
CA VAL AA 75 -27.58 5.20 -51.24
C VAL AA 75 -28.28 4.16 -50.38
N SER AA 76 -27.90 4.04 -49.12
CA SER AA 76 -28.53 3.05 -48.26
C SER AA 76 -30.01 3.35 -48.09
N CYS AA 77 -30.32 4.58 -47.73
CA CYS AA 77 -31.71 4.93 -47.50
C CYS AA 77 -32.50 4.96 -48.78
N ALA AA 78 -31.87 5.27 -49.91
CA ALA AA 78 -32.58 5.20 -51.18
C ALA AA 78 -32.95 3.76 -51.51
N ILE AA 79 -32.00 2.83 -51.48
CA ILE AA 79 -32.33 1.44 -51.76
C ILE AA 79 -33.40 0.94 -50.80
N HIS AA 80 -33.28 1.29 -49.52
CA HIS AA 80 -34.24 0.79 -48.55
C HIS AA 80 -35.63 1.35 -48.77
N ALA AA 81 -35.74 2.62 -49.16
CA ALA AA 81 -37.04 3.22 -49.37
C ALA AA 81 -37.57 2.98 -50.77
N HIS AA 82 -36.83 2.25 -51.59
CA HIS AA 82 -37.22 1.95 -52.98
C HIS AA 82 -37.32 3.21 -53.80
N ILE AA 83 -36.64 4.28 -53.37
CA ILE AA 83 -36.48 5.45 -54.22
C ILE AA 83 -35.76 5.07 -55.49
N VAL AA 84 -34.78 4.17 -55.38
CA VAL AA 84 -34.06 3.61 -56.52
C VAL AA 84 -33.99 2.11 -56.36
N ARG AA 85 -33.74 1.43 -57.47
CA ARG AA 85 -33.75 -0.02 -57.51
C ARG AA 85 -32.48 -0.51 -58.20
N VAL AA 86 -32.04 -1.71 -57.84
CA VAL AA 86 -30.93 -2.33 -58.54
C VAL AA 86 -31.40 -2.67 -59.95
N ARG AA 87 -30.72 -2.12 -60.95
CA ARG AA 87 -31.10 -2.36 -62.33
C ARG AA 87 -30.14 -3.36 -62.95
N SER AA 88 -30.55 -3.95 -64.06
CA SER AA 88 -29.75 -4.98 -64.69
C SER AA 88 -28.43 -4.40 -65.17
N ARG AA 89 -27.53 -5.29 -65.62
CA ARG AA 89 -26.23 -4.83 -66.07
C ARG AA 89 -26.37 -3.87 -67.25
N GLU AA 90 -27.24 -4.21 -68.20
CA GLU AA 90 -27.44 -3.36 -69.37
C GLU AA 90 -28.32 -2.16 -69.05
N ASN AA 91 -29.47 -2.41 -68.44
CA ASN AA 91 -30.41 -1.34 -68.13
C ASN AA 91 -29.79 -0.33 -67.16
N ARG AA 92 -28.75 -0.75 -66.45
CA ARG AA 92 -28.07 0.08 -65.46
C ARG AA 92 -27.43 1.30 -66.10
N ARG AA 93 -27.27 1.29 -67.42
CA ARG AA 93 -26.39 2.22 -68.10
C ARG AA 93 -27.10 3.48 -68.56
N ASN AA 94 -28.42 3.45 -68.70
CA ASN AA 94 -29.15 4.61 -69.19
C ASN AA 94 -29.47 5.57 -68.05
N ARG AA 95 -29.73 6.81 -68.42
CA ARG AA 95 -29.77 7.91 -67.46
C ARG AA 95 -31.11 8.63 -67.44
N GLU AA 96 -32.09 8.21 -68.21
CA GLU AA 96 -33.31 8.99 -68.34
C GLU AA 96 -34.26 8.76 -67.18
N HIS BA 3 52.55 -32.83 -66.44
CA HIS BA 3 52.24 -34.13 -67.01
C HIS BA 3 51.65 -34.02 -68.41
N VAL BA 4 52.53 -33.99 -69.41
CA VAL BA 4 52.08 -34.05 -70.80
C VAL BA 4 51.52 -35.45 -70.98
N ASN BA 5 50.75 -35.66 -72.04
CA ASN BA 5 49.65 -36.62 -72.15
C ASN BA 5 48.44 -36.07 -71.44
N PHE BA 6 48.57 -34.95 -70.72
CA PHE BA 6 47.39 -34.18 -70.33
C PHE BA 6 46.82 -33.40 -71.49
N TYR BA 7 47.65 -33.01 -72.45
CA TYR BA 7 47.23 -31.99 -73.38
C TYR BA 7 46.42 -32.57 -74.53
N ARG BA 8 46.31 -33.89 -74.60
CA ARG BA 8 45.62 -34.55 -75.69
C ARG BA 8 44.13 -34.28 -75.59
N ASN BA 9 43.56 -33.62 -76.59
CA ASN BA 9 42.15 -33.29 -76.51
C ASN BA 9 41.29 -34.54 -76.62
N TYR BA 10 40.05 -34.39 -76.18
CA TYR BA 10 39.01 -35.38 -76.44
C TYR BA 10 37.69 -34.78 -76.00
N GLY BA 11 36.64 -35.13 -76.72
CA GLY BA 11 35.32 -34.57 -76.52
C GLY BA 11 34.29 -35.65 -76.60
N LYS BA 12 33.05 -35.31 -76.91
CA LYS BA 12 32.00 -36.30 -77.03
C LYS BA 12 31.65 -36.52 -78.49
N THR BA 13 30.76 -37.49 -78.71
CA THR BA 13 30.25 -37.77 -80.04
C THR BA 13 28.75 -37.66 -80.15
N PHE BA 14 28.02 -37.43 -79.05
CA PHE BA 14 26.57 -37.31 -79.15
C PHE BA 14 26.02 -36.53 -77.97
N LYS BA 15 24.71 -36.30 -78.03
CA LYS BA 15 23.93 -35.63 -77.00
C LYS BA 15 22.59 -36.35 -76.90
N LYS BA 16 22.15 -36.66 -75.68
CA LYS BA 16 20.88 -37.39 -75.63
C LYS BA 16 19.72 -36.47 -75.94
N PRO BA 17 18.63 -37.01 -76.48
CA PRO BA 17 17.53 -36.16 -76.92
C PRO BA 17 16.84 -35.50 -75.74
N ARG BA 18 16.20 -34.37 -76.02
CA ARG BA 18 15.65 -33.57 -74.93
C ARG BA 18 14.50 -34.29 -74.26
N ARG BA 19 13.43 -34.56 -75.01
CA ARG BA 19 12.22 -35.13 -74.43
C ARG BA 19 12.32 -36.64 -74.49
N PRO BA 20 12.60 -37.32 -73.38
CA PRO BA 20 13.01 -38.71 -73.46
C PRO BA 20 11.97 -39.64 -74.03
N TYR BA 21 10.68 -39.32 -73.91
CA TYR BA 21 9.64 -40.31 -74.12
C TYR BA 21 8.61 -39.69 -75.06
N GLU BA 22 8.72 -40.01 -76.35
CA GLU BA 22 7.69 -39.66 -77.31
C GLU BA 22 7.49 -40.85 -78.23
N LYS BA 23 6.24 -41.21 -78.50
CA LYS BA 23 6.01 -42.32 -79.42
C LYS BA 23 6.57 -42.03 -80.79
N GLU BA 24 6.41 -40.81 -81.29
CA GLU BA 24 6.82 -40.52 -82.66
C GLU BA 24 8.33 -40.59 -82.84
N ARG BA 25 9.09 -39.88 -82.00
CA ARG BA 25 10.53 -39.97 -82.10
C ARG BA 25 11.01 -41.37 -81.79
N LEU BA 26 10.41 -42.02 -80.79
CA LEU BA 26 10.87 -43.34 -80.40
C LEU BA 26 10.65 -44.36 -81.52
N ASP BA 27 9.51 -44.29 -82.20
CA ASP BA 27 9.29 -45.16 -83.35
C ASP BA 27 10.22 -44.83 -84.51
N ALA BA 28 10.51 -43.54 -84.74
CA ALA BA 28 11.45 -43.23 -85.80
C ALA BA 28 12.83 -43.80 -85.51
N GLU BA 29 13.26 -43.73 -84.26
CA GLU BA 29 14.54 -44.31 -83.88
C GLU BA 29 14.52 -45.81 -84.02
N LEU BA 30 13.43 -46.47 -83.64
CA LEU BA 30 13.39 -47.91 -83.81
C LEU BA 30 13.39 -48.29 -85.29
N LYS BA 31 12.68 -47.53 -86.13
CA LYS BA 31 12.81 -47.74 -87.57
C LYS BA 31 14.26 -47.73 -88.01
N LEU BA 32 14.99 -46.67 -87.67
CA LEU BA 32 16.35 -46.60 -88.20
C LEU BA 32 17.24 -47.70 -87.65
N VAL BA 33 17.10 -48.01 -86.36
CA VAL BA 33 17.91 -49.05 -85.76
C VAL BA 33 17.57 -50.42 -86.33
N GLY BA 34 16.29 -50.65 -86.65
CA GLY BA 34 15.92 -51.91 -87.26
C GLY BA 34 16.44 -52.04 -88.68
N GLU BA 35 16.31 -50.97 -89.48
CA GLU BA 35 16.72 -51.09 -90.87
C GLU BA 35 18.22 -51.20 -91.00
N TYR BA 36 18.98 -50.44 -90.21
CA TYR BA 36 20.43 -50.46 -90.34
C TYR BA 36 21.11 -51.24 -89.22
N GLY BA 37 20.38 -52.12 -88.54
CA GLY BA 37 20.97 -53.15 -87.70
C GLY BA 37 22.01 -52.65 -86.73
N LEU BA 38 21.59 -51.85 -85.76
CA LEU BA 38 22.52 -51.18 -84.87
C LEU BA 38 22.61 -51.89 -83.53
N ARG BA 39 23.69 -51.62 -82.81
CA ARG BA 39 23.92 -52.23 -81.52
C ARG BA 39 23.12 -51.57 -80.41
N CYS BA 40 22.82 -50.28 -80.54
CA CYS BA 40 21.94 -49.54 -79.64
C CYS BA 40 21.68 -48.19 -80.29
N LYS BA 41 20.89 -47.35 -79.62
CA LYS BA 41 20.56 -46.07 -80.20
C LYS BA 41 21.57 -44.98 -79.87
N ARG BA 42 22.58 -45.28 -79.07
CA ARG BA 42 23.79 -44.47 -79.09
C ARG BA 42 24.36 -44.36 -80.49
N GLU BA 43 24.34 -45.48 -81.24
CA GLU BA 43 24.84 -45.48 -82.61
C GLU BA 43 24.03 -44.56 -83.50
N LEU BA 44 22.71 -44.59 -83.37
CA LEU BA 44 21.90 -43.64 -84.11
C LEU BA 44 22.23 -42.22 -83.67
N TRP BA 45 22.35 -42.00 -82.37
CA TRP BA 45 22.53 -40.67 -81.81
C TRP BA 45 23.86 -40.04 -82.19
N ARG BA 46 24.89 -40.83 -82.52
CA ARG BA 46 26.11 -40.20 -83.04
C ARG BA 46 25.87 -39.57 -84.40
N VAL BA 47 25.11 -40.25 -85.25
CA VAL BA 47 24.94 -39.79 -86.61
C VAL BA 47 24.28 -38.43 -86.63
N GLN BA 48 23.25 -38.22 -85.82
CA GLN BA 48 22.65 -36.89 -85.76
C GLN BA 48 23.64 -35.86 -85.25
N TYR BA 49 24.53 -36.24 -84.33
CA TYR BA 49 25.50 -35.24 -83.88
C TYR BA 49 26.41 -34.82 -85.01
N ALA BA 50 26.96 -35.78 -85.75
CA ALA BA 50 27.85 -35.45 -86.86
C ALA BA 50 27.11 -34.65 -87.93
N LEU BA 51 25.89 -35.09 -88.25
CA LEU BA 51 25.08 -34.43 -89.26
C LEU BA 51 24.70 -33.02 -88.84
N SER BA 52 24.40 -32.83 -87.56
CA SER BA 52 24.10 -31.49 -87.07
C SER BA 52 25.32 -30.59 -87.18
N ARG BA 53 26.49 -31.13 -86.88
CA ARG BA 53 27.71 -30.32 -87.02
C ARG BA 53 27.90 -29.89 -88.46
N ILE BA 54 27.78 -30.82 -89.41
CA ILE BA 54 28.01 -30.42 -90.80
C ILE BA 54 26.93 -29.47 -91.28
N ARG BA 55 25.67 -29.72 -90.90
CA ARG BA 55 24.59 -28.84 -91.34
C ARG BA 55 24.76 -27.45 -90.79
N ASN BA 56 25.19 -27.33 -89.54
CA ASN BA 56 25.46 -26.02 -88.97
C ASN BA 56 26.63 -25.35 -89.68
N ALA BA 57 27.63 -26.14 -90.07
CA ALA BA 57 28.74 -25.58 -90.86
C ALA BA 57 28.22 -25.02 -92.18
N ALA BA 58 27.34 -25.77 -92.85
CA ALA BA 58 26.74 -25.28 -94.08
C ALA BA 58 25.91 -24.03 -93.85
N ARG BA 59 25.14 -24.01 -92.76
CA ARG BA 59 24.25 -22.89 -92.51
C ARG BA 59 25.04 -21.62 -92.29
N HIS BA 60 26.12 -21.70 -91.54
CA HIS BA 60 26.91 -20.51 -91.29
C HIS BA 60 27.46 -19.95 -92.60
N LEU BA 61 27.86 -20.84 -93.52
CA LEU BA 61 28.29 -20.41 -94.84
C LEU BA 61 27.17 -19.72 -95.60
N LEU BA 62 26.01 -20.37 -95.69
CA LEU BA 62 24.91 -19.81 -96.45
C LEU BA 62 24.41 -18.50 -95.89
N THR BA 63 24.71 -18.21 -94.63
CA THR BA 63 24.41 -16.88 -94.11
C THR BA 63 25.21 -15.81 -94.82
N LEU BA 64 26.48 -16.08 -95.10
CA LEU BA 64 27.36 -15.13 -95.78
C LEU BA 64 27.01 -15.08 -97.25
N ASP BA 65 27.77 -14.32 -98.02
CA ASP BA 65 27.53 -14.16 -99.45
C ASP BA 65 28.61 -14.84 -100.28
N GLU BA 66 28.25 -15.21 -101.50
CA GLU BA 66 29.27 -15.68 -102.44
C GLU BA 66 30.31 -14.61 -102.66
N LYS BA 67 31.42 -15.00 -103.30
CA LYS BA 67 32.58 -14.14 -103.53
C LYS BA 67 33.37 -13.90 -102.24
N ASN BA 68 32.89 -14.41 -101.12
CA ASN BA 68 33.63 -14.30 -99.86
C ASN BA 68 34.61 -15.45 -99.73
N PRO BA 69 35.91 -15.18 -99.65
CA PRO BA 69 36.91 -16.26 -99.77
C PRO BA 69 36.69 -17.40 -98.80
N ARG BA 70 36.30 -17.09 -97.56
CA ARG BA 70 35.93 -18.14 -96.63
C ARG BA 70 34.82 -19.01 -97.19
N ARG BA 71 33.77 -18.38 -97.71
CA ARG BA 71 32.65 -19.13 -98.26
C ARG BA 71 33.10 -20.06 -99.36
N ILE BA 72 33.81 -19.52 -100.35
CA ILE BA 72 34.23 -20.37 -101.47
C ILE BA 72 35.07 -21.53 -100.97
N PHE BA 73 36.06 -21.23 -100.13
CA PHE BA 73 36.98 -22.27 -99.69
C PHE BA 73 36.27 -23.35 -98.88
N GLU BA 74 35.50 -22.96 -97.87
CA GLU BA 74 34.91 -23.97 -97.01
C GLU BA 74 33.80 -24.72 -97.72
N GLY BA 75 33.05 -24.06 -98.60
CA GLY BA 75 32.06 -24.78 -99.37
C GLY BA 75 32.70 -25.80 -100.28
N ALA BA 76 33.78 -25.41 -100.96
CA ALA BA 76 34.50 -26.37 -101.79
C ALA BA 76 34.98 -27.53 -100.95
N ALA BA 77 35.54 -27.25 -99.78
CA ALA BA 77 36.03 -28.33 -98.92
C ALA BA 77 34.90 -29.23 -98.47
N LEU BA 78 33.77 -28.65 -98.08
CA LEU BA 78 32.65 -29.42 -97.54
C LEU BA 78 32.08 -30.34 -98.60
N LEU BA 79 31.86 -29.81 -99.81
CA LEU BA 79 31.34 -30.64 -100.88
C LEU BA 79 32.34 -31.70 -101.30
N ARG BA 80 33.64 -31.39 -101.23
CA ARG BA 80 34.64 -32.43 -101.45
C ARG BA 80 34.51 -33.53 -100.42
N ARG BA 81 34.34 -33.17 -99.15
CA ARG BA 81 34.18 -34.17 -98.10
C ARG BA 81 32.97 -35.06 -98.36
N MET BA 82 31.90 -34.47 -98.85
CA MET BA 82 30.68 -35.24 -98.99
C MET BA 82 30.75 -36.15 -100.21
N ASN BA 83 31.22 -35.60 -101.33
CA ASN BA 83 31.40 -36.39 -102.53
C ASN BA 83 32.44 -37.48 -102.34
N ARG BA 84 33.37 -37.32 -101.40
CA ARG BA 84 34.33 -38.40 -101.17
C ARG BA 84 33.67 -39.57 -100.45
N TYR BA 85 32.63 -39.31 -99.67
CA TYR BA 85 31.91 -40.36 -98.98
C TYR BA 85 30.66 -40.77 -99.71
N GLY BA 86 30.43 -40.24 -100.91
CA GLY BA 86 29.31 -40.69 -101.70
C GLY BA 86 27.99 -40.31 -101.10
N LEU BA 87 27.92 -39.14 -100.49
CA LEU BA 87 26.75 -38.68 -99.76
C LEU BA 87 25.99 -37.60 -100.50
N LEU BA 88 26.61 -36.99 -101.52
CA LEU BA 88 25.95 -36.12 -102.48
C LEU BA 88 26.30 -36.61 -103.87
N ALA BA 89 25.35 -36.49 -104.80
CA ALA BA 89 25.48 -37.11 -106.10
C ALA BA 89 26.06 -36.14 -107.13
N GLU BA 90 26.00 -36.53 -108.41
CA GLU BA 90 26.55 -35.72 -109.48
C GLU BA 90 25.69 -34.47 -109.69
N GLY BA 91 26.34 -33.38 -110.10
CA GLY BA 91 25.67 -32.14 -110.39
C GLY BA 91 25.01 -31.51 -109.17
N GLN BA 92 25.01 -32.27 -108.08
CA GLN BA 92 24.43 -31.87 -106.81
C GLN BA 92 25.51 -31.32 -105.89
N ASP BA 93 26.49 -30.64 -106.48
CA ASP BA 93 27.55 -29.96 -105.74
C ASP BA 93 27.17 -28.49 -105.66
N LYS BA 94 26.29 -28.18 -104.70
CA LYS BA 94 25.61 -26.90 -104.66
C LYS BA 94 25.66 -26.23 -103.30
N LEU BA 95 26.00 -26.93 -102.23
CA LEU BA 95 26.06 -26.44 -100.85
C LEU BA 95 24.66 -26.12 -100.32
N ASP BA 96 23.62 -26.39 -101.09
CA ASP BA 96 22.26 -26.37 -100.58
C ASP BA 96 21.67 -27.77 -100.48
N TYR BA 97 22.18 -28.72 -101.24
CA TYR BA 97 21.83 -30.12 -101.05
C TYR BA 97 22.61 -30.75 -99.92
N VAL BA 98 23.51 -30.00 -99.29
CA VAL BA 98 24.20 -30.48 -98.10
C VAL BA 98 23.37 -30.19 -96.84
N LEU BA 99 22.39 -29.30 -96.91
CA LEU BA 99 21.42 -29.21 -95.83
C LEU BA 99 20.39 -30.34 -95.91
N ALA BA 100 20.00 -30.72 -97.12
CA ALA BA 100 18.92 -31.69 -97.32
C ALA BA 100 19.32 -33.11 -96.94
N LEU BA 101 20.61 -33.37 -96.73
CA LEU BA 101 21.03 -34.70 -96.33
C LEU BA 101 20.51 -35.02 -94.93
N THR BA 102 20.22 -36.30 -94.69
CA THR BA 102 19.58 -36.75 -93.47
C THR BA 102 20.28 -38.04 -93.02
N ALA BA 103 19.99 -38.48 -91.79
CA ALA BA 103 20.68 -39.63 -91.20
C ALA BA 103 20.48 -40.91 -91.98
N GLU BA 104 19.47 -40.97 -92.84
CA GLU BA 104 19.43 -42.04 -93.84
C GLU BA 104 20.74 -42.10 -94.61
N ASN BA 105 21.28 -40.95 -94.97
CA ASN BA 105 22.45 -40.91 -95.85
C ASN BA 105 23.72 -41.36 -95.13
N PHE BA 106 23.85 -41.07 -93.84
CA PHE BA 106 25.02 -41.55 -93.11
C PHE BA 106 24.89 -43.01 -92.74
N LEU BA 107 23.70 -43.45 -92.33
CA LEU BA 107 23.58 -44.89 -92.17
C LEU BA 107 23.68 -45.63 -93.49
N ALA BA 108 23.56 -44.93 -94.61
CA ALA BA 108 23.73 -45.58 -95.89
C ALA BA 108 25.17 -45.94 -96.20
N ARG BA 109 26.14 -45.42 -95.44
CA ARG BA 109 27.54 -45.61 -95.79
C ARG BA 109 28.30 -46.52 -94.84
N ARG BA 110 27.76 -46.76 -93.65
CA ARG BA 110 28.40 -47.68 -92.70
C ARG BA 110 28.68 -49.01 -93.37
N LEU BA 111 29.82 -49.59 -93.02
CA LEU BA 111 30.32 -50.73 -93.75
C LEU BA 111 29.44 -51.96 -93.57
N GLN BA 112 28.59 -51.98 -92.54
CA GLN BA 112 27.50 -52.94 -92.51
C GLN BA 112 26.63 -52.82 -93.74
N THR BA 113 26.15 -51.59 -93.99
CA THR BA 113 25.27 -51.36 -95.13
C THR BA 113 25.97 -51.68 -96.43
N LEU BA 114 27.22 -51.27 -96.57
CA LEU BA 114 27.94 -51.56 -97.81
C LEU BA 114 28.12 -53.05 -98.01
N VAL BA 115 28.40 -53.78 -96.94
CA VAL BA 115 28.56 -55.22 -97.07
C VAL BA 115 27.25 -55.85 -97.52
N PHE BA 116 26.16 -55.52 -96.82
CA PHE BA 116 24.86 -56.12 -97.13
C PHE BA 116 24.40 -55.76 -98.54
N LYS BA 117 24.69 -54.55 -99.00
CA LYS BA 117 24.30 -54.15 -100.35
C LYS BA 117 25.25 -54.65 -101.42
N ALA BA 118 26.47 -55.02 -101.04
CA ALA BA 118 27.36 -55.71 -101.97
C ALA BA 118 27.14 -57.19 -101.97
N GLY BA 119 26.25 -57.68 -101.11
CA GLY BA 119 25.97 -59.11 -101.04
C GLY BA 119 26.63 -59.70 -99.83
N MET BA 120 27.26 -60.86 -99.98
CA MET BA 120 28.32 -61.31 -99.07
C MET BA 120 27.88 -61.35 -97.61
N ALA BA 121 26.61 -61.07 -97.34
CA ALA BA 121 26.12 -61.00 -95.96
C ALA BA 121 24.86 -61.82 -95.73
N LYS BA 122 23.90 -61.75 -96.64
CA LYS BA 122 22.63 -62.48 -96.59
C LYS BA 122 21.71 -61.93 -95.50
N SER BA 123 22.17 -60.93 -94.76
CA SER BA 123 21.42 -60.27 -93.69
C SER BA 123 22.26 -59.11 -93.18
N ILE BA 124 21.59 -58.06 -92.70
CA ILE BA 124 22.35 -56.93 -92.18
C ILE BA 124 22.90 -57.24 -90.79
N HIS BA 125 22.17 -58.01 -89.99
CA HIS BA 125 22.68 -58.43 -88.70
C HIS BA 125 23.75 -59.50 -88.86
N HIS BA 126 23.66 -60.32 -89.91
CA HIS BA 126 24.78 -61.14 -90.32
C HIS BA 126 25.96 -60.27 -90.73
N ALA BA 127 25.70 -59.15 -91.39
CA ALA BA 127 26.76 -58.28 -91.83
C ALA BA 127 27.56 -57.74 -90.65
N ARG BA 128 26.89 -57.23 -89.62
CA ARG BA 128 27.63 -56.67 -88.49
C ARG BA 128 28.58 -57.70 -87.89
N VAL BA 129 28.07 -58.89 -87.56
CA VAL BA 129 28.94 -59.87 -86.94
C VAL BA 129 30.06 -60.25 -87.90
N LEU BA 130 29.73 -60.52 -89.16
CA LEU BA 130 30.76 -60.88 -90.11
C LEU BA 130 31.85 -59.82 -90.17
N ILE BA 131 31.49 -58.56 -89.93
CA ILE BA 131 32.53 -57.53 -89.83
C ILE BA 131 33.36 -57.74 -88.58
N ARG BA 132 32.73 -58.16 -87.49
CA ARG BA 132 33.46 -58.27 -86.22
C ARG BA 132 34.29 -59.55 -86.06
N GLN BA 133 34.00 -60.62 -86.78
CA GLN BA 133 34.90 -61.77 -86.69
C GLN BA 133 36.08 -61.69 -87.65
N ARG BA 134 36.65 -60.50 -87.86
CA ARG BA 134 37.82 -60.35 -88.72
C ARG BA 134 37.64 -61.07 -90.04
N HIS BA 135 36.68 -60.61 -90.84
CA HIS BA 135 36.37 -61.34 -92.05
C HIS BA 135 36.52 -60.54 -93.31
N ILE BA 136 36.40 -59.23 -93.26
CA ILE BA 136 36.38 -58.41 -94.46
C ILE BA 136 37.46 -57.34 -94.35
N ARG BA 137 38.23 -57.18 -95.43
CA ARG BA 137 39.22 -56.12 -95.53
C ARG BA 137 38.57 -54.93 -96.21
N VAL BA 138 39.36 -53.89 -96.51
CA VAL BA 138 38.85 -52.85 -97.38
C VAL BA 138 39.77 -52.73 -98.59
N GLY BA 139 41.01 -52.29 -98.39
CA GLY BA 139 41.95 -52.44 -99.48
C GLY BA 139 42.82 -53.67 -99.32
N ARG BA 140 43.60 -53.68 -98.25
CA ARG BA 140 44.33 -54.87 -97.83
C ARG BA 140 44.34 -55.03 -96.32
N GLN BA 141 43.77 -54.10 -95.57
CA GLN BA 141 43.68 -54.17 -94.13
C GLN BA 141 42.28 -54.60 -93.73
N ILE BA 142 42.19 -55.49 -92.76
CA ILE BA 142 40.88 -55.89 -92.27
C ILE BA 142 40.31 -54.77 -91.43
N VAL BA 143 39.06 -54.43 -91.67
CA VAL BA 143 38.32 -53.47 -90.86
C VAL BA 143 37.29 -54.24 -90.06
N ASN BA 144 37.43 -54.22 -88.75
CA ASN BA 144 36.48 -54.87 -87.87
C ASN BA 144 35.64 -53.81 -87.14
N VAL BA 145 35.33 -52.73 -87.83
CA VAL BA 145 34.49 -51.67 -87.29
C VAL BA 145 33.20 -51.64 -88.13
N PRO BA 146 32.03 -51.84 -87.52
CA PRO BA 146 30.78 -51.70 -88.26
C PRO BA 146 30.42 -50.28 -88.66
N SER BA 147 31.19 -49.27 -88.29
CA SER BA 147 30.85 -47.92 -88.71
C SER BA 147 32.00 -47.28 -89.48
N PHE BA 148 32.52 -48.00 -90.46
CA PHE BA 148 33.77 -47.58 -91.07
C PHE BA 148 33.60 -46.48 -92.12
N MET BA 149 32.38 -46.24 -92.59
CA MET BA 149 32.08 -45.12 -93.50
C MET BA 149 32.91 -45.22 -94.78
N VAL BA 150 32.64 -46.26 -95.56
CA VAL BA 150 33.44 -46.52 -96.75
C VAL BA 150 33.19 -45.44 -97.80
N ARG BA 151 34.27 -44.85 -98.32
CA ARG BA 151 34.23 -43.83 -99.34
C ARG BA 151 33.99 -44.45 -100.72
N VAL BA 152 33.68 -43.59 -101.70
CA VAL BA 152 33.41 -44.12 -103.04
C VAL BA 152 34.69 -44.62 -103.70
N GLU BA 153 35.80 -43.90 -103.53
CA GLU BA 153 36.99 -44.56 -104.09
C GLU BA 153 37.48 -45.70 -103.25
N SER BA 154 36.74 -46.18 -102.26
CA SER BA 154 37.04 -47.45 -101.61
C SER BA 154 35.95 -48.48 -101.77
N GLU BA 155 34.78 -48.10 -102.27
CA GLU BA 155 33.66 -49.03 -102.32
C GLU BA 155 33.92 -50.19 -103.28
N LYS BA 156 34.67 -49.95 -104.35
CA LYS BA 156 34.71 -50.92 -105.43
C LYS BA 156 35.38 -52.24 -105.03
N HIS BA 157 36.07 -52.28 -103.90
CA HIS BA 157 36.91 -53.43 -103.59
C HIS BA 157 36.88 -53.83 -102.12
N ILE BA 158 35.75 -53.63 -101.44
CA ILE BA 158 35.48 -54.36 -100.20
C ILE BA 158 35.33 -55.84 -100.54
N ASP BA 159 36.05 -56.69 -99.82
CA ASP BA 159 35.90 -58.11 -100.06
C ASP BA 159 36.41 -58.90 -98.87
N PHE BA 160 36.30 -60.21 -98.98
CA PHE BA 160 36.64 -61.12 -97.90
C PHE BA 160 38.15 -61.09 -97.65
N SER BA 161 38.60 -61.87 -96.67
CA SER BA 161 39.99 -61.83 -96.28
C SER BA 161 40.86 -62.71 -97.18
N LEU BA 162 42.16 -62.63 -96.95
CA LEU BA 162 43.09 -63.67 -97.37
C LEU BA 162 43.30 -64.72 -96.28
N THR BA 163 42.69 -64.52 -95.12
CA THR BA 163 42.86 -65.42 -93.98
C THR BA 163 41.54 -65.96 -93.43
N SER BA 164 40.41 -65.36 -93.77
CA SER BA 164 39.13 -65.81 -93.23
C SER BA 164 38.70 -67.12 -93.90
N PRO BA 165 37.95 -67.95 -93.18
CA PRO BA 165 37.56 -69.25 -93.73
C PRO BA 165 36.74 -69.17 -95.02
N PHE BA 166 35.87 -68.17 -95.17
CA PHE BA 166 34.97 -68.18 -96.31
C PHE BA 166 35.72 -68.10 -97.63
N GLY BA 167 36.69 -67.19 -97.75
CA GLY BA 167 37.34 -67.00 -99.03
C GLY BA 167 38.84 -66.82 -98.96
N GLY BA 168 39.39 -66.87 -97.76
CA GLY BA 168 40.81 -66.66 -97.62
C GLY BA 168 41.57 -67.96 -97.59
N GLY BA 169 42.09 -68.32 -96.42
CA GLY BA 169 42.87 -69.53 -96.30
C GLY BA 169 42.25 -70.54 -95.37
N PRO BA 170 42.91 -70.77 -94.24
CA PRO BA 170 42.56 -71.92 -93.40
C PRO BA 170 41.14 -71.84 -92.87
N ALA BA 171 40.57 -73.01 -92.64
CA ALA BA 171 39.24 -73.11 -92.10
C ALA BA 171 39.23 -72.70 -90.62
N GLY BA 172 38.03 -72.60 -90.07
CA GLY BA 172 37.86 -72.25 -88.68
C GLY BA 172 38.09 -73.44 -87.75
N ARG BA 173 38.06 -73.13 -86.45
CA ARG BA 173 38.40 -74.14 -85.46
C ARG BA 173 37.35 -75.25 -85.42
N VAL BA 174 36.08 -74.94 -85.68
CA VAL BA 174 35.07 -76.00 -85.67
C VAL BA 174 35.24 -76.91 -86.89
N LYS BA 175 35.58 -76.34 -88.04
CA LYS BA 175 35.94 -77.18 -89.19
C LYS BA 175 37.10 -78.11 -88.84
N ARG BA 176 38.14 -77.56 -88.22
CA ARG BA 176 39.29 -78.43 -87.97
C ARG BA 176 38.98 -79.46 -86.91
N LYS BA 177 38.09 -79.14 -85.96
CA LYS BA 177 37.64 -80.15 -85.00
C LYS BA 177 36.84 -81.26 -85.69
N ASN BA 178 35.90 -80.87 -86.54
CA ASN BA 178 35.10 -81.88 -87.23
C ASN BA 178 36.00 -82.78 -88.07
N GLN BA 179 36.94 -82.21 -88.80
CA GLN BA 179 37.82 -83.03 -89.61
C GLN BA 179 38.73 -83.90 -88.76
N LYS BA 180 39.22 -83.39 -87.63
CA LYS BA 180 40.13 -84.19 -86.82
C LYS BA 180 39.40 -85.36 -86.16
N LYS BA 181 38.13 -85.19 -85.80
CA LYS BA 181 37.39 -86.32 -85.27
C LYS BA 181 36.68 -87.13 -86.36
N ALA BA 182 36.73 -86.68 -87.61
CA ALA BA 182 36.25 -87.48 -88.72
C ALA BA 182 37.33 -88.41 -89.25
N SER BA 183 38.58 -87.96 -89.26
CA SER BA 183 39.70 -88.80 -89.66
C SER BA 183 40.49 -89.23 -88.44
N LYS CA 43 -28.13 -39.34 -100.33
CA LYS CA 43 -26.72 -39.56 -100.63
C LYS CA 43 -25.91 -38.33 -100.27
N TRP CA 44 -26.14 -37.21 -100.97
CA TRP CA 44 -25.65 -35.91 -100.53
C TRP CA 44 -26.78 -34.90 -100.41
N VAL CA 45 -27.57 -34.71 -101.46
CA VAL CA 45 -28.63 -33.70 -101.50
C VAL CA 45 -28.05 -32.34 -101.15
N PRO CA 46 -27.33 -31.70 -102.06
CA PRO CA 46 -26.70 -30.42 -101.74
C PRO CA 46 -27.73 -29.34 -101.50
N VAL CA 47 -27.38 -28.39 -100.62
CA VAL CA 47 -28.30 -27.33 -100.22
C VAL CA 47 -27.70 -25.94 -100.38
N THR CA 48 -26.48 -25.83 -100.90
CA THR CA 48 -25.84 -24.57 -101.22
C THR CA 48 -25.46 -24.65 -102.69
N LYS CA 49 -25.56 -23.52 -103.41
CA LYS CA 49 -25.28 -23.61 -104.84
C LYS CA 49 -23.83 -23.99 -105.10
N LEU CA 50 -22.91 -23.61 -104.20
CA LEU CA 50 -21.55 -24.11 -104.30
C LEU CA 50 -21.50 -25.62 -104.17
N GLY CA 51 -22.27 -26.18 -103.24
CA GLY CA 51 -22.34 -27.63 -103.13
C GLY CA 51 -22.90 -28.25 -104.38
N ARG CA 52 -23.81 -27.55 -105.06
CA ARG CA 52 -24.31 -28.01 -106.34
C ARG CA 52 -23.19 -28.05 -107.37
N LEU CA 53 -22.59 -26.88 -107.65
CA LEU CA 53 -21.47 -26.76 -108.57
C LEU CA 53 -20.38 -27.77 -108.31
N VAL CA 54 -20.31 -28.28 -107.08
CA VAL CA 54 -19.34 -29.34 -106.80
C VAL CA 54 -19.93 -30.72 -107.07
N LYS CA 55 -21.23 -30.93 -106.77
CA LYS CA 55 -21.82 -32.25 -106.99
C LYS CA 55 -21.87 -32.60 -108.46
N GLU CA 56 -22.36 -31.69 -109.31
CA GLU CA 56 -22.15 -32.05 -110.71
C GLU CA 56 -20.72 -31.82 -111.17
N GLY CA 57 -19.80 -31.55 -110.24
CA GLY CA 57 -18.39 -31.74 -110.49
C GLY CA 57 -17.75 -30.83 -111.51
N ARG CA 58 -18.04 -29.54 -111.47
CA ARG CA 58 -17.31 -28.57 -112.28
C ARG CA 58 -16.44 -27.64 -111.44
N PHE CA 59 -15.78 -28.21 -110.43
CA PHE CA 59 -14.51 -27.73 -109.91
C PHE CA 59 -13.52 -28.88 -109.98
N THR CA 60 -12.25 -28.56 -109.77
CA THR CA 60 -11.27 -29.64 -109.67
C THR CA 60 -10.46 -29.59 -108.38
N LYS CA 61 -10.05 -28.40 -107.94
CA LYS CA 61 -9.20 -28.26 -106.78
C LYS CA 61 -9.64 -27.04 -105.99
N MET CA 62 -9.24 -26.98 -104.73
CA MET CA 62 -9.86 -25.95 -103.90
C MET CA 62 -9.35 -24.54 -104.18
N GLU CA 63 -8.57 -24.41 -105.23
CA GLU CA 63 -7.95 -23.12 -105.49
C GLU CA 63 -8.95 -22.11 -106.00
N GLU CA 64 -9.93 -22.55 -106.79
CA GLU CA 64 -10.91 -21.62 -107.35
C GLU CA 64 -11.88 -21.10 -106.29
N ILE CA 65 -12.19 -21.93 -105.29
CA ILE CA 65 -12.99 -21.45 -104.17
C ILE CA 65 -12.18 -20.52 -103.29
N TYR CA 66 -10.94 -20.90 -102.97
CA TYR CA 66 -10.14 -20.04 -102.11
C TYR CA 66 -9.90 -18.70 -102.76
N LEU CA 67 -9.55 -18.69 -104.03
CA LEU CA 67 -9.23 -17.46 -104.73
C LEU CA 67 -10.38 -16.48 -104.65
N HIS CA 68 -11.61 -16.98 -104.60
CA HIS CA 68 -12.79 -16.14 -104.60
C HIS CA 68 -13.39 -15.96 -103.21
N SER CA 69 -12.76 -16.54 -102.20
CA SER CA 69 -13.12 -16.28 -100.80
C SER CA 69 -14.55 -16.70 -100.52
N LEU CA 70 -14.85 -17.94 -100.83
CA LEU CA 70 -16.23 -18.31 -100.61
C LEU CA 70 -16.39 -19.11 -99.33
N PRO CA 71 -17.54 -18.97 -98.67
CA PRO CA 71 -17.80 -19.76 -97.46
C PRO CA 71 -18.22 -21.18 -97.83
N VAL CA 72 -17.46 -22.16 -97.35
CA VAL CA 72 -17.80 -23.56 -97.55
C VAL CA 72 -18.69 -23.99 -96.38
N LYS CA 73 -19.91 -24.44 -96.69
CA LYS CA 73 -20.90 -24.73 -95.67
C LYS CA 73 -21.26 -26.20 -95.60
N GLU CA 74 -20.87 -26.99 -96.60
CA GLU CA 74 -21.07 -28.43 -96.61
C GLU CA 74 -19.72 -29.10 -96.61
N HIS CA 75 -19.50 -30.01 -95.66
CA HIS CA 75 -18.20 -30.63 -95.54
C HIS CA 75 -17.90 -31.60 -96.66
N GLN CA 76 -18.91 -32.09 -97.39
CA GLN CA 76 -18.58 -33.06 -98.41
C GLN CA 76 -17.96 -32.42 -99.65
N ILE CA 77 -17.98 -31.09 -99.73
CA ILE CA 77 -17.20 -30.40 -100.75
C ILE CA 77 -15.74 -30.80 -100.68
N VAL CA 78 -15.09 -30.51 -99.55
CA VAL CA 78 -13.66 -30.70 -99.45
C VAL CA 78 -13.28 -32.16 -99.58
N GLU CA 79 -14.17 -33.08 -99.21
CA GLU CA 79 -13.85 -34.49 -99.32
C GLU CA 79 -13.57 -34.89 -100.77
N THR CA 80 -14.28 -34.29 -101.71
CA THR CA 80 -14.05 -34.58 -103.11
C THR CA 80 -13.04 -33.65 -103.76
N LEU CA 81 -12.90 -32.42 -103.26
CA LEU CA 81 -11.88 -31.54 -103.85
C LEU CA 81 -10.46 -31.88 -103.42
N CYS CA 82 -10.24 -32.19 -102.15
CA CYS CA 82 -8.91 -32.64 -101.73
C CYS CA 82 -9.01 -34.08 -101.22
N PRO CA 83 -8.66 -35.07 -102.04
CA PRO CA 83 -8.94 -36.47 -101.67
C PRO CA 83 -7.93 -37.06 -100.72
N GLY CA 84 -6.69 -36.59 -100.77
CA GLY CA 84 -5.65 -37.12 -99.90
C GLY CA 84 -5.59 -36.44 -98.57
N LEU CA 85 -6.72 -36.42 -97.86
CA LEU CA 85 -6.86 -35.69 -96.62
C LEU CA 85 -6.72 -36.63 -95.43
N LYS CA 86 -5.93 -36.23 -94.44
CA LYS CA 86 -5.66 -37.06 -93.28
C LYS CA 86 -6.33 -36.47 -92.06
N ASP CA 87 -7.03 -37.30 -91.30
CA ASP CA 87 -7.78 -36.90 -90.12
C ASP CA 87 -7.01 -37.29 -88.85
N GLU CA 88 -7.16 -36.49 -87.80
CA GLU CA 88 -6.48 -36.85 -86.56
C GLU CA 88 -6.98 -36.08 -85.35
N VAL CA 89 -7.35 -36.80 -84.29
CA VAL CA 89 -7.79 -36.21 -83.03
C VAL CA 89 -6.64 -36.24 -82.04
N MET CA 90 -6.39 -35.10 -81.39
CA MET CA 90 -5.29 -35.00 -80.44
C MET CA 90 -5.71 -34.83 -78.99
N LYS CA 91 -6.74 -34.04 -78.71
CA LYS CA 91 -7.11 -33.74 -77.34
C LYS CA 91 -8.60 -33.93 -77.18
N ILE CA 92 -9.00 -34.68 -76.17
CA ILE CA 92 -10.40 -34.76 -75.78
C ILE CA 92 -10.49 -34.28 -74.36
N THR CA 93 -11.01 -33.07 -74.17
CA THR CA 93 -11.01 -32.58 -72.81
C THR CA 93 -12.44 -32.38 -72.33
N PRO CA 94 -12.75 -32.77 -71.11
CA PRO CA 94 -14.12 -32.62 -70.62
C PRO CA 94 -14.36 -31.31 -69.90
N VAL CA 95 -15.33 -30.53 -70.37
CA VAL CA 95 -15.78 -29.36 -69.63
C VAL CA 95 -17.02 -29.77 -68.87
N GLN CA 96 -17.40 -28.96 -67.88
CA GLN CA 96 -18.48 -29.30 -66.98
C GLN CA 96 -19.33 -28.08 -66.71
N LYS CA 97 -20.63 -28.20 -66.89
CA LYS CA 97 -21.57 -27.17 -66.43
C LYS CA 97 -22.31 -27.74 -65.24
N GLN CA 98 -22.54 -26.94 -64.21
CA GLN CA 98 -23.12 -27.46 -62.99
C GLN CA 98 -24.56 -27.00 -62.87
N THR CA 99 -25.45 -27.96 -62.64
CA THR CA 99 -26.89 -27.78 -62.64
C THR CA 99 -27.42 -27.93 -61.21
N ARG CA 100 -28.73 -27.87 -61.07
CA ARG CA 100 -29.33 -28.09 -59.75
C ARG CA 100 -29.05 -29.50 -59.27
N ALA CA 101 -29.23 -30.49 -60.13
CA ALA CA 101 -28.99 -31.86 -59.72
C ALA CA 101 -27.52 -32.08 -59.40
N GLY CA 102 -26.66 -31.67 -60.32
CA GLY CA 102 -25.24 -31.89 -60.19
C GLY CA 102 -24.50 -31.19 -61.29
N GLN CA 103 -23.56 -31.88 -61.90
CA GLN CA 103 -22.75 -31.35 -62.99
C GLN CA 103 -22.97 -32.23 -64.21
N ARG CA 104 -23.32 -31.61 -65.32
CA ARG CA 104 -23.43 -32.33 -66.59
C ARG CA 104 -22.20 -32.02 -67.43
N THR CA 105 -21.50 -33.07 -67.83
CA THR CA 105 -20.24 -32.91 -68.53
C THR CA 105 -20.45 -33.05 -70.03
N ARG CA 106 -19.81 -32.19 -70.80
CA ARG CA 106 -19.72 -32.37 -72.23
C ARG CA 106 -18.25 -32.52 -72.60
N PHE CA 107 -17.96 -33.43 -73.53
CA PHE CA 107 -16.61 -33.68 -73.99
C PHE CA 107 -16.40 -32.95 -75.30
N LYS CA 108 -15.36 -32.14 -75.38
CA LYS CA 108 -15.10 -31.36 -76.58
C LYS CA 108 -13.82 -31.86 -77.25
N ALA CA 109 -13.88 -31.93 -78.57
CA ALA CA 109 -12.85 -32.55 -79.38
C ALA CA 109 -12.16 -31.50 -80.24
N PHE CA 110 -10.83 -31.62 -80.27
CA PHE CA 110 -9.91 -30.77 -81.02
C PHE CA 110 -9.31 -31.65 -82.09
N VAL CA 111 -9.78 -31.58 -83.32
CA VAL CA 111 -9.27 -32.44 -84.37
C VAL CA 111 -8.62 -31.57 -85.43
N VAL CA 112 -7.60 -32.10 -86.07
CA VAL CA 112 -6.95 -31.46 -87.20
C VAL CA 112 -7.03 -32.40 -88.38
N VAL CA 113 -7.42 -31.85 -89.53
CA VAL CA 113 -7.39 -32.60 -90.77
C VAL CA 113 -6.58 -31.81 -91.78
N GLY CA 114 -5.85 -32.53 -92.60
CA GLY CA 114 -5.11 -31.87 -93.65
C GLY CA 114 -4.29 -32.82 -94.47
N ASP CA 115 -3.88 -32.35 -95.63
CA ASP CA 115 -2.90 -33.00 -96.47
C ASP CA 115 -1.58 -32.29 -96.33
N SER CA 116 -0.50 -33.00 -96.63
CA SER CA 116 0.83 -32.46 -96.44
C SER CA 116 1.20 -31.41 -97.48
N ASN CA 117 0.25 -30.86 -98.21
CA ASN CA 117 0.52 -29.91 -99.28
C ASN CA 117 -0.31 -28.66 -99.08
N GLY CA 118 -0.22 -28.08 -97.88
CA GLY CA 118 -0.63 -26.71 -97.70
C GLY CA 118 -2.08 -26.47 -97.35
N HIS CA 119 -2.88 -27.52 -97.20
CA HIS CA 119 -4.25 -27.36 -96.75
C HIS CA 119 -4.34 -27.94 -95.34
N VAL CA 120 -4.73 -27.10 -94.38
CA VAL CA 120 -4.82 -27.52 -92.99
C VAL CA 120 -6.13 -27.02 -92.43
N GLY CA 121 -6.67 -27.75 -91.45
CA GLY CA 121 -7.93 -27.38 -90.85
C GLY CA 121 -8.08 -27.85 -89.42
N LEU CA 122 -8.70 -27.00 -88.61
CA LEU CA 122 -8.84 -27.20 -87.16
C LEU CA 122 -10.30 -27.14 -86.80
N GLY CA 123 -10.80 -28.21 -86.18
CA GLY CA 123 -12.20 -28.26 -85.79
C GLY CA 123 -12.39 -28.61 -84.32
N VAL CA 124 -13.16 -27.78 -83.63
CA VAL CA 124 -13.41 -27.94 -82.20
C VAL CA 124 -14.91 -28.03 -81.99
N LYS CA 125 -15.34 -29.07 -81.28
CA LYS CA 125 -16.78 -29.32 -81.19
C LYS CA 125 -17.07 -30.05 -79.90
N CYS CA 126 -18.08 -29.60 -79.17
CA CYS CA 126 -18.37 -30.07 -77.82
C CYS CA 126 -19.70 -30.82 -77.81
N ALA CA 127 -19.70 -32.06 -77.34
CA ALA CA 127 -20.91 -32.87 -77.34
C ALA CA 127 -20.88 -33.92 -76.24
N LYS CA 128 -22.08 -34.46 -75.96
CA LYS CA 128 -22.25 -35.32 -74.79
C LYS CA 128 -21.43 -36.59 -74.89
N GLU CA 129 -21.41 -37.23 -76.05
CA GLU CA 129 -20.67 -38.44 -76.26
C GLU CA 129 -19.37 -38.12 -76.98
N VAL CA 130 -18.34 -38.93 -76.75
CA VAL CA 130 -17.09 -38.70 -77.46
C VAL CA 130 -17.26 -38.99 -78.94
N ALA CA 131 -18.14 -39.91 -79.30
CA ALA CA 131 -18.34 -40.23 -80.71
C ALA CA 131 -18.91 -39.04 -81.47
N THR CA 132 -19.95 -38.43 -80.96
CA THR CA 132 -20.53 -37.27 -81.61
C THR CA 132 -19.69 -36.02 -81.46
N ALA CA 133 -18.90 -35.91 -80.39
CA ALA CA 133 -17.93 -34.84 -80.32
C ALA CA 133 -16.93 -34.94 -81.46
N ILE CA 134 -16.39 -36.14 -81.69
CA ILE CA 134 -15.41 -36.32 -82.75
C ILE CA 134 -16.05 -36.11 -84.13
N ARG CA 135 -17.25 -36.66 -84.35
CA ARG CA 135 -17.86 -36.44 -85.66
C ARG CA 135 -18.08 -34.95 -85.92
N GLY CA 136 -18.63 -34.24 -84.96
CA GLY CA 136 -18.84 -32.82 -85.15
C GLY CA 136 -17.53 -32.09 -85.35
N ALA CA 137 -16.49 -32.50 -84.65
CA ALA CA 137 -15.25 -31.75 -84.80
C ALA CA 137 -14.60 -32.03 -86.14
N ILE CA 138 -14.71 -33.24 -86.69
CA ILE CA 138 -14.13 -33.53 -88.00
C ILE CA 138 -14.92 -32.83 -89.10
N ILE CA 139 -16.24 -32.71 -88.93
CA ILE CA 139 -17.02 -31.92 -89.88
C ILE CA 139 -16.61 -30.44 -89.82
N LEU CA 140 -16.47 -29.88 -88.63
CA LEU CA 140 -16.01 -28.50 -88.56
C LEU CA 140 -14.59 -28.34 -89.09
N ALA CA 141 -13.74 -29.35 -88.89
CA ALA CA 141 -12.39 -29.28 -89.42
C ALA CA 141 -12.40 -29.23 -90.93
N LYS CA 142 -13.23 -30.05 -91.57
CA LYS CA 142 -13.22 -29.98 -93.03
C LYS CA 142 -13.99 -28.78 -93.54
N LEU CA 143 -14.82 -28.16 -92.73
CA LEU CA 143 -15.44 -26.90 -93.13
C LEU CA 143 -14.53 -25.70 -92.88
N SER CA 144 -13.46 -25.85 -92.10
CA SER CA 144 -12.54 -24.76 -91.84
C SER CA 144 -11.17 -24.96 -92.49
N ILE CA 145 -11.09 -25.72 -93.57
CA ILE CA 145 -9.82 -25.87 -94.28
C ILE CA 145 -9.35 -24.52 -94.78
N VAL CA 146 -8.06 -24.21 -94.58
CA VAL CA 146 -7.49 -22.99 -95.13
C VAL CA 146 -6.25 -23.33 -95.95
N PRO CA 147 -5.70 -22.38 -96.70
CA PRO CA 147 -4.45 -22.64 -97.41
C PRO CA 147 -3.24 -22.37 -96.54
N VAL CA 148 -2.17 -23.10 -96.80
CA VAL CA 148 -0.87 -22.79 -96.23
C VAL CA 148 0.08 -22.53 -97.38
N ARG CA 149 0.60 -21.31 -97.46
CA ARG CA 149 1.68 -21.04 -98.39
C ARG CA 149 3.01 -21.36 -97.74
N ARG CA 150 3.89 -21.94 -98.50
CA ARG CA 150 5.23 -22.15 -98.03
C ARG CA 150 6.16 -21.17 -98.71
N GLY CA 151 7.41 -21.19 -98.30
CA GLY CA 151 8.42 -20.32 -98.85
C GLY CA 151 9.73 -21.06 -98.85
N TYR CA 152 10.79 -20.34 -99.20
CA TYR CA 152 12.14 -20.86 -99.12
C TYR CA 152 12.96 -20.00 -98.19
N TRP CA 153 13.98 -20.61 -97.59
CA TRP CA 153 14.83 -19.85 -96.68
C TRP CA 153 15.71 -18.85 -97.42
N GLY CA 154 16.67 -19.34 -98.20
CA GLY CA 154 17.54 -18.45 -98.93
C GLY CA 154 17.68 -18.73 -100.42
N ASN CA 155 17.55 -19.99 -100.81
CA ASN CA 155 17.77 -20.40 -102.19
C ASN CA 155 16.56 -21.18 -102.69
N LYS CA 156 15.91 -20.65 -103.71
CA LYS CA 156 14.62 -21.13 -104.17
C LYS CA 156 14.84 -22.29 -105.13
N ILE CA 157 15.39 -23.37 -104.60
CA ILE CA 157 15.64 -24.59 -105.36
C ILE CA 157 14.84 -25.72 -104.73
N GLY CA 158 14.17 -26.49 -105.56
CA GLY CA 158 13.38 -27.58 -105.06
C GLY CA 158 12.03 -27.11 -104.55
N LEU CA 159 11.34 -28.02 -103.91
CA LEU CA 159 10.01 -27.72 -103.40
C LEU CA 159 10.10 -26.80 -102.18
N PRO CA 160 9.06 -26.00 -101.94
CA PRO CA 160 9.06 -25.14 -100.76
C PRO CA 160 8.99 -25.96 -99.48
N HIS CA 161 9.63 -25.45 -98.43
CA HIS CA 161 9.79 -26.19 -97.19
C HIS CA 161 9.27 -25.45 -95.96
N THR CA 162 9.66 -24.19 -95.75
CA THR CA 162 9.22 -23.44 -94.59
C THR CA 162 8.12 -22.46 -94.94
N VAL CA 163 7.74 -21.65 -93.96
CA VAL CA 163 6.83 -20.53 -94.08
C VAL CA 163 7.54 -19.38 -94.79
N PRO CA 164 6.83 -18.41 -95.36
CA PRO CA 164 7.52 -17.34 -96.11
C PRO CA 164 8.36 -16.44 -95.23
N CYS CA 165 7.81 -16.03 -94.09
CA CYS CA 165 8.39 -14.95 -93.32
C CYS CA 165 8.08 -15.17 -91.84
N LYS CA 166 8.44 -14.17 -91.03
CA LYS CA 166 8.15 -14.21 -89.59
C LYS CA 166 6.69 -13.90 -89.38
N VAL CA 167 5.95 -14.82 -88.77
CA VAL CA 167 4.51 -14.67 -88.70
C VAL CA 167 4.01 -15.00 -87.30
N THR CA 168 2.96 -14.28 -86.88
CA THR CA 168 2.43 -14.30 -85.52
C THR CA 168 1.02 -14.86 -85.52
N GLY CA 169 0.75 -15.78 -84.59
CA GLY CA 169 -0.61 -16.22 -84.35
C GLY CA 169 -1.00 -16.03 -82.90
N LYS CA 170 -2.12 -15.36 -82.63
CA LYS CA 170 -2.53 -15.07 -81.27
C LYS CA 170 -3.98 -15.44 -81.04
N CYS CA 171 -4.23 -16.15 -79.94
CA CYS CA 171 -5.58 -16.42 -79.49
C CYS CA 171 -5.57 -16.42 -77.98
N GLY CA 172 -6.44 -15.63 -77.37
CA GLY CA 172 -6.44 -15.54 -75.93
C GLY CA 172 -5.16 -14.94 -75.43
N SER CA 173 -4.35 -15.73 -74.75
CA SER CA 173 -3.06 -15.26 -74.28
C SER CA 173 -1.88 -16.02 -74.85
N VAL CA 174 -2.10 -17.13 -75.52
CA VAL CA 174 -0.98 -17.85 -76.11
C VAL CA 174 -0.70 -17.28 -77.48
N THR CA 175 0.57 -17.09 -77.77
CA THR CA 175 1.01 -16.59 -79.06
C THR CA 175 2.12 -17.48 -79.59
N VAL CA 176 2.17 -17.60 -80.91
CA VAL CA 176 3.15 -18.45 -81.56
C VAL CA 176 3.81 -17.66 -82.67
N ARG CA 177 5.14 -17.74 -82.77
CA ARG CA 177 5.82 -17.28 -83.96
C ARG CA 177 6.24 -18.45 -84.82
N MET CA 178 6.29 -18.19 -86.10
CA MET CA 178 6.92 -19.09 -87.05
C MET CA 178 7.95 -18.26 -87.80
N VAL CA 179 9.21 -18.64 -87.64
CA VAL CA 179 10.35 -18.00 -88.29
C VAL CA 179 10.86 -19.01 -89.32
N PRO CA 180 11.29 -18.57 -90.49
CA PRO CA 180 11.82 -19.51 -91.47
C PRO CA 180 13.04 -20.22 -90.94
N ALA CA 181 13.21 -21.46 -91.36
CA ALA CA 181 14.37 -22.21 -90.89
C ALA CA 181 15.08 -22.84 -92.08
N PRO CA 182 16.40 -22.96 -92.01
CA PRO CA 182 17.12 -23.51 -93.15
C PRO CA 182 16.67 -24.93 -93.42
N ARG CA 183 16.80 -25.34 -94.68
CA ARG CA 183 16.32 -26.65 -95.09
C ARG CA 183 16.87 -27.72 -94.17
N GLY CA 184 16.07 -28.75 -93.91
CA GLY CA 184 16.51 -29.85 -93.08
C GLY CA 184 16.81 -29.49 -91.64
N SER CA 185 16.06 -28.55 -91.08
CA SER CA 185 16.21 -28.17 -89.68
C SER CA 185 15.14 -28.77 -88.78
N GLY CA 186 14.32 -29.68 -89.31
CA GLY CA 186 13.23 -30.25 -88.54
C GLY CA 186 12.21 -29.21 -88.12
N ILE CA 187 11.09 -29.65 -87.58
CA ILE CA 187 10.07 -28.76 -87.05
C ILE CA 187 10.34 -28.64 -85.56
N VAL CA 188 10.89 -27.53 -85.13
CA VAL CA 188 11.16 -27.33 -83.71
C VAL CA 188 10.04 -26.46 -83.15
N ALA CA 189 9.17 -27.10 -82.37
CA ALA CA 189 8.00 -26.48 -81.77
C ALA CA 189 7.44 -27.48 -80.78
N ALA CA 190 6.47 -27.04 -79.99
CA ALA CA 190 5.82 -27.97 -79.07
C ALA CA 190 5.13 -29.08 -79.84
N ARG CA 191 4.72 -30.12 -79.10
CA ARG CA 191 4.12 -31.29 -79.73
C ARG CA 191 2.85 -30.93 -80.50
N VAL CA 192 2.07 -29.98 -80.01
CA VAL CA 192 0.83 -29.59 -80.68
C VAL CA 192 1.11 -28.88 -82.00
N PRO CA 193 1.89 -27.81 -82.05
CA PRO CA 193 2.15 -27.19 -83.36
C PRO CA 193 2.92 -28.12 -84.26
N LYS CA 194 3.73 -29.02 -83.72
CA LYS CA 194 4.38 -29.99 -84.58
C LYS CA 194 3.36 -30.91 -85.24
N LYS CA 195 2.29 -31.27 -84.52
CA LYS CA 195 1.24 -32.08 -85.13
C LYS CA 195 0.31 -31.27 -86.01
N VAL CA 196 0.23 -29.96 -85.84
CA VAL CA 196 -0.43 -29.14 -86.85
C VAL CA 196 0.41 -29.13 -88.11
N LEU CA 197 1.71 -28.89 -87.96
CA LEU CA 197 2.55 -28.52 -89.10
C LEU CA 197 2.91 -29.73 -89.95
N GLN CA 198 3.16 -30.89 -89.33
CA GLN CA 198 3.38 -32.07 -90.14
C GLN CA 198 2.15 -32.45 -90.96
N PHE CA 199 0.97 -31.99 -90.56
CA PHE CA 199 -0.22 -32.12 -91.40
C PHE CA 199 -0.27 -31.03 -92.45
N ALA CA 200 -0.04 -29.79 -92.04
CA ALA CA 200 -0.13 -28.65 -92.94
C ALA CA 200 0.94 -28.66 -94.02
N GLY CA 201 1.93 -29.54 -93.91
CA GLY CA 201 2.88 -29.76 -94.97
C GLY CA 201 4.21 -29.06 -94.79
N ILE CA 202 4.28 -28.06 -93.92
CA ILE CA 202 5.55 -27.42 -93.62
C ILE CA 202 6.54 -28.44 -93.10
N ASP CA 203 7.77 -28.38 -93.61
CA ASP CA 203 8.78 -29.38 -93.32
C ASP CA 203 9.79 -28.90 -92.30
N ASP CA 204 10.08 -27.60 -92.28
CA ASP CA 204 11.05 -26.99 -91.37
C ASP CA 204 10.45 -25.67 -90.90
N VAL CA 205 10.67 -25.30 -89.64
CA VAL CA 205 10.22 -24.02 -89.12
C VAL CA 205 10.76 -23.81 -87.70
N PHE CA 206 10.91 -22.57 -87.28
CA PHE CA 206 11.41 -22.25 -85.95
C PHE CA 206 10.27 -21.61 -85.17
N THR CA 207 9.93 -22.16 -84.01
CA THR CA 207 8.79 -21.67 -83.24
C THR CA 207 9.25 -21.16 -81.88
N SER CA 208 8.76 -19.99 -81.51
CA SER CA 208 8.90 -19.46 -80.17
C SER CA 208 7.54 -18.98 -79.71
N SER CA 209 7.17 -19.31 -78.48
CA SER CA 209 5.80 -19.18 -78.06
C SER CA 209 5.72 -18.51 -76.70
N ARG CA 210 4.60 -17.83 -76.47
CA ARG CA 210 4.41 -17.00 -75.31
C ARG CA 210 3.02 -17.29 -74.77
N GLY CA 211 2.80 -16.95 -73.51
CA GLY CA 211 1.50 -17.15 -72.90
C GLY CA 211 1.31 -18.59 -72.49
N SER CA 212 0.17 -18.84 -71.87
CA SER CA 212 -0.09 -20.13 -71.24
C SER CA 212 -0.33 -21.18 -72.31
N THR CA 213 0.77 -21.70 -72.85
CA THR CA 213 0.66 -22.72 -73.88
C THR CA 213 0.05 -24.01 -73.37
N LYS CA 214 -0.08 -24.17 -72.05
CA LYS CA 214 -0.63 -25.42 -71.53
C LYS CA 214 -2.11 -25.57 -71.83
N THR CA 215 -2.81 -24.50 -72.18
CA THR CA 215 -4.18 -24.64 -72.65
C THR CA 215 -4.16 -25.07 -74.11
N LEU CA 216 -4.45 -26.35 -74.36
CA LEU CA 216 -4.28 -26.85 -75.71
C LEU CA 216 -5.25 -26.22 -76.67
N GLY CA 217 -6.43 -25.83 -76.20
CA GLY CA 217 -7.38 -25.18 -77.07
C GLY CA 217 -6.81 -23.93 -77.70
N ASN CA 218 -6.50 -22.93 -76.87
CA ASN CA 218 -5.94 -21.69 -77.38
C ASN CA 218 -4.61 -21.92 -78.09
N PHE CA 219 -3.84 -22.92 -77.65
CA PHE CA 219 -2.53 -23.14 -78.25
C PHE CA 219 -2.62 -23.65 -79.68
N VAL CA 220 -3.50 -24.63 -79.94
CA VAL CA 220 -3.66 -25.09 -81.31
C VAL CA 220 -4.44 -24.08 -82.14
N LYS CA 221 -5.39 -23.35 -81.55
CA LYS CA 221 -6.07 -22.32 -82.32
C LYS CA 221 -5.13 -21.17 -82.66
N ALA CA 222 -4.12 -20.92 -81.83
CA ALA CA 222 -3.14 -19.90 -82.16
C ALA CA 222 -2.20 -20.36 -83.26
N THR CA 223 -1.75 -21.61 -83.21
CA THR CA 223 -0.94 -22.12 -84.31
C THR CA 223 -1.71 -22.06 -85.63
N PHE CA 224 -2.99 -22.44 -85.59
CA PHE CA 224 -3.80 -22.36 -86.79
C PHE CA 224 -4.04 -20.92 -87.23
N ASP CA 225 -4.20 -19.98 -86.30
CA ASP CA 225 -4.27 -18.58 -86.68
C ASP CA 225 -2.99 -18.15 -87.36
N CYS CA 226 -1.86 -18.58 -86.85
CA CYS CA 226 -0.58 -18.19 -87.45
C CYS CA 226 -0.47 -18.73 -88.86
N LEU CA 227 -0.97 -19.95 -89.10
CA LEU CA 227 -0.92 -20.51 -90.44
C LEU CA 227 -1.94 -19.91 -91.40
N MET CA 228 -3.14 -19.56 -90.95
CA MET CA 228 -4.14 -19.14 -91.94
C MET CA 228 -3.75 -17.82 -92.57
N LYS CA 229 -3.07 -16.95 -91.84
CA LYS CA 229 -2.77 -15.61 -92.29
C LYS CA 229 -1.41 -15.52 -92.97
N THR CA 230 -0.90 -16.64 -93.47
CA THR CA 230 0.35 -16.58 -94.21
C THR CA 230 0.16 -16.02 -95.61
N TYR CA 231 -1.03 -16.20 -96.20
CA TYR CA 231 -1.45 -15.42 -97.35
C TYR CA 231 -2.08 -14.11 -96.96
N GLY CA 232 -1.77 -13.59 -95.78
CA GLY CA 232 -2.18 -12.24 -95.46
C GLY CA 232 -1.06 -11.25 -95.64
N PHE CA 233 0.10 -11.72 -96.05
CA PHE CA 233 1.35 -10.98 -95.94
C PHE CA 233 1.71 -10.43 -97.31
N LEU CA 234 1.73 -9.11 -97.44
CA LEU CA 234 1.94 -8.47 -98.74
C LEU CA 234 3.43 -8.35 -99.02
N THR CA 235 3.89 -9.14 -99.87
CA THR CA 235 5.26 -9.40 -100.25
C THR CA 235 5.56 -8.74 -101.60
N PRO CA 236 6.81 -8.34 -101.87
CA PRO CA 236 7.15 -7.78 -103.19
C PRO CA 236 6.72 -8.66 -104.36
N ASP CA 237 6.62 -9.96 -104.16
CA ASP CA 237 6.33 -10.86 -105.25
C ASP CA 237 4.86 -10.85 -105.66
N PHE CA 238 3.95 -10.52 -104.73
CA PHE CA 238 2.55 -10.32 -105.06
C PHE CA 238 2.27 -8.99 -105.68
N TRP CA 239 3.26 -8.13 -105.87
CA TRP CA 239 2.97 -6.74 -106.23
C TRP CA 239 2.31 -6.62 -107.59
N ARG CA 240 2.58 -7.56 -108.50
CA ARG CA 240 2.02 -7.50 -109.85
C ARG CA 240 0.51 -7.51 -109.78
N GLU CA 241 -0.10 -6.45 -110.30
CA GLU CA 241 -1.54 -6.28 -110.17
C GLU CA 241 -2.28 -7.47 -110.78
N THR CA 242 -3.35 -7.89 -110.12
CA THR CA 242 -4.01 -9.15 -110.44
C THR CA 242 -5.17 -8.93 -111.39
N THR CA 243 -5.12 -9.58 -112.54
CA THR CA 243 -6.26 -9.61 -113.44
C THR CA 243 -7.31 -10.54 -112.85
N PHE CA 244 -8.54 -10.06 -112.72
CA PHE CA 244 -9.55 -10.80 -111.99
C PHE CA 244 -10.03 -12.00 -112.80
N THR CA 245 -10.83 -12.82 -112.12
CA THR CA 245 -11.48 -13.97 -112.73
C THR CA 245 -12.94 -13.96 -112.30
N LYS CA 246 -13.83 -14.39 -113.20
CA LYS CA 246 -15.24 -14.50 -112.85
C LYS CA 246 -15.43 -15.42 -111.67
N ALA CA 247 -16.25 -15.00 -110.71
CA ALA CA 247 -16.55 -15.81 -109.55
C ALA CA 247 -17.24 -17.10 -110.00
N PRO CA 248 -17.31 -18.11 -109.14
CA PRO CA 248 -18.13 -19.29 -109.50
C PRO CA 248 -19.59 -18.96 -109.76
N TYR CA 249 -20.18 -18.08 -108.95
CA TYR CA 249 -21.58 -17.68 -109.09
C TYR CA 249 -21.84 -16.90 -110.35
N GLN CA 250 -20.85 -16.20 -110.87
CA GLN CA 250 -21.06 -15.45 -112.10
C GLN CA 250 -20.63 -16.22 -113.32
N GLU CA 251 -19.64 -17.10 -113.18
CA GLU CA 251 -19.22 -17.91 -114.32
C GLU CA 251 -20.26 -18.97 -114.65
N PHE CA 252 -20.65 -19.77 -113.68
CA PHE CA 252 -21.55 -20.87 -114.00
C PHE CA 252 -22.99 -20.50 -113.67
N THR CA 253 -23.47 -19.39 -114.22
CA THR CA 253 -24.78 -18.89 -113.84
C THR CA 253 -25.92 -19.67 -114.49
N ASP CA 254 -25.73 -20.15 -115.71
CA ASP CA 254 -26.84 -20.75 -116.44
C ASP CA 254 -27.38 -21.97 -115.72
N ILE CA 255 -26.51 -22.70 -115.01
CA ILE CA 255 -26.95 -23.90 -114.32
C ILE CA 255 -27.82 -23.60 -113.12
N LEU CA 256 -28.01 -22.33 -112.80
CA LEU CA 256 -28.78 -21.96 -111.63
C LEU CA 256 -30.22 -21.66 -112.04
N MET DA 1 92.55 -29.86 -18.18
CA MET DA 1 92.91 -30.97 -17.31
C MET DA 1 93.97 -31.83 -17.99
N LYS DA 2 93.56 -32.51 -19.06
CA LYS DA 2 94.45 -33.41 -19.78
C LYS DA 2 95.26 -32.63 -20.81
N LEU DA 3 96.57 -32.80 -20.75
CA LEU DA 3 97.51 -32.02 -21.56
C LEU DA 3 97.83 -32.73 -22.87
N ASN DA 4 97.72 -31.99 -23.97
CA ASN DA 4 98.36 -32.38 -25.21
C ASN DA 4 99.71 -31.70 -25.37
N ILE DA 5 100.75 -32.51 -25.54
CA ILE DA 5 102.12 -32.07 -25.74
C ILE DA 5 102.52 -32.40 -27.17
N ALA DA 6 103.02 -31.40 -27.89
CA ALA DA 6 103.54 -31.62 -29.23
C ALA DA 6 104.69 -30.66 -29.44
N ASN DA 7 105.65 -31.08 -30.25
CA ASN DA 7 106.77 -30.21 -30.56
C ASN DA 7 106.87 -30.05 -32.08
N PRO DA 8 107.08 -28.83 -32.57
CA PRO DA 8 107.35 -28.66 -33.99
C PRO DA 8 108.79 -28.97 -34.38
N THR DA 9 109.72 -28.91 -33.42
CA THR DA 9 111.13 -29.09 -33.74
C THR DA 9 111.43 -30.51 -34.18
N THR DA 10 110.89 -31.50 -33.48
CA THR DA 10 111.03 -32.89 -33.89
C THR DA 10 109.88 -33.32 -34.78
N GLY DA 11 108.66 -33.00 -34.37
CA GLY DA 11 107.47 -33.37 -35.09
C GLY DA 11 106.60 -34.36 -34.37
N CYS DA 12 106.77 -34.52 -33.06
CA CYS DA 12 106.18 -35.61 -32.30
C CYS DA 12 105.19 -35.08 -31.28
N GLN DA 13 104.17 -35.89 -30.99
CA GLN DA 13 103.08 -35.47 -30.13
C GLN DA 13 102.50 -36.65 -29.39
N LYS DA 14 101.89 -36.35 -28.25
CA LYS DA 14 101.49 -37.32 -27.23
C LYS DA 14 100.67 -36.59 -26.17
N LYS DA 15 100.02 -37.37 -25.32
CA LYS DA 15 99.07 -36.80 -24.36
C LYS DA 15 99.22 -37.42 -22.98
N VAL DA 16 99.12 -36.59 -21.94
CA VAL DA 16 99.22 -37.03 -20.56
C VAL DA 16 98.11 -36.36 -19.75
N GLU DA 17 98.01 -36.72 -18.47
CA GLU DA 17 96.95 -36.25 -17.60
C GLU DA 17 97.54 -35.82 -16.26
N ILE DA 18 97.10 -34.66 -15.76
CA ILE DA 18 97.57 -34.15 -14.48
C ILE DA 18 96.37 -33.80 -13.61
N ASP DA 19 96.58 -33.81 -12.28
CA ASP DA 19 95.49 -33.56 -11.34
C ASP DA 19 95.91 -32.79 -10.10
N ASP DA 20 96.95 -31.96 -10.18
CA ASP DA 20 97.54 -31.33 -9.00
C ASP DA 20 97.27 -29.83 -9.01
N ASP DA 21 96.57 -29.36 -7.97
CA ASP DA 21 96.25 -27.93 -7.84
C ASP DA 21 97.52 -27.09 -7.88
N MET DA 22 98.41 -27.29 -6.91
CA MET DA 22 99.64 -26.51 -6.88
C MET DA 22 100.49 -26.72 -8.13
N LYS DA 23 100.18 -27.72 -8.95
CA LYS DA 23 100.82 -27.84 -10.25
C LYS DA 23 100.16 -26.95 -11.30
N LEU DA 24 98.87 -26.65 -11.16
CA LEU DA 24 98.11 -25.98 -12.23
C LEU DA 24 97.45 -24.67 -11.82
N ARG DA 25 97.73 -24.16 -10.62
CA ARG DA 25 97.34 -22.78 -10.29
C ARG DA 25 97.97 -21.82 -11.27
N ASN DA 26 99.17 -22.14 -11.74
CA ASN DA 26 99.85 -21.38 -12.79
C ASN DA 26 99.32 -21.72 -14.18
N LEU DA 27 98.66 -22.87 -14.33
CA LEU DA 27 98.07 -23.21 -15.62
C LEU DA 27 96.81 -22.41 -15.86
N TYR DA 28 96.01 -22.21 -14.80
CA TYR DA 28 94.78 -21.43 -14.90
C TYR DA 28 95.07 -19.96 -15.18
N ASP DA 29 93.99 -19.24 -15.50
CA ASP DA 29 93.99 -17.77 -15.64
C ASP DA 29 94.92 -17.29 -16.75
N LYS DA 30 95.17 -18.12 -17.75
CA LYS DA 30 96.03 -17.74 -18.86
C LYS DA 30 95.30 -17.95 -20.17
N ARG DA 31 95.69 -17.16 -21.16
CA ARG DA 31 94.97 -17.08 -22.41
C ARG DA 31 95.65 -17.94 -23.46
N ILE DA 32 95.02 -18.00 -24.64
CA ILE DA 32 95.66 -18.59 -25.80
C ILE DA 32 96.92 -17.79 -26.13
N SER DA 33 97.94 -18.50 -26.62
CA SER DA 33 99.20 -17.93 -27.09
C SER DA 33 100.04 -17.36 -25.96
N GLN DA 34 99.92 -17.85 -24.72
CA GLN DA 34 100.82 -17.45 -23.65
C GLN DA 34 101.76 -18.59 -23.30
N GLU DA 35 103.06 -18.27 -23.28
CA GLU DA 35 104.09 -19.20 -22.85
C GLU DA 35 103.92 -19.57 -21.38
N VAL DA 36 104.22 -20.83 -21.07
CA VAL DA 36 104.32 -21.32 -19.70
C VAL DA 36 105.60 -22.14 -19.58
N VAL DA 37 106.32 -21.96 -18.48
CA VAL DA 37 107.55 -22.69 -18.22
C VAL DA 37 107.24 -23.99 -17.50
N GLY DA 38 107.83 -25.08 -17.98
CA GLY DA 38 107.56 -26.42 -17.48
C GLY DA 38 108.21 -26.75 -16.16
N ASP DA 39 109.05 -25.86 -15.64
CA ASP DA 39 109.57 -25.96 -14.28
C ASP DA 39 108.54 -26.52 -13.30
N LEU DA 40 107.43 -25.79 -13.18
CA LEU DA 40 106.39 -26.09 -12.21
C LEU DA 40 105.30 -27.01 -12.75
N LEU DA 41 105.28 -27.30 -14.06
CA LEU DA 41 104.29 -28.22 -14.58
C LEU DA 41 104.58 -29.67 -14.21
N GLY DA 42 105.76 -29.93 -13.65
CA GLY DA 42 106.20 -31.26 -13.28
C GLY DA 42 107.71 -31.27 -13.31
N GLU DA 43 108.35 -31.97 -12.37
CA GLU DA 43 109.77 -31.77 -12.19
C GLU DA 43 110.57 -32.17 -13.42
N GLU DA 44 109.98 -32.93 -14.34
CA GLU DA 44 110.64 -33.39 -15.56
C GLU DA 44 110.16 -32.63 -16.79
N PHE DA 45 109.91 -31.33 -16.64
CA PHE DA 45 109.67 -30.46 -17.77
C PHE DA 45 110.53 -29.20 -17.66
N GLU DA 46 111.58 -29.25 -16.86
CA GLU DA 46 112.41 -28.07 -16.62
C GLU DA 46 113.03 -27.58 -17.92
N GLY DA 47 113.13 -26.27 -18.07
CA GLY DA 47 113.65 -25.70 -19.29
C GLY DA 47 112.63 -25.70 -20.41
N TYR DA 48 111.88 -26.81 -20.54
CA TYR DA 48 110.79 -26.86 -21.51
C TYR DA 48 109.83 -25.70 -21.32
N ILE DA 49 109.58 -24.97 -22.40
CA ILE DA 49 108.65 -23.86 -22.42
C ILE DA 49 107.40 -24.36 -23.14
N PHE DA 50 106.31 -24.44 -22.41
CA PHE DA 50 105.05 -24.85 -23.01
C PHE DA 50 104.24 -23.62 -23.38
N LYS DA 51 103.51 -23.73 -24.48
CA LYS DA 51 102.69 -22.66 -25.02
C LYS DA 51 101.24 -23.12 -24.99
N ILE DA 52 100.44 -22.47 -24.13
CA ILE DA 52 99.01 -22.69 -24.03
C ILE DA 52 98.37 -22.18 -25.31
N MET DA 53 97.96 -23.08 -26.20
CA MET DA 53 97.37 -22.63 -27.45
C MET DA 53 96.42 -23.71 -27.93
N GLY DA 54 95.14 -23.34 -28.06
CA GLY DA 54 94.08 -24.31 -28.21
C GLY DA 54 93.41 -24.62 -26.90
N GLY DA 55 92.67 -25.72 -26.92
CA GLY DA 55 92.04 -26.21 -25.70
C GLY DA 55 90.54 -26.29 -25.79
N CYS DA 56 89.99 -27.48 -25.68
CA CYS DA 56 88.54 -27.65 -25.65
C CYS DA 56 88.16 -28.34 -24.35
N ASP DA 57 86.86 -28.52 -24.15
CA ASP DA 57 86.44 -29.03 -22.85
C ASP DA 57 85.53 -30.25 -22.95
N LYS DA 58 85.01 -30.67 -21.81
CA LYS DA 58 83.90 -31.59 -21.83
C LYS DA 58 82.67 -30.89 -22.39
N GLN DA 59 81.76 -31.69 -22.92
CA GLN DA 59 80.78 -31.26 -23.92
C GLN DA 59 81.44 -30.79 -25.22
N GLY DA 60 82.76 -30.92 -25.34
CA GLY DA 60 83.42 -30.79 -26.62
C GLY DA 60 83.38 -29.43 -27.28
N PHE DA 61 83.07 -28.37 -26.54
CA PHE DA 61 83.03 -27.05 -27.15
C PHE DA 61 84.34 -26.30 -26.92
N PRO DA 62 85.04 -25.92 -27.98
CA PRO DA 62 86.40 -25.39 -27.84
C PRO DA 62 86.46 -24.02 -27.19
N MET DA 63 87.68 -23.65 -26.83
CA MET DA 63 88.04 -22.27 -26.51
C MET DA 63 88.35 -21.53 -27.80
N LYS DA 64 87.94 -20.27 -27.86
CA LYS DA 64 88.22 -19.41 -28.98
C LYS DA 64 89.10 -18.26 -28.53
N GLN DA 65 90.06 -17.89 -29.38
CA GLN DA 65 90.78 -16.64 -29.16
C GLN DA 65 89.85 -15.45 -29.13
N GLY DA 66 90.13 -14.53 -28.22
CA GLY DA 66 89.52 -13.23 -28.23
C GLY DA 66 88.30 -13.09 -27.34
N VAL DA 67 87.67 -14.20 -26.97
CA VAL DA 67 86.51 -14.18 -26.09
C VAL DA 67 87.01 -14.51 -24.69
N LEU DA 68 87.02 -13.52 -23.80
CA LEU DA 68 87.64 -13.68 -22.50
C LEU DA 68 86.57 -13.70 -21.40
N THR DA 69 86.03 -14.89 -21.17
CA THR DA 69 85.10 -15.16 -20.07
C THR DA 69 84.96 -16.66 -19.90
N PRO DA 70 85.18 -17.19 -18.74
CA PRO DA 70 85.15 -18.66 -18.58
C PRO DA 70 83.75 -19.21 -18.70
N GLY DA 71 82.99 -18.77 -19.69
CA GLY DA 71 81.66 -19.27 -19.94
C GLY DA 71 81.65 -20.07 -21.23
N ARG DA 72 80.45 -20.51 -21.61
CA ARG DA 72 80.26 -21.14 -22.90
C ARG DA 72 79.28 -20.26 -23.66
N VAL DA 73 79.82 -19.27 -24.31
CA VAL DA 73 79.06 -18.23 -24.97
C VAL DA 73 78.83 -18.62 -26.42
N ARG DA 74 77.71 -18.19 -26.96
CA ARG DA 74 77.35 -18.50 -28.34
C ARG DA 74 77.77 -17.36 -29.25
N LEU DA 75 78.50 -17.70 -30.31
CA LEU DA 75 79.03 -16.73 -31.25
C LEU DA 75 78.58 -17.04 -32.66
N LEU DA 76 78.44 -16.00 -33.48
CA LEU DA 76 78.09 -16.15 -34.89
C LEU DA 76 79.37 -16.10 -35.70
N LEU DA 77 79.75 -17.22 -36.27
CA LEU DA 77 81.04 -17.36 -36.94
C LEU DA 77 80.87 -17.36 -38.45
N HIS DA 78 82.00 -17.55 -39.12
CA HIS DA 78 82.05 -17.70 -40.57
C HIS DA 78 82.72 -19.02 -40.89
N ARG DA 79 82.21 -19.72 -41.89
CA ARG DA 79 82.73 -21.05 -42.21
C ARG DA 79 84.20 -20.97 -42.56
N GLY DA 80 84.96 -21.99 -42.16
CA GLY DA 80 86.37 -22.08 -42.44
C GLY DA 80 87.25 -21.43 -41.39
N THR DA 81 86.69 -20.51 -40.60
CA THR DA 81 87.43 -19.71 -39.65
C THR DA 81 87.53 -20.41 -38.30
N SER DA 82 88.19 -19.74 -37.35
CA SER DA 82 88.49 -20.36 -36.06
C SER DA 82 87.21 -20.83 -35.38
N CYS DA 83 87.19 -22.11 -35.01
CA CYS DA 83 86.06 -22.73 -34.32
C CYS DA 83 84.78 -22.66 -35.15
N PHE DA 84 84.92 -22.67 -36.47
CA PHE DA 84 83.79 -22.97 -37.35
C PHE DA 84 84.37 -23.39 -38.71
N ARG DA 85 84.38 -24.69 -38.98
CA ARG DA 85 84.70 -25.18 -40.32
C ARG DA 85 83.62 -26.15 -40.82
N GLY DA 86 82.37 -25.74 -40.71
CA GLY DA 86 81.30 -26.50 -41.31
C GLY DA 86 81.49 -26.70 -42.80
N HIS DA 87 81.40 -27.93 -43.25
CA HIS DA 87 81.53 -28.26 -44.67
C HIS DA 87 80.16 -28.40 -45.30
N GLY DA 88 80.11 -28.22 -46.62
CA GLY DA 88 78.86 -28.33 -47.34
C GLY DA 88 77.87 -27.32 -46.84
N ARG DA 89 78.32 -26.07 -46.72
CA ARG DA 89 77.54 -25.03 -46.06
C ARG DA 89 77.38 -23.78 -46.93
N ARG DA 90 77.49 -23.92 -48.26
CA ARG DA 90 76.98 -22.87 -49.12
C ARG DA 90 77.57 -21.50 -48.82
N VAL DA 91 78.82 -21.27 -49.22
CA VAL DA 91 79.69 -20.19 -48.77
C VAL DA 91 78.92 -18.91 -48.56
N GLY DA 92 79.23 -18.21 -47.47
CA GLY DA 92 78.50 -17.05 -47.04
C GLY DA 92 77.54 -17.33 -45.92
N GLU DA 93 77.37 -18.59 -45.56
CA GLU DA 93 76.56 -18.96 -44.41
C GLU DA 93 77.28 -18.62 -43.11
N ARG DA 94 76.50 -18.32 -42.09
CA ARG DA 94 76.99 -18.07 -40.76
C ARG DA 94 76.18 -18.91 -39.79
N ARG DA 95 76.82 -19.44 -38.76
CA ARG DA 95 76.13 -20.16 -37.72
C ARG DA 95 76.50 -19.64 -36.35
N ARG DA 96 75.58 -19.78 -35.41
CA ARG DA 96 75.78 -19.35 -34.04
C ARG DA 96 76.13 -20.60 -33.24
N LYS DA 97 77.43 -20.83 -33.08
CA LYS DA 97 77.99 -21.99 -32.41
C LYS DA 97 78.18 -21.67 -30.93
N SER DA 98 78.55 -22.69 -30.17
CA SER DA 98 78.88 -22.54 -28.76
C SER DA 98 80.39 -22.67 -28.59
N VAL DA 99 81.00 -21.73 -27.86
CA VAL DA 99 82.44 -21.75 -27.67
C VAL DA 99 82.74 -21.45 -26.20
N ARG DA 100 83.94 -21.83 -25.77
CA ARG DA 100 84.46 -21.43 -24.48
C ARG DA 100 85.22 -20.12 -24.59
N GLY DA 101 85.46 -19.49 -23.44
CA GLY DA 101 86.25 -18.28 -23.40
C GLY DA 101 87.71 -18.57 -23.67
N CYS DA 102 88.51 -17.51 -23.69
CA CYS DA 102 89.91 -17.68 -24.03
C CYS DA 102 90.84 -17.71 -22.83
N ILE DA 103 90.37 -17.42 -21.62
CA ILE DA 103 91.22 -17.54 -20.45
C ILE DA 103 90.92 -18.89 -19.82
N VAL DA 104 91.93 -19.74 -19.74
CA VAL DA 104 91.77 -21.09 -19.23
C VAL DA 104 91.26 -21.05 -17.80
N SER DA 105 90.38 -21.98 -17.47
CA SER DA 105 89.79 -22.01 -16.15
C SER DA 105 89.44 -23.45 -15.81
N GLN DA 106 88.60 -23.61 -14.80
CA GLN DA 106 88.46 -24.88 -14.10
C GLN DA 106 87.76 -25.93 -14.94
N ASP DA 107 86.72 -25.55 -15.67
CA ASP DA 107 85.77 -26.52 -16.19
C ASP DA 107 86.18 -27.15 -17.51
N LEU DA 108 87.35 -26.83 -18.04
CA LEU DA 108 87.77 -27.46 -19.27
C LEU DA 108 87.96 -28.96 -19.10
N SER DA 109 88.26 -29.61 -20.21
CA SER DA 109 88.80 -30.95 -20.20
C SER DA 109 90.23 -30.96 -20.71
N VAL DA 110 90.46 -30.67 -21.98
CA VAL DA 110 91.75 -30.96 -22.58
C VAL DA 110 92.38 -29.67 -23.07
N ILE DA 111 93.61 -29.42 -22.64
CA ILE DA 111 94.33 -28.20 -22.93
C ILE DA 111 95.51 -28.54 -23.80
N ASN DA 112 95.64 -27.85 -24.93
CA ASN DA 112 96.69 -28.10 -25.89
C ASN DA 112 97.82 -27.10 -25.69
N LEU DA 113 99.06 -27.60 -25.59
CA LEU DA 113 100.23 -26.75 -25.50
C LEU DA 113 101.30 -27.32 -26.41
N VAL DA 114 102.13 -26.43 -26.95
CA VAL DA 114 103.24 -26.85 -27.81
C VAL DA 114 104.56 -26.49 -27.15
N ILE DA 115 105.64 -27.06 -27.68
CA ILE DA 115 106.96 -26.91 -27.08
C ILE DA 115 107.72 -25.83 -27.84
N VAL DA 116 108.18 -24.81 -27.11
CA VAL DA 116 108.99 -23.75 -27.71
C VAL DA 116 110.47 -24.04 -27.54
N LYS DA 117 110.90 -24.37 -26.32
CA LYS DA 117 112.31 -24.56 -26.03
C LYS DA 117 112.55 -25.91 -25.37
N LYS DA 118 113.45 -26.68 -25.95
CA LYS DA 118 113.94 -27.92 -25.35
C LYS DA 118 115.23 -27.64 -24.60
N GLY DA 119 115.22 -27.87 -23.29
CA GLY DA 119 116.41 -27.67 -22.48
C GLY DA 119 117.50 -28.67 -22.81
N THR DA 185 110.95 -22.61 -68.53
CA THR DA 185 110.74 -23.86 -69.26
C THR DA 185 110.45 -23.53 -70.73
N PRO DA 186 110.74 -24.49 -71.63
CA PRO DA 186 110.57 -24.19 -73.06
C PRO DA 186 109.16 -23.80 -73.47
N LEU DA 187 108.13 -24.37 -72.85
CA LEU DA 187 106.77 -23.97 -73.21
C LEU DA 187 106.47 -22.54 -72.80
N THR DA 188 106.87 -22.14 -71.59
CA THR DA 188 106.74 -20.73 -71.21
C THR DA 188 107.53 -19.85 -72.16
N LEU DA 189 108.73 -20.30 -72.53
CA LEU DA 189 109.52 -19.52 -73.48
C LEU DA 189 108.75 -19.31 -74.78
N GLN DA 190 108.01 -20.34 -75.21
CA GLN DA 190 107.11 -20.19 -76.36
C GLN DA 190 106.03 -19.16 -76.09
N ARG DA 191 105.39 -19.26 -74.93
CA ARG DA 191 104.15 -18.51 -74.68
C ARG DA 191 104.41 -17.02 -74.51
N LYS DA 192 105.52 -16.66 -73.85
CA LYS DA 192 105.83 -15.24 -73.68
C LYS DA 192 105.89 -14.54 -75.03
N ARG DA 193 106.67 -15.08 -75.95
CA ARG DA 193 106.80 -14.40 -77.23
C ARG DA 193 105.60 -14.64 -78.13
N ALA DA 194 104.82 -15.70 -77.93
CA ALA DA 194 103.56 -15.78 -78.64
C ALA DA 194 102.66 -14.62 -78.27
N ARG DA 195 102.58 -14.32 -76.97
CA ARG DA 195 101.86 -13.13 -76.52
C ARG DA 195 102.42 -11.88 -77.16
N ILE DA 196 103.76 -11.72 -77.14
CA ILE DA 196 104.32 -10.51 -77.72
C ILE DA 196 103.95 -10.41 -79.19
N ALA DA 197 103.95 -11.54 -79.88
CA ALA DA 197 103.66 -11.55 -81.30
C ALA DA 197 102.25 -11.06 -81.58
N ASP DA 198 101.26 -11.62 -80.89
CA ASP DA 198 99.91 -11.21 -81.26
C ASP DA 198 99.55 -9.84 -80.70
N LYS DA 199 100.13 -9.43 -79.58
CA LYS DA 199 99.91 -8.05 -79.15
C LYS DA 199 100.53 -7.06 -80.11
N LYS DA 200 101.66 -7.40 -80.75
CA LYS DA 200 102.21 -6.44 -81.69
C LYS DA 200 101.50 -6.49 -83.05
N LYS DA 201 101.02 -7.65 -83.47
CA LYS DA 201 100.24 -7.63 -84.70
C LYS DA 201 98.94 -6.86 -84.49
N ARG DA 202 98.44 -6.81 -83.25
CA ARG DA 202 97.26 -5.99 -83.00
C ARG DA 202 97.52 -4.55 -83.41
N ILE DA 203 98.68 -4.01 -83.02
CA ILE DA 203 98.93 -2.60 -83.27
C ILE DA 203 99.28 -2.38 -84.73
N ALA DA 204 99.93 -3.36 -85.36
CA ALA DA 204 100.17 -3.26 -86.80
C ALA DA 204 98.85 -3.24 -87.56
N LYS DA 205 97.92 -4.11 -87.16
CA LYS DA 205 96.58 -4.11 -87.73
C LYS DA 205 95.88 -2.76 -87.52
N LYS DA 206 96.08 -2.15 -86.36
CA LYS DA 206 95.63 -0.77 -86.19
C LYS DA 206 96.23 0.15 -87.25
N LYS DA 207 97.56 0.33 -87.22
CA LYS DA 207 98.22 1.24 -88.14
C LYS DA 207 97.97 0.91 -89.60
N SER DA 208 97.33 -0.21 -89.90
CA SER DA 208 96.77 -0.37 -91.23
C SER DA 208 95.35 0.19 -91.30
N GLU DA 209 94.46 -0.33 -90.45
CA GLU DA 209 93.03 -0.23 -90.67
C GLU DA 209 92.44 1.06 -90.15
N ALA DA 210 93.20 1.81 -89.37
CA ALA DA 210 92.80 3.17 -89.01
C ALA DA 210 93.11 4.15 -90.13
N ALA DA 211 94.33 4.11 -90.67
CA ALA DA 211 94.68 5.03 -91.74
C ALA DA 211 93.92 4.71 -93.03
N GLU DA 212 93.60 3.43 -93.24
CA GLU DA 212 92.76 3.05 -94.37
C GLU DA 212 91.49 3.90 -94.40
N TYR DA 213 90.92 4.14 -93.22
CA TYR DA 213 89.75 5.00 -93.06
C TYR DA 213 90.12 6.47 -92.99
N GLN DA 214 91.32 6.79 -92.50
CA GLN DA 214 91.70 8.19 -92.32
C GLN DA 214 91.80 8.89 -93.66
N LYS DA 215 92.34 8.20 -94.67
CA LYS DA 215 92.64 8.89 -95.93
C LYS DA 215 91.40 9.42 -96.62
N LEU DA 216 90.22 8.89 -96.33
CA LEU DA 216 89.01 9.23 -97.07
C LEU DA 216 88.61 10.69 -96.84
N PHE EA 19 29.32 40.11 -128.77
CA PHE EA 19 28.00 40.05 -128.16
C PHE EA 19 28.06 40.75 -126.81
N GLU EA 20 29.11 40.49 -126.05
CA GLU EA 20 29.34 41.31 -124.87
C GLU EA 20 29.51 42.77 -125.26
N ASP EA 21 30.05 43.02 -126.45
CA ASP EA 21 30.22 44.39 -126.90
C ASP EA 21 28.88 45.02 -127.25
N THR EA 22 27.96 44.27 -127.85
CA THR EA 22 26.68 44.89 -128.16
C THR EA 22 25.82 45.05 -126.91
N VAL EA 23 25.90 44.11 -125.97
CA VAL EA 23 25.14 44.29 -124.74
C VAL EA 23 25.71 45.43 -123.91
N ALA EA 24 27.00 45.75 -124.12
CA ALA EA 24 27.55 46.97 -123.52
C ALA EA 24 27.09 48.21 -124.26
N GLN EA 25 27.06 48.17 -125.59
CA GLN EA 25 26.70 49.33 -126.39
C GLN EA 25 25.25 49.74 -126.18
N ALA EA 26 24.35 48.77 -126.14
CA ALA EA 26 22.94 49.07 -125.91
C ALA EA 26 22.72 49.63 -124.52
N PHE EA 27 23.71 49.53 -123.65
CA PHE EA 27 23.66 50.12 -122.33
C PHE EA 27 24.43 51.43 -122.24
N PHE EA 28 25.38 51.66 -123.14
CA PHE EA 28 26.20 52.86 -123.10
C PHE EA 28 25.70 53.95 -124.02
N ASP EA 29 24.77 53.64 -124.92
CA ASP EA 29 24.16 54.71 -125.71
C ASP EA 29 22.65 54.63 -125.52
N LEU EA 30 22.18 55.21 -124.43
CA LEU EA 30 20.80 55.65 -124.28
C LEU EA 30 20.67 56.97 -123.55
N GLU EA 31 21.69 57.37 -122.78
CA GLU EA 31 21.61 58.60 -122.01
C GLU EA 31 21.40 59.82 -122.89
N ASN EA 32 21.76 59.74 -124.17
CA ASN EA 32 21.36 60.77 -125.12
C ASN EA 32 19.84 60.73 -125.28
N GLY EA 33 19.20 61.87 -125.07
CA GLY EA 33 17.76 61.78 -124.98
C GLY EA 33 17.36 61.02 -123.72
N ASN EA 34 16.15 60.49 -123.74
CA ASN EA 34 15.58 59.74 -122.61
C ASN EA 34 15.81 60.50 -121.31
N GLN EA 35 15.23 61.71 -121.25
CA GLN EA 35 15.40 62.59 -120.11
C GLN EA 35 14.95 61.91 -118.82
N GLU EA 36 13.74 61.36 -118.83
CA GLU EA 36 13.20 60.69 -117.66
C GLU EA 36 14.03 59.47 -117.26
N LEU EA 37 14.74 58.89 -118.22
CA LEU EA 37 15.53 57.68 -118.02
C LEU EA 37 17.00 57.98 -117.73
N LYS EA 38 17.40 59.25 -117.77
CA LYS EA 38 18.76 59.64 -117.43
C LYS EA 38 19.01 59.46 -115.94
N SER EA 39 20.21 59.82 -115.51
CA SER EA 39 20.59 59.92 -114.11
C SER EA 39 20.44 58.58 -113.38
N ASP EA 40 20.15 57.51 -114.10
CA ASP EA 40 20.01 56.19 -113.50
C ASP EA 40 21.08 55.22 -114.01
N LEU EA 41 21.15 55.04 -115.33
CA LEU EA 41 22.02 54.05 -115.94
C LEU EA 41 23.40 54.60 -116.21
N LYS EA 42 23.62 55.87 -115.85
CA LYS EA 42 24.84 56.59 -116.20
C LYS EA 42 26.09 55.91 -115.65
N ASP EA 43 25.95 55.14 -114.58
CA ASP EA 43 27.08 54.71 -113.77
C ASP EA 43 26.96 53.26 -113.26
N LEU EA 44 26.20 52.41 -113.94
CA LEU EA 44 25.98 51.04 -113.50
C LEU EA 44 26.56 50.10 -114.53
N TYR EA 45 27.64 49.40 -114.20
CA TYR EA 45 28.21 48.48 -115.16
C TYR EA 45 27.83 47.05 -114.80
N ILE EA 46 27.50 46.27 -115.82
CA ILE EA 46 26.98 44.93 -115.70
C ILE EA 46 28.01 43.96 -116.23
N ASN EA 47 28.32 42.92 -115.46
CA ASN EA 47 29.49 42.11 -115.75
C ASN EA 47 29.34 41.38 -117.07
N THR EA 48 28.43 40.43 -117.13
CA THR EA 48 28.39 39.46 -118.20
C THR EA 48 26.99 39.40 -118.80
N ALA EA 49 26.93 39.04 -120.07
CA ALA EA 49 25.70 38.74 -120.76
C ALA EA 49 25.92 37.48 -121.57
N ILE EA 50 24.99 36.54 -121.44
CA ILE EA 50 25.04 35.32 -122.23
C ILE EA 50 23.74 35.18 -123.01
N GLN EA 51 23.85 35.05 -124.33
CA GLN EA 51 22.71 34.60 -125.11
C GLN EA 51 22.44 33.13 -124.81
N MET EA 52 21.17 32.83 -124.58
CA MET EA 52 20.75 31.56 -124.04
C MET EA 52 19.70 31.01 -124.99
N ASP EA 53 19.82 29.74 -125.37
CA ASP EA 53 18.88 29.14 -126.29
C ASP EA 53 17.80 28.46 -125.45
N VAL EA 54 16.63 29.08 -125.42
CA VAL EA 54 15.47 28.49 -124.76
C VAL EA 54 14.95 27.34 -125.62
N VAL EA 55 14.21 26.43 -124.99
CA VAL EA 55 13.72 25.25 -125.68
C VAL EA 55 12.84 25.68 -126.84
N GLY EA 56 13.12 25.13 -128.03
CA GLY EA 56 12.39 25.45 -129.24
C GLY EA 56 13.16 26.21 -130.30
N ASN EA 57 14.47 26.40 -130.11
CA ASN EA 57 15.35 27.21 -130.95
C ASN EA 57 15.10 28.70 -130.72
N ARG EA 58 14.11 29.02 -129.91
CA ARG EA 58 13.91 30.39 -129.46
C ARG EA 58 14.98 30.73 -128.41
N LYS EA 59 15.08 32.00 -128.05
CA LYS EA 59 16.22 32.45 -127.27
C LYS EA 59 15.90 33.63 -126.38
N ALA EA 60 16.76 33.81 -125.37
CA ALA EA 60 16.76 34.94 -124.43
C ALA EA 60 18.21 35.27 -124.12
N VAL EA 61 18.43 36.07 -123.09
CA VAL EA 61 19.79 36.29 -122.57
C VAL EA 61 19.74 36.29 -121.06
N VAL EA 62 20.92 36.44 -120.47
CA VAL EA 62 21.09 36.58 -119.03
C VAL EA 62 22.14 37.65 -118.76
N ILE EA 63 21.96 38.40 -117.67
CA ILE EA 63 22.86 39.49 -117.29
C ILE EA 63 23.31 39.28 -115.85
N HIS EA 64 24.58 39.56 -115.58
CA HIS EA 64 25.18 39.43 -114.26
C HIS EA 64 25.51 40.82 -113.71
N VAL EA 65 24.54 41.45 -113.06
CA VAL EA 65 24.89 42.60 -112.22
C VAL EA 65 25.74 42.10 -111.06
N PRO EA 66 26.79 42.83 -110.62
CA PRO EA 66 27.73 42.18 -109.68
C PRO EA 66 27.14 41.81 -108.32
N TYR EA 67 27.07 42.76 -107.38
CA TYR EA 67 26.12 42.71 -106.28
C TYR EA 67 25.80 44.08 -105.71
N ARG EA 68 26.75 45.02 -105.86
CA ARG EA 68 26.78 46.18 -104.97
C ARG EA 68 25.50 46.98 -105.04
N LEU EA 69 24.98 47.18 -106.24
CA LEU EA 69 23.88 48.09 -106.48
C LEU EA 69 22.75 47.40 -107.26
N ARG EA 70 22.52 46.12 -107.00
CA ARG EA 70 21.35 45.48 -107.57
C ARG EA 70 20.06 46.12 -107.05
N LYS EA 71 20.14 46.88 -105.97
CA LYS EA 71 19.00 47.69 -105.54
C LYS EA 71 18.56 48.71 -106.58
N PRO EA 72 19.45 49.49 -107.21
CA PRO EA 72 19.02 50.24 -108.41
C PRO EA 72 18.32 49.41 -109.46
N PHE EA 73 18.88 48.27 -109.85
CA PHE EA 73 18.27 47.48 -110.91
C PHE EA 73 16.85 47.06 -110.54
N ARG EA 74 16.68 46.50 -109.35
CA ARG EA 74 15.32 46.18 -108.94
C ARG EA 74 14.46 47.42 -108.73
N LYS EA 75 15.08 48.57 -108.44
CA LYS EA 75 14.32 49.80 -108.28
C LYS EA 75 13.68 50.21 -109.58
N ILE EA 76 14.37 50.03 -110.69
CA ILE EA 76 13.78 50.44 -111.96
C ILE EA 76 13.34 49.23 -112.79
N HIS EA 77 14.28 48.46 -113.34
CA HIS EA 77 14.09 47.09 -113.80
C HIS EA 77 12.81 46.84 -114.61
N VAL EA 78 12.09 47.88 -115.02
CA VAL EA 78 10.99 47.71 -115.95
C VAL EA 78 11.20 48.68 -117.08
N ARG EA 79 11.45 49.94 -116.74
CA ARG EA 79 11.72 50.97 -117.73
C ARG EA 79 12.97 50.67 -118.55
N LEU EA 80 13.81 49.75 -118.11
CA LEU EA 80 14.92 49.30 -118.95
C LEU EA 80 14.68 47.92 -119.56
N VAL EA 81 13.89 47.05 -118.90
CA VAL EA 81 13.58 45.78 -119.55
C VAL EA 81 12.67 46.01 -120.76
N ARG EA 82 11.95 47.12 -120.79
CA ARG EA 82 11.29 47.54 -122.03
C ARG EA 82 12.33 47.98 -123.06
N GLU EA 83 13.35 48.70 -122.60
CA GLU EA 83 14.32 49.26 -123.52
C GLU EA 83 15.13 48.16 -124.18
N LEU EA 84 15.45 47.11 -123.44
CA LEU EA 84 16.18 45.99 -124.03
C LEU EA 84 15.35 45.20 -125.02
N GLU EA 85 14.06 45.47 -125.13
CA GLU EA 85 13.22 44.90 -126.17
C GLU EA 85 12.84 45.90 -127.26
N LYS EA 86 13.00 47.21 -127.03
CA LYS EA 86 12.75 48.18 -128.08
C LYS EA 86 14.01 48.73 -128.74
N LYS EA 87 15.18 48.55 -128.12
CA LYS EA 87 16.44 48.91 -128.74
C LYS EA 87 17.25 47.69 -129.15
N PHE EA 88 16.85 46.51 -128.71
CA PHE EA 88 17.46 45.29 -129.24
C PHE EA 88 16.45 44.40 -129.96
N SER EA 89 15.33 44.08 -129.31
CA SER EA 89 14.23 43.32 -129.93
C SER EA 89 14.73 42.02 -130.56
N GLY EA 90 15.58 41.29 -129.85
CA GLY EA 90 16.04 40.02 -130.37
C GLY EA 90 15.73 38.83 -129.48
N LYS EA 91 15.69 39.04 -128.18
CA LYS EA 91 15.47 37.99 -127.19
C LYS EA 91 15.29 38.64 -125.82
N ASP EA 92 14.79 37.84 -124.87
CA ASP EA 92 14.40 38.32 -123.56
C ASP EA 92 15.64 38.72 -122.74
N VAL EA 93 15.42 39.45 -121.66
CA VAL EA 93 16.52 39.86 -120.77
C VAL EA 93 16.13 39.57 -119.32
N VAL EA 94 17.06 38.96 -118.57
CA VAL EA 94 16.89 38.65 -117.16
C VAL EA 94 18.11 39.14 -116.39
N PHE EA 95 17.90 39.48 -115.11
CA PHE EA 95 18.95 40.06 -114.28
C PHE EA 95 19.19 39.20 -113.06
N VAL EA 96 20.43 38.77 -112.87
CA VAL EA 96 20.85 38.10 -111.65
C VAL EA 96 22.14 38.74 -111.19
N ALA EA 97 22.42 38.61 -109.90
CA ALA EA 97 23.63 39.15 -109.31
C ALA EA 97 24.61 38.02 -109.09
N THR EA 98 25.88 38.29 -109.37
CA THR EA 98 26.91 37.24 -109.39
C THR EA 98 27.32 36.84 -107.97
N ARG EA 99 26.34 36.34 -107.23
CA ARG EA 99 26.58 35.83 -105.88
C ARG EA 99 27.63 34.73 -105.92
N ARG EA 100 28.60 34.81 -105.01
CA ARG EA 100 29.71 33.86 -104.99
C ARG EA 100 29.47 32.82 -103.91
N ILE EA 101 29.69 31.56 -104.28
CA ILE EA 101 29.38 30.40 -103.46
C ILE EA 101 30.69 29.79 -102.99
N VAL EA 102 30.79 29.52 -101.71
CA VAL EA 102 31.99 28.89 -101.16
C VAL EA 102 31.71 27.44 -100.79
N ARG EA 103 32.60 26.57 -101.23
CA ARG EA 103 32.48 25.14 -100.96
C ARG EA 103 32.65 24.89 -99.46
N PRO EA 104 31.99 23.86 -98.90
CA PRO EA 104 32.03 23.66 -97.46
C PRO EA 104 33.44 23.53 -96.93
N PRO EA 105 33.63 23.73 -95.64
CA PRO EA 105 34.91 23.45 -95.01
C PRO EA 105 35.29 21.99 -95.20
N LYS EA 106 36.60 21.74 -95.30
CA LYS EA 106 37.14 20.39 -95.15
C LYS EA 106 36.61 19.81 -93.85
N LYS EA 107 36.61 18.48 -93.72
CA LYS EA 107 36.17 17.83 -92.48
C LYS EA 107 36.75 18.59 -91.29
N GLY EA 108 35.94 18.75 -90.24
CA GLY EA 108 35.88 19.99 -89.48
C GLY EA 108 37.14 20.83 -89.36
N SER EA 109 37.02 22.10 -89.77
CA SER EA 109 38.16 23.00 -89.87
C SER EA 109 37.90 24.40 -89.33
N ALA EA 110 36.74 24.67 -88.73
CA ALA EA 110 36.47 25.92 -88.02
C ALA EA 110 36.55 27.14 -88.94
N VAL EA 111 35.63 27.20 -89.89
CA VAL EA 111 35.41 28.39 -90.72
C VAL EA 111 33.92 28.71 -90.68
N GLN EA 112 33.57 30.01 -90.72
CA GLN EA 112 32.16 30.34 -90.48
C GLN EA 112 31.31 30.36 -91.74
N ARG EA 113 31.86 30.77 -92.91
CA ARG EA 113 31.10 30.89 -94.16
C ARG EA 113 29.72 31.50 -93.94
N PRO EA 114 29.63 32.84 -93.77
CA PRO EA 114 28.35 33.48 -93.41
C PRO EA 114 27.19 32.89 -94.15
N ARG EA 115 26.03 32.65 -93.51
CA ARG EA 115 25.07 31.68 -94.03
C ARG EA 115 24.62 31.94 -95.46
N THR EA 116 24.98 33.08 -96.02
CA THR EA 116 24.91 33.25 -97.46
C THR EA 116 26.08 32.50 -98.06
N ARG EA 117 26.44 32.78 -99.30
CA ARG EA 117 27.57 32.09 -99.90
C ARG EA 117 27.41 30.59 -99.69
N THR EA 118 26.18 30.15 -99.75
CA THR EA 118 25.78 28.80 -99.38
C THR EA 118 24.83 28.33 -100.47
N LEU EA 119 25.14 27.21 -101.11
CA LEU EA 119 24.49 26.89 -102.38
C LEU EA 119 22.98 27.08 -102.33
N THR EA 120 22.35 26.73 -101.22
CA THR EA 120 20.90 26.89 -101.13
C THR EA 120 20.48 28.35 -101.05
N ALA EA 121 21.15 29.13 -100.20
CA ALA EA 121 20.83 30.54 -100.09
C ALA EA 121 21.07 31.24 -101.42
N VAL EA 122 22.14 30.89 -102.11
CA VAL EA 122 22.43 31.52 -103.38
C VAL EA 122 21.41 31.12 -104.44
N HIS EA 123 21.03 29.84 -104.51
CA HIS EA 123 20.04 29.43 -105.49
C HIS EA 123 18.70 30.10 -105.26
N ASP EA 124 18.30 30.25 -103.99
CA ASP EA 124 17.07 30.98 -103.70
C ASP EA 124 17.19 32.43 -104.13
N GLY EA 125 18.33 33.07 -103.86
CA GLY EA 125 18.51 34.45 -104.32
C GLY EA 125 18.45 34.57 -105.83
N ILE EA 126 19.03 33.61 -106.54
CA ILE EA 126 18.98 33.61 -107.99
C ILE EA 126 17.55 33.56 -108.47
N LEU EA 127 16.74 32.64 -107.91
CA LEU EA 127 15.35 32.55 -108.34
C LEU EA 127 14.58 33.81 -108.04
N GLU EA 128 14.65 34.29 -106.80
CA GLU EA 128 13.85 35.43 -106.42
C GLU EA 128 14.30 36.72 -107.07
N ASP EA 129 15.50 36.75 -107.67
CA ASP EA 129 15.85 37.91 -108.50
C ASP EA 129 15.61 37.69 -109.99
N VAL EA 130 15.56 36.45 -110.48
CA VAL EA 130 15.12 36.24 -111.86
C VAL EA 130 13.66 36.63 -112.01
N VAL EA 131 12.82 36.14 -111.11
CA VAL EA 131 11.39 36.28 -111.30
C VAL EA 131 10.93 37.65 -110.85
N TYR EA 132 11.90 38.54 -110.53
CA TYR EA 132 11.73 39.71 -109.68
C TYR EA 132 10.40 40.43 -109.86
N PRO EA 133 9.94 40.72 -111.07
CA PRO EA 133 8.59 41.29 -111.19
C PRO EA 133 7.56 40.52 -110.39
N ALA EA 134 7.59 39.19 -110.49
CA ALA EA 134 6.63 38.32 -109.84
C ALA EA 134 7.28 37.67 -108.63
N GLU EA 135 6.71 37.89 -107.45
CA GLU EA 135 7.26 37.41 -106.19
C GLU EA 135 6.59 36.11 -105.78
N ILE EA 136 7.34 35.27 -105.08
CA ILE EA 136 6.96 33.89 -104.82
C ILE EA 136 6.01 33.83 -103.64
N VAL EA 137 4.98 33.00 -103.75
CA VAL EA 137 4.06 32.78 -102.64
C VAL EA 137 3.99 31.26 -102.41
N GLY EA 138 5.11 30.60 -102.58
CA GLY EA 138 5.21 29.22 -102.15
C GLY EA 138 6.01 28.37 -103.12
N LYS EA 139 6.59 27.30 -102.61
CA LYS EA 139 7.34 26.37 -103.43
C LYS EA 139 7.06 24.95 -102.99
N ARG EA 140 7.17 24.03 -103.93
CA ARG EA 140 6.92 22.62 -103.73
C ARG EA 140 8.05 21.88 -104.41
N VAL EA 141 8.42 20.71 -103.91
CA VAL EA 141 9.49 19.92 -104.51
C VAL EA 141 8.93 18.52 -104.69
N ARG EA 142 8.27 18.28 -105.81
CA ARG EA 142 7.71 16.97 -106.06
C ARG EA 142 8.84 16.09 -106.58
N TYR EA 143 8.83 14.81 -106.23
CA TYR EA 143 9.91 13.93 -106.63
C TYR EA 143 9.41 12.88 -107.62
N ARG EA 144 9.77 13.02 -108.89
CA ARG EA 144 9.56 11.96 -109.87
C ARG EA 144 10.08 10.63 -109.33
N LEU EA 145 9.49 9.54 -109.81
CA LEU EA 145 9.94 8.20 -109.45
C LEU EA 145 11.34 7.91 -109.97
N ASP EA 146 11.64 8.34 -111.19
CA ASP EA 146 12.99 8.11 -111.70
C ASP EA 146 14.02 9.01 -111.07
N GLY EA 147 13.67 9.72 -110.00
CA GLY EA 147 14.61 10.48 -109.21
C GLY EA 147 14.60 11.97 -109.46
N ALA EA 148 13.94 12.44 -110.51
CA ALA EA 148 13.98 13.86 -110.82
C ALA EA 148 13.22 14.64 -109.77
N LYS EA 149 13.84 15.68 -109.24
CA LYS EA 149 13.17 16.62 -108.36
C LYS EA 149 12.68 17.79 -109.20
N VAL EA 150 11.38 18.05 -109.16
CA VAL EA 150 10.82 19.18 -109.89
C VAL EA 150 10.29 20.18 -108.89
N ILE EA 151 10.70 21.43 -109.05
CA ILE EA 151 10.30 22.51 -108.18
C ILE EA 151 9.09 23.15 -108.81
N LYS EA 152 8.04 23.34 -108.04
CA LYS EA 152 6.91 24.14 -108.49
C LYS EA 152 6.83 25.41 -107.67
N ILE EA 153 6.62 26.54 -108.34
CA ILE EA 153 6.67 27.85 -107.72
C ILE EA 153 5.33 28.53 -107.92
N TYR EA 154 4.80 29.11 -106.85
CA TYR EA 154 3.54 29.84 -106.90
C TYR EA 154 3.82 31.33 -106.92
N LEU EA 155 3.10 32.06 -107.75
CA LEU EA 155 3.35 33.48 -107.94
C LEU EA 155 2.13 34.30 -107.56
N ASP EA 156 2.38 35.55 -107.14
CA ASP EA 156 1.28 36.44 -106.83
C ASP EA 156 0.51 36.73 -108.13
N PRO EA 157 -0.81 36.58 -108.12
CA PRO EA 157 -1.56 36.77 -109.37
C PRO EA 157 -1.66 38.23 -109.80
N LYS EA 158 -1.45 39.18 -108.90
CA LYS EA 158 -1.23 40.54 -109.36
C LYS EA 158 0.17 40.65 -109.95
N GLU EA 159 0.33 41.57 -110.89
CA GLU EA 159 1.54 41.67 -111.71
C GLU EA 159 1.84 40.33 -112.37
N ARG EA 160 0.79 39.68 -112.86
CA ARG EA 160 0.86 38.44 -113.62
C ARG EA 160 1.13 38.68 -115.10
N ASN EA 161 0.57 39.77 -115.62
CA ASN EA 161 0.58 40.09 -117.03
C ASN EA 161 1.94 40.51 -117.53
N ASN EA 162 2.90 40.74 -116.65
CA ASN EA 162 4.25 41.06 -117.05
C ASN EA 162 5.06 39.81 -117.36
N THR EA 163 4.72 38.68 -116.74
CA THR EA 163 5.54 37.48 -116.89
C THR EA 163 4.75 36.21 -117.20
N GLU EA 164 3.49 36.32 -117.65
CA GLU EA 164 2.76 35.11 -118.04
C GLU EA 164 3.41 34.35 -119.19
N TYR EA 165 4.31 34.98 -119.94
CA TYR EA 165 4.66 34.51 -121.28
C TYR EA 165 6.09 34.06 -121.42
N LYS EA 166 6.96 34.31 -120.45
CA LYS EA 166 8.37 33.98 -120.58
C LYS EA 166 8.78 32.83 -119.66
N LEU EA 167 7.81 32.09 -119.12
CA LEU EA 167 8.13 31.16 -118.04
C LEU EA 167 9.08 30.06 -118.50
N GLU EA 168 8.99 29.64 -119.76
CA GLU EA 168 9.97 28.67 -120.23
C GLU EA 168 11.36 29.26 -120.25
N THR EA 169 11.49 30.57 -120.42
CA THR EA 169 12.80 31.19 -120.25
C THR EA 169 13.26 31.07 -118.81
N PHE EA 170 12.35 31.22 -117.85
CA PHE EA 170 12.74 31.00 -116.45
C PHE EA 170 13.27 29.59 -116.25
N SER EA 171 12.57 28.59 -116.79
CA SER EA 171 13.04 27.21 -116.64
C SER EA 171 14.43 27.03 -117.23
N ALA EA 172 14.62 27.48 -118.48
CA ALA EA 172 15.92 27.28 -119.12
C ALA EA 172 17.03 28.05 -118.43
N VAL EA 173 16.76 29.29 -118.01
CA VAL EA 173 17.74 30.07 -117.26
C VAL EA 173 18.13 29.33 -115.98
N TYR EA 174 17.15 28.83 -115.25
CA TYR EA 174 17.46 28.30 -113.94
C TYR EA 174 18.19 26.97 -114.09
N ARG EA 175 17.90 26.24 -115.15
CA ARG EA 175 18.67 25.04 -115.47
C ARG EA 175 20.10 25.38 -115.86
N ARG EA 176 20.32 26.51 -116.54
CA ARG EA 176 21.68 26.90 -116.90
C ARG EA 176 22.46 27.46 -115.70
N LEU EA 177 21.79 28.17 -114.79
CA LEU EA 177 22.50 28.76 -113.67
C LEU EA 177 22.68 27.77 -112.54
N CYS EA 178 21.58 27.23 -112.03
CA CYS EA 178 21.58 26.51 -110.76
C CYS EA 178 21.47 25.00 -110.90
N GLY EA 179 21.33 24.48 -112.11
CA GLY EA 179 21.19 23.04 -112.28
C GLY EA 179 19.94 22.49 -111.63
N LYS EA 180 18.85 23.22 -111.70
CA LYS EA 180 17.57 22.80 -111.16
C LYS EA 180 16.51 23.00 -112.23
N ASP EA 181 15.47 22.19 -112.21
CA ASP EA 181 14.39 22.29 -113.18
C ASP EA 181 13.14 22.78 -112.45
N VAL EA 182 12.70 23.99 -112.80
CA VAL EA 182 11.62 24.67 -112.11
C VAL EA 182 10.45 24.81 -113.07
N VAL EA 183 9.25 24.46 -112.62
CA VAL EA 183 8.02 24.76 -113.32
C VAL EA 183 7.22 25.74 -112.47
N PHE EA 184 6.72 26.79 -113.10
CA PHE EA 184 5.96 27.84 -112.44
C PHE EA 184 4.49 27.68 -112.74
N GLU EA 185 3.65 28.25 -111.86
CA GLU EA 185 2.23 28.41 -112.18
C GLU EA 185 1.59 29.27 -111.10
N TYR EA 186 0.46 29.88 -111.47
CA TYR EA 186 -0.13 30.95 -110.69
C TYR EA 186 -1.30 30.42 -109.87
N PRO EA 187 -1.29 30.56 -108.54
CA PRO EA 187 -2.37 30.15 -107.63
C PRO EA 187 -3.74 30.77 -107.94
N MET FA 1 67.54 38.62 -57.64
CA MET FA 1 66.62 38.98 -58.71
C MET FA 1 65.31 38.20 -58.45
N ALA FA 2 64.32 38.37 -59.30
CA ALA FA 2 62.94 38.01 -58.94
C ALA FA 2 62.79 36.52 -58.68
N GLU FA 3 63.25 35.68 -59.60
CA GLU FA 3 62.86 34.27 -59.57
C GLU FA 3 63.36 33.56 -58.32
N GLN FA 4 64.58 33.85 -57.87
CA GLN FA 4 65.18 33.14 -56.76
C GLN FA 4 64.39 33.45 -55.50
N THR FA 5 63.58 32.48 -55.07
CA THR FA 5 62.60 32.71 -54.03
C THR FA 5 62.81 31.76 -52.84
N GLU FA 6 63.77 30.86 -52.93
CA GLU FA 6 63.90 29.82 -51.93
C GLU FA 6 65.18 29.98 -51.11
N LYS FA 7 65.45 28.98 -50.28
CA LYS FA 7 66.63 28.96 -49.43
C LYS FA 7 67.89 28.54 -50.16
N SER FA 8 67.77 28.01 -51.37
CA SER FA 8 68.91 27.68 -52.18
C SER FA 8 68.89 28.54 -53.42
N PHE FA 9 70.06 28.81 -53.98
CA PHE FA 9 70.11 29.57 -55.21
C PHE FA 9 69.79 28.62 -56.35
N LEU FA 10 68.67 28.87 -57.04
CA LEU FA 10 68.19 28.00 -58.10
C LEU FA 10 68.90 28.34 -59.40
N LYS FA 11 69.32 27.32 -60.13
CA LYS FA 11 70.02 27.55 -61.38
C LYS FA 11 69.89 26.31 -62.25
N GLN FA 12 70.20 26.48 -63.53
CA GLN FA 12 70.09 25.38 -64.47
C GLN FA 12 71.36 24.55 -64.47
N PRO FA 13 71.26 23.23 -64.51
CA PRO FA 13 72.46 22.40 -64.52
C PRO FA 13 73.27 22.63 -65.78
N LYS FA 14 74.59 22.49 -65.65
CA LYS FA 14 75.50 22.46 -66.80
C LYS FA 14 75.42 23.75 -67.59
N VAL FA 15 74.65 24.70 -67.13
CA VAL FA 15 74.74 26.08 -67.59
C VAL FA 15 75.72 26.80 -66.70
N PHE FA 16 76.70 27.45 -67.32
CA PHE FA 16 77.73 28.17 -66.59
C PHE FA 16 77.49 29.67 -66.75
N LEU FA 17 77.22 30.35 -65.64
CA LEU FA 17 76.69 31.70 -65.69
C LEU FA 17 77.79 32.75 -65.81
N SER FA 18 78.71 32.79 -64.84
CA SER FA 18 79.73 33.84 -64.82
C SER FA 18 80.93 33.39 -65.66
N THR FA 19 80.82 33.65 -66.95
CA THR FA 19 81.82 33.24 -67.93
C THR FA 19 82.51 34.46 -68.53
N LYS FA 20 83.84 34.36 -68.67
CA LYS FA 20 84.62 35.52 -69.08
C LYS FA 20 84.27 35.95 -70.50
N LYS FA 21 84.34 35.03 -71.45
CA LYS FA 21 84.09 35.32 -72.86
C LYS FA 21 82.60 35.08 -73.12
N ALA FA 22 81.81 36.15 -73.15
CA ALA FA 22 80.39 36.02 -73.33
C ALA FA 22 79.97 36.51 -74.72
N ASP FA 23 78.96 35.84 -75.28
CA ASP FA 23 78.29 36.32 -76.47
C ASP FA 23 76.93 35.65 -76.54
N LYS FA 24 76.03 36.24 -77.32
CA LYS FA 24 74.61 36.02 -77.16
C LYS FA 24 74.01 35.04 -78.17
N ALA FA 25 74.66 34.83 -79.31
CA ALA FA 25 74.13 33.91 -80.30
C ALA FA 25 75.19 32.85 -80.56
N LYS FA 26 75.25 31.85 -79.67
CA LYS FA 26 76.15 30.71 -79.84
C LYS FA 26 75.37 29.41 -79.99
N ARG FA 27 74.58 29.05 -78.99
CA ARG FA 27 73.59 27.98 -78.93
C ARG FA 27 73.02 28.13 -77.52
N PRO FA 28 71.72 27.97 -77.28
CA PRO FA 28 71.21 28.23 -75.94
C PRO FA 28 71.61 27.13 -74.96
N GLY FA 29 71.99 27.55 -73.77
CA GLY FA 29 72.69 26.69 -72.84
C GLY FA 29 74.20 26.72 -72.95
N LYS FA 30 74.74 27.45 -73.94
CA LYS FA 30 76.17 27.61 -74.11
C LYS FA 30 76.56 29.06 -73.96
N ALA FA 31 77.84 29.27 -73.69
CA ALA FA 31 78.40 30.61 -73.50
C ALA FA 31 77.64 31.38 -72.43
N GLY FA 32 77.02 30.67 -71.51
CA GLY FA 32 76.21 31.31 -70.50
C GLY FA 32 74.82 31.69 -70.94
N ASN FA 33 74.42 31.34 -72.17
CA ASN FA 33 73.04 31.54 -72.59
C ASN FA 33 72.13 30.58 -71.84
N ARG FA 34 70.89 31.01 -71.64
CA ARG FA 34 69.93 30.14 -70.98
C ARG FA 34 69.66 28.92 -71.83
N PHE FA 35 69.43 27.79 -71.18
CA PHE FA 35 69.13 26.57 -71.88
C PHE FA 35 67.63 26.48 -72.16
N TRP FA 36 67.28 26.16 -73.39
CA TRP FA 36 65.95 25.70 -73.73
C TRP FA 36 66.07 24.63 -74.81
N LYS FA 37 65.04 23.81 -74.89
CA LYS FA 37 65.00 22.67 -75.80
C LYS FA 37 63.61 22.58 -76.39
N SER FA 38 63.52 22.01 -77.59
CA SER FA 38 62.25 21.88 -78.29
C SER FA 38 61.73 20.48 -78.09
N VAL FA 39 60.56 20.36 -77.48
CA VAL FA 39 60.08 19.07 -77.01
C VAL FA 39 59.83 18.09 -78.14
N GLY FA 40 59.60 18.57 -79.35
CA GLY FA 40 59.37 17.69 -80.48
C GLY FA 40 57.88 17.45 -80.68
N LEU FA 41 57.57 16.41 -81.46
CA LEU FA 41 56.20 15.98 -81.67
C LEU FA 41 55.32 17.13 -82.13
N GLY FA 42 55.86 17.99 -82.98
CA GLY FA 42 55.09 19.09 -83.51
C GLY FA 42 54.81 20.20 -82.53
N PHE FA 43 55.12 20.02 -81.26
CA PHE FA 43 54.90 21.09 -80.31
C PHE FA 43 55.95 22.16 -80.50
N LYS FA 44 55.65 23.36 -80.02
CA LYS FA 44 56.54 24.50 -80.17
C LYS FA 44 56.81 25.09 -78.79
N THR FA 45 58.03 25.57 -78.59
CA THR FA 45 58.37 26.20 -77.31
C THR FA 45 57.55 27.47 -77.11
N PRO FA 46 57.19 27.80 -75.88
CA PRO FA 46 56.58 29.10 -75.60
C PRO FA 46 57.57 30.24 -75.66
N ARG FA 47 57.10 31.38 -76.17
CA ARG FA 47 57.91 32.60 -76.22
C ARG FA 47 58.48 32.91 -74.85
N GLU FA 48 57.65 32.91 -73.81
CA GLU FA 48 58.12 33.27 -72.49
C GLU FA 48 58.94 32.18 -71.82
N ALA FA 49 58.79 30.92 -72.24
CA ALA FA 49 59.76 29.92 -71.83
C ALA FA 49 61.13 30.24 -72.43
N ILE FA 50 61.15 30.72 -73.66
CA ILE FA 50 62.40 31.09 -74.31
C ILE FA 50 63.05 32.22 -73.54
N ASP FA 51 62.36 33.35 -73.45
CA ASP FA 51 62.90 34.54 -72.79
C ASP FA 51 62.42 34.65 -71.34
N GLY FA 52 62.44 33.53 -70.63
CA GLY FA 52 61.94 33.50 -69.27
C GLY FA 52 63.05 33.57 -68.24
N THR FA 53 62.62 33.87 -67.01
CA THR FA 53 63.50 33.97 -65.88
C THR FA 53 63.38 32.80 -64.92
N TYR FA 54 62.27 32.09 -64.97
CA TYR FA 54 62.02 30.98 -64.06
C TYR FA 54 62.95 29.81 -64.31
N ILE FA 55 63.20 29.04 -63.27
CA ILE FA 55 64.03 27.85 -63.33
C ILE FA 55 63.23 26.68 -62.78
N ASP FA 56 63.21 25.57 -63.50
CA ASP FA 56 62.37 24.44 -63.14
C ASP FA 56 62.99 23.18 -63.70
N LYS FA 57 63.40 22.25 -62.84
CA LYS FA 57 64.01 21.03 -63.38
C LYS FA 57 63.00 20.12 -64.04
N LYS FA 58 61.75 20.54 -64.14
CA LYS FA 58 60.69 19.68 -64.63
C LYS FA 58 59.96 20.24 -65.83
N CYS FA 59 60.26 21.46 -66.25
CA CYS FA 59 59.67 22.04 -67.45
C CYS FA 59 60.23 21.33 -68.68
N PRO FA 60 59.37 20.92 -69.62
CA PRO FA 60 59.90 20.19 -70.78
C PRO FA 60 60.82 21.02 -71.63
N PHE FA 61 60.62 22.33 -71.65
CA PHE FA 61 61.36 23.20 -72.56
C PHE FA 61 62.59 23.82 -71.91
N THR FA 62 62.65 23.88 -70.58
CA THR FA 62 63.77 24.49 -69.90
C THR FA 62 64.40 23.60 -68.84
N GLY FA 63 63.99 22.34 -68.76
CA GLY FA 63 64.51 21.45 -67.74
C GLY FA 63 65.10 20.18 -68.28
N THR FA 64 65.21 19.16 -67.43
CA THR FA 64 65.83 17.90 -67.78
C THR FA 64 64.82 16.76 -67.95
N VAL FA 65 63.56 17.10 -68.19
CA VAL FA 65 62.52 16.10 -68.40
C VAL FA 65 62.36 15.86 -69.90
N ALA FA 66 62.31 14.59 -70.28
CA ALA FA 66 62.16 14.20 -71.67
C ALA FA 66 60.75 13.63 -71.86
N ILE FA 67 59.98 14.22 -72.75
CA ILE FA 67 58.62 13.78 -73.01
C ILE FA 67 58.67 12.58 -73.93
N ARG FA 68 58.31 11.41 -73.41
CA ARG FA 68 58.39 10.19 -74.19
C ARG FA 68 57.34 9.22 -73.67
N GLY FA 69 56.74 8.49 -74.58
CA GLY FA 69 55.62 7.64 -74.21
C GLY FA 69 54.35 8.02 -74.93
N ARG FA 70 53.33 8.45 -74.20
CA ARG FA 70 52.06 8.77 -74.79
C ARG FA 70 51.67 10.20 -74.46
N ILE FA 71 50.72 10.72 -75.25
CA ILE FA 71 50.29 12.12 -75.17
C ILE FA 71 48.78 12.10 -75.04
N ILE FA 72 48.28 12.57 -73.91
CA ILE FA 72 46.85 12.65 -73.69
C ILE FA 72 46.40 14.10 -73.79
N ALA FA 73 45.10 14.29 -74.03
CA ALA FA 73 44.47 15.59 -73.97
C ALA FA 73 43.36 15.53 -72.92
N GLY FA 74 43.15 16.63 -72.25
CA GLY FA 74 42.13 16.69 -71.23
C GLY FA 74 41.70 18.10 -70.97
N THR FA 75 41.00 18.29 -69.86
CA THR FA 75 40.62 19.62 -69.41
C THR FA 75 41.05 19.79 -67.97
N CYS FA 76 41.57 20.97 -67.65
CA CYS FA 76 42.03 21.23 -66.30
C CYS FA 76 40.87 21.15 -65.32
N HIS FA 77 41.09 20.44 -64.23
CA HIS FA 77 40.06 20.21 -63.24
C HIS FA 77 40.38 20.85 -61.90
N SER FA 78 41.65 21.02 -61.57
CA SER FA 78 42.01 21.83 -60.41
C SER FA 78 43.37 22.47 -60.68
N ALA FA 79 43.48 23.76 -60.36
CA ALA FA 79 44.70 24.54 -60.50
C ALA FA 79 45.06 25.21 -59.19
N LYS FA 80 45.06 24.43 -58.12
CA LYS FA 80 45.25 24.95 -56.76
C LYS FA 80 46.55 24.46 -56.13
N MET FA 81 47.59 24.28 -56.93
CA MET FA 81 48.84 23.70 -56.46
C MET FA 81 49.99 24.62 -56.81
N ASN FA 82 51.21 24.19 -56.49
CA ASN FA 82 52.42 24.85 -56.96
C ASN FA 82 52.88 24.17 -58.23
N ARG FA 83 52.70 24.84 -59.36
CA ARG FA 83 53.20 24.37 -60.64
C ARG FA 83 52.63 23.00 -61.00
N THR FA 84 51.37 22.74 -60.66
CA THR FA 84 50.77 21.45 -60.97
C THR FA 84 49.26 21.60 -61.12
N ILE FA 85 48.68 20.82 -62.02
CA ILE FA 85 47.24 20.81 -62.24
C ILE FA 85 46.77 19.37 -62.26
N ILE FA 86 45.46 19.20 -62.34
CA ILE FA 86 44.81 17.90 -62.44
C ILE FA 86 43.92 17.93 -63.66
N VAL FA 87 44.21 17.09 -64.63
CA VAL FA 87 43.45 17.07 -65.87
C VAL FA 87 42.40 15.97 -65.77
N ARG FA 88 41.20 16.30 -66.21
CA ARG FA 88 40.10 15.35 -66.21
C ARG FA 88 39.92 14.83 -67.62
N ARG FA 89 40.19 13.55 -67.82
CA ARG FA 89 40.06 12.91 -69.13
C ARG FA 89 38.68 12.29 -69.19
N ASN FA 90 37.72 13.03 -69.73
CA ASN FA 90 36.37 12.49 -69.90
C ASN FA 90 36.34 11.56 -71.11
N TYR FA 91 35.72 10.41 -70.94
CA TYR FA 91 35.63 9.45 -72.04
C TYR FA 91 34.42 8.56 -71.80
N LEU FA 92 34.15 7.69 -72.75
CA LEU FA 92 32.96 6.86 -72.76
C LEU FA 92 33.38 5.40 -72.70
N HIS FA 93 32.74 4.64 -71.83
CA HIS FA 93 33.00 3.23 -71.66
C HIS FA 93 31.91 2.43 -72.35
N PHE FA 94 32.27 1.29 -72.92
CA PHE FA 94 31.35 0.42 -73.62
C PHE FA 94 31.01 -0.79 -72.74
N VAL FA 95 29.75 -0.91 -72.34
CA VAL FA 95 29.28 -2.07 -71.60
C VAL FA 95 28.66 -3.05 -72.58
N LYS FA 96 29.24 -4.25 -72.68
CA LYS FA 96 28.91 -5.12 -73.79
C LYS FA 96 27.48 -5.63 -73.68
N LYS FA 97 26.99 -5.87 -72.46
CA LYS FA 97 25.67 -6.46 -72.30
C LYS FA 97 24.59 -5.57 -72.89
N TYR FA 98 24.73 -4.27 -72.77
CA TYR FA 98 23.66 -3.36 -73.16
C TYR FA 98 23.88 -2.72 -74.52
N GLN FA 99 25.02 -2.96 -75.16
CA GLN FA 99 25.35 -2.26 -76.40
C GLN FA 99 25.16 -0.75 -76.25
N ARG FA 100 25.42 -0.23 -75.05
CA ARG FA 100 25.33 1.20 -74.81
C ARG FA 100 26.61 1.67 -74.15
N TYR FA 101 26.73 2.99 -74.02
CA TYR FA 101 27.96 3.63 -73.59
C TYR FA 101 27.69 4.37 -72.30
N GLU FA 102 28.62 4.30 -71.37
CA GLU FA 102 28.52 5.00 -70.10
C GLU FA 102 29.76 5.86 -69.94
N LYS FA 103 29.58 7.13 -69.61
CA LYS FA 103 30.74 8.00 -69.50
C LYS FA 103 31.46 7.75 -68.19
N ARG FA 104 32.76 7.62 -68.26
CA ARG FA 104 33.64 7.57 -67.11
C ARG FA 104 34.55 8.78 -67.14
N HIS FA 105 35.53 8.81 -66.25
CA HIS FA 105 36.47 9.92 -66.23
C HIS FA 105 37.68 9.49 -65.42
N SER FA 106 38.83 10.08 -65.75
CA SER FA 106 40.02 9.85 -64.95
C SER FA 106 40.71 11.18 -64.71
N ASN FA 107 41.06 11.44 -63.45
CA ASN FA 107 41.72 12.67 -63.05
C ASN FA 107 43.21 12.40 -63.01
N ILE FA 108 43.97 13.09 -63.86
CA ILE FA 108 45.39 12.79 -64.02
C ILE FA 108 46.21 14.00 -63.60
N PRO FA 109 47.08 13.86 -62.60
CA PRO FA 109 47.91 15.00 -62.20
C PRO FA 109 48.91 15.34 -63.29
N ALA FA 110 49.15 16.63 -63.49
CA ALA FA 110 50.08 17.07 -64.51
C ALA FA 110 50.79 18.31 -64.03
N HIS FA 111 52.07 18.42 -64.39
CA HIS FA 111 52.91 19.53 -63.98
C HIS FA 111 52.87 20.62 -65.03
N ILE FA 112 52.45 21.82 -64.64
CA ILE FA 112 52.51 22.96 -65.54
C ILE FA 112 53.81 23.71 -65.29
N SER FA 113 54.53 23.99 -66.35
CA SER FA 113 55.71 24.83 -66.25
C SER FA 113 55.27 26.25 -65.90
N PRO FA 114 56.15 27.04 -65.30
CA PRO FA 114 55.80 28.44 -65.04
C PRO FA 114 55.49 29.22 -66.30
N CYS FA 115 56.05 28.83 -67.44
CA CYS FA 115 55.76 29.54 -68.69
C CYS FA 115 54.29 29.44 -69.04
N PHE FA 116 53.72 28.25 -68.96
CA PHE FA 116 52.32 28.05 -69.25
C PHE FA 116 51.47 28.70 -68.19
N ARG FA 117 50.21 28.95 -68.53
CA ARG FA 117 49.33 29.66 -67.60
C ARG FA 117 47.92 29.16 -67.83
N VAL FA 118 47.43 28.35 -66.90
CA VAL FA 118 46.17 27.64 -67.05
C VAL FA 118 45.17 28.19 -66.07
N LYS FA 119 43.95 28.39 -66.54
CA LYS FA 119 42.81 28.74 -65.71
C LYS FA 119 41.95 27.50 -65.56
N GLU FA 120 41.16 27.46 -64.50
CA GLU FA 120 40.25 26.34 -64.25
C GLU FA 120 39.41 26.03 -65.48
N GLY FA 121 39.41 24.77 -65.89
CA GLY FA 121 38.66 24.36 -67.06
C GLY FA 121 39.18 24.89 -68.39
N ASP FA 122 40.49 24.77 -68.60
CA ASP FA 122 41.13 25.11 -69.86
C ASP FA 122 41.65 23.85 -70.52
N HIS FA 123 41.45 23.72 -71.83
CA HIS FA 123 41.86 22.51 -72.51
C HIS FA 123 43.37 22.38 -72.43
N VAL FA 124 43.87 21.19 -72.14
CA VAL FA 124 45.31 21.00 -72.02
C VAL FA 124 45.71 19.76 -72.78
N ILE FA 125 46.92 19.75 -73.31
CA ILE FA 125 47.52 18.58 -73.92
C ILE FA 125 48.82 18.31 -73.19
N ILE FA 126 48.96 17.09 -72.70
CA ILE FA 126 50.00 16.70 -71.77
C ILE FA 126 50.70 15.46 -72.29
N GLY FA 127 51.97 15.32 -71.93
CA GLY FA 127 52.79 14.24 -72.45
C GLY FA 127 53.55 13.57 -71.34
N GLN FA 128 53.81 12.29 -71.54
CA GLN FA 128 54.38 11.48 -70.48
C GLN FA 128 55.87 11.75 -70.30
N CYS FA 129 56.30 11.86 -69.06
CA CYS FA 129 57.70 12.03 -68.68
C CYS FA 129 58.08 10.91 -67.72
N ARG FA 130 59.27 11.03 -67.11
CA ARG FA 130 59.60 10.08 -66.07
C ARG FA 130 58.74 10.40 -64.86
N PRO FA 131 58.49 9.44 -64.00
CA PRO FA 131 57.72 9.74 -62.79
C PRO FA 131 58.31 10.89 -62.02
N LEU FA 132 57.58 12.02 -61.93
CA LEU FA 132 58.09 13.20 -61.23
C LEU FA 132 57.70 13.26 -59.76
N SER FA 133 56.72 12.48 -59.33
CA SER FA 133 56.30 12.47 -57.94
C SER FA 133 55.48 11.21 -57.69
N LYS FA 134 54.81 11.16 -56.54
CA LYS FA 134 53.94 10.03 -56.29
C LYS FA 134 52.78 9.99 -57.28
N THR FA 135 52.32 11.17 -57.74
CA THR FA 135 51.15 11.26 -58.59
C THR FA 135 51.38 11.93 -59.93
N VAL FA 136 52.54 12.51 -60.20
CA VAL FA 136 52.78 13.26 -61.43
C VAL FA 136 53.63 12.42 -62.36
N ARG FA 137 53.16 12.22 -63.59
CA ARG FA 137 53.98 11.66 -64.66
C ARG FA 137 53.84 12.41 -65.97
N PHE FA 138 53.05 13.46 -66.02
CA PHE FA 138 52.78 14.20 -67.25
C PHE FA 138 53.21 15.65 -67.12
N ASN FA 139 53.75 16.18 -68.20
CA ASN FA 139 54.02 17.60 -68.35
C ASN FA 139 53.03 18.21 -69.31
N VAL FA 140 52.51 19.37 -68.94
CA VAL FA 140 51.59 20.12 -69.77
C VAL FA 140 52.36 20.76 -70.89
N LEU FA 141 52.12 20.30 -72.12
CA LEU FA 141 52.82 20.79 -73.30
C LEU FA 141 52.05 21.84 -74.08
N LYS FA 142 50.73 21.88 -73.95
CA LYS FA 142 49.93 22.79 -74.75
C LYS FA 142 48.73 23.20 -73.92
N VAL FA 143 48.32 24.45 -74.02
CA VAL FA 143 47.11 24.91 -73.33
C VAL FA 143 46.28 25.75 -74.30
N VAL FA 144 44.99 25.43 -74.39
CA VAL FA 144 44.00 26.17 -75.15
C VAL FA 144 42.98 26.74 -74.15
N PRO FA 145 42.93 28.06 -73.95
CA PRO FA 145 42.00 28.71 -73.03
C PRO FA 145 40.87 29.45 -73.74
N ASN GA 22 0.53 107.88 -33.69
CA ASN GA 22 -0.67 107.12 -34.02
C ASN GA 22 -0.42 105.76 -34.72
N PRO GA 23 0.34 105.72 -35.82
CA PRO GA 23 0.32 104.53 -36.66
C PRO GA 23 0.71 103.25 -35.95
N LEU GA 24 1.63 103.29 -34.99
CA LEU GA 24 2.01 102.06 -34.30
C LEU GA 24 0.90 101.54 -33.40
N PHE GA 25 0.10 102.43 -32.83
CA PHE GA 25 -0.99 101.98 -31.98
C PHE GA 25 -1.89 101.04 -32.78
N GLU GA 26 -2.22 99.91 -32.17
CA GLU GA 26 -2.69 98.78 -32.93
C GLU GA 26 -3.52 97.88 -32.03
N LYS GA 27 -4.23 96.95 -32.67
CA LYS GA 27 -5.10 96.01 -31.98
C LYS GA 27 -4.48 94.63 -32.04
N ARG GA 28 -4.36 93.98 -30.89
CA ARG GA 28 -3.97 92.58 -30.78
C ARG GA 28 -5.08 91.81 -30.09
N PRO GA 29 -5.97 91.20 -30.85
CA PRO GA 29 -7.01 90.36 -30.26
C PRO GA 29 -6.40 89.08 -29.70
N LYS GA 30 -6.67 88.82 -28.44
CA LYS GA 30 -6.43 87.50 -27.87
C LYS GA 30 -7.70 86.68 -28.03
N GLN GA 31 -7.52 85.41 -28.39
CA GLN GA 31 -8.62 84.55 -28.75
C GLN GA 31 -8.90 83.62 -27.57
N PHE GA 32 -9.71 84.10 -26.62
CA PHE GA 32 -9.90 83.41 -25.36
C PHE GA 32 -10.71 82.15 -25.53
N GLY GA 33 -10.24 81.24 -26.37
CA GLY GA 33 -10.97 80.02 -26.65
C GLY GA 33 -10.83 79.01 -25.55
N ILE GA 34 -10.94 77.75 -25.93
CA ILE GA 34 -10.71 76.65 -25.00
C ILE GA 34 -9.29 76.13 -25.11
N GLY GA 35 -8.50 76.66 -26.04
CA GLY GA 35 -7.09 76.38 -26.14
C GLY GA 35 -6.37 77.62 -26.58
N GLY GA 36 -7.05 78.74 -26.49
CA GLY GA 36 -6.47 79.99 -26.95
C GLY GA 36 -5.49 80.53 -25.94
N ALA GA 37 -5.48 81.84 -25.74
CA ALA GA 37 -4.58 82.40 -24.76
C ALA GA 37 -5.18 82.26 -23.36
N LEU GA 38 -4.39 82.63 -22.37
CA LEU GA 38 -4.81 82.42 -20.99
C LEU GA 38 -5.86 83.44 -20.60
N PRO GA 39 -7.00 83.02 -20.05
CA PRO GA 39 -8.07 83.96 -19.73
C PRO GA 39 -7.66 84.92 -18.64
N PRO GA 40 -8.27 86.09 -18.58
CA PRO GA 40 -7.87 87.11 -17.61
C PRO GA 40 -8.49 86.95 -16.24
N LYS GA 41 -8.33 87.99 -15.42
CA LYS GA 41 -8.82 88.05 -14.04
C LYS GA 41 -10.31 88.40 -14.07
N LYS GA 42 -11.15 87.39 -14.25
CA LYS GA 42 -12.59 87.57 -14.19
C LYS GA 42 -13.12 87.18 -12.81
N ASP GA 43 -14.43 87.04 -12.68
CA ASP GA 43 -15.07 86.69 -11.41
C ASP GA 43 -15.31 85.20 -11.32
N LEU GA 44 -14.87 84.60 -10.21
CA LEU GA 44 -15.08 83.21 -9.89
C LEU GA 44 -15.79 83.08 -8.55
N HIS GA 45 -16.59 84.08 -8.19
CA HIS GA 45 -17.15 84.13 -6.84
C HIS GA 45 -18.00 82.92 -6.51
N ARG GA 46 -18.49 82.22 -7.52
CA ARG GA 46 -19.39 81.11 -7.24
C ARG GA 46 -18.65 79.98 -6.55
N PHE GA 47 -17.37 79.80 -6.87
CA PHE GA 47 -16.66 78.57 -6.58
C PHE GA 47 -15.69 78.69 -5.40
N VAL GA 48 -15.58 79.86 -4.78
CA VAL GA 48 -14.52 80.07 -3.81
C VAL GA 48 -14.76 79.21 -2.59
N LYS GA 49 -13.73 78.45 -2.19
CA LYS GA 49 -13.85 77.45 -1.13
C LYS GA 49 -13.76 78.15 0.21
N TRP GA 50 -14.91 78.43 0.79
CA TRP GA 50 -15.01 79.32 1.94
C TRP GA 50 -14.55 78.60 3.20
N PRO GA 51 -14.34 79.36 4.28
CA PRO GA 51 -14.12 78.71 5.58
C PRO GA 51 -15.30 77.84 5.94
N LYS GA 52 -15.08 76.98 6.93
CA LYS GA 52 -16.17 76.09 7.31
C LYS GA 52 -17.28 76.87 8.00
N VAL GA 53 -16.96 78.01 8.61
CA VAL GA 53 -18.02 78.79 9.24
C VAL GA 53 -18.99 79.31 8.20
N VAL GA 54 -18.46 79.96 7.16
CA VAL GA 54 -19.30 80.46 6.08
C VAL GA 54 -20.02 79.31 5.42
N ARG GA 55 -19.31 78.22 5.16
CA ARG GA 55 -19.92 77.08 4.48
C ARG GA 55 -21.13 76.58 5.26
N ILE GA 56 -20.96 76.36 6.56
CA ILE GA 56 -22.09 75.87 7.34
C ILE GA 56 -23.20 76.90 7.46
N GLN GA 57 -22.87 78.18 7.58
CA GLN GA 57 -23.99 79.11 7.69
C GLN GA 57 -24.70 79.31 6.37
N ARG GA 58 -24.12 78.85 5.26
CA ARG GA 58 -24.88 78.84 4.01
C ARG GA 58 -25.73 77.59 3.87
N GLN GA 59 -25.19 76.41 4.16
CA GLN GA 59 -26.13 75.30 4.07
C GLN GA 59 -27.15 75.35 5.20
N ARG GA 60 -26.95 76.20 6.21
CA ARG GA 60 -27.97 76.36 7.24
C ARG GA 60 -29.25 76.89 6.62
N ARG GA 61 -29.17 78.08 6.02
CA ARG GA 61 -30.36 78.67 5.40
C ARG GA 61 -30.84 77.84 4.23
N ILE GA 62 -29.93 77.18 3.51
CA ILE GA 62 -30.40 76.34 2.42
C ILE GA 62 -31.24 75.19 2.97
N LEU GA 63 -30.82 74.57 4.06
CA LEU GA 63 -31.55 73.43 4.59
C LEU GA 63 -32.85 73.87 5.25
N LYS GA 64 -32.85 75.04 5.88
CA LYS GA 64 -34.13 75.59 6.35
C LYS GA 64 -35.06 75.85 5.18
N GLN GA 65 -34.53 76.18 4.00
CA GLN GA 65 -35.40 76.33 2.84
C GLN GA 65 -35.98 74.98 2.42
N ARG GA 66 -35.13 73.97 2.28
CA ARG GA 66 -35.59 72.67 1.77
C ARG GA 66 -36.61 72.03 2.70
N LEU GA 67 -36.34 72.02 4.00
CA LEU GA 67 -37.21 71.31 4.92
C LEU GA 67 -38.56 72.02 5.06
N LYS GA 68 -39.58 71.25 5.43
CA LYS GA 68 -40.94 71.77 5.55
C LYS GA 68 -41.10 72.42 6.92
N VAL GA 69 -41.06 73.74 6.95
CA VAL GA 69 -41.28 74.49 8.19
C VAL GA 69 -42.69 74.21 8.69
N PRO GA 70 -42.89 73.88 9.95
CA PRO GA 70 -44.24 73.80 10.48
C PRO GA 70 -44.86 75.17 10.65
N PRO GA 71 -46.19 75.25 10.73
CA PRO GA 71 -46.85 76.55 10.69
C PRO GA 71 -46.43 77.47 11.82
N ALA GA 72 -46.14 76.91 12.99
CA ALA GA 72 -45.78 77.74 14.12
C ALA GA 72 -44.51 78.53 13.85
N LEU GA 73 -43.57 77.95 13.12
CA LEU GA 73 -42.35 78.67 12.74
C LEU GA 73 -42.54 79.44 11.45
N HIS GA 74 -43.49 79.04 10.62
CA HIS GA 74 -43.72 79.68 9.33
C HIS GA 74 -44.64 80.88 9.45
N GLN GA 75 -45.21 81.14 10.62
CA GLN GA 75 -45.87 82.42 10.82
C GLN GA 75 -44.88 83.57 10.78
N PHE GA 76 -43.59 83.26 10.91
CA PHE GA 76 -42.53 84.18 10.61
C PHE GA 76 -42.31 84.08 9.11
N THR GA 77 -41.28 84.73 8.56
CA THR GA 77 -41.09 84.84 7.11
C THR GA 77 -42.26 85.56 6.49
N ARG GA 78 -43.15 86.05 7.34
CA ARG GA 78 -44.31 86.87 6.99
C ARG GA 78 -44.17 88.06 7.91
N THR GA 79 -43.45 89.07 7.45
CA THR GA 79 -43.09 90.21 8.26
C THR GA 79 -43.93 91.42 7.90
N LEU GA 80 -43.77 92.48 8.69
CA LEU GA 80 -44.37 93.75 8.35
C LEU GA 80 -43.75 94.29 7.07
N ASP GA 81 -44.58 94.90 6.24
CA ASP GA 81 -44.10 95.50 5.00
C ASP GA 81 -43.37 96.81 5.29
N LYS GA 82 -42.42 97.13 4.40
CA LYS GA 82 -41.47 98.22 4.67
C LYS GA 82 -42.16 99.51 5.05
N ASN GA 83 -43.25 99.85 4.35
CA ASN GA 83 -43.87 101.15 4.55
C ASN GA 83 -44.45 101.28 5.96
N LEU GA 84 -45.20 100.27 6.38
CA LEU GA 84 -45.81 100.32 7.70
C LEU GA 84 -44.76 100.14 8.78
N ALA GA 85 -43.70 99.37 8.48
CA ALA GA 85 -42.60 99.23 9.42
C ALA GA 85 -41.92 100.57 9.69
N THR GA 86 -41.65 101.33 8.64
CA THR GA 86 -41.02 102.63 8.82
C THR GA 86 -41.96 103.59 9.54
N ASN GA 87 -43.24 103.58 9.19
CA ASN GA 87 -44.20 104.41 9.90
C ASN GA 87 -44.22 104.06 11.39
N LEU GA 88 -44.21 102.77 11.72
CA LEU GA 88 -44.19 102.35 13.12
C LEU GA 88 -42.92 102.78 13.82
N PHE GA 89 -41.77 102.53 13.19
CA PHE GA 89 -40.50 102.83 13.83
C PHE GA 89 -40.31 104.32 14.03
N LYS GA 90 -40.99 105.16 13.26
CA LYS GA 90 -40.93 106.58 13.57
C LYS GA 90 -41.49 106.85 14.96
N MET GA 91 -42.64 106.27 15.28
CA MET GA 91 -43.23 106.45 16.59
C MET GA 91 -42.38 105.81 17.67
N LEU GA 92 -41.82 104.63 17.37
CA LEU GA 92 -40.93 103.97 18.33
C LEU GA 92 -39.72 104.83 18.62
N LEU GA 93 -39.13 105.45 17.61
CA LEU GA 93 -38.03 106.39 17.84
C LEU GA 93 -38.48 107.58 18.66
N LYS GA 94 -39.71 108.04 18.47
CA LYS GA 94 -40.19 109.14 19.29
C LYS GA 94 -40.22 108.75 20.76
N TYR GA 95 -40.55 107.50 21.05
CA TYR GA 95 -40.62 107.01 22.42
C TYR GA 95 -39.40 106.18 22.85
N ARG GA 96 -38.18 106.59 22.52
CA ARG GA 96 -37.02 105.80 22.90
C ARG GA 96 -36.82 105.79 24.42
N PRO GA 97 -36.32 104.68 24.97
CA PRO GA 97 -35.92 104.66 26.38
C PRO GA 97 -34.71 105.54 26.63
N GLU GA 98 -34.36 105.65 27.91
CA GLU GA 98 -33.49 106.72 28.38
C GLU GA 98 -32.02 106.40 28.18
N ASP GA 99 -31.28 107.42 27.75
CA ASP GA 99 -29.85 107.32 27.50
C ASP GA 99 -29.10 107.14 28.81
N LYS GA 100 -27.92 106.51 28.74
CA LYS GA 100 -27.05 106.57 29.92
C LYS GA 100 -26.62 108.00 30.20
N ALA GA 101 -26.38 108.78 29.14
CA ALA GA 101 -25.96 110.17 29.32
C ALA GA 101 -27.06 110.99 29.97
N ALA GA 102 -28.31 110.72 29.61
CA ALA GA 102 -29.43 111.45 30.16
C ALA GA 102 -29.95 110.88 31.47
N LYS GA 103 -29.55 109.67 31.83
CA LYS GA 103 -30.07 109.11 33.07
C LYS GA 103 -29.24 109.51 34.27
N LYS GA 104 -28.04 110.08 34.06
CA LYS GA 104 -27.34 110.66 35.19
C LYS GA 104 -27.90 112.03 35.53
N GLU GA 105 -28.34 112.80 34.53
CA GLU GA 105 -28.86 114.13 34.82
C GLU GA 105 -30.19 114.07 35.58
N ARG GA 106 -31.06 113.11 35.25
CA ARG GA 106 -32.37 113.06 35.90
C ARG GA 106 -32.23 112.68 37.38
N LEU GA 107 -31.23 111.88 37.72
CA LEU GA 107 -31.00 111.55 39.12
C LEU GA 107 -30.11 112.57 39.80
N LEU GA 108 -29.31 113.31 39.04
CA LEU GA 108 -28.47 114.35 39.62
C LEU GA 108 -29.30 115.57 40.03
N LYS GA 109 -30.22 116.01 39.18
CA LYS GA 109 -30.89 117.28 39.42
C LYS GA 109 -32.12 117.16 40.31
N ARG GA 110 -32.59 115.96 40.61
CA ARG GA 110 -33.58 115.80 41.68
C ARG GA 110 -32.95 115.87 43.07
N ALA GA 111 -31.62 115.86 43.15
CA ALA GA 111 -30.95 115.97 44.43
C ALA GA 111 -31.38 117.23 45.17
N GLN GA 112 -31.39 118.36 44.46
CA GLN GA 112 -31.80 119.62 45.07
C GLN GA 112 -33.28 119.62 45.41
N ALA GA 113 -34.12 119.13 44.50
CA ALA GA 113 -35.55 119.10 44.79
C ALA GA 113 -35.85 118.27 46.04
N GLU GA 114 -35.01 117.28 46.34
CA GLU GA 114 -35.16 116.58 47.62
C GLU GA 114 -34.52 117.34 48.78
N ALA GA 115 -33.39 118.01 48.53
CA ALA GA 115 -32.62 118.61 49.61
C ALA GA 115 -33.27 119.88 50.15
N GLU GA 116 -33.81 120.74 49.30
CA GLU GA 116 -34.35 122.02 49.72
C GLU GA 116 -35.87 122.05 49.73
N GLY GA 117 -36.51 121.85 48.59
CA GLY GA 117 -37.97 121.76 48.59
C GLY GA 117 -38.48 120.55 49.34
N LYS GA 118 -37.75 119.44 49.25
CA LYS GA 118 -38.12 118.12 49.81
C LYS GA 118 -39.35 117.53 49.13
N THR GA 119 -39.75 118.06 47.98
CA THR GA 119 -40.99 117.66 47.33
C THR GA 119 -40.72 117.27 45.89
N VAL GA 120 -41.34 116.17 45.46
CA VAL GA 120 -41.10 115.59 44.14
C VAL GA 120 -42.14 116.17 43.18
N GLU GA 121 -41.66 116.72 42.06
CA GLU GA 121 -42.52 117.30 41.05
C GLU GA 121 -42.51 116.48 39.76
N ALA GA 122 -41.98 115.26 39.81
CA ALA GA 122 -41.95 114.42 38.62
C ALA GA 122 -43.37 114.01 38.21
N LYS GA 123 -43.62 114.04 36.91
CA LYS GA 123 -44.77 113.37 36.31
C LYS GA 123 -44.27 112.09 35.64
N LYS GA 124 -45.22 111.23 35.27
CA LYS GA 124 -44.84 109.92 34.74
C LYS GA 124 -44.12 110.07 33.41
N PRO GA 125 -42.90 109.55 33.27
CA PRO GA 125 -42.28 109.48 31.94
C PRO GA 125 -42.68 108.21 31.23
N ILE GA 126 -43.06 108.37 29.96
CA ILE GA 126 -43.73 107.33 29.19
C ILE GA 126 -42.84 106.96 28.01
N VAL GA 127 -42.44 105.69 27.96
CA VAL GA 127 -41.52 105.18 26.94
C VAL GA 127 -41.90 103.74 26.64
N VAL GA 128 -41.32 103.20 25.56
CA VAL GA 128 -41.59 101.83 25.18
C VAL GA 128 -41.01 100.86 26.20
N LYS GA 129 -41.60 99.68 26.28
CA LYS GA 129 -41.17 98.62 27.19
C LYS GA 129 -40.56 97.50 26.35
N TYR GA 130 -39.66 96.73 26.96
CA TYR GA 130 -39.00 95.66 26.22
C TYR GA 130 -38.55 94.57 27.17
N GLY GA 131 -37.89 93.54 26.61
CA GLY GA 131 -37.42 92.43 27.40
C GLY GA 131 -38.46 91.33 27.46
N LEU GA 132 -38.07 90.09 27.19
CA LEU GA 132 -39.05 89.03 26.96
C LEU GA 132 -39.88 88.74 28.19
N ASN GA 133 -39.24 88.64 29.36
CA ASN GA 133 -39.97 88.35 30.58
C ASN GA 133 -40.95 89.48 30.91
N HIS GA 134 -40.48 90.72 30.83
CA HIS GA 134 -41.34 91.86 31.13
C HIS GA 134 -42.49 91.97 30.15
N VAL GA 135 -42.23 91.73 28.88
CA VAL GA 135 -43.28 91.85 27.88
C VAL GA 135 -44.27 90.71 28.01
N THR GA 136 -43.82 89.53 28.40
CA THR GA 136 -44.79 88.48 28.65
C THR GA 136 -45.63 88.81 29.88
N TYR GA 137 -45.04 89.50 30.86
CA TYR GA 137 -45.82 89.94 32.01
C TYR GA 137 -46.90 90.94 31.61
N LEU GA 138 -46.51 91.98 30.87
CA LEU GA 138 -47.48 92.93 30.37
C LEU GA 138 -48.55 92.24 29.53
N ILE GA 139 -48.14 91.39 28.60
CA ILE GA 139 -49.10 90.76 27.71
C ILE GA 139 -50.08 89.93 28.50
N GLU GA 140 -49.59 89.14 29.45
CA GLU GA 140 -50.46 88.21 30.14
C GLU GA 140 -51.33 88.91 31.17
N GLN GA 141 -50.99 90.14 31.57
CA GLN GA 141 -51.99 90.94 32.26
C GLN GA 141 -52.86 91.74 31.31
N SER GA 142 -52.54 91.72 30.01
CA SER GA 142 -53.24 92.49 28.99
C SER GA 142 -53.05 93.99 29.17
N LYS GA 143 -51.90 94.40 29.69
CA LYS GA 143 -51.53 95.81 29.68
C LYS GA 143 -50.72 96.20 28.45
N ALA GA 144 -50.62 95.33 27.45
CA ALA GA 144 -49.79 95.61 26.29
C ALA GA 144 -50.68 96.05 25.13
N GLN GA 145 -50.52 97.30 24.71
CA GLN GA 145 -51.37 97.93 23.71
C GLN GA 145 -50.82 97.76 22.29
N LEU GA 146 -49.56 97.34 22.16
CA LEU GA 146 -48.98 97.00 20.87
C LEU GA 146 -47.73 96.16 21.03
N VAL GA 147 -47.61 95.04 20.34
CA VAL GA 147 -46.45 94.17 20.48
C VAL GA 147 -45.69 94.11 19.16
N VAL GA 148 -44.37 94.13 19.24
CA VAL GA 148 -43.49 94.08 18.07
C VAL GA 148 -42.42 93.01 18.33
N ILE GA 149 -42.52 91.88 17.63
CA ILE GA 149 -41.64 90.74 17.83
C ILE GA 149 -40.64 90.65 16.68
N ALA GA 150 -39.38 90.43 17.00
CA ALA GA 150 -38.36 90.25 15.98
C ALA GA 150 -38.58 88.92 15.27
N HIS GA 151 -38.33 88.89 13.97
CA HIS GA 151 -38.56 87.61 13.31
C HIS GA 151 -37.43 86.63 13.56
N ASP GA 152 -36.22 87.12 13.78
CA ASP GA 152 -35.02 86.30 13.64
C ASP GA 152 -34.33 86.01 14.97
N VAL GA 153 -35.10 85.73 16.00
CA VAL GA 153 -34.53 85.40 17.30
C VAL GA 153 -33.99 83.98 17.26
N ASP GA 154 -32.75 83.81 17.70
CA ASP GA 154 -32.11 82.50 17.78
C ASP GA 154 -31.68 82.30 19.22
N PRO GA 155 -32.13 81.24 19.92
CA PRO GA 155 -32.98 80.14 19.46
C PRO GA 155 -34.40 80.57 19.25
N ILE GA 156 -35.05 80.03 18.22
CA ILE GA 156 -36.35 80.52 17.84
C ILE GA 156 -37.37 80.30 18.94
N GLU GA 157 -37.16 79.34 19.83
CA GLU GA 157 -38.19 78.98 20.78
C GLU GA 157 -38.52 80.10 21.75
N LEU GA 158 -37.66 81.11 21.85
CA LEU GA 158 -37.98 82.22 22.74
C LEU GA 158 -39.20 83.00 22.28
N VAL GA 159 -39.56 82.95 21.00
CA VAL GA 159 -40.74 83.69 20.56
C VAL GA 159 -41.66 82.87 19.66
N VAL GA 160 -41.51 81.55 19.64
CA VAL GA 160 -42.45 80.75 18.85
C VAL GA 160 -43.87 80.99 19.34
N TRP GA 161 -44.04 81.33 20.60
CA TRP GA 161 -45.34 81.35 21.23
C TRP GA 161 -45.93 82.74 21.46
N LEU GA 162 -45.16 83.83 21.32
CA LEU GA 162 -45.76 85.15 21.54
C LEU GA 162 -46.85 85.47 20.55
N PRO GA 163 -46.72 85.17 19.25
CA PRO GA 163 -47.87 85.35 18.36
C PRO GA 163 -49.13 84.68 18.86
N ALA GA 164 -49.06 83.40 19.20
CA ALA GA 164 -50.25 82.72 19.68
C ALA GA 164 -50.74 83.31 20.99
N LEU GA 165 -49.84 83.70 21.88
CA LEU GA 165 -50.25 84.28 23.15
C LEU GA 165 -50.99 85.59 22.94
N CYS GA 166 -50.42 86.48 22.14
CA CYS GA 166 -51.10 87.73 21.83
C CYS GA 166 -52.39 87.48 21.09
N ARG GA 167 -52.45 86.39 20.33
CA ARG GA 167 -53.64 86.10 19.55
C ARG GA 167 -54.75 85.62 20.44
N LYS GA 168 -54.44 84.77 21.42
CA LYS GA 168 -55.53 84.21 22.18
C LYS GA 168 -55.88 85.11 23.36
N MET GA 169 -55.02 86.09 23.68
CA MET GA 169 -55.42 87.13 24.60
C MET GA 169 -55.82 88.42 23.90
N GLU GA 170 -55.88 88.43 22.57
CA GLU GA 170 -56.46 89.54 21.81
C GLU GA 170 -55.65 90.83 21.97
N VAL GA 171 -54.36 90.74 21.72
CA VAL GA 171 -53.46 91.90 21.78
C VAL GA 171 -52.84 92.10 20.39
N PRO GA 172 -52.88 93.31 19.84
CA PRO GA 172 -52.32 93.53 18.50
C PRO GA 172 -50.82 93.32 18.48
N TYR GA 173 -50.36 92.51 17.54
CA TYR GA 173 -48.95 92.20 17.42
C TYR GA 173 -48.50 92.27 15.97
N CYS GA 174 -47.21 92.52 15.78
CA CYS GA 174 -46.59 92.42 14.48
C CYS GA 174 -45.27 91.68 14.61
N ILE GA 175 -44.88 90.98 13.56
CA ILE GA 175 -43.58 90.31 13.51
C ILE GA 175 -42.71 91.15 12.59
N VAL GA 176 -41.99 92.09 13.18
CA VAL GA 176 -41.17 93.00 12.42
C VAL GA 176 -39.87 92.30 12.08
N LYS GA 177 -39.07 92.91 11.22
CA LYS GA 177 -37.82 92.35 10.74
C LYS GA 177 -36.67 93.13 11.36
N GLY GA 178 -35.78 92.41 12.02
CA GLY GA 178 -34.53 92.95 12.54
C GLY GA 178 -34.48 93.10 14.04
N LYS GA 179 -33.98 92.07 14.74
CA LYS GA 179 -33.86 92.20 16.19
C LYS GA 179 -32.81 93.22 16.56
N SER GA 180 -31.77 93.38 15.73
CA SER GA 180 -30.79 94.43 15.98
C SER GA 180 -31.43 95.81 15.82
N ARG GA 181 -32.32 95.96 14.85
CA ARG GA 181 -32.98 97.25 14.67
C ARG GA 181 -33.95 97.52 15.80
N LEU GA 182 -34.53 96.49 16.40
CA LEU GA 182 -35.26 96.70 17.66
C LEU GA 182 -34.30 97.09 18.77
N GLY GA 183 -33.15 96.42 18.85
CA GLY GA 183 -32.19 96.73 19.90
C GLY GA 183 -31.76 98.18 19.85
N SER GA 184 -31.60 98.73 18.65
CA SER GA 184 -31.20 100.13 18.54
C SER GA 184 -32.22 101.03 19.20
N ILE GA 185 -33.51 100.68 19.12
CA ILE GA 185 -34.55 101.53 19.71
C ILE GA 185 -34.30 101.73 21.19
N VAL GA 186 -33.91 100.67 21.90
CA VAL GA 186 -33.75 100.68 23.34
C VAL GA 186 -32.30 100.88 23.75
N HIS GA 187 -31.38 100.95 22.80
CA HIS GA 187 -29.93 101.08 22.96
C HIS GA 187 -29.24 99.79 23.38
N LYS GA 188 -29.81 98.63 23.09
CA LYS GA 188 -29.16 97.36 23.36
C LYS GA 188 -28.74 96.70 22.05
N LYS GA 189 -27.95 95.64 22.17
CA LYS GA 189 -27.48 94.94 20.98
C LYS GA 189 -28.57 94.08 20.37
N THR GA 190 -29.54 93.63 21.16
CA THR GA 190 -30.74 93.01 20.65
C THR GA 190 -31.90 93.47 21.51
N ALA GA 191 -33.09 93.31 21.00
CA ALA GA 191 -34.25 93.52 21.85
C ALA GA 191 -35.20 92.34 21.87
N SER GA 192 -35.44 91.72 20.72
CA SER GA 192 -36.18 90.47 20.60
C SER GA 192 -37.67 90.59 20.90
N VAL GA 193 -38.09 91.71 21.48
CA VAL GA 193 -39.51 91.97 21.68
C VAL GA 193 -39.68 93.40 22.19
N LEU GA 194 -40.74 94.07 21.77
CA LEU GA 194 -41.10 95.36 22.32
C LEU GA 194 -42.60 95.39 22.51
N CYS GA 195 -43.07 96.31 23.36
CA CYS GA 195 -44.51 96.54 23.43
C CYS GA 195 -44.78 97.91 24.03
N LEU GA 196 -45.85 98.52 23.56
CA LEU GA 196 -46.31 99.83 24.00
C LEU GA 196 -47.56 99.66 24.84
N THR GA 197 -47.59 100.33 25.98
CA THR GA 197 -48.73 100.30 26.89
C THR GA 197 -49.58 101.55 26.81
N THR GA 198 -48.96 102.71 26.56
CA THR GA 198 -49.69 103.96 26.57
C THR GA 198 -48.90 104.98 25.76
N VAL GA 199 -49.61 105.86 25.06
CA VAL GA 199 -49.02 106.87 24.20
C VAL GA 199 -49.52 108.26 24.61
N LYS GA 200 -48.78 109.29 24.22
CA LYS GA 200 -49.15 110.66 24.54
C LYS GA 200 -50.46 111.06 23.88
N ASN GA 201 -51.21 111.95 24.54
CA ASN GA 201 -52.51 112.38 24.05
C ASN GA 201 -52.42 113.18 22.76
N GLU GA 202 -51.24 113.66 22.41
CA GLU GA 202 -51.03 114.42 21.19
C GLU GA 202 -50.88 113.53 19.96
N ASP GA 203 -50.84 112.19 20.13
CA ASP GA 203 -50.70 111.29 18.99
C ASP GA 203 -51.55 110.03 19.09
N LYS GA 204 -52.69 110.10 19.77
CA LYS GA 204 -53.62 108.96 19.78
C LYS GA 204 -54.05 108.60 18.36
N LEU GA 205 -54.44 109.59 17.57
CA LEU GA 205 -54.97 109.29 16.24
C LEU GA 205 -53.90 108.68 15.35
N GLU GA 206 -52.69 109.23 15.39
CA GLU GA 206 -51.58 108.63 14.67
C GLU GA 206 -51.33 107.20 15.11
N PHE GA 207 -51.48 106.93 16.42
CA PHE GA 207 -51.25 105.59 16.92
C PHE GA 207 -52.31 104.65 16.37
N SER GA 208 -53.57 105.03 16.52
CA SER GA 208 -54.70 104.17 16.18
C SER GA 208 -54.88 104.02 14.68
N LYS GA 209 -54.23 104.86 13.87
CA LYS GA 209 -54.16 104.56 12.45
C LYS GA 209 -53.27 103.35 12.18
N ILE GA 210 -52.20 103.17 12.98
CA ILE GA 210 -51.31 102.05 12.73
C ILE GA 210 -51.86 100.76 13.36
N LEU GA 211 -52.51 100.88 14.52
CA LEU GA 211 -52.98 99.66 15.18
C LEU GA 211 -53.96 98.89 14.32
N GLU GA 212 -54.89 99.57 13.65
CA GLU GA 212 -55.88 98.84 12.87
C GLU GA 212 -55.23 98.10 11.71
N ALA GA 213 -54.28 98.74 11.02
CA ALA GA 213 -53.58 98.05 9.94
C ALA GA 213 -52.84 96.82 10.45
N ILE GA 214 -52.10 96.97 11.56
CA ILE GA 214 -51.31 95.84 12.07
C ILE GA 214 -52.24 94.71 12.53
N LYS GA 215 -53.31 95.06 13.23
CA LYS GA 215 -54.32 94.08 13.60
C LYS GA 215 -54.83 93.34 12.38
N ALA GA 216 -55.16 94.07 11.32
CA ALA GA 216 -55.67 93.45 10.11
C ALA GA 216 -54.67 92.49 9.52
N ASN GA 217 -53.38 92.81 9.60
CA ASN GA 217 -52.38 91.91 9.02
C ASN GA 217 -52.22 90.62 9.82
N PHE GA 218 -52.15 90.69 11.15
CA PHE GA 218 -51.85 89.47 11.91
C PHE GA 218 -52.95 88.98 12.85
N ASN GA 219 -53.56 89.86 13.64
CA ASN GA 219 -54.67 89.47 14.50
C ASN GA 219 -55.96 89.31 13.74
N ASP GA 220 -55.87 89.20 12.42
CA ASP GA 220 -56.97 88.79 11.57
C ASP GA 220 -56.62 87.58 10.72
N LYS GA 221 -55.34 87.27 10.56
CA LYS GA 221 -54.89 86.19 9.69
C LYS GA 221 -54.27 85.01 10.44
N PHE GA 222 -54.02 85.13 11.75
CA PHE GA 222 -53.48 83.99 12.49
C PHE GA 222 -54.34 82.74 12.33
N ASP GA 223 -55.64 82.91 12.39
CA ASP GA 223 -56.49 81.73 12.39
C ASP GA 223 -56.59 81.08 11.06
N GLU GA 224 -55.83 81.53 10.07
CA GLU GA 224 -55.68 80.76 8.84
C GLU GA 224 -54.24 80.51 8.46
N VAL GA 225 -53.27 81.25 9.04
CA VAL GA 225 -51.87 80.91 8.85
C VAL GA 225 -51.34 80.03 9.97
N ARG GA 226 -52.20 79.52 10.85
CA ARG GA 226 -51.73 78.51 11.78
C ARG GA 226 -51.75 77.12 11.17
N LYS GA 227 -52.15 76.97 9.91
CA LYS GA 227 -52.28 75.65 9.30
C LYS GA 227 -51.31 75.42 8.16
N LYS GA 228 -50.67 76.47 7.65
CA LYS GA 228 -49.92 76.42 6.42
C LYS GA 228 -48.48 76.03 6.70
N TRP GA 229 -48.04 74.90 6.17
CA TRP GA 229 -46.62 74.54 6.24
C TRP GA 229 -45.87 75.42 5.25
N GLY GA 230 -44.73 75.94 5.66
CA GLY GA 230 -43.85 76.67 4.79
C GLY GA 230 -42.84 75.77 4.13
N GLY GA 231 -41.79 76.39 3.61
CA GLY GA 231 -40.62 75.65 3.13
C GLY GA 231 -40.88 74.67 2.02
N GLY GA 232 -39.86 73.93 1.63
CA GLY GA 232 -39.95 73.02 0.51
C GLY GA 232 -39.54 73.61 -0.81
N VAL GA 233 -39.06 74.85 -0.84
CA VAL GA 233 -38.70 75.54 -2.07
C VAL GA 233 -37.34 75.02 -2.54
N MET GA 234 -37.36 74.06 -3.46
CA MET GA 234 -36.18 73.31 -3.87
C MET GA 234 -35.18 74.24 -4.57
N GLY GA 235 -34.06 73.65 -4.99
CA GLY GA 235 -32.97 74.42 -5.55
C GLY GA 235 -33.26 74.92 -6.95
N SER GA 236 -32.37 75.79 -7.42
CA SER GA 236 -32.53 76.34 -8.76
C SER GA 236 -32.45 75.23 -9.80
N LYS GA 237 -31.43 74.37 -9.70
CA LYS GA 237 -31.29 73.30 -10.66
C LYS GA 237 -32.43 72.30 -10.55
N SER GA 238 -32.93 72.09 -9.33
CA SER GA 238 -34.06 71.18 -9.16
C SER GA 238 -35.33 71.76 -9.77
N GLN GA 239 -35.53 73.06 -9.69
CA GLN GA 239 -36.69 73.65 -10.34
C GLN GA 239 -36.53 73.65 -11.85
N ALA GA 240 -35.32 73.83 -12.36
CA ALA GA 240 -35.11 73.67 -13.78
C ALA GA 240 -35.44 72.25 -14.22
N LYS GA 241 -35.06 71.27 -13.41
CA LYS GA 241 -35.49 69.91 -13.63
C LYS GA 241 -37.01 69.79 -13.62
N THR GA 242 -37.67 70.51 -12.71
CA THR GA 242 -39.13 70.47 -12.61
C THR GA 242 -39.79 70.94 -13.90
N LYS GA 243 -39.39 72.12 -14.37
CA LYS GA 243 -39.97 72.64 -15.61
C LYS GA 243 -39.58 71.84 -16.83
N ALA GA 244 -38.38 71.26 -16.84
CA ALA GA 244 -38.02 70.37 -17.94
C ALA GA 244 -38.89 69.11 -17.93
N ARG GA 245 -39.16 68.58 -16.74
CA ARG GA 245 -39.86 67.31 -16.64
C ARG GA 245 -41.33 67.45 -16.93
N GLU GA 246 -41.97 68.49 -16.39
CA GLU GA 246 -43.40 68.61 -16.60
C GLU GA 246 -43.74 68.88 -18.07
N ARG GA 247 -42.90 69.63 -18.78
CA ARG GA 247 -43.15 69.83 -20.21
C ARG GA 247 -43.12 68.51 -20.97
N LEU GA 248 -42.08 67.69 -20.77
CA LEU GA 248 -42.04 66.41 -21.46
C LEU GA 248 -43.10 65.43 -20.97
N ILE GA 249 -43.71 65.67 -19.82
CA ILE GA 249 -44.91 64.92 -19.47
C ILE GA 249 -46.15 65.45 -20.19
N ALA GA 250 -46.22 66.75 -20.45
CA ALA GA 250 -47.44 67.35 -21.00
C ALA GA 250 -47.30 67.86 -22.44
N PRO HA 2 -28.98 -7.61 51.14
CA PRO HA 2 -28.27 -6.59 50.36
C PRO HA 2 -26.77 -6.71 50.52
N ALA HA 3 -26.04 -5.87 49.80
CA ALA HA 3 -24.59 -5.83 49.91
C ALA HA 3 -23.97 -7.20 49.67
N GLY HA 4 -24.50 -7.91 48.68
CA GLY HA 4 -23.98 -9.19 48.27
C GLY HA 4 -24.75 -10.38 48.77
N HIS HA 5 -25.59 -10.22 49.78
CA HIS HA 5 -26.29 -11.36 50.36
C HIS HA 5 -27.70 -10.94 50.78
N GLY HA 6 -28.71 -11.52 50.15
CA GLY HA 6 -30.08 -11.26 50.50
C GLY HA 6 -30.51 -12.03 51.72
N LEU HA 7 -31.81 -11.91 52.06
CA LEU HA 7 -32.27 -12.40 53.36
C LEU HA 7 -32.05 -13.89 53.52
N ARG HA 8 -32.39 -14.68 52.52
CA ARG HA 8 -32.37 -16.13 52.67
C ARG HA 8 -31.20 -16.75 51.93
N SER HA 9 -30.02 -16.13 52.02
CA SER HA 9 -28.85 -16.69 51.37
C SER HA 9 -28.31 -17.87 52.16
N ARG HA 10 -27.41 -18.63 51.54
CA ARG HA 10 -26.65 -19.69 52.19
C ARG HA 10 -27.52 -20.70 52.93
N THR HA 11 -28.81 -20.74 52.67
CA THR HA 11 -29.72 -21.64 53.37
C THR HA 11 -30.20 -22.80 52.49
N ARG HA 12 -29.31 -23.38 51.71
CA ARG HA 12 -29.72 -24.55 50.94
C ARG HA 12 -30.11 -25.69 51.87
N ASP HA 13 -29.49 -25.77 53.03
CA ASP HA 13 -29.79 -26.83 53.99
C ASP HA 13 -30.27 -26.32 55.33
N LEU HA 14 -30.09 -25.04 55.63
CA LEU HA 14 -30.53 -24.55 56.93
C LEU HA 14 -32.04 -24.58 57.01
N PHE HA 15 -32.73 -24.21 55.93
CA PHE HA 15 -34.17 -24.02 55.99
C PHE HA 15 -34.95 -25.21 55.47
N ALA HA 16 -34.27 -26.25 55.00
CA ALA HA 16 -35.00 -27.39 54.48
C ALA HA 16 -35.75 -28.08 55.60
N ARG HA 17 -36.79 -28.81 55.22
CA ARG HA 17 -37.39 -29.79 56.10
C ARG HA 17 -36.48 -31.00 56.28
N PRO HA 18 -36.59 -31.68 57.40
CA PRO HA 18 -35.87 -32.95 57.58
C PRO HA 18 -36.49 -34.03 56.72
N PHE HA 19 -35.70 -35.05 56.45
CA PHE HA 19 -36.14 -36.12 55.56
C PHE HA 19 -37.31 -36.88 56.17
N ARG HA 20 -38.33 -37.13 55.35
CA ARG HA 20 -39.61 -37.74 55.74
C ARG HA 20 -40.29 -37.00 56.88
N LYS HA 21 -39.99 -35.72 57.08
CA LYS HA 21 -40.82 -34.88 57.93
C LYS HA 21 -41.32 -33.67 57.16
N LYS HA 22 -41.60 -33.85 55.88
CA LYS HA 22 -42.09 -32.79 55.01
C LYS HA 22 -43.61 -32.81 55.00
N GLY HA 23 -44.19 -31.71 54.53
CA GLY HA 23 -45.62 -31.69 54.36
C GLY HA 23 -46.42 -30.89 55.36
N TYR HA 24 -47.07 -31.57 56.30
CA TYR HA 24 -48.03 -30.95 57.19
C TYR HA 24 -47.37 -30.39 58.43
N ILE HA 25 -48.09 -29.50 59.10
CA ILE HA 25 -47.66 -28.94 60.38
C ILE HA 25 -48.46 -29.63 61.48
N PRO HA 26 -47.84 -30.42 62.34
CA PRO HA 26 -48.59 -31.03 63.44
C PRO HA 26 -49.20 -29.97 64.32
N LEU HA 27 -50.44 -30.24 64.76
CA LEU HA 27 -51.22 -29.24 65.47
C LEU HA 27 -50.59 -28.85 66.81
N THR HA 28 -49.68 -29.67 67.33
CA THR HA 28 -49.11 -29.34 68.63
C THR HA 28 -48.24 -28.09 68.57
N THR HA 29 -47.59 -27.84 67.42
CA THR HA 29 -46.80 -26.62 67.30
C THR HA 29 -47.68 -25.39 67.33
N TYR HA 30 -48.99 -25.58 67.21
CA TYR HA 30 -49.91 -24.47 67.27
C TYR HA 30 -50.63 -24.38 68.60
N LEU HA 31 -50.81 -25.51 69.27
CA LEU HA 31 -51.50 -25.52 70.56
C LEU HA 31 -50.56 -25.47 71.74
N ARG HA 32 -49.25 -25.39 71.54
CA ARG HA 32 -48.37 -25.02 72.64
C ARG HA 32 -48.41 -23.51 72.80
N THR HA 33 -48.82 -23.04 73.98
CA THR HA 33 -49.05 -21.63 74.23
C THR HA 33 -47.91 -21.01 75.00
N TYR HA 34 -47.68 -19.72 74.74
CA TYR HA 34 -46.54 -18.99 75.24
C TYR HA 34 -46.97 -17.86 76.15
N LYS HA 35 -46.15 -17.55 77.13
CA LYS HA 35 -46.39 -16.46 78.05
C LYS HA 35 -45.12 -15.64 78.15
N VAL HA 36 -45.27 -14.35 78.42
CA VAL HA 36 -44.13 -13.44 78.43
C VAL HA 36 -43.15 -13.87 79.51
N GLY HA 37 -41.98 -14.35 79.09
CA GLY HA 37 -40.94 -14.72 80.02
C GLY HA 37 -40.38 -16.10 79.80
N GLU HA 38 -41.08 -16.94 79.05
CA GLU HA 38 -40.58 -18.28 78.82
C GLU HA 38 -39.41 -18.24 77.85
N HIS HA 39 -38.58 -19.27 77.94
CA HIS HA 39 -37.40 -19.38 77.10
C HIS HA 39 -37.72 -20.35 75.96
N VAL HA 40 -37.64 -19.84 74.73
CA VAL HA 40 -38.09 -20.55 73.54
C VAL HA 40 -36.93 -20.63 72.57
N ASP HA 41 -36.96 -21.63 71.70
CA ASP HA 41 -35.89 -21.85 70.73
C ASP HA 41 -36.39 -21.48 69.35
N VAL HA 42 -35.68 -20.56 68.72
CA VAL HA 42 -36.03 -20.18 67.35
C VAL HA 42 -35.42 -21.21 66.41
N LYS HA 43 -36.27 -21.93 65.70
CA LYS HA 43 -35.83 -22.81 64.62
C LYS HA 43 -36.77 -22.61 63.44
N VAL HA 44 -36.25 -22.08 62.35
CA VAL HA 44 -37.10 -21.72 61.23
C VAL HA 44 -37.73 -22.99 60.67
N ASN HA 45 -38.89 -22.82 60.08
CA ASN HA 45 -39.60 -23.90 59.42
C ASN HA 45 -39.64 -23.57 57.94
N GLY HA 46 -39.24 -24.52 57.10
CA GLY HA 46 -39.09 -24.22 55.69
C GLY HA 46 -40.39 -23.82 55.02
N ALA HA 47 -41.48 -24.54 55.33
CA ALA HA 47 -42.68 -24.42 54.52
C ALA HA 47 -43.53 -23.21 54.87
N VAL HA 48 -43.41 -22.66 56.07
CA VAL HA 48 -44.19 -21.49 56.44
C VAL HA 48 -43.34 -20.26 56.14
N HIS HA 49 -43.70 -19.51 55.12
CA HIS HA 49 -42.85 -18.41 54.64
C HIS HA 49 -43.16 -17.06 55.25
N LYS HA 50 -44.14 -16.94 56.11
CA LYS HA 50 -44.40 -15.62 56.68
C LYS HA 50 -43.85 -15.54 58.09
N GLY HA 51 -43.48 -14.31 58.49
CA GLY HA 51 -42.95 -14.07 59.81
C GLY HA 51 -41.61 -14.72 60.08
N MET HA 52 -40.97 -15.23 59.05
CA MET HA 52 -39.76 -16.02 59.23
C MET HA 52 -38.63 -15.16 59.80
N PRO HA 53 -37.81 -15.72 60.68
CA PRO HA 53 -36.61 -15.01 61.15
C PRO HA 53 -35.42 -15.26 60.25
N HIS HA 54 -34.50 -14.31 60.27
CA HIS HA 54 -33.31 -14.40 59.43
C HIS HA 54 -32.46 -15.60 59.83
N LYS HA 55 -31.67 -16.08 58.87
CA LYS HA 55 -30.95 -17.34 59.04
C LYS HA 55 -30.00 -17.31 60.22
N PHE HA 56 -29.63 -16.13 60.70
CA PHE HA 56 -28.84 -16.04 61.91
C PHE HA 56 -29.55 -16.67 63.09
N TYR HA 57 -30.86 -16.44 63.22
CA TYR HA 57 -31.56 -16.82 64.43
C TYR HA 57 -31.95 -18.27 64.49
N HIS HA 58 -31.73 -19.04 63.43
CA HIS HA 58 -32.06 -20.46 63.52
C HIS HA 58 -31.10 -21.14 64.47
N GLY HA 59 -31.63 -21.68 65.55
CA GLY HA 59 -30.80 -22.41 66.47
C GLY HA 59 -30.28 -21.56 67.61
N ARG HA 60 -31.14 -20.69 68.11
CA ARG HA 60 -30.81 -19.92 69.29
C ARG HA 60 -31.97 -20.00 70.25
N THR HA 61 -31.81 -19.37 71.40
CA THR HA 61 -32.79 -19.40 72.46
C THR HA 61 -32.98 -17.99 72.98
N GLY HA 62 -34.21 -17.64 73.32
CA GLY HA 62 -34.43 -16.36 73.95
C GLY HA 62 -35.76 -16.31 74.64
N ARG HA 63 -35.93 -15.26 75.42
CA ARG HA 63 -37.12 -15.10 76.24
C ARG HA 63 -38.19 -14.42 75.43
N VAL HA 64 -39.40 -14.96 75.45
CA VAL HA 64 -40.52 -14.27 74.86
C VAL HA 64 -40.67 -12.93 75.56
N TRP HA 65 -40.87 -11.87 74.80
CA TRP HA 65 -41.02 -10.56 75.39
C TRP HA 65 -42.29 -9.85 75.02
N ASN HA 66 -43.01 -10.34 74.01
CA ASN HA 66 -44.30 -9.79 73.65
C ASN HA 66 -44.99 -10.82 72.77
N VAL HA 67 -46.21 -11.16 73.12
CA VAL HA 67 -46.96 -12.21 72.42
C VAL HA 67 -48.17 -11.57 71.77
N THR HA 68 -48.35 -11.84 70.48
CA THR HA 68 -49.49 -11.32 69.73
C THR HA 68 -50.09 -12.48 68.94
N LYS HA 69 -51.20 -12.23 68.26
CA LYS HA 69 -51.83 -13.28 67.49
C LYS HA 69 -50.91 -13.70 66.36
N ARG HA 70 -50.70 -15.01 66.22
CA ARG HA 70 -49.89 -15.64 65.20
C ARG HA 70 -48.42 -15.32 65.33
N ALA HA 71 -47.99 -14.60 66.36
CA ALA HA 71 -46.65 -14.05 66.38
C ALA HA 71 -46.14 -13.96 67.82
N ILE HA 72 -44.90 -14.37 68.00
CA ILE HA 72 -44.19 -14.31 69.27
C ILE HA 72 -43.08 -13.30 69.13
N GLY HA 73 -42.87 -12.48 70.16
CA GLY HA 73 -41.74 -11.59 70.21
C GLY HA 73 -40.65 -12.20 71.06
N VAL HA 74 -39.53 -12.52 70.42
CA VAL HA 74 -38.38 -13.10 71.09
C VAL HA 74 -37.31 -12.02 71.21
N GLU HA 75 -36.49 -12.12 72.25
CA GLU HA 75 -35.48 -11.11 72.59
C GLU HA 75 -34.14 -11.78 72.84
N ILE HA 76 -33.31 -11.91 71.81
CA ILE HA 76 -32.11 -12.72 71.94
C ILE HA 76 -30.86 -11.90 71.62
N ASN HA 77 -29.73 -12.41 72.08
CA ASN HA 77 -28.47 -11.70 72.04
C ASN HA 77 -27.70 -12.01 70.76
N LYS HA 78 -27.38 -10.96 70.00
CA LYS HA 78 -26.50 -11.09 68.85
C LYS HA 78 -25.24 -10.31 69.15
N GLN HA 79 -24.10 -10.95 68.95
CA GLN HA 79 -22.82 -10.36 69.30
C GLN HA 79 -22.22 -9.66 68.09
N VAL HA 80 -22.11 -8.34 68.16
CA VAL HA 80 -21.53 -7.56 67.07
C VAL HA 80 -20.52 -6.58 67.65
N GLY HA 81 -19.33 -6.55 67.07
CA GLY HA 81 -18.32 -5.63 67.55
C GLY HA 81 -17.84 -6.06 68.91
N ASN HA 82 -17.88 -5.13 69.85
CA ASN HA 82 -17.48 -5.37 71.22
C ASN HA 82 -18.64 -5.20 72.18
N ARG HA 83 -19.79 -5.79 71.85
CA ARG HA 83 -21.01 -5.56 72.59
C ARG HA 83 -22.05 -6.58 72.17
N ILE HA 84 -23.04 -6.78 73.04
CA ILE HA 84 -24.13 -7.71 72.83
C ILE HA 84 -25.39 -6.91 72.65
N ILE HA 85 -26.06 -7.07 71.51
CA ILE HA 85 -27.31 -6.38 71.26
C ILE HA 85 -28.45 -7.36 71.50
N LYS HA 86 -29.36 -7.00 72.40
CA LYS HA 86 -30.59 -7.75 72.55
C LYS HA 86 -31.52 -7.37 71.40
N LYS HA 87 -31.49 -8.18 70.34
CA LYS HA 87 -32.39 -8.01 69.22
C LYS HA 87 -33.76 -8.52 69.57
N ARG HA 88 -34.77 -7.88 69.00
CA ARG HA 88 -36.16 -8.19 69.26
C ARG HA 88 -36.79 -8.56 67.93
N ILE HA 89 -37.19 -9.81 67.77
CA ILE HA 89 -37.76 -10.26 66.52
C ILE HA 89 -39.16 -10.75 66.80
N HIS HA 90 -40.03 -10.66 65.81
CA HIS HA 90 -41.32 -11.34 65.87
C HIS HA 90 -41.34 -12.47 64.87
N VAL HA 91 -41.50 -13.68 65.38
CA VAL HA 91 -41.51 -14.88 64.57
C VAL HA 91 -42.89 -15.50 64.67
N ARG HA 92 -43.40 -16.02 63.56
CA ARG HA 92 -44.65 -16.73 63.64
C ARG HA 92 -44.46 -18.02 64.41
N VAL HA 93 -45.51 -18.42 65.12
CA VAL HA 93 -45.41 -19.46 66.12
C VAL HA 93 -44.93 -20.77 65.54
N GLU HA 94 -45.03 -20.95 64.23
CA GLU HA 94 -44.60 -22.20 63.62
C GLU HA 94 -43.10 -22.38 63.71
N HIS HA 95 -42.36 -21.30 63.96
CA HIS HA 95 -40.91 -21.31 63.95
C HIS HA 95 -40.31 -21.45 65.33
N VAL HA 96 -41.11 -21.44 66.39
CA VAL HA 96 -40.58 -21.51 67.73
C VAL HA 96 -41.13 -22.74 68.42
N GLN HA 97 -40.25 -23.40 69.16
CA GLN HA 97 -40.60 -24.46 70.05
C GLN HA 97 -40.16 -24.04 71.45
N PRO HA 98 -40.94 -24.35 72.47
CA PRO HA 98 -40.51 -24.00 73.82
C PRO HA 98 -39.30 -24.83 74.19
N SER HA 99 -38.40 -24.23 74.94
CA SER HA 99 -37.16 -24.89 75.29
C SER HA 99 -37.31 -25.73 76.54
N ARG HA 100 -36.53 -26.79 76.61
CA ARG HA 100 -36.41 -27.58 77.83
C ARG HA 100 -35.10 -27.28 78.54
N CYS HA 101 -34.58 -26.06 78.40
CA CYS HA 101 -33.39 -25.71 79.14
C CYS HA 101 -33.68 -25.60 80.63
N ASN HA 102 -34.79 -24.95 80.97
CA ASN HA 102 -35.16 -24.73 82.36
C ASN HA 102 -36.04 -25.83 82.91
N GLU HA 103 -36.25 -26.91 82.18
CA GLU HA 103 -37.04 -28.00 82.74
C GLU HA 103 -36.44 -28.48 84.06
N GLU HA 104 -35.14 -28.82 84.04
CA GLU HA 104 -34.49 -29.26 85.27
C GLU HA 104 -34.46 -28.14 86.31
N PHE HA 105 -34.21 -26.91 85.90
CA PHE HA 105 -34.16 -25.82 86.86
C PHE HA 105 -35.48 -25.68 87.60
N LEU HA 106 -36.59 -25.58 86.87
CA LEU HA 106 -37.87 -25.33 87.52
C LEU HA 106 -38.34 -26.53 88.30
N GLN HA 107 -37.97 -27.75 87.89
CA GLN HA 107 -38.23 -28.89 88.74
C GLN HA 107 -37.43 -28.81 90.03
N ARG HA 108 -36.14 -28.49 89.90
CA ARG HA 108 -35.23 -28.52 91.05
C ARG HA 108 -35.52 -27.39 92.01
N LYS HA 109 -36.07 -26.28 91.54
CA LYS HA 109 -36.43 -25.20 92.45
C LYS HA 109 -37.41 -25.69 93.50
N LEU HA 110 -38.47 -26.38 93.06
CA LEU HA 110 -39.42 -26.95 94.00
C LEU HA 110 -38.80 -28.09 94.79
N ASN HA 111 -38.00 -28.93 94.13
CA ASN HA 111 -37.33 -30.01 94.84
C ASN HA 111 -36.43 -29.47 95.94
N ASN HA 112 -35.92 -28.25 95.77
CA ASN HA 112 -35.11 -27.61 96.82
C ASN HA 112 -36.00 -27.05 97.92
N ASP HA 113 -36.94 -26.19 97.56
CA ASP HA 113 -37.77 -25.57 98.59
C ASP HA 113 -38.50 -26.60 99.43
N LYS HA 114 -38.79 -27.76 98.86
CA LYS HA 114 -39.38 -28.83 99.66
C LYS HA 114 -38.41 -29.28 100.74
N LEU HA 115 -37.14 -29.45 100.41
CA LEU HA 115 -36.18 -29.91 101.41
C LEU HA 115 -35.81 -28.81 102.39
N LYS HA 116 -35.82 -27.55 101.98
CA LYS HA 116 -35.65 -26.50 102.97
C LYS HA 116 -36.82 -26.46 103.95
N ALA HA 117 -38.03 -26.76 103.47
CA ALA HA 117 -39.15 -26.93 104.40
C ALA HA 117 -38.93 -28.11 105.33
N GLU HA 118 -38.54 -29.25 104.77
CA GLU HA 118 -38.34 -30.45 105.57
C GLU HA 118 -37.21 -30.27 106.58
N ALA HA 119 -36.23 -29.43 106.26
CA ALA HA 119 -35.16 -29.14 107.20
C ALA HA 119 -35.62 -28.17 108.27
N LYS HA 120 -36.46 -27.21 107.93
CA LYS HA 120 -37.05 -26.36 108.96
C LYS HA 120 -37.86 -27.20 109.95
N VAL HA 121 -38.49 -28.27 109.46
CA VAL HA 121 -39.17 -29.21 110.35
C VAL HA 121 -38.23 -29.66 111.47
N ARG HA 122 -37.17 -30.36 111.10
CA ARG HA 122 -36.22 -30.96 112.02
C ARG HA 122 -35.10 -29.95 112.30
N GLY HA 123 -33.96 -30.41 112.81
CA GLY HA 123 -32.80 -29.55 112.98
C GLY HA 123 -32.53 -28.74 111.74
N GLU HA 124 -32.73 -27.42 111.84
CA GLU HA 124 -32.89 -26.57 110.67
C GLU HA 124 -31.55 -26.20 110.03
N VAL HA 125 -30.82 -27.25 109.64
CA VAL HA 125 -29.57 -27.13 108.91
C VAL HA 125 -29.60 -28.09 107.73
N ILE HA 126 -29.37 -27.57 106.53
CA ILE HA 126 -29.26 -28.36 105.30
C ILE HA 126 -28.44 -27.56 104.31
N SER HA 127 -28.06 -28.19 103.20
CA SER HA 127 -27.35 -27.51 102.12
C SER HA 127 -27.86 -28.05 100.79
N THR HA 128 -28.64 -27.24 100.08
CA THR HA 128 -29.33 -27.69 98.87
C THR HA 128 -28.53 -27.27 97.65
N LYS HA 129 -27.43 -27.98 97.41
CA LYS HA 129 -26.57 -27.70 96.28
C LYS HA 129 -26.15 -29.00 95.62
N ARG HA 130 -26.01 -28.95 94.30
CA ARG HA 130 -25.41 -30.03 93.56
C ARG HA 130 -23.89 -29.91 93.61
N GLN HA 131 -23.22 -31.04 93.63
CA GLN HA 131 -21.77 -31.06 93.55
C GLN HA 131 -21.37 -31.94 92.38
N PRO HA 132 -20.44 -31.51 91.55
CA PRO HA 132 -20.01 -32.34 90.43
C PRO HA 132 -19.35 -33.63 90.91
N ALA HA 133 -19.44 -34.66 90.06
CA ALA HA 133 -19.01 -36.00 90.43
C ALA HA 133 -17.53 -36.03 90.80
N GLY HA 134 -17.24 -36.25 92.08
CA GLY HA 134 -15.87 -36.22 92.55
C GLY HA 134 -15.32 -37.59 92.87
N PRO HA 135 -14.32 -37.63 93.73
CA PRO HA 135 -13.65 -38.90 94.07
C PRO HA 135 -14.62 -39.97 94.55
N LYS HA 136 -14.48 -41.16 94.00
CA LYS HA 136 -15.28 -42.31 94.42
C LYS HA 136 -14.56 -43.08 95.52
N PRO HA 137 -15.26 -43.42 96.60
CA PRO HA 137 -14.58 -43.99 97.76
C PRO HA 137 -14.09 -45.40 97.49
N GLY HA 138 -13.38 -45.99 98.44
CA GLY HA 138 -12.86 -47.33 98.26
C GLY HA 138 -13.94 -48.37 98.41
N PHE HA 139 -13.58 -49.59 98.02
CA PHE HA 139 -14.46 -50.74 98.15
C PHE HA 139 -13.66 -51.99 97.85
N MET HA 140 -14.13 -53.11 98.36
CA MET HA 140 -13.52 -54.38 97.99
C MET HA 140 -14.07 -54.86 96.67
N VAL HA 141 -13.25 -55.59 95.93
CA VAL HA 141 -13.66 -56.30 94.74
C VAL HA 141 -13.62 -57.77 95.07
N GLU HA 142 -14.77 -58.44 94.99
CA GLU HA 142 -14.82 -59.88 95.23
C GLU HA 142 -14.16 -60.60 94.07
N GLY HA 143 -12.95 -61.11 94.30
CA GLY HA 143 -12.10 -61.56 93.22
C GLY HA 143 -12.77 -62.54 92.28
N THR HA 144 -12.85 -62.17 91.00
CA THR HA 144 -13.52 -62.99 90.00
C THR HA 144 -12.48 -63.47 89.00
N THR HA 145 -12.94 -64.13 87.94
CA THR HA 145 -12.04 -64.53 86.88
C THR HA 145 -11.50 -63.30 86.18
N ILE HA 146 -10.18 -63.21 86.09
CA ILE HA 146 -9.50 -62.04 85.54
C ILE HA 146 -8.89 -62.42 84.20
N GLU HA 147 -9.31 -61.73 83.16
CA GLU HA 147 -9.01 -62.08 81.78
C GLU HA 147 -7.72 -61.42 81.32
N THR HA 148 -6.72 -62.23 80.99
CA THR HA 148 -5.43 -61.71 80.56
C THR HA 148 -5.50 -61.40 79.07
N VAL HA 149 -5.16 -60.17 78.70
CA VAL HA 149 -5.18 -59.73 77.31
C VAL HA 149 -3.79 -59.27 76.93
N THR HA 150 -3.30 -59.75 75.78
CA THR HA 150 -1.96 -59.43 75.31
C THR HA 150 -2.03 -58.88 73.89
N PRO HA 151 -1.20 -57.88 73.57
CA PRO HA 151 -1.29 -57.25 72.24
C PRO HA 151 -1.13 -58.27 71.13
N ILE HA 152 -1.89 -58.08 70.07
CA ILE HA 152 -2.05 -59.10 69.04
C ILE HA 152 -0.84 -59.10 68.11
N PRO HA 153 -0.29 -60.26 67.78
CA PRO HA 153 0.72 -60.31 66.73
C PRO HA 153 0.14 -59.80 65.42
N TYR HA 154 0.99 -59.17 64.63
CA TYR HA 154 0.54 -58.45 63.44
C TYR HA 154 0.35 -59.44 62.29
N ASP HA 155 -0.90 -59.68 61.91
CA ASP HA 155 -1.18 -60.35 60.65
C ASP HA 155 -1.33 -59.29 59.58
N VAL HA 156 -0.42 -59.28 58.60
CA VAL HA 156 -0.40 -58.25 57.57
C VAL HA 156 -1.71 -58.25 56.80
N VAL HA 157 -2.37 -59.40 56.71
CA VAL HA 157 -3.56 -59.55 55.90
C VAL HA 157 -4.79 -59.09 56.67
N VAL IA 2 12.61 81.19 -60.10
CA VAL IA 2 12.75 82.42 -59.31
C VAL IA 2 13.85 82.26 -58.28
N LYS IA 3 14.63 83.31 -58.08
CA LYS IA 3 15.66 83.35 -57.04
C LYS IA 3 15.15 84.20 -55.89
N PHE IA 4 15.12 83.62 -54.70
CA PHE IA 4 14.50 84.24 -53.54
C PHE IA 4 15.50 84.64 -52.46
N LEU IA 5 16.78 84.76 -52.81
CA LEU IA 5 17.76 85.40 -51.97
C LEU IA 5 18.28 86.59 -52.77
N LYS IA 6 17.58 87.72 -52.62
CA LYS IA 6 17.87 88.92 -53.38
C LYS IA 6 17.79 90.12 -52.45
N PRO IA 7 18.51 91.18 -52.76
CA PRO IA 7 18.62 92.31 -51.81
C PRO IA 7 17.28 92.91 -51.47
N GLY IA 8 17.00 93.01 -50.18
CA GLY IA 8 15.77 93.60 -49.69
C GLY IA 8 14.81 92.62 -49.06
N LYS IA 9 15.17 91.35 -48.93
CA LYS IA 9 14.25 90.33 -48.45
C LYS IA 9 14.49 90.06 -46.97
N ALA IA 10 13.41 89.78 -46.26
CA ALA IA 10 13.45 89.66 -44.81
C ALA IA 10 13.74 88.22 -44.42
N VAL IA 11 14.84 88.03 -43.71
CA VAL IA 11 15.39 86.71 -43.45
C VAL IA 11 15.72 86.59 -41.97
N ILE IA 12 15.50 85.41 -41.42
CA ILE IA 12 15.80 85.13 -40.01
C ILE IA 12 17.19 84.52 -39.93
N LEU IA 13 18.11 85.20 -39.25
CA LEU IA 13 19.37 84.54 -38.95
C LEU IA 13 19.09 83.33 -38.09
N LEU IA 14 19.65 82.20 -38.47
CA LEU IA 14 19.22 80.97 -37.87
C LEU IA 14 20.14 80.49 -36.78
N GLN IA 15 21.34 81.08 -36.65
CA GLN IA 15 22.35 80.42 -35.85
C GLN IA 15 23.53 81.33 -35.52
N GLY IA 16 23.78 81.53 -34.22
CA GLY IA 16 25.00 82.11 -33.68
C GLY IA 16 24.96 83.54 -33.20
N ARG IA 17 24.69 83.70 -31.90
CA ARG IA 17 24.70 84.92 -31.12
C ARG IA 17 23.64 85.88 -31.64
N PHE IA 18 23.06 85.56 -32.79
CA PHE IA 18 21.88 86.26 -33.29
C PHE IA 18 20.89 85.27 -33.85
N ALA IA 19 20.77 84.13 -33.20
CA ALA IA 19 19.77 83.17 -33.64
C ALA IA 19 18.39 83.72 -33.32
N GLY IA 20 17.48 83.59 -34.27
CA GLY IA 20 16.11 84.00 -34.09
C GLY IA 20 15.85 85.45 -34.40
N ARG IA 21 16.88 86.27 -34.50
CA ARG IA 21 16.70 87.64 -34.93
C ARG IA 21 16.42 87.72 -36.42
N LYS IA 22 15.74 88.80 -36.79
CA LYS IA 22 15.30 89.08 -38.14
C LYS IA 22 16.22 90.12 -38.76
N ALA IA 23 16.32 90.10 -40.07
CA ALA IA 23 17.26 90.95 -40.75
C ALA IA 23 16.82 91.10 -42.19
N VAL IA 24 17.50 91.96 -42.93
CA VAL IA 24 17.21 92.18 -44.34
C VAL IA 24 18.49 91.92 -45.11
N ILE IA 25 18.40 91.08 -46.13
CA ILE IA 25 19.58 90.82 -46.95
C ILE IA 25 19.96 92.09 -47.69
N VAL IA 26 21.11 92.67 -47.35
CA VAL IA 26 21.49 93.92 -47.99
C VAL IA 26 22.13 93.68 -49.35
N ARG IA 27 23.12 92.79 -49.42
CA ARG IA 27 23.65 92.44 -50.73
C ARG IA 27 24.12 90.99 -50.70
N VAL IA 28 23.85 90.27 -51.79
CA VAL IA 28 24.06 88.84 -51.86
C VAL IA 28 25.39 88.55 -52.54
N PHE IA 29 26.22 87.75 -51.88
CA PHE IA 29 27.47 87.25 -52.45
C PHE IA 29 27.25 85.84 -52.98
N GLU IA 30 26.44 85.75 -54.03
CA GLU IA 30 25.97 84.45 -54.51
C GLU IA 30 27.14 83.56 -54.96
N GLU IA 31 28.11 84.13 -55.65
CA GLU IA 31 29.19 83.35 -56.25
C GLU IA 31 30.44 83.39 -55.36
N GLY IA 32 30.27 82.91 -54.12
CA GLY IA 32 31.37 82.85 -53.17
C GLY IA 32 32.12 84.16 -53.04
N THR IA 33 33.34 84.12 -52.51
CA THR IA 33 34.24 85.26 -52.54
C THR IA 33 35.67 84.76 -52.64
N ARG IA 34 36.60 85.70 -52.44
CA ARG IA 34 38.01 85.38 -52.39
C ARG IA 34 38.32 84.45 -51.23
N ASP IA 35 37.79 84.75 -50.05
CA ASP IA 35 38.10 83.98 -48.85
C ASP IA 35 36.89 83.34 -48.20
N ARG IA 36 35.77 83.24 -48.90
CA ARG IA 36 34.60 82.51 -48.41
C ARG IA 36 33.99 81.75 -49.58
N PRO IA 37 34.53 80.56 -49.89
CA PRO IA 37 34.10 79.84 -51.10
C PRO IA 37 32.65 79.35 -51.05
N TYR IA 38 32.07 79.26 -49.87
CA TYR IA 38 30.64 79.05 -49.73
C TYR IA 38 29.86 80.31 -50.09
N GLY IA 39 28.56 80.16 -50.30
CA GLY IA 39 27.72 81.28 -50.69
C GLY IA 39 27.10 81.92 -49.46
N HIS IA 40 27.19 83.25 -49.39
CA HIS IA 40 26.81 84.02 -48.22
C HIS IA 40 26.23 85.35 -48.65
N CYS IA 41 25.74 86.12 -47.68
CA CYS IA 41 25.11 87.40 -47.98
C CYS IA 41 25.22 88.34 -46.80
N LEU IA 42 25.70 89.54 -47.06
CA LEU IA 42 25.75 90.57 -46.02
C LEU IA 42 24.33 91.00 -45.66
N VAL IA 43 24.04 91.06 -44.37
CA VAL IA 43 22.66 91.23 -43.91
C VAL IA 43 22.67 92.17 -42.72
N ALA IA 44 21.60 92.96 -42.62
CA ALA IA 44 21.46 93.97 -41.57
C ALA IA 44 20.24 93.63 -40.73
N GLY IA 45 20.44 93.47 -39.43
CA GLY IA 45 19.38 92.93 -38.60
C GLY IA 45 18.90 93.80 -37.47
N LEU IA 46 18.26 93.18 -36.48
CA LEU IA 46 17.80 93.89 -35.29
C LEU IA 46 18.32 93.11 -34.09
N ALA IA 47 19.47 93.52 -33.54
CA ALA IA 47 19.96 92.83 -32.36
C ALA IA 47 19.11 93.12 -31.13
N LYS IA 48 18.35 94.21 -31.15
CA LYS IA 48 17.39 94.51 -30.09
C LYS IA 48 16.14 95.08 -30.74
N TYR IA 49 15.06 94.57 -30.40
CA TYR IA 49 13.76 94.86 -30.96
C TYR IA 49 13.09 96.03 -30.26
N PRO IA 50 12.22 96.73 -30.96
CA PRO IA 50 11.44 97.78 -30.32
C PRO IA 50 10.45 97.22 -29.31
N LYS IA 51 10.15 98.04 -28.31
CA LYS IA 51 9.19 97.67 -27.29
C LYS IA 51 7.78 97.79 -27.84
N LYS IA 52 6.84 97.13 -27.18
CA LYS IA 52 5.43 97.35 -27.49
C LYS IA 52 5.01 98.74 -27.08
N VAL IA 53 4.71 99.57 -28.04
CA VAL IA 53 4.23 100.92 -27.76
C VAL IA 53 2.73 100.85 -27.55
N ILE IA 54 2.24 101.55 -26.53
CA ILE IA 54 0.82 101.69 -26.27
C ILE IA 54 0.53 103.15 -26.03
N ARG IA 55 -0.76 103.48 -25.91
CA ARG IA 55 -1.16 104.87 -25.74
C ARG IA 55 -0.86 105.39 -24.34
N LYS IA 56 -0.86 104.54 -23.33
CA LYS IA 56 -0.78 105.02 -21.97
C LYS IA 56 0.60 105.52 -21.57
N ASP IA 57 1.65 105.19 -22.32
CA ASP IA 57 2.91 105.84 -22.07
C ASP IA 57 2.88 107.30 -22.51
N SER IA 58 3.80 108.08 -21.97
CA SER IA 58 3.97 109.43 -22.46
C SER IA 58 4.74 109.42 -23.77
N ALA IA 59 4.84 110.59 -24.39
CA ALA IA 59 5.66 110.69 -25.58
C ALA IA 59 7.13 110.45 -25.27
N LYS IA 60 7.56 110.78 -24.04
CA LYS IA 60 8.96 110.53 -23.70
C LYS IA 60 9.23 109.04 -23.60
N LYS IA 61 8.40 108.28 -22.90
CA LYS IA 61 8.66 106.86 -22.91
C LYS IA 61 8.30 106.22 -24.24
N THR IA 62 7.53 106.88 -25.11
CA THR IA 62 7.33 106.32 -26.43
C THR IA 62 8.60 106.43 -27.26
N ALA IA 63 9.29 107.56 -27.19
CA ALA IA 63 10.61 107.64 -27.80
C ALA IA 63 11.56 106.67 -27.13
N LYS IA 64 11.48 106.55 -25.80
CA LYS IA 64 12.31 105.60 -25.07
C LYS IA 64 12.11 104.18 -25.55
N LYS IA 65 10.88 103.83 -25.92
CA LYS IA 65 10.53 102.46 -26.25
C LYS IA 65 10.58 102.13 -27.73
N SER IA 66 10.65 103.13 -28.60
CA SER IA 66 10.62 102.82 -30.03
C SER IA 66 11.98 102.44 -30.61
N ARG IA 67 13.05 102.46 -29.82
CA ARG IA 67 14.38 102.45 -30.40
C ARG IA 67 14.90 101.04 -30.63
N VAL IA 68 15.81 100.93 -31.60
CA VAL IA 68 16.20 99.68 -32.22
C VAL IA 68 17.72 99.62 -32.26
N LYS IA 69 18.26 98.41 -32.41
CA LYS IA 69 19.69 98.21 -32.67
C LYS IA 69 19.90 97.30 -33.86
N CYS IA 70 20.65 97.80 -34.85
CA CYS IA 70 20.99 97.06 -36.03
C CYS IA 70 22.39 96.48 -35.93
N PHE IA 71 22.59 95.32 -36.56
CA PHE IA 71 23.88 94.66 -36.60
C PHE IA 71 24.15 94.22 -38.03
N LEU IA 72 25.38 94.38 -38.48
CA LEU IA 72 25.78 94.01 -39.83
C LEU IA 72 26.61 92.75 -39.76
N LYS IA 73 26.19 91.72 -40.48
CA LYS IA 73 26.84 90.43 -40.36
C LYS IA 73 26.88 89.77 -41.73
N LEU IA 74 27.95 89.03 -42.00
CA LEU IA 74 27.98 88.12 -43.13
C LEU IA 74 27.54 86.76 -42.64
N VAL IA 75 26.59 86.14 -43.33
CA VAL IA 75 26.06 84.85 -42.88
C VAL IA 75 25.98 83.90 -44.07
N ASN IA 76 26.42 82.67 -43.85
CA ASN IA 76 26.33 81.64 -44.86
C ASN IA 76 24.87 81.28 -45.10
N PHE IA 77 24.51 80.97 -46.35
CA PHE IA 77 23.14 80.63 -46.66
C PHE IA 77 22.61 79.48 -45.83
N THR IA 78 23.46 78.53 -45.47
CA THR IA 78 22.98 77.44 -44.65
C THR IA 78 22.52 77.93 -43.30
N HIS IA 79 22.86 79.15 -42.92
CA HIS IA 79 22.61 79.63 -41.57
C HIS IA 79 21.52 80.70 -41.53
N ILE IA 80 20.80 80.89 -42.63
CA ILE IA 80 19.64 81.76 -42.65
C ILE IA 80 18.47 80.97 -43.22
N MET IA 81 17.26 81.40 -42.86
CA MET IA 81 16.06 80.89 -43.50
C MET IA 81 15.30 82.09 -44.06
N PRO IA 82 14.98 82.09 -45.35
CA PRO IA 82 14.38 83.27 -45.96
C PRO IA 82 12.86 83.23 -45.91
N THR IA 83 12.30 84.42 -45.83
CA THR IA 83 10.87 84.59 -45.66
C THR IA 83 10.36 85.41 -46.84
N ARG IA 84 9.08 85.23 -47.18
CA ARG IA 84 8.56 85.99 -48.30
C ARG IA 84 8.60 87.48 -48.01
N TYR IA 85 8.53 87.85 -46.73
CA TYR IA 85 8.36 89.24 -46.33
C TYR IA 85 9.53 90.07 -46.81
N THR IA 86 9.28 91.35 -47.08
CA THR IA 86 10.26 92.17 -47.76
C THR IA 86 10.34 93.55 -47.12
N LEU IA 87 11.50 94.17 -47.29
CA LEU IA 87 11.77 95.54 -46.84
C LEU IA 87 12.16 96.37 -48.05
N ASP IA 88 11.27 97.25 -48.45
CA ASP IA 88 11.61 98.00 -49.65
C ASP IA 88 12.67 99.05 -49.40
N VAL IA 89 13.40 99.05 -48.29
CA VAL IA 89 14.44 100.05 -48.08
C VAL IA 89 15.74 99.57 -48.72
N ASP IA 90 15.82 99.73 -50.04
CA ASP IA 90 17.01 99.40 -50.81
C ASP IA 90 17.99 100.56 -50.82
N PHE IA 91 17.61 101.63 -50.14
CA PHE IA 91 18.23 102.94 -50.30
C PHE IA 91 19.45 103.10 -49.41
N LYS IA 92 19.75 102.09 -48.60
CA LYS IA 92 21.03 101.97 -47.92
C LYS IA 92 22.06 101.25 -48.79
N ASP IA 93 21.69 100.94 -50.03
CA ASP IA 93 22.62 100.28 -50.93
C ASP IA 93 23.94 101.03 -51.04
N VAL IA 94 23.89 102.36 -51.04
CA VAL IA 94 25.13 103.14 -50.95
C VAL IA 94 25.68 103.08 -49.53
N ALA IA 95 24.81 103.03 -48.53
CA ALA IA 95 25.25 103.11 -47.14
C ALA IA 95 25.97 101.84 -46.72
N SER IA 96 25.27 100.71 -46.76
CA SER IA 96 25.83 99.43 -46.34
C SER IA 96 26.39 98.60 -47.48
N GLY IA 97 26.09 98.96 -48.73
CA GLY IA 97 26.60 98.25 -49.88
C GLY IA 97 28.01 98.69 -50.24
N GLY IA 98 28.51 98.11 -51.31
CA GLY IA 98 29.91 98.23 -51.64
C GLY IA 98 30.71 97.27 -50.79
N PRO IA 99 31.66 96.55 -51.39
CA PRO IA 99 32.43 95.58 -50.62
C PRO IA 99 33.65 96.19 -49.96
N ASP IA 100 33.50 97.40 -49.42
CA ASP IA 100 34.58 98.02 -48.66
C ASP IA 100 34.09 98.75 -47.42
N ALA IA 101 32.81 99.09 -47.32
CA ALA IA 101 32.25 99.92 -46.26
C ALA IA 101 32.05 99.17 -44.95
N LEU IA 102 32.68 98.00 -44.77
CA LEU IA 102 32.45 97.18 -43.61
C LEU IA 102 33.73 96.62 -43.00
N ALA IA 103 34.89 96.93 -43.57
CA ALA IA 103 36.15 96.40 -43.07
C ALA IA 103 36.44 96.84 -41.64
N THR IA 104 36.61 98.14 -41.42
CA THR IA 104 37.11 98.65 -40.16
C THR IA 104 35.96 98.98 -39.21
N ARG IA 105 36.26 98.88 -37.91
CA ARG IA 105 35.22 98.98 -36.89
C ARG IA 105 34.51 100.33 -36.93
N ASP IA 106 35.25 101.42 -37.12
CA ASP IA 106 34.61 102.73 -37.16
C ASP IA 106 33.60 102.83 -38.30
N LYS IA 107 33.96 102.32 -39.48
CA LYS IA 107 33.01 102.32 -40.58
C LYS IA 107 31.83 101.40 -40.30
N LYS IA 108 32.09 100.23 -39.71
CA LYS IA 108 31.00 99.29 -39.44
C LYS IA 108 29.99 99.91 -38.48
N VAL IA 109 30.46 100.49 -37.39
CA VAL IA 109 29.54 101.08 -36.44
C VAL IA 109 28.85 102.30 -37.04
N ALA IA 110 29.57 103.09 -37.84
CA ALA IA 110 28.95 104.27 -38.43
C ALA IA 110 27.78 103.87 -39.31
N SER IA 111 27.99 102.88 -40.17
CA SER IA 111 26.91 102.40 -41.01
C SER IA 111 25.79 101.78 -40.16
N CYS IA 112 26.13 101.16 -39.03
CA CYS IA 112 25.09 100.62 -38.18
C CYS IA 112 24.21 101.72 -37.59
N LYS IA 113 24.80 102.84 -37.19
CA LYS IA 113 23.99 103.99 -36.78
C LYS IA 113 23.09 104.46 -37.92
N ALA IA 114 23.66 104.56 -39.12
CA ALA IA 114 22.87 105.05 -40.24
C ALA IA 114 21.73 104.10 -40.58
N ALA IA 115 21.96 102.79 -40.51
CA ALA IA 115 20.90 101.84 -40.77
C ALA IA 115 19.86 101.85 -39.66
N LYS IA 116 20.29 102.09 -38.41
CA LYS IA 116 19.34 102.30 -37.33
C LYS IA 116 18.37 103.41 -37.65
N ALA IA 117 18.89 104.54 -38.12
CA ALA IA 117 18.01 105.67 -38.37
C ALA IA 117 16.90 105.28 -39.35
N ARG IA 118 17.25 104.58 -40.41
CA ARG IA 118 16.26 104.26 -41.44
C ARG IA 118 15.29 103.19 -40.97
N LEU IA 119 15.79 102.14 -40.32
CA LEU IA 119 14.89 101.12 -39.80
C LEU IA 119 13.95 101.71 -38.76
N GLU IA 120 14.46 102.59 -37.89
CA GLU IA 120 13.61 103.28 -36.94
C GLU IA 120 12.53 104.07 -37.65
N GLU IA 121 12.89 104.79 -38.73
CA GLU IA 121 11.90 105.60 -39.41
C GLU IA 121 10.81 104.72 -40.02
N ARG IA 122 11.19 103.56 -40.56
CA ARG IA 122 10.16 102.67 -41.11
C ARG IA 122 9.28 102.10 -40.01
N PHE IA 123 9.87 101.71 -38.89
CA PHE IA 123 9.03 101.26 -37.78
C PHE IA 123 8.09 102.37 -37.32
N LYS IA 124 8.54 103.61 -37.36
CA LYS IA 124 7.63 104.72 -37.09
C LYS IA 124 6.49 104.74 -38.10
N THR IA 125 6.81 104.56 -39.38
CA THR IA 125 5.76 104.51 -40.38
C THR IA 125 4.77 103.40 -40.09
N GLY IA 126 5.20 102.37 -39.37
CA GLY IA 126 4.31 101.33 -38.93
C GLY IA 126 4.13 100.21 -39.92
N LYS IA 127 4.50 100.41 -41.18
CA LYS IA 127 4.46 99.33 -42.14
C LYS IA 127 5.45 98.26 -41.74
N ASN IA 128 5.40 97.14 -42.45
CA ASN IA 128 6.31 96.02 -42.19
C ASN IA 128 6.21 95.62 -40.72
N ARG IA 129 4.98 95.58 -40.22
CA ARG IA 129 4.74 95.41 -38.80
C ARG IA 129 5.34 94.11 -38.31
N TRP IA 130 5.38 93.09 -39.17
CA TRP IA 130 5.95 91.81 -38.82
C TRP IA 130 7.44 91.90 -38.55
N PHE IA 131 8.16 92.72 -39.31
CA PHE IA 131 9.61 92.64 -39.19
C PHE IA 131 10.09 93.09 -37.84
N PHE IA 132 9.36 93.96 -37.16
CA PHE IA 132 9.84 94.51 -35.91
C PHE IA 132 9.28 93.82 -34.68
N THR IA 133 8.50 92.76 -34.83
CA THR IA 133 8.08 91.93 -33.72
C THR IA 133 8.91 90.64 -33.71
N LYS IA 134 9.40 90.26 -32.53
CA LYS IA 134 10.39 89.20 -32.48
C LYS IA 134 9.75 87.83 -32.61
N LEU IA 135 10.54 86.89 -33.11
CA LEU IA 135 10.09 85.52 -33.32
C LEU IA 135 10.07 84.83 -31.96
N ARG IA 136 8.88 84.55 -31.47
CA ARG IA 136 8.70 84.09 -30.11
C ARG IA 136 8.79 82.57 -30.16
N PHE IA 137 9.98 82.04 -29.91
CA PHE IA 137 10.23 80.61 -30.05
C PHE IA 137 10.63 80.03 -28.71
N GLY JA 2 -3.12 28.07 18.66
CA GLY JA 2 -2.27 28.31 17.51
C GLY JA 2 -1.62 29.66 17.62
N ARG JA 3 -1.06 30.14 16.53
CA ARG JA 3 -0.56 31.51 16.44
C ARG JA 3 -1.07 32.13 15.16
N VAL JA 4 -0.89 33.45 15.05
CA VAL JA 4 -1.46 34.19 13.94
C VAL JA 4 -0.77 33.77 12.65
N ILE JA 5 -1.56 33.61 11.61
CA ILE JA 5 -1.16 32.89 10.42
C ILE JA 5 -0.84 33.90 9.33
N ARG JA 6 0.07 33.52 8.41
CA ARG JA 6 0.64 34.50 7.49
C ARG JA 6 -0.43 35.28 6.75
N ALA JA 7 -1.50 34.60 6.35
CA ALA JA 7 -2.62 35.28 5.73
C ALA JA 7 -3.17 36.37 6.63
N GLN JA 8 -3.03 36.23 7.94
CA GLN JA 8 -3.45 37.26 8.88
C GLN JA 8 -2.35 38.26 9.18
N ARG JA 9 -1.10 37.86 9.06
CA ARG JA 9 0.01 38.75 9.35
C ARG JA 9 0.19 39.78 8.25
N LYS JA 10 -0.30 39.50 7.05
CA LYS JA 10 -0.15 40.45 5.95
C LYS JA 10 -0.98 41.71 6.08
N GLY JA 11 -1.94 41.75 6.97
CA GLY JA 11 -2.70 42.97 7.09
C GLY JA 11 -2.11 43.98 8.02
N ALA JA 12 -0.98 43.65 8.65
CA ALA JA 12 -0.40 44.54 9.63
C ALA JA 12 0.32 45.71 8.99
N GLY JA 13 0.98 45.47 7.86
CA GLY JA 13 1.82 46.47 7.24
C GLY JA 13 3.27 46.39 7.63
N SER JA 14 3.63 45.49 8.54
CA SER JA 14 4.98 45.42 9.08
C SER JA 14 6.07 45.30 8.02
N VAL JA 15 6.12 44.17 7.33
CA VAL JA 15 7.09 43.96 6.26
C VAL JA 15 6.40 43.78 4.92
N PHE JA 16 5.08 43.79 4.90
CA PHE JA 16 4.31 43.44 3.73
C PHE JA 16 3.86 44.66 2.94
N LYS JA 17 4.24 45.86 3.36
CA LYS JA 17 3.95 47.06 2.61
C LYS JA 17 4.54 46.98 1.22
N SER JA 18 4.13 47.92 0.37
CA SER JA 18 4.54 47.89 -1.02
C SER JA 18 5.92 48.52 -1.16
N HIS JA 19 6.79 47.84 -1.89
CA HIS JA 19 8.16 48.31 -2.08
C HIS JA 19 8.14 49.37 -3.16
N THR JA 20 7.94 50.62 -2.74
CA THR JA 20 7.69 51.69 -3.69
C THR JA 20 8.68 52.81 -3.54
N HIS JA 21 9.97 52.50 -3.52
CA HIS JA 21 10.93 53.58 -3.44
C HIS JA 21 11.29 54.14 -4.81
N HIS JA 22 11.30 53.31 -5.85
CA HIS JA 22 11.66 53.77 -7.17
C HIS JA 22 10.46 53.93 -8.11
N ARG JA 23 9.24 53.75 -7.61
CA ARG JA 23 8.10 53.97 -8.48
C ARG JA 23 7.94 55.44 -8.80
N LYS JA 24 7.50 55.72 -10.03
CA LYS JA 24 7.50 57.07 -10.57
C LYS JA 24 6.25 57.86 -10.24
N GLY JA 25 5.38 57.34 -9.39
CA GLY JA 25 4.22 58.08 -8.99
C GLY JA 25 2.95 57.46 -9.52
N PRO JA 26 1.80 58.05 -9.17
CA PRO JA 26 0.53 57.48 -9.59
C PRO JA 26 0.32 57.68 -11.08
N ALA JA 27 0.00 56.60 -11.77
CA ALA JA 27 -0.21 56.61 -13.21
C ALA JA 27 -1.70 56.67 -13.47
N ARG JA 28 -2.17 57.83 -13.91
CA ARG JA 28 -3.59 58.14 -13.93
C ARG JA 28 -3.81 59.26 -14.93
N PHE JA 29 -5.08 59.54 -15.22
CA PHE JA 29 -5.43 60.59 -16.17
C PHE JA 29 -5.26 61.96 -15.57
N ARG JA 30 -5.86 62.95 -16.23
CA ARG JA 30 -5.80 64.34 -15.85
C ARG JA 30 -7.04 64.71 -15.06
N SER JA 31 -6.89 65.70 -14.18
CA SER JA 31 -8.03 66.23 -13.45
C SER JA 31 -9.04 66.85 -14.41
N LEU JA 32 -10.19 66.21 -14.56
CA LEU JA 32 -11.17 66.62 -15.57
C LEU JA 32 -11.67 68.03 -15.27
N ASP JA 33 -11.61 68.90 -16.27
CA ASP JA 33 -11.91 70.32 -16.09
C ASP JA 33 -12.77 70.77 -17.25
N PHE JA 34 -13.01 72.09 -17.33
CA PHE JA 34 -13.88 72.62 -18.37
C PHE JA 34 -13.36 72.30 -19.76
N GLY JA 35 -12.10 72.61 -20.01
CA GLY JA 35 -11.57 72.45 -21.35
C GLY JA 35 -11.74 71.05 -21.87
N GLU JA 36 -11.54 70.07 -21.01
CA GLU JA 36 -11.60 68.68 -21.39
C GLU JA 36 -12.98 68.08 -21.17
N ARG JA 37 -13.91 68.83 -20.57
CA ARG JA 37 -15.32 68.51 -20.70
C ARG JA 37 -15.83 68.91 -22.08
N ASN JA 38 -15.42 70.09 -22.56
CA ASN JA 38 -16.10 70.76 -23.65
C ASN JA 38 -15.19 71.07 -24.83
N GLY JA 39 -14.12 70.31 -25.02
CA GLY JA 39 -13.27 70.52 -26.17
C GLY JA 39 -12.11 69.56 -26.22
N TYR JA 40 -10.94 70.02 -26.63
CA TYR JA 40 -9.74 69.19 -26.58
C TYR JA 40 -8.56 70.02 -26.12
N LEU JA 41 -7.62 69.36 -25.46
CA LEU JA 41 -6.37 69.93 -25.03
C LEU JA 41 -5.23 69.14 -25.65
N LYS JA 42 -4.23 69.85 -26.16
CA LYS JA 42 -3.13 69.21 -26.88
C LYS JA 42 -1.97 69.02 -25.92
N GLY JA 43 -1.56 67.78 -25.73
CA GLY JA 43 -0.40 67.49 -24.92
C GLY JA 43 0.56 66.64 -25.71
N VAL JA 44 1.83 66.72 -25.36
CA VAL JA 44 2.89 66.06 -26.12
C VAL JA 44 3.61 65.11 -25.20
N VAL JA 45 3.78 63.87 -25.67
CA VAL JA 45 4.56 62.91 -24.90
C VAL JA 45 6.01 63.33 -24.92
N THR JA 46 6.69 63.19 -23.80
CA THR JA 46 8.12 63.50 -23.73
C THR JA 46 9.00 62.28 -23.54
N ASP JA 47 8.56 61.29 -22.77
CA ASP JA 47 9.38 60.11 -22.62
C ASP JA 47 8.49 58.94 -22.26
N VAL JA 48 8.91 57.74 -22.67
CA VAL JA 48 8.29 56.51 -22.24
C VAL JA 48 9.22 55.89 -21.21
N ILE JA 49 8.88 56.03 -19.94
CA ILE JA 49 9.72 55.65 -18.83
C ILE JA 49 9.22 54.34 -18.25
N HIS JA 50 10.14 53.43 -17.98
CA HIS JA 50 9.79 52.16 -17.39
C HIS JA 50 9.46 52.41 -15.93
N ASP JA 51 8.28 52.02 -15.51
CA ASP JA 51 7.87 52.19 -14.13
C ASP JA 51 8.24 50.94 -13.34
N PRO JA 52 9.09 51.04 -12.33
CA PRO JA 52 9.46 49.84 -11.56
C PRO JA 52 8.26 49.21 -10.90
N GLY JA 53 8.25 47.89 -10.85
CA GLY JA 53 7.18 47.19 -10.18
C GLY JA 53 5.87 47.17 -10.93
N ARG JA 54 5.84 47.62 -12.18
CA ARG JA 54 4.67 47.58 -13.02
C ARG JA 54 5.10 47.24 -14.43
N GLY JA 55 4.41 46.29 -15.06
CA GLY JA 55 4.83 45.83 -16.38
C GLY JA 55 4.54 46.82 -17.49
N ALA JA 56 3.57 47.69 -17.30
CA ALA JA 56 3.20 48.62 -18.34
C ALA JA 56 4.10 49.86 -18.29
N PRO JA 57 4.62 50.31 -19.42
CA PRO JA 57 5.41 51.55 -19.41
C PRO JA 57 4.52 52.73 -19.07
N LEU JA 58 5.14 53.80 -18.59
CA LEU JA 58 4.43 55.03 -18.31
C LEU JA 58 4.88 56.06 -19.32
N ALA JA 59 3.99 56.94 -19.72
CA ALA JA 59 4.30 57.99 -20.68
C ALA JA 59 4.19 59.32 -19.98
N LYS JA 60 5.30 60.06 -19.90
CA LYS JA 60 5.26 61.42 -19.40
C LYS JA 60 4.61 62.30 -20.45
N VAL JA 61 3.52 62.98 -20.12
CA VAL JA 61 2.82 63.83 -21.06
C VAL JA 61 2.84 65.24 -20.52
N THR JA 62 3.33 66.20 -21.30
CA THR JA 62 3.53 67.55 -20.79
C THR JA 62 2.44 68.48 -21.33
N PHE JA 63 1.30 68.51 -20.65
CA PHE JA 63 0.28 69.44 -21.11
C PHE JA 63 0.69 70.87 -20.81
N ARG JA 64 -0.08 71.79 -21.38
CA ARG JA 64 -0.02 73.18 -20.99
C ARG JA 64 -1.20 73.45 -20.06
N HIS JA 65 -0.92 74.07 -18.93
CA HIS JA 65 -1.95 74.27 -17.93
C HIS JA 65 -3.07 75.11 -18.53
N PRO JA 66 -4.33 74.72 -18.37
CA PRO JA 66 -5.41 75.46 -19.03
C PRO JA 66 -5.54 76.92 -18.62
N PHE JA 67 -5.32 77.27 -17.35
CA PHE JA 67 -5.59 78.63 -16.92
C PHE JA 67 -4.48 79.30 -16.12
N ARG JA 68 -3.43 78.59 -15.74
CA ARG JA 68 -2.22 79.23 -15.23
C ARG JA 68 -1.09 79.02 -16.22
N TYR JA 69 -0.02 79.77 -16.02
CA TYR JA 69 1.07 79.78 -16.97
C TYR JA 69 2.16 78.87 -16.43
N LYS JA 70 2.09 77.59 -16.80
CA LYS JA 70 3.04 76.56 -16.42
C LYS JA 70 2.70 75.30 -17.18
N HIS JA 71 3.65 74.38 -17.23
CA HIS JA 71 3.42 73.07 -17.80
C HIS JA 71 2.79 72.15 -16.76
N GLN JA 72 2.18 71.07 -17.23
CA GLN JA 72 1.64 70.02 -16.37
C GLN JA 72 2.25 68.70 -16.80
N LYS JA 73 3.23 68.21 -16.07
CA LYS JA 73 3.74 66.88 -16.34
C LYS JA 73 2.76 65.86 -15.78
N GLU JA 74 1.85 65.41 -16.62
CA GLU JA 74 1.00 64.28 -16.30
C GLU JA 74 1.74 62.99 -16.65
N LEU JA 75 1.12 61.86 -16.34
CA LEU JA 75 1.83 60.60 -16.35
C LEU JA 75 0.84 59.49 -16.63
N PHE JA 76 0.85 58.95 -17.85
CA PHE JA 76 -0.18 58.02 -18.29
C PHE JA 76 0.35 56.60 -18.30
N VAL JA 77 -0.57 55.65 -18.48
CA VAL JA 77 -0.22 54.26 -18.74
C VAL JA 77 -0.12 54.08 -20.25
N ALA JA 78 1.06 53.71 -20.73
CA ALA JA 78 1.32 53.78 -22.17
C ALA JA 78 0.43 52.80 -22.91
N ALA JA 79 -0.26 53.29 -23.92
CA ALA JA 79 -1.00 52.42 -24.81
C ALA JA 79 -0.10 51.99 -25.94
N GLU JA 80 -0.16 50.71 -26.30
CA GLU JA 80 0.76 50.16 -27.29
C GLU JA 80 0.63 50.94 -28.58
N GLY JA 81 1.65 51.72 -28.91
CA GLY JA 81 1.59 52.59 -30.06
C GLY JA 81 2.17 53.94 -29.77
N MET JA 82 2.09 54.39 -28.52
CA MET JA 82 2.58 55.71 -28.19
C MET JA 82 4.08 55.80 -28.39
N TYR JA 83 4.53 56.97 -28.86
CA TYR JA 83 5.94 57.25 -29.05
C TYR JA 83 6.24 58.67 -28.62
N THR JA 84 7.49 58.93 -28.28
CA THR JA 84 7.88 60.28 -27.91
C THR JA 84 7.69 61.22 -29.09
N GLY JA 85 7.23 62.43 -28.80
CA GLY JA 85 6.92 63.38 -29.83
C GLY JA 85 5.50 63.30 -30.31
N GLN JA 86 4.77 62.26 -29.95
CA GLN JA 86 3.37 62.17 -30.32
C GLN JA 86 2.60 63.27 -29.60
N PHE JA 87 1.59 63.77 -30.29
CA PHE JA 87 0.58 64.62 -29.67
C PHE JA 87 -0.60 63.74 -29.28
N VAL JA 88 -0.86 63.64 -27.98
CA VAL JA 88 -2.09 63.06 -27.48
C VAL JA 88 -3.02 64.20 -27.13
N TYR JA 89 -4.29 64.05 -27.49
CA TYR JA 89 -5.28 65.09 -27.25
C TYR JA 89 -6.28 64.54 -26.24
N CYS JA 90 -6.70 65.39 -25.32
CA CYS JA 90 -7.61 65.00 -24.26
C CYS JA 90 -8.91 65.76 -24.47
N GLY JA 91 -10.03 65.15 -24.18
CA GLY JA 91 -11.28 65.87 -24.23
C GLY JA 91 -12.36 65.06 -24.89
N ARG JA 92 -13.49 65.70 -25.18
CA ARG JA 92 -14.57 64.99 -25.83
C ARG JA 92 -14.47 65.01 -27.34
N ARG JA 93 -13.97 66.11 -27.91
CA ARG JA 93 -13.77 66.20 -29.35
C ARG JA 93 -12.34 65.88 -29.74
N ALA JA 94 -11.72 64.94 -29.04
CA ALA JA 94 -10.46 64.36 -29.49
C ALA JA 94 -10.75 63.32 -30.56
N THR JA 95 -10.01 63.36 -31.66
CA THR JA 95 -10.22 62.39 -32.72
C THR JA 95 -9.86 60.98 -32.24
N LEU JA 96 -10.58 59.99 -32.75
CA LEU JA 96 -10.45 58.62 -32.26
C LEU JA 96 -9.11 58.07 -32.74
N SER JA 97 -8.04 58.44 -32.04
CA SER JA 97 -6.71 58.01 -32.40
C SER JA 97 -6.06 57.29 -31.23
N VAL JA 98 -5.34 56.21 -31.54
CA VAL JA 98 -4.66 55.43 -30.50
C VAL JA 98 -3.75 56.33 -29.71
N GLY JA 99 -4.07 56.51 -28.42
CA GLY JA 99 -3.36 57.41 -27.54
C GLY JA 99 -4.21 58.55 -27.01
N ASN JA 100 -5.15 59.04 -27.80
CA ASN JA 100 -6.04 60.09 -27.32
C ASN JA 100 -6.96 59.51 -26.26
N VAL JA 101 -7.46 60.36 -25.36
CA VAL JA 101 -8.45 59.93 -24.39
C VAL JA 101 -9.76 60.67 -24.65
N LEU JA 102 -10.83 59.90 -24.78
CA LEU JA 102 -12.18 60.31 -25.10
C LEU JA 102 -13.15 59.81 -24.04
N PRO JA 103 -14.22 60.52 -23.79
CA PRO JA 103 -15.32 59.93 -23.03
C PRO JA 103 -15.96 58.81 -23.83
N LEU JA 104 -16.58 57.88 -23.12
CA LEU JA 104 -17.24 56.78 -23.81
C LEU JA 104 -18.43 57.21 -24.64
N ARG JA 105 -18.94 58.44 -24.45
CA ARG JA 105 -19.96 58.96 -25.35
C ARG JA 105 -19.41 59.19 -26.74
N SER JA 106 -18.11 58.98 -26.93
CA SER JA 106 -17.43 59.29 -28.19
C SER JA 106 -16.57 58.13 -28.70
N VAL JA 107 -16.69 56.93 -28.13
CA VAL JA 107 -16.04 55.74 -28.66
C VAL JA 107 -17.10 54.91 -29.37
N PRO JA 108 -17.04 54.78 -30.70
CA PRO JA 108 -18.02 53.94 -31.39
C PRO JA 108 -17.96 52.51 -30.87
N GLU JA 109 -19.10 51.83 -30.93
CA GLU JA 109 -19.21 50.47 -30.42
C GLU JA 109 -18.22 49.55 -31.13
N GLY JA 110 -17.66 48.61 -30.38
CA GLY JA 110 -16.65 47.72 -30.88
C GLY JA 110 -15.23 48.18 -30.60
N GLY JA 111 -15.06 49.44 -30.22
CA GLY JA 111 -13.73 49.98 -30.04
C GLY JA 111 -13.08 49.51 -28.76
N VAL JA 112 -11.78 49.32 -28.84
CA VAL JA 112 -10.96 48.93 -27.70
C VAL JA 112 -10.48 50.18 -26.99
N ILE JA 113 -10.47 50.14 -25.67
CA ILE JA 113 -10.07 51.25 -24.82
C ILE JA 113 -9.30 50.69 -23.65
N CYS JA 114 -8.60 51.56 -22.93
CA CYS JA 114 -7.90 51.13 -21.74
C CYS JA 114 -8.08 52.19 -20.67
N ASN JA 115 -7.62 51.86 -19.47
CA ASN JA 115 -7.56 52.81 -18.38
C ASN JA 115 -8.91 53.44 -18.13
N VAL JA 116 -9.96 52.63 -18.12
CA VAL JA 116 -11.32 53.16 -18.07
C VAL JA 116 -11.61 53.70 -16.68
N GLU JA 117 -12.09 54.95 -16.62
CA GLU JA 117 -12.58 55.50 -15.38
C GLU JA 117 -13.86 54.80 -14.96
N HIS JA 118 -14.30 55.05 -13.74
CA HIS JA 118 -15.55 54.43 -13.34
C HIS JA 118 -16.55 55.42 -12.76
N HIS JA 119 -16.10 56.37 -11.95
CA HIS JA 119 -16.85 57.57 -11.62
C HIS JA 119 -16.19 58.73 -12.31
N VAL JA 120 -16.95 59.52 -13.06
CA VAL JA 120 -16.34 60.38 -14.06
C VAL JA 120 -15.37 61.33 -13.37
N GLY JA 121 -14.08 61.12 -13.63
CA GLY JA 121 -13.03 61.85 -12.97
C GLY JA 121 -12.21 61.08 -11.96
N ASP JA 122 -12.39 59.77 -11.81
CA ASP JA 122 -11.52 58.97 -10.96
C ASP JA 122 -10.32 58.42 -11.69
N ARG JA 123 -10.13 58.82 -12.95
CA ARG JA 123 -8.79 58.90 -13.52
C ARG JA 123 -8.23 57.54 -13.89
N GLY JA 124 -9.11 56.57 -14.14
CA GLY JA 124 -8.71 55.34 -14.80
C GLY JA 124 -8.58 54.14 -13.90
N VAL JA 125 -9.49 53.17 -14.00
CA VAL JA 125 -9.36 52.02 -13.13
C VAL JA 125 -9.40 50.66 -13.82
N PHE JA 126 -10.08 50.52 -14.94
CA PHE JA 126 -10.12 49.21 -15.58
C PHE JA 126 -9.12 49.17 -16.73
N ALA JA 127 -8.72 47.96 -17.10
CA ALA JA 127 -7.87 47.76 -18.27
C ALA JA 127 -6.63 48.63 -18.18
N ARG JA 128 -5.77 48.30 -17.21
CA ARG JA 128 -4.56 49.09 -17.01
C ARG JA 128 -3.30 48.22 -17.01
N ALA JA 129 -3.40 46.99 -16.55
CA ALA JA 129 -2.22 46.17 -16.49
C ALA JA 129 -1.72 45.91 -17.90
N SER JA 130 -0.51 45.34 -17.99
CA SER JA 130 0.16 45.16 -19.27
C SER JA 130 -0.72 44.39 -20.24
N GLY JA 131 -0.98 45.00 -21.38
CA GLY JA 131 -1.63 44.31 -22.49
C GLY JA 131 -3.06 43.89 -22.30
N ASP JA 132 -3.86 44.70 -21.61
CA ASP JA 132 -5.28 44.41 -21.39
C ASP JA 132 -6.12 45.61 -21.81
N TYR JA 133 -7.34 45.35 -22.25
CA TYR JA 133 -8.19 46.36 -22.85
C TYR JA 133 -9.65 46.01 -22.62
N ALA JA 134 -10.52 47.02 -22.71
CA ALA JA 134 -11.95 46.85 -22.58
C ALA JA 134 -12.62 47.27 -23.87
N ILE JA 135 -13.56 46.47 -24.36
CA ILE JA 135 -14.26 46.75 -25.60
C ILE JA 135 -15.61 47.37 -25.25
N VAL JA 136 -15.90 48.51 -25.86
CA VAL JA 136 -17.19 49.16 -25.67
C VAL JA 136 -18.26 48.39 -26.41
N ILE JA 137 -19.04 47.57 -25.69
CA ILE JA 137 -20.00 46.73 -26.37
C ILE JA 137 -21.15 47.57 -26.93
N SER JA 138 -21.77 48.37 -26.08
CA SER JA 138 -22.99 49.04 -26.51
C SER JA 138 -23.19 50.30 -25.69
N HIS JA 139 -24.11 51.14 -26.16
CA HIS JA 139 -24.47 52.37 -25.51
C HIS JA 139 -25.96 52.41 -25.24
N ASN JA 140 -26.34 53.21 -24.25
CA ASN JA 140 -27.74 53.50 -23.95
C ASN JA 140 -27.82 54.99 -23.70
N PRO JA 141 -28.37 55.77 -24.64
CA PRO JA 141 -28.42 57.22 -24.46
C PRO JA 141 -29.63 57.71 -23.68
N ASP JA 142 -30.59 56.83 -23.38
CA ASP JA 142 -31.74 57.22 -22.57
C ASP JA 142 -31.37 57.36 -21.10
N ASN JA 143 -30.29 56.72 -20.67
CA ASN JA 143 -29.76 56.91 -19.32
C ASN JA 143 -28.36 57.48 -19.34
N GLY JA 144 -27.79 57.69 -20.51
CA GLY JA 144 -26.41 58.17 -20.57
C GLY JA 144 -25.42 57.18 -19.99
N THR JA 145 -25.50 55.91 -20.38
CA THR JA 145 -24.56 54.92 -19.88
C THR JA 145 -24.05 54.08 -21.04
N SER JA 146 -23.03 53.28 -20.74
CA SER JA 146 -22.35 52.47 -21.73
C SER JA 146 -22.05 51.14 -21.10
N ARG JA 147 -21.65 50.17 -21.91
CA ARG JA 147 -21.28 48.88 -21.36
C ARG JA 147 -19.94 48.48 -21.94
N ILE JA 148 -19.12 47.83 -21.12
CA ILE JA 148 -17.80 47.40 -21.57
C ILE JA 148 -17.60 45.94 -21.19
N LYS JA 149 -16.80 45.24 -21.99
CA LYS JA 149 -16.32 43.92 -21.62
C LYS JA 149 -14.92 44.05 -21.03
N LEU JA 150 -14.81 43.88 -19.72
CA LEU JA 150 -13.55 44.06 -19.04
C LEU JA 150 -12.60 42.94 -19.42
N PRO JA 151 -11.34 43.02 -19.01
CA PRO JA 151 -10.43 41.90 -19.28
C PRO JA 151 -10.91 40.60 -18.66
N SER JA 152 -11.60 40.67 -17.54
CA SER JA 152 -11.99 39.47 -16.81
C SER JA 152 -13.06 38.67 -17.53
N GLY JA 153 -13.63 39.21 -18.60
CA GLY JA 153 -14.79 38.61 -19.21
C GLY JA 153 -16.11 39.07 -18.63
N ALA JA 154 -16.07 40.00 -17.68
CA ALA JA 154 -17.28 40.57 -17.13
C ALA JA 154 -17.74 41.72 -18.00
N LYS JA 155 -18.95 42.22 -17.72
CA LYS JA 155 -19.57 43.26 -18.53
C LYS JA 155 -20.18 44.31 -17.62
N LYS JA 156 -19.59 45.50 -17.61
CA LYS JA 156 -19.92 46.53 -16.65
C LYS JA 156 -20.54 47.74 -17.33
N ILE JA 157 -21.68 48.20 -16.80
CA ILE JA 157 -22.25 49.46 -17.23
C ILE JA 157 -21.50 50.59 -16.52
N VAL JA 158 -20.95 51.50 -17.30
CA VAL JA 158 -20.23 52.64 -16.77
C VAL JA 158 -20.89 53.91 -17.27
N PRO JA 159 -20.72 55.03 -16.58
CA PRO JA 159 -21.24 56.28 -17.10
C PRO JA 159 -20.67 56.57 -18.47
N SER JA 160 -21.52 57.09 -19.35
CA SER JA 160 -21.15 57.43 -20.71
C SER JA 160 -20.13 58.56 -20.79
N SER JA 161 -19.92 59.28 -19.69
CA SER JA 161 -18.91 60.33 -19.66
C SER JA 161 -17.61 59.86 -19.02
N CYS JA 162 -17.49 58.59 -18.70
CA CYS JA 162 -16.20 58.04 -18.28
C CYS JA 162 -15.21 58.12 -19.43
N ARG JA 163 -14.03 58.64 -19.14
CA ARG JA 163 -12.98 58.74 -20.14
C ARG JA 163 -12.29 57.40 -20.35
N ALA JA 164 -11.54 57.31 -21.44
CA ALA JA 164 -10.79 56.10 -21.71
C ALA JA 164 -9.73 56.42 -22.75
N MET JA 165 -8.58 55.77 -22.62
CA MET JA 165 -7.51 55.88 -23.58
C MET JA 165 -7.72 54.82 -24.65
N ILE JA 166 -7.79 55.23 -25.90
CA ILE JA 166 -8.07 54.29 -26.97
C ILE JA 166 -6.81 53.53 -27.30
N GLY JA 167 -6.95 52.24 -27.56
CA GLY JA 167 -5.82 51.39 -27.87
C GLY JA 167 -5.80 50.22 -26.93
N GLN JA 168 -4.62 49.70 -26.65
CA GLN JA 168 -4.47 48.76 -25.55
C GLN JA 168 -3.18 49.08 -24.84
N VAL JA 169 -3.11 48.68 -23.57
CA VAL JA 169 -1.93 48.97 -22.77
C VAL JA 169 -0.73 48.26 -23.37
N ALA JA 170 0.43 48.89 -23.27
CA ALA JA 170 1.65 48.31 -23.82
C ALA JA 170 2.08 47.15 -22.93
N GLY JA 171 3.27 46.62 -23.21
CA GLY JA 171 3.78 45.56 -22.38
C GLY JA 171 3.04 44.26 -22.50
N GLY JA 172 2.18 44.12 -23.51
CA GLY JA 172 1.39 42.91 -23.63
C GLY JA 172 2.23 41.70 -23.98
N GLY JA 173 1.69 40.53 -23.65
CA GLY JA 173 2.40 39.31 -23.89
C GLY JA 173 3.53 39.05 -22.93
N ARG JA 174 3.63 39.84 -21.86
CA ARG JA 174 4.76 39.70 -20.97
C ARG JA 174 4.70 38.41 -20.17
N THR JA 175 3.53 38.04 -19.67
CA THR JA 175 3.43 36.86 -18.84
C THR JA 175 3.46 35.56 -19.62
N GLU JA 176 3.86 35.60 -20.89
CA GLU JA 176 4.01 34.38 -21.66
C GLU JA 176 5.38 33.75 -21.50
N LYS JA 177 6.38 34.54 -21.13
CA LYS JA 177 7.74 34.07 -21.06
C LYS JA 177 7.96 33.33 -19.74
N PRO JA 178 8.39 32.08 -19.76
CA PRO JA 178 8.70 31.41 -18.52
C PRO JA 178 9.85 32.12 -17.83
N MET JA 179 9.76 32.23 -16.51
CA MET JA 179 10.82 32.88 -15.77
C MET JA 179 12.03 31.99 -15.57
N LEU JA 180 11.83 30.68 -15.53
CA LEU JA 180 12.90 29.68 -15.53
C LEU JA 180 13.82 29.71 -14.32
N LYS JA 181 13.71 30.72 -13.49
CA LYS JA 181 14.64 30.81 -12.39
C LYS JA 181 13.95 31.34 -11.15
N ALA JA 182 14.23 30.70 -10.02
CA ALA JA 182 13.88 31.33 -8.77
C ALA JA 182 14.50 32.70 -8.66
N GLY JA 183 15.65 32.88 -9.28
CA GLY JA 183 16.24 34.20 -9.32
C GLY JA 183 15.36 35.21 -10.01
N ASN JA 184 14.85 34.87 -11.20
CA ASN JA 184 13.93 35.77 -11.88
C ASN JA 184 12.71 36.05 -11.03
N ALA JA 185 12.16 35.02 -10.40
CA ALA JA 185 11.00 35.24 -9.54
C ALA JA 185 11.34 36.20 -8.40
N TYR JA 186 12.51 36.04 -7.79
CA TYR JA 186 12.90 36.89 -6.67
C TYR JA 186 13.05 38.33 -7.11
N HIS JA 187 13.68 38.54 -8.25
CA HIS JA 187 13.88 39.92 -8.70
C HIS JA 187 12.58 40.51 -9.19
N LYS JA 188 11.61 39.68 -9.56
CA LYS JA 188 10.26 40.18 -9.82
C LYS JA 188 9.62 40.69 -8.54
N TYR JA 189 9.71 39.92 -7.46
CA TYR JA 189 8.90 40.26 -6.29
C TYR JA 189 9.56 41.23 -5.32
N ARG JA 190 10.88 41.44 -5.39
CA ARG JA 190 11.47 42.50 -4.57
C ARG JA 190 10.79 43.82 -4.81
N VAL JA 191 10.52 44.15 -6.08
CA VAL JA 191 10.06 45.47 -6.43
C VAL JA 191 8.56 45.57 -6.44
N LYS JA 192 7.85 44.52 -6.02
CA LYS JA 192 6.42 44.60 -5.80
C LYS JA 192 6.08 44.56 -4.32
N ARG JA 193 6.42 43.47 -3.63
CA ARG JA 193 6.16 43.39 -2.19
C ARG JA 193 6.62 42.05 -1.67
N ASN JA 194 6.80 41.97 -0.35
CA ASN JA 194 7.32 40.78 0.32
C ASN JA 194 6.25 39.70 0.30
N SER JA 195 6.19 38.97 -0.82
CA SER JA 195 5.21 37.92 -0.96
C SER JA 195 5.80 36.70 -1.65
N TRP JA 196 7.06 36.42 -1.41
CA TRP JA 196 7.72 35.29 -2.06
C TRP JA 196 9.01 35.09 -1.32
N PRO JA 197 9.43 33.84 -1.03
CA PRO JA 197 8.88 32.55 -1.35
C PRO JA 197 7.67 32.23 -0.51
N LYS JA 198 6.79 31.41 -1.06
CA LYS JA 198 5.50 31.13 -0.46
C LYS JA 198 5.45 29.66 -0.05
N VAL JA 199 5.34 29.42 1.26
CA VAL JA 199 5.50 28.08 1.81
C VAL JA 199 4.16 27.35 1.82
N ARG JA 200 4.19 26.10 1.41
CA ARG JA 200 2.99 25.28 1.50
C ARG JA 200 2.56 25.19 2.95
N GLY JA 201 1.27 25.34 3.19
CA GLY JA 201 0.76 25.11 4.52
C GLY JA 201 0.94 23.69 4.99
N VAL JA 202 0.84 22.73 4.07
CA VAL JA 202 0.91 21.34 4.46
C VAL JA 202 2.24 21.01 5.13
N ALA JA 203 3.27 21.80 4.87
CA ALA JA 203 4.56 21.62 5.52
C ALA JA 203 4.75 22.60 6.66
N MET JA 204 3.70 22.89 7.41
CA MET JA 204 3.75 23.73 8.59
C MET JA 204 3.25 22.95 9.79
N ASN JA 205 3.52 23.48 10.93
CA ASN JA 205 3.02 22.86 12.13
C ASN JA 205 1.63 23.37 12.43
N PRO JA 206 0.82 22.61 13.16
CA PRO JA 206 -0.58 22.98 13.31
C PRO JA 206 -0.77 24.34 13.93
N VAL JA 207 0.19 24.79 14.75
CA VAL JA 207 0.03 26.03 15.47
C VAL JA 207 0.03 27.25 14.55
N GLU JA 208 0.49 27.10 13.30
CA GLU JA 208 0.50 28.25 12.40
C GLU JA 208 -0.22 28.02 11.08
N HIS JA 209 -0.78 26.84 10.82
CA HIS JA 209 -1.58 26.72 9.62
C HIS JA 209 -2.61 25.62 9.74
N PRO JA 210 -3.86 25.88 9.36
CA PRO JA 210 -4.90 24.85 9.50
C PRO JA 210 -4.59 23.56 8.79
N HIS JA 211 -3.69 23.56 7.82
CA HIS JA 211 -3.31 22.33 7.15
C HIS JA 211 -2.18 21.61 7.85
N GLY JA 212 -1.71 22.13 8.97
CA GLY JA 212 -0.40 21.74 9.46
C GLY JA 212 -0.33 20.34 10.03
N GLY JA 213 0.90 19.91 10.24
CA GLY JA 213 1.21 18.73 11.03
C GLY JA 213 0.74 17.44 10.39
N GLY JA 214 1.09 16.35 11.05
CA GLY JA 214 0.72 14.99 10.72
C GLY JA 214 1.91 14.17 10.27
N ASN JA 215 1.90 12.89 10.64
CA ASN JA 215 3.01 12.02 10.28
C ASN JA 215 3.20 11.92 8.77
N HIS JA 216 2.15 12.16 7.99
CA HIS JA 216 2.27 12.42 6.57
C HIS JA 216 1.85 13.86 6.30
N GLN JA 217 2.20 14.35 5.11
CA GLN JA 217 1.74 15.67 4.69
C GLN JA 217 0.41 15.54 3.96
N HIS JA 218 -0.64 16.05 4.57
CA HIS JA 218 -1.96 16.07 3.95
C HIS JA 218 -2.78 17.14 4.63
N ILE JA 219 -3.84 17.57 3.98
CA ILE JA 219 -4.68 18.61 4.56
C ILE JA 219 -5.50 18.04 5.70
N GLY JA 220 -6.13 16.89 5.49
CA GLY JA 220 -6.90 16.23 6.52
C GLY JA 220 -8.36 16.61 6.58
N HIS JA 221 -8.75 17.72 5.97
CA HIS JA 221 -10.15 18.09 5.92
C HIS JA 221 -10.38 18.85 4.63
N ALA JA 222 -11.65 19.07 4.31
CA ALA JA 222 -12.02 19.72 3.06
C ALA JA 222 -11.28 21.04 2.91
N SER JA 223 -10.59 21.20 1.79
CA SER JA 223 -9.81 22.40 1.60
C SER JA 223 -10.63 23.57 1.11
N THR JA 224 -11.92 23.39 0.91
CA THR JA 224 -12.81 24.48 0.54
C THR JA 224 -13.48 25.03 1.79
N VAL JA 225 -13.28 26.33 2.04
CA VAL JA 225 -13.78 26.94 3.27
C VAL JA 225 -14.92 27.88 2.93
N ARG JA 226 -15.73 28.19 3.94
CA ARG JA 226 -16.91 28.99 3.72
C ARG JA 226 -16.54 30.46 3.66
N ARG JA 227 -17.42 31.24 3.03
CA ARG JA 227 -17.23 32.68 2.92
C ARG JA 227 -17.14 33.38 4.27
N ASP JA 228 -17.90 32.94 5.27
CA ASP JA 228 -17.95 33.65 6.54
C ASP JA 228 -16.90 33.19 7.55
N ALA JA 229 -16.09 32.21 7.20
CA ALA JA 229 -15.19 31.62 8.19
C ALA JA 229 -14.29 32.71 8.78
N PRO JA 230 -14.05 32.67 10.09
CA PRO JA 230 -13.37 33.79 10.72
C PRO JA 230 -11.96 33.95 10.17
N PRO JA 231 -11.43 35.16 10.18
CA PRO JA 231 -10.06 35.35 9.74
C PRO JA 231 -9.12 34.46 10.52
N GLY JA 232 -8.23 33.79 9.80
CA GLY JA 232 -7.39 32.76 10.36
C GLY JA 232 -7.93 31.36 10.14
N GLN JA 233 -9.21 31.23 9.83
CA GLN JA 233 -9.74 29.98 9.34
C GLN JA 233 -9.94 29.99 7.84
N LYS JA 234 -10.11 31.16 7.24
CA LYS JA 234 -10.39 31.28 5.82
C LYS JA 234 -9.08 31.23 5.04
N VAL JA 235 -8.45 30.07 5.08
CA VAL JA 235 -7.32 29.76 4.22
C VAL JA 235 -7.61 28.45 3.50
N GLY JA 236 -7.10 28.34 2.28
CA GLY JA 236 -7.45 27.26 1.39
C GLY JA 236 -8.04 27.81 0.09
N LEU JA 237 -9.11 27.18 -0.36
CA LEU JA 237 -9.86 27.65 -1.51
C LEU JA 237 -11.14 28.27 -0.98
N ILE JA 238 -11.26 29.58 -1.11
CA ILE JA 238 -12.33 30.33 -0.46
C ILE JA 238 -13.61 30.23 -1.26
N ALA JA 239 -14.68 29.79 -0.61
CA ALA JA 239 -16.03 29.86 -1.15
C ALA JA 239 -16.11 29.28 -2.55
N ALA JA 240 -15.40 28.19 -2.78
CA ALA JA 240 -15.24 27.66 -4.11
C ALA JA 240 -16.55 27.08 -4.63
N ARG JA 241 -16.92 27.42 -5.86
CA ARG JA 241 -18.12 26.83 -6.45
C ARG JA 241 -17.86 25.42 -6.95
N ARG JA 242 -16.62 25.11 -7.29
CA ARG JA 242 -16.22 23.82 -7.82
C ARG JA 242 -14.71 23.75 -7.75
N THR JA 243 -14.18 22.58 -8.01
CA THR JA 243 -12.73 22.39 -8.03
C THR JA 243 -12.41 21.42 -9.16
N GLY JA 244 -11.19 20.91 -9.16
CA GLY JA 244 -10.76 20.04 -10.23
C GLY JA 244 -10.52 20.81 -11.51
N ARG JA 245 -9.70 20.21 -12.37
CA ARG JA 245 -9.41 20.76 -13.69
C ARG JA 245 -10.68 21.23 -14.39
N LEU JA 246 -10.63 22.43 -14.96
CA LEU JA 246 -11.79 23.05 -15.59
C LEU JA 246 -11.97 22.51 -16.99
N ARG JA 247 -13.02 21.73 -17.21
CA ARG JA 247 -13.36 21.22 -18.54
C ARG JA 247 -14.70 21.77 -19.02
N GLY JA 248 -14.84 21.81 -20.34
CA GLY JA 248 -16.13 22.13 -20.93
C GLY JA 248 -16.57 23.55 -20.65
N GLN JA 249 -17.89 23.73 -20.62
CA GLN JA 249 -18.48 25.07 -20.51
C GLN JA 249 -17.94 25.81 -19.30
N ALA JA 250 -17.68 25.09 -18.20
CA ALA JA 250 -17.20 25.72 -16.99
C ALA JA 250 -15.86 26.41 -17.18
N ALA JA 251 -15.14 26.09 -18.24
CA ALA JA 251 -13.86 26.73 -18.53
C ALA JA 251 -14.00 28.00 -19.35
N ALA JA 252 -15.23 28.39 -19.70
CA ALA JA 252 -15.47 29.58 -20.51
C ALA JA 252 -14.81 30.81 -19.92
N GLN KA 7 -67.71 -65.85 45.17
CA GLN KA 7 -68.81 -66.35 45.98
C GLN KA 7 -70.11 -65.99 45.27
N LEU KA 8 -71.20 -66.64 45.65
CA LEU KA 8 -72.51 -66.46 45.05
C LEU KA 8 -73.35 -65.47 45.85
N ASN KA 9 -72.71 -64.43 46.37
CA ASN KA 9 -73.32 -63.40 47.18
C ASN KA 9 -73.98 -62.37 46.27
N PRO KA 10 -75.28 -62.15 46.35
CA PRO KA 10 -75.95 -61.42 45.29
C PRO KA 10 -75.74 -59.91 45.36
N MET KA 11 -74.78 -59.49 46.18
CA MET KA 11 -74.29 -58.12 46.09
C MET KA 11 -73.31 -57.99 44.93
N ARG KA 12 -72.68 -59.09 44.54
CA ARG KA 12 -71.60 -59.08 43.56
C ARG KA 12 -72.16 -59.26 42.15
N GLU KA 13 -73.17 -58.46 41.82
CA GLU KA 13 -73.85 -58.55 40.53
C GLU KA 13 -73.18 -57.57 39.57
N ILE KA 14 -72.57 -58.11 38.51
CA ILE KA 14 -71.96 -57.25 37.52
C ILE KA 14 -73.03 -56.42 36.85
N LYS KA 15 -72.69 -55.17 36.54
CA LYS KA 15 -73.66 -54.24 35.97
C LYS KA 15 -72.93 -53.08 35.30
N VAL KA 16 -73.41 -52.69 34.13
CA VAL KA 16 -72.74 -51.63 33.37
C VAL KA 16 -72.80 -50.34 34.15
N GLN KA 17 -71.62 -49.83 34.54
CA GLN KA 17 -71.59 -48.50 35.13
C GLN KA 17 -72.03 -47.46 34.12
N LYS KA 18 -71.29 -47.35 33.01
CA LYS KA 18 -71.65 -46.36 32.01
C LYS KA 18 -71.07 -46.74 30.67
N LEU KA 19 -71.78 -46.31 29.64
CA LEU KA 19 -71.34 -46.22 28.27
C LEU KA 19 -70.70 -44.85 28.08
N VAL KA 20 -69.68 -44.77 27.26
CA VAL KA 20 -69.13 -43.48 26.87
C VAL KA 20 -69.03 -43.41 25.35
N LEU KA 21 -69.52 -42.31 24.80
CA LEU KA 21 -69.58 -42.08 23.36
C LEU KA 21 -68.59 -40.98 23.00
N ASN KA 22 -67.67 -41.29 22.10
CA ASN KA 22 -66.60 -40.35 21.76
C ASN KA 22 -66.43 -40.27 20.25
N ILE KA 23 -66.58 -39.08 19.69
CA ILE KA 23 -66.23 -38.81 18.30
C ILE KA 23 -65.21 -37.69 18.30
N SER KA 24 -63.98 -38.01 17.94
CA SER KA 24 -62.95 -37.00 17.77
C SER KA 24 -62.74 -36.79 16.28
N VAL KA 25 -62.92 -35.57 15.82
CA VAL KA 25 -62.86 -35.29 14.40
C VAL KA 25 -61.50 -34.73 13.98
N GLY KA 26 -60.72 -34.18 14.90
CA GLY KA 26 -59.50 -33.51 14.52
C GLY KA 26 -59.75 -32.21 13.79
N GLU KA 27 -60.97 -31.69 13.89
CA GLU KA 27 -61.43 -30.59 13.08
C GLU KA 27 -62.15 -29.65 14.04
N SER KA 28 -62.89 -28.67 13.50
CA SER KA 28 -63.63 -27.74 14.34
C SER KA 28 -64.68 -27.05 13.47
N GLY KA 29 -65.28 -25.99 14.01
CA GLY KA 29 -66.24 -25.21 13.26
C GLY KA 29 -67.62 -25.84 13.18
N ASP KA 30 -68.12 -26.04 11.97
CA ASP KA 30 -69.45 -26.60 11.74
C ASP KA 30 -69.42 -28.12 11.70
N ARG KA 31 -68.31 -28.68 11.25
CA ARG KA 31 -68.11 -30.12 11.17
C ARG KA 31 -68.24 -30.75 12.54
N LEU KA 32 -67.55 -30.19 13.53
CA LEU KA 32 -67.69 -30.69 14.89
C LEU KA 32 -69.05 -30.33 15.48
N THR KA 33 -69.64 -29.22 15.06
CA THR KA 33 -70.96 -28.90 15.56
C THR KA 33 -71.98 -29.94 15.11
N ARG KA 34 -71.77 -30.52 13.92
CA ARG KA 34 -72.60 -31.65 13.48
C ARG KA 34 -72.22 -32.94 14.22
N ALA KA 35 -70.94 -33.14 14.50
CA ALA KA 35 -70.56 -34.30 15.32
C ALA KA 35 -71.13 -34.19 16.72
N ALA KA 36 -71.50 -32.98 17.15
CA ALA KA 36 -72.24 -32.84 18.41
C ALA KA 36 -73.62 -33.45 18.29
N LYS KA 37 -74.34 -33.13 17.21
CA LYS KA 37 -75.68 -33.67 17.02
C LYS KA 37 -75.69 -35.18 16.84
N VAL KA 38 -74.67 -35.73 16.20
CA VAL KA 38 -74.74 -37.18 15.97
C VAL KA 38 -74.78 -37.91 17.30
N LEU KA 39 -74.31 -37.27 18.38
CA LEU KA 39 -74.44 -37.77 19.74
C LEU KA 39 -75.65 -37.21 20.47
N GLU KA 40 -76.04 -35.98 20.14
CA GLU KA 40 -77.19 -35.40 20.81
C GLU KA 40 -78.44 -36.23 20.55
N GLN KA 41 -78.61 -36.72 19.31
CA GLN KA 41 -79.74 -37.60 19.04
C GLN KA 41 -79.61 -38.89 19.85
N LEU KA 42 -78.40 -39.44 19.93
CA LEU KA 42 -78.22 -40.72 20.58
C LEU KA 42 -78.54 -40.65 22.06
N SER KA 43 -78.08 -39.61 22.73
CA SER KA 43 -78.20 -39.57 24.18
C SER KA 43 -79.44 -38.83 24.67
N GLY KA 44 -79.74 -37.66 24.11
CA GLY KA 44 -80.70 -36.77 24.71
C GLY KA 44 -80.10 -35.83 25.72
N GLN KA 45 -78.80 -35.91 25.91
CA GLN KA 45 -78.03 -35.05 26.80
C GLN KA 45 -76.83 -34.55 26.03
N SER KA 46 -76.40 -33.33 26.35
CA SER KA 46 -75.47 -32.61 25.49
C SER KA 46 -74.05 -33.11 25.69
N PRO KA 47 -73.36 -33.61 24.66
CA PRO KA 47 -71.94 -33.85 24.78
C PRO KA 47 -71.16 -32.63 25.27
N VAL KA 48 -69.98 -32.90 25.79
CA VAL KA 48 -69.00 -31.87 26.10
C VAL KA 48 -67.83 -32.07 25.15
N PHE KA 49 -67.34 -30.97 24.60
CA PHE KA 49 -66.25 -31.03 23.65
C PHE KA 49 -64.96 -31.37 24.39
N SER KA 50 -64.02 -31.95 23.65
CA SER KA 50 -62.72 -32.31 24.21
C SER KA 50 -61.69 -31.62 23.33
N LYS KA 51 -61.18 -30.49 23.81
CA LYS KA 51 -60.20 -29.73 23.08
C LYS KA 51 -58.90 -30.51 22.96
N ALA KA 52 -58.14 -30.16 21.93
CA ALA KA 52 -56.91 -30.87 21.64
C ALA KA 52 -55.83 -30.45 22.62
N ARG KA 53 -54.63 -30.99 22.44
CA ARG KA 53 -53.46 -30.62 23.22
C ARG KA 53 -52.25 -30.75 22.30
N TYR KA 54 -51.17 -30.11 22.70
CA TYR KA 54 -49.84 -30.46 22.19
C TYR KA 54 -49.63 -30.03 20.73
N THR KA 55 -50.67 -29.49 20.10
CA THR KA 55 -50.65 -28.95 18.74
C THR KA 55 -49.86 -29.77 17.73
N VAL KA 56 -49.99 -31.09 17.79
CA VAL KA 56 -49.23 -31.99 16.92
C VAL KA 56 -49.65 -31.74 15.48
N ARG KA 57 -48.75 -31.13 14.70
CA ARG KA 57 -49.13 -30.58 13.40
C ARG KA 57 -49.49 -31.65 12.40
N SER KA 58 -48.70 -32.74 12.35
CA SER KA 58 -48.87 -33.77 11.33
C SER KA 58 -50.27 -34.38 11.34
N PHE KA 59 -51.02 -34.18 12.41
CA PHE KA 59 -52.43 -34.56 12.46
C PHE KA 59 -53.34 -33.39 12.14
N GLY KA 60 -52.76 -32.21 11.86
CA GLY KA 60 -53.53 -31.03 11.51
C GLY KA 60 -54.34 -30.45 12.64
N ILE KA 61 -53.78 -30.38 13.85
CA ILE KA 61 -54.48 -29.79 15.00
C ILE KA 61 -53.56 -28.80 15.70
N ARG KA 62 -54.08 -27.61 15.97
CA ARG KA 62 -53.43 -26.66 16.86
C ARG KA 62 -53.64 -27.16 18.29
N ARG KA 63 -53.18 -26.40 19.28
CA ARG KA 63 -53.41 -26.76 20.67
C ARG KA 63 -54.67 -26.04 21.15
N ASN KA 64 -55.28 -26.59 22.19
CA ASN KA 64 -56.39 -25.96 22.89
C ASN KA 64 -57.61 -25.74 22.00
N GLU KA 65 -57.65 -26.33 20.81
CA GLU KA 65 -58.80 -26.19 19.94
C GLU KA 65 -59.67 -27.43 20.00
N LYS KA 66 -60.98 -27.22 19.98
CA LYS KA 66 -61.93 -28.31 20.16
C LYS KA 66 -61.85 -29.26 18.99
N ILE KA 67 -61.42 -30.50 19.25
CA ILE KA 67 -61.36 -31.53 18.23
C ILE KA 67 -62.39 -32.63 18.49
N ALA KA 68 -62.59 -33.02 19.73
CA ALA KA 68 -63.40 -34.18 20.01
C ALA KA 68 -64.70 -33.77 20.65
N CYS KA 69 -65.56 -34.75 20.87
CA CYS KA 69 -66.89 -34.51 21.41
C CYS KA 69 -67.33 -35.79 22.08
N TYR KA 70 -67.59 -35.77 23.38
CA TYR KA 70 -67.96 -37.02 24.03
C TYR KA 70 -69.10 -36.79 25.00
N VAL KA 71 -69.73 -37.90 25.39
CA VAL KA 71 -70.83 -37.89 26.34
C VAL KA 71 -70.78 -39.21 27.12
N THR KA 72 -71.31 -39.18 28.33
CA THR KA 72 -71.40 -40.36 29.17
C THR KA 72 -72.86 -40.69 29.40
N ILE KA 73 -73.22 -41.94 29.21
CA ILE KA 73 -74.59 -42.41 29.32
C ILE KA 73 -74.59 -43.52 30.35
N ARG KA 74 -75.59 -43.53 31.22
CA ARG KA 74 -75.63 -44.58 32.22
C ARG KA 74 -77.06 -44.93 32.56
N GLY KA 75 -77.28 -46.21 32.82
CA GLY KA 75 -78.60 -46.67 33.21
C GLY KA 75 -79.36 -47.39 32.13
N GLU KA 76 -80.68 -47.17 32.13
CA GLU KA 76 -81.53 -47.82 31.15
C GLU KA 76 -81.17 -47.38 29.74
N LYS KA 77 -80.88 -46.09 29.56
CA LYS KA 77 -80.50 -45.60 28.24
C LYS KA 77 -79.20 -46.23 27.78
N ALA KA 78 -78.23 -46.37 28.69
CA ALA KA 78 -76.95 -46.96 28.32
C ALA KA 78 -77.11 -48.42 27.92
N MET KA 79 -77.90 -49.19 28.67
CA MET KA 79 -78.15 -50.57 28.26
C MET KA 79 -78.87 -50.61 26.91
N GLN KA 80 -79.88 -49.77 26.74
CA GLN KA 80 -80.68 -49.75 25.52
C GLN KA 80 -79.80 -49.48 24.31
N LEU KA 81 -78.92 -48.50 24.41
CA LEU KA 81 -78.08 -48.16 23.28
C LEU KA 81 -76.87 -49.07 23.16
N LEU KA 82 -76.48 -49.75 24.23
CA LEU KA 82 -75.35 -50.66 24.13
C LEU KA 82 -75.75 -51.92 23.38
N GLU KA 83 -76.96 -52.42 23.63
CA GLU KA 83 -77.39 -53.60 22.87
C GLU KA 83 -77.54 -53.27 21.40
N SER KA 84 -77.92 -52.04 21.04
CA SER KA 84 -77.90 -51.64 19.64
C SER KA 84 -76.47 -51.55 19.11
N GLY KA 85 -75.54 -51.08 19.95
CA GLY KA 85 -74.16 -51.03 19.54
C GLY KA 85 -73.63 -52.40 19.17
N LEU KA 86 -73.96 -53.42 19.97
CA LEU KA 86 -73.55 -54.78 19.63
C LEU KA 86 -74.44 -55.40 18.57
N LYS KA 87 -75.68 -54.94 18.41
CA LYS KA 87 -76.51 -55.37 17.30
C LYS KA 87 -75.91 -54.90 15.99
N VAL KA 88 -75.07 -53.88 16.04
CA VAL KA 88 -74.18 -53.59 14.92
C VAL KA 88 -73.23 -54.76 14.68
N LYS KA 89 -72.40 -55.07 15.66
CA LYS KA 89 -71.38 -56.11 15.59
C LYS KA 89 -71.94 -57.48 15.52
N GLU KA 90 -73.25 -57.68 15.48
CA GLU KA 90 -73.83 -59.02 15.61
C GLU KA 90 -73.41 -59.66 16.93
N TYR KA 91 -73.36 -58.86 18.00
CA TYR KA 91 -73.04 -59.34 19.33
C TYR KA 91 -71.73 -60.12 19.35
N GLU KA 92 -70.66 -59.52 18.86
CA GLU KA 92 -69.39 -60.21 18.95
C GLU KA 92 -68.26 -59.19 18.99
N LEU KA 93 -67.33 -59.42 19.90
CA LEU KA 93 -66.16 -58.58 20.10
C LEU KA 93 -64.92 -59.42 19.88
N LEU KA 94 -63.75 -58.84 20.10
CA LEU KA 94 -62.51 -59.48 19.68
C LEU KA 94 -61.73 -60.17 20.79
N ARG KA 95 -62.34 -60.37 21.97
CA ARG KA 95 -61.68 -61.07 23.07
C ARG KA 95 -60.42 -60.32 23.51
N ARG KA 96 -60.15 -59.20 22.85
CA ARG KA 96 -59.08 -58.31 23.21
C ARG KA 96 -59.58 -56.91 23.46
N ASN KA 97 -60.74 -56.55 22.92
CA ASN KA 97 -61.34 -55.26 23.25
C ASN KA 97 -61.62 -55.14 24.72
N PHE KA 98 -61.69 -56.26 25.43
CA PHE KA 98 -61.83 -56.21 26.87
C PHE KA 98 -60.51 -55.76 27.46
N SER KA 99 -60.56 -54.71 28.27
CA SER KA 99 -59.36 -54.22 28.91
C SER KA 99 -59.15 -54.95 30.22
N ASP KA 100 -57.90 -54.95 30.67
CA ASP KA 100 -57.52 -55.84 31.76
C ASP KA 100 -58.18 -55.40 33.07
N THR KA 101 -58.47 -54.11 33.23
CA THR KA 101 -58.99 -53.66 34.52
C THR KA 101 -60.47 -53.99 34.69
N GLY KA 102 -61.34 -53.36 33.92
CA GLY KA 102 -62.76 -53.62 34.10
C GLY KA 102 -63.68 -53.43 32.91
N CYS KA 103 -63.15 -53.34 31.70
CA CYS KA 103 -63.87 -52.61 30.67
C CYS KA 103 -63.57 -53.18 29.29
N PHE KA 104 -64.42 -52.78 28.34
CA PHE KA 104 -64.24 -53.13 26.94
C PHE KA 104 -64.90 -52.09 26.06
N GLY KA 105 -64.44 -52.03 24.81
CA GLY KA 105 -64.93 -51.00 23.90
C GLY KA 105 -64.88 -51.49 22.47
N PHE KA 106 -65.40 -50.65 21.59
CA PHE KA 106 -65.49 -50.93 20.16
C PHE KA 106 -65.89 -49.64 19.44
N GLY KA 107 -65.97 -49.70 18.13
CA GLY KA 107 -66.33 -48.55 17.35
C GLY KA 107 -67.26 -48.96 16.23
N ILE KA 108 -68.03 -47.99 15.74
CA ILE KA 108 -69.07 -48.28 14.76
C ILE KA 108 -69.16 -47.14 13.75
N GLN KA 109 -69.98 -47.35 12.71
CA GLN KA 109 -70.45 -46.31 11.80
C GLN KA 109 -71.92 -46.11 12.10
N GLU KA 110 -72.35 -44.85 12.21
CA GLU KA 110 -73.51 -44.53 13.04
C GLU KA 110 -74.75 -45.32 12.61
N HIS KA 111 -75.06 -45.30 11.32
CA HIS KA 111 -76.46 -45.40 10.96
C HIS KA 111 -76.98 -46.83 10.96
N ILE KA 112 -76.09 -47.80 11.14
CA ILE KA 112 -76.49 -49.20 11.28
C ILE KA 112 -77.02 -49.41 12.70
N ASP KA 113 -77.07 -48.32 13.48
CA ASP KA 113 -77.98 -48.20 14.61
C ASP KA 113 -79.35 -47.81 14.10
N LEU KA 114 -80.23 -47.35 14.98
CA LEU KA 114 -81.51 -46.78 14.57
C LEU KA 114 -81.56 -45.28 14.84
N GLY KA 115 -82.25 -44.56 13.97
CA GLY KA 115 -82.40 -43.12 14.04
C GLY KA 115 -82.25 -42.52 12.66
N MET KA 116 -83.22 -41.74 12.21
CA MET KA 116 -83.26 -41.36 10.81
C MET KA 116 -82.09 -40.44 10.46
N LYS KA 117 -81.74 -40.43 9.18
CA LYS KA 117 -80.34 -40.29 8.81
C LYS KA 117 -79.95 -38.82 8.61
N TYR KA 118 -80.59 -38.16 7.65
CA TYR KA 118 -80.52 -36.71 7.41
C TYR KA 118 -81.63 -35.95 8.06
N ASP KA 119 -82.12 -36.36 9.23
CA ASP KA 119 -83.04 -35.42 9.85
C ASP KA 119 -82.33 -34.13 10.28
N PRO KA 120 -80.98 -34.09 10.48
CA PRO KA 120 -80.30 -32.78 10.42
C PRO KA 120 -79.57 -32.56 9.10
N SER KA 121 -79.50 -33.60 8.27
CA SER KA 121 -78.53 -33.70 7.18
C SER KA 121 -77.10 -33.62 7.72
N THR KA 122 -76.76 -34.64 8.51
CA THR KA 122 -75.43 -34.82 9.07
C THR KA 122 -74.85 -36.16 8.63
N GLY KA 123 -73.60 -36.16 8.22
CA GLY KA 123 -72.99 -37.31 7.61
C GLY KA 123 -72.87 -38.49 8.57
N ILE KA 124 -72.32 -39.57 8.05
CA ILE KA 124 -72.17 -40.80 8.83
C ILE KA 124 -70.92 -40.65 9.68
N TYR KA 125 -71.10 -40.38 10.96
CA TYR KA 125 -69.97 -40.30 11.88
C TYR KA 125 -69.81 -41.63 12.59
N GLY KA 126 -68.64 -42.23 12.45
CA GLY KA 126 -68.28 -43.36 13.27
C GLY KA 126 -68.00 -42.88 14.67
N MET KA 127 -67.99 -43.81 15.60
CA MET KA 127 -67.96 -43.42 17.00
C MET KA 127 -67.34 -44.49 17.86
N ASP KA 128 -66.92 -44.06 19.05
CA ASP KA 128 -66.25 -44.89 20.04
C ASP KA 128 -67.26 -45.22 21.13
N PHE KA 129 -67.60 -46.52 21.24
CA PHE KA 129 -68.30 -47.09 22.38
C PHE KA 129 -67.26 -47.63 23.34
N PHE KA 130 -67.47 -47.45 24.63
CA PHE KA 130 -66.54 -47.96 25.62
C PHE KA 130 -67.28 -48.01 26.94
N VAL KA 131 -67.38 -49.21 27.51
CA VAL KA 131 -68.11 -49.41 28.75
C VAL KA 131 -67.17 -50.01 29.77
N VAL KA 132 -67.25 -49.51 30.98
CA VAL KA 132 -66.54 -50.07 32.11
C VAL KA 132 -67.57 -50.68 33.04
N LEU KA 133 -67.49 -51.99 33.23
CA LEU KA 133 -68.40 -52.67 34.12
C LEU KA 133 -68.07 -52.29 35.55
N GLU KA 134 -69.06 -52.42 36.41
CA GLU KA 134 -68.83 -52.26 37.83
C GLU KA 134 -69.58 -53.35 38.57
N ARG KA 135 -69.09 -53.68 39.75
CA ARG KA 135 -69.93 -54.34 40.74
C ARG KA 135 -70.41 -53.29 41.72
N ALA KA 136 -71.49 -53.59 42.40
CA ALA KA 136 -72.06 -52.61 43.30
C ALA KA 136 -71.06 -52.29 44.40
N GLY KA 137 -70.86 -51.01 44.64
CA GLY KA 137 -69.99 -50.57 45.70
C GLY KA 137 -68.68 -49.95 45.30
N TYR KA 138 -68.54 -49.42 44.08
CA TYR KA 138 -67.37 -48.63 43.77
C TYR KA 138 -67.50 -47.22 44.29
N ARG KA 139 -68.63 -46.89 44.92
CA ARG KA 139 -68.68 -45.63 45.62
C ARG KA 139 -67.62 -45.60 46.71
N VAL KA 140 -67.10 -46.76 47.12
CA VAL KA 140 -66.02 -46.77 48.09
C VAL KA 140 -64.73 -46.25 47.49
N SER KA 141 -64.55 -46.34 46.17
CA SER KA 141 -63.43 -45.73 45.51
C SER KA 141 -63.77 -44.40 44.88
N ARG KA 142 -65.02 -43.98 44.94
CA ARG KA 142 -65.41 -42.72 44.33
C ARG KA 142 -65.86 -41.64 45.29
N ARG KA 143 -66.26 -41.96 46.52
CA ARG KA 143 -66.83 -40.95 47.39
C ARG KA 143 -65.73 -40.03 47.92
N ARG KA 144 -66.15 -38.85 48.37
CA ARG KA 144 -65.18 -37.86 48.82
C ARG KA 144 -64.66 -38.16 50.21
N ARG KA 145 -65.52 -38.65 51.10
CA ARG KA 145 -65.11 -38.97 52.46
C ARG KA 145 -64.76 -40.44 52.57
N CYS KA 146 -63.55 -40.73 53.05
CA CYS KA 146 -63.09 -42.10 53.24
C CYS KA 146 -63.13 -42.87 51.92
N LYS KA 147 -62.29 -42.46 50.99
CA LYS KA 147 -62.18 -43.22 49.76
C LYS KA 147 -61.00 -44.18 49.81
N ALA KA 148 -61.16 -45.32 49.16
CA ALA KA 148 -60.14 -46.36 49.22
C ALA KA 148 -60.37 -47.34 48.09
N ARG KA 149 -59.39 -48.21 47.89
CA ARG KA 149 -59.50 -49.21 46.83
C ARG KA 149 -60.62 -50.19 47.12
N VAL KA 150 -60.98 -50.93 46.10
CA VAL KA 150 -61.86 -52.09 46.22
C VAL KA 150 -61.03 -53.34 46.17
N GLY KA 151 -61.30 -54.26 47.09
CA GLY KA 151 -60.53 -55.48 47.15
C GLY KA 151 -60.78 -56.36 45.95
N ILE KA 152 -59.84 -57.30 45.73
CA ILE KA 152 -59.88 -58.13 44.53
C ILE KA 152 -61.19 -58.89 44.41
N HIS KA 153 -61.78 -59.29 45.53
CA HIS KA 153 -62.97 -60.13 45.44
C HIS KA 153 -64.13 -59.43 44.77
N GLN KA 154 -64.10 -58.11 44.67
CA GLN KA 154 -65.17 -57.38 44.02
C GLN KA 154 -64.59 -56.38 43.02
N ARG KA 155 -63.66 -56.84 42.21
CA ARG KA 155 -63.27 -56.12 41.01
C ARG KA 155 -63.55 -56.99 39.80
N VAL KA 156 -64.36 -56.46 38.89
CA VAL KA 156 -64.50 -57.09 37.58
C VAL KA 156 -63.13 -57.20 36.94
N THR KA 157 -62.83 -58.35 36.38
CA THR KA 157 -61.57 -58.59 35.68
C THR KA 157 -61.90 -59.06 34.28
N LYS KA 158 -60.91 -59.53 33.49
CA LYS KA 158 -61.27 -59.92 32.13
C LYS KA 158 -62.15 -61.15 32.10
N GLU KA 159 -61.85 -62.17 32.92
CA GLU KA 159 -62.77 -63.30 32.91
C GLU KA 159 -64.15 -62.87 33.37
N ASP KA 160 -64.23 -61.87 34.24
CA ASP KA 160 -65.53 -61.40 34.71
C ASP KA 160 -66.29 -60.69 33.59
N ALA KA 161 -65.62 -59.82 32.84
CA ALA KA 161 -66.30 -59.16 31.71
C ALA KA 161 -66.66 -60.14 30.62
N MET KA 162 -65.76 -61.08 30.31
CA MET KA 162 -66.05 -62.05 29.26
C MET KA 162 -67.20 -62.97 29.66
N LYS KA 163 -67.16 -63.50 30.88
CA LYS KA 163 -68.18 -64.37 31.41
C LYS KA 163 -69.35 -63.62 31.96
N TRP KA 164 -69.39 -62.31 31.72
CA TRP KA 164 -70.60 -61.52 31.73
C TRP KA 164 -71.20 -61.39 30.34
N PHE KA 165 -70.33 -61.24 29.36
CA PHE KA 165 -70.76 -60.99 28.00
C PHE KA 165 -71.36 -62.23 27.37
N GLN KA 166 -70.71 -63.38 27.53
CA GLN KA 166 -71.14 -64.56 26.79
C GLN KA 166 -72.22 -65.36 27.51
N VAL KA 167 -72.25 -65.37 28.83
CA VAL KA 167 -73.25 -66.19 29.51
C VAL KA 167 -74.60 -65.47 29.53
N LYS KA 168 -74.61 -64.16 29.52
CA LYS KA 168 -75.84 -63.43 29.73
C LYS KA 168 -75.80 -62.14 28.92
N TYR KA 169 -76.83 -61.32 29.12
CA TYR KA 169 -77.02 -60.06 28.39
C TYR KA 169 -77.35 -60.34 26.94
N GLU KA 170 -77.15 -61.58 26.48
CA GLU KA 170 -77.47 -61.95 25.11
C GLU KA 170 -78.20 -63.28 25.10
N LYS LA 2 31.08 -61.32 66.97
CA LYS LA 2 30.02 -61.84 67.82
C LYS LA 2 30.25 -63.29 68.14
N THR LA 3 31.11 -63.94 67.36
CA THR LA 3 31.35 -65.37 67.46
C THR LA 3 32.54 -65.63 68.38
N ILE LA 4 32.33 -66.44 69.41
CA ILE LA 4 33.32 -66.60 70.47
C ILE LA 4 34.66 -67.05 69.90
N LEU LA 5 34.66 -68.08 69.08
CA LEU LA 5 35.91 -68.66 68.62
C LEU LA 5 35.71 -69.12 67.19
N ALA LA 6 36.61 -68.70 66.31
CA ALA LA 6 36.70 -69.28 64.99
C ALA LA 6 38.16 -69.67 64.80
N SER LA 7 38.41 -70.95 64.72
CA SER LA 7 39.79 -71.40 64.66
C SER LA 7 39.96 -72.31 63.46
N GLU LA 8 41.15 -72.25 62.88
CA GLU LA 8 41.51 -73.18 61.82
C GLU LA 8 42.89 -73.72 62.11
N THR LA 9 43.20 -74.85 61.52
CA THR LA 9 44.45 -75.52 61.85
C THR LA 9 45.01 -76.18 60.61
N MET LA 10 46.33 -76.25 60.53
CA MET LA 10 46.96 -77.04 59.47
C MET LA 10 47.99 -77.98 60.07
N GLU LA 11 48.62 -78.76 59.19
CA GLU LA 11 49.72 -79.62 59.56
C GLU LA 11 50.98 -79.18 58.84
N ILE LA 12 52.10 -79.19 59.56
CA ILE LA 12 53.42 -78.89 59.02
C ILE LA 12 54.11 -80.21 58.71
N PRO LA 13 54.64 -80.40 57.53
CA PRO LA 13 55.37 -81.63 57.26
C PRO LA 13 56.65 -81.75 58.08
N GLU LA 14 57.43 -82.82 57.87
CA GLU LA 14 58.66 -83.05 58.60
C GLU LA 14 59.90 -82.53 57.88
N GLU LA 15 59.76 -81.91 56.72
CA GLU LA 15 60.89 -81.38 55.99
C GLU LA 15 61.03 -79.87 56.09
N VAL LA 16 60.05 -79.21 56.70
CA VAL LA 16 59.96 -77.76 56.68
C VAL LA 16 59.81 -77.27 58.11
N THR LA 17 60.53 -76.22 58.45
CA THR LA 17 60.51 -75.65 59.79
C THR LA 17 59.85 -74.29 59.73
N VAL LA 18 58.80 -74.11 60.50
CA VAL LA 18 58.07 -72.85 60.58
C VAL LA 18 58.48 -72.15 61.86
N LYS LA 19 58.90 -70.89 61.76
CA LYS LA 19 59.24 -70.10 62.94
C LYS LA 19 58.39 -68.83 62.87
N VAL LA 20 57.38 -68.76 63.72
CA VAL LA 20 56.48 -67.62 63.75
C VAL LA 20 56.94 -66.68 64.86
N SER LA 21 57.16 -65.41 64.52
CA SER LA 21 57.64 -64.42 65.49
C SER LA 21 56.65 -63.27 65.49
N ALA LA 22 55.57 -63.49 66.21
CA ALA LA 22 54.56 -62.53 66.64
C ALA LA 22 53.64 -61.99 65.55
N LYS LA 23 54.06 -61.96 64.28
CA LYS LA 23 53.29 -62.34 63.09
C LYS LA 23 54.23 -62.55 61.91
N MET LA 24 55.53 -62.51 62.17
CA MET LA 24 56.58 -62.47 61.14
C MET LA 24 56.95 -63.90 60.80
N ILE LA 25 56.23 -64.50 59.87
CA ILE LA 25 56.38 -65.94 59.64
C ILE LA 25 57.59 -66.17 58.75
N SER LA 26 58.57 -66.91 59.26
CA SER LA 26 59.69 -67.35 58.45
C SER LA 26 59.58 -68.85 58.27
N VAL LA 27 59.49 -69.30 57.03
CA VAL LA 27 59.39 -70.72 56.69
C VAL LA 27 60.70 -71.13 56.04
N THR LA 28 61.23 -72.28 56.46
CA THR LA 28 62.50 -72.79 55.95
C THR LA 28 62.28 -74.19 55.41
N GLY LA 29 62.83 -74.47 54.25
CA GLY LA 29 62.72 -75.79 53.68
C GLY LA 29 63.95 -76.18 52.88
N PRO LA 30 63.87 -77.34 52.22
CA PRO LA 30 65.00 -77.76 51.38
C PRO LA 30 65.31 -76.80 50.26
N ARG LA 31 64.32 -76.13 49.70
CA ARG LA 31 64.55 -75.31 48.52
C ARG LA 31 65.11 -73.94 48.86
N GLY LA 32 64.84 -73.45 50.06
CA GLY LA 32 65.31 -72.13 50.44
C GLY LA 32 64.58 -71.64 51.67
N THR LA 33 64.13 -70.39 51.63
CA THR LA 33 63.33 -69.86 52.71
C THR LA 33 62.34 -68.85 52.15
N LEU LA 34 61.18 -68.77 52.78
CA LEU LA 34 60.14 -67.83 52.43
C LEU LA 34 59.76 -67.08 53.69
N THR LA 35 59.15 -65.92 53.55
CA THR LA 35 58.87 -65.11 54.73
C THR LA 35 57.69 -64.21 54.44
N ARG LA 36 56.94 -63.85 55.48
CA ARG LA 36 55.79 -63.01 55.20
C ARG LA 36 55.32 -62.30 56.46
N ASN LA 37 54.82 -61.08 56.25
CA ASN LA 37 54.07 -60.32 57.24
C ASN LA 37 52.60 -60.69 57.13
N PHE LA 38 52.06 -61.35 58.15
CA PHE LA 38 50.64 -61.30 58.39
C PHE LA 38 50.32 -60.33 59.52
N LYS LA 39 51.19 -59.35 59.72
CA LYS LA 39 51.06 -58.38 60.79
C LYS LA 39 49.85 -57.50 60.64
N HIS LA 40 49.05 -57.71 59.59
CA HIS LA 40 47.83 -56.96 59.37
C HIS LA 40 46.58 -57.76 59.68
N LEU LA 41 46.70 -59.07 59.89
CA LEU LA 41 45.52 -59.93 59.94
C LEU LA 41 44.74 -59.83 61.23
N ASN LA 42 45.35 -59.41 62.33
CA ASN LA 42 44.65 -59.32 63.61
C ASN LA 42 44.09 -60.68 63.98
N LEU LA 43 44.86 -61.72 63.74
CA LEU LA 43 44.55 -63.08 64.15
C LEU LA 43 45.53 -63.51 65.23
N ASP LA 44 45.45 -64.77 65.61
CA ASP LA 44 46.33 -65.34 66.62
C ASP LA 44 47.00 -66.58 66.05
N PHE LA 45 48.31 -66.54 65.85
CA PHE LA 45 49.08 -67.69 65.40
C PHE LA 45 49.71 -68.39 66.59
N GLN LA 46 49.65 -69.72 66.58
CA GLN LA 46 50.32 -70.45 67.65
C GLN LA 46 50.68 -71.85 67.18
N LEU LA 47 51.96 -72.20 67.37
CA LEU LA 47 52.50 -73.50 67.00
C LEU LA 47 52.38 -74.48 68.16
N GLN LA 48 51.99 -75.71 67.83
CA GLN LA 48 51.77 -76.77 68.79
C GLN LA 48 52.35 -78.05 68.25
N GLU LA 49 52.46 -79.04 69.13
CA GLU LA 49 53.16 -80.29 68.84
C GLU LA 49 54.58 -80.04 68.38
N GLY LA 50 55.21 -79.01 68.95
CA GLY LA 50 56.61 -78.73 68.64
C GLY LA 50 56.86 -78.31 67.21
N GLY LA 51 56.01 -77.43 66.67
CA GLY LA 51 56.19 -76.96 65.31
C GLY LA 51 55.54 -77.82 64.25
N ARG LA 52 54.75 -78.81 64.64
CA ARG LA 52 54.06 -79.66 63.67
C ARG LA 52 52.64 -79.20 63.37
N LYS LA 53 52.06 -78.32 64.18
CA LYS LA 53 50.70 -77.85 63.96
C LYS LA 53 50.63 -76.35 64.14
N LEU LA 54 50.17 -75.64 63.12
CA LEU LA 54 49.90 -74.21 63.24
C LEU LA 54 48.40 -74.03 63.40
N LYS LA 55 48.01 -73.33 64.45
CA LYS LA 55 46.62 -73.18 64.85
C LYS LA 55 46.35 -71.69 64.97
N VAL LA 56 45.30 -71.24 64.29
CA VAL LA 56 45.01 -69.83 64.10
C VAL LA 56 43.64 -69.55 64.68
N ASP LA 57 43.56 -68.48 65.47
CA ASP LA 57 42.34 -68.08 66.13
C ASP LA 57 41.88 -66.71 65.68
N ALA LA 58 40.57 -66.55 65.63
CA ALA LA 58 39.94 -65.24 65.67
C ALA LA 58 38.90 -65.31 66.77
N TRP LA 59 39.16 -64.61 67.86
CA TRP LA 59 38.23 -64.54 68.97
C TRP LA 59 37.30 -63.36 68.74
N PHE LA 60 35.99 -63.59 68.85
CA PHE LA 60 35.00 -62.54 68.63
C PHE LA 60 35.09 -61.97 67.23
N GLY LA 61 35.47 -62.81 66.28
CA GLY LA 61 35.56 -62.36 64.91
C GLY LA 61 34.20 -62.37 64.26
N THR LA 62 33.86 -61.27 63.60
CA THR LA 62 32.71 -61.27 62.73
C THR LA 62 33.05 -62.05 61.45
N ARG LA 63 32.04 -62.25 60.61
CA ARG LA 63 32.22 -63.11 59.44
C ARG LA 63 33.37 -62.63 58.55
N LYS LA 64 33.67 -61.33 58.59
CA LYS LA 64 34.78 -60.82 57.79
C LYS LA 64 36.12 -61.35 58.30
N THR LA 65 36.37 -61.19 59.59
CA THR LA 65 37.60 -61.72 60.16
C THR LA 65 37.64 -63.23 60.09
N MET LA 66 36.48 -63.87 60.22
CA MET LA 66 36.39 -65.30 60.05
C MET LA 66 36.77 -65.73 58.64
N ALA LA 67 36.48 -64.90 57.64
CA ALA LA 67 36.95 -65.20 56.29
C ALA LA 67 38.42 -64.91 56.15
N ALA LA 68 38.97 -64.04 56.99
CA ALA LA 68 40.41 -63.76 56.91
C ALA LA 68 41.26 -64.95 57.34
N ILE LA 69 40.70 -65.90 58.07
CA ILE LA 69 41.42 -67.07 58.59
C ILE LA 69 42.00 -67.92 57.48
N ARG LA 70 41.11 -68.45 56.63
CA ARG LA 70 41.54 -69.40 55.63
C ARG LA 70 42.51 -68.79 54.63
N THR LA 71 42.50 -67.48 54.48
CA THR LA 71 43.55 -66.84 53.70
C THR LA 71 44.90 -67.12 54.30
N ALA LA 72 45.05 -66.90 55.61
CA ALA LA 72 46.32 -67.15 56.25
C ALA LA 72 46.70 -68.61 56.14
N ILE LA 73 45.74 -69.49 56.36
CA ILE LA 73 46.04 -70.92 56.32
C ILE LA 73 46.48 -71.36 54.92
N SER LA 74 45.80 -70.89 53.89
CA SER LA 74 46.19 -71.28 52.54
C SER LA 74 47.43 -70.54 52.06
N HIS LA 75 47.66 -69.31 52.52
CA HIS LA 75 48.93 -68.64 52.27
C HIS LA 75 50.09 -69.46 52.82
N VAL LA 76 50.00 -69.89 54.07
CA VAL LA 76 51.07 -70.71 54.61
C VAL LA 76 51.11 -72.12 54.02
N GLN LA 77 49.99 -72.67 53.55
CA GLN LA 77 50.06 -73.83 52.68
C GLN LA 77 50.89 -73.55 51.44
N ASN LA 78 50.66 -72.42 50.80
CA ASN LA 78 51.41 -72.10 49.59
C ASN LA 78 52.87 -71.93 49.89
N LEU LA 79 53.22 -71.33 51.04
CA LEU LA 79 54.62 -71.28 51.43
C LEU LA 79 55.21 -72.67 51.65
N ILE LA 80 54.46 -73.56 52.32
CA ILE LA 80 55.00 -74.89 52.58
C ILE LA 80 55.26 -75.64 51.27
N THR LA 81 54.28 -75.63 50.37
CA THR LA 81 54.52 -76.32 49.10
C THR LA 81 55.58 -75.61 48.27
N GLY LA 82 55.66 -74.29 48.36
CA GLY LA 82 56.66 -73.58 47.59
C GLY LA 82 58.06 -73.89 48.03
N VAL LA 83 58.27 -74.09 49.33
CA VAL LA 83 59.62 -74.32 49.83
C VAL LA 83 59.89 -75.80 50.07
N THR LA 84 58.94 -76.69 49.78
CA THR LA 84 59.33 -78.09 49.65
C THR LA 84 59.46 -78.55 48.21
N LYS LA 85 58.57 -78.11 47.32
CA LYS LA 85 58.58 -78.49 45.91
C LYS LA 85 58.80 -77.31 44.98
N GLY LA 86 58.05 -76.23 45.16
CA GLY LA 86 58.15 -75.06 44.32
C GLY LA 86 57.03 -74.99 43.30
N PHE LA 87 56.92 -73.82 42.69
CA PHE LA 87 55.88 -73.53 41.72
C PHE LA 87 56.52 -73.36 40.35
N ARG LA 88 55.84 -73.85 39.33
CA ARG LA 88 56.37 -73.87 37.98
C ARG LA 88 55.22 -73.61 37.03
N TYR LA 89 55.16 -72.38 36.52
CA TYR LA 89 54.10 -71.97 35.62
C TYR LA 89 54.55 -72.19 34.19
N LYS LA 90 53.62 -72.65 33.35
CA LYS LA 90 53.91 -72.81 31.94
C LYS LA 90 53.13 -71.74 31.19
N MET LA 91 53.71 -71.24 30.11
CA MET LA 91 53.18 -70.05 29.49
C MET LA 91 53.42 -70.14 27.99
N ARG LA 92 52.36 -70.37 27.25
CA ARG LA 92 52.43 -70.71 25.84
C ARG LA 92 52.28 -69.46 24.99
N PHE LA 93 52.87 -69.52 23.80
CA PHE LA 93 52.93 -68.43 22.84
C PHE LA 93 51.80 -68.62 21.85
N VAL LA 94 50.80 -67.74 21.83
CA VAL LA 94 49.79 -67.82 20.80
C VAL LA 94 50.05 -66.70 19.80
N TYR LA 95 50.36 -67.08 18.57
CA TYR LA 95 50.58 -66.14 17.49
C TYR LA 95 49.84 -66.59 16.25
N ALA LA 96 49.08 -65.67 15.68
CA ALA LA 96 48.28 -65.98 14.50
C ALA LA 96 49.13 -66.01 13.24
N HIS LA 97 49.79 -64.91 12.92
CA HIS LA 97 50.58 -64.83 11.71
C HIS LA 97 52.04 -64.54 11.94
N PHE LA 98 52.39 -63.69 12.90
CA PHE LA 98 53.78 -63.36 13.15
C PHE LA 98 54.35 -64.19 14.28
N PRO LA 99 55.29 -65.10 14.02
CA PRO LA 99 56.00 -65.72 15.14
C PRO LA 99 56.67 -64.66 15.98
N ILE LA 100 56.44 -64.74 17.28
CA ILE LA 100 56.98 -63.78 18.23
C ILE LA 100 58.17 -64.42 18.91
N ASN LA 101 59.26 -63.66 19.01
CA ASN LA 101 60.58 -64.24 19.22
C ASN LA 101 61.06 -63.80 20.59
N ALA LA 102 61.17 -64.75 21.50
CA ALA LA 102 61.54 -64.47 22.88
C ALA LA 102 62.99 -64.84 23.15
N SER LA 103 63.70 -63.97 23.83
CA SER LA 103 65.09 -64.18 24.19
C SER LA 103 65.31 -63.79 25.63
N ILE LA 104 65.99 -64.65 26.38
CA ILE LA 104 66.18 -64.41 27.81
C ILE LA 104 67.20 -63.28 27.98
N THR LA 105 67.30 -62.73 29.19
CA THR LA 105 68.05 -61.49 29.42
C THR LA 105 69.44 -61.74 29.99
N ALA LA 106 69.52 -62.37 31.17
CA ALA LA 106 70.80 -62.57 31.83
C ALA LA 106 70.67 -63.73 32.82
N ALA LA 107 71.20 -64.89 32.46
CA ALA LA 107 71.19 -66.07 33.33
C ALA LA 107 69.78 -66.37 33.83
N ASN LA 108 68.79 -66.18 32.95
CA ASN LA 108 67.40 -66.49 33.23
C ASN LA 108 66.83 -65.62 34.35
N ARG LA 109 66.79 -64.32 34.10
CA ARG LA 109 66.17 -63.37 35.01
C ARG LA 109 65.25 -62.40 34.28
N GLY LA 110 64.75 -62.76 33.12
CA GLY LA 110 63.88 -61.87 32.37
C GLY LA 110 63.83 -62.26 30.92
N ILE LA 111 62.77 -61.83 30.26
CA ILE LA 111 62.57 -62.23 28.86
C ILE LA 111 62.46 -60.96 28.02
N GLU LA 112 62.63 -61.14 26.72
CA GLU LA 112 62.63 -60.03 25.77
C GLU LA 112 61.86 -60.51 24.54
N ILE LA 113 60.68 -59.96 24.34
CA ILE LA 113 59.80 -60.40 23.26
C ILE LA 113 59.91 -59.43 22.10
N ARG LA 114 60.07 -59.98 20.90
CA ARG LA 114 60.33 -59.22 19.71
C ARG LA 114 59.37 -59.70 18.63
N ASN LA 115 59.12 -58.83 17.65
CA ASN LA 115 58.35 -59.20 16.46
C ASN LA 115 56.91 -59.56 16.80
N PHE LA 116 56.43 -59.13 17.96
CA PHE LA 116 55.05 -59.37 18.32
C PHE LA 116 54.16 -58.45 17.48
N LEU LA 117 53.12 -59.02 16.86
CA LEU LA 117 52.22 -58.28 15.96
C LEU LA 117 52.96 -57.55 14.85
N GLY LA 118 54.18 -57.98 14.54
CA GLY LA 118 54.97 -57.23 13.58
C GLY LA 118 55.46 -55.92 14.12
N GLU LA 119 55.20 -55.65 15.39
CA GLU LA 119 55.61 -54.39 15.97
C GLU LA 119 57.13 -54.35 16.08
N LYS LA 120 57.67 -53.14 16.18
CA LYS LA 120 59.09 -52.98 16.38
C LYS LA 120 59.44 -52.54 17.78
N LYS LA 121 58.47 -52.25 18.63
CA LYS LA 121 58.79 -52.02 20.03
C LYS LA 121 59.20 -53.34 20.65
N VAL LA 122 60.23 -53.31 21.48
CA VAL LA 122 60.79 -54.52 22.05
C VAL LA 122 60.34 -54.60 23.50
N ARG LA 123 59.76 -55.75 23.88
CA ARG LA 123 59.09 -55.88 25.16
C ARG LA 123 60.06 -56.47 26.18
N LYS LA 124 60.28 -55.75 27.26
CA LYS LA 124 61.26 -56.13 28.27
C LYS LA 124 60.60 -56.27 29.63
N VAL LA 125 60.70 -57.47 30.20
CA VAL LA 125 60.24 -57.75 31.55
C VAL LA 125 61.35 -58.48 32.29
N ASP LA 126 61.65 -58.01 33.49
CA ASP LA 126 62.62 -58.64 34.36
C ASP LA 126 61.87 -59.41 35.42
N MET LA 127 62.38 -60.59 35.76
CA MET LA 127 61.74 -61.43 36.75
C MET LA 127 61.88 -60.80 38.12
N LEU LA 128 60.84 -60.90 38.92
CA LEU LA 128 60.94 -60.47 40.30
C LEU LA 128 61.91 -61.40 41.05
N ASP LA 129 62.13 -61.11 42.33
CA ASP LA 129 63.28 -61.64 43.05
C ASP LA 129 63.43 -63.15 42.91
N GLY LA 130 62.49 -63.91 43.45
CA GLY LA 130 62.73 -65.31 43.63
C GLY LA 130 62.28 -66.19 42.48
N VAL LA 131 62.14 -65.62 41.29
CA VAL LA 131 61.62 -66.34 40.14
C VAL LA 131 62.65 -66.33 39.03
N THR LA 132 62.79 -67.44 38.35
CA THR LA 132 63.56 -67.46 37.11
C THR LA 132 62.69 -67.96 35.98
N ILE LA 133 63.22 -67.82 34.77
CA ILE LA 133 62.50 -68.17 33.54
C ILE LA 133 63.38 -69.10 32.73
N LEU LA 134 62.77 -69.91 31.88
CA LEU LA 134 63.54 -70.65 30.90
C LEU LA 134 62.62 -71.01 29.74
N ARG LA 135 63.13 -70.89 28.52
CA ARG LA 135 62.35 -71.35 27.37
C ARG LA 135 62.17 -72.86 27.40
N SER LA 136 60.97 -73.29 27.05
CA SER LA 136 60.66 -74.70 26.96
C SER LA 136 61.33 -75.32 25.76
N GLU LA 137 61.78 -76.57 25.93
CA GLU LA 137 62.55 -77.29 24.92
C GLU LA 137 61.92 -78.60 24.48
N LYS LA 138 61.15 -79.27 25.34
CA LYS LA 138 60.37 -80.43 24.95
C LYS LA 138 58.97 -80.05 24.49
N VAL LA 139 58.60 -78.78 24.61
CA VAL LA 139 57.32 -78.27 24.16
C VAL LA 139 57.62 -77.31 23.01
N LYS LA 140 56.62 -77.06 22.17
CA LYS LA 140 56.84 -76.21 21.01
C LYS LA 140 57.21 -74.78 21.39
N ASP LA 141 56.28 -74.04 21.98
CA ASP LA 141 56.51 -72.63 22.29
C ASP LA 141 55.94 -72.28 23.68
N GLU LA 142 56.74 -72.54 24.69
CA GLU LA 142 56.43 -72.15 26.05
C GLU LA 142 57.62 -71.43 26.65
N ILE LA 143 57.33 -70.62 27.66
CA ILE LA 143 58.31 -70.26 28.66
C ILE LA 143 57.81 -70.79 29.99
N VAL LA 144 58.73 -71.34 30.77
CA VAL LA 144 58.42 -72.00 32.02
C VAL LA 144 59.10 -71.20 33.11
N LEU LA 145 58.32 -70.73 34.08
CA LEU LA 145 58.84 -69.98 35.21
C LEU LA 145 58.92 -70.90 36.41
N ASP LA 146 59.99 -70.76 37.18
CA ASP LA 146 60.18 -71.54 38.39
C ASP LA 146 60.41 -70.60 39.55
N GLY LA 147 59.96 -71.02 40.73
CA GLY LA 147 60.14 -70.21 41.90
C GLY LA 147 59.68 -70.94 43.14
N ASN LA 148 60.00 -70.36 44.28
CA ASN LA 148 59.49 -70.90 45.53
C ASN LA 148 58.31 -70.11 46.07
N ASP LA 149 58.05 -68.91 45.56
CA ASP LA 149 56.98 -68.09 46.07
C ASP LA 149 55.92 -67.90 45.00
N ILE LA 150 54.69 -68.24 45.33
CA ILE LA 150 53.63 -68.19 44.34
C ILE LA 150 53.33 -66.76 43.93
N GLU LA 151 53.41 -65.80 44.86
CA GLU LA 151 53.14 -64.42 44.49
C GLU LA 151 54.16 -63.93 43.47
N LEU LA 152 55.44 -64.24 43.67
CA LEU LA 152 56.46 -63.78 42.74
C LEU LA 152 56.33 -64.48 41.39
N VAL LA 153 56.11 -65.80 41.39
CA VAL LA 153 55.93 -66.48 40.11
C VAL LA 153 54.74 -65.91 39.36
N SER LA 154 53.61 -65.75 40.05
CA SER LA 154 52.38 -65.39 39.37
C SER LA 154 52.38 -63.93 38.94
N ARG LA 155 53.01 -63.04 39.71
CA ARG LA 155 53.21 -61.67 39.26
C ARG LA 155 54.10 -61.59 38.04
N SER LA 156 55.20 -62.36 38.01
CA SER LA 156 56.03 -62.36 36.82
C SER LA 156 55.26 -62.89 35.60
N ALA LA 157 54.48 -63.94 35.80
CA ALA LA 157 53.62 -64.45 34.74
C ALA LA 157 52.67 -63.37 34.24
N ALA LA 158 52.11 -62.59 35.17
CA ALA LA 158 51.13 -61.58 34.82
C ALA LA 158 51.77 -60.39 34.13
N LEU LA 159 52.99 -60.00 34.52
CA LEU LA 159 53.70 -58.99 33.75
C LEU LA 159 53.92 -59.43 32.30
N ILE LA 160 54.39 -60.67 32.10
CA ILE LA 160 54.60 -61.14 30.73
C ILE LA 160 53.29 -61.17 29.96
N ASN LA 161 52.21 -61.55 30.63
CA ASN LA 161 50.91 -61.60 29.96
C ASN LA 161 50.41 -60.22 29.59
N GLN LA 162 50.40 -59.30 30.55
CA GLN LA 162 49.83 -57.99 30.30
C GLN LA 162 50.77 -57.08 29.53
N LYS LA 163 51.98 -57.52 29.20
CA LYS LA 163 52.82 -56.70 28.36
C LYS LA 163 52.78 -57.14 26.90
N CYS LA 164 51.83 -58.00 26.53
CA CYS LA 164 51.69 -58.43 25.15
C CYS LA 164 50.25 -58.30 24.67
N HIS LA 165 49.54 -57.29 25.15
CA HIS LA 165 48.16 -57.11 24.74
C HIS LA 165 48.10 -56.59 23.31
N VAL LA 166 46.98 -56.83 22.65
CA VAL LA 166 46.78 -56.43 21.26
C VAL LA 166 45.83 -55.25 21.26
N LYS LA 167 46.33 -54.10 20.83
CA LYS LA 167 45.64 -52.84 21.04
C LYS LA 167 44.96 -52.36 19.76
N ASN LA 168 43.80 -51.73 19.92
CA ASN LA 168 43.03 -51.08 18.87
C ASN LA 168 42.41 -52.09 17.89
N LYS LA 169 42.69 -53.37 18.06
CA LYS LA 169 42.13 -54.38 17.19
C LYS LA 169 41.18 -55.27 17.97
N ASP LA 170 40.37 -56.03 17.23
CA ASP LA 170 39.39 -56.92 17.81
C ASP LA 170 40.02 -58.03 18.63
N ILE LA 171 39.97 -57.89 19.97
CA ILE LA 171 40.56 -58.90 20.84
C ILE LA 171 39.82 -60.22 20.76
N ARG LA 172 38.70 -60.25 20.05
CA ARG LA 172 38.00 -61.51 19.84
C ARG LA 172 38.59 -62.31 18.69
N LYS LA 173 39.37 -61.65 17.84
CA LYS LA 173 39.94 -62.23 16.63
C LYS LA 173 41.46 -62.27 16.67
N PHE LA 174 42.11 -61.14 16.94
CA PHE LA 174 43.56 -61.08 17.07
C PHE LA 174 43.91 -61.62 18.44
N LEU LA 175 44.00 -62.93 18.55
CA LEU LA 175 44.23 -63.56 19.84
C LEU LA 175 45.69 -63.57 20.25
N ASP LA 176 46.55 -62.81 19.59
CA ASP LA 176 47.97 -62.95 19.86
C ASP LA 176 48.29 -62.61 21.31
N GLY LA 177 49.27 -63.31 21.87
CA GLY LA 177 49.69 -63.01 23.22
C GLY LA 177 50.40 -64.17 23.87
N ILE LA 178 50.47 -64.09 25.19
CA ILE LA 178 51.23 -65.02 26.01
C ILE LA 178 50.34 -65.44 27.16
N TYR LA 179 49.96 -66.71 27.20
CA TYR LA 179 48.96 -67.11 28.18
C TYR LA 179 49.38 -68.40 28.89
N VAL LA 180 48.89 -68.58 30.11
CA VAL LA 180 49.41 -69.59 31.02
C VAL LA 180 48.56 -70.85 30.95
N SER LA 181 49.21 -72.02 30.83
CA SER LA 181 48.54 -73.27 30.53
C SER LA 181 48.48 -74.24 31.72
N ASP LA 182 49.62 -74.62 32.28
CA ASP LA 182 49.67 -75.57 33.38
C ASP LA 182 50.30 -74.90 34.58
N LYS LA 183 49.51 -74.71 35.63
CA LYS LA 183 49.82 -73.78 36.69
C LYS LA 183 50.06 -74.48 38.03
N GLY LA 184 50.17 -75.80 38.01
CA GLY LA 184 50.41 -76.53 39.23
C GLY LA 184 51.77 -76.23 39.84
N ALA LA 185 52.17 -77.11 40.75
CA ALA LA 185 53.41 -76.95 41.50
C ALA LA 185 54.20 -78.26 41.44
N ILE LA 186 55.27 -78.28 40.65
CA ILE LA 186 56.20 -79.41 40.64
C ILE LA 186 57.63 -78.90 40.57
N ASN MA 12 61.79 -33.93 6.31
CA ASN MA 12 60.90 -33.24 5.40
C ASN MA 12 61.42 -31.87 5.04
N LYS MA 13 60.54 -31.04 4.50
CA LYS MA 13 60.94 -29.68 4.16
C LYS MA 13 61.16 -28.87 5.42
N PHE MA 14 62.10 -27.94 5.36
CA PHE MA 14 62.28 -27.03 6.46
C PHE MA 14 61.26 -25.91 6.40
N ARG MA 15 61.41 -25.00 7.35
CA ARG MA 15 60.47 -23.92 7.58
C ARG MA 15 61.03 -22.68 6.89
N MET MA 16 60.22 -22.05 6.06
CA MET MA 16 60.66 -20.86 5.35
C MET MA 16 59.62 -19.77 5.49
N SER MA 17 60.07 -18.54 5.24
CA SER MA 17 59.23 -17.38 5.43
C SER MA 17 57.91 -17.53 4.70
N LEU MA 18 56.82 -17.19 5.37
CA LEU MA 18 55.48 -17.28 4.80
C LEU MA 18 55.13 -15.93 4.20
N GLY MA 19 54.73 -15.92 2.95
CA GLY MA 19 54.63 -14.68 2.22
C GLY MA 19 53.27 -14.33 1.65
N LEU MA 20 52.41 -15.32 1.47
CA LEU MA 20 51.16 -15.13 0.75
C LEU MA 20 49.97 -15.34 1.68
N PRO MA 21 49.41 -14.31 2.26
CA PRO MA 21 48.18 -14.46 3.03
C PRO MA 21 47.02 -14.87 2.15
N VAL MA 22 45.83 -15.03 2.72
CA VAL MA 22 44.66 -15.30 1.89
C VAL MA 22 44.33 -14.01 1.16
N ALA MA 23 43.45 -14.10 0.16
CA ALA MA 23 43.06 -12.98 -0.68
C ALA MA 23 44.23 -12.49 -1.52
N ALA MA 24 45.38 -13.13 -1.42
CA ALA MA 24 46.48 -12.80 -2.30
C ALA MA 24 46.15 -13.23 -3.73
N THR MA 25 46.89 -12.70 -4.68
CA THR MA 25 46.60 -12.92 -6.10
C THR MA 25 47.89 -13.15 -6.85
N VAL MA 26 48.08 -14.39 -7.32
CA VAL MA 26 49.36 -14.83 -7.84
C VAL MA 26 49.22 -15.17 -9.32
N ASN MA 27 50.34 -15.10 -10.03
CA ASN MA 27 50.35 -15.52 -11.43
C ASN MA 27 50.09 -17.01 -11.51
N CYS MA 28 49.53 -17.45 -12.61
CA CYS MA 28 49.31 -18.88 -12.84
C CYS MA 28 50.33 -19.29 -13.89
N ALA MA 29 51.48 -19.75 -13.44
CA ALA MA 29 52.62 -20.00 -14.32
C ALA MA 29 52.58 -21.43 -14.87
N ASP MA 30 51.61 -21.69 -15.74
CA ASP MA 30 51.61 -22.95 -16.48
C ASP MA 30 50.72 -22.82 -17.69
N ASN MA 31 50.76 -23.86 -18.53
CA ASN MA 31 49.98 -23.91 -19.77
C ASN MA 31 48.68 -24.67 -19.57
N THR MA 32 47.87 -24.19 -18.63
CA THR MA 32 46.47 -24.57 -18.55
C THR MA 32 45.55 -23.50 -19.11
N GLY MA 33 45.98 -22.25 -19.13
CA GLY MA 33 45.19 -21.16 -19.64
C GLY MA 33 44.76 -20.17 -18.59
N ALA MA 34 44.65 -20.59 -17.34
CA ALA MA 34 44.37 -19.65 -16.27
C ALA MA 34 45.48 -18.62 -16.19
N LYS MA 35 45.11 -17.35 -16.09
CA LYS MA 35 46.10 -16.29 -16.00
C LYS MA 35 46.38 -15.83 -14.59
N ASN MA 36 45.56 -16.22 -13.62
CA ASN MA 36 45.64 -15.56 -12.33
C ASN MA 36 44.94 -16.39 -11.26
N LEU MA 37 45.68 -16.90 -10.29
CA LEU MA 37 45.07 -17.59 -9.15
C LEU MA 37 44.83 -16.62 -8.00
N TYR MA 38 43.97 -17.03 -7.09
CA TYR MA 38 43.52 -16.19 -5.98
C TYR MA 38 43.50 -17.05 -4.74
N ILE MA 39 44.46 -16.83 -3.83
CA ILE MA 39 44.61 -17.71 -2.67
C ILE MA 39 43.43 -17.53 -1.74
N ILE MA 40 42.83 -18.63 -1.30
CA ILE MA 40 41.73 -18.52 -0.33
C ILE MA 40 42.03 -19.30 0.94
N SER MA 41 42.79 -20.39 0.85
CA SER MA 41 43.09 -21.19 2.02
C SER MA 41 44.24 -22.13 1.72
N VAL MA 42 44.88 -22.61 2.78
CA VAL MA 42 46.15 -23.31 2.71
C VAL MA 42 46.02 -24.68 3.36
N LYS MA 43 46.59 -25.70 2.74
CA LYS MA 43 46.53 -27.03 3.30
C LYS MA 43 47.44 -27.17 4.50
N GLY MA 44 46.95 -27.88 5.50
CA GLY MA 44 47.74 -28.23 6.66
C GLY MA 44 47.86 -27.15 7.70
N ILE MA 45 47.26 -25.99 7.50
CA ILE MA 45 47.43 -24.89 8.43
C ILE MA 45 46.38 -25.00 9.53
N LYS MA 46 46.84 -24.87 10.77
CA LYS MA 46 45.98 -24.72 11.93
C LYS MA 46 46.14 -23.29 12.42
N GLY MA 47 45.03 -22.63 12.68
CA GLY MA 47 45.01 -21.20 12.86
C GLY MA 47 45.34 -20.73 14.25
N ARG MA 48 44.91 -19.50 14.52
CA ARG MA 48 45.02 -18.76 15.77
C ARG MA 48 44.27 -17.47 15.56
N LEU MA 49 43.56 -17.04 16.59
CA LEU MA 49 42.57 -15.97 16.44
C LEU MA 49 43.15 -14.77 15.72
N ASN MA 50 42.51 -14.39 14.62
CA ASN MA 50 42.81 -13.29 13.73
C ASN MA 50 43.94 -13.59 12.75
N ARG MA 51 44.66 -14.69 12.88
CA ARG MA 51 45.81 -14.93 12.00
C ARG MA 51 45.38 -15.46 10.64
N LEU MA 52 45.66 -14.71 9.61
CA LEU MA 52 45.33 -15.09 8.25
C LEU MA 52 46.21 -16.25 7.80
N PRO MA 53 45.64 -17.31 7.23
CA PRO MA 53 46.47 -18.40 6.74
C PRO MA 53 47.42 -17.91 5.68
N SER MA 54 48.63 -18.48 5.65
CA SER MA 54 49.66 -17.98 4.76
C SER MA 54 50.35 -19.12 4.05
N ALA MA 55 50.75 -18.85 2.81
CA ALA MA 55 51.43 -19.82 1.98
C ALA MA 55 52.88 -19.43 1.77
N CYS MA 56 53.69 -20.41 1.42
CA CYS MA 56 55.08 -20.21 1.09
C CYS MA 56 55.38 -21.00 -0.16
N VAL MA 57 56.65 -21.15 -0.52
CA VAL MA 57 57.03 -21.95 -1.67
C VAL MA 57 56.91 -23.43 -1.32
N GLY MA 58 56.08 -24.15 -2.05
CA GLY MA 58 55.86 -25.55 -1.78
C GLY MA 58 54.59 -25.86 -1.04
N ASP MA 59 53.90 -24.86 -0.51
CA ASP MA 59 52.65 -25.10 0.18
C ASP MA 59 51.54 -25.25 -0.82
N MET MA 60 50.67 -26.23 -0.61
CA MET MA 60 49.53 -26.46 -1.50
C MET MA 60 48.33 -25.70 -0.96
N VAL MA 61 47.78 -24.83 -1.79
CA VAL MA 61 46.74 -23.90 -1.40
C VAL MA 61 45.47 -24.26 -2.15
N MET MA 62 44.36 -23.64 -1.74
CA MET MA 62 43.16 -23.59 -2.55
C MET MA 62 43.05 -22.24 -3.22
N ALA MA 63 42.70 -22.22 -4.49
CA ALA MA 63 42.66 -20.97 -5.21
C ALA MA 63 41.62 -21.07 -6.30
N THR MA 64 40.81 -20.03 -6.41
CA THR MA 64 39.94 -19.81 -7.55
C THR MA 64 40.66 -18.89 -8.53
N VAL MA 65 40.20 -18.92 -9.77
CA VAL MA 65 40.76 -18.07 -10.81
C VAL MA 65 39.87 -16.85 -11.00
N LYS MA 66 40.45 -15.66 -10.90
CA LYS MA 66 39.68 -14.45 -11.08
C LYS MA 66 39.76 -13.88 -12.49
N LYS MA 67 40.81 -14.19 -13.25
CA LYS MA 67 40.94 -13.74 -14.63
C LYS MA 67 41.59 -14.85 -15.42
N GLY MA 68 40.83 -15.51 -16.27
CA GLY MA 68 41.37 -16.66 -16.97
C GLY MA 68 40.35 -17.28 -17.91
N LYS MA 69 40.64 -18.50 -18.31
CA LYS MA 69 39.80 -19.22 -19.25
C LYS MA 69 38.41 -19.42 -18.64
N PRO MA 70 37.34 -19.26 -19.43
CA PRO MA 70 35.99 -19.28 -18.84
C PRO MA 70 35.66 -20.56 -18.14
N ASP MA 71 36.23 -21.67 -18.59
CA ASP MA 71 35.88 -23.00 -18.15
C ASP MA 71 36.70 -23.44 -16.95
N LEU MA 72 37.56 -22.57 -16.42
CA LEU MA 72 38.30 -22.81 -15.20
C LEU MA 72 37.75 -22.03 -14.02
N ARG MA 73 36.97 -20.99 -14.27
CA ARG MA 73 36.60 -20.04 -13.25
C ARG MA 73 35.41 -20.54 -12.44
N LYS MA 74 35.20 -19.90 -11.30
CA LYS MA 74 34.04 -20.13 -10.43
C LYS MA 74 34.08 -21.50 -9.79
N LYS MA 75 35.26 -21.88 -9.29
CA LYS MA 75 35.42 -23.15 -8.60
C LYS MA 75 36.80 -23.16 -7.96
N VAL MA 76 36.87 -23.63 -6.72
CA VAL MA 76 38.13 -23.69 -6.00
C VAL MA 76 38.95 -24.84 -6.56
N MET MA 77 40.27 -24.67 -6.60
CA MET MA 77 41.07 -25.71 -7.17
C MET MA 77 42.41 -25.74 -6.45
N PRO MA 78 42.98 -26.92 -6.21
CA PRO MA 78 44.28 -26.98 -5.54
C PRO MA 78 45.37 -26.35 -6.40
N ALA MA 79 46.13 -25.46 -5.81
CA ALA MA 79 47.30 -24.88 -6.44
C ALA MA 79 48.52 -25.18 -5.60
N VAL MA 80 49.69 -24.95 -6.17
CA VAL MA 80 50.96 -25.07 -5.45
C VAL MA 80 51.78 -23.83 -5.76
N ILE MA 81 52.25 -23.17 -4.74
CA ILE MA 81 53.04 -21.95 -4.94
C ILE MA 81 54.44 -22.37 -5.36
N VAL MA 82 54.94 -21.74 -6.42
CA VAL MA 82 56.27 -22.05 -6.93
C VAL MA 82 57.22 -20.87 -6.85
N ARG MA 83 56.72 -19.65 -6.73
CA ARG MA 83 57.59 -18.47 -6.69
C ARG MA 83 56.97 -17.46 -5.74
N GLN MA 84 57.75 -16.92 -4.83
CA GLN MA 84 57.25 -15.86 -3.96
C GLN MA 84 58.30 -14.78 -3.85
N ARG MA 85 57.84 -13.55 -3.66
CA ARG MA 85 58.74 -12.42 -3.68
C ARG MA 85 59.30 -12.07 -2.30
N LYS MA 86 58.65 -12.53 -1.23
CA LYS MA 86 59.22 -12.39 0.09
C LYS MA 86 60.54 -13.15 0.16
N PRO MA 87 61.62 -12.51 0.61
CA PRO MA 87 62.88 -13.22 0.81
C PRO MA 87 62.69 -14.42 1.73
N TRP MA 88 63.64 -15.34 1.68
CA TRP MA 88 63.63 -16.34 2.71
C TRP MA 88 65.02 -16.95 2.84
N ARG MA 89 65.39 -17.23 4.08
CA ARG MA 89 66.73 -17.70 4.41
C ARG MA 89 66.83 -19.19 4.15
N ARG MA 90 67.75 -19.58 3.28
CA ARG MA 90 68.03 -20.97 3.03
C ARG MA 90 68.73 -21.57 4.24
N LYS MA 91 68.88 -22.89 4.24
CA LYS MA 91 69.79 -23.52 5.18
C LYS MA 91 71.23 -23.47 4.69
N ASP MA 92 71.49 -22.66 3.66
CA ASP MA 92 72.83 -22.37 3.20
C ASP MA 92 73.31 -21.02 3.69
N GLY MA 93 72.40 -20.17 4.16
CA GLY MA 93 72.70 -18.82 4.57
C GLY MA 93 72.13 -17.77 3.65
N VAL MA 94 71.90 -18.10 2.39
CA VAL MA 94 71.54 -17.11 1.39
C VAL MA 94 70.05 -16.79 1.48
N PHE MA 95 69.71 -15.51 1.35
CA PHE MA 95 68.31 -15.06 1.38
C PHE MA 95 67.78 -15.03 -0.04
N MET MA 96 67.18 -16.12 -0.47
CA MET MA 96 66.82 -16.23 -1.87
C MET MA 96 65.39 -15.80 -2.04
N TYR MA 97 65.06 -15.27 -3.22
CA TYR MA 97 63.68 -14.94 -3.54
C TYR MA 97 63.54 -14.82 -5.05
N PHE MA 98 62.43 -14.24 -5.50
CA PHE MA 98 62.08 -14.20 -6.91
C PHE MA 98 61.63 -12.81 -7.33
N GLU MA 99 61.03 -12.71 -8.51
CA GLU MA 99 60.55 -11.42 -9.00
C GLU MA 99 59.04 -11.29 -8.93
N ASP MA 100 58.30 -12.39 -9.04
CA ASP MA 100 56.85 -12.31 -9.02
C ASP MA 100 56.26 -13.48 -8.25
N ASN MA 101 55.12 -13.23 -7.62
CA ASN MA 101 54.38 -14.28 -6.96
C ASN MA 101 53.70 -15.15 -8.02
N ALA MA 102 53.91 -16.45 -7.95
CA ALA MA 102 53.27 -17.28 -8.95
C ALA MA 102 53.13 -18.68 -8.42
N GLY MA 103 52.06 -19.34 -8.87
CA GLY MA 103 51.77 -20.70 -8.49
C GLY MA 103 51.21 -21.42 -9.70
N VAL MA 104 50.95 -22.71 -9.53
CA VAL MA 104 50.45 -23.52 -10.62
C VAL MA 104 49.28 -24.35 -10.12
N ILE MA 105 48.38 -24.71 -11.04
CA ILE MA 105 47.31 -25.65 -10.71
C ILE MA 105 47.90 -27.02 -10.48
N VAL MA 106 47.32 -27.76 -9.53
CA VAL MA 106 47.58 -29.17 -9.34
C VAL MA 106 46.25 -29.84 -9.04
N ASN MA 107 46.27 -31.14 -8.99
CA ASN MA 107 45.15 -31.93 -8.51
C ASN MA 107 45.42 -32.38 -7.09
N PRO MA 108 44.39 -32.82 -6.37
CA PRO MA 108 44.60 -33.19 -4.97
C PRO MA 108 45.74 -34.17 -4.74
N LYS MA 109 45.95 -35.12 -5.62
CA LYS MA 109 47.10 -36.00 -5.50
C LYS MA 109 48.39 -35.38 -6.03
N GLY MA 110 48.47 -34.05 -6.12
CA GLY MA 110 49.72 -33.40 -6.43
C GLY MA 110 50.13 -33.43 -7.89
N GLU MA 111 49.32 -34.01 -8.77
CA GLU MA 111 49.63 -34.00 -10.19
C GLU MA 111 49.48 -32.60 -10.78
N MET MA 112 50.40 -32.25 -11.68
CA MET MA 112 50.27 -31.07 -12.52
C MET MA 112 49.08 -31.25 -13.46
N LYS MA 113 48.07 -30.41 -13.32
CA LYS MA 113 46.98 -30.45 -14.29
C LYS MA 113 47.48 -30.17 -15.71
N GLY MA 114 48.31 -29.14 -15.86
CA GLY MA 114 48.77 -28.71 -17.17
C GLY MA 114 49.87 -29.58 -17.74
N SER MA 115 50.74 -28.97 -18.53
CA SER MA 115 51.86 -29.67 -19.14
C SER MA 115 53.21 -29.07 -18.82
N ALA MA 116 53.32 -27.74 -18.77
CA ALA MA 116 54.61 -27.10 -18.57
C ALA MA 116 54.44 -25.89 -17.66
N ILE MA 117 55.55 -25.47 -17.06
CA ILE MA 117 55.60 -24.33 -16.16
C ILE MA 117 56.55 -23.31 -16.75
N THR MA 118 56.08 -22.09 -16.92
CA THR MA 118 56.85 -21.07 -17.61
C THR MA 118 57.77 -20.40 -16.59
N GLY MA 119 59.06 -20.64 -16.72
CA GLY MA 119 60.03 -19.95 -15.90
C GLY MA 119 60.56 -20.80 -14.77
N PRO MA 120 61.42 -20.21 -13.95
CA PRO MA 120 62.01 -20.96 -12.84
C PRO MA 120 60.96 -21.30 -11.81
N ILE MA 121 61.22 -22.33 -11.02
CA ILE MA 121 60.37 -22.63 -9.88
C ILE MA 121 61.24 -22.78 -8.66
N GLY MA 122 60.65 -22.60 -7.48
CA GLY MA 122 61.40 -22.77 -6.26
C GLY MA 122 61.99 -24.16 -6.15
N LYS MA 123 63.24 -24.22 -5.69
CA LYS MA 123 63.92 -25.49 -5.54
C LYS MA 123 63.21 -26.36 -4.52
N GLU MA 124 62.77 -25.76 -3.41
CA GLU MA 124 62.05 -26.53 -2.41
C GLU MA 124 60.59 -26.73 -2.78
N CYS MA 125 60.16 -26.19 -3.91
CA CYS MA 125 58.86 -26.55 -4.46
C CYS MA 125 58.96 -27.78 -5.34
N ALA MA 126 59.94 -27.79 -6.24
CA ALA MA 126 60.09 -28.96 -7.11
C ALA MA 126 60.52 -30.18 -6.31
N ASP MA 127 61.44 -30.03 -5.36
CA ASP MA 127 61.87 -31.23 -4.66
C ASP MA 127 60.76 -31.80 -3.81
N LEU MA 128 59.78 -30.99 -3.43
CA LEU MA 128 58.68 -31.40 -2.57
C LEU MA 128 57.52 -31.96 -3.36
N TRP MA 129 57.32 -31.49 -4.58
CA TRP MA 129 56.31 -32.02 -5.49
C TRP MA 129 56.94 -32.76 -6.64
N PRO MA 130 56.82 -34.08 -6.70
CA PRO MA 130 57.61 -34.86 -7.67
C PRO MA 130 57.24 -34.61 -9.12
N ARG MA 131 56.10 -33.98 -9.41
CA ARG MA 131 55.71 -33.77 -10.80
C ARG MA 131 55.92 -32.34 -11.28
N ILE MA 132 55.63 -31.35 -10.43
CA ILE MA 132 56.05 -29.99 -10.75
C ILE MA 132 57.54 -29.93 -11.01
N ALA MA 133 58.30 -30.89 -10.48
CA ALA MA 133 59.73 -30.94 -10.79
C ALA MA 133 59.97 -31.30 -12.24
N SER MA 134 59.22 -32.27 -12.77
CA SER MA 134 59.43 -32.67 -14.15
C SER MA 134 58.83 -31.67 -15.12
N ALA MA 135 57.70 -31.05 -14.76
CA ALA MA 135 57.09 -30.08 -15.64
C ALA MA 135 57.83 -28.74 -15.63
N ALA MA 136 58.60 -28.47 -14.58
CA ALA MA 136 59.47 -27.29 -14.61
C ALA MA 136 60.52 -27.42 -15.68
N ASN MA 137 60.88 -26.29 -16.26
CA ASN MA 137 62.00 -26.28 -17.20
C ASN MA 137 63.35 -26.10 -16.52
N ALA MA 138 63.43 -25.24 -15.51
CA ALA MA 138 64.71 -24.87 -14.93
C ALA MA 138 64.55 -24.74 -13.42
N ILE MA 139 65.08 -25.69 -12.68
CA ILE MA 139 65.03 -25.65 -11.23
C ILE MA 139 66.17 -24.80 -10.68
N VAL MA 140 65.88 -24.03 -9.64
CA VAL MA 140 66.78 -22.98 -9.19
C VAL MA 140 66.14 -22.34 -7.96
N GLY NA 2 -42.88 86.54 32.34
CA GLY NA 2 -42.71 85.12 32.57
C GLY NA 2 -42.66 84.29 31.31
N ALA NA 3 -41.50 84.29 30.66
CA ALA NA 3 -41.33 83.54 29.43
C ALA NA 3 -40.81 82.14 29.67
N TYR NA 4 -40.08 81.94 30.76
CA TYR NA 4 -39.39 80.67 30.94
C TYR NA 4 -40.36 79.52 31.09
N LYS NA 5 -41.58 79.77 31.57
CA LYS NA 5 -42.55 78.70 31.67
C LYS NA 5 -43.02 78.29 30.28
N PHE NA 6 -43.36 79.29 29.45
CA PHE NA 6 -43.73 79.01 28.07
C PHE NA 6 -42.65 78.19 27.37
N VAL NA 7 -41.40 78.64 27.45
CA VAL NA 7 -40.36 77.91 26.74
C VAL NA 7 -40.13 76.55 27.39
N SER NA 8 -40.43 76.41 28.68
CA SER NA 8 -40.26 75.16 29.38
C SER NA 8 -41.19 74.09 28.84
N GLU NA 9 -42.50 74.37 28.80
CA GLU NA 9 -43.39 73.42 28.13
C GLU NA 9 -43.12 73.27 26.64
N LEU NA 10 -42.69 74.32 25.96
CA LEU NA 10 -42.36 74.14 24.55
C LEU NA 10 -41.27 73.09 24.40
N TRP NA 11 -40.26 73.14 25.27
CA TRP NA 11 -39.21 72.14 25.23
C TRP NA 11 -39.64 70.83 25.88
N ARG NA 12 -40.76 70.81 26.58
CA ARG NA 12 -41.28 69.56 27.11
C ARG NA 12 -41.92 68.73 26.00
N ARG NA 13 -42.59 69.40 25.07
CA ARG NA 13 -43.27 68.70 23.98
C ARG NA 13 -42.28 68.33 22.88
N LYS NA 14 -41.44 67.35 23.18
CA LYS NA 14 -40.31 67.06 22.29
C LYS NA 14 -40.68 66.18 21.10
N GLN NA 15 -41.90 65.68 20.98
CA GLN NA 15 -42.29 65.03 19.74
C GLN NA 15 -43.23 65.88 18.90
N SER NA 16 -43.54 67.09 19.33
CA SER NA 16 -44.31 67.95 18.46
C SER NA 16 -43.47 68.34 17.25
N ASP NA 17 -44.15 68.75 16.18
CA ASP NA 17 -43.46 69.05 14.94
C ASP NA 17 -42.58 70.29 15.03
N VAL NA 18 -42.93 71.24 15.90
CA VAL NA 18 -42.08 72.42 16.05
C VAL NA 18 -40.70 72.04 16.57
N MET NA 19 -40.64 71.24 17.64
CA MET NA 19 -39.36 70.73 18.10
C MET NA 19 -38.73 69.74 17.13
N ARG NA 20 -39.52 68.93 16.44
CA ARG NA 20 -38.91 68.02 15.49
C ARG NA 20 -38.14 68.81 14.43
N PHE NA 21 -38.77 69.83 13.85
CA PHE NA 21 -38.05 70.69 12.92
C PHE NA 21 -36.84 71.32 13.56
N VAL NA 22 -37.09 72.23 14.51
CA VAL NA 22 -36.03 73.09 15.01
C VAL NA 22 -34.93 72.26 15.62
N GLN NA 23 -35.19 70.99 15.90
CA GLN NA 23 -34.21 70.17 16.58
C GLN NA 23 -33.41 69.37 15.57
N ARG NA 24 -34.05 68.86 14.50
CA ARG NA 24 -33.28 68.22 13.43
C ARG NA 24 -32.35 69.20 12.72
N VAL NA 25 -32.80 70.44 12.48
CA VAL NA 25 -31.90 71.36 11.80
C VAL NA 25 -30.69 71.66 12.69
N ARG NA 26 -30.91 71.81 13.99
CA ARG NA 26 -29.78 71.96 14.89
C ARG NA 26 -28.91 70.72 14.94
N CYS NA 27 -29.52 69.54 14.84
CA CYS NA 27 -28.70 68.33 14.82
C CYS NA 27 -27.76 68.34 13.64
N TRP NA 28 -28.22 68.80 12.48
CA TRP NA 28 -27.31 68.93 11.35
C TRP NA 28 -26.22 69.94 11.66
N GLU NA 29 -26.60 71.13 12.15
CA GLU NA 29 -25.61 72.17 12.40
C GLU NA 29 -24.54 71.68 13.38
N TYR NA 30 -24.98 71.01 14.44
CA TYR NA 30 -24.04 70.46 15.43
C TYR NA 30 -23.14 69.42 14.81
N ARG NA 31 -23.71 68.52 14.02
CA ARG NA 31 -22.93 67.45 13.43
C ARG NA 31 -21.90 67.98 12.45
N GLN NA 32 -22.04 69.23 12.02
CA GLN NA 32 -21.06 69.84 11.14
C GLN NA 32 -19.99 70.68 11.84
N GLN NA 33 -20.06 70.85 13.14
CA GLN NA 33 -19.09 71.64 13.89
C GLN NA 33 -18.16 70.75 14.71
N PRO NA 34 -17.11 71.32 15.30
CA PRO NA 34 -16.18 70.51 16.11
C PRO NA 34 -16.87 69.89 17.32
N ALA NA 35 -16.22 68.87 17.89
CA ALA NA 35 -16.81 68.15 19.01
C ALA NA 35 -17.03 69.05 20.22
N ILE NA 36 -16.03 69.85 20.56
CA ILE NA 36 -16.09 70.75 21.71
C ILE NA 36 -16.05 72.16 21.15
N VAL NA 37 -17.10 72.94 21.39
CA VAL NA 37 -17.16 74.27 20.82
C VAL NA 37 -17.77 75.26 21.81
N ARG NA 38 -17.16 76.44 21.90
CA ARG NA 38 -17.70 77.52 22.73
C ARG NA 38 -18.92 78.15 22.08
N ILE NA 39 -20.00 78.29 22.84
CA ILE NA 39 -21.21 78.93 22.35
C ILE NA 39 -21.52 80.11 23.27
N THR NA 40 -21.74 81.28 22.67
CA THR NA 40 -21.77 82.49 23.48
C THR NA 40 -23.03 82.62 24.32
N ARG NA 41 -24.09 81.87 24.01
CA ARG NA 41 -25.30 81.93 24.80
C ARG NA 41 -25.85 80.52 24.94
N PRO NA 42 -26.49 80.21 26.06
CA PRO NA 42 -27.16 78.92 26.17
C PRO NA 42 -28.21 78.82 25.08
N THR NA 43 -28.37 77.62 24.54
CA THR NA 43 -29.51 77.46 23.65
C THR NA 43 -30.80 77.20 24.40
N ARG NA 44 -30.72 76.88 25.69
CA ARG NA 44 -31.90 76.56 26.50
C ARG NA 44 -31.85 77.43 27.75
N PRO NA 45 -32.08 78.73 27.60
CA PRO NA 45 -31.85 79.64 28.72
C PRO NA 45 -32.62 79.28 29.96
N ASP NA 46 -33.83 78.76 29.86
CA ASP NA 46 -34.57 78.44 31.06
C ASP NA 46 -34.06 77.18 31.73
N ARG NA 47 -33.51 76.25 30.95
CA ARG NA 47 -32.85 75.10 31.55
C ARG NA 47 -31.57 75.51 32.24
N ALA NA 48 -30.85 76.45 31.66
CA ALA NA 48 -29.62 76.93 32.26
C ALA NA 48 -29.89 77.74 33.53
N ARG NA 49 -30.96 78.54 33.54
CA ARG NA 49 -31.28 79.30 34.74
C ARG NA 49 -31.45 78.36 35.91
N ARG NA 50 -32.24 77.30 35.74
CA ARG NA 50 -32.56 76.42 36.84
C ARG NA 50 -31.35 75.63 37.32
N LEU NA 51 -30.33 75.47 36.49
CA LEU NA 51 -29.12 74.79 36.89
C LEU NA 51 -28.01 75.73 37.29
N GLY NA 52 -28.30 77.03 37.35
CA GLY NA 52 -27.37 77.96 37.93
C GLY NA 52 -26.58 78.76 36.94
N PHE NA 53 -26.96 78.75 35.68
CA PHE NA 53 -26.38 79.70 34.76
C PHE NA 53 -26.89 81.09 35.07
N LYS NA 54 -26.07 82.08 34.77
CA LYS NA 54 -26.43 83.46 34.97
C LYS NA 54 -25.90 84.25 33.78
N ALA NA 55 -26.55 85.37 33.49
CA ALA NA 55 -26.08 86.19 32.39
C ALA NA 55 -24.94 87.07 32.86
N LYS NA 56 -24.00 86.46 33.57
CA LYS NA 56 -22.93 87.18 34.21
C LYS NA 56 -21.61 86.65 33.68
N GLN NA 57 -20.63 87.53 33.63
CA GLN NA 57 -19.34 87.18 33.04
C GLN NA 57 -18.70 86.01 33.77
N GLY NA 58 -17.96 85.20 33.04
CA GLY NA 58 -17.27 84.09 33.61
C GLY NA 58 -18.01 82.77 33.52
N TYR NA 59 -19.33 82.80 33.35
CA TYR NA 59 -20.07 81.58 33.10
C TYR NA 59 -20.02 81.34 31.61
N VAL NA 60 -19.37 80.28 31.19
CA VAL NA 60 -19.26 80.00 29.78
C VAL NA 60 -19.97 78.70 29.48
N VAL NA 61 -20.36 78.51 28.23
CA VAL NA 61 -21.16 77.37 27.83
C VAL NA 61 -20.46 76.66 26.68
N TYR NA 62 -20.26 75.36 26.83
CA TYR NA 62 -19.50 74.58 25.89
C TYR NA 62 -20.35 73.42 25.40
N ARG NA 63 -20.40 73.24 24.09
CA ARG NA 63 -21.19 72.15 23.53
C ARG NA 63 -20.22 71.03 23.28
N ILE NA 64 -20.41 69.92 23.99
CA ILE NA 64 -19.59 68.73 23.83
C ILE NA 64 -20.43 67.66 23.18
N ARG NA 65 -19.94 67.15 22.07
CA ARG NA 65 -20.52 66.01 21.40
C ARG NA 65 -19.92 64.73 21.94
N VAL NA 66 -20.77 63.78 22.30
CA VAL NA 66 -20.33 62.48 22.78
C VAL NA 66 -20.99 61.40 21.93
N ARG NA 67 -20.38 60.23 21.86
CA ARG NA 67 -20.98 59.20 21.05
C ARG NA 67 -21.93 58.37 21.89
N ARG NA 68 -22.79 57.61 21.20
CA ARG NA 68 -23.78 56.79 21.87
C ARG NA 68 -23.32 55.35 21.87
N GLY NA 69 -24.10 54.48 22.50
CA GLY NA 69 -23.77 53.09 22.60
C GLY NA 69 -22.93 52.78 23.82
N GLY NA 70 -22.71 51.50 24.05
CA GLY NA 70 -22.04 51.02 25.22
C GLY NA 70 -20.54 51.05 25.10
N ARG NA 71 -19.90 50.23 25.92
CA ARG NA 71 -18.45 50.09 25.98
C ARG NA 71 -18.09 48.67 25.61
N LYS NA 72 -17.29 48.51 24.55
CA LYS NA 72 -16.81 47.21 24.18
C LYS NA 72 -15.39 47.05 24.71
N ARG NA 73 -15.12 45.91 25.33
CA ARG NA 73 -13.96 45.74 26.18
C ARG NA 73 -12.70 45.90 25.35
N PRO NA 74 -11.88 46.89 25.58
CA PRO NA 74 -10.67 47.05 24.77
C PRO NA 74 -9.54 46.11 25.13
N VAL NA 75 -9.53 44.92 24.54
CA VAL NA 75 -8.53 43.89 24.77
C VAL NA 75 -7.87 43.57 23.43
N PRO NA 76 -6.93 42.63 23.28
CA PRO NA 76 -6.11 42.66 22.07
C PRO NA 76 -6.87 42.25 20.81
N LYS NA 77 -7.85 41.37 20.90
CA LYS NA 77 -8.77 41.16 19.80
C LYS NA 77 -10.21 41.05 20.25
N GLY NA 78 -10.46 40.96 21.53
CA GLY NA 78 -11.66 40.33 22.03
C GLY NA 78 -11.37 39.04 22.75
N ILE NA 79 -10.10 38.73 22.96
CA ILE NA 79 -9.66 37.51 23.61
C ILE NA 79 -9.41 37.85 25.07
N VAL NA 80 -10.30 37.45 25.95
CA VAL NA 80 -10.16 37.73 27.37
C VAL NA 80 -9.74 36.44 28.06
N TYR NA 81 -8.61 36.48 28.75
CA TYR NA 81 -8.11 35.33 29.47
C TYR NA 81 -8.83 35.26 30.80
N GLY NA 82 -9.63 34.23 30.98
CA GLY NA 82 -10.42 34.15 32.17
C GLY NA 82 -11.27 32.90 32.13
N LYS NA 83 -12.19 32.88 32.97
CA LYS NA 83 -13.19 31.85 33.04
C LYS NA 83 -14.40 32.31 32.25
N PRO NA 84 -15.23 31.41 31.78
CA PRO NA 84 -16.35 31.81 30.91
C PRO NA 84 -17.18 32.98 31.39
N LYS NA 85 -17.04 33.38 32.65
CA LYS NA 85 -17.94 34.37 33.21
C LYS NA 85 -17.44 35.80 33.10
N HIS NA 86 -16.16 36.01 32.79
CA HIS NA 86 -15.70 37.30 32.32
C HIS NA 86 -15.12 37.18 30.92
N GLN NA 87 -15.69 36.30 30.11
CA GLN NA 87 -15.19 36.04 28.77
C GLN NA 87 -16.05 36.69 27.71
N GLY NA 88 -16.88 37.62 28.07
CA GLY NA 88 -17.67 38.35 27.09
C GLY NA 88 -17.07 39.68 26.75
N ILE NA 89 -17.52 40.23 25.62
CA ILE NA 89 -16.91 41.45 25.09
C ILE NA 89 -17.93 42.53 24.84
N THR NA 90 -18.98 42.22 24.07
CA THR NA 90 -19.66 43.24 23.28
C THR NA 90 -20.97 43.75 23.85
N GLN NA 91 -21.39 43.28 25.02
CA GLN NA 91 -22.67 43.73 25.55
C GLN NA 91 -22.52 44.43 26.88
N LEU NA 92 -21.31 44.81 27.23
CA LEU NA 92 -21.05 45.48 28.49
C LEU NA 92 -21.34 46.96 28.35
N LYS NA 93 -21.81 47.55 29.45
CA LYS NA 93 -22.20 48.94 29.48
C LYS NA 93 -21.33 49.70 30.46
N PHE NA 94 -21.06 50.95 30.11
CA PHE NA 94 -20.19 51.79 30.92
C PHE NA 94 -20.94 52.18 32.18
N GLN NA 95 -20.20 52.54 33.22
CA GLN NA 95 -20.83 52.85 34.49
C GLN NA 95 -20.97 54.34 34.75
N ARG NA 96 -20.67 55.19 33.79
CA ARG NA 96 -20.95 56.62 33.91
C ARG NA 96 -21.86 57.04 32.76
N ASN NA 97 -22.87 57.84 33.07
CA ASN NA 97 -23.77 58.27 32.03
C ASN NA 97 -23.04 59.12 30.99
N LYS NA 98 -23.63 59.24 29.81
CA LYS NA 98 -22.99 60.05 28.78
C LYS NA 98 -23.01 61.53 29.14
N ARG NA 99 -23.95 61.95 29.96
CA ARG NA 99 -23.90 63.31 30.46
C ARG NA 99 -22.62 63.54 31.25
N SER NA 100 -22.28 62.62 32.12
CA SER NA 100 -21.05 62.79 32.88
C SER NA 100 -19.83 62.62 31.99
N VAL NA 101 -19.91 61.76 30.98
CA VAL NA 101 -18.77 61.63 30.06
C VAL NA 101 -18.53 62.93 29.33
N ALA NA 102 -19.61 63.63 28.96
CA ALA NA 102 -19.45 64.93 28.34
C ALA NA 102 -18.81 65.92 29.31
N GLU NA 103 -19.28 65.94 30.56
CA GLU NA 103 -18.69 66.86 31.52
C GLU NA 103 -17.21 66.56 31.71
N GLU NA 104 -16.85 65.29 31.73
CA GLU NA 104 -15.47 64.88 31.98
C GLU NA 104 -14.60 64.93 30.74
N ARG NA 105 -15.16 65.06 29.54
CA ARG NA 105 -14.39 65.47 28.37
C ARG NA 105 -14.07 66.96 28.45
N ALA NA 106 -15.08 67.77 28.75
CA ALA NA 106 -14.82 69.19 28.88
C ALA NA 106 -13.89 69.49 30.04
N GLY NA 107 -13.87 68.64 31.06
CA GLY NA 107 -12.96 68.86 32.17
C GLY NA 107 -11.51 68.68 31.77
N ARG NA 108 -11.24 67.80 30.83
CA ARG NA 108 -9.88 67.62 30.38
C ARG NA 108 -9.48 68.65 29.35
N ARG NA 109 -10.41 69.05 28.48
CA ARG NA 109 -10.09 70.11 27.53
C ARG NA 109 -9.88 71.45 28.24
N LEU NA 110 -10.83 71.87 29.07
CA LEU NA 110 -10.81 73.19 29.70
C LEU NA 110 -10.13 73.08 31.06
N GLY NA 111 -8.82 73.26 31.05
CA GLY NA 111 -8.07 73.10 32.28
C GLY NA 111 -8.38 74.18 33.31
N GLY NA 112 -8.47 75.42 32.88
CA GLY NA 112 -8.51 76.52 33.83
C GLY NA 112 -9.87 76.81 34.42
N LEU NA 113 -10.92 76.26 33.85
CA LEU NA 113 -12.28 76.58 34.26
C LEU NA 113 -12.94 75.35 34.86
N ARG NA 114 -13.86 75.56 35.79
CA ARG NA 114 -14.42 74.49 36.58
C ARG NA 114 -15.85 74.21 36.15
N VAL NA 115 -16.17 72.93 35.92
CA VAL NA 115 -17.49 72.56 35.47
C VAL NA 115 -18.50 72.82 36.58
N LEU NA 116 -19.62 73.44 36.22
CA LEU NA 116 -20.76 73.58 37.11
C LEU NA 116 -21.87 72.58 36.80
N ASN NA 117 -22.38 72.59 35.56
CA ASN NA 117 -23.50 71.70 35.22
C ASN NA 117 -23.47 71.36 33.75
N SER NA 118 -24.45 70.57 33.33
CA SER NA 118 -24.56 70.19 31.93
C SER NA 118 -25.99 69.76 31.69
N TYR NA 119 -26.49 70.04 30.50
CA TYR NA 119 -27.86 69.66 30.16
C TYR NA 119 -27.97 69.24 28.71
N TRP NA 120 -28.82 68.24 28.48
CA TRP NA 120 -29.09 67.72 27.15
C TRP NA 120 -29.60 68.79 26.20
N VAL NA 121 -29.15 68.77 24.94
CA VAL NA 121 -29.68 69.70 23.95
C VAL NA 121 -30.14 69.00 22.68
N ASN NA 122 -29.36 68.03 22.20
CA ASN NA 122 -29.72 67.31 20.99
C ASN NA 122 -29.11 65.92 20.99
N GLU NA 123 -29.63 65.09 20.11
CA GLU NA 123 -29.20 63.70 20.04
C GLU NA 123 -29.66 63.11 18.72
N ASP NA 124 -29.03 62.01 18.33
CA ASP NA 124 -29.43 61.26 17.15
C ASP NA 124 -29.00 59.82 17.37
N SER NA 125 -28.87 59.05 16.28
CA SER NA 125 -28.42 57.68 16.44
C SER NA 125 -26.95 57.57 16.76
N THR NA 126 -26.15 58.57 16.40
CA THR NA 126 -24.73 58.46 16.62
C THR NA 126 -24.26 59.22 17.85
N TYR NA 127 -24.83 60.39 18.12
CA TYR NA 127 -24.23 61.30 19.07
C TYR NA 127 -25.27 61.78 20.06
N LYS NA 128 -24.81 62.21 21.22
CA LYS NA 128 -25.58 63.09 22.07
C LYS NA 128 -24.83 64.39 22.27
N TYR NA 129 -25.55 65.47 22.46
CA TYR NA 129 -24.97 66.80 22.55
C TYR NA 129 -25.33 67.37 23.90
N PHE NA 130 -24.34 67.64 24.72
CA PHE NA 130 -24.60 68.23 26.02
C PHE NA 130 -23.99 69.62 26.05
N GLU NA 131 -24.74 70.56 26.58
CA GLU NA 131 -24.21 71.89 26.76
C GLU NA 131 -23.83 72.01 28.23
N VAL NA 132 -22.55 72.28 28.47
CA VAL NA 132 -21.95 72.19 29.78
C VAL NA 132 -21.64 73.61 30.22
N ILE NA 133 -22.24 74.01 31.33
CA ILE NA 133 -21.97 75.29 31.98
C ILE NA 133 -20.71 75.15 32.80
N LEU NA 134 -19.73 76.00 32.52
CA LEU NA 134 -18.48 76.10 33.26
C LEU NA 134 -18.37 77.47 33.87
N VAL NA 135 -17.53 77.60 34.89
CA VAL NA 135 -17.34 78.85 35.58
C VAL NA 135 -15.85 79.17 35.60
N ASP NA 136 -15.52 80.42 35.30
CA ASP NA 136 -14.18 80.95 35.49
C ASP NA 136 -14.05 81.44 36.93
N VAL NA 137 -13.23 80.77 37.71
CA VAL NA 137 -13.12 80.99 39.14
C VAL NA 137 -12.12 82.08 39.44
N ALA NA 138 -11.69 82.82 38.44
CA ALA NA 138 -10.71 83.87 38.64
C ALA NA 138 -11.23 85.26 38.38
N HIS NA 139 -12.29 85.41 37.59
CA HIS NA 139 -12.78 86.74 37.27
C HIS NA 139 -13.50 87.35 38.48
N SER NA 140 -13.28 88.64 38.69
CA SER NA 140 -13.81 89.29 39.89
C SER NA 140 -15.33 89.21 39.97
N ALA NA 141 -16.02 89.18 38.84
CA ALA NA 141 -17.47 89.07 38.86
C ALA NA 141 -17.94 87.76 39.44
N VAL NA 142 -17.10 86.72 39.41
CA VAL NA 142 -17.45 85.42 39.97
C VAL NA 142 -16.87 85.29 41.36
N ARG NA 143 -15.73 85.93 41.61
CA ARG NA 143 -15.19 85.91 42.95
C ARG NA 143 -16.02 86.72 43.93
N ASN NA 144 -16.78 87.71 43.47
CA ASN NA 144 -17.55 88.56 44.36
C ASN NA 144 -19.03 88.24 44.36
N ASP NA 145 -19.43 87.11 43.80
CA ASP NA 145 -20.81 86.67 43.90
C ASP NA 145 -20.98 85.81 45.14
N PRO NA 146 -21.82 86.19 46.08
CA PRO NA 146 -21.95 85.39 47.30
C PRO NA 146 -22.43 83.98 47.04
N ARG NA 147 -23.13 83.76 45.94
CA ARG NA 147 -23.82 82.50 45.72
C ARG NA 147 -22.93 81.43 45.08
N ILE NA 148 -21.82 81.83 44.46
CA ILE NA 148 -21.04 80.91 43.64
C ILE NA 148 -19.56 80.98 44.01
N ASN NA 149 -19.23 81.58 45.15
CA ASN NA 149 -17.87 81.43 45.65
C ASN NA 149 -17.56 80.00 45.99
N TRP NA 150 -18.55 79.27 46.49
CA TRP NA 150 -18.33 77.90 46.95
C TRP NA 150 -17.52 77.10 45.98
N LEU NA 151 -17.50 77.48 44.71
CA LEU NA 151 -16.78 76.77 43.68
C LEU NA 151 -15.32 77.19 43.57
N CYS NA 152 -14.93 78.30 44.22
CA CYS NA 152 -13.55 78.74 44.17
C CYS NA 152 -12.70 78.21 45.31
N LYS NA 153 -13.30 77.52 46.27
CA LYS NA 153 -12.50 76.91 47.32
C LYS NA 153 -11.77 75.70 46.76
N PRO NA 154 -10.59 75.38 47.29
CA PRO NA 154 -9.72 74.40 46.64
C PRO NA 154 -10.23 72.98 46.69
N VAL NA 155 -11.32 72.69 47.37
CA VAL NA 155 -11.79 71.31 47.49
C VAL NA 155 -12.66 70.96 46.30
N HIS NA 156 -12.67 71.84 45.32
CA HIS NA 156 -13.58 71.76 44.19
C HIS NA 156 -12.84 71.76 42.86
N LYS NA 157 -11.62 71.25 42.86
CA LYS NA 157 -10.87 71.14 41.62
C LYS NA 157 -11.26 69.86 40.89
N HIS NA 158 -11.59 69.99 39.62
CA HIS NA 158 -12.00 68.87 38.79
C HIS NA 158 -13.10 68.07 39.47
N ARG NA 159 -14.24 68.72 39.68
CA ARG NA 159 -15.40 68.01 40.20
C ARG NA 159 -15.76 66.84 39.30
N GLU NA 160 -15.94 67.13 38.01
CA GLU NA 160 -16.40 66.13 37.06
C GLU NA 160 -15.44 64.97 36.93
N LEU NA 161 -14.16 65.18 37.20
CA LEU NA 161 -13.21 64.09 37.15
C LEU NA 161 -13.35 63.16 38.33
N ARG NA 162 -14.16 63.51 39.30
CA ARG NA 162 -14.21 62.82 40.57
C ARG NA 162 -15.62 62.47 40.99
N GLY NA 163 -16.64 62.99 40.32
CA GLY NA 163 -18.03 62.60 40.54
C GLY NA 163 -18.80 63.47 41.50
N LEU NA 164 -18.84 64.77 41.28
CA LEU NA 164 -19.52 65.63 42.23
C LEU NA 164 -20.56 66.56 41.62
N THR NA 165 -20.85 66.46 40.32
CA THR NA 165 -21.87 67.30 39.73
C THR NA 165 -23.22 66.58 39.75
N SER NA 166 -24.23 67.25 39.20
CA SER NA 166 -25.58 66.69 39.21
C SER NA 166 -25.64 65.39 38.44
N ALA NA 167 -24.97 65.32 37.30
CA ALA NA 167 -24.92 64.07 36.56
C ALA NA 167 -23.98 63.09 37.22
N GLY NA 168 -22.98 63.58 37.94
CA GLY NA 168 -22.09 62.68 38.64
C GLY NA 168 -22.82 61.87 39.70
N LYS NA 169 -23.67 62.53 40.48
CA LYS NA 169 -24.33 61.83 41.57
C LYS NA 169 -25.26 60.76 41.05
N LYS NA 170 -25.90 61.00 39.90
CA LYS NA 170 -26.83 60.01 39.37
C LYS NA 170 -26.12 58.70 39.11
N PHE NA 171 -24.95 58.75 38.49
CA PHE NA 171 -24.27 57.48 38.26
C PHE NA 171 -23.53 57.01 39.49
N ARG NA 172 -23.38 57.86 40.50
CA ARG NA 172 -22.80 57.38 41.73
C ARG NA 172 -23.84 56.72 42.62
N GLY NA 173 -25.11 56.82 42.25
CA GLY NA 173 -26.15 56.16 43.01
C GLY NA 173 -26.66 56.95 44.18
N LEU NA 174 -26.57 58.27 44.12
CA LEU NA 174 -26.93 59.12 45.24
C LEU NA 174 -28.25 59.85 45.06
N ARG NA 175 -28.94 59.63 43.95
CA ARG NA 175 -30.33 60.03 43.82
C ARG NA 175 -31.14 58.94 44.50
N GLY NA 176 -31.46 59.14 45.77
CA GLY NA 176 -32.18 58.13 46.54
C GLY NA 176 -31.71 58.17 47.97
N LYS NA 177 -32.58 57.75 48.86
CA LYS NA 177 -32.18 57.96 50.24
C LYS NA 177 -32.30 56.74 51.14
N GLY NA 178 -33.35 55.94 50.98
CA GLY NA 178 -33.61 54.97 52.02
C GLY NA 178 -32.77 53.73 51.87
N HIS NA 179 -33.33 52.56 52.09
CA HIS NA 179 -32.72 51.44 51.44
C HIS NA 179 -32.89 51.65 49.95
N ARG NA 180 -32.39 50.72 49.16
CA ARG NA 180 -32.27 50.87 47.70
C ARG NA 180 -31.16 51.85 47.38
N HIS NA 181 -30.70 52.61 48.37
CA HIS NA 181 -29.62 53.56 48.11
C HIS NA 181 -28.69 53.68 49.30
N HIS NA 182 -28.76 52.79 50.28
CA HIS NA 182 -27.99 52.96 51.49
C HIS NA 182 -26.55 52.48 51.33
N LYS NA 183 -26.28 51.56 50.41
CA LYS NA 183 -24.89 51.16 50.24
C LYS NA 183 -24.07 52.24 49.57
N ASN NA 184 -24.69 53.20 48.90
CA ASN NA 184 -23.94 54.19 48.16
C ASN NA 184 -23.61 55.43 48.97
N ARG NA 185 -23.76 55.39 50.29
CA ARG NA 185 -23.39 56.49 51.16
C ARG NA 185 -22.47 55.99 52.27
N PRO NA 186 -21.29 56.58 52.47
CA PRO NA 186 -20.62 57.71 51.82
C PRO NA 186 -20.25 57.45 50.38
N SER NA 187 -19.82 56.22 50.12
CA SER NA 187 -19.52 55.76 48.78
C SER NA 187 -19.55 54.25 48.84
N ARG NA 188 -19.67 53.61 47.68
CA ARG NA 188 -19.78 52.16 47.74
C ARG NA 188 -18.51 51.53 48.24
N ARG NA 189 -17.36 52.13 47.97
CA ARG NA 189 -16.10 51.61 48.50
C ARG NA 189 -15.90 51.95 49.98
N ALA NA 190 -16.34 53.13 50.43
CA ALA NA 190 -16.28 53.39 51.86
C ALA NA 190 -17.20 52.48 52.64
N THR NA 191 -18.38 52.19 52.09
CA THR NA 191 -19.25 51.18 52.69
C THR NA 191 -18.57 49.82 52.72
N TRP NA 192 -17.93 49.45 51.63
CA TRP NA 192 -17.28 48.14 51.60
C TRP NA 192 -16.17 48.05 52.63
N LYS NA 193 -15.36 49.10 52.77
CA LYS NA 193 -14.32 49.09 53.80
C LYS NA 193 -14.93 49.01 55.19
N ARG NA 194 -15.89 49.90 55.50
CA ARG NA 194 -16.53 49.88 56.80
C ARG NA 194 -17.07 48.51 57.14
N ASN NA 195 -17.72 47.86 56.18
CA ASN NA 195 -18.32 46.56 56.44
C ASN NA 195 -17.30 45.45 56.50
N GLN NA 196 -16.13 45.62 55.91
CA GLN NA 196 -15.14 44.57 55.97
C GLN NA 196 -14.20 44.68 57.17
N THR NA 197 -14.11 45.83 57.82
CA THR NA 197 -13.15 45.97 58.92
C THR NA 197 -13.46 44.99 60.03
N VAL NA 198 -12.49 44.12 60.32
CA VAL NA 198 -12.55 43.20 61.46
C VAL NA 198 -12.22 44.03 62.69
N SER NA 199 -13.25 44.49 63.39
CA SER NA 199 -13.04 45.35 64.56
C SER NA 199 -12.61 44.47 65.71
N LEU NA 200 -11.35 44.59 66.12
CA LEU NA 200 -10.80 43.86 67.26
C LEU NA 200 -10.57 44.86 68.37
N ARG NA 201 -11.52 44.97 69.29
CA ARG NA 201 -11.45 45.96 70.35
C ARG NA 201 -10.36 45.56 71.33
N ARG NA 202 -9.98 46.49 72.21
CA ARG NA 202 -8.93 46.20 73.18
C ARG NA 202 -9.33 45.02 74.05
N TYR NA 203 -10.41 45.16 74.81
CA TYR NA 203 -10.83 44.09 75.70
C TYR NA 203 -11.81 43.18 74.99
N ARG NA 204 -11.42 42.64 73.86
CA ARG NA 204 -12.34 41.81 73.10
C ARG NA 204 -12.61 40.49 73.82
N THR OA 2 -0.74 31.13 76.85
CA THR OA 2 0.31 30.75 77.77
C THR OA 2 1.22 29.69 77.20
N THR OA 3 2.34 30.12 76.63
CA THR OA 3 3.19 29.18 75.91
C THR OA 3 3.77 28.12 76.82
N ARG OA 4 3.99 28.42 78.11
CA ARG OA 4 4.71 27.45 78.90
C ARG OA 4 3.87 26.22 79.22
N PHE OA 5 2.55 26.29 79.07
CA PHE OA 5 1.70 25.12 79.25
C PHE OA 5 1.44 24.36 77.96
N LYS OA 6 1.67 24.97 76.80
CA LYS OA 6 1.31 24.33 75.55
C LYS OA 6 2.02 23.00 75.39
N LYS OA 7 1.27 21.97 75.03
CA LYS OA 7 1.79 20.62 75.01
C LYS OA 7 2.77 20.38 73.89
N ASN OA 8 2.91 21.30 72.94
CA ASN OA 8 3.98 21.16 71.99
C ASN OA 8 5.34 21.26 72.65
N ARG OA 9 5.45 22.07 73.70
CA ARG OA 9 6.74 22.19 74.36
C ARG OA 9 7.16 20.88 75.01
N LYS OA 10 6.21 19.99 75.28
CA LYS OA 10 6.52 18.69 75.82
C LYS OA 10 6.81 17.69 74.72
N LYS OA 11 6.38 17.97 73.50
CA LYS OA 11 6.66 17.12 72.34
C LYS OA 11 7.95 17.50 71.65
N ARG OA 12 8.70 18.45 72.21
CA ARG OA 12 10.04 18.76 71.72
C ARG OA 12 10.92 17.52 71.82
N GLY OA 13 11.62 17.22 70.74
CA GLY OA 13 12.51 16.10 70.75
C GLY OA 13 11.90 14.80 70.29
N HIS OA 14 10.60 14.76 70.08
CA HIS OA 14 9.94 13.59 69.51
C HIS OA 14 9.61 13.91 68.07
N VAL OA 15 10.33 13.25 67.16
CA VAL OA 15 10.48 13.65 65.77
C VAL OA 15 9.19 14.16 65.14
N SER OA 16 8.08 13.52 65.44
CA SER OA 16 6.87 13.76 64.68
C SER OA 16 6.02 14.90 65.21
N ALA OA 17 6.38 15.48 66.36
CA ALA OA 17 5.61 16.53 67.01
C ALA OA 17 4.16 16.11 67.25
N GLY OA 18 3.94 14.81 67.41
CA GLY OA 18 2.65 14.34 67.83
C GLY OA 18 1.61 14.19 66.76
N HIS OA 19 2.00 14.12 65.49
CA HIS OA 19 1.05 13.91 64.40
C HIS OA 19 1.34 12.66 63.59
N GLY OA 20 2.20 11.79 64.06
CA GLY OA 20 2.29 10.49 63.43
C GLY OA 20 3.42 10.39 62.43
N ARG OA 21 4.02 9.22 62.36
CA ARG OA 21 4.97 8.95 61.29
C ARG OA 21 4.25 8.48 60.05
N VAL OA 22 3.44 7.43 60.18
CA VAL OA 22 2.86 6.75 59.04
C VAL OA 22 2.00 7.71 58.22
N GLY OA 23 0.96 8.25 58.85
CA GLY OA 23 0.15 9.29 58.24
C GLY OA 23 0.55 10.62 58.86
N LYS OA 24 1.00 11.52 58.03
CA LYS OA 24 1.72 12.69 58.48
C LYS OA 24 0.75 13.83 58.77
N HIS OA 25 1.25 15.04 58.93
CA HIS OA 25 0.37 16.20 59.04
C HIS OA 25 0.60 17.10 57.84
N ARG OA 26 -0.04 16.76 56.73
CA ARG OA 26 -0.04 17.63 55.57
C ARG OA 26 -1.14 18.68 55.66
N LYS OA 27 -1.22 19.51 54.64
CA LYS OA 27 -1.91 20.78 54.75
C LYS OA 27 -3.40 20.59 55.04
N HIS OA 28 -4.15 20.05 54.09
CA HIS OA 28 -5.59 19.96 54.20
C HIS OA 28 -6.05 18.67 53.55
N PRO OA 29 -5.84 17.53 54.22
CA PRO OA 29 -6.17 16.26 53.58
C PRO OA 29 -7.66 15.99 53.49
N GLY OA 30 -8.51 16.84 54.05
CA GLY OA 30 -9.93 16.69 53.93
C GLY OA 30 -10.66 17.81 53.23
N GLY OA 31 -9.95 18.74 52.62
CA GLY OA 31 -10.57 19.90 52.03
C GLY OA 31 -10.69 21.05 53.00
N ARG OA 32 -10.87 22.24 52.45
CA ARG OA 32 -10.94 23.44 53.25
C ARG OA 32 -12.33 23.57 53.83
N GLY OA 33 -12.51 23.11 55.06
CA GLY OA 33 -13.73 23.39 55.78
C GLY OA 33 -14.74 22.30 55.61
N ASN OA 34 -15.97 22.69 55.33
CA ASN OA 34 -17.10 21.79 55.27
C ASN OA 34 -17.12 20.99 54.01
N ALA OA 35 -16.02 20.98 53.27
CA ALA OA 35 -15.99 20.39 51.95
C ALA OA 35 -16.41 18.93 51.99
N GLY OA 36 -16.96 18.46 50.88
CA GLY OA 36 -17.43 17.11 50.81
C GLY OA 36 -18.57 16.81 51.77
N GLY OA 37 -19.46 17.76 51.97
CA GLY OA 37 -20.61 17.50 52.81
C GLY OA 37 -21.41 16.30 52.33
N MET OA 38 -21.67 16.22 51.04
CA MET OA 38 -22.49 15.14 50.50
C MET OA 38 -21.65 14.02 49.90
N HIS OA 39 -20.33 14.07 50.04
CA HIS OA 39 -19.48 13.11 49.36
C HIS OA 39 -18.71 12.21 50.31
N HIS OA 40 -17.88 12.75 51.18
CA HIS OA 40 -17.06 11.90 52.03
C HIS OA 40 -17.21 12.26 53.49
N HIS OA 41 -17.44 13.54 53.78
CA HIS OA 41 -17.91 13.90 55.11
C HIS OA 41 -19.37 13.57 55.30
N ARG OA 42 -19.95 12.79 54.39
CA ARG OA 42 -21.37 12.49 54.43
C ARG OA 42 -21.76 11.82 55.74
N ILE OA 43 -20.97 10.84 56.17
CA ILE OA 43 -21.27 10.14 57.41
C ILE OA 43 -21.33 11.13 58.55
N LEU OA 44 -20.39 12.05 58.57
CA LEU OA 44 -20.34 13.06 59.63
C LEU OA 44 -21.57 13.94 59.60
N PHE OA 45 -21.90 14.49 58.44
CA PHE OA 45 -22.99 15.46 58.38
C PHE OA 45 -24.33 14.81 58.60
N ASP OA 46 -24.48 13.53 58.27
CA ASP OA 46 -25.75 12.86 58.46
C ASP OA 46 -25.81 12.04 59.73
N LYS OA 47 -24.73 12.02 60.51
CA LYS OA 47 -24.74 11.43 61.84
C LYS OA 47 -24.83 12.48 62.93
N TYR OA 48 -24.05 13.55 62.82
CA TYR OA 48 -23.98 14.55 63.88
C TYR OA 48 -24.72 15.82 63.55
N HIS OA 49 -25.07 16.04 62.29
CA HIS OA 49 -25.84 17.22 61.89
C HIS OA 49 -26.99 16.81 60.99
N PRO OA 50 -27.93 16.02 61.48
CA PRO OA 50 -29.09 15.68 60.65
C PRO OA 50 -29.87 16.95 60.33
N GLY OA 51 -30.24 17.10 59.07
CA GLY OA 51 -31.04 18.22 58.65
C GLY OA 51 -30.27 19.37 58.08
N TYR OA 52 -28.98 19.22 57.84
CA TYR OA 52 -28.22 20.35 57.34
C TYR OA 52 -28.64 20.69 55.92
N PHE OA 53 -28.69 19.70 55.03
CA PHE OA 53 -28.84 19.95 53.61
C PHE OA 53 -30.31 20.02 53.25
N GLY OA 54 -30.73 21.12 52.63
CA GLY OA 54 -32.06 21.24 52.09
C GLY OA 54 -32.73 22.54 52.45
N LYS OA 55 -33.84 22.79 51.77
CA LYS OA 55 -34.66 23.97 51.99
C LYS OA 55 -35.97 23.57 52.66
N VAL OA 56 -36.29 24.24 53.76
CA VAL OA 56 -37.54 24.01 54.45
C VAL OA 56 -38.11 25.36 54.88
N GLY OA 57 -39.41 25.50 54.77
CA GLY OA 57 -40.05 26.72 55.23
C GLY OA 57 -40.03 27.80 54.17
N MET OA 58 -40.92 28.77 54.36
CA MET OA 58 -41.16 29.79 53.35
C MET OA 58 -40.48 31.10 53.75
N ARG OA 59 -39.93 31.76 52.75
CA ARG OA 59 -39.07 32.90 52.97
C ARG OA 59 -39.88 34.05 53.53
N TYR OA 60 -39.17 34.96 54.19
CA TYR OA 60 -39.80 36.13 54.80
C TYR OA 60 -38.89 37.29 54.45
N PHE OA 61 -39.23 38.06 53.43
CA PHE OA 61 -38.37 39.15 52.99
C PHE OA 61 -38.36 40.26 54.02
N HIS OA 62 -37.16 40.73 54.35
CA HIS OA 62 -37.00 41.85 55.27
C HIS OA 62 -37.65 41.55 56.61
N LYS OA 63 -37.15 40.52 57.28
CA LYS OA 63 -37.63 40.23 58.61
C LYS OA 63 -37.09 41.26 59.58
N LEU OA 64 -37.97 41.85 60.37
CA LEU OA 64 -37.56 42.68 61.47
C LEU OA 64 -37.87 41.93 62.75
N SER OA 65 -36.86 41.74 63.58
CA SER OA 65 -37.06 41.02 64.83
C SER OA 65 -37.93 41.79 65.81
N ASN OA 66 -38.25 43.05 65.52
CA ASN OA 66 -39.16 43.77 66.39
C ASN OA 66 -40.58 43.23 66.27
N ARG OA 67 -40.98 42.85 65.06
CA ARG OA 67 -42.33 42.36 64.83
C ARG OA 67 -42.58 40.97 65.41
N PHE OA 68 -41.52 40.29 65.87
CA PHE OA 68 -41.63 38.96 66.45
C PHE OA 68 -41.34 38.98 67.94
N TYR OA 69 -41.58 40.11 68.59
CA TYR OA 69 -41.05 40.37 69.93
C TYR OA 69 -42.18 40.18 70.93
N THR OA 70 -42.05 39.19 71.80
CA THR OA 70 -43.09 38.88 72.78
C THR OA 70 -42.49 38.25 74.03
N PRO OA 71 -41.84 39.05 74.86
CA PRO OA 71 -41.24 38.49 76.07
C PRO OA 71 -42.32 38.00 77.02
N THR OA 72 -42.09 36.84 77.60
CA THR OA 72 -43.08 36.15 78.39
C THR OA 72 -42.68 36.11 79.85
N VAL OA 73 -43.66 35.89 80.71
CA VAL OA 73 -43.42 35.56 82.11
C VAL OA 73 -44.41 34.49 82.50
N ASN OA 74 -43.94 33.50 83.23
CA ASN OA 74 -44.87 32.51 83.76
C ASN OA 74 -45.65 33.13 84.91
N VAL OA 75 -46.76 32.48 85.28
CA VAL OA 75 -47.50 32.93 86.44
C VAL OA 75 -46.67 32.81 87.70
N GLU OA 76 -45.81 31.80 87.76
CA GLU OA 76 -45.03 31.53 88.97
C GLU OA 76 -44.15 32.70 89.36
N ARG OA 77 -43.78 33.57 88.43
CA ARG OA 77 -42.89 34.68 88.74
C ARG OA 77 -43.60 35.90 89.26
N LEU OA 78 -44.93 35.93 89.23
CA LEU OA 78 -45.61 37.20 89.41
C LEU OA 78 -45.47 37.73 90.83
N TRP OA 79 -45.47 36.86 91.83
CA TRP OA 79 -45.46 37.37 93.19
C TRP OA 79 -44.11 37.95 93.58
N SER OA 80 -43.03 37.57 92.89
CA SER OA 80 -41.77 38.26 93.08
C SER OA 80 -41.89 39.72 92.69
N MET OA 81 -42.76 40.03 91.74
CA MET OA 81 -42.95 41.40 91.28
C MET OA 81 -43.64 42.26 92.34
N VAL OA 82 -44.16 41.66 93.39
CA VAL OA 82 -44.93 42.37 94.40
C VAL OA 82 -44.03 42.62 95.61
N PRO OA 83 -43.73 43.86 95.96
CA PRO OA 83 -42.93 44.13 97.14
C PRO OA 83 -43.67 43.71 98.40
N SER OA 84 -42.90 43.36 99.43
CA SER OA 84 -43.48 42.74 100.62
C SER OA 84 -44.53 43.65 101.25
N ASP OA 85 -44.27 44.96 101.28
CA ASP OA 85 -45.15 45.87 101.99
C ASP OA 85 -46.49 46.04 101.29
N LYS OA 86 -46.52 45.96 99.96
CA LYS OA 86 -47.79 45.88 99.26
C LYS OA 86 -48.28 44.45 99.08
N ALA OA 87 -47.54 43.44 99.52
CA ALA OA 87 -48.17 42.16 99.75
C ALA OA 87 -48.95 42.17 101.06
N ALA OA 88 -48.39 42.82 102.09
CA ALA OA 88 -49.06 42.89 103.38
C ALA OA 88 -50.24 43.84 103.35
N GLU OA 89 -50.13 44.95 102.62
CA GLU OA 89 -51.32 45.78 102.39
C GLU OA 89 -52.27 45.04 101.47
N ALA OA 90 -53.04 44.13 102.04
CA ALA OA 90 -53.94 43.24 101.33
C ALA OA 90 -54.69 42.44 102.39
N GLY OA 91 -55.80 41.84 101.97
CA GLY OA 91 -56.55 40.95 102.82
C GLY OA 91 -57.08 39.78 102.02
N GLY OA 92 -58.13 39.13 102.51
CA GLY OA 92 -58.71 38.02 101.77
C GLY OA 92 -59.32 38.45 100.46
N ASP OA 93 -59.90 39.64 100.42
CA ASP OA 93 -60.62 40.08 99.24
C ASP OA 93 -59.86 41.09 98.39
N LYS OA 94 -58.83 41.73 98.94
CA LYS OA 94 -58.07 42.74 98.21
C LYS OA 94 -56.79 42.13 97.69
N ALA OA 95 -56.49 42.39 96.43
CA ALA OA 95 -55.35 41.76 95.78
C ALA OA 95 -54.47 42.80 95.09
N PRO OA 96 -53.18 42.55 94.99
CA PRO OA 96 -52.29 43.50 94.31
C PRO OA 96 -52.51 43.47 92.81
N VAL OA 97 -52.47 44.65 92.19
CA VAL OA 97 -52.62 44.76 90.74
C VAL OA 97 -51.24 44.98 90.13
N VAL OA 98 -50.85 44.06 89.26
CA VAL OA 98 -49.52 44.02 88.68
C VAL OA 98 -49.65 44.27 87.19
N ASP OA 99 -48.95 45.28 86.68
CA ASP OA 99 -48.88 45.53 85.25
C ASP OA 99 -47.54 45.02 84.76
N VAL OA 100 -47.54 43.87 84.09
CA VAL OA 100 -46.29 43.24 83.70
C VAL OA 100 -45.52 44.08 82.70
N SER OA 101 -46.22 44.78 81.81
CA SER OA 101 -45.54 45.65 80.86
C SER OA 101 -44.63 46.65 81.55
N GLN OA 102 -44.98 47.05 82.78
CA GLN OA 102 -44.06 47.86 83.57
C GLN OA 102 -42.79 47.11 83.92
N PHE OA 103 -42.79 45.79 83.78
CA PHE OA 103 -41.62 44.96 84.00
C PHE OA 103 -40.95 44.53 82.72
N GLY OA 104 -41.62 44.69 81.58
CA GLY OA 104 -41.02 44.40 80.29
C GLY OA 104 -41.51 43.15 79.62
N TYR OA 105 -42.54 42.50 80.16
CA TYR OA 105 -43.10 41.29 79.61
C TYR OA 105 -44.41 41.60 78.90
N PHE OA 106 -44.67 40.86 77.83
CA PHE OA 106 -45.92 41.02 77.10
C PHE OA 106 -46.89 39.91 77.46
N LYS OA 107 -46.51 38.67 77.24
CA LYS OA 107 -47.39 37.54 77.48
C LYS OA 107 -47.13 36.94 78.85
N VAL OA 108 -48.18 36.41 79.45
CA VAL OA 108 -48.10 35.80 80.76
C VAL OA 108 -48.49 34.34 80.57
N LEU OA 109 -47.49 33.46 80.48
CA LEU OA 109 -47.71 32.03 80.39
C LEU OA 109 -48.03 31.48 81.78
N GLY OA 110 -48.27 30.19 81.86
CA GLY OA 110 -48.80 29.71 83.11
C GLY OA 110 -48.07 28.58 83.81
N LYS OA 111 -46.75 28.51 83.73
CA LYS OA 111 -46.09 27.39 84.39
C LYS OA 111 -45.99 27.64 85.87
N GLY OA 112 -46.23 26.61 86.67
CA GLY OA 112 -45.93 26.64 88.09
C GLY OA 112 -47.17 26.79 88.95
N MET OA 113 -46.93 26.79 90.25
CA MET OA 113 -47.97 26.97 91.26
C MET OA 113 -48.31 28.44 91.42
N LEU OA 114 -49.46 28.68 92.03
CA LEU OA 114 -49.78 29.95 92.66
C LEU OA 114 -50.24 29.71 94.08
N PRO OA 115 -49.99 30.66 94.98
CA PRO OA 115 -50.57 30.57 96.32
C PRO OA 115 -52.07 30.83 96.26
N GLU OA 116 -52.75 30.62 97.40
CA GLU OA 116 -54.17 30.95 97.43
C GLU OA 116 -54.40 32.45 97.28
N LYS OA 117 -53.37 33.25 97.44
CA LYS OA 117 -53.54 34.68 97.50
C LYS OA 117 -54.07 35.22 96.17
N PRO OA 118 -55.12 36.02 96.19
CA PRO OA 118 -55.58 36.66 94.96
C PRO OA 118 -54.54 37.63 94.41
N ILE OA 119 -54.52 37.75 93.10
CA ILE OA 119 -53.58 38.61 92.37
C ILE OA 119 -54.28 39.10 91.13
N VAL OA 120 -54.15 40.39 90.82
CA VAL OA 120 -54.80 40.90 89.62
C VAL OA 120 -53.73 41.28 88.62
N VAL OA 121 -53.44 40.36 87.72
CA VAL OA 121 -52.42 40.60 86.69
C VAL OA 121 -53.05 41.44 85.60
N LYS OA 122 -52.23 42.24 84.95
CA LYS OA 122 -52.71 43.14 83.91
C LYS OA 122 -51.67 43.11 82.81
N ALA OA 123 -51.97 42.39 81.74
CA ALA OA 123 -51.00 42.03 80.71
C ALA OA 123 -51.55 42.35 79.33
N LYS OA 124 -50.67 42.24 78.33
CA LYS OA 124 -51.06 42.48 76.95
C LYS OA 124 -51.56 41.24 76.24
N LEU OA 125 -51.08 40.07 76.65
CA LEU OA 125 -51.63 38.80 76.22
C LEU OA 125 -51.61 37.86 77.41
N ILE OA 126 -52.45 36.82 77.36
CA ILE OA 126 -52.41 35.72 78.32
C ILE OA 126 -52.79 34.44 77.58
N SER OA 127 -52.46 33.29 78.18
CA SER OA 127 -52.80 31.99 77.63
C SER OA 127 -54.08 31.45 78.27
N LYS OA 128 -54.45 30.22 77.88
CA LYS OA 128 -55.56 29.55 78.55
C LYS OA 128 -55.19 29.25 79.98
N ILE OA 129 -54.11 28.51 80.15
CA ILE OA 129 -53.78 27.91 81.43
C ILE OA 129 -53.48 28.99 82.45
N ALA OA 130 -52.87 30.08 82.01
CA ALA OA 130 -52.56 31.17 82.94
C ALA OA 130 -53.83 31.76 83.54
N GLU OA 131 -54.81 32.08 82.70
CA GLU OA 131 -56.05 32.60 83.27
C GLU OA 131 -56.74 31.54 84.10
N LYS OA 132 -56.71 30.29 83.68
CA LYS OA 132 -57.38 29.28 84.48
C LYS OA 132 -56.75 29.23 85.87
N LYS OA 133 -55.42 29.28 85.94
CA LYS OA 133 -54.75 29.24 87.24
C LYS OA 133 -55.05 30.48 88.06
N ILE OA 134 -55.08 31.66 87.43
CA ILE OA 134 -55.32 32.87 88.20
C ILE OA 134 -56.75 32.90 88.74
N LYS OA 135 -57.74 32.67 87.88
CA LYS OA 135 -59.11 32.57 88.37
C LYS OA 135 -59.21 31.54 89.50
N ALA OA 136 -58.62 30.36 89.30
CA ALA OA 136 -58.67 29.35 90.36
C ALA OA 136 -58.00 29.85 91.63
N ALA OA 137 -57.05 30.77 91.53
CA ALA OA 137 -56.49 31.41 92.70
C ALA OA 137 -57.37 32.54 93.20
N GLY OA 138 -58.42 32.88 92.48
CA GLY OA 138 -59.33 33.93 92.88
C GLY OA 138 -59.05 35.27 92.26
N GLY OA 139 -57.84 35.49 91.77
CA GLY OA 139 -57.51 36.71 91.08
C GLY OA 139 -58.20 36.79 89.74
N ALA OA 140 -58.02 37.94 89.10
CA ALA OA 140 -58.69 38.25 87.85
C ALA OA 140 -57.67 38.71 86.84
N VAL OA 141 -58.14 39.15 85.69
CA VAL OA 141 -57.29 39.58 84.58
C VAL OA 141 -57.81 40.89 84.02
N VAL OA 142 -56.89 41.80 83.72
CA VAL OA 142 -57.17 43.02 82.97
C VAL OA 142 -56.28 43.01 81.75
N LEU OA 143 -56.86 43.22 80.57
CA LEU OA 143 -56.11 43.30 79.33
C LEU OA 143 -55.87 44.76 78.99
N VAL OA 144 -54.63 45.09 78.67
CA VAL OA 144 -54.25 46.44 78.31
C VAL OA 144 -53.27 46.40 77.16
N ALA OA 145 -52.80 47.58 76.77
CA ALA OA 145 -51.78 47.76 75.74
C ALA OA 145 -51.38 49.22 75.65
N GLY PA 2 7.63 -13.85 83.40
CA GLY PA 2 7.01 -12.69 84.00
C GLY PA 2 5.66 -13.06 84.54
N ILE PA 3 4.81 -12.07 84.79
CA ILE PA 3 3.50 -12.34 85.35
C ILE PA 3 2.43 -11.74 84.46
N ASP PA 4 1.24 -12.33 84.52
CA ASP PA 4 0.14 -12.07 83.60
C ASP PA 4 -0.81 -11.05 84.22
N LEU PA 5 -0.66 -9.79 83.86
CA LEU PA 5 -1.45 -8.73 84.45
C LEU PA 5 -1.67 -7.65 83.41
N VAL PA 6 -2.79 -6.93 83.55
CA VAL PA 6 -3.04 -5.76 82.72
C VAL PA 6 -2.40 -4.56 83.41
N ALA PA 7 -1.41 -3.97 82.75
CA ALA PA 7 -0.70 -2.82 83.28
C ALA PA 7 -0.02 -3.14 84.59
N GLY PA 8 0.47 -4.38 84.73
CA GLY PA 8 1.06 -4.75 86.00
C GLY PA 8 0.10 -4.70 87.15
N GLY PA 9 -1.20 -4.80 86.89
CA GLY PA 9 -2.18 -4.85 87.93
C GLY PA 9 -2.46 -3.54 88.61
N ARG PA 10 -1.74 -2.49 88.29
CA ARG PA 10 -1.93 -1.22 88.98
C ARG PA 10 -3.18 -0.54 88.46
N ASN PA 11 -3.82 0.22 89.34
CA ASN PA 11 -5.15 0.78 89.06
C ASN PA 11 -5.06 1.77 87.90
N LYS PA 12 -5.82 1.50 86.84
CA LYS PA 12 -5.87 2.41 85.70
C LYS PA 12 -6.99 3.44 85.80
N ARG PA 13 -7.94 3.27 86.71
CA ARG PA 13 -8.91 4.34 86.94
C ARG PA 13 -8.25 5.46 87.72
N THR PA 14 -8.90 6.61 87.73
CA THR PA 14 -8.31 7.72 88.43
C THR PA 14 -9.39 8.57 89.05
N LYS PA 15 -9.14 9.00 90.28
CA LYS PA 15 -10.04 9.88 91.00
C LYS PA 15 -9.23 11.02 91.61
N ARG PA 16 -9.89 12.13 91.87
CA ARG PA 16 -9.25 13.17 92.66
C ARG PA 16 -8.90 12.64 94.03
N THR PA 17 -7.67 12.90 94.46
CA THR PA 17 -7.26 12.64 95.83
C THR PA 17 -7.00 13.93 96.59
N ALA PA 18 -6.98 15.06 95.91
CA ALA PA 18 -6.91 16.38 96.52
C ALA PA 18 -7.45 17.37 95.50
N PRO PA 19 -8.15 18.41 95.93
CA PRO PA 19 -8.75 19.32 94.96
C PRO PA 19 -7.67 19.98 94.10
N LYS PA 20 -7.98 20.20 92.82
CA LYS PA 20 -7.10 21.05 92.03
C LYS PA 20 -7.18 22.50 92.45
N SER PA 21 -8.33 22.93 92.96
CA SER PA 21 -8.47 24.30 93.42
C SER PA 21 -7.48 24.56 94.53
N ASP PA 22 -6.64 25.56 94.37
CA ASP PA 22 -5.75 25.94 95.47
C ASP PA 22 -6.35 27.05 96.31
N ASP PA 23 -7.57 26.82 96.78
CA ASP PA 23 -8.22 27.74 97.69
C ASP PA 23 -7.82 27.38 99.11
N VAL PA 24 -7.35 28.38 99.86
CA VAL PA 24 -6.79 28.11 101.17
C VAL PA 24 -7.84 27.58 102.12
N TYR PA 25 -9.03 28.18 102.12
CA TYR PA 25 -10.07 27.70 103.02
C TYR PA 25 -10.50 26.29 102.65
N LEU PA 26 -10.46 25.93 101.39
CA LEU PA 26 -10.91 24.60 101.06
C LEU PA 26 -9.83 23.56 101.31
N LYS PA 27 -8.55 23.92 101.21
CA LYS PA 27 -7.51 23.05 101.73
C LYS PA 27 -7.63 22.88 103.24
N LEU PA 28 -8.01 23.93 103.96
CA LEU PA 28 -8.19 23.77 105.39
C LEU PA 28 -9.35 22.83 105.69
N LEU PA 29 -10.45 22.95 104.96
CA LEU PA 29 -11.52 21.96 105.09
C LEU PA 29 -11.02 20.56 104.77
N VAL PA 30 -10.19 20.43 103.74
CA VAL PA 30 -9.67 19.11 103.41
C VAL PA 30 -8.87 18.55 104.57
N LYS PA 31 -8.06 19.37 105.21
CA LYS PA 31 -7.33 18.92 106.39
C LYS PA 31 -8.28 18.47 107.48
N LEU PA 32 -9.28 19.29 107.76
CA LEU PA 32 -10.20 19.00 108.85
C LEU PA 32 -10.91 17.68 108.61
N TYR PA 33 -11.32 17.44 107.39
CA TYR PA 33 -12.01 16.21 107.11
C TYR PA 33 -11.10 15.01 106.88
N ARG PA 34 -9.84 15.21 106.51
CA ARG PA 34 -8.90 14.10 106.61
C ARG PA 34 -8.85 13.62 108.04
N PHE PA 35 -8.78 14.56 108.98
CA PHE PA 35 -8.74 14.17 110.37
C PHE PA 35 -10.04 13.50 110.80
N LEU PA 36 -11.17 14.09 110.44
CA LEU PA 36 -12.44 13.51 110.87
C LEU PA 36 -12.64 12.12 110.30
N VAL PA 37 -12.36 11.91 109.01
CA VAL PA 37 -12.57 10.58 108.46
C VAL PA 37 -11.57 9.60 109.04
N ARG PA 38 -10.36 10.05 109.37
CA ARG PA 38 -9.36 9.11 109.85
C ARG PA 38 -9.64 8.66 111.27
N ARG PA 39 -9.99 9.57 112.16
CA ARG PA 39 -10.19 9.22 113.56
C ARG PA 39 -11.62 8.92 113.93
N THR PA 40 -12.57 9.18 113.04
CA THR PA 40 -13.97 9.19 113.40
C THR PA 40 -14.76 8.05 112.77
N LYS PA 41 -14.32 7.57 111.60
CA LYS PA 41 -14.94 6.45 110.88
C LYS PA 41 -16.38 6.73 110.45
N SER PA 42 -16.80 7.98 110.42
CA SER PA 42 -18.15 8.31 110.00
C SER PA 42 -18.21 8.34 108.48
N GLN PA 43 -19.01 7.42 107.92
CA GLN PA 43 -19.19 7.34 106.48
C GLN PA 43 -19.65 8.68 105.93
N PHE PA 44 -20.45 9.41 106.69
CA PHE PA 44 -20.89 10.73 106.27
C PHE PA 44 -19.69 11.65 106.07
N ASN PA 45 -18.72 11.61 106.97
CA ASN PA 45 -17.55 12.46 106.79
C ASN PA 45 -16.71 11.98 105.63
N ALA PA 46 -16.66 10.68 105.39
CA ALA PA 46 -15.96 10.20 104.20
C ALA PA 46 -16.60 10.75 102.94
N VAL PA 47 -17.94 10.80 102.91
CA VAL PA 47 -18.64 11.33 101.75
C VAL PA 47 -18.39 12.83 101.60
N ILE PA 48 -18.44 13.57 102.70
CA ILE PA 48 -18.12 15.00 102.63
C ILE PA 48 -16.72 15.19 102.07
N LEU PA 49 -15.79 14.38 102.51
CA LEU PA 49 -14.43 14.45 101.99
C LEU PA 49 -14.40 14.26 100.47
N LYS PA 50 -14.80 13.07 100.04
CA LYS PA 50 -14.75 12.66 98.64
C LYS PA 50 -15.55 13.62 97.76
N ARG PA 51 -16.41 14.43 98.38
CA ARG PA 51 -17.12 15.45 97.63
C ARG PA 51 -16.52 16.83 97.74
N LEU PA 52 -15.65 17.07 98.71
CA LEU PA 52 -14.78 18.23 98.59
C LEU PA 52 -13.80 18.05 97.45
N PHE PA 53 -13.43 16.82 97.17
CA PHE PA 53 -12.53 16.56 96.03
C PHE PA 53 -13.33 16.48 94.73
N MET PA 54 -14.04 17.55 94.40
CA MET PA 54 -14.84 17.61 93.19
C MET PA 54 -14.50 18.84 92.37
N SER PA 55 -15.07 18.86 91.17
CA SER PA 55 -15.09 20.01 90.29
C SER PA 55 -16.19 20.98 90.74
N LYS PA 56 -16.57 21.91 89.88
CA LYS PA 56 -17.82 22.62 90.12
C LYS PA 56 -18.97 22.08 89.32
N THR PA 57 -18.69 21.29 88.28
CA THR PA 57 -19.74 20.65 87.50
C THR PA 57 -20.07 19.25 88.02
N ASN PA 58 -19.38 18.80 89.05
CA ASN PA 58 -19.87 17.72 89.88
C ASN PA 58 -20.52 18.24 91.15
N ARG PA 59 -20.64 19.55 91.31
CA ARG PA 59 -21.26 20.18 92.47
C ARG PA 59 -22.26 21.24 92.01
N PRO PA 60 -23.36 20.83 91.43
CA PRO PA 60 -24.31 21.79 90.88
C PRO PA 60 -25.05 22.51 91.99
N PRO PA 61 -25.56 23.70 91.73
CA PRO PA 61 -26.33 24.40 92.75
C PRO PA 61 -27.61 23.66 93.05
N LEU PA 62 -28.07 23.79 94.29
CA LEU PA 62 -29.34 23.23 94.69
C LEU PA 62 -30.20 24.36 95.22
N SER PA 63 -31.38 24.54 94.63
CA SER PA 63 -32.19 25.71 94.87
C SER PA 63 -33.13 25.51 96.04
N MET PA 64 -33.70 26.61 96.53
CA MET PA 64 -34.60 26.54 97.67
C MET PA 64 -35.82 25.70 97.39
N ARG PA 65 -36.38 25.75 96.17
CA ARG PA 65 -37.60 24.99 95.91
C ARG PA 65 -37.35 23.51 96.16
N ARG PA 66 -36.27 22.99 95.61
CA ARG PA 66 -35.95 21.59 95.80
C ARG PA 66 -35.47 21.29 97.21
N LEU PA 67 -34.78 22.24 97.83
CA LEU PA 67 -34.34 22.02 99.21
C LEU PA 67 -35.53 21.93 100.15
N VAL PA 68 -36.55 22.75 99.91
CA VAL PA 68 -37.76 22.69 100.71
C VAL PA 68 -38.54 21.42 100.42
N ARG PA 69 -38.57 21.00 99.15
CA ARG PA 69 -39.12 19.68 98.85
C ARG PA 69 -38.45 18.61 99.68
N PHE PA 70 -37.14 18.68 99.83
CA PHE PA 70 -36.42 17.61 100.51
C PHE PA 70 -36.41 17.77 102.02
N MET PA 71 -36.80 18.93 102.53
CA MET PA 71 -37.02 19.12 103.97
C MET PA 71 -38.41 19.65 104.27
N GLU PA 72 -39.44 19.06 103.70
CA GLU PA 72 -40.76 19.16 104.28
C GLU PA 72 -40.85 18.13 105.41
N GLY PA 73 -41.06 18.60 106.64
CA GLY PA 73 -41.35 17.70 107.73
C GLY PA 73 -40.18 16.99 108.37
N LYS PA 74 -38.94 17.44 108.13
CA LYS PA 74 -37.76 16.79 108.67
C LYS PA 74 -36.84 17.83 109.30
N GLU PA 75 -37.39 18.68 110.16
CA GLU PA 75 -36.68 19.86 110.61
C GLU PA 75 -36.00 19.70 111.97
N ASP PA 76 -35.75 18.48 112.42
CA ASP PA 76 -34.73 18.25 113.43
C ASP PA 76 -33.46 17.68 112.81
N LYS PA 77 -33.41 17.62 111.50
CA LYS PA 77 -32.28 17.08 110.74
C LYS PA 77 -31.69 18.24 109.94
N ILE PA 78 -30.37 18.28 109.88
CA ILE PA 78 -29.64 19.42 109.34
C ILE PA 78 -29.23 19.08 107.92
N ALA PA 79 -29.57 19.97 106.98
CA ALA PA 79 -29.29 19.71 105.58
C ALA PA 79 -27.82 19.94 105.31
N VAL PA 80 -27.21 19.08 104.50
CA VAL PA 80 -25.80 19.24 104.17
C VAL PA 80 -25.66 19.10 102.66
N ILE PA 81 -25.34 20.21 101.99
CA ILE PA 81 -25.13 20.23 100.55
C ILE PA 81 -23.68 20.60 100.32
N VAL PA 82 -22.91 19.68 99.75
CA VAL PA 82 -21.54 20.03 99.40
C VAL PA 82 -21.61 20.69 98.03
N GLY PA 83 -21.88 21.99 98.02
CA GLY PA 83 -22.18 22.69 96.79
C GLY PA 83 -22.59 24.12 97.00
N THR PA 84 -23.69 24.54 96.36
CA THR PA 84 -24.19 25.89 96.47
C THR PA 84 -25.69 25.86 96.71
N ILE PA 85 -26.20 26.86 97.42
CA ILE PA 85 -27.64 27.04 97.61
C ILE PA 85 -28.03 28.37 97.01
N THR PA 86 -28.86 28.34 95.98
CA THR PA 86 -29.37 29.52 95.32
C THR PA 86 -30.86 29.62 95.58
N ASP PA 87 -31.39 30.83 95.66
CA ASP PA 87 -32.75 30.93 96.17
C ASP PA 87 -33.73 30.60 95.06
N ASP PA 88 -34.99 30.97 95.27
CA ASP PA 88 -36.05 30.72 94.31
C ASP PA 88 -37.21 31.63 94.64
N GLN PA 89 -37.54 32.57 93.75
CA GLN PA 89 -38.77 33.32 93.95
C GLN PA 89 -40.02 32.52 93.62
N ARG PA 90 -39.90 31.32 93.07
CA ARG PA 90 -41.07 30.48 92.86
C ARG PA 90 -41.49 29.73 94.10
N VAL PA 91 -41.03 30.16 95.27
CA VAL PA 91 -41.47 29.59 96.54
C VAL PA 91 -41.95 30.76 97.40
N TYR PA 92 -42.92 30.49 98.27
CA TYR PA 92 -43.56 31.56 99.03
C TYR PA 92 -43.36 31.39 100.53
N GLU PA 93 -43.73 30.25 101.10
CA GLU PA 93 -43.43 29.94 102.49
C GLU PA 93 -42.36 28.86 102.54
N ILE PA 94 -41.33 29.11 103.34
CA ILE PA 94 -40.21 28.18 103.50
C ILE PA 94 -40.02 27.90 104.98
N PRO PA 95 -39.79 26.67 105.38
CA PRO PA 95 -39.64 26.37 106.81
C PRO PA 95 -38.36 26.97 107.38
N ALA PA 96 -38.41 27.27 108.68
CA ALA PA 96 -37.22 27.73 109.41
C ALA PA 96 -36.26 26.57 109.45
N MET PA 97 -35.23 26.61 108.61
CA MET PA 97 -34.47 25.42 108.27
C MET PA 97 -32.98 25.69 108.37
N LYS PA 98 -32.24 24.67 108.79
CA LYS PA 98 -30.83 24.78 109.10
C LYS PA 98 -30.02 23.93 108.11
N VAL PA 99 -29.12 24.59 107.40
CA VAL PA 99 -28.46 24.03 106.23
C VAL PA 99 -26.99 24.43 106.21
N ALA PA 100 -26.14 23.47 105.87
CA ALA PA 100 -24.71 23.66 105.71
C ALA PA 100 -24.36 23.51 104.24
N ALA PA 101 -23.58 24.45 103.71
CA ALA PA 101 -23.20 24.40 102.31
C ALA PA 101 -21.95 25.23 102.11
N LEU PA 102 -21.25 24.96 101.00
CA LEU PA 102 -20.04 25.70 100.70
C LEU PA 102 -20.33 27.17 100.42
N ARG PA 103 -21.39 27.47 99.67
CA ARG PA 103 -21.73 28.86 99.44
C ARG PA 103 -23.23 29.12 99.52
N PHE PA 104 -23.55 30.37 99.83
CA PHE PA 104 -24.91 30.89 99.82
C PHE PA 104 -24.92 32.16 99.02
N THR PA 105 -25.74 32.21 97.98
CA THR PA 105 -25.95 33.45 97.28
C THR PA 105 -26.63 34.43 98.22
N GLU PA 106 -26.23 35.70 98.19
CA GLU PA 106 -26.67 36.62 99.23
C GLU PA 106 -28.18 36.77 99.24
N THR PA 107 -28.86 36.36 98.16
CA THR PA 107 -30.31 36.29 98.18
C THR PA 107 -30.81 35.02 98.86
N ALA PA 108 -30.15 33.89 98.64
CA ALA PA 108 -30.60 32.69 99.33
C ALA PA 108 -30.35 32.80 100.82
N ARG PA 109 -29.20 33.34 101.21
CA ARG PA 109 -28.90 33.43 102.63
C ARG PA 109 -29.81 34.43 103.34
N ALA PA 110 -30.14 35.55 102.69
CA ALA PA 110 -31.15 36.45 103.23
C ALA PA 110 -32.50 35.76 103.35
N ARG PA 111 -32.91 35.04 102.32
CA ARG PA 111 -34.15 34.27 102.37
C ARG PA 111 -34.20 33.35 103.57
N ILE PA 112 -33.15 32.57 103.79
CA ILE PA 112 -33.16 31.58 104.86
C ILE PA 112 -33.12 32.27 106.22
N VAL PA 113 -32.24 33.25 106.38
CA VAL PA 113 -32.11 33.93 107.66
C VAL PA 113 -33.42 34.61 108.04
N ASN PA 114 -34.09 35.23 107.06
CA ASN PA 114 -35.38 35.82 107.37
C ASN PA 114 -36.50 34.81 107.48
N ALA PA 115 -36.28 33.57 107.02
CA ALA PA 115 -37.15 32.47 107.42
C ALA PA 115 -36.87 32.02 108.83
N GLY PA 116 -35.75 32.45 109.40
CA GLY PA 116 -35.47 32.14 110.78
C GLY PA 116 -34.66 30.90 110.99
N GLY PA 117 -34.14 30.31 109.93
CA GLY PA 117 -33.28 29.15 110.03
C GLY PA 117 -31.86 29.55 110.31
N GLU PA 118 -30.95 28.62 110.07
CA GLU PA 118 -29.55 28.82 110.37
C GLU PA 118 -28.75 28.49 109.13
N CYS PA 119 -27.77 29.33 108.83
CA CYS PA 119 -26.97 29.24 107.62
C CYS PA 119 -25.54 28.89 108.02
N LEU PA 120 -25.21 27.61 107.92
CA LEU PA 120 -23.94 27.08 108.38
C LEU PA 120 -22.93 27.02 107.25
N THR PA 121 -21.67 27.00 107.64
CA THR PA 121 -20.59 26.49 106.80
C THR PA 121 -20.16 25.14 107.33
N PHE PA 122 -19.21 24.53 106.63
CA PHE PA 122 -18.82 23.17 107.02
C PHE PA 122 -18.00 23.15 108.30
N ASP PA 123 -17.33 24.25 108.64
CA ASP PA 123 -16.60 24.27 109.89
C ASP PA 123 -17.56 24.30 111.07
N GLN PA 124 -18.66 25.05 110.96
CA GLN PA 124 -19.70 24.98 111.96
C GLN PA 124 -20.35 23.61 111.99
N LEU PA 125 -20.54 23.00 110.83
CA LEU PA 125 -21.20 21.70 110.81
C LEU PA 125 -20.37 20.63 111.49
N ALA PA 126 -19.05 20.66 111.29
CA ALA PA 126 -18.20 19.62 111.86
C ALA PA 126 -18.21 19.63 113.38
N LEU PA 127 -18.73 20.70 114.00
CA LEU PA 127 -18.86 20.74 115.44
C LEU PA 127 -20.11 20.00 115.91
N ARG PA 128 -21.27 20.38 115.38
CA ARG PA 128 -22.53 19.82 115.84
C ARG PA 128 -22.98 18.60 115.06
N ALA PA 129 -22.11 18.05 114.21
CA ALA PA 129 -22.37 16.73 113.60
C ALA PA 129 -21.06 16.12 113.15
N PRO PA 130 -20.14 15.86 114.08
CA PRO PA 130 -18.86 15.25 113.67
C PRO PA 130 -19.04 13.89 113.03
N LEU PA 131 -20.00 13.09 113.50
CA LEU PA 131 -20.34 11.81 112.89
C LEU PA 131 -21.51 11.92 111.95
N GLY PA 132 -22.05 13.11 111.74
CA GLY PA 132 -23.27 13.23 110.97
C GLY PA 132 -24.51 12.73 111.68
N GLN PA 133 -24.66 13.04 112.96
CA GLN PA 133 -25.95 12.83 113.60
C GLN PA 133 -26.99 13.77 113.05
N ASN PA 134 -28.19 13.23 112.83
CA ASN PA 134 -29.34 14.02 112.46
C ASN PA 134 -29.03 14.88 111.24
N THR PA 135 -28.45 14.27 110.22
CA THR PA 135 -28.06 15.03 109.04
C THR PA 135 -28.69 14.43 107.79
N LEU PA 136 -28.83 15.27 106.79
CA LEU PA 136 -29.59 14.99 105.57
C LEU PA 136 -28.66 15.39 104.44
N LEU PA 137 -27.99 14.42 103.83
CA LEU PA 137 -26.96 14.71 102.85
C LEU PA 137 -27.60 14.83 101.47
N LEU PA 138 -27.49 15.99 100.84
CA LEU PA 138 -28.16 16.25 99.57
C LEU PA 138 -27.15 16.66 98.51
N ARG PA 139 -27.36 16.15 97.30
CA ARG PA 139 -26.64 16.59 96.11
C ARG PA 139 -27.57 17.38 95.22
N GLY PA 140 -26.98 18.07 94.26
CA GLY PA 140 -27.74 18.81 93.29
C GLY PA 140 -27.97 17.99 92.04
N PRO PA 141 -28.76 18.50 91.12
CA PRO PA 141 -29.06 17.78 89.88
C PRO PA 141 -27.89 17.84 88.90
N LYS PA 142 -27.18 16.72 88.76
CA LYS PA 142 -25.97 16.75 87.96
C LYS PA 142 -26.25 16.89 86.47
N ASN PA 143 -27.18 16.10 85.93
CA ASN PA 143 -27.39 16.12 84.49
C ASN PA 143 -28.34 17.25 84.09
N ALA PA 144 -28.44 18.28 84.90
CA ALA PA 144 -29.29 19.40 84.55
C ALA PA 144 -28.58 20.46 83.72
N ARG PA 145 -27.26 20.41 83.64
CA ARG PA 145 -26.51 21.43 82.93
C ARG PA 145 -26.85 21.38 81.44
N GLU PA 146 -26.76 22.53 80.78
CA GLU PA 146 -27.12 22.59 79.37
C GLU PA 146 -26.20 21.75 78.51
N ALA PA 147 -24.93 21.65 78.88
CA ALA PA 147 -23.99 20.83 78.13
C ALA PA 147 -24.37 19.36 78.19
N VAL PA 148 -25.08 18.96 79.24
CA VAL PA 148 -25.39 17.54 79.39
C VAL PA 148 -26.37 17.08 78.32
N ARG PA 149 -27.14 18.00 77.75
CA ARG PA 149 -28.06 17.63 76.68
C ARG PA 149 -27.30 17.06 75.49
N HIS PA 150 -26.18 17.65 75.14
CA HIS PA 150 -25.46 17.33 73.93
C HIS PA 150 -24.70 16.04 74.04
N PHE PA 151 -24.97 15.23 75.06
CA PHE PA 151 -24.25 13.98 75.30
C PHE PA 151 -25.17 12.81 74.96
N GLY PA 152 -24.63 11.61 74.96
CA GLY PA 152 -25.40 10.42 74.65
C GLY PA 152 -25.08 9.84 73.29
N LYS PA 153 -26.01 9.06 72.77
CA LYS PA 153 -25.83 8.59 71.40
C LYS PA 153 -26.09 9.74 70.43
N ALA PA 154 -25.73 9.52 69.17
CA ALA PA 154 -25.54 10.62 68.22
C ALA PA 154 -26.84 11.37 67.96
N PRO PA 155 -26.76 12.66 67.64
CA PRO PA 155 -27.98 13.44 67.40
C PRO PA 155 -28.79 12.94 66.25
N GLY PA 156 -28.18 12.22 65.32
CA GLY PA 156 -28.87 11.79 64.13
C GLY PA 156 -28.96 10.30 63.96
N VAL PA 157 -28.91 9.54 65.04
CA VAL PA 157 -29.19 8.11 64.95
C VAL PA 157 -30.57 7.89 65.56
N PRO PA 158 -31.36 6.98 65.00
CA PRO PA 158 -32.73 6.83 65.48
C PRO PA 158 -32.80 6.28 66.88
N HIS PA 159 -33.83 6.74 67.61
CA HIS PA 159 -34.15 6.45 69.01
C HIS PA 159 -33.29 7.25 69.97
N SER PA 160 -32.61 8.28 69.48
CA SER PA 160 -31.81 9.15 70.34
C SER PA 160 -32.35 10.58 70.25
N HIS PA 161 -32.50 11.22 71.40
CA HIS PA 161 -33.01 12.59 71.48
C HIS PA 161 -31.96 13.58 71.93
N THR PA 162 -30.76 13.46 71.37
CA THR PA 162 -29.68 14.37 71.73
C THR PA 162 -29.84 15.71 71.01
N LYS PA 163 -29.53 16.77 71.71
CA LYS PA 163 -29.51 18.10 71.10
C LYS PA 163 -28.31 18.21 70.17
N PRO PA 164 -28.49 18.71 68.95
CA PRO PA 164 -27.34 18.99 68.09
C PRO PA 164 -26.76 20.37 68.37
N TYR PA 165 -25.47 20.52 68.05
CA TYR PA 165 -24.82 21.82 68.15
C TYR PA 165 -25.18 22.63 66.92
N VAL PA 166 -26.03 23.62 67.10
CA VAL PA 166 -26.47 24.47 66.00
C VAL PA 166 -26.24 25.91 66.42
N ARG PA 167 -25.72 26.72 65.51
CA ARG PA 167 -25.37 28.09 65.87
C ARG PA 167 -26.58 29.02 65.96
N SER PA 168 -27.76 28.58 65.56
CA SER PA 168 -28.98 29.32 65.84
C SER PA 168 -30.18 28.45 65.54
N LYS PA 169 -31.22 28.55 66.36
CA LYS PA 169 -32.49 27.94 66.00
C LYS PA 169 -33.21 28.80 64.99
N GLY PA 170 -33.88 28.15 64.06
CA GLY PA 170 -34.51 28.80 62.94
C GLY PA 170 -35.05 27.73 62.02
N ARG PA 171 -35.44 28.17 60.81
CA ARG PA 171 -35.88 27.17 59.85
C ARG PA 171 -34.72 26.64 59.02
N LYS PA 172 -33.70 27.45 58.79
CA LYS PA 172 -32.61 27.10 57.90
C LYS PA 172 -31.52 26.30 58.59
N PHE PA 173 -31.67 25.99 59.86
CA PHE PA 173 -30.59 25.43 60.65
C PHE PA 173 -31.00 24.04 61.10
N GLU PA 174 -30.58 23.05 60.34
CA GLU PA 174 -30.82 21.64 60.63
C GLU PA 174 -32.30 21.34 60.80
N LYS PA 175 -33.04 21.54 59.72
CA LYS PA 175 -34.42 21.13 59.66
C LYS PA 175 -34.78 20.33 58.42
N ALA PA 176 -33.90 20.19 57.44
CA ALA PA 176 -34.39 19.70 56.17
C ALA PA 176 -34.24 18.21 55.94
N ARG PA 177 -33.03 17.70 55.83
CA ARG PA 177 -32.84 16.32 55.39
C ARG PA 177 -32.32 15.50 56.54
N GLY PA 178 -33.14 14.57 57.02
CA GLY PA 178 -32.88 13.91 58.27
C GLY PA 178 -33.72 14.42 59.42
N ARG PA 179 -34.61 15.38 59.17
CA ARG PA 179 -35.53 15.86 60.17
C ARG PA 179 -36.98 15.82 59.72
N ARG PA 180 -37.26 15.27 58.54
CA ARG PA 180 -38.64 15.18 58.08
C ARG PA 180 -38.71 14.31 56.84
N ASN PA 181 -39.83 13.59 56.72
CA ASN PA 181 -40.02 12.68 55.61
C ASN PA 181 -40.08 13.42 54.29
N SER PA 182 -40.34 14.71 54.30
CA SER PA 182 -40.51 15.41 53.04
C SER PA 182 -39.18 15.80 52.41
N ARG PA 183 -38.07 15.74 53.15
CA ARG PA 183 -36.73 15.90 52.61
C ARG PA 183 -35.90 14.70 53.04
N GLY PA 184 -35.86 13.67 52.24
CA GLY PA 184 -35.00 12.56 52.56
C GLY PA 184 -35.67 11.60 53.50
N PHE PA 185 -35.31 11.66 54.78
CA PHE PA 185 -35.83 10.72 55.75
C PHE PA 185 -35.86 11.37 57.13
N LYS PA 186 -36.64 10.79 58.02
CA LYS PA 186 -36.80 11.31 59.38
C LYS PA 186 -35.77 10.64 60.27
N VAL PA 187 -34.63 11.32 60.42
CA VAL PA 187 -33.43 10.88 61.18
C VAL PA 187 -33.11 9.39 60.99
N GLN QA 7 -44.66 -54.81 44.27
CA GLN QA 7 -44.97 -54.09 43.04
C GLN QA 7 -44.33 -52.71 43.07
N LYS QA 8 -44.69 -51.90 44.07
CA LYS QA 8 -43.96 -50.67 44.33
C LYS QA 8 -42.59 -50.99 44.89
N THR QA 9 -41.55 -50.45 44.24
CA THR QA 9 -40.20 -50.92 44.49
C THR QA 9 -39.64 -50.38 45.80
N ARG QA 10 -38.47 -50.91 46.14
CA ARG QA 10 -37.86 -50.70 47.45
C ARG QA 10 -37.55 -49.22 47.68
N ALA QA 11 -37.03 -48.55 46.66
CA ALA QA 11 -36.75 -47.12 46.78
C ALA QA 11 -38.03 -46.32 46.93
N TYR QA 12 -39.10 -46.71 46.25
CA TYR QA 12 -40.39 -46.06 46.48
C TYR QA 12 -40.80 -46.15 47.93
N SER QA 13 -40.79 -47.36 48.48
CA SER QA 13 -41.21 -47.52 49.87
C SER QA 13 -40.31 -46.72 50.80
N LYS QA 14 -39.01 -46.71 50.53
CA LYS QA 14 -38.06 -46.10 51.44
C LYS QA 14 -38.11 -44.59 51.40
N ARG QA 15 -38.52 -44.01 50.28
CA ARG QA 15 -38.70 -42.57 50.21
C ARG QA 15 -40.14 -42.14 50.48
N PHE QA 16 -41.05 -43.07 50.71
CA PHE QA 16 -42.43 -42.68 50.95
C PHE QA 16 -42.55 -41.95 52.29
N GLN QA 17 -43.26 -40.83 52.28
CA GLN QA 17 -43.72 -40.17 53.50
C GLN QA 17 -45.20 -40.40 53.66
N VAL QA 18 -45.60 -40.97 54.78
CA VAL QA 18 -47.01 -41.23 55.02
C VAL QA 18 -47.68 -39.93 55.43
N LYS QA 19 -48.94 -39.77 55.04
CA LYS QA 19 -49.68 -38.60 55.49
C LYS QA 19 -50.24 -38.86 56.89
N PHE QA 20 -50.98 -37.90 57.41
CA PHE QA 20 -51.54 -38.05 58.74
C PHE QA 20 -52.62 -39.11 58.74
N LYS QA 21 -52.72 -39.84 59.85
CA LYS QA 21 -53.68 -40.95 59.94
C LYS QA 21 -55.09 -40.51 59.57
N ARG QA 22 -55.51 -39.36 60.08
CA ARG QA 22 -56.85 -38.88 59.78
C ARG QA 22 -56.89 -38.25 58.39
N ARG QA 23 -55.88 -38.51 57.58
CA ARG QA 23 -56.02 -38.37 56.14
C ARG QA 23 -55.97 -39.69 55.40
N ARG QA 24 -55.04 -40.57 55.75
CA ARG QA 24 -55.04 -41.88 55.12
C ARG QA 24 -56.37 -42.60 55.33
N GLN QA 25 -57.11 -42.27 56.37
CA GLN QA 25 -58.50 -42.71 56.47
C GLN QA 25 -59.46 -41.78 55.76
N GLY QA 26 -58.99 -40.64 55.25
CA GLY QA 26 -59.87 -39.77 54.50
C GLY QA 26 -61.00 -39.17 55.32
N LYS QA 27 -60.72 -38.72 56.53
CA LYS QA 27 -61.77 -38.23 57.40
C LYS QA 27 -61.62 -36.78 57.82
N THR QA 28 -60.46 -36.18 57.67
CA THR QA 28 -60.23 -34.84 58.20
C THR QA 28 -59.60 -33.96 57.14
N ASP QA 29 -59.98 -32.67 57.16
CA ASP QA 29 -59.33 -31.64 56.34
C ASP QA 29 -58.46 -30.82 57.27
N TYR QA 30 -57.15 -30.98 57.17
CA TYR QA 30 -56.28 -30.30 58.12
C TYR QA 30 -56.16 -28.83 57.81
N ARG QA 31 -56.30 -28.44 56.54
CA ARG QA 31 -56.30 -27.02 56.21
C ARG QA 31 -57.46 -26.30 56.89
N ALA QA 32 -58.63 -26.93 56.93
CA ALA QA 32 -59.72 -26.35 57.69
C ALA QA 32 -59.48 -26.44 59.18
N ARG QA 33 -58.93 -27.57 59.65
CA ARG QA 33 -58.82 -27.79 61.09
C ARG QA 33 -57.86 -26.79 61.75
N LEU QA 34 -56.68 -26.58 61.15
CA LEU QA 34 -55.77 -25.59 61.70
C LEU QA 34 -56.47 -24.26 61.87
N ARG QA 35 -57.20 -23.84 60.85
CA ARG QA 35 -57.84 -22.55 60.84
C ARG QA 35 -58.99 -22.47 61.82
N LEU QA 36 -59.63 -23.59 62.12
CA LEU QA 36 -60.74 -23.56 63.05
C LEU QA 36 -60.28 -23.59 64.49
N THR QA 37 -59.27 -24.39 64.80
CA THR QA 37 -58.84 -24.56 66.18
C THR QA 37 -57.85 -23.49 66.63
N ASN QA 38 -57.14 -22.86 65.70
CA ASN QA 38 -56.02 -22.01 66.06
C ASN QA 38 -56.51 -20.74 66.75
N GLN QA 39 -56.22 -20.63 68.04
CA GLN QA 39 -56.61 -19.46 68.80
C GLN QA 39 -55.46 -18.47 68.83
N ASP QA 40 -55.80 -17.18 68.91
CA ASP QA 40 -54.77 -16.15 68.96
C ASP QA 40 -53.88 -16.36 70.16
N LYS QA 41 -52.57 -16.19 69.95
CA LYS QA 41 -51.62 -16.48 71.02
C LYS QA 41 -51.65 -15.43 72.13
N ASN QA 42 -52.40 -14.35 71.97
CA ASN QA 42 -52.62 -13.40 73.06
C ASN QA 42 -53.95 -13.65 73.77
N LYS QA 43 -54.48 -14.86 73.68
CA LYS QA 43 -55.58 -15.31 74.52
C LYS QA 43 -55.19 -16.49 75.39
N TYR QA 44 -54.13 -17.21 75.03
CA TYR QA 44 -53.29 -18.02 75.88
C TYR QA 44 -53.91 -19.34 76.32
N ASN QA 45 -55.23 -19.44 76.40
CA ASN QA 45 -55.81 -20.75 76.63
C ASN QA 45 -57.21 -20.91 76.09
N THR QA 46 -57.90 -19.78 75.86
CA THR QA 46 -59.35 -19.84 75.70
C THR QA 46 -59.68 -20.54 74.40
N PRO QA 47 -60.11 -21.79 74.45
CA PRO QA 47 -60.22 -22.58 73.23
C PRO QA 47 -61.37 -22.10 72.36
N LYS QA 48 -61.28 -22.38 71.07
CA LYS QA 48 -62.34 -22.03 70.14
C LYS QA 48 -63.26 -23.24 70.03
N TYR QA 49 -64.44 -23.15 70.64
CA TYR QA 49 -65.33 -24.29 70.67
C TYR QA 49 -65.97 -24.48 69.31
N ARG QA 50 -65.78 -25.65 68.73
CA ARG QA 50 -66.35 -25.96 67.43
C ARG QA 50 -67.64 -26.71 67.59
N PHE QA 51 -68.63 -26.32 66.79
CA PHE QA 51 -69.93 -26.98 66.65
C PHE QA 51 -69.80 -27.97 65.50
N VAL QA 52 -69.49 -29.21 65.85
CA VAL QA 52 -69.12 -30.23 64.87
C VAL QA 52 -70.35 -31.09 64.59
N VAL QA 53 -70.88 -30.99 63.37
CA VAL QA 53 -72.02 -31.80 62.98
C VAL QA 53 -71.60 -32.71 61.85
N ARG QA 54 -72.05 -33.96 61.93
CA ARG QA 54 -71.67 -34.98 60.97
C ARG QA 54 -72.90 -35.82 60.69
N PHE QA 55 -73.11 -36.20 59.44
CA PHE QA 55 -74.24 -37.05 59.09
C PHE QA 55 -73.74 -38.37 58.56
N THR QA 56 -74.18 -39.45 59.19
CA THR QA 56 -73.97 -40.77 58.63
C THR QA 56 -75.19 -41.12 57.78
N ASN QA 57 -75.30 -42.39 57.39
CA ASN QA 57 -76.47 -42.76 56.60
C ASN QA 57 -77.71 -42.85 57.46
N LYS QA 58 -77.57 -43.14 58.76
CA LYS QA 58 -78.72 -43.26 59.65
C LYS QA 58 -78.59 -42.51 60.97
N ASP QA 59 -77.78 -41.46 61.04
CA ASP QA 59 -77.73 -40.63 62.23
C ASP QA 59 -77.28 -39.22 61.87
N VAL QA 60 -77.48 -38.30 62.81
CA VAL QA 60 -76.97 -36.93 62.70
C VAL QA 60 -76.23 -36.63 64.00
N THR QA 61 -74.94 -36.94 64.02
CA THR QA 61 -74.12 -36.66 65.18
C THR QA 61 -73.84 -35.16 65.30
N ALA QA 62 -73.78 -34.68 66.53
CA ALA QA 62 -73.41 -33.30 66.77
C ALA QA 62 -72.66 -33.23 68.08
N GLN QA 63 -71.66 -32.35 68.14
CA GLN QA 63 -70.77 -32.25 69.28
C GLN QA 63 -70.36 -30.80 69.43
N ILE QA 64 -70.02 -30.39 70.64
CA ILE QA 64 -69.27 -29.17 70.89
C ILE QA 64 -67.92 -29.57 71.44
N VAL QA 65 -66.86 -29.27 70.72
CA VAL QA 65 -65.57 -29.82 71.06
C VAL QA 65 -64.52 -28.71 70.98
N TYR QA 66 -63.46 -28.85 71.76
CA TYR QA 66 -62.36 -27.90 71.70
C TYR QA 66 -61.06 -28.68 71.58
N ALA QA 67 -60.00 -27.97 71.21
CA ALA QA 67 -58.73 -28.60 70.90
C ALA QA 67 -57.85 -28.59 72.13
N THR QA 68 -57.23 -29.73 72.40
CA THR QA 68 -56.29 -29.89 73.50
C THR QA 68 -55.08 -30.59 72.92
N ILE QA 69 -53.93 -30.47 73.60
CA ILE QA 69 -52.74 -31.18 73.14
C ILE QA 69 -53.01 -32.67 73.09
N ALA QA 70 -53.63 -33.20 74.15
CA ALA QA 70 -53.89 -34.63 74.22
C ALA QA 70 -54.91 -35.09 73.20
N GLY QA 71 -55.79 -34.20 72.78
CA GLY QA 71 -56.81 -34.54 71.81
C GLY QA 71 -58.07 -33.76 72.08
N ASP QA 72 -58.99 -33.82 71.14
CA ASP QA 72 -60.19 -33.00 71.26
C ASP QA 72 -61.08 -33.49 72.39
N ILE QA 73 -61.62 -32.55 73.15
CA ILE QA 73 -62.39 -32.81 74.36
C ILE QA 73 -63.81 -32.31 74.16
N VAL QA 74 -64.78 -33.21 74.32
CA VAL QA 74 -66.18 -32.94 74.01
C VAL QA 74 -66.88 -32.55 75.30
N MET QA 75 -67.78 -31.57 75.24
CA MET QA 75 -68.59 -31.24 76.40
C MET QA 75 -70.08 -31.49 76.23
N ALA QA 76 -70.59 -31.54 75.01
CA ALA QA 76 -71.98 -31.90 74.80
C ALA QA 76 -72.09 -32.63 73.48
N ALA QA 77 -72.56 -33.87 73.53
CA ALA QA 77 -72.80 -34.68 72.35
C ALA QA 77 -74.28 -34.92 72.20
N ALA QA 78 -74.79 -34.74 71.00
CA ALA QA 78 -76.22 -34.87 70.74
C ALA QA 78 -76.39 -35.68 69.47
N TYR QA 79 -77.14 -36.76 69.57
CA TYR QA 79 -77.35 -37.63 68.44
C TYR QA 79 -78.80 -37.58 68.02
N SER QA 80 -79.05 -38.07 66.81
CA SER QA 80 -80.40 -38.22 66.34
C SER QA 80 -81.06 -39.49 66.84
N HIS QA 81 -80.28 -40.47 67.28
CA HIS QA 81 -80.90 -41.68 67.79
C HIS QA 81 -81.33 -41.55 69.24
N GLU QA 82 -81.11 -40.41 69.87
CA GLU QA 82 -81.73 -40.10 71.15
C GLU QA 82 -82.96 -39.22 71.00
N LEU QA 83 -83.42 -38.97 69.77
CA LEU QA 83 -84.66 -38.23 69.57
C LEU QA 83 -85.90 -39.09 69.82
N PRO QA 84 -85.88 -40.39 69.53
CA PRO QA 84 -87.02 -41.24 69.93
C PRO QA 84 -87.43 -41.08 71.38
N ARG QA 85 -86.47 -40.88 72.28
CA ARG QA 85 -86.82 -40.58 73.66
C ARG QA 85 -87.59 -39.28 73.78
N TYR QA 86 -87.52 -38.40 72.79
CA TYR QA 86 -88.27 -37.16 72.80
C TYR QA 86 -89.58 -37.23 72.02
N GLY QA 87 -89.68 -38.11 71.03
CA GLY QA 87 -90.92 -38.22 70.30
C GLY QA 87 -90.80 -38.49 68.81
N LEU QA 88 -89.68 -38.15 68.21
CA LEU QA 88 -89.46 -38.46 66.80
C LEU QA 88 -88.98 -39.89 66.65
N GLU QA 89 -89.80 -40.73 66.02
CA GLU QA 89 -89.46 -42.14 65.88
C GLU QA 89 -89.02 -42.50 64.46
N VAL QA 90 -89.43 -41.73 63.46
CA VAL QA 90 -89.23 -42.07 62.06
C VAL QA 90 -88.64 -40.87 61.35
N GLY QA 91 -87.76 -41.14 60.38
CA GLY QA 91 -87.19 -40.08 59.58
C GLY QA 91 -86.28 -39.20 60.41
N LEU QA 92 -85.21 -39.80 60.91
CA LEU QA 92 -84.35 -39.16 61.88
C LEU QA 92 -83.07 -38.58 61.29
N THR QA 93 -82.90 -38.64 59.97
CA THR QA 93 -81.76 -38.03 59.29
C THR QA 93 -82.21 -37.05 58.22
N ASN QA 94 -83.30 -36.34 58.44
CA ASN QA 94 -83.79 -35.38 57.46
C ASN QA 94 -83.40 -33.97 57.88
N TYR QA 95 -83.83 -32.98 57.09
CA TYR QA 95 -83.45 -31.61 57.39
C TYR QA 95 -84.01 -31.20 58.75
N ALA QA 96 -85.27 -31.54 59.01
CA ALA QA 96 -85.88 -31.18 60.29
C ALA QA 96 -85.32 -31.99 61.43
N ALA QA 97 -84.90 -33.24 61.17
CA ALA QA 97 -84.25 -34.01 62.21
C ALA QA 97 -82.94 -33.39 62.62
N ALA QA 98 -82.18 -32.88 61.65
CA ALA QA 98 -80.96 -32.15 62.01
C ALA QA 98 -81.27 -30.84 62.70
N TYR QA 99 -82.37 -30.18 62.33
CA TYR QA 99 -82.81 -29.02 63.10
C TYR QA 99 -83.02 -29.38 64.56
N CYS QA 100 -83.81 -30.43 64.81
CA CYS QA 100 -84.06 -30.85 66.18
C CYS QA 100 -82.77 -31.20 66.90
N THR QA 101 -81.85 -31.87 66.21
CA THR QA 101 -80.59 -32.25 66.84
C THR QA 101 -79.77 -31.02 67.19
N GLY QA 102 -79.81 -29.98 66.36
CA GLY QA 102 -79.13 -28.75 66.70
C GLY QA 102 -79.77 -28.07 67.90
N LEU QA 103 -81.10 -28.05 67.94
CA LEU QA 103 -81.80 -27.47 69.08
C LEU QA 103 -81.44 -28.21 70.36
N LEU QA 104 -81.38 -29.53 70.28
CA LEU QA 104 -81.07 -30.33 71.45
C LEU QA 104 -79.67 -30.06 71.94
N LEU QA 105 -78.70 -29.98 71.02
CA LEU QA 105 -77.33 -29.75 71.45
C LEU QA 105 -77.16 -28.35 72.04
N ALA QA 106 -77.81 -27.35 71.45
CA ALA QA 106 -77.73 -26.00 72.00
C ALA QA 106 -78.36 -25.92 73.38
N ARG QA 107 -79.55 -26.48 73.53
CA ARG QA 107 -80.19 -26.56 74.84
C ARG QA 107 -79.32 -27.27 75.87
N ARG QA 108 -78.62 -28.32 75.47
CA ARG QA 108 -77.83 -29.03 76.47
C ARG QA 108 -76.56 -28.27 76.83
N VAL QA 109 -75.93 -27.59 75.87
CA VAL QA 109 -74.80 -26.73 76.21
C VAL QA 109 -75.24 -25.61 77.13
N LEU QA 110 -76.38 -24.98 76.83
CA LEU QA 110 -76.93 -23.95 77.70
C LEU QA 110 -77.23 -24.50 79.09
N LYS QA 111 -77.81 -25.69 79.18
CA LYS QA 111 -78.17 -26.22 80.48
C LYS QA 111 -76.94 -26.64 81.26
N CYS QA 112 -75.87 -27.06 80.57
CA CYS QA 112 -74.64 -27.45 81.26
C CYS QA 112 -73.83 -26.26 81.72
N ARG QA 113 -73.83 -25.17 80.96
CA ARG QA 113 -73.13 -23.97 81.39
C ARG QA 113 -74.04 -23.03 82.19
N ASP QA 114 -75.29 -23.43 82.38
CA ASP QA 114 -76.29 -22.68 83.14
C ASP QA 114 -76.35 -21.22 82.71
N LEU QA 115 -76.82 -21.02 81.48
CA LEU QA 115 -77.28 -19.70 81.06
C LEU QA 115 -78.51 -19.80 80.17
N ASP QA 116 -79.22 -20.92 80.20
CA ASP QA 116 -80.38 -21.12 79.34
C ASP QA 116 -81.51 -20.16 79.66
N GLN QA 117 -81.74 -19.90 80.95
CA GLN QA 117 -82.92 -19.12 81.33
C GLN QA 117 -82.78 -17.68 80.87
N GLU QA 118 -81.54 -17.18 80.79
CA GLU QA 118 -81.32 -15.87 80.18
C GLU QA 118 -81.12 -15.96 78.67
N TYR QA 119 -80.84 -17.15 78.13
CA TYR QA 119 -80.82 -17.33 76.68
C TYR QA 119 -81.69 -18.53 76.28
N GLU QA 120 -83.01 -18.31 76.27
CA GLU QA 120 -83.94 -19.33 75.83
C GLU QA 120 -84.03 -19.45 74.32
N GLY QA 121 -83.52 -18.49 73.57
CA GLY QA 121 -83.62 -18.54 72.11
C GLY QA 121 -85.01 -18.20 71.62
N ASN QA 122 -85.35 -18.72 70.43
CA ASN QA 122 -86.74 -18.75 70.00
C ASN QA 122 -87.43 -19.96 70.61
N VAL QA 123 -88.51 -19.72 71.36
CA VAL QA 123 -89.27 -20.82 71.93
C VAL QA 123 -89.90 -21.64 70.83
N GLU QA 124 -90.31 -21.00 69.74
CA GLU QA 124 -90.90 -21.63 68.58
C GLU QA 124 -89.97 -21.45 67.38
N ALA QA 125 -89.89 -22.46 66.54
CA ALA QA 125 -88.99 -22.37 65.39
C ALA QA 125 -89.52 -21.37 64.38
N THR QA 126 -88.59 -20.70 63.72
CA THR QA 126 -88.92 -19.86 62.58
C THR QA 126 -87.76 -19.91 61.59
N GLY QA 127 -88.05 -19.56 60.35
CA GLY QA 127 -87.02 -19.56 59.34
C GLY QA 127 -86.29 -18.24 59.23
N GLU QA 128 -86.99 -17.15 59.56
CA GLU QA 128 -86.40 -15.81 59.48
C GLU QA 128 -85.20 -15.73 60.40
N ASP QA 129 -84.06 -15.27 59.87
CA ASP QA 129 -82.79 -15.57 60.50
C ASP QA 129 -82.73 -14.99 61.90
N PHE QA 130 -82.04 -15.69 62.78
CA PHE QA 130 -82.08 -15.43 64.21
C PHE QA 130 -80.68 -15.20 64.72
N SER QA 131 -80.52 -14.11 65.47
CA SER QA 131 -79.34 -13.92 66.31
C SER QA 131 -79.83 -13.40 67.65
N VAL QA 132 -79.09 -13.66 68.68
CA VAL QA 132 -79.55 -13.37 70.02
C VAL QA 132 -79.04 -12.00 70.46
N GLU QA 133 -79.79 -11.34 71.32
CA GLU QA 133 -79.26 -10.16 71.97
C GLU QA 133 -78.28 -10.58 73.05
N PRO QA 134 -77.07 -10.09 73.02
CA PRO QA 134 -76.11 -10.39 74.10
C PRO QA 134 -76.36 -9.53 75.32
N ALA QA 135 -77.60 -9.04 75.43
CA ALA QA 135 -78.00 -7.84 76.16
C ALA QA 135 -77.22 -7.52 77.44
N ASP QA 136 -77.18 -8.41 78.42
CA ASP QA 136 -76.74 -7.99 79.74
C ASP QA 136 -75.83 -9.03 80.38
N GLU QA 137 -74.54 -8.72 80.46
CA GLU QA 137 -73.62 -9.31 81.43
C GLU QA 137 -73.27 -10.76 81.15
N ARG QA 138 -73.97 -11.37 80.22
CA ARG QA 138 -73.81 -12.79 79.90
C ARG QA 138 -73.76 -12.92 78.39
N ARG QA 139 -72.60 -13.12 77.84
CA ARG QA 139 -72.62 -13.27 76.40
C ARG QA 139 -72.90 -14.73 76.03
N PRO QA 140 -73.57 -14.97 74.91
CA PRO QA 140 -73.94 -16.34 74.55
C PRO QA 140 -72.73 -17.19 74.26
N PHE QA 141 -72.89 -18.50 74.46
CA PHE QA 141 -71.83 -19.44 74.15
C PHE QA 141 -71.52 -19.37 72.66
N ARG QA 142 -70.25 -19.20 72.31
CA ARG QA 142 -69.85 -18.92 70.95
C ARG QA 142 -69.14 -20.12 70.37
N ALA QA 143 -69.64 -20.61 69.24
CA ALA QA 143 -69.11 -21.80 68.62
C ALA QA 143 -68.80 -21.53 67.16
N LEU QA 144 -68.04 -22.45 66.57
CA LEU QA 144 -67.58 -22.33 65.19
C LEU QA 144 -67.98 -23.59 64.44
N LEU QA 145 -68.83 -23.44 63.43
CA LEU QA 145 -69.42 -24.60 62.80
C LEU QA 145 -68.38 -25.35 61.99
N ASP QA 146 -68.43 -26.67 62.03
CA ASP QA 146 -67.45 -27.51 61.37
C ASP QA 146 -68.19 -28.53 60.52
N VAL QA 147 -68.32 -28.26 59.23
CA VAL QA 147 -68.99 -29.21 58.35
C VAL QA 147 -68.17 -30.48 58.21
N GLY QA 148 -66.87 -30.34 58.03
CA GLY QA 148 -66.07 -31.48 57.67
C GLY QA 148 -65.84 -31.51 56.18
N LEU QA 149 -66.22 -32.61 55.52
CA LEU QA 149 -65.94 -32.80 54.12
C LEU QA 149 -67.13 -32.48 53.22
N ILE QA 150 -68.30 -32.21 53.79
CA ILE QA 150 -69.50 -32.04 52.98
C ILE QA 150 -69.39 -30.76 52.16
N ARG QA 151 -69.98 -30.79 50.97
CA ARG QA 151 -70.09 -29.61 50.15
C ARG QA 151 -71.15 -28.68 50.74
N THR QA 152 -70.78 -27.47 51.12
CA THR QA 152 -71.74 -26.56 51.74
C THR QA 152 -72.60 -25.93 50.66
N THR QA 153 -73.50 -26.73 50.12
CA THR QA 153 -74.49 -26.25 49.16
C THR QA 153 -75.74 -25.76 49.88
N THR QA 154 -76.49 -24.91 49.20
CA THR QA 154 -77.69 -24.37 49.80
C THR QA 154 -78.67 -25.49 50.13
N GLY QA 155 -79.27 -25.41 51.31
CA GLY QA 155 -80.21 -26.42 51.75
C GLY QA 155 -79.61 -27.51 52.59
N ASN QA 156 -78.34 -27.40 52.96
CA ASN QA 156 -77.68 -28.53 53.57
C ASN QA 156 -78.19 -28.78 54.97
N ARG QA 157 -78.34 -30.07 55.31
CA ARG QA 157 -78.77 -30.41 56.65
C ARG QA 157 -77.84 -29.80 57.69
N VAL QA 158 -76.56 -29.60 57.34
CA VAL QA 158 -75.68 -28.92 58.26
C VAL QA 158 -76.19 -27.53 58.57
N PHE QA 159 -76.83 -26.88 57.63
CA PHE QA 159 -77.28 -25.54 57.89
C PHE QA 159 -78.66 -25.54 58.51
N GLY QA 160 -79.39 -26.65 58.39
CA GLY QA 160 -80.52 -26.86 59.27
C GLY QA 160 -80.10 -27.04 60.71
N ALA QA 161 -79.04 -27.82 60.92
CA ALA QA 161 -78.50 -27.98 62.27
C ALA QA 161 -77.97 -26.65 62.79
N LEU QA 162 -77.39 -25.83 61.92
CA LEU QA 162 -77.01 -24.48 62.31
C LEU QA 162 -78.23 -23.71 62.79
N LYS QA 163 -79.33 -23.76 62.03
CA LYS QA 163 -80.51 -23.03 62.46
C LYS QA 163 -81.02 -23.55 63.79
N GLY QA 164 -81.01 -24.86 64.00
CA GLY QA 164 -81.43 -25.40 65.28
C GLY QA 164 -80.52 -25.01 66.42
N ALA QA 165 -79.21 -24.99 66.16
CA ALA QA 165 -78.26 -24.60 67.20
C ALA QA 165 -78.46 -23.15 67.59
N LEU QA 166 -78.74 -22.28 66.63
CA LEU QA 166 -79.12 -20.92 67.00
C LEU QA 166 -80.45 -20.88 67.72
N ASP QA 167 -81.46 -21.56 67.20
CA ASP QA 167 -82.76 -21.51 67.85
C ASP QA 167 -82.72 -22.03 69.26
N GLY QA 168 -81.69 -22.80 69.62
CA GLY QA 168 -81.48 -23.11 71.02
C GLY QA 168 -80.87 -21.97 71.80
N GLY QA 169 -80.26 -21.01 71.14
CA GLY QA 169 -79.66 -19.87 71.80
C GLY QA 169 -78.18 -19.71 71.60
N LEU QA 170 -77.48 -20.70 71.04
CA LEU QA 170 -76.05 -20.57 70.83
C LEU QA 170 -75.74 -19.46 69.85
N ASP QA 171 -74.53 -18.92 69.95
CA ASP QA 171 -74.00 -17.97 68.99
C ASP QA 171 -73.03 -18.72 68.09
N ILE QA 172 -73.35 -18.78 66.80
CA ILE QA 172 -72.48 -19.35 65.79
C ILE QA 172 -72.43 -18.36 64.62
N PRO QA 173 -71.28 -17.82 64.28
CA PRO QA 173 -71.23 -16.86 63.18
C PRO QA 173 -71.74 -17.51 61.91
N HIS QA 174 -72.54 -16.76 61.16
CA HIS QA 174 -73.33 -17.38 60.10
C HIS QA 174 -73.82 -16.31 59.17
N SER QA 175 -74.43 -16.75 58.08
CA SER QA 175 -75.30 -15.93 57.25
C SER QA 175 -76.24 -16.83 56.49
N ASP QA 176 -77.30 -16.24 55.98
CA ASP QA 176 -78.40 -16.97 55.39
C ASP QA 176 -78.15 -17.42 53.97
N LYS QA 177 -76.91 -17.47 53.52
CA LYS QA 177 -76.67 -17.81 52.13
C LYS QA 177 -76.68 -19.31 51.87
N ARG QA 178 -76.95 -20.12 52.87
CA ARG QA 178 -77.00 -21.55 52.69
C ARG QA 178 -78.17 -22.22 53.41
N PHE QA 179 -79.00 -21.47 54.12
CA PHE QA 179 -80.19 -22.06 54.68
C PHE QA 179 -81.07 -22.57 53.55
N ALA QA 180 -81.79 -23.64 53.81
CA ALA QA 180 -82.67 -24.19 52.78
C ALA QA 180 -83.70 -23.14 52.39
N GLY QA 181 -83.95 -23.03 51.08
CA GLY QA 181 -84.92 -22.09 50.61
C GLY QA 181 -84.40 -20.70 50.34
N PHE QA 182 -83.10 -20.48 50.40
CA PHE QA 182 -82.54 -19.21 49.98
C PHE QA 182 -82.83 -18.98 48.50
N LYS QA 183 -83.23 -17.76 48.15
CA LYS QA 183 -83.51 -17.41 46.76
C LYS QA 183 -82.20 -17.00 46.11
N LYS QA 184 -81.54 -17.98 45.48
CA LYS QA 184 -80.20 -17.77 44.94
C LYS QA 184 -80.20 -16.76 43.81
N ASP QA 185 -81.35 -16.54 43.18
CA ASP QA 185 -81.52 -15.53 42.15
C ASP QA 185 -81.75 -14.15 42.75
N GLU QA 186 -82.65 -14.08 43.73
CA GLU QA 186 -83.13 -12.81 44.28
C GLU QA 186 -82.36 -12.35 45.49
N LYS QA 187 -81.66 -13.26 46.18
CA LYS QA 187 -80.72 -12.94 47.26
C LYS QA 187 -81.45 -12.49 48.53
N GLN QA 188 -82.49 -13.24 48.90
CA GLN QA 188 -83.04 -13.20 50.25
C GLN QA 188 -83.73 -14.54 50.52
N LEU QA 189 -83.80 -14.91 51.80
CA LEU QA 189 -84.53 -16.11 52.16
C LEU QA 189 -86.02 -15.95 51.97
N ASP QA 190 -86.71 -17.07 51.93
CA ASP QA 190 -88.16 -17.10 52.09
C ASP QA 190 -88.48 -17.68 53.46
N ALA QA 191 -89.14 -16.86 54.28
CA ALA QA 191 -89.53 -17.30 55.61
C ALA QA 191 -90.36 -18.57 55.53
N GLU QA 192 -91.38 -18.58 54.67
CA GLU QA 192 -92.28 -19.73 54.61
C GLU QA 192 -91.56 -20.99 54.13
N ILE QA 193 -90.69 -20.88 53.14
CA ILE QA 193 -90.08 -22.12 52.66
C ILE QA 193 -89.07 -22.64 53.67
N HIS QA 194 -88.38 -21.76 54.40
CA HIS QA 194 -87.47 -22.30 55.41
C HIS QA 194 -88.26 -22.88 56.57
N ARG QA 195 -89.34 -22.22 56.96
CA ARG QA 195 -90.32 -22.79 57.89
C ARG QA 195 -90.79 -24.17 57.43
N LYS QA 196 -91.06 -24.33 56.14
CA LYS QA 196 -91.50 -25.61 55.62
C LYS QA 196 -90.43 -26.67 55.80
N TYR QA 197 -89.18 -26.31 55.50
CA TYR QA 197 -88.11 -27.28 55.62
C TYR QA 197 -87.89 -27.65 57.08
N ILE QA 198 -87.88 -26.66 57.97
CA ILE QA 198 -87.59 -26.90 59.39
C ILE QA 198 -88.68 -27.75 60.02
N TYR QA 199 -89.93 -27.51 59.67
CA TYR QA 199 -91.03 -28.35 60.15
C TYR QA 199 -91.47 -29.33 59.10
N GLY QA 200 -90.53 -29.84 58.33
CA GLY QA 200 -90.73 -31.09 57.64
C GLY QA 200 -91.74 -31.03 56.53
N GLY QA 201 -91.95 -29.86 55.96
CA GLY QA 201 -92.85 -29.78 54.83
C GLY QA 201 -92.32 -30.47 53.60
N HIS QA 202 -91.00 -30.52 53.44
CA HIS QA 202 -90.47 -31.04 52.19
C HIS QA 202 -90.62 -32.56 52.11
N VAL QA 203 -90.75 -33.23 53.24
CA VAL QA 203 -91.15 -34.63 53.18
C VAL QA 203 -92.66 -34.75 53.12
N ALA QA 204 -93.40 -33.82 53.71
CA ALA QA 204 -94.85 -33.93 53.70
C ALA QA 204 -95.41 -33.83 52.29
N ASP QA 205 -94.88 -32.90 51.50
CA ASP QA 205 -95.42 -32.75 50.16
C ASP QA 205 -95.01 -33.92 49.28
N TYR QA 206 -93.84 -34.52 49.51
CA TYR QA 206 -93.49 -35.70 48.75
C TYR QA 206 -94.24 -36.92 49.21
N MET QA 207 -94.60 -37.02 50.48
CA MET QA 207 -95.50 -38.08 50.88
C MET QA 207 -96.83 -37.95 50.17
N LYS QA 208 -97.37 -36.73 50.10
CA LYS QA 208 -98.61 -36.54 49.35
C LYS QA 208 -98.41 -36.81 47.86
N SER QA 209 -97.27 -36.42 47.31
CA SER QA 209 -97.03 -36.63 45.89
C SER QA 209 -96.96 -38.11 45.54
N LEU QA 210 -96.29 -38.90 46.36
CA LEU QA 210 -96.34 -40.33 46.09
C LEU QA 210 -97.73 -40.90 46.36
N ALA QA 211 -98.38 -40.49 47.43
CA ALA QA 211 -99.68 -41.03 47.76
C ALA QA 211 -100.73 -40.75 46.70
N ASP QA 212 -100.56 -39.71 45.88
CA ASP QA 212 -101.61 -39.43 44.90
C ASP QA 212 -101.49 -40.34 43.69
N GLU QA 213 -100.37 -40.30 42.98
CA GLU QA 213 -100.18 -41.07 41.75
C GLU QA 213 -98.97 -41.98 41.78
N GLU QA 214 -98.73 -42.65 42.90
CA GLU QA 214 -97.65 -43.63 42.98
C GLU QA 214 -97.84 -44.41 44.27
N PRO QA 215 -98.78 -45.36 44.30
CA PRO QA 215 -99.08 -46.02 45.56
C PRO QA 215 -98.09 -47.12 45.94
N GLU QA 216 -97.42 -47.74 44.98
CA GLU QA 216 -96.49 -48.82 45.29
C GLU QA 216 -95.14 -48.31 45.78
N LYS QA 217 -94.64 -47.23 45.19
CA LYS QA 217 -93.43 -46.61 45.70
C LYS QA 217 -93.65 -45.96 47.04
N TYR QA 218 -94.83 -45.38 47.27
CA TYR QA 218 -95.11 -44.83 48.59
C TYR QA 218 -94.95 -45.89 49.66
N GLN QA 219 -95.44 -47.10 49.40
CA GLN QA 219 -95.38 -48.18 50.37
C GLN QA 219 -93.97 -48.76 50.47
N SER QA 220 -93.26 -48.91 49.34
CA SER QA 220 -91.90 -49.43 49.41
C SER QA 220 -90.91 -48.41 49.95
N HIS QA 221 -91.26 -47.12 49.90
CA HIS QA 221 -90.35 -46.02 50.13
C HIS QA 221 -90.51 -45.38 51.49
N PHE QA 222 -91.70 -45.45 52.09
CA PHE QA 222 -91.87 -44.90 53.43
C PHE QA 222 -92.41 -45.94 54.39
N SER QA 223 -91.82 -47.13 54.39
CA SER QA 223 -92.36 -48.21 55.21
C SER QA 223 -92.51 -47.79 56.66
N GLU QA 224 -91.48 -47.18 57.23
CA GLU QA 224 -91.51 -46.91 58.67
C GLU QA 224 -92.54 -45.84 59.01
N TYR QA 225 -92.67 -44.83 58.16
CA TYR QA 225 -93.77 -43.87 58.31
C TYR QA 225 -95.11 -44.58 58.34
N ILE QA 226 -95.32 -45.52 57.42
CA ILE QA 226 -96.56 -46.28 57.42
C ILE QA 226 -96.74 -46.99 58.75
N LYS QA 227 -95.81 -47.89 59.09
CA LYS QA 227 -95.99 -48.77 60.23
C LYS QA 227 -95.92 -48.04 61.56
N LYS QA 228 -95.51 -46.78 61.58
CA LYS QA 228 -95.73 -45.93 62.73
C LYS QA 228 -96.88 -44.96 62.52
N GLY QA 229 -97.65 -45.13 61.44
CA GLY QA 229 -98.94 -44.48 61.33
C GLY QA 229 -98.87 -42.97 61.28
N ILE QA 230 -97.84 -42.43 60.63
CA ILE QA 230 -97.65 -40.99 60.54
C ILE QA 230 -97.84 -40.50 59.11
N GLU QA 231 -99.06 -40.10 58.78
CA GLU QA 231 -99.28 -39.59 57.44
C GLU QA 231 -98.56 -38.26 57.28
N ALA QA 232 -98.41 -37.82 56.03
CA ALA QA 232 -97.88 -36.49 55.76
C ALA QA 232 -98.71 -35.40 56.39
N ASP QA 233 -99.86 -35.74 56.93
CA ASP QA 233 -100.77 -34.75 57.49
C ASP QA 233 -100.34 -34.28 58.87
N ASN QA 234 -99.50 -35.04 59.57
CA ASN QA 234 -99.26 -34.86 60.99
C ASN QA 234 -97.79 -34.56 61.28
N MET QA 235 -97.10 -33.91 60.37
CA MET QA 235 -95.65 -33.71 60.54
C MET QA 235 -95.34 -32.46 61.35
N GLU QA 236 -95.97 -31.33 60.99
CA GLU QA 236 -95.63 -30.09 61.68
C GLU QA 236 -95.91 -30.21 63.16
N ALA QA 237 -97.12 -30.63 63.54
CA ALA QA 237 -97.48 -30.70 64.95
C ALA QA 237 -96.61 -31.71 65.68
N LEU QA 238 -96.25 -32.80 65.00
CA LEU QA 238 -95.27 -33.72 65.56
C LEU QA 238 -93.99 -33.01 65.94
N TYR QA 239 -93.48 -32.20 65.03
CA TYR QA 239 -92.25 -31.48 65.32
C TYR QA 239 -92.45 -30.45 66.42
N LYS QA 240 -93.63 -29.85 66.52
CA LYS QA 240 -93.91 -29.05 67.70
C LYS QA 240 -93.69 -29.84 68.98
N LYS QA 241 -94.32 -31.01 69.08
CA LYS QA 241 -94.16 -31.78 70.33
C LYS QA 241 -92.73 -32.24 70.56
N VAL QA 242 -92.02 -32.66 69.51
CA VAL QA 242 -90.65 -33.12 69.75
C VAL QA 242 -89.77 -31.96 70.18
N HIS QA 243 -89.97 -30.77 69.61
CA HIS QA 243 -89.17 -29.62 70.02
C HIS QA 243 -89.51 -29.21 71.45
N ALA QA 244 -90.77 -29.33 71.85
CA ALA QA 244 -91.10 -29.05 73.24
C ALA QA 244 -90.39 -30.02 74.18
N ALA QA 245 -90.37 -31.30 73.82
CA ALA QA 245 -89.65 -32.29 74.63
C ALA QA 245 -88.16 -31.99 74.70
N ILE QA 246 -87.58 -31.57 73.57
CA ILE QA 246 -86.17 -31.21 73.54
C ILE QA 246 -85.89 -30.02 74.43
N ARG QA 247 -86.72 -28.99 74.36
CA ARG QA 247 -86.47 -27.79 75.16
C ARG QA 247 -86.78 -28.01 76.63
N ALA QA 248 -87.61 -28.99 76.96
CA ALA QA 248 -87.94 -29.25 78.35
C ALA QA 248 -87.01 -30.24 79.05
N ASP QA 249 -86.43 -31.22 78.34
CA ASP QA 249 -85.61 -32.25 78.97
C ASP QA 249 -84.27 -32.44 78.25
N PRO QA 250 -83.36 -31.46 78.32
CA PRO QA 250 -82.05 -31.67 77.66
C PRO QA 250 -81.07 -32.42 78.57
N THR QA 251 -81.26 -33.71 78.76
CA THR QA 251 -80.29 -34.45 79.58
C THR QA 251 -79.93 -35.80 78.98
N LYS QA 264 -65.94 -63.74 74.92
CA LYS QA 264 -65.36 -62.40 74.88
C LYS QA 264 -64.49 -62.23 73.64
N ARG QA 265 -63.69 -63.26 73.33
CA ARG QA 265 -62.79 -63.16 72.19
C ARG QA 265 -63.44 -63.61 70.90
N TYR QA 266 -63.33 -62.77 69.87
CA TYR QA 266 -63.84 -63.07 68.55
C TYR QA 266 -62.87 -62.76 67.43
N ASN QA 267 -61.91 -61.85 67.62
CA ASN QA 267 -60.79 -61.56 66.74
C ASN QA 267 -59.55 -62.34 67.20
N PRO QA 268 -58.70 -62.78 66.29
CA PRO QA 268 -57.57 -63.63 66.70
C PRO QA 268 -56.40 -62.83 67.27
N LYS QA 269 -55.81 -63.37 68.33
CA LYS QA 269 -54.61 -62.85 68.96
C LYS QA 269 -53.46 -62.89 67.97
N LYS QA 270 -52.48 -62.00 68.15
CA LYS QA 270 -51.21 -62.17 67.44
C LYS QA 270 -50.50 -63.39 67.97
N LEU QA 271 -50.38 -64.42 67.14
CA LEU QA 271 -49.65 -65.62 67.56
C LEU QA 271 -48.23 -65.24 67.91
N THR QA 272 -47.73 -65.77 69.02
CA THR QA 272 -46.48 -65.30 69.59
C THR QA 272 -45.29 -66.05 68.98
N TYR QA 273 -44.10 -65.63 69.42
CA TYR QA 273 -42.87 -66.00 68.73
C TYR QA 273 -42.64 -67.49 68.73
N GLU QA 274 -43.00 -68.18 69.82
CA GLU QA 274 -42.67 -69.60 69.91
C GLU QA 274 -43.45 -70.43 68.89
N GLN QA 275 -44.76 -70.20 68.81
CA GLN QA 275 -45.55 -70.92 67.80
C GLN QA 275 -45.24 -70.42 66.40
N ARG QA 276 -44.92 -69.14 66.26
CA ARG QA 276 -44.49 -68.61 64.97
C ARG QA 276 -43.25 -69.32 64.47
N LYS QA 277 -42.25 -69.47 65.35
CA LYS QA 277 -41.00 -70.06 64.97
C LYS QA 277 -41.16 -71.57 64.73
N ALA QA 278 -42.07 -72.21 65.46
CA ALA QA 278 -42.33 -73.63 65.20
C ALA QA 278 -43.05 -73.83 63.88
N SER QA 279 -44.08 -73.05 63.62
CA SER QA 279 -44.77 -73.14 62.34
C SER QA 279 -43.80 -72.86 61.20
N LEU QA 280 -42.84 -71.95 61.41
CA LEU QA 280 -41.92 -71.64 60.34
C LEU QA 280 -41.07 -72.83 59.97
N VAL QA 281 -40.48 -73.49 60.98
CA VAL QA 281 -39.69 -74.68 60.66
C VAL QA 281 -40.58 -75.75 60.06
N GLU QA 282 -41.88 -75.74 60.38
CA GLU QA 282 -42.77 -76.73 59.77
C GLU QA 282 -42.95 -76.48 58.28
N ARG QA 283 -43.21 -75.22 57.89
CA ARG QA 283 -43.25 -74.90 56.47
C ARG QA 283 -41.92 -75.21 55.82
N LEU QA 284 -40.84 -75.00 56.56
CA LEU QA 284 -39.52 -75.17 55.96
C LEU QA 284 -39.26 -76.64 55.68
N ASN QA 285 -39.53 -77.51 56.66
CA ASN QA 285 -39.38 -78.93 56.45
C ASN QA 285 -40.31 -79.44 55.36
N ALA QA 286 -41.55 -78.93 55.32
CA ALA QA 286 -42.44 -79.32 54.24
C ALA QA 286 -41.83 -79.02 52.88
N LEU QA 287 -41.41 -77.77 52.68
CA LEU QA 287 -40.89 -77.37 51.38
C LEU QA 287 -39.58 -78.10 51.06
N ASN QA 288 -38.68 -78.21 52.02
CA ASN QA 288 -37.39 -78.78 51.74
C ASN QA 288 -37.49 -80.28 51.46
N SER QA 289 -38.11 -81.03 52.37
CA SER QA 289 -38.21 -82.47 52.17
C SER QA 289 -39.01 -82.78 50.92
N SER QA 290 -40.12 -82.08 50.70
CA SER QA 290 -40.87 -82.26 49.46
C SER QA 290 -40.05 -81.75 48.28
N ALA QA 291 -40.12 -82.46 47.16
CA ALA QA 291 -39.38 -82.08 45.96
C ALA QA 291 -37.90 -81.85 46.25
N VAL RA 2 70.41 50.57 32.43
CA VAL RA 2 69.72 51.83 32.30
C VAL RA 2 68.73 51.72 31.16
N SER RA 3 67.45 51.94 31.47
CA SER RA 3 66.43 51.84 30.45
C SER RA 3 66.45 53.04 29.51
N LEU RA 4 66.50 52.76 28.21
CA LEU RA 4 66.47 53.77 27.15
C LEU RA 4 65.25 53.59 26.27
N LYS RA 5 64.13 53.15 26.84
CA LYS RA 5 62.92 53.02 26.05
C LYS RA 5 62.33 54.39 25.68
N LEU RA 6 62.73 55.45 26.38
CA LEU RA 6 62.39 56.79 25.91
C LEU RA 6 63.32 57.26 24.80
N GLN RA 7 64.45 56.59 24.60
CA GLN RA 7 65.41 57.03 23.60
C GLN RA 7 65.45 56.19 22.34
N LYS RA 8 64.97 54.95 22.36
CA LYS RA 8 64.66 54.28 21.10
C LYS RA 8 63.49 54.95 20.40
N ARG RA 9 62.42 55.21 21.13
CA ARG RA 9 61.50 56.22 20.68
C ARG RA 9 62.19 57.58 20.85
N LEU RA 10 61.70 58.60 20.14
CA LEU RA 10 62.35 59.89 20.00
C LEU RA 10 63.56 59.81 19.08
N ALA RA 11 64.00 58.61 18.76
CA ALA RA 11 65.11 58.41 17.83
C ALA RA 11 64.64 57.74 16.56
N SER RA 12 63.77 56.76 16.67
CA SER RA 12 63.08 56.29 15.48
C SER RA 12 62.22 57.38 14.90
N SER RA 13 61.76 58.30 15.73
CA SER RA 13 60.98 59.43 15.25
C SER RA 13 61.85 60.48 14.57
N VAL RA 14 63.02 60.77 15.13
CA VAL RA 14 63.87 61.81 14.57
C VAL RA 14 64.64 61.30 13.36
N LEU RA 15 65.31 60.16 13.51
CA LEU RA 15 66.02 59.50 12.41
C LEU RA 15 65.07 58.97 11.35
N LYS RA 16 63.77 58.99 11.63
CA LYS RA 16 62.73 58.65 10.67
C LYS RA 16 62.98 57.25 10.14
N CYS RA 17 63.19 56.34 11.08
CA CYS RA 17 63.47 54.94 10.83
C CYS RA 17 62.54 54.13 11.71
N GLY RA 18 62.80 52.84 11.79
CA GLY RA 18 62.09 51.96 12.69
C GLY RA 18 62.94 51.63 13.90
N LYS RA 19 62.27 51.43 15.03
CA LYS RA 19 62.95 51.18 16.30
C LYS RA 19 64.02 50.11 16.19
N GLY RA 20 63.97 49.29 15.15
CA GLY RA 20 65.01 48.33 14.86
C GLY RA 20 66.14 48.84 14.02
N LYS RA 21 66.14 50.13 13.68
CA LYS RA 21 67.22 50.71 12.92
C LYS RA 21 68.00 51.74 13.70
N VAL RA 22 67.48 52.21 14.83
CA VAL RA 22 68.26 53.09 15.69
C VAL RA 22 69.37 52.26 16.31
N TRP RA 23 70.58 52.82 16.33
CA TRP RA 23 71.74 52.22 16.99
C TRP RA 23 72.20 53.19 18.06
N LEU RA 24 72.14 52.76 19.31
CA LEU RA 24 72.64 53.55 20.43
C LEU RA 24 73.92 52.90 20.93
N ASP RA 25 75.02 53.64 20.86
CA ASP RA 25 76.32 53.10 21.19
C ASP RA 25 76.28 52.57 22.62
N PRO RA 26 76.71 51.32 22.86
CA PRO RA 26 76.68 50.81 24.24
C PRO RA 26 77.59 51.57 25.19
N ASN RA 27 78.65 52.20 24.69
CA ASN RA 27 79.65 52.73 25.60
C ASN RA 27 79.21 54.01 26.28
N GLU RA 28 78.30 54.77 25.69
CA GLU RA 28 77.93 56.07 26.22
C GLU RA 28 76.45 56.10 26.56
N VAL RA 29 75.95 54.99 27.11
CA VAL RA 29 74.58 54.97 27.59
C VAL RA 29 74.40 56.00 28.70
N ASN RA 30 75.47 56.37 29.40
CA ASN RA 30 75.33 57.42 30.40
C ASN RA 30 74.84 58.71 29.78
N GLU RA 31 75.52 59.20 28.74
CA GLU RA 31 75.09 60.45 28.12
C GLU RA 31 73.79 60.27 27.34
N ILE RA 32 73.58 59.11 26.73
CA ILE RA 32 72.32 58.89 26.04
C ILE RA 32 71.16 59.00 27.02
N SER RA 33 71.30 58.35 28.19
CA SER RA 33 70.25 58.41 29.19
C SER RA 33 70.06 59.81 29.72
N MET RA 34 71.14 60.53 29.99
CA MET RA 34 70.97 61.91 30.43
C MET RA 34 70.39 62.79 29.33
N ALA RA 35 70.35 62.31 28.09
CA ALA RA 35 69.64 63.02 27.03
C ALA RA 35 68.16 62.75 27.14
N ASN RA 36 67.36 63.81 27.30
CA ASN RA 36 65.98 63.65 27.78
C ASN RA 36 64.95 64.35 26.90
N SER RA 37 65.27 64.67 25.66
CA SER RA 37 64.37 65.45 24.81
C SER RA 37 64.69 65.19 23.35
N ARG RA 38 63.78 65.58 22.47
CA ARG RA 38 64.07 65.44 21.04
C ARG RA 38 65.21 66.37 20.63
N GLN RA 39 65.27 67.56 21.23
CA GLN RA 39 66.40 68.46 21.01
C GLN RA 39 67.72 67.79 21.37
N ASN RA 40 67.77 67.13 22.53
CA ASN RA 40 69.00 66.48 22.93
C ASN RA 40 69.27 65.24 22.09
N ILE RA 41 68.24 64.57 21.59
CA ILE RA 41 68.50 63.49 20.65
C ILE RA 41 69.12 64.04 19.38
N ARG RA 42 68.66 65.20 18.91
CA ARG RA 42 69.27 65.76 17.71
C ARG RA 42 70.71 66.22 17.95
N LYS RA 43 71.03 66.75 19.13
CA LYS RA 43 72.45 67.04 19.31
C LYS RA 43 73.26 65.76 19.41
N LEU RA 44 72.68 64.68 19.94
CA LEU RA 44 73.43 63.42 19.99
C LEU RA 44 73.62 62.85 18.58
N VAL RA 45 72.62 63.01 17.73
CA VAL RA 45 72.75 62.52 16.36
C VAL RA 45 73.83 63.30 15.64
N LYS RA 46 73.85 64.62 15.81
CA LYS RA 46 74.86 65.43 15.15
C LYS RA 46 76.23 65.21 15.75
N ASP RA 47 76.32 64.79 17.01
CA ASP RA 47 77.58 64.47 17.65
C ASP RA 47 77.99 63.00 17.47
N GLY RA 48 77.17 62.18 16.83
CA GLY RA 48 77.60 60.88 16.38
C GLY RA 48 77.39 59.73 17.35
N PHE RA 49 76.67 59.94 18.44
CA PHE RA 49 76.42 58.83 19.37
C PHE RA 49 75.28 57.93 18.90
N ILE RA 50 74.31 58.48 18.18
CA ILE RA 50 73.11 57.75 17.76
C ILE RA 50 73.16 57.62 16.25
N ILE RA 51 73.01 56.41 15.73
CA ILE RA 51 73.21 56.21 14.31
C ILE RA 51 72.00 55.51 13.70
N ARG RA 52 71.71 55.84 12.44
CA ARG RA 52 70.87 55.00 11.59
C ARG RA 52 71.67 53.79 11.10
N LYS RA 53 71.23 52.59 11.45
CA LYS RA 53 71.85 51.42 10.88
C LYS RA 53 71.48 51.31 9.40
N PRO RA 54 72.37 50.76 8.58
CA PRO RA 54 72.07 50.64 7.16
C PRO RA 54 71.03 49.57 6.93
N GLN RA 55 70.25 49.76 5.88
CA GLN RA 55 69.17 48.83 5.58
C GLN RA 55 69.74 47.46 5.22
N LYS RA 56 69.10 46.42 5.73
CA LYS RA 56 69.49 45.06 5.38
C LYS RA 56 69.42 44.87 3.87
N ILE RA 57 70.39 44.15 3.32
CA ILE RA 57 70.53 44.10 1.88
C ILE RA 57 69.56 43.07 1.30
N HIS RA 58 68.79 43.50 0.32
CA HIS RA 58 67.97 42.61 -0.50
C HIS RA 58 68.39 42.86 -1.94
N SER RA 59 69.43 42.18 -2.38
CA SER RA 59 69.98 42.40 -3.70
C SER RA 59 69.26 41.50 -4.69
N ARG RA 60 68.85 42.08 -5.81
CA ARG RA 60 68.13 41.34 -6.84
C ARG RA 60 69.06 40.75 -7.88
N SER RA 61 70.30 40.46 -7.51
CA SER RA 61 71.27 40.05 -8.51
C SER RA 61 70.96 38.66 -9.08
N ARG RA 62 70.47 37.74 -8.25
CA ARG RA 62 70.06 36.46 -8.80
C ARG RA 62 68.81 36.60 -9.65
N ALA RA 63 67.91 37.51 -9.29
CA ALA RA 63 66.76 37.77 -10.15
C ALA RA 63 67.20 38.28 -11.51
N ARG RA 64 68.16 39.20 -11.53
CA ARG RA 64 68.64 39.75 -12.79
C ARG RA 64 69.35 38.69 -13.62
N ARG RA 65 70.15 37.86 -12.97
CA ARG RA 65 70.82 36.77 -13.69
C ARG RA 65 69.83 35.75 -14.23
N ALA RA 66 68.77 35.47 -13.48
CA ALA RA 66 67.74 34.56 -13.96
C ALA RA 66 67.03 35.13 -15.18
N HIS RA 67 66.64 36.40 -15.14
CA HIS RA 67 66.06 36.98 -16.34
C HIS RA 67 67.07 37.03 -17.49
N GLU RA 68 68.23 37.61 -17.26
CA GLU RA 68 69.24 37.70 -18.31
C GLU RA 68 69.62 36.34 -18.85
N ALA RA 69 69.23 35.25 -18.19
CA ALA RA 69 69.27 33.93 -18.78
C ALA RA 69 67.92 33.45 -19.29
N LYS RA 70 66.83 34.19 -19.04
CA LYS RA 70 65.58 33.86 -19.71
C LYS RA 70 65.45 34.53 -21.06
N GLN RA 71 65.90 35.78 -21.20
CA GLN RA 71 65.90 36.37 -22.54
C GLN RA 71 66.74 35.55 -23.51
N LYS RA 72 67.66 34.74 -23.01
CA LYS RA 72 68.30 33.76 -23.87
C LYS RA 72 67.49 32.49 -24.03
N GLY RA 73 66.24 32.50 -23.60
CA GLY RA 73 65.36 31.37 -23.84
C GLY RA 73 65.50 30.21 -22.89
N ARG RA 74 66.36 30.30 -21.89
CA ARG RA 74 66.48 29.23 -20.93
C ARG RA 74 65.33 29.31 -19.93
N HIS RA 75 65.29 28.33 -19.03
CA HIS RA 75 64.42 28.30 -17.87
C HIS RA 75 62.95 28.22 -18.21
N SER RA 76 62.58 28.15 -19.47
CA SER RA 76 61.22 27.81 -19.85
C SER RA 76 61.17 26.31 -20.13
N GLY RA 77 60.06 25.84 -20.67
CA GLY RA 77 59.92 24.43 -20.94
C GLY RA 77 58.83 23.81 -20.10
N TYR RA 78 58.68 22.50 -20.28
CA TYR RA 78 57.49 21.79 -19.88
C TYR RA 78 57.50 21.41 -18.42
N GLY RA 79 58.55 21.73 -17.69
CA GLY RA 79 58.57 21.54 -16.25
C GLY RA 79 58.55 22.87 -15.52
N LYS RA 80 59.10 23.89 -16.15
CA LYS RA 80 59.01 25.23 -15.64
C LYS RA 80 57.73 25.92 -16.06
N ARG RA 81 56.84 25.18 -16.70
CA ARG RA 81 55.56 25.71 -17.16
C ARG RA 81 54.48 25.16 -16.24
N ARG RA 82 53.74 26.05 -15.57
CA ARG RA 82 52.68 25.61 -14.68
C ARG RA 82 51.39 26.40 -14.85
N GLY RA 83 51.31 27.23 -15.87
CA GLY RA 83 50.07 27.89 -16.24
C GLY RA 83 49.59 27.39 -17.58
N THR RA 84 48.30 27.52 -17.83
CA THR RA 84 47.77 27.17 -19.13
C THR RA 84 47.97 28.32 -20.11
N ARG RA 85 48.16 27.95 -21.38
CA ARG RA 85 48.51 28.85 -22.47
C ARG RA 85 47.75 30.16 -22.40
N GLU RA 86 46.45 30.07 -22.16
CA GLU RA 86 45.62 31.28 -22.08
C GLU RA 86 46.03 32.15 -20.90
N ALA RA 87 46.35 31.53 -19.77
CA ALA RA 87 46.73 32.30 -18.59
C ALA RA 87 48.11 32.93 -18.78
N ARG RA 88 49.02 32.22 -19.44
CA ARG RA 88 50.36 32.76 -19.60
C ARG RA 88 50.37 33.88 -20.63
N LEU RA 89 49.61 33.73 -21.70
CA LEU RA 89 49.45 34.76 -22.72
C LEU RA 89 48.14 34.53 -23.43
N PRO RA 90 47.13 35.35 -23.17
CA PRO RA 90 45.81 35.09 -23.72
C PRO RA 90 45.81 35.06 -25.25
N THR RA 91 45.08 34.10 -25.81
CA THR RA 91 44.83 34.08 -27.22
C THR RA 91 44.17 35.38 -27.67
N LYS RA 92 43.37 35.99 -26.81
CA LYS RA 92 42.78 37.26 -27.17
C LYS RA 92 43.84 38.35 -27.31
N ILE RA 93 44.88 38.34 -26.48
CA ILE RA 93 45.92 39.36 -26.65
C ILE RA 93 46.76 39.08 -27.87
N LEU RA 94 47.10 37.82 -28.12
CA LEU RA 94 47.76 37.51 -29.38
C LEU RA 94 46.96 38.07 -30.55
N TRP RA 95 45.66 37.80 -30.57
CA TRP RA 95 44.80 38.28 -31.65
C TRP RA 95 44.82 39.78 -31.74
N MET RA 96 44.70 40.44 -30.60
CA MET RA 96 44.59 41.90 -30.58
C MET RA 96 45.86 42.55 -31.11
N ARG RA 97 47.02 42.04 -30.69
CA ARG RA 97 48.27 42.55 -31.21
C ARG RA 97 48.38 42.29 -32.70
N ARG RA 98 48.17 41.04 -33.13
CA ARG RA 98 48.36 40.71 -34.54
C ARG RA 98 47.37 41.44 -35.43
N MET RA 99 46.18 41.75 -34.92
CA MET RA 99 45.24 42.57 -35.70
C MET RA 99 45.71 44.01 -35.79
N ARG RA 100 46.13 44.61 -34.69
CA ARG RA 100 46.62 45.99 -34.82
C ARG RA 100 47.84 46.05 -35.72
N VAL RA 101 48.66 45.00 -35.72
CA VAL RA 101 49.82 44.93 -36.60
C VAL RA 101 49.39 44.93 -38.07
N LEU RA 102 48.64 43.91 -38.46
CA LEU RA 102 48.24 43.84 -39.87
C LEU RA 102 47.47 45.08 -40.27
N ARG RA 103 46.63 45.59 -39.38
CA ARG RA 103 45.77 46.72 -39.71
C ARG RA 103 46.57 48.00 -39.87
N ARG RA 104 47.58 48.21 -39.03
CA ARG RA 104 48.34 49.45 -39.20
C ARG RA 104 49.23 49.35 -40.41
N LEU RA 105 49.71 48.14 -40.73
CA LEU RA 105 50.35 47.96 -42.02
C LEU RA 105 49.43 48.37 -43.16
N LEU RA 106 48.17 47.93 -43.10
CA LEU RA 106 47.25 48.23 -44.18
C LEU RA 106 46.98 49.72 -44.30
N ARG RA 107 46.87 50.42 -43.17
CA ARG RA 107 46.67 51.86 -43.25
C ARG RA 107 47.91 52.56 -43.78
N LYS RA 108 49.09 52.05 -43.43
CA LYS RA 108 50.33 52.62 -43.97
C LYS RA 108 50.40 52.46 -45.48
N TYR RA 109 49.96 51.31 -45.99
CA TYR RA 109 49.95 51.11 -47.43
C TYR RA 109 48.92 52.01 -48.09
N ARG RA 110 47.70 52.03 -47.57
CA ARG RA 110 46.66 52.87 -48.15
C ARG RA 110 47.04 54.33 -48.13
N GLU RA 111 47.92 54.74 -47.20
CA GLU RA 111 48.38 56.13 -47.21
C GLU RA 111 49.59 56.33 -48.12
N ALA RA 112 50.41 55.30 -48.29
CA ALA RA 112 51.56 55.35 -49.19
C ALA RA 112 51.20 55.03 -50.64
N LYS RA 113 49.92 54.83 -50.92
CA LYS RA 113 49.42 54.57 -52.26
C LYS RA 113 49.93 53.27 -52.86
N LYS RA 114 50.54 52.41 -52.05
CA LYS RA 114 50.79 51.06 -52.50
C LYS RA 114 49.52 50.24 -52.57
N ILE RA 115 48.40 50.78 -52.09
CA ILE RA 115 47.09 50.15 -52.14
C ILE RA 115 46.05 51.21 -52.44
N ASP RA 116 45.11 50.90 -53.33
CA ASP RA 116 43.94 51.75 -53.49
C ASP RA 116 42.84 51.29 -52.55
N LYS RA 117 41.87 52.17 -52.35
CA LYS RA 117 40.90 51.94 -51.29
C LYS RA 117 40.11 50.63 -51.48
N HIS RA 118 39.96 50.16 -52.70
CA HIS RA 118 39.12 48.97 -52.91
C HIS RA 118 39.81 47.69 -52.46
N MET RA 119 41.05 47.46 -52.89
CA MET RA 119 41.70 46.28 -52.35
C MET RA 119 42.19 46.51 -50.93
N TYR RA 120 42.27 47.77 -50.46
CA TYR RA 120 42.41 47.98 -49.03
C TYR RA 120 41.23 47.39 -48.28
N HIS RA 121 40.01 47.74 -48.68
CA HIS RA 121 38.85 47.23 -47.97
C HIS RA 121 38.78 45.71 -48.06
N ASP RA 122 39.08 45.16 -49.23
CA ASP RA 122 39.00 43.71 -49.35
C ASP RA 122 40.02 43.03 -48.45
N MET RA 123 41.26 43.53 -48.40
CA MET RA 123 42.23 42.92 -47.52
C MET RA 123 41.96 43.23 -46.06
N TYR RA 124 41.25 44.30 -45.77
CA TYR RA 124 40.91 44.60 -44.39
C TYR RA 124 39.90 43.60 -43.87
N LEU RA 125 38.85 43.35 -44.64
CA LEU RA 125 37.90 42.33 -44.22
C LEU RA 125 38.56 40.96 -44.19
N LYS RA 126 39.47 40.66 -45.09
CA LYS RA 126 40.15 39.38 -44.98
C LYS RA 126 41.06 39.30 -43.77
N VAL RA 127 41.68 40.41 -43.38
CA VAL RA 127 42.50 40.41 -42.16
C VAL RA 127 41.63 40.15 -40.94
N LYS RA 128 40.51 40.87 -40.83
CA LYS RA 128 39.52 40.55 -39.81
C LYS RA 128 39.14 39.08 -39.84
N GLY RA 129 38.97 38.53 -41.03
CA GLY RA 129 38.49 37.18 -41.17
C GLY RA 129 39.53 36.10 -41.05
N ASN RA 130 40.79 36.47 -40.84
CA ASN RA 130 41.84 35.51 -40.49
C ASN RA 130 42.23 34.61 -41.66
N MET RA 131 42.68 35.24 -42.75
CA MET RA 131 43.51 34.49 -43.69
C MET RA 131 44.99 34.66 -43.39
N PHE RA 132 45.38 35.83 -42.89
CA PHE RA 132 46.77 36.21 -42.75
C PHE RA 132 47.21 36.05 -41.32
N LYS RA 133 48.33 35.36 -41.11
CA LYS RA 133 48.81 35.09 -39.78
C LYS RA 133 49.98 35.97 -39.38
N ASN RA 134 50.53 36.75 -40.30
CA ASN RA 134 51.66 37.62 -39.99
C ASN RA 134 51.89 38.58 -41.14
N LYS RA 135 52.53 39.71 -40.82
CA LYS RA 135 52.65 40.74 -41.85
C LYS RA 135 53.50 40.28 -43.02
N ARG RA 136 54.34 39.27 -42.84
CA ARG RA 136 55.08 38.77 -44.00
C ARG RA 136 54.12 38.21 -45.04
N VAL RA 137 53.12 37.43 -44.61
CA VAL RA 137 52.22 36.86 -45.60
C VAL RA 137 51.19 37.88 -46.03
N LEU RA 138 50.86 38.84 -45.19
CA LEU RA 138 50.01 39.93 -45.67
C LEU RA 138 50.71 40.72 -46.78
N MET RA 139 52.01 40.94 -46.65
CA MET RA 139 52.75 41.61 -47.71
C MET RA 139 52.90 40.72 -48.94
N GLU RA 140 53.19 39.42 -48.77
CA GLU RA 140 53.29 38.58 -49.96
C GLU RA 140 51.99 38.55 -50.73
N SER RA 141 50.86 38.47 -50.02
CA SER RA 141 49.61 38.36 -50.75
C SER RA 141 49.16 39.71 -51.29
N ILE RA 142 49.51 40.84 -50.66
CA ILE RA 142 49.29 42.12 -51.31
C ILE RA 142 50.09 42.22 -52.60
N HIS RA 143 51.38 41.84 -52.55
CA HIS RA 143 52.19 41.94 -53.75
C HIS RA 143 51.69 41.02 -54.85
N LYS RA 144 51.18 39.84 -54.50
CA LYS RA 144 50.60 38.98 -55.52
C LYS RA 144 49.30 39.54 -56.08
N SER RA 145 48.48 40.19 -55.25
CA SER RA 145 47.27 40.82 -55.77
C SER RA 145 47.62 41.95 -56.72
N LYS RA 146 48.58 42.78 -56.35
CA LYS RA 146 49.13 43.73 -57.32
C LYS RA 146 49.53 43.03 -58.60
N ALA RA 147 50.50 42.11 -58.53
CA ALA RA 147 51.07 41.57 -59.76
C ALA RA 147 49.98 41.03 -60.68
N GLU RA 148 49.00 40.31 -60.13
CA GLU RA 148 47.91 39.81 -60.97
C GLU RA 148 47.09 40.95 -61.55
N LYS RA 149 46.80 41.97 -60.76
CA LYS RA 149 46.08 43.14 -61.28
C LYS RA 149 46.87 43.82 -62.39
N ALA RA 150 48.18 43.98 -62.20
CA ALA RA 150 49.01 44.66 -63.17
C ALA RA 150 49.09 43.88 -64.47
N ARG RA 151 49.20 42.55 -64.38
CA ARG RA 151 49.15 41.76 -65.59
C ARG RA 151 47.80 41.91 -66.28
N GLU RA 152 46.73 42.01 -65.51
CA GLU RA 152 45.44 42.15 -66.15
C GLU RA 152 45.29 43.52 -66.80
N LYS RA 153 45.84 44.57 -66.20
CA LYS RA 153 45.84 45.86 -66.89
C LYS RA 153 46.71 45.83 -68.14
N THR RA 154 47.88 45.20 -68.08
CA THR RA 154 48.72 45.20 -69.28
C THR RA 154 48.17 44.28 -70.36
N LEU RA 155 47.21 43.43 -70.04
CA LEU RA 155 46.45 42.73 -71.08
C LEU RA 155 45.09 43.37 -71.36
N SER RA 156 44.74 44.46 -70.69
CA SER RA 156 43.46 45.11 -70.95
C SER RA 156 43.56 46.50 -71.58
N ASP RA 157 44.44 47.36 -71.07
CA ASP RA 157 44.49 48.73 -71.55
C ASP RA 157 44.95 48.79 -73.00
N GLN RA 158 45.85 47.89 -73.40
CA GLN RA 158 46.29 47.91 -74.79
C GLN RA 158 45.15 47.54 -75.74
N PHE RA 159 44.27 46.64 -75.32
CA PHE RA 159 43.15 46.32 -76.21
C PHE RA 159 42.08 47.40 -76.16
N GLU RA 160 41.92 48.06 -75.03
CA GLU RA 160 40.99 49.18 -74.99
C GLU RA 160 41.50 50.36 -75.82
N ALA RA 161 42.83 50.47 -75.96
CA ALA RA 161 43.39 51.39 -76.95
C ALA RA 161 43.17 50.89 -78.37
N LYS RA 162 43.34 49.58 -78.59
CA LYS RA 162 43.39 49.06 -79.95
C LYS RA 162 41.99 48.96 -80.56
N ARG RA 163 40.96 48.76 -79.75
CA ARG RA 163 39.59 48.87 -80.24
C ARG RA 163 39.31 50.27 -80.78
N ALA RA 164 39.69 51.30 -80.01
CA ALA RA 164 39.51 52.66 -80.49
C ALA RA 164 40.39 52.95 -81.70
N LYS RA 165 41.50 52.22 -81.84
CA LYS RA 165 42.31 52.34 -83.06
C LYS RA 165 41.68 51.66 -84.26
N SER RA 166 41.02 50.52 -84.07
CA SER RA 166 40.32 49.91 -85.18
C SER RA 166 39.15 50.77 -85.62
N LYS RA 167 38.53 51.47 -84.67
CA LYS RA 167 37.48 52.41 -85.06
C LYS RA 167 38.03 53.71 -85.65
N ALA RA 168 39.17 54.20 -85.14
CA ALA RA 168 39.85 55.32 -85.77
C ALA RA 168 40.32 54.99 -87.18
N SER RA 169 40.46 53.71 -87.50
CA SER RA 169 40.78 53.33 -88.87
C SER RA 169 39.66 53.71 -89.84
N ARG RA 170 38.47 54.07 -89.35
CA ARG RA 170 37.37 54.43 -90.25
C ARG RA 170 37.57 55.82 -90.84
N GLU RA 171 38.24 56.72 -90.11
CA GLU RA 171 38.48 58.08 -90.57
C GLU RA 171 39.95 58.30 -90.90
N VAL SA 2 54.10 38.22 69.98
CA VAL SA 2 55.22 38.91 70.62
C VAL SA 2 55.89 37.96 71.61
N LYS SA 3 55.11 37.13 72.29
CA LYS SA 3 55.69 36.05 73.06
C LYS SA 3 55.34 34.74 72.37
N TYR SA 4 56.28 33.79 72.43
CA TYR SA 4 56.25 32.68 71.50
C TYR SA 4 55.61 31.49 72.18
N SER SA 5 55.53 30.37 71.45
CA SER SA 5 54.87 29.20 71.99
C SER SA 5 55.69 28.59 73.12
N THR SA 6 57.00 28.47 72.95
CA THR SA 6 57.85 27.82 73.93
C THR SA 6 58.94 28.79 74.35
N ASP SA 7 58.92 29.17 75.62
CA ASP SA 7 59.96 30.05 76.12
C ASP SA 7 61.26 29.28 76.30
N PRO SA 8 62.39 29.97 76.20
CA PRO SA 8 63.68 29.28 76.31
C PRO SA 8 63.85 28.58 77.64
N ALA SA 9 64.82 27.67 77.68
CA ALA SA 9 65.24 27.11 78.96
C ALA SA 9 65.74 28.20 79.89
N ASN SA 10 66.59 29.09 79.36
CA ASN SA 10 67.05 30.27 80.08
C ASN SA 10 66.90 31.51 79.22
N PRO SA 11 66.14 32.51 79.68
CA PRO SA 11 65.83 33.66 78.80
C PRO SA 11 67.00 34.60 78.55
N THR SA 12 67.94 34.72 79.49
CA THR SA 12 69.02 35.68 79.32
C THR SA 12 70.06 35.23 78.31
N LYS SA 13 70.12 33.94 78.00
CA LYS SA 13 71.12 33.38 77.11
C LYS SA 13 70.49 32.84 75.84
N SER SA 14 69.59 33.63 75.25
CA SER SA 14 68.82 33.19 74.10
C SER SA 14 68.38 34.40 73.29
N ALA SA 15 68.34 34.24 71.97
CA ALA SA 15 67.86 35.26 71.07
C ALA SA 15 66.71 34.69 70.25
N LYS SA 16 65.81 35.57 69.82
CA LYS SA 16 64.55 35.16 69.25
C LYS SA 16 64.25 35.98 68.01
N ALA SA 17 63.67 35.35 66.98
CA ALA SA 17 63.33 36.05 65.76
C ALA SA 17 61.99 35.57 65.23
N MET SA 18 61.21 36.51 64.69
CA MET SA 18 59.83 36.27 64.31
C MET SA 18 59.58 36.83 62.92
N GLY SA 19 58.70 36.18 62.19
CA GLY SA 19 58.22 36.75 60.95
C GLY SA 19 56.77 36.42 60.79
N ARG SA 20 55.94 37.43 60.62
CA ARG SA 20 54.50 37.25 60.50
C ARG SA 20 54.07 37.61 59.09
N ASP SA 21 53.09 36.86 58.59
CA ASP SA 21 52.53 37.05 57.25
C ASP SA 21 53.58 36.89 56.17
N LEU SA 22 54.43 35.88 56.31
CA LEU SA 22 55.46 35.63 55.32
C LEU SA 22 54.86 34.97 54.10
N ARG SA 23 55.13 35.50 52.91
CA ARG SA 23 54.56 34.93 51.70
C ARG SA 23 55.44 33.80 51.18
N VAL SA 24 55.24 32.62 51.77
CA VAL SA 24 55.93 31.42 51.35
C VAL SA 24 55.06 30.23 51.73
N HIS SA 25 55.17 29.15 50.99
CA HIS SA 25 54.28 28.02 51.20
C HIS SA 25 54.46 27.42 52.59
N PHE SA 26 53.35 27.32 53.31
CA PHE SA 26 53.42 26.81 54.66
C PHE SA 26 53.94 25.38 54.69
N LYS SA 27 53.50 24.54 53.77
CA LYS SA 27 53.91 23.13 53.82
C LYS SA 27 55.41 22.99 53.63
N ASN SA 28 55.96 23.72 52.66
CA ASN SA 28 57.40 23.71 52.44
C ASN SA 28 58.15 24.23 53.65
N THR SA 29 57.68 25.32 54.24
CA THR SA 29 58.47 25.82 55.36
C THR SA 29 58.26 25.02 56.65
N ARG SA 30 57.14 24.35 56.80
CA ARG SA 30 57.04 23.38 57.89
C ARG SA 30 58.07 22.28 57.71
N GLU SA 31 58.18 21.73 56.51
CA GLU SA 31 59.16 20.67 56.36
C GLU SA 31 60.59 21.18 56.50
N THR SA 32 60.85 22.43 56.11
CA THR SA 32 62.16 23.01 56.34
C THR SA 32 62.47 23.10 57.83
N ALA SA 33 61.56 23.67 58.62
CA ALA SA 33 61.81 23.79 60.04
C ALA SA 33 62.00 22.43 60.69
N PHE SA 34 61.12 21.49 60.36
CA PHE SA 34 61.21 20.15 60.90
C PHE SA 34 62.52 19.46 60.51
N ALA SA 35 63.10 19.83 59.38
CA ALA SA 35 64.44 19.34 59.09
C ALA SA 35 65.51 20.07 59.88
N LEU SA 36 65.27 21.32 60.26
CA LEU SA 36 66.31 22.13 60.88
C LEU SA 36 66.30 22.10 62.40
N ARG SA 37 65.31 21.49 63.04
CA ARG SA 37 65.22 21.68 64.48
C ARG SA 37 66.42 21.01 65.14
N LYS SA 38 66.93 21.61 66.21
CA LYS SA 38 68.01 21.10 67.03
C LYS SA 38 69.36 21.01 66.32
N MET SA 39 69.53 21.60 65.14
CA MET SA 39 70.88 21.76 64.63
C MET SA 39 71.55 22.97 65.23
N SER SA 40 72.87 23.00 65.12
CA SER SA 40 73.62 24.18 65.52
C SER SA 40 73.31 25.33 64.57
N LEU SA 41 73.59 26.55 65.04
CA LEU SA 41 73.38 27.70 64.17
C LEU SA 41 74.24 27.60 62.93
N ASN SA 42 75.51 27.26 63.10
CA ASN SA 42 76.42 27.34 61.97
C ASN SA 42 76.17 26.20 61.00
N LYS SA 43 75.86 25.02 61.51
CA LYS SA 43 75.55 23.92 60.62
C LYS SA 43 74.20 24.13 59.96
N ALA SA 44 73.31 24.89 60.62
CA ALA SA 44 72.03 25.23 60.01
C ALA SA 44 72.20 26.21 58.87
N LYS SA 45 73.02 27.25 59.06
CA LYS SA 45 73.35 28.13 57.94
C LYS SA 45 73.97 27.36 56.78
N ARG SA 46 74.98 26.53 57.06
CA ARG SA 46 75.62 25.77 55.99
C ARG SA 46 74.63 24.85 55.31
N TYR SA 47 73.87 24.07 56.08
CA TYR SA 47 72.93 23.12 55.51
C TYR SA 47 71.89 23.82 54.67
N LEU SA 48 71.36 24.93 55.17
CA LEU SA 48 70.22 25.55 54.54
C LEU SA 48 70.64 26.30 53.27
N GLU SA 49 71.84 26.88 53.27
CA GLU SA 49 72.37 27.41 52.01
C GLU SA 49 72.70 26.30 51.04
N ASP SA 50 73.23 25.19 51.53
CA ASP SA 50 73.56 24.07 50.66
C ASP SA 50 72.30 23.44 50.08
N VAL SA 51 71.16 23.67 50.73
CA VAL SA 51 69.86 23.33 50.15
C VAL SA 51 69.44 24.35 49.12
N LEU SA 52 69.53 25.64 49.47
CA LEU SA 52 69.14 26.68 48.53
C LEU SA 52 69.90 26.55 47.22
N ALA SA 53 71.16 26.11 47.28
CA ALA SA 53 71.99 25.90 46.10
C ALA SA 53 71.86 24.49 45.52
N HIS SA 54 70.75 23.80 45.80
CA HIS SA 54 70.42 22.54 45.15
C HIS SA 54 71.49 21.48 45.33
N LYS SA 55 72.18 21.48 46.46
CA LYS SA 55 73.21 20.46 46.68
C LYS SA 55 72.82 19.38 47.67
N GLN SA 56 71.88 19.65 48.58
CA GLN SA 56 71.49 18.68 49.60
C GLN SA 56 70.04 18.95 49.98
N ALA SA 57 69.32 17.89 50.38
CA ALA SA 57 67.87 17.89 50.35
C ALA SA 57 67.23 18.02 51.73
N ILE SA 58 66.00 18.51 51.73
CA ILE SA 58 65.17 18.63 52.93
C ILE SA 58 64.11 17.53 52.87
N PRO SA 59 64.19 16.49 53.69
CA PRO SA 59 63.24 15.38 53.59
C PRO SA 59 61.82 15.86 53.81
N PHE SA 60 60.88 15.26 53.09
CA PHE SA 60 59.46 15.54 53.24
C PHE SA 60 58.78 14.34 53.86
N ARG SA 61 58.17 14.53 55.03
CA ARG SA 61 57.60 13.40 55.74
C ARG SA 61 56.10 13.53 55.96
N ARG SA 62 55.61 14.65 56.45
CA ARG SA 62 54.18 14.69 56.74
C ARG SA 62 53.37 15.09 55.52
N TYR SA 63 53.78 16.18 54.87
CA TYR SA 63 53.09 16.65 53.66
C TYR SA 63 53.91 16.25 52.45
N CYS SA 64 53.78 14.99 52.07
CA CYS SA 64 54.69 14.40 51.11
C CYS SA 64 53.99 13.56 50.06
N ARG SA 65 52.68 13.63 49.94
CA ARG SA 65 52.00 12.73 49.01
C ARG SA 65 52.20 13.30 47.61
N GLY SA 66 53.03 12.63 46.82
CA GLY SA 66 53.38 13.06 45.49
C GLY SA 66 54.81 13.52 45.33
N VAL SA 67 55.45 13.96 46.40
CA VAL SA 67 56.82 14.44 46.31
C VAL SA 67 57.71 13.30 45.84
N GLY SA 68 58.42 13.53 44.76
CA GLY SA 68 59.18 12.48 44.14
C GLY SA 68 60.44 12.16 44.90
N ARG SA 69 61.04 11.06 44.52
CA ARG SA 69 62.14 10.49 45.28
C ARG SA 69 63.47 11.08 44.84
N THR SA 70 64.45 11.01 45.73
CA THR SA 70 65.80 11.45 45.41
C THR SA 70 66.79 10.69 46.27
N ALA SA 71 68.04 10.70 45.83
CA ALA SA 71 69.11 10.00 46.52
C ALA SA 71 69.79 10.86 47.57
N GLN SA 72 69.72 12.18 47.44
CA GLN SA 72 70.45 13.06 48.32
C GLN SA 72 69.93 13.04 49.75
N VAL SA 73 68.82 12.37 49.99
CA VAL SA 73 68.16 12.37 51.29
C VAL SA 73 68.16 10.97 51.91
N LYS SA 74 68.99 10.06 51.39
CA LYS SA 74 69.02 8.72 51.98
C LYS SA 74 69.56 8.73 53.40
N ASN SA 75 70.28 9.78 53.79
CA ASN SA 75 70.88 9.79 55.12
C ASN SA 75 69.81 9.84 56.20
N ARG SA 76 68.84 10.75 56.07
CA ARG SA 76 67.88 11.01 57.13
C ARG SA 76 66.48 10.49 56.85
N GLN SA 77 66.17 10.10 55.62
CA GLN SA 77 64.89 9.47 55.30
C GLN SA 77 65.11 8.36 54.29
N PRO SA 78 65.15 7.11 54.74
CA PRO SA 78 65.62 6.03 53.87
C PRO SA 78 64.83 5.84 52.59
N ASN SA 79 63.53 6.12 52.59
CA ASN SA 79 62.77 5.90 51.36
C ASN SA 79 63.13 6.90 50.27
N GLY SA 80 63.86 7.95 50.59
CA GLY SA 80 64.46 8.80 49.58
C GLY SA 80 63.58 9.90 49.03
N GLN SA 81 62.70 10.45 49.83
CA GLN SA 81 61.67 11.38 49.35
C GLN SA 81 61.96 12.77 49.88
N GLY SA 82 62.37 13.68 49.01
CA GLY SA 82 62.75 15.01 49.46
C GLY SA 82 62.82 15.99 48.32
N ARG SA 83 62.80 17.27 48.69
CA ARG SA 83 62.81 18.36 47.74
C ARG SA 83 63.77 19.44 48.23
N TRP SA 84 63.80 20.56 47.51
CA TRP SA 84 64.77 21.63 47.73
C TRP SA 84 64.07 22.97 47.79
N PRO SA 85 63.29 23.23 48.81
CA PRO SA 85 62.49 24.46 48.78
C PRO SA 85 63.34 25.71 48.87
N ALA SA 86 63.48 26.38 47.72
CA ALA SA 86 64.39 27.52 47.64
C ALA SA 86 63.81 28.76 48.29
N LYS SA 87 62.57 29.10 47.98
CA LYS SA 87 62.00 30.32 48.54
C LYS SA 87 61.88 30.21 50.06
N SER SA 88 61.46 29.05 50.54
CA SER SA 88 61.30 28.85 51.96
C SER SA 88 62.63 28.80 52.68
N ALA SA 89 63.61 28.08 52.12
CA ALA SA 89 64.93 28.06 52.71
C ALA SA 89 65.53 29.45 52.78
N LYS SA 90 65.25 30.29 51.78
CA LYS SA 90 65.75 31.66 51.78
C LYS SA 90 65.07 32.53 52.83
N PHE SA 91 63.76 32.38 53.00
CA PHE SA 91 63.11 33.12 54.09
C PHE SA 91 63.63 32.68 55.44
N VAL SA 92 63.79 31.37 55.64
CA VAL SA 92 64.30 30.91 56.92
C VAL SA 92 65.73 31.38 57.13
N LEU SA 93 66.51 31.52 56.06
CA LEU SA 93 67.84 32.06 56.23
C LEU SA 93 67.80 33.52 56.64
N ASP SA 94 66.85 34.28 56.11
CA ASP SA 94 66.72 35.67 56.55
C ASP SA 94 66.40 35.76 58.04
N LEU SA 95 65.51 34.89 58.53
CA LEU SA 95 65.26 34.89 59.97
C LEU SA 95 66.42 34.34 60.78
N LEU SA 96 67.15 33.34 60.27
CA LEU SA 96 68.32 32.86 61.00
C LEU SA 96 69.36 33.96 61.13
N LYS SA 97 69.61 34.71 60.06
CA LYS SA 97 70.54 35.81 60.18
C LYS SA 97 70.02 36.88 61.12
N ASN SA 98 68.72 37.13 61.13
CA ASN SA 98 68.20 38.14 62.04
C ASN SA 98 68.34 37.71 63.49
N ALA SA 99 68.21 36.42 63.78
CA ALA SA 99 68.38 35.95 65.15
C ALA SA 99 69.84 35.82 65.54
N GLU SA 100 70.71 35.51 64.60
CA GLU SA 100 72.14 35.58 64.88
C GLU SA 100 72.56 36.99 65.20
N SER SA 101 71.99 37.97 64.49
CA SER SA 101 72.27 39.37 64.78
C SER SA 101 71.78 39.74 66.17
N ASN SA 102 70.55 39.35 66.51
CA ASN SA 102 70.06 39.64 67.86
C ASN SA 102 70.92 38.99 68.92
N ALA SA 103 71.43 37.79 68.65
CA ALA SA 103 72.27 37.12 69.62
C ALA SA 103 73.61 37.82 69.76
N GLU SA 104 74.16 38.33 68.67
CA GLU SA 104 75.36 39.17 68.76
C GLU SA 104 75.09 40.41 69.58
N VAL SA 105 73.91 41.02 69.41
CA VAL SA 105 73.60 42.24 70.13
C VAL SA 105 73.52 41.98 71.63
N LYS SA 106 72.88 40.88 72.03
CA LYS SA 106 72.96 40.50 73.44
C LYS SA 106 74.39 40.20 73.86
N GLY SA 107 75.08 39.33 73.12
CA GLY SA 107 76.46 39.02 73.42
C GLY SA 107 76.74 37.55 73.65
N LEU SA 108 75.97 36.67 73.01
CA LEU SA 108 76.22 35.24 73.13
C LEU SA 108 77.28 34.77 72.15
N ASP SA 109 77.84 33.61 72.44
CA ASP SA 109 78.75 32.93 71.52
C ASP SA 109 77.97 32.43 70.32
N VAL SA 110 78.12 33.11 69.19
CA VAL SA 110 77.41 32.68 67.99
C VAL SA 110 77.83 31.26 67.61
N ASP SA 111 79.11 30.94 67.81
CA ASP SA 111 79.58 29.62 67.46
C ASP SA 111 79.00 28.56 68.37
N ALA SA 112 78.47 28.97 69.53
CA ALA SA 112 77.84 28.05 70.46
C ALA SA 112 76.32 28.08 70.39
N LEU SA 113 75.76 28.98 69.59
CA LEU SA 113 74.32 28.99 69.43
C LEU SA 113 73.84 27.74 68.70
N TYR SA 114 72.57 27.42 68.89
CA TYR SA 114 71.94 26.37 68.10
C TYR SA 114 70.44 26.65 68.08
N ILE SA 115 69.73 25.98 67.18
CA ILE SA 115 68.30 26.24 67.01
C ILE SA 115 67.54 25.58 68.16
N SER SA 116 67.17 26.39 69.15
CA SER SA 116 66.45 25.86 70.30
C SER SA 116 65.02 25.49 69.95
N HIS SA 117 64.34 26.36 69.20
CA HIS SA 117 62.90 26.19 69.01
C HIS SA 117 62.48 26.82 67.70
N ILE SA 118 62.11 26.00 66.72
CA ILE SA 118 61.68 26.51 65.42
C ILE SA 118 60.26 26.03 65.15
N GLN SA 119 59.38 26.96 64.82
CA GLN SA 119 57.96 26.72 64.64
C GLN SA 119 57.48 27.39 63.36
N VAL SA 120 56.66 26.68 62.60
CA VAL SA 120 55.98 27.23 61.44
C VAL SA 120 54.48 27.03 61.63
N ASN SA 121 53.70 28.04 61.27
CA ASN SA 121 52.31 28.05 61.71
C ASN SA 121 51.47 28.87 60.74
N GLN SA 122 50.41 28.28 60.19
CA GLN SA 122 49.68 28.91 59.09
C GLN SA 122 49.21 30.31 59.44
N ALA SA 123 49.04 31.14 58.42
CA ALA SA 123 48.58 32.51 58.57
C ALA SA 123 47.31 32.71 57.75
N GLN SA 124 46.91 33.96 57.61
CA GLN SA 124 45.69 34.28 56.88
C GLN SA 124 45.91 34.08 55.39
N LYS SA 125 45.05 33.25 54.79
CA LYS SA 125 45.19 32.89 53.38
C LYS SA 125 44.89 34.09 52.50
N GLN SA 126 45.77 34.36 51.54
CA GLN SA 126 45.53 35.42 50.58
C GLN SA 126 44.84 34.85 49.35
N ARG SA 127 43.96 35.67 48.78
CA ARG SA 127 42.91 35.25 47.86
C ARG SA 127 43.15 35.83 46.48
N ARG SA 128 42.88 35.04 45.44
CA ARG SA 128 42.90 35.56 44.10
C ARG SA 128 42.07 34.59 43.26
N ARG SA 129 41.41 35.09 42.23
CA ARG SA 129 40.41 34.28 41.55
C ARG SA 129 40.97 33.73 40.25
N THR SA 130 40.64 32.47 39.96
CA THR SA 130 41.07 31.84 38.72
C THR SA 130 39.85 31.37 37.95
N TYR SA 131 40.08 30.97 36.70
CA TYR SA 131 38.99 30.77 35.76
C TYR SA 131 39.05 29.38 35.16
N ARG SA 132 37.92 28.69 35.17
CA ARG SA 132 37.78 27.29 34.83
C ARG SA 132 36.74 27.13 33.73
N ALA SA 133 36.80 25.97 33.09
CA ALA SA 133 35.92 25.66 31.98
C ALA SA 133 34.46 25.85 32.37
N HIS SA 134 33.62 26.05 31.36
CA HIS SA 134 32.21 26.36 31.56
C HIS SA 134 32.04 27.58 32.44
N GLY SA 135 32.96 28.52 32.30
CA GLY SA 135 32.80 29.81 32.94
C GLY SA 135 32.73 29.76 34.44
N ARG SA 136 33.37 28.77 35.07
CA ARG SA 136 33.30 28.65 36.52
C ARG SA 136 34.58 29.17 37.13
N ILE SA 137 34.46 30.08 38.10
CA ILE SA 137 35.65 30.69 38.68
C ILE SA 137 35.86 30.08 40.05
N ASN SA 138 37.13 29.86 40.39
CA ASN SA 138 37.52 29.08 41.55
C ASN SA 138 38.52 29.86 42.39
N PRO SA 139 38.64 29.53 43.67
CA PRO SA 139 39.67 30.15 44.49
C PRO SA 139 41.05 29.75 44.02
N TYR SA 140 42.00 30.66 44.18
CA TYR SA 140 43.39 30.45 43.85
C TYR SA 140 44.08 31.21 44.98
N MET SA 141 44.38 30.48 46.05
CA MET SA 141 44.71 31.08 47.33
C MET SA 141 46.03 30.52 47.84
N SER SA 142 46.87 31.43 48.32
CA SER SA 142 48.16 31.04 48.87
C SER SA 142 48.03 30.74 50.35
N ASN SA 143 48.96 29.95 50.86
CA ASN SA 143 48.96 29.57 52.27
C ASN SA 143 50.23 30.09 52.94
N PRO SA 144 50.28 31.39 53.25
CA PRO SA 144 51.45 31.93 53.91
C PRO SA 144 51.55 31.47 55.35
N CYS SA 145 52.74 31.65 55.92
CA CYS SA 145 53.05 31.10 57.24
C CYS SA 145 53.68 32.14 58.13
N HIS SA 146 53.48 31.99 59.44
CA HIS SA 146 54.21 32.69 60.47
C HIS SA 146 55.35 31.78 60.90
N ILE SA 147 56.58 32.28 60.85
CA ILE SA 147 57.74 31.48 61.21
C ILE SA 147 58.39 32.13 62.40
N GLU SA 148 58.56 31.37 63.48
CA GLU SA 148 59.26 31.88 64.64
C GLU SA 148 60.40 30.93 64.98
N LEU SA 149 61.47 31.47 65.55
CA LEU SA 149 62.50 30.58 66.05
C LEU SA 149 63.27 31.25 67.17
N ILE SA 150 63.94 30.42 67.95
CA ILE SA 150 64.68 30.82 69.11
C ILE SA 150 66.00 30.08 69.09
N LEU SA 151 67.11 30.82 69.10
CA LEU SA 151 68.45 30.30 69.22
C LEU SA 151 68.91 30.41 70.67
N SER SA 152 69.39 29.31 71.23
CA SER SA 152 69.82 29.30 72.61
C SER SA 152 71.22 28.72 72.69
N GLU SA 153 72.05 29.33 73.52
CA GLU SA 153 73.43 28.88 73.65
C GLU SA 153 73.47 27.50 74.28
N LYS SA 154 74.29 26.63 73.71
CA LYS SA 154 74.41 25.28 74.23
C LYS SA 154 75.13 25.30 75.57
N GLU SA 155 74.70 24.40 76.47
CA GLU SA 155 75.30 24.27 77.79
C GLU SA 155 75.67 22.82 78.03
N GLU SA 156 76.78 22.60 78.72
CA GLU SA 156 77.19 21.24 79.09
C GLU SA 156 76.35 20.74 80.26
N ARG TA 37 -14.38 87.82 -6.39
CA ARG TA 37 -13.04 87.29 -6.15
C ARG TA 37 -12.32 86.94 -7.43
N THR TA 38 -11.09 86.47 -7.29
CA THR TA 38 -10.28 86.01 -8.42
C THR TA 38 -9.91 84.53 -8.31
N SER TA 39 -9.44 84.09 -7.15
CA SER TA 39 -9.00 82.72 -6.96
C SER TA 39 -10.04 81.90 -6.22
N VAL TA 40 -10.02 80.60 -6.46
CA VAL TA 40 -10.97 79.67 -5.86
C VAL TA 40 -10.48 79.21 -4.51
N THR TA 41 -9.52 79.90 -3.93
CA THR TA 41 -9.03 79.58 -2.60
C THR TA 41 -9.08 80.81 -1.70
N PHE TA 42 -9.72 80.67 -0.55
CA PHE TA 42 -9.81 81.72 0.45
C PHE TA 42 -8.65 81.56 1.42
N HIS TA 43 -7.62 82.39 1.26
CA HIS TA 43 -6.54 82.45 2.22
C HIS TA 43 -6.85 83.48 3.30
N ARG TA 44 -6.34 83.23 4.49
CA ARG TA 44 -6.75 83.99 5.66
C ARG TA 44 -6.34 85.45 5.50
N PRO TA 45 -7.21 86.39 5.88
CA PRO TA 45 -6.91 87.80 5.70
C PRO TA 45 -5.71 88.25 6.50
N LYS TA 46 -5.30 89.48 6.25
CA LYS TA 46 -4.26 90.14 7.02
C LYS TA 46 -4.91 91.03 8.08
N THR TA 47 -4.61 90.74 9.34
CA THR TA 47 -5.02 91.57 10.45
C THR TA 47 -3.79 92.29 10.98
N LEU TA 48 -3.97 93.03 12.07
CA LEU TA 48 -2.90 93.86 12.62
C LEU TA 48 -2.71 93.53 14.09
N SER TA 49 -1.46 93.54 14.52
CA SER TA 49 -1.07 93.15 15.87
C SER TA 49 -0.31 94.30 16.52
N LYS TA 50 -0.43 94.39 17.84
CA LYS TA 50 0.27 95.38 18.64
C LYS TA 50 1.42 94.71 19.40
N ALA TA 51 2.45 95.49 19.68
CA ALA TA 51 3.58 94.99 20.43
C ALA TA 51 3.25 94.95 21.92
N ARG TA 52 3.93 94.05 22.64
CA ARG TA 52 3.65 93.89 24.07
C ARG TA 52 3.94 95.18 24.82
N ASP TA 53 2.96 95.63 25.62
CA ASP TA 53 3.04 96.86 26.39
C ASP TA 53 2.59 96.58 27.82
N PRO TA 54 3.43 95.91 28.62
CA PRO TA 54 2.99 95.47 29.94
C PRO TA 54 2.64 96.65 30.84
N LYS TA 55 1.61 96.47 31.66
CA LYS TA 55 1.35 97.46 32.70
C LYS TA 55 2.21 97.25 33.92
N TYR TA 56 2.98 96.16 33.98
CA TYR TA 56 4.01 96.04 34.98
C TYR TA 56 5.14 95.24 34.38
N PRO TA 57 6.38 95.65 34.58
CA PRO TA 57 7.51 94.87 34.05
C PRO TA 57 7.56 93.51 34.72
N ARG TA 58 7.91 92.49 33.96
CA ARG TA 58 7.98 91.18 34.58
C ARG TA 58 9.24 91.00 35.42
N ILE TA 59 10.33 91.68 35.07
CA ILE TA 59 11.60 91.55 35.78
C ILE TA 59 12.11 92.96 36.00
N SER TA 60 11.96 93.48 37.21
CA SER TA 60 12.30 94.88 37.42
C SER TA 60 13.80 95.10 37.48
N THR TA 61 14.49 94.37 38.34
CA THR TA 61 15.88 94.65 38.58
C THR TA 61 16.68 94.45 37.30
N PRO TA 62 17.63 95.33 37.00
CA PRO TA 62 18.44 95.13 35.80
C PRO TA 62 19.42 93.99 36.00
N GLY TA 63 19.43 93.08 35.04
CA GLY TA 63 20.21 91.87 35.17
C GLY TA 63 21.69 92.16 35.15
N ARG TA 64 22.40 91.76 36.19
CA ARG TA 64 23.83 91.98 36.20
C ARG TA 64 24.52 91.09 35.19
N ASN TA 65 25.72 91.50 34.81
CA ASN TA 65 26.58 90.73 33.92
C ASN TA 65 27.28 89.65 34.73
N LYS TA 66 27.00 88.39 34.42
CA LYS TA 66 27.56 87.31 35.24
C LYS TA 66 28.76 86.63 34.60
N LEU TA 67 28.82 86.57 33.26
CA LEU TA 67 30.07 86.25 32.58
C LEU TA 67 30.90 87.50 32.39
N ASP TA 68 31.21 88.15 33.51
CA ASP TA 68 32.02 89.34 33.44
C ASP TA 68 33.47 88.93 33.29
N GLN TA 69 34.34 89.92 33.10
CA GLN TA 69 35.73 89.66 32.80
C GLN TA 69 36.41 88.78 33.84
N TYR TA 70 36.05 88.91 35.11
CA TYR TA 70 36.78 88.18 36.14
C TYR TA 70 36.33 86.72 36.24
N GLN TA 71 35.06 86.43 35.94
CA GLN TA 71 34.67 85.03 35.76
C GLN TA 71 35.23 84.48 34.46
N ILE TA 72 35.30 85.30 33.42
CA ILE TA 72 35.58 84.78 32.10
C ILE TA 72 37.07 84.49 31.96
N LEU TA 73 37.90 85.12 32.79
CA LEU TA 73 39.34 84.85 32.80
C LEU TA 73 39.75 84.44 34.21
N LYS TA 74 39.74 83.14 34.49
CA LYS TA 74 39.99 82.66 35.84
C LYS TA 74 41.43 82.90 36.26
N TYR TA 75 42.37 82.20 35.64
CA TYR TA 75 43.77 82.29 36.04
C TYR TA 75 44.65 81.69 34.97
N PRO TA 76 45.81 82.26 34.69
CA PRO TA 76 46.66 81.71 33.63
C PRO TA 76 47.34 80.43 34.08
N LEU TA 77 47.17 79.39 33.29
CA LEU TA 77 47.84 78.13 33.55
C LEU TA 77 49.34 78.33 33.39
N THR TA 78 50.11 77.76 34.32
CA THR TA 78 51.55 77.98 34.38
C THR TA 78 52.32 76.67 34.45
N THR TA 79 51.95 75.71 33.62
CA THR TA 79 52.80 74.55 33.43
C THR TA 79 54.07 74.95 32.68
N GLU TA 80 55.08 74.07 32.70
CA GLU TA 80 56.24 74.30 31.84
C GLU TA 80 55.91 74.14 30.37
N SER TA 81 54.98 73.26 30.03
CA SER TA 81 54.57 73.16 28.64
C SER TA 81 53.93 74.45 28.15
N ALA TA 82 53.20 75.14 29.02
CA ALA TA 82 52.71 76.47 28.68
C ALA TA 82 53.79 77.54 28.80
N MET TA 83 54.72 77.40 29.76
CA MET TA 83 55.81 78.37 29.86
C MET TA 83 56.57 78.43 28.55
N LYS TA 84 56.73 77.28 27.89
CA LYS TA 84 57.33 77.29 26.57
C LYS TA 84 56.51 78.10 25.59
N LYS TA 85 55.19 77.98 25.65
CA LYS TA 85 54.34 78.81 24.82
C LYS TA 85 54.55 80.29 25.07
N ILE TA 86 54.89 80.67 26.30
CA ILE TA 86 55.01 82.08 26.62
C ILE TA 86 56.14 82.71 25.83
N GLU TA 87 57.25 82.00 25.66
CA GLU TA 87 58.44 82.56 25.03
C GLU TA 87 58.62 82.15 23.58
N ASP TA 88 58.18 80.97 23.17
CA ASP TA 88 58.30 80.62 21.76
C ASP TA 88 57.31 81.40 20.91
N ASN TA 89 56.02 81.36 21.27
CA ASN TA 89 54.96 81.70 20.33
C ASN TA 89 54.22 82.97 20.72
N ASN TA 90 54.66 83.69 21.74
CA ASN TA 90 54.06 84.96 22.14
C ASN TA 90 52.56 84.77 22.42
N THR TA 91 52.29 83.86 23.33
CA THR TA 91 50.94 83.42 23.67
C THR TA 91 50.80 83.36 25.18
N LEU TA 92 49.60 83.67 25.69
CA LEU TA 92 49.28 83.47 27.09
C LEU TA 92 48.19 82.41 27.21
N VAL TA 93 48.38 81.46 28.11
CA VAL TA 93 47.45 80.36 28.29
C VAL TA 93 46.65 80.65 29.55
N PHE TA 94 45.36 80.94 29.39
CA PHE TA 94 44.44 81.15 30.49
C PHE TA 94 43.55 79.94 30.68
N ILE TA 95 42.92 79.86 31.84
CA ILE TA 95 41.81 78.95 32.09
C ILE TA 95 40.57 79.82 32.19
N VAL TA 96 39.57 79.54 31.36
CA VAL TA 96 38.45 80.45 31.23
C VAL TA 96 37.16 79.74 31.59
N ASP TA 97 36.16 80.53 31.97
CA ASP TA 97 34.88 79.96 32.37
C ASP TA 97 34.32 79.12 31.25
N LEU TA 98 33.79 77.95 31.61
CA LEU TA 98 33.50 76.95 30.60
C LEU TA 98 32.49 77.43 29.58
N LYS TA 99 31.64 78.38 29.94
CA LYS TA 99 30.69 78.95 29.00
C LYS TA 99 31.25 80.18 28.28
N ALA TA 100 32.55 80.20 28.04
CA ALA TA 100 33.21 81.26 27.29
C ALA TA 100 33.14 81.01 25.80
N ASP TA 101 33.17 82.08 25.03
CA ASP TA 101 33.36 82.00 23.60
C ASP TA 101 34.44 82.99 23.18
N LYS TA 102 35.02 82.75 22.00
CA LYS TA 102 36.22 83.46 21.60
C LYS TA 102 36.01 84.96 21.56
N LYS TA 103 34.81 85.41 21.20
CA LYS TA 103 34.55 86.84 21.19
C LYS TA 103 34.64 87.43 22.59
N LYS TA 104 34.04 86.78 23.58
CA LYS TA 104 34.15 87.25 24.95
C LYS TA 104 35.57 87.13 25.47
N ILE TA 105 36.30 86.10 25.08
CA ILE TA 105 37.67 85.97 25.55
C ILE TA 105 38.50 87.13 25.04
N LYS TA 106 38.41 87.46 23.75
CA LYS TA 106 39.18 88.60 23.28
C LYS TA 106 38.73 89.89 23.94
N ALA TA 107 37.43 90.08 24.15
CA ALA TA 107 36.97 91.32 24.75
C ALA TA 107 37.49 91.47 26.17
N ALA TA 108 37.49 90.39 26.94
CA ALA TA 108 37.97 90.46 28.32
C ALA TA 108 39.48 90.61 28.38
N VAL TA 109 40.20 89.87 27.53
CA VAL TA 109 41.64 90.06 27.47
C VAL TA 109 42.00 91.48 27.10
N LYS TA 110 41.10 92.19 26.41
CA LYS TA 110 41.39 93.59 26.16
C LYS TA 110 41.07 94.46 27.37
N LYS TA 111 39.90 94.30 27.97
CA LYS TA 111 39.55 95.16 29.11
C LYS TA 111 40.51 94.94 30.28
N MET TA 112 40.67 93.71 30.73
CA MET TA 112 41.76 93.40 31.62
C MET TA 112 43.07 93.45 30.85
N TYR TA 113 44.17 93.69 31.57
CA TYR TA 113 45.50 93.57 31.02
C TYR TA 113 45.79 94.56 29.91
N ASP TA 114 44.77 95.27 29.44
CA ASP TA 114 44.90 96.36 28.47
C ASP TA 114 45.82 95.98 27.30
N ILE TA 115 45.44 94.91 26.62
CA ILE TA 115 46.14 94.43 25.42
C ILE TA 115 45.10 94.08 24.38
N GLN TA 116 45.51 93.47 23.27
CA GLN TA 116 44.56 92.78 22.41
C GLN TA 116 45.11 91.43 21.99
N ALA TA 117 44.19 90.55 21.61
CA ALA TA 117 44.52 89.24 21.09
C ALA TA 117 44.38 89.25 19.58
N LYS TA 118 45.42 88.83 18.89
CA LYS TA 118 45.28 88.69 17.45
C LYS TA 118 44.53 87.41 17.10
N LYS TA 119 44.57 86.40 17.96
CA LYS TA 119 43.82 85.17 17.75
C LYS TA 119 43.78 84.31 19.00
N VAL TA 120 42.62 83.79 19.33
CA VAL TA 120 42.45 82.92 20.48
C VAL TA 120 42.07 81.53 19.99
N ASN TA 121 42.68 80.53 20.60
CA ASN TA 121 42.28 79.14 20.39
C ASN TA 121 41.71 78.64 21.70
N THR TA 122 40.70 77.78 21.65
CA THR TA 122 40.18 77.23 22.89
C THR TA 122 40.05 75.72 22.81
N LEU TA 123 40.15 75.09 23.96
CA LEU TA 123 39.89 73.67 24.06
C LEU TA 123 39.40 73.38 25.46
N ILE TA 124 38.49 72.44 25.61
CA ILE TA 124 38.06 72.03 26.94
C ILE TA 124 38.89 70.85 27.40
N ARG TA 125 39.79 71.11 28.35
CA ARG TA 125 40.76 70.14 28.80
C ARG TA 125 40.01 69.00 29.46
N PRO TA 126 40.52 67.76 29.40
CA PRO TA 126 39.71 66.63 29.85
C PRO TA 126 39.28 66.67 31.29
N ASP TA 127 39.98 67.42 32.15
CA ASP TA 127 39.57 67.45 33.54
C ASP TA 127 38.26 68.21 33.72
N GLY TA 128 37.91 69.06 32.78
CA GLY TA 128 36.64 69.76 32.86
C GLY TA 128 36.64 71.24 32.54
N LYS TA 129 37.67 71.99 32.92
CA LYS TA 129 37.61 73.39 32.57
C LYS TA 129 38.10 73.64 31.15
N LYS TA 130 37.78 74.81 30.63
CA LYS TA 130 38.23 75.28 29.34
C LYS TA 130 39.55 76.02 29.45
N LYS TA 131 40.42 75.81 28.48
CA LYS TA 131 41.73 76.43 28.41
C LYS TA 131 41.85 77.20 27.10
N ALA TA 132 42.34 78.44 27.19
CA ALA TA 132 42.37 79.35 26.05
C ALA TA 132 43.77 79.86 25.79
N TYR TA 133 44.22 79.74 24.55
CA TYR TA 133 45.52 80.19 24.11
C TYR TA 133 45.34 81.52 23.40
N VAL TA 134 45.73 82.60 24.05
CA VAL TA 134 45.50 83.96 23.59
C VAL TA 134 46.79 84.49 23.01
N LYS TA 135 46.87 84.61 21.69
CA LYS TA 135 48.08 85.08 21.05
C LYS TA 135 48.01 86.58 20.91
N LEU TA 136 49.04 87.28 21.37
CA LEU TA 136 49.06 88.73 21.34
C LEU TA 136 49.55 89.20 19.99
N THR TA 137 48.93 90.25 19.48
CA THR TA 137 49.45 90.90 18.29
C THR TA 137 50.88 91.34 18.58
N PRO TA 138 51.80 91.18 17.64
CA PRO TA 138 53.22 91.28 18.00
C PRO TA 138 53.66 92.69 18.33
N ASP TA 139 52.70 93.60 18.46
CA ASP TA 139 52.97 94.87 19.12
C ASP TA 139 53.31 94.67 20.58
N TYR TA 140 52.46 93.93 21.31
CA TYR TA 140 52.69 93.65 22.72
C TYR TA 140 53.56 92.42 22.89
N ASP TA 141 54.30 92.38 23.99
CA ASP TA 141 55.22 91.28 24.25
C ASP TA 141 54.69 90.40 25.38
N ALA TA 142 54.62 89.10 25.11
CA ALA TA 142 54.10 88.18 26.09
C ALA TA 142 54.99 88.11 27.33
N LEU TA 143 56.31 88.26 27.16
CA LEU TA 143 57.17 88.33 28.33
C LEU TA 143 56.75 89.48 29.22
N ASP TA 144 56.51 90.62 28.61
CA ASP TA 144 56.16 91.80 29.39
C ASP TA 144 54.85 91.56 30.14
N VAL TA 145 53.86 90.98 29.48
CA VAL TA 145 52.60 90.74 30.19
C VAL TA 145 52.76 89.67 31.27
N ALA TA 146 53.54 88.63 30.97
CA ALA TA 146 53.77 87.56 31.92
C ALA TA 146 54.45 88.09 33.17
N ASN TA 147 55.29 89.12 33.03
CA ASN TA 147 55.88 89.70 34.22
C ASN TA 147 55.04 90.83 34.81
N LYS TA 148 54.08 91.38 34.06
CA LYS TA 148 53.13 92.31 34.66
C LYS TA 148 52.09 91.59 35.53
N ILE TA 149 51.88 90.30 35.31
CA ILE TA 149 50.95 89.54 36.15
C ILE TA 149 51.63 88.48 37.00
N GLY TA 150 52.79 87.99 36.60
CA GLY TA 150 53.67 87.15 37.40
C GLY TA 150 53.46 85.69 37.09
N ILE TA 151 54.16 85.18 36.08
CA ILE TA 151 53.92 83.84 35.58
C ILE TA 151 55.23 83.08 35.46
N ILE TA 152 56.33 83.81 35.32
CA ILE TA 152 57.54 83.20 34.79
C ILE TA 152 58.75 83.83 35.46
N LEU UA 3 88.43 -21.51 0.46
CA LEU UA 3 86.98 -21.62 0.58
C LEU UA 3 86.31 -21.15 -0.70
N LYS UA 4 85.03 -21.48 -0.85
CA LYS UA 4 84.29 -21.16 -2.05
C LYS UA 4 83.72 -19.75 -1.92
N THR UA 5 84.28 -18.81 -2.66
CA THR UA 5 83.73 -17.46 -2.67
C THR UA 5 82.71 -17.32 -3.78
N GLU UA 6 81.91 -16.28 -3.66
CA GLU UA 6 80.96 -15.89 -4.68
C GLU UA 6 81.33 -14.50 -5.14
N LEU UA 7 80.73 -14.04 -6.22
CA LEU UA 7 81.00 -12.71 -6.74
C LEU UA 7 79.68 -11.98 -6.93
N CYS UA 8 79.49 -10.89 -6.21
CA CYS UA 8 78.30 -10.07 -6.38
C CYS UA 8 78.24 -9.52 -7.79
N ARG UA 9 77.03 -9.41 -8.33
CA ARG UA 9 76.86 -8.97 -9.70
C ARG UA 9 76.44 -7.51 -9.82
N PHE UA 10 76.56 -6.75 -8.75
CA PHE UA 10 76.38 -5.31 -8.85
C PHE UA 10 77.58 -4.53 -8.34
N SER UA 11 78.34 -5.06 -7.39
CA SER UA 11 79.58 -4.44 -6.99
C SER UA 11 80.79 -5.25 -7.40
N GLY UA 12 80.58 -6.44 -7.97
CA GLY UA 12 81.70 -7.26 -8.40
C GLY UA 12 82.69 -7.55 -7.30
N GLN UA 13 82.21 -7.65 -6.06
CA GLN UA 13 83.09 -7.98 -4.95
C GLN UA 13 82.68 -9.33 -4.38
N LYS UA 14 83.58 -9.92 -3.63
CA LYS UA 14 83.53 -11.34 -3.35
C LYS UA 14 82.74 -11.60 -2.07
N ILE UA 15 81.67 -12.38 -2.22
CA ILE UA 15 80.83 -12.86 -1.13
C ILE UA 15 81.50 -14.04 -0.44
N TYR UA 16 81.41 -14.06 0.87
CA TYR UA 16 81.93 -15.11 1.71
C TYR UA 16 80.78 -15.96 2.21
N PRO UA 17 81.03 -17.22 2.55
CA PRO UA 17 79.93 -18.15 2.82
C PRO UA 17 79.02 -17.66 3.93
N GLY UA 18 77.75 -18.00 3.80
CA GLY UA 18 76.78 -17.65 4.81
C GLY UA 18 76.27 -16.24 4.75
N LYS UA 19 76.21 -15.65 3.56
CA LYS UA 19 75.84 -14.25 3.42
C LYS UA 19 75.55 -13.99 1.96
N GLY UA 20 74.76 -12.98 1.70
CA GLY UA 20 74.48 -12.66 0.32
C GLY UA 20 73.06 -13.00 -0.06
N ILE UA 21 72.50 -12.17 -0.94
CA ILE UA 21 71.07 -12.18 -1.24
C ILE UA 21 70.93 -12.51 -2.71
N ARG UA 22 70.40 -13.68 -3.04
CA ARG UA 22 70.29 -14.05 -4.44
C ARG UA 22 68.86 -13.78 -4.90
N PHE UA 23 68.73 -12.87 -5.84
CA PHE UA 23 67.50 -12.59 -6.53
C PHE UA 23 67.43 -13.46 -7.79
N ILE UA 24 66.26 -13.98 -8.10
CA ILE UA 24 66.09 -14.96 -9.15
C ILE UA 24 65.13 -14.35 -10.17
N ARG UA 25 65.65 -13.69 -11.19
CA ARG UA 25 64.80 -12.89 -12.03
C ARG UA 25 63.99 -13.77 -12.97
N SER UA 26 62.80 -13.27 -13.35
CA SER UA 26 61.82 -14.10 -14.05
C SER UA 26 62.37 -14.69 -15.33
N ASP UA 27 63.38 -14.06 -15.93
CA ASP UA 27 64.07 -14.64 -17.08
C ASP UA 27 65.06 -15.70 -16.68
N SER UA 28 64.91 -16.26 -15.48
CA SER UA 28 65.57 -17.46 -14.99
C SER UA 28 67.04 -17.24 -14.65
N GLN UA 29 67.51 -16.00 -14.65
CA GLN UA 29 68.91 -15.73 -14.40
C GLN UA 29 69.10 -15.15 -13.01
N VAL UA 30 70.23 -15.48 -12.40
CA VAL UA 30 70.44 -15.35 -10.97
C VAL UA 30 71.36 -14.18 -10.70
N PHE UA 31 70.89 -13.19 -9.94
CA PHE UA 31 71.73 -12.09 -9.48
C PHE UA 31 72.06 -12.38 -8.03
N LEU UA 32 73.30 -12.21 -7.64
CA LEU UA 32 73.73 -12.50 -6.27
C LEU UA 32 74.23 -11.23 -5.60
N PHE UA 33 73.33 -10.44 -5.06
CA PHE UA 33 73.74 -9.21 -4.42
C PHE UA 33 74.49 -9.47 -3.14
N ALA UA 34 75.25 -8.47 -2.73
CA ALA UA 34 76.18 -8.56 -1.61
C ALA UA 34 75.58 -8.10 -0.31
N ASN UA 35 74.71 -7.12 -0.36
CA ASN UA 35 74.20 -6.47 0.84
C ASN UA 35 72.92 -5.73 0.45
N SER UA 36 72.44 -4.89 1.35
CA SER UA 36 71.22 -4.16 1.04
C SER UA 36 71.46 -3.10 -0.03
N LYS UA 37 72.60 -2.41 0.05
CA LYS UA 37 72.83 -1.26 -0.81
C LYS UA 37 72.91 -1.66 -2.27
N CYS UA 38 73.64 -2.72 -2.58
CA CYS UA 38 73.70 -3.16 -3.95
C CYS UA 38 72.32 -3.51 -4.45
N LYS UA 39 71.55 -4.24 -3.64
CA LYS UA 39 70.24 -4.71 -4.08
C LYS UA 39 69.30 -3.55 -4.33
N ARG UA 40 69.35 -2.53 -3.48
CA ARG UA 40 68.44 -1.40 -3.70
C ARG UA 40 68.87 -0.58 -4.89
N TYR UA 41 70.16 -0.49 -5.18
CA TYR UA 41 70.52 0.20 -6.41
C TYR UA 41 70.09 -0.61 -7.62
N PHE UA 42 70.24 -1.93 -7.56
CA PHE UA 42 69.83 -2.75 -8.69
C PHE UA 42 68.35 -2.57 -8.95
N HIS UA 43 67.52 -2.71 -7.92
CA HIS UA 43 66.08 -2.54 -8.12
C HIS UA 43 65.73 -1.13 -8.56
N ASN UA 44 66.48 -0.12 -8.11
CA ASN UA 44 66.29 1.21 -8.66
C ASN UA 44 66.85 1.35 -10.05
N ARG UA 45 67.41 0.28 -10.61
CA ARG UA 45 67.83 0.23 -12.01
C ARG UA 45 69.05 1.07 -12.28
N LEU UA 46 69.88 1.28 -11.27
CA LEU UA 46 71.11 2.01 -11.51
C LEU UA 46 72.05 1.13 -12.31
N LYS UA 47 72.94 1.77 -13.04
CA LYS UA 47 73.87 1.05 -13.88
C LYS UA 47 75.17 0.87 -13.11
N PRO UA 48 75.59 -0.35 -12.82
CA PRO UA 48 76.81 -0.52 -12.02
C PRO UA 48 77.99 0.20 -12.61
N ALA UA 49 78.09 0.21 -13.94
CA ALA UA 49 79.23 0.78 -14.62
C ALA UA 49 79.33 2.28 -14.46
N LYS UA 50 78.44 2.91 -13.69
CA LYS UA 50 78.45 4.36 -13.64
C LYS UA 50 78.22 4.85 -12.21
N LEU UA 51 78.14 3.94 -11.25
CA LEU UA 51 78.45 4.20 -9.85
C LEU UA 51 79.93 4.02 -9.63
N CYS UA 52 80.57 5.01 -9.01
CA CYS UA 52 82.02 5.07 -9.01
C CYS UA 52 82.68 4.02 -8.12
N TRP UA 53 81.96 3.43 -7.19
CA TRP UA 53 82.57 2.54 -6.22
C TRP UA 53 82.59 1.08 -6.64
N THR UA 54 82.09 0.75 -7.83
CA THR UA 54 81.92 -0.64 -8.19
C THR UA 54 83.15 -1.17 -8.91
N ALA UA 55 83.38 -2.47 -8.76
CA ALA UA 55 84.52 -3.08 -9.43
C ALA UA 55 84.34 -3.05 -10.93
N MET UA 56 83.11 -3.06 -11.43
CA MET UA 56 82.94 -2.98 -12.87
C MET UA 56 83.29 -1.59 -13.41
N TYR UA 57 82.86 -0.54 -12.72
CA TYR UA 57 83.32 0.80 -13.06
C TYR UA 57 84.83 0.87 -13.06
N ARG UA 58 85.45 0.40 -11.98
CA ARG UA 58 86.88 0.57 -11.85
C ARG UA 58 87.64 -0.20 -12.92
N LYS UA 59 87.22 -1.43 -13.25
CA LYS UA 59 87.98 -2.12 -14.28
C LYS UA 59 87.68 -1.56 -15.66
N GLN UA 60 86.47 -1.05 -15.88
CA GLN UA 60 86.15 -0.39 -17.15
C GLN UA 60 87.09 0.79 -17.38
N HIS UA 61 87.20 1.68 -16.39
CA HIS UA 61 88.11 2.82 -16.53
C HIS UA 61 89.56 2.48 -16.23
N LYS UA 62 89.87 1.22 -15.97
CA LYS UA 62 91.24 0.79 -15.73
C LYS UA 62 91.89 1.65 -14.65
N LYS UA 63 91.36 1.47 -13.45
CA LYS UA 63 91.92 2.14 -12.30
C LYS UA 63 92.69 1.15 -11.42
N MET VA 1 8.93 64.16 90.01
CA MET VA 1 9.47 63.45 88.86
C MET VA 1 8.80 64.02 87.62
N LYS VA 2 9.29 63.65 86.43
CA LYS VA 2 8.98 64.39 85.21
C LYS VA 2 7.48 64.56 85.01
N ARG VA 3 7.07 65.77 84.66
CA ARG VA 3 5.67 66.07 84.43
C ARG VA 3 5.47 66.77 83.10
N ASN VA 4 6.45 67.51 82.65
CA ASN VA 4 6.35 68.20 81.38
C ASN VA 4 6.24 67.15 80.30
N PRO VA 5 5.14 67.04 79.58
CA PRO VA 5 5.00 66.05 78.51
C PRO VA 5 5.47 66.56 77.15
N ARG VA 6 6.62 67.22 77.14
CA ARG VA 6 7.30 67.56 75.91
C ARG VA 6 8.79 67.34 76.03
N VAL VA 7 9.27 66.85 77.17
CA VAL VA 7 10.68 66.58 77.39
C VAL VA 7 10.88 65.08 77.46
N THR VA 8 11.95 64.61 76.83
CA THR VA 8 12.21 63.20 76.71
C THR VA 8 12.79 62.60 77.98
N SER VA 9 12.46 61.34 78.21
CA SER VA 9 12.96 60.57 79.33
C SER VA 9 13.52 59.25 78.86
N SER VA 10 14.05 59.22 77.65
CA SER VA 10 14.52 58.00 77.01
C SER VA 10 16.02 58.04 76.83
N ARG VA 11 16.67 56.90 77.06
CA ARG VA 11 18.12 56.86 76.99
C ARG VA 11 18.60 57.18 75.58
N ARG VA 12 17.97 56.56 74.58
CA ARG VA 12 18.37 56.75 73.19
C ARG VA 12 18.28 58.22 72.78
N LYS VA 13 17.13 58.83 73.03
CA LYS VA 13 16.94 60.21 72.60
C LYS VA 13 17.76 61.20 73.43
N CYS VA 14 17.96 60.95 74.72
CA CYS VA 14 18.84 61.83 75.48
C CYS VA 14 20.27 61.74 74.99
N ARG VA 15 20.78 60.53 74.73
CA ARG VA 15 22.14 60.44 74.22
C ARG VA 15 22.26 61.10 72.86
N LYS VA 16 21.23 60.96 72.01
CA LYS VA 16 21.23 61.68 70.73
C LYS VA 16 21.31 63.17 70.95
N ALA VA 17 20.38 63.73 71.74
CA ALA VA 17 20.31 65.18 71.91
C ALA VA 17 21.55 65.73 72.57
N HIS VA 18 22.25 64.90 73.32
CA HIS VA 18 23.53 65.29 73.91
C HIS VA 18 24.64 65.27 72.87
N PHE VA 19 24.96 64.09 72.34
CA PHE VA 19 26.13 63.98 71.49
C PHE VA 19 25.97 64.66 70.14
N THR VA 20 24.77 65.12 69.78
CA THR VA 20 24.57 65.79 68.50
C THR VA 20 24.23 67.26 68.75
N ALA VA 21 24.82 67.83 69.79
CA ALA VA 21 24.54 69.20 70.14
C ALA VA 21 25.32 70.16 69.25
N PRO VA 22 24.74 71.28 68.87
CA PRO VA 22 25.53 72.30 68.18
C PRO VA 22 26.46 73.03 69.12
N SER VA 23 27.15 74.05 68.61
CA SER VA 23 28.06 74.82 69.46
C SER VA 23 27.30 75.57 70.55
N SER VA 24 26.15 76.16 70.22
CA SER VA 24 25.46 76.95 71.22
C SER VA 24 24.91 76.09 72.34
N VAL VA 25 24.69 74.80 72.09
CA VAL VA 25 24.27 73.91 73.16
C VAL VA 25 25.48 73.40 73.92
N ARG VA 26 26.55 73.07 73.20
CA ARG VA 26 27.75 72.63 73.91
C ARG VA 26 28.32 73.73 74.78
N ARG VA 27 28.06 74.99 74.49
CA ARG VA 27 28.52 76.01 75.42
C ARG VA 27 27.97 75.74 76.80
N VAL VA 28 26.64 75.60 76.91
CA VAL VA 28 26.01 75.45 78.21
C VAL VA 28 26.32 74.07 78.79
N LEU VA 29 26.49 73.05 77.96
CA LEU VA 29 26.97 71.79 78.50
C LEU VA 29 28.36 71.93 79.10
N MET VA 30 29.20 72.81 78.52
CA MET VA 30 30.56 73.02 79.01
C MET VA 30 30.56 74.00 80.18
N SER VA 31 29.97 73.58 81.29
CA SER VA 31 29.98 74.42 82.48
C SER VA 31 30.77 73.74 83.58
N ALA VA 32 31.38 74.55 84.42
CA ALA VA 32 32.09 74.07 85.60
C ALA VA 32 31.56 74.82 86.81
N ALA VA 33 31.82 74.26 88.00
CA ALA VA 33 31.34 74.86 89.23
C ALA VA 33 32.37 75.86 89.75
N LEU VA 34 31.91 77.05 90.09
CA LEU VA 34 32.80 78.04 90.66
C LEU VA 34 33.29 77.58 92.02
N SER VA 35 34.50 78.01 92.38
CA SER VA 35 35.11 77.57 93.62
C SER VA 35 34.32 78.11 94.81
N SER VA 36 34.79 77.81 96.02
CA SER VA 36 34.05 78.16 97.22
C SER VA 36 33.92 79.68 97.39
N GLU VA 37 35.05 80.37 97.51
CA GLU VA 37 35.03 81.81 97.70
C GLU VA 37 34.37 82.51 96.54
N LEU VA 38 34.45 81.93 95.35
CA LEU VA 38 33.89 82.61 94.20
C LEU VA 38 32.39 82.41 94.16
N ARG VA 39 31.91 81.28 94.65
CA ARG VA 39 30.49 81.07 94.85
C ARG VA 39 29.94 82.02 95.89
N HIS VA 40 30.65 82.19 97.01
CA HIS VA 40 30.23 83.19 97.99
C HIS VA 40 30.19 84.58 97.37
N LYS VA 41 31.14 84.87 96.49
CA LYS VA 41 31.18 86.19 95.87
C LYS VA 41 29.97 86.43 94.97
N TYR VA 42 29.68 85.49 94.06
CA TYR VA 42 28.71 85.77 93.00
C TYR VA 42 27.35 85.13 93.21
N ASN VA 43 27.17 84.34 94.25
CA ASN VA 43 25.91 83.63 94.50
C ASN VA 43 25.41 82.95 93.22
N VAL VA 44 26.27 82.12 92.64
CA VAL VA 44 25.90 81.17 91.60
C VAL VA 44 26.73 79.92 91.80
N ARG VA 45 26.22 78.79 91.34
CA ARG VA 45 26.95 77.54 91.51
C ARG VA 45 27.84 77.18 90.32
N SER VA 46 27.33 77.30 89.09
CA SER VA 46 28.07 76.84 87.93
C SER VA 46 27.95 77.86 86.80
N ILE VA 47 28.90 77.80 85.87
CA ILE VA 47 28.98 78.76 84.78
C ILE VA 47 29.66 78.11 83.57
N PRO VA 48 29.23 78.40 82.34
CA PRO VA 48 29.92 77.84 81.17
C PRO VA 48 31.32 78.45 81.02
N ILE VA 49 32.32 77.58 80.87
CA ILE VA 49 33.69 78.06 80.92
C ILE VA 49 34.06 78.78 79.64
N ARG VA 50 35.08 79.61 79.75
CA ARG VA 50 35.46 80.65 78.82
C ARG VA 50 36.80 80.28 78.19
N LYS VA 51 37.37 81.22 77.44
CA LYS VA 51 38.72 81.08 76.94
C LYS VA 51 39.74 81.40 78.01
N ASP VA 52 39.59 82.52 78.71
CA ASP VA 52 40.64 83.09 79.54
C ASP VA 52 40.25 82.95 81.02
N ASP VA 53 39.76 81.79 81.41
CA ASP VA 53 39.51 81.50 82.82
C ASP VA 53 40.69 80.73 83.42
N GLU VA 54 40.85 80.90 84.73
CA GLU VA 54 41.86 80.18 85.49
C GLU VA 54 41.15 79.08 86.25
N VAL VA 55 41.43 77.82 85.91
CA VAL VA 55 40.74 76.72 86.55
C VAL VA 55 41.74 75.94 87.39
N GLN VA 56 41.20 75.12 88.28
CA GLN VA 56 42.00 74.27 89.14
C GLN VA 56 41.36 72.90 89.11
N VAL VA 57 42.05 71.93 88.52
CA VAL VA 57 41.47 70.61 88.35
C VAL VA 57 41.22 70.00 89.72
N VAL VA 58 40.25 69.10 89.81
CA VAL VA 58 39.94 68.50 91.11
C VAL VA 58 39.80 66.99 91.07
N ARG VA 59 39.64 66.33 89.93
CA ARG VA 59 39.40 64.89 89.95
C ARG VA 59 40.22 64.05 89.00
N GLY VA 60 40.78 64.61 87.95
CA GLY VA 60 41.67 63.80 87.13
C GLY VA 60 42.88 63.33 87.90
N THR VA 61 43.80 62.64 87.22
CA THR VA 61 45.09 62.33 87.81
C THR VA 61 45.91 63.61 87.98
N TYR VA 62 45.31 64.74 87.65
CA TYR VA 62 45.92 66.05 87.78
C TYR VA 62 45.23 66.93 88.82
N LYS VA 63 44.89 66.38 89.98
CA LYS VA 63 44.24 67.17 91.01
C LYS VA 63 45.12 68.33 91.43
N GLY VA 64 44.46 69.36 91.96
CA GLY VA 64 45.17 70.44 92.61
C GLY VA 64 46.14 71.17 91.72
N ARG VA 65 46.05 70.97 90.41
CA ARG VA 65 46.86 71.71 89.47
C ARG VA 65 46.02 72.82 88.86
N GLU VA 66 46.55 74.02 88.94
CA GLU VA 66 45.90 75.25 88.54
C GLU VA 66 46.52 75.72 87.24
N GLY VA 67 45.72 76.42 86.45
CA GLY VA 67 46.22 76.95 85.20
C GLY VA 67 45.10 77.64 84.45
N LYS VA 68 45.51 78.61 83.64
CA LYS VA 68 44.60 79.34 82.80
C LYS VA 68 44.06 78.44 81.71
N VAL VA 69 42.80 78.66 81.33
CA VAL VA 69 42.25 77.95 80.19
C VAL VA 69 42.91 78.48 78.93
N VAL VA 70 43.41 77.57 78.10
CA VAL VA 70 44.02 77.96 76.84
C VAL VA 70 43.24 77.46 75.64
N GLN VA 71 42.46 76.39 75.79
CA GLN VA 71 41.72 75.87 74.64
C GLN VA 71 40.50 75.12 75.13
N VAL VA 72 39.31 75.66 74.90
CA VAL VA 72 38.09 74.90 75.16
C VAL VA 72 37.65 74.31 73.84
N TYR VA 73 37.66 72.99 73.75
CA TYR VA 73 37.72 72.34 72.46
C TYR VA 73 36.44 71.50 72.37
N ARG VA 74 35.37 72.12 71.87
CA ARG VA 74 34.03 71.60 72.06
C ARG VA 74 33.79 70.29 71.33
N ARG VA 75 34.68 69.88 70.43
CA ARG VA 75 34.42 68.71 69.61
C ARG VA 75 34.79 67.42 70.33
N ARG VA 76 35.84 67.44 71.14
CA ARG VA 76 36.18 66.29 71.96
C ARG VA 76 35.65 66.37 73.37
N TRP VA 77 34.81 67.36 73.67
CA TRP VA 77 34.28 67.52 75.01
C TRP VA 77 35.39 67.64 76.02
N VAL VA 78 36.40 68.46 75.72
CA VAL VA 78 37.56 68.60 76.57
C VAL VA 78 37.96 70.07 76.65
N ILE VA 79 38.88 70.34 77.58
CA ILE VA 79 39.56 71.62 77.62
C ILE VA 79 41.04 71.34 77.86
N HIS VA 80 41.84 72.35 77.53
CA HIS VA 80 43.27 72.33 77.68
C HIS VA 80 43.61 73.57 78.48
N VAL VA 81 44.29 73.40 79.60
CA VAL VA 81 44.68 74.56 80.38
C VAL VA 81 46.20 74.62 80.45
N GLU VA 82 46.71 75.78 80.86
CA GLU VA 82 48.15 76.02 80.77
C GLU VA 82 48.94 74.93 81.46
N ARG VA 83 49.96 74.44 80.78
CA ARG VA 83 50.99 73.60 81.36
C ARG VA 83 50.46 72.24 81.77
N ILE VA 84 49.16 71.97 81.64
CA ILE VA 84 48.66 70.66 82.04
C ILE VA 84 48.97 69.72 80.89
N THR VA 85 50.18 69.21 80.85
CA THR VA 85 50.71 68.60 79.65
C THR VA 85 51.24 67.22 79.96
N ARG VA 86 51.31 66.38 78.94
CA ARG VA 86 52.17 65.22 79.04
C ARG VA 86 53.10 65.21 77.85
N GLU VA 87 53.99 64.23 77.83
CA GLU VA 87 55.01 64.11 76.82
C GLU VA 87 54.79 62.86 75.99
N LYS VA 88 54.90 63.00 74.69
CA LYS VA 88 54.72 61.90 73.77
C LYS VA 88 55.95 60.99 73.83
N VAL VA 89 55.89 59.89 73.08
CA VAL VA 89 57.03 58.98 73.04
C VAL VA 89 58.23 59.64 72.38
N ASN VA 90 58.00 60.45 71.35
CA ASN VA 90 59.11 61.13 70.69
C ASN VA 90 59.55 62.39 71.43
N GLY VA 91 58.86 62.79 72.48
CA GLY VA 91 59.32 63.86 73.34
C GLY VA 91 58.56 65.16 73.23
N SER VA 92 57.64 65.31 72.28
CA SER VA 92 56.87 66.53 72.22
C SER VA 92 55.97 66.65 73.45
N THR VA 93 55.45 67.85 73.67
CA THR VA 93 54.48 68.10 74.73
C THR VA 93 53.11 68.28 74.11
N VAL VA 94 52.12 67.60 74.66
CA VAL VA 94 50.75 67.72 74.18
C VAL VA 94 49.84 67.83 75.38
N ASN VA 95 48.81 68.66 75.25
CA ASN VA 95 47.88 68.87 76.33
C ASN VA 95 46.96 67.66 76.45
N VAL VA 96 46.58 67.34 77.66
CA VAL VA 96 45.61 66.29 77.91
C VAL VA 96 44.28 66.93 78.23
N GLY VA 97 43.20 66.28 77.83
CA GLY VA 97 41.88 66.84 77.98
C GLY VA 97 41.35 66.61 79.38
N ILE VA 98 40.78 67.65 79.96
CA ILE VA 98 40.14 67.56 81.26
C ILE VA 98 38.67 67.88 81.06
N HIS VA 99 37.83 67.04 81.54
CA HIS VA 99 36.45 67.31 81.20
C HIS VA 99 35.92 68.45 82.07
N PRO VA 100 35.17 69.38 81.50
CA PRO VA 100 34.86 70.63 82.23
C PRO VA 100 34.11 70.42 83.52
N SER VA 101 33.38 69.34 83.70
CA SER VA 101 32.69 69.13 84.96
C SER VA 101 33.62 68.63 86.04
N LYS VA 102 34.87 68.34 85.71
CA LYS VA 102 35.86 67.88 86.69
C LYS VA 102 36.90 68.95 86.99
N VAL VA 103 36.53 70.22 86.89
CA VAL VA 103 37.37 71.32 87.34
C VAL VA 103 36.52 72.28 88.16
N ILE VA 104 37.17 73.26 88.76
CA ILE VA 104 36.52 74.41 89.35
C ILE VA 104 37.19 75.66 88.81
N VAL VA 105 36.40 76.70 88.55
CA VAL VA 105 36.91 77.94 88.01
C VAL VA 105 37.46 78.77 89.17
N THR VA 106 38.77 78.77 89.34
CA THR VA 106 39.36 79.51 90.45
C THR VA 106 39.28 81.02 90.22
N LYS VA 107 39.67 81.49 89.04
CA LYS VA 107 39.57 82.88 88.66
C LYS VA 107 38.64 82.99 87.46
N LEU VA 108 37.84 84.04 87.44
CA LEU VA 108 36.79 84.20 86.47
C LEU VA 108 37.10 85.39 85.56
N LYS VA 109 36.90 85.20 84.26
CA LYS VA 109 37.16 86.23 83.24
C LYS VA 109 35.93 87.09 83.12
N LEU VA 110 35.89 88.16 83.91
CA LEU VA 110 34.71 89.01 83.99
C LEU VA 110 34.65 89.88 82.75
N ASP VA 111 34.03 89.36 81.70
CA ASP VA 111 33.66 90.17 80.56
C ASP VA 111 32.31 90.82 80.89
N LYS VA 112 31.96 91.88 80.15
CA LYS VA 112 30.73 92.59 80.50
C LYS VA 112 29.52 91.67 80.41
N ASP VA 113 29.51 90.80 79.42
CA ASP VA 113 28.35 89.95 79.25
C ASP VA 113 28.39 88.79 80.26
N ARG VA 114 29.57 88.40 80.71
CA ARG VA 114 29.65 87.47 81.83
C ARG VA 114 29.12 88.12 83.09
N LYS VA 115 29.37 89.41 83.27
CA LYS VA 115 28.82 90.15 84.41
C LYS VA 115 27.30 90.14 84.37
N ALA VA 116 26.71 90.45 83.22
CA ALA VA 116 25.26 90.39 83.11
C ALA VA 116 24.72 88.98 83.31
N LEU VA 117 25.43 87.97 82.79
CA LEU VA 117 25.06 86.58 83.00
C LEU VA 117 25.04 86.22 84.48
N LEU VA 118 26.06 86.62 85.22
CA LEU VA 118 26.08 86.30 86.63
C LEU VA 118 25.00 87.06 87.36
N ASP VA 119 24.66 88.27 86.91
CA ASP VA 119 23.54 88.97 87.52
C ASP VA 119 22.25 88.17 87.37
N ARG VA 120 21.97 87.69 86.16
CA ARG VA 120 20.71 86.98 85.96
C ARG VA 120 20.70 85.64 86.70
N LYS VA 121 21.81 84.91 86.69
CA LYS VA 121 21.81 83.63 87.40
C LYS VA 121 21.68 83.84 88.90
N ALA VA 122 22.36 84.84 89.45
CA ALA VA 122 22.30 85.06 90.88
C ALA VA 122 20.91 85.49 91.31
N ARG VA 123 20.27 86.40 90.56
CA ARG VA 123 18.91 86.78 90.94
C ARG VA 123 17.95 85.62 90.82
N GLY VA 124 18.19 84.71 89.86
CA GLY VA 124 17.36 83.53 89.79
C GLY VA 124 17.52 82.64 91.01
N ARG VA 125 18.75 82.47 91.49
CA ARG VA 125 18.95 81.64 92.67
C ARG VA 125 18.37 82.29 93.92
N ALA VA 126 18.44 83.62 93.99
CA ALA VA 126 17.99 84.33 95.19
C ALA VA 126 16.48 84.50 95.24
N ALA VA 127 15.81 84.49 94.10
CA ALA VA 127 14.35 84.52 94.11
C ALA VA 127 13.74 83.20 94.56
N ASP VA 128 14.52 82.12 94.64
CA ASP VA 128 14.07 80.88 95.26
C ASP VA 128 14.66 80.63 96.65
N LYS VA 129 15.82 81.22 96.95
CA LYS VA 129 16.22 81.34 98.35
C LYS VA 129 15.27 82.21 99.15
N ALA VA 130 14.63 83.19 98.53
CA ALA VA 130 13.65 84.00 99.21
C ALA VA 130 12.25 83.65 98.75
N THR WA 2 -1.22 38.17 114.44
CA THR WA 2 -1.97 37.26 113.58
C THR WA 2 -3.47 37.37 113.85
N THR WA 3 -4.13 38.35 113.24
CA THR WA 3 -5.58 38.42 113.36
C THR WA 3 -6.21 37.14 112.83
N VAL WA 4 -5.85 36.74 111.61
CA VAL WA 4 -6.28 35.46 111.06
C VAL WA 4 -5.47 34.38 111.74
N PRO WA 5 -6.00 33.19 111.90
CA PRO WA 5 -5.33 32.20 112.76
C PRO WA 5 -3.99 31.72 112.23
N GLY WA 6 -3.31 30.97 113.08
CA GLY WA 6 -2.00 30.47 112.73
C GLY WA 6 -2.04 29.59 111.50
N SER WA 7 -3.04 28.71 111.42
CA SER WA 7 -3.10 27.79 110.30
C SER WA 7 -3.31 28.54 108.99
N LEU WA 8 -4.13 29.57 109.00
CA LEU WA 8 -4.36 30.30 107.76
C LEU WA 8 -3.14 31.11 107.36
N VAL WA 9 -2.40 31.66 108.32
CA VAL WA 9 -1.19 32.36 107.91
C VAL WA 9 -0.19 31.37 107.32
N TRP WA 10 -0.11 30.16 107.89
CA TRP WA 10 0.72 29.13 107.28
C TRP WA 10 0.28 28.85 105.85
N GLU WA 11 -1.00 28.59 105.66
CA GLU WA 11 -1.49 28.22 104.34
C GLU WA 11 -1.32 29.36 103.36
N LEU WA 12 -1.10 30.57 103.86
CA LEU WA 12 -0.89 31.73 103.01
C LEU WA 12 0.58 31.99 102.72
N VAL WA 13 1.50 31.57 103.58
CA VAL WA 13 2.90 31.90 103.39
C VAL WA 13 3.76 30.65 103.22
N LYS WA 14 3.17 29.51 102.98
CA LYS WA 14 4.00 28.31 102.96
C LYS WA 14 4.85 28.26 101.70
N LYS WA 15 4.44 28.94 100.64
CA LYS WA 15 5.03 28.71 99.33
C LYS WA 15 6.04 29.76 98.91
N ASN WA 16 5.77 31.04 99.17
CA ASN WA 16 6.79 32.07 99.01
C ASN WA 16 6.68 33.03 100.18
N ASN WA 17 7.72 33.10 100.99
CA ASN WA 17 7.82 34.11 102.03
C ASN WA 17 9.22 34.69 102.00
N CYS WA 18 9.32 35.98 102.36
CA CYS WA 18 10.55 36.73 102.22
C CYS WA 18 11.68 36.19 103.09
N PHE WA 19 11.38 35.36 104.07
CA PHE WA 19 12.40 34.78 104.93
C PHE WA 19 12.85 33.40 104.47
N LEU WA 20 12.35 32.92 103.33
CA LEU WA 20 12.65 31.57 102.89
C LEU WA 20 13.76 31.59 101.85
N ILE WA 21 14.74 30.73 102.03
CA ILE WA 21 15.83 30.51 101.09
C ILE WA 21 15.71 29.08 100.60
N LYS WA 22 15.33 28.92 99.34
CA LYS WA 22 15.20 27.62 98.72
C LYS WA 22 16.20 27.54 97.58
N GLN WA 23 16.93 26.43 97.53
CA GLN WA 23 17.87 26.21 96.45
C GLN WA 23 17.68 24.83 95.87
N PHE WA 24 18.35 24.63 94.74
CA PHE WA 24 18.48 23.37 94.05
C PHE WA 24 17.19 22.97 93.35
N GLY WA 25 16.29 23.93 93.14
CA GLY WA 25 15.11 23.69 92.34
C GLY WA 25 14.01 22.99 93.09
N ASN WA 26 12.91 22.74 92.38
CA ASN WA 26 11.73 22.12 92.95
C ASN WA 26 11.76 20.61 92.86
N SER WA 27 12.91 20.04 92.59
CA SER WA 27 13.03 18.60 92.42
C SER WA 27 13.20 17.94 93.78
N ASN WA 28 13.60 16.67 93.78
CA ASN WA 28 13.92 15.99 95.02
C ASN WA 28 15.14 16.57 95.71
N ALA WA 29 15.92 17.38 95.00
CA ALA WA 29 17.12 17.98 95.53
C ALA WA 29 16.84 19.19 96.39
N LYS WA 30 15.59 19.64 96.43
CA LYS WA 30 15.26 20.95 96.95
C LYS WA 30 15.71 21.09 98.40
N VAL WA 31 16.39 22.19 98.68
CA VAL WA 31 16.84 22.53 100.03
C VAL WA 31 16.06 23.76 100.47
N GLN WA 32 15.43 23.67 101.64
CA GLN WA 32 14.58 24.74 102.14
C GLN WA 32 15.02 25.13 103.54
N PHE WA 33 15.43 26.37 103.73
CA PHE WA 33 15.61 26.94 105.05
C PHE WA 33 14.80 28.23 105.15
N SER WA 34 14.33 28.54 106.34
CA SER WA 34 13.72 29.83 106.60
C SER WA 34 14.60 30.56 107.60
N LYS WA 35 14.78 31.86 107.40
CA LYS WA 35 15.82 32.58 108.11
C LYS WA 35 15.28 33.71 108.98
N GLU WA 36 14.02 33.66 109.36
CA GLU WA 36 13.51 34.65 110.28
C GLU WA 36 14.13 34.46 111.66
N PRO WA 37 14.25 35.54 112.44
CA PRO WA 37 14.87 35.41 113.76
C PRO WA 37 14.10 34.52 114.73
N ASN WA 38 12.77 34.51 114.68
CA ASN WA 38 11.98 33.78 115.65
C ASN WA 38 11.71 32.34 115.25
N ASN WA 39 12.63 31.71 114.52
CA ASN WA 39 12.53 30.31 114.16
C ASN WA 39 13.76 29.62 114.73
N LEU WA 40 13.58 28.42 115.29
CA LEU WA 40 14.68 27.81 116.03
C LEU WA 40 15.62 27.01 115.13
N TYR WA 41 15.17 25.87 114.62
CA TYR WA 41 16.02 25.18 113.66
C TYR WA 41 16.16 25.86 112.32
N ASN WA 42 15.51 27.00 112.10
CA ASN WA 42 15.49 27.59 110.77
C ASN WA 42 15.08 26.55 109.76
N VAL WA 43 14.09 25.76 110.13
CA VAL WA 43 13.41 24.84 109.22
C VAL WA 43 12.10 25.50 108.83
N HIS WA 44 11.77 25.41 107.56
CA HIS WA 44 10.53 25.96 107.02
C HIS WA 44 9.45 24.91 107.16
N SER WA 45 8.75 24.91 108.28
CA SER WA 45 7.60 24.02 108.46
C SER WA 45 6.70 24.63 109.50
N TYR WA 46 5.48 24.10 109.60
CA TYR WA 46 4.46 24.76 110.41
C TYR WA 46 4.76 24.68 111.90
N LYS WA 47 5.45 23.63 112.35
CA LYS WA 47 5.84 23.56 113.74
C LYS WA 47 6.72 24.74 114.12
N PHE WA 48 7.78 24.96 113.36
CA PHE WA 48 8.81 25.90 113.74
C PHE WA 48 8.53 27.34 113.32
N SER WA 49 7.60 27.55 112.41
CA SER WA 49 7.60 28.78 111.63
C SER WA 49 7.40 30.01 112.51
N GLY WA 50 8.20 31.03 112.25
CA GLY WA 50 8.12 32.24 113.02
C GLY WA 50 7.08 33.22 112.56
N LEU WA 51 6.34 32.89 111.52
CA LEU WA 51 5.27 33.74 111.01
C LEU WA 51 3.90 33.11 111.11
N ALA WA 52 3.82 31.79 111.03
CA ALA WA 52 2.55 31.10 111.01
C ALA WA 52 2.05 30.75 112.40
N ASN WA 53 2.59 31.40 113.43
CA ASN WA 53 2.32 30.97 114.81
C ASN WA 53 2.01 32.17 115.68
N SER WA 54 1.15 31.93 116.67
CA SER WA 54 0.99 32.87 117.76
C SER WA 54 2.20 32.86 118.67
N LYS WA 55 2.66 31.67 119.04
CA LYS WA 55 3.59 31.48 120.14
C LYS WA 55 4.91 30.98 119.60
N THR WA 56 5.93 31.84 119.61
CA THR WA 56 7.22 31.46 119.08
C THR WA 56 8.31 31.90 120.04
N VAL WA 57 9.38 31.11 120.07
CA VAL WA 57 10.52 31.28 120.96
C VAL WA 57 11.75 31.53 120.12
N ALA WA 58 12.39 32.68 120.32
CA ALA WA 58 13.61 33.06 119.62
C ALA WA 58 14.76 33.14 120.61
N VAL WA 59 15.93 32.64 120.21
CA VAL WA 59 17.11 32.63 121.07
C VAL WA 59 18.32 33.10 120.27
N GLN WA 60 18.72 34.35 120.46
CA GLN WA 60 19.73 34.95 119.60
C GLN WA 60 20.97 35.37 120.37
N PRO WA 61 22.16 35.16 119.82
CA PRO WA 61 23.33 35.84 120.34
C PRO WA 61 23.18 37.34 120.14
N SER WA 62 23.55 38.11 121.16
CA SER WA 62 23.09 39.49 121.25
C SER WA 62 23.97 40.45 120.45
N ALA WA 63 23.51 41.70 120.37
CA ALA WA 63 24.27 42.80 119.79
C ALA WA 63 25.50 43.10 120.65
N GLY WA 64 26.30 44.06 120.23
CA GLY WA 64 27.69 44.04 120.63
C GLY WA 64 27.88 44.01 122.14
N GLU WA 65 28.16 42.80 122.62
CA GLU WA 65 28.30 42.47 124.02
C GLU WA 65 28.59 40.97 124.12
N ASP WA 66 29.31 40.54 125.16
CA ASP WA 66 29.78 39.16 125.23
C ASP WA 66 28.87 38.31 126.12
N LYS WA 67 28.77 37.04 125.74
CA LYS WA 67 28.15 35.99 126.55
C LYS WA 67 26.73 36.34 126.98
N ALA WA 68 26.04 37.20 126.23
CA ALA WA 68 24.68 37.64 126.52
C ALA WA 68 23.74 37.06 125.48
N VAL WA 69 22.85 36.17 125.90
CA VAL WA 69 21.89 35.51 125.00
C VAL WA 69 20.52 36.12 125.22
N VAL WA 70 19.88 36.55 124.14
CA VAL WA 70 18.51 37.06 124.21
C VAL WA 70 17.56 35.89 124.05
N LEU WA 71 16.66 35.72 125.00
CA LEU WA 71 15.54 34.80 124.85
C LEU WA 71 14.28 35.63 124.77
N SER WA 72 13.53 35.46 123.69
CA SER WA 72 12.30 36.20 123.49
C SER WA 72 11.19 35.24 123.15
N THR WA 73 9.99 35.56 123.60
CA THR WA 73 8.81 34.79 123.28
C THR WA 73 7.73 35.77 122.85
N THR WA 74 6.92 35.38 121.88
CA THR WA 74 5.83 36.27 121.52
C THR WA 74 4.78 36.30 122.61
N LYS WA 75 4.05 37.42 122.69
CA LYS WA 75 2.87 37.55 123.53
C LYS WA 75 1.64 37.25 122.69
N THR WA 76 0.83 36.30 123.16
CA THR WA 76 -0.31 35.83 122.37
C THR WA 76 -1.31 36.94 122.11
N LYS WA 77 -1.49 37.84 123.07
CA LYS WA 77 -2.56 38.83 122.99
C LYS WA 77 -2.18 40.09 122.26
N LYS WA 78 -0.90 40.43 122.19
CA LYS WA 78 -0.49 41.70 121.62
C LYS WA 78 -0.08 41.56 120.16
N GLN WA 79 -0.77 40.69 119.41
CA GLN WA 79 -0.33 40.37 118.05
C GLN WA 79 -0.39 41.57 117.13
N ASN WA 80 -1.45 42.37 117.21
CA ASN WA 80 -1.62 43.47 116.28
C ASN WA 80 -0.88 44.72 116.72
N THR WA 81 0.11 44.59 117.60
CA THR WA 81 0.93 45.71 118.06
C THR WA 81 2.39 45.29 117.92
N PRO WA 82 2.95 45.40 116.72
CA PRO WA 82 4.25 44.76 116.46
C PRO WA 82 5.38 45.24 117.34
N ALA WA 83 5.42 46.53 117.65
CA ALA WA 83 6.49 47.02 118.53
C ALA WA 83 6.44 46.33 119.88
N LYS WA 84 5.25 45.90 120.29
CA LYS WA 84 5.00 45.37 121.62
C LYS WA 84 4.50 43.93 121.54
N LEU WA 85 5.06 43.15 120.63
CA LEU WA 85 4.67 41.76 120.47
C LEU WA 85 5.64 40.80 121.11
N GLN WA 86 6.88 41.23 121.31
CA GLN WA 86 7.97 40.35 121.71
C GLN WA 86 8.45 40.65 123.13
N HIS WA 87 8.55 39.60 123.93
CA HIS WA 87 9.07 39.65 125.30
C HIS WA 87 10.49 39.13 125.26
N LYS WA 88 11.45 40.04 125.35
CA LYS WA 88 12.87 39.71 125.27
C LYS WA 88 13.51 39.86 126.63
N THR WA 89 14.48 38.99 126.91
CA THR WA 89 15.28 39.08 128.12
C THR WA 89 16.72 38.69 127.79
N LEU WA 90 17.66 39.54 128.22
CA LEU WA 90 19.06 39.41 127.87
C LEU WA 90 19.79 38.77 129.04
N MET WA 91 19.97 37.45 128.99
CA MET WA 91 20.54 36.71 130.12
C MET WA 91 22.02 36.42 129.86
N ARG WA 92 22.85 36.84 130.81
CA ARG WA 92 24.29 36.62 130.79
C ARG WA 92 24.74 35.62 131.83
N LYS WA 93 23.81 34.96 132.51
CA LYS WA 93 24.13 34.00 133.55
C LYS WA 93 24.85 32.78 132.97
N GLU WA 94 25.16 31.84 133.84
CA GLU WA 94 25.86 30.64 133.44
C GLU WA 94 24.92 29.74 132.65
N PHE WA 95 25.48 28.71 132.01
CA PHE WA 95 24.69 27.92 131.09
C PHE WA 95 23.54 27.22 131.80
N ARG WA 96 23.80 26.64 132.97
CA ARG WA 96 22.78 25.84 133.63
C ARG WA 96 21.61 26.70 134.08
N LYS WA 97 21.90 27.87 134.65
CA LYS WA 97 20.87 28.81 135.06
C LYS WA 97 20.09 29.31 133.86
N MET WA 98 20.81 29.58 132.76
CA MET WA 98 20.15 30.09 131.56
C MET WA 98 19.19 29.05 131.00
N ALA WA 99 19.60 27.78 131.00
CA ALA WA 99 18.73 26.71 130.50
C ALA WA 99 17.54 26.48 131.42
N LYS WA 100 17.75 26.60 132.73
CA LYS WA 100 16.61 26.56 133.65
C LYS WA 100 15.60 27.65 133.31
N SER WA 101 16.10 28.86 133.00
CA SER WA 101 15.20 29.95 132.65
C SER WA 101 14.45 29.66 131.36
N VAL WA 102 15.13 29.06 130.39
CA VAL WA 102 14.46 28.76 129.11
C VAL WA 102 13.42 27.67 129.29
N LYS WA 103 13.69 26.68 130.14
CA LYS WA 103 12.65 25.72 130.45
C LYS WA 103 11.47 26.42 131.12
N ASN WA 104 11.75 27.35 132.04
CA ASN WA 104 10.69 28.11 132.68
C ASN WA 104 9.83 28.85 131.68
N GLN WA 105 10.45 29.43 130.65
CA GLN WA 105 9.75 30.29 129.72
C GLN WA 105 9.12 29.52 128.55
N VAL WA 106 9.52 28.27 128.32
CA VAL WA 106 9.11 27.53 127.14
C VAL WA 106 8.27 26.31 127.47
N CYS WA 107 8.63 25.56 128.49
CA CYS WA 107 7.98 24.29 128.78
C CYS WA 107 7.16 24.29 130.05
N ASP WA 108 7.71 24.80 131.15
CA ASP WA 108 7.07 24.66 132.45
C ASP WA 108 5.88 25.60 132.65
N ASN WA 109 5.75 26.64 131.84
CA ASN WA 109 4.54 27.44 131.88
C ASN WA 109 3.53 27.00 130.85
N TYR WA 110 3.81 25.92 130.14
CA TYR WA 110 2.97 25.42 129.06
C TYR WA 110 2.77 26.46 127.99
N TYR WA 111 3.68 27.44 127.94
CA TYR WA 111 3.69 28.39 126.83
C TYR WA 111 3.73 27.63 125.52
N ARG WA 112 4.81 26.91 125.30
CA ARG WA 112 4.81 26.11 124.10
C ARG WA 112 5.77 24.95 124.29
N PRO WA 113 5.29 23.83 124.85
CA PRO WA 113 6.17 22.68 125.07
C PRO WA 113 6.70 22.08 123.81
N ASP WA 114 6.16 22.49 122.66
CA ASP WA 114 6.63 22.01 121.38
C ASP WA 114 8.15 22.12 121.30
N LEU WA 115 8.66 23.29 121.66
CA LEU WA 115 10.04 23.66 121.50
C LEU WA 115 10.84 23.51 122.77
N THR WA 116 10.47 22.55 123.62
CA THR WA 116 11.25 22.34 124.83
C THR WA 116 12.66 21.89 124.48
N LYS WA 117 12.78 20.92 123.58
CA LYS WA 117 14.10 20.47 123.19
C LYS WA 117 14.76 21.42 122.19
N PRO WA 118 14.11 21.78 121.08
CA PRO WA 118 14.81 22.62 120.10
C PRO WA 118 15.31 23.95 120.65
N ALA WA 119 14.56 24.57 121.55
CA ALA WA 119 15.01 25.84 122.10
C ALA WA 119 16.27 25.65 122.94
N LEU WA 120 16.38 24.54 123.66
CA LEU WA 120 17.60 24.28 124.41
C LEU WA 120 18.73 23.87 123.49
N ALA WA 121 18.42 23.28 122.34
CA ALA WA 121 19.48 22.97 121.38
C ALA WA 121 20.04 24.23 120.76
N ARG WA 122 19.18 25.16 120.36
CA ARG WA 122 19.65 26.45 119.88
C ARG WA 122 20.36 27.23 120.98
N LEU WA 123 19.90 27.08 122.22
CA LEU WA 123 20.62 27.68 123.34
C LEU WA 123 22.03 27.12 123.46
N SER WA 124 22.18 25.80 123.36
CA SER WA 124 23.51 25.20 123.37
C SER WA 124 24.38 25.78 122.27
N ALA WA 125 23.87 25.75 121.04
CA ALA WA 125 24.68 26.18 119.91
C ALA WA 125 25.04 27.65 120.02
N VAL WA 126 24.09 28.50 120.42
CA VAL WA 126 24.35 29.92 120.57
C VAL WA 126 25.38 30.17 121.66
N TYR WA 127 25.23 29.50 122.79
CA TYR WA 127 26.14 29.76 123.89
C TYR WA 127 27.55 29.35 123.53
N ARG WA 128 27.73 28.21 122.86
CA ARG WA 128 29.09 27.86 122.49
C ARG WA 128 29.61 28.75 121.37
N SER WA 129 28.75 29.22 120.48
CA SER WA 129 29.18 30.20 119.49
C SER WA 129 29.75 31.43 120.17
N LEU WA 130 29.11 31.88 121.24
CA LEU WA 130 29.64 33.02 121.97
C LEU WA 130 30.96 32.66 122.64
N GLN WA 131 31.04 31.48 123.25
CA GLN WA 131 32.29 31.07 123.87
C GLN WA 131 33.44 31.13 122.87
N VAL WA 132 33.27 30.51 121.71
CA VAL WA 132 34.34 30.44 120.74
C VAL WA 132 34.60 31.81 120.10
N SER WA 133 33.55 32.63 119.93
CA SER WA 133 33.80 34.00 119.52
C SER WA 133 34.67 34.73 120.52
N LYS WA 134 34.68 34.27 121.76
CA LYS WA 134 35.56 34.86 122.78
C LYS WA 134 36.96 34.26 122.75
N SER WA 135 37.07 32.94 122.83
CA SER WA 135 38.37 32.31 123.01
C SER WA 135 39.09 32.05 121.69
N GLY WA 136 38.38 31.52 120.70
CA GLY WA 136 38.98 31.04 119.48
C GLY WA 136 38.85 29.53 119.38
N ILE WA 137 39.34 29.00 118.26
CA ILE WA 137 39.31 27.57 118.03
C ILE WA 137 40.42 26.90 118.84
N LYS WA 138 40.02 26.08 119.79
CA LYS WA 138 40.92 25.23 120.56
C LYS WA 138 40.70 23.76 120.24
N LYS WA 139 39.45 23.35 120.09
CA LYS WA 139 39.07 22.03 119.61
C LYS WA 139 38.68 22.12 118.13
N LYS WA 140 38.95 21.05 117.39
CA LYS WA 140 38.45 20.93 116.04
C LYS WA 140 37.15 20.16 115.94
N ASN WA 141 36.85 19.32 116.94
CA ASN WA 141 35.56 18.66 117.04
C ASN WA 141 35.21 17.92 115.76
N ARG WA 142 36.19 17.19 115.23
CA ARG WA 142 35.89 16.30 114.12
C ARG WA 142 35.75 14.86 114.53
N GLN WA 143 36.34 14.48 115.65
CA GLN WA 143 36.18 13.13 116.20
C GLN WA 143 34.83 13.00 116.87
N SER XA 10 -0.88 56.06 -59.98
CA SER XA 10 0.14 55.56 -60.89
C SER XA 10 1.50 55.51 -60.21
N GLY XA 11 1.58 54.76 -59.11
CA GLY XA 11 2.78 54.68 -58.30
C GLY XA 11 3.97 53.99 -58.95
N GLU XA 12 3.78 52.77 -59.45
CA GLU XA 12 4.90 52.14 -60.13
C GLU XA 12 5.17 52.77 -61.48
N ASN XA 13 4.24 53.56 -62.00
CA ASN XA 13 4.49 54.37 -63.18
C ASN XA 13 4.99 55.77 -62.83
N ILE XA 14 5.21 56.05 -61.55
CA ILE XA 14 6.18 57.08 -61.16
C ILE XA 14 7.54 56.44 -60.88
N ASN XA 15 7.54 55.20 -60.40
CA ASN XA 15 8.78 54.46 -60.28
C ASN XA 15 9.48 54.34 -61.61
N ASN XA 16 8.73 54.01 -62.67
CA ASN XA 16 9.33 53.89 -64.00
C ASN XA 16 9.89 55.23 -64.46
N LYS XA 17 9.13 56.31 -64.30
CA LYS XA 17 9.62 57.62 -64.72
C LYS XA 17 10.93 57.95 -64.01
N LEU XA 18 10.96 57.76 -62.70
CA LEU XA 18 12.14 58.16 -61.96
C LEU XA 18 13.32 57.23 -62.22
N GLN XA 19 13.06 55.96 -62.47
CA GLN XA 19 14.15 55.07 -62.83
C GLN XA 19 14.74 55.46 -64.17
N LEU XA 20 13.91 55.99 -65.06
CA LEU XA 20 14.43 56.57 -66.31
C LEU XA 20 15.26 57.81 -66.04
N VAL XA 21 14.79 58.68 -65.15
CA VAL XA 21 15.57 59.86 -64.77
C VAL XA 21 16.93 59.47 -64.24
N MET XA 22 17.00 58.34 -63.52
CA MET XA 22 18.26 57.92 -62.93
C MET XA 22 19.28 57.45 -63.96
N LYS XA 23 18.88 57.08 -65.18
CA LYS XA 23 19.88 56.79 -66.19
C LYS XA 23 20.04 57.93 -67.20
N SER XA 24 19.10 58.85 -67.28
CA SER XA 24 19.20 59.88 -68.30
C SER XA 24 19.57 61.25 -67.75
N GLY XA 25 18.83 61.75 -66.76
CA GLY XA 25 18.88 63.14 -66.39
C GLY XA 25 19.79 63.44 -65.21
N LYS XA 26 19.75 64.70 -64.79
CA LYS XA 26 20.51 65.17 -63.65
C LYS XA 26 19.63 65.16 -62.42
N TYR XA 27 20.16 64.68 -61.31
CA TYR XA 27 19.41 64.57 -60.07
C TYR XA 27 20.35 64.81 -58.91
N THR XA 28 19.77 65.14 -57.76
CA THR XA 28 20.53 65.43 -56.57
C THR XA 28 19.81 64.84 -55.37
N LEU XA 29 20.53 64.11 -54.53
CA LEU XA 29 19.95 63.33 -53.46
C LEU XA 29 20.24 63.98 -52.11
N GLY XA 30 19.21 64.11 -51.29
CA GLY XA 30 19.51 64.43 -49.92
C GLY XA 30 19.19 65.87 -49.56
N TYR XA 31 18.84 66.07 -48.30
CA TYR XA 31 18.35 67.35 -47.81
C TYR XA 31 19.33 68.48 -48.08
N LYS XA 32 20.60 68.28 -47.71
CA LYS XA 32 21.49 69.43 -47.64
C LYS XA 32 21.74 70.00 -49.03
N THR XA 33 21.65 69.17 -50.06
CA THR XA 33 21.87 69.60 -51.44
C THR XA 33 20.59 69.96 -52.18
N VAL XA 34 19.47 69.30 -51.87
CA VAL XA 34 18.19 69.82 -52.32
C VAL XA 34 18.06 71.27 -51.94
N LEU XA 35 18.45 71.59 -50.71
CA LEU XA 35 18.35 72.98 -50.27
C LEU XA 35 19.24 73.92 -51.06
N LYS XA 36 20.46 73.49 -51.40
CA LYS XA 36 21.32 74.35 -52.19
C LYS XA 36 20.75 74.56 -53.58
N THR XA 37 20.13 73.53 -54.15
CA THR XA 37 19.49 73.69 -55.45
C THR XA 37 18.31 74.63 -55.37
N LEU XA 38 17.57 74.62 -54.27
CA LEU XA 38 16.44 75.53 -54.17
C LEU XA 38 16.91 76.97 -53.97
N ARG XA 39 17.99 77.19 -53.21
CA ARG XA 39 18.51 78.56 -53.09
C ARG XA 39 19.01 79.07 -54.44
N SER XA 40 19.79 78.24 -55.14
CA SER XA 40 20.28 78.63 -56.46
C SER XA 40 19.15 78.74 -57.48
N SER XA 41 18.01 78.12 -57.21
CA SER XA 41 16.86 78.04 -58.11
C SER XA 41 17.14 77.23 -59.35
N LYS XA 42 18.25 76.51 -59.41
CA LYS XA 42 18.49 75.66 -60.55
C LYS XA 42 17.59 74.42 -60.58
N GLY XA 43 16.69 74.28 -59.62
CA GLY XA 43 15.90 73.06 -59.50
C GLY XA 43 14.60 73.12 -60.27
N LYS XA 44 14.10 71.93 -60.63
CA LYS XA 44 12.85 71.79 -61.37
C LYS XA 44 11.79 71.00 -60.66
N LEU XA 45 12.14 69.98 -59.88
CA LEU XA 45 11.12 69.18 -59.23
C LEU XA 45 11.71 68.57 -57.97
N ILE XA 46 10.91 68.53 -56.91
CA ILE XA 46 11.31 68.00 -55.62
C ILE XA 46 10.44 66.77 -55.37
N ILE XA 47 11.05 65.69 -54.91
CA ILE XA 47 10.30 64.52 -54.45
C ILE XA 47 10.62 64.31 -52.98
N LEU XA 48 9.60 63.98 -52.20
CA LEU XA 48 9.76 63.90 -50.75
C LEU XA 48 9.24 62.56 -50.26
N ALA XA 49 10.04 61.87 -49.46
CA ALA XA 49 9.57 60.63 -48.86
C ALA XA 49 8.60 60.94 -47.73
N ASN XA 50 7.73 59.98 -47.43
CA ASN XA 50 6.63 60.27 -46.50
C ASN XA 50 7.16 60.46 -45.09
N ASN XA 51 8.14 59.66 -44.67
CA ASN XA 51 8.70 59.78 -43.34
C ASN XA 51 9.87 60.73 -43.28
N CYS XA 52 9.96 61.66 -44.21
CA CYS XA 52 10.88 62.77 -44.05
C CYS XA 52 10.44 63.53 -42.81
N PRO XA 53 11.33 63.86 -41.88
CA PRO XA 53 10.92 64.34 -40.58
C PRO XA 53 10.03 65.56 -40.72
N PRO XA 54 8.96 65.68 -39.93
CA PRO XA 54 7.95 66.69 -40.25
C PRO XA 54 8.50 68.09 -40.39
N LEU XA 55 9.51 68.45 -39.59
CA LEU XA 55 10.14 69.76 -39.77
C LEU XA 55 10.85 69.86 -41.10
N ARG XA 56 11.64 68.85 -41.44
CA ARG XA 56 12.39 68.90 -42.70
C ARG XA 56 11.45 68.93 -43.89
N LYS XA 57 10.41 68.10 -43.86
CA LYS XA 57 9.43 68.08 -44.94
C LYS XA 57 8.78 69.44 -45.08
N SER XA 58 8.32 70.03 -43.97
CA SER XA 58 7.65 71.30 -44.05
C SER XA 58 8.58 72.41 -44.51
N GLU XA 59 9.86 72.35 -44.13
CA GLU XA 59 10.75 73.42 -44.56
C GLU XA 59 11.10 73.30 -46.04
N ILE XA 60 11.24 72.08 -46.54
CA ILE XA 60 11.44 71.94 -47.98
C ILE XA 60 10.19 72.31 -48.75
N GLU XA 61 9.00 72.11 -48.19
CA GLU XA 61 7.81 72.63 -48.86
C GLU XA 61 7.81 74.16 -48.88
N TYR XA 62 8.25 74.78 -47.80
CA TYR XA 62 8.34 76.24 -47.81
C TYR XA 62 9.34 76.73 -48.84
N TYR XA 63 10.50 76.07 -48.93
CA TYR XA 63 11.44 76.45 -49.97
C TYR XA 63 10.88 76.15 -51.36
N ALA XA 64 10.00 75.16 -51.46
CA ALA XA 64 9.35 74.90 -52.72
C ALA XA 64 8.48 76.06 -53.16
N MET XA 65 7.63 76.57 -52.25
CA MET XA 65 6.82 77.70 -52.69
C MET XA 65 7.68 78.92 -52.95
N LEU XA 66 8.72 79.13 -52.15
CA LEU XA 66 9.59 80.26 -52.40
C LEU XA 66 10.30 80.16 -53.75
N ALA XA 67 10.58 78.95 -54.20
CA ALA XA 67 11.17 78.76 -55.52
C ALA XA 67 10.13 78.48 -56.60
N LYS XA 68 8.85 78.56 -56.26
CA LYS XA 68 7.76 78.35 -57.22
C LYS XA 68 7.89 76.98 -57.88
N ILE XA 69 8.48 76.03 -57.18
CA ILE XA 69 8.88 74.76 -57.75
C ILE XA 69 7.93 73.68 -57.27
N SER XA 70 7.74 72.65 -58.09
CA SER XA 70 6.74 71.63 -57.78
C SER XA 70 7.31 70.55 -56.88
N VAL XA 71 6.46 70.03 -56.01
CA VAL XA 71 6.83 69.01 -55.04
C VAL XA 71 5.88 67.84 -55.13
N HIS XA 72 6.44 66.66 -55.39
CA HIS XA 72 5.70 65.42 -55.40
C HIS XA 72 5.98 64.71 -54.09
N HIS XA 73 4.97 64.02 -53.59
CA HIS XA 73 5.07 63.25 -52.36
C HIS XA 73 5.12 61.77 -52.74
N PHE XA 74 6.26 61.14 -52.50
CA PHE XA 74 6.43 59.76 -52.92
C PHE XA 74 5.48 58.86 -52.15
N HIS XA 75 5.18 57.72 -52.74
CA HIS XA 75 4.18 56.82 -52.20
C HIS XA 75 4.76 55.78 -51.26
N GLY XA 76 6.05 55.88 -50.92
CA GLY XA 76 6.68 54.88 -50.08
C GLY XA 76 7.22 55.46 -48.79
N ASN XA 77 8.50 55.23 -48.53
CA ASN XA 77 9.21 55.81 -47.40
C ASN XA 77 10.62 56.06 -47.88
N ASN XA 78 11.54 56.40 -46.98
CA ASN XA 78 12.85 56.78 -47.51
C ASN XA 78 13.60 55.59 -48.07
N VAL XA 79 13.41 54.39 -47.52
CA VAL XA 79 14.04 53.24 -48.13
C VAL XA 79 13.42 52.93 -49.48
N ASP XA 80 12.10 53.11 -49.60
CA ASP XA 80 11.46 52.87 -50.88
C ASP XA 80 11.83 53.92 -51.91
N LEU XA 81 12.04 55.16 -51.49
CA LEU XA 81 12.54 56.16 -52.42
C LEU XA 81 13.95 55.84 -52.87
N GLY XA 82 14.79 55.39 -51.94
CA GLY XA 82 16.13 54.99 -52.34
C GLY XA 82 16.11 53.88 -53.37
N THR XA 83 15.35 52.83 -53.11
CA THR XA 83 15.28 51.74 -54.08
C THR XA 83 14.69 52.21 -55.40
N ALA XA 84 13.65 53.03 -55.36
CA ALA XA 84 13.09 53.61 -56.58
C ALA XA 84 14.13 54.43 -57.34
N CYS XA 85 15.08 55.02 -56.62
CA CYS XA 85 16.20 55.68 -57.26
C CYS XA 85 17.27 54.70 -57.69
N GLY XA 86 17.17 53.44 -57.27
CA GLY XA 86 18.20 52.48 -57.61
C GLY XA 86 19.50 52.73 -56.90
N LYS XA 87 19.45 53.01 -55.61
CA LYS XA 87 20.62 53.25 -54.79
C LYS XA 87 20.46 52.47 -53.49
N TYR XA 88 21.56 51.94 -52.99
CA TYR XA 88 21.52 50.99 -51.88
C TYR XA 88 21.45 51.64 -50.54
N TYR XA 89 21.11 52.92 -50.48
CA TYR XA 89 20.94 53.58 -49.20
C TYR XA 89 19.55 54.18 -49.16
N ARG XA 90 19.29 55.07 -48.23
CA ARG XA 90 17.96 55.64 -48.10
C ARG XA 90 18.01 57.12 -48.45
N VAL XA 91 17.02 57.57 -49.20
CA VAL XA 91 16.88 58.96 -49.60
C VAL XA 91 15.52 59.45 -49.16
N CYS XA 92 15.47 60.61 -48.52
CA CYS XA 92 14.18 61.22 -48.25
C CYS XA 92 13.87 62.38 -49.17
N CYS XA 93 14.87 63.06 -49.71
CA CYS XA 93 14.65 64.24 -50.53
C CYS XA 93 15.38 64.09 -51.85
N LEU XA 94 14.68 64.38 -52.94
CA LEU XA 94 15.20 64.22 -54.30
C LEU XA 94 14.95 65.49 -55.08
N SER XA 95 15.93 65.92 -55.86
CA SER XA 95 15.75 67.04 -56.76
C SER XA 95 16.09 66.59 -58.16
N ILE XA 96 15.28 66.97 -59.13
CA ILE XA 96 15.56 66.69 -60.52
C ILE XA 96 15.98 67.98 -61.19
N LEU XA 97 17.26 68.08 -61.51
CA LEU XA 97 17.79 69.27 -62.15
C LEU XA 97 17.42 69.28 -63.63
N ASP XA 98 17.87 68.27 -64.35
CA ASP XA 98 17.53 68.06 -65.75
C ASP XA 98 16.74 66.77 -65.87
N PRO XA 99 15.45 66.83 -66.18
CA PRO XA 99 14.70 65.58 -66.40
C PRO XA 99 15.35 64.71 -67.44
N GLY XA 100 15.93 65.31 -68.47
CA GLY XA 100 16.42 64.54 -69.57
C GLY XA 100 15.26 63.87 -70.29
N ASP XA 101 15.58 62.78 -70.99
CA ASP XA 101 14.57 62.05 -71.76
C ASP XA 101 13.70 61.25 -70.80
N SER XA 102 12.91 61.99 -70.03
CA SER XA 102 11.90 61.40 -69.16
C SER XA 102 10.78 62.41 -68.96
N ASP XA 103 9.58 61.90 -68.71
CA ASP XA 103 8.38 62.72 -68.61
C ASP XA 103 7.89 62.88 -67.18
N ILE XA 104 8.81 62.94 -66.21
CA ILE XA 104 8.38 63.15 -64.83
C ILE XA 104 7.89 64.58 -64.60
N ILE XA 105 8.59 65.57 -65.14
CA ILE XA 105 8.10 66.92 -64.94
C ILE XA 105 6.86 67.17 -65.78
N SER XA 106 6.59 66.33 -66.77
CA SER XA 106 5.48 66.50 -67.69
C SER XA 106 4.15 66.21 -67.08
N THR XA 107 4.14 66.07 -65.76
CA THR XA 107 2.91 65.94 -64.99
C THR XA 107 2.66 67.27 -64.25
N GLU YA 14 95.94 30.18 40.14
CA GLU YA 14 96.92 30.21 39.07
C GLU YA 14 96.28 30.56 37.74
N VAL YA 15 96.74 31.63 37.13
CA VAL YA 15 96.20 32.09 35.86
C VAL YA 15 96.91 31.36 34.72
N VAL YA 16 96.15 30.98 33.70
CA VAL YA 16 96.74 30.17 32.64
C VAL YA 16 95.82 30.11 31.42
N THR YA 17 96.42 30.12 30.23
CA THR YA 17 95.68 30.15 28.97
C THR YA 17 96.02 28.88 28.19
N ARG YA 18 95.01 28.10 27.85
CA ARG YA 18 95.26 26.86 27.12
C ARG YA 18 94.30 26.70 25.96
N GLU YA 19 94.82 26.16 24.86
CA GLU YA 19 94.07 25.94 23.63
C GLU YA 19 93.57 24.50 23.64
N TYR YA 20 92.25 24.32 23.64
CA TYR YA 20 91.63 23.01 23.57
C TYR YA 20 90.87 22.85 22.27
N THR YA 21 90.53 21.61 21.95
CA THR YA 21 89.63 21.29 20.84
C THR YA 21 88.42 20.57 21.38
N VAL YA 22 87.24 21.14 21.15
CA VAL YA 22 86.01 20.65 21.76
C VAL YA 22 85.29 19.81 20.73
N ASN YA 23 85.39 18.48 20.83
CA ASN YA 23 84.62 17.63 19.96
C ASN YA 23 83.15 17.73 20.28
N LEU YA 24 82.43 18.53 19.51
CA LEU YA 24 81.09 18.95 19.88
C LEU YA 24 80.01 18.05 19.30
N HIS YA 25 80.33 17.27 18.27
CA HIS YA 25 79.38 16.32 17.72
C HIS YA 25 78.97 15.30 18.77
N LYS YA 26 79.94 14.72 19.46
CA LYS YA 26 79.66 13.71 20.48
C LYS YA 26 78.98 14.29 21.71
N ARG YA 27 79.07 15.59 21.92
CA ARG YA 27 78.42 16.16 23.07
C ARG YA 27 77.05 16.75 22.74
N LEU YA 28 76.74 16.92 21.47
CA LEU YA 28 75.45 17.44 21.08
C LEU YA 28 74.62 16.40 20.36
N HIS YA 29 75.10 15.18 20.29
CA HIS YA 29 74.39 14.15 19.54
C HIS YA 29 73.02 13.87 20.14
N GLY YA 30 72.01 13.79 19.29
CA GLY YA 30 70.67 13.50 19.72
C GLY YA 30 69.89 14.69 20.25
N CYS YA 31 70.50 15.86 20.34
CA CYS YA 31 69.82 16.99 20.92
C CYS YA 31 68.73 17.52 19.99
N THR YA 32 67.64 17.98 20.59
CA THR YA 32 66.54 18.57 19.84
C THR YA 32 67.04 19.76 19.03
N PHE YA 33 66.55 19.88 17.79
CA PHE YA 33 67.07 20.91 16.90
C PHE YA 33 66.94 22.30 17.51
N LYS YA 34 65.74 22.67 17.94
CA LYS YA 34 65.54 24.01 18.47
C LYS YA 34 66.37 24.22 19.74
N LYS YA 35 67.18 23.22 20.11
CA LYS YA 35 68.06 23.36 21.25
C LYS YA 35 69.51 22.97 20.99
N LYS YA 36 69.91 22.65 19.77
CA LYS YA 36 71.31 22.24 19.60
C LYS YA 36 72.28 23.40 19.81
N ALA YA 37 71.92 24.62 19.45
CA ALA YA 37 72.89 25.68 19.72
C ALA YA 37 72.91 26.07 21.20
N PRO YA 38 71.77 26.26 21.85
CA PRO YA 38 71.83 26.50 23.30
C PRO YA 38 72.54 25.37 24.04
N ASN YA 39 72.32 24.12 23.65
CA ASN YA 39 73.07 23.06 24.28
C ASN YA 39 74.55 23.12 23.90
N ALA YA 40 74.89 23.67 22.74
CA ALA YA 40 76.30 23.86 22.42
C ALA YA 40 76.93 24.82 23.41
N ILE YA 41 76.23 25.89 23.75
CA ILE YA 41 76.78 26.85 24.71
C ILE YA 41 76.84 26.24 26.11
N LYS YA 42 75.84 25.45 26.48
CA LYS YA 42 75.89 24.76 27.77
C LYS YA 42 77.06 23.80 27.83
N GLU YA 43 77.34 23.10 26.74
CA GLU YA 43 78.48 22.21 26.74
C GLU YA 43 79.80 22.95 26.73
N ILE YA 44 79.88 24.12 26.09
CA ILE YA 44 81.11 24.89 26.20
C ILE YA 44 81.36 25.29 27.64
N ARG YA 45 80.32 25.78 28.33
CA ARG YA 45 80.53 26.14 29.73
C ARG YA 45 80.89 24.93 30.57
N LYS YA 46 80.20 23.81 30.38
CA LYS YA 46 80.50 22.64 31.18
C LYS YA 46 81.88 22.10 30.90
N PHE YA 47 82.35 22.24 29.66
CA PHE YA 47 83.69 21.79 29.32
C PHE YA 47 84.74 22.70 29.94
N ALA YA 48 84.53 24.01 29.91
CA ALA YA 48 85.48 24.89 30.59
C ALA YA 48 85.48 24.61 32.09
N GLN YA 49 84.32 24.31 32.66
CA GLN YA 49 84.26 23.99 34.08
C GLN YA 49 85.07 22.76 34.41
N LYS YA 50 84.91 21.69 33.63
CA LYS YA 50 85.72 20.50 33.92
C LYS YA 50 87.20 20.77 33.69
N ALA YA 51 87.54 21.46 32.60
CA ALA YA 51 88.94 21.62 32.24
C ALA YA 51 89.69 22.47 33.26
N MET YA 52 89.08 23.57 33.71
CA MET YA 52 89.78 24.51 34.59
C MET YA 52 89.07 24.75 35.92
N GLY YA 53 88.30 23.79 36.39
CA GLY YA 53 87.90 23.71 37.78
C GLY YA 53 87.24 24.94 38.36
N THR YA 54 87.02 25.96 37.54
CA THR YA 54 86.41 27.19 38.00
C THR YA 54 84.93 27.11 37.70
N ASN YA 55 84.11 27.53 38.65
CA ASN YA 55 82.68 27.35 38.45
C ASN YA 55 82.15 28.39 37.48
N ASP YA 56 82.87 29.49 37.29
CA ASP YA 56 82.39 30.63 36.51
C ASP YA 56 83.08 30.69 35.16
N VAL YA 57 82.32 30.46 34.10
CA VAL YA 57 82.80 30.46 32.74
C VAL YA 57 82.14 31.61 32.02
N ARG YA 58 82.95 32.45 31.38
CA ARG YA 58 82.45 33.55 30.57
C ARG YA 58 82.76 33.25 29.13
N ILE YA 59 81.75 33.22 28.28
CA ILE YA 59 81.93 32.88 26.88
C ILE YA 59 82.01 34.16 26.07
N ASP YA 60 83.08 34.30 25.31
CA ASP YA 60 83.29 35.49 24.49
C ASP YA 60 82.23 35.59 23.40
N VAL YA 61 81.86 36.84 23.10
CA VAL YA 61 80.86 37.08 22.08
C VAL YA 61 81.26 36.52 20.73
N LYS YA 62 82.56 36.43 20.45
CA LYS YA 62 82.97 35.82 19.19
C LYS YA 62 82.80 34.32 19.20
N LEU YA 63 83.02 33.65 20.34
CA LEU YA 63 82.68 32.24 20.39
C LEU YA 63 81.19 32.04 20.20
N ASN YA 64 80.38 32.86 20.86
CA ASN YA 64 78.95 32.78 20.64
C ASN YA 64 78.59 32.95 19.18
N LYS YA 65 79.11 34.00 18.54
CA LYS YA 65 78.78 34.26 17.15
C LYS YA 65 79.21 33.09 16.28
N HIS YA 66 80.39 32.54 16.53
CA HIS YA 66 80.86 31.39 15.77
C HIS YA 66 79.92 30.22 15.89
N ILE YA 67 79.48 29.90 17.10
CA ILE YA 67 78.63 28.73 17.28
C ILE YA 67 77.25 28.97 16.66
N TRP YA 68 76.73 30.17 16.81
CA TRP YA 68 75.38 30.48 16.35
C TRP YA 68 75.31 30.84 14.88
N SER YA 69 76.44 30.95 14.20
CA SER YA 69 76.46 31.47 12.83
C SER YA 69 75.79 30.52 11.84
N SER YA 70 75.80 29.22 12.11
CA SER YA 70 75.26 28.24 11.17
C SER YA 70 73.87 27.79 11.58
N GLY YA 71 73.05 28.70 12.08
CA GLY YA 71 71.68 28.38 12.45
C GLY YA 71 71.53 28.01 13.91
N ILE YA 72 70.52 27.20 14.17
CA ILE YA 72 70.32 26.62 15.50
C ILE YA 72 70.46 25.12 15.48
N ARG YA 73 70.44 24.50 14.30
CA ARG YA 73 70.27 23.08 14.15
C ARG YA 73 71.50 22.42 13.54
N SER YA 74 72.45 23.20 13.05
CA SER YA 74 73.80 22.73 12.77
C SER YA 74 74.76 23.63 13.53
N VAL YA 75 75.67 23.01 14.26
CA VAL YA 75 76.71 23.74 14.96
C VAL YA 75 78.04 23.16 14.49
N PRO YA 76 79.12 23.93 14.50
CA PRO YA 76 80.42 23.36 14.16
C PRO YA 76 80.65 22.08 14.95
N ARG YA 77 81.41 21.18 14.36
CA ARG YA 77 81.58 19.89 14.99
C ARG YA 77 82.76 19.89 15.95
N ARG YA 78 83.85 20.56 15.59
CA ARG YA 78 84.95 20.80 16.51
C ARG YA 78 85.20 22.30 16.54
N VAL YA 79 85.29 22.85 17.74
CA VAL YA 79 85.49 24.27 17.93
C VAL YA 79 86.79 24.43 18.69
N ARG YA 80 87.83 24.92 18.02
CA ARG YA 80 89.10 25.15 18.68
C ARG YA 80 88.96 26.38 19.55
N VAL YA 81 88.96 26.19 20.86
CA VAL YA 81 88.72 27.27 21.80
C VAL YA 81 89.99 27.55 22.55
N ARG YA 82 90.06 28.73 23.16
CA ARG YA 82 91.11 29.00 24.12
C ARG YA 82 90.45 29.46 25.40
N ILE YA 83 90.81 28.82 26.50
CA ILE YA 83 90.24 29.16 27.79
C ILE YA 83 91.32 29.85 28.58
N ALA YA 84 91.02 31.04 29.08
CA ALA YA 84 91.97 31.81 29.86
C ALA YA 84 91.44 31.91 31.28
N ARG YA 85 91.97 31.08 32.17
CA ARG YA 85 91.70 31.30 33.59
C ARG YA 85 92.44 32.54 34.01
N LYS YA 86 91.71 33.51 34.55
CA LYS YA 86 92.28 34.76 34.97
C LYS YA 86 91.79 35.13 36.37
N ARG YA 87 92.51 36.08 36.96
CA ARG YA 87 92.17 36.62 38.26
C ARG YA 87 90.86 37.38 38.18
N ASN YA 88 89.99 37.16 39.15
CA ASN YA 88 88.82 38.02 39.32
C ASN YA 88 89.27 39.24 40.11
N ASP YA 89 89.56 40.32 39.39
CA ASP YA 89 90.02 41.56 39.99
C ASP YA 89 88.93 42.32 40.72
N GLU YA 90 87.67 41.89 40.61
CA GLU YA 90 86.57 42.60 41.23
C GLU YA 90 86.68 42.51 42.75
N GLU YA 91 86.61 43.68 43.42
CA GLU YA 91 86.74 43.70 44.87
C GLU YA 91 85.59 42.96 45.54
N ASP YA 92 84.38 43.10 45.01
CA ASP YA 92 83.28 42.19 45.36
C ASP YA 92 83.23 41.04 44.37
N ALA YA 93 83.09 39.82 44.89
CA ALA YA 93 83.22 38.62 44.08
C ALA YA 93 82.87 37.40 44.90
N LYS YA 94 82.63 36.28 44.22
CA LYS YA 94 82.53 34.99 44.88
C LYS YA 94 83.84 34.22 44.80
N GLU YA 95 84.30 33.95 43.58
CA GLU YA 95 85.49 33.14 43.37
C GLU YA 95 86.73 34.02 43.28
N GLU YA 96 87.88 33.40 43.53
CA GLU YA 96 89.15 34.10 43.39
C GLU YA 96 89.63 34.14 41.94
N LEU YA 97 88.95 33.44 41.04
CA LEU YA 97 89.38 33.34 39.65
C LEU YA 97 88.26 32.76 38.81
N TYR YA 98 88.28 33.09 37.51
CA TYR YA 98 87.24 32.64 36.59
C TYR YA 98 87.93 32.17 35.31
N SER YA 99 87.14 31.70 34.34
CA SER YA 99 87.72 31.31 33.07
C SER YA 99 86.96 31.99 31.94
N LEU YA 100 87.70 32.58 31.01
CA LEU YA 100 87.12 33.32 29.90
C LEU YA 100 87.48 32.57 28.63
N VAL YA 101 86.50 31.90 28.04
CA VAL YA 101 86.70 31.11 26.84
C VAL YA 101 86.39 31.96 25.62
N THR YA 102 87.30 31.97 24.65
CA THR YA 102 87.11 32.70 23.40
C THR YA 102 87.39 31.78 22.23
N VAL YA 103 86.93 32.22 21.06
CA VAL YA 103 87.27 31.52 19.84
C VAL YA 103 88.76 31.68 19.61
N ALA YA 104 89.36 30.71 18.94
CA ALA YA 104 90.79 30.66 18.78
C ALA YA 104 91.15 30.49 17.32
N GLU YA 105 92.27 31.08 16.93
CA GLU YA 105 92.71 30.94 15.55
C GLU YA 105 93.14 29.51 15.29
N VAL YA 106 92.80 29.01 14.10
CA VAL YA 106 93.05 27.63 13.74
C VAL YA 106 94.11 27.65 12.64
N PRO YA 107 95.10 26.77 12.67
CA PRO YA 107 96.10 26.77 11.61
C PRO YA 107 95.51 26.24 10.31
N GLN YA 108 96.23 26.50 9.23
CA GLN YA 108 95.75 26.11 7.91
C GLN YA 108 95.75 24.60 7.74
N GLU YA 109 96.69 23.91 8.39
CA GLU YA 109 96.79 22.46 8.28
C GLU YA 109 95.58 21.74 8.84
N GLY YA 110 94.60 22.46 9.40
CA GLY YA 110 93.43 21.84 9.97
C GLY YA 110 93.68 21.35 11.38
N LEU YA 111 92.65 20.73 11.93
CA LEU YA 111 92.72 20.15 13.26
C LEU YA 111 93.36 18.78 13.27
N LYS YA 112 94.15 18.47 12.25
CA LYS YA 112 94.86 17.20 12.18
C LYS YA 112 95.96 17.20 13.24
N GLY YA 113 95.85 16.30 14.21
CA GLY YA 113 96.91 16.18 15.19
C GLY YA 113 97.07 17.34 16.14
N LEU YA 114 96.12 18.27 16.19
CA LEU YA 114 96.16 19.34 17.17
C LEU YA 114 95.65 18.83 18.51
N GLY YA 115 96.53 18.67 19.47
CA GLY YA 115 96.14 18.30 20.80
C GLY YA 115 95.76 19.51 21.61
N THR YA 116 95.88 19.39 22.92
CA THR YA 116 95.72 20.53 23.81
C THR YA 116 97.07 21.19 23.96
N LYS YA 117 97.19 22.45 23.56
CA LYS YA 117 98.45 23.13 23.81
C LYS YA 117 98.27 24.14 24.91
N VAL YA 118 99.39 24.68 25.38
CA VAL YA 118 99.42 25.70 26.41
C VAL YA 118 100.04 26.94 25.82
N VAL YA 119 99.36 28.06 25.95
CA VAL YA 119 99.81 29.29 25.29
C VAL YA 119 100.79 30.01 26.19
N GLU YA 120 101.84 30.55 25.58
CA GLU YA 120 102.82 31.38 26.27
C GLU YA 120 102.15 32.53 27.00
N ALA ZA 2 30.34 19.43 113.42
CA ALA ZA 2 31.34 19.22 112.38
C ALA ZA 2 31.61 17.75 112.15
N VAL ZA 3 30.86 16.90 112.83
CA VAL ZA 3 30.95 15.45 112.70
C VAL ZA 3 29.64 14.95 112.10
N PRO ZA 4 29.67 14.12 111.05
CA PRO ZA 4 28.44 13.84 110.31
C PRO ZA 4 27.43 13.05 111.11
N LEU ZA 5 26.16 13.37 110.89
CA LEU ZA 5 25.05 12.61 111.44
C LEU ZA 5 24.86 11.29 110.71
N LEU ZA 6 25.24 11.24 109.44
CA LEU ZA 6 24.96 10.07 108.61
C LEU ZA 6 25.57 8.82 109.20
N THR ZA 7 24.77 7.78 109.32
CA THR ZA 7 25.16 6.48 109.83
C THR ZA 7 24.79 5.37 108.86
N ARG ZA 8 24.92 5.65 107.56
CA ARG ZA 8 24.46 4.73 106.54
C ARG ZA 8 25.36 4.85 105.32
N LYS ZA 9 26.13 3.79 105.05
CA LYS ZA 9 27.15 3.81 104.02
C LYS ZA 9 26.55 4.16 102.66
N ILE ZA 10 27.22 5.04 101.92
CA ILE ZA 10 26.73 5.50 100.64
C ILE ZA 10 27.20 4.53 99.56
N VAL ZA 11 26.26 3.78 98.98
CA VAL ZA 11 26.53 2.89 97.86
C VAL ZA 11 25.84 3.46 96.63
N LYS ZA 12 26.56 3.50 95.52
CA LYS ZA 12 26.06 4.06 94.27
C LYS ZA 12 25.89 2.94 93.27
N LYS ZA 13 24.74 2.90 92.58
CA LYS ZA 13 24.56 1.83 91.63
C LYS ZA 13 25.31 2.06 90.32
N ARG ZA 14 25.77 3.28 90.07
CA ARG ZA 14 26.56 3.55 88.87
C ARG ZA 14 27.25 4.89 89.04
N VAL ZA 15 28.55 4.91 88.80
CA VAL ZA 15 29.34 6.14 88.88
C VAL ZA 15 29.60 6.73 87.51
N LYS ZA 16 29.82 5.89 86.50
CA LYS ZA 16 30.12 6.40 85.18
C LYS ZA 16 28.95 7.23 84.66
N HIS ZA 17 29.26 8.26 83.89
CA HIS ZA 17 28.23 9.17 83.46
C HIS ZA 17 27.35 8.55 82.38
N PHE ZA 18 26.24 9.21 82.10
CA PHE ZA 18 25.35 8.81 81.03
C PHE ZA 18 25.56 9.81 79.89
N LYS ZA 19 26.61 9.56 79.12
CA LYS ZA 19 26.95 10.41 77.99
C LYS ZA 19 25.98 10.16 76.86
N ARG ZA 20 25.78 11.17 76.01
CA ARG ZA 20 24.92 10.96 74.84
C ARG ZA 20 25.52 9.92 73.92
N ALA ZA 21 24.66 9.05 73.39
CA ALA ZA 21 25.10 8.10 72.39
C ALA ZA 21 25.50 8.85 71.13
N HIS ZA 22 26.68 8.54 70.62
CA HIS ZA 22 27.31 9.11 69.42
C HIS ZA 22 28.02 10.43 69.72
N SER ZA 23 28.09 10.87 70.97
CA SER ZA 23 28.86 12.07 71.27
C SER ZA 23 30.32 11.88 70.95
N ASP ZA 24 30.76 10.63 70.83
CA ASP ZA 24 32.16 10.30 70.56
C ASP ZA 24 32.55 10.56 69.10
N ARG ZA 25 31.71 10.17 68.15
CA ARG ZA 25 32.09 10.28 66.75
C ARG ZA 25 32.02 11.70 66.26
N TYR ZA 26 31.05 12.46 66.74
CA TYR ZA 26 30.86 13.85 66.33
C TYR ZA 26 31.35 14.79 67.41
N ILE ZA 27 31.81 15.96 66.97
CA ILE ZA 27 32.22 16.99 67.90
C ILE ZA 27 31.07 17.94 68.24
N GLY ZA 28 30.15 18.16 67.29
CA GLY ZA 28 29.05 19.05 67.57
C GLY ZA 28 28.08 18.52 68.60
N LEU ZA 29 28.06 17.21 68.82
CA LEU ZA 29 27.17 16.58 69.78
C LEU ZA 29 27.79 16.66 71.17
N LYS ZA 30 27.11 17.31 72.09
CA LYS ZA 30 27.66 17.41 73.42
C LYS ZA 30 27.50 16.11 74.19
N GLN ZA 31 28.13 16.06 75.35
CA GLN ZA 31 28.11 14.89 76.19
C GLN ZA 31 26.81 14.74 76.98
N SER ZA 32 25.98 15.78 77.01
CA SER ZA 32 24.77 15.76 77.82
C SER ZA 32 23.74 14.83 77.21
N TRP ZA 33 23.22 13.93 78.03
CA TRP ZA 33 22.34 12.87 77.55
C TRP ZA 33 21.11 13.42 76.87
N ARG ZA 34 20.79 12.85 75.71
CA ARG ZA 34 19.52 13.02 75.03
C ARG ZA 34 19.06 11.64 74.60
N ARG ZA 35 17.83 11.31 74.91
CA ARG ZA 35 17.34 9.97 74.61
C ARG ZA 35 17.26 9.78 73.10
N PRO ZA 36 17.81 8.70 72.55
CA PRO ZA 36 17.67 8.46 71.13
C PRO ZA 36 16.22 8.10 70.80
N LYS ZA 37 15.60 8.89 69.93
CA LYS ZA 37 14.23 8.66 69.52
C LYS ZA 37 14.12 7.95 68.18
N GLY ZA 38 15.22 7.41 67.67
CA GLY ZA 38 15.19 6.80 66.37
C GLY ZA 38 14.37 5.54 66.33
N ILE ZA 39 13.99 5.15 65.13
CA ILE ZA 39 13.22 3.92 64.96
C ILE ZA 39 14.10 2.70 64.76
N ASP ZA 40 15.34 2.88 64.32
CA ASP ZA 40 16.28 1.76 64.21
C ASP ZA 40 17.45 1.90 65.17
N SER ZA 41 17.28 2.67 66.23
CA SER ZA 41 18.40 3.06 67.09
C SER ZA 41 18.69 1.91 68.03
N ARG ZA 42 19.78 1.19 67.78
CA ARG ZA 42 20.05 0.07 68.66
C ARG ZA 42 20.32 0.48 70.10
N VAL ZA 43 20.59 1.76 70.35
CA VAL ZA 43 20.60 2.23 71.73
C VAL ZA 43 19.20 2.15 72.33
N ARG ZA 44 18.20 2.63 71.58
CA ARG ZA 44 16.84 2.63 72.11
C ARG ZA 44 16.29 1.22 72.18
N ARG ZA 45 16.65 0.39 71.23
CA ARG ZA 45 16.21 -0.99 71.28
C ARG ZA 45 17.03 -1.80 72.27
N LYS ZA 46 18.08 -1.22 72.84
CA LYS ZA 46 18.77 -1.79 73.99
C LYS ZA 46 19.43 -3.11 73.68
N PHE ZA 47 20.07 -3.21 72.52
CA PHE ZA 47 20.97 -4.32 72.29
C PHE ZA 47 22.06 -4.33 73.33
N LYS ZA 48 22.45 -5.51 73.76
CA LYS ZA 48 23.64 -5.62 74.59
C LYS ZA 48 24.84 -5.14 73.78
N GLY ZA 49 25.66 -4.31 74.40
CA GLY ZA 49 26.81 -3.73 73.74
C GLY ZA 49 26.64 -2.30 73.28
N CYS ZA 50 25.59 -1.61 73.70
CA CYS ZA 50 25.34 -0.24 73.29
C CYS ZA 50 25.03 0.63 74.51
N THR ZA 51 25.31 1.92 74.37
CA THR ZA 51 25.38 2.83 75.52
C THR ZA 51 24.09 2.81 76.31
N LEU ZA 52 24.20 2.52 77.59
CA LEU ZA 52 23.04 2.21 78.40
C LEU ZA 52 22.19 3.44 78.64
N MET ZA 53 20.90 3.27 78.60
CA MET ZA 53 20.12 4.45 78.95
C MET ZA 53 19.85 4.51 80.45
N PRO ZA 54 19.60 5.71 80.95
CA PRO ZA 54 19.14 5.84 82.33
C PRO ZA 54 17.76 5.27 82.49
N ASN ZA 55 17.54 4.57 83.59
CA ASN ZA 55 16.22 4.21 84.04
C ASN ZA 55 16.00 4.87 85.38
N ILE ZA 56 14.82 4.64 85.95
CA ILE ZA 56 14.64 4.96 87.36
C ILE ZA 56 15.31 3.93 88.24
N GLY ZA 57 15.56 2.73 87.73
CA GLY ZA 57 16.16 1.68 88.53
C GLY ZA 57 17.52 2.06 89.03
N TYR ZA 58 18.20 2.99 88.36
CA TYR ZA 58 19.51 3.44 88.79
C TYR ZA 58 19.43 4.50 89.88
N GLY ZA 59 18.28 4.70 90.51
CA GLY ZA 59 18.19 5.70 91.53
C GLY ZA 59 19.01 5.33 92.76
N SER ZA 60 19.40 6.34 93.52
CA SER ZA 60 20.14 6.07 94.74
C SER ZA 60 19.22 6.10 95.95
N ASP ZA 61 19.70 5.54 97.05
CA ASP ZA 61 18.89 5.41 98.24
C ASP ZA 61 18.42 6.78 98.74
N LYS ZA 62 17.19 6.85 99.24
CA LYS ZA 62 16.64 8.14 99.62
C LYS ZA 62 17.37 8.77 100.79
N LYS ZA 63 17.76 7.99 101.80
CA LYS ZA 63 18.48 8.62 102.89
C LYS ZA 63 19.94 8.89 102.56
N THR ZA 64 20.50 8.26 101.54
CA THR ZA 64 21.87 8.51 101.14
C THR ZA 64 21.92 9.22 99.80
N ARG ZA 65 21.02 10.17 99.59
CA ARG ZA 65 20.95 10.93 98.36
C ARG ZA 65 21.42 12.34 98.59
N HIS ZA 66 22.28 12.84 97.71
CA HIS ZA 66 22.78 14.20 97.72
C HIS ZA 66 23.78 14.45 98.83
N TYR ZA 67 24.46 13.41 99.32
CA TYR ZA 67 25.58 13.60 100.24
C TYR ZA 67 26.89 13.48 99.50
N LEU ZA 68 27.70 14.53 99.62
CA LEU ZA 68 29.07 14.54 99.13
C LEU ZA 68 29.86 13.49 99.93
N PRO ZA 69 31.08 13.16 99.54
CA PRO ZA 69 31.88 12.24 100.37
C PRO ZA 69 32.11 12.77 101.76
N ASN ZA 70 31.88 14.06 101.96
CA ASN ZA 70 31.85 14.67 103.28
C ASN ZA 70 30.83 14.02 104.19
N LYS ZA 71 29.81 13.39 103.60
CA LYS ZA 71 28.64 12.84 104.29
C LYS ZA 71 27.74 13.95 104.84
N PHE ZA 72 27.74 15.09 104.16
CA PHE ZA 72 26.89 16.24 104.44
C PHE ZA 72 26.16 16.60 103.16
N LYS ZA 73 24.94 17.10 103.28
CA LYS ZA 73 24.25 17.65 102.11
C LYS ZA 73 24.68 19.10 101.93
N LYS ZA 74 24.97 19.50 100.71
CA LYS ZA 74 25.52 20.84 100.60
C LYS ZA 74 24.43 21.90 100.57
N PHE ZA 75 24.85 23.14 100.78
CA PHE ZA 75 23.97 24.29 100.77
C PHE ZA 75 24.82 25.50 100.44
N VAL ZA 76 24.46 26.25 99.41
CA VAL ZA 76 25.27 27.34 98.90
C VAL ZA 76 24.88 28.63 99.60
N VAL ZA 77 25.85 29.28 100.23
CA VAL ZA 77 25.62 30.49 101.00
C VAL ZA 77 26.35 31.63 100.31
N HIS ZA 78 25.71 32.79 100.26
CA HIS ZA 78 26.34 33.96 99.65
C HIS ZA 78 26.93 34.90 100.66
N ASN ZA 79 26.56 34.81 101.93
CA ASN ZA 79 27.01 35.79 102.91
C ASN ZA 79 26.76 35.26 104.32
N VAL ZA 80 27.28 36.00 105.29
CA VAL ZA 80 27.26 35.53 106.67
C VAL ZA 80 25.83 35.38 107.18
N SER ZA 81 24.94 36.27 106.74
CA SER ZA 81 23.54 36.15 107.14
C SER ZA 81 22.94 34.84 106.65
N GLU ZA 82 23.22 34.47 105.41
CA GLU ZA 82 22.73 33.20 104.91
C GLU ZA 82 23.52 32.04 105.45
N LEU ZA 83 24.63 32.30 106.15
CA LEU ZA 83 25.35 31.21 106.80
C LEU ZA 83 24.83 30.92 108.20
N GLU ZA 84 24.52 31.95 108.98
CA GLU ZA 84 24.15 31.73 110.37
C GLU ZA 84 22.88 30.90 110.53
N LEU ZA 85 22.23 30.53 109.44
CA LEU ZA 85 21.06 29.66 109.53
C LEU ZA 85 21.43 28.18 109.49
N LEU ZA 86 22.71 27.84 109.62
CA LEU ZA 86 23.12 26.45 109.65
C LEU ZA 86 23.67 26.02 111.01
N MET ZA 87 23.46 26.78 112.07
CA MET ZA 87 24.01 26.36 113.36
C MET ZA 87 23.49 24.99 113.77
N MET ZA 88 22.18 24.78 113.70
CA MET ZA 88 21.57 23.53 114.14
C MET ZA 88 21.37 22.57 112.98
N HIS ZA 89 22.30 22.55 112.04
CA HIS ZA 89 22.29 21.52 111.01
C HIS ZA 89 23.67 21.02 110.68
N ASN ZA 90 24.71 21.61 111.28
CA ASN ZA 90 26.09 21.34 110.89
C ASN ZA 90 26.48 19.88 111.05
N ARG ZA 91 25.61 19.04 111.59
CA ARG ZA 91 25.88 17.62 111.58
C ARG ZA 91 25.26 16.93 110.37
N THR ZA 92 24.48 17.65 109.57
CA THR ZA 92 23.97 17.10 108.32
C THR ZA 92 24.09 18.02 107.11
N TYR ZA 93 24.31 19.32 107.28
CA TYR ZA 93 24.50 20.20 106.14
C TYR ZA 93 25.89 20.78 106.11
N CYS ZA 94 26.34 21.12 104.90
CA CYS ZA 94 27.67 21.63 104.64
C CYS ZA 94 27.53 22.92 103.83
N ALA ZA 95 28.11 23.99 104.32
CA ALA ZA 95 28.00 25.27 103.65
C ALA ZA 95 29.10 25.41 102.62
N GLU ZA 96 28.73 25.86 101.42
CA GLU ZA 96 29.70 26.20 100.40
C GLU ZA 96 29.52 27.66 100.03
N ILE ZA 97 30.61 28.37 99.90
CA ILE ZA 97 30.50 29.77 99.56
C ILE ZA 97 30.23 29.89 98.06
N ALA ZA 98 29.33 30.81 97.69
CA ALA ZA 98 28.91 30.95 96.30
C ALA ZA 98 30.05 31.44 95.43
N HIS ZA 99 30.04 31.00 94.17
CA HIS ZA 99 31.24 31.12 93.34
C HIS ZA 99 31.55 32.54 92.94
N ASN ZA 100 30.70 33.51 93.24
CA ASN ZA 100 30.96 34.86 92.76
C ASN ZA 100 31.11 35.87 93.89
N VAL ZA 101 31.47 35.42 95.08
CA VAL ZA 101 31.69 36.32 96.21
C VAL ZA 101 33.14 36.79 96.22
N SER ZA 102 33.34 37.98 96.77
CA SER ZA 102 34.69 38.48 96.95
C SER ZA 102 35.43 37.68 98.01
N THR ZA 103 36.75 37.79 97.99
CA THR ZA 103 37.53 37.17 99.05
C THR ZA 103 37.41 37.95 100.35
N LYS ZA 104 37.17 39.26 100.28
CA LYS ZA 104 36.90 39.99 101.51
C LYS ZA 104 35.70 39.43 102.25
N LYS ZA 105 34.65 39.09 101.51
CA LYS ZA 105 33.46 38.50 102.15
C LYS ZA 105 33.65 37.02 102.44
N ARG ZA 106 34.46 36.31 101.66
CA ARG ZA 106 34.77 34.92 102.03
C ARG ZA 106 35.51 34.84 103.34
N LYS ZA 107 36.40 35.77 103.62
CA LYS ZA 107 37.10 35.73 104.89
C LYS ZA 107 36.11 35.88 106.04
N ASP ZA 108 35.08 36.70 105.86
CA ASP ZA 108 34.07 36.84 106.89
C ASP ZA 108 33.24 35.57 107.03
N ILE ZA 109 32.79 35.01 105.90
CA ILE ZA 109 32.01 33.78 105.96
C ILE ZA 109 32.79 32.69 106.67
N VAL ZA 110 34.07 32.53 106.32
CA VAL ZA 110 34.85 31.43 106.89
C VAL ZA 110 35.19 31.70 108.34
N GLU ZA 111 35.47 32.95 108.70
CA GLU ZA 111 35.63 33.32 110.10
C GLU ZA 111 34.41 32.92 110.90
N ARG ZA 112 33.23 33.34 110.44
CA ARG ZA 112 32.01 33.04 111.18
C ARG ZA 112 31.74 31.55 111.22
N ALA ZA 113 32.02 30.84 110.12
CA ALA ZA 113 31.73 29.42 110.05
C ALA ZA 113 32.62 28.65 111.00
N ALA ZA 114 33.88 29.04 111.12
CA ALA ZA 114 34.77 28.29 111.99
C ALA ZA 114 34.29 28.35 113.42
N GLN ZA 115 33.70 29.46 113.84
CA GLN ZA 115 33.22 29.57 115.21
C GLN ZA 115 31.86 28.91 115.39
N LEU ZA 116 30.89 29.20 114.50
CA LEU ZA 116 29.63 28.49 114.58
C LEU ZA 116 29.79 27.00 114.35
N ASP ZA 117 30.98 26.55 113.99
CA ASP ZA 117 31.27 25.15 113.73
C ASP ZA 117 30.34 24.60 112.65
N ILE ZA 118 30.52 25.14 111.45
CA ILE ZA 118 29.80 24.70 110.28
C ILE ZA 118 30.83 24.21 109.27
N VAL ZA 119 30.72 22.96 108.85
CA VAL ZA 119 31.67 22.42 107.90
C VAL ZA 119 31.55 23.19 106.59
N VAL ZA 120 32.69 23.51 105.99
CA VAL ZA 120 32.75 24.19 104.71
C VAL ZA 120 33.74 23.43 103.83
N THR ZA 121 33.49 23.47 102.52
CA THR ZA 121 34.41 22.90 101.57
C THR ZA 121 35.17 23.98 100.79
N ASN ZA 122 34.95 25.25 101.08
CA ASN ZA 122 35.59 26.36 100.39
C ASN ZA 122 36.24 27.33 101.37
N LYS ZA 123 36.88 26.81 102.39
CA LYS ZA 123 37.64 27.67 103.27
C LYS ZA 123 39.08 27.87 102.81
N LEU ZA 124 39.52 27.16 101.77
CA LEU ZA 124 40.77 27.48 101.09
C LEU ZA 124 40.55 27.91 99.65
N ALA ZA 125 39.41 28.52 99.36
CA ALA ZA 125 39.14 29.05 98.03
C ALA ZA 125 39.55 30.52 97.97
N ARG ZA 126 40.28 30.87 96.92
CA ARG ZA 126 40.72 32.24 96.65
C ARG ZA 126 41.69 32.76 97.70
N LEU ZA 127 42.45 31.88 98.33
CA LEU ZA 127 43.53 32.35 99.19
C LEU ZA 127 44.60 31.27 99.32
N THR AB 2 27.86 31.45 16.95
CA THR AB 2 26.80 30.84 17.73
C THR AB 2 26.20 31.82 18.70
N LYS AB 3 25.31 31.32 19.55
CA LYS AB 3 24.90 32.07 20.72
C LYS AB 3 25.99 31.95 21.76
N GLY AB 4 26.11 32.97 22.58
CA GLY AB 4 27.10 32.90 23.63
C GLY AB 4 28.40 33.62 23.32
N THR AB 5 29.51 32.90 23.34
CA THR AB 5 30.80 33.56 23.16
C THR AB 5 30.91 34.19 21.79
N GLY AB 6 30.50 33.47 20.75
CA GLY AB 6 30.56 34.01 19.41
C GLY AB 6 29.68 35.22 19.23
N SER AB 7 28.60 35.30 19.99
CA SER AB 7 27.61 36.34 19.78
C SER AB 7 27.73 37.53 20.72
N PHE AB 8 28.46 37.40 21.82
CA PHE AB 8 28.68 38.56 22.66
C PHE AB 8 29.76 39.45 22.12
N GLY AB 9 30.43 39.06 21.06
CA GLY AB 9 31.45 39.90 20.48
C GLY AB 9 30.91 41.02 19.65
N LYS AB 10 29.65 40.94 19.24
CA LYS AB 10 29.07 41.91 18.34
C LYS AB 10 28.26 42.98 19.07
N ARG AB 11 28.36 43.06 20.39
CA ARG AB 11 27.82 44.20 21.12
C ARG AB 11 28.65 45.43 20.82
N ARG AB 12 28.13 46.26 19.92
CA ARG AB 12 28.88 47.40 19.42
C ARG AB 12 28.08 48.68 19.36
N ASN AB 13 26.76 48.64 19.45
CA ASN AB 13 25.89 49.80 19.36
C ASN AB 13 25.23 50.04 20.70
N LYS AB 14 24.53 51.15 20.82
CA LYS AB 14 23.82 51.45 22.03
C LYS AB 14 22.33 51.47 21.74
N THR AB 15 21.56 50.68 22.49
CA THR AB 15 20.12 50.85 22.49
C THR AB 15 19.73 52.06 23.32
N HIS AB 16 20.43 52.30 24.42
CA HIS AB 16 20.08 53.32 25.38
C HIS AB 16 21.23 54.31 25.56
N THR AB 17 20.91 55.60 25.57
CA THR AB 17 21.86 56.61 25.99
C THR AB 17 21.29 57.37 27.18
N LEU AB 18 22.06 58.32 27.69
CA LEU AB 18 21.69 58.93 28.95
C LEU AB 18 20.41 59.75 28.79
N CYS AB 19 19.41 59.45 29.59
CA CYS AB 19 18.18 60.21 29.56
C CYS AB 19 18.42 61.57 30.17
N ILE AB 20 17.64 62.56 29.73
CA ILE AB 20 17.85 63.91 30.24
C ILE AB 20 16.96 64.24 31.43
N ARG AB 21 15.79 63.63 31.54
CA ARG AB 21 14.97 63.96 32.69
C ARG AB 21 15.40 63.19 33.93
N CYS AB 22 15.88 61.96 33.77
CA CYS AB 22 16.21 61.13 34.91
C CYS AB 22 17.69 60.80 35.04
N GLY AB 23 18.49 61.08 34.03
CA GLY AB 23 19.92 60.87 34.14
C GLY AB 23 20.36 59.43 34.11
N ARG AB 24 19.44 58.48 33.97
CA ARG AB 24 19.86 57.09 33.88
C ARG AB 24 20.22 56.74 32.45
N ARG AB 25 20.89 55.60 32.28
CA ARG AB 25 21.14 55.06 30.95
C ARG AB 25 19.97 54.16 30.54
N SER AB 26 18.86 54.80 30.22
CA SER AB 26 17.70 54.03 29.81
C SER AB 26 16.89 54.70 28.72
N PHE AB 27 17.47 55.59 27.94
CA PHE AB 27 16.72 56.27 26.88
C PHE AB 27 16.75 55.43 25.62
N HIS AB 28 15.69 54.67 25.34
CA HIS AB 28 15.66 53.90 24.11
C HIS AB 28 15.68 54.85 22.93
N LEU AB 29 16.69 54.69 22.09
CA LEU AB 29 16.98 55.64 21.02
C LEU AB 29 15.99 55.53 19.87
N GLN AB 30 15.93 54.35 19.25
CA GLN AB 30 14.98 54.14 18.15
C GLN AB 30 13.58 54.53 18.58
N LYS AB 31 13.16 54.04 19.74
CA LYS AB 31 11.83 54.30 20.25
C LYS AB 31 11.69 55.72 20.81
N SER AB 32 12.81 56.41 21.03
CA SER AB 32 12.82 57.79 21.50
C SER AB 32 12.14 57.95 22.85
N THR AB 33 12.18 56.94 23.71
CA THR AB 33 11.55 57.10 25.03
C THR AB 33 12.40 56.51 26.13
N CYS AB 34 12.45 57.20 27.27
CA CYS AB 34 13.14 56.67 28.42
C CYS AB 34 12.33 55.53 29.03
N SER AB 35 13.01 54.43 29.28
CA SER AB 35 12.44 53.24 29.85
C SER AB 35 12.36 53.27 31.36
N SER AB 36 12.73 54.37 31.99
CA SER AB 36 12.66 54.52 33.43
C SER AB 36 11.77 55.67 33.86
N CYS AB 37 11.92 56.85 33.24
CA CYS AB 37 11.03 57.96 33.53
C CYS AB 37 10.01 58.18 32.43
N GLY AB 38 9.81 57.20 31.57
CA GLY AB 38 8.75 57.27 30.59
C GLY AB 38 8.92 58.35 29.55
N TYR AB 39 9.83 59.30 29.79
CA TYR AB 39 10.10 60.49 28.99
C TYR AB 39 10.11 60.13 27.51
N PRO AB 40 9.60 60.98 26.60
CA PRO AB 40 9.20 62.38 26.74
C PRO AB 40 7.79 62.63 27.21
N ALA AB 41 7.09 61.59 27.69
CA ALA AB 41 5.75 61.78 28.20
C ALA AB 41 5.73 62.84 29.28
N ALA AB 42 4.59 63.54 29.38
CA ALA AB 42 4.49 64.63 30.35
C ALA AB 42 4.65 64.12 31.77
N ARG AB 43 4.06 62.99 32.09
CA ARG AB 43 4.11 62.41 33.42
C ARG AB 43 5.13 61.30 33.51
N ILE AB 44 5.58 61.04 34.72
CA ILE AB 44 6.66 60.11 34.98
C ILE AB 44 6.12 58.68 35.02
N ARG AB 45 6.91 57.75 34.54
CA ARG AB 45 6.57 56.33 34.55
C ARG AB 45 6.82 55.77 35.94
N LYS AB 46 5.75 55.36 36.61
CA LYS AB 46 5.86 54.84 37.96
C LYS AB 46 4.74 53.84 38.15
N TYR AB 47 5.06 52.69 38.74
CA TYR AB 47 4.05 51.67 38.87
C TYR AB 47 4.06 51.08 40.27
N ASN AB 48 2.89 50.64 40.70
CA ASN AB 48 2.72 50.10 42.03
C ASN AB 48 3.02 48.62 42.09
N TRP AB 49 3.47 48.02 41.01
CA TRP AB 49 3.95 46.67 41.20
C TRP AB 49 5.40 46.65 41.67
N SER AB 50 6.03 47.80 41.87
CA SER AB 50 7.38 47.84 42.43
C SER AB 50 7.48 49.04 43.36
N VAL AB 51 7.14 48.83 44.63
CA VAL AB 51 7.33 49.88 45.61
C VAL AB 51 8.81 50.18 45.79
N LYS AB 52 9.67 49.22 45.51
CA LYS AB 52 11.09 49.49 45.58
C LYS AB 52 11.51 50.53 44.55
N ALA AB 53 11.05 50.39 43.33
CA ALA AB 53 11.34 51.39 42.31
C ALA AB 53 10.54 52.66 42.50
N ILE AB 54 9.50 52.63 43.32
CA ILE AB 54 8.85 53.88 43.71
C ILE AB 54 9.68 54.63 44.75
N ARG AB 55 10.32 53.90 45.68
CA ARG AB 55 11.09 54.59 46.70
C ARG AB 55 12.42 55.07 46.14
N ARG AB 56 13.02 54.34 45.20
CA ARG AB 56 14.35 54.74 44.72
C ARG AB 56 14.31 56.11 44.07
N LYS AB 57 13.13 56.57 43.65
CA LYS AB 57 12.96 57.80 42.90
C LYS AB 57 11.72 58.54 43.33
N THR AB 58 11.30 58.34 44.57
CA THR AB 58 10.23 59.14 45.15
C THR AB 58 10.76 60.52 45.53
N THR AB 59 9.90 61.32 46.14
CA THR AB 59 10.36 62.55 46.77
C THR AB 59 11.11 62.22 48.05
N GLY AB 60 12.19 62.94 48.30
CA GLY AB 60 12.99 62.77 49.48
C GLY AB 60 14.37 62.24 49.23
N THR AB 61 14.63 61.66 48.06
CA THR AB 61 15.97 61.17 47.76
C THR AB 61 16.83 62.19 47.04
N GLY AB 62 16.33 63.40 46.80
CA GLY AB 62 17.09 64.43 46.16
C GLY AB 62 17.39 65.61 47.07
N ARG AB 63 17.86 66.69 46.45
CA ARG AB 63 18.27 67.83 47.24
C ARG AB 63 17.10 68.48 47.96
N MET AB 64 15.89 68.37 47.43
CA MET AB 64 14.75 69.08 47.97
C MET AB 64 15.07 70.57 48.05
N ARG AB 65 15.65 71.12 46.97
CA ARG AB 65 16.15 72.49 47.04
C ARG AB 65 15.09 73.46 47.50
N TYR AB 66 13.84 73.21 47.14
CA TYR AB 66 12.78 74.13 47.53
C TYR AB 66 11.99 73.64 48.73
N MET AB 67 11.35 72.47 48.65
CA MET AB 67 10.43 72.15 49.73
C MET AB 67 11.11 71.99 51.09
N ARG AB 68 12.42 71.76 51.16
CA ARG AB 68 13.02 71.68 52.49
C ARG AB 68 12.81 72.95 53.29
N HIS AB 69 12.58 74.06 52.63
CA HIS AB 69 12.36 75.29 53.37
C HIS AB 69 10.90 75.52 53.69
N VAL AB 70 9.98 74.76 53.07
CA VAL AB 70 8.56 75.02 53.28
C VAL AB 70 8.14 74.81 54.73
N PRO AB 71 8.56 73.76 55.43
CA PRO AB 71 8.25 73.71 56.88
C PRO AB 71 8.71 74.94 57.65
N ARG AB 72 9.91 75.40 57.39
CA ARG AB 72 10.41 76.57 58.09
C ARG AB 72 9.58 77.80 57.75
N ARG AB 73 9.11 77.89 56.51
CA ARG AB 73 8.26 79.00 56.11
C ARG AB 73 6.86 78.86 56.67
N PHE AB 74 6.43 77.63 56.94
CA PHE AB 74 5.15 77.39 57.58
C PHE AB 74 5.17 77.91 59.01
N LYS AB 75 6.09 77.40 59.81
CA LYS AB 75 6.44 78.10 61.03
C LYS AB 75 6.65 79.57 60.70
N SER AB 76 6.07 80.45 61.50
CA SER AB 76 6.04 81.88 61.29
C SER AB 76 5.17 82.28 60.11
N ASN AB 77 4.35 81.35 59.61
CA ASN AB 77 3.17 81.68 58.81
C ASN AB 77 3.50 82.53 57.59
N PHE AB 78 4.45 82.06 56.78
CA PHE AB 78 4.77 82.61 55.46
C PHE AB 78 4.94 84.13 55.53
N ARG AB 79 5.97 84.57 56.23
CA ARG AB 79 6.12 85.98 56.57
C ARG AB 79 7.18 86.65 55.72
N GLU AB 80 6.90 87.90 55.34
CA GLU AB 80 7.82 88.73 54.57
C GLU AB 80 7.94 90.10 55.21
N GLY AB 81 9.16 90.51 55.52
CA GLY AB 81 9.39 91.71 56.29
C GLY AB 81 9.72 92.93 55.46
N PRO BB 27 34.67 57.23 22.34
CA PRO BB 27 35.35 57.35 21.05
C PRO BB 27 35.91 58.73 20.78
N SER BB 28 36.64 58.85 19.68
CA SER BB 28 37.28 60.12 19.36
C SER BB 28 36.27 61.20 19.08
N HIS BB 29 35.09 60.83 18.58
CA HIS BB 29 33.99 61.76 18.37
C HIS BB 29 32.96 61.57 19.48
N LYS BB 30 33.13 62.27 20.57
CA LYS BB 30 32.25 62.12 21.71
C LYS BB 30 31.42 63.38 21.88
N THR BB 31 30.18 63.19 22.33
CA THR BB 31 29.32 64.32 22.56
C THR BB 31 29.83 65.15 23.73
N PHE BB 32 29.47 66.43 23.74
CA PHE BB 32 29.91 67.27 24.83
C PHE BB 32 29.29 66.86 26.15
N ARG BB 33 28.09 66.26 26.13
CA ARG BB 33 27.53 65.73 27.37
C ARG BB 33 28.38 64.61 27.93
N ILE BB 34 28.84 63.70 27.08
CA ILE BB 34 29.62 62.59 27.58
C ILE BB 34 31.00 63.06 28.00
N LYS BB 35 31.58 64.02 27.31
CA LYS BB 35 32.84 64.58 27.80
C LYS BB 35 32.64 65.29 29.14
N GLN BB 36 31.52 66.00 29.28
CA GLN BB 36 31.23 66.70 30.51
C GLN BB 36 31.17 65.74 31.69
N LYS BB 37 30.53 64.58 31.50
CA LYS BB 37 30.43 63.59 32.56
C LYS BB 37 31.69 62.76 32.74
N LEU BB 38 32.52 62.62 31.71
CA LEU BB 38 33.82 61.99 31.93
C LEU BB 38 34.71 62.87 32.78
N ALA BB 39 34.61 64.18 32.62
CA ALA BB 39 35.35 65.09 33.49
C ALA BB 39 35.06 64.79 34.96
N LYS BB 40 33.79 64.65 35.30
CA LYS BB 40 33.47 64.45 36.71
C LYS BB 40 33.82 63.04 37.15
N LYS BB 41 33.59 62.04 36.31
CA LYS BB 41 34.02 60.73 36.74
C LYS BB 41 35.54 60.60 36.78
N GLN BB 42 36.26 61.60 36.27
CA GLN BB 42 37.70 61.68 36.48
C GLN BB 42 38.01 62.32 37.81
N ARG BB 43 37.40 63.46 38.10
CA ARG BB 43 37.68 64.11 39.38
C ARG BB 43 37.21 63.28 40.56
N GLN BB 44 36.38 62.27 40.33
CA GLN BB 44 35.97 61.39 41.42
C GLN BB 44 36.92 60.21 41.63
N ASN BB 45 38.08 60.20 41.01
CA ASN BB 45 39.11 59.20 41.28
C ASN BB 45 40.32 59.89 41.89
N ARG BB 46 40.41 59.81 43.21
CA ARG BB 46 41.63 60.04 43.94
C ARG BB 46 41.47 59.30 45.25
N PRO BB 47 42.53 58.69 45.77
CA PRO BB 47 42.44 58.18 47.14
C PRO BB 47 42.16 59.32 48.08
N ILE BB 48 41.47 59.02 49.17
CA ILE BB 48 41.01 60.06 50.09
C ILE BB 48 42.21 60.83 50.60
N PRO BB 49 42.07 62.13 50.87
CA PRO BB 49 43.24 62.93 51.26
C PRO BB 49 43.90 62.37 52.52
N TYR BB 50 45.19 62.69 52.67
CA TYR BB 50 45.93 62.12 53.78
C TYR BB 50 45.43 62.62 55.12
N TRP BB 51 44.80 63.79 55.14
CA TRP BB 51 44.50 64.49 56.38
C TRP BB 51 43.11 64.22 56.91
N ILE BB 52 42.14 63.99 56.03
CA ILE BB 52 40.80 63.61 56.49
C ILE BB 52 40.88 62.57 57.57
N ARG BB 53 41.85 61.67 57.46
CA ARG BB 53 41.92 60.50 58.31
C ARG BB 53 42.12 60.84 59.78
N MET BB 54 42.50 62.08 60.10
CA MET BB 54 42.68 62.47 61.48
C MET BB 54 41.59 63.40 61.99
N ARG BB 55 40.56 63.69 61.20
CA ARG BB 55 39.48 64.52 61.69
C ARG BB 55 38.73 63.79 62.80
N THR BB 56 38.11 64.56 63.67
CA THR BB 56 37.65 64.01 64.95
C THR BB 56 36.52 63.01 64.75
N ASP BB 57 36.61 61.90 65.47
CA ASP BB 57 35.63 60.82 65.42
C ASP BB 57 35.35 60.39 63.98
N ASN BB 58 36.39 59.90 63.32
CA ASN BB 58 36.34 59.68 61.89
C ASN BB 58 36.24 58.20 61.58
N THR BB 59 35.54 57.88 60.49
CA THR BB 59 35.34 56.51 60.08
C THR BB 59 35.77 56.21 58.65
N ILE BB 60 35.93 57.23 57.80
CA ILE BB 60 36.33 57.00 56.41
C ILE BB 60 37.75 56.48 56.39
N ARG BB 61 37.93 55.29 55.83
CA ARG BB 61 39.18 54.57 55.99
C ARG BB 61 39.97 54.55 54.68
N TYR BB 62 39.38 54.04 53.61
CA TYR BB 62 39.90 54.14 52.25
C TYR BB 62 38.77 54.58 51.34
N ASN BB 63 39.06 54.86 50.08
CA ASN BB 63 38.02 55.34 49.19
C ASN BB 63 37.37 54.10 48.57
N ALA BB 64 36.19 53.74 49.06
CA ALA BB 64 35.47 52.58 48.58
C ALA BB 64 34.66 52.84 47.34
N LYS BB 65 34.94 53.94 46.64
CA LYS BB 65 34.24 54.25 45.40
C LYS BB 65 35.24 54.45 44.27
N ARG BB 66 36.35 53.73 44.32
CA ARG BB 66 37.29 53.72 43.21
C ARG BB 66 36.64 53.06 42.01
N ARG BB 67 37.10 53.43 40.83
CA ARG BB 67 36.68 52.80 39.61
C ARG BB 67 37.93 52.60 38.78
N HIS BB 68 37.99 51.49 38.04
CA HIS BB 68 39.13 51.26 37.18
C HIS BB 68 38.63 51.13 35.75
N TRP BB 69 39.43 51.59 34.79
CA TRP BB 69 38.95 51.60 33.41
C TRP BB 69 38.80 50.19 32.86
N ARG BB 70 39.57 49.24 33.36
CA ARG BB 70 39.51 47.87 32.86
C ARG BB 70 38.55 46.99 33.65
N ARG BB 71 38.22 47.33 34.89
CA ARG BB 71 37.33 46.46 35.68
C ARG BB 71 35.88 46.87 35.54
N THR BB 72 35.53 48.02 36.06
CA THR BB 72 34.13 48.41 36.20
C THR BB 72 33.82 49.49 35.18
N LYS BB 73 33.17 49.10 34.11
CA LYS BB 73 32.85 50.05 33.06
C LYS BB 73 31.77 50.99 33.59
N LEU BB 74 31.87 52.27 33.26
CA LEU BB 74 30.81 53.19 33.66
C LEU BB 74 29.46 52.72 33.17
N GLY BB 75 29.41 52.06 32.01
CA GLY BB 75 28.13 51.72 31.45
C GLY BB 75 27.36 52.93 31.00
N PHE BB 76 28.04 53.92 30.43
CA PHE BB 76 27.36 55.05 29.82
C PHE BB 76 28.27 55.75 28.83
N VAL CB 2 -48.94 -4.23 30.61
CA VAL CB 2 -49.71 -4.38 31.83
C VAL CB 2 -51.02 -3.64 31.70
N ASN CB 3 -52.11 -4.35 31.93
CA ASN CB 3 -53.45 -3.82 31.79
C ASN CB 3 -54.00 -3.46 33.16
N VAL CB 4 -54.75 -2.37 33.22
CA VAL CB 4 -55.40 -1.96 34.46
C VAL CB 4 -56.84 -1.55 34.14
N PRO CB 5 -57.81 -1.85 34.99
CA PRO CB 5 -59.21 -1.53 34.66
C PRO CB 5 -59.48 -0.03 34.68
N LYS CB 6 -60.50 0.37 33.91
CA LYS CB 6 -60.86 1.77 33.83
C LYS CB 6 -61.35 2.30 35.17
N THR CB 7 -62.10 1.50 35.90
CA THR CB 7 -62.79 1.98 37.09
C THR CB 7 -62.56 1.02 38.24
N LYS CB 8 -62.14 1.55 39.38
CA LYS CB 8 -61.63 0.74 40.47
C LYS CB 8 -62.18 1.24 41.80
N LYS CB 9 -62.39 0.31 42.74
CA LYS CB 9 -62.91 0.64 44.06
C LYS CB 9 -61.78 0.58 45.09
N THR CB 10 -61.34 1.75 45.54
CA THR CB 10 -60.37 1.84 46.62
C THR CB 10 -60.84 2.90 47.60
N TYR CB 11 -59.97 3.27 48.53
CA TYR CB 11 -60.33 4.17 49.62
C TYR CB 11 -60.26 5.64 49.18
N CYS CB 12 -61.29 6.40 49.52
CA CYS CB 12 -61.30 7.84 49.24
C CYS CB 12 -61.25 8.61 50.54
N LYS CB 13 -60.16 9.33 50.76
CA LYS CB 13 -59.88 9.92 52.06
C LYS CB 13 -60.65 11.19 52.34
N ASN CB 14 -61.41 11.72 51.39
CA ASN CB 14 -62.06 13.00 51.65
C ASN CB 14 -62.95 12.91 52.87
N LYS CB 15 -62.98 14.00 53.66
CA LYS CB 15 -63.75 14.00 54.89
C LYS CB 15 -65.21 13.70 54.64
N GLU CB 16 -65.61 13.65 53.38
CA GLU CB 16 -66.98 13.33 53.01
C GLU CB 16 -67.17 11.86 52.69
N CYS CB 17 -66.11 11.14 52.27
CA CYS CB 17 -66.25 9.77 51.81
C CYS CB 17 -65.68 8.75 52.78
N LYS CB 18 -64.38 8.81 53.08
CA LYS CB 18 -63.71 7.88 53.99
C LYS CB 18 -64.20 6.44 53.92
N LYS CB 19 -64.42 5.93 52.72
CA LYS CB 19 -64.84 4.55 52.53
C LYS CB 19 -64.49 4.15 51.10
N HIS CB 20 -64.49 2.85 50.84
CA HIS CB 20 -64.32 2.42 49.47
C HIS CB 20 -65.45 2.92 48.61
N THR CB 21 -65.10 3.73 47.61
CA THR CB 21 -66.04 4.21 46.61
C THR CB 21 -65.58 3.69 45.26
N LEU CB 22 -66.19 4.19 44.21
CA LEU CB 22 -65.85 3.76 42.86
C LEU CB 22 -65.05 4.87 42.20
N HIS CB 23 -63.81 4.57 41.81
CA HIS CB 23 -62.88 5.56 41.31
C HIS CB 23 -62.68 5.34 39.82
N LYS CB 24 -62.82 6.40 39.02
CA LYS CB 24 -62.38 6.38 37.64
C LYS CB 24 -60.87 6.52 37.59
N VAL CB 25 -60.25 5.87 36.62
CA VAL CB 25 -58.80 5.84 36.49
C VAL CB 25 -58.39 6.66 35.29
N THR CB 26 -57.23 7.31 35.40
CA THR CB 26 -56.62 8.04 34.29
C THR CB 26 -55.12 7.73 34.37
N GLN CB 27 -54.28 8.35 33.56
CA GLN CB 27 -52.85 8.19 33.69
C GLN CB 27 -52.23 9.55 33.93
N TYR CB 28 -51.33 9.62 34.91
CA TYR CB 28 -50.67 10.87 35.23
C TYR CB 28 -49.73 11.29 34.11
N LYS CB 29 -49.93 12.50 33.61
CA LYS CB 29 -49.00 13.08 32.66
C LYS CB 29 -48.57 14.45 33.19
N LYS CB 30 -47.26 14.64 33.28
CA LYS CB 30 -46.69 15.87 33.80
C LYS CB 30 -47.30 17.09 33.14
N GLY CB 31 -47.99 17.90 33.92
CA GLY CB 31 -48.47 19.17 33.41
C GLY CB 31 -47.33 19.99 32.84
N LYS CB 32 -47.68 21.08 32.19
CA LYS CB 32 -46.68 21.78 31.39
C LYS CB 32 -45.92 22.76 32.28
N ASP CB 33 -44.62 22.87 32.02
CA ASP CB 33 -43.74 23.69 32.84
C ASP CB 33 -44.14 25.16 32.75
N SER CB 34 -44.15 25.85 33.88
CA SER CB 34 -44.68 27.20 33.96
C SER CB 34 -43.56 28.22 34.05
N LEU CB 35 -43.77 29.38 33.42
CA LEU CB 35 -42.73 30.38 33.26
C LEU CB 35 -42.55 31.25 34.50
N SER CB 36 -43.36 31.09 35.53
CA SER CB 36 -43.33 32.00 36.67
C SER CB 36 -42.97 31.33 37.98
N ALA CB 37 -42.64 30.04 37.98
CA ALA CB 37 -42.21 29.38 39.18
C ALA CB 37 -40.90 29.97 39.68
N GLN CB 38 -40.79 30.13 41.01
CA GLN CB 38 -39.60 30.75 41.60
C GLN CB 38 -38.32 30.09 41.11
N GLY CB 39 -38.32 28.76 41.00
CA GLY CB 39 -37.15 28.11 40.43
C GLY CB 39 -36.87 28.55 39.02
N LYS CB 40 -37.90 28.92 38.27
CA LYS CB 40 -37.71 29.28 36.88
C LYS CB 40 -37.26 30.72 36.72
N ARG CB 41 -37.78 31.63 37.54
CA ARG CB 41 -37.25 32.99 37.49
C ARG CB 41 -35.86 33.08 38.11
N ARG CB 42 -35.54 32.21 39.06
CA ARG CB 42 -34.16 32.13 39.53
C ARG CB 42 -33.22 31.62 38.45
N TYR CB 43 -33.57 30.49 37.82
CA TYR CB 43 -32.67 29.93 36.81
C TYR CB 43 -32.57 30.84 35.61
N ASP CB 44 -33.64 31.53 35.25
CA ASP CB 44 -33.59 32.45 34.11
C ASP CB 44 -32.82 33.71 34.45
N ARG CB 45 -32.83 34.13 35.72
CA ARG CB 45 -31.91 35.17 36.15
C ARG CB 45 -30.46 34.71 36.09
N LYS CB 46 -30.21 33.48 36.51
CA LYS CB 46 -28.85 32.98 36.64
C LYS CB 46 -28.22 32.69 35.28
N GLN CB 47 -29.01 32.16 34.36
CA GLN CB 47 -28.52 31.82 33.04
C GLN CB 47 -28.18 33.08 32.25
N SER CB 48 -28.89 34.18 32.53
CA SER CB 48 -28.66 35.44 31.85
C SER CB 48 -27.28 36.00 32.18
N GLY CB 49 -26.64 36.58 31.17
CA GLY CB 49 -25.34 37.17 31.35
C GLY CB 49 -24.28 36.41 30.60
N TYR CB 50 -23.06 36.40 31.13
CA TYR CB 50 -22.02 35.56 30.57
C TYR CB 50 -21.66 34.45 31.54
N GLY CB 51 -20.97 33.45 31.03
CA GLY CB 51 -20.69 32.26 31.80
C GLY CB 51 -21.41 31.04 31.30
N GLY CB 52 -22.37 31.21 30.40
CA GLY CB 52 -23.00 30.08 29.80
C GLY CB 52 -23.76 29.23 30.80
N GLN CB 53 -23.78 27.92 30.53
CA GLN CB 53 -24.60 26.99 31.29
C GLN CB 53 -24.12 26.90 32.72
N THR CB 54 -24.95 27.35 33.65
CA THR CB 54 -24.56 27.42 35.05
C THR CB 54 -25.09 26.25 35.88
N LYS CB 55 -26.37 25.97 35.80
CA LYS CB 55 -26.92 24.77 36.42
C LYS CB 55 -26.57 23.56 35.58
N PRO CB 56 -26.26 22.42 36.19
CA PRO CB 56 -25.94 21.25 35.40
C PRO CB 56 -27.11 20.81 34.56
N VAL CB 57 -26.80 20.14 33.45
CA VAL CB 57 -27.77 19.56 32.55
C VAL CB 57 -27.44 18.10 32.37
N PHE CB 58 -28.46 17.25 32.41
CA PHE CB 58 -28.26 15.82 32.58
C PHE CB 58 -28.06 15.12 31.25
N HIS CB 59 -27.07 14.21 31.20
CA HIS CB 59 -26.77 13.52 29.94
C HIS CB 59 -26.77 12.00 30.05
N LYS CB 60 -26.23 11.44 31.12
CA LYS CB 60 -26.07 9.99 31.25
C LYS CB 60 -27.38 9.39 31.73
N LYS CB 61 -28.33 9.26 30.81
CA LYS CB 61 -29.59 8.59 31.15
C LYS CB 61 -29.41 7.09 31.10
N ALA CB 62 -30.04 6.40 32.04
CA ALA CB 62 -29.86 4.96 32.18
C ALA CB 62 -31.17 4.19 32.22
N LYS CB 63 -32.20 4.74 32.85
CA LYS CB 63 -33.50 4.08 32.90
C LYS CB 63 -34.16 4.10 31.53
N THR CB 64 -34.94 3.06 31.27
CA THR CB 64 -35.76 2.97 30.09
C THR CB 64 -37.25 3.00 30.38
N THR CB 65 -37.63 2.88 31.64
CA THR CB 65 -39.02 2.75 32.04
C THR CB 65 -39.33 3.70 33.20
N LYS CB 66 -40.58 4.11 33.29
CA LYS CB 66 -41.00 4.99 34.37
C LYS CB 66 -41.97 4.26 35.28
N LYS CB 67 -42.22 4.86 36.44
CA LYS CB 67 -43.30 4.44 37.30
C LYS CB 67 -44.57 5.16 36.89
N ILE CB 68 -45.54 4.39 36.42
CA ILE CB 68 -46.85 4.94 36.10
C ILE CB 68 -47.47 5.49 37.36
N VAL CB 69 -48.12 6.63 37.25
CA VAL CB 69 -48.98 7.16 38.30
C VAL CB 69 -50.40 7.14 37.77
N LEU CB 70 -51.31 6.59 38.55
CA LEU CB 70 -52.71 6.47 38.20
C LEU CB 70 -53.44 7.56 38.96
N LYS CB 71 -54.17 8.42 38.27
CA LYS CB 71 -54.93 9.48 38.91
C LYS CB 71 -56.38 9.02 39.04
N LEU CB 72 -56.73 8.49 40.20
CA LEU CB 72 -58.01 7.87 40.44
C LEU CB 72 -58.96 8.93 40.97
N GLN CB 73 -60.07 9.16 40.27
CA GLN CB 73 -61.07 10.10 40.72
C GLN CB 73 -62.30 9.33 41.15
N CYS CB 74 -62.73 9.49 42.40
CA CYS CB 74 -63.94 8.81 42.82
C CYS CB 74 -65.15 9.56 42.28
N GLN CB 75 -66.19 8.82 41.99
CA GLN CB 75 -67.38 9.39 41.38
C GLN CB 75 -68.30 10.04 42.38
N SER CB 76 -67.81 10.33 43.58
CA SER CB 76 -68.68 10.72 44.67
C SER CB 76 -68.45 12.14 45.17
N CYS CB 77 -67.22 12.59 45.26
CA CYS CB 77 -66.95 13.97 45.61
C CYS CB 77 -66.07 14.68 44.61
N LYS CB 78 -65.69 14.02 43.51
CA LYS CB 78 -64.92 14.64 42.44
C LYS CB 78 -63.57 15.16 42.93
N HIS CB 79 -62.91 14.34 43.76
CA HIS CB 79 -61.56 14.63 44.23
C HIS CB 79 -60.65 13.49 43.80
N TYR CB 80 -59.48 13.84 43.29
CA TYR CB 80 -58.53 12.85 42.81
C TYR CB 80 -57.70 12.34 43.97
N SER CB 81 -57.15 11.15 43.80
CA SER CB 81 -56.02 10.69 44.60
C SER CB 81 -55.24 9.75 43.70
N GLN CB 82 -53.95 9.63 43.95
CA GLN CB 82 -53.05 9.10 42.93
C GLN CB 82 -52.15 8.02 43.51
N ARG CB 83 -51.84 7.05 42.67
CA ARG CB 83 -51.12 5.86 43.12
C ARG CB 83 -50.11 5.46 42.07
N ALA CB 84 -48.88 5.22 42.45
CA ALA CB 84 -47.88 4.81 41.48
C ALA CB 84 -47.75 3.30 41.51
N ILE CB 85 -47.66 2.70 40.33
CA ILE CB 85 -47.51 1.26 40.21
C ILE CB 85 -46.07 0.96 39.81
N LYS CB 86 -45.74 -0.33 39.77
CA LYS CB 86 -44.37 -0.72 39.51
C LYS CB 86 -44.00 -0.36 38.07
N ARG CB 87 -42.69 -0.35 37.79
CA ARG CB 87 -42.20 0.12 36.51
C ARG CB 87 -42.58 -0.82 35.37
N CYS CB 88 -43.00 -0.26 34.25
CA CYS CB 88 -43.41 -1.06 33.10
C CYS CB 88 -43.12 -0.31 31.81
N LYS CB 89 -43.03 -1.06 30.72
CA LYS CB 89 -42.80 -0.49 29.40
C LYS CB 89 -44.12 -0.17 28.71
N HIS CB 90 -44.97 -1.18 28.51
CA HIS CB 90 -46.28 -1.02 27.91
C HIS CB 90 -47.33 -0.91 29.01
N PHE CB 91 -48.28 0.00 28.85
CA PHE CB 91 -49.32 0.17 29.86
C PHE CB 91 -50.59 0.65 29.20
N GLU CB 92 -51.72 0.05 29.57
CA GLU CB 92 -52.97 0.32 28.88
C GLU CB 92 -54.11 0.16 29.88
N ILE CB 93 -55.04 1.09 29.87
CA ILE CB 93 -56.20 1.05 30.75
C ILE CB 93 -57.36 0.46 29.96
N GLY CB 94 -58.10 -0.45 30.60
CA GLY CB 94 -59.23 -1.04 29.94
C GLY CB 94 -58.87 -1.82 28.69
N GLY CB 95 -57.80 -2.60 28.75
CA GLY CB 95 -57.51 -3.49 27.66
C GLY CB 95 -58.40 -4.72 27.67
N ASP CB 96 -58.46 -5.40 26.53
CA ASP CB 96 -59.22 -6.63 26.45
C ASP CB 96 -58.67 -7.66 27.43
N LYS CB 97 -59.55 -8.28 28.20
CA LYS CB 97 -59.15 -9.15 29.29
C LYS CB 97 -58.45 -10.39 28.78
N LYS CB 98 -57.58 -10.94 29.62
CA LYS CB 98 -56.90 -12.18 29.30
C LYS CB 98 -57.89 -13.34 29.17
N GLY CB 99 -57.61 -14.24 28.24
CA GLY CB 99 -58.45 -15.40 28.03
C GLY CB 99 -57.75 -16.72 28.30
N PRO DB 2 50.00 -67.75 71.82
CA PRO DB 2 49.38 -68.07 73.11
C PRO DB 2 49.01 -66.85 73.94
N PHE DB 3 47.86 -66.92 74.61
CA PHE DB 3 47.45 -65.93 75.60
C PHE DB 3 47.66 -66.55 76.96
N LYS DB 4 47.95 -65.71 77.96
CA LYS DB 4 48.18 -66.23 79.30
C LYS DB 4 46.96 -66.18 80.21
N ARG DB 5 45.85 -65.59 79.76
CA ARG DB 5 44.77 -65.32 80.71
C ARG DB 5 43.46 -65.13 79.96
N PHE DB 6 42.45 -65.89 80.37
CA PHE DB 6 41.18 -65.99 79.67
C PHE DB 6 40.05 -65.74 80.65
N VAL DB 7 38.93 -65.21 80.16
CA VAL DB 7 37.73 -65.18 80.99
C VAL DB 7 37.12 -66.56 80.97
N GLU DB 8 37.12 -67.23 82.13
CA GLU DB 8 36.65 -68.60 82.21
C GLU DB 8 36.18 -68.85 83.63
N ILE DB 9 35.49 -69.97 83.81
CA ILE DB 9 34.77 -70.20 85.06
C ILE DB 9 35.75 -70.31 86.22
N GLY DB 10 35.55 -69.51 87.25
CA GLY DB 10 36.32 -69.55 88.44
C GLY DB 10 37.47 -68.56 88.52
N ARG DB 11 37.92 -68.03 87.38
CA ARG DB 11 39.08 -67.15 87.42
C ARG DB 11 38.78 -65.95 88.30
N VAL DB 12 39.71 -65.62 89.18
CA VAL DB 12 39.54 -64.47 90.05
C VAL DB 12 40.02 -63.23 89.32
N ALA DB 13 39.28 -62.14 89.46
CA ALA DB 13 39.54 -60.91 88.75
C ALA DB 13 39.49 -59.76 89.74
N LEU DB 14 40.45 -58.87 89.65
CA LEU DB 14 40.39 -57.62 90.36
C LEU DB 14 39.37 -56.69 89.70
N VAL DB 15 38.55 -56.04 90.51
CA VAL DB 15 37.62 -55.04 90.00
C VAL DB 15 38.30 -53.69 90.02
N ASN DB 16 38.41 -53.04 88.87
CA ASN DB 16 39.28 -51.87 88.76
C ASN DB 16 38.55 -50.58 88.45
N TYR DB 17 37.24 -50.51 88.67
CA TYR DB 17 36.59 -49.22 88.50
C TYR DB 17 35.30 -49.19 89.28
N GLY DB 18 34.99 -48.04 89.83
CA GLY DB 18 33.75 -47.83 90.56
C GLY DB 18 33.98 -47.64 92.04
N LYS DB 19 32.89 -47.76 92.79
CA LYS DB 19 32.96 -47.66 94.24
C LYS DB 19 33.52 -48.92 94.88
N ASP DB 20 33.57 -50.04 94.16
CA ASP DB 20 34.16 -51.28 94.64
C ASP DB 20 35.53 -51.54 94.03
N TYR DB 21 36.36 -50.52 93.84
CA TYR DB 21 37.72 -50.75 93.40
C TYR DB 21 38.49 -51.63 94.36
N GLY DB 22 39.24 -52.58 93.82
CA GLY DB 22 40.21 -53.32 94.58
C GLY DB 22 39.75 -54.67 95.07
N ARG DB 23 38.46 -54.98 94.99
CA ARG DB 23 37.99 -56.26 95.44
C ARG DB 23 38.38 -57.36 94.46
N LEU DB 24 38.63 -58.53 95.00
CA LEU DB 24 38.71 -59.73 94.18
C LEU DB 24 37.33 -60.32 94.05
N VAL DB 25 37.00 -60.81 92.86
CA VAL DB 25 35.72 -61.46 92.61
C VAL DB 25 35.96 -62.64 91.69
N VAL DB 26 35.24 -63.74 91.92
CA VAL DB 26 35.41 -64.93 91.12
C VAL DB 26 34.39 -64.86 89.98
N ILE DB 27 34.88 -64.93 88.74
CA ILE DB 27 33.99 -64.95 87.58
C ILE DB 27 33.44 -66.37 87.50
N VAL DB 28 32.25 -66.59 88.05
CA VAL DB 28 31.71 -67.94 88.14
C VAL DB 28 30.90 -68.33 86.91
N ASP DB 29 30.47 -67.36 86.11
CA ASP DB 29 29.67 -67.64 84.92
C ASP DB 29 29.63 -66.37 84.09
N VAL DB 30 29.53 -66.54 82.78
CA VAL DB 30 29.52 -65.42 81.84
C VAL DB 30 28.13 -65.26 81.26
N VAL DB 31 27.60 -64.05 81.33
CA VAL DB 31 26.26 -63.78 80.81
C VAL DB 31 26.27 -63.77 79.30
N ASP DB 32 26.98 -62.81 78.71
CA ASP DB 32 27.31 -62.83 77.30
C ASP DB 32 28.68 -62.21 77.14
N GLN DB 33 29.05 -61.87 75.92
CA GLN DB 33 30.44 -61.52 75.61
C GLN DB 33 30.94 -60.31 76.40
N ASN DB 34 30.09 -59.68 77.18
CA ASN DB 34 30.51 -58.56 78.01
C ASN DB 34 30.30 -58.78 79.50
N ARG DB 35 29.18 -59.35 79.90
CA ARG DB 35 28.81 -59.40 81.31
C ARG DB 35 29.11 -60.77 81.87
N ALA DB 36 29.56 -60.83 83.12
CA ALA DB 36 29.75 -62.11 83.78
C ALA DB 36 29.21 -62.02 85.19
N LEU DB 37 29.07 -63.17 85.83
CA LEU DB 37 28.67 -63.21 87.24
C LEU DB 37 29.91 -63.25 88.11
N VAL DB 38 29.95 -62.34 89.07
CA VAL DB 38 31.01 -62.30 90.05
C VAL DB 38 30.41 -62.78 91.35
N ASP DB 39 31.09 -63.73 91.99
CA ASP DB 39 30.72 -64.21 93.31
C ASP DB 39 31.87 -63.84 94.23
N ALA DB 40 31.53 -63.32 95.39
CA ALA DB 40 32.50 -62.77 96.34
C ALA DB 40 32.09 -63.19 97.75
N PRO DB 41 33.03 -63.17 98.70
CA PRO DB 41 32.66 -63.64 100.04
C PRO DB 41 31.70 -62.71 100.76
N ASP DB 42 31.96 -61.41 100.72
CA ASP DB 42 31.09 -60.44 101.36
C ASP DB 42 30.06 -59.85 100.42
N MET DB 43 30.22 -60.04 99.11
CA MET DB 43 29.33 -59.47 98.12
C MET DB 43 28.55 -60.58 97.44
N VAL DB 44 27.25 -60.42 97.34
CA VAL DB 44 26.41 -61.46 96.77
C VAL DB 44 26.65 -61.53 95.28
N ARG DB 45 26.45 -62.71 94.70
CA ARG DB 45 26.61 -62.93 93.28
C ARG DB 45 25.84 -61.91 92.47
N CYS DB 46 26.54 -61.18 91.62
CA CYS DB 46 25.89 -60.22 90.74
C CYS DB 46 26.63 -60.16 89.42
N GLN DB 47 25.95 -59.71 88.38
CA GLN DB 47 26.62 -59.50 87.11
C GLN DB 47 27.41 -58.21 87.13
N MET DB 48 28.55 -58.23 86.45
CA MET DB 48 29.36 -57.04 86.26
C MET DB 48 30.10 -57.21 84.94
N ASN DB 49 30.48 -56.08 84.36
CA ASN DB 49 30.87 -56.01 82.97
C ASN DB 49 32.39 -56.07 82.81
N PHE DB 50 32.84 -56.79 81.78
CA PHE DB 50 34.27 -57.04 81.62
C PHE DB 50 35.08 -55.77 81.49
N LYS DB 51 34.44 -54.67 81.13
CA LYS DB 51 35.15 -53.41 81.08
C LYS DB 51 35.58 -52.97 82.47
N ARG DB 52 34.88 -53.43 83.50
CA ARG DB 52 35.19 -53.07 84.87
C ARG DB 52 35.97 -54.14 85.63
N LEU DB 53 36.37 -55.22 84.98
CA LEU DB 53 37.16 -56.27 85.60
C LEU DB 53 38.55 -56.32 84.98
N SER DB 54 39.56 -56.41 85.84
CA SER DB 54 40.92 -56.65 85.42
C SER DB 54 41.26 -58.07 85.83
N LEU DB 55 41.44 -58.93 84.84
CA LEU DB 55 41.70 -60.33 85.14
C LEU DB 55 43.03 -60.47 85.85
N THR DB 56 43.10 -61.42 86.77
CA THR DB 56 44.30 -61.68 87.54
C THR DB 56 44.92 -63.01 87.13
N ASP DB 57 45.96 -63.41 87.85
CA ASP DB 57 46.76 -64.55 87.50
C ASP DB 57 46.27 -65.85 88.13
N ILE DB 58 45.37 -65.78 89.09
CA ILE DB 58 44.99 -66.92 89.90
C ILE DB 58 43.75 -67.56 89.31
N LYS DB 59 43.78 -68.86 89.12
CA LYS DB 59 42.57 -69.62 88.84
C LYS DB 59 42.26 -70.57 89.97
N ILE DB 60 40.98 -70.62 90.33
CA ILE DB 60 40.46 -71.60 91.28
C ILE DB 60 39.62 -72.58 90.49
N ASP DB 61 39.62 -73.83 90.94
CA ASP DB 61 39.07 -74.94 90.16
C ASP DB 61 37.72 -75.31 90.76
N ILE DB 62 36.66 -74.69 90.22
CA ILE DB 62 35.32 -74.84 90.75
C ILE DB 62 34.38 -75.31 89.66
N LYS DB 63 33.12 -75.49 90.04
CA LYS DB 63 32.00 -75.79 89.17
C LYS DB 63 31.40 -74.47 88.68
N ARG DB 64 30.40 -74.56 87.82
CA ARG DB 64 29.70 -73.35 87.40
C ARG DB 64 28.61 -73.03 88.42
N ILE DB 65 28.44 -71.73 88.70
CA ILE DB 65 27.60 -71.22 89.79
C ILE DB 65 27.64 -72.11 91.02
N PRO DB 66 28.78 -72.21 91.70
CA PRO DB 66 28.88 -73.09 92.86
C PRO DB 66 27.97 -72.63 93.99
N LYS DB 67 27.80 -73.52 94.96
CA LYS DB 67 27.24 -73.16 96.23
C LYS DB 67 28.27 -72.35 97.02
N LYS DB 68 27.79 -71.35 97.74
CA LYS DB 68 28.71 -70.36 98.33
C LYS DB 68 29.75 -71.04 99.22
N ALA DB 69 29.33 -72.05 99.99
CA ALA DB 69 30.28 -72.74 100.86
C ALA DB 69 31.37 -73.40 100.04
N THR DB 70 30.99 -74.01 98.91
CA THR DB 70 31.98 -74.63 98.04
C THR DB 70 32.93 -73.59 97.47
N LEU DB 71 32.42 -72.43 97.09
CA LEU DB 71 33.32 -71.42 96.57
C LEU DB 71 34.26 -70.92 97.65
N ILE DB 72 33.78 -70.72 98.87
CA ILE DB 72 34.64 -70.23 99.94
C ILE DB 72 35.74 -71.24 100.25
N LYS DB 73 35.39 -72.53 100.34
CA LYS DB 73 36.43 -73.50 100.60
C LYS DB 73 37.38 -73.65 99.42
N ALA DB 74 36.89 -73.43 98.19
CA ALA DB 74 37.80 -73.40 97.05
C ALA DB 74 38.74 -72.21 97.11
N MET DB 75 38.24 -71.07 97.57
CA MET DB 75 39.12 -69.91 97.76
C MET DB 75 40.18 -70.22 98.81
N GLU DB 76 39.83 -70.98 99.83
CA GLU DB 76 40.83 -71.40 100.82
C GLU DB 76 41.84 -72.37 100.20
N GLU DB 77 41.36 -73.35 99.44
CA GLU DB 77 42.26 -74.38 98.90
C GLU DB 77 43.19 -73.81 97.84
N ALA DB 78 42.75 -72.79 97.10
CA ALA DB 78 43.62 -72.12 96.15
C ALA DB 78 44.33 -70.92 96.75
N ASP DB 79 43.92 -70.49 97.95
CA ASP DB 79 44.60 -69.47 98.72
C ASP DB 79 44.78 -68.22 97.85
N VAL DB 80 43.66 -67.57 97.58
CA VAL DB 80 43.69 -66.40 96.70
C VAL DB 80 43.96 -65.13 97.48
N LYS DB 81 43.42 -64.98 98.69
CA LYS DB 81 43.69 -63.79 99.48
C LYS DB 81 45.18 -63.59 99.70
N THR DB 82 45.87 -64.60 100.22
CA THR DB 82 47.27 -64.39 100.57
C THR DB 82 48.15 -64.35 99.34
N LYS DB 83 47.84 -65.17 98.33
CA LYS DB 83 48.62 -65.15 97.09
C LYS DB 83 48.48 -63.82 96.38
N TRP DB 84 47.28 -63.27 96.37
CA TRP DB 84 47.05 -61.95 95.80
C TRP DB 84 47.77 -60.89 96.60
N GLU DB 85 47.72 -60.97 97.92
CA GLU DB 85 48.39 -59.98 98.76
C GLU DB 85 49.89 -60.04 98.58
N ASN DB 86 50.45 -61.24 98.43
CA ASN DB 86 51.89 -61.42 98.41
C ASN DB 86 52.49 -61.24 97.03
N SER DB 87 51.72 -61.45 95.98
CA SER DB 87 52.22 -61.16 94.65
C SER DB 87 52.39 -59.65 94.48
N SER DB 88 53.17 -59.27 93.47
CA SER DB 88 53.56 -57.88 93.32
C SER DB 88 52.39 -56.99 92.95
N TRP DB 89 51.43 -57.51 92.18
CA TRP DB 89 50.32 -56.69 91.72
C TRP DB 89 49.45 -56.26 92.89
N GLY DB 90 49.07 -57.20 93.74
CA GLY DB 90 48.26 -56.86 94.90
C GLY DB 90 49.05 -56.20 96.00
N LYS DB 91 50.34 -56.47 96.07
CA LYS DB 91 51.19 -55.72 96.99
C LYS DB 91 51.24 -54.27 96.57
N LYS DB 92 51.11 -54.00 95.27
CA LYS DB 92 51.02 -52.61 94.82
C LYS DB 92 49.82 -51.92 95.43
N LEU DB 93 48.66 -52.57 95.41
CA LEU DB 93 47.45 -51.99 96.00
C LEU DB 93 47.58 -51.86 97.51
N ILE DB 94 48.13 -52.87 98.16
CA ILE DB 94 48.24 -52.82 99.62
C ILE DB 94 49.19 -51.70 100.04
N VAL DB 95 50.34 -51.59 99.38
CA VAL DB 95 51.27 -50.51 99.71
C VAL DB 95 50.66 -49.17 99.38
N GLN DB 96 49.92 -49.09 98.29
CA GLN DB 96 49.30 -47.85 97.89
C GLN DB 96 48.27 -47.39 98.90
N LYS DB 97 47.51 -48.31 99.50
CA LYS DB 97 46.60 -47.91 100.56
C LYS DB 97 47.33 -47.57 101.85
N LYS DB 98 48.46 -48.22 102.14
CA LYS DB 98 49.21 -47.81 103.32
C LYS DB 98 49.78 -46.40 103.16
N ARG DB 99 50.43 -46.10 102.03
CA ARG DB 99 50.85 -44.73 101.75
C ARG DB 99 49.67 -43.78 101.74
N ALA DB 100 48.48 -44.27 101.43
CA ALA DB 100 47.29 -43.45 101.64
C ALA DB 100 47.11 -43.15 103.12
N ALA DB 101 47.36 -44.13 103.98
CA ALA DB 101 47.04 -44.02 105.41
C ALA DB 101 48.22 -43.61 106.29
N LEU DB 102 49.34 -43.16 105.74
CA LEU DB 102 50.35 -42.48 106.55
C LEU DB 102 49.92 -41.04 106.86
N ASN DB 103 50.10 -40.63 108.11
CA ASN DB 103 49.79 -39.29 108.56
C ASN DB 103 51.07 -38.44 108.53
N ASP DB 104 51.04 -37.26 109.16
CA ASP DB 104 52.14 -36.33 109.02
C ASP DB 104 53.41 -36.81 109.76
N PHE DB 105 53.27 -37.25 111.01
CA PHE DB 105 54.46 -37.64 111.76
C PHE DB 105 55.03 -38.96 111.27
N ASP DB 106 54.18 -39.93 110.93
CA ASP DB 106 54.73 -41.13 110.34
C ASP DB 106 55.36 -40.83 108.99
N ARG DB 107 54.75 -39.93 108.22
CA ARG DB 107 55.38 -39.57 106.95
C ARG DB 107 56.74 -38.95 107.20
N PHE DB 108 56.87 -38.17 108.27
CA PHE DB 108 58.18 -37.62 108.61
C PHE DB 108 59.18 -38.70 108.96
N LYS DB 109 58.77 -39.71 109.73
CA LYS DB 109 59.74 -40.73 110.08
C LYS DB 109 60.14 -41.55 108.86
N VAL DB 110 59.23 -41.72 107.92
CA VAL DB 110 59.58 -42.37 106.66
C VAL DB 110 60.57 -41.51 105.88
N MET DB 111 60.37 -40.19 105.90
CA MET DB 111 61.30 -39.29 105.24
C MET DB 111 62.70 -39.44 105.83
N LEU DB 112 62.80 -39.46 107.15
CA LEU DB 112 64.09 -39.64 107.81
C LEU DB 112 64.72 -40.96 107.41
N ALA DB 113 63.96 -42.04 107.54
CA ALA DB 113 64.50 -43.36 107.24
C ALA DB 113 64.95 -43.46 105.79
N LYS DB 114 64.29 -42.74 104.91
CA LYS DB 114 64.63 -42.83 103.50
C LYS DB 114 65.76 -41.89 103.11
N ILE DB 115 65.97 -40.80 103.85
CA ILE DB 115 67.19 -40.04 103.68
C ILE DB 115 68.39 -40.85 104.11
N LYS DB 116 68.29 -41.52 105.27
CA LYS DB 116 69.40 -42.34 105.73
C LYS DB 116 69.64 -43.52 104.81
N ARG DB 117 68.58 -44.16 104.33
CA ARG DB 117 68.75 -45.20 103.31
C ARG DB 117 69.44 -44.65 102.08
N GLY DB 118 69.04 -43.46 101.61
CA GLY DB 118 69.67 -42.90 100.44
C GLY DB 118 71.15 -42.68 100.64
N GLY DB 119 71.52 -42.12 101.79
CA GLY DB 119 72.93 -41.93 102.09
C GLY DB 119 73.69 -43.24 102.12
N ALA DB 120 73.10 -44.27 102.72
CA ALA DB 120 73.77 -45.56 102.80
C ALA DB 120 73.98 -46.16 101.41
N ILE DB 121 72.94 -46.13 100.57
CA ILE DB 121 73.08 -46.67 99.23
C ILE DB 121 74.10 -45.89 98.44
N ARG DB 122 74.12 -44.57 98.62
CA ARG DB 122 75.08 -43.75 97.90
C ARG DB 122 76.50 -44.11 98.27
N GLN DB 123 76.78 -44.22 99.57
CA GLN DB 123 78.13 -44.56 100.02
C GLN DB 123 78.52 -45.96 99.55
N GLU DB 124 77.61 -46.93 99.68
CA GLU DB 124 77.94 -48.30 99.27
C GLU DB 124 78.21 -48.36 97.78
N LEU DB 125 77.42 -47.64 97.00
CA LEU DB 125 77.60 -47.65 95.55
C LEU DB 125 78.92 -47.00 95.17
N ALA DB 126 79.28 -45.91 95.83
CA ALA DB 126 80.56 -45.27 95.52
C ALA DB 126 81.73 -46.19 95.86
N LYS DB 127 81.68 -46.85 97.02
CA LYS DB 127 82.72 -47.82 97.34
C LYS DB 127 82.82 -48.93 96.30
N LEU DB 128 81.70 -49.55 95.94
CA LEU DB 128 81.82 -50.67 95.01
C LEU DB 128 82.20 -50.19 93.61
N LYS DB 129 81.82 -48.96 93.24
CA LYS DB 129 82.24 -48.42 91.96
C LYS DB 129 83.73 -48.12 91.95
N LYS DB 130 84.32 -47.76 93.09
CA LYS DB 130 85.77 -47.65 93.15
C LYS DB 130 86.45 -49.01 93.18
N GLU DB 131 85.81 -50.01 93.75
CA GLU DB 131 86.35 -51.36 93.64
C GLU DB 131 86.32 -51.84 92.19
N VAL DB 132 85.30 -51.43 91.44
CA VAL DB 132 85.23 -51.74 90.01
C VAL DB 132 86.29 -50.94 89.27
N ALA DB 133 87.05 -51.62 88.42
CA ALA DB 133 88.13 -51.00 87.65
C ALA DB 133 87.85 -51.07 86.14
N VAL EB 2 20.81 -52.75 91.48
CA VAL EB 2 20.42 -51.37 91.73
C VAL EB 2 19.27 -50.99 90.81
N ALA EB 3 19.26 -49.76 90.35
CA ALA EB 3 18.10 -49.20 89.65
C ALA EB 3 17.94 -49.86 88.29
N PHE EB 4 16.68 -50.06 87.91
CA PHE EB 4 16.31 -50.68 86.66
C PHE EB 4 15.45 -49.71 85.89
N ARG EB 5 15.72 -49.56 84.59
CA ARG EB 5 14.99 -48.57 83.84
C ARG EB 5 13.58 -49.03 83.53
N PHE EB 6 13.30 -50.31 83.69
CA PHE EB 6 11.94 -50.78 83.51
C PHE EB 6 11.47 -51.62 84.69
N HIS EB 7 10.16 -51.78 84.78
CA HIS EB 7 9.57 -52.58 85.83
C HIS EB 7 8.31 -53.19 85.28
N GLN EB 8 8.14 -54.48 85.50
CA GLN EB 8 7.05 -55.24 84.91
C GLN EB 8 5.88 -55.15 85.86
N TYR EB 9 4.95 -54.25 85.59
CA TYR EB 9 3.77 -54.17 86.43
C TYR EB 9 2.69 -55.06 85.87
N GLN EB 10 1.71 -55.37 86.70
CA GLN EB 10 0.47 -55.96 86.22
C GLN EB 10 -0.64 -55.03 86.65
N VAL EB 11 -1.49 -54.66 85.70
CA VAL EB 11 -2.55 -53.70 85.92
C VAL EB 11 -3.88 -54.41 85.71
N VAL EB 12 -4.81 -54.20 86.64
CA VAL EB 12 -6.10 -54.84 86.65
C VAL EB 12 -7.17 -53.76 86.64
N GLY EB 13 -8.06 -53.82 85.65
CA GLY EB 13 -9.03 -52.77 85.45
C GLY EB 13 -10.33 -53.28 84.86
N ARG EB 14 -11.32 -52.40 84.87
CA ARG EB 14 -12.66 -52.77 84.41
C ARG EB 14 -13.41 -51.51 84.06
N ALA EB 15 -14.46 -51.66 83.25
CA ALA EB 15 -15.30 -50.52 82.93
C ALA EB 15 -16.07 -50.07 84.15
N LEU EB 16 -16.56 -48.83 84.11
CA LEU EB 16 -17.35 -48.30 85.21
C LEU EB 16 -18.66 -49.07 85.37
N PRO EB 17 -19.20 -49.12 86.57
CA PRO EB 17 -20.51 -49.75 86.77
C PRO EB 17 -21.58 -49.05 85.96
N THR EB 18 -22.46 -49.84 85.37
CA THR EB 18 -23.56 -49.41 84.55
C THR EB 18 -24.80 -50.21 84.95
N PRO EB 19 -26.01 -49.71 84.66
CA PRO EB 19 -27.18 -50.35 85.27
C PRO EB 19 -27.35 -51.81 84.88
N GLY EB 20 -27.18 -52.13 83.61
CA GLY EB 20 -27.02 -53.50 83.20
C GLY EB 20 -25.54 -53.86 83.29
N ASP EB 21 -25.28 -55.12 83.63
CA ASP EB 21 -23.92 -55.60 83.89
C ASP EB 21 -23.35 -54.85 85.09
N GLU EB 22 -23.99 -55.03 86.24
CA GLU EB 22 -23.61 -54.28 87.43
C GLU EB 22 -22.25 -54.70 88.00
N GLN EB 23 -21.67 -55.80 87.52
CA GLN EB 23 -20.27 -56.12 87.80
C GLN EB 23 -19.58 -56.36 86.47
N PRO EB 24 -19.07 -55.29 85.85
CA PRO EB 24 -18.37 -55.44 84.58
C PRO EB 24 -17.16 -56.34 84.73
N LYS EB 25 -16.84 -57.05 83.65
CA LYS EB 25 -15.82 -58.07 83.71
C LYS EB 25 -14.44 -57.44 83.84
N ILE EB 26 -13.46 -58.26 84.23
CA ILE EB 26 -12.20 -57.78 84.78
C ILE EB 26 -11.06 -58.17 83.86
N TYR EB 27 -10.14 -57.24 83.62
CA TYR EB 27 -9.03 -57.48 82.71
C TYR EB 27 -7.71 -57.28 83.42
N ARG EB 28 -6.78 -58.21 83.20
CA ARG EB 28 -5.44 -58.17 83.76
C ARG EB 28 -4.42 -58.05 82.64
N MET EB 29 -3.35 -57.30 82.89
CA MET EB 29 -2.28 -57.18 81.89
C MET EB 29 -0.92 -57.09 82.55
N LYS EB 30 0.10 -57.46 81.79
CA LYS EB 30 1.48 -57.42 82.24
C LYS EB 30 2.24 -56.45 81.34
N LEU EB 31 2.53 -55.27 81.86
CA LEU EB 31 3.06 -54.16 81.08
C LEU EB 31 4.43 -53.75 81.56
N TRP EB 32 5.31 -53.45 80.63
CA TRP EB 32 6.57 -52.79 80.94
C TRP EB 32 6.45 -51.29 80.79
N ALA EB 33 7.08 -50.57 81.70
CA ALA EB 33 7.09 -49.12 81.67
C ALA EB 33 8.25 -48.67 82.56
N THR EB 34 8.33 -47.36 82.78
CA THR EB 34 9.35 -46.83 83.66
C THR EB 34 8.83 -46.60 85.07
N ASN EB 35 7.52 -46.48 85.26
CA ASN EB 35 6.97 -46.28 86.58
C ASN EB 35 5.46 -46.52 86.54
N GLU EB 36 4.80 -46.23 87.66
CA GLU EB 36 3.36 -46.46 87.76
C GLU EB 36 2.61 -45.70 86.67
N VAL EB 37 2.69 -44.37 86.69
CA VAL EB 37 1.79 -43.59 85.85
C VAL EB 37 1.96 -43.95 84.38
N ARG EB 38 3.16 -44.31 83.97
CA ARG EB 38 3.34 -44.69 82.57
C ARG EB 38 2.78 -46.08 82.32
N ALA EB 39 2.91 -47.00 83.27
CA ALA EB 39 2.29 -48.31 83.10
C ALA EB 39 0.77 -48.19 83.01
N LYS EB 40 0.17 -47.36 83.86
CA LYS EB 40 -1.27 -47.16 83.78
C LYS EB 40 -1.67 -46.58 82.43
N SER EB 41 -0.96 -45.56 81.99
CA SER EB 41 -1.31 -44.92 80.72
C SER EB 41 -1.15 -45.88 79.55
N LYS EB 42 -0.25 -46.86 79.67
CA LYS EB 42 -0.16 -47.87 78.63
C LYS EB 42 -1.30 -48.87 78.74
N PHE EB 43 -1.74 -49.17 79.97
CA PHE EB 43 -2.83 -50.11 80.17
C PHE EB 43 -4.09 -49.59 79.53
N TRP EB 44 -4.38 -48.31 79.71
CA TRP EB 44 -5.60 -47.84 79.06
C TRP EB 44 -5.45 -47.85 77.55
N TYR EB 45 -4.24 -47.64 77.04
CA TYR EB 45 -3.99 -47.81 75.61
C TYR EB 45 -4.43 -49.18 75.12
N PHE EB 46 -3.97 -50.24 75.78
CA PHE EB 46 -4.28 -51.58 75.29
C PHE EB 46 -5.72 -52.01 75.55
N LEU EB 47 -6.36 -51.50 76.60
CA LEU EB 47 -7.81 -51.73 76.72
C LEU EB 47 -8.67 -50.71 76.01
N ARG EB 48 -8.09 -49.77 75.28
CA ARG EB 48 -8.91 -48.96 74.39
C ARG EB 48 -8.72 -49.32 72.93
N LYS EB 49 -7.60 -49.93 72.56
CA LYS EB 49 -7.48 -50.52 71.25
C LYS EB 49 -7.73 -52.02 71.20
N LEU EB 50 -7.95 -52.69 72.32
CA LEU EB 50 -8.36 -54.09 72.26
C LEU EB 50 -9.75 -54.34 72.78
N LYS EB 51 -10.10 -53.79 73.95
CA LYS EB 51 -11.33 -54.16 74.62
C LYS EB 51 -12.33 -53.02 74.67
N LYS EB 52 -12.10 -51.94 73.94
CA LYS EB 52 -13.11 -50.92 73.70
C LYS EB 52 -13.56 -50.23 75.00
N VAL EB 53 -12.59 -49.88 75.83
CA VAL EB 53 -12.83 -49.24 77.12
C VAL EB 53 -11.86 -48.07 77.24
N LYS EB 54 -12.38 -46.91 77.59
CA LYS EB 54 -11.57 -45.71 77.70
C LYS EB 54 -11.42 -45.32 79.16
N LYS EB 55 -10.41 -44.48 79.42
CA LYS EB 55 -10.13 -44.11 80.81
C LYS EB 55 -11.31 -43.38 81.42
N SER EB 56 -11.96 -42.51 80.66
CA SER EB 56 -13.16 -41.85 81.16
C SER EB 56 -14.23 -42.86 81.54
N ASN EB 57 -14.56 -43.75 80.60
CA ASN EB 57 -15.52 -44.81 80.86
C ASN EB 57 -14.85 -46.10 81.31
N GLY EB 58 -13.78 -46.00 82.10
CA GLY EB 58 -13.18 -47.14 82.76
C GLY EB 58 -12.79 -46.79 84.18
N GLN EB 59 -12.23 -47.77 84.87
CA GLN EB 59 -11.81 -47.62 86.26
C GLN EB 59 -10.72 -48.63 86.55
N MET EB 60 -9.67 -48.15 87.19
CA MET EB 60 -8.51 -48.99 87.48
C MET EB 60 -8.58 -49.46 88.92
N LEU EB 61 -8.49 -50.77 89.12
CA LEU EB 61 -8.61 -51.33 90.45
C LEU EB 61 -7.29 -51.67 91.09
N ALA EB 62 -6.35 -52.24 90.36
CA ALA EB 62 -5.12 -52.63 91.03
C ALA EB 62 -3.95 -52.46 90.09
N ILE EB 63 -2.80 -52.14 90.67
CA ILE EB 63 -1.54 -52.11 89.94
C ILE EB 63 -0.48 -52.63 90.88
N ASN EB 64 0.16 -53.72 90.51
CA ASN EB 64 1.25 -54.26 91.30
C ASN EB 64 2.52 -54.15 90.49
N GLU EB 65 3.64 -54.00 91.18
CA GLU EB 65 4.94 -54.07 90.54
C GLU EB 65 5.50 -55.48 90.78
N ILE EB 66 5.75 -56.21 89.72
CA ILE EB 66 6.26 -57.56 89.80
C ILE EB 66 7.78 -57.50 89.95
N PHE EB 67 8.34 -58.41 90.73
CA PHE EB 67 9.78 -58.59 90.78
C PHE EB 67 10.16 -60.00 90.36
N GLU EB 68 11.46 -60.25 90.38
CA GLU EB 68 12.05 -61.44 89.82
C GLU EB 68 12.38 -62.42 90.94
N LYS EB 69 12.32 -63.72 90.62
CA LYS EB 69 12.55 -64.77 91.60
C LYS EB 69 13.99 -64.88 92.06
N ASN EB 70 14.92 -65.19 91.15
CA ASN EB 70 16.32 -65.40 91.53
C ASN EB 70 17.19 -64.41 90.78
N PRO EB 71 17.36 -63.19 91.29
CA PRO EB 71 18.25 -62.23 90.65
C PRO EB 71 19.68 -62.70 90.49
N THR EB 72 20.07 -63.77 91.15
CA THR EB 72 21.47 -64.20 91.11
C THR EB 72 21.79 -65.14 89.97
N THR EB 73 20.80 -65.63 89.23
CA THR EB 73 21.07 -66.63 88.21
C THR EB 73 20.70 -66.10 86.82
N ILE EB 74 21.43 -66.58 85.82
CA ILE EB 74 21.21 -66.21 84.43
C ILE EB 74 20.13 -67.08 83.83
N LYS EB 75 19.23 -66.44 83.09
CA LYS EB 75 18.00 -67.04 82.62
C LYS EB 75 17.84 -66.65 81.16
N ASN EB 76 17.81 -67.64 80.28
CA ASN EB 76 17.66 -67.35 78.87
C ASN EB 76 16.24 -66.89 78.60
N TYR EB 77 16.12 -65.66 78.14
CA TYR EB 77 14.82 -65.02 77.99
C TYR EB 77 14.47 -64.95 76.51
N GLY EB 78 13.20 -65.16 76.21
CA GLY EB 78 12.64 -64.87 74.91
C GLY EB 78 11.62 -63.77 75.01
N ILE EB 79 11.60 -62.91 74.00
CA ILE EB 79 10.62 -61.87 73.88
C ILE EB 79 10.04 -61.93 72.47
N TRP EB 80 8.72 -62.05 72.38
CA TRP EB 80 8.00 -61.94 71.12
C TRP EB 80 7.39 -60.56 71.11
N LEU EB 81 7.72 -59.77 70.07
CA LEU EB 81 7.45 -58.35 70.13
C LEU EB 81 6.94 -57.86 68.79
N ARG EB 82 6.02 -56.90 68.85
CA ARG EB 82 5.41 -56.27 67.68
C ARG EB 82 5.94 -54.86 67.54
N TYR EB 83 6.43 -54.51 66.36
CA TYR EB 83 7.08 -53.21 66.24
C TYR EB 83 6.69 -52.55 64.93
N GLN EB 84 6.87 -51.23 64.88
CA GLN EB 84 6.58 -50.41 63.72
C GLN EB 84 7.86 -49.96 63.04
N SER EB 85 8.05 -50.37 61.80
CA SER EB 85 9.16 -49.88 61.01
C SER EB 85 8.76 -48.53 60.43
N ARG EB 86 9.53 -48.03 59.46
CA ARG EB 86 9.16 -46.79 58.81
C ARG EB 86 8.01 -46.98 57.83
N THR EB 87 7.83 -48.19 57.32
CA THR EB 87 6.84 -48.45 56.28
C THR EB 87 6.01 -49.70 56.60
N GLY EB 88 5.51 -49.81 57.82
CA GLY EB 88 4.65 -50.92 58.16
C GLY EB 88 4.89 -51.38 59.58
N TYR EB 89 4.47 -52.60 59.86
CA TYR EB 89 4.64 -53.24 61.16
C TYR EB 89 5.29 -54.58 60.93
N HIS EB 90 5.91 -55.14 61.96
CA HIS EB 90 6.50 -56.47 61.83
C HIS EB 90 6.47 -57.15 63.19
N ASN EB 91 6.98 -58.38 63.21
CA ASN EB 91 6.97 -59.20 64.41
C ASN EB 91 8.34 -59.83 64.57
N MET EB 92 8.94 -59.68 65.74
CA MET EB 92 10.29 -60.12 66.02
C MET EB 92 10.28 -61.09 67.18
N TYR EB 93 11.33 -61.88 67.23
CA TYR EB 93 11.61 -62.81 68.30
C TYR EB 93 13.03 -62.54 68.76
N LYS EB 94 13.23 -62.40 70.07
CA LYS EB 94 14.55 -62.02 70.54
C LYS EB 94 14.94 -62.82 71.75
N GLU EB 95 16.14 -63.43 71.69
CA GLU EB 95 16.66 -64.23 72.77
C GLU EB 95 17.86 -63.55 73.41
N TYR EB 96 17.80 -63.44 74.73
CA TYR EB 96 18.79 -62.78 75.53
C TYR EB 96 19.23 -63.66 76.67
N ARG EB 97 20.42 -63.41 77.18
CA ARG EB 97 20.84 -63.97 78.44
C ARG EB 97 21.07 -62.83 79.39
N ASP EB 98 20.40 -62.86 80.53
CA ASP EB 98 20.53 -61.80 81.51
C ASP EB 98 20.00 -62.34 82.81
N THR EB 99 20.35 -61.67 83.90
CA THR EB 99 19.94 -62.16 85.21
C THR EB 99 18.47 -61.91 85.50
N THR EB 100 17.85 -60.93 84.84
CA THR EB 100 16.44 -60.66 85.07
C THR EB 100 15.75 -60.35 83.76
N LEU EB 101 14.45 -60.68 83.71
CA LEU EB 101 13.62 -60.17 82.63
C LEU EB 101 13.63 -58.66 82.58
N ASN EB 102 13.77 -58.03 83.73
CA ASN EB 102 13.77 -56.58 83.76
C ASN EB 102 14.97 -56.03 83.00
N GLY EB 103 16.13 -56.64 83.16
CA GLY EB 103 17.28 -56.23 82.36
C GLY EB 103 17.17 -56.65 80.91
N ALA EB 104 16.50 -57.79 80.64
CA ALA EB 104 16.32 -58.21 79.26
C ALA EB 104 15.46 -57.21 78.48
N VAL EB 105 14.44 -56.65 79.11
CA VAL EB 105 13.62 -55.66 78.43
C VAL EB 105 14.44 -54.42 78.08
N GLU EB 106 15.24 -53.94 79.02
CA GLU EB 106 16.15 -52.84 78.70
C GLU EB 106 17.03 -53.18 77.51
N GLN EB 107 17.66 -54.35 77.56
CA GLN EB 107 18.52 -54.75 76.46
C GLN EB 107 17.75 -54.81 75.15
N MET EB 108 16.46 -55.09 75.22
CA MET EB 108 15.67 -55.27 74.01
C MET EB 108 15.21 -53.95 73.42
N TYR EB 109 14.75 -53.01 74.24
CA TYR EB 109 14.58 -51.66 73.71
C TYR EB 109 15.86 -51.10 73.14
N THR EB 110 16.99 -51.34 73.80
CA THR EB 110 18.22 -50.81 73.23
C THR EB 110 18.53 -51.45 71.89
N GLU EB 111 18.27 -52.74 71.75
CA GLU EB 111 18.51 -53.40 70.48
C GLU EB 111 17.57 -52.92 69.39
N MET EB 112 16.32 -52.64 69.73
CA MET EB 112 15.41 -52.13 68.69
C MET EB 112 15.70 -50.68 68.36
N ALA EB 113 16.22 -49.92 69.30
CA ALA EB 113 16.63 -48.57 68.98
C ALA EB 113 17.90 -48.54 68.17
N SER EB 114 18.70 -49.59 68.22
CA SER EB 114 19.96 -49.62 67.47
C SER EB 114 19.85 -50.34 66.13
N ARG EB 115 19.46 -51.60 66.14
CA ARG EB 115 19.39 -52.37 64.90
C ARG EB 115 18.31 -51.86 63.96
N HIS EB 116 17.35 -51.07 64.44
CA HIS EB 116 16.25 -50.68 63.57
C HIS EB 116 15.77 -49.24 63.77
N ARG EB 117 16.46 -48.43 64.55
CA ARG EB 117 16.04 -47.05 64.81
C ARG EB 117 14.56 -46.96 65.23
N VAL EB 118 14.03 -48.02 65.83
CA VAL EB 118 12.68 -47.99 66.36
C VAL EB 118 12.74 -47.51 67.80
N ARG EB 119 11.96 -46.48 68.11
CA ARG EB 119 11.90 -45.93 69.45
C ARG EB 119 10.97 -46.74 70.33
N SER EB 120 10.89 -46.36 71.60
CA SER EB 120 9.99 -47.03 72.52
C SER EB 120 8.53 -46.86 72.14
N PRO EB 121 8.03 -45.65 71.78
CA PRO EB 121 6.59 -45.50 71.50
C PRO EB 121 6.08 -46.38 70.38
N CYS EB 122 6.97 -47.11 69.73
CA CYS EB 122 6.61 -47.91 68.56
C CYS EB 122 6.67 -49.41 68.83
N ILE EB 123 7.04 -49.83 70.03
CA ILE EB 123 7.35 -51.21 70.32
C ILE EB 123 6.31 -51.77 71.28
N GLN EB 124 5.88 -53.00 71.04
CA GLN EB 124 4.98 -53.72 71.91
C GLN EB 124 5.61 -55.05 72.25
N ILE EB 125 5.51 -55.46 73.52
CA ILE EB 125 5.99 -56.77 73.93
C ILE EB 125 4.78 -57.68 73.99
N ILE EB 126 4.62 -58.52 72.98
CA ILE EB 126 3.46 -59.38 72.89
C ILE EB 126 3.54 -60.40 74.01
N LYS EB 127 4.59 -61.21 74.01
CA LYS EB 127 4.74 -62.29 74.96
C LYS EB 127 6.17 -62.35 75.44
N THR EB 128 6.36 -62.48 76.74
CA THR EB 128 7.69 -62.67 77.29
C THR EB 128 7.72 -64.00 78.04
N ALA EB 129 8.86 -64.69 77.98
CA ALA EB 129 8.95 -65.96 78.67
C ALA EB 129 10.41 -66.33 78.84
N THR EB 130 10.66 -67.30 79.71
CA THR EB 130 11.99 -67.88 79.81
C THR EB 130 12.04 -69.10 78.90
N VAL EB 131 12.89 -69.02 77.87
CA VAL EB 131 13.11 -70.14 76.97
C VAL EB 131 14.41 -70.78 77.43
N ASN EB 132 14.29 -71.75 78.32
CA ASN EB 132 15.47 -72.31 78.96
C ASN EB 132 16.42 -72.90 77.93
N PHE EB 133 17.63 -73.22 78.37
CA PHE EB 133 18.64 -73.69 77.44
C PHE EB 133 18.17 -74.98 76.76
N LYS EB 134 18.97 -75.44 75.80
CA LYS EB 134 18.76 -76.59 74.92
C LYS EB 134 17.46 -76.46 74.11
N LEU EB 135 16.76 -75.34 74.26
CA LEU EB 135 15.63 -75.03 73.39
C LEU EB 135 15.73 -73.63 72.79
N CYS EB 136 16.85 -72.94 72.96
CA CYS EB 136 17.00 -71.62 72.38
C CYS EB 136 17.19 -71.71 70.88
N LYS EB 137 16.82 -70.63 70.20
CA LYS EB 137 16.81 -70.59 68.74
C LYS EB 137 17.93 -69.73 68.16
N ARG EB 138 18.24 -68.60 68.79
CA ARG EB 138 19.22 -67.67 68.25
C ARG EB 138 20.63 -68.17 68.50
N ASP EB 139 21.50 -67.95 67.51
CA ASP EB 139 22.87 -68.44 67.62
C ASP EB 139 23.65 -67.73 68.70
N ASN EB 140 23.41 -66.44 68.89
CA ASN EB 140 24.21 -65.72 69.87
C ASN EB 140 23.82 -66.11 71.28
N THR EB 141 22.57 -66.48 71.51
CA THR EB 141 22.23 -67.13 72.78
C THR EB 141 22.86 -68.51 72.86
N LYS EB 142 22.71 -69.30 71.80
CA LYS EB 142 23.12 -70.71 71.87
C LYS EB 142 24.62 -70.87 72.10
N GLN EB 143 25.42 -69.90 71.71
CA GLN EB 143 26.86 -70.11 71.80
C GLN EB 143 27.43 -69.90 73.19
N PHE EB 144 26.65 -69.40 74.15
CA PHE EB 144 27.09 -69.35 75.53
C PHE EB 144 26.60 -70.53 76.35
N HIS EB 145 25.91 -71.47 75.72
CA HIS EB 145 25.46 -72.68 76.39
C HIS EB 145 26.55 -73.73 76.29
N ASN EB 146 27.62 -73.50 77.06
CA ASN EB 146 28.70 -74.48 77.12
C ASN EB 146 29.57 -74.21 78.33
N SER EB 147 29.57 -75.13 79.30
CA SER EB 147 30.61 -75.12 80.32
C SER EB 147 31.93 -75.44 79.66
N LYS EB 148 33.02 -75.22 80.40
CA LYS EB 148 34.37 -75.25 79.85
C LYS EB 148 34.55 -74.19 78.79
N ILE EB 149 33.76 -73.12 78.88
CA ILE EB 149 33.92 -71.93 78.05
C ILE EB 149 35.13 -71.15 78.50
N LYS EB 150 35.82 -70.53 77.55
CA LYS EB 150 36.95 -69.67 77.87
C LYS EB 150 37.21 -68.74 76.70
N PHE EB 151 37.38 -67.46 76.99
CA PHE EB 151 37.71 -66.49 75.97
C PHE EB 151 38.46 -65.32 76.58
N PRO EB 152 39.46 -64.78 75.91
CA PRO EB 152 40.20 -63.63 76.42
C PRO EB 152 39.49 -62.35 76.03
N LEU EB 153 39.94 -61.25 76.62
CA LEU EB 153 39.24 -59.98 76.47
C LEU EB 153 39.89 -59.16 75.36
N VAL EB 154 39.24 -59.13 74.20
CA VAL EB 154 39.79 -58.38 73.08
C VAL EB 154 39.68 -56.88 73.30
N TYR EB 155 38.77 -56.45 74.15
CA TYR EB 155 38.45 -55.04 74.33
C TYR EB 155 38.42 -54.72 75.81
N GLN EB 156 39.38 -53.93 76.26
CA GLN EB 156 39.51 -53.61 77.67
C GLN EB 156 39.99 -52.17 77.81
N LYS EB 157 39.10 -51.28 78.23
CA LYS EB 157 39.47 -49.89 78.36
C LYS EB 157 40.57 -49.73 79.39
N VAL EB 158 41.64 -49.04 79.01
CA VAL EB 158 42.62 -48.61 79.99
C VAL EB 158 42.07 -47.37 80.65
N ARG EB 159 41.93 -47.42 81.96
CA ARG EB 159 41.29 -46.29 82.62
C ARG EB 159 41.54 -46.30 84.12
N PRO EB 160 41.88 -45.14 84.67
CA PRO EB 160 42.18 -45.02 86.09
C PRO EB 160 40.95 -45.32 86.93
N PRO EB 161 41.14 -45.90 88.10
CA PRO EB 161 40.00 -46.45 88.85
C PRO EB 161 38.96 -45.42 89.21
N THR EB 162 39.37 -44.20 89.52
CA THR EB 162 38.46 -43.11 89.77
C THR EB 162 38.97 -41.88 89.05
N ARG EB 163 38.12 -40.87 88.96
CA ARG EB 163 38.53 -39.69 88.22
C ARG EB 163 39.71 -38.99 88.88
N LYS EB 164 40.02 -39.28 90.15
CA LYS EB 164 41.14 -38.58 90.78
C LYS EB 164 42.47 -38.98 90.18
N LEU EB 165 42.68 -40.26 89.94
CA LEU EB 165 44.02 -40.74 89.61
C LEU EB 165 44.42 -40.43 88.18
N LYS EB 166 43.63 -39.68 87.43
CA LYS EB 166 43.84 -39.51 86.00
C LYS EB 166 44.46 -38.14 85.72
N THR EB 167 45.59 -38.15 85.03
CA THR EB 167 46.27 -36.94 84.59
C THR EB 167 46.45 -36.98 83.08
N THR EB 168 46.89 -35.85 82.53
CA THR EB 168 46.90 -35.68 81.08
C THR EB 168 48.18 -36.18 80.44
N TYR EB 169 49.32 -36.04 81.10
CA TYR EB 169 50.58 -36.58 80.59
C TYR EB 169 51.00 -37.77 81.42
N LYS EB 170 51.47 -38.82 80.74
CA LYS EB 170 52.00 -39.99 81.42
C LYS EB 170 53.23 -40.50 80.69
N ALA EB 171 54.28 -40.81 81.45
CA ALA EB 171 55.59 -41.06 80.86
C ALA EB 171 55.57 -42.25 79.93
N THR EB 172 54.94 -43.33 80.35
CA THR EB 172 55.09 -44.63 79.71
C THR EB 172 53.87 -44.97 78.88
N ARG EB 173 54.11 -45.42 77.66
CA ARG EB 173 53.03 -45.99 76.87
C ARG EB 173 52.46 -47.22 77.55
N PRO EB 174 51.15 -47.30 77.73
CA PRO EB 174 50.57 -48.36 78.55
C PRO EB 174 50.82 -49.73 77.95
N ASN EB 175 50.97 -50.72 78.83
CA ASN EB 175 51.19 -52.10 78.43
C ASN EB 175 49.85 -52.80 78.38
N LEU EB 176 49.37 -53.06 77.18
CA LEU EB 176 48.11 -53.75 77.00
C LEU EB 176 48.39 -55.18 76.56
N PHE EB 177 47.76 -56.13 77.23
CA PHE EB 177 48.00 -57.52 76.92
C PHE EB 177 46.80 -58.34 77.38
N MET EB 178 46.37 -59.23 76.51
CA MET EB 178 45.20 -60.05 76.76
C MET EB 178 45.57 -61.52 76.73
N GLY FB 19 86.45 63.16 -26.43
CA GLY FB 19 86.11 63.07 -25.02
C GLY FB 19 87.31 63.00 -24.10
N SER FB 20 88.03 64.12 -24.01
CA SER FB 20 89.26 64.21 -23.23
C SER FB 20 88.99 64.61 -21.77
N VAL FB 21 88.05 63.92 -21.12
CA VAL FB 21 87.80 64.17 -19.71
C VAL FB 21 88.97 63.67 -18.88
N SER FB 22 89.11 64.26 -17.70
CA SER FB 22 90.28 64.05 -16.84
C SER FB 22 89.80 63.63 -15.46
N PHE FB 23 89.93 62.33 -15.15
CA PHE FB 23 89.64 61.83 -13.82
C PHE FB 23 90.93 61.79 -13.02
N VAL FB 24 90.97 62.57 -11.95
CA VAL FB 24 92.19 62.82 -11.20
C VAL FB 24 92.00 62.33 -9.78
N ILE FB 25 92.88 61.42 -9.36
CA ILE FB 25 92.90 60.85 -8.02
C ILE FB 25 93.99 61.60 -7.26
N ASP FB 26 93.62 62.30 -6.20
CA ASP FB 26 94.57 63.06 -5.40
C ASP FB 26 95.03 62.18 -4.25
N CYS FB 27 96.36 61.99 -4.15
CA CYS FB 27 96.94 61.05 -3.21
C CYS FB 27 98.00 61.71 -2.32
N THR FB 28 97.93 63.02 -2.14
CA THR FB 28 99.03 63.73 -1.50
C THR FB 28 99.09 63.45 0.00
N LYS FB 29 97.95 63.51 0.69
CA LYS FB 29 97.94 63.22 2.12
C LYS FB 29 98.47 61.83 2.46
N PRO FB 30 98.15 60.77 1.72
CA PRO FB 30 98.83 59.49 2.01
C PRO FB 30 100.27 59.42 1.52
N VAL FB 31 100.60 59.94 0.33
CA VAL FB 31 101.97 59.73 -0.13
C VAL FB 31 102.95 60.49 0.72
N GLU FB 32 102.55 61.62 1.30
CA GLU FB 32 103.43 62.28 2.26
C GLU FB 32 103.61 61.42 3.51
N ASP FB 33 102.63 60.58 3.83
CA ASP FB 33 102.77 59.67 4.96
C ASP FB 33 103.60 58.47 4.58
N LYS FB 34 103.75 58.21 3.28
CA LYS FB 34 104.55 57.09 2.77
C LYS FB 34 103.90 55.77 3.19
N ILE FB 35 102.64 55.61 2.79
CA ILE FB 35 101.81 54.51 3.22
C ILE FB 35 101.66 53.45 2.12
N MET FB 36 101.65 53.92 0.88
CA MET FB 36 101.57 53.09 -0.31
C MET FB 36 102.44 53.76 -1.37
N GLU FB 37 102.47 53.19 -2.57
CA GLU FB 37 103.20 53.83 -3.65
C GLU FB 37 102.32 54.06 -4.87
N ILE FB 38 102.39 55.28 -5.38
CA ILE FB 38 101.70 55.64 -6.61
C ILE FB 38 102.20 54.80 -7.77
N ALA FB 39 103.46 54.36 -7.71
CA ALA FB 39 103.95 53.43 -8.72
C ALA FB 39 103.16 52.13 -8.70
N SER FB 40 102.92 51.59 -7.50
CA SER FB 40 102.10 50.39 -7.39
C SER FB 40 100.69 50.65 -7.88
N LEU FB 41 100.15 51.82 -7.56
CA LEU FB 41 98.80 52.15 -8.02
C LEU FB 41 98.75 52.22 -9.54
N GLU FB 42 99.82 52.72 -10.16
CA GLU FB 42 99.84 52.78 -11.62
C GLU FB 42 99.93 51.39 -12.21
N LYS FB 43 100.80 50.51 -11.71
CA LYS FB 43 100.77 49.16 -12.24
C LYS FB 43 99.41 48.51 -12.01
N PHE FB 44 98.77 48.82 -10.89
CA PHE FB 44 97.47 48.23 -10.60
C PHE FB 44 96.47 48.64 -11.66
N LEU FB 45 96.33 49.94 -11.91
CA LEU FB 45 95.41 50.43 -12.93
C LEU FB 45 95.88 50.13 -14.34
N GLN FB 46 97.15 49.78 -14.52
CA GLN FB 46 97.61 49.30 -15.82
C GLN FB 46 97.11 47.89 -16.10
N GLU FB 47 97.06 47.06 -15.06
CA GLU FB 47 96.64 45.68 -15.25
C GLU FB 47 95.15 45.47 -15.00
N ARG FB 48 94.43 46.45 -14.46
CA ARG FB 48 93.05 46.20 -14.05
C ARG FB 48 92.01 46.92 -14.88
N ILE FB 49 92.25 48.17 -15.28
CA ILE FB 49 91.26 48.94 -16.01
C ILE FB 49 90.81 48.18 -17.25
N LYS FB 50 89.55 48.33 -17.60
CA LYS FB 50 88.98 47.73 -18.81
C LYS FB 50 88.33 48.81 -19.66
N VAL FB 51 88.88 49.01 -20.86
CA VAL FB 51 88.22 49.82 -21.88
C VAL FB 51 86.84 49.26 -22.17
N ALA FB 52 85.95 50.12 -22.64
CA ALA FB 52 84.64 49.71 -23.13
C ALA FB 52 84.78 48.50 -24.04
N GLY FB 53 84.15 47.40 -23.63
CA GLY FB 53 84.32 46.12 -24.29
C GLY FB 53 84.95 45.14 -23.34
N GLY FB 54 85.98 45.56 -22.62
CA GLY FB 54 86.43 44.77 -21.49
C GLY FB 54 87.53 43.76 -21.77
N LYS FB 55 88.70 44.01 -21.20
CA LYS FB 55 89.78 43.03 -21.11
C LYS FB 55 90.75 43.54 -20.07
N ALA FB 56 91.22 42.65 -19.21
CA ALA FB 56 92.00 43.08 -18.05
C ALA FB 56 93.29 43.76 -18.51
N GLY FB 57 93.45 45.00 -18.09
CA GLY FB 57 94.67 45.76 -18.41
C GLY FB 57 94.94 45.93 -19.88
N ASN FB 58 93.92 46.29 -20.67
CA ASN FB 58 94.04 46.39 -22.12
C ASN FB 58 93.72 47.84 -22.48
N LEU FB 59 94.77 48.63 -22.71
CA LEU FB 59 94.65 50.06 -22.98
C LEU FB 59 95.42 50.37 -24.25
N GLY FB 60 94.73 50.29 -25.39
CA GLY FB 60 95.37 50.55 -26.66
C GLY FB 60 95.39 52.02 -27.03
N ASP FB 61 96.09 52.82 -26.23
CA ASP FB 61 96.10 54.28 -26.35
C ASP FB 61 94.69 54.82 -26.49
N SER FB 62 93.79 54.30 -25.65
CA SER FB 62 92.46 54.83 -25.51
C SER FB 62 92.27 55.61 -24.22
N VAL FB 63 92.94 55.19 -23.15
CA VAL FB 63 92.96 55.95 -21.91
C VAL FB 63 94.40 55.95 -21.40
N THR FB 64 94.84 57.10 -20.92
CA THR FB 64 96.19 57.29 -20.43
C THR FB 64 96.16 57.47 -18.92
N VAL FB 65 97.15 56.88 -18.26
CA VAL FB 65 97.31 56.95 -16.81
C VAL FB 65 98.67 57.57 -16.55
N THR FB 66 98.69 58.65 -15.79
CA THR FB 66 99.90 59.44 -15.58
C THR FB 66 100.13 59.66 -14.09
N ARG FB 67 101.38 59.90 -13.73
CA ARG FB 67 101.75 60.27 -12.38
C ARG FB 67 102.40 61.65 -12.37
N ASP FB 68 102.27 62.37 -11.26
CA ASP FB 68 103.11 63.54 -11.01
C ASP FB 68 103.67 63.50 -9.59
N LYS FB 69 104.06 62.31 -9.14
CA LYS FB 69 104.73 62.07 -7.86
C LYS FB 69 103.80 62.25 -6.68
N SER FB 70 102.56 62.63 -6.90
CA SER FB 70 101.59 62.75 -5.82
C SER FB 70 100.18 62.34 -6.22
N LYS FB 71 99.93 62.03 -7.49
CA LYS FB 71 98.58 62.13 -8.04
C LYS FB 71 98.48 61.22 -9.25
N VAL FB 72 97.26 60.78 -9.55
CA VAL FB 72 97.00 59.80 -10.58
C VAL FB 72 96.04 60.36 -11.61
N THR FB 73 96.44 60.40 -12.86
CA THR FB 73 95.65 60.99 -13.93
C THR FB 73 95.12 59.91 -14.85
N VAL FB 74 93.86 60.02 -15.23
CA VAL FB 74 93.22 59.09 -16.15
C VAL FB 74 92.46 59.92 -17.18
N THR FB 75 92.90 59.87 -18.43
CA THR FB 75 92.30 60.65 -19.51
C THR FB 75 91.82 59.71 -20.61
N SER FB 76 90.60 59.93 -21.08
CA SER FB 76 90.01 59.05 -22.08
C SER FB 76 89.83 59.75 -23.42
N ASP FB 77 89.48 58.95 -24.43
CA ASP FB 77 89.15 59.47 -25.76
C ASP FB 77 87.65 59.41 -26.04
N GLY FB 78 87.04 58.24 -25.93
CA GLY FB 78 85.62 58.14 -26.14
C GLY FB 78 84.79 58.68 -24.99
N ALA FB 79 84.81 57.96 -23.87
CA ALA FB 79 84.11 58.38 -22.66
C ALA FB 79 84.40 57.37 -21.56
N PHE FB 80 84.35 57.80 -20.31
CA PHE FB 80 84.78 56.95 -19.21
C PHE FB 80 84.05 57.44 -17.98
N SER FB 81 83.95 56.58 -16.96
CA SER FB 81 83.07 56.86 -15.84
C SER FB 81 83.88 56.98 -14.56
N LYS FB 82 83.66 58.07 -13.84
CA LYS FB 82 84.40 58.34 -12.63
C LYS FB 82 84.23 57.22 -11.62
N ARG FB 83 83.02 56.69 -11.50
CA ARG FB 83 82.74 55.73 -10.42
C ARG FB 83 83.61 54.50 -10.55
N TYR FB 84 83.95 54.12 -11.79
CA TYR FB 84 84.78 52.96 -12.01
C TYR FB 84 86.15 53.14 -11.39
N LEU FB 85 86.61 54.39 -11.28
CA LEU FB 85 87.83 54.63 -10.54
C LEU FB 85 87.64 54.43 -9.05
N LYS FB 86 86.49 54.81 -8.50
CA LYS FB 86 86.25 54.55 -7.09
C LYS FB 86 86.24 53.05 -6.84
N TYR FB 87 85.68 52.30 -7.79
CA TYR FB 87 85.70 50.85 -7.73
C TYR FB 87 87.13 50.32 -7.71
N LEU FB 88 87.92 50.65 -8.73
CA LEU FB 88 89.26 50.12 -8.81
C LEU FB 88 90.14 50.61 -7.67
N THR FB 89 89.96 51.84 -7.23
CA THR FB 89 90.72 52.36 -6.11
C THR FB 89 90.44 51.57 -4.84
N LYS FB 90 89.18 51.22 -4.60
CA LYS FB 90 88.94 50.45 -3.38
C LYS FB 90 89.37 49.00 -3.52
N LYS FB 91 89.30 48.41 -4.72
CA LYS FB 91 89.92 47.11 -4.89
C LYS FB 91 91.42 47.19 -4.64
N TYR FB 92 92.03 48.30 -5.03
CA TYR FB 92 93.44 48.53 -4.74
C TYR FB 92 93.69 48.58 -3.24
N LEU FB 93 92.91 49.37 -2.53
CA LEU FB 93 93.11 49.51 -1.10
C LEU FB 93 92.81 48.22 -0.34
N LYS FB 94 92.04 47.30 -0.90
CA LYS FB 94 91.90 46.04 -0.19
C LYS FB 94 92.94 45.01 -0.61
N LYS FB 95 93.42 45.05 -1.86
CA LYS FB 95 94.58 44.23 -2.21
C LYS FB 95 95.78 44.61 -1.35
N HIS FB 96 95.99 45.91 -1.15
CA HIS FB 96 97.01 46.39 -0.23
C HIS FB 96 96.49 46.48 1.20
N ASN FB 97 95.28 45.99 1.43
CA ASN FB 97 94.89 45.46 2.73
C ASN FB 97 95.06 46.51 3.82
N VAL FB 98 94.52 47.70 3.57
CA VAL FB 98 94.36 48.62 4.67
C VAL FB 98 92.89 48.95 4.89
N ARG FB 99 92.26 49.68 3.97
CA ARG FB 99 90.85 50.06 4.05
C ARG FB 99 90.33 50.32 5.45
N ASP FB 100 91.13 50.97 6.28
CA ASP FB 100 90.63 51.41 7.56
C ASP FB 100 91.06 52.85 7.77
N TRP FB 101 92.22 53.17 7.21
CA TRP FB 101 92.82 54.46 7.48
C TRP FB 101 92.40 55.51 6.48
N LEU FB 102 92.29 55.13 5.22
CA LEU FB 102 92.04 56.09 4.15
C LEU FB 102 90.87 55.63 3.31
N ARG FB 103 90.02 56.58 2.94
CA ARG FB 103 88.72 56.35 2.34
C ARG FB 103 88.52 57.34 1.20
N VAL FB 104 88.20 56.85 0.02
CA VAL FB 104 88.22 57.69 -1.17
C VAL FB 104 86.95 58.52 -1.24
N ILE FB 105 87.12 59.84 -1.38
CA ILE FB 105 86.04 60.81 -1.34
C ILE FB 105 86.22 61.79 -2.48
N ALA FB 106 85.11 62.24 -3.04
CA ALA FB 106 85.10 63.28 -4.05
C ALA FB 106 84.65 64.56 -3.36
N ALA FB 107 85.61 65.43 -3.07
CA ALA FB 107 85.32 66.70 -2.40
C ALA FB 107 85.50 67.89 -3.33
N ASN FB 108 86.64 68.00 -3.96
CA ASN FB 108 87.00 69.01 -4.93
C ASN FB 108 86.36 68.76 -6.31
N LYS FB 109 85.40 67.83 -6.35
CA LYS FB 109 85.26 66.98 -7.52
C LYS FB 109 85.08 67.72 -8.84
N GLU FB 110 83.86 68.10 -9.23
CA GLU FB 110 83.51 69.23 -10.12
C GLU FB 110 84.36 69.31 -11.39
N ARG FB 111 85.48 68.58 -11.39
CA ARG FB 111 86.26 68.12 -12.53
C ARG FB 111 86.78 66.74 -12.26
N ASN FB 112 85.93 65.90 -11.69
CA ASN FB 112 86.14 64.47 -11.70
C ASN FB 112 87.39 64.11 -10.89
N VAL FB 113 87.41 64.55 -9.65
CA VAL FB 113 88.60 64.53 -8.81
C VAL FB 113 88.26 63.73 -7.56
N TYR FB 114 88.60 62.45 -7.54
CA TYR FB 114 88.61 61.74 -6.27
C TYR FB 114 89.79 62.19 -5.45
N GLU FB 115 89.71 61.95 -4.15
CA GLU FB 115 90.89 62.17 -3.31
C GLU FB 115 90.84 61.28 -2.09
N LEU FB 116 91.93 60.56 -1.84
CA LEU FB 116 92.03 59.62 -0.74
C LEU FB 116 92.21 60.40 0.55
N ARG FB 117 91.24 60.34 1.45
CA ARG FB 117 91.28 61.13 2.67
C ARG FB 117 91.20 60.19 3.87
N TYR FB 118 91.79 60.63 4.98
CA TYR FB 118 91.94 59.76 6.15
C TYR FB 118 90.62 59.61 6.86
N PHE FB 119 90.66 59.02 8.06
CA PHE FB 119 89.52 58.79 8.92
C PHE FB 119 88.68 57.65 8.35
N SER GB 4 -57.12 59.47 62.49
CA SER GB 4 -58.54 59.18 62.64
C SER GB 4 -58.84 58.78 64.07
N GLN GB 5 -60.02 58.21 64.33
CA GLN GB 5 -60.43 57.96 65.70
C GLN GB 5 -59.40 57.06 66.41
N PRO GB 6 -59.25 57.21 67.73
CA PRO GB 6 -58.16 56.54 68.44
C PRO GB 6 -58.21 55.03 68.31
N LYS GB 7 -57.13 54.41 68.78
CA LYS GB 7 -56.99 52.97 68.81
C LYS GB 7 -58.06 52.34 69.71
N SER GB 8 -58.15 51.02 69.63
CA SER GB 8 -59.13 50.29 70.43
C SER GB 8 -58.71 50.13 71.88
N GLY GB 9 -57.42 50.17 72.16
CA GLY GB 9 -56.90 49.99 73.50
C GLY GB 9 -56.52 48.58 73.85
N LEU GB 10 -56.88 47.60 73.02
CA LEU GB 10 -56.57 46.21 73.27
C LEU GB 10 -55.51 45.79 72.26
N PHE GB 11 -54.50 45.06 72.73
CA PHE GB 11 -53.27 44.86 71.98
C PHE GB 11 -53.45 44.06 70.70
N VAL GB 12 -54.60 43.42 70.50
CA VAL GB 12 -54.84 42.65 69.29
C VAL GB 12 -56.19 43.03 68.73
N GLY GB 13 -56.36 42.81 67.45
CA GLY GB 13 -57.65 42.93 66.82
C GLY GB 13 -57.69 44.03 65.79
N ILE GB 14 -58.91 44.27 65.29
CA ILE GB 14 -59.11 45.33 64.32
C ILE GB 14 -58.79 46.65 64.98
N ASN GB 15 -57.93 47.44 64.35
CA ASN GB 15 -57.50 48.73 64.87
C ASN GB 15 -57.02 48.54 66.31
N LYS GB 16 -55.90 47.84 66.43
CA LYS GB 16 -55.31 47.46 67.70
C LYS GB 16 -54.31 48.51 68.15
N GLY GB 17 -53.97 48.44 69.42
CA GLY GB 17 -52.90 49.26 69.93
C GLY GB 17 -53.30 49.90 71.24
N HIS GB 18 -52.63 51.00 71.55
CA HIS GB 18 -52.83 51.71 72.81
C HIS GB 18 -53.64 52.96 72.53
N VAL GB 19 -54.63 53.23 73.37
CA VAL GB 19 -55.46 54.43 73.21
C VAL GB 19 -54.67 55.67 73.56
N VAL GB 20 -54.51 56.56 72.60
CA VAL GB 20 -53.99 57.89 72.86
C VAL GB 20 -54.86 58.84 72.07
N THR GB 21 -55.20 59.96 72.67
CA THR GB 21 -56.24 60.80 72.11
C THR GB 21 -55.72 61.44 70.83
N LYS GB 22 -56.44 61.24 69.73
CA LYS GB 22 -55.93 61.59 68.42
C LYS GB 22 -56.12 63.09 68.18
N ARG GB 23 -55.27 63.65 67.34
CA ARG GB 23 -55.31 65.08 67.05
C ARG GB 23 -55.34 65.29 65.54
N GLU GB 24 -56.04 66.32 65.10
CA GLU GB 24 -56.20 66.56 63.67
C GLU GB 24 -55.20 67.62 63.22
N LEU GB 25 -54.39 67.26 62.22
CA LEU GB 25 -53.19 68.01 61.89
C LEU GB 25 -53.52 69.15 60.94
N PRO GB 26 -53.22 70.40 61.31
CA PRO GB 26 -53.50 71.51 60.42
C PRO GB 26 -52.78 71.35 59.09
N PRO GB 27 -53.41 71.73 57.99
CA PRO GB 27 -52.76 71.63 56.69
C PRO GB 27 -51.45 72.41 56.67
N ARG GB 28 -50.50 71.85 56.01
CA ARG GB 28 -49.12 72.06 55.60
C ARG GB 28 -49.06 72.47 54.14
N PRO GB 29 -48.07 73.25 53.73
CA PRO GB 29 -47.70 73.26 52.32
C PRO GB 29 -47.35 71.84 51.90
N SER GB 30 -47.28 71.62 50.60
CA SER GB 30 -47.13 70.29 50.01
C SER GB 30 -48.33 69.42 50.33
N ASP GB 31 -49.36 69.95 50.99
CA ASP GB 31 -50.68 69.36 50.94
C ASP GB 31 -51.44 69.84 49.74
N ARG GB 32 -51.02 70.96 49.18
CA ARG GB 32 -51.51 71.47 47.91
C ARG GB 32 -50.55 71.17 46.78
N LYS GB 33 -49.56 70.34 47.04
CA LYS GB 33 -48.49 70.11 46.09
C LYS GB 33 -49.07 69.59 44.78
N GLY GB 34 -48.94 70.36 43.72
CA GLY GB 34 -49.46 69.97 42.44
C GLY GB 34 -50.89 70.36 42.16
N LYS GB 35 -51.59 70.92 43.14
CA LYS GB 35 -52.87 71.54 42.87
C LYS GB 35 -52.69 72.47 41.68
N GLY GB 36 -53.35 72.15 40.56
CA GLY GB 36 -53.15 72.96 39.36
C GLY GB 36 -53.65 74.38 39.57
N THR GB 37 -52.94 75.33 38.98
CA THR GB 37 -53.21 76.74 39.17
C THR GB 37 -53.59 77.39 37.84
N LYS GB 38 -54.22 78.56 37.96
CA LYS GB 38 -54.77 79.24 36.79
C LYS GB 38 -53.69 79.49 35.75
N ARG GB 39 -52.58 80.12 36.16
CA ARG GB 39 -51.59 80.54 35.20
C ARG GB 39 -50.88 79.36 34.56
N VAL GB 40 -50.53 78.33 35.34
CA VAL GB 40 -49.83 77.21 34.74
C VAL GB 40 -50.75 76.41 33.84
N HIS GB 41 -52.04 76.34 34.16
CA HIS GB 41 -52.98 75.77 33.21
C HIS GB 41 -53.02 76.59 31.93
N PHE GB 42 -53.01 77.92 32.05
CA PHE GB 42 -52.84 78.78 30.89
C PHE GB 42 -51.61 78.44 30.07
N VAL GB 43 -50.45 78.37 30.72
CA VAL GB 43 -49.20 78.14 30.04
C VAL GB 43 -49.24 76.82 29.30
N ARG GB 44 -49.71 75.78 29.98
CA ARG GB 44 -49.70 74.45 29.41
C ARG GB 44 -50.75 74.31 28.31
N ASN GB 45 -51.92 74.93 28.47
CA ASN GB 45 -52.89 75.01 27.39
C ASN GB 45 -52.27 75.58 26.13
N LEU GB 46 -51.65 76.75 26.26
CA LEU GB 46 -51.23 77.47 25.08
C LEU GB 46 -50.17 76.68 24.31
N ILE GB 47 -49.16 76.19 25.03
CA ILE GB 47 -48.13 75.40 24.36
C ILE GB 47 -48.67 74.07 23.87
N ARG GB 48 -49.71 73.53 24.51
CA ARG GB 48 -50.36 72.36 23.94
C ARG GB 48 -50.86 72.68 22.54
N GLU GB 49 -51.54 73.83 22.38
CA GLU GB 49 -52.08 74.17 21.07
C GLU GB 49 -50.98 74.56 20.08
N VAL GB 50 -49.95 75.26 20.54
CA VAL GB 50 -48.89 75.72 19.64
C VAL GB 50 -48.03 74.54 19.18
N ALA GB 51 -47.76 73.59 20.06
CA ALA GB 51 -46.88 72.49 19.70
C ALA GB 51 -47.63 71.41 18.94
N GLY GB 52 -48.78 70.98 19.45
CA GLY GB 52 -49.56 69.95 18.80
C GLY GB 52 -49.62 68.69 19.63
N PHE GB 53 -49.76 67.56 18.95
CA PHE GB 53 -49.88 66.27 19.60
C PHE GB 53 -48.78 65.34 19.11
N ALA GB 54 -48.33 64.46 20.00
CA ALA GB 54 -47.37 63.44 19.62
C ALA GB 54 -48.07 62.34 18.84
N PRO GB 55 -47.33 61.55 18.06
CA PRO GB 55 -47.98 60.50 17.26
C PRO GB 55 -48.76 59.47 18.07
N TYR GB 56 -48.31 59.07 19.25
CA TYR GB 56 -49.15 58.18 20.03
C TYR GB 56 -50.37 58.90 20.57
N GLU GB 57 -50.24 60.19 20.88
CA GLU GB 57 -51.42 60.95 21.28
C GLU GB 57 -52.44 60.99 20.15
N LYS GB 58 -51.98 61.22 18.93
CA LYS GB 58 -52.91 61.25 17.80
C LYS GB 58 -53.56 59.89 17.59
N ARG GB 59 -52.79 58.81 17.70
CA ARG GB 59 -53.38 57.49 17.56
C ARG GB 59 -54.41 57.21 18.66
N ILE GB 60 -54.18 57.72 19.87
CA ILE GB 60 -55.19 57.57 20.91
C ILE GB 60 -56.44 58.37 20.58
N THR GB 61 -56.28 59.58 20.05
CA THR GB 61 -57.45 60.30 19.58
C THR GB 61 -58.24 59.48 18.58
N GLU GB 62 -57.55 58.83 17.64
CA GLU GB 62 -58.26 58.04 16.64
C GLU GB 62 -58.98 56.85 17.26
N LEU GB 63 -58.33 56.16 18.19
CA LEU GB 63 -59.00 55.03 18.83
C LEU GB 63 -60.21 55.47 19.64
N LEU GB 64 -60.17 56.64 20.27
CA LEU GB 64 -61.38 57.12 20.97
C LEU GB 64 -62.45 57.64 20.02
N LYS GB 65 -62.06 58.37 18.98
CA LYS GB 65 -63.10 58.82 18.04
C LYS GB 65 -63.71 57.65 17.29
N VAL GB 66 -63.09 56.47 17.36
CA VAL GB 66 -63.80 55.25 16.99
C VAL GB 66 -64.52 54.62 18.17
N GLY GB 67 -64.05 54.86 19.39
CA GLY GB 67 -64.70 54.40 20.59
C GLY GB 67 -64.08 53.19 21.27
N LYS GB 68 -62.96 52.67 20.74
CA LYS GB 68 -62.36 51.42 21.22
C LYS GB 68 -61.45 51.71 22.41
N ASP GB 69 -62.07 51.91 23.57
CA ASP GB 69 -61.33 52.41 24.71
C ASP GB 69 -60.34 51.40 25.25
N LYS GB 70 -60.63 50.11 25.12
CA LYS GB 70 -59.67 49.09 25.55
C LYS GB 70 -58.38 49.17 24.74
N ARG GB 71 -58.50 49.25 23.43
CA ARG GB 71 -57.31 49.38 22.59
C ARG GB 71 -56.59 50.69 22.86
N ALA GB 72 -57.34 51.77 23.06
CA ALA GB 72 -56.71 53.04 23.40
C ALA GB 72 -55.88 52.92 24.65
N LEU GB 73 -56.44 52.30 25.69
CA LEU GB 73 -55.66 52.03 26.90
C LEU GB 73 -54.46 51.17 26.60
N LYS GB 74 -54.62 50.16 25.75
CA LYS GB 74 -53.53 49.21 25.55
C LYS GB 74 -52.34 49.89 24.89
N VAL GB 75 -52.59 50.70 23.86
CA VAL GB 75 -51.48 51.39 23.21
C VAL GB 75 -50.91 52.46 24.13
N ALA GB 76 -51.77 53.15 24.90
CA ALA GB 76 -51.26 54.13 25.84
C ALA GB 76 -50.37 53.47 26.86
N LYS GB 77 -50.71 52.26 27.29
CA LYS GB 77 -49.85 51.54 28.23
C LYS GB 77 -48.54 51.16 27.59
N ARG GB 78 -48.59 50.62 26.37
CA ARG GB 78 -47.35 50.21 25.72
C ARG GB 78 -46.41 51.39 25.49
N LYS GB 79 -46.96 52.60 25.34
CA LYS GB 79 -46.12 53.78 25.23
C LYS GB 79 -45.66 54.27 26.61
N LEU GB 80 -46.62 54.73 27.43
CA LEU GB 80 -46.31 55.42 28.67
C LEU GB 80 -45.61 54.52 29.67
N GLY GB 81 -46.02 53.26 29.76
CA GLY GB 81 -45.26 52.34 30.57
C GLY GB 81 -46.00 51.62 31.67
N THR GB 82 -46.95 52.27 32.31
CA THR GB 82 -47.62 51.71 33.47
C THR GB 82 -49.11 51.91 33.34
N HIS GB 83 -49.88 50.97 33.88
CA HIS GB 83 -51.34 51.12 33.86
C HIS GB 83 -51.76 52.45 34.45
N LYS GB 84 -51.10 52.86 35.53
CA LYS GB 84 -51.57 54.04 36.24
C LYS GB 84 -51.47 55.28 35.38
N ARG GB 85 -50.42 55.38 34.57
CA ARG GB 85 -50.30 56.53 33.69
C ARG GB 85 -51.09 56.35 32.42
N ALA GB 86 -51.18 55.11 31.93
CA ALA GB 86 -51.93 54.85 30.72
C ALA GB 86 -53.39 55.19 30.89
N LYS GB 87 -53.99 54.81 32.02
CA LYS GB 87 -55.40 55.10 32.23
C LYS GB 87 -55.64 56.60 32.28
N LYS GB 88 -54.74 57.36 32.89
CA LYS GB 88 -55.03 58.77 33.02
C LYS GB 88 -54.67 59.54 31.76
N LYS GB 89 -53.74 59.04 30.95
CA LYS GB 89 -53.55 59.63 29.63
C LYS GB 89 -54.76 59.36 28.74
N ARG GB 90 -55.36 58.17 28.85
CA ARG GB 90 -56.61 57.92 28.14
C ARG GB 90 -57.70 58.86 28.63
N GLU GB 91 -57.77 59.08 29.93
CA GLU GB 91 -58.76 59.98 30.50
C GLU GB 91 -58.58 61.40 30.00
N GLU GB 92 -57.34 61.85 29.89
CA GLU GB 92 -57.09 63.19 29.39
C GLU GB 92 -57.36 63.30 27.89
N MET GB 93 -57.15 62.23 27.12
CA MET GB 93 -57.50 62.32 25.70
C MET GB 93 -58.99 62.22 25.49
N SER GB 94 -59.72 61.50 26.34
CA SER GB 94 -61.18 61.60 26.31
C SER GB 94 -61.62 63.01 26.63
N SER GB 95 -60.96 63.66 27.59
CA SER GB 95 -61.27 65.07 27.84
C SER GB 95 -61.04 65.91 26.61
N VAL GB 96 -59.88 65.75 25.97
CA VAL GB 96 -59.55 66.59 24.83
C VAL GB 96 -60.44 66.27 23.64
N LEU GB 97 -61.03 65.08 23.61
CA LEU GB 97 -61.91 64.79 22.49
C LEU GB 97 -63.34 65.22 22.75
N ARG GB 98 -63.84 65.13 24.00
CA ARG GB 98 -65.15 65.71 24.28
C ARG GB 98 -65.12 67.22 24.10
N LYS GB 99 -64.05 67.89 24.56
CA LYS GB 99 -63.97 69.34 24.46
C LYS GB 99 -63.74 69.80 23.03
N MET GB 100 -63.50 68.87 22.10
CA MET GB 100 -63.41 69.20 20.69
C MET GB 100 -64.66 68.83 19.93
N ARG GB 101 -65.44 67.87 20.41
CA ARG GB 101 -66.76 67.70 19.82
C ARG GB 101 -67.80 68.65 20.40
N SER GB 102 -67.48 69.35 21.49
CA SER GB 102 -68.45 70.26 22.09
C SER GB 102 -68.89 71.38 21.15
N ALA GB 103 -68.06 71.77 20.19
CA ALA GB 103 -68.43 72.79 19.23
C ALA GB 103 -68.13 72.33 17.81
N VAL HB 6 36.13 95.05 55.57
CA VAL HB 6 34.97 95.91 55.46
C VAL HB 6 33.74 95.28 56.09
N LYS HB 7 32.92 96.12 56.71
CA LYS HB 7 31.79 95.67 57.52
C LYS HB 7 30.49 96.19 56.92
N ALA HB 8 29.45 95.35 56.97
CA ALA HB 8 28.17 95.72 56.39
C ALA HB 8 27.63 97.01 57.00
N GLY HB 9 27.98 97.29 58.25
CA GLY HB 9 27.57 98.55 58.85
C GLY HB 9 28.05 99.75 58.06
N GLU HB 10 29.31 99.72 57.64
CA GLU HB 10 29.82 100.82 56.82
C GLU HB 10 29.35 100.71 55.37
N LEU HB 11 29.12 99.49 54.86
CA LEU HB 11 28.66 99.37 53.47
C LEU HB 11 27.28 99.96 53.27
N TRP HB 12 26.35 99.64 54.16
CA TRP HB 12 25.04 100.28 54.12
C TRP HB 12 25.13 101.80 54.25
N ASN HB 13 26.25 102.30 54.77
CA ASN HB 13 26.48 103.74 54.90
C ASN HB 13 27.42 104.22 53.80
N LYS HB 14 26.99 104.08 52.55
CA LYS HB 14 27.81 104.44 51.40
C LYS HB 14 26.92 104.91 50.27
N SER HB 15 27.56 105.49 49.26
CA SER HB 15 26.88 105.91 48.04
C SER HB 15 26.86 104.76 47.05
N LYS HB 16 26.07 104.91 45.99
CA LYS HB 16 25.97 103.85 45.00
C LYS HB 16 27.27 103.71 44.20
N ASP HB 17 27.86 104.83 43.79
CA ASP HB 17 29.07 104.75 42.98
C ASP HB 17 30.25 104.19 43.76
N ASP HB 18 30.42 104.61 45.01
CA ASP HB 18 31.53 104.08 45.80
C ASP HB 18 31.32 102.60 46.05
N LEU HB 19 30.07 102.19 46.21
CA LEU HB 19 29.76 100.78 46.35
C LEU HB 19 30.17 100.00 45.11
N THR HB 20 29.90 100.54 43.92
CA THR HB 20 30.34 99.86 42.70
C THR HB 20 31.86 99.82 42.60
N LYS HB 21 32.53 100.90 42.98
CA LYS HB 21 33.99 100.89 43.00
C LYS HB 21 34.50 99.74 43.84
N GLN HB 22 33.95 99.58 45.03
CA GLN HB 22 34.51 98.56 45.92
C GLN HB 22 34.30 97.17 45.35
N LEU HB 23 33.23 96.95 44.61
CA LEU HB 23 33.10 95.66 43.92
C LEU HB 23 34.20 95.48 42.89
N ALA HB 24 34.49 96.53 42.13
CA ALA HB 24 35.58 96.42 41.16
C ALA HB 24 36.89 96.07 41.85
N GLU HB 25 37.16 96.74 42.98
CA GLU HB 25 38.41 96.50 43.69
C GLU HB 25 38.47 95.09 44.30
N LEU HB 26 37.38 94.62 44.90
CA LEU HB 26 37.42 93.28 45.45
C LEU HB 26 37.62 92.25 44.36
N LYS HB 27 36.92 92.39 43.24
CA LYS HB 27 37.14 91.37 42.21
C LYS HB 27 38.53 91.47 41.60
N THR HB 28 39.18 92.64 41.65
CA THR HB 28 40.56 92.69 41.20
C THR HB 28 41.52 92.11 42.22
N GLU HB 29 41.25 92.31 43.51
CA GLU HB 29 42.09 91.70 44.53
C GLU HB 29 41.97 90.18 44.48
N LEU HB 30 40.75 89.66 44.31
CA LEU HB 30 40.60 88.24 44.07
C LEU HB 30 41.25 87.84 42.77
N GLY HB 31 41.27 88.72 41.78
CA GLY HB 31 42.03 88.44 40.57
C GLY HB 31 43.47 88.15 40.89
N GLN HB 32 44.08 88.97 41.74
CA GLN HB 32 45.49 88.80 42.06
C GLN HB 32 45.75 87.57 42.91
N LEU HB 33 44.91 87.34 43.93
CA LEU HB 33 45.11 86.14 44.76
C LEU HB 33 44.90 84.87 43.97
N ARG HB 34 43.97 84.85 43.02
CA ARG HB 34 43.81 83.67 42.19
C ARG HB 34 45.03 83.45 41.31
N ILE HB 35 45.68 84.53 40.89
CA ILE HB 35 46.91 84.41 40.13
C ILE HB 35 47.97 83.73 40.97
N GLN HB 36 48.17 84.25 42.19
CA GLN HB 36 49.26 83.74 43.00
C GLN HB 36 48.93 82.45 43.71
N LYS HB 37 47.68 81.97 43.63
CA LYS HB 37 47.37 80.62 44.09
C LYS HB 37 48.18 79.57 43.33
N VAL HB 38 48.32 79.75 42.02
CA VAL HB 38 49.00 78.75 41.22
C VAL HB 38 50.50 78.74 41.52
N ALA HB 39 51.10 79.92 41.69
CA ALA HB 39 52.55 80.03 41.85
C ALA HB 39 52.99 80.04 43.31
N SER HB 40 52.60 81.07 44.06
CA SER HB 40 53.09 81.27 45.42
C SER HB 40 52.11 80.69 46.42
N SER HB 41 52.32 80.96 47.72
CA SER HB 41 51.51 80.29 48.72
C SER HB 41 51.59 81.02 50.05
N GLY HB 42 51.17 80.33 51.11
CA GLY HB 42 51.43 80.63 52.50
C GLY HB 42 50.42 81.41 53.29
N SER HB 43 50.35 82.72 53.09
CA SER HB 43 49.52 83.55 53.97
C SER HB 43 48.53 84.32 53.12
N LYS HB 44 48.90 84.56 51.88
CA LYS HB 44 48.03 85.15 50.89
C LYS HB 44 47.20 84.12 50.16
N LEU HB 45 47.41 82.83 50.43
CA LEU HB 45 46.49 81.81 49.93
C LEU HB 45 45.21 81.80 50.72
N ASN HB 46 45.22 82.38 51.92
CA ASN HB 46 44.07 82.32 52.81
C ASN HB 46 43.23 83.58 52.72
N ARG HB 47 43.81 84.68 52.26
CA ARG HB 47 43.04 85.89 52.11
C ARG HB 47 41.96 85.73 51.04
N ILE HB 48 42.07 84.69 50.20
CA ILE HB 48 41.08 84.44 49.15
C ILE HB 48 39.70 84.34 49.76
N HIS HB 49 39.59 83.58 50.84
CA HIS HB 49 38.30 83.25 51.42
C HIS HB 49 37.65 84.52 51.97
N ASP HB 50 38.45 85.39 52.58
CA ASP HB 50 37.97 86.67 53.05
C ASP HB 50 37.50 87.55 51.88
N ILE HB 51 38.29 87.58 50.80
CA ILE HB 51 37.91 88.43 49.67
C ILE HB 51 36.64 87.92 49.01
N ARG HB 52 36.52 86.61 48.86
CA ARG HB 52 35.30 86.04 48.30
C ARG HB 52 34.11 86.41 49.15
N LYS HB 53 34.24 86.28 50.47
CA LYS HB 53 33.12 86.64 51.33
C LYS HB 53 32.84 88.13 51.29
N SER HB 54 33.84 88.97 51.07
CA SER HB 54 33.58 90.41 50.96
C SER HB 54 32.92 90.78 49.65
N ILE HB 55 33.26 90.07 48.57
CA ILE HB 55 32.50 90.20 47.32
C ILE HB 55 31.04 89.87 47.57
N ALA HB 56 30.79 88.76 48.25
CA ALA HB 56 29.42 88.40 48.56
C ALA HB 56 28.74 89.45 49.41
N ARG HB 57 29.43 89.98 50.42
CA ARG HB 57 28.84 91.04 51.22
C ARG HB 57 28.45 92.23 50.36
N VAL HB 58 29.36 92.69 49.52
CA VAL HB 58 29.07 93.92 48.79
C VAL HB 58 27.97 93.70 47.77
N LEU HB 59 27.93 92.52 47.14
CA LEU HB 59 26.83 92.26 46.21
C LEU HB 59 25.50 92.10 46.92
N THR HB 60 25.49 91.45 48.09
CA THR HB 60 24.24 91.37 48.84
C THR HB 60 23.78 92.73 49.29
N VAL HB 61 24.72 93.62 49.64
CA VAL HB 61 24.34 94.99 49.94
C VAL HB 61 23.73 95.65 48.73
N ILE HB 62 24.36 95.47 47.56
CA ILE HB 62 23.85 96.11 46.35
C ILE HB 62 22.42 95.66 46.07
N ASN HB 63 22.21 94.36 46.10
CA ASN HB 63 20.90 93.83 45.76
C ASN HB 63 19.86 94.22 46.79
N ALA HB 64 20.18 94.10 48.08
CA ALA HB 64 19.22 94.46 49.11
C ALA HB 64 18.82 95.92 49.00
N LYS HB 65 19.80 96.83 48.88
CA LYS HB 65 19.47 98.24 48.77
C LYS HB 65 18.69 98.54 47.51
N GLN HB 66 19.07 97.93 46.39
CA GLN HB 66 18.38 98.19 45.14
C GLN HB 66 16.94 97.74 45.19
N ARG HB 67 16.69 96.54 45.71
CA ARG HB 67 15.31 96.08 45.77
C ARG HB 67 14.51 96.82 46.82
N ALA HB 68 15.16 97.28 47.89
CA ALA HB 68 14.43 98.11 48.85
C ALA HB 68 13.98 99.42 48.21
N GLN HB 69 14.87 100.06 47.44
CA GLN HB 69 14.48 101.26 46.72
C GLN HB 69 13.37 100.95 45.72
N LEU HB 70 13.49 99.82 45.04
CA LEU HB 70 12.53 99.48 44.02
C LEU HB 70 11.16 99.16 44.61
N ARG HB 71 11.12 98.55 45.80
CA ARG HB 71 9.86 98.43 46.51
C ARG HB 71 9.32 99.79 46.90
N LEU HB 72 10.19 100.71 47.30
CA LEU HB 72 9.71 102.04 47.63
C LEU HB 72 9.09 102.73 46.42
N PHE HB 73 9.55 102.41 45.22
CA PHE HB 73 8.98 103.11 44.08
C PHE HB 73 7.78 102.42 43.47
N TYR HB 74 7.81 101.08 43.30
CA TYR HB 74 6.66 100.37 42.76
C TYR HB 74 5.64 99.98 43.80
N LYS HB 75 5.94 100.22 45.07
CA LYS HB 75 5.01 99.98 46.16
C LYS HB 75 4.18 101.23 46.43
N ASN HB 76 3.93 101.99 45.36
CA ASN HB 76 2.96 103.07 45.36
C ASN HB 76 1.56 102.53 45.19
N LYS HB 77 1.38 101.27 45.60
CA LYS HB 77 0.18 100.51 45.32
C LYS HB 77 -0.11 100.51 43.82
N LYS HB 78 0.94 100.28 43.04
CA LYS HB 78 0.85 100.09 41.60
C LYS HB 78 0.90 98.60 41.27
N TYR HB 79 0.84 98.29 39.98
CA TYR HB 79 1.01 96.91 39.56
C TYR HB 79 2.40 96.42 39.95
N ALA HB 80 2.46 95.32 40.65
CA ALA HB 80 3.79 94.96 41.09
C ALA HB 80 4.34 93.82 40.26
N PRO HB 81 5.65 93.79 40.05
CA PRO HB 81 6.26 92.75 39.21
C PRO HB 81 6.40 91.41 39.90
N LEU HB 82 6.56 90.37 39.08
CA LEU HB 82 6.60 89.00 39.57
C LEU HB 82 7.81 88.71 40.46
N ASP HB 83 8.80 89.60 40.50
CA ASP HB 83 9.90 89.48 41.43
C ASP HB 83 9.66 90.25 42.72
N LEU HB 84 8.57 90.99 42.80
CA LEU HB 84 8.16 91.64 44.04
C LEU HB 84 6.86 91.11 44.59
N ARG HB 85 5.97 90.62 43.73
CA ARG HB 85 4.67 90.17 44.19
C ARG HB 85 4.84 89.14 45.28
N ALA HB 86 4.02 89.25 46.32
CA ALA HB 86 4.24 88.48 47.53
C ALA HB 86 4.12 87.00 47.22
N LYS HB 87 5.25 86.30 47.11
CA LYS HB 87 5.24 84.86 47.00
C LYS HB 87 4.95 84.25 48.36
N GLN HB 88 3.95 83.39 48.44
CA GLN HB 88 3.78 82.54 49.61
C GLN HB 88 3.82 81.07 49.26
N THR HB 89 2.83 80.61 48.51
CA THR HB 89 2.64 79.28 47.95
C THR HB 89 1.48 79.38 46.99
N ARG HB 90 1.44 78.45 46.05
CA ARG HB 90 0.47 78.61 44.97
C ARG HB 90 -0.94 78.55 45.52
N ALA HB 91 -1.20 77.68 46.49
CA ALA HB 91 -2.54 77.60 47.08
C ALA HB 91 -2.91 78.89 47.79
N ILE HB 92 -1.98 79.45 48.57
CA ILE HB 92 -2.27 80.67 49.31
C ILE HB 92 -2.56 81.81 48.35
N ARG HB 93 -1.84 81.86 47.23
CA ARG HB 93 -2.09 82.95 46.31
C ARG HB 93 -3.47 82.85 45.69
N ARG HB 94 -4.01 81.64 45.55
CA ARG HB 94 -5.31 81.47 44.93
C ARG HB 94 -6.47 81.43 45.93
N ARG HB 95 -6.20 81.42 47.23
CA ARG HB 95 -7.33 81.55 48.14
C ARG HB 95 -8.11 82.84 47.90
N LEU HB 96 -9.31 82.90 48.48
CA LEU HB 96 -10.12 84.11 48.41
C LEU HB 96 -9.74 85.07 49.52
N SER HB 97 -9.80 86.36 49.20
CA SER HB 97 -9.48 87.38 50.17
C SER HB 97 -10.54 87.41 51.28
N PRO HB 98 -10.23 88.00 52.43
CA PRO HB 98 -11.23 88.02 53.51
C PRO HB 98 -12.52 88.76 53.18
N ASP HB 99 -12.48 89.89 52.48
CA ASP HB 99 -13.73 90.53 52.12
C ASP HB 99 -14.52 89.68 51.15
N GLU HB 100 -13.84 88.71 50.53
CA GLU HB 100 -14.44 87.77 49.59
C GLU HB 100 -14.97 86.53 50.28
N LYS HB 101 -14.36 86.13 51.40
CA LYS HB 101 -14.84 85.01 52.19
C LYS HB 101 -15.91 85.42 53.18
N SER HB 102 -16.04 86.71 53.47
CA SER HB 102 -17.13 87.19 54.30
C SER HB 102 -18.38 87.48 53.50
N ARG HB 103 -18.27 87.52 52.17
CA ARG HB 103 -19.41 87.68 51.27
C ARG HB 103 -20.54 86.73 51.62
N VAL HB 104 -21.70 87.29 51.94
CA VAL HB 104 -22.91 86.54 52.21
C VAL HB 104 -24.07 87.19 51.46
N LEU HB 105 -25.21 86.55 51.57
CA LEU HB 105 -26.43 86.92 50.87
C LEU HB 105 -27.27 87.85 51.73
N GLU HB 106 -28.32 88.39 51.13
CA GLU HB 106 -29.22 89.25 51.90
C GLU HB 106 -30.09 88.44 52.85
N LYS HB 107 -30.62 87.31 52.39
CA LYS HB 107 -31.45 86.53 53.28
C LYS HB 107 -30.65 86.00 54.47
N THR HB 108 -29.31 85.99 54.39
CA THR HB 108 -28.49 85.58 55.51
C THR HB 108 -27.99 86.76 56.33
N LYS HB 109 -27.59 87.86 55.70
CA LYS HB 109 -27.23 89.00 56.54
C LYS HB 109 -28.45 89.53 57.29
N LYS HB 110 -29.66 89.39 56.75
CA LYS HB 110 -30.83 89.68 57.58
C LYS HB 110 -30.96 88.67 58.71
N ARG HB 111 -30.73 87.39 58.42
CA ARG HB 111 -30.85 86.37 59.47
C ARG HB 111 -29.85 86.58 60.60
N THR HB 112 -28.81 87.38 60.38
CA THR HB 112 -27.93 87.71 61.51
C THR HB 112 -28.12 89.11 62.06
N VAL HB 113 -28.59 90.06 61.26
CA VAL HB 113 -28.91 91.37 61.81
C VAL HB 113 -30.12 91.28 62.72
N HIS HB 114 -31.15 90.59 62.28
CA HIS HB 114 -32.16 90.04 63.17
C HIS HB 114 -31.67 88.69 63.66
N PHE HB 115 -32.28 88.19 64.72
CA PHE HB 115 -32.14 86.79 65.11
C PHE HB 115 -30.70 86.30 65.19
N PRO HB 116 -29.83 86.96 65.94
CA PRO HB 116 -28.44 86.49 66.07
C PRO HB 116 -28.38 85.27 66.94
N GLN HB 117 -27.20 84.85 67.38
CA GLN HB 117 -27.08 83.81 68.39
C GLN HB 117 -26.92 84.45 69.77
N ARG HB 118 -28.01 84.50 70.55
CA ARG HB 118 -27.98 85.23 71.81
C ARG HB 118 -27.15 84.48 72.84
N LYS HB 119 -27.00 85.10 74.00
CA LYS HB 119 -26.24 84.54 75.11
C LYS HB 119 -27.21 84.22 76.24
N PHE HB 120 -27.23 82.95 76.65
CA PHE HB 120 -28.21 82.51 77.64
C PHE HB 120 -27.58 81.56 78.63
N ALA HB 121 -28.11 81.56 79.83
CA ALA HB 121 -27.83 80.53 80.81
C ALA HB 121 -29.18 80.01 81.27
N ILE HB 122 -29.21 79.21 82.32
CA ILE HB 122 -30.49 78.73 82.83
C ILE HB 122 -30.52 79.00 84.32
N LYS HB 123 -31.53 78.44 85.00
CA LYS HB 123 -31.71 78.59 86.44
C LYS HB 123 -31.99 80.04 86.80
N ALA HB 124 -33.12 80.53 86.30
CA ALA HB 124 -33.57 81.89 86.57
C ALA HB 124 -35.03 81.90 86.96
N PRO IB 11 -3.51 23.69 133.38
CA PRO IB 11 -4.52 24.14 132.42
C PRO IB 11 -5.63 23.13 132.26
N GLU IB 12 -6.87 23.58 132.19
CA GLU IB 12 -7.99 22.67 132.05
C GLU IB 12 -7.82 21.81 130.81
N LYS IB 13 -7.37 22.43 129.72
CA LYS IB 13 -7.15 21.71 128.47
C LYS IB 13 -6.20 20.53 128.64
N VAL IB 14 -5.04 20.76 129.26
CA VAL IB 14 -4.05 19.69 129.30
C VAL IB 14 -4.39 18.67 130.37
N ILE IB 15 -4.99 19.09 131.48
CA ILE IB 15 -5.36 18.10 132.49
C ILE IB 15 -6.44 17.19 131.92
N LEU IB 16 -7.38 17.76 131.15
CA LEU IB 16 -8.39 16.95 130.48
C LEU IB 16 -7.77 15.97 129.49
N LYS IB 17 -6.79 16.45 128.71
CA LYS IB 17 -6.11 15.58 127.77
C LYS IB 17 -5.44 14.41 128.49
N ARG IB 18 -4.76 14.68 129.59
CA ARG IB 18 -4.14 13.59 130.34
C ARG IB 18 -5.18 12.68 130.99
N ARG IB 19 -6.34 13.21 131.35
CA ARG IB 19 -7.37 12.33 131.90
C ARG IB 19 -7.77 11.29 130.86
N ARG IB 20 -8.03 11.74 129.63
CA ARG IB 20 -8.39 10.78 128.60
C ARG IB 20 -7.22 9.84 128.29
N GLU IB 21 -6.00 10.37 128.31
CA GLU IB 21 -4.83 9.55 128.04
C GLU IB 21 -4.70 8.43 129.06
N GLU IB 22 -4.91 8.76 130.34
CA GLU IB 22 -4.87 7.74 131.39
C GLU IB 22 -6.00 6.74 131.20
N VAL IB 23 -7.17 7.21 130.76
CA VAL IB 23 -8.30 6.30 130.57
C VAL IB 23 -7.99 5.27 129.48
N TRP IB 24 -7.45 5.74 128.36
CA TRP IB 24 -7.08 4.82 127.28
C TRP IB 24 -5.91 3.94 127.69
N ALA IB 25 -4.98 4.48 128.46
CA ALA IB 25 -3.88 3.68 128.97
C ALA IB 25 -4.36 2.58 129.89
N ALA IB 26 -5.38 2.85 130.69
CA ALA IB 26 -5.96 1.80 131.51
C ALA IB 26 -6.61 0.74 130.63
N GLU IB 27 -7.33 1.19 129.60
CA GLU IB 27 -8.06 0.22 128.79
C GLU IB 27 -7.13 -0.65 127.97
N LYS IB 28 -5.99 -0.11 127.52
CA LYS IB 28 -5.05 -0.98 126.81
C LYS IB 28 -4.49 -2.05 127.74
N LYS IB 29 -4.17 -1.67 128.98
CA LYS IB 29 -3.61 -2.62 129.93
C LYS IB 29 -4.58 -3.78 130.16
N GLN IB 30 -5.83 -3.45 130.46
CA GLN IB 30 -6.79 -4.52 130.70
C GLN IB 30 -7.00 -5.37 129.45
N LYS IB 31 -6.99 -4.73 128.27
CA LYS IB 31 -7.11 -5.47 127.02
C LYS IB 31 -5.97 -6.47 126.85
N VAL IB 32 -4.74 -6.04 127.10
CA VAL IB 32 -3.58 -6.91 126.92
C VAL IB 32 -3.60 -8.05 127.93
N ALA IB 33 -4.07 -7.80 129.15
CA ALA IB 33 -4.20 -8.90 130.10
C ALA IB 33 -5.23 -9.92 129.60
N ALA IB 34 -6.34 -9.43 129.06
CA ALA IB 34 -7.35 -10.35 128.52
C ALA IB 34 -6.81 -11.16 127.36
N GLU IB 35 -6.02 -10.54 126.48
CA GLU IB 35 -5.44 -11.27 125.37
C GLU IB 35 -4.33 -12.21 125.83
N LYS IB 36 -3.62 -11.91 126.92
CA LYS IB 36 -2.68 -12.90 127.45
C LYS IB 36 -3.41 -14.13 127.93
N ILE IB 37 -4.48 -13.96 128.70
CA ILE IB 37 -5.26 -15.13 129.13
C ILE IB 37 -5.81 -15.88 127.92
N LYS IB 38 -6.34 -15.14 126.95
CA LYS IB 38 -6.90 -15.75 125.75
C LYS IB 38 -5.85 -16.54 124.98
N ALA IB 39 -4.66 -15.98 124.82
CA ALA IB 39 -3.59 -16.68 124.11
C ALA IB 39 -3.14 -17.91 124.89
N ALA IB 40 -3.11 -17.81 126.22
CA ALA IB 40 -2.72 -18.94 127.03
C ALA IB 40 -3.67 -20.11 126.85
N GLU IB 41 -4.97 -19.85 126.83
CA GLU IB 41 -5.94 -20.94 126.61
C GLU IB 41 -5.98 -21.37 125.15
N ASN IB 42 -5.76 -20.43 124.24
CA ASN IB 42 -5.82 -20.73 122.81
C ASN IB 42 -4.69 -21.67 122.41
N THR IB 43 -3.50 -21.50 122.99
CA THR IB 43 -2.40 -22.37 122.62
C THR IB 43 -2.60 -23.80 123.11
N LYS IB 44 -3.27 -23.99 124.26
CA LYS IB 44 -3.67 -25.34 124.64
C LYS IB 44 -4.67 -25.92 123.66
N VAL IB 45 -5.62 -25.10 123.22
CA VAL IB 45 -6.57 -25.57 122.21
C VAL IB 45 -5.84 -26.03 120.96
N ILE IB 46 -4.90 -25.22 120.49
CA ILE IB 46 -4.13 -25.56 119.30
C ILE IB 46 -3.34 -26.84 119.54
N TYR IB 47 -2.83 -27.02 120.76
CA TYR IB 47 -2.09 -28.23 121.07
C TYR IB 47 -2.99 -29.45 120.91
N ALA IB 48 -4.22 -29.34 121.40
CA ALA IB 48 -5.16 -30.46 121.28
C ALA IB 48 -5.46 -30.75 119.81
N ARG IB 49 -5.73 -29.71 119.03
CA ARG IB 49 -6.06 -29.92 117.63
C ARG IB 49 -4.91 -30.60 116.90
N ALA IB 50 -3.71 -30.07 117.04
CA ALA IB 50 -2.55 -30.68 116.38
C ALA IB 50 -2.33 -32.10 116.86
N GLU IB 51 -2.60 -32.38 118.14
CA GLU IB 51 -2.45 -33.74 118.64
C GLU IB 51 -3.39 -34.70 117.90
N GLN IB 52 -4.66 -34.34 117.79
CA GLN IB 52 -5.57 -35.32 117.22
C GLN IB 52 -5.54 -35.32 115.70
N TYR IB 53 -5.03 -34.27 115.07
CA TYR IB 53 -4.70 -34.35 113.64
C TYR IB 53 -3.58 -35.36 113.39
N ALA IB 54 -2.48 -35.27 114.16
CA ALA IB 54 -1.45 -36.28 113.98
C ALA IB 54 -2.00 -37.67 114.22
N GLY IB 55 -2.81 -37.81 115.25
CA GLY IB 55 -3.39 -39.12 115.53
C GLY IB 55 -4.19 -39.67 114.37
N GLU IB 56 -5.04 -38.83 113.76
CA GLU IB 56 -5.93 -39.35 112.74
C GLU IB 56 -5.20 -39.55 111.43
N TYR IB 57 -4.21 -38.71 111.12
CA TYR IB 57 -3.36 -39.00 109.97
C TYR IB 57 -2.76 -40.38 110.10
N GLU IB 58 -2.19 -40.67 111.27
CA GLU IB 58 -1.54 -41.96 111.47
C GLU IB 58 -2.55 -43.08 111.34
N ALA IB 59 -3.74 -42.89 111.91
CA ALA IB 59 -4.76 -43.93 111.84
C ALA IB 59 -5.19 -44.19 110.40
N GLN IB 60 -5.36 -43.13 109.60
CA GLN IB 60 -5.76 -43.35 108.20
C GLN IB 60 -4.68 -44.09 107.43
N ASP IB 61 -3.42 -43.72 107.64
CA ASP IB 61 -2.33 -44.38 106.92
C ASP IB 61 -2.25 -45.85 107.29
N LYS IB 62 -2.34 -46.18 108.57
CA LYS IB 62 -2.33 -47.58 108.96
C LYS IB 62 -3.58 -48.30 108.46
N GLU IB 63 -4.73 -47.63 108.48
CA GLU IB 63 -5.98 -48.27 108.13
C GLU IB 63 -5.96 -48.71 106.67
N LEU IB 64 -5.42 -47.88 105.79
CA LEU IB 64 -5.34 -48.30 104.38
C LEU IB 64 -4.58 -49.62 104.23
N VAL IB 65 -3.43 -49.73 104.88
CA VAL IB 65 -2.69 -50.98 104.84
C VAL IB 65 -3.54 -52.12 105.38
N GLN IB 66 -4.27 -51.86 106.46
CA GLN IB 66 -5.05 -52.92 107.08
C GLN IB 66 -6.11 -53.44 106.11
N LEU IB 67 -6.83 -52.53 105.45
CA LEU IB 67 -7.84 -52.99 104.50
C LEU IB 67 -7.20 -53.68 103.30
N LYS IB 68 -6.04 -53.22 102.83
CA LYS IB 68 -5.44 -53.89 101.68
C LYS IB 68 -5.04 -55.32 102.00
N ARG IB 69 -4.43 -55.55 103.16
CA ARG IB 69 -4.13 -56.93 103.54
C ARG IB 69 -5.41 -57.73 103.76
N GLU IB 70 -6.41 -57.10 104.36
CA GLU IB 70 -7.66 -57.80 104.65
C GLU IB 70 -8.32 -58.25 103.34
N ALA IB 71 -8.37 -57.37 102.35
CA ALA IB 71 -8.96 -57.75 101.08
C ALA IB 71 -8.15 -58.82 100.38
N ARG IB 72 -6.81 -58.73 100.43
CA ARG IB 72 -6.00 -59.77 99.82
C ARG IB 72 -6.24 -61.13 100.46
N MET IB 73 -6.22 -61.20 101.80
CA MET IB 73 -6.44 -62.47 102.47
C MET IB 73 -7.85 -63.00 102.21
N LYS IB 74 -8.83 -62.11 102.06
CA LYS IB 74 -10.17 -62.54 101.74
C LYS IB 74 -10.31 -62.97 100.28
N GLY IB 75 -9.35 -62.61 99.43
CA GLY IB 75 -9.23 -63.17 98.09
C GLY IB 75 -9.19 -62.13 96.99
N GLY IB 76 -10.06 -61.14 97.05
CA GLY IB 76 -10.09 -60.10 96.03
C GLY IB 76 -9.04 -59.04 96.27
N PHE IB 77 -9.38 -57.77 96.07
CA PHE IB 77 -8.44 -56.72 96.35
C PHE IB 77 -9.17 -55.41 96.62
N TYR IB 78 -8.52 -54.56 97.41
CA TYR IB 78 -9.05 -53.26 97.78
C TYR IB 78 -8.55 -52.23 96.79
N VAL IB 79 -9.40 -51.26 96.46
CA VAL IB 79 -9.07 -50.22 95.50
C VAL IB 79 -9.02 -48.89 96.24
N SER IB 80 -7.87 -48.26 96.23
CA SER IB 80 -7.68 -47.09 97.08
C SER IB 80 -8.61 -45.97 96.63
N PRO IB 81 -9.17 -45.20 97.56
CA PRO IB 81 -10.12 -44.15 97.19
C PRO IB 81 -9.37 -42.91 96.71
N GLU IB 82 -9.62 -42.54 95.45
CA GLU IB 82 -8.71 -41.68 94.71
C GLU IB 82 -8.45 -40.37 95.42
N ALA IB 83 -7.40 -39.69 94.99
CA ALA IB 83 -6.98 -38.45 95.65
C ALA IB 83 -8.03 -37.37 95.49
N LYS IB 84 -8.33 -36.70 96.58
CA LYS IB 84 -9.31 -35.63 96.58
C LYS IB 84 -8.70 -34.29 96.19
N LEU IB 85 -7.38 -34.21 96.11
CA LEU IB 85 -6.69 -32.94 96.00
C LEU IB 85 -5.48 -33.08 95.09
N LEU IB 86 -5.25 -32.05 94.28
CA LEU IB 86 -4.15 -31.98 93.34
C LEU IB 86 -3.27 -30.79 93.64
N PHE IB 87 -1.98 -30.95 93.45
CA PHE IB 87 -1.06 -29.83 93.41
C PHE IB 87 -0.67 -29.62 91.96
N VAL IB 88 -0.90 -28.40 91.46
CA VAL IB 88 -0.74 -28.04 90.06
C VAL IB 88 0.26 -26.90 90.00
N VAL IB 89 1.34 -27.10 89.24
CA VAL IB 89 2.38 -26.08 89.11
C VAL IB 89 2.61 -25.83 87.63
N ARG IB 90 2.66 -24.57 87.24
CA ARG IB 90 2.75 -24.20 85.83
C ARG IB 90 4.18 -24.29 85.32
N ILE IB 91 4.38 -24.91 84.16
CA ILE IB 91 5.70 -25.16 83.63
C ILE IB 91 5.87 -24.63 82.21
N ARG IB 92 5.23 -23.53 81.85
CA ARG IB 92 5.54 -22.89 80.59
C ARG IB 92 5.39 -21.39 80.74
N GLY IB 93 6.18 -20.65 79.98
CA GLY IB 93 6.17 -19.21 80.07
C GLY IB 93 4.87 -18.63 79.57
N ILE IB 94 4.71 -17.32 79.77
CA ILE IB 94 3.46 -16.65 79.47
C ILE IB 94 3.41 -16.14 78.04
N ASN IB 95 4.28 -16.63 77.17
CA ASN IB 95 4.36 -16.13 75.80
C ASN IB 95 3.84 -17.15 74.81
N ALA IB 96 3.03 -16.66 73.87
CA ALA IB 96 2.42 -17.46 72.80
C ALA IB 96 1.49 -18.52 73.36
N MET IB 97 0.48 -18.06 74.11
CA MET IB 97 -0.52 -18.94 74.67
C MET IB 97 -1.86 -18.71 73.98
N HIS IB 98 -2.63 -19.75 73.88
CA HIS IB 98 -3.95 -19.65 73.29
C HIS IB 98 -4.87 -18.94 74.29
N PRO IB 99 -5.71 -18.00 73.85
CA PRO IB 99 -6.43 -17.17 74.83
C PRO IB 99 -7.34 -17.93 75.77
N LYS IB 100 -8.01 -18.98 75.28
CA LYS IB 100 -8.70 -19.89 76.18
C LYS IB 100 -7.77 -20.37 77.29
N THR IB 101 -6.59 -20.84 76.90
CA THR IB 101 -5.60 -21.25 77.90
C THR IB 101 -5.28 -20.11 78.86
N LYS IB 102 -5.19 -18.89 78.36
CA LYS IB 102 -4.91 -17.77 79.26
C LYS IB 102 -6.00 -17.59 80.28
N LYS IB 103 -7.26 -17.71 79.87
CA LYS IB 103 -8.33 -17.55 80.83
C LYS IB 103 -8.37 -18.71 81.81
N ILE IB 104 -8.18 -19.93 81.32
CA ILE IB 104 -8.18 -21.08 82.23
C ILE IB 104 -7.09 -20.93 83.28
N LEU IB 105 -5.91 -20.49 82.87
CA LEU IB 105 -4.88 -20.30 83.86
C LEU IB 105 -5.15 -19.11 84.77
N GLN IB 106 -5.85 -18.07 84.30
CA GLN IB 106 -6.22 -17.01 85.23
C GLN IB 106 -7.22 -17.48 86.26
N LEU IB 107 -8.03 -18.49 85.94
CA LEU IB 107 -8.94 -19.02 86.95
C LEU IB 107 -8.26 -20.01 87.87
N LEU IB 108 -7.45 -20.93 87.32
CA LEU IB 108 -6.62 -21.78 88.17
C LEU IB 108 -5.56 -21.02 88.93
N ARG IB 109 -5.44 -19.71 88.71
CA ARG IB 109 -4.58 -18.83 89.49
C ARG IB 109 -3.10 -19.08 89.21
N LEU IB 110 -2.79 -19.68 88.07
CA LEU IB 110 -1.43 -19.96 87.66
C LEU IB 110 -1.03 -18.88 86.65
N ARG IB 111 -0.68 -17.70 87.15
CA ARG IB 111 -0.50 -16.55 86.29
C ARG IB 111 0.96 -16.20 86.07
N GLN IB 112 1.87 -17.09 86.46
CA GLN IB 112 3.28 -16.84 86.30
C GLN IB 112 3.99 -18.18 86.42
N ILE IB 113 5.05 -18.38 85.63
CA ILE IB 113 5.66 -19.70 85.59
C ILE IB 113 6.16 -20.07 86.97
N PHE IB 114 6.08 -21.37 87.29
CA PHE IB 114 6.39 -21.90 88.61
C PHE IB 114 5.55 -21.22 89.69
N ASN IB 115 4.25 -21.28 89.49
CA ASN IB 115 3.31 -21.15 90.59
C ASN IB 115 2.66 -22.51 90.83
N GLY IB 116 2.33 -22.77 92.08
CA GLY IB 116 1.78 -24.05 92.45
C GLY IB 116 0.60 -23.89 93.37
N VAL IB 117 -0.54 -24.41 92.97
CA VAL IB 117 -1.81 -24.16 93.61
C VAL IB 117 -2.44 -25.50 94.00
N PHE IB 118 -3.28 -25.45 95.02
CA PHE IB 118 -3.99 -26.62 95.52
C PHE IB 118 -5.39 -26.62 94.94
N LEU IB 119 -5.83 -27.75 94.40
CA LEU IB 119 -7.09 -27.84 93.68
C LEU IB 119 -7.90 -29.03 94.14
N LYS IB 120 -9.21 -28.83 94.33
CA LYS IB 120 -10.09 -29.95 94.52
C LYS IB 120 -10.15 -30.78 93.26
N VAL IB 121 -10.33 -32.08 93.42
CA VAL IB 121 -10.63 -32.95 92.29
C VAL IB 121 -12.14 -33.04 92.19
N ASN IB 122 -12.70 -32.48 91.13
CA ASN IB 122 -14.08 -32.67 90.76
C ASN IB 122 -14.11 -32.58 89.25
N LYS IB 123 -15.24 -32.96 88.65
CA LYS IB 123 -15.19 -33.14 87.21
C LYS IB 123 -14.95 -31.84 86.48
N ALA IB 124 -15.52 -30.74 86.98
CA ALA IB 124 -15.30 -29.43 86.37
C ALA IB 124 -13.83 -29.06 86.39
N THR IB 125 -13.18 -29.26 87.52
CA THR IB 125 -11.77 -28.89 87.62
C THR IB 125 -10.89 -29.80 86.79
N ILE IB 126 -11.11 -31.11 86.82
CA ILE IB 126 -10.19 -31.99 86.10
C ILE IB 126 -10.37 -31.85 84.60
N ASN IB 127 -11.59 -31.55 84.13
CA ASN IB 127 -11.74 -31.24 82.71
C ASN IB 127 -11.33 -29.82 82.37
N MET IB 128 -11.11 -28.96 83.36
CA MET IB 128 -10.45 -27.70 83.10
C MET IB 128 -8.94 -27.85 83.02
N LEU IB 129 -8.39 -28.84 83.74
CA LEU IB 129 -6.95 -29.16 83.63
C LEU IB 129 -6.65 -29.85 82.31
N ARG IB 130 -7.57 -30.69 81.84
CA ARG IB 130 -7.36 -31.36 80.58
C ARG IB 130 -7.15 -30.39 79.43
N ARG IB 131 -7.62 -29.15 79.59
CA ARG IB 131 -7.51 -28.16 78.53
C ARG IB 131 -6.15 -27.48 78.52
N VAL IB 132 -5.54 -27.30 79.68
CA VAL IB 132 -4.24 -26.63 79.79
C VAL IB 132 -3.17 -27.63 80.18
N GLU IB 133 -3.39 -28.91 79.91
CA GLU IB 133 -2.45 -29.93 80.35
C GLU IB 133 -1.02 -29.73 79.87
N PRO IB 134 -0.75 -29.33 78.62
CA PRO IB 134 0.66 -29.12 78.23
C PRO IB 134 1.33 -28.01 78.99
N TYR IB 135 0.59 -27.21 79.75
CA TYR IB 135 1.12 -26.08 80.49
C TYR IB 135 1.31 -26.35 81.97
N VAL IB 136 0.80 -27.45 82.51
CA VAL IB 136 0.84 -27.68 83.94
C VAL IB 136 1.44 -29.04 84.25
N ALA IB 137 1.98 -29.17 85.45
CA ALA IB 137 2.40 -30.43 86.01
C ALA IB 137 1.69 -30.61 87.33
N TYR IB 138 0.98 -31.72 87.49
CA TYR IB 138 0.14 -31.82 88.67
C TYR IB 138 0.04 -33.26 89.12
N GLY IB 139 -0.37 -33.41 90.38
CA GLY IB 139 -0.46 -34.73 90.97
C GLY IB 139 -1.06 -34.69 92.36
N TYR IB 140 -0.75 -35.68 93.20
CA TYR IB 140 -1.40 -35.82 94.51
C TYR IB 140 -0.40 -35.58 95.62
N PRO IB 141 -0.39 -34.43 96.25
CA PRO IB 141 0.58 -34.18 97.32
C PRO IB 141 0.30 -35.03 98.54
N ASN IB 142 1.36 -35.37 99.26
CA ASN IB 142 1.26 -36.12 100.50
C ASN IB 142 1.47 -35.19 101.68
N LEU IB 143 1.50 -35.76 102.87
CA LEU IB 143 1.44 -34.93 104.08
C LEU IB 143 2.65 -34.03 104.18
N LYS IB 144 3.86 -34.58 103.96
CA LYS IB 144 5.04 -33.73 104.05
C LYS IB 144 4.98 -32.61 103.04
N SER IB 145 4.58 -32.91 101.81
CA SER IB 145 4.46 -31.87 100.80
C SER IB 145 3.56 -30.75 101.29
N VAL IB 146 2.36 -31.09 101.76
CA VAL IB 146 1.42 -30.03 102.10
C VAL IB 146 1.94 -29.22 103.27
N ARG IB 147 2.43 -29.89 104.31
CA ARG IB 147 2.87 -29.16 105.49
C ARG IB 147 4.07 -28.29 105.20
N GLU IB 148 5.08 -28.81 104.50
CA GLU IB 148 6.27 -27.99 104.34
C GLU IB 148 6.06 -26.90 103.30
N LEU IB 149 5.20 -27.09 102.30
CA LEU IB 149 4.83 -25.93 101.49
C LEU IB 149 4.14 -24.88 102.33
N ILE IB 150 3.20 -25.27 103.18
CA ILE IB 150 2.43 -24.23 103.85
C ILE IB 150 3.27 -23.50 104.89
N TYR IB 151 4.23 -24.19 105.51
CA TYR IB 151 5.20 -23.48 106.36
C TYR IB 151 6.19 -22.68 105.54
N LYS IB 152 7.02 -23.36 104.77
CA LYS IB 152 8.19 -22.74 104.17
C LYS IB 152 7.83 -21.71 103.10
N ARG IB 153 6.65 -21.82 102.49
CA ARG IB 153 6.28 -20.89 101.44
C ARG IB 153 4.83 -20.46 101.60
N GLY IB 154 4.41 -20.23 102.84
CA GLY IB 154 3.04 -19.90 103.09
C GLY IB 154 2.74 -18.42 103.18
N TYR IB 155 1.90 -17.95 102.27
CA TYR IB 155 1.50 -16.57 102.22
C TYR IB 155 -0.01 -16.48 102.08
N GLY IB 156 -0.58 -15.46 102.68
CA GLY IB 156 -2.02 -15.33 102.79
C GLY IB 156 -2.55 -14.11 102.05
N LYS IB 157 -3.65 -14.31 101.33
CA LYS IB 157 -4.40 -13.25 100.68
C LYS IB 157 -5.26 -12.55 101.72
N LEU IB 158 -4.62 -11.63 102.44
CA LEU IB 158 -5.28 -10.86 103.48
C LEU IB 158 -5.45 -9.43 102.97
N ASN IB 159 -6.69 -8.97 102.86
CA ASN IB 159 -6.99 -7.64 102.34
C ASN IB 159 -6.40 -7.44 100.94
N LYS IB 160 -6.37 -8.53 100.17
CA LYS IB 160 -5.78 -8.58 98.84
C LYS IB 160 -4.27 -8.44 98.92
N GLN IB 161 -3.76 -8.15 100.11
CA GLN IB 161 -2.32 -8.05 100.36
C GLN IB 161 -1.80 -9.43 100.70
N ARG IB 162 -0.51 -9.64 100.48
CA ARG IB 162 0.11 -10.92 100.74
C ARG IB 162 0.85 -10.85 102.06
N ILE IB 163 0.53 -11.74 102.98
CA ILE IB 163 1.10 -11.74 104.32
C ILE IB 163 1.91 -13.00 104.52
N PRO IB 164 3.15 -12.92 105.00
CA PRO IB 164 3.92 -14.13 105.28
C PRO IB 164 3.44 -14.80 106.55
N LEU IB 165 2.76 -15.94 106.42
CA LEU IB 165 2.24 -16.62 107.60
C LEU IB 165 3.38 -17.14 108.45
N ALA IB 166 4.06 -16.20 109.12
CA ALA IB 166 5.14 -16.53 110.03
C ALA IB 166 4.65 -16.74 111.45
N ASN IB 167 3.35 -16.62 111.69
CA ASN IB 167 2.79 -16.84 113.02
C ASN IB 167 1.35 -17.31 112.88
N ASN IB 168 0.82 -17.83 113.98
CA ASN IB 168 -0.57 -18.28 114.00
C ASN IB 168 -1.56 -17.13 113.93
N LYS IB 169 -1.12 -15.91 114.15
CA LYS IB 169 -2.08 -14.81 114.28
C LYS IB 169 -2.81 -14.56 112.97
N VAL IB 170 -2.09 -14.56 111.85
CA VAL IB 170 -2.67 -14.15 110.57
C VAL IB 170 -3.81 -15.08 110.16
N ILE IB 171 -3.72 -16.36 110.52
CA ILE IB 171 -4.85 -17.26 110.33
C ILE IB 171 -6.08 -16.73 111.05
N GLU IB 172 -5.91 -16.23 112.27
CA GLU IB 172 -7.04 -15.77 113.05
C GLU IB 172 -7.84 -14.68 112.34
N GLU IB 173 -7.16 -13.84 111.55
CA GLU IB 173 -7.92 -12.83 110.82
C GLU IB 173 -8.44 -13.36 109.50
N GLY IB 174 -7.56 -13.93 108.68
CA GLY IB 174 -8.02 -14.39 107.37
C GLY IB 174 -9.14 -15.40 107.47
N LEU IB 175 -8.97 -16.37 108.35
CA LEU IB 175 -9.90 -17.45 108.64
C LEU IB 175 -10.37 -17.31 110.09
N GLY IB 176 -10.96 -18.37 110.62
CA GLY IB 176 -11.45 -18.41 111.98
C GLY IB 176 -12.94 -18.26 112.08
N LYS IB 177 -13.54 -17.50 111.17
CA LYS IB 177 -14.97 -17.61 110.96
C LYS IB 177 -15.30 -19.01 110.47
N HIS IB 178 -14.30 -19.72 109.97
CA HIS IB 178 -14.44 -21.05 109.38
C HIS IB 178 -13.85 -22.12 110.28
N ASN IB 179 -13.61 -21.79 111.56
CA ASN IB 179 -13.12 -22.73 112.56
C ASN IB 179 -11.73 -23.25 112.24
N ILE IB 180 -10.89 -22.43 111.62
CA ILE IB 180 -9.48 -22.73 111.43
C ILE IB 180 -8.70 -21.71 112.24
N ILE IB 181 -7.93 -22.20 113.21
CA ILE IB 181 -7.25 -21.29 114.13
C ILE IB 181 -5.75 -21.37 113.90
N CYS IB 182 -5.26 -22.53 113.50
CA CYS IB 182 -3.82 -22.73 113.48
C CYS IB 182 -3.34 -23.16 112.11
N ILE IB 183 -2.01 -23.15 111.96
CA ILE IB 183 -1.40 -23.61 110.72
C ILE IB 183 -1.66 -25.09 110.54
N GLU IB 184 -1.71 -25.87 111.62
CA GLU IB 184 -2.04 -27.27 111.48
C GLU IB 184 -3.50 -27.49 111.18
N ASP IB 185 -4.39 -26.66 111.70
CA ASP IB 185 -5.78 -26.72 111.26
C ASP IB 185 -5.88 -26.47 109.76
N LEU IB 186 -5.15 -25.48 109.26
CA LEU IB 186 -5.19 -25.17 107.85
C LEU IB 186 -4.62 -26.31 107.01
N VAL IB 187 -3.48 -26.86 107.42
CA VAL IB 187 -2.87 -27.96 106.69
C VAL IB 187 -3.81 -29.15 106.64
N HIS IB 188 -4.40 -29.51 107.78
CA HIS IB 188 -5.37 -30.60 107.78
C HIS IB 188 -6.51 -30.30 106.84
N GLU IB 189 -7.10 -29.13 106.97
CA GLU IB 189 -8.37 -28.95 106.31
C GLU IB 189 -8.15 -28.86 104.81
N ILE IB 190 -6.95 -28.52 104.36
CA ILE IB 190 -6.60 -28.73 102.95
C ILE IB 190 -6.42 -30.20 102.66
N LEU IB 191 -5.46 -30.85 103.34
CA LEU IB 191 -5.04 -32.20 102.94
C LEU IB 191 -6.19 -33.18 102.94
N THR IB 192 -6.93 -33.27 104.03
CA THR IB 192 -8.18 -34.02 104.02
C THR IB 192 -9.27 -33.04 103.62
N VAL IB 193 -9.52 -32.97 102.32
CA VAL IB 193 -10.24 -31.85 101.72
C VAL IB 193 -11.56 -31.63 102.45
N GLY IB 194 -11.66 -30.51 103.14
CA GLY IB 194 -12.71 -30.31 104.10
C GLY IB 194 -13.86 -29.49 103.56
N PRO IB 195 -14.88 -29.32 104.38
CA PRO IB 195 -16.02 -28.50 103.97
C PRO IB 195 -15.65 -27.06 103.65
N HIS IB 196 -14.69 -26.49 104.38
CA HIS IB 196 -14.29 -25.10 104.19
C HIS IB 196 -13.04 -24.96 103.34
N PHE IB 197 -12.81 -25.92 102.43
CA PHE IB 197 -11.57 -25.90 101.66
C PHE IB 197 -11.59 -24.79 100.63
N LYS IB 198 -12.77 -24.44 100.09
CA LYS IB 198 -12.89 -23.26 99.25
C LYS IB 198 -12.30 -22.03 99.93
N GLU IB 199 -12.70 -21.78 101.17
CA GLU IB 199 -12.24 -20.56 101.83
C GLU IB 199 -10.81 -20.68 102.30
N ALA IB 200 -10.42 -21.85 102.81
CA ALA IB 200 -9.06 -22.05 103.27
C ALA IB 200 -8.07 -22.18 102.14
N ASN IB 201 -8.53 -22.23 100.89
CA ASN IB 201 -7.63 -22.20 99.75
C ASN IB 201 -7.63 -20.85 99.05
N ASN IB 202 -8.78 -20.20 98.90
CA ASN IB 202 -8.78 -18.84 98.41
C ASN IB 202 -8.12 -17.87 99.38
N PHE IB 203 -7.93 -18.28 100.64
CA PHE IB 203 -7.10 -17.49 101.53
C PHE IB 203 -5.64 -17.53 101.11
N LEU IB 204 -5.14 -18.71 100.72
CA LEU IB 204 -3.73 -18.87 100.42
C LEU IB 204 -3.34 -18.08 99.18
N TRP IB 205 -2.16 -17.74 99.10
CA TRP IB 205 -1.66 -17.11 97.89
C TRP IB 205 -1.02 -18.17 97.00
N PRO IB 206 -1.05 -18.01 95.68
CA PRO IB 206 -0.47 -19.03 94.80
C PRO IB 206 1.01 -19.21 95.09
N PHE IB 207 1.38 -20.40 95.55
CA PHE IB 207 2.71 -20.58 96.10
C PHE IB 207 3.75 -20.22 95.05
N LYS IB 208 4.77 -19.48 95.46
CA LYS IB 208 5.88 -19.13 94.59
C LYS IB 208 6.94 -20.20 94.75
N LEU IB 209 7.22 -20.94 93.71
CA LEU IB 209 8.22 -21.99 93.87
C LEU IB 209 9.55 -21.57 93.29
N LYS IB 210 10.60 -22.24 93.79
CA LYS IB 210 11.91 -22.19 93.20
C LYS IB 210 11.91 -22.95 91.87
N ALA IB 211 12.91 -22.69 91.06
CA ALA IB 211 13.11 -23.51 89.87
C ALA IB 211 13.60 -24.89 90.28
N PRO IB 212 13.26 -25.91 89.54
CA PRO IB 212 13.47 -27.27 90.04
C PRO IB 212 14.94 -27.65 90.16
N LEU IB 213 15.45 -27.72 91.39
CA LEU IB 213 16.83 -28.14 91.59
C LEU IB 213 17.02 -29.54 91.04
N GLY IB 214 18.22 -29.81 90.56
CA GLY IB 214 18.44 -31.03 89.84
C GLY IB 214 17.97 -30.96 88.41
N GLY IB 215 17.40 -29.84 88.01
CA GLY IB 215 16.99 -29.65 86.64
C GLY IB 215 15.54 -29.98 86.42
N LEU IB 216 15.28 -30.48 85.22
CA LEU IB 216 13.96 -30.91 84.83
C LEU IB 216 14.15 -31.83 83.63
N LYS IB 217 13.08 -32.51 83.23
CA LYS IB 217 13.09 -33.21 81.97
C LYS IB 217 12.55 -32.25 80.92
N LYS IB 218 12.32 -32.70 79.70
CA LYS IB 218 11.74 -31.83 78.68
C LYS IB 218 10.36 -31.37 79.13
N LYS IB 219 10.06 -30.09 78.99
CA LYS IB 219 8.73 -29.65 79.35
C LYS IB 219 7.76 -29.74 78.19
N ARG IB 220 8.17 -30.26 77.05
CA ARG IB 220 7.31 -30.21 75.89
C ARG IB 220 6.41 -31.43 75.79
N ASN IB 221 6.83 -32.55 76.35
CA ASN IB 221 6.08 -33.79 76.26
C ASN IB 221 5.30 -34.03 77.54
N HIS IB 222 4.29 -34.88 77.45
CA HIS IB 222 3.61 -35.33 78.63
C HIS IB 222 4.50 -36.26 79.42
N TYR IB 223 4.19 -36.43 80.71
CA TYR IB 223 5.09 -37.21 81.52
C TYR IB 223 5.20 -38.62 80.98
N VAL IB 224 4.08 -39.15 80.47
CA VAL IB 224 4.08 -40.50 79.93
C VAL IB 224 5.02 -40.60 78.74
N GLU IB 225 5.13 -39.54 77.96
CA GLU IB 225 6.03 -39.57 76.82
C GLU IB 225 7.46 -39.21 77.21
N GLY IB 226 7.66 -38.72 78.43
CA GLY IB 226 8.99 -38.52 78.95
C GLY IB 226 9.17 -37.13 79.55
N GLY IB 227 8.18 -36.27 79.32
CA GLY IB 227 8.32 -34.87 79.63
C GLY IB 227 8.05 -34.50 81.07
N ASP IB 228 7.20 -33.50 81.30
CA ASP IB 228 6.81 -33.17 82.66
C ASP IB 228 5.34 -32.85 82.85
N ALA IB 229 4.59 -32.54 81.80
CA ALA IB 229 3.24 -32.04 81.98
C ALA IB 229 2.27 -33.15 82.36
N GLY IB 230 1.13 -32.76 82.90
CA GLY IB 230 0.10 -33.71 83.24
C GLY IB 230 0.36 -34.46 84.52
N ASN IB 231 -0.52 -35.42 84.81
CA ASN IB 231 -0.36 -36.25 86.00
C ASN IB 231 0.97 -36.97 86.05
N ARG IB 232 1.57 -36.91 87.22
CA ARG IB 232 2.69 -37.71 87.67
C ARG IB 232 2.34 -38.30 89.01
N GLU IB 233 1.20 -38.99 89.04
CA GLU IB 233 0.23 -38.92 90.11
C GLU IB 233 0.86 -38.71 91.48
N ASN IB 234 1.79 -39.57 91.87
CA ASN IB 234 2.47 -39.40 93.14
C ASN IB 234 3.72 -38.57 93.01
N TYR IB 235 4.36 -38.58 91.85
CA TYR IB 235 5.69 -38.01 91.71
C TYR IB 235 5.72 -36.51 91.83
N ILE IB 236 4.56 -35.85 91.88
CA ILE IB 236 4.56 -34.46 92.33
C ILE IB 236 5.17 -34.37 93.72
N ASN IB 237 5.13 -35.47 94.48
CA ASN IB 237 5.89 -35.53 95.73
C ASN IB 237 7.38 -35.44 95.46
N GLN IB 238 7.91 -36.35 94.64
CA GLN IB 238 9.34 -36.32 94.34
C GLN IB 238 9.76 -35.03 93.67
N LEU IB 239 8.82 -34.28 93.11
CA LEU IB 239 9.13 -33.00 92.50
C LEU IB 239 9.08 -31.83 93.45
N VAL IB 240 8.11 -31.76 94.36
CA VAL IB 240 8.05 -30.57 95.20
C VAL IB 240 9.31 -30.45 96.04
N ARG IB 241 9.94 -31.57 96.36
CA ARG IB 241 11.19 -31.53 97.14
C ARG IB 241 12.27 -30.80 96.39
N ARG IB 242 12.19 -30.75 95.06
CA ARG IB 242 13.15 -30.03 94.25
C ARG IB 242 12.62 -28.68 93.77
N MET IB 243 11.32 -28.43 93.85
CA MET IB 243 10.79 -27.09 93.68
C MET IB 243 10.75 -26.34 95.00
N ASN IB 244 11.43 -26.85 96.01
CA ASN IB 244 11.28 -26.32 97.35
C ASN IB 244 12.36 -26.81 98.31
N SER JB 2 27.81 -16.22 29.20
CA SER JB 2 28.65 -15.29 28.48
C SER JB 2 30.03 -15.88 28.36
N HIS JB 3 30.09 -17.04 27.75
CA HIS JB 3 31.34 -17.66 27.35
C HIS JB 3 32.07 -16.79 26.34
N ARG JB 4 33.30 -17.19 26.02
CA ARG JB 4 34.04 -16.52 24.97
C ARG JB 4 33.56 -17.02 23.61
N LYS JB 5 33.24 -16.08 22.72
CA LYS JB 5 32.82 -16.46 21.38
C LYS JB 5 33.89 -17.30 20.69
N PHE JB 6 35.15 -16.88 20.82
CA PHE JB 6 36.28 -17.56 20.22
C PHE JB 6 37.40 -17.65 21.23
N GLU JB 7 38.09 -18.78 21.25
CA GLU JB 7 39.23 -18.96 22.13
C GLU JB 7 40.51 -18.55 21.44
N HIS JB 8 41.56 -18.37 22.23
CA HIS JB 8 42.92 -18.26 21.73
C HIS JB 8 43.87 -18.44 22.90
N PRO JB 9 45.03 -19.05 22.69
CA PRO JB 9 45.89 -19.37 23.82
C PRO JB 9 46.35 -18.12 24.54
N ARG JB 10 46.64 -18.28 25.82
CA ARG JB 10 46.98 -17.16 26.67
C ARG JB 10 48.21 -16.42 26.16
N HIS JB 11 48.21 -15.09 26.30
CA HIS JB 11 49.39 -14.26 26.07
C HIS JB 11 50.27 -14.19 27.30
N GLY JB 12 51.56 -14.37 27.10
CA GLY JB 12 52.49 -14.34 28.21
C GLY JB 12 52.43 -15.61 29.01
N SER JB 13 53.55 -15.99 29.62
CA SER JB 13 53.61 -17.17 30.46
C SER JB 13 53.49 -16.74 31.90
N LEU JB 14 52.67 -17.47 32.66
CA LEU JB 14 52.59 -17.24 34.09
C LEU JB 14 53.70 -17.94 34.85
N GLY JB 15 54.46 -18.82 34.20
CA GLY JB 15 55.56 -19.53 34.81
C GLY JB 15 56.83 -18.74 34.96
N PHE JB 16 56.79 -17.44 34.63
CA PHE JB 16 57.92 -16.54 34.70
C PHE JB 16 57.54 -15.25 35.40
N LEU JB 17 56.73 -15.33 36.43
CA LEU JB 17 56.37 -14.16 37.22
C LEU JB 17 57.02 -14.22 38.59
N PRO JB 18 57.19 -13.07 39.26
CA PRO JB 18 56.92 -11.71 38.80
C PRO JB 18 57.98 -11.25 37.83
N ARG JB 19 57.74 -10.16 37.12
CA ARG JB 19 58.77 -9.57 36.27
C ARG JB 19 59.19 -8.25 36.88
N LYS JB 20 60.19 -8.31 37.75
CA LYS JB 20 60.82 -7.16 38.37
C LYS JB 20 62.26 -7.09 37.90
N ARG JB 21 63.01 -6.06 38.31
CA ARG JB 21 64.44 -6.14 38.10
C ARG JB 21 64.92 -7.40 38.80
N CYS JB 22 65.85 -8.11 38.19
CA CYS JB 22 66.50 -9.16 38.94
C CYS JB 22 67.22 -8.56 40.14
N SER JB 23 67.12 -9.22 41.28
CA SER JB 23 67.80 -8.75 42.48
C SER JB 23 69.28 -9.09 42.47
N ARG JB 24 69.81 -9.59 41.36
CA ARG JB 24 71.20 -10.03 41.27
C ARG JB 24 71.73 -9.69 39.90
N HIS JB 25 72.87 -9.03 39.83
CA HIS JB 25 73.49 -8.85 38.52
C HIS JB 25 74.13 -10.15 38.03
N ARG JB 26 74.84 -10.85 38.88
CA ARG JB 26 75.39 -12.12 38.46
C ARG JB 26 74.25 -13.12 38.32
N GLY JB 27 74.32 -13.96 37.30
CA GLY JB 27 73.33 -15.00 37.18
C GLY JB 27 73.56 -16.11 38.18
N LYS JB 28 72.72 -16.20 39.19
CA LYS JB 28 72.88 -17.23 40.21
C LYS JB 28 72.43 -18.57 39.67
N VAL JB 29 73.08 -19.63 40.11
CA VAL JB 29 72.63 -20.99 39.82
C VAL JB 29 71.66 -21.40 40.90
N LYS JB 30 70.53 -21.96 40.51
CA LYS JB 30 69.53 -22.39 41.46
C LYS JB 30 69.52 -23.89 41.68
N SER JB 31 70.37 -24.63 40.98
CA SER JB 31 70.44 -26.07 41.12
C SER JB 31 71.65 -26.58 40.37
N PHE JB 32 72.37 -27.50 40.97
CA PHE JB 32 73.56 -28.06 40.37
C PHE JB 32 73.33 -29.50 39.96
N PRO JB 33 74.07 -30.02 39.00
CA PRO JB 33 73.90 -31.41 38.61
C PRO JB 33 74.11 -32.32 39.81
N LYS JB 34 73.34 -33.42 39.86
CA LYS JB 34 73.42 -34.30 41.01
C LYS JB 34 74.79 -34.94 41.11
N ASP JB 35 75.17 -35.26 42.34
CA ASP JB 35 76.46 -35.88 42.61
C ASP JB 35 76.43 -37.35 42.20
N ASP JB 36 77.53 -37.80 41.59
CA ASP JB 36 77.73 -39.21 41.26
C ASP JB 36 79.11 -39.57 41.79
N GLN JB 37 79.16 -40.19 42.97
CA GLN JB 37 80.44 -40.34 43.65
C GLN JB 37 81.44 -41.16 42.86
N GLN JB 38 81.00 -41.98 41.90
CA GLN JB 38 81.92 -42.84 41.19
C GLN JB 38 82.73 -42.09 40.13
N LYS JB 39 82.17 -41.05 39.52
CA LYS JB 39 82.95 -40.28 38.57
C LYS JB 39 84.04 -39.51 39.31
N PRO JB 40 85.18 -39.28 38.68
CA PRO JB 40 86.25 -38.54 39.35
C PRO JB 40 85.85 -37.09 39.58
N CYS JB 41 86.47 -36.50 40.58
CA CYS JB 41 86.05 -35.19 41.05
C CYS JB 41 86.26 -34.14 39.96
N HIS JB 42 85.25 -33.30 39.76
CA HIS JB 42 85.30 -32.25 38.75
C HIS JB 42 84.36 -31.13 39.16
N LEU JB 43 84.46 -30.02 38.42
CA LEU JB 43 83.63 -28.86 38.70
C LEU JB 43 82.31 -28.96 37.93
N THR JB 44 81.40 -28.01 38.18
CA THR JB 44 80.08 -28.08 37.55
C THR JB 44 79.54 -26.73 37.10
N ALA JB 45 80.38 -25.72 36.92
CA ALA JB 45 79.91 -24.43 36.45
C ALA JB 45 81.13 -23.62 36.08
N PHE JB 46 80.89 -22.39 35.62
CA PHE JB 46 82.04 -21.54 35.34
C PHE JB 46 81.44 -20.17 35.08
N LEU JB 47 82.26 -19.12 35.11
CA LEU JB 47 81.83 -17.77 34.74
C LEU JB 47 82.50 -17.35 33.44
N GLY JB 48 81.72 -16.92 32.46
CA GLY JB 48 82.23 -16.28 31.27
C GLY JB 48 81.63 -14.91 31.10
N TYR JB 49 82.01 -14.25 30.02
CA TYR JB 49 81.50 -12.93 29.70
C TYR JB 49 81.07 -12.91 28.25
N LYS JB 50 79.91 -12.32 27.98
CA LYS JB 50 79.32 -12.40 26.65
C LYS JB 50 80.02 -11.39 25.75
N ALA JB 51 80.82 -11.88 24.79
CA ALA JB 51 81.58 -11.01 23.91
C ALA JB 51 80.72 -10.51 22.76
N GLY JB 52 80.19 -11.43 21.97
CA GLY JB 52 79.37 -11.05 20.83
C GLY JB 52 79.01 -12.27 20.02
N MET JB 53 78.34 -12.01 18.90
CA MET JB 53 77.85 -13.09 18.06
C MET JB 53 78.51 -13.00 16.68
N THR JB 54 78.75 -14.17 16.10
CA THR JB 54 79.21 -14.30 14.72
C THR JB 54 78.47 -15.48 14.13
N HIS JB 55 78.93 -15.99 12.98
CA HIS JB 55 78.32 -17.19 12.44
C HIS JB 55 79.36 -18.10 11.79
N ILE JB 56 78.93 -19.33 11.55
CA ILE JB 56 79.73 -20.40 10.99
C ILE JB 56 79.00 -20.98 9.81
N VAL JB 57 79.68 -21.84 9.06
CA VAL JB 57 79.03 -22.80 8.19
C VAL JB 57 79.65 -24.16 8.46
N ARG JB 58 78.83 -25.13 8.79
CA ARG JB 58 79.33 -26.46 9.12
C ARG JB 58 78.75 -27.49 8.16
N GLU JB 59 79.30 -28.69 8.25
CA GLU JB 59 78.93 -29.79 7.38
C GLU JB 59 78.10 -30.76 8.21
N VAL JB 60 76.81 -30.80 7.97
CA VAL JB 60 75.91 -31.56 8.81
C VAL JB 60 76.10 -33.05 8.58
N GLU JB 61 76.04 -33.82 9.66
CA GLU JB 61 76.06 -35.27 9.60
C GLU JB 61 74.82 -35.78 10.31
N LYS JB 62 73.77 -36.06 9.54
CA LYS JB 62 72.47 -36.31 10.11
C LYS JB 62 71.62 -37.13 9.16
N PRO JB 63 71.79 -38.45 9.13
CA PRO JB 63 71.01 -39.27 8.20
C PRO JB 63 69.52 -39.11 8.42
N GLY JB 64 68.78 -38.98 7.31
CA GLY JB 64 67.35 -38.78 7.36
C GLY JB 64 66.92 -37.33 7.23
N SER JB 65 67.83 -36.38 7.43
CA SER JB 65 67.51 -34.98 7.26
C SER JB 65 67.87 -34.52 5.86
N LYS JB 66 67.19 -33.46 5.40
CA LYS JB 66 67.57 -32.87 4.14
C LYS JB 66 68.94 -32.23 4.22
N LEU JB 67 69.41 -31.93 5.42
CA LEU JB 67 70.67 -31.24 5.61
C LEU JB 67 71.86 -32.18 5.55
N HIS JB 68 71.64 -33.48 5.34
CA HIS JB 68 72.71 -34.44 5.43
C HIS JB 68 73.68 -34.25 4.26
N LYS JB 69 74.98 -34.24 4.57
CA LYS JB 69 76.06 -33.86 3.66
C LYS JB 69 75.87 -32.47 3.08
N LYS JB 70 75.20 -31.58 3.79
CA LYS JB 70 74.98 -30.23 3.28
C LYS JB 70 75.51 -29.22 4.28
N GLU JB 71 75.98 -28.09 3.79
CA GLU JB 71 76.52 -27.07 4.66
C GLU JB 71 75.40 -26.18 5.16
N THR JB 72 75.45 -25.85 6.44
CA THR JB 72 74.45 -25.00 7.05
C THR JB 72 75.13 -23.82 7.73
N CYS JB 73 74.47 -22.68 7.66
CA CYS JB 73 74.97 -21.44 8.24
C CYS JB 73 74.27 -21.21 9.57
N GLU JB 74 75.06 -21.03 10.63
CA GLU JB 74 74.49 -20.96 11.96
C GLU JB 74 75.07 -19.79 12.72
N ALA JB 75 74.22 -19.12 13.49
CA ALA JB 75 74.72 -18.13 14.42
C ALA JB 75 75.32 -18.83 15.63
N VAL JB 76 76.39 -18.24 16.16
CA VAL JB 76 77.01 -18.72 17.39
C VAL JB 76 77.42 -17.50 18.20
N THR JB 77 77.46 -17.69 19.52
CA THR JB 77 77.81 -16.62 20.44
C THR JB 77 79.13 -16.97 21.10
N ILE JB 78 79.96 -15.94 21.29
CA ILE JB 78 81.30 -16.05 21.85
C ILE JB 78 81.26 -15.64 23.32
N ILE JB 79 81.85 -16.46 24.17
CA ILE JB 79 81.97 -16.15 25.59
C ILE JB 79 83.45 -16.04 25.91
N GLU JB 80 83.95 -14.82 26.14
CA GLU JB 80 85.32 -14.69 26.60
C GLU JB 80 85.41 -15.08 28.06
N THR JB 81 86.37 -15.95 28.38
CA THR JB 81 86.21 -16.91 29.46
C THR JB 81 87.58 -17.15 30.10
N PRO JB 82 88.15 -16.13 30.75
CA PRO JB 82 89.46 -16.32 31.37
C PRO JB 82 89.36 -17.33 32.50
N PRO JB 83 90.46 -18.03 32.81
CA PRO JB 83 90.39 -19.06 33.85
C PRO JB 83 89.99 -18.48 35.20
N LEU JB 84 89.16 -19.23 35.92
CA LEU JB 84 88.84 -18.87 37.29
C LEU JB 84 90.01 -19.08 38.21
N VAL JB 85 89.98 -18.39 39.34
CA VAL JB 85 90.91 -18.61 40.45
C VAL JB 85 90.10 -19.13 41.63
N ILE JB 86 90.51 -20.26 42.18
CA ILE JB 86 89.81 -20.89 43.30
C ILE JB 86 90.40 -20.33 44.58
N VAL JB 87 89.60 -19.55 45.32
CA VAL JB 87 90.14 -18.86 46.49
C VAL JB 87 89.34 -19.17 47.74
N GLY JB 88 88.75 -20.35 47.80
CA GLY JB 88 87.95 -20.64 48.97
C GLY JB 88 87.48 -22.07 48.96
N LEU JB 89 86.67 -22.38 49.96
CA LEU JB 89 86.10 -23.72 50.06
C LEU JB 89 84.98 -23.71 51.07
N VAL JB 90 83.82 -24.25 50.72
CA VAL JB 90 82.65 -24.23 51.58
C VAL JB 90 82.13 -25.65 51.74
N ALA JB 91 81.61 -25.96 52.92
CA ALA JB 91 80.94 -27.24 53.12
C ALA JB 91 79.47 -26.99 53.43
N TYR JB 92 78.62 -27.87 52.94
CA TYR JB 92 77.19 -27.78 53.18
C TYR JB 92 76.71 -29.07 53.82
N VAL JB 93 75.95 -28.95 54.90
CA VAL JB 93 75.50 -30.11 55.65
C VAL JB 93 73.97 -30.08 55.71
N LYS JB 94 73.35 -31.24 55.51
CA LYS JB 94 71.91 -31.29 55.33
C LYS JB 94 71.19 -31.36 56.67
N THR JB 95 70.11 -30.60 56.79
CA THR JB 95 69.34 -30.48 58.00
C THR JB 95 67.90 -30.89 57.72
N PRO JB 96 67.02 -30.96 58.72
CA PRO JB 96 65.59 -31.04 58.42
C PRO JB 96 65.04 -29.81 57.74
N ARG JB 97 65.74 -28.68 57.79
CA ARG JB 97 65.29 -27.50 57.06
C ARG JB 97 65.75 -27.54 55.61
N GLY JB 98 67.00 -27.85 55.36
CA GLY JB 98 67.55 -27.70 54.04
C GLY JB 98 69.05 -27.93 54.03
N LEU JB 99 69.81 -26.99 53.50
CA LEU JB 99 71.25 -27.03 53.61
C LEU JB 99 71.73 -25.88 54.48
N ARG JB 100 72.64 -26.17 55.40
CA ARG JB 100 73.34 -25.12 56.11
C ARG JB 100 74.80 -25.11 55.68
N THR JB 101 75.40 -23.93 55.72
CA THR JB 101 76.84 -23.85 55.51
C THR JB 101 77.53 -24.31 56.78
N LEU JB 102 78.22 -25.44 56.71
CA LEU JB 102 78.91 -25.95 57.87
C LEU JB 102 80.06 -25.06 58.23
N ASN JB 103 81.05 -24.92 57.34
CA ASN JB 103 82.05 -23.89 57.55
C ASN JB 103 82.77 -23.61 56.24
N SER JB 104 83.66 -22.62 56.30
CA SER JB 104 84.27 -22.05 55.11
C SER JB 104 85.72 -21.69 55.36
N VAL JB 105 86.54 -21.85 54.33
CA VAL JB 105 87.97 -21.62 54.40
C VAL JB 105 88.38 -20.73 53.24
N TRP JB 106 89.28 -19.79 53.49
CA TRP JB 106 89.71 -18.85 52.47
C TRP JB 106 91.21 -18.88 52.32
N ALA JB 107 91.67 -18.45 51.16
CA ALA JB 107 93.06 -18.60 50.75
C ALA JB 107 93.96 -17.57 51.43
N GLN JB 108 95.25 -17.88 51.43
CA GLN JB 108 96.20 -17.07 52.18
C GLN JB 108 96.48 -15.76 51.45
N HIS JB 109 96.88 -15.84 50.19
CA HIS JB 109 96.92 -14.68 49.31
C HIS JB 109 95.59 -14.55 48.58
N LEU JB 110 95.11 -13.33 48.47
CA LEU JB 110 93.87 -13.03 47.77
C LEU JB 110 94.10 -11.80 46.90
N SER JB 111 93.70 -11.89 45.63
CA SER JB 111 94.12 -10.89 44.67
C SER JB 111 93.58 -9.51 45.03
N GLU JB 112 94.26 -8.51 44.49
CA GLU JB 112 93.82 -7.12 44.66
C GLU JB 112 92.39 -6.95 44.21
N ASP JB 113 92.03 -7.58 43.09
CA ASP JB 113 90.76 -7.31 42.43
C ASP JB 113 89.58 -8.01 43.08
N VAL JB 114 89.77 -9.20 43.65
CA VAL JB 114 88.63 -9.84 44.31
C VAL JB 114 88.27 -9.10 45.60
N ARG JB 115 89.27 -8.75 46.40
CA ARG JB 115 88.99 -8.08 47.66
C ARG JB 115 88.30 -6.74 47.47
N ARG JB 116 88.13 -6.28 46.22
CA ARG JB 116 87.22 -5.17 45.96
C ARG JB 116 85.77 -5.61 46.00
N ARG JB 117 85.50 -6.91 45.89
CA ARG JB 117 84.14 -7.39 45.88
C ARG JB 117 83.46 -7.17 47.23
N PHE JB 118 84.25 -6.84 48.26
CA PHE JB 118 83.77 -6.73 49.62
C PHE JB 118 83.54 -5.30 50.06
N TYR JB 119 83.63 -4.35 49.15
CA TYR JB 119 83.41 -2.95 49.49
C TYR JB 119 82.46 -2.31 48.50
N LYS JB 120 81.63 -1.42 49.00
CA LYS JB 120 80.88 -0.54 48.12
C LYS JB 120 81.67 0.70 47.76
N ASN JB 121 82.73 1.00 48.50
CA ASN JB 121 83.60 2.14 48.19
C ASN JB 121 85.03 1.67 48.48
N TRP JB 122 85.67 1.07 47.49
CA TRP JB 122 86.98 0.48 47.73
C TRP JB 122 88.02 1.55 48.04
N CYS JB 123 88.12 2.56 47.18
CA CYS JB 123 89.31 3.40 47.18
C CYS JB 123 89.55 4.04 48.54
N LYS JB 124 88.50 4.61 49.13
CA LYS JB 124 88.63 5.25 50.44
C LYS JB 124 88.79 4.25 51.59
N SER JB 125 88.58 2.96 51.33
CA SER JB 125 88.72 1.96 52.38
C SER JB 125 90.18 1.73 52.70
N LYS JB 126 90.43 1.17 53.88
CA LYS JB 126 91.78 0.82 54.28
C LYS JB 126 92.21 -0.51 53.74
N LYS JB 127 91.36 -1.16 52.93
CA LYS JB 127 91.68 -2.40 52.26
C LYS JB 127 91.92 -3.53 53.25
N LYS JB 128 91.34 -3.43 54.44
CA LYS JB 128 91.68 -4.35 55.52
C LYS JB 128 90.93 -5.66 55.45
N ALA JB 129 90.09 -5.87 54.45
CA ALA JB 129 89.39 -7.14 54.36
C ALA JB 129 90.40 -8.26 54.26
N PHE JB 130 90.23 -9.28 55.09
CA PHE JB 130 91.08 -10.46 55.10
C PHE JB 130 92.51 -10.18 55.51
N THR JB 131 92.79 -9.00 56.08
CA THR JB 131 94.13 -8.79 56.61
C THR JB 131 94.35 -9.55 57.91
N LYS JB 132 93.49 -9.34 58.91
CA LYS JB 132 93.67 -10.06 60.16
C LYS JB 132 93.31 -11.52 60.05
N TYR JB 133 92.71 -11.94 58.95
CA TYR JB 133 92.50 -13.35 58.69
C TYR JB 133 93.67 -13.95 57.95
N ALA JB 134 94.37 -13.16 57.15
CA ALA JB 134 95.55 -13.68 56.48
C ALA JB 134 96.54 -14.24 57.49
N LEU JB 135 96.63 -13.59 58.65
CA LEU JB 135 97.58 -13.95 59.69
C LEU JB 135 97.25 -15.28 60.36
N LYS JB 136 96.23 -15.98 59.90
CA LYS JB 136 95.95 -17.33 60.39
C LYS JB 136 96.76 -18.37 59.66
N TYR JB 137 97.68 -17.93 58.82
CA TYR JB 137 98.53 -18.82 58.05
C TYR JB 137 100.01 -18.68 58.35
N ASP JB 138 100.42 -17.66 59.11
CA ASP JB 138 101.82 -17.49 59.45
C ASP JB 138 102.14 -17.98 60.86
N SER JB 139 101.22 -18.69 61.50
CA SER JB 139 101.44 -19.19 62.85
C SER JB 139 101.13 -20.68 62.90
N ASP JB 140 101.69 -21.36 63.90
CA ASP JB 140 101.38 -22.77 64.11
C ASP JB 140 99.94 -22.97 64.53
N SER JB 141 99.42 -22.09 65.40
CA SER JB 141 98.04 -22.24 65.87
C SER JB 141 97.04 -21.95 64.76
N GLY JB 142 97.30 -20.96 63.92
CA GLY JB 142 96.40 -20.69 62.82
C GLY JB 142 96.36 -21.83 61.83
N LYS JB 143 97.52 -22.33 61.44
CA LYS JB 143 97.58 -23.48 60.56
C LYS JB 143 96.88 -24.68 61.18
N LYS JB 144 97.07 -24.84 62.49
CA LYS JB 144 96.37 -25.87 63.24
C LYS JB 144 94.87 -25.77 63.04
N GLU JB 145 94.31 -24.59 63.26
CA GLU JB 145 92.87 -24.47 63.20
C GLU JB 145 92.36 -24.53 61.76
N ILE JB 146 93.17 -24.16 60.77
CA ILE JB 146 92.78 -24.39 59.39
C ILE JB 146 92.63 -25.88 59.11
N GLN JB 147 93.64 -26.67 59.48
CA GLN JB 147 93.52 -28.10 59.24
C GLN JB 147 92.40 -28.70 60.07
N LEU JB 148 92.08 -28.09 61.20
CA LEU JB 148 90.92 -28.49 61.99
C LEU JB 148 89.62 -28.23 61.25
N GLN JB 149 89.54 -27.10 60.55
CA GLN JB 149 88.36 -26.80 59.74
C GLN JB 149 88.23 -27.80 58.61
N LEU JB 150 89.35 -28.16 57.98
CA LEU JB 150 89.29 -29.12 56.88
C LEU JB 150 88.89 -30.50 57.36
N GLU JB 151 89.41 -30.94 58.51
CA GLU JB 151 88.96 -32.25 58.98
C GLU JB 151 87.50 -32.22 59.37
N LYS JB 152 87.02 -31.08 59.89
CA LYS JB 152 85.58 -30.92 60.12
C LYS JB 152 84.80 -31.15 58.85
N MET JB 153 85.23 -30.51 57.75
CA MET JB 153 84.46 -30.64 56.52
C MET JB 153 84.58 -32.03 55.92
N LYS JB 154 85.76 -32.64 56.02
CA LYS JB 154 85.90 -34.01 55.53
C LYS JB 154 85.02 -34.96 56.32
N LYS JB 155 84.89 -34.71 57.61
CA LYS JB 155 84.25 -35.65 58.51
C LYS JB 155 82.73 -35.50 58.53
N TYR JB 156 82.20 -34.34 58.17
CA TYR JB 156 80.74 -34.27 58.16
C TYR JB 156 80.13 -34.00 56.80
N ALA JB 157 80.66 -33.05 56.04
CA ALA JB 157 79.90 -32.43 54.97
C ALA JB 157 79.45 -33.45 53.94
N THR JB 158 78.29 -33.18 53.36
CA THR JB 158 77.76 -33.94 52.24
C THR JB 158 77.85 -33.22 50.91
N ILE JB 159 77.93 -31.90 50.92
CA ILE JB 159 78.08 -31.11 49.71
C ILE JB 159 79.23 -30.15 49.91
N VAL JB 160 80.17 -30.16 48.98
CA VAL JB 160 81.38 -29.34 49.05
C VAL JB 160 81.35 -28.40 47.87
N ARG JB 161 81.71 -27.15 48.09
CA ARG JB 161 81.75 -26.20 46.98
C ARG JB 161 83.01 -25.37 47.09
N VAL JB 162 83.46 -24.82 45.96
CA VAL JB 162 84.64 -23.97 45.93
C VAL JB 162 84.24 -22.57 45.50
N ILE JB 163 84.68 -21.58 46.25
CA ILE JB 163 84.52 -20.19 45.85
C ILE JB 163 85.58 -19.88 44.81
N ALA JB 164 85.15 -19.38 43.67
CA ALA JB 164 86.03 -19.03 42.58
C ALA JB 164 85.68 -17.63 42.10
N HIS JB 165 86.69 -16.86 41.71
CA HIS JB 165 86.45 -15.57 41.08
C HIS JB 165 87.13 -15.55 39.72
N THR JB 166 86.54 -14.82 38.79
CA THR JB 166 87.21 -14.60 37.53
C THR JB 166 88.35 -13.61 37.69
N GLN JB 167 89.33 -13.71 36.80
CA GLN JB 167 90.29 -12.61 36.65
C GLN JB 167 89.67 -11.61 35.70
N ILE JB 168 88.92 -10.66 36.26
CA ILE JB 168 88.24 -9.69 35.42
C ILE JB 168 89.24 -8.84 34.67
N ARG JB 169 90.45 -8.68 35.21
CA ARG JB 169 91.37 -7.71 34.64
C ARG JB 169 92.06 -8.19 33.36
N LYS JB 170 92.09 -9.49 33.10
CA LYS JB 170 92.61 -9.94 31.82
C LYS JB 170 91.62 -9.75 30.69
N MET JB 171 90.51 -9.09 30.96
CA MET JB 171 89.55 -8.65 29.95
C MET JB 171 89.51 -7.13 30.05
N LYS JB 172 90.48 -6.49 29.41
CA LYS JB 172 90.52 -5.05 29.46
C LYS JB 172 89.33 -4.44 28.77
N GLY JB 173 88.58 -5.23 27.99
CA GLY JB 173 87.43 -4.69 27.27
C GLY JB 173 86.40 -4.06 28.20
N LEU JB 174 86.11 -4.74 29.30
CA LEU JB 174 85.29 -4.15 30.35
C LEU JB 174 86.04 -3.02 31.04
N LYS JB 175 85.32 -2.00 31.47
CA LYS JB 175 85.96 -1.01 32.34
C LYS JB 175 85.72 -1.33 33.80
N GLN JB 176 85.98 -2.57 34.18
CA GLN JB 176 85.65 -3.05 35.52
C GLN JB 176 86.85 -3.72 36.14
N LYS JB 177 87.16 -3.33 37.37
CA LYS JB 177 88.32 -3.81 38.10
C LYS JB 177 87.98 -4.87 39.11
N LYS JB 178 86.83 -4.74 39.79
CA LYS JB 178 86.46 -5.64 40.85
C LYS JB 178 85.95 -6.95 40.26
N ALA JB 179 86.07 -8.01 41.03
CA ALA JB 179 85.79 -9.30 40.44
C ALA JB 179 84.34 -9.71 40.65
N HIS JB 180 83.97 -10.77 39.95
CA HIS JB 180 82.78 -11.54 40.23
C HIS JB 180 83.21 -12.82 40.91
N LEU JB 181 82.33 -13.36 41.75
CA LEU JB 181 82.72 -14.38 42.70
C LEU JB 181 81.53 -15.29 42.94
N MET JB 182 81.76 -16.58 42.99
CA MET JB 182 80.62 -17.48 43.20
C MET JB 182 81.11 -18.82 43.72
N GLU JB 183 80.17 -19.61 44.22
CA GLU JB 183 80.44 -21.00 44.51
C GLU JB 183 80.13 -21.88 43.31
N ILE JB 184 81.07 -22.76 42.99
CA ILE JB 184 80.84 -23.84 42.04
C ILE JB 184 80.86 -25.13 42.83
N GLN JB 185 79.82 -25.93 42.68
CA GLN JB 185 79.72 -27.13 43.49
C GLN JB 185 80.49 -28.24 42.81
N ILE JB 186 81.37 -28.89 43.57
CA ILE JB 186 82.16 -29.99 43.04
C ILE JB 186 81.27 -31.22 42.94
N ASN JB 187 81.54 -32.06 41.96
CA ASN JB 187 80.82 -33.31 41.81
C ASN JB 187 81.80 -34.46 41.70
N GLY JB 188 81.35 -35.64 42.06
CA GLY JB 188 82.16 -36.83 41.93
C GLY JB 188 83.06 -37.07 43.13
N GLY JB 189 83.53 -38.30 43.24
CA GLY JB 189 84.38 -38.68 44.36
C GLY JB 189 83.61 -38.72 45.66
N THR JB 190 84.32 -39.07 46.72
CA THR JB 190 83.76 -38.96 48.05
C THR JB 190 84.02 -37.57 48.61
N ILE JB 191 83.46 -37.30 49.78
CA ILE JB 191 83.56 -35.96 50.34
C ILE JB 191 85.01 -35.62 50.68
N ALA JB 192 85.76 -36.59 51.18
CA ALA JB 192 87.17 -36.34 51.43
C ALA JB 192 87.92 -36.09 50.13
N ASP JB 193 87.49 -36.70 49.04
CA ASP JB 193 88.13 -36.41 47.76
C ASP JB 193 87.75 -35.03 47.23
N LYS JB 194 86.53 -34.57 47.47
CA LYS JB 194 86.17 -33.21 47.07
C LYS JB 194 86.96 -32.19 47.88
N VAL JB 195 87.08 -32.40 49.19
CA VAL JB 195 87.85 -31.47 50.01
C VAL JB 195 89.32 -31.49 49.61
N ASP JB 196 89.85 -32.67 49.31
CA ASP JB 196 91.21 -32.77 48.80
C ASP JB 196 91.36 -32.02 47.49
N TYR JB 197 90.41 -32.20 46.58
CA TYR JB 197 90.50 -31.59 45.26
C TYR JB 197 90.49 -30.07 45.38
N GLY JB 198 89.64 -29.53 46.23
CA GLY JB 198 89.63 -28.10 46.47
C GLY JB 198 90.91 -27.61 47.11
N TYR JB 199 91.22 -28.14 48.31
CA TYR JB 199 92.32 -27.60 49.08
C TYR JB 199 93.64 -27.74 48.33
N LYS JB 200 93.82 -28.85 47.61
CA LYS JB 200 94.98 -29.00 46.75
C LYS JB 200 95.09 -27.85 45.77
N PHE JB 201 93.95 -27.27 45.40
CA PHE JB 201 93.89 -26.46 44.19
C PHE JB 201 93.48 -25.03 44.52
N PHE JB 202 93.59 -24.68 45.79
CA PHE JB 202 93.47 -23.28 46.20
C PHE JB 202 94.38 -22.38 45.40
N GLU JB 203 93.94 -21.14 45.21
CA GLU JB 203 94.79 -20.03 44.80
C GLU JB 203 95.34 -20.22 43.40
N LYS JB 204 95.04 -21.35 42.77
CA LYS JB 204 95.53 -21.65 41.44
C LYS JB 204 94.37 -21.51 40.46
N GLU JB 205 94.69 -21.43 39.19
CA GLU JB 205 93.72 -21.11 38.15
C GLU JB 205 93.19 -22.37 37.52
N VAL JB 206 91.88 -22.40 37.27
CA VAL JB 206 91.24 -23.55 36.64
C VAL JB 206 90.78 -23.13 35.24
N PRO JB 207 91.23 -23.81 34.19
CA PRO JB 207 90.85 -23.41 32.83
C PRO JB 207 89.59 -24.11 32.37
N VAL JB 208 88.81 -23.39 31.56
CA VAL JB 208 87.49 -23.84 31.16
C VAL JB 208 87.51 -25.18 30.45
N GLU JB 209 88.69 -25.61 30.01
CA GLU JB 209 88.80 -26.96 29.45
C GLU JB 209 88.60 -28.00 30.54
N ALA JB 210 88.98 -27.68 31.78
CA ALA JB 210 88.73 -28.58 32.89
C ALA JB 210 87.23 -28.73 33.14
N VAL JB 211 86.48 -27.64 33.04
CA VAL JB 211 85.05 -27.70 33.32
C VAL JB 211 84.31 -28.41 32.20
N PHE JB 212 84.44 -27.92 30.96
CA PHE JB 212 83.61 -28.45 29.89
C PHE JB 212 84.46 -29.22 28.89
N GLN JB 213 83.78 -29.70 27.84
CA GLN JB 213 84.47 -30.42 26.79
C GLN JB 213 83.89 -29.93 25.46
N LYS JB 214 84.24 -30.57 24.36
CA LYS JB 214 83.66 -30.23 23.07
C LYS JB 214 82.31 -30.91 22.89
N ASP JB 215 81.45 -30.27 22.10
CA ASP JB 215 80.19 -30.84 21.64
C ASP JB 215 79.18 -31.01 22.76
N GLU JB 216 79.59 -30.77 23.99
CA GLU JB 216 78.71 -30.96 25.14
C GLU JB 216 77.69 -29.85 25.20
N MET JB 217 76.46 -30.18 25.59
CA MET JB 217 75.50 -29.13 25.87
C MET JB 217 75.59 -28.63 27.29
N VAL JB 218 75.49 -27.33 27.43
CA VAL JB 218 75.54 -26.63 28.70
C VAL JB 218 74.27 -25.80 28.80
N ASP JB 219 74.08 -25.17 29.95
CA ASP JB 219 73.10 -24.13 30.11
C ASP JB 219 73.85 -22.84 30.37
N ILE JB 220 73.23 -21.72 30.00
CA ILE JB 220 73.80 -20.40 30.27
C ILE JB 220 72.78 -19.63 31.09
N ILE JB 221 73.24 -18.99 32.15
CA ILE JB 221 72.39 -18.36 33.14
C ILE JB 221 72.87 -16.94 33.36
N GLY JB 222 71.98 -15.97 33.16
CA GLY JB 222 72.36 -14.59 33.35
C GLY JB 222 71.17 -13.70 33.24
N VAL JB 223 71.36 -12.46 33.61
CA VAL JB 223 70.29 -11.47 33.59
C VAL JB 223 70.13 -10.95 32.17
N THR JB 224 68.89 -10.71 31.75
CA THR JB 224 68.62 -10.33 30.38
C THR JB 224 69.05 -8.89 30.12
N LYS JB 225 68.76 -8.39 28.93
CA LYS JB 225 68.83 -6.96 28.68
C LYS JB 225 67.73 -6.25 29.43
N GLY JB 226 68.02 -5.03 29.86
CA GLY JB 226 67.00 -4.18 30.43
C GLY JB 226 66.40 -3.32 29.34
N LYS JB 227 65.08 -3.28 29.30
CA LYS JB 227 64.38 -2.52 28.29
C LYS JB 227 63.52 -1.42 28.88
N GLY JB 228 63.52 -1.26 30.19
CA GLY JB 228 62.83 -0.16 30.81
C GLY JB 228 61.39 -0.48 31.08
N TYR JB 229 60.71 0.49 31.68
CA TYR JB 229 59.30 0.37 31.98
C TYR JB 229 58.55 0.37 30.66
N GLU JB 230 58.04 -0.79 30.24
CA GLU JB 230 57.57 -0.95 28.88
C GLU JB 230 56.22 -1.66 28.84
N GLY JB 231 55.31 -1.14 28.04
CA GLY JB 231 53.89 -1.41 28.17
C GLY JB 231 53.47 -2.80 27.72
N VAL JB 232 52.15 -3.00 27.68
CA VAL JB 232 51.58 -4.34 27.62
C VAL JB 232 51.80 -4.99 26.25
N VAL JB 233 51.56 -4.25 25.17
CA VAL JB 233 51.68 -4.86 23.84
C VAL JB 233 53.09 -5.35 23.62
N THR JB 234 54.06 -4.59 24.09
CA THR JB 234 55.45 -5.02 24.05
C THR JB 234 55.74 -6.06 25.11
N ARG JB 235 55.45 -5.75 26.39
CA ARG JB 235 55.86 -6.65 27.45
C ARG JB 235 55.11 -7.96 27.44
N TRP JB 236 53.79 -7.92 27.28
CA TRP JB 236 53.03 -9.14 27.39
C TRP JB 236 52.62 -9.72 26.05
N GLY JB 237 52.56 -8.92 25.00
CA GLY JB 237 52.28 -9.47 23.70
C GLY JB 237 50.83 -9.38 23.28
N VAL JB 238 49.97 -8.81 24.13
CA VAL JB 238 48.57 -8.64 23.77
C VAL JB 238 48.46 -7.87 22.47
N THR JB 239 47.47 -8.25 21.66
CA THR JB 239 47.21 -7.57 20.39
C THR JB 239 46.80 -6.12 20.64
N ARG JB 240 47.01 -5.28 19.63
CA ARG JB 240 46.69 -3.88 19.79
C ARG JB 240 45.20 -3.65 19.49
N LEU JB 241 44.64 -2.58 20.06
CA LEU JB 241 43.26 -2.20 19.79
C LEU JB 241 43.14 -1.48 18.45
N PRO JB 242 41.94 -1.37 17.90
CA PRO JB 242 41.77 -0.67 16.62
C PRO JB 242 42.24 0.77 16.71
N ARG JB 243 42.49 1.34 15.54
CA ARG JB 243 43.02 2.70 15.46
C ARG JB 243 42.09 3.72 16.10
N LYS JB 244 40.78 3.51 16.05
CA LYS JB 244 39.82 4.58 16.28
C LYS JB 244 39.33 4.68 17.71
N THR JB 245 40.16 4.32 18.70
CA THR JB 245 39.72 4.27 20.09
C THR JB 245 40.05 5.55 20.83
N HIS JB 246 39.11 6.01 21.65
CA HIS JB 246 39.36 7.15 22.52
C HIS JB 246 40.30 6.74 23.62
N ARG JB 247 41.29 7.59 23.91
CA ARG JB 247 42.25 7.35 24.98
C ARG JB 247 43.15 6.15 24.74
N GLY JB 248 43.65 5.97 23.54
CA GLY JB 248 44.78 5.06 23.42
C GLY JB 248 44.41 3.72 22.84
N LEU JB 249 45.42 3.03 22.32
CA LEU JB 249 45.31 1.78 21.59
C LEU JB 249 45.99 0.62 22.27
N ARG JB 250 47.21 0.84 22.77
CA ARG JB 250 48.12 -0.23 23.16
C ARG JB 250 47.86 -0.64 24.60
N LYS JB 251 46.73 -1.30 24.82
CA LYS JB 251 46.39 -1.67 26.18
C LYS JB 251 45.46 -2.86 26.14
N VAL JB 252 45.32 -3.50 27.30
CA VAL JB 252 44.36 -4.57 27.48
C VAL JB 252 43.01 -3.92 27.76
N ALA JB 253 42.00 -4.28 26.97
CA ALA JB 253 40.73 -3.59 27.07
C ALA JB 253 40.00 -3.95 28.35
N CYS JB 254 39.69 -5.23 28.52
CA CYS JB 254 39.00 -5.74 29.70
C CYS JB 254 40.01 -6.40 30.60
N ILE JB 255 40.23 -5.84 31.77
CA ILE JB 255 41.13 -6.41 32.74
C ILE JB 255 40.38 -7.28 33.75
N GLY JB 256 39.21 -7.77 33.41
CA GLY JB 256 38.54 -8.76 34.22
C GLY JB 256 37.05 -8.53 34.33
N ALA JB 257 36.35 -9.56 34.78
CA ALA JB 257 34.91 -9.50 34.95
C ALA JB 257 34.55 -8.67 36.17
N TRP JB 258 33.27 -8.32 36.25
CA TRP JB 258 32.76 -7.64 37.44
C TRP JB 258 33.04 -8.46 38.69
N HIS JB 259 32.96 -9.78 38.60
CA HIS JB 259 33.38 -10.64 39.69
C HIS JB 259 34.46 -11.60 39.21
N PRO JB 260 35.53 -11.81 39.98
CA PRO JB 260 35.83 -11.24 41.29
C PRO JB 260 36.03 -9.74 41.19
N ALA JB 261 35.62 -8.99 42.21
CA ALA JB 261 35.74 -7.54 42.12
C ALA JB 261 37.16 -7.10 42.35
N ARG JB 262 38.09 -7.73 41.65
CA ARG JB 262 39.51 -7.55 41.88
C ARG JB 262 40.19 -7.79 40.56
N VAL JB 263 41.43 -7.35 40.45
CA VAL JB 263 42.21 -7.56 39.23
C VAL JB 263 43.06 -8.79 39.45
N SER JB 264 42.99 -9.74 38.54
CA SER JB 264 43.70 -10.98 38.77
C SER JB 264 45.19 -10.81 38.54
N TYR JB 265 45.98 -11.64 39.21
CA TYR JB 265 47.42 -11.64 38.98
C TYR JB 265 47.79 -12.04 37.57
N THR JB 266 46.85 -12.63 36.84
CA THR JB 266 47.11 -13.15 35.51
C THR JB 266 46.74 -12.20 34.39
N VAL JB 267 46.13 -11.09 34.68
CA VAL JB 267 45.87 -10.09 33.66
C VAL JB 267 47.19 -9.40 33.31
N ALA JB 268 47.28 -8.91 32.09
CA ALA JB 268 48.50 -8.24 31.63
C ALA JB 268 48.48 -6.79 32.06
N ARG JB 269 49.50 -6.37 32.79
CA ARG JB 269 49.64 -4.99 33.22
C ARG JB 269 50.97 -4.41 32.73
N ALA JB 270 51.09 -3.08 32.83
CA ALA JB 270 52.23 -2.36 32.28
C ALA JB 270 53.28 -2.14 33.36
N GLY JB 271 54.45 -2.71 33.17
CA GLY JB 271 55.54 -2.51 34.10
C GLY JB 271 56.84 -2.97 33.51
N GLN JB 272 57.84 -3.10 34.37
CA GLN JB 272 59.21 -3.39 33.95
C GLN JB 272 59.27 -4.54 32.96
N ASN JB 273 59.96 -4.31 31.83
CA ASN JB 273 60.32 -5.36 30.91
C ASN JB 273 61.83 -5.49 30.84
N GLY JB 274 62.31 -6.72 30.89
CA GLY JB 274 63.73 -6.98 30.74
C GLY JB 274 64.49 -6.90 32.04
N TYR JB 275 65.75 -7.32 31.96
CA TYR JB 275 66.66 -7.39 33.11
C TYR JB 275 66.11 -8.38 34.14
N HIS JB 276 65.74 -9.55 33.64
CA HIS JB 276 65.22 -10.66 34.42
C HIS JB 276 66.30 -11.72 34.54
N HIS JB 277 66.08 -12.66 35.44
CA HIS JB 277 66.95 -13.83 35.56
C HIS JB 277 66.40 -14.96 34.71
N ARG JB 278 67.27 -15.64 33.95
CA ARG JB 278 66.81 -16.72 33.09
C ARG JB 278 67.86 -17.81 32.97
N THR JB 279 67.42 -19.06 32.89
CA THR JB 279 68.26 -20.19 32.54
C THR JB 279 67.73 -20.76 31.25
N GLU JB 280 68.64 -21.07 30.32
CA GLU JB 280 68.25 -21.47 28.97
C GLU JB 280 69.06 -22.69 28.60
N MET JB 281 68.44 -23.85 28.58
CA MET JB 281 69.20 -25.09 28.57
C MET JB 281 69.48 -25.59 27.16
N ASN JB 282 70.38 -26.58 27.09
CA ASN JB 282 70.77 -27.23 25.85
C ASN JB 282 71.36 -26.26 24.83
N LYS JB 283 72.33 -25.45 25.23
CA LYS JB 283 73.15 -24.72 24.29
C LYS JB 283 74.42 -25.50 24.06
N LYS JB 284 74.73 -25.78 22.81
CA LYS JB 284 75.80 -26.72 22.51
C LYS JB 284 77.16 -26.02 22.50
N ILE JB 285 78.21 -26.81 22.65
CA ILE JB 285 79.58 -26.36 22.45
C ILE JB 285 80.05 -26.78 21.07
N TYR JB 286 80.66 -25.84 20.35
CA TYR JB 286 81.33 -26.10 19.08
C TYR JB 286 82.85 -26.09 19.20
N LYS JB 287 83.40 -25.14 19.95
CA LYS JB 287 84.83 -24.95 20.00
C LYS JB 287 85.20 -24.17 21.25
N MET JB 288 86.22 -24.66 21.95
CA MET JB 288 86.88 -23.93 23.03
C MET JB 288 88.15 -23.34 22.47
N GLY JB 289 88.31 -22.04 22.61
CA GLY JB 289 89.53 -21.42 22.18
C GLY JB 289 90.42 -21.19 23.36
N LYS JB 290 91.53 -21.91 23.45
CA LYS JB 290 92.44 -21.78 24.57
C LYS JB 290 93.67 -21.00 24.14
N SER JB 291 93.93 -19.89 24.82
CA SER JB 291 94.93 -18.93 24.38
C SER JB 291 96.32 -19.52 24.50
N GLY JB 292 97.00 -19.66 23.38
CA GLY JB 292 98.30 -20.30 23.36
C GLY JB 292 98.35 -21.62 22.64
N GLN JB 293 97.28 -22.00 21.95
CA GLN JB 293 97.30 -23.16 21.08
C GLN JB 293 96.61 -22.79 19.77
N GLU JB 294 96.95 -23.54 18.72
CA GLU JB 294 96.43 -23.25 17.38
C GLU JB 294 94.93 -23.43 17.29
N SER JB 295 94.27 -23.91 18.33
CA SER JB 295 92.81 -23.89 18.37
C SER JB 295 92.24 -22.50 18.59
N HIS JB 296 93.06 -21.53 19.00
CA HIS JB 296 92.51 -20.24 19.35
C HIS JB 296 92.17 -19.39 18.13
N GLU JB 297 92.99 -19.49 17.08
CA GLU JB 297 92.70 -18.76 15.87
C GLU JB 297 91.50 -19.38 15.16
N ALA JB 298 90.90 -18.62 14.25
CA ALA JB 298 89.69 -19.06 13.56
C ALA JB 298 90.00 -19.74 12.24
N CYS JB 299 91.14 -20.42 12.16
CA CYS JB 299 91.50 -21.20 10.98
C CYS JB 299 91.00 -22.62 11.19
N THR JB 300 90.05 -23.03 10.38
CA THR JB 300 89.51 -24.38 10.45
C THR JB 300 90.47 -25.34 9.74
N GLU JB 301 90.05 -26.58 9.52
CA GLU JB 301 90.86 -27.44 8.67
C GLU JB 301 90.55 -27.21 7.20
N PHE JB 302 89.51 -26.45 6.90
CA PHE JB 302 89.12 -26.11 5.54
C PHE JB 302 89.60 -24.72 5.13
N ASP JB 303 89.31 -23.72 5.95
CA ASP JB 303 89.86 -22.38 5.76
C ASP JB 303 91.22 -22.31 6.41
N ARG JB 304 92.05 -21.37 5.95
CA ARG JB 304 93.35 -21.25 6.59
C ARG JB 304 93.80 -19.79 6.70
N THR JB 305 92.93 -18.82 6.42
CA THR JB 305 93.26 -17.40 6.53
C THR JB 305 93.61 -17.03 7.97
N GLU JB 306 94.87 -16.68 8.23
CA GLU JB 306 95.33 -16.63 9.61
C GLU JB 306 94.67 -15.47 10.34
N LYS JB 307 93.51 -15.74 10.95
CA LYS JB 307 92.79 -14.72 11.70
C LYS JB 307 92.41 -15.27 13.06
N ASP JB 308 92.37 -14.39 14.04
CA ASP JB 308 91.87 -14.76 15.35
C ASP JB 308 90.35 -14.58 15.37
N ILE JB 309 89.73 -15.00 16.48
CA ILE JB 309 88.27 -15.00 16.54
C ILE JB 309 87.70 -13.60 16.51
N THR JB 310 88.44 -12.61 16.98
CA THR JB 310 87.89 -11.28 17.03
C THR JB 310 87.60 -10.78 15.63
N PRO JB 311 86.39 -10.31 15.34
CA PRO JB 311 86.12 -9.72 14.03
C PRO JB 311 86.80 -8.37 13.87
N MET JB 312 86.89 -7.95 12.62
CA MET JB 312 87.61 -6.72 12.27
C MET JB 312 87.03 -5.55 13.04
N GLY JB 313 87.91 -4.70 13.56
CA GLY JB 313 87.45 -3.59 14.35
C GLY JB 313 86.97 -3.97 15.72
N GLY JB 314 87.22 -5.20 16.16
CA GLY JB 314 86.85 -5.64 17.48
C GLY JB 314 85.37 -5.91 17.61
N PHE JB 315 85.04 -6.69 18.63
CA PHE JB 315 83.64 -6.95 18.90
C PHE JB 315 82.99 -5.65 19.34
N PRO JB 316 81.86 -5.25 18.75
CA PRO JB 316 81.21 -4.01 19.18
C PRO JB 316 80.84 -4.06 20.64
N HIS JB 317 81.07 -2.96 21.34
CA HIS JB 317 80.83 -2.82 22.76
C HIS JB 317 81.64 -3.79 23.60
N TYR JB 318 82.52 -4.54 23.03
CA TYR JB 318 83.21 -5.41 23.96
C TYR JB 318 84.72 -5.36 23.85
N GLY JB 319 85.26 -5.20 22.66
CA GLY JB 319 86.68 -5.21 22.50
C GLY JB 319 87.15 -6.46 21.80
N VAL JB 320 88.42 -6.76 22.02
CA VAL JB 320 89.13 -7.81 21.30
C VAL JB 320 89.36 -8.98 22.25
N VAL JB 321 89.03 -10.18 21.78
CA VAL JB 321 89.10 -11.39 22.59
C VAL JB 321 90.55 -11.85 22.62
N LYS JB 322 91.23 -11.63 23.74
CA LYS JB 322 92.58 -12.09 23.94
C LYS JB 322 92.68 -13.32 24.83
N GLY JB 323 91.62 -13.65 25.55
CA GLY JB 323 91.64 -14.76 26.49
C GLY JB 323 91.14 -16.05 25.91
N ASP JB 324 90.76 -16.97 26.79
CA ASP JB 324 90.09 -18.18 26.38
C ASP JB 324 88.66 -17.83 25.98
N TYR JB 325 87.99 -18.76 25.32
CA TYR JB 325 86.60 -18.46 24.96
C TYR JB 325 85.86 -19.74 24.64
N LEU JB 326 84.55 -19.67 24.74
CA LEU JB 326 83.65 -20.69 24.21
C LEU JB 326 82.91 -20.16 23.00
N MET JB 327 82.47 -21.09 22.16
CA MET JB 327 81.70 -20.70 20.99
C MET JB 327 80.49 -21.62 20.91
N ILE JB 328 79.32 -21.10 21.28
CA ILE JB 328 78.14 -21.93 21.53
C ILE JB 328 77.07 -21.63 20.50
N LYS JB 329 76.32 -22.66 20.14
CA LYS JB 329 75.26 -22.52 19.15
C LYS JB 329 74.09 -21.74 19.72
N GLY JB 330 73.61 -20.75 18.98
CA GLY JB 330 72.49 -19.97 19.39
C GLY JB 330 72.87 -18.69 20.11
N CYS JB 331 71.91 -18.17 20.85
CA CYS JB 331 71.99 -16.87 21.49
C CYS JB 331 72.37 -17.00 22.96
N CYS JB 332 72.55 -15.84 23.59
CA CYS JB 332 72.96 -15.78 24.99
C CYS JB 332 72.25 -14.64 25.68
N VAL JB 333 71.77 -14.89 26.90
CA VAL JB 333 71.04 -13.85 27.61
C VAL JB 333 71.95 -12.66 27.90
N GLY JB 334 71.34 -11.50 28.10
CA GLY JB 334 72.06 -10.32 28.47
C GLY JB 334 72.69 -9.62 27.28
N PRO JB 335 72.97 -8.34 27.42
CA PRO JB 335 73.62 -7.59 26.35
C PRO JB 335 75.10 -7.95 26.32
N LYS JB 336 75.84 -7.27 25.46
CA LYS JB 336 77.28 -7.44 25.46
C LYS JB 336 77.87 -6.94 26.78
N LYS JB 337 78.97 -7.55 27.19
CA LYS JB 337 79.69 -7.25 28.43
C LYS JB 337 78.98 -7.76 29.66
N ARG JB 338 78.03 -8.68 29.53
CA ARG JB 338 77.34 -9.19 30.70
C ARG JB 338 77.97 -10.52 31.10
N VAL JB 339 78.10 -10.74 32.39
CA VAL JB 339 78.63 -12.00 32.91
C VAL JB 339 77.58 -13.08 32.80
N VAL JB 340 77.97 -14.26 32.35
CA VAL JB 340 77.05 -15.37 32.18
C VAL JB 340 77.61 -16.59 32.87
N THR JB 341 76.76 -17.27 33.62
CA THR JB 341 77.15 -18.49 34.31
C THR JB 341 76.92 -19.67 33.39
N LEU JB 342 77.99 -20.35 33.01
CA LEU JB 342 77.87 -21.60 32.27
C LEU JB 342 77.67 -22.70 33.28
N ARG JB 343 76.66 -23.53 33.07
CA ARG JB 343 76.46 -24.63 34.00
C ARG JB 343 76.25 -25.92 33.24
N GLN JB 344 76.87 -26.98 33.75
CA GLN JB 344 76.69 -28.32 33.22
C GLN JB 344 75.22 -28.67 33.18
N SER JB 345 74.83 -29.46 32.19
CA SER JB 345 73.43 -29.79 32.05
C SER JB 345 72.97 -30.63 33.24
N LEU JB 346 71.66 -30.86 33.31
CA LEU JB 346 71.09 -31.70 34.34
C LEU JB 346 70.45 -32.98 33.82
N LEU JB 347 70.13 -33.05 32.54
CA LEU JB 347 69.61 -34.28 31.96
C LEU JB 347 70.74 -35.23 31.66
N LYS JB 348 70.39 -36.37 31.08
CA LYS JB 348 71.35 -37.29 30.49
C LYS JB 348 71.24 -37.15 28.97
N GLN JB 349 72.01 -36.21 28.43
CA GLN JB 349 71.98 -35.93 27.00
C GLN JB 349 72.16 -37.22 26.22
N THR JB 350 71.16 -37.54 25.40
CA THR JB 350 71.15 -38.83 24.73
C THR JB 350 70.77 -38.79 23.26
N SER JB 351 70.23 -37.69 22.74
CA SER JB 351 69.66 -37.69 21.41
C SER JB 351 70.75 -37.81 20.34
N ARG JB 352 70.33 -37.85 19.08
CA ARG JB 352 71.28 -37.69 18.01
C ARG JB 352 71.80 -36.26 17.96
N LEU JB 353 70.97 -35.28 18.32
CA LEU JB 353 71.48 -33.92 18.50
C LEU JB 353 72.49 -33.85 19.63
N ALA JB 354 72.20 -34.52 20.74
CA ALA JB 354 73.12 -34.50 21.88
C ALA JB 354 74.46 -35.09 21.49
N LEU JB 355 74.45 -36.23 20.82
CA LEU JB 355 75.69 -36.87 20.44
C LEU JB 355 76.35 -36.22 19.23
N GLU JB 356 75.64 -35.37 18.49
CA GLU JB 356 76.14 -34.85 17.23
C GLU JB 356 77.48 -34.13 17.39
N GLU JB 357 78.44 -34.49 16.55
CA GLU JB 357 79.78 -33.94 16.58
C GLU JB 357 79.89 -32.80 15.58
N ILE JB 358 80.45 -31.68 16.03
CA ILE JB 358 80.55 -30.47 15.21
C ILE JB 358 81.97 -30.33 14.69
N LYS JB 359 82.09 -30.00 13.41
CA LYS JB 359 83.37 -29.60 12.82
C LYS JB 359 83.08 -28.45 11.86
N LEU JB 360 83.67 -27.29 12.13
CA LEU JB 360 83.33 -26.11 11.36
C LEU JB 360 84.01 -26.16 10.01
N LYS JB 361 83.66 -25.21 9.16
CA LYS JB 361 84.41 -24.93 7.94
C LYS JB 361 84.77 -23.47 7.79
N PHE JB 362 84.18 -22.57 8.54
CA PHE JB 362 84.38 -21.15 8.33
C PHE JB 362 83.82 -20.41 9.53
N ILE JB 363 84.48 -19.33 9.91
CA ILE JB 363 83.95 -18.43 10.94
C ILE JB 363 83.95 -17.04 10.35
N ASP JB 364 82.75 -16.46 10.22
CA ASP JB 364 82.65 -15.09 9.79
C ASP JB 364 83.42 -14.19 10.72
N THR JB 365 84.18 -13.27 10.15
CA THR JB 365 85.05 -12.40 10.90
C THR JB 365 84.89 -10.97 10.43
N SER JB 366 84.06 -10.74 9.41
CA SER JB 366 83.85 -9.41 8.89
C SER JB 366 83.27 -8.52 9.97
N SER JB 367 83.75 -7.29 10.01
CA SER JB 367 83.42 -6.37 11.08
C SER JB 367 81.93 -6.35 11.31
N LYS JB 368 81.51 -6.78 12.49
CA LYS JB 368 80.09 -6.84 12.80
C LYS JB 368 79.50 -5.46 12.96
N PHE JB 369 80.35 -4.44 12.94
CA PHE JB 369 79.98 -3.05 12.95
C PHE JB 369 79.81 -2.61 11.51
N GLY JB 370 78.59 -2.64 11.01
CA GLY JB 370 78.34 -2.27 9.64
C GLY JB 370 78.32 -3.48 8.74
N HIS JB 371 78.03 -3.25 7.46
CA HIS JB 371 78.04 -4.38 6.54
C HIS JB 371 79.47 -4.78 6.25
N GLY JB 372 80.02 -5.69 7.04
CA GLY JB 372 81.38 -6.13 6.81
C GLY JB 372 81.49 -6.92 5.52
N ARG JB 373 82.65 -6.79 4.88
CA ARG JB 373 82.86 -7.37 3.57
C ARG JB 373 84.19 -8.08 3.38
N PHE JB 374 85.17 -7.94 4.26
CA PHE JB 374 86.40 -8.69 4.18
C PHE JB 374 86.53 -9.59 5.40
N GLN JB 375 87.54 -10.44 5.38
CA GLN JB 375 87.87 -11.25 6.55
C GLN JB 375 88.88 -10.59 7.46
N THR JB 376 89.91 -9.97 6.89
CA THR JB 376 91.05 -9.62 7.70
C THR JB 376 91.51 -8.23 7.31
N THR JB 377 92.11 -7.53 8.28
CA THR JB 377 92.66 -6.21 8.00
C THR JB 377 93.68 -6.26 6.88
N ASP JB 378 94.53 -7.30 6.85
CA ASP JB 378 95.56 -7.34 5.83
C ASP JB 378 94.94 -7.57 4.46
N GLU JB 379 93.78 -8.23 4.41
CA GLU JB 379 93.15 -8.39 3.12
C GLU JB 379 92.43 -7.14 2.67
N LYS JB 380 91.83 -6.39 3.59
CA LYS JB 380 91.31 -5.09 3.20
C LYS JB 380 92.44 -4.20 2.70
N GLN JB 381 93.61 -4.30 3.33
CA GLN JB 381 94.74 -3.48 2.91
C GLN JB 381 95.26 -3.90 1.55
N LYS JB 382 95.40 -5.21 1.31
CA LYS JB 382 95.88 -5.61 -0.01
C LYS JB 382 94.83 -5.34 -1.08
N PHE JB 383 93.56 -5.26 -0.71
CA PHE JB 383 92.54 -4.95 -1.69
C PHE JB 383 92.56 -3.48 -2.06
N TYR JB 384 92.80 -2.60 -1.10
CA TYR JB 384 92.88 -1.18 -1.45
C TYR JB 384 94.25 -0.81 -2.03
N GLY JB 385 95.30 -0.95 -1.24
CA GLY JB 385 96.64 -0.67 -1.72
C GLY JB 385 97.47 0.20 -0.79
N THR KB 4 -22.95 44.18 119.46
CA THR KB 4 -22.64 45.60 119.51
C THR KB 4 -21.24 45.82 120.05
N ALA KB 5 -20.26 45.16 119.43
CA ALA KB 5 -18.87 45.31 119.82
C ALA KB 5 -17.97 44.85 118.69
N ARG KB 6 -17.16 45.76 118.17
CA ARG KB 6 -16.14 45.52 117.18
C ARG KB 6 -14.84 46.09 117.73
N PRO KB 7 -13.70 45.60 117.26
CA PRO KB 7 -12.43 46.13 117.76
C PRO KB 7 -12.24 47.60 117.41
N LEU KB 8 -11.45 48.28 118.23
CA LEU KB 8 -11.20 49.71 118.12
C LEU KB 8 -9.73 49.90 117.77
N VAL KB 9 -9.48 50.52 116.63
CA VAL KB 9 -8.12 50.74 116.15
C VAL KB 9 -7.67 52.10 116.65
N SER KB 10 -6.62 52.12 117.46
CA SER KB 10 -6.11 53.38 117.97
C SER KB 10 -5.38 54.14 116.89
N VAL KB 11 -5.68 55.42 116.80
CA VAL KB 11 -4.96 56.34 115.92
C VAL KB 11 -3.65 56.72 116.59
N LYS KB 12 -2.72 57.24 115.80
CA LYS KB 12 -1.54 57.92 116.34
C LYS KB 12 -1.58 59.38 115.92
N ALA KB 13 -1.42 60.27 116.89
CA ALA KB 13 -1.20 61.68 116.57
C ALA KB 13 0.28 61.86 116.29
N LEU KB 14 0.71 63.11 116.16
CA LEU KB 14 2.08 63.46 115.91
C LEU KB 14 2.53 64.44 116.99
N ASP KB 15 3.79 64.85 116.92
CA ASP KB 15 4.21 66.00 117.71
C ASP KB 15 3.54 67.27 117.19
N GLY KB 16 3.35 68.23 118.09
CA GLY KB 16 2.60 69.42 117.74
C GLY KB 16 1.14 69.14 117.49
N ASP KB 17 0.51 68.38 118.38
CA ASP KB 17 -0.86 67.93 118.23
C ASP KB 17 -1.73 68.52 119.33
N MET KB 18 -2.94 68.94 118.96
CA MET KB 18 -3.89 69.42 119.95
C MET KB 18 -4.48 68.25 120.75
N ALA KB 19 -4.58 68.44 122.06
CA ALA KB 19 -5.18 67.41 122.90
C ALA KB 19 -6.66 67.28 122.59
N THR KB 20 -7.17 66.04 122.62
CA THR KB 20 -8.56 65.77 122.31
C THR KB 20 -9.08 64.63 123.18
N ASP KB 21 -10.40 64.56 123.30
CA ASP KB 21 -11.08 63.46 123.97
C ASP KB 21 -11.57 62.41 122.97
N ALA KB 22 -10.65 61.95 122.13
CA ALA KB 22 -11.01 61.03 121.06
C ALA KB 22 -10.80 59.59 121.49
N ALA KB 23 -11.41 58.68 120.74
CA ALA KB 23 -11.36 57.25 121.04
C ALA KB 23 -10.85 56.45 119.85
N GLY KB 24 -10.96 55.13 119.90
CA GLY KB 24 -10.55 54.32 118.78
C GLY KB 24 -11.54 54.41 117.63
N VAL KB 25 -11.02 54.22 116.42
CA VAL KB 25 -11.83 54.15 115.21
C VAL KB 25 -12.32 52.70 115.08
N PRO KB 26 -13.61 52.42 114.93
CA PRO KB 26 -14.01 51.02 114.86
C PRO KB 26 -13.52 50.36 113.58
N MET KB 27 -13.26 49.07 113.69
CA MET KB 27 -12.61 48.33 112.60
C MET KB 27 -13.57 48.14 111.44
N PRO KB 28 -13.14 48.39 110.20
CA PRO KB 28 -13.99 48.13 109.04
C PRO KB 28 -14.13 46.65 108.75
N HIS KB 29 -15.21 46.32 108.05
CA HIS KB 29 -15.43 44.94 107.66
C HIS KB 29 -14.56 44.53 106.48
N VAL KB 30 -14.30 45.45 105.55
CA VAL KB 30 -13.39 45.13 104.46
C VAL KB 30 -12.01 44.80 105.00
N MET KB 31 -11.69 45.22 106.22
CA MET KB 31 -10.47 44.82 106.91
C MET KB 31 -10.66 43.52 107.65
N LYS KB 32 -11.70 42.78 107.32
CA LYS KB 32 -11.96 41.50 107.96
C LYS KB 32 -12.45 40.48 106.94
N ALA KB 33 -12.68 40.88 105.68
CA ALA KB 33 -13.01 40.04 104.55
C ALA KB 33 -12.05 38.86 104.40
N PRO KB 34 -12.37 37.84 103.60
CA PRO KB 34 -11.46 36.71 103.45
C PRO KB 34 -10.18 37.11 102.75
N ILE KB 35 -9.10 36.44 103.09
CA ILE KB 35 -7.83 36.62 102.40
C ILE KB 35 -7.71 35.50 101.38
N ARG KB 36 -7.40 35.85 100.13
CA ARG KB 36 -7.68 34.96 99.02
C ARG KB 36 -6.55 35.04 97.99
N PRO KB 37 -5.56 34.15 98.09
CA PRO KB 37 -4.37 34.29 97.25
C PRO KB 37 -4.53 33.79 95.82
N ASP KB 38 -5.37 32.79 95.59
CA ASP KB 38 -5.54 32.35 94.21
C ASP KB 38 -6.24 33.42 93.39
N VAL KB 39 -7.29 34.02 93.95
CA VAL KB 39 -7.94 35.13 93.29
C VAL KB 39 -6.99 36.31 93.17
N ILE KB 40 -6.17 36.55 94.18
CA ILE KB 40 -5.31 37.73 94.05
C ILE KB 40 -4.29 37.53 92.94
N THR KB 41 -3.77 36.31 92.77
CA THR KB 41 -2.77 36.12 91.72
C THR KB 41 -3.42 36.07 90.33
N PHE KB 42 -4.57 35.43 90.20
CA PHE KB 42 -5.36 35.51 88.98
C PHE KB 42 -5.60 36.95 88.57
N VAL KB 43 -6.24 37.72 89.44
CA VAL KB 43 -6.63 39.07 89.08
C VAL KB 43 -5.41 39.94 88.86
N HIS KB 44 -4.32 39.66 89.57
CA HIS KB 44 -3.17 40.51 89.34
C HIS KB 44 -2.47 40.18 88.03
N ARG KB 45 -2.46 38.91 87.65
CA ARG KB 45 -1.98 38.52 86.34
C ARG KB 45 -2.75 39.20 85.24
N LEU KB 46 -4.07 39.30 85.38
CA LEU KB 46 -4.85 39.90 84.31
C LEU KB 46 -4.87 41.43 84.37
N VAL KB 47 -4.81 42.02 85.56
CA VAL KB 47 -4.78 43.47 85.61
C VAL KB 47 -3.43 44.00 85.14
N SER KB 48 -2.36 43.24 85.31
CA SER KB 48 -1.06 43.73 84.88
C SER KB 48 -0.87 43.66 83.38
N CYS KB 49 -1.60 42.78 82.68
CA CYS KB 49 -1.47 42.74 81.23
C CYS KB 49 -2.05 43.97 80.55
N ASN KB 50 -2.78 44.79 81.28
CA ASN KB 50 -3.67 45.79 80.70
C ASN KB 50 -2.98 47.11 80.39
N SER KB 51 -1.71 47.28 80.75
CA SER KB 51 -1.03 48.54 80.48
C SER KB 51 -0.01 48.42 79.35
N ARG KB 52 0.00 47.30 78.64
CA ARG KB 52 1.02 46.99 77.65
C ARG KB 52 0.90 47.89 76.42
N GLN KB 53 2.01 48.04 75.69
CA GLN KB 53 1.93 48.57 74.33
C GLN KB 53 2.23 47.47 73.34
N PRO KB 54 1.47 47.37 72.27
CA PRO KB 54 1.66 46.26 71.34
C PRO KB 54 3.00 46.34 70.63
N TYR KB 55 3.66 45.21 70.54
CA TYR KB 55 4.90 45.08 69.81
C TYR KB 55 4.75 43.99 68.76
N ALA KB 56 5.35 44.21 67.60
CA ALA KB 56 5.30 43.25 66.52
C ALA KB 56 6.25 43.68 65.42
N VAL KB 57 6.81 42.73 64.71
CA VAL KB 57 7.71 43.05 63.63
C VAL KB 57 6.92 43.64 62.47
N SER KB 58 7.61 44.43 61.64
CA SER KB 58 6.97 45.09 60.52
C SER KB 58 6.39 44.06 59.56
N ARG KB 59 5.24 44.38 58.97
CA ARG KB 59 4.53 43.41 58.16
C ARG KB 59 5.35 42.94 56.98
N LYS KB 60 6.07 43.86 56.35
CA LYS KB 60 6.71 43.61 55.07
C LYS KB 60 8.13 43.04 55.25
N ALA KB 61 8.52 42.69 56.46
CA ALA KB 61 9.83 42.13 56.72
C ALA KB 61 10.05 40.87 55.91
N GLY KB 62 11.29 40.65 55.49
CA GLY KB 62 11.63 39.47 54.73
C GLY KB 62 11.05 39.40 53.36
N HIS KB 63 10.00 40.17 53.05
CA HIS KB 63 9.35 40.15 51.75
C HIS KB 63 9.67 41.37 50.91
N GLN KB 64 10.74 42.08 51.20
CA GLN KB 64 11.14 43.17 50.34
C GLN KB 64 12.18 42.74 49.32
N THR KB 65 12.33 41.43 49.11
CA THR KB 65 13.16 40.89 48.06
C THR KB 65 12.27 40.13 47.09
N SER KB 66 12.58 40.22 45.81
CA SER KB 66 11.88 39.42 44.79
C SER KB 66 12.71 38.21 44.41
N ALA KB 67 12.75 37.25 45.33
CA ALA KB 67 13.45 35.99 45.10
C ALA KB 67 12.47 34.91 44.65
N GLU KB 68 12.98 33.96 43.87
CA GLU KB 68 12.16 32.86 43.39
C GLU KB 68 13.04 31.62 43.29
N SER KB 69 12.49 30.48 43.65
CA SER KB 69 13.31 29.29 43.88
C SER KB 69 14.01 28.85 42.61
N TRP KB 70 15.14 28.18 42.78
CA TRP KB 70 15.84 27.59 41.65
C TRP KB 70 15.23 26.26 41.24
N GLY KB 71 14.38 25.70 42.06
CA GLY KB 71 13.78 24.43 41.74
C GLY KB 71 14.83 23.34 41.77
N THR KB 72 14.37 22.12 41.53
CA THR KB 72 15.26 21.00 41.54
C THR KB 72 16.18 21.07 40.33
N GLY KB 73 17.26 20.30 40.38
CA GLY KB 73 18.19 20.24 39.27
C GLY KB 73 19.35 21.21 39.33
N ARG KB 74 19.62 21.82 40.48
CA ARG KB 74 20.78 22.69 40.64
C ARG KB 74 21.67 22.28 41.81
N ALA KB 75 21.59 21.03 42.24
CA ALA KB 75 22.41 20.47 43.31
C ALA KB 75 22.28 21.22 44.63
N VAL KB 76 21.32 22.14 44.74
CA VAL KB 76 21.14 22.96 45.92
C VAL KB 76 19.70 22.83 46.38
N SER KB 77 19.43 23.32 47.58
CA SER KB 77 18.09 23.19 48.14
C SER KB 77 17.09 23.97 47.31
N ARG KB 78 15.81 23.66 47.52
CA ARG KB 78 14.74 24.19 46.71
C ARG KB 78 14.18 25.50 47.23
N ILE KB 79 14.93 26.21 48.06
CA ILE KB 79 14.38 27.32 48.81
C ILE KB 79 14.50 28.59 47.97
N PRO KB 80 13.58 29.56 48.09
CA PRO KB 80 13.67 30.75 47.25
C PRO KB 80 15.00 31.47 47.36
N ARG KB 81 15.53 31.82 46.20
CA ARG KB 81 16.87 32.37 46.08
C ARG KB 81 16.86 33.67 45.30
N VAL KB 82 17.79 34.54 45.64
CA VAL KB 82 17.76 35.90 45.12
C VAL KB 82 18.37 35.93 43.73
N GLY KB 83 17.73 36.66 42.83
CA GLY KB 83 18.12 36.66 41.44
C GLY KB 83 19.09 37.77 41.10
N GLY KB 84 19.60 37.70 39.89
CA GLY KB 84 20.56 38.67 39.42
C GLY KB 84 21.99 38.25 39.69
N GLY KB 85 22.87 39.23 39.85
CA GLY KB 85 24.26 38.93 40.07
C GLY KB 85 24.99 40.17 40.53
N GLY KB 86 26.30 40.04 40.63
CA GLY KB 86 27.16 41.16 40.95
C GLY KB 86 27.38 41.39 42.42
N THR KB 87 26.52 40.85 43.28
CA THR KB 87 26.69 40.99 44.71
C THR KB 87 26.86 39.60 45.30
N HIS KB 88 27.22 39.54 46.57
CA HIS KB 88 27.16 38.26 47.25
C HIS KB 88 25.73 37.79 47.42
N ARG KB 89 24.77 38.70 47.25
CA ARG KB 89 23.39 38.38 47.58
C ARG KB 89 22.85 37.32 46.63
N ALA KB 90 23.28 37.32 45.38
CA ALA KB 90 22.75 36.40 44.39
C ALA KB 90 22.99 34.95 44.81
N GLY KB 91 21.92 34.18 44.81
CA GLY KB 91 22.00 32.80 45.24
C GLY KB 91 21.73 32.57 46.70
N GLN KB 92 21.56 33.62 47.49
CA GLN KB 92 21.33 33.47 48.92
C GLN KB 92 19.84 33.35 49.19
N GLY KB 93 19.45 32.36 49.98
CA GLY KB 93 18.04 32.10 50.20
C GLY KB 93 17.34 33.26 50.88
N ALA KB 94 16.03 33.35 50.65
CA ALA KB 94 15.22 34.39 51.26
C ALA KB 94 13.86 33.82 51.62
N PHE KB 95 13.05 34.66 52.29
CA PHE KB 95 11.66 34.40 52.60
C PHE KB 95 11.44 33.34 53.67
N GLY KB 96 12.47 32.62 54.02
CA GLY KB 96 12.30 31.59 55.03
C GLY KB 96 12.40 32.16 56.41
N ASN KB 97 11.89 31.39 57.36
CA ASN KB 97 12.31 31.61 58.74
C ASN KB 97 13.69 31.04 58.96
N MET KB 98 14.04 30.01 58.21
CA MET KB 98 15.28 29.28 58.40
C MET KB 98 16.48 30.03 57.86
N CYS KB 99 16.26 31.01 57.01
CA CYS KB 99 17.33 31.68 56.28
C CYS KB 99 17.75 32.96 56.93
N ARG KB 100 19.05 33.21 56.91
CA ARG KB 100 19.54 34.54 57.24
C ARG KB 100 18.98 35.53 56.26
N GLY KB 101 18.17 36.44 56.76
CA GLY KB 101 17.59 37.45 55.91
C GLY KB 101 16.14 37.27 55.56
N GLY KB 102 15.43 36.34 56.22
CA GLY KB 102 14.02 36.14 55.97
C GLY KB 102 13.14 36.63 57.11
N ARG KB 103 11.88 36.20 57.06
CA ARG KB 103 10.88 36.42 58.09
C ARG KB 103 11.26 35.75 59.40
N MET KB 104 10.38 35.84 60.40
CA MET KB 104 10.35 34.88 61.48
C MET KB 104 9.10 34.02 61.36
N PHE KB 105 9.10 32.85 61.97
CA PHE KB 105 7.93 31.99 61.88
C PHE KB 105 6.77 32.58 62.63
N ALA KB 106 5.64 32.70 61.94
CA ALA KB 106 4.44 33.33 62.47
C ALA KB 106 4.79 34.69 63.04
N PRO KB 107 5.11 35.66 62.20
CA PRO KB 107 5.51 36.97 62.72
C PRO KB 107 4.45 37.54 63.63
N THR KB 108 4.88 38.11 64.75
CA THR KB 108 3.94 38.65 65.71
C THR KB 108 3.11 39.73 65.05
N ARG KB 109 1.88 39.88 65.51
CA ARG KB 109 0.99 40.86 64.94
C ARG KB 109 0.40 41.72 66.04
N ILE KB 110 0.03 42.95 65.68
CA ILE KB 110 -0.43 43.90 66.69
C ILE KB 110 -1.72 43.44 67.34
N TRP KB 111 -2.47 42.56 66.70
CA TRP KB 111 -3.77 42.13 67.22
C TRP KB 111 -3.68 40.87 68.07
N ARG KB 112 -2.58 40.68 68.80
CA ARG KB 112 -2.58 39.77 69.94
C ARG KB 112 -3.51 40.29 71.01
N LYS KB 113 -3.65 39.56 72.11
CA LYS KB 113 -4.57 39.94 73.17
C LYS KB 113 -3.74 40.61 74.27
N TRP KB 114 -3.41 41.88 74.04
CA TRP KB 114 -2.60 42.59 75.03
C TRP KB 114 -3.37 42.84 76.31
N HIS KB 115 -4.58 43.34 76.18
CA HIS KB 115 -5.43 43.55 77.34
C HIS KB 115 -6.34 42.36 77.57
N ARG KB 116 -6.51 41.98 78.82
CA ARG KB 116 -7.48 40.97 79.20
C ARG KB 116 -8.52 41.62 80.10
N ARG KB 117 -9.72 41.03 80.13
CA ARG KB 117 -10.80 41.54 80.94
C ARG KB 117 -11.01 40.65 82.16
N VAL KB 118 -11.35 41.28 83.28
CA VAL KB 118 -11.79 40.57 84.47
C VAL KB 118 -13.11 41.16 84.94
N ASN KB 119 -13.99 40.30 85.44
CA ASN KB 119 -15.30 40.72 85.88
C ASN KB 119 -15.15 41.84 86.90
N VAL KB 120 -15.99 42.87 86.79
CA VAL KB 120 -15.85 44.01 87.69
C VAL KB 120 -16.03 43.56 89.13
N ARG KB 121 -16.95 42.64 89.38
CA ARG KB 121 -17.08 42.13 90.73
C ARG KB 121 -15.87 41.34 91.15
N LEU KB 122 -15.16 40.72 90.20
CA LEU KB 122 -13.96 39.99 90.59
C LEU KB 122 -12.80 40.93 90.89
N ARG KB 123 -12.73 42.09 90.23
CA ARG KB 123 -11.78 43.10 90.67
C ARG KB 123 -12.11 43.55 92.09
N ARG KB 124 -13.40 43.75 92.36
CA ARG KB 124 -13.79 44.20 93.69
C ARG KB 124 -13.49 43.14 94.74
N VAL KB 125 -13.73 41.87 94.44
CA VAL KB 125 -13.37 40.80 95.35
C VAL KB 125 -11.87 40.83 95.61
N ALA KB 126 -11.09 40.97 94.54
CA ALA KB 126 -9.64 40.91 94.69
C ALA KB 126 -9.13 42.07 95.52
N VAL KB 127 -9.68 43.27 95.33
CA VAL KB 127 -9.16 44.40 96.08
C VAL KB 127 -9.62 44.33 97.54
N ALA KB 128 -10.81 43.78 97.80
CA ALA KB 128 -11.20 43.55 99.18
C ALA KB 128 -10.29 42.54 99.86
N SER KB 129 -9.93 41.46 99.17
CA SER KB 129 -9.02 40.50 99.78
C SER KB 129 -7.57 40.95 99.75
N ALA KB 130 -7.26 42.01 99.00
CA ALA KB 130 -5.97 42.69 99.15
C ALA KB 130 -5.95 43.54 100.40
N LEU KB 131 -7.04 44.26 100.66
CA LEU KB 131 -7.11 45.00 101.91
C LEU KB 131 -7.08 44.06 103.11
N ALA KB 132 -7.88 43.00 103.07
CA ALA KB 132 -8.05 42.16 104.25
C ALA KB 132 -6.76 41.47 104.66
N ALA KB 133 -5.81 41.33 103.74
CA ALA KB 133 -4.56 40.68 104.06
C ALA KB 133 -3.55 41.64 104.65
N THR KB 134 -3.69 42.94 104.40
CA THR KB 134 -2.76 43.90 104.97
C THR KB 134 -2.97 44.08 106.46
N ALA KB 135 -4.16 43.85 106.94
CA ALA KB 135 -4.44 44.06 108.35
C ALA KB 135 -3.85 43.02 109.21
N VAL KB 136 -2.95 42.22 108.64
CA VAL KB 136 -2.26 41.16 109.34
C VAL KB 136 -0.77 41.48 109.42
N PRO KB 137 -0.21 41.70 110.61
CA PRO KB 137 1.24 41.87 110.70
C PRO KB 137 2.03 40.70 110.17
N ALA KB 138 1.52 39.47 110.31
CA ALA KB 138 2.31 38.32 109.88
C ALA KB 138 2.47 38.27 108.37
N ILE KB 139 1.43 38.61 107.62
CA ILE KB 139 1.55 38.57 106.17
C ILE KB 139 2.24 39.82 105.64
N VAL KB 140 2.06 40.98 106.27
CA VAL KB 140 2.85 42.15 105.91
C VAL KB 140 4.33 41.88 106.13
N THR KB 141 4.68 41.15 107.17
CA THR KB 141 6.08 40.79 107.37
C THR KB 141 6.53 39.78 106.34
N ALA KB 142 5.77 38.71 106.15
CA ALA KB 142 6.15 37.66 105.21
C ALA KB 142 6.26 38.17 103.79
N ARG KB 143 5.61 39.27 103.48
CA ARG KB 143 5.73 39.89 102.17
C ARG KB 143 7.01 40.70 102.04
N GLY KB 144 7.75 40.88 103.13
CA GLY KB 144 9.09 41.41 103.09
C GLY KB 144 9.31 42.73 103.80
N HIS KB 145 8.27 43.44 104.22
CA HIS KB 145 8.45 44.74 104.84
C HIS KB 145 9.07 44.64 106.21
N ARG KB 146 9.86 45.64 106.56
CA ARG KB 146 10.51 45.70 107.86
C ARG KB 146 9.54 46.36 108.83
N ILE KB 147 8.82 45.55 109.59
CA ILE KB 147 7.88 46.05 110.59
C ILE KB 147 8.26 45.43 111.93
N GLU KB 148 9.14 46.10 112.65
CA GLU KB 148 9.54 45.68 113.98
C GLU KB 148 9.50 46.81 114.99
N SER KB 149 9.31 48.05 114.58
CA SER KB 149 9.05 49.13 115.50
C SER KB 149 7.71 49.79 115.24
N VAL KB 150 6.94 49.29 114.29
CA VAL KB 150 5.64 49.90 114.00
C VAL KB 150 4.72 49.66 115.19
N PRO KB 151 4.02 50.67 115.66
CA PRO KB 151 3.31 50.55 116.94
C PRO KB 151 2.11 49.63 116.92
N GLU KB 152 1.25 49.71 115.91
CA GLU KB 152 0.04 48.88 115.93
C GLU KB 152 -0.46 48.70 114.50
N PHE KB 153 -1.11 47.57 114.27
CA PHE KB 153 -1.74 47.30 113.00
C PHE KB 153 -3.24 47.15 113.15
N PRO KB 154 -4.02 47.56 112.15
CA PRO KB 154 -3.47 48.25 110.98
C PRO KB 154 -3.24 49.73 111.28
N LEU KB 155 -2.06 50.20 110.92
CA LEU KB 155 -1.55 51.46 111.42
C LEU KB 155 -2.34 52.63 110.86
N VAL KB 156 -2.58 53.64 111.69
CA VAL KB 156 -3.39 54.80 111.34
C VAL KB 156 -2.70 56.03 111.93
N VAL KB 157 -2.68 57.12 111.20
CA VAL KB 157 -2.16 58.38 111.72
C VAL KB 157 -3.30 59.38 111.81
N SER KB 158 -3.06 60.48 112.51
CA SER KB 158 -4.07 61.50 112.56
C SER KB 158 -4.14 62.22 111.22
N ASP KB 159 -5.18 63.02 111.05
CA ASP KB 159 -5.35 63.74 109.79
C ASP KB 159 -4.44 64.94 109.68
N SER KB 160 -3.79 65.36 110.76
CA SER KB 160 -2.86 66.47 110.66
C SER KB 160 -1.69 66.13 109.74
N ALA KB 161 -1.50 64.84 109.45
CA ALA KB 161 -0.53 64.44 108.43
C ALA KB 161 -0.89 65.03 107.08
N GLU KB 162 -2.17 65.25 106.80
CA GLU KB 162 -2.60 65.71 105.49
C GLU KB 162 -2.03 67.08 105.14
N GLY KB 163 -1.68 67.89 106.13
CA GLY KB 163 -1.33 69.26 105.86
C GLY KB 163 0.11 69.55 105.56
N ILE KB 164 0.99 68.56 105.61
CA ILE KB 164 2.42 68.80 105.45
C ILE KB 164 2.72 69.20 104.01
N GLU KB 165 3.92 69.69 103.75
CA GLU KB 165 4.26 70.04 102.39
C GLU KB 165 5.56 69.39 101.90
N LYS KB 166 6.59 69.33 102.73
CA LYS KB 166 7.92 68.93 102.28
C LYS KB 166 8.23 67.49 102.63
N THR KB 167 9.24 66.95 101.94
CA THR KB 167 9.67 65.58 102.22
C THR KB 167 10.54 65.50 103.46
N ALA KB 168 11.18 66.59 103.86
CA ALA KB 168 11.74 66.62 105.21
C ALA KB 168 10.65 66.37 106.23
N GLN KB 169 9.51 67.04 106.08
CA GLN KB 169 8.38 66.78 106.95
C GLN KB 169 7.87 65.36 106.80
N ALA KB 170 7.88 64.81 105.59
CA ALA KB 170 7.39 63.45 105.40
C ALA KB 170 8.26 62.44 106.12
N ILE KB 171 9.59 62.61 106.08
CA ILE KB 171 10.48 61.73 106.80
C ILE KB 171 10.34 61.94 108.31
N LYS KB 172 10.17 63.19 108.73
CA LYS KB 172 9.85 63.47 110.13
C LYS KB 172 8.62 62.69 110.56
N VAL KB 173 7.60 62.66 109.72
CA VAL KB 173 6.37 61.92 110.01
C VAL KB 173 6.66 60.44 110.13
N LEU KB 174 7.41 59.88 109.18
CA LEU KB 174 7.65 58.45 109.21
C LEU KB 174 8.58 58.03 110.35
N LYS KB 175 9.33 58.95 110.92
CA LYS KB 175 10.07 58.61 112.14
C LYS KB 175 9.14 58.26 113.29
N GLN KB 176 8.05 59.02 113.48
CA GLN KB 176 7.15 58.73 114.57
C GLN KB 176 6.55 57.35 114.42
N LEU KB 177 6.07 57.04 113.23
CA LEU KB 177 5.64 55.70 112.91
C LEU KB 177 6.88 54.82 112.85
N GLY KB 178 6.69 53.53 112.59
CA GLY KB 178 7.85 52.66 112.60
C GLY KB 178 8.34 52.31 111.21
N ALA KB 179 7.88 53.05 110.22
CA ALA KB 179 8.09 52.68 108.83
C ALA KB 179 9.27 53.36 108.17
N TYR KB 180 9.99 54.22 108.88
CA TYR KB 180 11.14 54.80 108.21
C TYR KB 180 12.23 53.77 107.98
N ALA KB 181 12.20 52.67 108.74
CA ALA KB 181 13.07 51.54 108.43
C ALA KB 181 12.72 50.98 107.06
N ASP KB 182 11.44 50.93 106.74
CA ASP KB 182 11.00 50.44 105.44
C ASP KB 182 11.37 51.42 104.32
N ALA KB 183 11.17 52.71 104.54
CA ALA KB 183 11.61 53.66 103.53
C ALA KB 183 13.12 53.55 103.30
N GLU KB 184 13.87 53.34 104.37
CA GLU KB 184 15.32 53.20 104.24
C GLU KB 184 15.68 51.96 103.45
N LYS KB 185 14.98 50.85 103.68
CA LYS KB 185 15.17 49.67 102.85
C LYS KB 185 14.94 49.99 101.38
N ALA KB 186 13.85 50.69 101.09
CA ALA KB 186 13.53 51.02 99.71
C ALA KB 186 14.62 51.87 99.09
N LYS KB 187 15.14 52.83 99.84
CA LYS KB 187 16.10 53.77 99.27
C LYS KB 187 17.48 53.14 99.12
N ASP KB 188 17.90 52.31 100.07
CA ASP KB 188 19.20 51.67 99.92
C ASP KB 188 19.18 50.45 99.01
N SER KB 189 18.01 49.95 98.64
CA SER KB 189 18.00 48.81 97.72
C SER KB 189 18.10 49.23 96.26
N VAL KB 190 18.11 50.53 95.96
CA VAL KB 190 17.99 50.96 94.58
C VAL KB 190 19.24 50.56 93.80
N GLY KB 191 19.03 50.04 92.60
CA GLY KB 191 20.13 49.58 91.77
C GLY KB 191 19.70 49.54 90.33
N ILE KB 192 20.65 49.22 89.47
CA ILE KB 192 20.41 49.24 88.04
C ILE KB 192 19.85 47.89 87.62
N ARG KB 193 18.77 47.92 86.85
CA ARG KB 193 18.02 46.71 86.53
C ARG KB 193 18.86 45.80 85.66
N PRO KB 194 19.19 44.59 86.10
CA PRO KB 194 20.04 43.72 85.28
C PRO KB 194 19.32 43.24 84.03
N GLY KB 195 20.10 42.92 83.00
CA GLY KB 195 19.56 42.38 81.76
C GLY KB 195 19.35 43.44 80.69
N LYS KB 196 18.64 43.04 79.64
CA LYS KB 196 18.21 43.97 78.61
C LYS KB 196 17.24 45.02 79.13
N GLY KB 197 16.85 44.97 80.39
CA GLY KB 197 16.04 46.05 80.92
C GLY KB 197 16.81 47.33 81.10
N LYS KB 198 18.13 47.25 81.25
CA LYS KB 198 18.87 48.46 81.60
C LYS KB 198 19.16 49.32 80.41
N MET KB 199 18.47 49.10 79.31
CA MET KB 199 18.75 49.84 78.10
C MET KB 199 17.47 50.20 77.35
N ARG KB 200 16.32 49.78 77.87
CA ARG KB 200 15.01 50.00 77.28
C ARG KB 200 14.24 51.09 78.02
N ASN KB 201 14.95 51.96 78.74
CA ASN KB 201 14.35 52.98 79.60
C ASN KB 201 13.75 52.37 80.87
N ARG KB 202 14.44 51.42 81.47
CA ARG KB 202 14.08 50.92 82.79
C ARG KB 202 15.33 50.69 83.63
N ARG KB 203 16.19 51.69 83.72
CA ARG KB 203 17.49 51.50 84.37
C ARG KB 203 17.35 50.99 85.80
N TYR KB 204 16.60 51.70 86.63
CA TYR KB 204 16.65 51.47 88.08
C TYR KB 204 15.42 50.75 88.60
N ILE KB 205 15.67 49.77 89.47
CA ILE KB 205 14.64 49.08 90.22
C ILE KB 205 14.84 49.42 91.69
N ASN KB 206 13.95 48.91 92.53
CA ASN KB 206 14.05 49.12 93.97
C ASN KB 206 13.06 48.17 94.66
N ARG KB 207 12.90 48.34 95.96
CA ARG KB 207 11.94 47.58 96.71
C ARG KB 207 10.67 48.42 96.84
N LYS KB 208 9.75 48.02 97.72
CA LYS KB 208 8.50 48.75 97.90
C LYS KB 208 8.39 49.22 99.33
N GLY KB 209 7.84 50.41 99.54
CA GLY KB 209 7.68 50.98 100.85
C GLY KB 209 6.23 51.18 101.25
N PRO KB 210 6.01 51.98 102.29
CA PRO KB 210 4.64 52.14 102.79
C PRO KB 210 3.79 52.95 101.83
N LEU KB 211 2.58 52.46 101.59
CA LEU KB 211 1.61 53.12 100.73
C LEU KB 211 0.71 53.99 101.59
N ILE KB 212 0.99 55.27 101.66
CA ILE KB 212 0.13 56.19 102.41
C ILE KB 212 -1.18 56.36 101.66
N VAL KB 213 -2.28 56.16 102.37
CA VAL KB 213 -3.62 56.28 101.82
C VAL KB 213 -4.28 57.47 102.46
N TYR KB 214 -4.74 58.42 101.66
CA TYR KB 214 -5.48 59.51 102.26
C TYR KB 214 -6.93 59.43 101.83
N GLY KB 215 -7.75 60.32 102.36
CA GLY KB 215 -9.13 60.36 101.96
C GLY KB 215 -9.60 61.71 101.49
N THR KB 216 -8.99 62.77 102.00
CA THR KB 216 -9.44 64.13 101.72
C THR KB 216 -8.77 64.61 100.45
N GLU KB 217 -9.55 64.78 99.39
CA GLU KB 217 -9.00 65.14 98.10
C GLU KB 217 -8.46 66.56 98.11
N GLY KB 218 -7.50 66.81 97.24
CA GLY KB 218 -6.96 68.14 97.06
C GLY KB 218 -5.91 68.55 98.06
N SER KB 219 -5.53 67.68 98.99
CA SER KB 219 -4.54 68.05 100.00
C SER KB 219 -3.15 67.96 99.38
N LYS KB 220 -2.12 67.98 100.22
CA LYS KB 220 -0.78 68.25 99.74
C LYS KB 220 0.25 67.17 100.03
N ILE KB 221 -0.09 66.12 100.76
CA ILE KB 221 0.91 65.09 101.02
C ILE KB 221 1.16 64.26 99.78
N VAL KB 222 0.21 64.27 98.85
CA VAL KB 222 0.40 63.54 97.61
C VAL KB 222 1.66 64.03 96.91
N LYS KB 223 1.94 65.32 97.04
CA LYS KB 223 3.13 65.89 96.46
C LYS KB 223 4.32 65.86 97.40
N ALA KB 224 4.13 65.45 98.65
CA ALA KB 224 5.25 65.40 99.56
C ALA KB 224 5.90 64.03 99.61
N PHE KB 225 5.10 62.99 99.61
CA PHE KB 225 5.64 61.64 99.66
C PHE KB 225 6.13 61.14 98.31
N ARG KB 226 6.07 61.97 97.27
CA ARG KB 226 6.35 61.50 95.92
C ARG KB 226 7.82 61.15 95.73
N ASN KB 227 8.71 62.04 96.14
CA ASN KB 227 10.14 61.84 95.90
C ASN KB 227 10.70 60.67 96.65
N LEU KB 228 9.98 60.10 97.58
CA LEU KB 228 10.50 58.97 98.31
C LEU KB 228 10.52 57.73 97.41
N PRO KB 229 11.64 57.07 97.24
CA PRO KB 229 11.63 55.81 96.50
C PRO KB 229 10.88 54.74 97.26
N GLY KB 230 10.07 53.97 96.52
CA GLY KB 230 9.32 52.89 97.13
C GLY KB 230 8.02 53.33 97.78
N VAL KB 231 7.98 54.55 98.28
CA VAL KB 231 6.81 55.06 98.99
C VAL KB 231 5.80 55.59 97.98
N ASP KB 232 4.55 55.15 98.13
CA ASP KB 232 3.49 55.49 97.21
C ASP KB 232 2.45 56.32 97.95
N VAL KB 233 1.56 56.95 97.20
CA VAL KB 233 0.40 57.63 97.75
C VAL KB 233 -0.81 57.26 96.91
N ALA KB 234 -1.90 56.90 97.57
CA ALA KB 234 -3.13 56.53 96.90
C ALA KB 234 -4.30 57.14 97.65
N ASN KB 235 -5.24 57.69 96.90
CA ASN KB 235 -6.51 58.09 97.48
C ASN KB 235 -7.29 56.86 97.89
N VAL KB 236 -8.21 57.02 98.82
CA VAL KB 236 -8.94 55.85 99.31
C VAL KB 236 -10.17 55.55 98.47
N GLU KB 237 -10.75 56.55 97.79
CA GLU KB 237 -11.86 56.25 96.89
C GLU KB 237 -11.41 55.22 95.86
N ARG KB 238 -10.32 55.51 95.16
CA ARG KB 238 -9.76 54.65 94.13
C ARG KB 238 -8.49 53.94 94.62
N LEU KB 239 -8.69 52.92 95.45
CA LEU KB 239 -7.57 52.03 95.73
C LEU KB 239 -7.27 51.17 94.53
N ASN KB 240 -5.98 50.97 94.28
CA ASN KB 240 -5.49 50.30 93.09
C ASN KB 240 -4.83 48.98 93.48
N LEU KB 241 -5.16 47.91 92.75
CA LEU KB 241 -4.61 46.62 93.12
C LEU KB 241 -3.10 46.56 92.91
N LEU KB 242 -2.59 47.24 91.90
CA LEU KB 242 -1.16 47.29 91.67
C LEU KB 242 -0.43 47.86 92.87
N ASP KB 243 -1.10 48.71 93.64
CA ASP KB 243 -0.51 49.19 94.87
C ASP KB 243 -0.76 48.20 96.00
N LEU KB 244 -2.00 47.77 96.17
CA LEU KB 244 -2.35 47.02 97.38
C LEU KB 244 -1.79 45.61 97.38
N ALA KB 245 -1.26 45.11 96.27
CA ALA KB 245 -0.60 43.81 96.35
C ALA KB 245 0.40 43.61 95.23
N PRO KB 246 1.55 44.28 95.27
CA PRO KB 246 2.50 44.19 94.16
C PRO KB 246 3.01 42.77 93.98
N GLY KB 247 3.34 42.44 92.74
CA GLY KB 247 3.94 41.17 92.43
C GLY KB 247 3.00 40.00 92.48
N GLY KB 248 1.72 40.24 92.74
CA GLY KB 248 0.80 39.17 93.02
C GLY KB 248 0.85 38.67 94.44
N HIS KB 249 1.72 39.24 95.27
CA HIS KB 249 1.89 38.78 96.64
C HIS KB 249 1.12 39.67 97.60
N LEU KB 250 0.71 39.08 98.70
CA LEU KB 250 -0.31 39.62 99.57
C LEU KB 250 0.33 40.54 100.60
N GLY KB 251 -0.29 41.69 100.83
CA GLY KB 251 0.12 42.45 102.00
C GLY KB 251 1.08 43.59 101.80
N ARG KB 252 0.78 44.49 100.88
CA ARG KB 252 1.48 45.77 100.87
C ARG KB 252 1.29 46.49 102.20
N PHE KB 253 2.40 46.94 102.77
CA PHE KB 253 2.39 47.65 104.06
C PHE KB 253 1.80 49.03 103.89
N VAL KB 254 0.57 49.22 104.35
CA VAL KB 254 -0.23 50.41 104.06
C VAL KB 254 -0.32 51.28 105.29
N ILE KB 255 -0.18 52.59 105.11
CA ILE KB 255 -0.24 53.55 106.20
C ILE KB 255 -1.47 54.41 105.97
N TRP KB 256 -2.49 54.24 106.81
CA TRP KB 256 -3.74 54.98 106.66
C TRP KB 256 -3.71 56.31 107.41
N THR KB 257 -4.30 57.33 106.82
CA THR KB 257 -4.64 58.48 107.63
C THR KB 257 -6.04 58.28 108.20
N GLU KB 258 -6.34 59.04 109.25
CA GLU KB 258 -7.63 58.88 109.93
C GLU KB 258 -8.79 59.16 109.01
N SER KB 259 -8.66 60.17 108.14
CA SER KB 259 -9.76 60.51 107.24
C SER KB 259 -10.08 59.36 106.32
N ALA KB 260 -9.07 58.74 105.74
CA ALA KB 260 -9.30 57.59 104.90
C ALA KB 260 -9.89 56.45 105.71
N PHE KB 261 -9.26 56.13 106.83
CA PHE KB 261 -9.67 54.95 107.58
C PHE KB 261 -11.10 55.05 108.05
N LYS KB 262 -11.56 56.27 108.33
CA LYS KB 262 -12.93 56.40 108.78
C LYS KB 262 -13.93 56.42 107.64
N LYS KB 263 -13.48 56.36 106.39
CA LYS KB 263 -14.42 56.24 105.28
C LYS KB 263 -14.21 54.98 104.48
N LEU KB 264 -13.31 54.10 104.92
CA LEU KB 264 -13.31 52.76 104.33
C LEU KB 264 -14.70 52.15 104.36
N ASP KB 265 -15.32 52.08 105.53
CA ASP KB 265 -16.60 51.41 105.64
C ASP KB 265 -17.71 52.12 104.85
N GLU KB 266 -17.61 53.43 104.67
CA GLU KB 266 -18.57 54.11 103.81
C GLU KB 266 -18.31 53.81 102.34
N VAL KB 267 -17.09 53.41 101.99
CA VAL KB 267 -16.80 52.96 100.63
C VAL KB 267 -17.25 51.52 100.41
N TYR KB 268 -16.76 50.61 101.23
CA TYR KB 268 -16.95 49.19 100.98
C TYR KB 268 -18.21 48.62 101.58
N GLY KB 269 -18.75 49.20 102.65
CA GLY KB 269 -19.97 48.66 103.21
C GLY KB 269 -19.73 47.42 104.04
N SER KB 270 -20.74 46.58 104.11
CA SER KB 270 -20.76 45.44 105.02
C SER KB 270 -21.42 44.27 104.31
N PHE KB 271 -21.85 43.27 105.07
CA PHE KB 271 -22.57 42.15 104.49
C PHE KB 271 -24.03 42.51 104.29
N GLU KB 272 -24.31 43.66 103.71
CA GLU KB 272 -25.67 44.15 103.59
C GLU KB 272 -25.87 44.66 102.18
N ALA KB 273 -27.02 44.39 101.61
CA ALA KB 273 -27.32 44.88 100.28
C ALA KB 273 -27.29 46.41 100.29
N SER KB 274 -26.65 47.00 99.29
CA SER KB 274 -26.66 48.45 99.10
C SER KB 274 -26.03 49.19 100.27
N SER KB 275 -25.19 48.51 101.04
CA SER KB 275 -24.46 49.21 102.09
C SER KB 275 -23.41 50.13 101.51
N SER KB 276 -22.79 49.70 100.42
CA SER KB 276 -21.55 50.26 99.90
C SER KB 276 -21.80 51.54 99.12
N LYS KB 277 -20.69 52.17 98.72
CA LYS KB 277 -20.73 53.16 97.67
C LYS KB 277 -20.71 52.51 96.30
N LYS KB 278 -20.31 51.24 96.23
CA LYS KB 278 -20.16 50.53 94.96
C LYS KB 278 -21.38 49.63 94.73
N LYS KB 279 -22.13 49.91 93.67
CA LYS KB 279 -23.37 49.18 93.40
C LYS KB 279 -23.06 47.75 92.99
N GLY KB 280 -23.89 46.82 93.47
CA GLY KB 280 -23.80 45.44 93.02
C GLY KB 280 -22.72 44.63 93.68
N PHE KB 281 -22.40 44.93 94.94
CA PHE KB 281 -21.27 44.29 95.59
C PHE KB 281 -21.54 44.19 97.09
N VAL KB 282 -21.37 43.01 97.62
CA VAL KB 282 -21.33 42.79 99.05
C VAL KB 282 -20.04 42.06 99.34
N LEU KB 283 -19.48 42.30 100.51
CA LEU KB 283 -18.18 41.74 100.81
C LEU KB 283 -18.24 40.22 100.67
N PRO KB 284 -17.21 39.60 100.09
CA PRO KB 284 -17.27 38.15 99.90
C PRO KB 284 -17.32 37.44 101.24
N ARG KB 285 -18.12 36.39 101.30
CA ARG KB 285 -18.05 35.69 102.56
C ARG KB 285 -17.21 34.44 102.42
N PRO KB 286 -16.45 34.07 103.43
CA PRO KB 286 -15.52 32.95 103.28
C PRO KB 286 -16.23 31.60 103.24
N LYS KB 287 -15.46 30.54 103.05
CA LYS KB 287 -16.00 29.18 103.12
C LYS KB 287 -15.88 28.59 104.52
N MET KB 288 -15.36 29.36 105.48
CA MET KB 288 -15.37 28.98 106.88
C MET KB 288 -15.42 30.26 107.71
N THR KB 289 -16.32 30.30 108.70
CA THR KB 289 -16.39 31.47 109.55
C THR KB 289 -15.13 31.64 110.39
N ASN KB 290 -14.63 30.55 110.96
CA ASN KB 290 -13.43 30.59 111.79
C ASN KB 290 -12.53 29.44 111.38
N ALA KB 291 -11.40 29.75 110.75
CA ALA KB 291 -10.48 28.75 110.22
C ALA KB 291 -9.38 28.39 111.21
N ASP KB 292 -9.69 28.34 112.50
CA ASP KB 292 -8.72 27.88 113.49
C ASP KB 292 -8.91 26.39 113.67
N LEU KB 293 -8.16 25.62 112.88
CA LEU KB 293 -8.23 24.17 113.00
C LEU KB 293 -7.84 23.71 114.39
N GLY KB 294 -7.03 24.49 115.09
CA GLY KB 294 -6.82 24.21 116.49
C GLY KB 294 -8.13 23.99 117.23
N ARG KB 295 -9.01 25.00 117.22
CA ARG KB 295 -10.21 24.89 118.03
C ARG KB 295 -11.20 23.92 117.40
N LEU KB 296 -11.20 23.78 116.08
CA LEU KB 296 -12.03 22.74 115.48
C LEU KB 296 -11.62 21.36 115.97
N ILE KB 297 -10.40 20.93 115.62
CA ILE KB 297 -9.94 19.59 115.92
C ILE KB 297 -9.73 19.38 117.41
N ASN KB 298 -9.77 20.44 118.22
CA ASN KB 298 -9.48 20.31 119.63
C ASN KB 298 -10.64 20.76 120.50
N SER KB 299 -11.80 21.03 119.92
CA SER KB 299 -12.94 21.42 120.74
C SER KB 299 -13.66 20.18 121.24
N ASP KB 300 -14.54 20.40 122.21
CA ASP KB 300 -15.18 19.30 122.91
C ASP KB 300 -15.97 18.42 121.95
N GLU KB 301 -16.71 19.07 121.03
CA GLU KB 301 -17.65 18.35 120.18
C GLU KB 301 -16.93 17.36 119.27
N VAL KB 302 -15.88 17.83 118.59
CA VAL KB 302 -15.13 16.96 117.69
C VAL KB 302 -14.40 15.88 118.47
N GLN KB 303 -13.79 16.25 119.59
CA GLN KB 303 -12.92 15.33 120.29
C GLN KB 303 -13.67 14.34 121.17
N SER KB 304 -14.98 14.52 121.37
CA SER KB 304 -15.71 13.57 122.17
C SER KB 304 -15.91 12.24 121.47
N VAL KB 305 -15.76 12.19 120.15
CA VAL KB 305 -16.21 11.04 119.37
C VAL KB 305 -15.07 10.27 118.72
N VAL KB 306 -13.86 10.83 118.65
CA VAL KB 306 -12.78 10.12 117.99
C VAL KB 306 -12.36 8.91 118.81
N LYS KB 307 -11.78 7.95 118.13
CA LYS KB 307 -11.42 6.67 118.74
C LYS KB 307 -10.03 6.72 119.34
N PRO KB 308 -9.68 5.75 120.20
CA PRO KB 308 -8.34 5.72 120.79
C PRO KB 308 -7.22 5.80 119.77
N ILE KB 309 -6.32 6.76 119.96
CA ILE KB 309 -5.25 7.00 119.00
C ILE KB 309 -4.38 5.77 118.91
N ASN KB 310 -3.77 5.56 117.74
CA ASN KB 310 -3.05 4.34 117.43
C ASN KB 310 -1.67 4.80 116.97
N LYS KB 311 -0.76 4.98 117.92
CA LYS KB 311 0.58 5.46 117.64
C LYS KB 311 1.51 4.33 117.24
N GLU KB 312 1.02 3.10 117.18
CA GLU KB 312 1.89 1.93 117.14
C GLU KB 312 2.26 1.61 115.71
N VAL KB 313 3.55 1.55 115.42
CA VAL KB 313 4.05 1.15 114.11
C VAL KB 313 4.32 -0.34 114.16
N LYS KB 314 3.67 -1.08 113.29
CA LYS KB 314 3.81 -2.53 113.23
C LYS KB 314 4.40 -2.91 111.89
N ARG KB 315 5.64 -3.35 111.89
CA ARG KB 315 6.38 -3.56 110.67
C ARG KB 315 6.38 -5.04 110.29
N ARG KB 316 6.86 -5.33 109.10
CA ARG KB 316 7.12 -6.72 108.75
C ARG KB 316 8.23 -7.21 109.66
N GLU KB 317 7.94 -8.26 110.42
CA GLU KB 317 8.89 -8.84 111.35
C GLU KB 317 9.63 -10.00 110.69
N ALA KB 318 10.92 -10.08 110.97
CA ALA KB 318 11.86 -10.91 110.20
C ALA KB 318 11.39 -12.36 110.12
N ARG KB 319 11.80 -13.01 109.05
CA ARG KB 319 11.44 -14.40 108.81
C ARG KB 319 12.29 -15.32 109.66
N LYS KB 320 11.63 -16.14 110.47
CA LYS KB 320 12.30 -17.20 111.22
C LYS KB 320 12.04 -18.51 110.51
N ASN KB 321 13.11 -19.22 110.17
CA ASN KB 321 13.05 -20.48 109.45
C ASN KB 321 12.05 -21.41 110.12
N PRO KB 322 10.86 -21.61 109.55
CA PRO KB 322 9.83 -22.38 110.25
C PRO KB 322 10.06 -23.88 110.24
N LEU KB 323 11.24 -24.36 109.84
CA LEU KB 323 11.44 -25.80 109.70
C LEU KB 323 12.66 -26.28 110.48
N LYS KB 324 13.67 -25.43 110.63
CA LYS KB 324 14.80 -25.75 111.48
C LYS KB 324 15.19 -24.55 112.34
N ASN KB 325 14.20 -23.87 112.89
CA ASN KB 325 14.38 -22.91 113.98
C ASN KB 325 13.36 -23.34 115.02
N ALA KB 326 13.79 -24.21 115.93
CA ALA KB 326 12.87 -24.78 116.92
C ALA KB 326 12.15 -23.69 117.72
N ALA KB 327 12.80 -22.56 117.94
CA ALA KB 327 12.16 -21.50 118.73
C ALA KB 327 10.95 -20.91 118.02
N ALA KB 328 10.82 -21.09 116.71
CA ALA KB 328 9.67 -20.60 115.96
C ALA KB 328 8.71 -21.69 115.55
N VAL KB 329 9.24 -22.88 115.22
CA VAL KB 329 8.37 -24.01 114.96
C VAL KB 329 7.39 -24.19 116.11
N LEU KB 330 7.82 -23.86 117.34
CA LEU KB 330 6.93 -24.05 118.47
C LEU KB 330 5.81 -23.02 118.48
N LYS KB 331 6.14 -21.74 118.24
CA LYS KB 331 5.09 -20.73 118.22
C LYS KB 331 4.11 -20.94 117.08
N LEU KB 332 4.50 -21.69 116.05
CA LEU KB 332 3.54 -22.05 115.01
C LEU KB 332 2.75 -23.30 115.36
N ASN KB 333 3.45 -24.35 115.79
CA ASN KB 333 2.91 -25.69 115.95
C ASN KB 333 3.31 -26.24 117.31
N PRO KB 334 2.69 -25.73 118.39
CA PRO KB 334 3.16 -26.09 119.73
C PRO KB 334 3.23 -27.58 119.97
N TYR KB 335 2.56 -28.40 119.17
CA TYR KB 335 2.69 -29.83 119.33
C TYR KB 335 3.98 -30.37 118.76
N PHE KB 336 4.77 -29.55 118.07
CA PHE KB 336 5.96 -30.10 117.42
C PHE KB 336 6.90 -30.74 118.42
N GLY KB 337 7.03 -30.15 119.60
CA GLY KB 337 7.92 -30.72 120.59
C GLY KB 337 7.52 -32.12 120.98
N THR KB 338 6.23 -32.32 121.29
CA THR KB 338 5.75 -33.65 121.65
C THR KB 338 5.86 -34.61 120.49
N ALA KB 339 5.58 -34.14 119.28
CA ALA KB 339 5.68 -35.00 118.11
C ALA KB 339 7.09 -35.51 117.93
N ARG KB 340 8.08 -34.63 118.09
CA ARG KB 340 9.47 -35.07 118.10
C ARG KB 340 9.76 -36.02 119.24
N ARG KB 341 9.25 -35.69 120.43
CA ARG KB 341 9.66 -36.41 121.63
C ARG KB 341 9.18 -37.85 121.58
N MET KB 342 7.95 -38.08 121.14
CA MET KB 342 7.47 -39.46 121.12
C MET KB 342 8.27 -40.29 120.12
N ALA KB 343 8.64 -39.69 118.99
CA ALA KB 343 9.38 -40.43 117.98
C ALA KB 343 10.79 -40.77 118.48
N VAL KB 344 11.47 -39.79 119.07
CA VAL KB 344 12.82 -40.04 119.59
C VAL KB 344 12.77 -41.08 120.70
N LEU KB 345 11.81 -40.92 121.62
CA LEU KB 345 11.63 -41.87 122.71
C LEU KB 345 11.10 -43.21 122.22
N ALA KB 346 10.64 -43.29 120.98
CA ALA KB 346 10.26 -44.57 120.38
C ALA KB 346 11.50 -45.28 119.83
N GLU KB 347 12.31 -44.56 119.04
CA GLU KB 347 13.59 -45.12 118.61
C GLU KB 347 14.48 -45.49 119.79
N ALA KB 348 14.33 -44.81 120.93
CA ALA KB 348 15.11 -45.20 122.11
C ALA KB 348 14.86 -46.66 122.46
N ALA KB 349 13.59 -47.05 122.60
CA ALA KB 349 13.28 -48.46 122.85
C ALA KB 349 13.66 -49.33 121.66
N ARG KB 350 13.35 -48.88 120.44
CA ARG KB 350 13.59 -49.71 119.25
C ARG KB 350 15.05 -50.10 119.13
N VAL KB 351 15.96 -49.21 119.50
CA VAL KB 351 17.39 -49.49 119.37
C VAL KB 351 17.94 -50.10 120.65
N LYS KB 352 17.56 -49.57 121.82
CA LYS KB 352 18.06 -50.12 123.08
C LYS KB 352 17.69 -51.59 123.23
N ALA KB 353 16.60 -52.03 122.60
CA ALA KB 353 16.28 -53.45 122.63
C ALA KB 353 17.44 -54.28 122.09
N ARG KB 354 17.92 -53.96 120.89
CA ARG KB 354 18.97 -54.77 120.30
C ARG KB 354 20.37 -54.25 120.60
N LYS KB 355 20.51 -53.20 121.41
CA LYS KB 355 21.84 -52.83 121.89
C LYS KB 355 22.44 -53.95 122.72
N GLU KB 356 21.63 -54.57 123.59
CA GLU KB 356 22.03 -55.74 124.35
C GLU KB 356 21.09 -56.92 124.13
N LYS KB 357 20.31 -56.90 123.04
CA LYS KB 357 19.58 -58.07 122.57
C LYS KB 357 18.43 -58.43 123.51
N ILE KB 358 17.70 -57.39 123.94
CA ILE KB 358 16.46 -57.54 124.69
C ILE KB 358 15.41 -58.10 123.74
N ASN KB 359 14.21 -58.37 124.25
CA ASN KB 359 13.19 -59.18 123.59
C ASN KB 359 12.71 -58.56 122.29
N SER KB 360 13.55 -57.73 121.66
CA SER KB 360 13.25 -57.02 120.42
C SER KB 360 12.51 -57.91 119.45
N LYS KB 361 11.68 -57.30 118.59
CA LYS KB 361 10.32 -57.78 118.34
C LYS KB 361 10.21 -59.30 118.42
N ARG KB 362 9.45 -59.73 119.42
CA ARG KB 362 9.18 -61.08 119.86
C ARG KB 362 7.88 -61.59 119.23
N THR KB 363 7.29 -62.62 119.82
CA THR KB 363 6.01 -63.15 119.38
C THR KB 363 5.03 -62.02 119.08
N LYS KB 364 4.61 -61.94 117.83
CA LYS KB 364 3.65 -60.96 117.38
C LYS KB 364 2.41 -61.59 116.79
N LEU KB 365 2.54 -62.79 116.21
CA LEU KB 365 1.39 -63.48 115.64
C LEU KB 365 1.76 -64.95 115.52
N SER KB 366 0.74 -65.81 115.48
CA SER KB 366 0.93 -67.24 115.62
C SER KB 366 1.11 -67.91 114.27
N ALA KB 367 1.39 -69.22 114.31
CA ALA KB 367 1.84 -69.95 113.13
C ALA KB 367 0.72 -70.21 112.14
N GLU KB 368 -0.50 -70.45 112.60
CA GLU KB 368 -1.62 -70.58 111.69
C GLU KB 368 -1.90 -69.28 110.94
N GLU KB 369 -1.82 -68.13 111.63
CA GLU KB 369 -2.04 -66.85 110.95
C GLU KB 369 -0.89 -66.52 110.00
N ALA KB 370 0.35 -66.71 110.45
CA ALA KB 370 1.49 -66.46 109.59
C ALA KB 370 1.57 -67.45 108.44
N SER KB 371 0.83 -68.56 108.53
CA SER KB 371 0.72 -69.47 107.39
C SER KB 371 -0.35 -68.99 106.42
N LYS KB 372 -1.55 -68.66 106.90
CA LYS KB 372 -2.57 -68.28 105.93
C LYS KB 372 -2.19 -66.99 105.23
N ILE KB 373 -1.51 -66.07 105.94
CA ILE KB 373 -1.06 -64.84 105.28
C ILE KB 373 -0.08 -65.15 104.16
N LYS KB 374 0.85 -66.08 104.40
CA LYS KB 374 1.81 -66.46 103.38
C LYS KB 374 1.13 -67.17 102.22
N ALA KB 375 0.11 -67.96 102.49
CA ALA KB 375 -0.61 -68.62 101.41
C ALA KB 375 -1.38 -67.63 100.57
N ALA KB 376 -2.03 -66.65 101.20
CA ALA KB 376 -2.75 -65.63 100.43
C ALA KB 376 -1.80 -64.77 99.60
N GLY KB 377 -0.65 -64.42 100.18
CA GLY KB 377 0.36 -63.72 99.39
C GLY KB 377 0.85 -64.51 98.20
N LYS KB 378 1.12 -65.80 98.40
CA LYS KB 378 1.61 -66.60 97.27
C LYS KB 378 0.52 -66.81 96.23
N ALA KB 379 -0.74 -66.92 96.64
CA ALA KB 379 -1.83 -67.02 95.68
C ALA KB 379 -1.91 -65.77 94.83
N TRP KB 380 -1.84 -64.60 95.47
CA TRP KB 380 -1.84 -63.35 94.71
C TRP KB 380 -0.61 -63.28 93.81
N TYR KB 381 0.51 -63.85 94.23
CA TYR KB 381 1.69 -63.84 93.36
C TYR KB 381 1.50 -64.74 92.15
N GLN KB 382 0.87 -65.90 92.35
CA GLN KB 382 0.61 -66.80 91.24
C GLN KB 382 -0.29 -66.14 90.21
N THR KB 383 -1.35 -65.49 90.67
CA THR KB 383 -2.24 -64.79 89.74
C THR KB 383 -1.62 -63.51 89.19
N MET KB 384 -0.62 -62.96 89.86
CA MET KB 384 0.01 -61.73 89.44
C MET KB 384 1.09 -61.98 88.39
N ILE KB 385 1.73 -63.14 88.40
CA ILE KB 385 2.66 -63.50 87.33
C ILE KB 385 2.05 -64.50 86.36
N SER KB 386 0.75 -64.80 86.50
CA SER KB 386 0.12 -65.71 85.56
C SER KB 386 0.19 -65.17 84.13
N ASP KB 387 0.39 -66.08 83.18
CA ASP KB 387 0.56 -65.74 81.78
C ASP KB 387 -0.64 -66.21 80.97
N SER KB 388 -0.72 -65.74 79.73
CA SER KB 388 -1.86 -66.02 78.88
C SER KB 388 -1.77 -67.39 78.22
N ASP KB 389 -2.94 -67.90 77.83
CA ASP KB 389 -3.00 -69.24 77.23
C ASP KB 389 -2.45 -69.24 75.81
N TYR KB 390 -2.84 -68.25 75.01
CA TYR KB 390 -2.51 -68.15 73.59
C TYR KB 390 -3.11 -69.25 72.75
N THR KB 391 -4.13 -69.92 73.26
CA THR KB 391 -4.94 -70.78 72.41
C THR KB 391 -6.08 -69.98 71.76
N GLU KB 392 -5.71 -68.88 71.12
CA GLU KB 392 -6.67 -68.08 70.36
C GLU KB 392 -6.20 -67.81 68.94
N PHE KB 393 -4.91 -67.55 68.77
CA PHE KB 393 -4.36 -67.00 67.53
C PHE KB 393 -3.88 -68.15 66.68
N ASP KB 394 -4.78 -68.69 65.86
CA ASP KB 394 -4.43 -69.90 65.13
C ASP KB 394 -3.38 -69.67 64.07
N VAL KB 395 -3.01 -68.42 63.78
CA VAL KB 395 -2.01 -68.19 62.75
C VAL KB 395 -0.61 -68.06 63.34
N PHE KB 396 -0.47 -67.43 64.50
CA PHE KB 396 0.84 -67.26 65.12
C PHE KB 396 1.07 -68.27 66.23
N SER KB 397 0.49 -69.46 66.11
CA SER KB 397 0.79 -70.54 67.04
C SER KB 397 2.25 -70.93 66.95
N LYS KB 398 2.73 -71.23 65.74
CA LYS KB 398 4.08 -71.74 65.65
C LYS KB 398 5.13 -70.67 65.95
N TRP KB 399 4.82 -69.41 65.66
CA TRP KB 399 5.74 -68.35 66.03
C TRP KB 399 5.76 -68.14 67.53
N LEU KB 400 4.57 -68.10 68.17
CA LEU KB 400 4.54 -67.90 69.60
C LEU KB 400 4.97 -69.11 70.40
N GLY KB 401 5.13 -70.26 69.76
CA GLY KB 401 5.51 -71.46 70.45
C GLY KB 401 4.36 -72.28 71.01
N VAL KB 402 3.15 -71.74 71.02
CA VAL KB 402 2.00 -72.50 71.47
C VAL KB 402 0.84 -72.27 70.52
N VAL LB 2 38.13 -31.72 78.77
CA VAL LB 2 39.49 -31.19 78.73
C VAL LB 2 39.56 -29.80 79.31
N SER LB 3 40.14 -29.69 80.50
CA SER LB 3 40.47 -28.38 81.07
C SER LB 3 41.96 -28.19 81.26
N GLY LB 4 42.75 -29.27 81.14
CA GLY LB 4 44.19 -29.19 81.28
C GLY LB 4 44.68 -30.09 82.39
N SER LB 5 45.99 -30.38 82.42
CA SER LB 5 46.53 -31.08 83.57
C SER LB 5 46.81 -30.11 84.72
N GLY LB 6 47.19 -28.87 84.40
CA GLY LB 6 47.59 -27.92 85.41
C GLY LB 6 49.00 -28.10 85.91
N VAL LB 7 49.82 -28.91 85.24
CA VAL LB 7 51.14 -29.27 85.72
C VAL LB 7 52.07 -28.07 85.69
N CYS LB 8 53.23 -28.20 86.30
CA CYS LB 8 54.06 -27.05 86.67
C CYS LB 8 55.35 -26.93 85.87
N ALA LB 9 55.53 -27.72 84.82
CA ALA LB 9 56.80 -27.71 84.12
C ALA LB 9 57.03 -26.39 83.39
N LYS LB 10 58.30 -26.04 83.21
CA LYS LB 10 58.67 -24.91 82.36
C LYS LB 10 58.27 -25.18 80.92
N ARG LB 11 58.51 -26.40 80.45
CA ARG LB 11 58.16 -26.86 79.13
C ARG LB 11 57.76 -28.32 79.25
N VAL LB 12 56.72 -28.71 78.54
CA VAL LB 12 56.34 -30.12 78.50
C VAL LB 12 56.47 -30.61 77.08
N VAL LB 13 57.27 -31.63 76.89
CA VAL LB 13 57.49 -32.16 75.56
C VAL LB 13 56.51 -33.30 75.35
N VAL LB 14 56.17 -33.54 74.09
CA VAL LB 14 55.26 -34.60 73.70
C VAL LB 14 55.92 -35.42 72.62
N ASP LB 15 56.16 -36.69 72.89
CA ASP LB 15 56.62 -37.60 71.85
C ASP LB 15 55.39 -37.95 71.04
N ALA LB 16 55.15 -37.18 69.99
CA ALA LB 16 53.89 -37.27 69.28
C ALA LB 16 53.83 -38.47 68.36
N ARG LB 17 54.72 -39.43 68.52
CA ARG LB 17 54.60 -40.64 67.72
C ARG LB 17 53.33 -41.36 68.07
N HIS LB 18 52.58 -41.77 67.05
CA HIS LB 18 51.34 -42.51 67.21
C HIS LB 18 50.38 -41.83 68.19
N HIS LB 19 49.88 -40.70 67.78
CA HIS LB 19 48.74 -40.12 68.44
C HIS LB 19 47.79 -39.61 67.38
N MET LB 20 46.52 -39.56 67.71
CA MET LB 20 45.54 -39.09 66.75
C MET LB 20 45.74 -37.60 66.56
N LEU LB 21 45.82 -37.17 65.30
CA LEU LB 21 46.14 -35.78 65.03
C LEU LB 21 45.17 -34.84 65.71
N GLY LB 22 43.88 -35.02 65.49
CA GLY LB 22 42.91 -34.06 66.00
C GLY LB 22 42.77 -34.12 67.50
N ARG LB 23 42.98 -35.29 68.10
CA ARG LB 23 42.85 -35.42 69.54
C ARG LB 23 44.05 -34.84 70.27
N LEU LB 24 45.26 -35.21 69.83
CA LEU LB 24 46.44 -34.52 70.31
C LEU LB 24 46.31 -33.03 70.10
N ALA LB 25 45.70 -32.63 69.00
CA ALA LB 25 45.60 -31.21 68.70
C ALA LB 25 44.68 -30.49 69.66
N SER LB 26 43.56 -31.11 70.05
CA SER LB 26 42.68 -30.44 70.99
C SER LB 26 43.25 -30.43 72.41
N ILE LB 27 43.86 -31.53 72.84
CA ILE LB 27 44.52 -31.55 74.14
C ILE LB 27 45.60 -30.47 74.21
N VAL LB 28 46.49 -30.44 73.20
CA VAL LB 28 47.57 -29.47 73.18
C VAL LB 28 47.04 -28.06 73.06
N ALA LB 29 45.99 -27.86 72.26
CA ALA LB 29 45.43 -26.52 72.11
C ALA LB 29 44.87 -26.00 73.41
N LYS LB 30 44.24 -26.87 74.19
CA LYS LB 30 43.80 -26.39 75.49
C LYS LB 30 44.96 -26.14 76.44
N GLU LB 31 46.02 -26.94 76.36
CA GLU LB 31 47.18 -26.63 77.21
C GLU LB 31 47.75 -25.26 76.88
N LEU LB 32 47.91 -24.97 75.60
CA LEU LB 32 48.39 -23.65 75.19
C LEU LB 32 47.48 -22.55 75.70
N LEU LB 33 46.18 -22.70 75.51
CA LEU LB 33 45.28 -21.63 75.96
C LEU LB 33 45.34 -21.46 77.46
N ASN LB 34 45.55 -22.55 78.20
CA ASN LB 34 45.75 -22.43 79.63
C ASN LB 34 47.03 -21.70 79.96
N GLY LB 35 48.03 -21.76 79.08
CA GLY LB 35 49.24 -20.99 79.26
C GLY LB 35 50.47 -21.78 79.60
N GLN LB 36 50.42 -23.10 79.56
CA GLN LB 36 51.56 -23.93 79.90
C GLN LB 36 52.32 -24.29 78.64
N ARG LB 37 53.61 -23.98 78.60
CA ARG LB 37 54.39 -23.98 77.36
C ARG LB 37 54.72 -25.41 76.94
N VAL LB 38 54.27 -25.77 75.74
CA VAL LB 38 54.35 -27.13 75.26
C VAL LB 38 55.27 -27.17 74.06
N VAL LB 39 55.92 -28.32 73.86
CA VAL LB 39 56.80 -28.56 72.73
C VAL LB 39 56.57 -29.97 72.25
N VAL LB 40 56.09 -30.12 71.02
CA VAL LB 40 55.71 -31.41 70.48
C VAL LB 40 56.73 -31.82 69.44
N VAL LB 41 57.21 -33.05 69.54
CA VAL LB 41 58.32 -33.52 68.72
C VAL LB 41 57.92 -34.83 68.07
N ARG LB 42 58.76 -35.30 67.16
CA ARG LB 42 58.47 -36.47 66.34
C ARG LB 42 57.12 -36.36 65.66
N CYS LB 43 56.74 -35.13 65.30
CA CYS LB 43 55.47 -34.90 64.65
C CYS LB 43 55.33 -35.69 63.36
N GLU LB 44 56.44 -36.02 62.70
CA GLU LB 44 56.43 -36.84 61.49
C GLU LB 44 55.73 -38.19 61.68
N GLU LB 45 55.33 -38.53 62.89
CA GLU LB 45 54.78 -39.85 63.17
C GLU LB 45 53.29 -39.84 63.51
N ILE LB 46 52.68 -38.67 63.67
CA ILE LB 46 51.30 -38.59 64.14
C ILE LB 46 50.39 -39.39 63.23
N CYS LB 47 49.74 -40.39 63.78
CA CYS LB 47 48.80 -41.22 63.05
C CYS LB 47 47.46 -40.53 62.94
N MET LB 48 46.83 -40.65 61.78
CA MET LB 48 45.53 -40.05 61.52
C MET LB 48 44.56 -41.13 61.11
N SER LB 49 43.37 -41.12 61.71
CA SER LB 49 42.33 -42.04 61.33
C SER LB 49 41.96 -41.85 59.87
N GLY LB 50 41.31 -42.86 59.31
CA GLY LB 50 40.89 -42.78 57.92
C GLY LB 50 42.08 -43.04 57.03
N GLY LB 51 41.89 -43.79 55.95
CA GLY LB 51 43.01 -44.31 55.21
C GLY LB 51 43.86 -43.23 54.58
N LEU LB 52 44.99 -43.66 54.04
CA LEU LB 52 45.91 -42.69 53.45
C LEU LB 52 45.28 -42.04 52.24
N VAL LB 53 44.48 -42.78 51.47
CA VAL LB 53 43.87 -42.17 50.31
C VAL LB 53 42.82 -41.13 50.74
N ARG LB 54 42.08 -41.40 51.81
CA ARG LB 54 41.13 -40.40 52.29
C ARG LB 54 41.81 -39.14 52.77
N GLN LB 55 42.90 -39.29 53.55
CA GLN LB 55 43.60 -38.09 54.02
C GLN LB 55 44.26 -37.37 52.86
N LYS LB 56 44.75 -38.12 51.88
CA LYS LB 56 45.22 -37.51 50.64
C LYS LB 56 44.15 -36.63 50.04
N MET LB 57 43.02 -37.21 49.62
CA MET LB 57 42.01 -36.39 48.97
C MET LB 57 41.57 -35.24 49.84
N LYS LB 58 41.59 -35.39 51.16
CA LYS LB 58 41.27 -34.22 51.97
C LYS LB 58 42.30 -33.12 51.77
N TYR LB 59 43.58 -33.50 51.68
CA TYR LB 59 44.60 -32.47 51.56
C TYR LB 59 44.65 -31.89 50.15
N LEU LB 60 44.38 -32.70 49.14
CA LEU LB 60 44.35 -32.19 47.77
C LEU LB 60 43.08 -31.41 47.48
N ARG LB 61 41.99 -31.63 48.21
CA ARG LB 61 40.93 -30.63 48.20
C ARG LB 61 41.43 -29.36 48.83
N PHE LB 62 42.21 -29.48 49.90
CA PHE LB 62 42.75 -28.29 50.54
C PHE LB 62 43.66 -27.52 49.61
N LEU LB 63 44.35 -28.20 48.68
CA LEU LB 63 45.20 -27.50 47.73
C LEU LB 63 44.41 -26.64 46.75
N ARG LB 64 43.19 -27.04 46.42
CA ARG LB 64 42.44 -26.25 45.46
C ARG LB 64 42.17 -24.85 46.01
N LYS LB 65 42.00 -24.72 47.32
CA LYS LB 65 41.54 -23.48 47.90
C LYS LB 65 42.62 -22.42 47.84
N ARG LB 66 42.64 -21.60 46.80
CA ARG LB 66 43.63 -20.55 46.68
C ARG LB 66 42.99 -19.27 46.16
N MET LB 67 43.46 -18.14 46.68
CA MET LB 67 42.86 -16.87 46.32
C MET LB 67 43.07 -16.60 44.84
N ASN LB 68 41.98 -16.36 44.12
CA ASN LB 68 42.04 -16.28 42.67
C ASN LB 68 42.92 -15.14 42.20
N THR LB 69 42.71 -13.96 42.74
CA THR LB 69 43.37 -12.78 42.19
C THR LB 69 44.78 -12.58 42.72
N LYS LB 70 45.19 -13.36 43.71
CA LYS LB 70 46.51 -13.25 44.30
C LYS LB 70 46.81 -14.50 45.12
N PRO LB 71 47.37 -15.55 44.50
CA PRO LB 71 47.68 -16.76 45.25
C PRO LB 71 48.66 -16.54 46.37
N SER LB 72 49.50 -15.51 46.28
CA SER LB 72 50.41 -15.18 47.36
C SER LB 72 49.69 -14.76 48.64
N HIS LB 73 48.39 -14.51 48.55
CA HIS LB 73 47.59 -14.01 49.65
C HIS LB 73 46.67 -15.08 50.23
N GLY LB 74 46.57 -16.23 49.58
CA GLY LB 74 45.55 -17.21 49.88
C GLY LB 74 45.97 -18.24 50.89
N PRO LB 75 45.15 -19.27 51.06
CA PRO LB 75 45.46 -20.34 52.01
C PRO LB 75 46.83 -20.93 51.73
N ILE LB 76 47.72 -20.81 52.72
CA ILE LB 76 49.11 -21.21 52.58
C ILE LB 76 49.15 -22.69 52.90
N HIS LB 77 49.33 -23.52 51.89
CA HIS LB 77 49.36 -24.96 52.06
C HIS LB 77 50.76 -25.38 52.51
N PHE LB 78 50.87 -25.88 53.73
CA PHE LB 78 52.15 -26.36 54.22
C PHE LB 78 52.30 -27.83 53.90
N ARG LB 79 53.54 -28.29 53.88
CA ARG LB 79 53.80 -29.68 53.56
C ARG LB 79 54.45 -30.45 54.69
N ALA LB 80 55.40 -29.85 55.39
CA ALA LB 80 56.13 -30.59 56.41
C ALA LB 80 55.19 -30.97 57.55
N PRO LB 81 55.36 -32.14 58.15
CA PRO LB 81 54.43 -32.54 59.21
C PRO LB 81 54.41 -31.60 60.38
N ALA LB 82 55.53 -30.96 60.72
CA ALA LB 82 55.52 -30.00 61.81
C ALA LB 82 54.55 -28.87 61.52
N LYS LB 83 54.58 -28.34 60.31
CA LYS LB 83 53.68 -27.25 60.00
C LYS LB 83 52.25 -27.73 59.79
N ILE LB 84 52.06 -28.95 59.28
CA ILE LB 84 50.70 -29.50 59.25
C ILE LB 84 50.12 -29.53 60.64
N LEU LB 85 50.89 -29.98 61.63
CA LEU LB 85 50.41 -29.99 63.01
C LEU LB 85 50.18 -28.58 63.51
N TRP LB 86 51.09 -27.66 63.22
CA TRP LB 86 50.90 -26.32 63.75
C TRP LB 86 49.64 -25.70 63.17
N ARG LB 87 49.31 -26.02 61.93
CA ARG LB 87 48.08 -25.49 61.34
C ARG LB 87 46.86 -26.18 61.92
N THR LB 88 46.95 -27.49 62.17
CA THR LB 88 45.83 -28.18 62.76
C THR LB 88 45.54 -27.69 64.15
N ILE LB 89 46.58 -27.27 64.86
CA ILE LB 89 46.38 -26.73 66.20
C ILE LB 89 45.91 -25.28 66.12
N ARG LB 90 46.37 -24.53 65.12
CA ARG LB 90 45.89 -23.17 64.97
C ARG LB 90 44.42 -23.15 64.62
N GLY LB 91 43.96 -24.14 63.86
CA GLY LB 91 42.54 -24.24 63.59
C GLY LB 91 41.71 -24.45 64.84
N MET LB 92 42.32 -24.86 65.93
CA MET LB 92 41.64 -25.11 67.19
C MET LB 92 41.86 -24.01 68.21
N ILE LB 93 42.88 -23.19 68.01
CA ILE LB 93 43.14 -22.05 68.91
C ILE LB 93 42.54 -20.81 68.26
N PRO LB 94 41.96 -19.87 69.01
CA PRO LB 94 41.42 -18.68 68.34
C PRO LB 94 42.54 -17.74 67.97
N HIS LB 95 42.98 -17.75 66.73
CA HIS LB 95 44.24 -17.12 66.38
C HIS LB 95 44.06 -15.77 65.71
N LYS LB 96 42.93 -15.10 65.95
CA LYS LB 96 42.77 -13.73 65.48
C LYS LB 96 42.64 -12.75 66.63
N THR LB 97 43.07 -13.15 67.82
CA THR LB 97 43.08 -12.29 68.98
C THR LB 97 44.46 -12.35 69.63
N ALA LB 98 44.71 -11.41 70.53
CA ALA LB 98 45.99 -11.39 71.21
C ALA LB 98 46.16 -12.62 72.08
N ARG LB 99 45.09 -13.05 72.75
CA ARG LB 99 45.15 -14.27 73.55
C ARG LB 99 45.55 -15.47 72.72
N GLY LB 100 44.93 -15.64 71.56
CA GLY LB 100 45.26 -16.77 70.73
C GLY LB 100 46.64 -16.73 70.12
N GLU LB 101 47.11 -15.54 69.71
CA GLU LB 101 48.45 -15.51 69.15
C GLU LB 101 49.49 -15.70 70.24
N ALA LB 102 49.25 -15.18 71.44
CA ALA LB 102 50.12 -15.48 72.56
C ALA LB 102 50.12 -16.97 72.86
N ALA LB 103 48.98 -17.62 72.67
CA ALA LB 103 48.93 -19.07 72.84
C ALA LB 103 49.84 -19.76 71.84
N LEU LB 104 49.69 -19.44 70.56
CA LEU LB 104 50.53 -20.10 69.57
C LEU LB 104 52.00 -19.77 69.74
N ALA LB 105 52.30 -18.64 70.36
CA ALA LB 105 53.70 -18.35 70.66
C ALA LB 105 54.32 -19.40 71.56
N ARG LB 106 53.50 -20.14 72.32
CA ARG LB 106 54.03 -21.15 73.21
C ARG LB 106 54.20 -22.51 72.56
N LEU LB 107 53.83 -22.67 71.30
CA LEU LB 107 53.92 -23.97 70.64
C LEU LB 107 55.17 -24.01 69.79
N LYS LB 108 55.90 -25.13 69.88
CA LYS LB 108 57.05 -25.36 69.03
C LYS LB 108 57.00 -26.81 68.59
N ALA LB 109 56.80 -27.05 67.31
CA ALA LB 109 56.62 -28.38 66.77
C ALA LB 109 57.79 -28.73 65.85
N TYR LB 110 58.30 -29.94 65.96
CA TYR LB 110 59.47 -30.33 65.20
C TYR LB 110 59.27 -31.71 64.59
N GLU LB 111 59.91 -31.94 63.46
CA GLU LB 111 60.10 -33.30 63.00
C GLU LB 111 61.29 -33.92 63.71
N GLY LB 112 61.22 -35.21 63.97
CA GLY LB 112 62.31 -35.81 64.69
C GLY LB 112 62.35 -35.31 66.12
N VAL LB 113 63.54 -35.39 66.73
CA VAL LB 113 63.73 -34.76 68.03
C VAL LB 113 65.02 -33.93 67.99
N PRO LB 114 64.95 -32.66 67.63
CA PRO LB 114 66.15 -31.87 67.54
C PRO LB 114 66.64 -31.50 68.94
N PRO LB 115 67.95 -31.44 69.14
CA PRO LB 115 68.44 -31.07 70.47
C PRO LB 115 67.98 -29.68 70.82
N PRO LB 116 67.74 -29.41 72.11
CA PRO LB 116 68.08 -30.25 73.27
C PRO LB 116 66.98 -31.17 73.74
N TYR LB 117 66.22 -31.77 72.84
CA TYR LB 117 65.11 -32.61 73.25
C TYR LB 117 65.39 -34.09 73.12
N ASP LB 118 66.67 -34.49 73.01
CA ASP LB 118 66.99 -35.90 73.11
C ASP LB 118 67.14 -36.36 74.54
N ARG LB 119 68.01 -35.70 75.31
CA ARG LB 119 68.22 -36.04 76.71
C ARG LB 119 67.09 -35.42 77.53
N THR LB 120 65.91 -36.03 77.43
CA THR LB 120 64.74 -35.55 78.12
C THR LB 120 63.71 -36.68 78.16
N LYS LB 121 62.83 -36.66 79.16
CA LYS LB 121 61.70 -37.55 79.13
C LYS LB 121 60.64 -36.99 78.20
N ARG LB 122 60.18 -37.83 77.27
CA ARG LB 122 59.21 -37.46 76.26
C ARG LB 122 57.85 -38.05 76.62
N MET LB 123 56.92 -37.18 77.00
CA MET LB 123 55.66 -37.57 77.61
C MET LB 123 54.63 -37.86 76.55
N VAL LB 124 53.91 -38.97 76.70
CA VAL LB 124 52.85 -39.34 75.78
C VAL LB 124 51.52 -39.03 76.44
N ILE LB 125 50.53 -38.67 75.63
CA ILE LB 125 49.21 -38.28 76.12
C ILE LB 125 48.28 -39.47 75.95
N PRO LB 126 47.84 -40.12 77.04
CA PRO LB 126 47.06 -41.35 76.90
C PRO LB 126 45.76 -41.18 76.16
N ASP LB 127 45.14 -40.00 76.22
CA ASP LB 127 43.84 -39.81 75.59
C ASP LB 127 43.89 -39.77 74.08
N ALA LB 128 45.07 -39.91 73.47
CA ALA LB 128 45.18 -39.79 72.04
C ALA LB 128 45.92 -40.93 71.35
N LEU LB 129 46.46 -41.90 72.09
CA LEU LB 129 47.26 -42.92 71.41
C LEU LB 129 46.42 -43.76 70.46
N LYS LB 130 47.06 -44.19 69.38
CA LYS LB 130 46.38 -45.05 68.41
C LYS LB 130 45.83 -46.30 69.09
N VAL LB 131 46.64 -46.93 69.95
CA VAL LB 131 46.23 -48.19 70.54
C VAL LB 131 44.97 -47.99 71.38
N LEU LB 132 44.84 -46.85 72.02
CA LEU LB 132 43.72 -46.60 72.91
C LEU LB 132 42.56 -45.88 72.23
N ARG LB 133 42.69 -45.46 70.98
CA ARG LB 133 41.56 -44.72 70.42
C ARG LB 133 41.10 -45.27 69.07
N LEU LB 134 41.93 -46.05 68.39
CA LEU LB 134 41.56 -46.67 67.13
C LEU LB 134 41.42 -48.17 67.31
N GLN LB 135 40.30 -48.71 66.87
CA GLN LB 135 40.11 -50.15 66.90
C GLN LB 135 41.16 -50.80 66.03
N PRO LB 136 41.81 -51.88 66.48
CA PRO LB 136 42.87 -52.46 65.65
C PRO LB 136 42.26 -53.05 64.39
N GLY LB 137 42.66 -52.51 63.24
CA GLY LB 137 42.17 -53.04 61.98
C GLY LB 137 41.44 -52.04 61.14
N HIS LB 138 41.45 -50.78 61.55
CA HIS LB 138 40.85 -49.71 60.78
C HIS LB 138 41.92 -48.81 60.22
N ARG LB 139 41.62 -48.22 59.07
CA ARG LB 139 42.61 -47.56 58.26
C ARG LB 139 43.22 -46.38 59.01
N TYR LB 140 44.54 -46.24 58.91
CA TYR LB 140 45.17 -45.04 59.44
C TYR LB 140 46.38 -44.75 58.59
N CYS LB 141 46.83 -43.51 58.61
CA CYS LB 141 48.02 -43.11 57.88
C CYS LB 141 48.89 -42.22 58.74
N LEU LB 142 50.19 -42.30 58.53
CA LEU LB 142 51.13 -41.50 59.27
C LEU LB 142 51.37 -40.20 58.51
N LEU LB 143 51.29 -39.09 59.24
CA LEU LB 143 51.47 -37.78 58.64
C LEU LB 143 52.82 -37.66 57.98
N GLY LB 144 53.78 -38.51 58.38
CA GLY LB 144 55.02 -38.61 57.65
C GLY LB 144 54.84 -39.14 56.24
N GLN LB 145 54.07 -40.21 56.08
CA GLN LB 145 53.78 -40.72 54.74
C GLN LB 145 52.93 -39.74 53.94
N LEU LB 146 51.96 -39.11 54.59
CA LEU LB 146 51.12 -38.13 53.90
C LEU LB 146 51.97 -37.00 53.33
N SER LB 147 52.84 -36.41 54.15
CA SER LB 147 53.67 -35.33 53.61
C SER LB 147 54.70 -35.86 52.62
N LYS LB 148 55.23 -37.07 52.84
CA LYS LB 148 56.14 -37.64 51.85
C LYS LB 148 55.46 -37.80 50.51
N GLU LB 149 54.14 -37.84 50.47
CA GLU LB 149 53.45 -37.99 49.20
C GLU LB 149 52.72 -36.73 48.74
N VAL LB 150 52.64 -35.70 49.58
CA VAL LB 150 52.16 -34.39 49.12
C VAL LB 150 53.33 -33.45 48.85
N GLY LB 151 54.56 -33.94 48.98
CA GLY LB 151 55.68 -33.19 48.45
C GLY LB 151 56.56 -32.50 49.46
N TRP LB 152 56.74 -33.13 50.62
CA TRP LB 152 57.71 -32.67 51.61
C TRP LB 152 58.99 -33.44 51.34
N ASN LB 153 60.06 -32.75 50.95
CA ASN LB 153 61.21 -33.43 50.37
C ASN LB 153 62.28 -33.75 51.42
N TYR LB 154 61.86 -33.95 52.66
CA TYR LB 154 62.78 -34.21 53.76
C TYR LB 154 62.48 -35.51 54.49
N ALA LB 155 61.68 -36.40 53.92
CA ALA LB 155 61.45 -37.68 54.55
C ALA LB 155 62.75 -38.45 54.70
N ASP LB 156 63.61 -38.42 53.68
CA ASP LB 156 64.89 -39.07 53.79
C ASP LB 156 65.72 -38.43 54.89
N THR LB 157 65.87 -37.11 54.83
CA THR LB 157 66.80 -36.41 55.71
C THR LB 157 66.39 -36.49 57.17
N ILE LB 158 65.10 -36.61 57.46
CA ILE LB 158 64.68 -36.96 58.81
C ILE LB 158 65.08 -38.40 59.12
N ARG LB 159 65.03 -39.28 58.12
CA ARG LB 159 65.23 -40.69 58.39
C ARG LB 159 66.68 -41.00 58.78
N GLU LB 160 67.67 -40.41 58.08
CA GLU LB 160 69.03 -40.70 58.53
C GLU LB 160 69.25 -40.14 59.94
N LEU LB 161 68.70 -38.96 60.21
CA LEU LB 161 68.93 -38.32 61.48
C LEU LB 161 68.29 -39.09 62.62
N GLU LB 162 67.13 -39.69 62.38
CA GLU LB 162 66.53 -40.52 63.41
C GLU LB 162 67.20 -41.89 63.53
N GLU LB 163 67.74 -42.45 62.46
CA GLU LB 163 68.56 -43.63 62.65
C GLU LB 163 69.75 -43.31 63.55
N LYS LB 164 70.40 -42.16 63.31
CA LYS LB 164 71.55 -41.77 64.11
C LYS LB 164 71.15 -41.53 65.56
N ARG LB 165 70.01 -40.88 65.77
CA ARG LB 165 69.57 -40.58 67.13
C ARG LB 165 69.18 -41.86 67.86
N LYS LB 166 68.58 -42.83 67.15
CA LYS LB 166 68.23 -44.09 67.79
C LYS LB 166 69.47 -44.88 68.18
N GLU LB 167 70.49 -44.94 67.33
CA GLU LB 167 71.66 -45.68 67.75
C GLU LB 167 72.39 -44.97 68.89
N LYS LB 168 72.42 -43.63 68.85
CA LYS LB 168 73.05 -42.87 69.93
C LYS LB 168 72.27 -43.00 71.23
N ALA LB 169 70.96 -43.21 71.16
CA ALA LB 169 70.20 -43.49 72.36
C ALA LB 169 70.41 -44.92 72.86
N LYS LB 170 70.53 -45.89 71.94
CA LYS LB 170 70.69 -47.28 72.36
C LYS LB 170 71.98 -47.48 73.13
N VAL LB 171 73.07 -46.89 72.67
CA VAL LB 171 74.32 -47.10 73.39
C VAL LB 171 74.19 -46.58 74.82
N SER LB 172 73.56 -45.42 74.99
CA SER LB 172 73.45 -44.84 76.32
C SER LB 172 72.45 -45.59 77.18
N TYR LB 173 71.43 -46.19 76.57
CA TYR LB 173 70.53 -47.03 77.34
C TYR LB 173 71.21 -48.28 77.85
N ASP LB 174 72.09 -48.88 77.05
CA ASP LB 174 72.86 -49.99 77.58
C ASP LB 174 73.71 -49.54 78.77
N ARG LB 175 74.34 -48.38 78.64
CA ARG LB 175 75.14 -47.87 79.76
C ARG LB 175 74.28 -47.70 81.01
N ARG LB 176 73.06 -47.17 80.86
CA ARG LB 176 72.22 -47.02 82.04
C ARG LB 176 71.65 -48.34 82.56
N LYS LB 177 71.48 -49.37 81.72
CA LYS LB 177 71.20 -50.68 82.29
C LYS LB 177 72.29 -51.11 83.25
N GLN LB 178 73.55 -51.02 82.79
CA GLN LB 178 74.63 -51.46 83.68
C GLN LB 178 74.66 -50.63 84.96
N LEU LB 179 74.51 -49.32 84.83
CA LEU LB 179 74.52 -48.49 86.04
C LEU LB 179 73.36 -48.84 86.95
N ALA LB 180 72.22 -49.23 86.40
CA ALA LB 180 71.10 -49.53 87.30
C ALA LB 180 71.25 -50.90 87.96
N LYS LB 181 71.85 -51.88 87.28
CA LYS LB 181 72.06 -53.16 87.97
C LYS LB 181 73.10 -53.02 89.08
N LEU LB 182 74.13 -52.19 88.87
CA LEU LB 182 75.01 -51.93 90.00
C LEU LB 182 74.36 -51.04 91.07
N ARG LB 183 73.42 -50.17 90.70
CA ARG LB 183 72.71 -49.51 91.78
C ARG LB 183 71.82 -50.47 92.55
N VAL LB 184 71.31 -51.52 91.90
CA VAL LB 184 70.47 -52.49 92.60
C VAL LB 184 71.29 -53.34 93.56
N LYS LB 185 72.48 -53.77 93.14
CA LYS LB 185 73.34 -54.44 94.12
C LYS LB 185 73.69 -53.50 95.27
N ALA LB 186 73.84 -52.19 95.00
CA ALA LB 186 73.98 -51.24 96.11
C ALA LB 186 72.72 -51.14 96.97
N GLU LB 187 71.54 -51.20 96.33
CA GLU LB 187 70.26 -51.17 97.05
C GLU LB 187 70.23 -52.26 98.11
N LYS LB 188 70.55 -53.48 97.72
CA LYS LB 188 70.49 -54.57 98.69
C LYS LB 188 71.67 -54.53 99.66
N ALA LB 189 72.83 -54.05 99.21
CA ALA LB 189 73.97 -53.99 100.11
C ALA LB 189 73.73 -53.02 101.26
N ALA LB 190 73.06 -51.89 101.03
CA ALA LB 190 72.79 -51.01 102.17
C ALA LB 190 71.66 -51.55 103.04
N GLU LB 191 70.67 -52.21 102.43
CA GLU LB 191 69.58 -52.78 103.21
C GLU LB 191 70.09 -53.86 104.16
N GLU LB 192 71.01 -54.70 103.70
CA GLU LB 192 71.56 -55.70 104.61
C GLU LB 192 72.46 -55.07 105.67
N LYS LB 193 72.99 -53.88 105.44
CA LYS LB 193 73.80 -53.24 106.46
C LYS LB 193 72.95 -52.50 107.48
N LEU LB 194 71.68 -52.24 107.18
CA LEU LB 194 70.79 -51.61 108.14
C LEU LB 194 69.66 -52.58 108.50
N GLY LB 195 69.48 -52.81 109.79
CA GLY LB 195 68.48 -53.77 110.25
C GLY LB 195 67.19 -53.12 110.69
N THR LB 196 66.99 -53.02 112.00
CA THR LB 196 65.82 -52.34 112.54
C THR LB 196 65.79 -50.86 112.21
N GLN LB 197 66.92 -50.31 111.72
CA GLN LB 197 66.94 -48.92 111.31
C GLN LB 197 65.96 -48.67 110.18
N LEU LB 198 65.54 -49.73 109.48
CA LEU LB 198 64.82 -49.63 108.22
C LEU LB 198 63.52 -50.44 108.22
N GLU LB 199 63.02 -50.81 109.40
CA GLU LB 199 61.76 -51.55 109.47
C GLU LB 199 60.59 -50.73 108.96
N ILE LB 200 60.58 -49.42 109.21
CA ILE LB 200 59.44 -48.57 108.87
C ILE LB 200 59.16 -48.56 107.37
N LEU LB 201 60.15 -48.82 106.54
CA LEU LB 201 59.96 -48.86 105.10
C LEU LB 201 59.61 -50.25 104.58
N ALA LB 202 59.56 -51.26 105.44
CA ALA LB 202 59.11 -52.57 105.00
C ALA LB 202 57.67 -52.59 104.49
N PRO LB 203 56.70 -51.91 105.10
CA PRO LB 203 55.32 -52.00 104.61
C PRO LB 203 54.94 -51.06 103.49
N ILE LB 204 55.77 -50.08 103.12
CA ILE LB 204 55.38 -49.15 102.06
C ILE LB 204 56.40 -49.17 100.93
N LYS LB 205 56.96 -50.34 100.63
CA LYS LB 205 57.99 -50.48 99.63
C LYS LB 205 57.59 -51.52 98.59
N TYR LB 206 57.93 -51.25 97.34
CA TYR LB 206 57.75 -52.19 96.24
C TYR LB 206 58.50 -51.75 95.00
N THR MB 2 32.16 28.40 -37.87
CA THR MB 2 31.76 27.05 -37.53
C THR MB 2 30.35 27.05 -36.99
N LYS MB 3 29.50 26.15 -37.47
CA LYS MB 3 28.26 25.89 -36.77
C LYS MB 3 28.56 25.42 -35.36
N ARG MB 4 28.00 26.12 -34.37
CA ARG MB 4 28.36 25.88 -32.99
C ARG MB 4 27.28 25.22 -32.17
N THR MB 5 26.02 25.33 -32.57
CA THR MB 5 24.93 24.62 -31.91
C THR MB 5 24.01 24.03 -32.95
N LYS MB 6 23.79 22.72 -32.86
CA LYS MB 6 22.90 22.02 -33.79
C LYS MB 6 21.51 22.63 -33.79
N LYS MB 7 20.92 22.78 -32.61
CA LYS MB 7 19.56 23.32 -32.52
C LYS MB 7 19.38 24.38 -31.45
N ALA MB 8 20.23 24.45 -30.43
CA ALA MB 8 19.99 25.33 -29.29
C ALA MB 8 19.90 26.79 -29.74
N GLY MB 9 20.99 27.35 -30.23
CA GLY MB 9 20.97 28.76 -30.56
C GLY MB 9 21.02 29.60 -29.30
N ILE MB 10 20.26 30.69 -29.29
CA ILE MB 10 20.31 31.64 -28.18
C ILE MB 10 20.12 31.01 -26.83
N VAL MB 11 19.55 29.81 -26.78
CA VAL MB 11 19.16 29.23 -25.50
C VAL MB 11 20.27 28.27 -25.08
N GLY MB 12 21.41 28.35 -25.76
CA GLY MB 12 22.53 27.55 -25.33
C GLY MB 12 23.21 28.06 -24.09
N LYS MB 13 22.92 29.31 -23.71
CA LYS MB 13 23.55 29.87 -22.51
C LYS MB 13 23.00 29.23 -21.25
N TYR MB 14 21.76 28.74 -21.31
CA TYR MB 14 21.14 28.09 -20.17
C TYR MB 14 21.72 26.74 -19.91
N GLY MB 15 22.60 26.26 -20.79
CA GLY MB 15 23.28 25.05 -20.49
C GLY MB 15 22.31 23.90 -20.40
N THR MB 16 22.64 22.95 -19.54
CA THR MB 16 21.90 21.71 -19.44
C THR MB 16 20.76 21.78 -18.43
N ARG MB 17 20.17 22.95 -18.22
CA ARG MB 17 19.15 23.12 -17.20
C ARG MB 17 17.79 23.47 -17.81
N TYR MB 18 16.80 23.52 -16.93
CA TYR MB 18 15.46 24.07 -17.18
C TYR MB 18 14.56 23.24 -18.06
N GLY MB 19 15.06 22.20 -18.67
CA GLY MB 19 14.09 21.38 -19.37
C GLY MB 19 13.97 21.71 -20.85
N ALA MB 20 13.75 20.66 -21.63
CA ALA MB 20 13.79 20.80 -23.08
C ALA MB 20 12.70 21.73 -23.58
N SER MB 21 11.48 21.57 -23.09
CA SER MB 21 10.40 22.38 -23.62
C SER MB 21 10.42 23.79 -23.08
N LEU MB 22 10.83 23.97 -21.82
CA LEU MB 22 10.96 25.34 -21.34
C LEU MB 22 12.01 26.10 -22.13
N ARG MB 23 13.15 25.46 -22.41
CA ARG MB 23 14.13 26.14 -23.24
C ARG MB 23 13.58 26.39 -24.63
N LYS MB 24 12.92 25.40 -25.22
CA LYS MB 24 12.45 25.49 -26.59
C LYS MB 24 11.31 26.49 -26.75
N GLN MB 25 10.64 26.84 -25.66
CA GLN MB 25 9.55 27.80 -25.71
C GLN MB 25 9.94 29.17 -25.18
N ILE MB 26 11.12 29.30 -24.58
CA ILE MB 26 11.69 30.62 -24.36
C ILE MB 26 12.62 31.05 -25.48
N LYS MB 27 13.03 30.12 -26.35
CA LYS MB 27 13.92 30.50 -27.44
C LYS MB 27 13.28 31.55 -28.34
N LYS MB 28 12.00 31.38 -28.65
CA LYS MB 28 11.33 32.25 -29.61
C LYS MB 28 11.14 33.66 -29.10
N MET MB 29 11.34 33.89 -27.81
CA MET MB 29 11.19 35.24 -27.25
C MET MB 29 12.51 35.81 -26.74
N GLU MB 30 13.49 34.97 -26.40
CA GLU MB 30 14.86 35.44 -26.30
C GLU MB 30 15.34 36.02 -27.62
N VAL MB 31 14.98 35.40 -28.74
CA VAL MB 31 15.38 35.97 -30.02
C VAL MB 31 14.69 37.32 -30.25
N SER MB 32 13.38 37.36 -30.03
CA SER MB 32 12.62 38.54 -30.41
C SER MB 32 13.01 39.72 -29.55
N GLN MB 33 13.27 39.51 -28.26
CA GLN MB 33 13.55 40.70 -27.46
C GLN MB 33 14.94 41.26 -27.72
N HIS MB 34 15.79 40.56 -28.46
CA HIS MB 34 17.08 41.09 -28.83
C HIS MB 34 17.15 41.57 -30.27
N SER MB 35 16.24 41.13 -31.12
CA SER MB 35 16.37 41.43 -32.54
C SER MB 35 16.23 42.93 -32.79
N LYS MB 36 16.87 43.39 -33.86
CA LYS MB 36 16.78 44.77 -34.32
C LYS MB 36 15.52 44.92 -35.17
N TYR MB 37 14.60 45.78 -34.75
CA TYR MB 37 13.37 46.00 -35.49
C TYR MB 37 13.39 47.31 -36.25
N PHE MB 38 12.75 47.29 -37.41
CA PHE MB 38 12.74 48.43 -38.31
C PHE MB 38 12.10 49.62 -37.61
N CYS MB 39 12.73 50.77 -37.73
CA CYS MB 39 12.20 52.01 -37.17
C CYS MB 39 11.51 52.79 -38.27
N GLU MB 40 10.21 53.02 -38.10
CA GLU MB 40 9.43 53.64 -39.18
C GLU MB 40 9.72 55.11 -39.37
N PHE MB 41 10.43 55.76 -38.45
CA PHE MB 41 10.63 57.20 -38.53
C PHE MB 41 11.93 57.56 -39.21
N CYS MB 42 12.87 56.62 -39.29
CA CYS MB 42 14.12 56.86 -39.97
C CYS MB 42 14.55 55.68 -40.85
N GLY MB 43 13.77 54.61 -40.91
CA GLY MB 43 14.01 53.55 -41.86
C GLY MB 43 15.23 52.69 -41.60
N LYS MB 44 15.88 52.83 -40.45
CA LYS MB 44 16.99 51.98 -40.07
C LYS MB 44 16.45 50.76 -39.35
N PHE MB 45 17.30 49.74 -39.25
CA PHE MB 45 17.00 48.62 -38.35
C PHE MB 45 17.81 48.84 -37.08
N ALA MB 46 17.30 49.74 -36.24
CA ALA MB 46 18.06 50.19 -35.08
C ALA MB 46 17.20 50.23 -33.83
N VAL MB 47 16.03 49.61 -33.83
CA VAL MB 47 15.20 49.56 -32.63
C VAL MB 47 15.52 48.28 -31.90
N LYS MB 48 15.96 48.42 -30.65
CA LYS MB 48 16.32 47.30 -29.80
C LYS MB 48 15.72 47.54 -28.43
N ARG MB 49 15.30 46.47 -27.77
CA ARG MB 49 14.54 46.63 -26.54
C ARG MB 49 15.34 47.39 -25.49
N LYS MB 50 14.70 48.38 -24.89
CA LYS MB 50 15.31 49.18 -23.84
C LYS MB 50 14.81 48.79 -22.47
N ALA MB 51 13.56 48.35 -22.37
CA ALA MB 51 12.96 47.88 -21.13
C ALA MB 51 11.68 47.16 -21.52
N VAL MB 52 11.09 46.46 -20.57
CA VAL MB 52 9.91 45.66 -20.91
C VAL MB 52 8.82 46.58 -21.43
N GLY MB 53 8.46 46.41 -22.69
CA GLY MB 53 7.44 47.21 -23.31
C GLY MB 53 7.92 48.50 -23.95
N ILE MB 54 9.23 48.72 -24.05
CA ILE MB 54 9.79 49.99 -24.48
C ILE MB 54 10.84 49.71 -25.54
N TRP MB 55 10.59 50.14 -26.77
CA TRP MB 55 11.49 49.88 -27.89
C TRP MB 55 11.98 51.20 -28.44
N GLY MB 56 13.28 51.44 -28.36
CA GLY MB 56 13.85 52.73 -28.72
C GLY MB 56 14.85 52.60 -29.84
N CYS MB 57 14.91 53.64 -30.69
CA CYS MB 57 15.82 53.67 -31.81
C CYS MB 57 17.06 54.48 -31.46
N LYS MB 58 18.20 54.03 -31.95
CA LYS MB 58 19.48 54.65 -31.58
C LYS MB 58 19.73 55.95 -32.32
N ASP MB 59 19.38 56.03 -33.61
CA ASP MB 59 19.73 57.24 -34.35
C ASP MB 59 18.72 58.35 -34.14
N CYS MB 60 17.45 58.08 -34.37
CA CYS MB 60 16.45 59.14 -34.34
C CYS MB 60 15.92 59.42 -32.95
N GLY MB 61 16.43 58.74 -31.92
CA GLY MB 61 16.09 59.07 -30.56
C GLY MB 61 14.64 58.84 -30.16
N LYS MB 62 13.82 58.41 -31.10
CA LYS MB 62 12.43 58.13 -30.80
C LYS MB 62 12.30 56.78 -30.12
N VAL MB 63 11.60 56.76 -29.00
CA VAL MB 63 11.34 55.56 -28.24
C VAL MB 63 9.84 55.35 -28.20
N LYS MB 64 9.42 54.12 -28.42
CA LYS MB 64 8.08 53.77 -28.84
C LYS MB 64 7.59 52.66 -27.94
N ALA MB 65 6.44 52.86 -27.31
CA ALA MB 65 5.90 51.82 -26.46
C ALA MB 65 5.42 50.65 -27.32
N GLY MB 66 5.87 49.46 -27.02
CA GLY MB 66 5.47 48.32 -27.82
C GLY MB 66 5.16 47.08 -27.00
N GLY MB 67 5.20 45.93 -27.65
CA GLY MB 67 4.94 44.69 -26.95
C GLY MB 67 6.00 44.41 -25.91
N ALA MB 68 5.88 43.29 -25.21
CA ALA MB 68 6.87 42.97 -24.20
C ALA MB 68 8.15 42.46 -24.81
N TYR MB 69 8.05 41.67 -25.88
CA TYR MB 69 9.22 41.08 -26.48
C TYR MB 69 9.29 41.29 -27.98
N THR MB 70 8.27 41.84 -28.62
CA THR MB 70 8.33 42.21 -30.02
C THR MB 70 7.79 43.62 -30.13
N MET MB 71 8.40 44.41 -31.01
CA MET MB 71 8.01 45.82 -31.11
C MET MB 71 6.54 45.96 -31.44
N ASN MB 72 6.05 45.15 -32.37
CA ASN MB 72 4.65 45.20 -32.79
C ASN MB 72 4.01 43.87 -32.45
N THR MB 73 3.02 43.89 -31.56
CA THR MB 73 2.28 42.68 -31.26
C THR MB 73 1.11 42.55 -32.24
N ALA MB 74 0.83 41.31 -32.66
CA ALA MB 74 -0.26 41.09 -33.59
C ALA MB 74 -1.58 41.59 -33.03
N SER MB 75 -1.75 41.54 -31.71
CA SER MB 75 -2.97 42.06 -31.10
C SER MB 75 -3.08 43.55 -31.34
N ALA MB 76 -1.98 44.30 -31.16
CA ALA MB 76 -2.01 45.73 -31.42
C ALA MB 76 -2.09 46.05 -32.90
N VAL MB 77 -1.71 45.12 -33.77
CA VAL MB 77 -1.96 45.31 -35.20
C VAL MB 77 -3.45 45.24 -35.50
N THR MB 78 -4.12 44.23 -34.94
CA THR MB 78 -5.57 44.19 -35.05
C THR MB 78 -6.19 45.44 -34.46
N VAL MB 79 -5.71 45.88 -33.31
CA VAL MB 79 -6.24 47.08 -32.66
C VAL MB 79 -6.06 48.30 -33.56
N ARG MB 80 -4.88 48.49 -34.13
CA ARG MB 80 -4.68 49.70 -34.92
C ARG MB 80 -5.57 49.70 -36.14
N SER MB 81 -5.71 48.54 -36.81
CA SER MB 81 -6.58 48.50 -37.97
C SER MB 81 -8.04 48.76 -37.58
N THR MB 82 -8.46 48.18 -36.45
CA THR MB 82 -9.82 48.40 -35.97
C THR MB 82 -10.08 49.86 -35.67
N ILE MB 83 -9.14 50.51 -34.98
CA ILE MB 83 -9.34 51.89 -34.60
C ILE MB 83 -9.40 52.78 -35.82
N ARG MB 84 -8.53 52.54 -36.79
CA ARG MB 84 -8.60 53.38 -37.99
C ARG MB 84 -9.93 53.18 -38.72
N ARG MB 85 -10.38 51.93 -38.84
CA ARG MB 85 -11.67 51.70 -39.50
C ARG MB 85 -12.77 52.42 -38.76
N LEU MB 86 -12.75 52.34 -37.43
CA LEU MB 86 -13.84 52.84 -36.63
C LEU MB 86 -13.84 54.36 -36.62
N ARG MB 87 -12.66 54.97 -36.68
CA ARG MB 87 -12.59 56.41 -36.88
C ARG MB 87 -13.18 56.81 -38.21
N GLU MB 88 -12.73 56.17 -39.28
CA GLU MB 88 -13.06 56.64 -40.61
C GLU MB 88 -14.54 56.44 -40.92
N GLN MB 89 -15.17 55.40 -40.36
CA GLN MB 89 -16.57 55.23 -40.70
C GLN MB 89 -17.48 56.25 -40.00
N THR MB 90 -16.98 56.97 -39.00
CA THR MB 90 -17.77 57.98 -38.32
C THR MB 90 -17.30 59.41 -38.59
N GLU MB 91 -16.12 59.59 -39.16
CA GLU MB 91 -15.73 60.95 -39.58
C GLU MB 91 -16.67 61.47 -40.64
N ALA MB 92 -17.02 60.64 -41.61
CA ALA MB 92 -17.92 61.02 -42.69
C ALA MB 92 -19.30 61.34 -42.13
N GLY NB 2 4.19 -33.28 24.44
CA GLY NB 2 2.74 -33.19 24.46
C GLY NB 2 2.15 -32.94 25.83
N ARG NB 3 1.71 -34.02 26.48
CA ARG NB 3 1.08 -33.90 27.79
C ARG NB 3 2.12 -33.53 28.84
N ARG NB 4 1.69 -32.75 29.84
CA ARG NB 4 2.59 -32.30 30.89
C ARG NB 4 3.17 -33.48 31.66
N PRO NB 5 4.31 -33.28 32.31
CA PRO NB 5 4.83 -34.29 33.23
C PRO NB 5 3.84 -34.58 34.36
N ALA NB 6 3.82 -35.83 34.80
CA ALA NB 6 2.93 -36.22 35.89
C ALA NB 6 3.34 -35.61 37.23
N ARG NB 7 4.56 -35.09 37.35
CA ARG NB 7 4.92 -34.43 38.59
C ARG NB 7 4.07 -33.19 38.83
N CYS NB 8 3.55 -32.58 37.78
CA CYS NB 8 2.67 -31.43 37.97
C CYS NB 8 1.35 -31.83 38.58
N TYR NB 9 0.91 -33.07 38.34
CA TYR NB 9 -0.41 -33.53 38.77
C TYR NB 9 -0.29 -34.78 39.61
N ARG NB 10 0.77 -34.86 40.40
CA ARG NB 10 0.96 -35.99 41.29
C ARG NB 10 0.27 -35.85 42.64
N GLN NB 11 0.32 -34.67 43.28
CA GLN NB 11 -0.35 -34.50 44.56
C GLN NB 11 -1.81 -34.08 44.41
N ILE NB 12 -2.65 -34.59 45.32
CA ILE NB 12 -3.99 -34.04 45.50
C ILE NB 12 -3.88 -32.71 46.23
N LYS NB 13 -4.24 -31.63 45.57
CA LYS NB 13 -4.31 -30.34 46.21
C LYS NB 13 -5.67 -29.69 46.09
N ASN NB 14 -6.58 -30.22 45.30
CA ASN NB 14 -7.83 -29.56 44.99
C ASN NB 14 -8.99 -30.52 45.22
N LYS NB 15 -10.12 -29.96 45.62
CA LYS NB 15 -11.31 -30.77 45.86
C LYS NB 15 -11.77 -31.40 44.55
N PRO NB 16 -12.38 -32.59 44.61
CA PRO NB 16 -12.67 -33.32 43.39
C PRO NB 16 -13.55 -32.51 42.45
N TYR NB 17 -13.22 -32.59 41.17
CA TYR NB 17 -13.70 -31.65 40.17
C TYR NB 17 -14.29 -32.40 38.99
N PRO NB 18 -15.30 -33.21 39.21
CA PRO NB 18 -15.70 -34.21 38.21
C PRO NB 18 -16.51 -33.57 37.09
N LYS NB 19 -16.67 -34.34 36.02
CA LYS NB 19 -17.49 -33.91 34.90
C LYS NB 19 -18.94 -33.77 35.34
N SER NB 20 -19.56 -32.66 34.97
CA SER NB 20 -20.92 -32.39 35.39
C SER NB 20 -21.50 -31.34 34.47
N ARG NB 21 -22.62 -30.78 34.88
CA ARG NB 21 -23.22 -29.62 34.24
C ARG NB 21 -22.37 -28.36 34.42
N TYR NB 22 -21.18 -28.49 35.00
CA TYR NB 22 -20.31 -27.36 35.25
C TYR NB 22 -18.91 -27.53 34.68
N CYS NB 23 -18.35 -28.73 34.73
CA CYS NB 23 -17.06 -29.03 34.13
C CYS NB 23 -17.32 -29.75 32.80
N ARG NB 24 -17.55 -28.96 31.76
CA ARG NB 24 -17.86 -29.50 30.44
C ARG NB 24 -16.89 -28.92 29.43
N GLY NB 25 -16.63 -29.68 28.37
CA GLY NB 25 -15.49 -29.45 27.50
C GLY NB 25 -14.30 -30.33 27.80
N VAL NB 26 -14.43 -31.23 28.76
CA VAL NB 26 -13.38 -32.19 29.10
C VAL NB 26 -13.21 -33.14 27.92
N PRO NB 27 -12.01 -33.64 27.62
CA PRO NB 27 -11.92 -34.71 26.62
C PRO NB 27 -12.19 -36.06 27.27
N ASP NB 28 -12.49 -37.02 26.43
CA ASP NB 28 -12.69 -38.36 26.93
C ASP NB 28 -11.35 -38.94 27.37
N PRO NB 29 -11.33 -39.72 28.43
CA PRO NB 29 -10.05 -40.18 28.98
C PRO NB 29 -9.38 -41.22 28.10
N LYS NB 30 -8.11 -41.46 28.40
CA LYS NB 30 -7.38 -42.52 27.72
C LYS NB 30 -8.14 -43.84 27.80
N ILE NB 31 -8.52 -44.23 29.01
CA ILE NB 31 -9.01 -45.57 29.24
C ILE NB 31 -10.51 -45.60 28.94
N ARG NB 32 -10.93 -46.65 28.25
CA ARG NB 32 -12.34 -46.90 27.98
C ARG NB 32 -12.73 -48.34 28.27
N ILE NB 33 -11.76 -49.20 28.60
CA ILE NB 33 -12.00 -50.61 28.86
C ILE NB 33 -11.33 -50.95 30.17
N TYR NB 34 -12.05 -51.61 31.06
CA TYR NB 34 -11.52 -51.88 32.39
C TYR NB 34 -11.36 -53.35 32.71
N ASP NB 35 -12.11 -54.22 32.05
CA ASP NB 35 -12.07 -55.67 32.30
C ASP NB 35 -11.60 -56.35 31.02
N VAL NB 36 -10.45 -57.01 31.10
CA VAL NB 36 -9.87 -57.64 29.92
C VAL NB 36 -9.54 -59.08 30.23
N GLY NB 37 -9.40 -59.88 29.17
CA GLY NB 37 -9.28 -61.30 29.32
C GLY NB 37 -10.64 -61.95 29.39
N MET NB 38 -10.64 -63.22 29.79
CA MET NB 38 -11.89 -63.95 29.88
C MET NB 38 -12.68 -63.47 31.08
N LYS NB 39 -13.58 -62.53 30.85
CA LYS NB 39 -14.48 -62.04 31.89
C LYS NB 39 -15.76 -62.85 31.97
N LYS NB 40 -15.90 -63.87 31.13
CA LYS NB 40 -17.07 -64.73 31.10
C LYS NB 40 -16.96 -65.96 31.99
N LYS NB 41 -15.80 -66.24 32.54
CA LYS NB 41 -15.64 -67.45 33.34
C LYS NB 41 -16.27 -67.26 34.71
N GLY NB 42 -16.71 -68.38 35.28
CA GLY NB 42 -17.46 -68.35 36.53
C GLY NB 42 -16.57 -68.28 37.74
N VAL NB 43 -17.21 -68.42 38.90
CA VAL NB 43 -16.49 -68.29 40.17
C VAL NB 43 -15.51 -69.44 40.38
N ASP NB 44 -15.90 -70.66 40.03
CA ASP NB 44 -15.09 -71.81 40.45
C ASP NB 44 -13.84 -71.99 39.60
N GLU NB 45 -13.68 -71.23 38.52
CA GLU NB 45 -12.58 -71.48 37.60
C GLU NB 45 -11.28 -70.83 38.08
N PHE NB 46 -11.29 -69.50 38.27
CA PHE NB 46 -10.11 -68.79 38.76
C PHE NB 46 -10.29 -68.44 40.23
N PRO NB 47 -9.78 -69.23 41.15
CA PRO NB 47 -9.90 -68.88 42.57
C PRO NB 47 -8.87 -67.87 43.05
N SER NB 48 -7.64 -67.99 42.56
CA SER NB 48 -6.55 -67.21 43.12
C SER NB 48 -6.62 -65.80 42.57
N CYS NB 49 -6.53 -64.81 43.45
CA CYS NB 49 -6.61 -63.43 43.02
C CYS NB 49 -5.47 -62.63 43.65
N VAL NB 50 -4.82 -61.82 42.83
CA VAL NB 50 -3.69 -61.01 43.25
C VAL NB 50 -3.92 -59.58 42.76
N HIS NB 51 -3.69 -58.62 43.66
CA HIS NB 51 -4.01 -57.23 43.43
C HIS NB 51 -2.74 -56.40 43.43
N LEU NB 52 -2.72 -55.37 42.61
CA LEU NB 52 -1.70 -54.34 42.66
C LEU NB 52 -2.29 -53.22 43.48
N VAL NB 53 -1.71 -52.98 44.66
CA VAL NB 53 -2.26 -52.04 45.64
C VAL NB 53 -1.35 -50.83 45.76
N SER NB 54 -1.94 -49.64 45.62
CA SER NB 54 -1.21 -48.38 45.69
C SER NB 54 -1.07 -47.95 47.15
N TRP NB 55 0.10 -47.42 47.49
CA TRP NB 55 0.45 -47.15 48.87
C TRP NB 55 0.74 -45.67 49.13
N GLU NB 56 0.39 -44.77 48.22
CA GLU NB 56 0.51 -43.35 48.55
C GLU NB 56 -0.57 -42.54 47.86
N LYS NB 57 -1.16 -41.62 48.61
CA LYS NB 57 -2.22 -40.74 48.10
C LYS NB 57 -1.69 -39.91 46.94
N GLU NB 58 -2.30 -40.04 45.78
CA GLU NB 58 -1.79 -39.34 44.60
C GLU NB 58 -2.88 -39.32 43.53
N ASN NB 59 -2.51 -38.85 42.34
CA ASN NB 59 -3.37 -38.86 41.16
C ASN NB 59 -2.72 -39.71 40.09
N VAL NB 60 -3.14 -40.97 39.97
CA VAL NB 60 -2.72 -41.79 38.85
C VAL NB 60 -3.47 -41.33 37.62
N SER NB 61 -2.73 -40.97 36.58
CA SER NB 61 -3.38 -40.42 35.39
C SER NB 61 -4.11 -41.51 34.62
N SER NB 62 -5.00 -41.06 33.74
CA SER NB 62 -5.71 -41.99 32.88
C SER NB 62 -4.75 -42.71 31.96
N GLU NB 63 -3.76 -41.99 31.42
CA GLU NB 63 -2.79 -42.64 30.55
C GLU NB 63 -1.99 -43.69 31.31
N ALA NB 64 -1.59 -43.39 32.53
CA ALA NB 64 -0.86 -44.38 33.31
C ALA NB 64 -1.73 -45.61 33.57
N LEU NB 65 -2.96 -45.39 34.01
CA LEU NB 65 -3.81 -46.53 34.36
C LEU NB 65 -4.32 -47.26 33.14
N GLU NB 66 -4.16 -46.69 31.94
CA GLU NB 66 -4.35 -47.47 30.73
C GLU NB 66 -3.10 -48.29 30.42
N ALA NB 67 -1.95 -47.63 30.30
CA ALA NB 67 -0.73 -48.32 29.90
C ALA NB 67 -0.39 -49.46 30.85
N ALA NB 68 -0.77 -49.32 32.12
CA ALA NB 68 -0.47 -50.37 33.08
C ALA NB 68 -1.25 -51.64 32.78
N ARG NB 69 -2.54 -51.51 32.44
CA ARG NB 69 -3.30 -52.73 32.22
C ARG NB 69 -2.80 -53.46 30.98
N ILE NB 70 -2.44 -52.73 29.93
CA ILE NB 70 -2.00 -53.39 28.72
C ILE NB 70 -0.61 -53.99 28.93
N ALA NB 71 0.22 -53.37 29.77
CA ALA NB 71 1.48 -54.01 30.10
C ALA NB 71 1.29 -55.22 31.00
N CYS NB 72 0.19 -55.29 31.75
CA CYS NB 72 -0.14 -56.47 32.52
C CYS NB 72 -0.84 -57.53 31.69
N ASN NB 73 -1.36 -57.15 30.53
CA ASN NB 73 -2.05 -58.06 29.63
C ASN NB 73 -1.11 -58.72 28.63
N LYS NB 74 -0.18 -57.97 28.06
CA LYS NB 74 0.69 -58.54 27.04
C LYS NB 74 1.51 -59.70 27.61
N TYR NB 75 2.06 -59.51 28.81
CA TYR NB 75 2.80 -60.59 29.46
C TYR NB 75 1.90 -61.78 29.72
N MET NB 76 0.73 -61.54 30.32
CA MET NB 76 -0.13 -62.65 30.71
C MET NB 76 -0.57 -63.42 29.48
N THR NB 77 -0.94 -62.70 28.42
CA THR NB 77 -1.34 -63.35 27.19
C THR NB 77 -0.22 -64.17 26.59
N LYS NB 78 0.96 -63.58 26.43
CA LYS NB 78 2.03 -64.31 25.75
C LYS NB 78 2.41 -65.56 26.52
N ASN NB 79 2.50 -65.46 27.84
CA ASN NB 79 2.95 -66.63 28.58
C ASN NB 79 1.82 -67.61 28.89
N ALA NB 80 0.83 -67.19 29.69
CA ALA NB 80 -0.14 -68.13 30.21
C ALA NB 80 -1.43 -68.21 29.39
N GLY NB 81 -1.40 -67.72 28.16
CA GLY NB 81 -2.51 -67.88 27.27
C GLY NB 81 -3.67 -66.94 27.59
N LYS NB 82 -4.56 -66.80 26.63
CA LYS NB 82 -5.67 -65.86 26.74
C LYS NB 82 -6.82 -66.39 27.59
N ASP NB 83 -6.79 -67.65 27.98
CA ASP NB 83 -7.91 -68.31 28.63
C ASP NB 83 -7.65 -68.62 30.09
N ALA NB 84 -6.74 -67.89 30.75
CA ALA NB 84 -6.38 -68.23 32.12
C ALA NB 84 -6.24 -67.02 33.04
N PHE NB 85 -6.63 -65.83 32.60
CA PHE NB 85 -6.56 -64.69 33.50
C PHE NB 85 -7.75 -63.78 33.25
N HIS NB 86 -8.17 -63.10 34.30
CA HIS NB 86 -9.15 -62.02 34.15
C HIS NB 86 -8.61 -60.79 34.86
N LEU NB 87 -8.35 -59.72 34.11
CA LEU NB 87 -7.80 -58.48 34.63
C LEU NB 87 -8.91 -57.45 34.80
N ARG NB 88 -8.88 -56.75 35.93
CA ARG NB 88 -9.86 -55.69 36.20
C ARG NB 88 -9.16 -54.50 36.85
N VAL NB 89 -9.20 -53.36 36.17
CA VAL NB 89 -8.64 -52.11 36.68
C VAL NB 89 -9.66 -51.46 37.61
N ARG NB 90 -9.32 -51.38 38.89
CA ARG NB 90 -10.27 -51.09 39.96
C ARG NB 90 -10.38 -49.62 40.28
N VAL NB 91 -10.16 -48.72 39.33
CA VAL NB 91 -10.25 -47.29 39.61
C VAL NB 91 -10.61 -46.55 38.34
N HIS NB 92 -11.38 -45.48 38.48
CA HIS NB 92 -11.90 -44.80 37.32
C HIS NB 92 -11.46 -43.35 37.31
N PRO NB 93 -11.08 -42.83 36.16
CA PRO NB 93 -10.64 -41.44 36.08
C PRO NB 93 -11.81 -40.47 36.13
N TYR NB 94 -12.18 -40.04 37.33
CA TYR NB 94 -13.24 -39.06 37.47
C TYR NB 94 -12.75 -37.65 37.79
N HIS NB 95 -11.54 -37.50 38.29
CA HIS NB 95 -11.05 -36.15 38.58
C HIS NB 95 -10.57 -35.53 37.29
N VAL NB 96 -10.90 -34.27 37.07
CA VAL NB 96 -10.59 -33.59 35.83
C VAL NB 96 -9.51 -32.56 36.09
N LEU NB 97 -8.32 -32.80 35.56
CA LEU NB 97 -7.20 -31.91 35.81
C LEU NB 97 -7.36 -30.66 34.95
N ARG NB 98 -7.02 -29.52 35.51
CA ARG NB 98 -7.05 -28.27 34.78
C ARG NB 98 -5.66 -27.82 34.38
N ILE NB 99 -5.58 -27.11 33.27
CA ILE NB 99 -4.34 -26.50 32.81
C ILE NB 99 -4.59 -25.03 32.58
N ASN NB 100 -3.61 -24.20 32.94
CA ASN NB 100 -3.67 -22.76 32.72
C ASN NB 100 -2.59 -22.40 31.73
N LYS NB 101 -2.97 -22.02 30.52
CA LYS NB 101 -2.02 -21.50 29.55
C LYS NB 101 -2.60 -20.26 28.87
N GLN NB 112 2.72 -12.41 28.09
CA GLN NB 112 1.70 -11.45 27.75
C GLN NB 112 0.70 -11.31 28.89
N THR NB 113 -0.40 -12.05 28.83
CA THR NB 113 -1.37 -12.05 29.92
C THR NB 113 -0.95 -13.05 30.99
N GLY NB 114 -0.97 -12.60 32.25
CA GLY NB 114 -0.39 -13.37 33.33
C GLY NB 114 -1.39 -14.26 34.05
N MET NB 115 -1.60 -14.02 35.34
CA MET NB 115 -2.60 -14.75 36.11
C MET NB 115 -3.91 -13.97 36.29
N ARG NB 116 -4.10 -12.90 35.54
CA ARG NB 116 -5.43 -12.33 35.38
C ARG NB 116 -6.36 -13.35 34.74
N GLY NB 117 -7.51 -13.59 35.35
CA GLY NB 117 -8.41 -14.65 34.94
C GLY NB 117 -7.68 -15.98 34.92
N ALA NB 118 -7.29 -16.46 36.09
CA ALA NB 118 -6.33 -17.55 36.20
C ALA NB 118 -6.94 -18.93 36.18
N PHE NB 119 -8.26 -19.04 36.26
CA PHE NB 119 -8.89 -20.36 36.25
C PHE NB 119 -8.68 -21.00 34.89
N GLY NB 120 -8.27 -22.25 34.87
CA GLY NB 120 -7.86 -22.90 33.64
C GLY NB 120 -8.91 -23.81 33.03
N LYS NB 121 -8.79 -24.01 31.72
CA LYS NB 121 -9.62 -24.95 30.99
C LYS NB 121 -9.19 -26.37 31.29
N PRO NB 122 -10.11 -27.34 31.27
CA PRO NB 122 -9.75 -28.71 31.62
C PRO NB 122 -8.74 -29.29 30.64
N LEU NB 123 -7.85 -30.12 31.17
CA LEU NB 123 -6.75 -30.71 30.42
C LEU NB 123 -6.99 -32.18 30.15
N GLY NB 124 -7.11 -32.98 31.19
CA GLY NB 124 -7.26 -34.41 31.04
C GLY NB 124 -7.96 -34.98 32.24
N THR NB 125 -7.83 -36.26 32.48
CA THR NB 125 -8.64 -36.86 33.52
C THR NB 125 -7.80 -37.90 34.23
N CYS NB 126 -7.88 -37.92 35.56
CA CYS NB 126 -7.06 -38.80 36.36
C CYS NB 126 -7.88 -39.31 37.53
N ALA NB 127 -7.45 -40.44 38.07
CA ALA NB 127 -8.15 -41.12 39.15
C ALA NB 127 -7.40 -40.93 40.46
N ARG NB 128 -8.11 -40.49 41.49
CA ARG NB 128 -7.52 -40.24 42.79
C ARG NB 128 -7.44 -41.53 43.57
N VAL NB 129 -6.24 -41.92 43.99
CA VAL NB 129 -6.05 -43.12 44.77
C VAL NB 129 -5.76 -42.73 46.21
N ASP NB 130 -5.70 -43.73 47.08
CA ASP NB 130 -5.45 -43.51 48.49
C ASP NB 130 -4.58 -44.63 49.04
N ILE NB 131 -4.16 -44.46 50.29
CA ILE NB 131 -3.36 -45.47 50.97
C ILE NB 131 -4.15 -46.77 51.02
N GLY NB 132 -3.51 -47.86 50.62
CA GLY NB 132 -4.13 -49.17 50.70
C GLY NB 132 -5.36 -49.31 49.85
N GLN NB 133 -5.39 -48.69 48.67
CA GLN NB 133 -6.50 -48.83 47.74
C GLN NB 133 -6.09 -49.80 46.64
N VAL NB 134 -6.84 -50.90 46.52
CA VAL NB 134 -6.60 -51.83 45.43
C VAL NB 134 -6.69 -51.08 44.12
N LEU NB 135 -5.71 -51.28 43.26
CA LEU NB 135 -5.62 -50.54 42.02
C LEU NB 135 -5.83 -51.42 40.80
N LEU NB 136 -5.27 -52.62 40.79
CA LEU NB 136 -5.60 -53.60 39.77
C LEU NB 136 -5.84 -54.95 40.41
N SER NB 137 -6.54 -55.81 39.69
CA SER NB 137 -6.70 -57.18 40.12
C SER NB 137 -6.52 -58.12 38.94
N VAL NB 138 -5.89 -59.25 39.19
CA VAL NB 138 -5.85 -60.35 38.25
C VAL NB 138 -6.39 -61.57 38.99
N ARG NB 139 -7.14 -62.40 38.29
CA ARG NB 139 -7.55 -63.66 38.85
C ARG NB 139 -7.17 -64.79 37.91
N CYS NB 140 -6.58 -65.83 38.50
CA CYS NB 140 -6.04 -66.99 37.80
C CYS NB 140 -6.18 -68.23 38.68
N LYS NB 141 -5.63 -69.32 38.18
CA LYS NB 141 -5.57 -70.60 38.87
C LYS NB 141 -4.23 -70.74 39.58
N GLU NB 142 -4.26 -71.21 40.83
CA GLU NB 142 -3.06 -71.16 41.66
C GLU NB 142 -1.88 -71.81 40.97
N SER NB 143 -2.11 -72.89 40.24
CA SER NB 143 -1.05 -73.50 39.43
C SER NB 143 -0.47 -72.50 38.44
N ASN NB 144 -1.25 -71.50 38.02
CA ASN NB 144 -0.84 -70.55 37.01
C ASN NB 144 -0.65 -69.16 37.60
N ALA NB 145 -0.58 -69.05 38.93
CA ALA NB 145 -0.59 -67.74 39.56
C ALA NB 145 0.72 -66.98 39.38
N VAL NB 146 1.84 -67.67 39.19
CA VAL NB 146 3.15 -67.01 39.14
C VAL NB 146 3.20 -65.99 38.01
N HIS NB 147 2.60 -66.33 36.87
CA HIS NB 147 2.60 -65.41 35.74
C HIS NB 147 1.96 -64.09 36.12
N ALA NB 148 0.83 -64.12 36.81
CA ALA NB 148 0.21 -62.88 37.24
C ALA NB 148 1.04 -62.19 38.31
N ASP NB 149 1.65 -62.97 39.20
CA ASP NB 149 2.53 -62.38 40.20
C ASP NB 149 3.62 -61.54 39.56
N GLU NB 150 4.14 -62.00 38.42
CA GLU NB 150 5.18 -61.20 37.78
C GLU NB 150 4.58 -60.12 36.88
N ALA NB 151 3.40 -60.37 36.29
CA ALA NB 151 2.82 -59.38 35.39
C ALA NB 151 2.43 -58.11 36.12
N LEU NB 152 1.88 -58.23 37.33
CA LEU NB 152 1.60 -57.03 38.09
C LEU NB 152 2.87 -56.29 38.45
N ARG NB 153 3.92 -57.02 38.82
CA ARG NB 153 5.19 -56.37 39.11
C ARG NB 153 5.74 -55.67 37.86
N ARG NB 154 5.51 -56.25 36.70
CA ARG NB 154 5.95 -55.65 35.45
C ARG NB 154 5.11 -54.44 35.07
N ALA NB 155 3.90 -54.36 35.58
CA ALA NB 155 3.06 -53.19 35.33
C ALA NB 155 3.26 -52.08 36.34
N LYS NB 156 3.76 -52.38 37.54
CA LYS NB 156 3.81 -51.32 38.55
C LYS NB 156 4.85 -50.22 38.24
N PHE NB 157 5.77 -50.44 37.30
CA PHE NB 157 6.65 -49.36 36.87
C PHE NB 157 5.98 -48.44 35.89
N LYS NB 158 4.66 -48.40 35.88
CA LYS NB 158 3.93 -47.44 35.07
C LYS NB 158 3.22 -46.39 35.91
N PHE NB 159 3.27 -46.50 37.24
CA PHE NB 159 2.61 -45.68 38.23
C PHE NB 159 3.64 -44.84 38.99
N PRO NB 160 3.23 -43.71 39.52
CA PRO NB 160 4.20 -42.80 40.12
C PRO NB 160 4.71 -43.15 41.52
N GLY NB 161 3.92 -43.84 42.32
CA GLY NB 161 4.22 -44.02 43.73
C GLY NB 161 4.85 -45.35 44.08
N ARG NB 162 4.56 -45.82 45.27
CA ARG NB 162 4.93 -47.15 45.74
C ARG NB 162 3.71 -48.05 45.74
N GLN NB 163 3.87 -49.30 45.29
CA GLN NB 163 2.78 -50.25 45.31
C GLN NB 163 3.29 -51.60 45.81
N LYS NB 164 2.38 -52.37 46.40
CA LYS NB 164 2.65 -53.78 46.62
C LYS NB 164 1.91 -54.63 45.61
N ILE NB 165 2.32 -55.88 45.54
CA ILE NB 165 1.68 -56.90 44.73
C ILE NB 165 1.19 -57.93 45.73
N ILE NB 166 -0.04 -57.78 46.19
CA ILE NB 166 -0.56 -58.53 47.32
C ILE NB 166 -1.59 -59.53 46.80
N ARG NB 167 -1.33 -60.81 47.03
CA ARG NB 167 -2.38 -61.80 46.91
C ARG NB 167 -3.46 -61.51 47.94
N SER NB 168 -4.72 -61.62 47.56
CA SER NB 168 -5.79 -61.39 48.53
C SER NB 168 -6.32 -62.70 49.07
N ARG NB 169 -6.70 -62.69 50.35
CA ARG NB 169 -7.14 -63.91 51.04
C ARG NB 169 -8.49 -64.40 50.57
N LYS NB 170 -9.24 -63.62 49.81
CA LYS NB 170 -10.58 -63.99 49.40
C LYS NB 170 -10.54 -64.82 48.12
N TRP NB 171 -11.72 -65.18 47.63
CA TRP NB 171 -11.87 -66.16 46.56
C TRP NB 171 -12.24 -65.34 45.33
N GLY NB 172 -11.39 -65.33 44.31
CA GLY NB 172 -11.74 -64.61 43.10
C GLY NB 172 -12.01 -63.14 43.38
N PHE NB 173 -13.06 -62.59 42.76
CA PHE NB 173 -13.48 -61.22 43.03
C PHE NB 173 -14.64 -61.16 44.01
N THR NB 174 -14.78 -62.16 44.87
CA THR NB 174 -15.93 -62.30 45.75
C THR NB 174 -15.57 -61.87 47.15
N LYS NB 175 -16.58 -61.52 47.93
CA LYS NB 175 -16.34 -61.04 49.28
C LYS NB 175 -16.10 -62.16 50.28
N PHE NB 176 -15.83 -63.37 49.80
CA PHE NB 176 -15.75 -64.53 50.67
C PHE NB 176 -14.36 -65.14 50.62
N ASN NB 177 -13.77 -65.34 51.80
CA ASN NB 177 -12.46 -65.93 51.90
C ASN NB 177 -12.46 -67.31 51.26
N ARG NB 178 -11.27 -67.82 50.95
CA ARG NB 178 -11.16 -69.15 50.38
C ARG NB 178 -11.78 -70.20 51.31
N ALA NB 179 -11.40 -70.17 52.59
CA ALA NB 179 -11.90 -71.17 53.53
C ALA NB 179 -13.41 -71.10 53.65
N ASP NB 180 -13.95 -69.91 53.87
CA ASP NB 180 -15.39 -69.76 54.05
C ASP NB 180 -16.15 -70.09 52.77
N TYR NB 181 -15.61 -69.70 51.61
CA TYR NB 181 -16.32 -69.97 50.37
C TYR NB 181 -16.35 -71.46 50.08
N ILE NB 182 -15.27 -72.18 50.38
CA ILE NB 182 -15.29 -73.62 50.15
C ILE NB 182 -16.22 -74.30 51.15
N LYS NB 183 -16.21 -73.84 52.40
CA LYS NB 183 -17.21 -74.30 53.37
C LYS NB 183 -18.63 -74.10 52.85
N TYR NB 184 -18.91 -72.94 52.27
CA TYR NB 184 -20.26 -72.64 51.84
C TYR NB 184 -20.62 -73.33 50.54
N LYS NB 185 -19.63 -73.68 49.72
CA LYS NB 185 -19.88 -74.52 48.56
C LYS NB 185 -20.25 -75.93 49.00
N SER NB 186 -19.53 -76.48 49.98
CA SER NB 186 -19.87 -77.82 50.45
C SER NB 186 -21.21 -77.84 51.16
N GLU NB 187 -21.55 -76.77 51.88
CA GLU NB 187 -22.88 -76.66 52.47
C GLU NB 187 -23.95 -76.24 51.48
N GLY NB 188 -23.58 -75.85 50.26
CA GLY NB 188 -24.58 -75.49 49.26
C GLY NB 188 -25.46 -74.34 49.69
N ARG NB 189 -24.88 -73.33 50.33
CA ARG NB 189 -25.64 -72.19 50.82
C ARG NB 189 -25.30 -70.93 50.03
N ILE NB 190 -24.76 -71.09 48.83
CA ILE NB 190 -24.27 -69.99 48.01
C ILE NB 190 -24.83 -70.12 46.59
N VAL NB 191 -25.37 -69.02 46.08
CA VAL NB 191 -25.81 -68.94 44.69
C VAL NB 191 -24.60 -68.50 43.85
N PRO NB 192 -24.17 -69.29 42.88
CA PRO NB 192 -23.09 -68.84 42.00
C PRO NB 192 -23.62 -68.05 40.82
N ASP NB 193 -23.18 -66.79 40.71
CA ASP NB 193 -23.82 -65.80 39.85
C ASP NB 193 -23.04 -65.59 38.56
N GLY NB 194 -21.84 -66.12 38.45
CA GLY NB 194 -20.97 -65.71 37.35
C GLY NB 194 -19.61 -65.38 37.91
N VAL NB 195 -19.24 -64.09 37.84
CA VAL NB 195 -18.04 -63.64 38.54
C VAL NB 195 -18.28 -63.41 40.03
N ASN NB 196 -19.54 -63.36 40.46
CA ASN NB 196 -19.87 -63.16 41.87
C ASN NB 196 -20.59 -64.38 42.43
N ALA NB 197 -20.91 -64.28 43.71
CA ALA NB 197 -21.73 -65.27 44.38
C ALA NB 197 -22.51 -64.56 45.49
N LYS NB 198 -23.55 -65.23 45.97
CA LYS NB 198 -24.51 -64.64 46.88
C LYS NB 198 -24.75 -65.63 48.01
N LEU NB 199 -24.61 -65.21 49.26
CA LEU NB 199 -25.07 -66.13 50.28
C LEU NB 199 -26.58 -66.23 50.28
N LEU NB 200 -27.07 -67.32 50.83
CA LEU NB 200 -28.48 -67.48 51.15
C LEU NB 200 -28.65 -67.41 52.65
N GLY NB 201 -29.89 -67.38 53.11
CA GLY NB 201 -30.08 -67.23 54.54
C GLY NB 201 -31.49 -67.36 55.06
N VAL NB 202 -31.84 -66.50 55.99
CA VAL NB 202 -33.04 -66.62 56.81
C VAL NB 202 -34.02 -65.48 56.51
N HIS NB 203 -33.83 -64.77 55.42
CA HIS NB 203 -34.71 -63.67 55.10
C HIS NB 203 -35.20 -63.77 53.66
N GLY NB 204 -36.42 -63.32 53.45
CA GLY NB 204 -37.11 -63.51 52.20
C GLY NB 204 -38.37 -64.31 52.44
N PRO NB 205 -39.03 -64.72 51.36
CA PRO NB 205 -40.16 -65.64 51.49
C PRO NB 205 -39.75 -67.08 51.27
N ILE NB 206 -40.29 -68.02 52.04
CA ILE NB 206 -39.94 -69.42 51.84
C ILE NB 206 -40.23 -69.85 50.42
N ALA NB 207 -41.21 -69.20 49.78
CA ALA NB 207 -41.63 -69.60 48.45
C ALA NB 207 -40.52 -69.38 47.42
N LYS NB 208 -39.90 -68.20 47.42
CA LYS NB 208 -39.02 -67.83 46.33
C LYS NB 208 -37.74 -68.65 46.32
N ARG NB 209 -37.51 -69.47 47.35
CA ARG NB 209 -36.33 -70.32 47.39
C ARG NB 209 -36.60 -71.63 46.65
N ALA NB 210 -35.55 -72.15 46.03
CA ALA NB 210 -35.67 -73.44 45.38
C ALA NB 210 -35.88 -74.52 46.43
N PRO NB 211 -36.46 -75.67 46.05
CA PRO NB 211 -36.82 -76.67 47.05
C PRO NB 211 -35.67 -77.15 47.90
N GLY NB 212 -34.44 -77.17 47.37
CA GLY NB 212 -33.31 -77.62 48.16
C GLY NB 212 -32.45 -76.52 48.75
N GLN NB 213 -32.95 -75.29 48.79
CA GLN NB 213 -32.15 -74.12 49.15
C GLN NB 213 -32.82 -73.33 50.27
N ALA NB 214 -33.19 -74.01 51.35
CA ALA NB 214 -33.92 -73.39 52.44
C ALA NB 214 -33.14 -73.56 53.73
N ILE NB 215 -32.87 -72.45 54.42
CA ILE NB 215 -31.98 -72.44 55.56
C ILE NB 215 -32.61 -71.58 56.67
N LEU NB 216 -32.19 -71.82 57.91
CA LEU NB 216 -32.48 -70.88 58.99
C LEU NB 216 -31.27 -70.02 59.30
N MET OB 1 -12.45 -4.69 -41.58
CA MET OB 1 -11.14 -4.07 -41.58
C MET OB 1 -10.11 -4.95 -40.93
N ARG OB 2 -9.98 -6.20 -41.37
CA ARG OB 2 -8.99 -7.04 -40.74
C ARG OB 2 -7.60 -6.44 -40.92
N ALA OB 3 -7.30 -5.93 -42.11
CA ALA OB 3 -5.98 -5.38 -42.35
C ALA OB 3 -5.72 -4.15 -41.49
N LYS OB 4 -6.68 -3.22 -41.42
CA LYS OB 4 -6.53 -2.07 -40.54
C LYS OB 4 -6.29 -2.50 -39.11
N TRP OB 5 -7.12 -3.40 -38.59
CA TRP OB 5 -7.00 -3.59 -37.16
C TRP OB 5 -5.75 -4.43 -36.85
N LYS OB 6 -5.35 -5.29 -37.78
CA LYS OB 6 -4.04 -5.93 -37.72
C LYS OB 6 -2.93 -4.90 -37.59
N LYS OB 7 -2.96 -3.91 -38.47
CA LYS OB 7 -2.00 -2.82 -38.40
C LYS OB 7 -1.99 -2.20 -37.03
N LYS OB 8 -3.17 -1.99 -36.44
CA LYS OB 8 -3.24 -1.33 -35.14
C LYS OB 8 -2.72 -2.24 -34.04
N ARG OB 9 -2.96 -3.54 -34.14
CA ARG OB 9 -2.37 -4.47 -33.18
C ARG OB 9 -0.86 -4.36 -33.20
N MET OB 10 -0.27 -4.45 -34.41
CA MET OB 10 1.19 -4.40 -34.51
C MET OB 10 1.72 -3.06 -34.01
N ARG OB 11 0.97 -1.99 -34.26
CA ARG OB 11 1.34 -0.68 -33.75
C ARG OB 11 1.42 -0.68 -32.23
N ARG OB 12 0.41 -1.25 -31.57
CA ARG OB 12 0.40 -1.30 -30.11
C ARG OB 12 1.54 -2.15 -29.60
N LEU OB 13 1.71 -3.34 -30.17
CA LEU OB 13 2.75 -4.26 -29.74
C LEU OB 13 4.13 -3.66 -29.97
N LYS OB 14 4.23 -2.75 -30.92
CA LYS OB 14 5.51 -2.09 -31.19
C LYS OB 14 5.78 -0.92 -30.24
N ARG OB 15 4.77 -0.14 -29.85
CA ARG OB 15 4.99 0.75 -28.70
C ARG OB 15 5.37 -0.04 -27.47
N LYS OB 16 4.85 -1.25 -27.33
CA LYS OB 16 5.17 -2.04 -26.16
C LYS OB 16 6.60 -2.53 -26.20
N ARG OB 17 7.10 -2.86 -27.39
CA ARG OB 17 8.50 -3.23 -27.51
C ARG OB 17 9.41 -2.03 -27.25
N ARG OB 18 9.02 -0.84 -27.72
CA ARG OB 18 9.85 0.31 -27.37
C ARG OB 18 9.83 0.59 -25.88
N LYS OB 19 8.67 0.42 -25.25
CA LYS OB 19 8.59 0.58 -23.80
C LYS OB 19 9.54 -0.38 -23.09
N MET OB 20 9.59 -1.64 -23.53
CA MET OB 20 10.51 -2.60 -22.93
C MET OB 20 11.96 -2.23 -23.17
N ARG OB 21 12.28 -1.72 -24.36
CA ARG OB 21 13.68 -1.42 -24.64
C ARG OB 21 14.17 -0.21 -23.86
N GLN OB 22 13.32 0.81 -23.67
CA GLN OB 22 13.77 1.89 -22.79
C GLN OB 22 13.86 1.49 -21.32
N ARG OB 23 13.23 0.39 -20.91
CA ARG OB 23 13.53 -0.21 -19.61
C ARG OB 23 14.92 -0.81 -19.62
N SER OB 24 15.17 -1.73 -20.54
CA SER OB 24 16.45 -2.42 -20.55
C SER OB 24 17.62 -1.53 -20.95
N LYS OB 25 17.34 -0.30 -21.40
CA LYS OB 25 18.33 0.63 -21.92
C LYS OB 25 19.68 0.61 -21.20
N ILE PB 77 46.70 -70.59 10.91
CA ILE PB 77 47.84 -71.42 11.25
C ILE PB 77 47.70 -71.84 12.71
N ILE PB 78 46.74 -71.23 13.38
CA ILE PB 78 46.62 -71.37 14.83
C ILE PB 78 46.10 -72.75 15.18
N GLU PB 79 46.77 -73.41 16.13
CA GLU PB 79 46.35 -74.72 16.61
C GLU PB 79 44.99 -74.60 17.30
N PRO PB 80 44.13 -75.62 17.20
CA PRO PB 80 42.79 -75.50 17.80
C PRO PB 80 42.76 -75.42 19.32
N SER PB 81 43.38 -76.37 20.04
CA SER PB 81 43.35 -76.31 21.50
C SER PB 81 44.08 -75.07 22.02
N LEU PB 82 45.21 -74.75 21.40
CA LEU PB 82 45.94 -73.57 21.80
C LEU PB 82 45.17 -72.30 21.41
N GLN PB 83 44.25 -72.40 20.47
CA GLN PB 83 43.34 -71.29 20.19
C GLN PB 83 42.26 -71.20 21.26
N ALA PB 84 41.76 -72.35 21.70
CA ALA PB 84 40.79 -72.38 22.78
C ALA PB 84 41.36 -71.76 24.04
N LEU PB 85 42.66 -71.96 24.27
CA LEU PB 85 43.29 -71.40 25.45
C LEU PB 85 43.27 -69.88 25.43
N ALA PB 86 43.54 -69.26 24.27
CA ALA PB 86 43.45 -67.81 24.19
C ALA PB 86 42.01 -67.34 24.23
N ARG PB 87 41.10 -68.14 23.68
CA ARG PB 87 39.68 -67.84 23.83
C ARG PB 87 39.31 -67.74 25.30
N LYS PB 88 39.93 -68.59 26.12
CA LYS PB 88 39.65 -68.59 27.55
C LYS PB 88 39.94 -67.24 28.20
N TYR PB 89 40.92 -66.50 27.70
CA TYR PB 89 41.22 -65.19 28.26
C TYR PB 89 40.60 -64.03 27.50
N ASN PB 90 40.21 -64.22 26.25
CA ASN PB 90 39.74 -63.09 25.47
C ASN PB 90 38.26 -63.16 25.11
N GLN PB 91 37.76 -64.34 24.71
CA GLN PB 91 36.36 -64.49 24.32
C GLN PB 91 35.46 -64.85 25.48
N GLU PB 92 35.69 -66.00 26.11
CA GLU PB 92 34.73 -66.57 27.04
C GLU PB 92 34.79 -65.81 28.37
N LYS PB 93 34.07 -64.69 28.40
CA LYS PB 93 33.92 -63.88 29.59
C LYS PB 93 32.52 -63.29 29.62
N MET PB 94 32.17 -62.72 30.76
CA MET PB 94 30.87 -62.11 31.01
C MET PB 94 31.06 -60.60 31.08
N ILE PB 95 30.09 -59.84 30.58
CA ILE PB 95 30.20 -58.40 30.47
C ILE PB 95 29.05 -57.77 31.23
N CYS PB 96 29.38 -56.83 32.11
CA CYS PB 96 28.37 -56.04 32.79
C CYS PB 96 27.62 -55.19 31.79
N ARG PB 97 26.32 -55.00 32.05
CA ARG PB 97 25.48 -54.28 31.11
C ARG PB 97 25.52 -52.76 31.32
N LYS PB 98 25.75 -52.30 32.54
CA LYS PB 98 25.77 -50.87 32.81
C LYS PB 98 27.16 -50.27 32.60
N CYS PB 99 28.18 -50.81 33.26
CA CYS PB 99 29.51 -50.22 33.23
C CYS PB 99 30.41 -50.79 32.15
N TYR PB 100 29.98 -51.84 31.44
CA TYR PB 100 30.74 -52.46 30.35
C TYR PB 100 32.01 -53.13 30.82
N ALA PB 101 32.17 -53.36 32.12
CA ALA PB 101 33.37 -54.02 32.59
C ALA PB 101 33.37 -55.47 32.14
N ARG PB 102 34.51 -56.12 32.27
CA ARG PB 102 34.70 -57.47 31.75
C ARG PB 102 34.85 -58.44 32.92
N LEU PB 103 33.92 -59.37 33.05
CA LEU PB 103 33.83 -60.26 34.21
C LEU PB 103 34.19 -61.68 33.85
N HIS PB 104 34.37 -62.50 34.87
CA HIS PB 104 34.72 -63.90 34.68
C HIS PB 104 33.51 -64.71 34.24
N PRO PB 105 33.72 -65.90 33.63
CA PRO PB 105 32.60 -66.63 33.04
C PRO PB 105 31.51 -66.94 34.04
N ARG PB 106 31.85 -67.69 35.08
CA ARG PB 106 30.89 -68.01 36.14
C ARG PB 106 30.87 -66.88 37.14
N ALA PB 107 30.25 -65.77 36.72
CA ALA PB 107 30.04 -64.63 37.59
C ALA PB 107 28.56 -64.27 37.54
N VAL PB 108 28.09 -63.67 38.63
CA VAL PB 108 26.68 -63.28 38.69
C VAL PB 108 26.51 -61.79 38.95
N ASN PB 109 27.48 -61.18 39.63
CA ASN PB 109 27.40 -59.77 39.97
C ASN PB 109 28.69 -59.06 39.62
N CYS PB 110 28.57 -57.81 39.18
CA CYS PB 110 29.71 -57.01 38.75
C CYS PB 110 30.56 -56.63 39.96
N ARG PB 111 31.58 -55.82 39.72
CA ARG PB 111 32.48 -55.40 40.78
C ARG PB 111 32.63 -53.90 40.94
N LYS PB 112 32.15 -53.10 40.01
CA LYS PB 112 32.59 -51.71 39.90
C LYS PB 112 31.62 -50.83 40.65
N LYS PB 113 32.17 -49.92 41.45
CA LYS PB 113 31.35 -49.07 42.30
C LYS PB 113 30.62 -47.99 41.50
N LYS PB 114 30.95 -47.80 40.22
CA LYS PB 114 30.15 -46.89 39.41
C LYS PB 114 28.81 -47.50 39.02
N CYS PB 115 28.75 -48.82 38.82
CA CYS PB 115 27.53 -49.48 38.39
C CYS PB 115 26.77 -50.09 39.54
N GLY PB 116 27.11 -49.75 40.77
CA GLY PB 116 26.31 -50.20 41.90
C GLY PB 116 26.36 -51.67 42.14
N HIS PB 117 27.48 -52.32 41.79
CA HIS PB 117 27.63 -53.76 41.95
C HIS PB 117 26.51 -54.50 41.23
N SER PB 118 26.14 -54.00 40.05
CA SER PB 118 24.89 -54.36 39.42
C SER PB 118 24.80 -55.85 39.16
N ASN PB 119 23.56 -56.32 39.07
CA ASN PB 119 23.24 -57.72 38.82
C ASN PB 119 22.85 -57.97 37.38
N GLN PB 120 23.22 -57.07 36.48
CA GLN PB 120 22.82 -57.11 35.08
C GLN PB 120 24.02 -57.50 34.23
N LEU PB 121 24.02 -58.72 33.70
CA LEU PB 121 25.13 -59.18 32.91
C LEU PB 121 24.63 -59.75 31.60
N ARG PB 122 25.47 -59.69 30.58
CA ARG PB 122 25.26 -60.38 29.32
C ARG PB 122 26.59 -61.01 28.96
N PRO PB 123 26.61 -62.06 28.16
CA PRO PB 123 27.89 -62.60 27.74
C PRO PB 123 28.53 -61.76 26.66
N LYS PB 124 29.85 -61.90 26.54
CA LYS PB 124 30.62 -61.19 25.53
C LYS PB 124 30.38 -61.84 24.17
N LYS PB 125 29.82 -61.07 23.24
CA LYS PB 125 29.30 -61.65 22.01
C LYS PB 125 30.40 -62.33 21.22
N LYS PB 126 30.03 -63.39 20.53
CA LYS PB 126 30.97 -64.17 19.73
C LYS PB 126 30.99 -63.66 18.29
N ILE PB 127 32.15 -63.76 17.66
CA ILE PB 127 32.33 -63.26 16.31
C ILE PB 127 31.51 -64.06 15.30
N VAL QB 2 -13.89 18.75 57.95
CA VAL QB 2 -14.21 18.82 59.36
C VAL QB 2 -14.11 17.45 59.99
N LYS QB 3 -14.38 17.39 61.28
CA LYS QB 3 -14.16 16.17 62.06
C LYS QB 3 -15.16 16.19 63.19
N HIS QB 4 -14.81 15.62 64.35
CA HIS QB 4 -15.72 15.21 65.42
C HIS QB 4 -16.85 16.18 65.68
N ASN QB 5 -17.94 15.69 66.26
CA ASN QB 5 -19.14 16.51 66.45
C ASN QB 5 -18.78 17.91 66.96
N ASN QB 6 -19.03 18.91 66.13
CA ASN QB 6 -18.82 20.30 66.50
C ASN QB 6 -19.88 21.11 65.78
N VAL QB 7 -20.06 22.36 66.21
CA VAL QB 7 -20.90 23.25 65.42
C VAL QB 7 -20.20 23.48 64.10
N ILE QB 8 -20.99 23.53 63.03
CA ILE QB 8 -20.40 23.64 61.69
C ILE QB 8 -19.66 24.97 61.56
N PRO QB 9 -18.42 24.96 61.09
CA PRO QB 9 -17.64 26.20 61.02
C PRO QB 9 -18.31 27.22 60.12
N ASN QB 10 -18.13 28.50 60.45
CA ASN QB 10 -18.68 29.55 59.61
C ASN QB 10 -17.79 30.78 59.57
N GLY QB 11 -16.47 30.60 59.66
CA GLY QB 11 -15.58 31.74 59.70
C GLY QB 11 -15.58 32.51 58.39
N HIS QB 12 -15.81 33.83 58.47
CA HIS QB 12 -15.66 34.71 57.31
C HIS QB 12 -14.22 35.24 57.26
N PHE QB 13 -13.31 34.34 56.96
CA PHE QB 13 -11.90 34.68 56.93
C PHE QB 13 -11.27 34.17 55.65
N LYS QB 14 -11.91 34.49 54.52
CA LYS QB 14 -11.39 34.11 53.23
C LYS QB 14 -10.91 35.30 52.40
N LYS QB 15 -11.39 36.50 52.67
CA LYS QB 15 -10.87 37.67 52.01
C LYS QB 15 -9.52 38.03 52.60
N HIS QB 16 -9.04 39.23 52.33
CA HIS QB 16 -7.78 39.70 52.90
C HIS QB 16 -8.04 40.50 54.17
N TRP QB 17 -8.60 39.81 55.16
CA TRP QB 17 -9.01 40.48 56.39
C TRP QB 17 -7.84 41.10 57.15
N GLN QB 18 -6.63 40.61 56.97
CA GLN QB 18 -5.53 41.23 57.66
C GLN QB 18 -5.18 42.60 57.09
N ASN QB 19 -5.75 42.96 55.95
CA ASN QB 19 -5.56 44.32 55.48
C ASN QB 19 -6.55 45.27 56.09
N TYR QB 20 -7.57 44.76 56.80
CA TYR QB 20 -8.62 45.60 57.32
C TYR QB 20 -8.92 45.34 58.79
N VAL QB 21 -8.06 44.61 59.51
CA VAL QB 21 -8.21 44.53 60.95
C VAL QB 21 -8.16 45.93 61.54
N LYS QB 22 -9.14 46.26 62.36
CA LYS QB 22 -9.19 47.53 63.06
C LYS QB 22 -8.90 47.30 64.53
N THR QB 23 -7.73 47.73 64.97
CA THR QB 23 -7.36 47.62 66.36
C THR QB 23 -7.59 48.95 67.05
N TRP QB 24 -7.89 48.89 68.35
CA TRP QB 24 -8.43 50.03 69.08
C TRP QB 24 -7.44 50.69 70.02
N PHE QB 25 -6.13 50.51 69.78
CA PHE QB 25 -5.17 50.99 70.77
C PHE QB 25 -5.23 52.49 70.97
N ASN QB 26 -5.84 53.24 70.08
CA ASN QB 26 -6.00 54.66 70.29
C ASN QB 26 -7.27 54.99 71.05
N GLN QB 27 -7.91 54.00 71.66
CA GLN QB 27 -9.15 54.25 72.39
C GLN QB 27 -8.98 55.21 73.56
N PRO QB 28 -8.01 55.03 74.46
CA PRO QB 28 -7.84 56.02 75.54
C PRO QB 28 -7.56 57.41 75.01
N ALA QB 29 -6.78 57.50 73.93
CA ALA QB 29 -6.51 58.81 73.37
C ALA QB 29 -7.75 59.40 72.72
N ARG QB 30 -8.64 58.56 72.21
CA ARG QB 30 -9.92 59.05 71.72
C ARG QB 30 -10.68 59.69 72.86
N LYS QB 31 -10.72 59.00 74.00
CA LYS QB 31 -11.44 59.52 75.15
C LYS QB 31 -10.84 60.85 75.59
N GLN QB 32 -9.53 60.93 75.67
CA GLN QB 32 -8.90 62.16 76.13
C GLN QB 32 -9.12 63.30 75.13
N ARG QB 33 -9.07 63.00 73.83
CA ARG QB 33 -9.29 64.02 72.81
C ARG QB 33 -10.72 64.54 72.86
N ARG QB 34 -11.68 63.64 72.99
CA ARG QB 34 -13.07 64.07 73.10
C ARG QB 34 -13.28 64.90 74.35
N ARG QB 35 -12.63 64.54 75.46
CA ARG QB 35 -12.76 65.32 76.67
C ARG QB 35 -12.20 66.72 76.50
N ILE QB 36 -11.04 66.86 75.85
CA ILE QB 36 -10.52 68.19 75.62
C ILE QB 36 -11.46 68.96 74.72
N ALA QB 37 -12.05 68.28 73.73
CA ALA QB 37 -12.99 68.94 72.84
C ALA QB 37 -14.19 69.48 73.60
N ARG QB 38 -14.75 68.67 74.50
CA ARG QB 38 -15.87 69.10 75.31
C ARG QB 38 -15.49 70.26 76.21
N GLN QB 39 -14.32 70.19 76.84
CA GLN QB 39 -13.92 71.26 77.74
C GLN QB 39 -13.80 72.57 76.98
N LYS QB 40 -13.18 72.54 75.80
CA LYS QB 40 -13.01 73.81 75.10
C LYS QB 40 -14.31 74.28 74.47
N LYS QB 41 -15.22 73.38 74.09
CA LYS QB 41 -16.53 73.84 73.66
C LYS QB 41 -17.25 74.54 74.80
N ALA QB 42 -17.17 73.97 76.01
CA ALA QB 42 -17.79 74.60 77.16
C ALA QB 42 -17.21 75.98 77.40
N VAL QB 43 -15.88 76.10 77.33
CA VAL QB 43 -15.26 77.39 77.58
C VAL QB 43 -15.71 78.41 76.55
N LYS QB 44 -15.86 77.99 75.29
CA LYS QB 44 -16.29 78.95 74.28
C LYS QB 44 -17.75 79.35 74.47
N ILE QB 45 -18.60 78.40 74.86
CA ILE QB 45 -20.02 78.69 74.99
C ILE QB 45 -20.40 79.05 76.43
N PHE QB 46 -19.44 79.44 77.25
CA PHE QB 46 -19.75 79.96 78.57
C PHE QB 46 -20.69 81.16 78.41
N PRO QB 47 -21.84 81.22 79.12
CA PRO QB 47 -22.48 80.38 80.13
C PRO QB 47 -23.65 79.55 79.66
N ARG QB 48 -23.65 79.17 78.40
CA ARG QB 48 -24.72 78.34 77.90
C ARG QB 48 -24.62 76.96 78.54
N PRO QB 49 -25.75 76.25 78.67
CA PRO QB 49 -25.68 74.92 79.26
C PRO QB 49 -24.86 73.99 78.39
N THR QB 50 -24.09 73.12 79.03
CA THR QB 50 -23.17 72.28 78.29
C THR QB 50 -23.90 71.19 77.52
N SER QB 51 -25.10 70.82 77.95
CA SER QB 51 -25.88 69.81 77.27
C SER QB 51 -26.33 70.24 75.88
N GLY QB 52 -26.17 71.51 75.54
CA GLY QB 52 -26.63 71.99 74.27
C GLY QB 52 -28.09 72.39 74.34
N PRO QB 53 -28.75 72.45 73.21
CA PRO QB 53 -30.15 72.85 73.19
C PRO QB 53 -31.05 71.74 73.73
N LEU QB 54 -32.30 72.14 73.98
CA LEU QB 54 -33.31 71.30 74.57
C LEU QB 54 -33.81 70.27 73.56
N ARG QB 55 -34.48 69.24 74.07
CA ARG QB 55 -35.03 68.20 73.22
C ARG QB 55 -36.39 67.73 73.70
N PRO QB 56 -37.20 67.17 72.80
CA PRO QB 56 -38.54 66.71 73.19
C PRO QB 56 -38.54 65.33 73.81
N ILE QB 57 -39.50 65.13 74.70
CA ILE QB 57 -39.94 63.80 75.03
C ILE QB 57 -40.73 63.29 73.84
N VAL QB 58 -40.34 62.14 73.30
CA VAL QB 58 -41.07 61.46 72.24
C VAL QB 58 -41.13 60.00 72.62
N GLN QB 59 -41.99 59.25 71.93
CA GLN QB 59 -42.00 57.80 72.08
C GLN QB 59 -41.07 57.17 71.05
N CYS QB 60 -40.51 56.04 71.39
CA CYS QB 60 -39.77 55.29 70.39
C CYS QB 60 -40.76 54.67 69.39
N GLN QB 61 -40.23 54.23 68.25
CA GLN QB 61 -41.03 53.54 67.25
C GLN QB 61 -41.21 52.09 67.67
N THR QB 62 -41.68 51.25 66.73
CA THR QB 62 -41.28 49.84 66.77
C THR QB 62 -41.69 49.06 68.00
N ARG QB 63 -42.83 48.40 67.94
CA ARG QB 63 -43.40 47.58 69.01
C ARG QB 63 -42.46 47.19 70.15
N LYS QB 64 -41.23 46.78 69.83
CA LYS QB 64 -40.27 46.46 70.88
C LYS QB 64 -40.07 47.61 71.85
N TYR QB 65 -40.14 48.85 71.38
CA TYR QB 65 -39.75 49.99 72.18
C TYR QB 65 -40.82 51.08 72.26
N ASN QB 66 -42.05 50.81 71.83
CA ASN QB 66 -43.05 51.87 71.79
C ASN QB 66 -43.32 52.46 73.15
N MET QB 67 -43.11 51.68 74.21
CA MET QB 67 -43.51 52.12 75.55
C MET QB 67 -42.43 52.89 76.26
N LYS QB 68 -41.31 53.17 75.62
CA LYS QB 68 -40.17 53.81 76.25
C LYS QB 68 -39.98 55.20 75.65
N ALA QB 69 -40.09 56.22 76.49
CA ALA QB 69 -39.83 57.56 76.01
C ALA QB 69 -38.34 57.79 75.86
N ARG QB 70 -37.97 58.74 75.00
CA ARG QB 70 -36.59 59.12 74.81
C ARG QB 70 -36.54 60.52 74.26
N ALA QB 71 -35.33 61.03 74.07
CA ALA QB 71 -35.13 62.37 73.56
C ALA QB 71 -35.30 62.42 72.06
N GLY QB 72 -35.86 63.52 71.57
CA GLY QB 72 -36.08 63.73 70.16
C GLY QB 72 -35.13 64.74 69.57
N ARG QB 73 -35.45 65.16 68.34
CA ARG QB 73 -34.53 66.09 67.72
C ARG QB 73 -35.00 67.53 67.88
N GLY QB 74 -36.29 67.78 67.82
CA GLY QB 74 -36.75 69.12 68.05
C GLY QB 74 -38.25 69.16 68.25
N PHE QB 75 -38.69 70.23 68.88
CA PHE QB 75 -40.11 70.44 69.07
C PHE QB 75 -40.72 70.85 67.74
N THR QB 76 -41.91 70.35 67.46
CA THR QB 76 -42.53 70.66 66.19
C THR QB 76 -42.91 72.14 66.16
N LEU QB 77 -43.21 72.63 64.97
CA LEU QB 77 -43.67 74.00 64.83
C LEU QB 77 -44.89 74.26 65.69
N GLU QB 78 -45.75 73.24 65.87
CA GLU QB 78 -46.97 73.44 66.64
C GLU QB 78 -46.66 73.71 68.11
N GLU QB 79 -45.71 72.96 68.70
CA GLU QB 79 -45.31 73.27 70.07
C GLU QB 79 -44.64 74.63 70.14
N LEU QB 80 -43.74 74.93 69.22
CA LEU QB 80 -43.03 76.19 69.34
C LEU QB 80 -43.98 77.37 69.18
N LYS QB 81 -45.01 77.23 68.35
CA LYS QB 81 -46.02 78.26 68.21
C LYS QB 81 -46.89 78.37 69.45
N SER QB 82 -47.37 77.24 69.98
CA SER QB 82 -48.28 77.31 71.12
C SER QB 82 -47.57 77.64 72.42
N ALA QB 83 -46.25 77.61 72.45
CA ALA QB 83 -45.53 78.01 73.65
C ALA QB 83 -45.14 79.48 73.68
N GLY QB 84 -45.40 80.23 72.61
CA GLY QB 84 -44.90 81.60 72.52
C GLY QB 84 -43.41 81.69 72.27
N ILE QB 85 -42.89 80.83 71.40
CA ILE QB 85 -41.46 80.72 71.11
C ILE QB 85 -41.32 80.62 69.59
N PRO QB 86 -40.99 81.73 68.90
CA PRO QB 86 -41.08 81.72 67.44
C PRO QB 86 -40.14 80.72 66.78
N LYS QB 87 -40.55 80.30 65.58
CA LYS QB 87 -39.81 79.39 64.72
C LYS QB 87 -38.35 79.79 64.62
N LYS QB 88 -38.12 80.98 64.06
CA LYS QB 88 -36.75 81.40 63.79
C LYS QB 88 -35.93 81.60 65.05
N LEU QB 89 -36.57 81.76 66.21
CA LEU QB 89 -35.86 82.19 67.40
C LEU QB 89 -35.59 81.06 68.38
N ALA QB 90 -36.26 79.92 68.26
CA ALA QB 90 -35.98 78.85 69.21
C ALA QB 90 -34.52 78.36 69.15
N PRO QB 91 -33.93 78.09 67.99
CA PRO QB 91 -32.50 77.76 67.99
C PRO QB 91 -31.63 78.87 68.52
N THR QB 92 -32.10 80.11 68.43
CA THR QB 92 -31.38 81.26 68.98
C THR QB 92 -31.31 81.19 70.51
N ILE QB 93 -32.37 80.74 71.16
CA ILE QB 93 -32.39 80.68 72.62
C ILE QB 93 -32.33 79.22 73.05
N GLY QB 94 -31.70 78.39 72.23
CA GLY QB 94 -31.27 77.10 72.74
C GLY QB 94 -32.34 76.04 72.74
N ILE QB 95 -33.35 76.20 71.91
CA ILE QB 95 -34.42 75.22 71.77
C ILE QB 95 -34.31 74.69 70.36
N SER QB 96 -34.16 73.38 70.21
CA SER QB 96 -34.12 72.91 68.84
C SER QB 96 -35.47 73.10 68.20
N VAL QB 97 -35.48 73.08 66.86
CA VAL QB 97 -36.70 73.09 66.08
C VAL QB 97 -36.60 71.97 65.05
N ASP QB 98 -37.67 71.19 64.92
CA ASP QB 98 -37.72 70.10 63.95
C ASP QB 98 -38.96 70.32 63.10
N HIS QB 99 -38.73 70.77 61.88
CA HIS QB 99 -39.82 70.98 60.94
C HIS QB 99 -40.46 69.69 60.44
N ARG QB 100 -39.86 68.52 60.67
CA ARG QB 100 -40.35 67.32 60.03
C ARG QB 100 -41.31 66.50 60.87
N ARG QB 101 -41.29 66.64 62.18
CA ARG QB 101 -42.15 65.80 63.01
C ARG QB 101 -43.61 66.16 62.85
N LYS QB 102 -44.45 65.19 63.21
CA LYS QB 102 -45.89 65.37 63.27
C LYS QB 102 -46.38 64.98 64.65
N ASN QB 103 -47.29 65.78 65.19
CA ASN QB 103 -47.94 65.47 66.45
C ASN QB 103 -49.32 64.92 66.16
N ARG QB 104 -49.63 63.76 66.72
CA ARG QB 104 -50.90 63.10 66.53
C ARG QB 104 -51.69 62.97 67.83
N SER QB 105 -51.10 63.34 68.96
CA SER QB 105 -51.72 63.13 70.26
C SER QB 105 -51.60 64.37 71.12
N LEU QB 106 -52.73 64.74 71.73
CA LEU QB 106 -52.73 65.83 72.71
C LEU QB 106 -51.77 65.52 73.84
N GLU QB 107 -51.60 64.25 74.20
CA GLU QB 107 -50.75 63.93 75.32
C GLU QB 107 -49.30 64.29 75.02
N GLY QB 108 -48.81 63.90 73.85
CA GLY QB 108 -47.47 64.30 73.45
C GLY QB 108 -47.34 65.80 73.31
N MET QB 109 -48.33 66.44 72.67
CA MET QB 109 -48.24 67.88 72.47
C MET QB 109 -48.21 68.65 73.78
N GLN QB 110 -49.04 68.28 74.74
CA GLN QB 110 -49.04 68.98 76.01
C GLN QB 110 -47.80 68.66 76.83
N SER QB 111 -47.27 67.43 76.72
CA SER QB 111 -46.03 67.11 77.42
C SER QB 111 -44.88 67.96 76.89
N ASN QB 112 -44.79 68.12 75.57
CA ASN QB 112 -43.73 68.95 75.03
C ASN QB 112 -43.97 70.42 75.30
N ILE QB 113 -45.22 70.87 75.32
CA ILE QB 113 -45.49 72.22 75.80
C ILE QB 113 -45.01 72.39 77.23
N GLN QB 114 -45.20 71.38 78.06
CA GLN QB 114 -44.77 71.51 79.44
C GLN QB 114 -43.26 71.65 79.54
N ARG QB 115 -42.52 70.90 78.72
CA ARG QB 115 -41.07 71.09 78.70
C ARG QB 115 -40.71 72.48 78.23
N LEU QB 116 -41.36 72.99 77.19
CA LEU QB 116 -41.07 74.33 76.72
C LEU QB 116 -41.35 75.36 77.81
N LYS QB 117 -42.48 75.23 78.49
CA LYS QB 117 -42.85 76.22 79.50
C LYS QB 117 -41.87 76.19 80.65
N THR QB 118 -41.46 75.00 81.09
CA THR QB 118 -40.48 74.93 82.16
C THR QB 118 -39.15 75.55 81.74
N TYR QB 119 -38.73 75.28 80.50
CA TYR QB 119 -37.47 75.85 80.04
C TYR QB 119 -37.55 77.37 79.97
N LYS QB 120 -38.66 77.90 79.48
CA LYS QB 120 -38.80 79.35 79.43
C LYS QB 120 -38.95 79.95 80.81
N ALA QB 121 -39.38 79.17 81.79
CA ALA QB 121 -39.37 79.65 83.16
C ALA QB 121 -37.95 79.73 83.70
N LYS QB 122 -37.13 78.71 83.44
CA LYS QB 122 -35.76 78.70 83.95
C LYS QB 122 -34.73 79.02 82.88
N LEU QB 123 -35.03 79.94 81.98
CA LEU QB 123 -34.06 80.47 81.04
C LEU QB 123 -33.76 81.92 81.37
N VAL QB 124 -32.50 82.31 81.27
CA VAL QB 124 -32.06 83.69 81.46
C VAL QB 124 -31.23 84.09 80.26
N ILE QB 125 -31.48 85.28 79.72
CA ILE QB 125 -30.89 85.68 78.46
C ILE QB 125 -30.26 87.06 78.62
N PHE QB 126 -28.98 87.16 78.26
CA PHE QB 126 -28.27 88.42 78.39
C PHE QB 126 -28.68 89.37 77.27
N PRO QB 127 -28.62 90.68 77.53
CA PRO QB 127 -28.96 91.64 76.49
C PRO QB 127 -27.96 91.61 75.34
N ARG QB 128 -28.44 91.96 74.15
CA ARG QB 128 -27.55 92.04 72.99
C ARG QB 128 -26.51 93.13 73.18
N ARG QB 129 -26.82 94.15 73.98
CA ARG QB 129 -25.91 95.25 74.26
C ARG QB 129 -25.78 95.37 75.78
N ALA QB 130 -25.13 96.42 76.28
CA ALA QB 130 -24.82 96.45 77.71
C ALA QB 130 -25.99 96.99 78.52
N ARG QB 131 -26.41 98.22 78.24
CA ARG QB 131 -27.46 98.87 79.01
C ARG QB 131 -28.84 98.67 78.40
N LYS QB 132 -28.91 98.31 77.13
CA LYS QB 132 -30.19 98.21 76.44
C LYS QB 132 -30.78 96.84 76.74
N VAL QB 133 -31.72 96.80 77.67
CA VAL QB 133 -32.45 95.58 77.98
C VAL QB 133 -33.78 95.67 77.25
N LYS QB 134 -33.96 94.81 76.26
CA LYS QB 134 -35.17 94.78 75.47
C LYS QB 134 -36.05 93.62 75.90
N ALA QB 135 -37.12 93.37 75.16
CA ALA QB 135 -38.03 92.31 75.52
C ALA QB 135 -37.38 90.94 75.36
N GLY QB 136 -37.62 90.05 76.30
CA GLY QB 136 -37.02 88.75 76.31
C GLY QB 136 -35.73 88.65 77.09
N ASP QB 137 -35.12 89.77 77.46
CA ASP QB 137 -33.88 89.75 78.21
C ASP QB 137 -34.19 89.42 79.67
N SER QB 138 -33.24 89.68 80.56
CA SER QB 138 -33.51 89.48 81.98
C SER QB 138 -32.67 90.45 82.80
N THR QB 139 -33.09 90.61 84.05
CA THR QB 139 -32.59 91.69 84.89
C THR QB 139 -31.11 91.51 85.22
N PRO QB 140 -30.39 92.61 85.45
CA PRO QB 140 -28.96 92.50 85.79
C PRO QB 140 -28.70 91.62 86.99
N GLU QB 141 -29.50 91.78 88.03
CA GLU QB 141 -29.32 90.99 89.24
C GLU QB 141 -29.61 89.53 88.99
N GLU QB 142 -30.49 89.24 88.04
CA GLU QB 142 -30.70 87.86 87.61
C GLU QB 142 -29.49 87.34 86.85
N LEU QB 143 -28.92 88.17 85.98
CA LEU QB 143 -27.81 87.73 85.14
C LEU QB 143 -26.56 87.49 85.96
N ALA QB 144 -26.42 88.20 87.08
CA ALA QB 144 -25.17 88.13 87.83
C ALA QB 144 -24.98 86.79 88.53
N ASN QB 145 -26.01 85.97 88.63
CA ASN QB 145 -25.94 84.70 89.34
C ASN QB 145 -26.08 83.48 88.43
N ALA QB 146 -25.89 83.64 87.13
CA ALA QB 146 -26.02 82.54 86.18
C ALA QB 146 -24.69 81.83 86.00
N THR QB 147 -24.72 80.51 86.05
CA THR QB 147 -23.55 79.66 85.85
C THR QB 147 -23.80 78.74 84.68
N GLN QB 148 -22.80 77.92 84.39
CA GLN QB 148 -22.86 77.00 83.26
C GLN QB 148 -23.38 75.67 83.77
N VAL QB 149 -24.67 75.42 83.54
CA VAL QB 149 -25.26 74.20 84.06
C VAL QB 149 -24.82 73.01 83.23
N GLN QB 150 -24.52 71.92 83.91
CA GLN QB 150 -23.71 70.85 83.37
C GLN QB 150 -24.45 69.54 83.48
N GLY QB 151 -24.24 68.66 82.52
CA GLY QB 151 -25.00 67.43 82.46
C GLY QB 151 -26.40 67.68 81.91
N ASP QB 152 -27.30 66.76 82.22
CA ASP QB 152 -28.66 66.80 81.69
C ASP QB 152 -29.54 67.58 82.63
N TYR QB 153 -29.74 68.87 82.34
CA TYR QB 153 -30.56 69.73 83.18
C TYR QB 153 -32.06 69.46 83.05
N MET QB 154 -32.49 68.62 82.11
CA MET QB 154 -33.81 68.01 82.16
C MET QB 154 -33.69 66.53 81.81
N PRO QB 155 -33.74 65.64 82.80
CA PRO QB 155 -33.75 64.22 82.50
C PRO QB 155 -35.14 63.74 82.11
N ILE QB 156 -35.18 62.87 81.11
CA ILE QB 156 -36.43 62.28 80.62
C ILE QB 156 -36.56 60.90 81.22
N ALA QB 157 -37.56 60.71 82.08
CA ALA QB 157 -37.81 59.38 82.60
C ALA QB 157 -38.22 58.47 81.45
N ARG QB 158 -37.53 57.33 81.33
CA ARG QB 158 -37.62 56.56 80.11
C ARG QB 158 -38.94 55.81 80.02
N GLY QB 159 -39.41 55.25 81.12
CA GLY QB 159 -40.68 54.57 81.14
C GLY QB 159 -41.41 54.85 82.44
N GLU QB 160 -42.72 54.59 82.43
CA GLU QB 160 -43.52 54.97 83.58
C GLU QB 160 -43.19 54.08 84.78
N LYS QB 161 -43.20 54.68 85.96
CA LYS QB 161 -42.68 54.07 87.17
C LYS QB 161 -43.46 52.79 87.49
N ARG QB 162 -42.77 51.82 88.09
CA ARG QB 162 -43.42 50.58 88.51
C ARG QB 162 -44.19 50.81 89.80
N SER QB 163 -45.49 51.01 89.70
CA SER QB 163 -46.37 51.04 90.86
C SER QB 163 -47.25 49.82 90.81
N VAL QB 164 -47.34 49.10 91.92
CA VAL QB 164 -48.16 47.89 92.00
C VAL QB 164 -49.10 48.05 93.20
N GLU QB 165 -50.22 48.72 93.00
CA GLU QB 165 -51.12 48.97 94.10
C GLU QB 165 -52.05 47.78 94.31
N VAL QB 166 -52.94 47.90 95.28
CA VAL QB 166 -53.83 46.83 95.70
C VAL QB 166 -55.25 47.35 95.64
N VAL QB 167 -56.14 46.61 94.96
CA VAL QB 167 -57.51 47.03 94.76
C VAL QB 167 -58.45 45.84 95.00
N LYS QB 168 -59.75 46.13 94.94
CA LYS QB 168 -60.78 45.11 95.07
C LYS QB 168 -60.80 44.20 93.85
N VAL QB 169 -61.16 42.94 94.07
CA VAL QB 169 -61.38 42.00 92.97
C VAL QB 169 -62.90 41.88 92.83
N THR QB 170 -63.48 42.73 91.99
CA THR QB 170 -64.92 42.70 91.80
C THR QB 170 -65.32 41.47 91.01
N GLU QB 171 -66.58 41.06 91.19
CA GLU QB 171 -67.07 39.91 90.42
C GLU QB 171 -67.30 40.28 88.96
N GLU QB 172 -67.63 41.54 88.68
CA GLU QB 172 -67.70 41.96 87.28
C GLU QB 172 -66.32 41.96 86.64
N MET QB 173 -65.27 41.93 87.46
CA MET QB 173 -63.91 41.72 86.97
C MET QB 173 -63.58 40.24 86.84
N LYS QB 174 -64.02 39.42 87.80
CA LYS QB 174 -63.74 37.99 87.77
C LYS QB 174 -64.46 37.32 86.60
N GLU QB 175 -65.67 37.78 86.29
CA GLU QB 175 -66.50 37.10 85.30
C GLU QB 175 -65.95 37.29 83.88
N PHE QB 176 -65.15 38.34 83.67
CA PHE QB 176 -64.60 38.66 82.36
C PHE QB 176 -63.71 37.52 81.87
N LYS QB 177 -64.05 36.94 80.72
CA LYS QB 177 -63.25 35.86 80.13
C LYS QB 177 -62.25 36.51 79.18
N ALA QB 178 -61.07 36.81 79.69
CA ALA QB 178 -60.13 37.60 78.90
C ALA QB 178 -59.44 36.78 77.82
N TYR QB 179 -59.16 35.49 78.04
CA TYR QB 179 -58.61 34.70 76.94
C TYR QB 179 -59.61 34.59 75.79
N GLY QB 180 -60.86 34.29 76.10
CA GLY QB 180 -61.86 34.24 75.06
C GLY QB 180 -61.99 35.57 74.35
N LYS QB 181 -61.93 36.66 75.11
CA LYS QB 181 -61.88 37.98 74.50
C LYS QB 181 -60.74 38.04 73.50
N LEU QB 182 -59.56 37.65 73.94
CA LEU QB 182 -58.37 37.79 73.11
C LEU QB 182 -58.47 36.97 71.83
N ARG QB 183 -59.07 35.78 71.89
CA ARG QB 183 -59.29 35.00 70.68
C ARG QB 183 -60.38 35.59 69.79
N VAL QB 184 -61.40 36.22 70.35
CA VAL QB 184 -62.51 36.66 69.53
C VAL QB 184 -62.08 37.73 68.54
N GLU QB 185 -61.28 38.71 68.96
CA GLU QB 185 -60.86 39.68 67.96
C GLU QB 185 -59.77 39.17 67.04
N ARG QB 186 -59.08 38.09 67.39
CA ARG QB 186 -58.29 37.45 66.36
C ARG QB 186 -59.20 36.87 65.29
N MET QB 187 -60.35 36.34 65.70
CA MET QB 187 -61.37 35.95 64.74
C MET QB 187 -61.83 37.14 63.91
N ASN QB 188 -62.08 38.28 64.57
CA ASN QB 188 -62.54 39.46 63.85
C ASN QB 188 -61.54 39.88 62.78
N GLN QB 189 -60.26 39.84 63.12
CA GLN QB 189 -59.23 40.20 62.17
C GLN QB 189 -59.14 39.19 61.04
N ARG QB 190 -59.23 37.90 61.35
CA ARG QB 190 -59.14 36.89 60.29
C ARG QB 190 -60.32 36.98 59.34
N GLN QB 191 -61.52 37.23 59.88
CA GLN QB 191 -62.71 37.20 59.06
C GLN QB 191 -63.07 38.54 58.48
N LEU QB 192 -62.33 39.61 58.76
CA LEU QB 192 -62.73 40.91 58.21
C LEU QB 192 -62.84 40.91 56.70
N GLY QB 193 -62.11 40.03 56.02
CA GLY QB 193 -62.25 39.94 54.58
C GLY QB 193 -63.58 39.38 54.14
N ALA QB 194 -63.88 38.16 54.59
CA ALA QB 194 -65.11 37.51 54.18
C ALA QB 194 -66.34 38.26 54.65
N ARG QB 195 -66.31 38.82 55.86
CA ARG QB 195 -67.49 39.53 56.34
C ARG QB 195 -67.81 40.74 55.47
N GLN QB 196 -66.81 41.52 55.08
CA GLN QB 196 -67.12 42.69 54.28
C GLN QB 196 -67.45 42.30 52.85
N LYS QB 197 -66.89 41.20 52.35
CA LYS QB 197 -67.33 40.71 51.04
C LYS QB 197 -68.81 40.34 51.07
N LYS QB 198 -69.20 39.50 52.03
CA LYS QB 198 -70.60 39.13 52.18
C LYS QB 198 -71.48 40.34 52.35
N ALA QB 199 -71.00 41.34 53.08
CA ALA QB 199 -71.79 42.56 53.27
C ALA QB 199 -71.97 43.30 51.94
N ALA QB 200 -70.86 43.56 51.23
CA ALA QB 200 -70.93 44.36 50.02
C ALA QB 200 -71.83 43.70 48.97
N GLU QB 201 -71.81 42.37 48.89
CA GLU QB 201 -72.71 41.73 47.95
C GLU QB 201 -74.17 41.92 48.32
N ALA QB 202 -74.46 42.18 49.60
CA ALA QB 202 -75.84 42.49 49.97
C ALA QB 202 -76.29 43.78 49.29
N GLU QB 203 -75.42 44.79 49.26
CA GLU QB 203 -75.77 45.99 48.48
C GLU QB 203 -75.83 45.69 47.00
N LYS QB 204 -74.86 44.94 46.47
CA LYS QB 204 -74.86 44.68 45.02
C LYS QB 204 -76.16 44.04 44.57
N GLU QB 205 -76.54 42.92 45.19
CA GLU QB 205 -77.71 42.17 44.76
C GLU QB 205 -78.96 42.51 45.56
N GLU QB 206 -78.92 42.31 46.88
CA GLU QB 206 -80.05 42.63 47.73
C GLU QB 206 -80.37 44.12 47.59
N SER RB 5 22.07 -32.90 118.24
CA SER RB 5 20.89 -32.61 119.04
C SER RB 5 20.64 -31.12 119.04
N LYS RB 6 20.93 -30.45 117.93
CA LYS RB 6 20.71 -29.01 117.88
C LYS RB 6 19.24 -28.68 118.06
N MET RB 7 18.35 -29.44 117.44
CA MET RB 7 16.96 -29.03 117.55
C MET RB 7 16.32 -29.53 118.83
N ALA RB 8 16.73 -30.70 119.33
CA ALA RB 8 16.26 -31.10 120.65
C ALA RB 8 16.69 -30.08 121.69
N LEU RB 9 17.92 -29.58 121.58
CA LEU RB 9 18.37 -28.49 122.45
C LEU RB 9 17.52 -27.26 122.27
N GLY RB 10 17.14 -26.96 121.02
CA GLY RB 10 16.27 -25.82 120.79
C GLY RB 10 14.95 -25.92 121.54
N ILE RB 11 14.28 -27.06 121.45
CA ILE RB 11 13.01 -27.20 122.18
C ILE RB 11 13.24 -27.18 123.69
N LYS RB 12 14.21 -27.97 124.16
CA LYS RB 12 14.43 -28.05 125.60
C LYS RB 12 14.72 -26.68 126.18
N ARG RB 13 15.44 -25.84 125.44
CA ARG RB 13 15.63 -24.45 125.84
C ARG RB 13 14.33 -23.66 125.69
N ALA RB 14 13.50 -23.99 124.73
CA ALA RB 14 12.38 -23.13 124.39
C ALA RB 14 11.17 -23.33 125.28
N SER RB 15 11.13 -24.39 126.08
CA SER RB 15 9.98 -24.59 126.97
C SER RB 15 9.78 -23.38 127.88
N ARG RB 16 8.51 -23.03 128.09
CA ARG RB 16 8.19 -21.95 129.02
C ARG RB 16 8.67 -22.29 130.43
N SER RB 17 8.40 -23.51 130.89
CA SER RB 17 8.84 -23.91 132.22
C SER RB 17 10.36 -23.90 132.33
N HIS RB 18 11.03 -24.40 131.30
CA HIS RB 18 12.49 -24.42 131.38
C HIS RB 18 13.04 -23.00 131.29
N THR RB 19 12.32 -22.08 130.66
CA THR RB 19 12.73 -20.68 130.68
C THR RB 19 12.52 -20.04 132.04
N TYR RB 20 11.43 -20.40 132.73
CA TYR RB 20 11.30 -20.01 134.14
C TYR RB 20 12.50 -20.47 134.95
N HIS RB 21 12.88 -21.73 134.81
CA HIS RB 21 14.04 -22.23 135.53
C HIS RB 21 15.32 -21.49 135.15
N ARG RB 22 15.53 -21.31 133.85
CA ARG RB 22 16.79 -20.73 133.38
C ARG RB 22 16.94 -19.27 133.79
N ARG RB 23 15.92 -18.45 133.55
CA ARG RB 23 15.96 -17.09 134.07
C ARG RB 23 15.95 -17.08 135.59
N GLY RB 24 15.55 -18.17 136.22
CA GLY RB 24 15.66 -18.27 137.64
C GLY RB 24 14.73 -17.31 138.32
N LEU RB 25 13.43 -17.43 138.04
CA LEU RB 25 12.46 -16.61 138.75
C LEU RB 25 12.20 -17.10 140.16
N TRP RB 26 12.54 -18.35 140.48
CA TRP RB 26 12.73 -18.67 141.88
C TRP RB 26 14.05 -18.05 142.28
N ALA RB 27 14.22 -17.76 143.57
CA ALA RB 27 15.30 -16.94 144.10
C ALA RB 27 15.15 -15.51 143.64
N ILE RB 28 14.16 -15.22 142.81
CA ILE RB 28 13.62 -13.88 142.69
C ILE RB 28 12.25 -13.81 143.38
N LYS RB 29 11.57 -14.94 143.52
CA LYS RB 29 10.53 -15.10 144.54
C LYS RB 29 11.09 -15.35 145.93
N ALA RB 30 12.41 -15.37 146.11
CA ALA RB 30 12.93 -15.49 147.46
C ALA RB 30 13.15 -14.13 148.10
N LYS RB 31 13.88 -13.24 147.43
CA LYS RB 31 14.39 -12.04 148.09
C LYS RB 31 13.29 -11.08 148.48
N HIS RB 32 12.40 -10.75 147.55
CA HIS RB 32 11.34 -9.76 147.83
C HIS RB 32 10.08 -10.49 148.25
N GLY RB 33 10.14 -11.07 149.45
CA GLY RB 33 8.97 -11.71 150.01
C GLY RB 33 8.47 -12.83 149.14
N GLY RB 34 7.15 -12.99 149.12
CA GLY RB 34 6.52 -13.93 148.22
C GLY RB 34 6.01 -13.30 146.94
N ALA RB 35 6.84 -12.52 146.25
CA ALA RB 35 6.41 -11.90 145.02
C ALA RB 35 7.62 -11.44 144.23
N LEU RB 36 7.39 -11.09 142.97
CA LEU RB 36 8.43 -10.60 142.08
C LEU RB 36 8.64 -9.11 142.31
N PRO RB 37 9.88 -8.65 142.45
CA PRO RB 37 10.13 -7.28 142.88
C PRO RB 37 9.63 -6.25 141.87
N LYS RB 38 9.39 -5.05 142.38
CA LYS RB 38 9.10 -3.90 141.54
C LYS RB 38 10.41 -3.42 140.93
N ALA RB 39 10.31 -2.54 139.95
CA ALA RB 39 11.48 -1.79 139.48
C ALA RB 39 11.18 -0.31 139.61
N GLU RB 40 12.24 0.49 139.58
CA GLU RB 40 12.18 1.89 139.97
C GLU RB 40 12.69 2.75 138.83
N LYS RB 41 12.90 4.04 139.12
CA LYS RB 41 13.18 5.06 138.11
C LYS RB 41 14.59 5.61 138.30
N PRO RB 42 15.58 5.01 137.65
CA PRO RB 42 16.94 5.58 137.66
C PRO RB 42 17.07 6.84 136.83
N ALA RB 43 18.31 7.26 136.60
CA ALA RB 43 18.70 8.30 135.66
C ALA RB 43 18.37 9.70 136.15
N ALA RB 44 18.16 9.87 137.45
CA ALA RB 44 17.93 11.19 138.03
C ALA RB 44 19.27 11.91 138.20
N VAL RB 45 19.89 12.20 137.06
CA VAL RB 45 21.07 13.06 137.03
C VAL RB 45 20.66 14.52 136.91
N ALA RB 46 19.77 14.81 135.96
CA ALA RB 46 19.20 16.15 135.79
C ALA RB 46 20.27 17.21 135.59
N GLU RB 47 21.34 16.86 134.89
CA GLU RB 47 22.48 17.76 134.69
C GLU RB 47 23.07 17.56 133.31
N PRO RB 48 22.36 17.94 132.25
CA PRO RB 48 22.91 17.85 130.90
C PRO RB 48 23.81 19.05 130.61
N LYS RB 49 25.04 18.77 130.19
CA LYS RB 49 26.01 19.85 129.98
C LYS RB 49 25.81 20.58 128.65
N PHE RB 50 25.14 19.95 127.69
CA PHE RB 50 25.04 20.47 126.34
C PHE RB 50 23.92 19.72 125.64
N TYR RB 51 23.17 20.45 124.81
CA TYR RB 51 21.96 19.89 124.17
C TYR RB 51 22.15 19.72 122.68
N PRO RB 52 22.35 18.50 122.20
CA PRO RB 52 22.51 18.27 120.77
C PRO RB 52 21.26 18.62 120.01
N ALA RB 53 21.44 19.04 118.76
CA ALA RB 53 20.31 19.29 117.88
C ALA RB 53 19.68 17.99 117.39
N ASP RB 54 20.51 17.03 117.00
CA ASP RB 54 19.97 15.74 116.59
C ASP RB 54 19.32 15.04 117.77
N ASP RB 55 18.32 14.22 117.48
CA ASP RB 55 17.69 13.44 118.53
C ASP RB 55 18.73 12.52 119.18
N VAL RB 56 18.85 12.63 120.49
CA VAL RB 56 20.00 12.07 121.19
C VAL RB 56 19.81 10.56 121.36
N LYS RB 57 20.93 9.83 121.31
CA LYS RB 57 20.91 8.40 121.50
C LYS RB 57 22.15 8.06 122.32
N PRO RB 58 22.01 7.30 123.40
CA PRO RB 58 23.15 7.07 124.30
C PRO RB 58 24.06 5.95 123.81
N ARG RB 59 25.18 5.81 124.51
CA ARG RB 59 26.14 4.76 124.22
C ARG RB 59 25.52 3.40 124.42
N THR RB 60 25.92 2.46 123.57
CA THR RB 60 25.47 1.08 123.66
C THR RB 60 26.43 0.29 124.54
N VAL RB 61 26.00 0.02 125.77
CA VAL RB 61 26.60 -1.04 126.56
C VAL RB 61 25.89 -2.33 126.18
N SER RB 62 26.54 -3.12 125.34
CA SER RB 62 25.88 -4.20 124.62
C SER RB 62 25.45 -5.30 125.57
N THR RB 63 24.17 -5.59 125.58
CA THR RB 63 23.62 -6.60 126.47
C THR RB 63 23.60 -7.99 125.86
N ARG RB 64 24.00 -8.13 124.60
CA ARG RB 64 24.05 -9.43 123.96
C ARG RB 64 25.34 -10.14 124.36
N LYS RB 65 25.22 -11.41 124.70
CA LYS RB 65 26.26 -12.14 125.41
C LYS RB 65 26.64 -13.33 124.53
N PRO RB 66 27.49 -13.12 123.53
CA PRO RB 66 27.67 -14.12 122.47
C PRO RB 66 28.23 -15.43 122.99
N HIS RB 67 27.99 -16.47 122.23
CA HIS RB 67 28.46 -17.78 122.59
C HIS RB 67 29.98 -17.85 122.48
N PRO RB 68 30.61 -18.82 123.12
CA PRO RB 68 32.05 -19.01 122.91
C PRO RB 68 32.36 -19.84 121.68
N THR RB 69 33.44 -19.49 121.00
CA THR RB 69 33.81 -20.23 119.81
C THR RB 69 34.10 -21.67 120.18
N LYS RB 70 33.67 -22.59 119.32
CA LYS RB 70 33.85 -24.00 119.59
C LYS RB 70 35.19 -24.47 119.09
N LEU RB 71 36.00 -24.99 120.00
CA LEU RB 71 37.31 -25.50 119.64
C LEU RB 71 37.12 -26.79 118.87
N ARG RB 72 37.90 -26.96 117.82
CA ARG RB 72 37.65 -28.03 116.88
C ARG RB 72 37.71 -29.37 117.58
N SER RB 73 37.07 -30.37 116.97
CA SER RB 73 37.07 -31.70 117.54
C SER RB 73 38.48 -32.27 117.63
N THR RB 74 39.30 -32.05 116.61
CA THR RB 74 40.62 -32.63 116.53
C THR RB 74 41.68 -31.81 117.27
N ILE RB 75 41.29 -30.94 118.19
CA ILE RB 75 42.24 -30.20 119.02
C ILE RB 75 42.16 -30.75 120.43
N THR RB 76 43.30 -31.21 120.95
CA THR RB 76 43.46 -31.68 122.30
C THR RB 76 44.64 -30.94 122.92
N PRO RB 77 44.55 -30.52 124.17
CA PRO RB 77 45.75 -30.02 124.84
C PRO RB 77 46.90 -31.01 124.73
N GLY RB 78 47.95 -30.64 124.00
CA GLY RB 78 49.04 -31.53 123.67
C GLY RB 78 49.15 -31.86 122.20
N THR RB 79 48.23 -31.39 121.37
CA THR RB 79 48.23 -31.71 119.95
C THR RB 79 49.27 -30.88 119.20
N VAL RB 80 49.99 -31.52 118.29
CA VAL RB 80 51.01 -30.82 117.49
C VAL RB 80 50.34 -30.18 116.28
N LEU RB 81 50.22 -28.86 116.31
CA LEU RB 81 49.60 -28.11 115.25
C LEU RB 81 50.55 -27.92 114.08
N ILE RB 82 50.06 -27.20 113.07
CA ILE RB 82 50.84 -26.74 111.94
C ILE RB 82 50.48 -25.27 111.77
N LEU RB 83 51.42 -24.37 112.03
CA LEU RB 83 51.12 -22.99 111.72
C LEU RB 83 51.10 -22.79 110.21
N LEU RB 84 50.31 -21.82 109.76
CA LEU RB 84 50.05 -21.66 108.32
C LEU RB 84 50.24 -20.25 107.79
N ALA RB 85 50.24 -19.23 108.64
CA ALA RB 85 50.38 -17.87 108.17
C ALA RB 85 51.25 -17.12 109.16
N GLY RB 86 51.82 -16.04 108.67
CA GLY RB 86 52.70 -15.26 109.51
C GLY RB 86 54.07 -15.89 109.58
N ARG RB 87 54.93 -15.24 110.35
CA ARG RB 87 56.35 -15.52 110.27
C ARG RB 87 56.70 -16.94 110.67
N TYR RB 88 55.79 -17.66 111.32
CA TYR RB 88 56.05 -19.03 111.74
C TYR RB 88 55.27 -20.05 110.94
N MET RB 89 55.06 -19.79 109.66
CA MET RB 89 54.37 -20.77 108.82
C MET RB 89 55.25 -21.99 108.63
N GLY RB 90 54.61 -23.15 108.54
CA GLY RB 90 55.31 -24.40 108.52
C GLY RB 90 55.77 -24.87 109.88
N LYS RB 91 55.97 -23.96 110.81
CA LYS RB 91 56.42 -24.31 112.15
C LYS RB 91 55.44 -25.28 112.78
N ARG RB 92 55.97 -26.34 113.37
CA ARG RB 92 55.16 -27.25 114.16
C ARG RB 92 55.26 -26.90 115.64
N VAL RB 93 54.11 -26.68 116.28
CA VAL RB 93 54.03 -26.26 117.66
C VAL RB 93 53.17 -27.25 118.42
N VAL RB 94 53.10 -27.08 119.74
CA VAL RB 94 52.29 -27.93 120.61
C VAL RB 94 51.26 -27.05 121.29
N PHE RB 95 50.00 -27.48 121.26
CA PHE RB 95 48.88 -26.66 121.73
C PHE RB 95 48.75 -26.78 123.23
N LEU RB 96 48.85 -25.66 123.93
CA LEU RB 96 48.77 -25.67 125.40
C LEU RB 96 47.33 -25.68 125.87
N LYS RB 97 46.57 -24.65 125.55
CA LYS RB 97 45.18 -24.59 125.98
C LYS RB 97 44.46 -23.42 125.32
N GLN RB 98 43.22 -23.66 124.95
CA GLN RB 98 42.40 -22.71 124.20
C GLN RB 98 41.86 -21.68 125.18
N LEU RB 99 42.38 -20.45 125.10
CA LEU RB 99 42.25 -19.50 126.19
C LEU RB 99 40.89 -18.81 126.15
N GLN RB 100 40.69 -17.83 127.04
CA GLN RB 100 39.37 -17.33 127.36
C GLN RB 100 38.80 -16.42 126.29
N SER RB 101 39.64 -15.81 125.45
CA SER RB 101 39.13 -15.01 124.35
C SER RB 101 38.62 -15.85 123.18
N GLY RB 102 39.03 -17.10 123.11
CA GLY RB 102 38.73 -17.96 121.99
C GLY RB 102 39.94 -18.40 121.21
N LEU RB 103 41.04 -17.63 121.26
CA LEU RB 103 42.21 -18.00 120.48
C LEU RB 103 42.97 -19.13 121.14
N LEU RB 104 43.65 -19.92 120.31
CA LEU RB 104 44.51 -20.98 120.80
C LEU RB 104 45.79 -20.41 121.37
N LEU RB 105 46.39 -21.15 122.30
CA LEU RB 105 47.65 -20.78 122.92
C LEU RB 105 48.64 -21.90 122.71
N ILE RB 106 49.73 -21.60 122.00
CA ILE RB 106 50.65 -22.61 121.52
C ILE RB 106 52.06 -22.27 121.96
N THR RB 107 52.94 -23.24 121.81
CA THR RB 107 54.33 -23.09 122.16
C THR RB 107 55.18 -23.91 121.22
N GLY RB 108 56.41 -23.47 121.01
CA GLY RB 108 57.32 -24.11 120.10
C GLY RB 108 57.66 -25.53 120.49
N PRO RB 109 58.43 -25.72 121.57
CA PRO RB 109 58.97 -24.70 122.46
C PRO RB 109 60.15 -23.90 121.88
N PHE RB 110 60.36 -22.72 122.45
CA PHE RB 110 61.32 -21.76 121.93
C PHE RB 110 62.74 -22.27 121.97
N LYS RB 111 63.00 -23.34 122.70
CA LYS RB 111 64.34 -23.92 122.75
C LYS RB 111 64.67 -24.66 121.47
N ILE RB 112 63.67 -25.11 120.72
CA ILE RB 112 63.92 -25.91 119.52
C ILE RB 112 63.38 -25.22 118.28
N ASN RB 113 62.24 -24.54 118.38
CA ASN RB 113 61.56 -24.02 117.20
C ASN RB 113 61.70 -22.51 117.01
N GLY RB 114 62.02 -21.78 118.06
CA GLY RB 114 61.97 -20.34 117.95
C GLY RB 114 60.59 -19.76 118.03
N VAL RB 115 59.58 -20.60 118.29
CA VAL RB 115 58.20 -20.15 118.43
C VAL RB 115 57.91 -20.05 119.93
N PRO RB 116 57.83 -18.87 120.49
CA PRO RB 116 57.62 -18.77 121.94
C PRO RB 116 56.22 -19.22 122.33
N ILE RB 117 55.86 -19.11 123.61
CA ILE RB 117 54.45 -19.30 123.95
C ILE RB 117 53.70 -18.09 123.42
N ARG RB 118 52.92 -18.31 122.38
CA ARG RB 118 52.24 -17.22 121.70
C ARG RB 118 50.82 -17.64 121.35
N ARG RB 119 50.03 -16.63 121.05
CA ARG RB 119 48.61 -16.78 120.74
C ARG RB 119 48.46 -16.99 119.24
N VAL RB 120 47.63 -17.95 118.85
CA VAL RB 120 47.39 -18.22 117.43
C VAL RB 120 45.91 -18.44 117.22
N ASN RB 121 45.39 -17.93 116.12
CA ASN RB 121 43.99 -18.13 115.82
C ASN RB 121 43.75 -19.56 115.37
N GLN RB 122 42.58 -20.08 115.73
CA GLN RB 122 42.27 -21.46 115.39
C GLN RB 122 42.16 -21.69 113.89
N ALA RB 123 41.88 -20.63 113.13
CA ALA RB 123 41.70 -20.81 111.69
C ALA RB 123 42.95 -21.32 111.02
N TYR RB 124 44.11 -20.80 111.42
CA TYR RB 124 45.35 -20.96 110.68
C TYR RB 124 46.21 -22.11 111.19
N VAL RB 125 45.61 -23.16 111.73
CA VAL RB 125 46.35 -24.28 112.26
C VAL RB 125 45.70 -25.57 111.79
N ILE RB 126 46.53 -26.56 111.47
CA ILE RB 126 46.03 -27.87 111.07
C ILE RB 126 46.50 -28.87 112.11
N ALA RB 127 45.57 -29.39 112.89
CA ALA RB 127 45.92 -30.34 113.92
C ALA RB 127 46.43 -31.64 113.31
N THR RB 128 47.57 -32.10 113.80
CA THR RB 128 48.08 -33.40 113.41
C THR RB 128 47.52 -34.46 114.36
N SER RB 129 47.66 -35.73 113.94
CA SER RB 129 47.11 -36.82 114.73
C SER RB 129 47.97 -37.19 115.93
N THR RB 130 49.18 -36.65 116.04
CA THR RB 130 50.02 -36.97 117.18
C THR RB 130 49.68 -36.10 118.38
N LYS RB 131 49.98 -36.64 119.56
CA LYS RB 131 49.69 -36.02 120.84
C LYS RB 131 50.94 -36.13 121.71
N VAL RB 132 50.96 -35.35 122.78
CA VAL RB 132 51.96 -35.52 123.83
C VAL RB 132 51.26 -35.55 125.17
N ASP RB 133 51.95 -36.07 126.17
CA ASP RB 133 51.40 -36.19 127.52
C ASP RB 133 51.98 -35.04 128.35
N ILE RB 134 51.16 -34.04 128.60
CA ILE RB 134 51.61 -32.81 129.24
C ILE RB 134 50.72 -32.43 130.43
N SER RB 135 50.16 -33.40 131.12
CA SER RB 135 49.34 -33.04 132.26
C SER RB 135 50.16 -32.53 133.45
N LYS RB 136 51.49 -32.46 133.35
CA LYS RB 136 52.33 -31.81 134.35
C LYS RB 136 53.02 -30.55 133.84
N VAL RB 137 52.37 -29.81 132.94
CA VAL RB 137 52.78 -28.44 132.63
C VAL RB 137 51.81 -27.49 133.31
N ASN RB 138 52.34 -26.43 133.91
CA ASN RB 138 51.58 -25.56 134.79
C ASN RB 138 51.33 -24.25 134.06
N VAL RB 139 50.21 -24.17 133.34
CA VAL RB 139 49.99 -23.15 132.33
C VAL RB 139 49.08 -22.02 132.82
N GLN RB 140 48.48 -22.16 134.00
CA GLN RB 140 47.45 -21.25 134.48
C GLN RB 140 47.87 -19.78 134.42
N LYS RB 141 49.16 -19.50 134.37
CA LYS RB 141 49.65 -18.13 134.44
C LYS RB 141 49.40 -17.36 133.14
N PHE RB 142 49.06 -18.05 132.06
CA PHE RB 142 48.84 -17.43 130.76
C PHE RB 142 47.38 -17.06 130.57
N ASP RB 143 47.15 -15.84 130.08
CA ASP RB 143 45.80 -15.37 129.85
C ASP RB 143 45.87 -14.25 128.82
N ASP RB 144 44.79 -13.48 128.72
CA ASP RB 144 44.74 -12.42 127.72
C ASP RB 144 45.56 -11.21 128.13
N LYS RB 145 45.62 -10.90 129.42
CA LYS RB 145 46.35 -9.71 129.84
C LYS RB 145 47.85 -9.89 129.66
N TYR RB 146 48.35 -11.11 129.82
CA TYR RB 146 49.75 -11.40 129.56
C TYR RB 146 50.17 -10.92 128.18
N PHE RB 147 49.25 -11.05 127.22
CA PHE RB 147 49.53 -10.78 125.81
C PHE RB 147 49.00 -9.42 125.35
N ALA RB 148 48.15 -8.79 126.14
CA ALA RB 148 47.56 -7.52 125.74
C ALA RB 148 48.63 -6.46 125.57
N ARG RB 149 48.58 -5.75 124.44
CA ARG RB 149 49.74 -5.00 123.98
C ARG RB 149 50.00 -3.76 124.81
N GLU RB 150 48.97 -2.96 125.05
CA GLU RB 150 49.16 -1.56 125.43
C GLU RB 150 50.06 -0.87 124.42
N LYS RB 151 49.70 -1.00 123.14
CA LYS RB 151 50.47 -0.43 122.05
C LYS RB 151 50.64 1.07 122.22
N LYS RB 152 51.83 1.56 121.90
CA LYS RB 152 52.26 2.89 122.30
C LYS RB 152 51.92 3.91 121.21
N THR RB 153 52.28 5.16 121.47
CA THR RB 153 51.82 6.27 120.65
C THR RB 153 52.58 6.35 119.33
N ARG RB 154 51.85 6.68 118.26
CA ARG RB 154 52.32 6.83 116.89
C ARG RB 154 53.22 8.03 116.66
N ALA RB 155 53.64 8.77 117.68
CA ALA RB 155 54.53 9.89 117.49
C ALA RB 155 55.95 9.47 117.09
N LYS RB 156 56.27 8.18 117.17
CA LYS RB 156 57.61 7.65 116.91
C LYS RB 156 57.65 7.07 115.50
N LYS RB 157 57.90 7.93 114.51
CA LYS RB 157 58.12 7.47 113.16
C LYS RB 157 59.52 6.91 113.03
N THR RB 158 59.62 5.66 112.61
CA THR RB 158 60.89 4.94 112.55
C THR RB 158 61.83 5.56 111.52
N GLU RB 159 62.92 6.14 111.98
CA GLU RB 159 63.83 6.88 111.12
C GLU RB 159 65.19 6.19 111.07
N GLY RB 160 66.06 6.75 110.22
CA GLY RB 160 67.37 6.16 110.00
C GLY RB 160 68.15 5.89 111.27
N GLU RB 161 67.85 6.64 112.33
CA GLU RB 161 68.47 6.42 113.63
C GLU RB 161 67.66 5.51 114.55
N LEU RB 162 66.44 5.13 114.18
CA LEU RB 162 65.72 4.12 114.94
C LEU RB 162 65.92 2.72 114.36
N PHE RB 163 66.11 2.64 113.04
CA PHE RB 163 66.01 1.38 112.28
C PHE RB 163 66.72 0.22 112.96
N GLU RB 164 68.06 0.26 112.99
CA GLU RB 164 68.79 -0.77 113.68
C GLU RB 164 69.09 -0.42 115.13
N SER RB 165 68.79 0.79 115.58
CA SER RB 165 69.07 1.12 116.98
C SER RB 165 68.18 0.29 117.90
N ASP RB 166 66.92 0.06 117.51
CA ASP RB 166 66.10 -0.85 118.32
C ASP RB 166 66.64 -2.28 118.30
N LYS RB 167 67.16 -2.75 117.17
CA LYS RB 167 67.79 -4.07 117.15
C LYS RB 167 68.99 -4.11 118.09
N GLU RB 168 69.82 -3.07 118.05
CA GLU RB 168 71.08 -3.05 118.78
C GLU RB 168 70.87 -2.83 120.27
N ALA RB 169 69.76 -2.20 120.67
CA ALA RB 169 69.40 -2.07 122.07
C ALA RB 169 68.40 -3.16 122.44
N THR RB 170 68.02 -3.19 123.71
CA THR RB 170 67.20 -4.28 124.24
C THR RB 170 65.85 -3.82 124.78
N LYS RB 171 65.46 -2.57 124.54
CA LYS RB 171 64.17 -2.12 125.06
C LYS RB 171 63.06 -2.78 124.26
N ASN RB 172 62.71 -3.99 124.70
CA ASN RB 172 61.94 -4.97 123.95
C ASN RB 172 61.20 -5.85 124.95
N LEU RB 173 60.86 -7.07 124.52
CA LEU RB 173 60.32 -8.14 125.36
C LEU RB 173 60.98 -8.15 126.74
N PRO RB 174 60.20 -8.34 127.79
CA PRO RB 174 60.75 -8.27 129.14
C PRO RB 174 61.29 -9.59 129.69
N ASP RB 175 62.07 -9.44 130.76
CA ASP RB 175 62.77 -10.58 131.34
C ASP RB 175 61.85 -11.53 132.10
N PHE RB 176 60.68 -11.10 132.56
CA PHE RB 176 59.79 -12.10 133.15
C PHE RB 176 59.26 -13.06 132.08
N LYS RB 177 59.10 -12.59 130.84
CA LYS RB 177 58.78 -13.50 129.74
C LYS RB 177 59.99 -14.33 129.37
N LYS RB 178 61.19 -13.75 129.46
CA LYS RB 178 62.40 -14.55 129.30
C LYS RB 178 62.38 -15.75 130.25
N ASP RB 179 62.14 -15.51 131.54
CA ASP RB 179 62.19 -16.57 132.54
C ASP RB 179 61.00 -17.52 132.39
N ASP RB 180 59.85 -16.97 132.03
CA ASP RB 180 58.68 -17.76 131.68
C ASP RB 180 59.02 -18.83 130.66
N GLN RB 181 59.54 -18.43 129.51
CA GLN RB 181 59.84 -19.42 128.50
C GLN RB 181 60.78 -20.49 129.01
N LYS RB 182 61.70 -20.12 129.91
CA LYS RB 182 62.57 -21.14 130.48
C LYS RB 182 61.77 -22.15 131.28
N VAL RB 183 60.84 -21.70 132.10
CA VAL RB 183 60.13 -22.68 132.92
C VAL RB 183 59.27 -23.59 132.05
N ILE RB 184 58.54 -23.02 131.09
CA ILE RB 184 57.67 -23.87 130.27
C ILE RB 184 58.48 -24.79 129.37
N ASP RB 185 59.53 -24.29 128.72
CA ASP RB 185 60.24 -25.19 127.82
C ASP RB 185 60.94 -26.29 128.61
N ALA RB 186 61.37 -26.01 129.84
CA ALA RB 186 61.91 -27.10 130.65
C ALA RB 186 60.85 -28.16 130.91
N GLU RB 187 59.70 -27.75 131.43
CA GLU RB 187 58.70 -28.75 131.79
C GLU RB 187 58.04 -29.38 130.58
N LEU RB 188 58.34 -28.90 129.38
CA LEU RB 188 57.77 -29.45 128.16
C LEU RB 188 58.76 -30.25 127.34
N ILE RB 189 60.05 -29.91 127.34
CA ILE RB 189 61.05 -30.86 126.87
C ILE RB 189 61.03 -32.12 127.71
N LYS RB 190 60.85 -31.98 129.03
CA LYS RB 190 60.75 -33.17 129.85
C LYS RB 190 59.57 -34.05 129.44
N ALA RB 191 58.62 -33.51 128.68
CA ALA RB 191 57.54 -34.30 128.12
C ALA RB 191 57.79 -34.69 126.67
N ILE RB 192 58.69 -34.00 125.98
CA ILE RB 192 58.92 -34.33 124.57
C ILE RB 192 59.90 -35.48 124.43
N ASP RB 193 60.94 -35.53 125.26
CA ASP RB 193 61.92 -36.60 125.12
C ASP RB 193 61.25 -37.96 125.25
N ALA RB 194 60.10 -38.00 125.93
CA ALA RB 194 59.34 -39.25 126.03
C ALA RB 194 58.95 -39.76 124.66
N VAL RB 195 58.37 -38.91 123.82
CA VAL RB 195 57.92 -39.34 122.50
C VAL RB 195 59.12 -39.39 121.56
N PRO RB 196 59.45 -40.56 121.01
CA PRO RB 196 60.66 -40.68 120.19
C PRO RB 196 60.61 -39.75 118.99
N ASP RB 197 61.76 -39.21 118.62
CA ASP RB 197 61.98 -38.47 117.38
C ASP RB 197 61.24 -37.13 117.37
N LEU RB 198 60.43 -36.83 118.38
CA LEU RB 198 59.56 -35.67 118.33
C LEU RB 198 60.33 -34.37 118.33
N LYS RB 199 61.47 -34.32 119.01
CA LYS RB 199 62.26 -33.09 118.98
C LYS RB 199 62.73 -32.78 117.58
N ASN RB 200 63.19 -33.81 116.85
CA ASN RB 200 63.58 -33.61 115.46
C ASN RB 200 62.38 -33.22 114.60
N TYR RB 201 61.26 -33.92 114.81
CA TYR RB 201 60.01 -33.53 114.17
C TYR RB 201 59.72 -32.05 114.32
N LEU RB 202 59.54 -31.60 115.56
CA LEU RB 202 59.22 -30.20 115.78
C LEU RB 202 60.30 -29.29 115.22
N GLY RB 203 61.56 -29.75 115.22
CA GLY RB 203 62.61 -28.97 114.61
C GLY RB 203 62.40 -28.77 113.11
N ALA RB 204 61.81 -29.76 112.46
CA ALA RB 204 61.45 -29.61 111.06
C ALA RB 204 60.27 -28.65 110.92
N ARG RB 205 60.02 -28.23 109.69
CA ARG RB 205 58.82 -27.49 109.35
C ARG RB 205 58.12 -28.19 108.20
N PHE RB 206 56.79 -28.10 108.17
CA PHE RB 206 56.02 -28.82 107.17
C PHE RB 206 56.10 -28.10 105.84
N SER RB 207 56.52 -28.81 104.81
CA SER RB 207 56.60 -28.24 103.48
C SER RB 207 55.88 -29.15 102.50
N LEU RB 208 55.02 -28.56 101.68
CA LEU RB 208 54.14 -29.31 100.81
C LEU RB 208 54.87 -29.42 99.48
N ARG RB 209 55.87 -30.30 99.48
CA ARG RB 209 56.75 -30.56 98.36
C ARG RB 209 55.93 -31.07 97.19
N ASP RB 210 56.56 -31.18 96.02
CA ASP RB 210 55.80 -31.56 94.84
C ASP RB 210 55.25 -32.97 94.97
N GLY RB 211 54.13 -33.21 94.29
CA GLY RB 211 53.42 -34.46 94.45
C GLY RB 211 52.78 -34.63 95.81
N ASP RB 212 52.16 -33.58 96.33
CA ASP RB 212 51.46 -33.63 97.61
C ASP RB 212 50.11 -32.97 97.46
N LYS RB 213 49.04 -33.73 97.71
CA LYS RB 213 47.70 -33.20 97.60
C LYS RB 213 47.05 -33.08 98.97
N PRO RB 214 46.81 -31.87 99.47
CA PRO RB 214 46.28 -31.74 100.84
C PRO RB 214 44.96 -32.45 101.05
N HIS RB 215 44.07 -32.46 100.06
CA HIS RB 215 42.83 -33.19 100.24
C HIS RB 215 43.10 -34.66 100.52
N GLU RB 216 44.13 -35.22 99.89
CA GLU RB 216 44.52 -36.59 100.19
C GLU RB 216 45.27 -36.67 101.52
N MET RB 217 46.23 -35.77 101.72
CA MET RB 217 47.12 -35.84 102.87
C MET RB 217 46.34 -35.81 104.18
N THR RB 218 46.41 -36.89 104.93
CA THR RB 218 45.93 -36.89 106.31
C THR RB 218 46.83 -36.00 107.14
N PHE RB 219 46.55 -35.94 108.43
CA PHE RB 219 47.43 -35.25 109.34
C PHE RB 219 47.50 -36.00 110.65
N VAL SB 2 68.31 -27.48 91.92
CA VAL SB 2 67.40 -28.31 92.70
C VAL SB 2 68.00 -28.56 94.07
N LYS SB 3 69.12 -29.26 94.12
CA LYS SB 3 69.86 -29.43 95.35
C LYS SB 3 70.78 -28.24 95.55
N GLY SB 4 70.81 -27.72 96.77
CA GLY SB 4 71.57 -26.51 97.00
C GLY SB 4 70.98 -25.34 96.25
N ARG SB 5 69.69 -25.10 96.49
CA ARG SB 5 68.90 -24.13 95.73
C ARG SB 5 68.50 -22.92 96.57
N THR SB 6 68.13 -21.85 95.89
CA THR SB 6 67.64 -20.64 96.51
C THR SB 6 66.21 -20.39 96.04
N GLY SB 7 65.42 -19.76 96.88
CA GLY SB 7 64.01 -19.56 96.65
C GLY SB 7 63.26 -19.75 97.94
N GLN SB 8 61.97 -20.06 97.85
CA GLN SB 8 61.20 -20.31 99.06
C GLN SB 8 61.56 -21.67 99.64
N ARG SB 9 61.48 -21.78 100.97
CA ARG SB 9 61.86 -23.02 101.65
C ARG SB 9 60.70 -23.81 102.20
N VAL SB 10 59.47 -23.28 102.14
CA VAL SB 10 58.26 -24.06 102.41
C VAL SB 10 57.18 -23.62 101.45
N ARG SB 11 56.45 -24.57 100.89
CA ARG SB 11 55.28 -24.27 100.09
C ARG SB 11 54.08 -24.64 100.94
N LEU SB 12 53.42 -23.63 101.51
CA LEU SB 12 52.19 -23.80 102.26
C LEU SB 12 50.96 -23.54 101.41
N TYR SB 13 51.12 -23.47 100.10
CA TYR SB 13 50.03 -23.19 99.18
C TYR SB 13 50.09 -24.13 97.99
N VAL SB 14 48.93 -24.42 97.43
CA VAL SB 14 48.79 -25.35 96.33
C VAL SB 14 48.47 -24.53 95.10
N ARG SB 15 49.42 -24.51 94.16
CA ARG SB 15 49.41 -23.59 93.03
C ARG SB 15 48.26 -23.88 92.08
N GLY SB 16 47.90 -22.90 91.28
CA GLY SB 16 46.88 -23.14 90.28
C GLY SB 16 46.93 -22.13 89.18
N THR SB 17 46.20 -22.41 88.11
CA THR SB 17 46.09 -21.48 86.99
C THR SB 17 44.79 -20.71 87.10
N ILE SB 18 44.85 -19.43 86.73
CA ILE SB 18 43.63 -18.66 86.47
C ILE SB 18 43.20 -18.94 85.05
N LEU SB 19 41.93 -19.25 84.87
CA LEU SB 19 41.51 -20.05 83.73
C LEU SB 19 40.63 -19.29 82.74
N GLY SB 20 40.02 -18.20 83.16
CA GLY SB 20 39.04 -17.49 82.37
C GLY SB 20 38.04 -16.84 83.28
N TYR SB 21 36.82 -16.62 82.82
CA TYR SB 21 35.74 -16.09 83.65
C TYR SB 21 34.56 -17.03 83.60
N LYS SB 22 33.52 -16.70 84.36
CA LYS SB 22 32.26 -17.43 84.24
C LYS SB 22 31.63 -17.00 82.92
N ARG SB 23 31.76 -17.82 81.90
CA ARG SB 23 31.28 -17.46 80.58
C ARG SB 23 30.12 -18.34 80.16
N SER SB 24 29.18 -17.71 79.49
CA SER SB 24 28.20 -18.40 78.67
C SER SB 24 28.87 -18.74 77.36
N LYS SB 25 28.10 -19.02 76.32
CA LYS SB 25 28.73 -19.05 75.01
C LYS SB 25 28.99 -17.65 74.46
N SER SB 26 28.35 -16.63 75.02
CA SER SB 26 28.52 -15.27 74.50
C SER SB 26 28.57 -14.19 75.56
N ASN SB 27 28.74 -14.50 76.83
CA ASN SB 27 28.87 -13.49 77.87
C ASN SB 27 30.04 -13.78 78.79
N GLN SB 28 30.58 -12.72 79.37
CA GLN SB 28 31.45 -12.83 80.54
C GLN SB 28 30.81 -12.10 81.70
N TYR SB 29 30.90 -12.72 82.87
CA TYR SB 29 30.53 -12.12 84.14
C TYR SB 29 31.83 -12.06 84.90
N GLU SB 30 32.57 -10.98 84.73
CA GLU SB 30 33.90 -10.87 85.31
C GLU SB 30 33.91 -11.01 86.82
N THR SB 31 32.75 -11.05 87.47
CA THR SB 31 32.71 -11.09 88.93
C THR SB 31 33.32 -12.38 89.48
N ALA SB 32 33.02 -13.52 88.86
CA ALA SB 32 33.48 -14.81 89.35
C ALA SB 32 34.49 -15.38 88.37
N SER SB 33 35.72 -15.57 88.82
CA SER SB 33 36.75 -16.12 87.96
C SER SB 33 36.74 -17.63 88.04
N LEU SB 34 37.46 -18.27 87.15
CA LEU SB 34 37.55 -19.72 87.17
C LEU SB 34 39.00 -20.09 87.44
N VAL SB 35 39.22 -21.11 88.27
CA VAL SB 35 40.57 -21.43 88.71
C VAL SB 35 40.74 -22.94 88.69
N GLN SB 36 41.91 -23.39 88.24
CA GLN SB 36 42.28 -24.79 88.31
C GLN SB 36 43.38 -24.98 89.34
N ILE SB 37 43.18 -25.89 90.26
CA ILE SB 37 44.19 -26.21 91.26
C ILE SB 37 45.04 -27.35 90.73
N GLU SB 38 46.35 -27.24 90.92
CA GLU SB 38 47.21 -28.37 90.66
C GLU SB 38 46.83 -29.52 91.58
N GLY SB 39 46.32 -30.59 91.00
CA GLY SB 39 46.13 -31.85 91.70
C GLY SB 39 44.70 -32.25 91.91
N VAL SB 40 43.74 -31.35 91.75
CA VAL SB 40 42.34 -31.71 91.94
C VAL SB 40 41.80 -32.27 90.64
N ASN SB 41 41.23 -33.47 90.71
CA ASN SB 41 40.68 -34.13 89.53
C ASN SB 41 39.26 -34.60 89.74
N THR SB 42 38.55 -34.07 90.71
CA THR SB 42 37.18 -34.53 90.95
C THR SB 42 36.37 -33.39 91.55
N ARG SB 43 35.06 -33.42 91.34
CA ARG SB 43 34.22 -32.35 91.86
C ARG SB 43 34.08 -32.44 93.36
N GLU SB 44 34.20 -33.63 93.94
CA GLU SB 44 34.17 -33.73 95.38
C GLU SB 44 35.54 -33.61 96.03
N ASP SB 45 36.62 -33.60 95.26
CA ASP SB 45 37.90 -33.27 95.87
C ASP SB 45 38.01 -31.80 96.18
N VAL SB 46 37.31 -30.94 95.43
CA VAL SB 46 37.31 -29.51 95.76
C VAL SB 46 36.44 -29.23 96.97
N ALA SB 47 35.74 -30.23 97.49
CA ALA SB 47 35.00 -30.02 98.73
C ALA SB 47 35.92 -29.51 99.82
N TRP SB 48 37.15 -30.00 99.84
CA TRP SB 48 38.08 -29.66 100.91
C TRP SB 48 38.68 -28.28 100.71
N TYR SB 49 38.76 -27.82 99.46
CA TYR SB 49 39.18 -26.45 99.15
C TYR SB 49 38.07 -25.42 99.24
N GLY SB 50 36.81 -25.84 99.23
CA GLY SB 50 35.75 -24.85 99.18
C GLY SB 50 35.79 -23.89 100.34
N GLY SB 51 36.19 -22.64 100.09
CA GLY SB 51 36.37 -21.66 101.12
C GLY SB 51 37.80 -21.19 101.30
N LYS SB 52 38.77 -22.08 101.08
CA LYS SB 52 40.16 -21.70 101.28
C LYS SB 52 40.54 -20.54 100.39
N ARG SB 53 41.39 -19.69 100.92
CA ARG SB 53 41.65 -18.38 100.37
C ARG SB 53 42.88 -18.38 99.46
N MET SB 54 42.79 -17.62 98.38
CA MET SB 54 43.84 -17.47 97.39
C MET SB 54 44.28 -16.03 97.26
N ALA SB 55 45.40 -15.90 96.59
CA ALA SB 55 46.02 -14.62 96.31
C ALA SB 55 46.50 -14.64 94.87
N TYR SB 56 46.08 -13.65 94.10
CA TYR SB 56 46.74 -13.32 92.85
C TYR SB 56 47.91 -12.41 93.17
N VAL SB 57 49.12 -12.88 92.89
CA VAL SB 57 50.34 -12.12 93.15
C VAL SB 57 50.93 -11.72 91.80
N TYR SB 58 51.06 -10.41 91.60
CA TYR SB 58 51.68 -9.90 90.38
C TYR SB 58 52.60 -8.77 90.78
N LYS SB 59 53.23 -8.13 89.80
CA LYS SB 59 54.06 -6.99 90.13
C LYS SB 59 53.93 -5.91 89.08
N ALA SB 60 53.76 -4.68 89.56
CA ALA SB 60 53.46 -3.56 88.69
C ALA SB 60 54.75 -2.97 88.13
N LYS SB 61 54.66 -1.79 87.54
CA LYS SB 61 55.83 -1.12 87.00
C LYS SB 61 56.54 -0.28 88.04
N THR SB 62 55.82 0.31 89.00
CA THR SB 62 56.44 1.19 89.97
C THR SB 62 56.38 0.63 91.37
N LYS SB 63 57.41 0.96 92.16
CA LYS SB 63 57.45 0.60 93.57
C LYS SB 63 56.28 1.20 94.31
N SER SB 64 55.71 0.45 95.24
CA SER SB 64 54.75 1.00 96.19
C SER SB 64 54.99 0.38 97.54
N ASN SB 65 55.10 1.21 98.57
CA ASN SB 65 55.28 0.75 99.93
C ASN SB 65 56.52 -0.10 100.08
N GLY SB 66 57.46 0.05 99.16
CA GLY SB 66 58.70 -0.69 99.20
C GLY SB 66 58.78 -1.90 98.30
N THR SB 67 57.80 -2.14 97.44
CA THR SB 67 57.81 -3.31 96.57
C THR SB 67 57.13 -3.00 95.26
N HIS SB 68 57.45 -3.79 94.24
CA HIS SB 68 56.62 -3.84 93.04
C HIS SB 68 55.46 -4.79 93.19
N TYR SB 69 55.53 -5.72 94.13
CA TYR SB 69 54.54 -6.76 94.24
C TYR SB 69 53.20 -6.22 94.72
N ARG SB 70 52.14 -6.61 94.02
CA ARG SB 70 50.79 -6.42 94.47
C ARG SB 70 50.14 -7.78 94.61
N CYS SB 71 49.06 -7.82 95.37
CA CYS SB 71 48.37 -9.07 95.64
C CYS SB 71 46.90 -8.76 95.86
N ILE SB 72 46.03 -9.37 95.06
CA ILE SB 72 44.59 -9.23 95.23
C ILE SB 72 44.03 -10.55 95.72
N TRP SB 73 43.19 -10.48 96.74
CA TRP SB 73 42.81 -11.60 97.59
C TRP SB 73 41.45 -12.13 97.16
N GLY SB 74 41.24 -13.44 97.32
CA GLY SB 74 39.96 -14.01 97.00
C GLY SB 74 39.84 -15.36 97.63
N LYS SB 75 38.81 -16.11 97.23
CA LYS SB 75 38.63 -17.43 97.84
C LYS SB 75 37.81 -18.35 96.96
N VAL SB 76 38.00 -19.66 97.15
CA VAL SB 76 37.27 -20.67 96.39
C VAL SB 76 35.85 -20.73 96.89
N SER SB 77 34.89 -20.25 96.09
CA SER SB 77 33.50 -20.26 96.51
C SER SB 77 32.89 -21.66 96.43
N ARG SB 78 32.91 -22.27 95.25
CA ARG SB 78 32.09 -23.45 95.01
C ARG SB 78 32.65 -24.19 93.82
N PRO SB 79 32.35 -25.48 93.68
CA PRO SB 79 32.87 -26.23 92.54
C PRO SB 79 32.25 -25.81 91.23
N HIS SB 80 32.96 -26.11 90.15
CA HIS SB 80 32.53 -25.73 88.80
C HIS SB 80 32.88 -26.87 87.86
N GLY SB 81 31.89 -27.56 87.36
CA GLY SB 81 32.14 -28.67 86.48
C GLY SB 81 32.42 -29.94 87.24
N ASN SB 82 32.72 -30.99 86.48
CA ASN SB 82 32.91 -32.31 87.06
C ASN SB 82 34.36 -32.64 87.33
N THR SB 83 35.31 -31.78 86.97
CA THR SB 83 36.73 -32.11 87.08
C THR SB 83 37.49 -31.16 88.00
N GLY SB 84 36.85 -30.69 89.05
CA GLY SB 84 37.61 -30.01 90.07
C GLY SB 84 38.03 -28.59 89.75
N VAL SB 85 37.58 -28.03 88.63
CA VAL SB 85 37.74 -26.60 88.47
C VAL SB 85 36.87 -25.92 89.51
N VAL SB 86 37.34 -24.79 90.06
CA VAL SB 86 36.62 -24.07 91.09
C VAL SB 86 36.28 -22.70 90.55
N ARG SB 87 35.32 -22.05 91.21
CA ARG SB 87 35.01 -20.65 90.96
C ARG SB 87 35.60 -19.83 92.08
N ALA SB 88 36.23 -18.73 91.73
CA ALA SB 88 36.93 -17.92 92.71
C ALA SB 88 36.30 -16.54 92.77
N LYS SB 89 36.13 -16.04 93.98
CA LYS SB 89 35.59 -14.72 94.19
C LYS SB 89 36.69 -13.83 94.76
N PHE SB 90 36.99 -12.75 94.07
CA PHE SB 90 38.02 -11.82 94.49
C PHE SB 90 37.46 -10.48 94.91
N THR SB 91 38.26 -9.79 95.71
CA THR SB 91 37.88 -8.47 96.20
C THR SB 91 37.64 -7.52 95.03
N SER SB 92 38.51 -7.58 94.03
CA SER SB 92 38.32 -6.89 92.77
C SER SB 92 38.44 -7.90 91.64
N ASN SB 93 37.67 -7.71 90.57
CA ASN SB 93 37.71 -8.66 89.48
C ASN SB 93 39.08 -8.64 88.82
N LEU SB 94 39.55 -9.81 88.40
CA LEU SB 94 40.89 -9.93 87.89
C LEU SB 94 41.07 -9.31 86.51
N PRO SB 95 42.30 -8.97 86.17
CA PRO SB 95 42.61 -8.61 84.78
C PRO SB 95 42.46 -9.82 83.88
N ALA SB 96 42.24 -9.55 82.60
CA ALA SB 96 42.20 -10.63 81.62
C ALA SB 96 43.59 -11.05 81.17
N GLU SB 97 44.60 -10.22 81.38
CA GLU SB 97 45.96 -10.74 81.39
C GLU SB 97 46.20 -11.65 82.57
N ALA SB 98 45.29 -11.66 83.52
CA ALA SB 98 45.44 -12.51 84.69
C ALA SB 98 45.19 -13.96 84.38
N MET SB 99 44.58 -14.26 83.24
CA MET SB 99 44.21 -15.62 82.93
C MET SB 99 45.30 -16.28 82.10
N GLY SB 100 45.67 -17.48 82.50
CA GLY SB 100 46.87 -18.12 82.06
C GLY SB 100 47.99 -18.06 83.08
N LYS SB 101 47.93 -17.12 84.02
CA LYS SB 101 48.99 -17.02 85.02
C LYS SB 101 48.64 -17.90 86.22
N LYS SB 102 49.53 -17.90 87.20
CA LYS SB 102 49.40 -18.76 88.37
C LYS SB 102 48.91 -17.95 89.55
N VAL SB 103 48.07 -18.57 90.37
CA VAL SB 103 47.48 -17.97 91.55
C VAL SB 103 47.76 -18.92 92.71
N ARG SB 104 47.93 -18.35 93.90
CA ARG SB 104 48.33 -19.11 95.08
C ARG SB 104 47.11 -19.41 95.92
N VAL SB 105 46.87 -20.69 96.17
CA VAL SB 105 45.75 -21.12 97.01
C VAL SB 105 46.32 -21.61 98.32
N PHE SB 106 46.19 -20.83 99.39
CA PHE SB 106 46.72 -21.27 100.66
C PHE SB 106 45.78 -22.29 101.28
N MET SB 107 46.00 -22.60 102.56
CA MET SB 107 45.04 -23.33 103.37
C MET SB 107 44.64 -22.52 104.60
N TYR SB 108 44.60 -21.20 104.51
CA TYR SB 108 44.44 -20.50 105.77
C TYR SB 108 43.09 -20.83 106.42
N PRO SB 109 41.94 -20.41 105.87
CA PRO SB 109 40.72 -20.53 106.67
C PRO SB 109 40.32 -21.99 106.80
N SER SB 110 41.12 -22.76 107.53
CA SER SB 110 41.14 -24.20 107.40
C SER SB 110 40.23 -24.88 108.41
N SER SB 111 39.90 -26.14 108.11
CA SER SB 111 39.00 -26.93 108.91
C SER SB 111 39.47 -28.36 109.00
N PRO TB 2 52.45 83.23 -6.53
CA PRO TB 2 51.53 82.55 -7.43
C PRO TB 2 51.11 83.35 -8.65
N LYS TB 3 51.38 84.65 -8.71
CA LYS TB 3 51.21 85.42 -9.93
C LYS TB 3 52.57 85.91 -10.37
N GLN TB 4 52.91 85.72 -11.63
CA GLN TB 4 54.13 86.32 -12.14
C GLN TB 4 53.79 87.38 -13.16
N ILE TB 5 54.50 88.49 -13.07
CA ILE TB 5 54.39 89.61 -13.99
C ILE TB 5 55.55 89.52 -14.95
N HIS TB 6 55.38 90.07 -16.14
CA HIS TB 6 56.41 89.94 -17.17
C HIS TB 6 57.14 91.22 -17.50
N GLU TB 7 56.49 92.37 -17.39
CA GLU TB 7 57.08 93.63 -17.83
C GLU TB 7 57.42 94.51 -16.64
N ILE TB 8 58.63 95.07 -16.69
CA ILE TB 8 59.19 95.79 -15.55
C ILE TB 8 58.31 96.97 -15.19
N LYS TB 9 57.68 97.59 -16.18
CA LYS TB 9 56.82 98.73 -15.90
C LYS TB 9 55.62 98.33 -15.05
N ASP TB 10 55.03 97.16 -15.34
CA ASP TB 10 53.91 96.71 -14.52
C ASP TB 10 54.38 96.22 -13.16
N PHE TB 11 55.54 95.57 -13.09
CA PHE TB 11 56.06 95.19 -11.78
C PHE TB 11 56.30 96.42 -10.91
N LEU TB 12 56.94 97.44 -11.49
CA LEU TB 12 57.11 98.70 -10.80
C LEU TB 12 55.77 99.26 -10.34
N LEU TB 13 54.76 99.19 -11.19
CA LEU TB 13 53.48 99.77 -10.80
C LEU TB 13 52.85 98.99 -9.66
N THR TB 14 52.93 97.66 -9.70
CA THR TB 14 52.34 96.84 -8.65
C THR TB 14 53.16 96.82 -7.38
N ALA TB 15 54.39 97.35 -7.40
CA ALA TB 15 55.15 97.54 -6.18
C ALA TB 15 55.09 98.97 -5.67
N ARG TB 16 54.74 99.94 -6.50
CA ARG TB 16 54.59 101.32 -6.05
C ARG TB 16 53.13 101.62 -5.72
N ARG TB 17 52.55 100.73 -4.91
CA ARG TB 17 51.17 100.82 -4.51
C ARG TB 17 51.11 100.59 -3.01
N LYS TB 18 49.96 100.92 -2.43
CA LYS TB 18 49.65 100.43 -1.10
C LYS TB 18 49.67 98.91 -1.09
N ASP TB 19 49.66 98.35 0.12
CA ASP TB 19 49.55 96.91 0.30
C ASP TB 19 50.86 96.22 -0.10
N ALA TB 20 51.79 96.94 -0.71
CA ALA TB 20 53.07 96.32 -1.00
C ALA TB 20 53.81 96.17 0.32
N ARG TB 21 53.78 94.96 0.90
CA ARG TB 21 54.43 94.79 2.19
C ARG TB 21 55.94 94.75 2.06
N SER TB 22 56.45 94.14 1.00
CA SER TB 22 57.89 94.00 0.86
C SER TB 22 58.20 93.47 -0.53
N VAL TB 23 59.50 93.44 -0.84
CA VAL TB 23 60.04 92.86 -2.07
C VAL TB 23 61.23 92.00 -1.69
N ARG TB 24 61.05 90.68 -1.76
CA ARG TB 24 62.17 89.76 -1.69
C ARG TB 24 62.88 89.70 -3.03
N ILE TB 25 64.19 89.47 -3.00
CA ILE TB 25 65.01 89.40 -4.20
C ILE TB 25 65.93 88.21 -4.05
N LYS TB 26 65.72 87.18 -4.85
CA LYS TB 26 66.56 86.00 -4.76
C LYS TB 26 67.38 85.84 -6.04
N ARG TB 27 68.69 85.96 -5.89
CA ARG TB 27 69.62 85.75 -7.00
C ARG TB 27 70.02 84.29 -7.03
N THR TB 28 69.81 83.65 -8.18
CA THR TB 28 70.16 82.24 -8.35
C THR TB 28 71.01 82.10 -9.61
N LYS TB 29 71.33 80.86 -9.92
CA LYS TB 29 72.02 80.55 -11.16
C LYS TB 29 71.18 81.00 -12.34
N ASP TB 30 71.73 81.92 -13.14
CA ASP TB 30 71.25 82.46 -14.40
C ASP TB 30 70.22 83.57 -14.27
N ALA TB 31 69.70 83.90 -13.10
CA ALA TB 31 68.59 84.85 -13.08
C ALA TB 31 68.46 85.50 -11.70
N VAL TB 32 67.67 86.57 -11.66
CA VAL TB 32 67.25 87.16 -10.41
C VAL TB 32 65.73 87.09 -10.36
N LYS TB 33 65.18 87.00 -9.16
CA LYS TB 33 63.74 86.88 -8.97
C LYS TB 33 63.29 87.97 -8.01
N PHE TB 34 62.37 88.80 -8.46
CA PHE TB 34 61.84 89.95 -7.74
C PHE TB 34 60.43 89.60 -7.32
N LYS TB 35 60.23 89.36 -6.03
CA LYS TB 35 58.94 88.90 -5.52
C LYS TB 35 58.36 89.96 -4.62
N VAL TB 36 57.24 90.54 -5.02
CA VAL TB 36 56.59 91.57 -4.24
C VAL TB 36 55.34 90.97 -3.59
N ARG TB 37 55.20 91.22 -2.29
CA ARG TB 37 54.13 90.62 -1.48
C ARG TB 37 53.02 91.63 -1.26
N CYS TB 38 51.92 91.46 -1.98
CA CYS TB 38 50.71 92.20 -1.73
C CYS TB 38 49.80 91.36 -0.84
N SER TB 39 48.55 91.81 -0.62
CA SER TB 39 47.65 91.04 0.23
C SER TB 39 47.34 89.68 -0.34
N ARG TB 40 46.63 89.63 -1.47
CA ARG TB 40 46.22 88.32 -1.94
C ARG TB 40 47.35 87.56 -2.62
N TYR TB 41 47.97 88.14 -3.64
CA TYR TB 41 48.84 87.39 -4.51
C TYR TB 41 50.28 87.84 -4.34
N LEU TB 42 51.19 86.89 -4.45
CA LEU TB 42 52.62 87.15 -4.52
C LEU TB 42 53.00 87.28 -5.99
N TYR TB 43 53.48 88.47 -6.38
CA TYR TB 43 53.84 88.71 -7.76
C TYR TB 43 55.33 88.52 -7.93
N THR TB 44 55.73 87.78 -8.96
CA THR TB 44 57.13 87.44 -9.15
C THR TB 44 57.59 87.80 -10.55
N LEU TB 45 58.84 88.22 -10.66
CA LEU TB 45 59.44 88.66 -11.92
C LEU TB 45 60.79 88.01 -12.08
N CYS TB 46 61.01 87.31 -13.18
CA CYS TB 46 62.29 86.67 -13.47
C CYS TB 46 63.07 87.55 -14.45
N VAL TB 47 64.21 88.05 -14.00
CA VAL TB 47 64.96 89.08 -14.71
C VAL TB 47 66.36 88.53 -14.99
N PHE TB 48 66.99 89.04 -16.06
CA PHE TB 48 68.18 88.41 -16.60
C PHE TB 48 69.37 89.35 -16.75
N ASP TB 49 69.17 90.59 -17.19
CA ASP TB 49 70.27 91.52 -17.39
C ASP TB 49 70.70 92.07 -16.03
N ALA TB 50 71.99 91.96 -15.72
CA ALA TB 50 72.45 92.38 -14.40
C ALA TB 50 72.28 93.89 -14.19
N ASP TB 51 72.63 94.70 -15.20
CA ASP TB 51 72.48 96.15 -15.06
C ASP TB 51 71.01 96.55 -14.99
N LYS TB 52 70.15 95.88 -15.75
CA LYS TB 52 68.73 96.16 -15.70
C LYS TB 52 68.12 95.77 -14.36
N ALA TB 53 68.51 94.60 -13.83
CA ALA TB 53 68.15 94.23 -12.47
C ALA TB 53 68.62 95.29 -11.49
N ASN TB 54 69.82 95.83 -11.71
CA ASN TB 54 70.31 96.90 -10.87
C ASN TB 54 69.42 98.13 -10.96
N LYS TB 55 69.00 98.50 -12.17
CA LYS TB 55 68.14 99.66 -12.34
C LYS TB 55 66.82 99.47 -11.63
N LEU TB 56 66.27 98.26 -11.67
CA LEU TB 56 65.05 97.99 -10.94
C LEU TB 56 65.28 98.11 -9.44
N LYS TB 57 66.37 97.50 -8.95
CA LYS TB 57 66.75 97.59 -7.55
C LYS TB 57 66.78 99.04 -7.10
N GLN TB 58 67.35 99.91 -7.93
CA GLN TB 58 67.32 101.34 -7.67
C GLN TB 58 65.89 101.86 -7.68
N SER TB 59 65.09 101.42 -8.65
CA SER TB 59 63.81 102.06 -8.90
C SER TB 59 62.72 101.67 -7.92
N LEU TB 60 62.96 100.71 -7.04
CA LEU TB 60 61.95 100.43 -6.03
C LEU TB 60 61.64 101.69 -5.22
N PRO TB 61 60.38 101.93 -4.90
CA PRO TB 61 60.01 103.14 -4.15
C PRO TB 61 60.70 103.20 -2.81
N PRO TB 62 61.25 104.34 -2.44
CA PRO TB 62 61.78 104.51 -1.09
C PRO TB 62 60.77 104.13 -0.03
N GLY TB 63 61.16 103.24 0.88
CA GLY TB 63 60.28 102.85 1.97
C GLY TB 63 59.92 101.38 1.94
N LEU TB 64 59.68 100.86 0.75
CA LEU TB 64 59.31 99.46 0.59
C LEU TB 64 60.44 98.54 0.99
N SER TB 65 60.31 97.87 2.14
CA SER TB 65 61.42 97.12 2.71
C SER TB 65 61.95 96.08 1.73
N VAL TB 66 63.18 96.29 1.25
CA VAL TB 66 63.78 95.42 0.26
C VAL TB 66 64.63 94.39 1.00
N GLN TB 67 64.11 93.19 1.15
CA GLN TB 67 64.94 92.09 1.63
C GLN TB 67 65.80 91.58 0.49
N GLU TB 68 67.00 91.11 0.84
CA GLU TB 68 68.00 90.74 -0.17
C GLU TB 68 68.24 89.25 -0.26
N VAL TB 69 67.30 88.42 0.19
CA VAL TB 69 67.48 86.99 0.07
C VAL TB 69 66.16 86.25 0.04
N ALA UB 2 -0.39 -3.22 46.18
CA ALA UB 2 -1.13 -2.30 45.34
C ALA UB 2 -2.52 -2.82 45.04
N LYS UB 3 -2.81 -4.03 45.49
CA LYS UB 3 -4.17 -4.56 45.43
C LYS UB 3 -4.97 -3.87 46.51
N SER UB 4 -5.74 -2.85 46.14
CA SER UB 4 -6.44 -2.04 47.13
C SER UB 4 -7.57 -2.79 47.84
N LYS UB 5 -7.94 -3.98 47.39
CA LYS UB 5 -8.94 -4.77 48.06
C LYS UB 5 -8.26 -5.65 49.08
N ASN UB 6 -8.47 -5.36 50.36
CA ASN UB 6 -7.93 -6.19 51.42
C ASN UB 6 -9.05 -6.49 52.41
N HIS UB 7 -8.94 -7.62 53.08
CA HIS UB 7 -9.94 -8.06 54.04
C HIS UB 7 -9.37 -9.14 54.93
N THR UB 8 -9.42 -8.91 56.24
CA THR UB 8 -9.23 -9.96 57.22
C THR UB 8 -10.11 -9.67 58.42
N ALA UB 9 -10.38 -10.70 59.19
CA ALA UB 9 -10.87 -10.53 60.55
C ALA UB 9 -9.76 -10.74 61.56
N HIS UB 10 -8.55 -11.05 61.08
CA HIS UB 10 -7.38 -11.16 61.92
C HIS UB 10 -7.24 -9.93 62.80
N ASN UB 11 -7.11 -10.16 64.11
CA ASN UB 11 -6.98 -9.18 65.19
C ASN UB 11 -8.33 -8.61 65.63
N GLN UB 12 -9.44 -8.92 64.96
CA GLN UB 12 -10.69 -8.33 65.38
C GLN UB 12 -11.30 -9.01 66.60
N SER UB 13 -11.06 -10.29 66.79
CA SER UB 13 -11.49 -10.89 68.06
C SER UB 13 -10.69 -10.30 69.22
N TYR UB 14 -9.40 -10.06 69.00
CA TYR UB 14 -8.59 -9.41 70.03
C TYR UB 14 -9.12 -8.02 70.36
N LYS UB 15 -9.41 -7.21 69.35
CA LYS UB 15 -9.94 -5.89 69.67
C LYS UB 15 -11.30 -5.99 70.35
N ALA UB 16 -12.12 -6.96 69.96
CA ALA UB 16 -13.41 -7.10 70.59
C ALA UB 16 -13.25 -7.44 72.07
N HIS UB 17 -12.45 -8.46 72.36
CA HIS UB 17 -12.42 -9.04 73.69
C HIS UB 17 -11.48 -8.36 74.65
N ARG UB 18 -10.55 -7.53 74.17
CA ARG UB 18 -9.62 -6.98 75.14
C ARG UB 18 -10.33 -6.03 76.09
N ASN UB 19 -11.37 -5.34 75.63
CA ASN UB 19 -12.29 -4.63 76.49
C ASN UB 19 -13.62 -5.34 76.66
N GLY UB 20 -13.59 -6.66 76.76
CA GLY UB 20 -14.77 -7.43 77.09
C GLY UB 20 -15.79 -7.39 75.99
N ILE UB 21 -16.73 -8.32 75.99
CA ILE UB 21 -17.92 -8.20 75.18
C ILE UB 21 -18.98 -7.63 76.11
N LYS UB 22 -19.19 -6.32 76.02
CA LYS UB 22 -20.03 -5.63 76.98
C LYS UB 22 -21.47 -6.08 76.84
N LYS UB 23 -21.93 -6.88 77.80
CA LYS UB 23 -23.35 -7.21 77.92
C LYS UB 23 -24.10 -6.03 78.53
N PRO UB 24 -25.34 -5.79 78.12
CA PRO UB 24 -26.11 -4.71 78.74
C PRO UB 24 -26.60 -5.09 80.12
N LYS UB 25 -26.63 -4.11 81.01
CA LYS UB 25 -27.13 -4.32 82.36
C LYS UB 25 -28.57 -4.82 82.32
N ARG UB 26 -28.79 -6.02 82.84
CA ARG UB 26 -30.14 -6.54 82.96
C ARG UB 26 -30.94 -5.67 83.91
N GLN UB 27 -32.23 -5.51 83.63
CA GLN UB 27 -33.02 -4.45 84.23
C GLN UB 27 -34.24 -5.00 84.94
N ARG UB 28 -34.40 -4.60 86.20
CA ARG UB 28 -35.72 -4.54 86.79
C ARG UB 28 -36.56 -3.54 86.02
N GLN UB 29 -37.86 -3.82 85.90
CA GLN UB 29 -38.79 -3.00 85.13
C GLN UB 29 -38.32 -2.90 83.67
N ALA UB 30 -38.40 -4.04 82.99
CA ALA UB 30 -37.95 -4.11 81.61
C ALA UB 30 -38.80 -3.25 80.70
N SER UB 31 -38.19 -2.74 79.63
CA SER UB 31 -38.83 -1.75 78.77
C SER UB 31 -40.01 -2.33 78.01
N THR UB 32 -41.02 -1.50 77.79
CA THR UB 32 -42.22 -1.91 77.08
C THR UB 32 -42.32 -1.35 75.68
N LYS UB 33 -41.38 -0.49 75.26
CA LYS UB 33 -41.52 0.13 73.95
C LYS UB 33 -41.49 -0.91 72.84
N GLY UB 34 -42.43 -0.76 71.90
CA GLY UB 34 -42.63 -1.73 70.86
C GLY UB 34 -43.66 -2.79 71.17
N MET UB 35 -44.08 -2.95 72.41
CA MET UB 35 -45.01 -4.01 72.74
C MET UB 35 -46.36 -3.76 72.08
N ASP UB 36 -47.25 -4.74 72.25
CA ASP UB 36 -48.52 -4.74 71.57
C ASP UB 36 -49.36 -3.56 72.05
N PRO UB 37 -49.72 -2.63 71.19
CA PRO UB 37 -50.46 -1.45 71.67
C PRO UB 37 -51.78 -1.82 72.32
N LYS UB 38 -52.41 -2.91 71.87
CA LYS UB 38 -53.65 -3.36 72.50
C LYS UB 38 -53.40 -3.80 73.93
N PHE UB 39 -52.22 -4.37 74.20
CA PHE UB 39 -51.88 -4.76 75.55
C PHE UB 39 -51.48 -3.55 76.39
N LEU UB 40 -50.77 -2.60 75.79
CA LEU UB 40 -50.25 -1.47 76.55
C LEU UB 40 -51.33 -0.45 76.88
N ARG UB 41 -52.30 -0.22 76.01
CA ARG UB 41 -53.37 0.68 76.39
C ARG UB 41 -54.10 0.17 77.62
N ASN UB 42 -54.45 -1.11 77.64
CA ASN UB 42 -55.04 -1.69 78.83
C ASN UB 42 -54.14 -1.50 80.03
N LEU UB 43 -52.87 -1.85 79.88
CA LEU UB 43 -51.95 -1.78 81.01
C LEU UB 43 -51.86 -0.37 81.57
N ARG UB 44 -51.85 0.64 80.71
CA ARG UB 44 -51.83 2.02 81.17
C ARG UB 44 -53.13 2.38 81.89
N TYR UB 45 -54.25 1.97 81.32
CA TYR UB 45 -55.55 2.41 81.82
C TYR UB 45 -55.84 1.83 83.20
N SER UB 46 -55.41 0.60 83.45
CA SER UB 46 -55.56 0.06 84.79
C SER UB 46 -54.78 0.89 85.79
N ARG UB 47 -53.51 1.16 85.50
CA ARG UB 47 -52.71 2.00 86.38
C ARG UB 47 -53.28 3.40 86.51
N LYS UB 48 -54.04 3.85 85.52
CA LYS UB 48 -54.81 5.07 85.69
C LYS UB 48 -55.84 4.92 86.78
N HIS UB 49 -56.51 3.76 86.82
CA HIS UB 49 -57.58 3.55 87.78
C HIS UB 49 -57.23 2.59 88.92
N ASN UB 50 -55.99 2.59 89.36
CA ASN UB 50 -55.73 1.98 90.67
C ASN UB 50 -56.22 2.90 91.78
N VAL UB 51 -56.22 2.38 93.00
CA VAL UB 51 -56.69 3.15 94.14
C VAL UB 51 -55.64 3.25 95.24
N VAL VB 2 57.20 49.68 0.55
CA VAL VB 2 57.23 50.78 -0.42
C VAL VB 2 56.44 51.97 0.10
N GLN VB 3 56.51 52.17 1.42
CA GLN VB 3 55.95 53.34 2.08
C GLN VB 3 54.44 53.40 1.84
N ARG VB 4 53.76 52.47 2.50
CA ARG VB 4 52.30 52.44 2.49
C ARG VB 4 51.66 53.75 2.94
N LEU VB 5 50.36 53.84 2.73
CA LEU VB 5 49.62 55.07 2.83
C LEU VB 5 48.57 54.98 3.91
N THR VB 6 48.08 56.14 4.35
CA THR VB 6 47.02 56.22 5.33
C THR VB 6 46.11 57.39 4.97
N TYR VB 7 44.88 57.32 5.44
CA TYR VB 7 43.98 58.44 5.19
C TYR VB 7 44.36 59.63 6.05
N ARG VB 8 43.92 60.79 5.58
CA ARG VB 8 44.23 62.07 6.20
C ARG VB 8 43.03 62.63 6.93
N LYS VB 9 41.90 61.94 6.89
CA LYS VB 9 40.67 62.34 7.54
C LYS VB 9 40.14 61.17 8.34
N ARG VB 10 39.11 61.42 9.14
CA ARG VB 10 38.50 60.37 9.93
C ARG VB 10 37.40 59.65 9.18
N HIS VB 11 37.49 59.60 7.85
CA HIS VB 11 36.54 58.88 7.02
C HIS VB 11 37.23 57.60 6.58
N SER VB 12 36.97 56.50 7.26
CA SER VB 12 37.74 55.30 7.04
C SER VB 12 37.16 54.37 5.97
N TYR VB 13 36.10 54.78 5.29
CA TYR VB 13 35.42 53.93 4.32
C TYR VB 13 35.56 54.52 2.93
N ALA VB 14 35.69 53.65 1.93
CA ALA VB 14 36.09 54.08 0.59
C ALA VB 14 34.88 54.37 -0.30
N THR VB 15 34.05 55.28 0.17
CA THR VB 15 32.84 55.64 -0.56
C THR VB 15 33.19 56.51 -1.76
N LYS VB 16 32.17 56.86 -2.55
CA LYS VB 16 32.40 57.74 -3.69
C LYS VB 16 32.95 59.08 -3.25
N SER VB 17 32.46 59.61 -2.13
CA SER VB 17 32.91 60.92 -1.69
C SER VB 17 34.32 60.90 -1.14
N ASN VB 18 34.90 59.72 -0.97
CA ASN VB 18 36.18 59.63 -0.28
C ASN VB 18 37.24 59.23 -1.29
N GLN VB 19 37.22 59.86 -2.46
CA GLN VB 19 38.21 59.57 -3.49
C GLN VB 19 39.59 60.01 -3.02
N THR VB 20 40.61 59.30 -3.48
CA THR VB 20 41.98 59.58 -3.08
C THR VB 20 42.91 59.55 -4.29
N ARG VB 21 43.87 60.47 -4.31
CA ARG VB 21 44.90 60.54 -5.33
C ARG VB 21 46.26 60.52 -4.68
N VAL VB 22 47.11 59.60 -5.09
CA VAL VB 22 48.45 59.49 -4.51
C VAL VB 22 49.32 60.56 -5.13
N VAL VB 23 50.01 61.33 -4.31
CA VAL VB 23 50.99 62.28 -4.82
C VAL VB 23 52.28 62.15 -4.03
N LYS VB 24 53.37 62.55 -4.69
CA LYS VB 24 54.68 62.60 -4.07
C LYS VB 24 55.04 64.06 -3.81
N THR VB 25 55.36 64.37 -2.57
CA THR VB 25 55.47 65.73 -2.07
C THR VB 25 56.92 66.17 -2.06
N PRO VB 26 57.16 67.47 -1.92
CA PRO VB 26 58.55 67.96 -1.83
C PRO VB 26 59.41 67.25 -0.80
N GLY VB 27 58.82 66.45 0.07
CA GLY VB 27 59.59 65.71 1.04
C GLY VB 27 60.00 64.33 0.62
N GLY VB 28 59.77 63.94 -0.63
CA GLY VB 28 60.03 62.59 -1.02
C GLY VB 28 59.07 61.58 -0.44
N LYS VB 29 57.98 62.05 0.16
CA LYS VB 29 57.03 61.23 0.88
C LYS VB 29 55.70 61.22 0.15
N LEU VB 30 55.07 60.06 0.08
CA LEU VB 30 53.80 59.92 -0.61
C LEU VB 30 52.66 60.21 0.34
N VAL VB 31 51.74 61.07 -0.09
CA VAL VB 31 50.54 61.34 0.67
C VAL VB 31 49.35 61.15 -0.24
N TYR VB 32 48.17 61.12 0.36
CA TYR VB 32 46.95 61.27 -0.41
C TYR VB 32 46.57 62.73 -0.54
N GLN VB 33 45.89 63.02 -1.62
CA GLN VB 33 45.15 64.25 -1.80
C GLN VB 33 43.71 63.82 -2.03
N TYR VB 34 42.77 64.56 -1.50
CA TYR VB 34 41.38 64.24 -1.75
C TYR VB 34 40.84 65.02 -2.93
N THR VB 35 40.26 64.29 -3.87
CA THR VB 35 39.79 64.81 -5.15
C THR VB 35 38.27 64.97 -5.12
N LYS VB 36 37.77 65.78 -6.04
CA LYS VB 36 36.34 65.83 -6.20
C LYS VB 36 35.86 64.58 -6.93
N LYS VB 37 34.57 64.37 -6.96
CA LYS VB 37 34.02 63.30 -7.76
C LYS VB 37 33.76 63.81 -9.16
N ARG VB 38 33.82 62.90 -10.14
CA ARG VB 38 33.53 63.31 -11.50
C ARG VB 38 32.08 63.77 -11.62
N ALA VB 39 31.90 64.93 -12.22
CA ALA VB 39 30.58 65.49 -12.49
C ALA VB 39 30.28 65.41 -13.99
N SER VB 40 29.00 65.33 -14.30
CA SER VB 40 28.58 65.16 -15.69
C SER VB 40 28.68 66.46 -16.48
N GLY VB 41 28.38 67.58 -15.84
CA GLY VB 41 28.26 68.82 -16.57
C GLY VB 41 26.94 68.83 -17.29
N PRO VB 42 26.62 69.92 -17.97
CA PRO VB 42 25.25 70.09 -18.48
C PRO VB 42 24.98 69.27 -19.72
N LYS VB 43 23.70 68.95 -19.91
CA LYS VB 43 23.22 68.16 -21.04
C LYS VB 43 22.02 68.84 -21.68
N CYS VB 44 21.93 68.76 -22.99
CA CYS VB 44 20.76 69.27 -23.69
C CYS VB 44 19.54 68.41 -23.42
N PRO VB 45 18.42 68.98 -22.97
CA PRO VB 45 17.20 68.18 -22.86
C PRO VB 45 16.74 67.60 -24.18
N VAL VB 46 16.91 68.34 -25.28
CA VAL VB 46 16.36 67.90 -26.54
C VAL VB 46 17.09 66.66 -27.06
N THR VB 47 18.41 66.69 -27.06
CA THR VB 47 19.18 65.58 -27.60
C THR VB 47 19.83 64.71 -26.55
N GLY VB 48 20.14 65.27 -25.38
CA GLY VB 48 20.88 64.54 -24.38
C GLY VB 48 22.37 64.65 -24.51
N LYS VB 49 22.87 65.29 -25.55
CA LYS VB 49 24.30 65.37 -25.79
C LYS VB 49 24.96 66.26 -24.74
N LYS VB 50 26.28 66.38 -24.82
CA LYS VB 50 26.96 67.36 -24.00
C LYS VB 50 26.58 68.76 -24.44
N ILE VB 51 26.97 69.73 -23.63
CA ILE VB 51 26.79 71.14 -23.98
C ILE VB 51 28.17 71.75 -24.08
N GLN VB 52 28.51 72.25 -25.25
CA GLN VB 52 29.86 72.71 -25.50
C GLN VB 52 30.07 74.09 -24.90
N GLY VB 53 31.31 74.37 -24.51
CA GLY VB 53 31.66 75.67 -24.02
C GLY VB 53 31.52 75.88 -22.54
N ILE VB 54 31.29 74.82 -21.77
CA ILE VB 54 31.18 74.92 -20.32
C ILE VB 54 31.92 73.73 -19.74
N PRO VB 55 32.82 73.92 -18.79
CA PRO VB 55 33.55 72.80 -18.21
C PRO VB 55 32.65 71.88 -17.38
N HIS VB 56 33.23 70.85 -16.79
CA HIS VB 56 32.48 69.88 -16.01
C HIS VB 56 32.92 70.03 -14.57
N LEU VB 57 32.14 70.78 -13.81
CA LEU VB 57 32.48 71.11 -12.45
C LEU VB 57 31.42 70.58 -11.51
N ARG VB 58 31.85 70.26 -10.31
CA ARG VB 58 30.92 69.92 -9.26
C ARG VB 58 30.04 71.13 -8.97
N PRO VB 59 28.72 70.97 -8.85
CA PRO VB 59 27.80 72.09 -9.07
C PRO VB 59 28.06 73.31 -8.22
N THR VB 60 28.53 73.16 -6.99
CA THR VB 60 28.72 74.35 -6.17
C THR VB 60 29.80 75.25 -6.74
N GLU VB 61 30.82 74.68 -7.37
CA GLU VB 61 31.90 75.49 -7.89
C GLU VB 61 31.61 76.04 -9.26
N TYR VB 62 30.36 76.20 -9.63
CA TYR VB 62 29.95 77.08 -10.71
C TYR VB 62 29.52 78.44 -10.20
N LYS VB 63 29.66 78.70 -8.91
CA LYS VB 63 29.03 79.86 -8.33
C LYS VB 63 29.61 81.14 -8.91
N ARG VB 64 28.76 82.16 -9.06
CA ARG VB 64 29.14 83.37 -9.78
C ARG VB 64 30.42 83.97 -9.22
N SER VB 65 30.60 83.91 -7.93
CA SER VB 65 31.77 84.50 -7.31
C SER VB 65 32.99 83.59 -7.37
N ARG VB 66 32.99 82.55 -8.20
CA ARG VB 66 34.11 81.63 -8.24
C ARG VB 66 34.63 81.42 -9.66
N LEU VB 67 33.76 81.52 -10.67
CA LEU VB 67 34.19 81.48 -12.07
C LEU VB 67 33.99 82.80 -12.78
N SER VB 68 34.84 83.01 -13.76
CA SER VB 68 34.61 84.05 -14.74
C SER VB 68 33.32 83.76 -15.49
N ARG VB 69 32.59 84.82 -15.81
CA ARG VB 69 31.29 84.65 -16.45
C ARG VB 69 31.43 83.96 -17.80
N ASN VB 70 32.49 84.27 -18.54
CA ASN VB 70 32.62 83.74 -19.89
C ASN VB 70 32.64 82.23 -19.89
N ARG VB 71 33.02 81.63 -18.77
CA ARG VB 71 33.32 80.22 -18.72
C ARG VB 71 32.06 79.42 -18.41
N ARG VB 72 30.96 80.10 -18.14
CA ARG VB 72 29.72 79.51 -17.67
C ARG VB 72 28.58 79.58 -18.67
N THR VB 73 28.72 80.39 -19.73
CA THR VB 73 27.62 80.68 -20.64
C THR VB 73 28.10 80.56 -22.07
N VAL VB 74 27.14 80.44 -22.98
CA VAL VB 74 27.37 80.52 -24.41
C VAL VB 74 26.50 81.64 -24.96
N ASN VB 75 27.11 82.59 -25.67
CA ASN VB 75 26.35 83.71 -26.21
C ASN VB 75 25.56 83.27 -27.43
N ARG VB 76 24.41 82.66 -27.16
CA ARG VB 76 23.33 82.50 -28.14
C ARG VB 76 22.01 82.59 -27.40
N PRO VB 77 20.93 82.85 -28.11
CA PRO VB 77 19.61 82.62 -27.53
C PRO VB 77 19.51 81.20 -27.06
N TYR VB 78 18.95 81.01 -25.88
CA TYR VB 78 18.80 79.71 -25.25
C TYR VB 78 20.13 79.02 -25.06
N GLY VB 79 21.24 79.70 -25.28
CA GLY VB 79 22.53 79.06 -25.10
C GLY VB 79 22.82 78.82 -23.64
N GLY VB 80 23.57 77.77 -23.37
CA GLY VB 80 23.78 77.36 -22.01
C GLY VB 80 22.65 76.54 -21.42
N VAL VB 81 21.58 76.28 -22.17
CA VAL VB 81 20.62 75.27 -21.80
C VAL VB 81 20.38 74.32 -22.96
N LEU VB 82 20.23 74.85 -24.17
CA LEU VB 82 19.99 74.06 -25.36
C LEU VB 82 21.17 74.16 -26.30
N SER VB 83 21.34 73.12 -27.10
CA SER VB 83 22.46 73.03 -28.03
C SER VB 83 22.10 73.65 -29.38
N GLY VB 84 23.14 73.94 -30.14
CA GLY VB 84 23.01 74.63 -31.41
C GLY VB 84 21.99 74.04 -32.34
N PRO VB 85 22.08 72.74 -32.62
CA PRO VB 85 21.04 72.11 -33.43
C PRO VB 85 19.64 72.27 -32.85
N ALA VB 86 19.50 72.17 -31.53
CA ALA VB 86 18.17 72.29 -30.95
C ALA VB 86 17.60 73.67 -31.16
N VAL VB 87 18.41 74.71 -30.96
CA VAL VB 87 17.93 76.06 -31.21
C VAL VB 87 17.62 76.25 -32.69
N ARG VB 88 18.40 75.64 -33.57
CA ARG VB 88 18.12 75.79 -34.99
C ARG VB 88 16.77 75.18 -35.32
N GLU VB 89 16.49 74.00 -34.78
CA GLU VB 89 15.21 73.36 -35.05
C GLU VB 89 14.06 74.09 -34.40
N ARG VB 90 14.29 74.73 -33.24
CA ARG VB 90 13.23 75.54 -32.67
C ARG VB 90 12.93 76.76 -33.52
N ILE VB 91 13.95 77.42 -34.05
CA ILE VB 91 13.69 78.58 -34.91
C ILE VB 91 12.90 78.15 -36.13
N ILE VB 92 13.31 77.05 -36.75
CA ILE VB 92 12.62 76.59 -37.96
C ILE VB 92 11.18 76.24 -37.65
N ARG VB 93 10.95 75.52 -36.55
CA ARG VB 93 9.59 75.12 -36.22
C ARG VB 93 8.72 76.31 -35.85
N ALA VB 94 9.28 77.28 -35.12
CA ALA VB 94 8.51 78.47 -34.80
C ALA VB 94 8.11 79.20 -36.06
N PHE VB 95 9.05 79.43 -36.97
CA PHE VB 95 8.72 80.12 -38.21
C PHE VB 95 7.67 79.36 -39.00
N LEU VB 96 7.87 78.07 -39.17
CA LEU VB 96 6.99 77.33 -40.06
C LEU VB 96 5.59 77.26 -39.49
N VAL VB 97 5.45 77.13 -38.18
CA VAL VB 97 4.13 77.03 -37.61
C VAL VB 97 3.47 78.40 -37.49
N GLU VB 98 4.22 79.46 -37.20
CA GLU VB 98 3.62 80.79 -37.20
C GLU VB 98 3.11 81.15 -38.59
N GLU VB 99 3.88 80.84 -39.64
CA GLU VB 99 3.38 81.12 -40.98
C GLU VB 99 2.21 80.23 -41.33
N GLN VB 100 2.22 78.97 -40.87
CA GLN VB 100 1.08 78.10 -41.15
C GLN VB 100 -0.18 78.64 -40.51
N LYS VB 101 -0.07 79.27 -39.34
CA LYS VB 101 -1.27 79.79 -38.72
C LYS VB 101 -1.98 80.78 -39.64
N ILE VB 102 -1.24 81.70 -40.26
CA ILE VB 102 -1.95 82.63 -41.12
C ILE VB 102 -2.30 81.97 -42.44
N VAL VB 103 -1.56 80.95 -42.87
CA VAL VB 103 -2.02 80.20 -44.05
C VAL VB 103 -3.29 79.44 -43.77
N LYS VB 104 -3.58 79.14 -42.51
CA LYS VB 104 -4.83 78.51 -42.12
C LYS VB 104 -5.93 79.52 -41.87
N LYS VB 105 -5.56 80.76 -41.54
CA LYS VB 105 -6.55 81.83 -41.54
C LYS VB 105 -6.92 82.26 -42.94
N VAL VB 106 -6.05 82.03 -43.92
CA VAL VB 106 -6.42 82.28 -45.31
C VAL VB 106 -7.55 81.35 -45.73
N LEU VB 107 -7.44 80.06 -45.40
CA LEU VB 107 -8.41 79.08 -45.89
C LEU VB 107 -9.80 79.31 -45.34
N LYS VB 108 -9.93 80.11 -44.29
CA LYS VB 108 -11.23 80.48 -43.73
C LYS VB 108 -11.78 81.63 -44.57
N ILE VB 109 -12.47 81.28 -45.65
CA ILE VB 109 -13.20 82.25 -46.44
C ILE VB 109 -14.55 81.68 -46.83
N MET AC 1 -6.86 -43.36 0.45
CA MET AC 1 -7.34 -43.46 -0.92
C MET AC 1 -8.80 -43.96 -1.05
N SER AC 2 -9.08 -45.17 -0.56
CA SER AC 2 -10.41 -45.76 -0.63
C SER AC 2 -10.41 -47.00 0.26
N ASP AC 3 -11.59 -47.55 0.49
CA ASP AC 3 -11.71 -48.73 1.35
C ASP AC 3 -11.64 -49.99 0.48
N SER AC 4 -10.44 -50.23 -0.05
CA SER AC 4 -10.13 -51.52 -0.64
C SER AC 4 -10.01 -52.51 0.51
N HIS AC 5 -11.14 -53.08 0.91
CA HIS AC 5 -11.23 -53.85 2.16
C HIS AC 5 -10.58 -55.22 1.99
N GLU AC 6 -10.06 -55.75 3.11
CA GLU AC 6 -9.33 -57.01 3.07
C GLU AC 6 -10.16 -58.14 2.49
N THR AC 7 -11.48 -58.06 2.57
CA THR AC 7 -12.32 -59.07 1.93
C THR AC 7 -12.20 -58.99 0.40
N ASP AC 8 -12.16 -57.78 -0.16
CA ASP AC 8 -12.01 -57.62 -1.60
C ASP AC 8 -10.74 -56.88 -1.98
N LYS AC 9 -9.75 -56.86 -1.07
CA LYS AC 9 -8.42 -56.38 -1.41
C LYS AC 9 -7.88 -57.10 -2.64
N ASN AC 10 -7.64 -58.41 -2.52
CA ASN AC 10 -7.07 -59.19 -3.61
C ASN AC 10 -8.03 -59.33 -4.79
N ILE AC 11 -9.34 -59.38 -4.55
CA ILE AC 11 -10.29 -59.46 -5.65
C ILE AC 11 -10.22 -58.20 -6.52
N GLU AC 12 -10.29 -57.01 -5.89
CA GLU AC 12 -10.11 -55.77 -6.62
C GLU AC 12 -8.70 -55.52 -7.08
N MET AC 13 -7.72 -56.32 -6.65
CA MET AC 13 -6.38 -56.18 -7.19
C MET AC 13 -6.08 -57.18 -8.31
N TRP AC 14 -6.89 -58.21 -8.48
CA TRP AC 14 -6.59 -59.18 -9.54
C TRP AC 14 -7.70 -59.35 -10.57
N LYS AC 15 -8.95 -59.52 -10.15
CA LYS AC 15 -9.96 -59.86 -11.14
C LYS AC 15 -10.41 -58.65 -11.94
N ILE AC 16 -10.42 -57.46 -11.33
CA ILE AC 16 -10.67 -56.25 -12.12
C ILE AC 16 -9.56 -56.05 -13.13
N LYS AC 17 -8.33 -56.50 -12.81
CA LYS AC 17 -7.23 -56.35 -13.74
C LYS AC 17 -7.32 -57.36 -14.87
N LYS AC 18 -7.86 -58.54 -14.59
CA LYS AC 18 -8.20 -59.44 -15.67
C LYS AC 18 -9.25 -58.82 -16.58
N LEU AC 19 -10.27 -58.19 -15.98
CA LEU AC 19 -11.26 -57.43 -16.76
C LEU AC 19 -10.60 -56.41 -17.66
N ILE AC 20 -9.63 -55.68 -17.12
CA ILE AC 20 -8.99 -54.61 -17.87
C ILE AC 20 -8.15 -55.17 -19.01
N LYS AC 21 -7.41 -56.25 -18.77
CA LYS AC 21 -6.74 -56.86 -19.91
C LYS AC 21 -7.72 -57.35 -20.96
N GLY AC 22 -8.90 -57.80 -20.53
CA GLY AC 22 -9.92 -58.20 -21.49
C GLY AC 22 -10.43 -57.03 -22.30
N LEU AC 23 -10.65 -55.89 -21.65
CA LEU AC 23 -11.04 -54.67 -22.37
C LEU AC 23 -9.97 -54.27 -23.37
N GLU AC 24 -8.70 -54.31 -22.96
CA GLU AC 24 -7.64 -53.96 -23.89
C GLU AC 24 -7.65 -54.88 -25.10
N SER AC 25 -7.86 -56.17 -24.88
CA SER AC 25 -7.92 -57.14 -25.97
C SER AC 25 -9.33 -57.12 -26.59
N ALA AC 26 -9.58 -56.09 -27.39
CA ALA AC 26 -10.89 -55.88 -28.01
C ALA AC 26 -10.73 -55.29 -29.40
N ARG AC 27 -11.70 -55.58 -30.27
CA ARG AC 27 -11.71 -55.03 -31.62
C ARG AC 27 -13.12 -54.65 -32.02
N GLY AC 28 -13.33 -53.37 -32.35
CA GLY AC 28 -14.52 -52.93 -33.02
C GLY AC 28 -14.26 -52.69 -34.50
N ASN AC 29 -15.20 -52.03 -35.14
CA ASN AC 29 -15.04 -51.65 -36.53
C ASN AC 29 -14.97 -50.14 -36.66
N GLY AC 30 -14.12 -49.68 -37.57
CA GLY AC 30 -13.91 -48.27 -37.77
C GLY AC 30 -13.70 -47.51 -36.48
N THR AC 31 -14.62 -46.60 -36.18
CA THR AC 31 -14.59 -45.77 -34.98
C THR AC 31 -15.83 -45.99 -34.14
N SER AC 32 -16.23 -47.25 -33.97
CA SER AC 32 -17.44 -47.61 -33.26
C SER AC 32 -17.19 -48.13 -31.86
N MET AC 33 -16.00 -47.94 -31.31
CA MET AC 33 -15.71 -48.36 -29.95
C MET AC 33 -15.20 -47.17 -29.17
N ILE AC 34 -15.98 -46.73 -28.18
CA ILE AC 34 -15.96 -45.38 -27.63
C ILE AC 34 -15.50 -45.45 -26.19
N SER AC 35 -14.35 -44.84 -25.89
CA SER AC 35 -13.79 -44.82 -24.55
C SER AC 35 -14.02 -43.46 -23.93
N LEU AC 36 -14.36 -43.46 -22.65
CA LEU AC 36 -14.69 -42.24 -21.93
C LEU AC 36 -14.30 -42.42 -20.47
N ILE AC 37 -13.21 -41.79 -20.05
CA ILE AC 37 -12.72 -41.85 -18.68
C ILE AC 37 -12.97 -40.48 -18.06
N MET AC 38 -13.82 -40.41 -17.05
CA MET AC 38 -14.28 -39.11 -16.56
C MET AC 38 -13.93 -38.96 -15.09
N PRO AC 39 -13.11 -37.98 -14.73
CA PRO AC 39 -12.49 -37.94 -13.42
C PRO AC 39 -13.42 -37.33 -12.39
N PRO AC 40 -12.98 -37.22 -11.15
CA PRO AC 40 -13.79 -36.54 -10.13
C PRO AC 40 -14.08 -35.08 -10.47
N ARG AC 41 -15.24 -34.62 -10.01
CA ARG AC 41 -15.74 -33.26 -9.91
C ARG AC 41 -16.24 -32.67 -11.24
N ASP AC 42 -16.00 -33.30 -12.38
CA ASP AC 42 -16.67 -32.85 -13.60
C ASP AC 42 -18.07 -33.46 -13.63
N GLN AC 43 -19.08 -32.61 -13.56
CA GLN AC 43 -20.41 -33.09 -13.22
C GLN AC 43 -21.08 -33.79 -14.40
N VAL AC 44 -21.96 -34.75 -14.07
CA VAL AC 44 -22.63 -35.55 -15.08
C VAL AC 44 -23.44 -34.69 -16.03
N SER AC 45 -23.99 -33.57 -15.56
CA SER AC 45 -24.72 -32.71 -16.48
C SER AC 45 -23.81 -32.23 -17.60
N ARG AC 46 -22.63 -31.71 -17.25
CA ARG AC 46 -21.72 -31.23 -18.28
C ARG AC 46 -21.27 -32.38 -19.17
N VAL AC 47 -21.06 -33.56 -18.58
CA VAL AC 47 -20.69 -34.69 -19.43
C VAL AC 47 -21.81 -35.02 -20.41
N THR AC 48 -23.07 -34.92 -19.96
CA THR AC 48 -24.20 -35.27 -20.80
C THR AC 48 -24.41 -34.27 -21.91
N LYS AC 49 -24.14 -33.00 -21.67
CA LYS AC 49 -24.19 -32.07 -22.79
C LYS AC 49 -23.08 -32.38 -23.78
N MET AC 50 -21.89 -32.75 -23.28
CA MET AC 50 -20.81 -33.17 -24.16
C MET AC 50 -21.23 -34.34 -25.03
N LEU AC 51 -21.91 -35.32 -24.43
CA LEU AC 51 -22.28 -36.53 -25.16
C LEU AC 51 -23.44 -36.28 -26.12
N GLY AC 52 -24.41 -35.45 -25.73
CA GLY AC 52 -25.43 -35.07 -26.68
C GLY AC 52 -24.85 -34.36 -27.90
N ASP AC 53 -23.89 -33.47 -27.69
CA ASP AC 53 -23.26 -32.81 -28.83
C ASP AC 53 -22.47 -33.82 -29.65
N GLU AC 54 -21.82 -34.77 -29.00
CA GLU AC 54 -21.17 -35.83 -29.78
C GLU AC 54 -22.18 -36.61 -30.60
N TYR AC 55 -23.41 -36.75 -30.11
CA TYR AC 55 -24.44 -37.39 -30.92
C TYR AC 55 -24.78 -36.53 -32.12
N GLY AC 56 -24.92 -35.21 -31.90
CA GLY AC 56 -25.24 -34.33 -33.00
C GLY AC 56 -24.13 -34.25 -34.04
N THR AC 57 -22.88 -34.30 -33.60
CA THR AC 57 -21.72 -34.28 -34.48
C THR AC 57 -21.50 -35.64 -35.15
N ALA AC 58 -21.91 -36.73 -34.50
CA ALA AC 58 -21.85 -38.03 -35.13
C ALA AC 58 -22.96 -38.22 -36.14
N SER AC 59 -24.06 -37.48 -36.02
CA SER AC 59 -25.11 -37.62 -37.00
C SER AC 59 -24.75 -36.85 -38.27
N ASN AC 60 -23.51 -37.03 -38.71
CA ASN AC 60 -23.07 -36.63 -40.03
C ASN AC 60 -22.16 -37.68 -40.66
N ILE AC 61 -21.66 -38.62 -39.87
CA ILE AC 61 -20.85 -39.71 -40.42
C ILE AC 61 -21.61 -40.32 -41.57
N LYS AC 62 -20.89 -40.56 -42.66
CA LYS AC 62 -21.53 -41.00 -43.90
C LYS AC 62 -20.98 -42.35 -44.30
N SER AC 63 -20.93 -43.29 -43.35
CA SER AC 63 -20.51 -44.65 -43.62
C SER AC 63 -21.64 -45.67 -43.58
N ARG AC 64 -22.79 -45.34 -43.00
CA ARG AC 64 -24.01 -46.13 -43.07
C ARG AC 64 -23.94 -47.41 -42.25
N VAL AC 65 -22.75 -47.72 -41.72
CA VAL AC 65 -22.60 -48.70 -40.66
C VAL AC 65 -21.90 -48.11 -39.46
N ASN AC 66 -20.83 -47.35 -39.70
CA ASN AC 66 -20.12 -46.67 -38.63
C ASN AC 66 -21.01 -45.65 -37.97
N ARG AC 67 -21.82 -44.93 -38.75
CA ARG AC 67 -22.70 -43.94 -38.16
C ARG AC 67 -23.74 -44.58 -37.27
N GLN AC 68 -24.34 -45.69 -37.70
CA GLN AC 68 -25.32 -46.33 -36.85
C GLN AC 68 -24.68 -46.86 -35.59
N SER AC 69 -23.49 -47.47 -35.71
CA SER AC 69 -22.82 -48.00 -34.53
C SER AC 69 -22.44 -46.90 -33.54
N VAL AC 70 -21.93 -45.78 -34.04
CA VAL AC 70 -21.52 -44.70 -33.16
C VAL AC 70 -22.73 -44.07 -32.48
N LEU AC 71 -23.79 -43.78 -33.24
CA LEU AC 71 -24.99 -43.23 -32.59
C LEU AC 71 -25.56 -44.19 -31.57
N GLY AC 72 -25.49 -45.49 -31.83
CA GLY AC 72 -25.91 -46.44 -30.81
C GLY AC 72 -25.04 -46.39 -29.58
N ALA AC 73 -23.73 -46.34 -29.76
CA ALA AC 73 -22.83 -46.32 -28.62
C ALA AC 73 -23.04 -45.06 -27.78
N ILE AC 74 -23.23 -43.93 -28.44
CA ILE AC 74 -23.42 -42.68 -27.71
C ILE AC 74 -24.78 -42.67 -27.00
N THR AC 75 -25.81 -43.25 -27.62
CA THR AC 75 -27.07 -43.38 -26.91
C THR AC 75 -26.91 -44.24 -25.67
N SER AC 76 -26.18 -45.35 -25.79
CA SER AC 76 -25.92 -46.19 -24.61
C SER AC 76 -25.15 -45.41 -23.56
N ALA AC 77 -24.18 -44.61 -23.99
CA ALA AC 77 -23.33 -43.87 -23.06
C ALA AC 77 -24.09 -42.79 -22.30
N GLN AC 78 -24.98 -42.07 -22.98
CA GLN AC 78 -25.75 -41.07 -22.26
C GLN AC 78 -26.82 -41.72 -21.38
N GLN AC 79 -27.34 -42.88 -21.80
CA GLN AC 79 -28.40 -43.51 -21.01
C GLN AC 79 -27.85 -44.15 -19.74
N ARG AC 80 -26.74 -44.87 -19.86
CA ARG AC 80 -26.08 -45.42 -18.67
C ARG AC 80 -25.61 -44.32 -17.73
N LEU AC 81 -25.46 -43.11 -18.22
CA LEU AC 81 -24.95 -42.00 -17.43
C LEU AC 81 -26.06 -41.23 -16.72
N LYS AC 82 -27.25 -41.14 -17.32
CA LYS AC 82 -28.36 -40.58 -16.56
C LYS AC 82 -28.64 -41.38 -15.30
N LEU AC 83 -28.27 -42.67 -15.30
CA LEU AC 83 -28.51 -43.51 -14.14
C LEU AC 83 -27.79 -43.00 -12.91
N TYR AC 84 -26.66 -42.32 -13.10
CA TYR AC 84 -25.79 -41.93 -11.99
C TYR AC 84 -26.24 -40.59 -11.47
N ASN AC 85 -26.75 -40.58 -10.23
CA ASN AC 85 -27.13 -39.32 -9.61
C ASN AC 85 -25.97 -38.34 -9.64
N ARG AC 86 -24.80 -38.79 -9.21
CA ARG AC 86 -23.57 -38.03 -9.35
C ARG AC 86 -22.42 -39.01 -9.52
N VAL AC 87 -21.40 -38.57 -10.23
CA VAL AC 87 -20.17 -39.37 -10.33
C VAL AC 87 -19.68 -39.69 -8.94
N PRO AC 88 -19.32 -40.93 -8.61
CA PRO AC 88 -18.73 -41.16 -7.31
C PRO AC 88 -17.37 -40.51 -7.21
N PRO AC 89 -16.98 -40.04 -6.04
CA PRO AC 89 -15.77 -39.21 -5.95
C PRO AC 89 -14.50 -40.03 -6.06
N ASN AC 90 -14.49 -41.01 -6.97
CA ASN AC 90 -13.30 -41.81 -7.21
C ASN AC 90 -13.10 -42.09 -8.69
N GLY AC 91 -13.67 -41.26 -9.56
CA GLY AC 91 -13.58 -41.46 -10.98
C GLY AC 91 -14.69 -42.33 -11.52
N LEU AC 92 -14.83 -42.34 -12.84
CA LEU AC 92 -15.84 -43.16 -13.48
C LEU AC 92 -15.40 -43.41 -14.91
N VAL AC 93 -15.07 -44.65 -15.22
CA VAL AC 93 -14.68 -45.02 -16.57
C VAL AC 93 -15.86 -45.72 -17.23
N LEU AC 94 -16.10 -45.41 -18.49
CA LEU AC 94 -17.21 -45.98 -19.25
C LEU AC 94 -16.74 -46.26 -20.67
N TYR AC 95 -16.99 -47.49 -21.10
CA TYR AC 95 -16.50 -48.03 -22.37
C TYR AC 95 -17.72 -48.58 -23.09
N THR AC 96 -18.12 -47.95 -24.18
CA THR AC 96 -19.29 -48.39 -24.93
C THR AC 96 -18.88 -48.68 -26.36
N GLY AC 97 -19.22 -49.85 -26.85
CA GLY AC 97 -18.83 -50.17 -28.20
C GLY AC 97 -19.49 -51.43 -28.65
N THR AC 98 -19.01 -51.96 -29.77
CA THR AC 98 -19.39 -53.27 -30.24
C THR AC 98 -18.14 -54.11 -30.40
N ILE AC 99 -18.14 -55.28 -29.82
CA ILE AC 99 -17.07 -56.26 -29.95
C ILE AC 99 -17.41 -57.19 -31.11
N VAL AC 100 -16.36 -57.73 -31.74
CA VAL AC 100 -16.55 -58.65 -32.85
C VAL AC 100 -16.80 -60.08 -32.38
N THR AC 101 -16.40 -60.41 -31.15
CA THR AC 101 -16.52 -61.74 -30.55
C THR AC 101 -15.75 -62.81 -31.29
N ASP AC 102 -14.90 -62.43 -32.24
CA ASP AC 102 -13.89 -63.29 -32.85
C ASP AC 102 -14.53 -64.32 -33.76
N ASP AC 103 -15.85 -64.44 -33.72
CA ASP AC 103 -16.57 -65.43 -34.52
C ASP AC 103 -17.70 -64.78 -35.31
N GLY AC 104 -17.56 -63.50 -35.62
CA GLY AC 104 -18.50 -62.78 -36.47
C GLY AC 104 -19.86 -62.55 -35.85
N LYS AC 105 -19.93 -62.28 -34.56
CA LYS AC 105 -21.16 -61.89 -33.89
C LYS AC 105 -20.93 -60.51 -33.30
N GLU AC 106 -21.75 -59.55 -33.70
CA GLU AC 106 -21.48 -58.12 -33.49
C GLU AC 106 -22.47 -57.58 -32.46
N LYS AC 107 -22.11 -57.68 -31.18
CA LYS AC 107 -23.06 -57.42 -30.10
C LYS AC 107 -22.62 -56.26 -29.23
N LYS AC 108 -23.53 -55.31 -29.04
CA LYS AC 108 -23.26 -54.09 -28.29
C LYS AC 108 -22.90 -54.38 -26.84
N VAL AC 109 -21.88 -53.70 -26.34
CA VAL AC 109 -21.39 -53.82 -24.97
C VAL AC 109 -21.26 -52.42 -24.41
N THR AC 110 -21.69 -52.24 -23.17
CA THR AC 110 -21.39 -51.04 -22.40
C THR AC 110 -20.99 -51.46 -21.00
N ILE AC 111 -19.83 -51.03 -20.54
CA ILE AC 111 -19.43 -51.28 -19.16
C ILE AC 111 -18.93 -49.98 -18.55
N ASP AC 112 -19.35 -49.71 -17.33
CA ASP AC 112 -18.82 -48.58 -16.59
C ASP AC 112 -18.53 -49.03 -15.18
N PHE AC 113 -17.34 -48.70 -14.67
CA PHE AC 113 -17.01 -49.13 -13.32
C PHE AC 113 -16.13 -48.12 -12.62
N GLU AC 114 -16.51 -47.76 -11.41
CA GLU AC 114 -15.73 -46.80 -10.64
C GLU AC 114 -14.42 -47.41 -10.20
N PRO AC 115 -13.28 -46.94 -10.67
CA PRO AC 115 -12.02 -47.59 -10.31
C PRO AC 115 -11.58 -47.20 -8.92
N PHE AC 116 -10.95 -48.16 -8.24
CA PHE AC 116 -10.25 -47.86 -7.01
C PHE AC 116 -9.02 -47.02 -7.34
N LYS AC 117 -8.46 -46.39 -6.31
CA LYS AC 117 -7.26 -45.58 -6.50
C LYS AC 117 -7.57 -44.49 -7.51
N PRO AC 118 -8.34 -43.46 -7.13
CA PRO AC 118 -9.00 -42.57 -8.11
C PRO AC 118 -8.18 -42.12 -9.30
N ILE AC 119 -8.85 -41.95 -10.43
CA ILE AC 119 -8.23 -41.58 -11.70
C ILE AC 119 -7.94 -40.09 -11.70
N ASN AC 120 -7.19 -39.63 -12.70
CA ASN AC 120 -7.03 -38.19 -12.87
C ASN AC 120 -7.34 -37.78 -14.31
N ALA AC 121 -7.00 -38.64 -15.26
CA ALA AC 121 -7.15 -38.27 -16.66
C ALA AC 121 -8.60 -38.25 -17.08
N SER AC 122 -8.91 -37.39 -18.04
CA SER AC 122 -10.18 -37.38 -18.72
C SER AC 122 -9.94 -37.71 -20.18
N LEU AC 123 -10.64 -38.72 -20.68
CA LEU AC 123 -10.28 -39.34 -21.94
C LEU AC 123 -11.55 -39.59 -22.74
N TYR AC 124 -11.49 -39.34 -24.04
CA TYR AC 124 -12.68 -39.54 -24.88
C TYR AC 124 -12.21 -39.81 -26.31
N LEU AC 125 -12.16 -41.08 -26.70
CA LEU AC 125 -11.73 -41.44 -28.04
C LEU AC 125 -12.63 -42.50 -28.65
N CYS AC 126 -12.89 -42.35 -29.93
CA CYS AC 126 -13.73 -43.26 -30.69
C CYS AC 126 -12.83 -44.01 -31.66
N ASP AC 127 -12.36 -45.19 -31.26
CA ASP AC 127 -11.56 -46.01 -32.17
C ASP AC 127 -12.00 -47.46 -32.18
N ASN AC 128 -11.18 -48.31 -32.78
CA ASN AC 128 -11.43 -49.74 -32.89
C ASN AC 128 -10.94 -50.52 -31.68
N LYS AC 129 -10.33 -49.88 -30.70
CA LYS AC 129 -9.97 -50.55 -29.46
C LYS AC 129 -10.21 -49.62 -28.29
N PHE AC 130 -10.64 -50.21 -27.17
CA PHE AC 130 -10.84 -49.46 -25.94
C PHE AC 130 -9.49 -48.97 -25.44
N HIS AC 131 -9.27 -47.66 -25.47
CA HIS AC 131 -7.99 -47.11 -25.04
C HIS AC 131 -7.84 -47.28 -23.54
N THR AC 132 -7.19 -48.39 -23.15
CA THR AC 132 -6.91 -48.68 -21.75
C THR AC 132 -5.40 -48.67 -21.57
N GLU AC 133 -4.85 -47.49 -21.32
CA GLU AC 133 -3.48 -47.35 -20.84
C GLU AC 133 -3.40 -46.43 -19.63
N ALA AC 134 -4.20 -45.36 -19.61
CA ALA AC 134 -4.27 -44.50 -18.42
C ALA AC 134 -4.91 -45.23 -17.25
N LEU AC 135 -5.83 -46.16 -17.55
CA LEU AC 135 -6.39 -47.01 -16.51
C LEU AC 135 -5.38 -48.07 -16.09
N SER AC 136 -4.65 -48.64 -17.05
CA SER AC 136 -3.73 -49.73 -16.75
C SER AC 136 -2.55 -49.26 -15.92
N GLU AC 137 -2.05 -48.05 -16.19
CA GLU AC 137 -0.99 -47.51 -15.34
C GLU AC 137 -1.48 -47.34 -13.91
N LEU AC 138 -2.74 -46.94 -13.74
CA LEU AC 138 -3.29 -46.75 -12.41
C LEU AC 138 -3.53 -48.08 -11.69
N LEU AC 139 -3.76 -49.15 -12.44
CA LEU AC 139 -3.72 -50.50 -11.88
C LEU AC 139 -2.32 -50.88 -11.42
N GLU AC 140 -1.32 -50.64 -12.27
CA GLU AC 140 0.01 -51.14 -11.95
C GLU AC 140 0.68 -50.33 -10.84
N SER AC 141 0.43 -49.03 -10.79
CA SER AC 141 1.12 -48.17 -9.83
C SER AC 141 0.65 -48.47 -8.41
N ASP AC 142 1.57 -48.34 -7.46
CA ASP AC 142 1.27 -48.67 -6.06
C ASP AC 142 1.63 -47.58 -5.08
N ASP AC 143 2.68 -46.80 -5.34
CA ASP AC 143 3.35 -46.05 -4.30
C ASP AC 143 2.62 -44.75 -4.01
N LYS AC 144 2.83 -44.27 -2.80
CA LYS AC 144 2.19 -43.07 -2.30
C LYS AC 144 3.28 -42.19 -1.70
N PHE AC 145 3.31 -40.92 -2.08
CA PHE AC 145 4.31 -39.97 -1.59
C PHE AC 145 3.63 -38.89 -0.80
N GLY AC 146 4.07 -38.66 0.43
CA GLY AC 146 3.56 -37.55 1.22
C GLY AC 146 4.33 -36.28 0.89
N PHE AC 147 3.62 -35.16 0.93
CA PHE AC 147 4.20 -33.85 0.67
C PHE AC 147 3.85 -32.95 1.83
N ILE AC 148 4.83 -32.23 2.35
CA ILE AC 148 4.64 -31.37 3.50
C ILE AC 148 5.10 -29.99 3.10
N ILE AC 149 4.18 -29.06 2.91
CA ILE AC 149 4.50 -27.71 2.47
C ILE AC 149 4.33 -26.82 3.68
N MET AC 150 5.44 -26.34 4.22
CA MET AC 150 5.39 -25.73 5.54
C MET AC 150 6.21 -24.44 5.50
N ASP AC 151 5.51 -23.33 5.27
CA ASP AC 151 6.10 -22.01 5.29
C ASP AC 151 5.25 -21.13 6.19
N GLY AC 152 5.83 -20.05 6.67
CA GLY AC 152 5.31 -19.36 7.82
C GLY AC 152 3.88 -18.87 7.81
N ASN AC 153 3.15 -19.05 6.71
CA ASN AC 153 1.73 -18.69 6.68
C ASN AC 153 0.83 -19.87 6.93
N GLY AC 154 1.37 -21.01 7.30
CA GLY AC 154 0.61 -22.22 7.50
C GLY AC 154 1.07 -23.35 6.60
N THR AC 155 0.64 -24.55 6.97
CA THR AC 155 1.09 -25.76 6.32
C THR AC 155 -0.01 -26.34 5.46
N LEU AC 156 0.43 -27.22 4.57
CA LEU AC 156 -0.43 -28.13 3.85
C LEU AC 156 0.25 -29.49 3.81
N PHE AC 157 -0.39 -30.51 4.37
CA PHE AC 157 0.02 -31.88 4.16
C PHE AC 157 -0.86 -32.47 3.06
N GLY AC 158 -0.22 -32.88 1.98
CA GLY AC 158 -0.90 -33.51 0.87
C GLY AC 158 -0.20 -34.82 0.53
N THR AC 159 -0.68 -35.45 -0.53
CA THR AC 159 -0.14 -36.75 -0.91
C THR AC 159 -0.45 -37.04 -2.36
N LEU AC 160 0.52 -37.64 -3.04
CA LEU AC 160 0.45 -37.92 -4.47
C LEU AC 160 0.64 -39.41 -4.69
N SER AC 161 -0.25 -40.03 -5.48
CA SER AC 161 -0.06 -41.46 -5.72
C SER AC 161 0.98 -41.69 -6.81
N GLY AC 162 0.60 -41.44 -8.06
CA GLY AC 162 1.53 -41.18 -9.12
C GLY AC 162 1.00 -39.92 -9.75
N ASN AC 163 -0.29 -39.75 -9.54
CA ASN AC 163 -1.08 -38.66 -10.06
C ASN AC 163 -2.19 -38.38 -9.04
N THR AC 164 -3.20 -37.61 -9.44
CA THR AC 164 -4.38 -37.32 -8.64
C THR AC 164 -4.05 -37.08 -7.17
N ARG AC 165 -3.19 -36.09 -6.96
CA ARG AC 165 -2.95 -35.52 -5.65
C ARG AC 165 -4.22 -35.35 -4.83
N GLU AC 166 -4.14 -35.70 -3.55
CA GLU AC 166 -5.18 -35.34 -2.59
C GLU AC 166 -4.57 -34.72 -1.36
N VAL AC 167 -5.28 -33.76 -0.78
CA VAL AC 167 -4.80 -32.92 0.30
C VAL AC 167 -5.37 -33.44 1.62
N LEU AC 168 -4.50 -33.97 2.48
CA LEU AC 168 -4.94 -34.55 3.74
C LEU AC 168 -5.36 -33.47 4.73
N HIS AC 169 -4.56 -32.41 4.85
CA HIS AC 169 -4.86 -31.42 5.87
C HIS AC 169 -4.13 -30.14 5.51
N LYS AC 170 -4.55 -29.04 6.13
CA LYS AC 170 -3.88 -27.77 5.95
C LYS AC 170 -4.36 -26.82 7.03
N PHE AC 171 -3.45 -26.02 7.57
CA PHE AC 171 -3.83 -25.06 8.58
C PHE AC 171 -3.02 -23.78 8.42
N SER AC 172 -3.46 -22.75 9.13
CA SER AC 172 -2.81 -21.45 9.14
C SER AC 172 -2.13 -21.21 10.49
N VAL AC 173 -1.32 -20.17 10.53
CA VAL AC 173 -0.60 -19.82 11.75
C VAL AC 173 -0.16 -18.36 11.64
N ASP AC 174 -0.24 -17.65 12.76
CA ASP AC 174 0.13 -16.24 12.80
C ASP AC 174 1.36 -16.14 13.71
N LEU AC 175 2.53 -16.24 13.10
CA LEU AC 175 3.76 -16.08 13.83
C LEU AC 175 3.98 -14.60 14.13
N PRO AC 176 4.60 -14.26 15.25
CA PRO AC 176 4.99 -12.88 15.48
C PRO AC 176 6.06 -12.45 14.48
N LYS AC 177 6.03 -11.18 14.11
CA LYS AC 177 6.93 -10.75 13.05
C LYS AC 177 8.30 -10.43 13.62
N LYS AC 178 9.28 -10.36 12.74
CA LYS AC 178 10.65 -10.05 13.13
C LYS AC 178 10.85 -8.54 13.12
N HIS AC 179 11.40 -8.02 14.20
CA HIS AC 179 11.78 -6.62 14.27
C HIS AC 179 12.83 -6.49 15.36
N GLY AC 180 13.50 -5.34 15.37
CA GLY AC 180 14.53 -5.07 16.35
C GLY AC 180 14.11 -4.15 17.48
N ARG AC 181 12.82 -3.88 17.62
CA ARG AC 181 12.38 -2.86 18.54
C ARG AC 181 12.25 -3.40 19.95
N GLY AC 182 12.33 -2.50 20.93
CA GLY AC 182 12.08 -2.84 22.30
C GLY AC 182 12.93 -2.15 23.34
N GLY AC 183 14.12 -1.69 22.96
CA GLY AC 183 15.01 -1.12 23.94
C GLY AC 183 15.72 -2.18 24.77
N GLN AC 184 15.44 -2.22 26.06
CA GLN AC 184 16.05 -3.27 26.89
C GLN AC 184 15.55 -4.64 26.49
N SER AC 185 14.26 -4.76 26.18
CA SER AC 185 13.61 -6.04 26.03
C SER AC 185 13.70 -6.57 24.60
N ALA AC 186 14.61 -6.03 23.79
CA ALA AC 186 14.73 -6.50 22.42
C ALA AC 186 15.10 -7.98 22.36
N LEU AC 187 16.05 -8.41 23.19
CA LEU AC 187 16.36 -9.83 23.25
C LEU AC 187 15.18 -10.63 23.77
N ARG AC 188 14.40 -10.08 24.69
CA ARG AC 188 13.24 -10.80 25.16
C ARG AC 188 12.29 -11.07 24.01
N PHE AC 189 12.11 -10.08 23.14
CA PHE AC 189 11.13 -10.22 22.07
C PHE AC 189 11.65 -11.22 21.04
N ALA AC 190 12.95 -11.15 20.74
CA ALA AC 190 13.55 -12.07 19.79
C ALA AC 190 13.45 -13.50 20.27
N ARG AC 191 13.70 -13.73 21.56
CA ARG AC 191 13.68 -15.09 22.07
C ARG AC 191 12.27 -15.58 22.35
N LEU AC 192 11.29 -14.67 22.39
CA LEU AC 192 9.90 -15.09 22.25
C LEU AC 192 9.65 -15.61 20.84
N ARG AC 193 10.08 -14.84 19.83
CA ARG AC 193 9.80 -15.22 18.45
C ARG AC 193 10.43 -16.56 18.11
N MET AC 194 11.64 -16.81 18.59
CA MET AC 194 12.27 -18.10 18.28
C MET AC 194 11.51 -19.26 18.91
N GLU AC 195 11.06 -19.11 20.15
CA GLU AC 195 10.36 -20.24 20.77
C GLU AC 195 9.01 -20.45 20.10
N LYS AC 196 8.38 -19.38 19.62
CA LYS AC 196 7.10 -19.59 18.95
C LYS AC 196 7.28 -20.21 17.58
N ARG AC 197 8.34 -19.87 16.85
CA ARG AC 197 8.66 -20.63 15.65
C ARG AC 197 8.91 -22.09 15.97
N HIS AC 198 9.55 -22.35 17.11
CA HIS AC 198 9.76 -23.74 17.48
C HIS AC 198 8.45 -24.41 17.86
N ASN AC 199 7.52 -23.68 18.47
CA ASN AC 199 6.21 -24.24 18.77
C ASN AC 199 5.48 -24.60 17.49
N TYR AC 200 5.62 -23.76 16.47
CA TYR AC 200 5.04 -24.06 15.18
C TYR AC 200 5.65 -25.31 14.58
N VAL AC 201 6.97 -25.47 14.72
CA VAL AC 201 7.57 -26.71 14.26
C VAL AC 201 7.06 -27.89 15.08
N ARG AC 202 6.80 -27.69 16.37
CA ARG AC 202 6.19 -28.75 17.17
C ARG AC 202 4.84 -29.15 16.59
N LYS AC 203 3.98 -28.17 16.35
CA LYS AC 203 2.63 -28.45 15.87
C LYS AC 203 2.66 -29.16 14.53
N THR AC 204 3.46 -28.67 13.59
CA THR AC 204 3.51 -29.30 12.28
C THR AC 204 4.11 -30.68 12.37
N ALA AC 205 5.09 -30.88 13.25
CA ALA AC 205 5.72 -32.18 13.39
C ALA AC 205 4.77 -33.20 13.99
N GLU AC 206 3.95 -32.79 14.96
CA GLU AC 206 3.01 -33.73 15.54
C GLU AC 206 1.90 -34.06 14.55
N LEU AC 207 1.43 -33.08 13.77
CA LEU AC 207 0.42 -33.43 12.78
C LEU AC 207 0.99 -34.32 11.68
N ALA AC 208 2.25 -34.09 11.28
CA ALA AC 208 2.86 -35.00 10.31
C ALA AC 208 2.97 -36.40 10.89
N THR AC 209 3.36 -36.50 12.16
CA THR AC 209 3.49 -37.81 12.79
C THR AC 209 2.16 -38.54 12.81
N GLN AC 210 1.08 -37.81 13.10
CA GLN AC 210 -0.25 -38.40 13.05
C GLN AC 210 -0.62 -38.85 11.64
N PHE AC 211 -0.48 -37.96 10.66
CA PHE AC 211 -1.02 -38.24 9.34
C PHE AC 211 -0.23 -39.30 8.58
N PHE AC 212 1.08 -39.40 8.78
CA PHE AC 212 1.90 -40.21 7.89
C PHE AC 212 2.34 -41.54 8.51
N ILE AC 213 1.78 -41.95 9.64
CA ILE AC 213 2.03 -43.28 10.19
C ILE AC 213 0.72 -44.04 10.32
N ASN AC 214 0.67 -45.22 9.75
CA ASN AC 214 -0.49 -46.07 9.92
C ASN AC 214 -0.36 -46.79 11.25
N PRO AC 215 -1.29 -46.60 12.18
CA PRO AC 215 -1.11 -47.19 13.53
C PRO AC 215 -1.03 -48.70 13.55
N ALA AC 216 -1.48 -49.39 12.50
CA ALA AC 216 -1.28 -50.83 12.43
C ALA AC 216 0.20 -51.17 12.27
N THR AC 217 1.02 -50.22 11.84
CA THR AC 217 2.40 -50.49 11.51
C THR AC 217 3.35 -49.69 12.38
N SER AC 218 4.63 -50.08 12.29
CA SER AC 218 5.76 -49.24 12.66
C SER AC 218 6.43 -48.66 11.42
N GLN AC 219 5.75 -48.75 10.28
CA GLN AC 219 6.22 -48.18 9.05
C GLN AC 219 5.30 -47.04 8.64
N PRO AC 220 5.86 -45.97 8.07
CA PRO AC 220 5.00 -44.96 7.44
C PRO AC 220 4.21 -45.57 6.29
N ASN AC 221 3.02 -45.03 6.07
CA ASN AC 221 2.15 -45.55 5.03
C ASN AC 221 2.47 -45.01 3.64
N VAL AC 222 3.44 -44.11 3.51
CA VAL AC 222 3.80 -43.49 2.24
C VAL AC 222 5.23 -43.85 1.90
N ALA AC 223 5.52 -43.92 0.60
CA ALA AC 223 6.83 -44.34 0.15
C ALA AC 223 7.92 -43.36 0.57
N GLY AC 224 7.67 -42.06 0.40
CA GLY AC 224 8.63 -41.04 0.77
C GLY AC 224 7.93 -39.75 1.15
N LEU AC 225 8.74 -38.76 1.54
CA LEU AC 225 8.24 -37.43 1.88
C LEU AC 225 9.00 -36.37 1.10
N ILE AC 226 8.26 -35.37 0.63
CA ILE AC 226 8.81 -34.26 -0.13
C ILE AC 226 8.53 -33.00 0.69
N LEU AC 227 9.58 -32.37 1.20
CA LEU AC 227 9.43 -31.20 2.05
C LEU AC 227 9.55 -29.94 1.20
N ALA AC 228 8.44 -29.22 1.07
CA ALA AC 228 8.40 -28.02 0.27
C ALA AC 228 8.12 -26.81 1.15
N GLY AC 229 8.50 -25.65 0.65
CA GLY AC 229 8.30 -24.44 1.40
C GLY AC 229 9.16 -23.32 0.86
N SER AC 230 9.13 -22.22 1.60
CA SER AC 230 9.91 -21.04 1.31
C SER AC 230 10.37 -20.43 2.62
N ALA AC 231 11.58 -19.85 2.61
CA ALA AC 231 12.13 -19.12 3.75
C ALA AC 231 12.51 -20.03 4.92
N ASP AC 232 12.99 -21.24 4.61
CA ASP AC 232 13.77 -22.06 5.55
C ASP AC 232 13.03 -22.40 6.84
N PHE AC 233 11.80 -22.89 6.71
CA PHE AC 233 11.27 -23.83 7.69
C PHE AC 233 11.47 -25.27 7.30
N LYS AC 234 11.39 -25.55 6.00
CA LYS AC 234 11.62 -26.91 5.51
C LYS AC 234 12.94 -27.46 6.03
N THR AC 235 13.98 -26.63 6.03
CA THR AC 235 15.29 -27.11 6.49
C THR AC 235 15.26 -27.42 7.97
N GLU AC 236 14.63 -26.56 8.77
CA GLU AC 236 14.53 -26.83 10.21
C GLU AC 236 13.78 -28.12 10.48
N LEU AC 237 12.68 -28.34 9.75
CA LEU AC 237 11.92 -29.55 9.97
C LEU AC 237 12.75 -30.77 9.58
N SER AC 238 13.50 -30.68 8.49
CA SER AC 238 14.37 -31.79 8.11
C SER AC 238 15.40 -32.09 9.21
N GLN AC 239 16.13 -31.07 9.64
CA GLN AC 239 17.25 -31.28 10.55
C GLN AC 239 16.84 -31.39 12.02
N SER AC 240 15.58 -31.19 12.37
CA SER AC 240 15.19 -31.12 13.76
C SER AC 240 15.06 -32.50 14.36
N ASP AC 241 15.73 -32.73 15.49
CA ASP AC 241 15.80 -34.07 16.07
C ASP AC 241 14.58 -34.42 16.90
N MET AC 242 13.39 -34.10 16.39
CA MET AC 242 12.14 -34.56 16.95
C MET AC 242 11.12 -34.94 15.88
N PHE AC 243 11.32 -34.49 14.64
CA PHE AC 243 10.52 -34.96 13.52
C PHE AC 243 10.86 -36.44 13.29
N ASP AC 244 9.88 -37.31 13.55
CA ASP AC 244 10.14 -38.71 13.86
C ASP AC 244 11.09 -39.35 12.84
N GLN AC 245 12.10 -40.08 13.35
CA GLN AC 245 13.09 -40.62 12.44
C GLN AC 245 12.49 -41.59 11.44
N ARG AC 246 11.34 -42.18 11.75
CA ARG AC 246 10.63 -42.99 10.78
C ARG AC 246 10.17 -42.17 9.59
N LEU AC 247 10.11 -40.85 9.73
CA LEU AC 247 9.82 -40.00 8.59
C LEU AC 247 11.04 -39.26 8.08
N GLN AC 248 12.00 -38.94 8.98
CA GLN AC 248 13.28 -38.42 8.53
C GLN AC 248 13.96 -39.39 7.57
N CYS AC 249 13.77 -40.69 7.77
CA CYS AC 249 14.33 -41.67 6.86
C CYS AC 249 13.56 -41.76 5.56
N LYS AC 250 12.26 -41.44 5.58
CA LYS AC 250 11.52 -41.37 4.33
C LYS AC 250 11.69 -40.07 3.58
N ILE AC 251 12.26 -39.05 4.23
CA ILE AC 251 12.60 -37.82 3.51
C ILE AC 251 13.49 -38.15 2.33
N LEU AC 252 13.11 -37.67 1.16
CA LEU AC 252 13.98 -37.88 0.01
C LEU AC 252 14.17 -36.65 -0.86
N ASN AC 253 13.50 -35.53 -0.58
CA ASN AC 253 13.90 -34.29 -1.24
C ASN AC 253 13.28 -33.10 -0.55
N VAL AC 254 14.05 -32.02 -0.45
CA VAL AC 254 13.58 -30.74 0.03
C VAL AC 254 13.67 -29.77 -1.13
N VAL AC 255 12.58 -29.08 -1.42
CA VAL AC 255 12.49 -28.25 -2.62
C VAL AC 255 12.06 -26.85 -2.22
N ASP AC 256 12.61 -25.85 -2.90
CA ASP AC 256 12.08 -24.51 -2.82
C ASP AC 256 10.82 -24.40 -3.66
N VAL AC 257 9.77 -23.83 -3.10
CA VAL AC 257 8.57 -23.49 -3.86
C VAL AC 257 8.24 -22.04 -3.57
N SER AC 258 7.12 -21.60 -4.12
CA SER AC 258 6.64 -20.25 -3.93
C SER AC 258 5.13 -20.26 -3.72
N TYR AC 259 4.62 -19.14 -3.21
CA TYR AC 259 3.19 -18.90 -3.00
C TYR AC 259 2.61 -19.72 -1.87
N GLY AC 260 3.34 -20.71 -1.35
CA GLY AC 260 2.78 -21.59 -0.35
C GLY AC 260 1.45 -22.23 -0.75
N GLY AC 261 0.79 -22.91 0.18
CA GLY AC 261 -0.56 -23.38 -0.09
C GLY AC 261 -0.63 -24.45 -1.17
N GLU AC 262 -1.79 -24.55 -1.82
CA GLU AC 262 -1.99 -25.54 -2.87
C GLU AC 262 -1.19 -25.19 -4.13
N SER AC 263 -1.17 -23.90 -4.48
CA SER AC 263 -0.30 -23.48 -5.58
C SER AC 263 1.16 -23.84 -5.28
N GLY AC 264 1.55 -23.71 -4.01
CA GLY AC 264 2.83 -24.25 -3.60
C GLY AC 264 2.89 -25.75 -3.77
N PHE AC 265 1.78 -26.45 -3.53
CA PHE AC 265 1.78 -27.89 -3.65
C PHE AC 265 2.10 -28.31 -5.07
N ASN AC 266 1.59 -27.55 -6.03
CA ASN AC 266 1.75 -27.91 -7.43
C ASN AC 266 3.23 -27.96 -7.82
N GLN AC 267 3.98 -26.92 -7.45
CA GLN AC 267 5.40 -26.91 -7.78
C GLN AC 267 6.16 -28.02 -7.10
N ALA AC 268 5.70 -28.51 -5.96
CA ALA AC 268 6.37 -29.64 -5.35
C ALA AC 268 6.36 -30.84 -6.30
N ILE AC 269 5.21 -31.12 -6.92
CA ILE AC 269 5.16 -32.20 -7.91
C ILE AC 269 5.96 -31.85 -9.14
N GLU AC 270 5.80 -30.62 -9.64
CA GLU AC 270 6.43 -30.32 -10.92
C GLU AC 270 7.95 -30.30 -10.82
N LEU AC 271 8.50 -29.98 -9.66
CA LEU AC 271 9.94 -30.08 -9.44
C LEU AC 271 10.39 -31.46 -9.00
N SER AC 272 9.51 -32.24 -8.37
CA SER AC 272 9.89 -33.54 -7.83
C SER AC 272 9.50 -34.70 -8.74
N ALA AC 273 8.93 -34.43 -9.91
CA ALA AC 273 8.56 -35.51 -10.82
C ALA AC 273 9.78 -36.32 -11.24
N GLU AC 274 10.95 -35.69 -11.31
CA GLU AC 274 12.16 -36.43 -11.62
C GLU AC 274 12.43 -37.51 -10.58
N ILE AC 275 12.43 -37.12 -9.30
CA ILE AC 275 12.76 -38.09 -8.26
C ILE AC 275 11.64 -39.11 -8.09
N LEU AC 276 10.39 -38.68 -8.24
CA LEU AC 276 9.31 -39.65 -8.11
C LEU AC 276 9.33 -40.65 -9.24
N ALA AC 277 9.72 -40.25 -10.45
CA ALA AC 277 9.88 -41.23 -11.51
C ALA AC 277 11.12 -42.07 -11.33
N ASN AC 278 12.14 -41.57 -10.63
CA ASN AC 278 13.37 -42.32 -10.49
C ASN AC 278 13.51 -43.01 -9.13
N VAL AC 279 12.46 -43.05 -8.31
CA VAL AC 279 12.58 -43.75 -7.04
C VAL AC 279 12.64 -45.26 -7.24
N LYS AC 280 11.86 -45.81 -8.17
CA LYS AC 280 11.83 -47.26 -8.33
C LYS AC 280 13.16 -47.81 -8.84
N PHE AC 281 13.86 -47.05 -9.67
CA PHE AC 281 15.15 -47.52 -10.17
C PHE AC 281 16.15 -47.69 -9.03
N ILE AC 282 16.16 -46.76 -8.08
CA ILE AC 282 17.08 -46.91 -6.96
C ILE AC 282 16.55 -47.91 -5.94
N GLN AC 283 15.23 -48.14 -5.91
CA GLN AC 283 14.70 -49.22 -5.09
C GLN AC 283 15.18 -50.57 -5.61
N GLU AC 284 15.24 -50.74 -6.94
CA GLU AC 284 15.67 -52.01 -7.51
C GLU AC 284 17.19 -52.13 -7.68
N LYS AC 285 17.93 -51.02 -7.61
CA LYS AC 285 19.38 -51.10 -7.67
C LYS AC 285 19.93 -51.92 -6.49
N LYS AC 286 19.35 -51.72 -5.31
CA LYS AC 286 19.79 -52.51 -4.17
C LYS AC 286 19.55 -53.99 -4.41
N LEU AC 287 18.39 -54.34 -4.96
CA LEU AC 287 18.09 -55.75 -5.19
C LEU AC 287 19.06 -56.35 -6.19
N ILE AC 288 19.35 -55.66 -7.28
CA ILE AC 288 20.20 -56.27 -8.30
C ILE AC 288 21.62 -56.43 -7.76
N GLY AC 289 22.12 -55.42 -7.02
CA GLY AC 289 23.46 -55.52 -6.49
C GLY AC 289 23.60 -56.48 -5.34
N LYS AC 290 22.55 -56.64 -4.53
CA LYS AC 290 22.59 -57.62 -3.46
C LYS AC 290 22.34 -59.02 -3.96
N TYR AC 291 21.86 -59.17 -5.19
CA TYR AC 291 21.82 -60.50 -5.76
C TYR AC 291 23.14 -60.88 -6.43
N PHE AC 292 23.80 -59.94 -7.10
CA PHE AC 292 25.16 -60.20 -7.59
C PHE AC 292 26.26 -60.06 -6.56
N GLU AC 293 25.96 -59.70 -5.31
CA GLU AC 293 27.04 -59.71 -4.34
C GLU AC 293 27.42 -61.12 -3.95
N GLU AC 294 26.57 -62.10 -4.25
CA GLU AC 294 26.85 -63.50 -3.97
C GLU AC 294 27.51 -64.23 -5.13
N ILE AC 295 27.68 -63.57 -6.27
CA ILE AC 295 28.61 -64.07 -7.28
C ILE AC 295 30.00 -64.21 -6.67
N SER AC 296 30.32 -63.35 -5.71
CA SER AC 296 31.64 -63.34 -5.09
C SER AC 296 31.92 -64.64 -4.32
N GLN AC 297 30.93 -65.14 -3.58
CA GLN AC 297 31.19 -66.22 -2.63
C GLN AC 297 30.43 -67.52 -2.88
N ASP AC 298 29.40 -67.54 -3.72
CA ASP AC 298 28.69 -68.77 -4.07
C ASP AC 298 28.22 -69.52 -2.83
N THR AC 299 27.71 -68.78 -1.85
CA THR AC 299 27.48 -69.36 -0.53
C THR AC 299 26.49 -70.52 -0.55
N GLY AC 300 25.65 -70.61 -1.58
CA GLY AC 300 24.64 -71.64 -1.67
C GLY AC 300 23.22 -71.11 -1.65
N LYS AC 301 23.00 -69.92 -1.09
CA LYS AC 301 21.68 -69.32 -1.21
C LYS AC 301 21.42 -68.88 -2.64
N TYR AC 302 22.48 -68.58 -3.38
CA TYR AC 302 22.37 -67.97 -4.70
C TYR AC 302 21.92 -69.00 -5.75
N VAL AC 303 20.88 -68.64 -6.50
CA VAL AC 303 20.34 -69.53 -7.54
C VAL AC 303 19.98 -68.68 -8.76
N PHE AC 304 20.08 -69.29 -9.93
CA PHE AC 304 19.70 -68.61 -11.17
C PHE AC 304 19.16 -69.65 -12.14
N GLY AC 305 18.68 -69.18 -13.29
CA GLY AC 305 18.33 -70.20 -14.28
C GLY AC 305 16.92 -70.72 -14.12
N VAL AC 306 16.39 -71.27 -15.21
CA VAL AC 306 14.96 -71.57 -15.28
C VAL AC 306 14.59 -72.70 -14.32
N ASP AC 307 15.07 -73.91 -14.60
CA ASP AC 307 14.63 -75.09 -13.86
C ASP AC 307 15.09 -75.06 -12.42
N ASP AC 308 16.35 -74.64 -12.19
CA ASP AC 308 16.87 -74.57 -10.83
C ASP AC 308 15.94 -73.77 -9.93
N THR AC 309 15.62 -72.54 -10.32
CA THR AC 309 14.80 -71.67 -9.49
C THR AC 309 13.34 -72.10 -9.48
N LEU AC 310 12.80 -72.42 -10.65
CA LEU AC 310 11.38 -72.69 -10.76
C LEU AC 310 11.00 -74.05 -10.21
N LYS AC 311 11.96 -74.88 -9.83
CA LYS AC 311 11.66 -76.02 -9.00
C LYS AC 311 12.26 -75.93 -7.61
N ALA AC 312 13.17 -74.97 -7.36
CA ALA AC 312 13.52 -74.60 -5.99
C ALA AC 312 12.40 -73.85 -5.32
N LEU AC 313 11.39 -73.42 -6.08
CA LEU AC 313 10.15 -72.94 -5.49
C LEU AC 313 9.27 -74.07 -4.95
N GLU AC 314 9.69 -75.33 -5.08
CA GLU AC 314 8.87 -76.44 -4.62
C GLU AC 314 8.65 -76.38 -3.11
N MET AC 315 9.73 -76.28 -2.35
CA MET AC 315 9.65 -76.30 -0.89
C MET AC 315 9.33 -74.91 -0.34
N GLY AC 316 9.49 -74.74 0.96
CA GLY AC 316 9.56 -73.41 1.54
C GLY AC 316 10.49 -72.57 0.67
N ALA AC 317 9.90 -71.63 -0.05
CA ALA AC 317 10.51 -71.10 -1.27
C ALA AC 317 11.80 -70.34 -0.97
N VAL AC 318 12.51 -69.98 -2.04
CA VAL AC 318 13.66 -69.09 -1.93
C VAL AC 318 13.22 -67.80 -1.25
N GLU AC 319 14.13 -67.15 -0.52
CA GLU AC 319 13.83 -65.83 0.03
C GLU AC 319 13.26 -64.93 -1.03
N THR AC 320 14.07 -64.59 -2.02
CA THR AC 320 13.75 -63.52 -2.94
C THR AC 320 13.88 -64.03 -4.36
N LEU AC 321 12.96 -63.57 -5.21
CA LEU AC 321 12.86 -64.00 -6.60
C LEU AC 321 12.83 -62.77 -7.50
N MET AC 322 13.62 -62.81 -8.56
CA MET AC 322 13.68 -61.73 -9.54
C MET AC 322 13.09 -62.22 -10.86
N VAL AC 323 12.32 -61.36 -11.50
CA VAL AC 323 11.78 -61.58 -12.83
C VAL AC 323 12.12 -60.37 -13.68
N TRP AC 324 12.60 -60.61 -14.90
CA TRP AC 324 12.78 -59.50 -15.82
C TRP AC 324 11.45 -58.78 -16.08
N GLU AC 325 11.54 -57.60 -16.69
CA GLU AC 325 10.35 -56.90 -17.16
C GLU AC 325 9.50 -57.78 -18.06
N ASN AC 326 10.14 -58.58 -18.91
CA ASN AC 326 9.46 -59.38 -19.91
C ASN AC 326 9.92 -60.83 -19.76
N LEU AC 327 9.01 -61.78 -19.92
CA LEU AC 327 9.40 -63.20 -19.89
C LEU AC 327 8.84 -63.89 -21.13
N ASP AC 328 9.74 -64.16 -22.07
CA ASP AC 328 9.47 -64.92 -23.27
C ASP AC 328 9.66 -66.42 -23.10
N VAL AC 329 10.19 -66.85 -21.96
CA VAL AC 329 10.04 -68.24 -21.52
C VAL AC 329 8.68 -68.36 -20.84
N ASN AC 330 7.91 -69.38 -21.24
CA ASN AC 330 6.51 -69.47 -20.87
C ASN AC 330 6.17 -70.85 -20.34
N ARG AC 331 5.33 -70.91 -19.31
CA ARG AC 331 4.85 -72.18 -18.78
C ARG AC 331 3.66 -72.71 -19.56
N PHE AC 332 3.70 -74.00 -19.89
CA PHE AC 332 2.66 -74.69 -20.62
C PHE AC 332 2.20 -75.90 -19.83
N VAL AC 333 1.01 -76.38 -20.16
CA VAL AC 333 0.48 -77.61 -19.61
C VAL AC 333 0.22 -78.60 -20.74
N LEU AC 334 0.38 -79.87 -20.41
CA LEU AC 334 0.12 -81.00 -21.32
C LEU AC 334 -0.85 -81.94 -20.62
N LYS AC 335 -2.14 -81.68 -20.83
CA LYS AC 335 -3.20 -82.67 -20.65
C LYS AC 335 -3.13 -83.65 -21.81
N HIS AC 336 -2.57 -84.83 -21.57
CA HIS AC 336 -2.23 -85.75 -22.65
C HIS AC 336 -3.47 -86.32 -23.32
N SER AC 337 -3.25 -86.84 -24.53
CA SER AC 337 -4.23 -87.63 -25.27
C SER AC 337 -4.29 -89.05 -24.70
N ALA AC 338 -4.70 -89.11 -23.45
CA ALA AC 338 -4.79 -90.34 -22.67
C ALA AC 338 -5.67 -90.05 -21.47
N THR AC 339 -5.67 -90.95 -20.49
CA THR AC 339 -6.26 -90.63 -19.20
C THR AC 339 -5.20 -89.93 -18.36
N GLY AC 340 -5.34 -88.62 -18.21
CA GLY AC 340 -4.38 -87.85 -17.44
C GLY AC 340 -3.01 -87.79 -18.12
N GLU AC 341 -1.98 -88.18 -17.37
CA GLU AC 341 -0.57 -87.95 -17.73
C GLU AC 341 -0.34 -86.45 -17.98
N ILE AC 342 -0.42 -85.70 -16.90
CA ILE AC 342 -0.20 -84.26 -16.95
C ILE AC 342 1.30 -83.98 -17.01
N ILE AC 343 1.67 -82.95 -17.76
CA ILE AC 343 3.05 -82.47 -17.78
C ILE AC 343 3.04 -80.94 -17.66
N ILE AC 344 3.97 -80.39 -16.88
CA ILE AC 344 4.08 -78.94 -16.69
C ILE AC 344 5.47 -78.52 -17.16
N LYS AC 345 5.53 -77.75 -18.25
CA LYS AC 345 6.81 -77.51 -18.92
C LYS AC 345 7.07 -76.03 -19.12
N HIS AC 346 8.34 -75.69 -19.31
CA HIS AC 346 8.76 -74.34 -19.70
C HIS AC 346 9.66 -74.49 -20.92
N LEU AC 347 9.27 -73.91 -22.05
CA LEU AC 347 10.05 -74.04 -23.27
C LEU AC 347 10.35 -72.69 -23.90
N ASN AC 348 11.17 -72.79 -24.95
CA ASN AC 348 11.71 -71.70 -25.75
C ASN AC 348 10.81 -71.45 -26.95
N LYS AC 349 11.29 -70.68 -27.93
CA LYS AC 349 10.60 -70.48 -29.20
C LYS AC 349 10.82 -71.59 -30.20
N GLU AC 350 11.71 -72.55 -29.89
CA GLU AC 350 12.06 -73.59 -30.86
C GLU AC 350 10.89 -74.55 -31.09
N GLY AC 351 10.29 -75.04 -30.01
CA GLY AC 351 9.18 -75.97 -30.13
C GLY AC 351 7.96 -75.49 -29.37
N GLU AC 352 7.66 -74.19 -29.47
CA GLU AC 352 6.53 -73.63 -28.73
C GLU AC 352 5.21 -73.83 -29.47
N ALA AC 353 5.08 -73.21 -30.65
CA ALA AC 353 3.78 -73.16 -31.31
C ALA AC 353 3.35 -74.54 -31.80
N ASP AC 354 4.22 -75.23 -32.52
CA ASP AC 354 3.93 -76.52 -33.10
C ASP AC 354 5.22 -77.15 -33.56
N GLN AC 355 5.39 -78.43 -33.26
CA GLN AC 355 6.57 -79.17 -33.72
C GLN AC 355 6.18 -80.65 -33.76
N SER AC 356 6.53 -81.32 -34.85
CA SER AC 356 6.21 -82.74 -34.96
C SER AC 356 6.87 -83.55 -33.85
N ASN AC 357 7.93 -83.01 -33.24
CA ASN AC 357 8.57 -83.54 -32.05
C ASN AC 357 7.68 -83.43 -30.81
N PHE AC 358 6.45 -82.93 -30.93
CA PHE AC 358 5.48 -83.06 -29.86
C PHE AC 358 5.03 -84.51 -29.76
N ARG AC 359 5.94 -85.38 -29.33
CA ARG AC 359 5.65 -86.80 -29.19
C ARG AC 359 6.08 -87.21 -27.78
N ASP AC 360 5.14 -87.77 -27.02
CA ASP AC 360 5.33 -88.30 -25.68
C ASP AC 360 6.16 -89.58 -25.58
N PRO AC 361 6.24 -90.40 -26.64
CA PRO AC 361 5.98 -91.85 -26.50
C PRO AC 361 6.58 -92.51 -25.27
N SER AC 362 5.71 -93.02 -24.40
CA SER AC 362 6.12 -93.88 -23.29
C SER AC 362 5.35 -95.20 -23.27
N THR AC 363 4.04 -95.17 -23.50
CA THR AC 363 3.21 -96.37 -23.63
C THR AC 363 2.65 -96.45 -25.04
N ASN AC 364 3.44 -95.96 -26.00
CA ASN AC 364 3.03 -95.79 -27.39
C ASN AC 364 1.83 -94.85 -27.52
N ALA AC 365 2.11 -93.58 -27.22
CA ALA AC 365 1.13 -92.51 -27.34
C ALA AC 365 1.86 -91.21 -27.70
N GLU AC 366 1.10 -90.25 -28.23
CA GLU AC 366 1.60 -88.96 -28.68
C GLU AC 366 1.00 -87.85 -27.81
N LEU AC 367 1.47 -86.62 -28.00
CA LEU AC 367 1.07 -85.49 -27.13
C LEU AC 367 -0.22 -84.83 -27.59
N GLU AC 368 -1.00 -84.38 -26.59
CA GLU AC 368 -2.13 -83.48 -26.78
C GLU AC 368 -1.86 -82.25 -25.93
N VAL AC 369 -1.39 -81.17 -26.56
CA VAL AC 369 -0.93 -79.99 -25.83
C VAL AC 369 -2.06 -78.97 -25.81
N GLN AC 370 -2.42 -78.54 -24.60
CA GLN AC 370 -3.58 -77.70 -24.39
C GLN AC 370 -3.15 -76.22 -24.55
N GLU AC 371 -4.05 -75.30 -24.23
CA GLU AC 371 -3.76 -73.88 -24.21
C GLU AC 371 -2.59 -73.55 -23.30
N LYS AC 372 -1.85 -72.49 -23.67
CA LYS AC 372 -0.71 -72.04 -22.90
C LYS AC 372 -1.15 -71.40 -21.59
N THR AC 373 -0.24 -71.43 -20.62
CA THR AC 373 -0.31 -70.54 -19.47
C THR AC 373 0.63 -69.37 -19.74
N SER AC 374 0.78 -68.49 -18.75
CA SER AC 374 1.72 -67.38 -18.86
C SER AC 374 2.62 -67.40 -17.64
N LEU AC 375 3.94 -67.30 -17.86
CA LEU AC 375 4.85 -67.66 -16.78
C LEU AC 375 5.01 -66.54 -15.77
N LEU AC 376 5.21 -65.30 -16.24
CA LEU AC 376 5.24 -64.18 -15.30
C LEU AC 376 3.90 -63.99 -14.60
N GLU AC 377 2.80 -64.34 -15.27
CA GLU AC 377 1.52 -64.35 -14.58
C GLU AC 377 1.47 -65.45 -13.53
N TRP AC 378 2.05 -66.61 -13.84
CA TRP AC 378 2.04 -67.71 -12.89
C TRP AC 378 2.82 -67.34 -11.64
N PHE AC 379 3.97 -66.70 -11.82
CA PHE AC 379 4.67 -66.10 -10.68
C PHE AC 379 3.77 -65.12 -9.93
N ALA AC 380 3.28 -64.10 -10.63
CA ALA AC 380 2.62 -62.98 -9.97
C ALA AC 380 1.37 -63.42 -9.22
N ASN AC 381 0.69 -64.45 -9.71
CA ASN AC 381 -0.57 -64.88 -9.10
C ASN AC 381 -0.34 -66.00 -8.09
N GLU AC 382 0.36 -67.06 -8.48
CA GLU AC 382 0.63 -68.17 -7.55
C GLU AC 382 2.02 -67.99 -6.94
N TYR AC 383 2.16 -66.92 -6.16
CA TYR AC 383 3.36 -66.72 -5.37
C TYR AC 383 3.14 -66.98 -3.89
N LYS AC 384 1.96 -67.47 -3.51
CA LYS AC 384 1.63 -67.68 -2.11
C LYS AC 384 2.50 -68.79 -1.53
N LYS AC 385 3.63 -68.40 -0.92
CA LYS AC 385 4.69 -69.32 -0.50
C LYS AC 385 5.25 -70.14 -1.67
N PHE AC 386 5.01 -69.70 -2.91
CA PHE AC 386 5.56 -70.30 -4.12
C PHE AC 386 6.44 -69.24 -4.77
N GLY AC 387 7.69 -69.17 -4.33
CA GLY AC 387 8.58 -68.08 -4.72
C GLY AC 387 8.23 -66.78 -4.03
N CYS AC 388 8.37 -66.73 -2.70
CA CYS AC 388 8.05 -65.53 -1.96
C CYS AC 388 8.97 -64.37 -2.36
N THR AC 389 8.56 -63.17 -1.97
CA THR AC 389 9.33 -61.94 -2.20
C THR AC 389 9.72 -61.84 -3.68
N LEU AC 390 8.65 -61.72 -4.48
CA LEU AC 390 8.77 -61.66 -5.93
C LEU AC 390 8.94 -60.22 -6.38
N GLU AC 391 9.82 -59.98 -7.35
CA GLU AC 391 10.04 -58.59 -7.74
C GLU AC 391 10.59 -58.57 -9.17
N PHE AC 392 10.26 -57.51 -9.91
CA PHE AC 392 10.62 -57.37 -11.32
C PHE AC 392 11.75 -56.38 -11.48
N VAL AC 393 12.78 -56.76 -12.22
CA VAL AC 393 13.96 -55.94 -12.42
C VAL AC 393 14.02 -55.54 -13.89
N THR AC 394 14.76 -54.48 -14.17
CA THR AC 394 14.90 -53.88 -15.49
C THR AC 394 16.38 -53.85 -15.88
N ASN AC 395 16.68 -54.22 -17.12
CA ASN AC 395 18.07 -54.27 -17.57
C ASN AC 395 18.50 -52.91 -18.10
N LYS AC 396 19.19 -52.13 -17.27
CA LYS AC 396 19.95 -50.98 -17.76
C LYS AC 396 21.40 -51.01 -17.35
N SER AC 397 21.69 -51.25 -16.07
CA SER AC 397 23.04 -51.11 -15.53
C SER AC 397 23.89 -52.30 -15.94
N GLN AC 398 25.12 -52.37 -15.39
CA GLN AC 398 26.05 -53.43 -15.77
C GLN AC 398 25.62 -54.79 -15.20
N GLU AC 399 25.51 -54.89 -13.88
CA GLU AC 399 24.98 -56.10 -13.26
C GLU AC 399 23.54 -56.34 -13.70
N GLY AC 400 22.76 -55.28 -13.89
CA GLY AC 400 21.37 -55.46 -14.32
C GLY AC 400 21.27 -56.12 -15.68
N SER AC 401 22.02 -55.61 -16.66
CA SER AC 401 22.05 -56.22 -17.98
C SER AC 401 22.65 -57.62 -17.89
N GLN AC 402 23.60 -57.82 -16.97
CA GLN AC 402 24.13 -59.16 -16.76
C GLN AC 402 23.05 -60.12 -16.29
N PHE AC 403 22.12 -59.63 -15.46
CA PHE AC 403 21.13 -60.49 -14.85
C PHE AC 403 20.28 -61.22 -15.88
N CYS AC 404 20.18 -60.67 -17.07
CA CYS AC 404 19.34 -61.30 -18.09
C CYS AC 404 20.08 -61.70 -19.34
N ARG AC 405 21.11 -60.94 -19.77
CA ARG AC 405 21.95 -61.44 -20.84
C ARG AC 405 22.65 -62.71 -20.43
N GLY AC 406 23.21 -62.73 -19.22
CA GLY AC 406 23.98 -63.87 -18.77
C GLY AC 406 23.20 -64.80 -17.85
N PHE AC 407 22.28 -64.24 -17.07
CA PHE AC 407 21.48 -65.04 -16.14
C PHE AC 407 20.02 -65.09 -16.54
N GLY AC 408 19.72 -64.84 -17.82
CA GLY AC 408 18.38 -65.05 -18.33
C GLY AC 408 17.36 -64.01 -17.91
N GLY AC 409 17.11 -63.91 -16.60
CA GLY AC 409 16.08 -63.03 -16.11
C GLY AC 409 15.32 -63.62 -14.95
N ILE AC 410 15.72 -64.83 -14.57
CA ILE AC 410 15.21 -65.56 -13.41
C ILE AC 410 16.37 -65.94 -12.51
N GLY AC 411 16.24 -65.60 -11.23
CA GLY AC 411 17.24 -65.89 -10.22
C GLY AC 411 16.68 -65.52 -8.86
N GLY AC 412 17.42 -65.87 -7.83
CA GLY AC 412 16.94 -65.60 -6.49
C GLY AC 412 17.90 -66.05 -5.41
N ILE AC 413 17.41 -65.88 -4.18
CA ILE AC 413 18.15 -66.23 -2.97
C ILE AC 413 17.24 -67.10 -2.11
N LEU AC 414 17.75 -68.26 -1.70
CA LEU AC 414 17.00 -69.19 -0.87
C LEU AC 414 17.08 -68.79 0.61
N ARG AC 415 16.00 -69.02 1.35
CA ARG AC 415 15.99 -68.70 2.78
C ARG AC 415 16.79 -69.72 3.60
N TYR AC 416 16.35 -70.98 3.67
CA TYR AC 416 16.97 -71.87 4.65
C TYR AC 416 17.37 -73.23 4.09
N GLN AC 417 17.68 -74.16 4.99
CA GLN AC 417 18.41 -75.38 4.64
C GLN AC 417 17.57 -76.35 3.81
N LEU AC 418 17.62 -76.17 2.50
CA LEU AC 418 17.31 -77.19 1.52
C LEU AC 418 18.49 -77.22 0.56
N ASP AC 419 19.26 -78.31 0.62
CA ASP AC 419 20.47 -78.56 -0.16
C ASP AC 419 21.24 -77.26 -0.43
N ILE AC 420 21.66 -76.60 0.65
CA ILE AC 420 22.39 -75.33 0.55
C ILE AC 420 23.69 -75.47 -0.23
N ARG AC 421 24.18 -76.69 -0.41
CA ARG AC 421 25.20 -76.89 -1.45
C ARG AC 421 24.75 -76.25 -2.74
N SER AC 422 23.61 -76.71 -3.26
CA SER AC 422 22.81 -76.03 -4.27
C SER AC 422 21.60 -76.91 -4.52
N PHE AC 423 20.60 -76.31 -5.16
CA PHE AC 423 19.47 -77.03 -5.75
C PHE AC 423 20.02 -77.65 -7.03
N ASP AC 424 19.16 -78.12 -7.94
CA ASP AC 424 19.67 -78.72 -9.16
C ASP AC 424 20.81 -77.89 -9.74
N ASP AC 425 22.02 -78.47 -9.72
CA ASP AC 425 23.25 -77.73 -9.94
C ASP AC 425 23.39 -77.32 -11.40
N LEU AC 426 24.38 -76.46 -11.65
CA LEU AC 426 24.73 -76.02 -12.98
C LEU AC 426 26.25 -75.86 -13.03
N ASP AC 427 26.73 -75.29 -14.14
CA ASP AC 427 28.16 -75.10 -14.35
C ASP AC 427 28.40 -73.75 -15.01
N ASP AC 428 29.65 -73.30 -14.93
CA ASP AC 428 30.10 -72.20 -15.77
C ASP AC 428 29.71 -72.46 -17.21
N ASP AC 429 29.24 -71.43 -17.89
CA ASP AC 429 28.89 -71.61 -19.29
C ASP AC 429 30.11 -72.09 -20.08
N GLU AC 430 31.21 -71.36 -19.98
CA GLU AC 430 32.45 -71.63 -20.69
C GLU AC 430 33.59 -71.12 -19.81
N GLY AC 431 34.77 -70.93 -20.41
CA GLY AC 431 35.87 -70.25 -19.73
C GLY AC 431 36.66 -71.11 -18.78
N VAL AC 432 36.03 -71.57 -17.70
CA VAL AC 432 36.61 -72.53 -16.77
C VAL AC 432 35.60 -73.64 -16.57
N TYR AC 433 36.02 -74.89 -16.77
CA TYR AC 433 35.08 -75.98 -16.91
C TYR AC 433 35.04 -76.89 -15.67
N GLU AC 434 33.92 -77.61 -15.55
CA GLU AC 434 33.65 -78.45 -14.41
C GLU AC 434 34.74 -79.49 -14.20
N ASP AC 435 35.15 -79.68 -12.95
CA ASP AC 435 36.19 -80.64 -12.61
C ASP AC 435 35.60 -82.03 -12.42
N SER AC 436 36.46 -83.00 -12.12
CA SER AC 436 36.05 -84.36 -11.80
C SER AC 436 36.75 -84.80 -10.53
N ASP AC 437 35.97 -85.32 -9.58
CA ASP AC 437 36.41 -85.48 -8.19
C ASP AC 437 37.45 -86.57 -7.95
#